data_7WKK
#
_entry.id   7WKK
#
loop_
_entity.id
_entity.type
_entity.pdbx_description
1 polymer 'MGC83295 protein'
2 polymer 'Nup188 domain-containing protein'
3 polymer 'Nuclear pore complex protein Nup93'
4 polymer 'Nup155-prov protein'
5 polymer Nup54
6 polymer 'IL4I1 protein'
7 polymer 'MGC84997 protein'
8 polymer 'Aaas-prov protein'
9 polymer 'Nucleoporin NDC1'
#
loop_
_entity_poly.entity_id
_entity_poly.type
_entity_poly.pdbx_seq_one_letter_code
_entity_poly.pdbx_strand_id
1 'polypeptide(L)'
;MAAQLALNSEASLWGPYREIWQTVLSALIKRQPEAVHSLDIVLKKYKPDFISLFKNPPKSAQQHERVQKASTEGIPIKGT
QRTRILEEQLIKEAFILSDLYNIGEIAAVELLLIGEQQQPTFHGLTRGLVAILLYWDGKSCMAESLLHLIQARKGKTFTL
DHSPEVVSMVTRFTDDLMEQGLTNKILTLISQIDVNNEFDKLKKERGLGNKKHRKEVSDLIKECQQSLAHSLYSWSCQTP
LNREDTLLLIGYLEKVTVEGDGSLDKVNLTLLMSLLYCLDVGFLEQGTDDREELMKQASMFMDRQYIAAIHNRLQNTQPW
KSPGMQATVRLAWALALRGISQFSEVLEFSEADEPMAEIAIGGNVFLFLTEAVVGSESFCTDEFFIRRIHKLVTDFPTLM
PMKVKQLRNRAEEDARLIQMSMQMGNEPPASLRRDLEHLLLLIGELYRKDPFHLELALEYWCPTEPLQSTSLMGSFLGVA
HQRPPQRQVLLSKFVRQMSDLLPATLYLPYLKMLRGLASGPQCAHYCFSLLKANGGSSAENLQAAGGSPVSWDHFFHSLM
LYHEHLRRDLPNTDNIHQRHPPLRGITQRELDGLIACLQLTCTIIDWSESARLALCEHAQWMPVVVILGLLQCSIPPLLK
AELLKTLAAFGKSPEIAASLWQSLEYTQILQTVRATGLRQGVGIEVELNEIESRCEEYPLTRAFCQLISTLVESSFPTNL
GAGLRAPGFEPYLQFLRDTVFLRYRTRAYRRAAEKWEVAEAVLDVFYKLLKDYEPQPEDFVDQYVELQGEERVAFKPPGF
SLMHHLLNESPMLELCLSLMEEGVTQLDTYAPFPGKKHLEKAVAYCFMLLNLTLQKENRFMDLLRESHLSMIVTPLEQLL
QGINPRSKKADNVVNIARYLCHGNSNAELAFESAKILCSISCNSKIQEKIVGDFTQDQNVSQKLMVGFVSCLDSEEAEEL
LDSEKEAEDQVKQTNIRYMTKIHILNLLITSLEMKAPNLAMFLLGYELKKPVSTTNLQDSGVLGCPRTCLHSILDILRKG
TDVRAGPVAVWDTPHLAELCYQVIYQLCACADTSGPTMRYLRTSQDFLFSQLQHLPFSVEESEISAMNQMSWLMKTATIE
LRITSLNRQRSHTQRLLHLLLDDMPTRPYSADGEGGMEDESRSLSGFLHFDTTSKVRRKILRILDSIQFSNEIPEPLQLD
FFDRSQIEQVIANCEHKNRRGQTVCNVKLLHRVLVAEVNALQGMAAIGQRPLLMEEINTILQYVVERNKLLQCLHAKRHA
LESWRQLVEIILTACPQDLIPTEHRQLIIRDLLQDLHVKILDDDAAQELMPIVAGAVFTLTAHLSQSVRTELKQPMTASG
LGQSQYVQMLDGSFAAPPGTENISAGFASIGDSSLHMILRNLLEFILKTGGGFQRVRAHLYGSLLYYLQIAQRPDEPDTL
ESAHKSMWERLTAPEDVFSKLQRDNLSIFESYGTALMEVVCRDACDGHDIGRMLALALLDRIVSVDRQQQWLLYLSNSGY
LKVLVDSLAEDDVVLRNLLTPQPPLLKALYIYESKMAFLTRVAKSSQGAIELLRSGVIVRLAQCQVYDMRPETDPHGVFG
MRETPVFIPAPVERYRQILLPALQICQLILTSSTAQHLQAAGQVLQFLVAHSDTIQAILRSQEGSLGSLQELALLTGIIS
KAALPGVLNELDIGLNDGSMMELQGHIGRFQRQCLALLNRFGGSDRLRQLSLQDDSSRLDGVSKKDDMELAMQQICSNVM
EYCQALMIQNSPSFQQTVCLFTPSLKESASRDGTRQDSQVSILPSWRLPSLGVVIHLLKQSANNFFTYYDIHRQSVGKLQ
NVEQLPPDEIKELCQSEMPVGADKISTTQKYGLARRRLVKLINSRAKLLSLCSYIIETCLYILWRHLEYYLLHCTTSDSQ
DPVFSNMTFGNRRFQDTFNTDPNMDPRNLRQNKVSQQDVDTLLREGANSFGESLQKRLLDIESLYCKVRSRHSFIQALVR
RIRGLLRVSRV
;
A,a
2 'polypeptide(L)'
;MAAAGSLYWRTSRELWTILLGRSSMKDGYQIKAELDRYGDRLLQGLAYYKPPSTRSADKVKANKNLSPALQELGLRLSKF
LALDEEQSVELLQTYLQYDYRGTQESVKVLPQDERQSQALMLKMADYYYEERISLLRCVLYILNYFQDDKHPYSAEFSKC
VELMEQKELFGKYLKQFESLCREEAPTWETHGNFMTERQVSRWFVQRLREQAMLLEIIFLYFACFAASPSDLLALTKLFK
EQGFGCRLQNHHLVEPSMDPLVERIGYFSILIFLEALDMDTLMTCSLSDKIEQHPFSSEEQVCKEMDSILVTLGDVPHHG
PVLLAWALLRFTLNPDKVTSAVRKMGSTAIQLHLFQYLTRMLQSLRSGENNCTTSTACLCVYTFLAYVLSTLEEQVSQSQ
QDLVETACQVFAAPNLPDLFWNMEPTAGLGILLDSVVGMFPFRISPLLKLFTALVSKSSAKKVYSFLDRMSSYTEHYRHK
PHDILSHDDETLWKRQTPKLLYALGLGQTNLRIPQGALGQVMADENGFLVRWEYSYSCWTLFTCEIEMLLHVVSTADVIH
QCQRVKPIIDLVHKVISTDLSIADCLLPITSRIYMLLQRLTTVMNPPMDFLSSCVDCLTALATRLPAKVWTDLRHTGFLP
FAANPVSGHLISTEGMNAGGYGSLFGIEQSQGEYSVTLSFLRLITTLVKGQLGSTQSQGLVPCILFVLREMLPNYHRWRY
NSHGVREQLGFQILSLIHAILNLCPEEEEGSSAPNLRSLCIFSLTNTEAGQAVINIMGIGVDTLNTVMLTQAGSSGTEGQ
GQMLMQTIKLAFSITNNVIRLKPPSSGVSPLEHALTQHGAHGNNLIAVLAKYIYHRYDPSLPRLAIQLLKRLAMVAPMSV
YACLGSDAAAIRDAFLSRLRDNIEDMQIKIMILEFLTVAVETQPGLIELFLNLEAKDTNEGSKEYSLGEWSCLQVVLKLI
DSQDPESSWGAPLLHRSAIAFLHALWQDRRDSAMTVLRTKPNFWENLTSPLFGTLACPSESSELSILETCAFIMKIICLE
IYYAVRGSLGDSLKKILKKFSEEERFTYWSNYVHSLVCQVAETEGTCNSLTEYQQLLSAWRMFLIVATHNADVMHLTNPE
VRQKLFKDILGGTQALLVVPRSVACMHLSSMLCTVMIILLRRWKNDLAAPEDILNSLTQILEGVLQRDQQLVEKTKAQIF
SALISVLEMKPMKASEIPQYSQLLLNVCETLQEEVVSLVDHTRHEVPASDTSEDKDSMETEDTGRIRQKDQRDGVCVLGL
HLAKELCEADEEGDQWQQVLRKLPVLPILFSALEVSLRIKQNLHFCEAILHFLFTLAKTHQGAAAMAGAGITQTVCLPLL
SVYQLSSNGAGSVQPAVSLRKSLDAPSWPGVYRLTVSLMERLLKTLRYNFLSEALDFVGVHQERILQCLSAVRTVQSLSC
LEEADHTVGFLLQLSNFTKEWHFHLPQLIKDVQVNLCYLCQACTSLLHSRKMLQHYLQIKNGESMSSTATPRGQRTPQTP
SKQPTAESEALELRQLRTVQHSLLKILGKTLATLRAFTPDLCQILQVQPLDLAQYNLLFALSFTTPAFDADVTPSFGTLL
ATVNVTLSMLGEMDKKKDHPLSRALVESNNTGESKNNKSLLLFIMENCFYLLISQAVRYLRDPSVHPRDKQRMKQELSSE
LSTLLSSLSRYFRRGGPSSPAGGLMPSPQPKGASAAKVVPEAQEPLIQLVQAFVRHVQR
;
B,b
3 'polypeptide(L)'
;MDGEGFGELLQQAEQLAAETEGVTELPHVERNLQEIQQAGERLRSKTMTRTSQESANVKASVLLGSRGLDISHISQRLES
LSAATTFEPLEPVKDTDIQGFLKNEKDNALLSAIEESRKRTFVMAEEYHRESMLVEWEQVKQRVLHTLLASGEDALDFTQ
ESETSYISESGAPGRSSLDNVEMAYARQMYMYNEKVVSGHLQPSLVDLCTEAAERLDDKNVSDLWVMVKQMTDVPLIPAS
DTLKSRCSGQMQMAFVRQALNYLEQSYKNYTLISVFANLQQAQLGGVPGTYNLVRSFLNIRLPTPIPGLQDGEIEGYPVW
ALIYYCMRCGDLMAAQQVVNRAQHQLGDFKNCFQEYIHNKDRRLSPTTENKLRLHYRRAVRASTDPYKRAVYCIIGRCDV
SDNHSEVADKTEDYLWLKLSQVCFEDEANSSPQDRLTLPQFQKQLFEDYGESHFAVNQQPYLYFQVLFLTAQFEAAIAFL
FRLERTRCHAVHVALALFELKLLLKSTGQSAQLLSQEPGEPQGVRRLNFIRLLMLYTRKFEPTDPREALQYFYFLRNEKD
NQGESMFLRCVSELVIESREFDMLLGKLEKDGSRKPGAIDKFTRDTKTIINKVASVAENKGLFEEAAKLYDLAKNPDKVL
ELTNKLLSPVVSQISAPQSNRERLKNMALAIAERYKSQGVSAEKSINSTFYLLLDLITFFDEYHAGHIDLSFDVIERLKL
VPLSQDSVEERVAAFRNFSDEIRHNLSEILLATMNILFTQYKRLKGSGPTTLGRPQRVQEDKDSVLRSQARALITFAGMI
PYRMSGDTNARLVQMEVLMN
;
C,E,c,e
4 'polypeptide(L)'
;MPSATPGAPAASAAMQEALEGAGRIIDRLLQEDRAYPDLSELLNVPVHTCPTISGVSEMDYPLQSPGLLTIPSLPEISAI
RRVPLPPELIEQFGHMQCNCMMGVFPEISRAWLTIDSDIFMWNYEDGGDLAYYDGLSETILSVGLVKPKTGIFQPHIRFL
LVLSTPVDIVILGLSFANLQPGNLNDSISGGMQLLPDPLYSLPTDNTYLLSITSTDNGRIFLSGKDGCLYEVEYQAEAGW
FSQRCRKINHSKSSLSFLVPSVLQFAFSEDDPIVQIAIDNSRNILYTRSEKGVIQVYDLGVDGHGMSRVASVSQNSLVSA
AGNIARTIDRNVFKPIIHISVIEMSESVNCHLLAVTHTGVRFYFSTVPFKQPTARPCMLALVHVRLPPGFSASSNVEKPS
KVHKALYNNGVLLMAASENEDNDMLWCINRDSFPFQKPMMETQVTTQVDGHSWALSAVDEQKADKIVTPLNKDLIPLTDS
PVIIQQHMIPPKRFVLLSAQGSHIFYKLRPVDQLRHLLVSNSGGDGEEIERFFKLHQENQACATCLILACSSAASDREVS
SWAARAFFRYGGEAQLRVQSALHAPSNVGPIFGSPLPVASPIPVGSPMPNPSFLGTPTQGACPPNVSTPAYGVATPAPQP
PAVPGMMGTEIVFSGKHNGICIYFCRIIGNIWDGSVAVENTFQSGNREVTAIDSSVTPQHLESVLKELKGLLEFLDRYSQ
FTAGSLGNPGFGTPANRQQRLVSLGRPDIGSSQQAQQELQRKYHTEAQLAEQFSLQGIHQLVRKMCQALALWKLLCEHQF
SLVVSDLQKELQEQLKITTFKDLVIRDKELTGALTASLISCYIRDNASVDGISYRLQEVCPLLYSTDDAVCSKANELLQR
SRHVPNKQEKERMLRESLKEYQKISQQVDLPNVCAQYRQVRFYEGVVELCLSAAEKKDPQGLGLHFHKNGEPEEDMAGLQ
AFQERLNSYKCITDTLQELVNQSKAAPQSPSVPKKPGPPVLSSDPNMLSNEEAGIHFEQMLKLAQRSADELFNIALFNWL
IQADLTDKLLELNSPFLEPHLVRMAKLDQNKVRYMDLLWRYYEKNRNFSNAARVVAKLADMHSPEISLKQRLEYISRAIL
SAKSSTTMSTLAADGEFLHELEEKLEVARIQLQIQETLTRQYSHHSTVGDAVSQLDSQLMDITKMFGQYADPFRLSECKL
AIIHCAGHSDPILVQTLWQDIIDKELSDSMGNSSVDRMQSLHLKITSLGKIYASTPRYFPLEFLVKYLEQQVCNFSWDAG
FVTYTMQEINVPVPKLLEVYDHLFKARDPWWSRMKKPLHLLESIYILLSGYVQEPSKVPSYERRRFTTLCLDAISCYLVE
LQSMDPAPALLNTVSNFKSLQAKLERLS
;
D,F,M,d,f,m
5 'polypeptide(L)'
;MAFNFGATTGTPANQGTTGFSLGTFTPKTTTSGFGFGTTTTTAPTGFGGGFGGFGATTTASTGPAFSFTTPANTTSGLFG
ATQNKGFGFGTGFGSTTTSTGLGTGLGTGLGFTGFNTSQQQQQQSVLGAGLFNQSFQSTPQSNQLINTASALSAPTLLGD
ERDAILAKWNQLQAFWGTGKGFFMNNTPPVEFTQENPFCRFKAVGFSYIPNNKDEDGLISLIFNKKESDIRGQQQQLVES
LHKVLGGHQTLTVNVEGVKTKADNQTEVIIYVVERSPNGTSRRVGASALFSYFEQAHIKANMQQLGVTGAMAQTELSPVQ
IKQLIQNPLSGVDPIIWEQAKVDNPDPERLIPVPMIGFKELLRRLEVQDQMTKQHQSRLDIISEDIGELQKNQTTTMAKI
GQYKRKLMELSHRVLQVLIKQEIQRKSGFAIQAEEEQLRVQLDTIQSELNAPTQFKGRLNELMSQIRMQNHFGAVRSEEK
YYVDADLLREIKQHLKQQQEGVSHLISIIKDNHEDIKLIEQGLNDNLHMRTGFLS
;
G,J,g,j
6 'polypeptide(L)'
;MSGFNFGAASAGGFSFGNPKSTTTTAPTGFSFGAATAAPSGGFSFGTATPTPASTTGQTSGLFSFSNPAPSLAPTSGFSF
GAQVTSTPAPSSGGLAFGANTSKLNSGVGNQPAGGTTQTSQPMGGFSFGAATTQTQPSATSVGGFSFAGGVGSTSTNVFA
QPAASTGITLQSAVSTAAAPTATTSQPTSTFSFGTQPQAAPALNFGLLSSSSVLSTASTPAAAQPVAPTTGLSLNFGKPA
DTSAAVTSTGSTTTNTPSLSSLLGTSGPSLFSSVATSTVPSVVSTVASGLSLTSTATSTGFGMKTLASSAVPTGTLATST
ASLGVKAPLAGTIVQANAVGSAAATGISTATAMTYAQLENLINKWSLELEDQEKHFLQQATQVNAWDRTLMQNGERITTL
HREMEKVKLDQKRLDQELDFILSQQKELEDLLTPLEESVKEQSGTIYLQHADEEREKTYKLAENIDAQLKRMAQDLKEVI
EHLNTSAGPGDASNPLQQICKILNAHMDSLQWIDQNSALLQRKVEQVTKECESRRKEQERGFSIAFD
;
H,L,h,l
7 'polypeptide(L)'
;MASGFSFGTAAASTTTLNPTAAAPFSFGATPAASNTGTTGGLGFGAFNAAATPATTTATTGLGGGLFGAKPAAGFTLGGA
NTATATTTAASTGFSVGFNKPAGSATPFSLPVTSTSSGGLSLASALTSTPATGPSPFTLNLGSTPATTTAAATGLSLGGT
LTGLGGSLFQNTNPSATGLGQSTLGQSTLGQSTLGQSLLGQSLLGQSLLGQSTLGQSTLGQSLLGQSLLGLGLNLGAVAP
VSQVTTHEGLGGLDFSSSSDKKSDKAGTRPEDSKALKDENLPQLLCQDVENFQKFVKEQKQVQEEISRMSSKAMLKVQED
IKALKQLLSVASSGLQRNALAIDKLKIETAEELKNAEIALRTQKTPPGLQHENTAPADYFHTLVQQFEVQLQQYRQQIEE
LENHLATQSNTLHLSPQDLSMAMQKLYQTFVALAAQLQAVNENFKMLKEQYLGYRKAFLGDSTDVFEARRAEAKKWQNAP
RVTTGPTPFSNIPNAAAVAMAATLTQQQQPTTGFGSSSAFGGNTSGSSSFGFGTANKPSGSLSAGFGSTSTSGFNFSNPG
INASAGLTFGVSNPSSTSFGTGQLLQLKKPPAGNKRGKR
;
I,K,i,k
8 'polypeptide(L)'
;MCSLDLFPPPLDGSQLPLYEFNNEIVAGKGFDNPPPTFQSELVNIPEPTIPVDALKAPGRMELSSKTAFIHQKESIWKRC
LNAWHNVGLAGFLEEMSNSKEEVPPWLCHVTRCSLAVCRSVSSLHGSLFPHLTISPQMKSEDLTAEFSQALGWADCPLRA
FAWHPHTYKFALALLDDSIRIYTAGSPTIPTLKHRLQKDVASLAWKPMCASVLAVACQSCVLVWHVDPTSLSTRPSSGCA
QVLSHPGHSPVTSVCWSPKGGVLLSASPVDTAMLVWDVPTESCIPLQRVGGGGVTFLSWSPDGSKVLAATPSSVFRVWET
QKWTCERWPTLQGRCQTGCWSPDGSRLLFAVKGESVIYSLCFSVSEGEAQAGVGGSQSATVVADVSEVVFTTHTGEIRVG
GEIQSMCWDPSGERLAVLLKGNPEFEESQPVIAVFRTRNSPIFELLPCGFIHGRKGETPQLFQFHPGFNKGALLSQLWSS
GRVNHFPFYFVNAQCPRFSPESIAVVPGNTISTANPRTLFTER
;
O,o
9 'polypeptide(L)'
;MTMLGERLVLRWRVAASFAWSVILMPVCCALFIVLSRIQILHPIQWLTDSISDLTSSYTIFCLLLICAILGLQCTFLMEY
YTVVPSIPCSRLALIGNLLLPHRILHSLAHVAMGVLASWCYAVLSKGKYQLLVVSCTLQSEDEADKPSHCLNESHLFQLL
CGAFFGYSYSLQYFVHNMNYLSFPSIQQYKYLQFRRFLPLIIKQSVFQSLYFIRSYAILYFCLGNIPRTWIQTALNLHMD
RQQPSLDTLRGFLNLSLFYQIWLSGTFLLATWYMVWILFRIYTTEARIFPVQTSFAEEAEKCLPFILNSNTLPLVKYLAM
QDLVLLSQYSPSRRQEVFSLSQPGGHPHNWTSISKECLNLMSSLTSRLIAHQEAAANNGRMRVPSSPKQIRKSSSSSGTS
LIEDSAEQTQNLSTIPRIGIPSLLKTASLKSSLDIGSPFATPGVKQMSESLDPNTPCHGSVQSPQVTRRGAKLWTSDSDV
QKNGSEVSPVMHRPVCNGAKQGILHTWFQHKLVQIKNVLSKRGLIMYLFSKHPEASSQDVFADAQIHIWALEALSHLVAA
SFSEDRMGVVQTSLSSVLAILLTLQEAVEKHFKLPHASSKPARNPGSLLDSSCKTLRFSLRAALKTAIYRITTTFGEHLH
AVPVSSEHKKKLQQFLDFKE
;
N,n
#
# COMPACT_ATOMS: atom_id res chain seq x y z
N LEU A 13 -108.85 27.87 -25.68
CA LEU A 13 -110.12 27.40 -25.17
C LEU A 13 -109.92 26.40 -24.04
N TRP A 14 -108.68 25.93 -23.88
CA TRP A 14 -108.37 24.89 -22.91
C TRP A 14 -107.52 25.42 -21.76
N GLY A 15 -106.45 26.15 -22.05
CA GLY A 15 -105.58 26.65 -21.02
C GLY A 15 -106.28 27.44 -19.94
N PRO A 16 -107.19 28.33 -20.35
CA PRO A 16 -107.89 29.15 -19.35
C PRO A 16 -108.74 28.35 -18.39
N TYR A 17 -109.63 27.50 -18.91
CA TYR A 17 -110.49 26.70 -18.04
C TYR A 17 -109.66 25.76 -17.18
N ARG A 18 -108.54 25.27 -17.70
CA ARG A 18 -107.68 24.39 -16.91
C ARG A 18 -107.03 25.16 -15.77
N GLU A 19 -106.51 26.36 -16.07
CA GLU A 19 -105.97 27.19 -14.99
C GLU A 19 -107.03 27.47 -13.94
N ILE A 20 -108.26 27.71 -14.39
CA ILE A 20 -109.36 27.92 -13.45
C ILE A 20 -109.51 26.71 -12.55
N TRP A 21 -109.56 25.52 -13.14
CA TRP A 21 -109.76 24.31 -12.37
C TRP A 21 -108.63 24.09 -11.38
N GLN A 22 -107.40 24.30 -11.82
CA GLN A 22 -106.25 24.08 -10.95
C GLN A 22 -106.26 25.05 -9.78
N THR A 23 -106.47 26.33 -10.07
CA THR A 23 -106.54 27.32 -9.01
C THR A 23 -107.65 27.01 -8.02
N VAL A 24 -108.84 26.68 -8.53
CA VAL A 24 -109.97 26.42 -7.64
C VAL A 24 -109.72 25.18 -6.80
N LEU A 25 -109.10 24.17 -7.39
CA LEU A 25 -108.72 22.99 -6.61
C LEU A 25 -107.78 23.38 -5.48
N SER A 26 -106.77 24.19 -5.80
CA SER A 26 -105.81 24.60 -4.78
C SER A 26 -106.50 25.38 -3.67
N ALA A 27 -107.45 26.24 -4.02
CA ALA A 27 -108.04 27.14 -3.03
C ALA A 27 -109.16 26.49 -2.23
N LEU A 28 -109.85 25.52 -2.82
CA LEU A 28 -111.05 24.96 -2.21
C LEU A 28 -110.85 23.54 -1.69
N ILE A 29 -110.33 22.64 -2.52
CA ILE A 29 -110.16 21.26 -2.09
C ILE A 29 -108.79 21.04 -1.45
N LYS A 30 -107.80 21.81 -1.86
CA LYS A 30 -106.46 21.70 -1.31
C LYS A 30 -106.22 22.65 -0.14
N ARG A 31 -107.07 23.66 0.03
CA ARG A 31 -107.01 24.57 1.18
C ARG A 31 -105.69 25.33 1.24
N GLN A 32 -105.28 25.89 0.10
CA GLN A 32 -104.08 26.70 0.05
C GLN A 32 -104.43 28.16 0.25
N PRO A 33 -104.07 28.78 1.38
CA PRO A 33 -104.26 30.23 1.52
C PRO A 33 -103.67 30.99 0.34
N GLU A 34 -102.44 30.66 -0.05
CA GLU A 34 -101.82 31.28 -1.22
C GLU A 34 -102.67 31.14 -2.47
N ALA A 35 -103.67 30.26 -2.45
CA ALA A 35 -104.51 30.09 -3.62
C ALA A 35 -105.77 30.93 -3.60
N VAL A 36 -106.16 31.49 -2.45
CA VAL A 36 -107.44 32.18 -2.37
C VAL A 36 -107.39 33.49 -3.15
N HIS A 37 -106.27 34.20 -3.09
CA HIS A 37 -106.17 35.45 -3.83
C HIS A 37 -106.17 35.19 -5.33
N SER A 38 -105.36 34.24 -5.78
CA SER A 38 -105.41 33.86 -7.19
C SER A 38 -106.79 33.36 -7.56
N LEU A 39 -107.52 32.78 -6.62
CA LEU A 39 -108.87 32.30 -6.90
C LEU A 39 -109.81 33.47 -7.12
N ASP A 40 -109.72 34.49 -6.30
CA ASP A 40 -110.52 35.69 -6.51
C ASP A 40 -110.18 36.32 -7.86
N ILE A 41 -108.90 36.33 -8.21
CA ILE A 41 -108.48 36.90 -9.48
C ILE A 41 -109.04 36.07 -10.63
N VAL A 42 -109.02 34.74 -10.50
CA VAL A 42 -109.48 33.88 -11.58
C VAL A 42 -110.98 33.98 -11.73
N LEU A 43 -111.71 34.08 -10.62
CA LEU A 43 -113.17 34.20 -10.70
C LEU A 43 -113.57 35.53 -11.30
N LYS A 44 -112.92 36.63 -10.88
CA LYS A 44 -113.23 37.91 -11.48
C LYS A 44 -112.78 37.98 -12.94
N LYS A 45 -111.78 37.16 -13.31
CA LYS A 45 -111.28 37.19 -14.68
C LYS A 45 -112.21 36.44 -15.63
N TYR A 46 -112.78 35.31 -15.17
CA TYR A 46 -113.59 34.46 -16.03
C TYR A 46 -115.05 34.43 -15.58
N LYS A 47 -115.53 35.50 -14.93
CA LYS A 47 -116.93 35.54 -14.52
C LYS A 47 -117.88 35.44 -15.70
N PRO A 48 -117.63 36.08 -16.85
CA PRO A 48 -118.54 35.86 -18.00
C PRO A 48 -118.43 34.47 -18.59
N ASP A 49 -117.27 33.82 -18.47
CA ASP A 49 -117.13 32.47 -19.01
C ASP A 49 -117.98 31.47 -18.24
N PHE A 50 -118.11 31.67 -16.93
CA PHE A 50 -119.03 30.84 -16.15
C PHE A 50 -120.46 31.34 -16.27
N ILE A 51 -120.65 32.63 -16.60
CA ILE A 51 -122.00 33.16 -16.74
C ILE A 51 -122.64 32.67 -18.03
N SER A 52 -121.82 32.44 -19.06
CA SER A 52 -122.26 32.02 -20.37
C SER A 52 -121.93 30.56 -20.66
N LEU A 53 -122.11 29.68 -19.67
CA LEU A 53 -121.58 28.31 -19.67
C LEU A 53 -121.60 27.62 -21.02
N PHE A 54 -120.43 27.18 -21.47
CA PHE A 54 -120.23 26.40 -22.69
C PHE A 54 -120.54 27.17 -23.95
N LYS A 55 -120.72 28.49 -23.89
CA LYS A 55 -120.88 29.29 -25.10
C LYS A 55 -119.51 29.51 -25.72
N ASN A 56 -119.33 29.02 -26.94
CA ASN A 56 -118.08 29.24 -27.61
C ASN A 56 -118.16 30.48 -28.50
N PRO A 57 -117.04 31.13 -28.77
CA PRO A 57 -117.06 32.35 -29.57
C PRO A 57 -117.52 32.07 -30.99
N PRO A 58 -118.52 32.79 -31.48
CA PRO A 58 -119.02 32.54 -32.84
C PRO A 58 -117.99 32.88 -33.89
N LYS A 59 -118.32 32.51 -35.13
CA LYS A 59 -117.38 32.66 -36.23
C LYS A 59 -117.20 34.13 -36.59
N SER A 60 -115.98 34.49 -36.98
CA SER A 60 -115.65 35.85 -37.41
C SER A 60 -115.06 35.79 -38.81
N ALA A 61 -115.70 36.49 -39.75
CA ALA A 61 -115.34 36.33 -41.17
C ALA A 61 -114.00 36.96 -41.49
N GLN A 62 -113.69 38.12 -40.90
CA GLN A 62 -112.37 38.69 -41.09
C GLN A 62 -111.30 37.77 -40.55
N GLN A 63 -111.62 37.05 -39.47
CA GLN A 63 -110.72 36.04 -38.94
C GLN A 63 -110.52 34.90 -39.93
N HIS A 64 -111.59 34.49 -40.61
CA HIS A 64 -111.45 33.46 -41.64
C HIS A 64 -110.55 33.93 -42.77
N GLU A 65 -110.78 35.15 -43.25
CA GLU A 65 -109.97 35.65 -44.36
C GLU A 65 -108.52 35.85 -43.93
N ARG A 66 -108.29 36.15 -42.66
CA ARG A 66 -106.93 36.35 -42.19
C ARG A 66 -106.20 35.03 -41.99
N VAL A 67 -106.89 34.01 -41.47
CA VAL A 67 -106.22 32.74 -41.23
C VAL A 67 -106.04 31.98 -42.53
N GLN A 68 -107.01 32.09 -43.45
CA GLN A 68 -106.81 31.57 -44.81
C GLN A 68 -105.65 32.26 -45.49
N LYS A 69 -105.19 33.38 -44.95
CA LYS A 69 -104.06 34.12 -45.48
C LYS A 69 -102.73 33.71 -44.86
N ALA A 70 -102.75 33.02 -43.72
CA ALA A 70 -101.52 32.65 -43.02
C ALA A 70 -100.59 31.81 -43.89
N LEU A 90 -102.43 25.71 -42.63
CA LEU A 90 -103.24 26.27 -41.55
C LEU A 90 -104.46 26.97 -42.12
N ILE A 91 -104.29 27.53 -43.31
CA ILE A 91 -105.33 28.35 -43.91
C ILE A 91 -106.62 27.57 -44.06
N LYS A 92 -106.61 26.54 -44.91
CA LYS A 92 -107.76 25.66 -45.01
C LYS A 92 -108.03 24.98 -43.68
N GLU A 93 -106.99 24.75 -42.88
CA GLU A 93 -107.21 24.10 -41.58
C GLU A 93 -108.05 24.97 -40.67
N ALA A 94 -107.69 26.24 -40.53
CA ALA A 94 -108.46 27.13 -39.67
C ALA A 94 -109.84 27.37 -40.23
N PHE A 95 -109.94 27.52 -41.55
CA PHE A 95 -111.27 27.62 -42.15
C PHE A 95 -112.12 26.41 -41.82
N ILE A 96 -111.52 25.22 -41.87
CA ILE A 96 -112.26 24.00 -41.63
C ILE A 96 -112.71 23.93 -40.17
N LEU A 97 -111.84 24.35 -39.26
CA LEU A 97 -112.22 24.33 -37.86
C LEU A 97 -113.36 25.32 -37.59
N SER A 98 -113.26 26.52 -38.17
CA SER A 98 -114.34 27.49 -38.03
C SER A 98 -115.62 26.97 -38.64
N ASP A 99 -115.51 26.14 -39.68
CA ASP A 99 -116.69 25.51 -40.25
C ASP A 99 -117.26 24.46 -39.29
N LEU A 100 -116.38 23.68 -38.68
CA LEU A 100 -116.83 22.55 -37.88
C LEU A 100 -117.49 22.99 -36.58
N TYR A 101 -116.96 24.04 -35.96
CA TYR A 101 -117.38 24.39 -34.61
C TYR A 101 -118.05 25.75 -34.51
N ASN A 102 -118.13 26.50 -35.61
CA ASN A 102 -118.67 27.86 -35.59
C ASN A 102 -117.92 28.73 -34.59
N ILE A 103 -116.60 28.78 -34.76
CA ILE A 103 -115.72 29.52 -33.86
C ILE A 103 -115.12 30.69 -34.62
N GLY A 104 -114.75 31.74 -33.89
CA GLY A 104 -114.05 32.85 -34.48
C GLY A 104 -112.74 32.38 -35.07
N GLU A 105 -112.58 32.54 -36.38
CA GLU A 105 -111.47 31.87 -37.06
C GLU A 105 -110.12 32.33 -36.57
N ILE A 106 -110.07 33.46 -35.87
CA ILE A 106 -108.83 33.87 -35.22
C ILE A 106 -108.58 33.02 -33.98
N ALA A 107 -109.64 32.76 -33.22
CA ALA A 107 -109.53 31.75 -32.16
C ALA A 107 -109.24 30.39 -32.77
N ALA A 108 -109.75 30.12 -33.97
CA ALA A 108 -109.40 28.89 -34.66
C ALA A 108 -107.91 28.82 -34.98
N VAL A 109 -107.33 29.95 -35.37
CA VAL A 109 -105.90 29.99 -35.65
C VAL A 109 -105.11 29.83 -34.37
N GLU A 110 -105.59 30.43 -33.28
CA GLU A 110 -104.99 30.19 -31.98
C GLU A 110 -105.00 28.72 -31.62
N LEU A 111 -106.13 28.05 -31.82
CA LEU A 111 -106.24 26.64 -31.47
C LEU A 111 -105.36 25.78 -32.36
N LEU A 112 -105.32 26.07 -33.67
CA LEU A 112 -104.46 25.31 -34.56
C LEU A 112 -103.00 25.47 -34.18
N LEU A 113 -102.56 26.71 -33.92
CA LEU A 113 -101.19 26.93 -33.49
C LEU A 113 -100.92 26.27 -32.15
N ILE A 114 -101.92 26.22 -31.28
CA ILE A 114 -101.73 25.58 -29.99
C ILE A 114 -101.53 24.09 -30.16
N GLY A 115 -102.39 23.45 -30.94
CA GLY A 115 -102.18 22.05 -31.27
C GLY A 115 -100.82 21.82 -31.90
N GLU A 116 -100.38 22.77 -32.73
CA GLU A 116 -99.05 22.69 -33.30
C GLU A 116 -97.97 22.68 -32.22
N GLN A 117 -98.08 23.60 -31.26
CA GLN A 117 -97.13 23.61 -30.14
C GLN A 117 -97.32 22.40 -29.25
N GLN A 118 -98.41 21.66 -29.43
CA GLN A 118 -98.64 20.40 -28.74
C GLN A 118 -98.51 19.20 -29.66
N GLN A 119 -98.16 19.40 -30.94
CA GLN A 119 -98.10 18.35 -31.94
C GLN A 119 -97.25 17.18 -31.48
N PRO A 120 -96.04 17.41 -30.99
CA PRO A 120 -95.22 16.29 -30.50
C PRO A 120 -95.85 15.56 -29.33
N THR A 121 -96.74 16.21 -28.56
CA THR A 121 -97.40 15.55 -27.44
C THR A 121 -98.58 14.72 -27.90
N PHE A 122 -98.95 14.81 -29.17
CA PHE A 122 -99.94 13.93 -29.78
C PHE A 122 -99.26 13.29 -31.00
N HIS A 123 -98.51 12.22 -30.75
CA HIS A 123 -97.76 11.55 -31.80
C HIS A 123 -98.70 10.68 -32.63
N GLY A 124 -98.89 11.06 -33.89
CA GLY A 124 -99.76 10.34 -34.78
C GLY A 124 -101.09 11.00 -35.08
N LEU A 125 -101.31 12.21 -34.57
CA LEU A 125 -102.49 12.99 -34.92
C LEU A 125 -102.07 14.31 -35.54
N THR A 126 -102.76 14.71 -36.60
CA THR A 126 -102.48 15.99 -37.23
C THR A 126 -102.81 17.13 -36.27
N ARG A 127 -102.22 18.29 -36.52
CA ARG A 127 -102.51 19.47 -35.71
C ARG A 127 -104.00 19.74 -35.64
N GLY A 128 -104.73 19.46 -36.73
CA GLY A 128 -106.18 19.64 -36.70
C GLY A 128 -106.86 18.70 -35.72
N LEU A 129 -106.47 17.43 -35.73
CA LEU A 129 -107.03 16.50 -34.76
C LEU A 129 -106.64 16.89 -33.34
N VAL A 130 -105.40 17.36 -33.18
CA VAL A 130 -104.98 17.87 -31.88
C VAL A 130 -105.85 19.03 -31.46
N ALA A 131 -106.26 19.86 -32.42
CA ALA A 131 -107.10 21.00 -32.08
C ALA A 131 -108.50 20.56 -31.70
N ILE A 132 -109.03 19.55 -32.39
CA ILE A 132 -110.35 19.04 -32.03
C ILE A 132 -110.32 18.47 -30.61
N LEU A 133 -109.31 17.66 -30.32
CA LEU A 133 -109.15 17.14 -28.97
C LEU A 133 -108.98 18.28 -27.96
N LEU A 134 -108.24 19.32 -28.34
CA LEU A 134 -107.99 20.42 -27.42
C LEU A 134 -109.25 21.19 -27.12
N TYR A 135 -110.08 21.43 -28.14
CA TYR A 135 -111.36 22.10 -27.90
C TYR A 135 -112.23 21.26 -27.00
N TRP A 136 -112.24 19.95 -27.23
CA TRP A 136 -112.95 19.07 -26.31
C TRP A 136 -112.41 19.20 -24.89
N ASP A 137 -111.08 19.27 -24.76
CA ASP A 137 -110.47 19.38 -23.45
C ASP A 137 -110.84 20.70 -22.79
N GLY A 138 -110.95 21.76 -23.58
CA GLY A 138 -111.33 23.05 -23.03
C GLY A 138 -112.74 23.04 -22.48
N LYS A 139 -113.69 22.52 -23.26
CA LYS A 139 -115.04 22.36 -22.73
C LYS A 139 -115.02 21.49 -21.48
N SER A 140 -114.23 20.43 -21.49
CA SER A 140 -114.17 19.52 -20.35
C SER A 140 -113.66 20.24 -19.12
N CYS A 141 -112.61 21.05 -19.26
CA CYS A 141 -112.03 21.72 -18.11
C CYS A 141 -112.97 22.80 -17.58
N MET A 142 -113.63 23.52 -18.47
CA MET A 142 -114.63 24.48 -18.01
C MET A 142 -115.70 23.79 -17.18
N ALA A 143 -116.22 22.66 -17.68
CA ALA A 143 -117.26 21.95 -16.96
C ALA A 143 -116.73 21.36 -15.65
N GLU A 144 -115.48 20.90 -15.66
CA GLU A 144 -114.90 20.31 -14.46
C GLU A 144 -114.73 21.37 -13.38
N SER A 145 -114.24 22.54 -13.75
CA SER A 145 -114.13 23.63 -12.78
C SER A 145 -115.50 24.07 -12.31
N LEU A 146 -116.49 24.08 -13.20
CA LEU A 146 -117.85 24.43 -12.78
C LEU A 146 -118.35 23.45 -11.74
N LEU A 147 -118.12 22.16 -11.96
CA LEU A 147 -118.43 21.17 -10.94
C LEU A 147 -117.72 21.49 -9.63
N HIS A 148 -116.37 21.49 -9.67
CA HIS A 148 -115.59 21.72 -8.46
C HIS A 148 -115.98 23.01 -7.76
N LEU A 149 -116.63 23.92 -8.49
CA LEU A 149 -117.22 25.08 -7.84
C LEU A 149 -118.53 24.71 -7.14
N ILE A 150 -119.45 24.11 -7.87
CA ILE A 150 -120.78 23.82 -7.31
C ILE A 150 -120.66 22.93 -6.10
N GLN A 151 -119.65 22.06 -6.06
CA GLN A 151 -119.47 21.20 -4.91
C GLN A 151 -118.90 21.95 -3.71
N ALA A 152 -117.90 22.80 -3.93
CA ALA A 152 -117.30 23.57 -2.84
C ALA A 152 -118.30 24.47 -2.15
N ARG A 153 -119.45 24.74 -2.78
CA ARG A 153 -120.47 25.62 -2.23
C ARG A 153 -120.91 25.16 -0.85
N LYS A 154 -121.50 26.08 -0.11
CA LYS A 154 -122.10 25.76 1.18
C LYS A 154 -123.29 24.83 0.94
N GLY A 155 -123.11 23.55 1.25
CA GLY A 155 -124.05 22.53 0.84
C GLY A 155 -124.75 21.88 2.01
N LYS A 156 -125.84 21.17 1.69
CA LYS A 156 -126.63 20.47 2.70
C LYS A 156 -126.19 19.02 2.85
N THR A 157 -125.81 18.38 1.75
CA THR A 157 -125.40 16.98 1.81
C THR A 157 -123.95 16.84 2.25
N PHE A 158 -123.07 17.71 1.78
CA PHE A 158 -121.65 17.65 2.11
C PHE A 158 -121.04 19.04 1.95
N THR A 159 -120.12 19.38 2.84
CA THR A 159 -119.41 20.66 2.80
C THR A 159 -117.93 20.41 3.02
N LEU A 160 -117.13 20.60 1.99
CA LEU A 160 -115.69 20.35 2.08
C LEU A 160 -115.06 21.39 2.99
N ASP A 161 -114.01 20.98 3.72
CA ASP A 161 -113.39 21.84 4.72
C ASP A 161 -112.57 22.95 4.07
N HIS A 162 -113.24 24.00 3.59
CA HIS A 162 -112.59 25.11 2.95
C HIS A 162 -112.49 26.30 3.90
N SER A 163 -111.59 27.21 3.58
CA SER A 163 -111.60 28.50 4.23
C SER A 163 -112.97 29.14 4.00
N PRO A 164 -113.62 29.66 5.04
CA PRO A 164 -115.01 30.11 4.87
C PRO A 164 -115.18 31.16 3.79
N GLU A 165 -114.23 32.09 3.67
CA GLU A 165 -114.32 33.10 2.62
C GLU A 165 -114.25 32.45 1.23
N VAL A 166 -113.54 31.34 1.12
CA VAL A 166 -113.50 30.65 -0.16
C VAL A 166 -114.85 30.03 -0.48
N VAL A 167 -115.48 29.41 0.51
CA VAL A 167 -116.82 28.89 0.32
C VAL A 167 -117.77 30.00 -0.07
N SER A 168 -117.62 31.18 0.54
CA SER A 168 -118.53 32.29 0.25
C SER A 168 -118.29 32.85 -1.14
N MET A 169 -117.04 32.94 -1.58
CA MET A 169 -116.74 33.43 -2.93
C MET A 169 -117.27 32.47 -3.98
N VAL A 170 -116.98 31.17 -3.80
CA VAL A 170 -117.51 30.16 -4.71
C VAL A 170 -119.02 30.21 -4.73
N THR A 171 -119.65 30.32 -3.56
CA THR A 171 -121.11 30.33 -3.48
C THR A 171 -121.69 31.57 -4.13
N ARG A 172 -121.02 32.72 -3.99
CA ARG A 172 -121.54 33.95 -4.58
C ARG A 172 -121.45 33.90 -6.09
N PHE A 173 -120.31 33.46 -6.62
CA PHE A 173 -120.21 33.26 -8.06
C PHE A 173 -121.27 32.27 -8.53
N THR A 174 -121.50 31.21 -7.76
CA THR A 174 -122.45 30.20 -8.15
C THR A 174 -123.87 30.73 -8.12
N ASP A 175 -124.18 31.61 -7.18
CA ASP A 175 -125.53 32.16 -7.11
C ASP A 175 -125.77 33.15 -8.23
N ASP A 176 -124.82 34.04 -8.48
CA ASP A 176 -124.94 34.96 -9.61
C ASP A 176 -124.98 34.20 -10.93
N LEU A 177 -124.38 33.01 -10.97
CA LEU A 177 -124.42 32.20 -12.18
C LEU A 177 -125.77 31.51 -12.33
N MET A 178 -126.20 30.76 -11.31
CA MET A 178 -127.45 30.03 -11.38
C MET A 178 -128.62 30.99 -11.61
N GLU A 179 -128.49 32.23 -11.13
CA GLU A 179 -129.48 33.24 -11.47
C GLU A 179 -129.54 33.48 -12.97
N GLN A 180 -128.48 33.19 -13.70
CA GLN A 180 -128.43 33.41 -15.14
C GLN A 180 -129.04 32.26 -15.94
N GLY A 181 -129.69 31.32 -15.27
CA GLY A 181 -130.32 30.22 -15.99
C GLY A 181 -129.35 29.11 -16.35
N LEU A 182 -128.47 28.77 -15.42
CA LEU A 182 -127.49 27.71 -15.69
C LEU A 182 -128.16 26.35 -15.79
N THR A 183 -129.33 26.19 -15.16
CA THR A 183 -130.01 24.90 -15.20
C THR A 183 -130.52 24.59 -16.60
N ASN A 184 -131.28 25.53 -17.18
CA ASN A 184 -131.81 25.29 -18.51
C ASN A 184 -130.71 25.15 -19.53
N LYS A 185 -129.68 25.99 -19.46
CA LYS A 185 -128.58 25.90 -20.41
C LYS A 185 -127.78 24.62 -20.20
N ILE A 186 -127.70 24.17 -18.95
CA ILE A 186 -127.02 22.91 -18.67
C ILE A 186 -127.76 21.75 -19.33
N LEU A 187 -129.06 21.65 -19.07
CA LEU A 187 -129.88 20.63 -19.71
C LEU A 187 -129.78 20.73 -21.23
N THR A 188 -129.80 21.96 -21.77
CA THR A 188 -129.80 22.13 -23.22
C THR A 188 -128.47 21.73 -23.84
N LEU A 189 -127.36 22.13 -23.21
CA LEU A 189 -126.04 21.80 -23.76
C LEU A 189 -125.78 20.31 -23.67
N ILE A 190 -126.14 19.69 -22.55
CA ILE A 190 -126.08 18.23 -22.47
C ILE A 190 -127.00 17.62 -23.52
N SER A 191 -128.09 18.31 -23.85
CA SER A 191 -129.06 17.78 -24.80
C SER A 191 -128.55 17.86 -26.24
N GLN A 192 -127.78 18.89 -26.57
CA GLN A 192 -127.26 19.00 -27.93
C GLN A 192 -125.98 18.21 -28.11
N ILE A 193 -125.34 17.80 -27.02
CA ILE A 193 -124.12 17.00 -27.09
C ILE A 193 -124.56 15.58 -27.42
N ASP A 194 -124.54 15.25 -28.70
CA ASP A 194 -124.75 13.89 -29.16
C ASP A 194 -123.45 13.37 -29.75
N VAL A 195 -122.81 12.44 -29.04
CA VAL A 195 -121.52 11.91 -29.47
C VAL A 195 -121.60 11.42 -30.91
N ASN A 196 -122.73 10.81 -31.27
CA ASN A 196 -122.89 10.39 -32.66
C ASN A 196 -122.96 11.60 -33.58
N ASN A 197 -123.64 12.67 -33.14
CA ASN A 197 -123.71 13.85 -33.99
C ASN A 197 -122.33 14.47 -34.17
N GLU A 198 -121.55 14.55 -33.10
CA GLU A 198 -120.20 15.09 -33.21
C GLU A 198 -119.34 14.20 -34.11
N PHE A 199 -119.49 12.89 -33.97
CA PHE A 199 -118.71 11.97 -34.79
C PHE A 199 -119.07 12.12 -36.26
N ASP A 200 -120.37 12.27 -36.55
CA ASP A 200 -120.79 12.46 -37.93
C ASP A 200 -120.27 13.78 -38.49
N LYS A 201 -120.34 14.85 -37.69
CA LYS A 201 -119.80 16.13 -38.12
C LYS A 201 -118.31 16.02 -38.41
N LEU A 202 -117.56 15.37 -37.52
CA LEU A 202 -116.13 15.25 -37.73
C LEU A 202 -115.81 14.39 -38.93
N LYS A 203 -116.53 13.29 -39.12
CA LYS A 203 -116.31 12.44 -40.29
C LYS A 203 -116.69 13.17 -41.57
N LYS A 204 -117.60 14.13 -41.47
CA LYS A 204 -117.93 14.96 -42.63
C LYS A 204 -116.73 15.77 -43.07
N GLU A 205 -116.07 16.46 -42.13
CA GLU A 205 -114.84 17.17 -42.42
C GLU A 205 -113.61 16.29 -42.25
N ARG A 206 -113.81 14.97 -42.21
CA ARG A 206 -112.72 14.01 -42.07
C ARG A 206 -111.89 14.31 -40.82
N GLY A 207 -112.57 14.62 -39.73
CA GLY A 207 -111.91 14.94 -38.48
C GLY A 207 -111.75 13.79 -37.51
N LEU A 208 -111.97 12.56 -37.95
CA LEU A 208 -111.90 11.38 -37.08
C LEU A 208 -110.48 10.82 -37.13
N GLY A 209 -109.76 10.92 -36.02
CA GLY A 209 -108.43 10.36 -35.92
C GLY A 209 -108.47 8.87 -35.70
N ASN A 210 -107.36 8.32 -35.21
CA ASN A 210 -107.30 6.90 -34.98
C ASN A 210 -108.24 6.52 -33.84
N LYS A 211 -108.54 5.21 -33.77
CA LYS A 211 -109.37 4.70 -32.69
C LYS A 211 -108.89 5.19 -31.33
N LYS A 212 -107.57 5.33 -31.17
CA LYS A 212 -107.06 6.05 -30.01
C LYS A 212 -107.72 7.41 -29.88
N HIS A 213 -107.56 8.26 -30.90
CA HIS A 213 -108.13 9.59 -30.85
C HIS A 213 -109.64 9.54 -30.73
N ARG A 214 -110.26 8.55 -31.38
CA ARG A 214 -111.70 8.41 -31.28
C ARG A 214 -112.12 8.21 -29.84
N LYS A 215 -111.53 7.22 -29.19
CA LYS A 215 -111.80 6.98 -27.78
C LYS A 215 -111.50 8.22 -26.96
N GLU A 216 -110.45 8.93 -27.31
CA GLU A 216 -110.06 10.10 -26.54
C GLU A 216 -111.16 11.15 -26.55
N VAL A 217 -111.55 11.58 -27.75
CA VAL A 217 -112.58 12.61 -27.86
C VAL A 217 -113.90 12.10 -27.31
N SER A 218 -114.18 10.82 -27.48
CA SER A 218 -115.43 10.26 -26.99
C SER A 218 -115.49 10.31 -25.48
N ASP A 219 -114.45 9.79 -24.83
CA ASP A 219 -114.36 9.90 -23.38
C ASP A 219 -114.41 11.35 -22.96
N LEU A 220 -113.84 12.25 -23.75
CA LEU A 220 -113.89 13.67 -23.41
C LEU A 220 -115.33 14.17 -23.40
N ILE A 221 -116.10 13.80 -24.41
CA ILE A 221 -117.49 14.23 -24.49
C ILE A 221 -118.30 13.61 -23.36
N LYS A 222 -118.07 12.33 -23.09
CA LYS A 222 -118.76 11.66 -22.00
C LYS A 222 -118.42 12.31 -20.66
N GLU A 223 -117.16 12.68 -20.47
CA GLU A 223 -116.77 13.40 -19.29
C GLU A 223 -117.48 14.74 -19.21
N CYS A 224 -117.57 15.45 -20.33
CA CYS A 224 -118.27 16.73 -20.35
C CYS A 224 -119.70 16.56 -19.86
N GLN A 225 -120.44 15.63 -20.48
CA GLN A 225 -121.84 15.43 -20.10
C GLN A 225 -121.95 14.97 -18.66
N GLN A 226 -121.14 14.00 -18.26
CA GLN A 226 -121.21 13.48 -16.90
C GLN A 226 -120.89 14.56 -15.88
N SER A 227 -119.90 15.40 -16.19
CA SER A 227 -119.54 16.48 -15.27
C SER A 227 -120.67 17.48 -15.15
N LEU A 228 -121.28 17.86 -16.27
CA LEU A 228 -122.40 18.78 -16.19
C LEU A 228 -123.53 18.19 -15.36
N ALA A 229 -123.83 16.91 -15.58
CA ALA A 229 -124.88 16.25 -14.80
C ALA A 229 -124.48 16.18 -13.33
N HIS A 230 -123.21 15.92 -13.05
CA HIS A 230 -122.74 15.89 -11.68
C HIS A 230 -122.88 17.25 -11.03
N SER A 231 -122.67 18.31 -11.80
CA SER A 231 -122.87 19.65 -11.26
C SER A 231 -124.34 19.87 -10.91
N LEU A 232 -125.24 19.45 -11.80
CA LEU A 232 -126.66 19.55 -11.49
C LEU A 232 -127.01 18.76 -10.23
N TYR A 233 -126.50 17.54 -10.12
CA TYR A 233 -126.84 16.69 -9.00
C TYR A 233 -126.26 17.23 -7.71
N SER A 234 -124.98 17.62 -7.73
CA SER A 234 -124.36 18.21 -6.55
C SER A 234 -125.07 19.48 -6.15
N TRP A 235 -125.57 20.24 -7.12
CA TRP A 235 -126.38 21.41 -6.79
C TRP A 235 -127.61 20.98 -6.02
N SER A 236 -128.33 20.00 -6.55
CA SER A 236 -129.53 19.50 -5.87
C SER A 236 -129.19 18.99 -4.48
N CYS A 237 -128.01 18.40 -4.33
CA CYS A 237 -127.62 17.86 -3.03
C CYS A 237 -127.25 18.97 -2.06
N GLN A 238 -126.71 20.07 -2.56
CA GLN A 238 -126.40 21.23 -1.74
C GLN A 238 -127.63 22.09 -1.49
N THR A 239 -128.32 22.50 -2.55
CA THR A 239 -129.50 23.31 -2.43
C THR A 239 -130.52 22.89 -3.48
N PRO A 240 -131.74 22.56 -3.06
CA PRO A 240 -132.76 22.17 -4.03
C PRO A 240 -132.97 23.24 -5.08
N LEU A 241 -133.30 22.81 -6.29
CA LEU A 241 -133.52 23.76 -7.38
C LEU A 241 -134.90 24.38 -7.27
N ASN A 242 -135.06 25.54 -7.90
CA ASN A 242 -136.30 26.29 -7.81
C ASN A 242 -137.43 25.55 -8.52
N ARG A 243 -138.63 26.13 -8.43
CA ARG A 243 -139.82 25.52 -9.02
C ARG A 243 -139.67 25.36 -10.52
N GLU A 244 -139.28 26.43 -11.22
CA GLU A 244 -139.15 26.36 -12.66
C GLU A 244 -137.99 25.48 -13.07
N ASP A 245 -136.89 25.54 -12.32
CA ASP A 245 -135.77 24.65 -12.61
C ASP A 245 -136.17 23.19 -12.45
N THR A 246 -136.94 22.87 -11.41
CA THR A 246 -137.39 21.50 -11.20
C THR A 246 -138.36 21.06 -12.29
N LEU A 247 -139.28 21.94 -12.69
CA LEU A 247 -140.19 21.61 -13.78
C LEU A 247 -139.44 21.40 -15.09
N LEU A 248 -138.38 22.18 -15.33
CA LEU A 248 -137.57 21.94 -16.52
C LEU A 248 -136.88 20.60 -16.44
N LEU A 249 -136.36 20.25 -15.26
CA LEU A 249 -135.77 18.93 -15.06
C LEU A 249 -136.81 17.84 -15.33
N ILE A 250 -138.06 18.08 -14.93
CA ILE A 250 -139.11 17.10 -15.15
C ILE A 250 -139.41 16.98 -16.64
N GLY A 251 -139.51 18.11 -17.33
CA GLY A 251 -139.75 18.07 -18.77
C GLY A 251 -138.64 17.36 -19.51
N TYR A 252 -137.41 17.47 -19.00
CA TYR A 252 -136.30 16.74 -19.60
C TYR A 252 -136.43 15.25 -19.33
N LEU A 253 -136.63 14.87 -18.07
CA LEU A 253 -136.72 13.46 -17.71
C LEU A 253 -137.89 12.77 -18.41
N GLU A 254 -139.01 13.46 -18.61
CA GLU A 254 -140.19 12.85 -19.21
C GLU A 254 -139.95 12.47 -20.67
N LYS A 255 -138.83 12.87 -21.24
CA LYS A 255 -138.46 12.46 -22.59
C LYS A 255 -137.25 11.54 -22.62
N VAL A 256 -136.79 11.04 -21.47
CA VAL A 256 -135.58 10.23 -21.40
C VAL A 256 -135.92 8.78 -21.68
N THR A 257 -135.05 8.10 -22.43
CA THR A 257 -135.26 6.72 -22.83
C THR A 257 -134.21 5.81 -22.18
N VAL A 258 -134.53 4.52 -22.12
CA VAL A 258 -133.62 3.50 -21.52
C VAL A 258 -132.64 3.01 -22.60
N GLU A 259 -132.77 1.75 -23.01
CA GLU A 259 -131.89 1.16 -24.06
C GLU A 259 -132.70 0.18 -24.91
N GLY A 262 -133.85 -2.70 -20.98
CA GLY A 262 -134.81 -1.96 -20.18
C GLY A 262 -134.16 -1.06 -19.16
N SER A 263 -132.86 -1.23 -19.00
CA SER A 263 -132.11 -0.46 -18.03
C SER A 263 -131.88 0.95 -18.55
N LEU A 264 -131.89 1.90 -17.61
CA LEU A 264 -131.71 3.31 -17.93
C LEU A 264 -130.22 3.64 -18.01
N ASP A 265 -129.89 4.62 -18.82
CA ASP A 265 -128.49 4.98 -19.02
C ASP A 265 -127.91 5.58 -17.75
N LYS A 266 -126.59 5.46 -17.62
CA LYS A 266 -125.87 6.02 -16.47
C LYS A 266 -126.22 7.50 -16.28
N VAL A 267 -126.10 8.29 -17.33
CA VAL A 267 -126.46 9.70 -17.22
C VAL A 267 -127.95 9.85 -16.98
N ASN A 268 -128.76 9.05 -17.66
CA ASN A 268 -130.20 9.04 -17.39
C ASN A 268 -130.48 8.66 -15.94
N LEU A 269 -129.79 7.64 -15.43
CA LEU A 269 -129.97 7.24 -14.04
C LEU A 269 -129.60 8.35 -13.10
N THR A 270 -128.49 9.04 -13.36
CA THR A 270 -128.05 10.12 -12.47
C THR A 270 -129.03 11.28 -12.50
N LEU A 271 -129.60 11.58 -13.67
CA LEU A 271 -130.61 12.63 -13.73
C LEU A 271 -131.83 12.24 -12.92
N LEU A 272 -132.33 11.02 -13.13
CA LEU A 272 -133.47 10.54 -12.36
C LEU A 272 -133.18 10.59 -10.87
N MET A 273 -131.97 10.18 -10.47
CA MET A 273 -131.63 10.15 -9.05
C MET A 273 -131.46 11.55 -8.49
N SER A 274 -130.97 12.49 -9.30
CA SER A 274 -130.86 13.85 -8.85
C SER A 274 -132.23 14.43 -8.57
N LEU A 275 -133.16 14.23 -9.50
CA LEU A 275 -134.53 14.66 -9.24
C LEU A 275 -135.14 13.88 -8.10
N LEU A 276 -134.65 12.66 -7.87
CA LEU A 276 -135.14 11.87 -6.74
C LEU A 276 -134.75 12.52 -5.43
N TYR A 277 -133.47 12.78 -5.24
CA TYR A 277 -133.00 13.51 -4.07
C TYR A 277 -133.64 14.89 -3.99
N CYS A 278 -134.09 15.43 -5.12
CA CYS A 278 -134.73 16.74 -5.10
C CYS A 278 -136.08 16.69 -4.39
N LEU A 279 -136.95 15.77 -4.78
CA LEU A 279 -138.25 15.63 -4.14
C LEU A 279 -138.16 14.89 -2.80
N ASP A 280 -136.95 14.51 -2.38
CA ASP A 280 -136.76 13.71 -1.18
C ASP A 280 -137.10 14.54 0.05
N VAL A 281 -138.10 14.11 0.81
CA VAL A 281 -138.50 14.75 2.05
C VAL A 281 -138.06 13.97 3.26
N GLY A 282 -137.07 13.08 3.11
CA GLY A 282 -136.67 12.20 4.19
C GLY A 282 -135.97 12.91 5.34
N PHE A 283 -135.51 14.15 5.11
CA PHE A 283 -134.88 14.91 6.18
C PHE A 283 -135.87 15.40 7.23
N LEU A 284 -137.16 15.23 7.02
CA LEU A 284 -138.17 15.64 7.99
C LEU A 284 -138.41 14.59 9.07
N GLU A 285 -137.85 13.40 8.92
CA GLU A 285 -138.00 12.35 9.92
C GLU A 285 -136.71 12.02 10.65
N GLN A 286 -135.62 12.73 10.35
CA GLN A 286 -134.38 12.63 11.13
C GLN A 286 -134.52 13.52 12.35
N GLY A 287 -134.44 12.93 13.54
CA GLY A 287 -134.72 13.62 14.78
C GLY A 287 -133.71 14.67 15.19
N THR A 288 -132.87 15.12 14.26
CA THR A 288 -131.84 16.11 14.54
C THR A 288 -132.49 17.43 14.95
N ASP A 289 -131.86 18.13 15.90
CA ASP A 289 -132.43 19.29 16.57
C ASP A 289 -132.59 20.53 15.70
N ASP A 290 -131.91 20.59 14.55
CA ASP A 290 -131.94 21.76 13.69
C ASP A 290 -133.12 21.75 12.73
N ARG A 291 -134.21 21.07 13.12
CA ARG A 291 -135.33 20.81 12.23
C ARG A 291 -135.88 22.10 11.62
N GLU A 292 -135.92 23.18 12.40
CA GLU A 292 -136.50 24.41 11.88
C GLU A 292 -135.64 25.00 10.77
N GLU A 293 -134.33 25.04 10.98
CA GLU A 293 -133.45 25.60 9.96
C GLU A 293 -133.47 24.76 8.70
N LEU A 294 -133.55 23.43 8.84
CA LEU A 294 -133.63 22.57 7.66
C LEU A 294 -134.96 22.72 6.95
N MET A 295 -136.06 22.86 7.69
CA MET A 295 -137.35 23.08 7.07
C MET A 295 -137.41 24.45 6.39
N LYS A 296 -136.59 25.40 6.85
CA LYS A 296 -136.53 26.71 6.21
C LYS A 296 -135.49 26.78 5.10
N GLN A 297 -134.62 25.77 4.99
CA GLN A 297 -133.68 25.70 3.87
C GLN A 297 -134.19 24.86 2.72
N ALA A 298 -135.31 24.16 2.89
CA ALA A 298 -135.89 23.30 1.85
C ALA A 298 -136.96 24.09 1.12
N SER A 299 -136.73 24.34 -0.17
CA SER A 299 -137.62 25.14 -1.01
C SER A 299 -139.04 24.59 -1.10
N MET A 300 -139.23 23.33 -0.71
CA MET A 300 -140.55 22.70 -0.85
C MET A 300 -141.51 23.08 0.27
N PHE A 301 -141.02 23.72 1.32
CA PHE A 301 -141.86 24.06 2.47
C PHE A 301 -142.27 25.51 2.54
N MET A 302 -141.76 26.36 1.64
CA MET A 302 -142.08 27.78 1.68
C MET A 302 -142.89 28.25 0.48
N ASP A 303 -142.72 27.61 -0.68
CA ASP A 303 -143.38 28.03 -1.91
C ASP A 303 -144.37 26.92 -2.29
N ARG A 304 -145.58 27.01 -1.74
CA ARG A 304 -146.64 26.05 -2.01
C ARG A 304 -146.85 25.87 -3.51
N GLN A 305 -146.56 26.92 -4.29
CA GLN A 305 -146.65 26.80 -5.73
C GLN A 305 -145.78 25.65 -6.24
N TYR A 306 -144.68 25.35 -5.55
CA TYR A 306 -143.88 24.20 -5.94
C TYR A 306 -144.67 22.92 -5.80
N ILE A 307 -145.37 22.75 -4.69
CA ILE A 307 -146.22 21.58 -4.51
C ILE A 307 -147.30 21.55 -5.57
N ALA A 308 -147.98 22.67 -5.79
CA ALA A 308 -149.08 22.72 -6.75
C ALA A 308 -148.60 22.37 -8.15
N ALA A 309 -147.47 22.93 -8.58
CA ALA A 309 -147.02 22.76 -9.95
C ALA A 309 -146.41 21.38 -10.19
N ILE A 310 -145.52 20.94 -9.30
CA ILE A 310 -144.98 19.60 -9.43
C ILE A 310 -146.11 18.57 -9.38
N HIS A 311 -147.12 18.80 -8.55
CA HIS A 311 -148.25 17.89 -8.47
C HIS A 311 -149.06 17.90 -9.76
N ASN A 312 -149.36 19.08 -10.29
CA ASN A 312 -150.15 19.14 -11.52
C ASN A 312 -149.40 18.57 -12.70
N ARG A 313 -148.07 18.65 -12.70
CA ARG A 313 -147.30 18.03 -13.76
C ARG A 313 -147.28 16.52 -13.61
N LEU A 314 -147.09 16.04 -12.37
CA LEU A 314 -147.11 14.60 -12.12
C LEU A 314 -148.48 13.99 -12.36
N GLN A 315 -149.54 14.75 -12.14
CA GLN A 315 -150.90 14.27 -12.31
C GLN A 315 -151.42 14.48 -13.72
N ASN A 316 -150.65 15.13 -14.58
CA ASN A 316 -150.99 15.13 -16.00
C ASN A 316 -150.90 13.72 -16.53
N THR A 317 -151.95 13.27 -17.19
CA THR A 317 -151.97 11.91 -17.73
C THR A 317 -151.11 11.77 -18.97
N GLN A 318 -150.32 12.80 -19.29
CA GLN A 318 -149.41 12.70 -20.43
C GLN A 318 -148.38 11.61 -20.15
N PRO A 319 -148.41 10.50 -20.88
CA PRO A 319 -147.45 9.42 -20.61
C PRO A 319 -146.04 9.88 -20.94
N TRP A 320 -145.19 9.95 -19.92
CA TRP A 320 -143.77 10.19 -20.17
C TRP A 320 -143.24 9.11 -21.09
N LYS A 321 -142.28 9.49 -21.94
CA LYS A 321 -141.75 8.56 -22.93
C LYS A 321 -141.35 7.23 -22.30
N SER A 322 -140.97 7.25 -21.03
CA SER A 322 -140.79 6.03 -20.26
C SER A 322 -141.88 5.98 -19.20
N PRO A 323 -142.99 5.30 -19.45
CA PRO A 323 -144.08 5.28 -18.46
C PRO A 323 -143.68 4.65 -17.14
N GLY A 324 -142.80 3.65 -17.15
CA GLY A 324 -142.29 3.13 -15.90
C GLY A 324 -141.59 4.21 -15.09
N MET A 325 -140.89 5.10 -15.76
CA MET A 325 -140.29 6.23 -15.06
C MET A 325 -141.36 7.18 -14.57
N GLN A 326 -142.41 7.39 -15.36
CA GLN A 326 -143.53 8.20 -14.90
C GLN A 326 -144.09 7.65 -13.61
N ALA A 327 -144.30 6.33 -13.54
CA ALA A 327 -144.84 5.72 -12.33
C ALA A 327 -143.83 5.77 -11.19
N THR A 328 -142.53 5.66 -11.50
CA THR A 328 -141.53 5.76 -10.45
C THR A 328 -141.58 7.13 -9.80
N VAL A 329 -141.56 8.18 -10.60
CA VAL A 329 -141.65 9.52 -10.06
C VAL A 329 -143.00 9.73 -9.38
N ARG A 330 -144.04 9.05 -9.87
CA ARG A 330 -145.36 9.18 -9.25
C ARG A 330 -145.35 8.63 -7.85
N LEU A 331 -144.83 7.42 -7.67
CA LEU A 331 -144.72 6.84 -6.33
C LEU A 331 -143.83 7.69 -5.43
N ALA A 332 -142.77 8.25 -6.01
CA ALA A 332 -141.89 9.11 -5.22
C ALA A 332 -142.64 10.33 -4.71
N TRP A 333 -143.34 11.04 -5.60
CA TRP A 333 -144.10 12.22 -5.19
C TRP A 333 -145.21 11.84 -4.22
N ALA A 334 -145.79 10.66 -4.39
CA ALA A 334 -146.81 10.21 -3.45
C ALA A 334 -146.23 10.03 -2.06
N LEU A 335 -145.08 9.37 -1.96
CA LEU A 335 -144.44 9.20 -0.67
C LEU A 335 -144.03 10.55 -0.07
N ALA A 336 -143.64 11.50 -0.91
CA ALA A 336 -143.24 12.81 -0.39
C ALA A 336 -144.45 13.56 0.14
N LEU A 337 -145.56 13.53 -0.59
CA LEU A 337 -146.78 14.15 -0.10
C LEU A 337 -147.27 13.48 1.18
N ARG A 338 -147.08 12.17 1.29
CA ARG A 338 -147.46 11.47 2.51
C ARG A 338 -146.59 11.89 3.68
N GLY A 339 -145.28 12.01 3.46
CA GLY A 339 -144.39 12.41 4.54
C GLY A 339 -144.59 13.87 4.92
N ILE A 340 -145.05 14.70 3.99
CA ILE A 340 -145.30 16.09 4.32
C ILE A 340 -146.71 16.29 4.88
N SER A 341 -147.60 15.32 4.69
CA SER A 341 -148.95 15.43 5.22
C SER A 341 -149.00 15.32 6.74
N GLN A 342 -147.93 14.80 7.35
CA GLN A 342 -147.87 14.75 8.81
C GLN A 342 -147.45 16.07 9.43
N PHE A 343 -147.15 17.08 8.62
CA PHE A 343 -146.87 18.44 9.09
C PHE A 343 -148.06 19.30 8.67
N SER A 344 -148.51 20.15 9.58
CA SER A 344 -149.81 20.82 9.45
C SER A 344 -149.93 21.83 8.32
N GLU A 345 -148.89 22.00 7.50
CA GLU A 345 -148.84 23.13 6.57
C GLU A 345 -149.19 22.78 5.13
N VAL A 346 -149.48 21.53 4.80
CA VAL A 346 -149.68 21.18 3.39
C VAL A 346 -150.88 20.27 3.19
N LEU A 347 -151.85 20.31 4.10
CA LEU A 347 -152.95 19.34 4.09
C LEU A 347 -153.71 19.30 2.77
N GLU A 348 -153.64 20.36 1.95
CA GLU A 348 -154.31 20.37 0.65
C GLU A 348 -153.76 19.33 -0.32
N PHE A 349 -152.71 18.63 0.07
CA PHE A 349 -152.19 17.53 -0.74
C PHE A 349 -152.30 16.19 -0.03
N SER A 350 -152.73 16.16 1.23
CA SER A 350 -152.63 14.95 2.04
C SER A 350 -153.42 13.79 1.44
N GLU A 351 -154.35 14.07 0.54
CA GLU A 351 -155.18 13.02 -0.04
C GLU A 351 -154.70 12.56 -1.41
N ALA A 352 -153.87 13.35 -2.10
CA ALA A 352 -153.46 12.98 -3.45
C ALA A 352 -152.29 12.02 -3.47
N ASP A 353 -151.76 11.64 -2.30
CA ASP A 353 -150.64 10.71 -2.26
C ASP A 353 -151.10 9.29 -2.51
N GLU A 354 -152.16 8.86 -1.84
CA GLU A 354 -152.65 7.49 -1.93
C GLU A 354 -153.06 7.16 -3.36
N PRO A 355 -153.92 7.97 -3.97
CA PRO A 355 -154.23 7.74 -5.39
C PRO A 355 -153.00 7.79 -6.28
N MET A 356 -152.09 8.72 -6.02
CA MET A 356 -150.87 8.79 -6.83
C MET A 356 -150.13 7.46 -6.82
N ALA A 357 -149.89 6.91 -5.62
CA ALA A 357 -149.30 5.59 -5.53
C ALA A 357 -150.10 4.58 -6.35
N GLU A 358 -151.43 4.64 -6.28
CA GLU A 358 -152.25 3.78 -7.12
C GLU A 358 -151.85 3.92 -8.58
N ILE A 359 -151.83 5.16 -9.09
CA ILE A 359 -151.39 5.38 -10.46
C ILE A 359 -150.00 4.79 -10.65
N ALA A 360 -149.09 5.03 -9.71
CA ALA A 360 -147.75 4.48 -9.82
C ALA A 360 -147.78 2.97 -9.72
N ILE A 361 -148.63 2.42 -8.85
CA ILE A 361 -148.74 0.97 -8.78
C ILE A 361 -149.38 0.44 -10.04
N GLY A 362 -150.21 1.26 -10.70
CA GLY A 362 -150.74 0.90 -11.98
C GLY A 362 -149.73 0.96 -13.10
N GLY A 363 -148.60 1.61 -12.87
CA GLY A 363 -147.57 1.76 -13.87
C GLY A 363 -146.39 0.83 -13.71
N ASN A 364 -146.55 -0.29 -12.99
CA ASN A 364 -145.48 -1.25 -12.77
C ASN A 364 -144.24 -0.56 -12.21
N VAL A 365 -144.48 0.38 -11.29
CA VAL A 365 -143.39 1.11 -10.66
C VAL A 365 -142.36 0.14 -10.09
N PHE A 366 -142.83 -0.91 -9.41
CA PHE A 366 -141.92 -1.90 -8.86
C PHE A 366 -141.07 -2.53 -9.96
N LEU A 367 -141.70 -2.88 -11.08
CA LEU A 367 -140.95 -3.49 -12.16
C LEU A 367 -139.96 -2.51 -12.78
N PHE A 368 -140.38 -1.25 -12.93
CA PHE A 368 -139.46 -0.25 -13.45
C PHE A 368 -138.26 -0.09 -12.55
N LEU A 369 -138.47 -0.09 -11.23
CA LEU A 369 -137.36 0.01 -10.30
C LEU A 369 -136.46 -1.20 -10.39
N THR A 370 -137.04 -2.39 -10.50
CA THR A 370 -136.23 -3.61 -10.54
C THR A 370 -135.37 -3.67 -11.79
N GLU A 371 -135.98 -3.50 -12.97
CA GLU A 371 -135.25 -3.75 -14.21
C GLU A 371 -134.46 -2.56 -14.70
N ALA A 372 -135.02 -1.35 -14.62
CA ALA A 372 -134.44 -0.20 -15.31
C ALA A 372 -133.28 0.44 -14.56
N VAL A 373 -133.32 0.44 -13.22
CA VAL A 373 -132.30 1.13 -12.44
C VAL A 373 -131.42 0.11 -11.72
N VAL A 374 -132.04 -0.70 -10.85
CA VAL A 374 -131.28 -1.76 -10.21
C VAL A 374 -130.65 -2.65 -11.26
N GLY A 375 -131.42 -2.97 -12.31
CA GLY A 375 -130.88 -3.67 -13.46
C GLY A 375 -129.92 -2.86 -14.30
N SER A 376 -129.69 -1.60 -13.92
CA SER A 376 -128.67 -0.80 -14.60
C SER A 376 -127.33 -0.98 -13.89
N GLU A 377 -126.29 -1.27 -14.66
CA GLU A 377 -125.00 -1.65 -14.08
C GLU A 377 -124.33 -0.50 -13.35
N SER A 378 -124.87 0.71 -13.44
CA SER A 378 -124.30 1.86 -12.75
C SER A 378 -124.96 2.15 -11.42
N PHE A 379 -126.10 1.53 -11.13
CA PHE A 379 -126.84 1.86 -9.91
C PHE A 379 -126.00 1.62 -8.66
N CYS A 380 -125.38 0.46 -8.56
CA CYS A 380 -124.56 0.16 -7.40
C CYS A 380 -123.22 0.86 -7.45
N THR A 381 -123.06 1.84 -8.34
CA THR A 381 -121.80 2.55 -8.46
C THR A 381 -121.66 3.69 -7.45
N ASP A 382 -122.70 4.50 -7.28
CA ASP A 382 -122.67 5.62 -6.35
C ASP A 382 -123.47 5.24 -5.11
N GLU A 383 -122.80 5.17 -3.97
CA GLU A 383 -123.44 4.76 -2.73
C GLU A 383 -124.67 5.61 -2.44
N PHE A 384 -124.63 6.89 -2.81
CA PHE A 384 -125.79 7.75 -2.62
C PHE A 384 -126.98 7.33 -3.45
N PHE A 385 -126.75 6.77 -4.64
CA PHE A 385 -127.87 6.22 -5.39
C PHE A 385 -128.47 5.03 -4.67
N ILE A 386 -127.61 4.19 -4.09
CA ILE A 386 -128.10 3.06 -3.30
C ILE A 386 -128.92 3.57 -2.12
N ARG A 387 -128.45 4.63 -1.47
CA ARG A 387 -129.16 5.14 -0.30
C ARG A 387 -130.49 5.76 -0.70
N ARG A 388 -130.54 6.44 -1.83
CA ARG A 388 -131.80 7.02 -2.29
C ARG A 388 -132.80 5.93 -2.64
N ILE A 389 -132.37 4.97 -3.44
CA ILE A 389 -133.25 3.87 -3.82
C ILE A 389 -133.73 3.14 -2.57
N HIS A 390 -132.81 2.77 -1.69
CA HIS A 390 -133.16 2.01 -0.50
C HIS A 390 -134.02 2.84 0.44
N LYS A 391 -133.79 4.15 0.49
CA LYS A 391 -134.62 5.01 1.32
C LYS A 391 -136.06 5.00 0.82
N LEU A 392 -136.24 5.18 -0.48
CA LEU A 392 -137.59 5.11 -1.03
C LEU A 392 -138.19 3.74 -0.81
N VAL A 393 -137.35 2.70 -0.88
CA VAL A 393 -137.84 1.33 -0.71
C VAL A 393 -138.33 1.11 0.71
N THR A 394 -137.52 1.51 1.69
CA THR A 394 -137.91 1.36 3.08
C THR A 394 -139.11 2.24 3.42
N ASP A 395 -139.21 3.41 2.78
CA ASP A 395 -140.36 4.27 3.03
C ASP A 395 -141.63 3.71 2.41
N PHE A 396 -141.49 2.92 1.34
CA PHE A 396 -142.66 2.31 0.71
C PHE A 396 -143.52 1.55 1.71
N PRO A 397 -142.99 0.58 2.46
CA PRO A 397 -143.83 -0.09 3.47
C PRO A 397 -143.89 0.68 4.79
N THR A 398 -143.14 1.77 4.94
CA THR A 398 -143.09 2.44 6.22
C THR A 398 -144.05 3.62 6.31
N LEU A 399 -144.43 4.20 5.17
CA LEU A 399 -145.32 5.36 5.19
C LEU A 399 -146.73 5.04 4.75
N MET A 400 -146.94 3.91 4.07
CA MET A 400 -148.26 3.52 3.59
C MET A 400 -148.49 2.04 3.82
N PRO A 401 -148.74 1.64 5.08
CA PRO A 401 -148.95 0.21 5.35
C PRO A 401 -150.25 -0.33 4.79
N MET A 402 -151.28 0.52 4.66
CA MET A 402 -152.54 0.06 4.11
C MET A 402 -152.38 -0.43 2.67
N LYS A 403 -151.50 0.21 1.90
CA LYS A 403 -151.29 -0.23 0.53
C LYS A 403 -150.57 -1.57 0.46
N VAL A 404 -149.62 -1.81 1.38
CA VAL A 404 -148.97 -3.11 1.42
C VAL A 404 -149.96 -4.18 1.82
N LYS A 405 -150.85 -3.87 2.76
CA LYS A 405 -151.90 -4.82 3.13
C LYS A 405 -152.83 -5.09 1.96
N GLN A 406 -153.16 -4.04 1.19
CA GLN A 406 -154.05 -4.21 0.05
C GLN A 406 -153.40 -5.06 -1.03
N LEU A 407 -152.11 -4.81 -1.31
CA LEU A 407 -151.39 -5.65 -2.25
C LEU A 407 -151.33 -7.08 -1.75
N ARG A 408 -151.20 -7.27 -0.44
CA ARG A 408 -151.20 -8.62 0.11
C ARG A 408 -152.53 -9.32 -0.14
N ASN A 409 -153.63 -8.62 0.10
CA ASN A 409 -154.94 -9.22 -0.11
C ASN A 409 -155.19 -9.48 -1.58
N ARG A 410 -154.77 -8.56 -2.45
CA ARG A 410 -154.93 -8.74 -3.88
C ARG A 410 -154.09 -9.92 -4.37
N ALA A 411 -152.86 -10.03 -3.88
CA ALA A 411 -152.02 -11.15 -4.26
C ALA A 411 -152.58 -12.46 -3.73
N GLU A 412 -153.25 -12.43 -2.58
CA GLU A 412 -153.87 -13.65 -2.07
C GLU A 412 -155.05 -14.07 -2.94
N GLU A 413 -155.90 -13.11 -3.31
CA GLU A 413 -157.00 -13.43 -4.22
C GLU A 413 -156.49 -13.90 -5.57
N ASP A 414 -155.41 -13.29 -6.05
CA ASP A 414 -154.82 -13.69 -7.31
C ASP A 414 -154.19 -15.07 -7.21
N ALA A 415 -153.60 -15.40 -6.06
CA ALA A 415 -153.07 -16.73 -5.85
C ALA A 415 -154.18 -17.76 -5.85
N ARG A 416 -155.33 -17.42 -5.24
CA ARG A 416 -156.47 -18.33 -5.26
C ARG A 416 -156.96 -18.56 -6.68
N LEU A 417 -157.14 -17.49 -7.44
CA LEU A 417 -157.56 -17.65 -8.84
C LEU A 417 -156.52 -18.41 -9.65
N ILE A 418 -155.23 -18.17 -9.36
CA ILE A 418 -154.17 -18.87 -10.07
C ILE A 418 -154.22 -20.35 -9.80
N GLN A 419 -154.44 -20.72 -8.53
CA GLN A 419 -154.61 -22.13 -8.19
C GLN A 419 -155.81 -22.72 -8.89
N MET A 420 -156.91 -21.98 -8.93
CA MET A 420 -158.09 -22.43 -9.66
C MET A 420 -157.76 -22.71 -11.11
N SER A 421 -157.00 -21.82 -11.74
CA SER A 421 -156.60 -22.04 -13.13
C SER A 421 -155.69 -23.26 -13.25
N MET A 422 -154.71 -23.37 -12.36
CA MET A 422 -153.74 -24.46 -12.44
C MET A 422 -154.43 -25.81 -12.34
N GLN A 423 -155.35 -25.97 -11.40
CA GLN A 423 -156.09 -27.22 -11.33
C GLN A 423 -157.05 -27.37 -12.51
N MET A 424 -157.44 -26.27 -13.13
CA MET A 424 -158.32 -26.31 -14.29
C MET A 424 -157.54 -26.36 -15.60
N GLY A 425 -156.23 -26.54 -15.55
CA GLY A 425 -155.41 -26.67 -16.74
C GLY A 425 -155.54 -25.53 -17.72
N LEU A 432 -150.04 -13.73 -16.07
CA LEU A 432 -150.02 -13.85 -14.62
C LEU A 432 -149.38 -12.62 -13.99
N ARG A 433 -150.14 -11.94 -13.12
CA ARG A 433 -149.65 -10.72 -12.48
C ARG A 433 -148.67 -11.09 -11.38
N ARG A 434 -147.42 -10.66 -11.54
CA ARG A 434 -146.33 -11.03 -10.65
C ARG A 434 -145.93 -9.85 -9.76
N ASP A 435 -146.91 -9.09 -9.30
CA ASP A 435 -146.63 -7.96 -8.44
C ASP A 435 -145.84 -8.38 -7.21
N LEU A 436 -146.42 -9.28 -6.40
CA LEU A 436 -145.78 -9.67 -5.15
C LEU A 436 -144.37 -10.16 -5.37
N GLU A 437 -144.17 -11.02 -6.36
CA GLU A 437 -142.82 -11.49 -6.68
C GLU A 437 -141.93 -10.31 -7.04
N HIS A 438 -142.49 -9.32 -7.74
CA HIS A 438 -141.69 -8.18 -8.16
C HIS A 438 -141.22 -7.35 -6.98
N LEU A 439 -142.13 -7.01 -6.07
CA LEU A 439 -141.73 -6.29 -4.86
C LEU A 439 -140.71 -7.09 -4.06
N LEU A 440 -140.92 -8.41 -3.97
CA LEU A 440 -140.00 -9.24 -3.21
C LEU A 440 -138.60 -9.18 -3.81
N LEU A 441 -138.49 -9.35 -5.12
CA LEU A 441 -137.18 -9.32 -5.77
C LEU A 441 -136.54 -7.95 -5.65
N LEU A 442 -137.34 -6.89 -5.80
CA LEU A 442 -136.81 -5.55 -5.61
C LEU A 442 -136.19 -5.40 -4.23
N ILE A 443 -136.92 -5.81 -3.20
CA ILE A 443 -136.40 -5.71 -1.84
C ILE A 443 -135.13 -6.53 -1.70
N GLY A 444 -135.11 -7.73 -2.29
CA GLY A 444 -133.96 -8.60 -2.16
C GLY A 444 -132.73 -8.04 -2.84
N GLU A 445 -132.93 -7.26 -3.91
CA GLU A 445 -131.78 -6.78 -4.66
C GLU A 445 -131.29 -5.44 -4.13
N LEU A 446 -132.20 -4.54 -3.76
CA LEU A 446 -131.80 -3.20 -3.36
C LEU A 446 -130.91 -3.22 -2.13
N TYR A 447 -131.18 -4.14 -1.21
CA TYR A 447 -130.37 -4.28 -0.01
C TYR A 447 -129.31 -5.37 -0.14
N ARG A 448 -129.36 -6.17 -1.21
CA ARG A 448 -128.36 -7.22 -1.40
C ARG A 448 -126.95 -6.66 -1.30
N LYS A 449 -126.78 -5.39 -1.61
CA LYS A 449 -125.53 -4.68 -1.39
C LYS A 449 -125.78 -3.52 -0.44
N ASP A 450 -124.82 -3.29 0.46
CA ASP A 450 -124.78 -2.10 1.29
C ASP A 450 -123.38 -1.53 1.14
N PRO A 451 -123.03 -1.03 -0.05
CA PRO A 451 -121.67 -0.53 -0.25
C PRO A 451 -121.26 0.54 0.74
N PHE A 452 -122.22 1.29 1.26
CA PHE A 452 -121.97 2.26 2.33
C PHE A 452 -122.07 1.62 3.70
N HIS A 453 -122.41 0.33 3.76
CA HIS A 453 -122.67 -0.36 5.02
C HIS A 453 -123.57 0.46 5.93
N LEU A 454 -124.77 0.81 5.43
CA LEU A 454 -125.77 1.50 6.23
C LEU A 454 -126.65 0.56 7.02
N GLU A 455 -126.76 -0.70 6.58
CA GLU A 455 -127.53 -1.73 7.27
C GLU A 455 -129.01 -1.38 7.34
N LEU A 456 -129.53 -0.80 6.24
CA LEU A 456 -130.93 -0.42 6.21
C LEU A 456 -131.86 -1.61 6.41
N ALA A 457 -131.39 -2.81 6.05
CA ALA A 457 -132.19 -4.00 6.25
C ALA A 457 -132.52 -4.23 7.73
N LEU A 458 -131.79 -3.60 8.64
CA LEU A 458 -132.12 -3.72 10.06
C LEU A 458 -133.53 -3.23 10.35
N GLU A 459 -134.12 -2.44 9.45
CA GLU A 459 -135.49 -2.01 9.65
C GLU A 459 -136.47 -3.17 9.53
N TYR A 460 -136.15 -4.19 8.71
CA TYR A 460 -137.11 -5.24 8.45
C TYR A 460 -137.11 -6.32 9.53
N TRP A 461 -135.98 -6.50 10.22
CA TRP A 461 -135.93 -7.41 11.34
C TRP A 461 -136.35 -6.67 12.60
N CYS A 462 -136.92 -7.41 13.55
CA CYS A 462 -137.19 -6.87 14.87
C CYS A 462 -136.35 -7.65 15.87
N PRO A 463 -135.60 -7.00 16.76
CA PRO A 463 -134.73 -7.74 17.69
C PRO A 463 -135.50 -8.61 18.66
N GLN A 488 -140.80 -0.70 11.76
CA GLN A 488 -140.04 -1.90 12.07
C GLN A 488 -140.99 -3.04 12.36
N VAL A 489 -141.91 -2.79 13.28
CA VAL A 489 -142.87 -3.82 13.66
C VAL A 489 -143.66 -4.29 12.46
N LEU A 490 -144.14 -3.35 11.65
CA LEU A 490 -144.81 -3.74 10.42
C LEU A 490 -143.85 -4.46 9.49
N LEU A 491 -142.58 -4.08 9.51
CA LEU A 491 -141.61 -4.72 8.64
C LEU A 491 -141.37 -6.17 9.05
N SER A 492 -141.11 -6.41 10.34
CA SER A 492 -140.98 -7.78 10.81
C SER A 492 -142.27 -8.56 10.61
N LYS A 493 -143.41 -7.91 10.79
CA LYS A 493 -144.70 -8.57 10.61
C LYS A 493 -144.89 -9.01 9.17
N PHE A 494 -144.47 -8.19 8.21
CA PHE A 494 -144.57 -8.59 6.81
C PHE A 494 -143.58 -9.69 6.48
N VAL A 495 -142.35 -9.56 6.98
CA VAL A 495 -141.35 -10.62 6.77
C VAL A 495 -141.87 -11.94 7.31
N ARG A 496 -142.67 -11.90 8.37
CA ARG A 496 -143.27 -13.12 8.91
C ARG A 496 -144.42 -13.59 8.05
N GLN A 497 -145.44 -12.75 7.87
CA GLN A 497 -146.65 -13.16 7.17
C GLN A 497 -146.35 -13.64 5.76
N MET A 498 -145.29 -13.14 5.14
CA MET A 498 -144.92 -13.65 3.83
C MET A 498 -144.38 -15.08 3.91
N SER A 499 -143.89 -15.51 5.07
CA SER A 499 -143.45 -16.88 5.26
C SER A 499 -144.60 -17.84 5.51
N ASP A 500 -145.81 -17.32 5.76
CA ASP A 500 -146.95 -18.14 6.12
C ASP A 500 -147.66 -18.62 4.86
N LEU A 501 -147.78 -19.93 4.71
CA LEU A 501 -148.44 -20.54 3.57
C LEU A 501 -147.81 -20.07 2.24
N LEU A 502 -146.48 -19.99 2.24
CA LEU A 502 -145.78 -19.55 1.06
C LEU A 502 -145.93 -20.55 -0.07
N PRO A 503 -146.69 -20.22 -1.12
CA PRO A 503 -146.73 -21.11 -2.28
C PRO A 503 -145.35 -21.27 -2.89
N ALA A 504 -145.15 -22.37 -3.60
CA ALA A 504 -143.86 -22.64 -4.23
C ALA A 504 -143.43 -21.48 -5.13
N THR A 505 -144.39 -20.82 -5.77
CA THR A 505 -144.11 -19.75 -6.72
C THR A 505 -143.25 -18.66 -6.11
N LEU A 506 -143.56 -18.21 -4.89
CA LEU A 506 -142.78 -17.18 -4.23
C LEU A 506 -141.67 -17.77 -3.38
N TYR A 507 -141.65 -19.10 -3.21
CA TYR A 507 -140.57 -19.73 -2.46
C TYR A 507 -139.21 -19.32 -3.03
N LEU A 508 -139.09 -19.34 -4.36
CA LEU A 508 -137.89 -18.78 -4.97
C LEU A 508 -137.71 -17.32 -4.61
N PRO A 509 -138.60 -16.41 -4.99
CA PRO A 509 -138.33 -14.99 -4.72
C PRO A 509 -138.10 -14.67 -3.26
N TYR A 510 -138.89 -15.25 -2.35
CA TYR A 510 -138.78 -14.88 -0.95
C TYR A 510 -137.38 -15.14 -0.42
N LEU A 511 -136.83 -16.31 -0.72
CA LEU A 511 -135.45 -16.59 -0.33
C LEU A 511 -134.52 -15.49 -0.81
N LYS A 512 -134.63 -15.12 -2.08
CA LYS A 512 -133.81 -14.03 -2.60
C LYS A 512 -134.02 -12.79 -1.75
N MET A 513 -135.27 -12.43 -1.48
CA MET A 513 -135.55 -11.30 -0.61
C MET A 513 -134.85 -11.48 0.73
N LEU A 514 -135.02 -12.66 1.33
CA LEU A 514 -134.34 -12.94 2.59
C LEU A 514 -132.84 -12.74 2.43
N ARG A 515 -132.28 -13.25 1.34
CA ARG A 515 -130.87 -13.02 1.07
C ARG A 515 -130.55 -11.54 1.13
N GLY A 516 -131.31 -10.74 0.38
CA GLY A 516 -131.09 -9.30 0.42
C GLY A 516 -131.24 -8.73 1.81
N LEU A 517 -132.18 -9.26 2.60
CA LEU A 517 -132.40 -8.77 3.94
C LEU A 517 -131.21 -9.05 4.86
N ALA A 518 -130.37 -10.00 4.52
CA ALA A 518 -129.30 -10.43 5.41
C ALA A 518 -128.08 -9.52 5.33
N SER A 519 -128.19 -8.37 4.67
CA SER A 519 -127.00 -7.62 4.29
C SER A 519 -126.32 -7.10 5.55
N GLY A 520 -125.21 -7.72 5.91
CA GLY A 520 -124.43 -7.28 7.04
C GLY A 520 -124.37 -8.29 8.16
N PRO A 521 -123.56 -8.00 9.18
CA PRO A 521 -123.54 -8.89 10.36
C PRO A 521 -124.88 -9.00 11.07
N GLN A 522 -125.46 -7.87 11.48
CA GLN A 522 -126.62 -7.90 12.37
C GLN A 522 -127.86 -8.40 11.65
N CYS A 523 -128.10 -7.93 10.43
CA CYS A 523 -129.28 -8.35 9.69
C CYS A 523 -129.26 -9.85 9.43
N ALA A 524 -128.13 -10.37 8.93
CA ALA A 524 -128.01 -11.81 8.71
C ALA A 524 -128.12 -12.57 10.02
N HIS A 525 -127.63 -12.00 11.11
CA HIS A 525 -127.82 -12.63 12.41
C HIS A 525 -129.31 -12.77 12.73
N TYR A 526 -130.05 -11.69 12.54
CA TYR A 526 -131.50 -11.74 12.75
C TYR A 526 -132.15 -12.78 11.85
N CYS A 527 -131.69 -12.88 10.61
CA CYS A 527 -132.29 -13.83 9.68
C CYS A 527 -132.01 -15.27 10.09
N PHE A 528 -130.78 -15.55 10.52
CA PHE A 528 -130.47 -16.88 11.04
C PHE A 528 -131.34 -17.19 12.23
N SER A 529 -131.54 -16.20 13.10
CA SER A 529 -132.45 -16.36 14.22
C SER A 529 -133.86 -16.67 13.73
N LEU A 530 -134.30 -15.99 12.66
CA LEU A 530 -135.66 -16.17 12.17
C LEU A 530 -135.86 -17.59 11.66
N LEU A 531 -134.97 -18.03 10.77
CA LEU A 531 -135.06 -19.40 10.26
C LEU A 531 -134.97 -20.40 11.39
N LYS A 532 -133.94 -20.32 12.22
CA LYS A 532 -133.73 -21.33 13.26
C LYS A 532 -134.91 -21.38 14.24
N ALA A 533 -135.49 -20.23 14.58
CA ALA A 533 -136.64 -20.24 15.45
C ALA A 533 -137.84 -20.84 14.74
N ASN A 534 -137.99 -20.56 13.45
CA ASN A 534 -139.04 -21.20 12.68
C ASN A 534 -138.77 -22.68 12.45
N GLY A 535 -137.65 -23.19 12.94
CA GLY A 535 -137.19 -24.53 12.61
C GLY A 535 -137.10 -25.53 13.73
N GLY A 536 -137.41 -25.14 14.98
CA GLY A 536 -137.38 -26.09 16.07
C GLY A 536 -138.74 -26.71 16.33
N SER A 537 -138.79 -27.56 17.35
CA SER A 537 -140.03 -28.24 17.73
C SER A 537 -140.93 -27.26 18.48
N SER A 538 -141.96 -26.77 17.78
CA SER A 538 -142.91 -25.82 18.35
C SER A 538 -144.33 -26.19 17.94
N ALA A 539 -145.24 -26.16 18.90
CA ALA A 539 -146.65 -26.38 18.61
C ALA A 539 -147.20 -25.17 17.86
N GLU A 540 -148.07 -25.44 16.88
CA GLU A 540 -148.51 -24.39 15.97
C GLU A 540 -149.74 -24.82 15.19
N ASN A 541 -150.45 -23.82 14.69
CA ASN A 541 -151.36 -23.88 13.55
C ASN A 541 -152.71 -24.52 13.82
N LEU A 542 -153.09 -24.76 15.07
CA LEU A 542 -154.37 -25.39 15.41
C LEU A 542 -154.55 -26.69 14.63
N GLN A 543 -153.47 -27.48 14.56
CA GLN A 543 -153.43 -28.78 13.90
C GLN A 543 -153.50 -28.65 12.38
N ALA A 544 -152.86 -27.63 11.82
CA ALA A 544 -152.75 -27.51 10.37
C ALA A 544 -151.54 -28.28 9.85
N ALA A 545 -151.63 -28.68 8.59
CA ALA A 545 -150.65 -29.61 8.01
C ALA A 545 -149.23 -29.04 8.05
N GLY A 546 -149.09 -27.76 7.75
CA GLY A 546 -147.77 -27.14 7.74
C GLY A 546 -147.82 -25.71 8.21
N GLY A 547 -146.74 -25.31 8.90
CA GLY A 547 -146.64 -23.98 9.43
C GLY A 547 -146.12 -23.00 8.40
N SER A 548 -145.06 -22.27 8.73
CA SER A 548 -144.49 -21.32 7.79
C SER A 548 -143.76 -22.08 6.70
N PRO A 549 -144.30 -22.14 5.48
CA PRO A 549 -143.58 -22.82 4.39
C PRO A 549 -142.19 -22.25 4.21
N VAL A 550 -141.96 -21.05 4.75
CA VAL A 550 -140.63 -20.48 4.87
C VAL A 550 -140.20 -20.60 6.33
N SER A 551 -139.40 -21.62 6.62
CA SER A 551 -138.95 -21.92 7.97
C SER A 551 -137.82 -22.93 7.89
N TRP A 552 -136.77 -22.71 8.68
CA TRP A 552 -135.64 -23.63 8.65
C TRP A 552 -136.09 -25.07 8.90
N ASP A 553 -137.22 -25.24 9.57
CA ASP A 553 -137.83 -26.56 9.65
C ASP A 553 -138.21 -27.05 8.27
N HIS A 554 -139.04 -26.31 7.55
CA HIS A 554 -139.38 -26.69 6.20
C HIS A 554 -138.12 -26.87 5.34
N PHE A 555 -137.19 -25.92 5.42
CA PHE A 555 -135.99 -26.00 4.61
C PHE A 555 -135.22 -27.29 4.88
N PHE A 556 -134.68 -27.43 6.09
CA PHE A 556 -133.87 -28.60 6.40
C PHE A 556 -134.65 -29.90 6.27
N HIS A 557 -135.97 -29.85 6.51
CA HIS A 557 -136.76 -31.07 6.48
C HIS A 557 -136.98 -31.55 5.06
N SER A 558 -137.57 -30.71 4.21
CA SER A 558 -137.66 -31.05 2.79
C SER A 558 -136.28 -31.40 2.24
N LEU A 559 -135.23 -30.79 2.80
CA LEU A 559 -133.89 -31.09 2.33
C LEU A 559 -133.52 -32.53 2.63
N MET A 560 -133.63 -32.93 3.90
CA MET A 560 -133.38 -34.31 4.26
C MET A 560 -134.31 -35.25 3.50
N LEU A 561 -135.53 -34.78 3.20
CA LEU A 561 -136.47 -35.59 2.46
C LEU A 561 -135.95 -35.89 1.06
N TYR A 562 -135.50 -34.85 0.36
CA TYR A 562 -134.92 -35.07 -0.95
C TYR A 562 -133.67 -35.93 -0.86
N HIS A 563 -132.84 -35.71 0.15
CA HIS A 563 -131.61 -36.49 0.29
C HIS A 563 -131.94 -37.98 0.44
N GLU A 564 -132.95 -38.29 1.24
CA GLU A 564 -133.35 -39.68 1.42
C GLU A 564 -133.98 -40.23 0.15
N HIS A 565 -134.92 -39.49 -0.43
CA HIS A 565 -135.60 -39.97 -1.63
C HIS A 565 -134.62 -40.23 -2.76
N LEU A 566 -133.52 -39.48 -2.78
CA LEU A 566 -132.55 -39.65 -3.86
C LEU A 566 -131.54 -40.75 -3.54
N ARG A 567 -130.98 -40.75 -2.33
CA ARG A 567 -130.06 -41.82 -1.97
C ARG A 567 -130.74 -43.18 -2.03
N ARG A 568 -132.05 -43.21 -1.80
CA ARG A 568 -132.80 -44.46 -1.88
C ARG A 568 -133.10 -44.87 -3.31
N ASP A 569 -133.11 -43.92 -4.24
CA ASP A 569 -133.29 -44.24 -5.65
C ASP A 569 -131.96 -44.46 -6.35
N LEU A 570 -130.89 -44.73 -5.60
CA LEU A 570 -129.55 -44.94 -6.16
C LEU A 570 -129.37 -46.37 -6.65
N LEU A 583 -139.14 -42.12 -12.94
CA LEU A 583 -138.44 -41.53 -11.82
C LEU A 583 -139.11 -40.24 -11.39
N ARG A 584 -139.33 -40.08 -10.08
CA ARG A 584 -139.96 -38.86 -9.57
C ARG A 584 -138.93 -37.75 -9.43
N GLY A 585 -138.29 -37.39 -10.55
CA GLY A 585 -137.32 -36.33 -10.56
C GLY A 585 -137.89 -35.02 -10.05
N ILE A 586 -137.04 -34.20 -9.40
CA ILE A 586 -137.45 -32.91 -8.85
C ILE A 586 -138.09 -32.06 -9.93
N THR A 587 -139.34 -31.64 -9.71
CA THR A 587 -139.99 -30.74 -10.65
C THR A 587 -139.20 -29.44 -10.75
N GLN A 588 -139.19 -28.86 -11.95
CA GLN A 588 -138.38 -27.68 -12.21
C GLN A 588 -138.66 -26.58 -11.20
N ARG A 589 -139.93 -26.36 -10.87
CA ARG A 589 -140.26 -25.33 -9.89
C ARG A 589 -139.66 -25.66 -8.52
N GLU A 590 -139.67 -26.94 -8.15
CA GLU A 590 -139.00 -27.33 -6.91
C GLU A 590 -137.51 -27.03 -6.98
N LEU A 591 -136.90 -27.25 -8.15
CA LEU A 591 -135.50 -26.90 -8.34
C LEU A 591 -135.29 -25.41 -8.14
N ASP A 592 -136.19 -24.59 -8.68
CA ASP A 592 -136.07 -23.15 -8.52
C ASP A 592 -136.15 -22.74 -7.05
N GLY A 593 -137.15 -23.26 -6.34
CA GLY A 593 -137.27 -22.94 -4.93
C GLY A 593 -136.04 -23.36 -4.15
N LEU A 594 -135.52 -24.56 -4.44
CA LEU A 594 -134.33 -25.04 -3.75
C LEU A 594 -133.15 -24.13 -4.01
N ILE A 595 -132.95 -23.74 -5.28
CA ILE A 595 -131.82 -22.88 -5.63
C ILE A 595 -131.90 -21.57 -4.87
N ALA A 596 -133.08 -20.95 -4.86
CA ALA A 596 -133.22 -19.70 -4.15
C ALA A 596 -132.96 -19.88 -2.66
N CYS A 597 -133.44 -20.98 -2.10
CA CYS A 597 -133.23 -21.21 -0.68
C CYS A 597 -131.75 -21.34 -0.36
N LEU A 598 -131.01 -22.09 -1.19
CA LEU A 598 -129.58 -22.23 -0.98
C LEU A 598 -128.88 -20.88 -1.08
N GLN A 599 -129.27 -20.06 -2.05
CA GLN A 599 -128.66 -18.75 -2.18
C GLN A 599 -128.94 -17.90 -0.96
N LEU A 600 -130.18 -17.94 -0.46
CA LEU A 600 -130.54 -17.13 0.69
C LEU A 600 -129.75 -17.54 1.92
N THR A 601 -129.71 -18.84 2.21
CA THR A 601 -128.92 -19.31 3.34
C THR A 601 -127.46 -18.96 3.15
N CYS A 602 -126.98 -19.03 1.90
CA CYS A 602 -125.60 -18.64 1.62
C CYS A 602 -125.37 -17.20 2.04
N THR A 603 -126.27 -16.30 1.64
CA THR A 603 -126.11 -14.89 1.99
C THR A 603 -126.12 -14.70 3.50
N ILE A 604 -127.05 -15.37 4.18
CA ILE A 604 -127.15 -15.20 5.63
C ILE A 604 -125.89 -15.68 6.32
N ILE A 605 -125.41 -16.85 5.95
CA ILE A 605 -124.16 -17.36 6.49
C ILE A 605 -123.01 -16.41 6.19
N ASP A 606 -122.97 -15.89 4.97
CA ASP A 606 -121.86 -15.04 4.57
C ASP A 606 -121.83 -13.77 5.40
N TRP A 607 -122.98 -13.19 5.67
CA TRP A 607 -123.00 -11.87 6.28
C TRP A 607 -123.01 -11.90 7.80
N SER A 608 -123.43 -12.99 8.43
CA SER A 608 -123.35 -13.13 9.88
C SER A 608 -122.54 -14.37 10.21
N GLU A 609 -121.48 -14.19 11.00
CA GLU A 609 -120.77 -15.35 11.50
C GLU A 609 -121.60 -16.10 12.54
N SER A 610 -122.39 -15.35 13.32
CA SER A 610 -123.35 -16.00 14.21
C SER A 610 -124.30 -16.89 13.42
N ALA A 611 -124.70 -16.45 12.21
CA ALA A 611 -125.51 -17.29 11.36
C ALA A 611 -124.84 -18.62 11.08
N ARG A 612 -123.56 -18.58 10.68
CA ARG A 612 -122.85 -19.80 10.36
C ARG A 612 -122.73 -20.69 11.59
N LEU A 613 -122.31 -20.10 12.70
CA LEU A 613 -122.17 -20.88 13.94
C LEU A 613 -123.48 -21.55 14.32
N ALA A 614 -124.59 -20.84 14.17
CA ALA A 614 -125.88 -21.41 14.54
C ALA A 614 -126.31 -22.50 13.57
N LEU A 615 -126.18 -22.26 12.26
CA LEU A 615 -126.70 -23.20 11.29
C LEU A 615 -125.89 -24.49 11.28
N CYS A 616 -124.56 -24.38 11.37
CA CYS A 616 -123.74 -25.57 11.28
C CYS A 616 -123.93 -26.50 12.46
N GLU A 617 -124.43 -26.00 13.57
CA GLU A 617 -124.49 -26.78 14.80
C GLU A 617 -125.90 -27.18 15.22
N HIS A 618 -126.93 -26.81 14.45
CA HIS A 618 -128.28 -27.25 14.77
C HIS A 618 -128.41 -28.74 14.52
N ALA A 619 -128.60 -29.52 15.58
CA ALA A 619 -128.42 -30.96 15.51
C ALA A 619 -129.44 -31.64 14.60
N GLN A 620 -130.68 -31.13 14.55
CA GLN A 620 -131.70 -31.80 13.77
C GLN A 620 -131.60 -31.48 12.29
N TRP A 621 -130.85 -30.45 11.92
CA TRP A 621 -130.68 -30.14 10.50
C TRP A 621 -129.47 -30.85 9.90
N MET A 622 -128.38 -30.96 10.66
CA MET A 622 -127.10 -31.48 10.20
C MET A 622 -126.86 -31.06 8.76
N PRO A 623 -126.97 -29.76 8.48
CA PRO A 623 -126.94 -29.33 7.07
C PRO A 623 -125.68 -29.71 6.35
N VAL A 624 -124.54 -29.76 7.04
CA VAL A 624 -123.30 -30.17 6.39
C VAL A 624 -123.41 -31.59 5.88
N VAL A 625 -123.74 -32.53 6.77
CA VAL A 625 -123.81 -33.93 6.36
C VAL A 625 -124.96 -34.14 5.38
N VAL A 626 -126.05 -33.38 5.55
CA VAL A 626 -127.16 -33.49 4.61
C VAL A 626 -126.71 -33.11 3.20
N ILE A 627 -126.05 -31.97 3.08
CA ILE A 627 -125.54 -31.52 1.78
C ILE A 627 -124.54 -32.52 1.23
N LEU A 628 -123.70 -33.08 2.11
CA LEU A 628 -122.73 -34.07 1.67
C LEU A 628 -123.43 -35.29 1.10
N GLY A 629 -124.42 -35.83 1.80
CA GLY A 629 -125.21 -36.90 1.23
C GLY A 629 -125.82 -36.51 -0.09
N LEU A 630 -126.28 -35.27 -0.20
CA LEU A 630 -126.87 -34.81 -1.45
C LEU A 630 -125.86 -34.85 -2.59
N LEU A 631 -124.61 -34.44 -2.34
CA LEU A 631 -123.66 -34.25 -3.41
C LEU A 631 -123.40 -35.52 -4.20
N GLN A 632 -123.26 -36.66 -3.53
CA GLN A 632 -123.06 -37.90 -4.26
C GLN A 632 -124.29 -38.35 -5.02
N CYS A 633 -125.43 -37.67 -4.83
CA CYS A 633 -126.65 -38.04 -5.51
C CYS A 633 -126.85 -37.21 -6.78
N SER A 634 -127.39 -37.86 -7.81
CA SER A 634 -127.49 -37.29 -9.14
C SER A 634 -128.58 -36.21 -9.14
N ILE A 635 -128.17 -35.00 -8.75
CA ILE A 635 -129.04 -33.83 -8.81
C ILE A 635 -128.71 -33.06 -10.08
N PRO A 636 -129.60 -32.20 -10.56
CA PRO A 636 -129.23 -31.28 -11.63
C PRO A 636 -128.01 -30.48 -11.24
N PRO A 637 -127.15 -30.12 -12.21
CA PRO A 637 -125.89 -29.44 -11.87
C PRO A 637 -126.06 -28.14 -11.11
N LEU A 638 -127.10 -27.35 -11.42
CA LEU A 638 -127.25 -26.04 -10.80
C LEU A 638 -127.49 -26.16 -9.30
N LEU A 639 -128.32 -27.13 -8.90
CA LEU A 639 -128.51 -27.37 -7.48
C LEU A 639 -127.18 -27.72 -6.81
N LYS A 640 -126.32 -28.45 -7.52
CA LYS A 640 -125.00 -28.73 -7.00
C LYS A 640 -124.20 -27.46 -6.80
N ALA A 641 -124.29 -26.55 -7.77
CA ALA A 641 -123.63 -25.26 -7.64
C ALA A 641 -124.09 -24.54 -6.38
N GLU A 642 -125.40 -24.41 -6.22
CA GLU A 642 -125.94 -23.69 -5.07
C GLU A 642 -125.55 -24.37 -3.76
N LEU A 643 -125.56 -25.70 -3.74
CA LEU A 643 -125.24 -26.42 -2.53
C LEU A 643 -123.79 -26.20 -2.14
N LEU A 644 -122.88 -26.31 -3.10
CA LEU A 644 -121.49 -26.04 -2.81
C LEU A 644 -121.29 -24.58 -2.41
N LYS A 645 -122.12 -23.68 -2.96
CA LYS A 645 -122.04 -22.28 -2.58
C LYS A 645 -122.36 -22.11 -1.10
N THR A 646 -123.43 -22.76 -0.65
CA THR A 646 -123.76 -22.73 0.76
C THR A 646 -122.67 -23.41 1.58
N LEU A 647 -122.08 -24.48 1.03
CA LEU A 647 -120.97 -25.14 1.72
C LEU A 647 -119.84 -24.16 1.96
N ALA A 648 -119.54 -23.34 0.98
CA ALA A 648 -118.50 -22.34 1.14
C ALA A 648 -118.92 -21.28 2.15
N ALA A 649 -120.16 -20.80 2.06
CA ALA A 649 -120.64 -19.79 2.99
C ALA A 649 -120.52 -20.26 4.43
N PHE A 650 -120.77 -21.54 4.67
CA PHE A 650 -120.59 -22.06 6.02
C PHE A 650 -119.11 -22.25 6.35
N GLY A 651 -118.32 -22.70 5.38
CA GLY A 651 -116.90 -22.88 5.62
C GLY A 651 -116.15 -21.62 5.99
N LYS A 652 -116.77 -20.45 5.83
CA LYS A 652 -116.11 -19.18 6.14
C LYS A 652 -115.50 -19.18 7.53
N SER A 653 -116.02 -19.96 8.47
CA SER A 653 -115.40 -20.11 9.77
C SER A 653 -114.34 -21.20 9.70
N PRO A 654 -113.15 -20.99 10.26
CA PRO A 654 -112.07 -21.97 10.05
C PRO A 654 -112.32 -23.33 10.68
N GLU A 655 -112.89 -23.36 11.88
CA GLU A 655 -113.25 -24.64 12.49
C GLU A 655 -114.09 -25.47 11.53
N ILE A 656 -115.13 -24.87 10.96
CA ILE A 656 -115.92 -25.54 9.94
C ILE A 656 -115.02 -26.06 8.83
N ALA A 657 -114.07 -25.25 8.38
CA ALA A 657 -113.23 -25.63 7.25
C ALA A 657 -112.40 -26.86 7.56
N ALA A 658 -111.99 -27.03 8.82
CA ALA A 658 -111.16 -28.19 9.15
C ALA A 658 -111.93 -29.49 8.92
N SER A 659 -113.11 -29.60 9.52
CA SER A 659 -113.96 -30.76 9.27
C SER A 659 -114.36 -30.82 7.81
N LEU A 660 -114.47 -29.67 7.14
CA LEU A 660 -114.78 -29.69 5.72
C LEU A 660 -113.69 -30.41 4.94
N TRP A 661 -112.43 -30.09 5.21
CA TRP A 661 -111.32 -30.76 4.56
C TRP A 661 -111.37 -32.26 4.82
N GLN A 662 -111.47 -32.63 6.10
CA GLN A 662 -111.49 -34.05 6.43
C GLN A 662 -112.65 -34.76 5.74
N SER A 663 -113.86 -34.20 5.83
CA SER A 663 -115.05 -34.87 5.32
C SER A 663 -115.04 -34.93 3.80
N LEU A 664 -114.52 -33.90 3.14
CA LEU A 664 -114.37 -33.98 1.69
C LEU A 664 -113.40 -35.09 1.33
N GLU A 665 -112.29 -35.19 2.07
CA GLU A 665 -111.40 -36.33 1.88
C GLU A 665 -112.13 -37.64 2.15
N TYR A 666 -113.20 -37.61 2.93
CA TYR A 666 -113.92 -38.81 3.29
C TYR A 666 -114.94 -39.24 2.24
N THR A 667 -115.74 -38.30 1.74
CA THR A 667 -116.91 -38.64 0.94
C THR A 667 -116.57 -38.93 -0.51
N GLN A 668 -115.31 -38.78 -0.91
CA GLN A 668 -114.89 -39.08 -2.27
C GLN A 668 -115.76 -38.38 -3.30
N ILE A 669 -116.14 -37.14 -3.03
CA ILE A 669 -116.76 -36.31 -4.05
C ILE A 669 -115.84 -36.20 -5.25
N LEU A 670 -114.54 -36.07 -4.98
CA LEU A 670 -113.51 -36.26 -5.99
C LEU A 670 -112.77 -37.56 -5.66
N GLN A 671 -112.55 -38.39 -6.66
CA GLN A 671 -111.86 -39.64 -6.40
C GLN A 671 -110.39 -39.37 -6.10
N THR A 672 -110.05 -39.34 -4.81
CA THR A 672 -108.66 -39.27 -4.40
C THR A 672 -108.07 -40.64 -4.17
N VAL A 673 -108.87 -41.70 -4.29
CA VAL A 673 -108.42 -43.08 -4.10
C VAL A 673 -109.03 -43.91 -5.22
N ARG A 674 -108.26 -44.13 -6.28
CA ARG A 674 -108.71 -44.97 -7.39
C ARG A 674 -108.53 -46.42 -7.00
N ALA A 675 -109.63 -47.18 -6.97
CA ALA A 675 -109.58 -48.58 -6.59
C ALA A 675 -109.00 -49.45 -7.69
N GLY A 681 -113.58 -43.06 -17.50
CA GLY A 681 -113.34 -42.76 -16.10
C GLY A 681 -114.55 -42.15 -15.44
N VAL A 682 -114.74 -42.40 -14.15
CA VAL A 682 -115.90 -41.91 -13.43
C VAL A 682 -115.53 -40.60 -12.75
N GLY A 683 -116.54 -39.80 -12.44
CA GLY A 683 -116.37 -38.61 -11.64
C GLY A 683 -116.36 -37.37 -12.50
N ILE A 684 -115.87 -36.28 -11.90
CA ILE A 684 -115.87 -34.98 -12.57
C ILE A 684 -115.16 -35.05 -13.91
N GLU A 685 -114.25 -36.01 -14.10
CA GLU A 685 -113.57 -36.14 -15.37
C GLU A 685 -114.55 -36.42 -16.51
N VAL A 686 -115.36 -37.47 -16.37
CA VAL A 686 -116.30 -37.82 -17.42
C VAL A 686 -117.31 -36.70 -17.61
N GLU A 687 -117.80 -36.11 -16.53
CA GLU A 687 -118.85 -35.11 -16.65
C GLU A 687 -118.32 -33.85 -17.29
N LEU A 688 -117.05 -33.53 -17.06
CA LEU A 688 -116.40 -32.45 -17.80
C LEU A 688 -116.26 -32.80 -19.26
N ASN A 689 -115.81 -34.04 -19.55
CA ASN A 689 -115.53 -34.45 -20.92
C ASN A 689 -116.81 -34.60 -21.74
N GLU A 690 -117.95 -34.81 -21.11
CA GLU A 690 -119.19 -35.11 -21.82
C GLU A 690 -120.30 -34.10 -21.55
N ILE A 691 -120.53 -33.73 -20.30
CA ILE A 691 -121.56 -32.75 -19.99
C ILE A 691 -121.00 -31.35 -20.16
N GLU A 692 -119.96 -31.05 -19.38
CA GLU A 692 -119.42 -29.69 -19.38
C GLU A 692 -118.96 -29.29 -20.77
N SER A 693 -118.33 -30.21 -21.50
CA SER A 693 -117.98 -29.91 -22.88
C SER A 693 -119.21 -29.68 -23.73
N ARG A 694 -120.24 -30.52 -23.58
CA ARG A 694 -121.41 -30.42 -24.44
C ARG A 694 -122.18 -29.14 -24.18
N CYS A 695 -122.64 -28.94 -22.95
CA CYS A 695 -123.39 -27.73 -22.61
C CYS A 695 -122.57 -26.46 -22.78
N GLU A 696 -121.30 -26.58 -23.19
CA GLU A 696 -120.43 -25.45 -23.44
C GLU A 696 -120.20 -24.59 -22.21
N GLU A 697 -120.49 -25.13 -21.03
CA GLU A 697 -120.18 -24.46 -19.76
C GLU A 697 -119.45 -25.45 -18.87
N TYR A 698 -118.60 -24.93 -18.00
CA TYR A 698 -117.79 -25.77 -17.10
C TYR A 698 -117.95 -25.28 -15.67
N PRO A 699 -119.18 -25.03 -15.24
CA PRO A 699 -119.38 -24.62 -13.84
C PRO A 699 -118.81 -25.63 -12.87
N LEU A 700 -118.95 -26.92 -13.16
CA LEU A 700 -118.42 -27.94 -12.29
C LEU A 700 -116.93 -27.77 -12.09
N THR A 701 -116.19 -27.58 -13.18
CA THR A 701 -114.75 -27.44 -13.07
C THR A 701 -114.36 -26.20 -12.27
N ARG A 702 -115.11 -25.11 -12.45
CA ARG A 702 -114.82 -23.89 -11.71
C ARG A 702 -115.00 -24.13 -10.21
N ALA A 703 -116.11 -24.74 -9.83
CA ALA A 703 -116.29 -25.08 -8.43
C ALA A 703 -115.20 -26.03 -7.96
N PHE A 704 -114.77 -26.94 -8.83
CA PHE A 704 -113.77 -27.91 -8.45
C PHE A 704 -112.46 -27.22 -8.08
N CYS A 705 -111.96 -26.37 -8.98
CA CYS A 705 -110.73 -25.66 -8.70
C CYS A 705 -110.91 -24.73 -7.50
N GLN A 706 -112.11 -24.16 -7.33
CA GLN A 706 -112.36 -23.30 -6.18
C GLN A 706 -112.19 -24.07 -4.88
N LEU A 707 -112.76 -25.28 -4.82
CA LEU A 707 -112.61 -26.11 -3.63
C LEU A 707 -111.16 -26.51 -3.45
N ILE A 708 -110.51 -26.92 -4.54
CA ILE A 708 -109.11 -27.33 -4.48
C ILE A 708 -108.28 -26.21 -3.86
N SER A 709 -108.55 -24.97 -4.25
CA SER A 709 -107.75 -23.85 -3.78
C SER A 709 -108.07 -23.51 -2.33
N THR A 710 -109.36 -23.41 -2.01
CA THR A 710 -109.73 -23.15 -0.62
C THR A 710 -109.15 -24.21 0.32
N LEU A 711 -109.00 -25.43 -0.18
CA LEU A 711 -108.39 -26.49 0.62
C LEU A 711 -106.88 -26.35 0.70
N VAL A 712 -106.25 -26.06 -0.44
CA VAL A 712 -104.79 -26.02 -0.48
C VAL A 712 -104.25 -24.85 0.33
N GLU A 713 -105.00 -23.75 0.39
CA GLU A 713 -104.62 -22.66 1.27
C GLU A 713 -104.70 -23.10 2.73
N SER A 714 -105.49 -24.12 3.02
CA SER A 714 -105.63 -24.64 4.37
C SER A 714 -104.68 -25.80 4.64
N SER A 715 -103.51 -25.82 3.99
CA SER A 715 -102.46 -26.78 4.30
C SER A 715 -102.86 -28.22 4.02
N PHE A 716 -103.00 -28.60 2.76
CA PHE A 716 -103.31 -29.98 2.41
C PHE A 716 -102.23 -30.91 2.95
N PRO A 717 -102.60 -32.12 3.38
CA PRO A 717 -101.65 -32.97 4.11
C PRO A 717 -100.69 -33.67 3.15
N THR A 718 -99.46 -33.90 3.64
CA THR A 718 -98.42 -34.47 2.79
C THR A 718 -98.70 -35.93 2.44
N ASN A 719 -99.33 -36.68 3.34
CA ASN A 719 -99.65 -38.08 3.12
C ASN A 719 -101.02 -38.24 2.45
N LEU A 720 -101.44 -37.25 1.66
CA LEU A 720 -102.76 -37.23 1.05
C LEU A 720 -103.08 -38.57 0.41
N GLY A 721 -104.06 -39.27 0.97
CA GLY A 721 -104.44 -40.56 0.47
C GLY A 721 -103.49 -41.69 0.77
N ALA A 722 -102.44 -41.45 1.56
CA ALA A 722 -101.47 -42.50 1.86
C ALA A 722 -102.18 -43.71 2.45
N GLY A 723 -101.88 -44.89 1.90
CA GLY A 723 -102.57 -46.12 2.21
C GLY A 723 -103.32 -46.72 1.03
N LEU A 724 -103.92 -45.87 0.19
CA LEU A 724 -104.56 -46.31 -1.04
C LEU A 724 -103.64 -46.23 -2.24
N ARG A 725 -102.70 -45.29 -2.21
CA ARG A 725 -101.72 -45.16 -3.28
C ARG A 725 -100.53 -44.35 -2.75
N ALA A 726 -99.72 -43.88 -3.68
CA ALA A 726 -98.55 -43.08 -3.32
C ALA A 726 -98.99 -41.78 -2.65
N PRO A 727 -98.47 -41.45 -1.48
CA PRO A 727 -98.78 -40.14 -0.87
C PRO A 727 -98.21 -39.01 -1.71
N GLY A 728 -99.02 -37.96 -1.88
CA GLY A 728 -98.68 -36.85 -2.73
C GLY A 728 -99.90 -36.35 -3.48
N PHE A 729 -99.88 -35.09 -3.90
CA PHE A 729 -101.05 -34.47 -4.51
C PHE A 729 -101.16 -34.76 -6.00
N GLU A 730 -100.25 -35.57 -6.55
CA GLU A 730 -100.08 -35.64 -8.01
C GLU A 730 -101.35 -35.94 -8.77
N PRO A 731 -102.33 -36.68 -8.26
CA PRO A 731 -103.48 -37.02 -9.10
C PRO A 731 -104.33 -35.83 -9.48
N TYR A 732 -104.81 -35.08 -8.49
CA TYR A 732 -105.53 -33.84 -8.79
C TYR A 732 -104.67 -32.92 -9.64
N LEU A 733 -103.35 -32.96 -9.43
CA LEU A 733 -102.46 -32.11 -10.20
C LEU A 733 -102.51 -32.44 -11.68
N GLN A 734 -102.28 -33.71 -12.03
CA GLN A 734 -102.37 -34.11 -13.42
C GLN A 734 -103.74 -33.80 -13.99
N PHE A 735 -104.79 -34.04 -13.20
CA PHE A 735 -106.14 -33.73 -13.66
C PHE A 735 -106.25 -32.28 -14.06
N LEU A 736 -105.74 -31.37 -13.24
CA LEU A 736 -105.86 -29.95 -13.54
C LEU A 736 -104.98 -29.56 -14.72
N ARG A 737 -103.74 -30.05 -14.76
CA ARG A 737 -102.76 -29.52 -15.70
C ARG A 737 -102.93 -30.11 -17.09
N ASP A 738 -103.20 -31.40 -17.17
CA ASP A 738 -103.37 -32.03 -18.47
C ASP A 738 -104.79 -31.86 -19.01
N THR A 739 -105.80 -32.11 -18.17
CA THR A 739 -107.17 -32.15 -18.65
C THR A 739 -107.83 -30.78 -18.72
N VAL A 740 -107.53 -29.89 -17.78
CA VAL A 740 -108.25 -28.62 -17.71
C VAL A 740 -107.46 -27.51 -18.40
N PHE A 741 -106.29 -27.18 -17.85
CA PHE A 741 -105.53 -26.05 -18.37
C PHE A 741 -105.10 -26.29 -19.80
N LEU A 742 -104.28 -27.32 -20.02
CA LEU A 742 -103.72 -27.58 -21.34
C LEU A 742 -104.78 -27.73 -22.41
N ARG A 743 -106.01 -28.10 -22.03
CA ARG A 743 -107.11 -28.20 -22.97
C ARG A 743 -107.94 -26.94 -23.02
N TYR A 744 -107.78 -26.03 -22.05
CA TYR A 744 -108.69 -24.89 -21.91
C TYR A 744 -108.83 -24.11 -23.20
N ARG A 745 -107.83 -24.17 -24.08
CA ARG A 745 -107.93 -23.47 -25.35
C ARG A 745 -108.83 -24.23 -26.33
N THR A 746 -108.90 -25.55 -26.21
CA THR A 746 -109.66 -26.36 -27.14
C THR A 746 -111.14 -26.48 -26.77
N ARG A 747 -111.55 -25.97 -25.61
CA ARG A 747 -112.94 -26.09 -25.19
C ARG A 747 -113.78 -24.97 -25.76
N ALA A 748 -115.03 -25.29 -26.06
CA ALA A 748 -115.98 -24.32 -26.60
C ALA A 748 -116.60 -23.52 -25.47
N TYR A 749 -116.68 -22.21 -25.66
CA TYR A 749 -117.21 -21.30 -24.65
C TYR A 749 -118.47 -20.65 -25.20
N ARG A 750 -119.62 -21.03 -24.65
CA ARG A 750 -120.85 -20.34 -24.97
C ARG A 750 -120.81 -18.91 -24.45
N ARG A 751 -120.21 -18.71 -23.28
CA ARG A 751 -119.85 -17.40 -22.78
C ARG A 751 -118.33 -17.28 -22.87
N ALA A 752 -117.86 -16.42 -23.78
CA ALA A 752 -116.43 -16.36 -24.06
C ALA A 752 -115.63 -16.07 -22.79
N ALA A 753 -116.20 -15.29 -21.88
CA ALA A 753 -115.50 -15.02 -20.63
C ALA A 753 -115.15 -16.29 -19.88
N GLU A 754 -115.78 -17.41 -20.23
CA GLU A 754 -115.55 -18.64 -19.50
C GLU A 754 -114.13 -19.17 -19.72
N LYS A 755 -113.64 -19.10 -20.95
CA LYS A 755 -112.26 -19.52 -21.19
C LYS A 755 -111.32 -18.78 -20.25
N TRP A 756 -111.44 -17.46 -20.21
CA TRP A 756 -110.59 -16.66 -19.35
C TRP A 756 -110.78 -17.03 -17.88
N GLU A 757 -112.03 -17.23 -17.46
CA GLU A 757 -112.26 -17.52 -16.05
C GLU A 757 -111.68 -18.86 -15.66
N VAL A 758 -111.76 -19.85 -16.54
CA VAL A 758 -111.26 -21.19 -16.22
C VAL A 758 -109.75 -21.18 -16.16
N ALA A 759 -109.12 -20.51 -17.13
CA ALA A 759 -107.69 -20.30 -17.03
C ALA A 759 -107.35 -19.63 -15.71
N GLU A 760 -108.15 -18.63 -15.31
CA GLU A 760 -107.89 -17.93 -14.05
C GLU A 760 -107.94 -18.90 -12.88
N ALA A 761 -108.94 -19.77 -12.86
CA ALA A 761 -109.04 -20.76 -11.81
C ALA A 761 -107.78 -21.61 -11.74
N VAL A 762 -107.46 -22.32 -12.83
CA VAL A 762 -106.30 -23.21 -12.82
C VAL A 762 -105.06 -22.46 -12.37
N LEU A 763 -104.90 -21.23 -12.87
CA LEU A 763 -103.76 -20.44 -12.53
C LEU A 763 -103.70 -20.15 -11.05
N ASP A 764 -104.84 -19.86 -10.42
CA ASP A 764 -104.83 -19.52 -9.01
C ASP A 764 -104.24 -20.67 -8.19
N VAL A 765 -104.64 -21.89 -8.52
CA VAL A 765 -104.19 -23.04 -7.73
C VAL A 765 -102.72 -23.33 -8.01
N PHE A 766 -102.33 -23.34 -9.29
CA PHE A 766 -100.92 -23.55 -9.58
C PHE A 766 -100.06 -22.50 -8.90
N TYR A 767 -100.54 -21.26 -8.88
CA TYR A 767 -99.80 -20.17 -8.25
C TYR A 767 -99.59 -20.46 -6.78
N LYS A 768 -100.68 -20.60 -6.03
CA LYS A 768 -100.55 -20.90 -4.61
C LYS A 768 -99.67 -22.12 -4.39
N LEU A 769 -99.77 -23.11 -5.28
CA LEU A 769 -98.97 -24.32 -5.13
C LEU A 769 -97.48 -24.01 -5.18
N LEU A 770 -97.06 -23.25 -6.18
CA LEU A 770 -95.65 -22.90 -6.24
C LEU A 770 -95.27 -21.96 -5.10
N LYS A 771 -96.19 -21.07 -4.70
CA LYS A 771 -95.85 -19.99 -3.80
C LYS A 771 -95.37 -20.51 -2.44
N ASP A 772 -95.73 -21.72 -2.09
CA ASP A 772 -95.27 -22.32 -0.85
C ASP A 772 -94.03 -23.18 -1.04
N TYR A 773 -93.70 -23.53 -2.28
CA TYR A 773 -92.63 -24.48 -2.56
C TYR A 773 -91.30 -23.91 -2.08
N GLU A 774 -90.66 -24.61 -1.15
CA GLU A 774 -89.33 -24.28 -0.70
C GLU A 774 -88.38 -25.35 -1.20
N PRO A 775 -87.42 -25.03 -2.05
CA PRO A 775 -86.52 -26.07 -2.57
C PRO A 775 -85.64 -26.65 -1.49
N GLN A 776 -85.69 -27.97 -1.33
CA GLN A 776 -84.89 -28.68 -0.36
C GLN A 776 -84.23 -29.89 -0.99
N PRO A 777 -83.04 -30.28 -0.52
CA PRO A 777 -82.41 -31.48 -1.08
C PRO A 777 -83.22 -32.75 -0.87
N GLU A 778 -84.24 -32.71 -0.01
CA GLU A 778 -85.13 -33.85 0.14
C GLU A 778 -85.93 -34.12 -1.12
N ASP A 779 -86.36 -33.07 -1.82
CA ASP A 779 -87.20 -33.24 -3.00
C ASP A 779 -86.53 -34.05 -4.09
N PHE A 780 -85.20 -33.96 -4.21
CA PHE A 780 -84.51 -34.54 -5.35
C PHE A 780 -83.94 -35.92 -5.06
N VAL A 781 -83.96 -36.38 -3.82
CA VAL A 781 -83.67 -37.77 -3.50
C VAL A 781 -85.03 -38.47 -3.39
N ASP A 782 -85.32 -39.36 -4.32
CA ASP A 782 -86.66 -39.93 -4.45
C ASP A 782 -87.02 -40.81 -3.26
N GLN A 783 -87.74 -40.25 -2.30
CA GLN A 783 -88.12 -41.00 -1.11
C GLN A 783 -89.04 -42.16 -1.48
N TYR A 784 -88.68 -43.35 -1.03
CA TYR A 784 -89.42 -44.56 -1.33
C TYR A 784 -90.41 -44.83 -0.21
N VAL A 785 -91.69 -44.92 -0.55
CA VAL A 785 -92.75 -45.23 0.40
C VAL A 785 -93.39 -46.55 -0.01
N GLU A 786 -93.71 -47.38 0.97
CA GLU A 786 -94.41 -48.63 0.70
C GLU A 786 -95.91 -48.34 0.68
N LEU A 787 -96.46 -48.06 -0.50
CA LEU A 787 -97.87 -47.76 -0.66
C LEU A 787 -98.53 -48.92 -1.38
N GLN A 788 -99.58 -49.49 -0.78
CA GLN A 788 -100.31 -50.63 -1.33
C GLN A 788 -99.37 -51.78 -1.68
N GLY A 789 -98.24 -51.88 -0.96
CA GLY A 789 -97.29 -52.93 -1.17
C GLY A 789 -96.22 -52.65 -2.21
N GLU A 790 -96.37 -51.58 -2.99
CA GLU A 790 -95.39 -51.22 -4.01
C GLU A 790 -94.65 -49.98 -3.55
N GLU A 791 -93.36 -49.93 -3.83
CA GLU A 791 -92.52 -48.78 -3.43
C GLU A 791 -92.68 -47.67 -4.45
N ARG A 792 -93.47 -46.66 -4.09
CA ARG A 792 -93.68 -45.50 -4.93
C ARG A 792 -92.90 -44.31 -4.40
N VAL A 793 -92.49 -43.43 -5.30
CA VAL A 793 -91.69 -42.29 -4.90
C VAL A 793 -92.61 -41.23 -4.30
N ALA A 794 -92.24 -40.69 -3.14
CA ALA A 794 -93.03 -39.66 -2.50
C ALA A 794 -92.93 -38.35 -3.26
N PHE A 795 -94.02 -37.59 -3.25
CA PHE A 795 -94.05 -36.31 -3.93
C PHE A 795 -93.05 -35.34 -3.32
N LYS A 796 -92.36 -34.61 -4.18
CA LYS A 796 -91.33 -33.68 -3.77
C LYS A 796 -91.96 -32.43 -3.18
N PRO A 797 -91.16 -31.44 -2.80
CA PRO A 797 -91.71 -30.16 -2.35
C PRO A 797 -92.73 -29.65 -3.35
N PRO A 798 -93.94 -29.34 -2.88
CA PRO A 798 -95.11 -29.34 -3.78
C PRO A 798 -94.89 -28.70 -5.14
N GLY A 799 -94.11 -27.63 -5.22
CA GLY A 799 -93.96 -26.96 -6.48
C GLY A 799 -92.96 -27.59 -7.42
N PHE A 800 -92.18 -28.56 -6.93
CA PHE A 800 -91.08 -29.10 -7.72
C PHE A 800 -91.55 -29.53 -9.10
N SER A 801 -92.62 -30.32 -9.15
CA SER A 801 -93.15 -30.74 -10.44
C SER A 801 -93.45 -29.52 -11.30
N LEU A 802 -94.23 -28.58 -10.79
CA LEU A 802 -94.51 -27.37 -11.55
C LEU A 802 -93.23 -26.71 -12.02
N MET A 803 -92.22 -26.67 -11.15
CA MET A 803 -90.95 -26.06 -11.54
C MET A 803 -90.31 -26.85 -12.67
N HIS A 804 -90.30 -28.18 -12.56
CA HIS A 804 -89.77 -28.99 -13.65
C HIS A 804 -90.54 -28.73 -14.94
N HIS A 805 -91.83 -28.39 -14.82
CA HIS A 805 -92.60 -28.08 -16.01
C HIS A 805 -92.26 -26.69 -16.55
N LEU A 806 -91.92 -25.76 -15.65
CA LEU A 806 -91.56 -24.41 -16.11
C LEU A 806 -90.10 -24.33 -16.50
N LEU A 807 -89.25 -25.20 -15.96
CA LEU A 807 -87.84 -25.22 -16.27
C LEU A 807 -87.53 -26.06 -17.51
N ASN A 808 -88.54 -26.38 -18.31
CA ASN A 808 -88.38 -27.12 -19.55
C ASN A 808 -89.47 -26.73 -20.53
N GLU A 809 -89.35 -27.19 -21.77
CA GLU A 809 -90.30 -26.82 -22.80
C GLU A 809 -91.61 -27.54 -22.60
N SER A 810 -92.25 -27.25 -21.55
CA SER A 810 -93.50 -27.94 -21.37
C SER A 810 -94.63 -27.15 -22.00
N PRO A 811 -95.60 -27.85 -22.60
CA PRO A 811 -96.78 -27.15 -23.13
C PRO A 811 -97.36 -26.17 -22.13
N MET A 812 -97.18 -26.43 -20.84
CA MET A 812 -97.56 -25.44 -19.83
C MET A 812 -96.86 -24.11 -20.05
N LEU A 813 -95.54 -24.14 -20.23
CA LEU A 813 -94.80 -22.90 -20.41
C LEU A 813 -95.25 -22.18 -21.66
N GLU A 814 -95.29 -22.88 -22.78
CA GLU A 814 -95.72 -22.27 -24.03
C GLU A 814 -97.13 -21.72 -23.91
N LEU A 815 -97.97 -22.40 -23.14
CA LEU A 815 -99.33 -21.90 -22.93
C LEU A 815 -99.31 -20.61 -22.13
N CYS A 816 -98.50 -20.55 -21.09
CA CYS A 816 -98.30 -19.29 -20.39
C CYS A 816 -97.93 -18.19 -21.38
N LEU A 817 -96.95 -18.49 -22.24
CA LEU A 817 -96.48 -17.49 -23.20
C LEU A 817 -97.57 -17.14 -24.19
N SER A 818 -98.38 -18.11 -24.57
CA SER A 818 -99.41 -17.86 -25.56
C SER A 818 -100.52 -17.01 -24.99
N LEU A 819 -100.98 -17.35 -23.80
CA LEU A 819 -101.90 -16.47 -23.09
C LEU A 819 -101.30 -15.08 -22.96
N MET A 820 -99.99 -15.01 -22.74
CA MET A 820 -99.34 -13.70 -22.63
C MET A 820 -99.49 -12.92 -23.93
N GLU A 821 -99.09 -13.52 -25.04
CA GLU A 821 -99.17 -12.83 -26.33
C GLU A 821 -100.61 -12.45 -26.64
N GLU A 822 -101.54 -13.35 -26.36
CA GLU A 822 -102.94 -13.08 -26.66
C GLU A 822 -103.46 -11.93 -25.83
N GLY A 823 -103.12 -11.90 -24.54
CA GLY A 823 -103.49 -10.77 -23.72
C GLY A 823 -102.87 -9.49 -24.23
N VAL A 824 -101.63 -9.56 -24.68
CA VAL A 824 -100.98 -8.37 -25.21
C VAL A 824 -101.78 -7.81 -26.38
N THR A 825 -102.13 -8.69 -27.32
CA THR A 825 -102.89 -8.24 -28.47
C THR A 825 -104.25 -7.69 -28.04
N GLN A 826 -104.97 -8.44 -27.20
CA GLN A 826 -106.29 -8.01 -26.77
C GLN A 826 -106.21 -6.64 -26.10
N LEU A 827 -105.22 -6.44 -25.25
CA LEU A 827 -104.98 -5.12 -24.70
C LEU A 827 -104.77 -4.10 -25.80
N ASP A 828 -103.96 -4.45 -26.80
CA ASP A 828 -103.73 -3.53 -27.90
C ASP A 828 -105.00 -3.12 -28.60
N THR A 829 -106.03 -3.98 -28.56
CA THR A 829 -107.31 -3.59 -29.12
C THR A 829 -107.87 -2.35 -28.45
N TYR A 830 -107.55 -2.14 -27.18
CA TYR A 830 -108.17 -1.09 -26.37
C TYR A 830 -109.69 -1.18 -26.46
N ALA A 831 -110.22 -2.31 -25.98
CA ALA A 831 -111.61 -2.69 -26.20
C ALA A 831 -112.34 -2.87 -24.89
N PRO A 832 -113.66 -2.72 -24.88
CA PRO A 832 -114.42 -2.73 -23.63
C PRO A 832 -114.48 -4.10 -22.96
N PHE A 833 -115.31 -4.15 -21.94
CA PHE A 833 -115.47 -5.14 -20.87
C PHE A 833 -115.20 -6.60 -21.22
N PRO A 834 -115.61 -7.09 -22.41
CA PRO A 834 -115.70 -8.55 -22.63
C PRO A 834 -114.59 -9.40 -22.00
N GLY A 835 -114.97 -10.20 -21.01
CA GLY A 835 -114.05 -11.08 -20.31
C GLY A 835 -112.93 -10.37 -19.59
N LYS A 836 -112.95 -9.04 -19.58
CA LYS A 836 -111.74 -8.30 -19.22
C LYS A 836 -111.27 -8.64 -17.83
N LYS A 837 -112.05 -8.28 -16.80
CA LYS A 837 -111.56 -8.36 -15.43
C LYS A 837 -110.92 -9.71 -15.16
N HIS A 838 -111.55 -10.78 -15.63
CA HIS A 838 -110.95 -12.10 -15.53
C HIS A 838 -109.65 -12.15 -16.32
N LEU A 839 -109.61 -11.57 -17.52
CA LEU A 839 -108.41 -11.62 -18.32
C LEU A 839 -107.24 -10.95 -17.60
N GLU A 840 -107.47 -9.75 -17.10
CA GLU A 840 -106.49 -9.08 -16.28
C GLU A 840 -105.98 -10.00 -15.19
N LYS A 841 -106.87 -10.42 -14.28
CA LYS A 841 -106.43 -11.22 -13.13
C LYS A 841 -105.66 -12.45 -13.57
N ALA A 842 -106.07 -13.06 -14.68
CA ALA A 842 -105.35 -14.22 -15.21
C ALA A 842 -103.91 -13.86 -15.54
N VAL A 843 -103.72 -12.92 -16.45
CA VAL A 843 -102.36 -12.57 -16.85
C VAL A 843 -101.55 -12.12 -15.65
N ALA A 844 -102.21 -11.52 -14.66
CA ALA A 844 -101.52 -11.06 -13.47
C ALA A 844 -100.99 -12.23 -12.66
N TYR A 845 -101.82 -13.24 -12.45
CA TYR A 845 -101.36 -14.46 -11.81
C TYR A 845 -100.20 -15.08 -12.60
N CYS A 846 -100.29 -15.01 -13.92
CA CYS A 846 -99.21 -15.55 -14.74
C CYS A 846 -97.90 -14.85 -14.45
N PHE A 847 -97.91 -13.52 -14.50
CA PHE A 847 -96.73 -12.75 -14.17
C PHE A 847 -96.24 -13.08 -12.77
N MET A 848 -97.17 -13.29 -11.84
CA MET A 848 -96.79 -13.61 -10.48
C MET A 848 -96.02 -14.92 -10.44
N LEU A 849 -96.53 -15.95 -11.10
CA LEU A 849 -95.83 -17.22 -11.13
C LEU A 849 -94.47 -17.08 -11.80
N LEU A 850 -94.39 -16.23 -12.82
CA LEU A 850 -93.10 -15.99 -13.45
C LEU A 850 -92.12 -15.40 -12.45
N ASN A 851 -92.54 -14.34 -11.75
CA ASN A 851 -91.69 -13.75 -10.74
C ASN A 851 -91.28 -14.77 -9.69
N LEU A 852 -92.20 -15.65 -9.32
CA LEU A 852 -91.90 -16.63 -8.29
C LEU A 852 -90.87 -17.64 -8.76
N THR A 853 -91.01 -18.12 -9.99
CA THR A 853 -90.02 -19.04 -10.54
C THR A 853 -88.65 -18.36 -10.57
N LEU A 854 -88.60 -17.11 -11.03
CA LEU A 854 -87.34 -16.40 -11.02
C LEU A 854 -86.80 -16.28 -9.61
N GLN A 855 -87.67 -16.02 -8.65
CA GLN A 855 -87.23 -15.80 -7.28
C GLN A 855 -86.60 -17.04 -6.70
N LYS A 856 -87.29 -18.17 -6.80
CA LYS A 856 -86.80 -19.40 -6.21
C LYS A 856 -85.73 -20.08 -7.05
N GLU A 857 -85.59 -19.68 -8.32
CA GLU A 857 -84.79 -20.44 -9.25
C GLU A 857 -83.35 -20.56 -8.81
N ASN A 858 -82.83 -19.53 -8.14
CA ASN A 858 -81.44 -19.61 -7.70
C ASN A 858 -81.23 -20.79 -6.75
N ARG A 859 -81.96 -20.82 -5.65
CA ARG A 859 -81.79 -21.90 -4.69
C ARG A 859 -82.24 -23.22 -5.30
N PHE A 860 -83.27 -23.19 -6.15
CA PHE A 860 -83.73 -24.43 -6.75
C PHE A 860 -82.65 -25.04 -7.63
N MET A 861 -81.95 -24.22 -8.40
CA MET A 861 -80.86 -24.71 -9.23
C MET A 861 -79.70 -25.16 -8.37
N ASP A 862 -79.44 -24.44 -7.28
CA ASP A 862 -78.38 -24.87 -6.37
C ASP A 862 -78.69 -26.27 -5.82
N LEU A 863 -79.91 -26.46 -5.35
CA LEU A 863 -80.27 -27.74 -4.76
C LEU A 863 -80.28 -28.86 -5.79
N LEU A 864 -80.92 -28.64 -6.93
CA LEU A 864 -80.93 -29.65 -7.97
C LEU A 864 -79.52 -29.99 -8.41
N ARG A 865 -78.67 -28.97 -8.57
CA ARG A 865 -77.27 -29.22 -8.91
C ARG A 865 -76.56 -29.94 -7.77
N GLU A 866 -77.12 -29.88 -6.57
CA GLU A 866 -76.51 -30.60 -5.46
C GLU A 866 -77.02 -32.03 -5.34
N SER A 867 -78.19 -32.34 -5.93
CA SER A 867 -78.75 -33.68 -5.74
C SER A 867 -78.87 -34.44 -7.07
N HIS A 868 -78.82 -33.73 -8.19
CA HIS A 868 -78.41 -34.26 -9.48
C HIS A 868 -79.43 -35.10 -10.20
N LEU A 869 -80.72 -34.85 -10.04
CA LEU A 869 -81.65 -35.37 -11.03
C LEU A 869 -81.10 -35.08 -12.41
N SER A 870 -81.12 -36.08 -13.30
CA SER A 870 -80.62 -35.85 -14.64
C SER A 870 -81.47 -34.87 -15.41
N MET A 871 -82.59 -34.51 -14.79
CA MET A 871 -83.45 -33.48 -15.31
C MET A 871 -82.65 -32.23 -15.59
N ILE A 872 -82.70 -31.75 -16.82
CA ILE A 872 -82.00 -30.54 -17.21
C ILE A 872 -82.98 -29.39 -17.09
N VAL A 873 -82.59 -28.37 -16.32
CA VAL A 873 -83.38 -27.16 -16.14
C VAL A 873 -82.62 -26.01 -16.78
N THR A 874 -83.35 -25.10 -17.36
CA THR A 874 -82.69 -23.90 -17.84
C THR A 874 -83.20 -22.70 -17.06
N PRO A 875 -82.32 -21.82 -16.59
CA PRO A 875 -82.80 -20.61 -15.90
C PRO A 875 -83.80 -19.88 -16.77
N LEU A 876 -84.86 -19.39 -16.13
CA LEU A 876 -85.98 -18.83 -16.88
C LEU A 876 -85.53 -17.72 -17.82
N GLU A 877 -84.38 -17.11 -17.54
CA GLU A 877 -83.88 -16.07 -18.43
C GLU A 877 -83.78 -16.55 -19.86
N GLN A 878 -82.97 -17.59 -20.09
CA GLN A 878 -82.76 -18.06 -21.46
C GLN A 878 -84.08 -18.44 -22.11
N LEU A 879 -85.00 -19.03 -21.35
CA LEU A 879 -86.28 -19.38 -21.91
C LEU A 879 -87.07 -18.14 -22.33
N LEU A 880 -86.99 -17.07 -21.54
CA LEU A 880 -87.76 -15.87 -21.84
C LEU A 880 -87.36 -15.27 -23.18
N GLN A 881 -86.09 -15.33 -23.53
CA GLN A 881 -85.65 -14.94 -24.86
C GLN A 881 -86.01 -16.00 -25.89
N GLY A 882 -86.85 -16.97 -25.53
CA GLY A 882 -87.28 -17.98 -26.47
C GLY A 882 -87.90 -17.38 -27.70
N ILE A 883 -87.87 -18.14 -28.78
CA ILE A 883 -88.45 -17.70 -30.05
C ILE A 883 -89.93 -18.05 -30.01
N ASN A 884 -90.76 -17.03 -30.02
CA ASN A 884 -92.17 -17.26 -29.79
C ASN A 884 -92.78 -17.99 -30.98
N PRO A 885 -93.65 -18.98 -30.76
CA PRO A 885 -94.25 -19.67 -31.91
C PRO A 885 -94.96 -18.73 -32.87
N ARG A 886 -95.89 -17.92 -32.36
CA ARG A 886 -96.58 -16.96 -33.22
C ARG A 886 -95.61 -15.93 -33.78
N SER A 887 -94.72 -15.40 -32.93
CA SER A 887 -93.83 -14.34 -33.37
C SER A 887 -92.72 -14.85 -34.27
N LYS A 888 -92.40 -16.14 -34.18
CA LYS A 888 -91.31 -16.80 -34.89
C LYS A 888 -89.96 -16.24 -34.47
N LYS A 889 -89.90 -15.48 -33.38
CA LYS A 889 -88.68 -14.86 -32.90
C LYS A 889 -88.87 -14.44 -31.46
N ALA A 890 -87.79 -13.99 -30.84
CA ALA A 890 -87.77 -13.74 -29.40
C ALA A 890 -88.47 -12.45 -29.00
N ASP A 891 -89.78 -12.40 -29.15
CA ASP A 891 -90.53 -11.21 -28.77
C ASP A 891 -91.28 -11.40 -27.46
N ASN A 892 -91.01 -12.49 -26.73
CA ASN A 892 -91.63 -12.66 -25.43
C ASN A 892 -91.35 -11.45 -24.54
N VAL A 893 -90.08 -11.05 -24.46
CA VAL A 893 -89.74 -9.89 -23.64
C VAL A 893 -90.34 -8.62 -24.24
N VAL A 894 -90.29 -8.48 -25.57
CA VAL A 894 -90.79 -7.26 -26.19
C VAL A 894 -92.29 -7.12 -25.95
N ASN A 895 -93.03 -8.20 -26.23
CA ASN A 895 -94.43 -8.21 -25.87
C ASN A 895 -94.62 -7.84 -24.42
N ILE A 896 -93.91 -8.53 -23.52
CA ILE A 896 -94.02 -8.26 -22.10
C ILE A 896 -93.87 -6.77 -21.83
N ALA A 897 -92.96 -6.13 -22.54
CA ALA A 897 -92.82 -4.70 -22.41
C ALA A 897 -94.07 -3.98 -22.87
N ARG A 898 -94.59 -4.37 -24.02
CA ARG A 898 -95.66 -3.60 -24.66
C ARG A 898 -96.80 -3.28 -23.71
N TYR A 899 -97.06 -4.14 -22.72
CA TYR A 899 -98.06 -3.80 -21.72
C TYR A 899 -97.72 -2.51 -21.01
N LEU A 900 -96.43 -2.19 -20.89
CA LEU A 900 -96.06 -0.91 -20.32
C LEU A 900 -96.64 0.26 -21.10
N CYS A 901 -96.94 0.06 -22.39
CA CYS A 901 -97.59 1.12 -23.13
C CYS A 901 -99.02 1.35 -22.63
N HIS A 902 -99.64 0.33 -22.04
CA HIS A 902 -101.00 0.43 -21.56
C HIS A 902 -101.07 0.90 -20.11
N GLY A 903 -100.02 1.54 -19.63
CA GLY A 903 -99.98 1.90 -18.22
C GLY A 903 -101.16 2.73 -17.79
N ASN A 904 -101.40 3.86 -18.46
CA ASN A 904 -102.38 4.82 -17.97
C ASN A 904 -103.78 4.22 -17.86
N SER A 905 -104.02 3.10 -18.53
CA SER A 905 -105.28 2.38 -18.34
C SER A 905 -105.14 1.25 -17.34
N ASN A 906 -104.07 0.46 -17.45
CA ASN A 906 -103.83 -0.69 -16.57
C ASN A 906 -102.55 -0.42 -15.78
N ALA A 907 -102.71 -0.03 -14.53
CA ALA A 907 -101.56 0.11 -13.66
C ALA A 907 -101.04 -1.24 -13.20
N GLU A 908 -101.92 -2.22 -13.03
CA GLU A 908 -101.54 -3.46 -12.39
C GLU A 908 -100.56 -4.25 -13.24
N LEU A 909 -100.96 -4.57 -14.47
CA LEU A 909 -100.09 -5.33 -15.35
C LEU A 909 -98.77 -4.59 -15.55
N ALA A 910 -98.82 -3.27 -15.57
CA ALA A 910 -97.59 -2.50 -15.67
C ALA A 910 -96.68 -2.78 -14.49
N PHE A 911 -97.23 -2.73 -13.28
CA PHE A 911 -96.44 -3.02 -12.11
C PHE A 911 -95.79 -4.38 -12.20
N GLU A 912 -96.60 -5.40 -12.48
CA GLU A 912 -96.06 -6.75 -12.58
C GLU A 912 -94.98 -6.85 -13.64
N SER A 913 -95.25 -6.27 -14.81
CA SER A 913 -94.30 -6.32 -15.90
C SER A 913 -92.98 -5.70 -15.49
N ALA A 914 -93.03 -4.49 -14.95
CA ALA A 914 -91.80 -3.83 -14.56
C ALA A 914 -91.06 -4.63 -13.51
N LYS A 915 -91.79 -5.28 -12.61
CA LYS A 915 -91.14 -6.15 -11.65
C LYS A 915 -90.30 -7.20 -12.37
N ILE A 916 -90.94 -7.97 -13.24
CA ILE A 916 -90.23 -9.02 -13.96
C ILE A 916 -89.09 -8.43 -14.77
N LEU A 917 -89.28 -7.23 -15.30
CA LEU A 917 -88.30 -6.66 -16.21
C LEU A 917 -87.04 -6.25 -15.46
N CYS A 918 -87.20 -5.49 -14.38
CA CYS A 918 -86.05 -5.17 -13.55
C CYS A 918 -85.36 -6.45 -13.10
N SER A 919 -86.16 -7.45 -12.72
CA SER A 919 -85.58 -8.68 -12.22
C SER A 919 -84.72 -9.36 -13.28
N ILE A 920 -85.19 -9.38 -14.52
CA ILE A 920 -84.36 -9.94 -15.58
C ILE A 920 -83.15 -9.06 -15.81
N SER A 921 -83.36 -7.73 -15.85
CA SER A 921 -82.30 -6.77 -16.07
C SER A 921 -81.16 -6.91 -15.08
N CYS A 922 -81.42 -7.51 -13.92
CA CYS A 922 -80.34 -7.83 -13.01
C CYS A 922 -79.27 -8.69 -13.64
N ASN A 923 -79.61 -9.52 -14.62
CA ASN A 923 -78.64 -10.41 -15.24
C ASN A 923 -77.81 -9.61 -16.24
N SER A 924 -76.50 -9.51 -15.99
CA SER A 924 -75.62 -8.82 -16.92
C SER A 924 -75.53 -9.56 -18.25
N LYS A 925 -75.71 -10.88 -18.23
CA LYS A 925 -75.55 -11.68 -19.43
C LYS A 925 -76.60 -11.41 -20.48
N ILE A 926 -77.77 -10.90 -20.10
CA ILE A 926 -78.85 -10.70 -21.05
C ILE A 926 -78.89 -9.30 -21.63
N GLN A 927 -78.41 -8.30 -20.88
CA GLN A 927 -78.60 -6.90 -21.26
C GLN A 927 -78.24 -6.65 -22.72
N GLU A 928 -77.04 -7.06 -23.13
CA GLU A 928 -76.61 -6.85 -24.50
C GLU A 928 -77.64 -7.39 -25.48
N LYS A 929 -77.97 -8.68 -25.38
CA LYS A 929 -78.96 -9.24 -26.30
C LYS A 929 -80.28 -8.50 -26.17
N ILE A 930 -80.68 -8.18 -24.93
CA ILE A 930 -81.94 -7.48 -24.72
C ILE A 930 -81.90 -6.14 -25.43
N VAL A 931 -80.74 -5.47 -25.39
CA VAL A 931 -80.62 -4.21 -26.10
C VAL A 931 -81.00 -4.40 -27.56
N GLY A 932 -80.43 -5.43 -28.20
CA GLY A 932 -80.84 -5.72 -29.56
C GLY A 932 -82.32 -5.98 -29.66
N ASP A 933 -82.83 -6.82 -28.75
CA ASP A 933 -84.25 -7.13 -28.75
C ASP A 933 -85.09 -5.88 -28.59
N PHE A 934 -84.53 -4.82 -28.02
CA PHE A 934 -85.30 -3.60 -27.87
C PHE A 934 -85.24 -2.73 -29.11
N THR A 935 -84.12 -2.76 -29.83
CA THR A 935 -83.88 -1.78 -30.88
C THR A 935 -84.18 -2.30 -32.27
N GLN A 936 -84.03 -3.60 -32.51
CA GLN A 936 -83.99 -4.13 -33.86
C GLN A 936 -85.21 -3.73 -34.68
N ASP A 937 -86.27 -3.27 -34.00
CA ASP A 937 -87.41 -2.66 -34.66
C ASP A 937 -87.49 -1.21 -34.23
N GLN A 938 -87.37 -0.30 -35.19
CA GLN A 938 -87.33 1.12 -34.85
C GLN A 938 -88.65 1.58 -34.25
N ASN A 939 -89.77 1.32 -34.92
CA ASN A 939 -91.04 1.76 -34.38
C ASN A 939 -91.31 1.10 -33.03
N VAL A 940 -90.83 -0.12 -32.85
CA VAL A 940 -91.08 -0.81 -31.60
C VAL A 940 -90.23 -0.23 -30.48
N SER A 941 -88.96 0.04 -30.76
CA SER A 941 -88.14 0.74 -29.78
C SER A 941 -88.79 2.06 -29.42
N GLN A 942 -89.26 2.81 -30.41
CA GLN A 942 -89.90 4.08 -30.16
C GLN A 942 -91.12 3.90 -29.26
N LYS A 943 -91.90 2.86 -29.52
CA LYS A 943 -93.08 2.63 -28.71
C LYS A 943 -92.71 2.31 -27.26
N LEU A 944 -91.75 1.41 -27.08
CA LEU A 944 -91.31 1.07 -25.74
C LEU A 944 -90.82 2.30 -25.00
N MET A 945 -90.10 3.17 -25.70
CA MET A 945 -89.60 4.39 -25.07
C MET A 945 -90.74 5.31 -24.69
N VAL A 946 -91.70 5.49 -25.59
CA VAL A 946 -92.87 6.31 -25.28
C VAL A 946 -93.57 5.76 -24.05
N GLY A 947 -93.60 4.45 -23.91
CA GLY A 947 -94.28 3.86 -22.76
C GLY A 947 -93.55 4.11 -21.46
N PHE A 948 -92.25 3.83 -21.43
CA PHE A 948 -91.48 4.09 -20.22
C PHE A 948 -91.59 5.55 -19.83
N VAL A 949 -91.57 6.45 -20.83
CA VAL A 949 -91.64 7.87 -20.55
C VAL A 949 -93.01 8.24 -20.00
N SER A 950 -94.07 7.71 -20.60
CA SER A 950 -95.40 7.96 -20.07
C SER A 950 -95.49 7.54 -18.62
N CYS A 951 -95.05 6.31 -18.33
CA CYS A 951 -95.08 5.83 -16.96
C CYS A 951 -94.37 6.80 -16.03
N LEU A 952 -93.13 7.15 -16.33
CA LEU A 952 -92.43 8.07 -15.47
C LEU A 952 -93.18 9.39 -15.35
N ASP A 953 -93.84 9.81 -16.40
CA ASP A 953 -94.58 11.06 -16.40
C ASP A 953 -95.91 10.97 -15.66
N SER A 954 -96.19 9.84 -15.02
CA SER A 954 -97.50 9.65 -14.41
C SER A 954 -97.77 10.68 -13.33
N GLU A 955 -98.72 11.58 -13.58
CA GLU A 955 -98.97 12.68 -12.66
C GLU A 955 -99.72 12.22 -11.42
N GLN A 970 -105.92 2.56 -2.75
CA GLN A 970 -105.29 3.62 -3.52
C GLN A 970 -103.82 3.77 -3.13
N VAL A 971 -103.53 3.57 -1.84
CA VAL A 971 -102.16 3.64 -1.37
C VAL A 971 -101.28 2.66 -2.15
N LYS A 972 -101.76 1.44 -2.35
CA LYS A 972 -100.98 0.46 -3.07
C LYS A 972 -100.74 0.89 -4.51
N GLN A 973 -101.67 1.63 -5.10
CA GLN A 973 -101.51 2.02 -6.50
C GLN A 973 -100.33 2.95 -6.69
N THR A 974 -100.34 4.09 -5.99
CA THR A 974 -99.19 4.97 -6.03
C THR A 974 -97.94 4.26 -5.54
N ASN A 975 -98.10 3.33 -4.59
CA ASN A 975 -96.95 2.59 -4.10
C ASN A 975 -96.29 1.81 -5.23
N ILE A 976 -97.08 1.04 -5.97
CA ILE A 976 -96.55 0.26 -7.08
C ILE A 976 -96.01 1.19 -8.16
N ARG A 977 -96.66 2.32 -8.38
CA ARG A 977 -96.16 3.26 -9.38
C ARG A 977 -94.76 3.74 -9.00
N TYR A 978 -94.60 4.15 -7.75
CA TYR A 978 -93.29 4.54 -7.28
C TYR A 978 -92.30 3.41 -7.47
N MET A 979 -92.57 2.27 -6.83
CA MET A 979 -91.64 1.15 -6.89
C MET A 979 -91.31 0.80 -8.32
N THR A 980 -92.24 1.03 -9.24
CA THR A 980 -91.92 0.92 -10.65
C THR A 980 -90.83 1.91 -11.00
N LYS A 981 -91.12 3.21 -10.87
CA LYS A 981 -90.13 4.22 -11.21
C LYS A 981 -88.77 3.87 -10.66
N ILE A 982 -88.75 3.36 -9.43
CA ILE A 982 -87.50 2.94 -8.80
C ILE A 982 -86.88 1.78 -9.59
N HIS A 983 -87.67 0.76 -9.90
CA HIS A 983 -87.12 -0.37 -10.63
C HIS A 983 -86.61 0.05 -11.99
N ILE A 984 -87.31 0.99 -12.61
CA ILE A 984 -86.84 1.57 -13.87
C ILE A 984 -85.47 2.17 -13.67
N LEU A 985 -85.36 3.09 -12.73
CA LEU A 985 -84.07 3.70 -12.43
C LEU A 985 -83.03 2.63 -12.14
N ASN A 986 -83.45 1.52 -11.56
CA ASN A 986 -82.50 0.48 -11.21
C ASN A 986 -81.95 -0.17 -12.46
N LEU A 987 -82.85 -0.56 -13.37
CA LEU A 987 -82.41 -1.05 -14.66
C LEU A 987 -81.46 -0.06 -15.29
N LEU A 988 -81.81 1.21 -15.25
CA LEU A 988 -80.96 2.23 -15.84
C LEU A 988 -79.58 2.20 -15.23
N ILE A 989 -79.49 2.49 -13.93
CA ILE A 989 -78.20 2.63 -13.27
C ILE A 989 -77.37 1.38 -13.45
N THR A 990 -77.98 0.21 -13.22
CA THR A 990 -77.25 -1.04 -13.42
C THR A 990 -76.78 -1.17 -14.86
N SER A 991 -77.50 -0.56 -15.79
CA SER A 991 -77.02 -0.57 -17.17
C SER A 991 -75.85 0.39 -17.35
N LEU A 992 -75.97 1.61 -16.83
CA LEU A 992 -74.99 2.65 -17.03
C LEU A 992 -73.63 2.25 -16.51
N GLU A 993 -73.52 1.12 -15.83
CA GLU A 993 -72.23 0.55 -15.50
C GLU A 993 -71.75 -0.42 -16.54
N MET A 994 -72.65 -1.08 -17.26
CA MET A 994 -72.24 -2.01 -18.29
C MET A 994 -71.54 -1.28 -19.42
N LYS A 995 -70.83 -2.04 -20.25
CA LYS A 995 -70.20 -1.46 -21.42
C LYS A 995 -71.26 -1.09 -22.46
N ALA A 996 -70.88 -0.27 -23.41
CA ALA A 996 -71.85 0.26 -24.39
C ALA A 996 -71.91 -0.64 -25.62
N PRO A 997 -73.03 -0.63 -26.38
CA PRO A 997 -74.24 0.16 -26.11
C PRO A 997 -75.12 -0.48 -25.07
N ASN A 998 -75.16 0.08 -23.88
CA ASN A 998 -76.13 -0.37 -22.90
C ASN A 998 -77.49 0.14 -23.34
N LEU A 999 -78.53 -0.53 -22.87
CA LEU A 999 -79.89 -0.09 -23.22
C LEU A 999 -80.11 1.36 -22.81
N ALA A 1000 -79.57 1.76 -21.67
CA ALA A 1000 -79.77 3.12 -21.21
C ALA A 1000 -79.25 4.13 -22.21
N MET A 1001 -78.23 3.76 -22.97
CA MET A 1001 -77.78 4.64 -24.04
C MET A 1001 -78.93 5.01 -24.95
N PHE A 1002 -79.82 4.06 -25.20
CA PHE A 1002 -81.05 4.39 -25.90
C PHE A 1002 -82.03 5.11 -24.99
N LEU A 1003 -82.09 4.70 -23.73
CA LEU A 1003 -83.17 5.15 -22.86
C LEU A 1003 -83.07 6.64 -22.58
N LEU A 1004 -81.90 7.13 -22.20
CA LEU A 1004 -81.70 8.55 -22.01
C LEU A 1004 -81.61 9.29 -23.33
N GLY A 1005 -81.60 8.57 -24.44
CA GLY A 1005 -81.67 9.19 -25.74
C GLY A 1005 -80.35 9.35 -26.47
N TYR A 1006 -79.25 8.87 -25.91
CA TYR A 1006 -77.97 8.98 -26.59
C TYR A 1006 -77.98 8.14 -27.86
N GLU A 1007 -77.40 8.69 -28.92
CA GLU A 1007 -77.40 8.02 -30.21
C GLU A 1007 -76.41 6.87 -30.19
N LEU A 1008 -76.92 5.65 -30.36
CA LEU A 1008 -76.05 4.50 -30.55
C LEU A 1008 -75.61 4.34 -32.00
N LYS A 1009 -76.07 5.21 -32.89
CA LYS A 1009 -75.69 5.09 -34.30
C LYS A 1009 -74.36 5.76 -34.58
N LYS A 1010 -74.11 6.94 -34.04
CA LYS A 1010 -72.79 7.51 -34.14
C LYS A 1010 -72.04 7.27 -32.82
N PRO A 1011 -70.75 7.56 -32.78
CA PRO A 1011 -70.02 7.40 -31.52
C PRO A 1011 -70.69 8.16 -30.39
N VAL A 1012 -71.18 7.41 -29.39
CA VAL A 1012 -72.15 7.93 -28.42
C VAL A 1012 -71.75 9.30 -27.89
N SER A 1013 -70.45 9.56 -27.78
CA SER A 1013 -70.00 10.90 -27.41
C SER A 1013 -70.46 11.95 -28.41
N THR A 1014 -70.73 11.55 -29.66
CA THR A 1014 -71.14 12.49 -30.69
C THR A 1014 -72.65 12.59 -30.78
N THR A 1015 -73.36 11.84 -29.95
CA THR A 1015 -74.81 11.98 -29.90
C THR A 1015 -75.17 13.43 -29.64
N ASN A 1016 -76.35 13.83 -30.09
CA ASN A 1016 -76.83 15.19 -29.87
C ASN A 1016 -78.10 15.10 -29.03
N LEU A 1017 -77.93 15.11 -27.71
CA LEU A 1017 -79.06 15.18 -26.81
C LEU A 1017 -79.62 16.59 -26.84
N GLN A 1018 -80.86 16.72 -27.29
CA GLN A 1018 -81.52 18.01 -27.38
C GLN A 1018 -82.90 17.91 -26.75
N ASP A 1019 -83.55 19.05 -26.62
CA ASP A 1019 -84.81 19.15 -25.90
C ASP A 1019 -85.87 18.28 -26.54
N SER A 1020 -86.84 17.87 -25.72
CA SER A 1020 -87.95 17.03 -26.18
C SER A 1020 -88.77 17.74 -27.24
N GLY A 1021 -89.00 17.07 -28.36
CA GLY A 1021 -89.75 17.63 -29.46
C GLY A 1021 -88.96 18.50 -30.39
N VAL A 1022 -87.96 19.22 -29.88
CA VAL A 1022 -87.17 20.14 -30.69
C VAL A 1022 -86.53 19.35 -31.83
N LEU A 1023 -86.69 19.83 -33.05
CA LEU A 1023 -86.24 19.15 -34.25
C LEU A 1023 -86.79 17.73 -34.35
N GLY A 1024 -87.89 17.45 -33.65
CA GLY A 1024 -88.45 16.11 -33.63
C GLY A 1024 -87.83 15.16 -32.64
N CYS A 1025 -87.31 15.64 -31.52
CA CYS A 1025 -86.75 14.75 -30.52
C CYS A 1025 -87.84 14.28 -29.56
N PRO A 1026 -88.22 13.01 -29.60
CA PRO A 1026 -89.23 12.53 -28.64
C PRO A 1026 -88.63 12.40 -27.25
N ARG A 1027 -89.50 12.51 -26.25
CA ARG A 1027 -89.05 12.67 -24.87
C ARG A 1027 -88.23 11.49 -24.40
N THR A 1028 -86.93 11.70 -24.24
CA THR A 1028 -86.03 10.70 -23.69
C THR A 1028 -86.17 10.68 -22.18
N CYS A 1029 -85.54 9.69 -21.57
CA CYS A 1029 -85.62 9.55 -20.13
C CYS A 1029 -85.11 10.79 -19.42
N LEU A 1030 -83.94 11.27 -19.83
CA LEU A 1030 -83.25 12.30 -19.05
C LEU A 1030 -84.09 13.55 -18.89
N HIS A 1031 -84.86 13.90 -19.92
CA HIS A 1031 -85.69 15.08 -19.83
C HIS A 1031 -86.70 14.94 -18.70
N SER A 1032 -87.38 13.80 -18.64
CA SER A 1032 -88.32 13.57 -17.55
C SER A 1032 -87.60 13.61 -16.21
N ILE A 1033 -86.40 13.05 -16.14
CA ILE A 1033 -85.65 13.04 -14.89
C ILE A 1033 -85.39 14.46 -14.42
N LEU A 1034 -84.80 15.27 -15.28
CA LEU A 1034 -84.49 16.65 -14.92
C LEU A 1034 -85.75 17.41 -14.58
N ASP A 1035 -86.87 17.09 -15.23
CA ASP A 1035 -88.11 17.70 -14.83
C ASP A 1035 -88.46 17.34 -13.40
N ILE A 1036 -88.36 16.05 -13.08
CA ILE A 1036 -88.74 15.59 -11.75
C ILE A 1036 -87.87 16.24 -10.69
N LEU A 1037 -86.62 16.54 -11.05
CA LEU A 1037 -85.75 17.21 -10.09
C LEU A 1037 -85.91 18.71 -10.10
N ARG A 1038 -86.42 19.28 -11.18
CA ARG A 1038 -86.60 20.72 -11.28
C ARG A 1038 -87.87 21.19 -10.59
N LYS A 1039 -88.78 20.27 -10.26
CA LYS A 1039 -90.06 20.64 -9.68
C LYS A 1039 -89.85 21.36 -8.36
N GLY A 1040 -90.26 22.63 -8.32
CA GLY A 1040 -90.17 23.41 -7.11
C GLY A 1040 -88.86 24.10 -6.87
N THR A 1041 -87.98 24.16 -7.87
CA THR A 1041 -86.67 24.77 -7.69
C THR A 1041 -86.73 26.30 -7.61
N ASP A 1042 -87.87 26.91 -7.90
CA ASP A 1042 -88.03 28.34 -7.75
C ASP A 1042 -88.56 28.74 -6.39
N VAL A 1043 -89.07 27.78 -5.61
CA VAL A 1043 -89.58 28.04 -4.27
C VAL A 1043 -88.39 28.04 -3.31
N ARG A 1044 -88.40 28.98 -2.36
CA ARG A 1044 -87.27 29.17 -1.45
C ARG A 1044 -86.91 27.89 -0.69
N ALA A 1045 -87.78 26.90 -0.68
CA ALA A 1045 -87.51 25.63 -0.02
C ALA A 1045 -86.90 24.59 -0.95
N GLY A 1046 -86.56 24.95 -2.18
CA GLY A 1046 -85.85 24.06 -3.06
C GLY A 1046 -86.75 23.03 -3.71
N PRO A 1047 -86.16 22.16 -4.53
CA PRO A 1047 -86.95 21.18 -5.30
C PRO A 1047 -87.78 20.29 -4.40
N VAL A 1048 -89.09 20.25 -4.67
CA VAL A 1048 -90.05 19.52 -3.85
C VAL A 1048 -89.62 18.08 -3.65
N ALA A 1049 -88.93 17.50 -4.63
CA ALA A 1049 -88.64 16.07 -4.59
C ALA A 1049 -87.75 15.69 -3.41
N VAL A 1050 -86.81 16.57 -3.04
CA VAL A 1050 -85.93 16.27 -1.92
C VAL A 1050 -86.72 16.22 -0.62
N TRP A 1051 -87.89 16.86 -0.60
CA TRP A 1051 -88.78 16.76 0.56
C TRP A 1051 -89.69 15.56 0.48
N ASP A 1052 -90.35 15.36 -0.65
CA ASP A 1052 -91.41 14.37 -0.74
C ASP A 1052 -90.90 12.96 -1.06
N THR A 1053 -89.89 12.85 -1.89
CA THR A 1053 -89.45 11.55 -2.40
C THR A 1053 -87.94 11.45 -2.29
N PRO A 1054 -87.43 11.12 -1.10
CA PRO A 1054 -85.98 11.05 -0.95
C PRO A 1054 -85.33 10.03 -1.86
N HIS A 1055 -85.69 8.75 -1.73
CA HIS A 1055 -84.97 7.69 -2.45
C HIS A 1055 -84.92 7.98 -3.94
N LEU A 1056 -86.01 8.53 -4.47
CA LEU A 1056 -85.99 9.02 -5.84
C LEU A 1056 -84.88 10.04 -6.02
N ALA A 1057 -84.98 11.19 -5.33
CA ALA A 1057 -84.01 12.26 -5.50
C ALA A 1057 -82.58 11.73 -5.47
N GLU A 1058 -82.32 10.78 -4.56
CA GLU A 1058 -81.04 10.10 -4.57
C GLU A 1058 -80.77 9.48 -5.92
N LEU A 1059 -81.59 8.49 -6.29
CA LEU A 1059 -81.37 7.78 -7.55
C LEU A 1059 -81.16 8.76 -8.69
N CYS A 1060 -81.91 9.85 -8.70
CA CYS A 1060 -81.78 10.86 -9.73
C CYS A 1060 -80.37 11.44 -9.76
N TYR A 1061 -79.93 12.00 -8.64
CA TYR A 1061 -78.61 12.58 -8.60
C TYR A 1061 -77.55 11.56 -8.97
N GLN A 1062 -77.69 10.34 -8.46
CA GLN A 1062 -76.72 9.30 -8.78
C GLN A 1062 -76.68 9.04 -10.27
N VAL A 1063 -77.85 9.05 -10.90
CA VAL A 1063 -77.89 8.90 -12.34
C VAL A 1063 -77.14 10.04 -13.01
N ILE A 1064 -77.38 11.26 -12.55
CA ILE A 1064 -76.73 12.43 -13.14
C ILE A 1064 -75.22 12.28 -13.04
N TYR A 1065 -74.75 11.77 -11.93
CA TYR A 1065 -73.32 11.61 -11.75
C TYR A 1065 -72.77 10.53 -12.67
N GLN A 1066 -73.25 9.29 -12.48
CA GLN A 1066 -72.77 8.19 -13.29
C GLN A 1066 -72.86 8.53 -14.76
N LEU A 1067 -73.76 9.44 -15.12
CA LEU A 1067 -73.74 10.00 -16.45
C LEU A 1067 -72.51 10.85 -16.65
N CYS A 1068 -72.33 11.89 -15.83
CA CYS A 1068 -71.31 12.88 -16.11
C CYS A 1068 -69.90 12.28 -16.09
N ALA A 1069 -69.69 11.18 -15.39
CA ALA A 1069 -68.33 10.71 -15.21
C ALA A 1069 -67.91 9.72 -16.28
N CYS A 1070 -68.85 8.97 -16.83
CA CYS A 1070 -68.51 8.11 -17.95
C CYS A 1070 -67.94 9.00 -19.06
N ALA A 1071 -66.65 8.85 -19.31
CA ALA A 1071 -65.94 9.80 -20.17
C ALA A 1071 -66.64 9.98 -21.51
N ASP A 1072 -66.91 8.89 -22.22
CA ASP A 1072 -67.60 8.99 -23.49
C ASP A 1072 -68.85 9.83 -23.38
N THR A 1073 -69.52 9.80 -22.24
CA THR A 1073 -70.71 10.61 -22.05
C THR A 1073 -70.41 12.06 -21.72
N SER A 1074 -69.17 12.37 -21.37
CA SER A 1074 -68.87 13.66 -20.74
C SER A 1074 -69.36 14.82 -21.58
N GLY A 1075 -68.82 14.97 -22.78
CA GLY A 1075 -68.99 16.19 -23.54
C GLY A 1075 -70.42 16.64 -23.64
N PRO A 1076 -71.22 15.94 -24.43
CA PRO A 1076 -72.60 16.40 -24.63
C PRO A 1076 -73.37 16.53 -23.34
N THR A 1077 -73.14 15.61 -22.40
CA THR A 1077 -73.83 15.70 -21.12
C THR A 1077 -73.57 17.06 -20.48
N MET A 1078 -72.29 17.39 -20.31
CA MET A 1078 -71.94 18.64 -19.66
C MET A 1078 -72.45 19.82 -20.45
N ARG A 1079 -72.33 19.77 -21.77
CA ARG A 1079 -72.75 20.90 -22.57
C ARG A 1079 -74.23 21.16 -22.39
N TYR A 1080 -75.05 20.17 -22.77
CA TYR A 1080 -76.49 20.32 -22.64
C TYR A 1080 -76.86 20.62 -21.20
N LEU A 1081 -76.08 20.15 -20.24
CA LEU A 1081 -76.38 20.45 -18.86
C LEU A 1081 -76.18 21.92 -18.57
N ARG A 1082 -75.03 22.46 -18.94
CA ARG A 1082 -74.66 23.81 -18.53
C ARG A 1082 -75.46 24.85 -19.29
N THR A 1083 -75.72 24.60 -20.56
CA THR A 1083 -76.34 25.63 -21.39
C THR A 1083 -77.86 25.58 -21.36
N SER A 1084 -78.44 24.39 -21.33
CA SER A 1084 -79.87 24.27 -21.56
C SER A 1084 -80.72 24.64 -20.37
N GLN A 1085 -80.36 24.20 -19.17
CA GLN A 1085 -81.25 24.35 -18.03
C GLN A 1085 -80.63 24.99 -16.81
N ASP A 1086 -79.37 25.43 -16.87
CA ASP A 1086 -78.70 26.06 -15.74
C ASP A 1086 -78.84 25.21 -14.49
N PHE A 1087 -78.44 23.94 -14.61
CA PHE A 1087 -78.70 22.96 -13.56
C PHE A 1087 -77.87 23.25 -12.31
N LEU A 1088 -76.55 23.29 -12.47
CA LEU A 1088 -75.68 23.34 -11.31
C LEU A 1088 -76.00 24.52 -10.41
N PHE A 1089 -76.03 25.73 -10.97
CA PHE A 1089 -76.25 26.89 -10.13
C PHE A 1089 -77.63 26.86 -9.51
N SER A 1090 -78.67 26.62 -10.32
CA SER A 1090 -80.02 26.65 -9.81
C SER A 1090 -80.21 25.66 -8.68
N GLN A 1091 -79.70 24.44 -8.85
CA GLN A 1091 -79.88 23.43 -7.82
C GLN A 1091 -79.03 23.74 -6.60
N LEU A 1092 -77.71 23.85 -6.76
CA LEU A 1092 -76.85 24.06 -5.62
C LEU A 1092 -77.16 25.35 -4.88
N GLN A 1093 -77.93 26.26 -5.49
CA GLN A 1093 -78.29 27.49 -4.80
C GLN A 1093 -79.20 27.24 -3.61
N HIS A 1094 -79.56 25.99 -3.34
CA HIS A 1094 -80.39 25.67 -2.20
C HIS A 1094 -79.76 24.63 -1.28
N LEU A 1095 -78.52 24.22 -1.55
CA LEU A 1095 -77.84 23.33 -0.63
C LEU A 1095 -77.66 24.02 0.72
N PRO A 1096 -77.57 23.27 1.82
CA PRO A 1096 -77.54 21.81 1.92
C PRO A 1096 -78.92 21.19 1.99
N PHE A 1097 -79.04 19.99 1.44
CA PHE A 1097 -80.28 19.25 1.57
C PHE A 1097 -80.44 18.85 3.03
N SER A 1098 -81.41 19.45 3.70
CA SER A 1098 -81.64 19.21 5.12
C SER A 1098 -82.88 18.33 5.27
N VAL A 1099 -82.67 17.04 5.51
CA VAL A 1099 -83.76 16.11 5.78
C VAL A 1099 -83.52 15.51 7.16
N GLU A 1100 -84.15 16.09 8.17
CA GLU A 1100 -84.03 15.56 9.52
C GLU A 1100 -84.55 14.13 9.59
N GLU A 1101 -85.50 13.78 8.74
CA GLU A 1101 -86.08 12.45 8.77
C GLU A 1101 -85.34 11.43 7.93
N SER A 1102 -84.62 11.85 6.89
CA SER A 1102 -84.00 10.94 5.95
C SER A 1102 -82.53 11.33 5.83
N GLU A 1103 -81.88 11.43 6.99
CA GLU A 1103 -80.48 11.85 7.05
C GLU A 1103 -79.64 11.18 5.99
N ILE A 1104 -79.66 9.85 5.93
CA ILE A 1104 -78.77 9.14 5.04
C ILE A 1104 -78.98 9.60 3.60
N SER A 1105 -80.24 9.77 3.21
CA SER A 1105 -80.51 10.16 1.84
C SER A 1105 -79.95 11.55 1.56
N ALA A 1106 -80.51 12.58 2.21
CA ALA A 1106 -80.06 13.94 1.99
C ALA A 1106 -78.55 14.01 1.95
N MET A 1107 -77.89 13.26 2.82
CA MET A 1107 -76.44 13.17 2.77
C MET A 1107 -75.96 12.70 1.41
N ASN A 1108 -76.29 11.46 1.04
CA ASN A 1108 -75.76 10.91 -0.20
C ASN A 1108 -76.11 11.79 -1.40
N GLN A 1109 -77.28 12.40 -1.37
CA GLN A 1109 -77.66 13.34 -2.40
C GLN A 1109 -76.64 14.45 -2.51
N MET A 1110 -76.50 15.24 -1.44
CA MET A 1110 -75.53 16.33 -1.47
C MET A 1110 -74.16 15.82 -1.92
N SER A 1111 -73.84 14.57 -1.59
CA SER A 1111 -72.54 14.03 -1.96
C SER A 1111 -72.40 13.95 -3.47
N TRP A 1112 -73.37 13.32 -4.11
CA TRP A 1112 -73.30 13.20 -5.56
C TRP A 1112 -73.36 14.57 -6.23
N LEU A 1113 -74.20 15.46 -5.70
CA LEU A 1113 -74.32 16.80 -6.27
C LEU A 1113 -72.97 17.50 -6.22
N MET A 1114 -72.28 17.38 -5.10
CA MET A 1114 -70.93 17.88 -5.01
C MET A 1114 -70.07 17.29 -6.11
N LYS A 1115 -69.91 15.97 -6.13
CA LYS A 1115 -68.99 15.34 -7.08
C LYS A 1115 -69.24 15.84 -8.50
N THR A 1116 -70.50 16.03 -8.85
CA THR A 1116 -70.80 16.57 -10.16
C THR A 1116 -70.27 17.99 -10.30
N ALA A 1117 -70.63 18.87 -9.36
CA ALA A 1117 -70.13 20.23 -9.39
C ALA A 1117 -68.61 20.25 -9.44
N THR A 1118 -67.98 19.22 -8.90
CA THR A 1118 -66.53 19.15 -8.84
C THR A 1118 -65.93 18.91 -10.21
N ILE A 1119 -66.32 17.81 -10.86
CA ILE A 1119 -65.83 17.60 -12.22
C ILE A 1119 -66.15 18.81 -13.08
N GLU A 1120 -67.28 19.47 -12.79
CA GLU A 1120 -67.65 20.66 -13.54
C GLU A 1120 -66.65 21.79 -13.35
N LEU A 1121 -66.31 22.09 -12.11
CA LEU A 1121 -65.34 23.14 -11.86
C LEU A 1121 -64.01 22.81 -12.54
N ARG A 1122 -63.62 21.54 -12.49
CA ARG A 1122 -62.39 21.14 -13.17
C ARG A 1122 -62.42 21.51 -14.64
N ILE A 1123 -63.42 21.02 -15.37
CA ILE A 1123 -63.49 21.34 -16.79
C ILE A 1123 -63.62 22.84 -17.01
N THR A 1124 -64.60 23.47 -16.37
CA THR A 1124 -64.89 24.87 -16.61
C THR A 1124 -63.67 25.74 -16.42
N SER A 1125 -62.80 25.37 -15.49
CA SER A 1125 -61.52 26.04 -15.43
C SER A 1125 -60.64 25.62 -16.59
N LEU A 1126 -60.65 24.32 -16.92
CA LEU A 1126 -59.74 23.83 -17.95
C LEU A 1126 -59.95 24.54 -19.28
N ASN A 1127 -61.13 25.11 -19.53
CA ASN A 1127 -61.23 26.03 -20.64
C ASN A 1127 -61.29 27.47 -20.20
N ARG A 1128 -62.42 27.91 -19.61
CA ARG A 1128 -62.60 29.25 -19.06
C ARG A 1128 -64.07 29.54 -18.77
N GLN A 1129 -64.31 30.33 -17.73
CA GLN A 1129 -65.57 31.05 -17.47
C GLN A 1129 -65.40 31.76 -16.13
N ARG A 1130 -66.04 32.91 -15.98
CA ARG A 1130 -65.77 33.70 -14.78
C ARG A 1130 -67.02 34.09 -14.00
N SER A 1131 -68.08 34.48 -14.69
CA SER A 1131 -69.21 35.12 -14.02
C SER A 1131 -69.95 34.12 -13.14
N HIS A 1132 -69.98 32.84 -13.53
CA HIS A 1132 -70.64 31.86 -12.67
C HIS A 1132 -69.78 31.52 -11.47
N THR A 1133 -68.51 31.24 -11.71
CA THR A 1133 -67.57 31.15 -10.60
C THR A 1133 -67.65 32.38 -9.73
N GLN A 1134 -67.78 33.55 -10.34
CA GLN A 1134 -67.80 34.80 -9.57
C GLN A 1134 -69.04 34.92 -8.70
N ARG A 1135 -70.21 34.61 -9.26
CA ARG A 1135 -71.44 34.70 -8.48
C ARG A 1135 -71.42 33.70 -7.33
N LEU A 1136 -71.05 32.45 -7.61
CA LEU A 1136 -70.96 31.48 -6.54
C LEU A 1136 -69.99 31.93 -5.48
N LEU A 1137 -68.88 32.55 -5.89
CA LEU A 1137 -67.93 33.08 -4.93
C LEU A 1137 -68.56 34.16 -4.07
N HIS A 1138 -69.17 35.15 -4.70
CA HIS A 1138 -69.79 36.23 -3.94
C HIS A 1138 -70.77 35.68 -2.92
N LEU A 1139 -71.64 34.78 -3.36
CA LEU A 1139 -72.61 34.21 -2.42
C LEU A 1139 -71.90 33.38 -1.36
N LEU A 1140 -70.69 32.91 -1.65
CA LEU A 1140 -69.91 32.20 -0.65
C LEU A 1140 -69.33 33.13 0.39
N LEU A 1141 -69.02 34.36 0.01
CA LEU A 1141 -68.24 35.25 0.86
C LEU A 1141 -68.88 36.59 1.14
N ASP A 1142 -69.90 37.00 0.40
CA ASP A 1142 -70.49 38.31 0.61
C ASP A 1142 -71.15 38.38 1.97
N ASP A 1143 -70.58 39.21 2.84
CA ASP A 1143 -71.11 39.38 4.18
C ASP A 1143 -72.50 39.99 4.13
N VAL A 1176 -74.11 37.71 8.37
CA VAL A 1176 -74.44 36.67 7.42
C VAL A 1176 -73.24 35.77 7.22
N ARG A 1177 -73.29 34.59 7.83
CA ARG A 1177 -72.19 33.65 7.74
C ARG A 1177 -71.86 33.36 6.29
N ARG A 1178 -70.56 33.33 5.97
CA ARG A 1178 -70.11 32.94 4.65
C ARG A 1178 -70.76 31.60 4.29
N LYS A 1179 -71.02 31.41 2.99
CA LYS A 1179 -71.85 30.27 2.58
C LYS A 1179 -71.16 28.95 2.88
N ILE A 1180 -69.94 28.76 2.36
CA ILE A 1180 -69.23 27.50 2.58
C ILE A 1180 -69.18 27.19 4.06
N LEU A 1181 -69.14 28.21 4.90
CA LEU A 1181 -69.25 28.01 6.32
C LEU A 1181 -70.55 27.33 6.68
N ARG A 1182 -71.69 27.87 6.23
CA ARG A 1182 -72.98 27.23 6.54
C ARG A 1182 -73.01 25.80 6.03
N ILE A 1183 -72.52 25.59 4.81
CA ILE A 1183 -72.52 24.25 4.21
C ILE A 1183 -71.78 23.27 5.10
N LEU A 1184 -70.54 23.58 5.43
CA LEU A 1184 -69.83 22.74 6.36
C LEU A 1184 -70.58 22.62 7.68
N ASP A 1185 -71.22 23.70 8.12
CA ASP A 1185 -71.70 23.77 9.49
C ASP A 1185 -72.92 22.90 9.70
N SER A 1186 -73.69 22.63 8.67
CA SER A 1186 -74.79 21.71 8.85
C SER A 1186 -74.32 20.29 9.09
N ILE A 1187 -73.22 19.88 8.48
CA ILE A 1187 -72.72 18.52 8.59
C ILE A 1187 -72.29 18.32 10.03
N GLN A 1188 -73.07 17.55 10.79
CA GLN A 1188 -72.81 17.39 12.21
C GLN A 1188 -71.80 16.27 12.43
N PHE A 1189 -70.58 16.65 12.82
CA PHE A 1189 -69.52 15.69 13.07
C PHE A 1189 -69.76 14.84 14.31
N SER A 1190 -70.83 15.12 15.06
CA SER A 1190 -71.13 14.40 16.28
C SER A 1190 -72.10 13.26 15.98
N ASN A 1191 -71.91 12.15 16.69
CA ASN A 1191 -72.78 10.98 16.55
C ASN A 1191 -72.56 10.04 17.72
N PHE A 1201 -81.01 -14.47 28.82
CA PHE A 1201 -80.94 -15.69 28.02
C PHE A 1201 -79.66 -15.70 27.20
N PHE A 1202 -79.42 -14.63 26.47
CA PHE A 1202 -78.27 -14.53 25.59
C PHE A 1202 -77.06 -14.06 26.38
N ASP A 1203 -75.90 -14.61 26.03
CA ASP A 1203 -74.65 -14.13 26.61
C ASP A 1203 -74.19 -12.86 25.88
N ARG A 1204 -73.46 -12.00 26.59
CA ARG A 1204 -73.02 -10.75 25.99
C ARG A 1204 -71.99 -10.97 24.89
N SER A 1205 -70.96 -11.77 25.16
CA SER A 1205 -69.88 -11.95 24.19
C SER A 1205 -70.34 -12.76 22.99
N GLN A 1206 -71.23 -13.74 23.21
CA GLN A 1206 -71.73 -14.53 22.09
C GLN A 1206 -72.51 -13.66 21.12
N ILE A 1207 -73.48 -12.90 21.62
CA ILE A 1207 -74.26 -12.04 20.74
C ILE A 1207 -73.38 -10.95 20.14
N GLU A 1208 -72.35 -10.52 20.85
CA GLU A 1208 -71.42 -9.55 20.27
C GLU A 1208 -70.67 -10.16 19.08
N GLN A 1209 -70.18 -11.39 19.23
CA GLN A 1209 -69.53 -12.06 18.10
C GLN A 1209 -70.53 -12.27 16.96
N VAL A 1210 -71.81 -12.44 17.31
CA VAL A 1210 -72.83 -12.59 16.28
C VAL A 1210 -73.01 -11.30 15.50
N ILE A 1211 -73.09 -10.18 16.22
CA ILE A 1211 -73.21 -8.88 15.55
C ILE A 1211 -71.94 -8.55 14.79
N ALA A 1212 -70.82 -9.18 15.17
CA ALA A 1212 -69.56 -8.93 14.46
C ALA A 1212 -69.43 -9.81 13.21
N ASN A 1213 -70.09 -10.97 13.19
CA ASN A 1213 -69.98 -11.86 12.03
C ASN A 1213 -70.90 -11.43 10.88
N CYS A 1214 -72.05 -10.86 11.19
CA CYS A 1214 -72.99 -10.40 10.17
C CYS A 1214 -72.76 -8.95 9.78
N GLU A 1215 -71.67 -8.35 10.24
CA GLU A 1215 -71.34 -6.98 9.85
C GLU A 1215 -70.81 -6.95 8.43
N HIS A 1216 -71.18 -5.93 7.68
CA HIS A 1216 -70.75 -5.76 6.30
C HIS A 1216 -70.56 -4.29 6.01
N LYS A 1217 -69.50 -3.97 5.28
CA LYS A 1217 -69.22 -2.60 4.89
C LYS A 1217 -70.27 -2.15 3.88
N ASN A 1218 -71.11 -1.19 4.29
CA ASN A 1218 -72.12 -0.67 3.38
C ASN A 1218 -71.46 0.01 2.19
N ARG A 1219 -72.28 0.31 1.17
CA ARG A 1219 -71.75 0.79 -0.10
C ARG A 1219 -70.85 2.01 0.04
N ARG A 1220 -71.18 2.94 0.94
CA ARG A 1220 -70.32 4.07 1.21
C ARG A 1220 -69.27 3.75 2.27
N GLY A 1221 -69.03 2.48 2.54
CA GLY A 1221 -67.94 2.06 3.39
C GLY A 1221 -68.28 1.84 4.84
N GLN A 1222 -69.42 2.33 5.32
CA GLN A 1222 -69.82 2.12 6.69
C GLN A 1222 -69.93 0.64 7.02
N THR A 1223 -69.40 0.26 8.18
CA THR A 1223 -69.50 -1.13 8.64
C THR A 1223 -70.82 -1.30 9.37
N VAL A 1224 -71.87 -1.64 8.63
CA VAL A 1224 -73.21 -1.72 9.17
C VAL A 1224 -73.50 -3.16 9.57
N CYS A 1225 -74.25 -3.32 10.66
CA CYS A 1225 -74.63 -4.64 11.11
C CYS A 1225 -75.85 -5.08 10.30
N ASN A 1226 -75.70 -6.14 9.53
CA ASN A 1226 -76.81 -6.63 8.70
C ASN A 1226 -77.94 -7.06 9.64
N VAL A 1227 -79.01 -6.27 9.66
CA VAL A 1227 -80.10 -6.53 10.62
C VAL A 1227 -80.92 -7.74 10.20
N LYS A 1228 -81.18 -7.91 8.90
CA LYS A 1228 -82.06 -8.99 8.47
C LYS A 1228 -81.39 -10.35 8.57
N LEU A 1229 -80.12 -10.44 8.17
CA LEU A 1229 -79.40 -11.70 8.34
C LEU A 1229 -79.25 -12.04 9.82
N LEU A 1230 -79.10 -11.03 10.67
CA LEU A 1230 -79.06 -11.27 12.12
C LEU A 1230 -80.41 -11.77 12.62
N HIS A 1231 -81.51 -11.20 12.11
CA HIS A 1231 -82.83 -11.72 12.44
C HIS A 1231 -82.94 -13.19 12.03
N ARG A 1232 -82.50 -13.51 10.82
CA ARG A 1232 -82.55 -14.88 10.35
C ARG A 1232 -81.80 -15.82 11.27
N VAL A 1233 -80.54 -15.48 11.58
CA VAL A 1233 -79.72 -16.35 12.39
C VAL A 1233 -80.31 -16.48 13.80
N LEU A 1234 -80.79 -15.37 14.37
CA LEU A 1234 -81.33 -15.42 15.71
C LEU A 1234 -82.63 -16.24 15.76
N VAL A 1235 -83.48 -16.12 14.74
CA VAL A 1235 -84.72 -16.88 14.71
C VAL A 1235 -84.41 -18.37 14.56
N ALA A 1236 -83.48 -18.70 13.67
CA ALA A 1236 -83.08 -20.10 13.51
C ALA A 1236 -82.58 -20.66 14.84
N GLU A 1237 -81.61 -19.99 15.46
CA GLU A 1237 -81.06 -20.51 16.71
C GLU A 1237 -82.12 -20.53 17.81
N VAL A 1238 -83.11 -19.65 17.72
CA VAL A 1238 -84.21 -19.67 18.67
C VAL A 1238 -85.04 -20.93 18.49
N ASN A 1239 -85.27 -21.33 17.24
CA ASN A 1239 -86.01 -22.56 17.00
C ASN A 1239 -85.18 -23.79 17.34
N ALA A 1240 -83.87 -23.66 17.43
CA ALA A 1240 -82.98 -24.79 17.71
C ALA A 1240 -82.99 -25.17 19.17
N ALA A 1245 -87.82 -27.24 29.62
CA ALA A 1245 -87.18 -26.01 30.06
C ALA A 1245 -87.04 -25.02 28.91
N ALA A 1246 -86.80 -25.55 27.71
CA ALA A 1246 -86.70 -24.71 26.52
C ALA A 1246 -88.05 -24.23 26.02
N ILE A 1247 -89.13 -24.95 26.34
CA ILE A 1247 -90.45 -24.59 25.84
C ILE A 1247 -90.96 -23.32 26.53
N GLY A 1248 -90.99 -23.30 27.87
CA GLY A 1248 -91.35 -22.09 28.57
C GLY A 1248 -90.36 -20.96 28.36
N GLN A 1249 -89.11 -21.29 28.04
CA GLN A 1249 -88.08 -20.29 27.81
C GLN A 1249 -88.13 -19.73 26.39
N ARG A 1250 -89.02 -20.25 25.54
CA ARG A 1250 -89.09 -19.77 24.17
C ARG A 1250 -89.38 -18.28 24.10
N PRO A 1251 -90.37 -17.74 24.82
CA PRO A 1251 -90.63 -16.30 24.71
C PRO A 1251 -89.47 -15.44 25.17
N LEU A 1252 -88.77 -15.86 26.23
CA LEU A 1252 -87.58 -15.12 26.64
C LEU A 1252 -86.54 -15.12 25.54
N LEU A 1253 -86.35 -16.27 24.89
CA LEU A 1253 -85.39 -16.35 23.80
C LEU A 1253 -85.78 -15.41 22.66
N MET A 1254 -87.06 -15.42 22.28
CA MET A 1254 -87.50 -14.57 21.17
C MET A 1254 -87.37 -13.10 21.51
N GLU A 1255 -87.67 -12.72 22.76
CA GLU A 1255 -87.56 -11.33 23.14
C GLU A 1255 -86.11 -10.87 23.16
N GLU A 1256 -85.21 -11.71 23.68
CA GLU A 1256 -83.80 -11.36 23.63
C GLU A 1256 -83.31 -11.29 22.18
N ILE A 1257 -83.88 -12.14 21.32
CA ILE A 1257 -83.55 -12.07 19.90
C ILE A 1257 -84.02 -10.75 19.31
N ASN A 1258 -85.20 -10.27 19.71
CA ASN A 1258 -85.69 -8.98 19.25
C ASN A 1258 -84.80 -7.85 19.75
N THR A 1259 -84.28 -7.99 20.95
CA THR A 1259 -83.34 -7.01 21.47
C THR A 1259 -82.06 -7.00 20.64
N ILE A 1260 -81.53 -8.18 20.34
CA ILE A 1260 -80.35 -8.27 19.48
C ILE A 1260 -80.67 -7.72 18.09
N LEU A 1261 -81.93 -7.85 17.67
CA LEU A 1261 -82.34 -7.35 16.36
C LEU A 1261 -82.30 -5.83 16.32
N GLN A 1262 -82.97 -5.19 17.29
CA GLN A 1262 -82.85 -3.75 17.43
C GLN A 1262 -81.39 -3.33 17.56
N TYR A 1263 -80.58 -4.17 18.21
CA TYR A 1263 -79.15 -3.87 18.33
C TYR A 1263 -78.47 -3.84 16.98
N VAL A 1264 -78.62 -4.92 16.20
CA VAL A 1264 -78.02 -4.99 14.88
C VAL A 1264 -78.55 -3.87 13.99
N VAL A 1265 -79.81 -3.50 14.17
CA VAL A 1265 -80.41 -2.46 13.34
C VAL A 1265 -79.83 -1.10 13.69
N GLU A 1266 -79.76 -0.79 14.98
CA GLU A 1266 -79.10 0.44 15.40
C GLU A 1266 -77.65 0.46 14.96
N ARG A 1267 -76.98 -0.70 14.93
CA ARG A 1267 -75.59 -0.74 14.51
C ARG A 1267 -75.47 -0.46 13.01
N ASN A 1268 -76.35 -1.09 12.23
CA ASN A 1268 -76.43 -0.75 10.82
C ASN A 1268 -76.63 0.75 10.65
N LYS A 1269 -77.76 1.27 11.12
CA LYS A 1269 -78.09 2.68 10.95
C LYS A 1269 -76.97 3.58 11.43
N LEU A 1270 -76.31 3.20 12.52
CA LEU A 1270 -75.16 3.94 12.99
C LEU A 1270 -74.09 4.00 11.92
N LEU A 1271 -73.69 2.84 11.41
CA LEU A 1271 -72.71 2.83 10.34
C LEU A 1271 -73.18 3.70 9.19
N GLN A 1272 -74.36 3.40 8.67
CA GLN A 1272 -74.92 4.21 7.58
C GLN A 1272 -74.69 5.69 7.83
N CYS A 1273 -75.03 6.15 9.03
CA CYS A 1273 -74.73 7.54 9.38
C CYS A 1273 -73.24 7.82 9.28
N LEU A 1274 -72.42 6.82 9.63
CA LEU A 1274 -70.98 7.04 9.61
C LEU A 1274 -70.46 7.26 8.20
N HIS A 1275 -70.74 6.32 7.31
CA HIS A 1275 -70.37 6.49 5.90
C HIS A 1275 -70.99 7.77 5.34
N ALA A 1276 -72.17 8.13 5.81
CA ALA A 1276 -72.80 9.35 5.32
C ALA A 1276 -71.96 10.56 5.66
N LYS A 1277 -71.68 10.76 6.95
CA LYS A 1277 -70.82 11.84 7.36
C LYS A 1277 -69.45 11.72 6.71
N ARG A 1278 -69.00 10.49 6.46
CA ARG A 1278 -67.70 10.27 5.87
C ARG A 1278 -67.63 10.86 4.46
N HIS A 1279 -68.52 10.42 3.60
CA HIS A 1279 -68.60 11.00 2.28
C HIS A 1279 -68.88 12.50 2.36
N ALA A 1280 -69.66 12.93 3.35
CA ALA A 1280 -69.98 14.35 3.47
C ALA A 1280 -68.72 15.19 3.69
N LEU A 1281 -67.88 14.77 4.61
CA LEU A 1281 -66.65 15.51 4.85
C LEU A 1281 -65.69 15.35 3.69
N GLU A 1282 -65.57 14.15 3.13
CA GLU A 1282 -64.75 13.98 1.93
C GLU A 1282 -65.17 14.98 0.87
N SER A 1283 -66.48 15.19 0.75
CA SER A 1283 -66.96 16.17 -0.19
C SER A 1283 -66.49 17.55 0.19
N TRP A 1284 -67.00 18.10 1.30
CA TRP A 1284 -66.64 19.46 1.67
C TRP A 1284 -65.14 19.67 1.55
N ARG A 1285 -64.37 18.63 1.87
CA ARG A 1285 -62.93 18.66 1.68
C ARG A 1285 -62.56 18.88 0.23
N GLN A 1286 -62.87 17.92 -0.65
CA GLN A 1286 -62.44 18.04 -2.04
C GLN A 1286 -63.00 19.30 -2.67
N LEU A 1287 -64.20 19.70 -2.24
CA LEU A 1287 -64.74 21.00 -2.59
C LEU A 1287 -63.70 22.07 -2.35
N VAL A 1288 -63.24 22.20 -1.11
CA VAL A 1288 -62.21 23.18 -0.81
C VAL A 1288 -60.97 22.92 -1.65
N GLU A 1289 -60.65 21.65 -1.85
CA GLU A 1289 -59.40 21.29 -2.54
C GLU A 1289 -59.34 21.96 -3.90
N ILE A 1290 -60.38 21.78 -4.70
CA ILE A 1290 -60.45 22.52 -5.95
C ILE A 1290 -60.61 24.01 -5.67
N ILE A 1291 -61.56 24.37 -4.81
CA ILE A 1291 -62.00 25.76 -4.65
C ILE A 1291 -60.84 26.66 -4.33
N LEU A 1292 -59.77 26.11 -3.79
CA LEU A 1292 -58.56 26.88 -3.55
C LEU A 1292 -57.43 26.48 -4.48
N THR A 1293 -57.49 25.29 -5.08
CA THR A 1293 -56.32 24.72 -5.73
C THR A 1293 -56.17 25.13 -7.19
N ALA A 1294 -57.27 25.36 -7.92
CA ALA A 1294 -57.16 25.57 -9.35
C ALA A 1294 -57.64 26.94 -9.82
N CYS A 1295 -58.28 27.72 -8.96
CA CYS A 1295 -58.80 29.01 -9.38
C CYS A 1295 -57.69 30.06 -9.35
N PRO A 1296 -57.46 30.77 -10.45
CA PRO A 1296 -56.52 31.89 -10.41
C PRO A 1296 -56.85 32.81 -9.24
N GLN A 1297 -55.89 32.96 -8.34
CA GLN A 1297 -56.12 33.66 -7.08
C GLN A 1297 -56.65 35.06 -7.27
N ASP A 1298 -56.67 35.57 -8.50
CA ASP A 1298 -57.28 36.86 -8.79
C ASP A 1298 -58.68 36.97 -8.23
N LEU A 1299 -59.52 35.96 -8.37
CA LEU A 1299 -60.93 36.06 -8.02
C LEU A 1299 -61.17 36.40 -6.56
N ILE A 1300 -60.18 36.22 -5.69
CA ILE A 1300 -60.39 36.43 -4.27
C ILE A 1300 -59.40 37.48 -3.75
N PRO A 1301 -59.88 38.59 -3.20
CA PRO A 1301 -58.98 39.47 -2.45
C PRO A 1301 -58.21 38.67 -1.41
N THR A 1302 -56.90 38.90 -1.36
CA THR A 1302 -56.04 38.08 -0.51
C THR A 1302 -56.52 38.06 0.93
N GLU A 1303 -56.89 39.22 1.47
CA GLU A 1303 -57.32 39.28 2.87
C GLU A 1303 -58.49 38.35 3.12
N HIS A 1304 -59.42 38.26 2.17
CA HIS A 1304 -60.51 37.31 2.29
C HIS A 1304 -59.99 35.88 2.33
N ARG A 1305 -59.05 35.55 1.45
CA ARG A 1305 -58.50 34.20 1.45
C ARG A 1305 -57.91 33.86 2.80
N GLN A 1306 -57.15 34.79 3.38
CA GLN A 1306 -56.58 34.52 4.69
C GLN A 1306 -57.67 34.33 5.72
N LEU A 1307 -58.62 35.26 5.79
CA LEU A 1307 -59.66 35.18 6.82
C LEU A 1307 -60.41 33.87 6.72
N ILE A 1308 -60.66 33.41 5.50
CA ILE A 1308 -61.49 32.25 5.32
C ILE A 1308 -60.72 30.97 5.61
N ILE A 1309 -59.52 30.83 5.04
CA ILE A 1309 -58.71 29.65 5.35
C ILE A 1309 -58.47 29.57 6.85
N ARG A 1310 -58.27 30.72 7.49
CA ARG A 1310 -58.16 30.74 8.94
C ARG A 1310 -59.41 30.17 9.60
N ASP A 1311 -60.56 30.81 9.40
CA ASP A 1311 -61.80 30.34 10.00
C ASP A 1311 -61.99 28.86 9.75
N LEU A 1312 -61.53 28.37 8.60
CA LEU A 1312 -61.67 26.95 8.29
C LEU A 1312 -60.82 26.11 9.20
N LEU A 1313 -59.56 26.50 9.37
CA LEU A 1313 -58.71 25.75 10.30
C LEU A 1313 -59.28 25.81 11.71
N GLN A 1314 -59.84 26.96 12.08
CA GLN A 1314 -60.43 27.11 13.41
C GLN A 1314 -61.56 26.12 13.62
N ASP A 1315 -62.54 26.11 12.72
CA ASP A 1315 -63.67 25.22 12.89
C ASP A 1315 -63.27 23.76 12.77
N LEU A 1316 -62.41 23.43 11.79
CA LEU A 1316 -62.01 22.03 11.62
C LEU A 1316 -61.27 21.52 12.84
N HIS A 1317 -60.44 22.36 13.45
CA HIS A 1317 -59.77 21.93 14.68
C HIS A 1317 -60.79 21.79 15.80
N VAL A 1318 -61.70 22.74 15.91
CA VAL A 1318 -62.75 22.63 16.91
C VAL A 1318 -63.44 21.29 16.79
N LYS A 1319 -63.62 20.81 15.57
CA LYS A 1319 -64.34 19.58 15.36
C LYS A 1319 -63.47 18.36 15.64
N ILE A 1320 -62.26 18.33 15.11
CA ILE A 1320 -61.44 17.13 15.25
C ILE A 1320 -61.05 16.88 16.70
N LEU A 1321 -61.17 17.89 17.56
CA LEU A 1321 -60.64 17.83 18.92
C LEU A 1321 -61.65 17.37 19.95
N ASP A 1322 -62.95 17.45 19.66
CA ASP A 1322 -63.96 17.09 20.65
C ASP A 1322 -63.85 15.60 20.96
N ASP A 1323 -63.97 15.27 22.24
CA ASP A 1323 -63.72 13.91 22.71
C ASP A 1323 -64.55 12.87 21.96
N ASP A 1324 -65.70 13.25 21.43
CA ASP A 1324 -66.58 12.33 20.73
C ASP A 1324 -66.21 12.14 19.28
N ALA A 1325 -64.95 12.40 18.92
CA ALA A 1325 -64.54 12.30 17.52
C ALA A 1325 -64.47 10.84 17.10
N ALA A 1326 -65.32 10.47 16.14
CA ALA A 1326 -65.23 9.15 15.55
C ALA A 1326 -63.83 8.93 15.03
N GLN A 1327 -63.18 7.89 15.51
CA GLN A 1327 -61.78 7.66 15.21
C GLN A 1327 -61.51 7.68 13.71
N GLU A 1328 -62.33 6.99 12.92
CA GLU A 1328 -62.04 6.90 11.49
C GLU A 1328 -62.08 8.25 10.80
N LEU A 1329 -62.91 9.17 11.27
CA LEU A 1329 -62.96 10.51 10.68
C LEU A 1329 -61.65 11.26 10.79
N MET A 1330 -60.66 10.71 11.50
CA MET A 1330 -59.42 11.44 11.72
C MET A 1330 -58.70 11.74 10.42
N PRO A 1331 -58.28 10.76 9.62
CA PRO A 1331 -57.40 11.06 8.48
C PRO A 1331 -57.91 12.17 7.60
N ILE A 1332 -59.23 12.31 7.48
CA ILE A 1332 -59.79 13.27 6.55
C ILE A 1332 -59.32 14.67 6.89
N VAL A 1333 -59.74 15.20 8.05
CA VAL A 1333 -59.35 16.55 8.42
C VAL A 1333 -57.85 16.69 8.31
N ALA A 1334 -57.12 15.58 8.48
CA ALA A 1334 -55.66 15.62 8.40
C ALA A 1334 -55.21 16.22 7.09
N GLY A 1335 -55.50 15.55 5.99
CA GLY A 1335 -55.16 16.12 4.71
C GLY A 1335 -55.66 17.54 4.60
N ALA A 1336 -56.89 17.78 5.06
CA ALA A 1336 -57.46 19.12 4.99
C ALA A 1336 -56.50 20.13 5.57
N VAL A 1337 -56.12 19.92 6.83
CA VAL A 1337 -55.19 20.84 7.45
C VAL A 1337 -53.98 21.04 6.54
N PHE A 1338 -53.28 19.94 6.23
CA PHE A 1338 -52.09 20.04 5.40
C PHE A 1338 -52.36 20.97 4.24
N THR A 1339 -53.39 20.65 3.46
CA THR A 1339 -53.68 21.47 2.30
C THR A 1339 -53.94 22.91 2.71
N LEU A 1340 -54.99 23.13 3.50
CA LEU A 1340 -55.33 24.49 3.87
C LEU A 1340 -54.09 25.22 4.35
N THR A 1341 -53.23 24.52 5.09
CA THR A 1341 -52.09 25.18 5.69
C THR A 1341 -51.20 25.78 4.62
N ALA A 1342 -50.67 24.94 3.72
CA ALA A 1342 -49.74 25.46 2.73
C ALA A 1342 -50.37 26.63 1.99
N HIS A 1343 -51.69 26.60 1.82
CA HIS A 1343 -52.34 27.70 1.14
C HIS A 1343 -52.11 29.00 1.89
N LEU A 1344 -52.62 29.08 3.12
CA LEU A 1344 -52.38 30.26 3.93
C LEU A 1344 -50.91 30.63 3.90
N SER A 1345 -50.04 29.61 3.87
CA SER A 1345 -48.61 29.87 3.85
C SER A 1345 -48.27 30.81 2.70
N GLN A 1346 -48.46 30.34 1.47
CA GLN A 1346 -48.17 31.20 0.34
C GLN A 1346 -48.88 32.53 0.50
N SER A 1347 -50.14 32.49 0.94
CA SER A 1347 -50.92 33.71 1.08
C SER A 1347 -50.17 34.73 1.91
N VAL A 1348 -49.82 34.37 3.15
CA VAL A 1348 -49.18 35.35 4.00
C VAL A 1348 -47.81 35.69 3.45
N ARG A 1349 -47.10 34.69 2.93
CA ARG A 1349 -45.80 34.97 2.36
C ARG A 1349 -45.92 35.93 1.20
N THR A 1350 -47.01 35.83 0.43
CA THR A 1350 -47.17 36.71 -0.71
C THR A 1350 -47.40 38.15 -0.28
N GLU A 1351 -47.82 38.36 0.96
CA GLU A 1351 -47.95 39.72 1.46
C GLU A 1351 -46.60 40.33 1.79
N LEU A 1352 -45.63 39.49 2.20
CA LEU A 1352 -44.35 39.95 2.71
C LEU A 1352 -43.61 40.87 1.74
N GLY A 1391 -52.97 37.70 12.07
CA GLY A 1391 -53.12 37.42 13.48
C GLY A 1391 -52.21 36.32 13.98
N ASP A 1392 -50.98 36.69 14.35
CA ASP A 1392 -50.04 35.73 14.93
C ASP A 1392 -50.70 34.83 15.96
N SER A 1393 -51.65 35.38 16.70
CA SER A 1393 -52.51 34.56 17.54
C SER A 1393 -53.01 33.35 16.77
N SER A 1394 -53.34 33.53 15.49
CA SER A 1394 -53.89 32.42 14.74
C SER A 1394 -52.83 31.39 14.41
N LEU A 1395 -51.65 31.81 13.95
CA LEU A 1395 -50.61 30.82 13.66
C LEU A 1395 -50.21 30.06 14.90
N HIS A 1396 -50.19 30.76 16.04
CA HIS A 1396 -49.88 30.10 17.29
C HIS A 1396 -50.95 29.09 17.66
N MET A 1397 -52.21 29.51 17.68
CA MET A 1397 -53.31 28.60 17.93
C MET A 1397 -53.28 27.43 16.96
N ILE A 1398 -52.84 27.69 15.74
CA ILE A 1398 -52.80 26.66 14.72
C ILE A 1398 -51.80 25.59 15.10
N LEU A 1399 -50.55 25.98 15.30
CA LEU A 1399 -49.53 25.03 15.71
C LEU A 1399 -49.98 24.31 16.98
N ARG A 1400 -50.58 25.04 17.91
CA ARG A 1400 -51.05 24.42 19.13
C ARG A 1400 -52.06 23.33 18.82
N ASN A 1401 -53.01 23.64 17.97
CA ASN A 1401 -53.96 22.65 17.53
C ASN A 1401 -53.25 21.44 16.98
N LEU A 1402 -52.51 21.62 15.89
CA LEU A 1402 -51.93 20.49 15.17
C LEU A 1402 -51.09 19.64 16.10
N LEU A 1403 -50.38 20.26 17.03
CA LEU A 1403 -49.71 19.48 18.06
C LEU A 1403 -50.72 18.65 18.83
N GLU A 1404 -51.66 19.32 19.50
CA GLU A 1404 -52.60 18.62 20.34
C GLU A 1404 -53.21 17.44 19.62
N PHE A 1405 -53.49 17.62 18.34
CA PHE A 1405 -53.87 16.49 17.52
C PHE A 1405 -52.80 15.42 17.55
N ILE A 1406 -51.59 15.74 17.08
CA ILE A 1406 -50.55 14.74 16.93
C ILE A 1406 -50.41 13.94 18.21
N LEU A 1407 -50.67 14.60 19.33
CA LEU A 1407 -50.71 13.90 20.60
C LEU A 1407 -51.93 13.00 20.70
N LYS A 1408 -53.12 13.54 20.42
CA LYS A 1408 -54.33 12.75 20.50
C LYS A 1408 -54.29 11.52 19.61
N THR A 1409 -53.28 11.39 18.77
CA THR A 1409 -53.17 10.28 17.86
C THR A 1409 -52.68 9.05 18.62
N GLY A 1410 -53.38 7.93 18.44
CA GLY A 1410 -52.88 6.68 18.95
C GLY A 1410 -51.59 6.27 18.27
N GLY A 1411 -50.87 5.34 18.91
CA GLY A 1411 -49.64 4.81 18.37
C GLY A 1411 -49.82 3.84 17.23
N GLY A 1412 -51.03 3.70 16.71
CA GLY A 1412 -51.26 2.80 15.59
C GLY A 1412 -51.42 3.48 14.25
N PHE A 1413 -51.95 4.70 14.22
CA PHE A 1413 -52.28 5.38 12.99
C PHE A 1413 -51.06 6.14 12.49
N GLN A 1414 -49.97 5.42 12.25
CA GLN A 1414 -48.74 6.05 11.79
C GLN A 1414 -48.98 6.92 10.56
N ARG A 1415 -50.02 6.62 9.79
CA ARG A 1415 -50.39 7.51 8.71
C ARG A 1415 -50.70 8.91 9.20
N VAL A 1416 -51.73 9.04 10.05
CA VAL A 1416 -52.09 10.35 10.59
C VAL A 1416 -50.86 11.03 11.18
N ARG A 1417 -49.94 10.22 11.72
CA ARG A 1417 -48.72 10.79 12.25
C ARG A 1417 -47.93 11.48 11.15
N ALA A 1418 -47.44 10.72 10.17
CA ALA A 1418 -46.65 11.32 9.10
C ALA A 1418 -47.31 12.57 8.56
N HIS A 1419 -48.64 12.54 8.48
CA HIS A 1419 -49.37 13.71 7.98
C HIS A 1419 -49.16 14.91 8.88
N LEU A 1420 -49.49 14.76 10.16
CA LEU A 1420 -49.30 15.89 11.07
C LEU A 1420 -47.85 16.35 11.07
N TYR A 1421 -46.91 15.42 10.94
CA TYR A 1421 -45.50 15.77 10.98
C TYR A 1421 -45.13 16.68 9.84
N GLY A 1422 -45.41 16.26 8.62
CA GLY A 1422 -45.20 17.15 7.49
C GLY A 1422 -45.89 18.48 7.67
N SER A 1423 -47.12 18.45 8.18
CA SER A 1423 -47.84 19.70 8.39
C SER A 1423 -47.06 20.65 9.27
N LEU A 1424 -46.49 20.12 10.35
CA LEU A 1424 -45.71 20.97 11.23
C LEU A 1424 -44.45 21.48 10.52
N LEU A 1425 -43.79 20.63 9.74
CA LEU A 1425 -42.60 21.09 9.03
C LEU A 1425 -42.93 22.33 8.22
N TYR A 1426 -44.07 22.30 7.53
CA TYR A 1426 -44.48 23.49 6.81
C TYR A 1426 -44.78 24.63 7.77
N TYR A 1427 -45.61 24.39 8.78
CA TYR A 1427 -46.03 25.47 9.67
C TYR A 1427 -44.82 26.14 10.29
N LEU A 1428 -43.67 25.48 10.22
CA LEU A 1428 -42.44 26.10 10.66
C LEU A 1428 -41.74 26.86 9.53
N GLN A 1429 -41.56 26.22 8.38
CA GLN A 1429 -40.82 26.89 7.30
C GLN A 1429 -41.45 28.22 6.93
N ILE A 1430 -42.68 28.44 7.33
CA ILE A 1430 -43.34 29.73 7.12
C ILE A 1430 -42.62 30.83 7.85
N ALA A 1431 -41.69 30.50 8.72
CA ALA A 1431 -40.95 31.52 9.44
C ALA A 1431 -39.45 31.31 9.32
N ASP A 1456 -35.37 41.65 14.37
CA ASP A 1456 -35.83 40.99 13.16
C ASP A 1456 -37.15 40.27 13.40
N VAL A 1457 -38.18 40.64 12.65
CA VAL A 1457 -39.50 40.03 12.75
C VAL A 1457 -39.37 38.52 12.68
N PHE A 1458 -38.56 38.03 11.75
CA PHE A 1458 -38.31 36.60 11.64
C PHE A 1458 -37.80 36.03 12.95
N SER A 1459 -36.82 36.69 13.57
CA SER A 1459 -36.28 36.18 14.83
C SER A 1459 -37.31 36.26 15.95
N LYS A 1460 -38.14 37.30 15.96
CA LYS A 1460 -39.18 37.41 16.98
C LYS A 1460 -40.13 36.23 16.91
N LEU A 1461 -40.62 35.96 15.71
CA LEU A 1461 -41.46 34.78 15.52
C LEU A 1461 -40.70 33.51 15.88
N GLN A 1462 -39.42 33.43 15.53
CA GLN A 1462 -38.64 32.24 15.84
C GLN A 1462 -38.62 31.98 17.33
N ARG A 1463 -38.34 33.02 18.11
CA ARG A 1463 -38.42 32.89 19.55
C ARG A 1463 -39.79 32.39 19.97
N ASP A 1464 -40.84 33.16 19.66
CA ASP A 1464 -42.19 32.80 20.10
C ASP A 1464 -42.52 31.35 19.78
N ASN A 1465 -42.09 30.88 18.61
CA ASN A 1465 -42.39 29.51 18.24
C ASN A 1465 -41.59 28.53 19.08
N LEU A 1466 -40.31 28.82 19.32
CA LEU A 1466 -39.55 27.96 20.21
C LEU A 1466 -40.24 27.86 21.56
N SER A 1467 -40.76 28.98 22.05
CA SER A 1467 -41.44 28.97 23.34
C SER A 1467 -42.66 28.09 23.30
N ILE A 1468 -43.48 28.23 22.26
CA ILE A 1468 -44.62 27.35 22.14
C ILE A 1468 -44.18 25.90 22.18
N PHE A 1469 -43.33 25.51 21.23
CA PHE A 1469 -42.92 24.11 21.15
C PHE A 1469 -42.37 23.61 22.47
N GLU A 1470 -41.76 24.49 23.25
CA GLU A 1470 -41.33 24.09 24.56
C GLU A 1470 -42.52 23.80 25.46
N SER A 1471 -43.54 24.66 25.42
CA SER A 1471 -44.64 24.53 26.37
C SER A 1471 -45.27 23.15 26.33
N TYR A 1472 -45.06 22.40 25.26
CA TYR A 1472 -45.49 21.00 25.22
C TYR A 1472 -44.61 20.12 26.07
N GLY A 1473 -43.40 20.55 26.36
CA GLY A 1473 -42.54 19.79 27.26
C GLY A 1473 -42.16 18.45 26.66
N THR A 1474 -41.71 17.56 27.54
CA THR A 1474 -41.10 16.32 27.11
C THR A 1474 -42.04 15.43 26.33
N ALA A 1475 -43.35 15.67 26.42
CA ALA A 1475 -44.29 14.75 25.78
C ALA A 1475 -44.07 14.68 24.29
N LEU A 1476 -44.33 15.78 23.59
CA LEU A 1476 -44.19 15.76 22.14
C LEU A 1476 -42.81 15.27 21.76
N MET A 1477 -41.82 15.51 22.61
CA MET A 1477 -40.51 14.95 22.37
C MET A 1477 -40.57 13.44 22.40
N GLU A 1478 -41.25 12.88 23.39
CA GLU A 1478 -41.32 11.44 23.49
C GLU A 1478 -42.04 10.85 22.30
N VAL A 1479 -43.12 11.50 21.88
CA VAL A 1479 -43.85 11.03 20.72
C VAL A 1479 -42.93 11.03 19.52
N VAL A 1480 -42.49 12.23 19.12
CA VAL A 1480 -41.68 12.35 17.93
C VAL A 1480 -40.53 11.37 17.96
N CYS A 1481 -39.91 11.21 19.13
CA CYS A 1481 -38.81 10.26 19.21
C CYS A 1481 -39.30 8.86 18.93
N ARG A 1482 -40.44 8.50 19.52
CA ARG A 1482 -40.94 7.16 19.35
C ARG A 1482 -41.11 6.86 17.88
N ASP A 1483 -41.85 7.72 17.20
CA ASP A 1483 -42.03 7.53 15.77
C ASP A 1483 -40.70 7.52 15.07
N ALA A 1484 -39.79 8.41 15.47
CA ALA A 1484 -38.53 8.55 14.78
C ALA A 1484 -37.78 7.25 14.78
N CYS A 1485 -37.74 6.60 15.91
CA CYS A 1485 -37.10 5.30 16.00
C CYS A 1485 -37.93 4.19 15.39
N ASP A 1486 -39.25 4.37 15.27
CA ASP A 1486 -40.14 3.22 15.13
C ASP A 1486 -41.19 3.36 14.04
N GLY A 1487 -41.54 4.57 13.61
CA GLY A 1487 -42.74 4.74 12.80
C GLY A 1487 -42.68 4.11 11.43
N HIS A 1488 -43.66 4.44 10.61
CA HIS A 1488 -43.70 3.98 9.22
C HIS A 1488 -42.81 4.86 8.35
N ASP A 1489 -42.42 4.31 7.18
CA ASP A 1489 -41.36 4.92 6.38
C ASP A 1489 -41.64 6.39 6.08
N ILE A 1490 -42.86 6.72 5.66
CA ILE A 1490 -43.19 8.11 5.41
C ILE A 1490 -43.04 8.93 6.67
N GLY A 1491 -43.61 8.46 7.77
CA GLY A 1491 -43.39 9.10 9.03
C GLY A 1491 -41.93 9.17 9.38
N ARG A 1492 -41.18 8.10 9.10
CA ARG A 1492 -39.77 8.08 9.45
C ARG A 1492 -39.04 9.24 8.81
N MET A 1493 -39.14 9.36 7.49
CA MET A 1493 -38.54 10.51 6.84
C MET A 1493 -39.05 11.78 7.47
N LEU A 1494 -40.34 12.08 7.29
CA LEU A 1494 -40.87 13.38 7.65
C LEU A 1494 -40.47 13.77 9.06
N ALA A 1495 -40.45 12.80 9.96
CA ALA A 1495 -40.05 13.08 11.32
C ALA A 1495 -38.58 13.45 11.38
N LEU A 1496 -37.69 12.55 10.94
CA LEU A 1496 -36.26 12.82 11.05
C LEU A 1496 -35.95 14.20 10.53
N ALA A 1497 -36.63 14.60 9.46
CA ALA A 1497 -36.58 15.99 9.04
C ALA A 1497 -36.98 16.91 10.17
N LEU A 1498 -38.22 16.79 10.66
CA LEU A 1498 -38.71 17.70 11.69
C LEU A 1498 -37.72 17.82 12.83
N LEU A 1499 -37.05 16.72 13.16
CA LEU A 1499 -36.09 16.76 14.24
C LEU A 1499 -34.89 17.62 13.87
N ASP A 1500 -34.33 17.39 12.68
CA ASP A 1500 -33.21 18.24 12.27
C ASP A 1500 -33.60 19.71 12.30
N ARG A 1501 -34.83 20.02 11.93
CA ARG A 1501 -35.27 21.40 11.93
C ARG A 1501 -35.34 21.96 13.35
N ILE A 1502 -36.11 21.30 14.21
CA ILE A 1502 -36.26 21.77 15.57
C ILE A 1502 -34.89 21.93 16.21
N VAL A 1503 -33.96 21.04 15.90
CA VAL A 1503 -32.62 21.14 16.47
C VAL A 1503 -31.91 22.36 15.96
N SER A 1504 -32.04 22.68 14.67
CA SER A 1504 -31.41 23.90 14.20
C SER A 1504 -32.03 25.14 14.82
N VAL A 1505 -33.29 25.04 15.27
CA VAL A 1505 -33.99 26.23 15.72
C VAL A 1505 -33.91 26.45 17.23
N ASP A 1506 -33.21 25.60 17.97
CA ASP A 1506 -33.26 25.63 19.43
C ASP A 1506 -31.86 25.87 19.99
N ARG A 1507 -31.73 26.90 20.82
CA ARG A 1507 -30.41 27.27 21.35
C ARG A 1507 -29.99 26.44 22.55
N GLN A 1508 -30.88 26.27 23.53
CA GLN A 1508 -30.50 25.69 24.82
C GLN A 1508 -30.21 24.20 24.75
N GLN A 1509 -30.18 23.61 23.56
CA GLN A 1509 -29.79 22.21 23.36
C GLN A 1509 -30.70 21.24 24.10
N GLN A 1510 -31.86 21.71 24.56
CA GLN A 1510 -32.73 20.86 25.37
C GLN A 1510 -33.09 19.58 24.65
N TRP A 1511 -33.66 19.69 23.46
CA TRP A 1511 -34.03 18.49 22.73
C TRP A 1511 -32.83 17.59 22.50
N LEU A 1512 -31.65 18.18 22.36
CA LEU A 1512 -30.45 17.36 22.32
C LEU A 1512 -30.30 16.60 23.62
N LEU A 1513 -30.52 17.28 24.74
CA LEU A 1513 -30.42 16.62 26.03
C LEU A 1513 -31.34 15.42 26.08
N TYR A 1514 -32.62 15.64 25.78
CA TYR A 1514 -33.56 14.53 25.81
C TYR A 1514 -33.10 13.41 24.91
N LEU A 1515 -32.82 13.72 23.64
CA LEU A 1515 -32.50 12.68 22.68
C LEU A 1515 -31.31 11.87 23.14
N SER A 1516 -30.39 12.51 23.83
CA SER A 1516 -29.20 11.79 24.25
C SER A 1516 -29.47 10.95 25.49
N ASN A 1517 -30.09 11.57 26.49
CA ASN A 1517 -30.38 10.84 27.72
C ASN A 1517 -31.38 9.73 27.48
N SER A 1518 -32.35 9.95 26.61
CA SER A 1518 -33.34 8.93 26.30
C SER A 1518 -32.78 7.79 25.46
N GLY A 1519 -31.48 7.77 25.21
CA GLY A 1519 -30.91 6.67 24.45
C GLY A 1519 -31.22 6.68 22.97
N TYR A 1520 -31.96 7.66 22.49
CA TYR A 1520 -32.35 7.66 21.09
C TYR A 1520 -31.15 7.56 20.17
N LEU A 1521 -30.08 8.29 20.47
CA LEU A 1521 -28.93 8.28 19.58
C LEU A 1521 -28.43 6.86 19.33
N LYS A 1522 -28.56 5.99 20.32
CA LYS A 1522 -28.14 4.61 20.11
C LYS A 1522 -29.04 3.90 19.13
N VAL A 1523 -30.35 4.13 19.24
CA VAL A 1523 -31.27 3.64 18.23
C VAL A 1523 -30.82 4.10 16.86
N LEU A 1524 -30.34 5.34 16.76
CA LEU A 1524 -29.86 5.83 15.48
C LEU A 1524 -28.65 5.04 15.01
N VAL A 1525 -27.68 4.80 15.89
CA VAL A 1525 -26.51 4.03 15.49
C VAL A 1525 -26.94 2.69 14.93
N ASP A 1526 -27.91 2.06 15.58
CA ASP A 1526 -28.44 0.82 15.04
C ASP A 1526 -29.01 1.06 13.65
N SER A 1527 -29.76 2.15 13.49
CA SER A 1527 -30.28 2.50 12.18
C SER A 1527 -29.16 2.58 11.16
N LEU A 1528 -27.98 3.00 11.61
CA LEU A 1528 -26.85 3.05 10.70
C LEU A 1528 -26.43 1.66 10.26
N ALA A 1529 -26.30 0.74 11.22
CA ALA A 1529 -26.02 -0.64 10.83
C ALA A 1529 -27.05 -1.16 9.84
N GLU A 1530 -28.31 -0.79 10.06
CA GLU A 1530 -29.38 -1.28 9.19
C GLU A 1530 -29.26 -0.69 7.79
N ASP A 1531 -29.12 0.62 7.69
CA ASP A 1531 -28.89 1.25 6.39
C ASP A 1531 -27.69 0.64 5.71
N ASP A 1532 -26.71 0.16 6.48
CA ASP A 1532 -25.60 -0.56 5.88
C ASP A 1532 -26.09 -1.85 5.25
N VAL A 1533 -27.01 -2.54 5.91
CA VAL A 1533 -27.64 -3.68 5.27
C VAL A 1533 -28.32 -3.25 3.97
N VAL A 1534 -28.90 -2.06 3.96
CA VAL A 1534 -29.68 -1.61 2.80
C VAL A 1534 -28.77 -1.34 1.61
N LEU A 1535 -27.66 -0.66 1.85
CA LEU A 1535 -26.70 -0.45 0.77
C LEU A 1535 -26.08 -1.76 0.33
N ARG A 1536 -25.80 -2.67 1.27
CA ARG A 1536 -25.35 -4.00 0.91
C ARG A 1536 -26.33 -4.65 -0.06
N ASN A 1537 -27.61 -4.42 0.17
CA ASN A 1537 -28.63 -4.87 -0.77
C ASN A 1537 -28.41 -4.22 -2.13
N LEU A 1538 -28.47 -2.89 -2.17
CA LEU A 1538 -28.41 -2.19 -3.45
C LEU A 1538 -27.12 -2.49 -4.19
N LEU A 1539 -26.16 -3.13 -3.50
CA LEU A 1539 -24.97 -3.61 -4.17
C LEU A 1539 -25.31 -4.49 -5.35
N THR A 1540 -26.35 -5.30 -5.22
CA THR A 1540 -26.78 -6.14 -6.31
C THR A 1540 -27.30 -5.29 -7.47
N PRO A 1541 -27.43 -5.88 -8.67
CA PRO A 1541 -27.77 -5.06 -9.83
C PRO A 1541 -29.23 -4.64 -9.90
N GLN A 1542 -30.06 -5.07 -8.95
CA GLN A 1542 -31.45 -4.65 -8.94
C GLN A 1542 -31.87 -4.22 -7.55
N PRO A 1543 -31.95 -2.93 -7.28
CA PRO A 1543 -32.32 -2.46 -5.96
C PRO A 1543 -33.80 -2.65 -5.71
N PRO A 1544 -34.17 -3.34 -4.64
CA PRO A 1544 -35.60 -3.47 -4.32
C PRO A 1544 -36.25 -2.15 -4.01
N LEU A 1545 -35.73 -1.40 -3.05
CA LEU A 1545 -36.36 -0.17 -2.58
C LEU A 1545 -35.39 0.99 -2.73
N LEU A 1546 -35.68 1.87 -3.66
CA LEU A 1546 -34.97 3.14 -3.74
C LEU A 1546 -35.19 3.96 -2.48
N LYS A 1547 -36.28 3.72 -1.77
CA LYS A 1547 -36.59 4.48 -0.56
C LYS A 1547 -35.46 4.40 0.44
N ALA A 1548 -34.84 3.22 0.57
CA ALA A 1548 -33.75 3.00 1.50
C ALA A 1548 -32.76 4.15 1.39
N LEU A 1549 -32.53 4.61 0.17
CA LEU A 1549 -31.73 5.81 -0.01
C LEU A 1549 -32.33 6.95 0.79
N TYR A 1550 -33.52 7.42 0.40
CA TYR A 1550 -34.10 8.60 1.03
C TYR A 1550 -34.11 8.48 2.55
N ILE A 1551 -34.25 7.26 3.06
CA ILE A 1551 -34.12 7.07 4.50
C ILE A 1551 -32.71 7.44 4.94
N TYR A 1552 -31.72 6.69 4.45
CA TYR A 1552 -30.34 6.93 4.86
C TYR A 1552 -30.00 8.41 4.76
N GLU A 1553 -30.57 9.07 3.76
CA GLU A 1553 -30.42 10.51 3.64
C GLU A 1553 -30.99 11.21 4.87
N SER A 1554 -32.31 11.18 5.04
CA SER A 1554 -32.91 11.98 6.09
C SER A 1554 -32.24 11.71 7.43
N LYS A 1555 -31.82 10.46 7.64
CA LYS A 1555 -31.06 10.13 8.84
C LYS A 1555 -29.75 10.91 8.92
N MET A 1556 -28.86 10.71 7.95
CA MET A 1556 -27.59 11.41 7.98
C MET A 1556 -27.80 12.91 8.01
N ALA A 1557 -28.92 13.39 7.48
CA ALA A 1557 -29.23 14.80 7.55
C ALA A 1557 -29.42 15.25 8.97
N PHE A 1558 -30.42 14.68 9.65
CA PHE A 1558 -30.62 15.01 11.05
C PHE A 1558 -29.31 14.88 11.81
N LEU A 1559 -28.47 13.93 11.41
CA LEU A 1559 -27.14 13.87 12.00
C LEU A 1559 -26.38 15.17 11.79
N THR A 1560 -26.14 15.52 10.53
CA THR A 1560 -25.31 16.68 10.25
C THR A 1560 -25.86 17.93 10.92
N ARG A 1561 -27.18 18.07 10.97
CA ARG A 1561 -27.75 19.27 11.57
C ARG A 1561 -27.52 19.29 13.07
N VAL A 1562 -26.85 18.27 13.60
CA VAL A 1562 -26.58 18.21 15.02
C VAL A 1562 -25.09 18.35 15.27
N SER A 1565 -23.40 22.13 15.79
CA SER A 1565 -23.08 22.79 17.05
C SER A 1565 -22.19 21.90 17.92
N SER A 1566 -21.90 22.34 19.14
CA SER A 1566 -20.82 21.70 19.90
C SER A 1566 -21.30 20.60 20.82
N GLN A 1567 -22.14 20.94 21.80
CA GLN A 1567 -22.49 19.97 22.83
C GLN A 1567 -22.96 18.67 22.21
N GLY A 1568 -23.80 18.79 21.19
CA GLY A 1568 -24.11 17.64 20.38
C GLY A 1568 -22.87 16.92 19.94
N ALA A 1569 -22.00 17.61 19.20
CA ALA A 1569 -20.85 16.93 18.58
C ALA A 1569 -20.04 16.17 19.61
N ILE A 1570 -19.86 16.75 20.79
CA ILE A 1570 -19.29 16.01 21.89
C ILE A 1570 -20.03 14.69 22.06
N GLU A 1571 -21.33 14.77 22.26
CA GLU A 1571 -22.09 13.55 22.54
C GLU A 1571 -21.99 12.57 21.38
N LEU A 1572 -22.00 13.08 20.16
CA LEU A 1572 -22.06 12.21 19.00
C LEU A 1572 -20.76 11.46 18.82
N LEU A 1573 -19.64 12.18 18.81
CA LEU A 1573 -18.37 11.49 18.77
C LEU A 1573 -18.26 10.54 19.94
N ARG A 1574 -18.84 10.92 21.07
CA ARG A 1574 -18.90 10.04 22.22
C ARG A 1574 -19.72 8.80 21.92
N SER A 1575 -20.63 8.89 20.98
CA SER A 1575 -21.36 7.69 20.59
C SER A 1575 -20.55 6.79 19.66
N GLY A 1576 -19.34 7.19 19.30
CA GLY A 1576 -18.56 6.39 18.37
C GLY A 1576 -19.21 6.23 17.02
N VAL A 1577 -20.03 7.20 16.61
CA VAL A 1577 -20.67 7.14 15.31
C VAL A 1577 -19.64 6.82 14.26
N ILE A 1578 -18.56 7.58 14.24
CA ILE A 1578 -17.47 7.28 13.35
C ILE A 1578 -17.08 5.82 13.49
N VAL A 1579 -16.87 5.36 14.72
CA VAL A 1579 -16.40 4.00 14.91
C VAL A 1579 -17.32 3.02 14.22
N ARG A 1580 -18.62 3.23 14.36
CA ARG A 1580 -19.54 2.37 13.63
C ARG A 1580 -19.28 2.46 12.14
N LEU A 1581 -19.17 3.68 11.62
CA LEU A 1581 -18.90 3.85 10.21
C LEU A 1581 -17.65 3.08 9.79
N ALA A 1582 -16.66 3.04 10.67
CA ALA A 1582 -15.43 2.32 10.39
C ALA A 1582 -15.69 0.85 10.18
N GLN A 1583 -16.65 0.28 10.90
CA GLN A 1583 -16.95 -1.12 10.71
C GLN A 1583 -17.60 -1.39 9.36
N CYS A 1584 -18.20 -0.38 8.74
CA CYS A 1584 -18.97 -0.57 7.53
C CYS A 1584 -18.08 -1.10 6.41
N GLN A 1585 -18.55 -2.13 5.72
CA GLN A 1585 -17.83 -2.70 4.58
C GLN A 1585 -18.40 -2.25 3.26
N VAL A 1586 -19.63 -1.71 3.25
CA VAL A 1586 -20.27 -1.33 2.00
C VAL A 1586 -19.47 -0.26 1.29
N TYR A 1587 -19.08 0.79 2.00
CA TYR A 1587 -18.35 1.88 1.37
C TYR A 1587 -17.14 1.39 0.59
N ASP A 1588 -16.60 0.24 0.95
CA ASP A 1588 -15.55 -0.37 0.16
C ASP A 1588 -16.04 -0.89 -1.17
N MET A 1589 -17.33 -0.86 -1.41
CA MET A 1589 -17.87 -1.31 -2.70
C MET A 1589 -18.02 -0.16 -3.68
N ARG A 1590 -16.97 0.58 -3.93
CA ARG A 1590 -17.04 1.61 -4.95
C ARG A 1590 -17.20 0.93 -6.30
N PRO A 1591 -18.24 1.25 -7.06
CA PRO A 1591 -18.43 0.56 -8.35
C PRO A 1591 -17.23 0.75 -9.25
N GLU A 1592 -16.73 -0.37 -9.78
CA GLU A 1592 -15.61 -0.33 -10.70
C GLU A 1592 -16.03 0.35 -12.00
N ALA A 1610 -27.33 6.04 -12.37
CA ALA A 1610 -26.21 5.30 -12.94
C ALA A 1610 -25.37 4.64 -11.85
N PRO A 1611 -24.85 3.45 -12.14
CA PRO A 1611 -24.01 2.75 -11.17
C PRO A 1611 -22.96 3.66 -10.57
N VAL A 1612 -22.20 4.35 -11.42
CA VAL A 1612 -21.22 5.30 -10.91
C VAL A 1612 -21.91 6.38 -10.10
N GLU A 1613 -23.01 6.93 -10.63
CA GLU A 1613 -23.74 7.95 -9.89
C GLU A 1613 -24.24 7.40 -8.57
N ARG A 1614 -24.63 6.13 -8.53
CA ARG A 1614 -25.04 5.56 -7.26
C ARG A 1614 -23.88 5.49 -6.29
N TYR A 1615 -22.85 4.70 -6.63
CA TYR A 1615 -21.73 4.51 -5.72
C TYR A 1615 -21.20 5.85 -5.23
N ARG A 1616 -21.27 6.87 -6.08
CA ARG A 1616 -21.02 8.20 -5.60
C ARG A 1616 -22.04 8.59 -4.55
N GLN A 1617 -23.31 8.66 -4.91
CA GLN A 1617 -24.34 9.12 -3.99
C GLN A 1617 -24.26 8.45 -2.64
N ILE A 1618 -23.64 7.27 -2.59
CA ILE A 1618 -23.37 6.61 -1.33
C ILE A 1618 -22.13 7.18 -0.67
N LEU A 1619 -20.97 7.05 -1.31
CA LEU A 1619 -19.73 7.48 -0.66
C LEU A 1619 -19.77 8.95 -0.29
N LEU A 1620 -20.49 9.76 -1.05
CA LEU A 1620 -20.44 11.21 -0.86
C LEU A 1620 -20.90 11.62 0.53
N PRO A 1621 -22.15 11.39 0.91
CA PRO A 1621 -22.56 11.82 2.25
C PRO A 1621 -21.69 11.22 3.35
N ALA A 1622 -21.16 10.03 3.14
CA ALA A 1622 -20.26 9.45 4.13
C ALA A 1622 -19.02 10.30 4.33
N LEU A 1623 -18.37 10.67 3.24
CA LEU A 1623 -17.18 11.51 3.36
C LEU A 1623 -17.52 12.87 3.94
N GLN A 1624 -18.65 13.46 3.52
CA GLN A 1624 -19.06 14.73 4.11
C GLN A 1624 -19.21 14.59 5.61
N ILE A 1625 -19.72 13.44 6.05
CA ILE A 1625 -19.85 13.19 7.48
C ILE A 1625 -18.48 13.19 8.15
N CYS A 1626 -17.59 12.33 7.67
CA CYS A 1626 -16.28 12.22 8.31
C CYS A 1626 -15.57 13.57 8.35
N GLN A 1627 -15.79 14.40 7.35
CA GLN A 1627 -15.12 15.70 7.33
C GLN A 1627 -15.76 16.64 8.34
N LEU A 1628 -17.08 16.68 8.41
CA LEU A 1628 -17.71 17.48 9.44
C LEU A 1628 -17.24 17.04 10.81
N ILE A 1629 -16.96 15.74 10.95
CA ILE A 1629 -16.43 15.24 12.21
C ILE A 1629 -15.08 15.87 12.49
N LEU A 1630 -14.11 15.63 11.61
CA LEU A 1630 -12.78 16.16 11.84
C LEU A 1630 -12.80 17.68 12.04
N THR A 1631 -13.83 18.34 11.53
CA THR A 1631 -13.95 19.77 11.75
C THR A 1631 -14.44 20.08 13.15
N SER A 1632 -15.66 19.66 13.48
CA SER A 1632 -16.27 20.10 14.72
C SER A 1632 -15.63 19.46 15.94
N SER A 1633 -14.88 18.37 15.78
CA SER A 1633 -14.22 17.69 16.90
C SER A 1633 -12.87 18.37 17.10
N THR A 1634 -12.68 19.01 18.26
CA THR A 1634 -11.55 19.91 18.38
C THR A 1634 -10.22 19.18 18.22
N ALA A 1635 -9.70 19.15 17.00
CA ALA A 1635 -8.30 19.15 16.57
C ALA A 1635 -7.33 18.43 17.50
N GLN A 1636 -7.85 17.74 18.49
CA GLN A 1636 -7.04 16.94 19.37
C GLN A 1636 -7.82 15.75 19.89
N HIS A 1637 -9.09 15.62 19.48
CA HIS A 1637 -9.83 14.41 19.74
C HIS A 1637 -9.21 13.41 18.77
N LEU A 1638 -7.98 13.02 19.11
CA LEU A 1638 -7.13 12.34 18.15
C LEU A 1638 -7.78 11.08 17.63
N GLN A 1639 -8.59 10.44 18.47
CA GLN A 1639 -9.34 9.27 18.00
C GLN A 1639 -10.12 9.59 16.74
N ALA A 1640 -10.63 10.82 16.61
CA ALA A 1640 -11.29 11.20 15.37
C ALA A 1640 -10.37 10.94 14.19
N ALA A 1641 -9.18 11.51 14.24
CA ALA A 1641 -8.22 11.25 13.19
C ALA A 1641 -7.99 9.77 13.03
N GLY A 1642 -7.42 9.13 14.06
CA GLY A 1642 -7.02 7.73 13.93
C GLY A 1642 -8.10 6.84 13.36
N GLN A 1643 -9.34 7.07 13.77
CA GLN A 1643 -10.44 6.31 13.19
C GLN A 1643 -10.63 6.65 11.73
N VAL A 1644 -10.58 7.93 11.36
CA VAL A 1644 -10.71 8.27 9.95
C VAL A 1644 -9.58 7.65 9.15
N LEU A 1645 -8.38 7.65 9.72
CA LEU A 1645 -7.25 7.02 9.07
C LEU A 1645 -7.50 5.54 8.92
N GLN A 1646 -8.13 4.92 9.91
CA GLN A 1646 -8.51 3.52 9.75
C GLN A 1646 -9.50 3.37 8.61
N PHE A 1647 -10.42 4.31 8.50
CA PHE A 1647 -11.37 4.29 7.41
C PHE A 1647 -10.63 4.29 6.08
N LEU A 1648 -9.67 5.18 5.94
CA LEU A 1648 -8.91 5.25 4.70
C LEU A 1648 -8.11 3.99 4.47
N VAL A 1649 -7.38 3.54 5.49
CA VAL A 1649 -6.54 2.36 5.38
C VAL A 1649 -7.35 1.17 4.95
N ALA A 1650 -8.59 1.07 5.46
CA ALA A 1650 -9.46 0.01 5.01
C ALA A 1650 -9.65 0.07 3.51
N HIS A 1651 -9.82 1.26 2.95
CA HIS A 1651 -10.07 1.45 1.54
C HIS A 1651 -8.79 1.85 0.82
N SER A 1652 -7.68 1.26 1.25
CA SER A 1652 -6.39 1.61 0.65
C SER A 1652 -6.48 1.55 -0.85
N ASP A 1653 -6.88 0.40 -1.40
CA ASP A 1653 -7.00 0.28 -2.84
C ASP A 1653 -7.97 1.31 -3.38
N THR A 1654 -9.13 1.44 -2.73
CA THR A 1654 -10.17 2.29 -3.25
C THR A 1654 -9.74 3.75 -3.31
N ILE A 1655 -9.37 4.33 -2.17
CA ILE A 1655 -8.98 5.73 -2.17
C ILE A 1655 -7.72 5.93 -3.00
N GLN A 1656 -6.84 4.92 -3.05
CA GLN A 1656 -5.67 5.00 -3.91
C GLN A 1656 -6.08 5.19 -5.35
N ALA A 1657 -7.03 4.39 -5.82
CA ALA A 1657 -7.53 4.60 -7.16
C ALA A 1657 -8.17 5.97 -7.30
N ILE A 1658 -9.07 6.31 -6.38
CA ILE A 1658 -9.74 7.61 -6.45
C ILE A 1658 -8.72 8.73 -6.56
N LEU A 1659 -7.52 8.49 -6.08
CA LEU A 1659 -6.42 9.40 -6.30
C LEU A 1659 -5.83 9.24 -7.69
N ARG A 1660 -5.76 8.02 -8.20
CA ARG A 1660 -5.23 7.79 -9.54
C ARG A 1660 -6.20 8.21 -10.63
N SER A 1661 -7.27 8.91 -10.28
CA SER A 1661 -8.33 9.24 -11.23
C SER A 1661 -7.89 10.31 -12.22
N GLN A 1662 -7.96 9.98 -13.51
CA GLN A 1662 -7.62 10.92 -14.56
C GLN A 1662 -8.85 11.49 -15.27
N GLU A 1663 -10.01 10.87 -15.13
CA GLU A 1663 -11.21 11.34 -15.80
C GLU A 1663 -11.67 12.63 -15.13
N GLY A 1664 -11.79 13.68 -15.93
CA GLY A 1664 -12.11 14.98 -15.37
C GLY A 1664 -13.59 15.21 -15.16
N SER A 1665 -14.31 14.16 -14.77
CA SER A 1665 -15.72 14.30 -14.48
C SER A 1665 -15.92 15.04 -13.18
N LEU A 1666 -16.88 15.97 -13.17
CA LEU A 1666 -17.21 16.74 -11.97
C LEU A 1666 -17.36 15.84 -10.76
N GLY A 1667 -17.90 14.64 -10.97
CA GLY A 1667 -18.04 13.71 -9.87
C GLY A 1667 -16.71 13.29 -9.29
N SER A 1668 -15.91 12.54 -10.06
CA SER A 1668 -14.58 12.16 -9.61
C SER A 1668 -13.80 13.36 -9.12
N LEU A 1669 -14.09 14.53 -9.69
CA LEU A 1669 -13.54 15.76 -9.15
C LEU A 1669 -13.90 15.93 -7.68
N GLN A 1670 -15.19 16.01 -7.36
CA GLN A 1670 -15.61 16.23 -5.98
C GLN A 1670 -15.13 15.10 -5.07
N GLU A 1671 -14.99 13.91 -5.62
CA GLU A 1671 -14.53 12.78 -4.81
C GLU A 1671 -13.08 12.95 -4.40
N LEU A 1672 -12.21 13.20 -5.39
CA LEU A 1672 -10.83 13.52 -5.05
C LEU A 1672 -10.79 14.73 -4.14
N ALA A 1673 -11.74 15.65 -4.29
CA ALA A 1673 -11.77 16.85 -3.47
C ALA A 1673 -11.92 16.49 -1.99
N LEU A 1674 -13.01 15.83 -1.64
CA LEU A 1674 -13.23 15.51 -0.24
C LEU A 1674 -12.17 14.56 0.27
N LEU A 1675 -11.74 13.61 -0.56
CA LEU A 1675 -10.72 12.66 -0.11
C LEU A 1675 -9.44 13.39 0.25
N THR A 1676 -9.02 14.31 -0.61
CA THR A 1676 -7.84 15.09 -0.30
C THR A 1676 -8.05 15.97 0.91
N GLY A 1677 -9.25 16.56 1.07
CA GLY A 1677 -9.48 17.40 2.24
C GLY A 1677 -9.32 16.62 3.53
N ILE A 1678 -9.88 15.43 3.58
CA ILE A 1678 -9.68 14.57 4.74
C ILE A 1678 -8.21 14.26 4.92
N ILE A 1679 -7.59 13.62 3.92
CA ILE A 1679 -6.19 13.25 4.04
C ILE A 1679 -5.35 14.44 4.44
N SER A 1680 -5.77 15.63 4.04
CA SER A 1680 -5.10 16.84 4.48
C SER A 1680 -5.21 17.00 5.97
N LYS A 1681 -6.43 17.15 6.47
CA LYS A 1681 -6.58 17.39 7.90
C LYS A 1681 -6.04 16.26 8.74
N ALA A 1682 -5.76 15.10 8.14
CA ALA A 1682 -5.50 13.91 8.93
C ALA A 1682 -4.05 13.43 8.90
N ALA A 1683 -3.38 13.45 7.76
CA ALA A 1683 -2.17 12.64 7.61
C ALA A 1683 -0.97 13.32 8.24
N LEU A 1684 -1.22 14.21 9.19
CA LEU A 1684 -0.19 14.82 10.01
C LEU A 1684 0.55 13.74 10.79
N PRO A 1685 1.87 13.78 10.81
CA PRO A 1685 2.64 12.74 11.50
C PRO A 1685 2.30 12.58 12.98
N GLY A 1686 1.80 13.65 13.62
CA GLY A 1686 1.62 13.66 15.06
C GLY A 1686 0.78 12.52 15.61
N VAL A 1687 0.07 11.81 14.73
CA VAL A 1687 -0.75 10.70 15.20
C VAL A 1687 0.01 9.38 15.18
N LEU A 1688 0.55 8.99 14.03
CA LEU A 1688 1.09 7.64 13.84
C LEU A 1688 2.09 7.25 14.91
N ASN A 1689 2.60 8.20 15.68
CA ASN A 1689 3.43 7.84 16.82
C ASN A 1689 2.60 7.53 18.05
N GLU A 1690 1.38 8.07 18.14
CA GLU A 1690 0.50 7.72 19.24
C GLU A 1690 -0.34 6.50 18.95
N LEU A 1691 -0.14 5.86 17.79
CA LEU A 1691 -0.86 4.64 17.46
C LEU A 1691 -0.01 3.38 17.63
N ASP A 1692 1.29 3.52 17.87
CA ASP A 1692 2.14 2.36 18.13
C ASP A 1692 1.93 1.79 19.50
N ILE A 1693 0.99 2.33 20.28
CA ILE A 1693 0.67 1.81 21.60
C ILE A 1693 -0.21 0.57 21.49
N ASP A 1697 3.17 -2.54 16.42
CA ASP A 1697 4.15 -1.75 15.70
C ASP A 1697 3.89 -1.87 14.22
N GLY A 1698 3.68 -3.11 13.77
CA GLY A 1698 3.40 -3.37 12.37
C GLY A 1698 2.25 -2.53 11.90
N SER A 1699 1.29 -2.32 12.80
CA SER A 1699 0.22 -1.39 12.51
C SER A 1699 0.69 0.06 12.47
N MET A 1700 1.62 0.44 13.36
CA MET A 1700 2.15 1.79 13.29
C MET A 1700 2.87 2.01 11.98
N MET A 1701 3.66 1.02 11.55
CA MET A 1701 4.40 1.16 10.30
C MET A 1701 3.44 1.22 9.11
N GLU A 1702 2.50 0.30 9.04
CA GLU A 1702 1.54 0.31 7.93
C GLU A 1702 0.73 1.60 7.92
N LEU A 1703 0.34 2.09 9.10
CA LEU A 1703 -0.48 3.28 9.17
C LEU A 1703 0.28 4.51 8.72
N GLN A 1704 1.48 4.70 9.24
CA GLN A 1704 2.28 5.83 8.79
C GLN A 1704 2.61 5.70 7.31
N GLY A 1705 2.75 4.48 6.81
CA GLY A 1705 2.98 4.31 5.38
C GLY A 1705 1.80 4.81 4.57
N HIS A 1706 0.60 4.46 5.01
CA HIS A 1706 -0.59 4.96 4.33
C HIS A 1706 -0.67 6.47 4.43
N ILE A 1707 -0.36 7.03 5.59
CA ILE A 1707 -0.35 8.48 5.75
C ILE A 1707 0.64 9.11 4.77
N GLY A 1708 1.80 8.49 4.61
CA GLY A 1708 2.79 9.03 3.71
C GLY A 1708 2.32 8.98 2.27
N ARG A 1709 1.77 7.85 1.84
CA ARG A 1709 1.25 7.76 0.48
C ARG A 1709 0.15 8.78 0.27
N PHE A 1710 -0.64 9.04 1.31
CA PHE A 1710 -1.68 10.03 1.22
C PHE A 1710 -1.10 11.41 0.98
N GLN A 1711 -0.14 11.82 1.79
CA GLN A 1711 0.47 13.13 1.59
C GLN A 1711 1.17 13.20 0.24
N ARG A 1712 1.69 12.06 -0.23
CA ARG A 1712 2.33 12.02 -1.54
C ARG A 1712 1.36 12.36 -2.64
N GLN A 1713 0.22 11.68 -2.66
CA GLN A 1713 -0.77 12.01 -3.67
C GLN A 1713 -1.35 13.39 -3.47
N CYS A 1714 -1.50 13.82 -2.21
CA CYS A 1714 -2.05 15.13 -1.94
C CYS A 1714 -1.15 16.21 -2.49
N LEU A 1715 0.16 15.98 -2.43
CA LEU A 1715 1.06 16.84 -3.17
C LEU A 1715 0.84 16.72 -4.67
N ALA A 1716 1.02 15.52 -5.21
CA ALA A 1716 1.06 15.34 -6.66
C ALA A 1716 -0.20 15.85 -7.35
N LEU A 1717 -1.29 16.04 -6.62
CA LEU A 1717 -2.48 16.60 -7.23
C LEU A 1717 -2.29 18.06 -7.63
N LEU A 1718 -1.39 18.76 -6.95
CA LEU A 1718 -1.12 20.13 -7.34
C LEU A 1718 -0.59 20.21 -8.76
N ASN A 1719 0.26 19.27 -9.16
CA ASN A 1719 0.80 19.31 -10.51
C ASN A 1719 -0.29 19.07 -11.55
N ARG A 1720 -1.37 18.42 -11.15
CA ARG A 1720 -2.46 18.21 -12.08
C ARG A 1720 -3.36 19.42 -12.15
N PHE A 1721 -3.96 19.79 -11.03
CA PHE A 1721 -5.00 20.82 -11.06
C PHE A 1721 -4.46 22.24 -11.10
N GLY A 1722 -3.19 22.45 -10.78
CA GLY A 1722 -2.63 23.77 -10.61
C GLY A 1722 -1.49 24.14 -11.52
N GLY A 1723 -1.29 23.43 -12.63
CA GLY A 1723 -0.30 23.78 -13.62
C GLY A 1723 -0.96 24.16 -14.94
N SER A 1724 -0.09 24.44 -15.92
CA SER A 1724 -0.55 24.80 -17.26
C SER A 1724 -1.46 23.71 -17.82
N ASP A 1725 -1.36 22.50 -17.28
CA ASP A 1725 -2.22 21.39 -17.65
C ASP A 1725 -3.69 21.68 -17.41
N ARG A 1726 -4.02 22.60 -16.49
CA ARG A 1726 -5.40 22.98 -16.30
C ARG A 1726 -5.98 23.55 -17.59
N LEU A 1727 -5.14 24.24 -18.37
CA LEU A 1727 -5.58 24.74 -19.67
C LEU A 1727 -6.04 23.62 -20.59
N ARG A 1728 -5.50 22.42 -20.40
CA ARG A 1728 -5.99 21.26 -21.13
C ARG A 1728 -7.36 20.81 -20.64
N GLN A 1729 -7.58 20.82 -19.32
CA GLN A 1729 -8.79 20.21 -18.76
C GLN A 1729 -10.03 21.02 -19.11
N LEU A 1730 -9.97 22.34 -19.01
CA LEU A 1730 -11.06 23.18 -19.48
C LEU A 1730 -11.17 23.17 -20.99
N SER A 1731 -10.17 22.62 -21.68
CA SER A 1731 -10.17 22.63 -23.14
C SER A 1731 -10.83 21.40 -23.73
N LEU A 1732 -10.38 20.19 -23.38
CA LEU A 1732 -10.89 18.97 -23.99
C LEU A 1732 -12.40 18.79 -23.80
N GLN A 1733 -12.99 19.45 -22.81
CA GLN A 1733 -14.41 19.33 -22.53
C GLN A 1733 -15.25 20.40 -23.23
N ASP A 1734 -14.63 21.27 -24.03
CA ASP A 1734 -15.37 22.25 -24.81
C ASP A 1734 -15.62 21.79 -26.24
N ASP A 1735 -15.17 20.61 -26.61
CA ASP A 1735 -15.34 20.09 -27.96
C ASP A 1735 -16.73 19.49 -28.16
N GLY A 1741 -24.94 28.06 -17.86
CA GLY A 1741 -23.65 27.54 -17.47
C GLY A 1741 -22.80 28.57 -16.74
N VAL A 1742 -23.46 29.50 -16.06
CA VAL A 1742 -22.75 30.55 -15.34
C VAL A 1742 -22.52 30.21 -13.88
N SER A 1743 -23.49 29.63 -13.20
CA SER A 1743 -23.27 29.25 -11.81
C SER A 1743 -22.30 28.10 -11.68
N LYS A 1744 -22.58 26.98 -12.33
CA LYS A 1744 -21.67 25.84 -12.34
C LYS A 1744 -20.23 26.26 -12.59
N LYS A 1745 -20.02 27.36 -13.31
CA LYS A 1745 -18.68 27.85 -13.52
C LYS A 1745 -18.08 28.41 -12.23
N ASP A 1746 -18.74 29.40 -11.62
CA ASP A 1746 -18.23 29.95 -10.37
C ASP A 1746 -18.11 28.87 -9.31
N ASP A 1747 -19.02 27.90 -9.34
CA ASP A 1747 -18.94 26.74 -8.48
C ASP A 1747 -17.64 25.99 -8.72
N MET A 1748 -17.39 25.55 -9.95
CA MET A 1748 -16.19 24.78 -10.24
C MET A 1748 -14.93 25.61 -9.99
N GLU A 1749 -15.07 26.93 -10.00
CA GLU A 1749 -13.92 27.78 -9.75
C GLU A 1749 -13.60 27.84 -8.27
N LEU A 1750 -14.62 28.11 -7.45
CA LEU A 1750 -14.51 27.84 -6.03
C LEU A 1750 -13.91 26.47 -5.80
N ALA A 1751 -14.29 25.49 -6.62
CA ALA A 1751 -13.87 24.12 -6.42
C ALA A 1751 -12.36 23.95 -6.64
N MET A 1752 -11.88 24.34 -7.82
CA MET A 1752 -10.45 24.22 -8.09
C MET A 1752 -9.65 25.04 -7.09
N GLN A 1753 -10.14 26.23 -6.73
CA GLN A 1753 -9.44 27.07 -5.77
C GLN A 1753 -9.35 26.37 -4.41
N GLN A 1754 -10.45 25.79 -3.96
CA GLN A 1754 -10.43 25.07 -2.69
C GLN A 1754 -9.53 23.84 -2.79
N ILE A 1755 -9.49 23.19 -3.96
CA ILE A 1755 -8.67 21.99 -4.10
C ILE A 1755 -7.20 22.33 -3.93
N CYS A 1756 -6.75 23.35 -4.64
CA CYS A 1756 -5.44 23.89 -4.36
C CYS A 1756 -5.30 24.18 -2.86
N SER A 1757 -6.11 25.10 -2.34
CA SER A 1757 -6.02 25.51 -0.93
C SER A 1757 -5.82 24.32 -0.01
N ASN A 1758 -6.50 23.22 -0.31
CA ASN A 1758 -6.41 22.05 0.55
C ASN A 1758 -5.04 21.40 0.43
N VAL A 1759 -4.61 21.09 -0.79
CA VAL A 1759 -3.28 20.49 -0.92
C VAL A 1759 -2.24 21.41 -0.30
N MET A 1760 -2.50 22.72 -0.37
CA MET A 1760 -1.54 23.72 0.07
C MET A 1760 -1.44 23.76 1.59
N GLU A 1761 -2.56 23.82 2.29
CA GLU A 1761 -2.52 23.75 3.75
C GLU A 1761 -1.95 22.41 4.19
N TYR A 1762 -2.28 21.33 3.47
CA TYR A 1762 -1.71 20.03 3.78
C TYR A 1762 -0.19 20.10 3.82
N CYS A 1763 0.41 20.65 2.78
CA CYS A 1763 1.87 20.79 2.78
C CYS A 1763 2.33 21.80 3.82
N GLN A 1764 1.60 22.91 3.98
CA GLN A 1764 2.00 23.96 4.90
C GLN A 1764 2.19 23.41 6.30
N ALA A 1765 1.36 22.45 6.67
CA ALA A 1765 1.65 21.69 7.87
C ALA A 1765 2.80 20.72 7.63
N LEU A 1766 2.74 19.96 6.53
CA LEU A 1766 3.64 18.82 6.31
C LEU A 1766 5.11 19.19 6.51
N MET A 1767 5.54 20.37 6.05
CA MET A 1767 6.93 20.72 6.25
C MET A 1767 7.16 21.31 7.65
N ILE A 1768 6.08 21.59 8.38
CA ILE A 1768 6.23 22.19 9.70
C ILE A 1768 6.44 21.12 10.76
N SER A 1810 9.38 19.31 -6.69
CA SER A 1810 10.24 20.33 -7.27
C SER A 1810 9.69 21.72 -6.95
N LEU A 1811 10.51 22.56 -6.33
CA LEU A 1811 10.08 23.88 -5.89
C LEU A 1811 9.56 24.72 -7.05
N GLY A 1812 9.97 24.39 -8.27
CA GLY A 1812 9.38 25.02 -9.43
C GLY A 1812 7.88 24.89 -9.43
N VAL A 1813 7.35 23.81 -8.86
CA VAL A 1813 5.93 23.72 -8.65
C VAL A 1813 5.43 24.91 -7.87
N VAL A 1814 6.02 25.18 -6.71
CA VAL A 1814 5.53 26.25 -5.86
C VAL A 1814 5.66 27.60 -6.56
N ILE A 1815 6.74 27.78 -7.31
CA ILE A 1815 6.89 29.02 -8.04
C ILE A 1815 5.75 29.19 -9.04
N HIS A 1816 5.60 28.23 -9.96
CA HIS A 1816 4.52 28.28 -10.93
C HIS A 1816 3.18 28.44 -10.22
N LEU A 1817 3.09 27.91 -9.01
CA LEU A 1817 1.87 28.08 -8.23
C LEU A 1817 1.61 29.54 -7.97
N LEU A 1818 2.56 30.21 -7.34
CA LEU A 1818 2.41 31.64 -7.12
C LEU A 1818 2.08 32.34 -8.44
N LYS A 1819 2.73 31.92 -9.51
CA LYS A 1819 2.54 32.59 -10.80
C LYS A 1819 1.11 32.46 -11.28
N GLN A 1820 0.66 31.24 -11.55
CA GLN A 1820 -0.69 31.02 -12.02
C GLN A 1820 -1.70 31.60 -11.04
N SER A 1821 -1.35 31.57 -9.76
CA SER A 1821 -2.21 32.16 -8.75
C SER A 1821 -2.43 33.62 -9.04
N ALA A 1822 -1.37 34.41 -8.97
CA ALA A 1822 -1.47 35.82 -9.28
C ALA A 1822 -2.19 36.04 -10.59
N ASN A 1823 -2.00 35.16 -11.56
CA ASN A 1823 -2.73 35.28 -12.82
C ASN A 1823 -4.22 35.27 -12.57
N ASN A 1824 -4.71 34.19 -12.00
CA ASN A 1824 -6.14 34.12 -11.71
C ASN A 1824 -6.56 35.22 -10.75
N PHE A 1825 -5.61 35.79 -10.01
CA PHE A 1825 -5.95 36.80 -9.01
C PHE A 1825 -6.42 38.08 -9.67
N PHE A 1826 -5.66 38.58 -10.63
CA PHE A 1826 -6.16 39.69 -11.43
C PHE A 1826 -7.41 39.27 -12.19
N THR A 1827 -7.39 38.06 -12.76
CA THR A 1827 -8.58 37.58 -13.46
C THR A 1827 -9.81 37.72 -12.58
N TYR A 1828 -9.65 37.45 -11.30
CA TYR A 1828 -10.80 37.37 -10.42
C TYR A 1828 -11.15 38.73 -9.86
N TYR A 1829 -10.14 39.51 -9.46
CA TYR A 1829 -10.42 40.89 -9.09
C TYR A 1829 -11.23 41.56 -10.19
N ASP A 1830 -10.90 41.28 -11.45
CA ASP A 1830 -11.62 41.89 -12.55
C ASP A 1830 -13.02 41.31 -12.69
N ILE A 1831 -13.11 39.99 -12.84
CA ILE A 1831 -14.42 39.37 -13.01
C ILE A 1831 -15.34 39.77 -11.87
N HIS A 1832 -14.81 39.82 -10.65
CA HIS A 1832 -15.63 40.08 -9.49
C HIS A 1832 -16.06 41.54 -9.42
N ARG A 1833 -15.13 42.47 -9.69
CA ARG A 1833 -15.54 43.86 -9.70
C ARG A 1833 -16.55 44.12 -10.79
N GLN A 1834 -16.42 43.44 -11.92
CA GLN A 1834 -17.42 43.56 -12.98
C GLN A 1834 -18.76 43.04 -12.51
N SER A 1835 -18.75 41.90 -11.81
CA SER A 1835 -20.00 41.40 -11.25
C SER A 1835 -20.56 42.36 -10.21
N VAL A 1836 -19.70 43.06 -9.48
CA VAL A 1836 -20.16 44.06 -8.53
C VAL A 1836 -20.91 45.15 -9.26
N GLY A 1837 -20.31 45.65 -10.33
CA GLY A 1837 -21.03 46.59 -11.17
C GLY A 1837 -22.34 46.03 -11.66
N LYS A 1838 -22.32 44.78 -12.11
CA LYS A 1838 -23.53 44.15 -12.64
C LYS A 1838 -24.63 44.06 -11.59
N LEU A 1839 -24.24 43.79 -10.34
CA LEU A 1839 -25.24 43.64 -9.29
C LEU A 1839 -25.81 45.00 -8.88
N GLN A 1840 -24.94 45.98 -8.66
CA GLN A 1840 -25.44 47.32 -8.37
C GLN A 1840 -26.36 47.82 -9.48
N ASN A 1841 -26.30 47.21 -10.66
CA ASN A 1841 -27.09 47.63 -11.82
C ASN A 1841 -27.75 46.43 -12.49
N PRO A 1847 -34.64 40.14 -22.65
CA PRO A 1847 -35.08 38.83 -22.15
C PRO A 1847 -33.93 37.84 -22.05
N ASP A 1848 -33.00 37.89 -23.02
CA ASP A 1848 -31.87 36.98 -23.00
C ASP A 1848 -30.99 37.22 -21.77
N GLU A 1849 -30.77 38.49 -21.42
CA GLU A 1849 -30.00 38.79 -20.23
C GLU A 1849 -30.67 38.23 -18.97
N ILE A 1850 -32.00 38.34 -18.88
CA ILE A 1850 -32.69 37.79 -17.72
C ILE A 1850 -32.70 36.27 -17.77
N LYS A 1851 -32.81 35.70 -18.97
CA LYS A 1851 -32.77 34.26 -19.10
C LYS A 1851 -31.46 33.68 -18.59
N GLU A 1852 -30.33 34.26 -19.03
CA GLU A 1852 -29.05 33.81 -18.53
C GLU A 1852 -28.81 34.21 -17.09
N LEU A 1853 -29.49 35.28 -16.62
CA LEU A 1853 -29.43 35.65 -15.22
C LEU A 1853 -30.20 34.69 -14.34
N CYS A 1854 -31.06 33.86 -14.95
CA CYS A 1854 -31.72 32.77 -14.23
C CYS A 1854 -31.13 31.40 -14.54
N GLN A 1855 -30.58 31.20 -15.74
CA GLN A 1855 -30.13 29.88 -16.16
C GLN A 1855 -29.02 29.32 -15.29
N SER A 1856 -28.45 30.13 -14.40
CA SER A 1856 -27.43 29.66 -13.50
C SER A 1856 -27.99 29.12 -12.20
N GLU A 1857 -29.12 29.64 -11.75
CA GLU A 1857 -29.73 29.21 -10.50
C GLU A 1857 -30.96 28.35 -10.76
N THR A 1867 -40.43 38.45 -14.30
CA THR A 1867 -39.71 39.70 -14.04
C THR A 1867 -39.16 39.75 -12.62
N THR A 1868 -40.07 39.84 -11.64
CA THR A 1868 -39.67 39.99 -10.25
C THR A 1868 -38.84 38.81 -9.74
N GLN A 1869 -39.30 37.59 -9.99
CA GLN A 1869 -38.62 36.43 -9.42
C GLN A 1869 -37.37 36.05 -10.21
N LYS A 1870 -37.39 36.23 -11.53
CA LYS A 1870 -36.15 36.11 -12.27
C LYS A 1870 -35.15 37.16 -11.82
N TYR A 1871 -35.64 38.35 -11.46
CA TYR A 1871 -34.77 39.36 -10.86
C TYR A 1871 -34.20 38.88 -9.53
N GLY A 1872 -35.01 38.20 -8.72
CA GLY A 1872 -34.49 37.65 -7.49
C GLY A 1872 -33.44 36.58 -7.74
N LEU A 1873 -33.71 35.69 -8.69
CA LEU A 1873 -32.73 34.67 -9.05
C LEU A 1873 -31.44 35.30 -9.53
N ALA A 1874 -31.54 36.38 -10.29
CA ALA A 1874 -30.34 37.07 -10.75
C ALA A 1874 -29.58 37.68 -9.58
N ARG A 1875 -30.30 38.33 -8.68
CA ARG A 1875 -29.67 38.81 -7.45
C ARG A 1875 -28.93 37.68 -6.75
N ARG A 1876 -29.59 36.52 -6.66
CA ARG A 1876 -29.02 35.40 -5.93
C ARG A 1876 -27.73 34.93 -6.58
N ARG A 1877 -27.79 34.54 -7.84
CA ARG A 1877 -26.60 34.09 -8.54
C ARG A 1877 -25.54 35.16 -8.52
N LEU A 1878 -25.94 36.43 -8.52
CA LEU A 1878 -24.98 37.51 -8.50
C LEU A 1878 -24.17 37.47 -7.22
N VAL A 1879 -24.86 37.60 -6.08
CA VAL A 1879 -24.15 37.57 -4.80
C VAL A 1879 -23.37 36.27 -4.67
N LYS A 1880 -23.91 35.19 -5.24
CA LYS A 1880 -23.25 33.91 -5.12
C LYS A 1880 -21.90 33.93 -5.81
N LEU A 1881 -21.90 34.29 -7.08
CA LEU A 1881 -20.65 34.38 -7.81
C LEU A 1881 -19.73 35.39 -7.14
N ILE A 1882 -20.31 36.45 -6.58
CA ILE A 1882 -19.48 37.50 -5.99
C ILE A 1882 -18.73 36.96 -4.79
N ASN A 1883 -19.44 36.34 -3.87
CA ASN A 1883 -18.78 35.77 -2.70
C ASN A 1883 -17.82 34.67 -3.13
N SER A 1884 -18.21 33.84 -4.08
CA SER A 1884 -17.31 32.81 -4.56
C SER A 1884 -16.00 33.42 -5.04
N ARG A 1885 -16.11 34.51 -5.77
CA ARG A 1885 -14.92 35.19 -6.25
C ARG A 1885 -14.11 35.74 -5.08
N ALA A 1886 -14.77 36.37 -4.11
CA ALA A 1886 -14.03 36.96 -3.01
C ALA A 1886 -13.33 35.89 -2.18
N LYS A 1887 -13.95 34.72 -2.08
CA LYS A 1887 -13.31 33.60 -1.43
C LYS A 1887 -12.11 33.14 -2.23
N LEU A 1888 -12.27 33.02 -3.55
CA LEU A 1888 -11.13 32.73 -4.41
C LEU A 1888 -10.04 33.76 -4.22
N LEU A 1889 -10.42 35.00 -3.95
CA LEU A 1889 -9.45 36.08 -3.85
C LEU A 1889 -8.67 36.00 -2.55
N SER A 1890 -9.36 35.99 -1.43
CA SER A 1890 -8.70 35.76 -0.16
C SER A 1890 -7.91 34.45 -0.20
N LEU A 1891 -8.38 33.48 -0.99
CA LEU A 1891 -7.71 32.19 -1.07
C LEU A 1891 -6.38 32.32 -1.77
N CYS A 1892 -6.39 32.89 -2.96
CA CYS A 1892 -5.14 33.19 -3.64
C CYS A 1892 -4.24 34.05 -2.76
N SER A 1893 -4.82 34.97 -2.00
CA SER A 1893 -4.00 35.89 -1.21
C SER A 1893 -3.31 35.16 -0.08
N TYR A 1894 -4.06 34.40 0.70
CA TYR A 1894 -3.46 33.53 1.70
C TYR A 1894 -2.45 32.58 1.05
N ILE A 1895 -2.89 31.82 0.05
CA ILE A 1895 -2.01 30.90 -0.68
C ILE A 1895 -0.75 31.62 -1.13
N ILE A 1896 -0.86 32.91 -1.42
CA ILE A 1896 0.30 33.67 -1.85
C ILE A 1896 1.21 33.91 -0.67
N GLU A 1897 0.65 34.38 0.44
CA GLU A 1897 1.41 34.44 1.68
C GLU A 1897 2.08 33.11 1.96
N THR A 1898 1.42 32.01 1.57
CA THR A 1898 1.94 30.68 1.88
C THR A 1898 3.10 30.35 0.97
N CYS A 1899 2.85 30.24 -0.34
CA CYS A 1899 3.93 29.99 -1.29
C CYS A 1899 5.10 30.92 -1.02
N LEU A 1900 4.83 32.18 -0.71
CA LEU A 1900 5.90 33.11 -0.36
C LEU A 1900 6.66 32.64 0.88
N TYR A 1901 5.93 32.25 1.93
CA TYR A 1901 6.60 31.83 3.16
C TYR A 1901 7.38 30.55 2.94
N ILE A 1902 6.76 29.58 2.28
CA ILE A 1902 7.41 28.31 2.01
C ILE A 1902 8.65 28.52 1.17
N LEU A 1903 8.56 29.38 0.16
CA LEU A 1903 9.73 29.66 -0.65
C LEU A 1903 10.79 30.39 0.17
N TRP A 1904 10.37 31.35 0.99
CA TRP A 1904 11.32 32.07 1.83
C TRP A 1904 12.13 31.11 2.68
N ARG A 1905 11.43 30.25 3.41
CA ARG A 1905 12.13 29.30 4.27
C ARG A 1905 12.95 28.31 3.46
N HIS A 1906 12.38 27.81 2.36
CA HIS A 1906 13.08 26.81 1.56
C HIS A 1906 14.37 27.39 0.98
N LEU A 1907 14.30 28.62 0.48
CA LEU A 1907 15.49 29.25 -0.09
C LEU A 1907 16.50 29.56 1.01
N GLU A 1908 16.04 30.06 2.15
CA GLU A 1908 16.94 30.23 3.27
C GLU A 1908 17.73 28.95 3.50
N TYR A 1909 17.03 27.83 3.59
CA TYR A 1909 17.71 26.56 3.83
C TYR A 1909 18.63 26.21 2.67
N TYR A 1910 18.18 26.42 1.44
CA TYR A 1910 18.89 25.90 0.28
C TYR A 1910 20.15 26.69 -0.04
N LEU A 1911 20.10 28.01 0.07
CA LEU A 1911 21.25 28.83 -0.30
C LEU A 1911 21.93 29.49 0.90
N LEU A 1912 21.54 29.14 2.13
CA LEU A 1912 22.21 29.65 3.31
C LEU A 1912 22.87 28.57 4.13
N HIS A 1913 22.25 27.39 4.26
CA HIS A 1913 22.75 26.34 5.13
C HIS A 1913 22.92 24.99 4.43
N CYS A 1914 22.72 24.91 3.12
CA CYS A 1914 22.87 23.65 2.41
C CYS A 1914 24.28 23.53 1.87
N THR A 1915 25.02 22.53 2.36
CA THR A 1915 26.42 22.28 1.92
C THR A 1915 26.43 21.79 0.47
N THR A 1916 27.49 22.10 -0.28
CA THR A 1916 27.62 21.67 -1.70
C THR A 1916 28.88 20.82 -1.87
N GLN A 1957 26.31 23.33 -6.20
CA GLN A 1957 25.90 23.84 -7.51
C GLN A 1957 24.42 24.15 -7.51
N ASP A 1958 23.69 23.56 -6.57
CA ASP A 1958 22.25 23.80 -6.49
C ASP A 1958 21.95 25.22 -6.03
N VAL A 1959 22.76 25.76 -5.13
CA VAL A 1959 22.48 27.08 -4.59
C VAL A 1959 22.88 28.17 -5.58
N ASP A 1960 23.88 27.90 -6.43
CA ASP A 1960 24.26 28.88 -7.42
C ASP A 1960 23.21 29.00 -8.52
N THR A 1961 22.91 27.90 -9.19
CA THR A 1961 21.72 27.83 -10.04
C THR A 1961 20.51 28.38 -9.31
N LEU A 1962 20.45 28.19 -7.99
CA LEU A 1962 19.28 28.61 -7.24
C LEU A 1962 19.16 30.12 -7.20
N LEU A 1963 20.17 30.81 -6.67
CA LEU A 1963 20.12 32.27 -6.65
C LEU A 1963 19.95 32.83 -8.05
N ARG A 1964 20.54 32.16 -9.04
CA ARG A 1964 20.42 32.64 -10.41
C ARG A 1964 18.98 32.55 -10.88
N GLU A 1965 18.40 31.36 -10.88
CA GLU A 1965 17.02 31.19 -11.31
C GLU A 1965 16.06 31.97 -10.43
N GLY A 1966 16.47 32.29 -9.21
CA GLY A 1966 15.59 33.05 -8.34
C GLY A 1966 15.54 34.52 -8.72
N ALA A 1967 16.69 35.09 -9.06
CA ALA A 1967 16.65 36.42 -9.66
C ALA A 1967 16.05 36.36 -11.06
N ASN A 1968 15.99 35.17 -11.65
CA ASN A 1968 15.50 35.01 -13.02
C ASN A 1968 13.99 34.94 -13.12
N SER A 1969 13.34 34.21 -12.21
CA SER A 1969 11.91 33.99 -12.33
C SER A 1969 11.11 35.02 -11.54
N PHE A 1970 11.63 35.50 -10.42
CA PHE A 1970 10.97 36.53 -9.62
C PHE A 1970 11.21 37.90 -10.23
N GLY A 1971 10.91 38.01 -11.51
CA GLY A 1971 11.15 39.24 -12.21
C GLY A 1971 10.32 40.37 -11.66
N GLU A 1972 10.87 41.57 -11.82
CA GLU A 1972 10.13 42.79 -11.45
C GLU A 1972 8.76 42.82 -12.08
N SER A 1973 8.55 42.08 -13.16
CA SER A 1973 7.20 41.86 -13.64
C SER A 1973 6.34 41.23 -12.56
N LEU A 1974 6.82 40.14 -11.97
CA LEU A 1974 6.07 39.49 -10.90
C LEU A 1974 5.92 40.41 -9.70
N GLN A 1975 7.00 41.05 -9.29
CA GLN A 1975 6.94 41.93 -8.12
C GLN A 1975 5.96 43.07 -8.34
N LYS A 1976 6.00 43.68 -9.52
CA LYS A 1976 5.10 44.79 -9.82
C LYS A 1976 3.66 44.33 -9.89
N ARG A 1977 3.41 43.19 -10.54
CA ARG A 1977 2.05 42.66 -10.60
C ARG A 1977 1.52 42.42 -9.20
N LEU A 1978 2.33 41.84 -8.32
CA LEU A 1978 1.85 41.53 -6.98
C LEU A 1978 1.59 42.81 -6.18
N LEU A 1979 2.49 43.78 -6.28
CA LEU A 1979 2.28 45.02 -5.55
C LEU A 1979 1.09 45.78 -6.09
N ASP A 1980 0.87 45.75 -7.40
CA ASP A 1980 -0.31 46.36 -7.97
C ASP A 1980 -1.57 45.66 -7.49
N ILE A 1981 -1.51 44.33 -7.34
CA ILE A 1981 -2.67 43.61 -6.84
C ILE A 1981 -2.98 44.03 -5.41
N GLU A 1982 -1.98 43.98 -4.54
CA GLU A 1982 -2.18 44.42 -3.18
C GLU A 1982 -2.79 45.81 -3.13
N SER A 1983 -2.18 46.75 -3.86
CA SER A 1983 -2.76 48.10 -3.93
C SER A 1983 -4.16 48.08 -4.50
N LEU A 1984 -4.50 47.07 -5.30
CA LEU A 1984 -5.80 47.01 -5.94
C LEU A 1984 -6.89 46.63 -4.96
N TYR A 1985 -6.74 45.50 -4.29
CA TYR A 1985 -7.82 44.94 -3.49
C TYR A 1985 -7.49 44.89 -2.00
N CYS A 1986 -6.21 44.72 -1.64
CA CYS A 1986 -5.86 44.53 -0.23
C CYS A 1986 -6.26 45.71 0.64
N LYS A 1987 -6.18 46.93 0.12
CA LYS A 1987 -6.51 48.10 0.92
C LYS A 1987 -7.98 48.18 1.27
N VAL A 1988 -8.84 47.39 0.62
CA VAL A 1988 -10.24 47.33 1.00
C VAL A 1988 -10.52 46.26 2.04
N ARG A 1989 -9.57 45.38 2.32
CA ARG A 1989 -9.83 44.25 3.20
C ARG A 1989 -8.78 44.01 4.25
N SER A 1990 -7.55 44.49 4.11
CA SER A 1990 -6.47 44.13 5.03
C SER A 1990 -5.69 45.36 5.42
N ARG A 1991 -5.69 45.68 6.71
CA ARG A 1991 -5.00 46.85 7.23
C ARG A 1991 -3.49 46.71 7.13
N HIS A 1992 -3.00 45.57 6.64
CA HIS A 1992 -1.57 45.29 6.66
C HIS A 1992 -1.08 45.11 5.22
N SER A 1993 -0.06 45.86 4.85
CA SER A 1993 0.68 45.56 3.63
C SER A 1993 1.64 44.42 3.92
N PHE A 1994 1.10 43.27 4.34
CA PHE A 1994 1.93 42.09 4.55
C PHE A 1994 2.66 41.72 3.25
N ILE A 1995 1.96 41.80 2.12
CA ILE A 1995 2.54 41.40 0.85
C ILE A 1995 3.77 42.25 0.53
N GLN A 1996 3.70 43.56 0.79
CA GLN A 1996 4.84 44.42 0.48
C GLN A 1996 6.06 44.03 1.29
N ALA A 1997 5.88 43.82 2.59
CA ALA A 1997 7.01 43.41 3.42
C ALA A 1997 7.56 42.06 3.00
N LEU A 1998 6.67 41.13 2.65
CA LEU A 1998 7.13 39.81 2.23
C LEU A 1998 7.93 39.89 0.95
N VAL A 1999 7.47 40.66 -0.03
CA VAL A 1999 8.19 40.81 -1.29
C VAL A 1999 9.53 41.49 -1.04
N ARG A 2000 9.55 42.46 -0.12
CA ARG A 2000 10.80 43.12 0.20
C ARG A 2000 11.80 42.13 0.78
N ARG A 2001 11.36 41.29 1.72
CA ARG A 2001 12.26 40.31 2.30
C ARG A 2001 12.70 39.30 1.25
N ILE A 2002 11.83 38.99 0.30
CA ILE A 2002 12.19 38.05 -0.76
C ILE A 2002 13.29 38.63 -1.63
N ARG A 2003 13.08 39.83 -2.16
CA ARG A 2003 14.10 40.48 -2.96
C ARG A 2003 15.39 40.64 -2.17
N GLY A 2004 15.28 40.95 -0.88
CA GLY A 2004 16.45 41.05 -0.04
C GLY A 2004 17.21 39.75 0.07
N LEU A 2005 16.48 38.63 0.15
CA LEU A 2005 17.14 37.33 0.15
C LEU A 2005 17.65 36.95 -1.22
N LEU A 2006 17.20 37.66 -2.26
CA LEU A 2006 17.66 37.38 -3.61
C LEU A 2006 18.92 38.15 -3.98
N ARG A 2007 19.20 39.26 -3.30
CA ARG A 2007 20.34 40.10 -3.66
C ARG A 2007 21.51 39.92 -2.71
N THR B 11 -84.55 72.65 -9.70
CA THR B 11 -84.46 71.29 -9.17
C THR B 11 -84.70 71.27 -7.67
N SER B 12 -85.56 70.34 -7.23
CA SER B 12 -85.97 70.32 -5.83
C SER B 12 -84.81 70.03 -4.89
N ARG B 13 -83.82 69.25 -5.34
CA ARG B 13 -82.65 69.00 -4.50
C ARG B 13 -81.98 70.30 -4.09
N GLU B 14 -81.85 71.23 -5.04
CA GLU B 14 -81.22 72.51 -4.73
C GLU B 14 -82.05 73.30 -3.73
N LEU B 15 -83.38 73.32 -3.92
CA LEU B 15 -84.23 74.04 -2.98
C LEU B 15 -84.10 73.46 -1.57
N TRP B 16 -84.13 72.14 -1.46
CA TRP B 16 -83.97 71.51 -0.16
C TRP B 16 -82.64 71.87 0.47
N THR B 17 -81.54 71.68 -0.27
CA THR B 17 -80.23 72.02 0.26
C THR B 17 -80.14 73.49 0.66
N ILE B 18 -80.89 74.37 -0.02
CA ILE B 18 -80.90 75.78 0.34
C ILE B 18 -81.61 75.96 1.67
N LEU B 19 -82.81 75.39 1.82
CA LEU B 19 -83.49 75.48 3.10
C LEU B 19 -82.66 74.87 4.22
N LEU B 20 -81.86 73.85 3.90
CA LEU B 20 -80.98 73.25 4.90
C LEU B 20 -79.73 74.06 5.15
N GLY B 21 -79.57 75.19 4.49
CA GLY B 21 -78.44 76.06 4.77
C GLY B 21 -77.09 75.57 4.31
N ARG B 22 -77.05 74.48 3.54
CA ARG B 22 -75.79 74.01 2.99
C ARG B 22 -75.28 74.87 1.84
N SER B 23 -75.92 76.00 1.57
CA SER B 23 -75.57 76.87 0.46
C SER B 23 -75.00 78.20 0.97
N SER B 24 -74.15 78.80 0.14
CA SER B 24 -73.52 80.06 0.50
C SER B 24 -74.51 81.22 0.53
N MET B 25 -75.74 81.03 0.09
CA MET B 25 -76.76 82.06 0.22
C MET B 25 -77.26 82.06 1.66
N LYS B 26 -76.93 83.12 2.40
CA LYS B 26 -77.30 83.21 3.81
C LYS B 26 -78.28 84.33 4.11
N ASP B 27 -78.63 85.17 3.13
CA ASP B 27 -79.53 86.29 3.35
C ASP B 27 -80.98 85.79 3.36
N GLY B 28 -81.76 86.29 4.32
CA GLY B 28 -83.14 85.85 4.45
C GLY B 28 -84.00 86.19 3.25
N TYR B 29 -83.80 87.37 2.68
CA TYR B 29 -84.61 87.76 1.52
C TYR B 29 -84.41 86.79 0.36
N GLN B 30 -83.18 86.33 0.15
CA GLN B 30 -82.94 85.39 -0.95
C GLN B 30 -83.63 84.05 -0.69
N ILE B 31 -83.63 83.60 0.56
CA ILE B 31 -84.35 82.36 0.89
C ILE B 31 -85.83 82.54 0.64
N LYS B 32 -86.37 83.71 1.00
CA LYS B 32 -87.76 84.01 0.70
C LYS B 32 -88.02 83.98 -0.80
N ALA B 33 -87.09 84.51 -1.59
CA ALA B 33 -87.28 84.53 -3.03
C ALA B 33 -87.22 83.13 -3.64
N GLU B 34 -86.32 82.29 -3.12
CA GLU B 34 -86.24 80.91 -3.60
C GLU B 34 -87.51 80.14 -3.25
N LEU B 35 -88.01 80.34 -2.02
CA LEU B 35 -89.29 79.76 -1.65
C LEU B 35 -90.39 80.24 -2.59
N ASP B 36 -90.39 81.53 -2.93
CA ASP B 36 -91.39 82.06 -3.84
C ASP B 36 -91.29 81.40 -5.21
N ARG B 37 -90.07 81.19 -5.70
CA ARG B 37 -89.90 80.57 -7.01
C ARG B 37 -90.38 79.12 -7.01
N TYR B 38 -90.04 78.36 -5.97
CA TYR B 38 -90.47 76.97 -5.90
C TYR B 38 -91.84 76.80 -5.28
N GLY B 39 -92.56 77.91 -5.04
CA GLY B 39 -93.85 77.84 -4.36
C GLY B 39 -94.88 76.98 -5.08
N ASP B 40 -94.98 77.14 -6.41
CA ASP B 40 -96.01 76.40 -7.13
C ASP B 40 -95.77 74.90 -7.03
N ARG B 41 -94.51 74.47 -7.16
CA ARG B 41 -94.20 73.05 -7.06
C ARG B 41 -94.41 72.54 -5.64
N LEU B 42 -93.96 73.29 -4.64
CA LEU B 42 -94.19 72.90 -3.26
C LEU B 42 -95.68 72.77 -2.96
N LEU B 43 -96.49 73.67 -3.51
CA LEU B 43 -97.92 73.65 -3.24
C LEU B 43 -98.62 72.50 -3.95
N GLN B 44 -98.30 72.29 -5.23
CA GLN B 44 -98.94 71.20 -5.96
C GLN B 44 -98.43 69.84 -5.51
N GLY B 45 -97.29 69.77 -4.83
CA GLY B 45 -96.81 68.50 -4.31
C GLY B 45 -96.44 67.53 -5.41
N LEU B 46 -96.75 66.26 -5.19
CA LEU B 46 -96.39 65.22 -6.15
C LEU B 46 -97.13 65.38 -7.46
N ALA B 47 -98.21 66.16 -7.48
CA ALA B 47 -98.95 66.39 -8.71
C ALA B 47 -98.18 67.19 -9.74
N TYR B 48 -97.01 67.73 -9.38
CA TYR B 48 -96.27 68.58 -10.30
C TYR B 48 -95.87 67.82 -11.55
N TYR B 49 -95.37 66.59 -11.39
CA TYR B 49 -94.99 65.77 -12.53
C TYR B 49 -96.24 65.27 -13.21
N LYS B 50 -96.56 65.84 -14.35
CA LYS B 50 -97.80 65.47 -15.00
C LYS B 50 -97.61 64.18 -15.82
N PRO B 51 -98.66 63.37 -15.92
CA PRO B 51 -98.58 62.19 -16.78
C PRO B 51 -98.42 62.60 -18.23
N PRO B 52 -98.15 61.65 -19.12
CA PRO B 52 -97.99 62.00 -20.54
C PRO B 52 -99.24 62.68 -21.08
N SER B 53 -99.04 63.66 -21.94
CA SER B 53 -100.13 64.38 -22.58
C SER B 53 -99.71 64.71 -24.00
N THR B 54 -100.68 64.64 -24.92
CA THR B 54 -100.35 64.76 -26.34
C THR B 54 -99.71 66.11 -26.65
N ARG B 55 -100.21 67.19 -26.04
CA ARG B 55 -99.68 68.51 -26.36
C ARG B 55 -98.23 68.65 -25.94
N SER B 56 -97.88 68.18 -24.73
CA SER B 56 -96.50 68.26 -24.29
C SER B 56 -95.59 67.43 -25.17
N ALA B 57 -96.05 66.27 -25.63
CA ALA B 57 -95.26 65.45 -26.54
C ALA B 57 -95.04 66.17 -27.87
N ASP B 58 -96.10 66.76 -28.41
CA ASP B 58 -95.97 67.47 -29.68
C ASP B 58 -95.06 68.67 -29.55
N LYS B 59 -95.02 69.29 -28.37
CA LYS B 59 -94.07 70.37 -28.14
C LYS B 59 -92.65 69.83 -28.04
N VAL B 60 -92.46 68.73 -27.32
CA VAL B 60 -91.13 68.12 -27.19
C VAL B 60 -90.58 67.78 -28.56
N LYS B 61 -91.45 67.35 -29.48
CA LYS B 61 -91.03 67.18 -30.86
C LYS B 61 -90.79 68.53 -31.53
N ALA B 62 -91.68 69.50 -31.31
CA ALA B 62 -91.63 70.79 -31.97
C ALA B 62 -90.64 71.74 -31.32
N ASN B 63 -90.16 71.45 -30.12
CA ASN B 63 -89.16 72.31 -29.50
C ASN B 63 -87.86 72.14 -30.27
N LYS B 64 -87.64 73.01 -31.25
CA LYS B 64 -86.57 72.84 -32.22
C LYS B 64 -85.18 72.96 -31.61
N ASN B 65 -85.07 73.44 -30.37
CA ASN B 65 -83.76 73.57 -29.75
C ASN B 65 -83.13 72.23 -29.41
N LEU B 66 -83.85 71.12 -29.56
CA LEU B 66 -83.40 69.82 -29.10
C LEU B 66 -82.82 69.00 -30.24
N SER B 67 -81.73 68.30 -29.97
CA SER B 67 -81.22 67.33 -30.92
C SER B 67 -82.18 66.16 -31.03
N PRO B 68 -82.38 65.61 -32.23
CA PRO B 68 -83.32 64.49 -32.38
C PRO B 68 -83.01 63.32 -31.48
N ALA B 69 -81.74 62.96 -31.33
CA ALA B 69 -81.40 61.90 -30.38
C ALA B 69 -81.90 62.23 -28.99
N LEU B 70 -81.79 63.50 -28.59
CA LEU B 70 -82.24 63.89 -27.26
C LEU B 70 -83.76 63.82 -27.14
N GLN B 71 -84.48 64.29 -28.16
CA GLN B 71 -85.94 64.24 -28.12
C GLN B 71 -86.43 62.80 -28.08
N GLU B 72 -85.74 61.91 -28.80
CA GLU B 72 -86.13 60.51 -28.78
C GLU B 72 -85.85 59.88 -27.42
N LEU B 73 -84.67 60.15 -26.85
CA LEU B 73 -84.39 59.66 -25.51
C LEU B 73 -85.42 60.18 -24.51
N GLY B 74 -85.86 61.43 -24.72
CA GLY B 74 -86.86 62.00 -23.82
C GLY B 74 -88.22 61.36 -23.99
N LEU B 75 -88.62 61.06 -25.21
CA LEU B 75 -89.86 60.33 -25.42
C LEU B 75 -89.77 58.96 -24.79
N ARG B 76 -88.62 58.30 -24.90
CA ARG B 76 -88.43 57.01 -24.24
C ARG B 76 -88.56 57.15 -22.73
N LEU B 77 -88.01 58.23 -22.17
CA LEU B 77 -88.14 58.44 -20.73
C LEU B 77 -89.58 58.68 -20.32
N SER B 78 -90.29 59.53 -21.07
CA SER B 78 -91.69 59.81 -20.78
C SER B 78 -92.52 58.55 -20.83
N LYS B 79 -92.21 57.67 -21.78
CA LYS B 79 -92.90 56.38 -21.82
C LYS B 79 -92.47 55.48 -20.67
N PHE B 80 -91.23 55.66 -20.20
CA PHE B 80 -90.70 54.79 -19.16
C PHE B 80 -91.31 55.10 -17.80
N LEU B 81 -91.43 56.38 -17.45
CA LEU B 81 -91.91 56.78 -16.14
C LEU B 81 -93.33 57.33 -16.18
N ALA B 82 -94.00 57.28 -17.32
CA ALA B 82 -95.37 57.74 -17.47
C ALA B 82 -95.51 59.20 -17.05
N LEU B 83 -94.48 59.98 -17.32
CA LEU B 83 -94.47 61.40 -17.03
C LEU B 83 -94.54 62.19 -18.33
N ASP B 84 -95.02 63.42 -18.23
CA ASP B 84 -95.13 64.28 -19.41
C ASP B 84 -93.80 64.39 -20.12
N GLU B 85 -93.85 64.44 -21.46
CA GLU B 85 -92.63 64.47 -22.26
C GLU B 85 -91.84 65.75 -22.00
N GLU B 86 -92.53 66.88 -21.85
CA GLU B 86 -91.83 68.14 -21.61
C GLU B 86 -91.11 68.12 -20.27
N GLN B 87 -91.80 67.66 -19.22
CA GLN B 87 -91.13 67.52 -17.92
C GLN B 87 -90.00 66.51 -18.00
N SER B 88 -90.16 65.46 -18.82
CA SER B 88 -89.08 64.50 -19.00
C SER B 88 -87.86 65.17 -19.61
N VAL B 89 -88.06 65.99 -20.63
CA VAL B 89 -86.95 66.70 -21.27
C VAL B 89 -86.29 67.66 -20.28
N GLU B 90 -87.10 68.37 -19.51
CA GLU B 90 -86.55 69.30 -18.52
C GLU B 90 -85.69 68.56 -17.50
N LEU B 91 -86.22 67.47 -16.94
CA LEU B 91 -85.46 66.71 -15.95
C LEU B 91 -84.20 66.12 -16.56
N LEU B 92 -84.28 65.69 -17.83
CA LEU B 92 -83.11 65.14 -18.50
C LEU B 92 -82.03 66.18 -18.67
N GLN B 93 -82.40 67.37 -19.13
CA GLN B 93 -81.43 68.45 -19.25
C GLN B 93 -80.84 68.79 -17.89
N THR B 94 -81.67 68.79 -16.85
CA THR B 94 -81.18 69.09 -15.52
C THR B 94 -80.12 68.08 -15.09
N TYR B 95 -80.42 66.80 -15.27
CA TYR B 95 -79.46 65.77 -14.86
C TYR B 95 -78.18 65.85 -15.69
N LEU B 96 -78.31 65.95 -17.00
CA LEU B 96 -77.13 65.92 -17.86
C LEU B 96 -76.30 67.20 -17.74
N GLN B 97 -76.91 68.28 -17.24
CA GLN B 97 -76.17 69.53 -17.08
C GLN B 97 -75.73 69.75 -15.64
N TYR B 98 -76.25 68.96 -14.70
CA TYR B 98 -75.91 69.09 -13.29
C TYR B 98 -75.47 67.80 -12.64
N ASP B 99 -76.00 66.65 -13.08
CA ASP B 99 -75.71 65.37 -12.44
C ASP B 99 -74.88 64.42 -13.29
N TYR B 100 -74.89 64.55 -14.61
CA TYR B 100 -74.13 63.67 -15.47
C TYR B 100 -72.66 63.71 -15.06
N ARG B 101 -72.09 62.55 -14.79
CA ARG B 101 -70.70 62.47 -14.33
C ARG B 101 -69.74 62.33 -15.48
N GLY B 102 -70.12 62.86 -16.65
CA GLY B 102 -69.30 62.79 -17.83
C GLY B 102 -69.23 64.15 -18.50
N THR B 103 -68.27 64.25 -19.42
CA THR B 103 -68.01 65.49 -20.12
C THR B 103 -69.20 65.85 -21.01
N GLN B 104 -69.32 67.15 -21.31
CA GLN B 104 -70.31 67.60 -22.27
C GLN B 104 -70.09 67.00 -23.65
N GLU B 105 -68.94 66.33 -23.85
CA GLU B 105 -68.69 65.67 -25.13
C GLU B 105 -69.50 64.40 -25.28
N SER B 106 -69.41 63.49 -24.30
CA SER B 106 -70.02 62.18 -24.45
C SER B 106 -71.55 62.25 -24.53
N VAL B 107 -72.14 63.37 -24.10
CA VAL B 107 -73.59 63.52 -24.21
C VAL B 107 -74.02 63.59 -25.67
N LYS B 108 -73.08 63.85 -26.58
CA LYS B 108 -73.40 63.86 -28.00
C LYS B 108 -73.66 62.46 -28.52
N VAL B 109 -73.02 61.46 -27.93
CA VAL B 109 -73.12 60.09 -28.45
C VAL B 109 -74.02 59.21 -27.57
N LEU B 110 -74.09 59.49 -26.27
CA LEU B 110 -74.88 58.64 -25.38
C LEU B 110 -76.33 58.46 -25.82
N PRO B 111 -76.95 59.41 -26.53
CA PRO B 111 -78.28 59.14 -27.09
C PRO B 111 -78.23 58.32 -28.35
N GLN B 112 -77.06 58.13 -28.94
CA GLN B 112 -76.91 57.25 -30.09
C GLN B 112 -76.56 55.83 -29.70
N ASP B 113 -75.69 55.65 -28.71
CA ASP B 113 -75.34 54.33 -28.21
C ASP B 113 -76.52 53.80 -27.39
N GLU B 114 -77.12 52.70 -27.85
CA GLU B 114 -78.28 52.14 -27.17
C GLU B 114 -77.98 51.81 -25.72
N ARG B 115 -76.79 51.26 -25.45
CA ARG B 115 -76.46 50.89 -24.08
C ARG B 115 -76.35 52.12 -23.19
N GLN B 116 -75.63 53.14 -23.65
CA GLN B 116 -75.53 54.38 -22.88
C GLN B 116 -76.90 55.03 -22.74
N SER B 117 -77.73 54.95 -23.77
CA SER B 117 -79.08 55.52 -23.68
C SER B 117 -79.90 54.81 -22.61
N GLN B 118 -79.80 53.48 -22.54
CA GLN B 118 -80.54 52.74 -21.53
C GLN B 118 -80.05 53.06 -20.13
N ALA B 119 -78.73 53.15 -19.95
CA ALA B 119 -78.21 53.50 -18.63
C ALA B 119 -78.65 54.90 -18.22
N LEU B 120 -78.64 55.83 -19.17
CA LEU B 120 -79.12 57.17 -18.89
C LEU B 120 -80.59 57.16 -18.51
N MET B 121 -81.39 56.34 -19.20
CA MET B 121 -82.80 56.23 -18.85
C MET B 121 -82.98 55.73 -17.43
N LEU B 122 -82.21 54.72 -17.03
CA LEU B 122 -82.33 54.20 -15.67
C LEU B 122 -81.96 55.25 -14.63
N LYS B 123 -80.81 55.90 -14.83
CA LYS B 123 -80.43 56.97 -13.91
C LYS B 123 -81.46 58.09 -13.89
N MET B 124 -82.11 58.34 -15.03
CA MET B 124 -83.10 59.41 -15.08
C MET B 124 -84.35 59.06 -14.31
N ALA B 125 -84.77 57.79 -14.37
CA ALA B 125 -85.91 57.36 -13.54
C ALA B 125 -85.57 57.50 -12.07
N ASP B 126 -84.37 57.06 -11.68
CA ASP B 126 -83.92 57.28 -10.32
C ASP B 126 -83.95 58.75 -9.96
N TYR B 127 -83.55 59.61 -10.90
CA TYR B 127 -83.51 61.04 -10.64
C TYR B 127 -84.91 61.60 -10.42
N TYR B 128 -85.88 61.17 -11.23
CA TYR B 128 -87.24 61.66 -11.07
C TYR B 128 -87.81 61.25 -9.72
N TYR B 129 -87.66 59.98 -9.36
CA TYR B 129 -88.14 59.54 -8.06
C TYR B 129 -87.48 60.34 -6.94
N GLU B 130 -86.16 60.49 -7.01
CA GLU B 130 -85.44 61.22 -5.99
C GLU B 130 -85.90 62.67 -5.93
N GLU B 131 -86.25 63.24 -7.08
CA GLU B 131 -86.72 64.62 -7.09
C GLU B 131 -88.05 64.75 -6.37
N ARG B 132 -88.96 63.80 -6.59
CA ARG B 132 -90.21 63.80 -5.85
C ARG B 132 -89.94 63.71 -4.36
N ILE B 133 -89.03 62.80 -3.97
CA ILE B 133 -88.69 62.64 -2.57
C ILE B 133 -88.13 63.94 -2.00
N SER B 134 -87.30 64.63 -2.79
CA SER B 134 -86.69 65.87 -2.32
C SER B 134 -87.74 66.94 -2.08
N LEU B 135 -88.69 67.08 -3.01
CA LEU B 135 -89.78 68.02 -2.80
C LEU B 135 -90.54 67.70 -1.52
N LEU B 136 -90.79 66.41 -1.28
CA LEU B 136 -91.47 66.03 -0.05
C LEU B 136 -90.65 66.39 1.18
N ARG B 137 -89.34 66.16 1.12
CA ARG B 137 -88.48 66.47 2.26
C ARG B 137 -88.44 67.97 2.52
N CYS B 138 -88.48 68.76 1.46
CA CYS B 138 -88.50 70.21 1.60
C CYS B 138 -89.77 70.66 2.30
N VAL B 139 -90.92 70.14 1.85
CA VAL B 139 -92.17 70.45 2.54
C VAL B 139 -92.09 70.03 4.00
N LEU B 140 -91.49 68.86 4.26
CA LEU B 140 -91.36 68.37 5.62
C LEU B 140 -90.58 69.36 6.48
N TYR B 141 -89.42 69.80 6.01
CA TYR B 141 -88.61 70.71 6.80
C TYR B 141 -89.32 72.04 7.02
N ILE B 142 -89.98 72.56 5.97
CA ILE B 142 -90.67 73.83 6.10
C ILE B 142 -91.76 73.74 7.15
N LEU B 143 -92.45 72.60 7.21
CA LEU B 143 -93.48 72.44 8.24
C LEU B 143 -92.86 72.20 9.60
N ASN B 144 -91.69 71.56 9.66
CA ASN B 144 -91.11 71.20 10.94
C ASN B 144 -90.41 72.37 11.60
N TYR B 145 -90.12 73.44 10.85
CA TYR B 145 -89.46 74.60 11.43
C TYR B 145 -90.25 75.90 11.27
N PHE B 146 -91.54 75.84 10.95
CA PHE B 146 -92.29 77.06 10.65
C PHE B 146 -92.60 77.88 11.89
N GLN B 147 -92.49 77.32 13.08
CA GLN B 147 -92.82 78.03 14.30
C GLN B 147 -91.64 78.20 15.25
N ASP B 148 -90.54 77.50 15.01
CA ASP B 148 -89.37 77.60 15.88
C ASP B 148 -88.66 78.90 15.56
N ASP B 149 -88.70 79.84 16.50
CA ASP B 149 -88.15 81.17 16.27
C ASP B 149 -86.62 81.16 16.18
N LYS B 150 -85.97 80.03 16.41
CA LYS B 150 -84.52 79.99 16.40
C LYS B 150 -83.93 79.74 15.01
N HIS B 151 -84.73 79.24 14.07
CA HIS B 151 -84.21 78.93 12.74
C HIS B 151 -83.94 80.23 11.98
N PRO B 152 -82.81 80.32 11.27
CA PRO B 152 -82.47 81.61 10.62
C PRO B 152 -83.52 82.10 9.65
N TYR B 153 -84.30 81.20 9.04
CA TYR B 153 -85.36 81.60 8.12
C TYR B 153 -86.74 81.32 8.71
N SER B 154 -86.93 81.60 10.00
CA SER B 154 -88.17 81.23 10.66
C SER B 154 -89.37 81.95 10.07
N ALA B 155 -89.34 83.27 10.04
CA ALA B 155 -90.49 84.03 9.56
C ALA B 155 -90.75 83.78 8.09
N GLU B 156 -89.68 83.62 7.30
CA GLU B 156 -89.86 83.22 5.91
C GLU B 156 -90.56 81.88 5.82
N PHE B 157 -90.22 80.96 6.72
CA PHE B 157 -90.87 79.65 6.74
C PHE B 157 -92.35 79.78 7.09
N SER B 158 -92.68 80.57 8.12
CA SER B 158 -94.07 80.76 8.50
C SER B 158 -94.85 81.43 7.37
N LYS B 159 -94.20 82.32 6.63
CA LYS B 159 -94.86 82.98 5.51
C LYS B 159 -95.15 82.00 4.38
N CYS B 160 -94.16 81.19 4.02
CA CYS B 160 -94.39 80.18 2.99
C CYS B 160 -95.46 79.18 3.43
N VAL B 161 -95.47 78.82 4.72
CA VAL B 161 -96.46 77.87 5.23
C VAL B 161 -97.85 78.49 5.19
N GLU B 162 -97.95 79.79 5.50
CA GLU B 162 -99.24 80.46 5.42
C GLU B 162 -99.70 80.55 3.97
N LEU B 163 -98.78 80.80 3.05
CA LEU B 163 -99.14 80.83 1.63
C LEU B 163 -99.62 79.47 1.17
N MET B 164 -99.05 78.40 1.74
CA MET B 164 -99.48 77.05 1.38
C MET B 164 -100.84 76.72 2.00
N GLU B 165 -101.07 77.16 3.24
CA GLU B 165 -102.31 76.84 3.93
C GLU B 165 -103.49 77.62 3.35
N GLN B 166 -103.25 78.87 2.94
CA GLN B 166 -104.32 79.68 2.39
C GLN B 166 -104.94 79.07 1.14
N LYS B 167 -104.20 78.21 0.44
CA LYS B 167 -104.69 77.54 -0.76
C LYS B 167 -105.00 76.06 -0.51
N GLU B 168 -105.30 75.70 0.73
CA GLU B 168 -105.78 74.36 1.07
C GLU B 168 -104.77 73.27 0.68
N LEU B 169 -103.60 73.32 1.33
CA LEU B 169 -102.61 72.26 1.16
C LEU B 169 -103.16 70.92 1.63
N PHE B 170 -104.08 70.96 2.60
CA PHE B 170 -104.61 69.73 3.20
C PHE B 170 -105.29 68.84 2.16
N GLY B 171 -106.30 69.38 1.48
CA GLY B 171 -107.01 68.59 0.49
C GLY B 171 -106.12 68.11 -0.64
N LYS B 172 -105.18 68.94 -1.08
CA LYS B 172 -104.29 68.54 -2.16
C LYS B 172 -103.41 67.37 -1.74
N TYR B 173 -102.84 67.43 -0.52
CA TYR B 173 -102.02 66.33 -0.05
C TYR B 173 -102.85 65.07 0.17
N LEU B 174 -104.09 65.22 0.63
CA LEU B 174 -104.95 64.05 0.81
C LEU B 174 -105.24 63.38 -0.53
N LYS B 175 -105.54 64.19 -1.55
CA LYS B 175 -105.83 63.64 -2.86
C LYS B 175 -104.61 62.98 -3.47
N GLN B 176 -103.43 63.58 -3.28
CA GLN B 176 -102.21 62.95 -3.77
C GLN B 176 -101.96 61.63 -3.05
N PHE B 177 -102.27 61.57 -1.76
CA PHE B 177 -102.17 60.32 -1.02
C PHE B 177 -103.07 59.26 -1.63
N GLU B 178 -104.34 59.59 -1.86
CA GLU B 178 -105.27 58.64 -2.44
C GLU B 178 -104.80 58.18 -3.81
N SER B 179 -104.33 59.12 -4.64
CA SER B 179 -103.86 58.76 -5.97
C SER B 179 -102.67 57.82 -5.91
N LEU B 180 -101.70 58.12 -5.04
CA LEU B 180 -100.56 57.21 -4.89
C LEU B 180 -100.98 55.88 -4.30
N CYS B 181 -102.13 55.85 -3.63
CA CYS B 181 -102.62 54.59 -3.07
C CYS B 181 -103.35 53.74 -4.09
N ARG B 182 -103.95 54.34 -5.11
CA ARG B 182 -104.74 53.60 -6.09
C ARG B 182 -104.11 53.53 -7.47
N GLU B 183 -102.79 53.62 -7.57
CA GLU B 183 -102.12 53.55 -8.86
C GLU B 183 -101.74 52.10 -9.18
N GLU B 184 -102.19 51.61 -10.33
CA GLU B 184 -101.84 50.26 -10.75
C GLU B 184 -100.34 50.14 -11.00
N ALA B 185 -99.80 48.97 -10.66
CA ALA B 185 -98.36 48.77 -10.73
C ALA B 185 -97.86 49.01 -12.14
N PRO B 186 -96.68 49.61 -12.29
CA PRO B 186 -96.16 49.85 -13.65
C PRO B 186 -95.94 48.55 -14.39
N THR B 187 -96.29 48.55 -15.68
CA THR B 187 -96.17 47.38 -16.53
C THR B 187 -95.37 47.73 -17.78
N TRP B 188 -94.68 46.72 -18.32
CA TRP B 188 -93.92 46.91 -19.55
C TRP B 188 -94.80 47.37 -20.71
N GLU B 189 -96.09 47.01 -20.68
CA GLU B 189 -96.99 47.44 -21.74
C GLU B 189 -97.17 48.96 -21.73
N THR B 190 -97.37 49.54 -20.54
CA THR B 190 -97.57 50.98 -20.45
C THR B 190 -96.26 51.72 -20.26
N HIS B 191 -95.23 51.05 -19.77
CA HIS B 191 -93.97 51.69 -19.42
C HIS B 191 -92.82 51.34 -20.34
N GLY B 192 -93.05 50.58 -21.40
CA GLY B 192 -92.00 50.32 -22.36
C GLY B 192 -91.09 49.18 -21.94
N ASN B 193 -90.00 49.05 -22.68
CA ASN B 193 -89.11 47.89 -22.55
C ASN B 193 -88.33 47.88 -21.23
N PHE B 194 -88.22 49.02 -20.55
CA PHE B 194 -87.35 49.11 -19.39
C PHE B 194 -88.04 48.66 -18.10
N MET B 195 -89.37 48.60 -18.06
CA MET B 195 -90.10 48.36 -16.82
C MET B 195 -90.00 46.88 -16.43
N THR B 196 -88.79 46.47 -16.10
CA THR B 196 -88.55 45.13 -15.60
C THR B 196 -89.12 44.99 -14.19
N GLU B 197 -89.05 43.76 -13.67
CA GLU B 197 -89.50 43.51 -12.31
C GLU B 197 -88.75 44.39 -11.32
N ARG B 198 -87.45 44.61 -11.55
CA ARG B 198 -86.71 45.56 -10.75
C ARG B 198 -87.40 46.91 -10.77
N GLN B 199 -87.83 47.36 -11.95
CA GLN B 199 -88.50 48.65 -12.06
C GLN B 199 -89.88 48.61 -11.43
N VAL B 200 -90.58 47.48 -11.51
CA VAL B 200 -91.88 47.36 -10.86
C VAL B 200 -91.74 47.55 -9.36
N SER B 201 -90.79 46.82 -8.77
CA SER B 201 -90.54 46.93 -7.33
C SER B 201 -90.07 48.34 -6.98
N ARG B 202 -89.28 48.95 -7.85
CA ARG B 202 -88.81 50.32 -7.59
C ARG B 202 -89.98 51.29 -7.53
N TRP B 203 -90.86 51.25 -8.54
CA TRP B 203 -92.02 52.12 -8.54
C TRP B 203 -92.91 51.83 -7.34
N PHE B 204 -93.00 50.56 -6.93
CA PHE B 204 -93.81 50.22 -5.76
C PHE B 204 -93.24 50.83 -4.49
N VAL B 205 -91.94 50.63 -4.25
CA VAL B 205 -91.31 51.22 -3.07
C VAL B 205 -91.41 52.74 -3.12
N GLN B 206 -91.33 53.31 -4.32
CA GLN B 206 -91.46 54.75 -4.44
C GLN B 206 -92.84 55.23 -4.03
N ARG B 207 -93.88 54.53 -4.50
CA ARG B 207 -95.24 54.89 -4.08
C ARG B 207 -95.40 54.71 -2.58
N LEU B 208 -94.77 53.69 -2.02
CA LEU B 208 -94.85 53.46 -0.58
C LEU B 208 -94.22 54.61 0.19
N ARG B 209 -93.03 55.05 -0.24
CA ARG B 209 -92.37 56.17 0.40
C ARG B 209 -93.19 57.44 0.27
N GLU B 210 -93.81 57.64 -0.91
CA GLU B 210 -94.66 58.81 -1.08
C GLU B 210 -95.84 58.78 -0.11
N GLN B 211 -96.47 57.61 0.04
CA GLN B 211 -97.56 57.48 1.00
C GLN B 211 -97.09 57.81 2.41
N ALA B 212 -95.94 57.25 2.80
CA ALA B 212 -95.45 57.46 4.15
C ALA B 212 -95.15 58.93 4.40
N MET B 213 -94.46 59.59 3.45
CA MET B 213 -94.13 61.00 3.64
C MET B 213 -95.38 61.87 3.64
N LEU B 214 -96.36 61.55 2.79
CA LEU B 214 -97.60 62.33 2.78
C LEU B 214 -98.34 62.18 4.09
N LEU B 215 -98.38 60.97 4.65
CA LEU B 215 -99.06 60.77 5.92
C LEU B 215 -98.34 61.50 7.05
N GLU B 216 -97.01 61.47 7.05
CA GLU B 216 -96.26 62.22 8.05
C GLU B 216 -96.54 63.71 7.92
N ILE B 217 -96.59 64.22 6.70
CA ILE B 217 -96.88 65.64 6.48
C ILE B 217 -98.27 65.98 6.98
N ILE B 218 -99.24 65.08 6.75
CA ILE B 218 -100.59 65.32 7.24
C ILE B 218 -100.60 65.35 8.76
N PHE B 219 -99.88 64.44 9.40
CA PHE B 219 -99.80 64.42 10.86
C PHE B 219 -99.24 65.73 11.39
N LEU B 220 -98.12 66.18 10.81
CA LEU B 220 -97.52 67.43 11.27
C LEU B 220 -98.43 68.62 11.04
N TYR B 221 -99.11 68.67 9.88
CA TYR B 221 -99.99 69.79 9.60
C TYR B 221 -101.17 69.82 10.55
N PHE B 222 -101.75 68.65 10.85
CA PHE B 222 -102.84 68.61 11.80
C PHE B 222 -102.36 69.00 13.20
N ALA B 223 -101.15 68.57 13.58
CA ALA B 223 -100.58 69.04 14.83
C ALA B 223 -100.28 70.53 14.80
N CYS B 224 -100.23 71.13 13.61
CA CYS B 224 -100.01 72.56 13.46
C CYS B 224 -101.29 73.35 13.29
N PHE B 225 -102.30 72.78 12.65
CA PHE B 225 -103.59 73.41 12.52
C PHE B 225 -104.66 72.35 12.75
N ALA B 226 -105.68 72.72 13.53
CA ALA B 226 -106.72 71.77 13.91
C ALA B 226 -107.33 71.12 12.67
N ALA B 227 -107.25 69.80 12.61
CA ALA B 227 -107.87 69.07 11.51
C ALA B 227 -109.35 68.92 11.76
N SER B 228 -110.16 69.31 10.77
CA SER B 228 -111.59 69.33 10.96
C SER B 228 -112.16 67.91 10.94
N PRO B 229 -113.36 67.72 11.50
CA PRO B 229 -113.88 66.35 11.64
C PRO B 229 -114.24 65.68 10.33
N SER B 230 -114.64 66.45 9.32
CA SER B 230 -115.00 65.83 8.05
C SER B 230 -113.77 65.26 7.35
N ASP B 231 -112.68 66.02 7.35
CA ASP B 231 -111.43 65.49 6.80
C ASP B 231 -110.97 64.28 7.60
N LEU B 232 -111.24 64.25 8.91
CA LEU B 232 -110.85 63.10 9.71
C LEU B 232 -111.68 61.88 9.35
N LEU B 233 -112.97 62.07 9.09
CA LEU B 233 -113.81 60.95 8.67
C LEU B 233 -113.39 60.43 7.31
N ALA B 234 -113.08 61.34 6.39
CA ALA B 234 -112.55 60.92 5.09
C ALA B 234 -111.24 60.16 5.26
N LEU B 235 -110.39 60.62 6.18
CA LEU B 235 -109.12 59.93 6.42
C LEU B 235 -109.34 58.56 7.00
N THR B 236 -110.30 58.42 7.92
CA THR B 236 -110.57 57.11 8.50
C THR B 236 -111.12 56.16 7.46
N LYS B 237 -112.01 56.64 6.59
CA LYS B 237 -112.54 55.78 5.52
C LYS B 237 -111.45 55.37 4.55
N LEU B 238 -110.54 56.30 4.23
CA LEU B 238 -109.45 55.98 3.31
C LEU B 238 -108.50 54.97 3.93
N PHE B 239 -108.10 55.20 5.18
CA PHE B 239 -107.24 54.23 5.86
C PHE B 239 -107.96 52.91 6.04
N LYS B 240 -109.30 52.92 6.05
CA LYS B 240 -110.06 51.69 6.09
C LYS B 240 -109.95 50.93 4.77
N GLU B 241 -110.16 51.62 3.65
CA GLU B 241 -110.05 50.97 2.35
C GLU B 241 -108.67 50.37 2.15
N GLN B 242 -107.62 51.13 2.43
CA GLN B 242 -106.26 50.60 2.41
C GLN B 242 -105.95 49.76 3.64
N GLY B 243 -106.87 49.68 4.59
CA GLY B 243 -106.66 48.85 5.76
C GLY B 243 -105.42 49.21 6.55
N PHE B 244 -105.27 50.50 6.90
CA PHE B 244 -104.10 50.99 7.62
C PHE B 244 -102.80 50.60 6.91
N GLY B 245 -102.85 50.46 5.58
CA GLY B 245 -101.70 50.06 4.82
C GLY B 245 -101.56 48.57 4.62
N CYS B 246 -102.58 47.79 4.99
CA CYS B 246 -102.50 46.33 4.85
C CYS B 246 -103.20 45.81 3.60
N ARG B 247 -104.28 46.45 3.17
CA ARG B 247 -104.98 46.02 1.96
C ARG B 247 -104.53 46.85 0.78
N LEU B 248 -103.26 46.78 0.44
CA LEU B 248 -102.71 47.63 -0.63
C LEU B 248 -103.02 47.05 -1.99
N GLN B 249 -103.37 47.93 -2.94
CA GLN B 249 -103.69 47.50 -4.29
C GLN B 249 -102.56 46.68 -4.91
N ASN B 250 -101.31 47.02 -4.60
CA ASN B 250 -100.15 46.28 -5.07
C ASN B 250 -99.41 45.59 -3.94
N HIS B 251 -100.13 45.13 -2.90
CA HIS B 251 -99.49 44.55 -1.74
C HIS B 251 -98.66 43.32 -2.06
N HIS B 252 -98.80 42.79 -3.28
CA HIS B 252 -98.09 41.57 -3.64
C HIS B 252 -96.60 41.77 -3.83
N LEU B 253 -96.15 42.98 -4.17
CA LEU B 253 -94.76 43.21 -4.55
C LEU B 253 -93.85 43.53 -3.37
N VAL B 254 -94.38 43.64 -2.17
CA VAL B 254 -93.59 44.07 -1.01
C VAL B 254 -92.76 42.88 -0.52
N GLU B 255 -91.45 43.06 -0.47
CA GLU B 255 -90.52 42.10 0.09
C GLU B 255 -90.16 42.47 1.51
N PRO B 256 -89.40 41.62 2.21
CA PRO B 256 -89.10 41.89 3.63
C PRO B 256 -88.36 43.20 3.87
N SER B 257 -87.69 43.75 2.85
CA SER B 257 -86.99 45.01 3.04
C SER B 257 -87.93 46.20 3.10
N MET B 258 -89.21 46.01 2.77
CA MET B 258 -90.17 47.10 2.74
C MET B 258 -91.13 47.11 3.93
N ASP B 259 -91.05 46.12 4.81
CA ASP B 259 -92.00 46.00 5.91
C ASP B 259 -92.09 47.25 6.78
N PRO B 260 -90.98 47.86 7.23
CA PRO B 260 -91.10 49.01 8.14
C PRO B 260 -91.84 50.19 7.53
N LEU B 261 -91.83 50.33 6.21
CA LEU B 261 -92.58 51.41 5.58
C LEU B 261 -94.07 51.26 5.85
N VAL B 262 -94.62 50.06 5.70
CA VAL B 262 -96.02 49.82 5.99
C VAL B 262 -96.36 50.25 7.41
N GLU B 263 -95.59 49.77 8.39
CA GLU B 263 -95.78 50.22 9.76
C GLU B 263 -95.73 51.73 9.85
N ARG B 264 -94.79 52.35 9.13
CA ARG B 264 -94.77 53.80 9.06
C ARG B 264 -96.09 54.32 8.52
N ILE B 265 -96.50 53.84 7.34
CA ILE B 265 -97.82 54.19 6.82
C ILE B 265 -98.89 53.81 7.83
N GLY B 266 -98.65 52.74 8.60
CA GLY B 266 -99.55 52.42 9.68
C GLY B 266 -99.51 53.46 10.79
N TYR B 267 -98.30 53.78 11.26
CA TYR B 267 -98.16 54.61 12.45
C TYR B 267 -98.83 55.97 12.28
N PHE B 268 -98.52 56.67 11.20
CA PHE B 268 -99.18 57.93 10.93
C PHE B 268 -100.68 57.76 10.84
N SER B 269 -101.15 56.68 10.19
CA SER B 269 -102.58 56.41 10.15
C SER B 269 -103.17 56.37 11.54
N ILE B 270 -102.43 55.81 12.50
CA ILE B 270 -102.85 55.93 13.90
C ILE B 270 -102.74 57.36 14.36
N LEU B 271 -101.54 57.94 14.25
CA LEU B 271 -101.33 59.31 14.70
C LEU B 271 -102.31 60.27 14.06
N ILE B 272 -102.48 60.20 12.74
CA ILE B 272 -103.43 61.07 12.05
C ILE B 272 -104.82 60.89 12.64
N PHE B 273 -105.20 59.65 12.94
CA PHE B 273 -106.49 59.43 13.61
C PHE B 273 -106.46 59.98 15.03
N LEU B 274 -105.35 59.78 15.74
CA LEU B 274 -105.24 60.31 17.10
C LEU B 274 -105.11 61.83 17.09
N GLU B 275 -104.27 62.37 16.19
CA GLU B 275 -104.07 63.82 16.17
C GLU B 275 -105.35 64.55 15.76
N ALA B 276 -106.11 63.97 14.83
CA ALA B 276 -107.38 64.59 14.45
C ALA B 276 -108.40 64.56 15.58
N LEU B 277 -108.17 63.73 16.60
CA LEU B 277 -109.09 63.67 17.74
C LEU B 277 -108.79 64.72 18.79
N ASP B 278 -107.58 65.27 18.82
CA ASP B 278 -107.19 66.35 19.72
C ASP B 278 -107.58 66.04 21.17
N MET B 279 -106.91 65.01 21.70
CA MET B 279 -107.22 64.55 23.05
C MET B 279 -107.05 65.64 24.09
N ASP B 280 -106.20 66.64 23.85
CA ASP B 280 -105.96 67.67 24.84
C ASP B 280 -107.22 68.49 25.10
N THR B 281 -107.85 69.01 24.04
CA THR B 281 -109.06 69.80 24.21
C THR B 281 -110.19 68.96 24.79
N LEU B 282 -110.25 67.68 24.45
CA LEU B 282 -111.28 66.82 25.01
C LEU B 282 -111.10 66.64 26.51
N MET B 283 -109.84 66.39 26.93
CA MET B 283 -109.57 66.27 28.36
C MET B 283 -109.92 67.55 29.09
N THR B 284 -109.52 68.70 28.55
CA THR B 284 -109.81 69.97 29.20
C THR B 284 -111.31 70.23 29.26
N CYS B 285 -112.04 69.90 28.19
CA CYS B 285 -113.48 70.11 28.18
C CYS B 285 -114.18 69.23 29.20
N SER B 286 -113.82 67.94 29.26
CA SER B 286 -114.39 67.07 30.27
C SER B 286 -114.06 67.56 31.67
N LEU B 287 -112.86 68.11 31.86
CA LEU B 287 -112.48 68.60 33.18
C LEU B 287 -113.24 69.86 33.55
N SER B 288 -113.61 70.68 32.57
CA SER B 288 -114.23 71.97 32.86
C SER B 288 -115.73 71.99 32.62
N ASP B 289 -116.33 70.86 32.22
CA ASP B 289 -117.77 70.74 32.02
C ASP B 289 -118.26 71.58 30.85
N LYS B 290 -117.45 71.68 29.79
CA LYS B 290 -117.85 72.38 28.58
C LYS B 290 -117.49 71.58 27.33
N ILE B 291 -117.87 70.29 27.30
CA ILE B 291 -117.53 69.41 26.20
C ILE B 291 -118.10 69.91 24.88
N GLU B 292 -119.13 70.77 24.92
CA GLU B 292 -119.71 71.31 23.70
C GLU B 292 -118.70 72.10 22.87
N GLN B 293 -117.59 72.54 23.46
CA GLN B 293 -116.56 73.24 22.72
C GLN B 293 -115.67 72.29 21.92
N HIS B 294 -115.82 70.99 22.10
CA HIS B 294 -115.05 70.07 21.28
C HIS B 294 -115.62 70.04 19.86
N PRO B 295 -114.75 69.97 18.84
CA PRO B 295 -115.24 69.99 17.46
C PRO B 295 -116.12 68.81 17.10
N PHE B 296 -116.31 67.86 18.00
CA PHE B 296 -117.12 66.68 17.71
C PHE B 296 -118.52 66.74 18.30
N SER B 297 -118.85 67.78 19.07
CA SER B 297 -120.13 67.79 19.79
C SER B 297 -121.31 68.04 18.87
N SER B 298 -121.30 69.15 18.14
CA SER B 298 -122.41 69.48 17.26
C SER B 298 -122.47 68.62 16.00
N GLU B 299 -121.44 67.82 15.74
CA GLU B 299 -121.38 67.01 14.53
C GLU B 299 -121.89 65.59 14.81
N GLU B 300 -123.21 65.44 14.87
CA GLU B 300 -123.79 64.12 15.11
C GLU B 300 -123.54 63.16 13.96
N GLN B 301 -123.64 63.64 12.72
CA GLN B 301 -123.58 62.74 11.58
C GLN B 301 -122.19 62.15 11.41
N VAL B 302 -121.15 62.96 11.54
CA VAL B 302 -119.78 62.47 11.41
C VAL B 302 -119.50 61.43 12.49
N CYS B 303 -119.98 61.69 13.71
CA CYS B 303 -119.78 60.74 14.80
C CYS B 303 -120.49 59.42 14.52
N LYS B 304 -121.72 59.47 14.02
CA LYS B 304 -122.47 58.24 13.75
C LYS B 304 -121.84 57.44 12.62
N GLU B 305 -121.43 58.12 11.54
CA GLU B 305 -120.82 57.41 10.42
C GLU B 305 -119.46 56.85 10.79
N MET B 306 -118.66 57.63 11.52
CA MET B 306 -117.37 57.14 11.99
C MET B 306 -117.56 55.97 12.95
N ASP B 307 -118.66 55.97 13.70
CA ASP B 307 -118.98 54.82 14.53
C ASP B 307 -119.28 53.59 13.68
N SER B 308 -120.15 53.75 12.69
CA SER B 308 -120.46 52.65 11.79
C SER B 308 -119.22 52.13 11.09
N ILE B 309 -118.22 53.00 10.89
CA ILE B 309 -116.98 52.57 10.24
C ILE B 309 -116.08 51.85 11.24
N LEU B 310 -115.68 52.55 12.30
CA LEU B 310 -114.73 52.01 13.26
C LEU B 310 -115.29 50.81 14.02
N VAL B 311 -116.60 50.56 13.95
CA VAL B 311 -117.16 49.39 14.60
C VAL B 311 -116.63 48.10 13.98
N THR B 312 -116.36 48.10 12.68
CA THR B 312 -115.86 46.90 12.01
C THR B 312 -114.40 46.61 12.32
N LEU B 313 -113.69 47.54 12.93
CA LEU B 313 -112.29 47.32 13.24
C LEU B 313 -112.16 46.35 14.39
N GLY B 314 -110.92 45.93 14.64
CA GLY B 314 -110.65 44.97 15.69
C GLY B 314 -109.76 43.86 15.19
N ASP B 315 -109.42 43.93 13.91
CA ASP B 315 -108.71 42.85 13.24
C ASP B 315 -107.20 43.05 13.20
N VAL B 316 -106.71 44.28 13.21
CA VAL B 316 -105.27 44.54 13.07
C VAL B 316 -104.82 45.47 14.20
N PRO B 317 -103.57 45.36 14.65
CA PRO B 317 -103.12 46.20 15.78
C PRO B 317 -103.26 47.69 15.54
N HIS B 318 -103.19 48.14 14.28
CA HIS B 318 -103.34 49.56 14.01
C HIS B 318 -104.75 50.05 14.28
N HIS B 319 -105.69 49.13 14.49
CA HIS B 319 -107.03 49.53 14.91
C HIS B 319 -107.13 49.70 16.41
N GLY B 320 -106.05 49.47 17.14
CA GLY B 320 -106.05 49.62 18.58
C GLY B 320 -106.34 51.02 19.04
N PRO B 321 -105.43 51.95 18.75
CA PRO B 321 -105.58 53.31 19.31
C PRO B 321 -106.80 54.05 18.80
N VAL B 322 -107.07 53.98 17.49
CA VAL B 322 -108.19 54.74 16.92
C VAL B 322 -109.50 54.34 17.57
N LEU B 323 -109.70 53.03 17.76
CA LEU B 323 -110.92 52.56 18.41
C LEU B 323 -110.98 53.01 19.86
N LEU B 324 -109.82 53.20 20.49
CA LEU B 324 -109.81 53.62 21.89
C LEU B 324 -110.24 55.08 22.02
N ALA B 325 -109.46 56.00 21.43
CA ALA B 325 -109.76 57.42 21.52
C ALA B 325 -111.17 57.73 21.05
N TRP B 326 -111.56 57.17 19.90
CA TRP B 326 -112.93 57.36 19.43
C TRP B 326 -113.95 56.89 20.46
N ALA B 327 -113.72 55.72 21.06
CA ALA B 327 -114.55 55.30 22.18
C ALA B 327 -114.47 56.32 23.31
N LEU B 328 -113.25 56.72 23.67
CA LEU B 328 -113.08 57.86 24.56
C LEU B 328 -113.89 59.05 24.08
N LEU B 329 -113.81 59.37 22.80
CA LEU B 329 -114.63 60.42 22.22
C LEU B 329 -116.11 60.17 22.53
N ARG B 330 -116.60 58.97 22.19
CA ARG B 330 -118.00 58.66 22.46
C ARG B 330 -118.29 58.75 23.95
N PHE B 331 -117.28 58.50 24.79
CA PHE B 331 -117.48 58.67 26.22
C PHE B 331 -117.70 60.13 26.58
N THR B 332 -116.90 61.03 26.01
CA THR B 332 -116.92 62.42 26.45
C THR B 332 -118.12 63.17 25.87
N LEU B 333 -118.41 62.95 24.59
CA LEU B 333 -119.47 63.69 23.93
C LEU B 333 -120.86 63.34 24.46
N ASN B 334 -121.03 62.13 25.01
CA ASN B 334 -122.32 61.69 25.53
C ASN B 334 -122.10 60.53 26.49
N PRO B 335 -121.85 60.83 27.77
CA PRO B 335 -121.66 59.74 28.74
C PRO B 335 -122.87 58.85 28.91
N ASP B 336 -124.08 59.40 28.77
CA ASP B 336 -125.29 58.62 28.98
C ASP B 336 -125.78 57.93 27.71
N LYS B 337 -125.26 58.32 26.54
CA LYS B 337 -125.71 57.77 25.26
C LYS B 337 -124.74 56.72 24.73
N VAL B 338 -124.01 56.05 25.62
CA VAL B 338 -123.05 55.03 25.24
C VAL B 338 -123.78 53.76 24.83
N THR B 339 -123.89 53.52 23.53
CA THR B 339 -124.42 52.26 23.05
C THR B 339 -123.38 51.16 23.21
N SER B 340 -123.82 49.92 23.01
CA SER B 340 -122.90 48.80 23.08
C SER B 340 -121.77 48.93 22.06
N ALA B 341 -121.95 49.77 21.04
CA ALA B 341 -120.90 49.97 20.05
C ALA B 341 -119.61 50.44 20.68
N VAL B 342 -119.67 51.50 21.48
CA VAL B 342 -118.46 52.04 22.09
C VAL B 342 -117.88 51.07 23.11
N ARG B 343 -118.74 50.33 23.80
CA ARG B 343 -118.25 49.34 24.75
C ARG B 343 -117.47 48.24 24.05
N LYS B 344 -118.00 47.75 22.93
CA LYS B 344 -117.27 46.77 22.13
C LYS B 344 -115.97 47.37 21.60
N MET B 345 -116.02 48.64 21.19
CA MET B 345 -114.81 49.31 20.72
C MET B 345 -113.75 49.34 21.81
N GLY B 346 -114.16 49.61 23.04
CA GLY B 346 -113.20 49.68 24.13
C GLY B 346 -112.65 48.32 24.50
N SER B 347 -113.52 47.31 24.58
CA SER B 347 -113.04 45.95 24.82
C SER B 347 -112.07 45.52 23.72
N THR B 348 -112.32 45.96 22.49
CA THR B 348 -111.41 45.64 21.39
C THR B 348 -110.07 46.35 21.57
N ALA B 349 -110.11 47.65 21.84
CA ALA B 349 -108.87 48.40 22.01
C ALA B 349 -108.02 47.82 23.12
N ILE B 350 -108.63 47.49 24.27
CA ILE B 350 -107.89 46.81 25.32
C ILE B 350 -107.41 45.45 24.84
N GLN B 351 -108.20 44.79 23.98
CA GLN B 351 -107.83 43.49 23.49
C GLN B 351 -106.74 43.55 22.43
N LEU B 352 -106.53 44.70 21.80
CA LEU B 352 -105.58 44.79 20.69
C LEU B 352 -104.15 45.05 21.15
N HIS B 353 -103.89 45.03 22.45
CA HIS B 353 -102.55 45.28 22.99
C HIS B 353 -102.02 46.64 22.51
N LEU B 354 -102.93 47.61 22.43
CA LEU B 354 -102.59 48.89 21.83
C LEU B 354 -101.45 49.57 22.59
N PHE B 355 -101.24 49.21 23.85
CA PHE B 355 -100.15 49.82 24.61
C PHE B 355 -98.80 49.48 24.00
N GLN B 356 -98.51 48.19 23.80
CA GLN B 356 -97.27 47.81 23.16
C GLN B 356 -97.20 48.34 21.74
N TYR B 357 -98.37 48.51 21.10
CA TYR B 357 -98.40 49.08 19.77
C TYR B 357 -97.84 50.50 19.76
N LEU B 358 -98.35 51.34 20.68
CA LEU B 358 -97.82 52.69 20.79
C LEU B 358 -96.36 52.66 21.21
N THR B 359 -95.98 51.69 22.04
CA THR B 359 -94.59 51.58 22.48
C THR B 359 -93.66 51.36 21.28
N ARG B 360 -93.97 50.36 20.45
CA ARG B 360 -93.13 50.07 19.30
C ARG B 360 -93.20 51.19 18.27
N MET B 361 -94.37 51.80 18.10
CA MET B 361 -94.49 52.92 17.17
C MET B 361 -93.58 54.07 17.60
N LEU B 362 -93.57 54.39 18.88
CA LEU B 362 -92.73 55.46 19.38
C LEU B 362 -91.24 55.09 19.25
N GLN B 363 -90.89 53.84 19.57
CA GLN B 363 -89.51 53.42 19.45
C GLN B 363 -89.03 53.53 18.01
N SER B 364 -89.83 53.06 17.05
CA SER B 364 -89.44 53.16 15.64
C SER B 364 -89.34 54.62 15.20
N LEU B 365 -90.38 55.42 15.48
CA LEU B 365 -90.38 56.80 15.03
C LEU B 365 -89.31 57.64 15.72
N ARG B 366 -88.77 57.15 16.83
CA ARG B 366 -87.68 57.85 17.50
C ARG B 366 -86.32 57.29 17.12
N SER B 367 -86.26 56.10 16.51
CA SER B 367 -84.99 55.58 16.04
C SER B 367 -84.33 56.45 14.98
N GLY B 368 -85.01 57.50 14.53
CA GLY B 368 -84.42 58.44 13.61
C GLY B 368 -84.04 59.76 14.25
N GLU B 369 -83.48 59.72 15.47
CA GLU B 369 -82.90 60.93 16.05
C GLU B 369 -83.94 62.03 16.23
N ASN B 370 -84.78 61.89 17.25
CA ASN B 370 -86.12 62.49 17.27
C ASN B 370 -86.05 64.00 17.09
N ASN B 371 -86.46 64.42 15.89
CA ASN B 371 -86.69 65.81 15.51
C ASN B 371 -88.13 66.21 15.86
N CYS B 372 -88.53 67.35 15.28
CA CYS B 372 -89.88 67.87 15.46
C CYS B 372 -90.95 66.79 15.32
N THR B 373 -90.78 65.89 14.35
CA THR B 373 -91.83 64.92 14.06
C THR B 373 -92.05 63.95 15.21
N THR B 374 -90.97 63.33 15.70
CA THR B 374 -91.11 62.39 16.79
C THR B 374 -91.52 63.09 18.08
N SER B 375 -91.15 64.37 18.23
CA SER B 375 -91.62 65.12 19.38
C SER B 375 -93.12 65.35 19.32
N THR B 376 -93.64 65.76 18.16
CA THR B 376 -95.09 65.90 18.00
C THR B 376 -95.80 64.58 18.23
N ALA B 377 -95.23 63.48 17.72
CA ALA B 377 -95.83 62.17 17.91
C ALA B 377 -95.89 61.80 19.38
N CYS B 378 -94.77 61.94 20.09
CA CYS B 378 -94.76 61.58 21.51
C CYS B 378 -95.66 62.50 22.31
N LEU B 379 -95.81 63.75 21.89
CA LEU B 379 -96.72 64.65 22.59
C LEU B 379 -98.18 64.23 22.41
N CYS B 380 -98.52 63.84 21.17
CA CYS B 380 -99.86 63.30 20.93
C CYS B 380 -100.10 62.06 21.77
N VAL B 381 -99.10 61.18 21.84
CA VAL B 381 -99.23 59.97 22.65
C VAL B 381 -99.39 60.33 24.12
N TYR B 382 -98.66 61.34 24.59
CA TYR B 382 -98.76 61.74 25.99
C TYR B 382 -100.16 62.27 26.31
N THR B 383 -100.69 63.15 25.45
CA THR B 383 -102.03 63.68 25.69
C THR B 383 -103.07 62.57 25.66
N PHE B 384 -102.99 61.69 24.66
CA PHE B 384 -103.96 60.61 24.54
C PHE B 384 -103.89 59.68 25.75
N LEU B 385 -102.69 59.26 26.13
CA LEU B 385 -102.55 58.38 27.30
C LEU B 385 -102.98 59.09 28.57
N ALA B 386 -102.80 60.41 28.64
CA ALA B 386 -103.30 61.15 29.79
C ALA B 386 -104.82 61.05 29.88
N TYR B 387 -105.51 61.32 28.78
CA TYR B 387 -106.95 61.17 28.78
C TYR B 387 -107.36 59.74 29.12
N VAL B 388 -106.60 58.77 28.64
CA VAL B 388 -106.88 57.36 28.95
C VAL B 388 -106.82 57.12 30.44
N LEU B 389 -105.72 57.56 31.08
CA LEU B 389 -105.57 57.35 32.51
C LEU B 389 -106.61 58.13 33.30
N SER B 390 -107.16 59.20 32.70
CA SER B 390 -108.16 59.98 33.41
C SER B 390 -109.57 59.41 33.27
N THR B 391 -109.86 58.67 32.21
CA THR B 391 -111.23 58.29 31.89
C THR B 391 -111.60 56.88 32.29
N LEU B 392 -110.64 55.98 32.41
CA LEU B 392 -110.92 54.56 32.68
C LEU B 392 -110.02 54.01 33.79
N GLU B 393 -109.94 54.71 34.91
CA GLU B 393 -109.00 54.45 35.99
C GLU B 393 -108.87 52.99 36.40
N GLU B 394 -109.91 52.19 36.20
CA GLU B 394 -109.94 50.85 36.78
C GLU B 394 -109.35 49.77 35.86
N GLN B 395 -109.77 49.73 34.59
CA GLN B 395 -109.50 48.57 33.74
C GLN B 395 -108.05 48.47 33.31
N VAL B 396 -107.29 49.56 33.34
CA VAL B 396 -105.93 49.56 32.81
C VAL B 396 -104.94 48.79 33.66
N SER B 397 -105.28 48.47 34.92
CA SER B 397 -104.28 48.00 35.88
C SER B 397 -103.55 46.75 35.42
N GLN B 398 -104.17 45.94 34.56
CA GLN B 398 -103.55 44.71 34.12
C GLN B 398 -102.33 44.94 33.24
N SER B 399 -102.24 46.10 32.58
CA SER B 399 -101.14 46.38 31.66
C SER B 399 -100.09 47.29 32.29
N GLN B 400 -99.99 47.24 33.62
CA GLN B 400 -99.10 48.15 34.34
C GLN B 400 -97.66 48.05 33.83
N GLN B 401 -97.31 46.92 33.23
CA GLN B 401 -96.01 46.82 32.59
C GLN B 401 -95.98 47.61 31.29
N ASP B 402 -96.83 47.23 30.32
CA ASP B 402 -96.75 47.81 28.99
C ASP B 402 -96.91 49.33 29.03
N LEU B 403 -97.98 49.81 29.67
CA LEU B 403 -98.22 51.24 29.75
C LEU B 403 -97.01 51.98 30.29
N VAL B 404 -96.25 51.35 31.19
CA VAL B 404 -95.06 52.00 31.74
C VAL B 404 -94.11 52.38 30.61
N GLU B 405 -93.76 51.42 29.76
CA GLU B 405 -92.90 51.71 28.62
C GLU B 405 -93.49 52.83 27.77
N THR B 406 -94.83 52.87 27.66
CA THR B 406 -95.48 53.94 26.92
C THR B 406 -95.06 55.30 27.44
N ALA B 407 -95.13 55.50 28.75
CA ALA B 407 -94.60 56.71 29.34
C ALA B 407 -93.10 56.82 29.10
N CYS B 408 -92.37 55.70 29.30
CA CYS B 408 -90.95 55.67 28.98
C CYS B 408 -90.73 55.99 27.51
N GLN B 409 -91.75 55.78 26.67
CA GLN B 409 -91.69 56.23 25.30
C GLN B 409 -91.97 57.73 25.19
N VAL B 410 -93.05 58.18 25.83
CA VAL B 410 -93.46 59.58 25.70
C VAL B 410 -92.44 60.50 26.35
N PHE B 411 -91.93 60.10 27.52
CA PHE B 411 -91.04 60.96 28.29
C PHE B 411 -89.67 61.12 27.63
N ALA B 412 -89.39 60.38 26.56
CA ALA B 412 -88.11 60.52 25.88
C ALA B 412 -87.98 61.84 25.13
N ALA B 413 -89.05 62.61 25.02
CA ALA B 413 -88.97 63.93 24.40
C ALA B 413 -88.55 64.96 25.44
N PRO B 414 -87.63 65.87 25.11
CA PRO B 414 -87.14 66.82 26.13
C PRO B 414 -88.21 67.78 26.62
N ASN B 415 -89.29 67.97 25.87
CA ASN B 415 -90.31 68.93 26.25
C ASN B 415 -91.41 68.34 27.13
N LEU B 416 -91.44 67.02 27.29
CA LEU B 416 -92.54 66.37 28.01
C LEU B 416 -92.33 66.41 29.52
N PRO B 417 -91.12 66.18 30.02
CA PRO B 417 -90.94 66.06 31.47
C PRO B 417 -91.35 67.31 32.23
N ASP B 418 -91.06 68.50 31.72
CA ASP B 418 -91.52 69.71 32.39
C ASP B 418 -93.04 69.77 32.43
N LEU B 419 -93.69 69.32 31.36
CA LEU B 419 -95.15 69.29 31.35
C LEU B 419 -95.70 68.32 32.39
N PHE B 420 -95.08 67.15 32.52
CA PHE B 420 -95.51 66.20 33.54
C PHE B 420 -95.29 66.75 34.93
N TRP B 421 -94.19 67.48 35.12
CA TRP B 421 -93.90 68.06 36.42
C TRP B 421 -94.77 69.26 36.75
N ASN B 422 -95.37 69.90 35.75
CA ASN B 422 -96.15 71.11 35.99
C ASN B 422 -97.65 70.86 36.12
N MET B 423 -98.12 69.65 35.83
CA MET B 423 -99.54 69.35 36.01
C MET B 423 -99.79 68.77 37.39
N GLU B 424 -101.07 68.66 37.73
CA GLU B 424 -101.45 68.07 39.00
C GLU B 424 -100.99 66.61 39.05
N PRO B 425 -100.66 66.09 40.24
CA PRO B 425 -100.20 64.69 40.33
C PRO B 425 -101.33 63.68 40.34
N THR B 426 -102.58 64.10 40.50
CA THR B 426 -103.70 63.20 40.67
C THR B 426 -104.34 62.77 39.35
N ALA B 427 -103.88 63.29 38.22
CA ALA B 427 -104.49 62.98 36.93
C ALA B 427 -103.41 62.74 35.89
N GLY B 428 -103.81 62.19 34.76
CA GLY B 428 -102.88 61.91 33.68
C GLY B 428 -101.77 60.98 34.13
N LEU B 429 -100.60 61.15 33.50
CA LEU B 429 -99.46 60.28 33.76
C LEU B 429 -99.08 60.20 35.22
N GLY B 430 -99.28 61.27 35.99
CA GLY B 430 -98.95 61.25 37.40
C GLY B 430 -99.64 60.12 38.14
N ILE B 431 -100.87 59.79 37.73
CA ILE B 431 -101.58 58.67 38.35
C ILE B 431 -100.74 57.41 38.25
N LEU B 432 -100.22 57.12 37.06
CA LEU B 432 -99.37 55.95 36.90
C LEU B 432 -98.16 56.04 37.81
N LEU B 433 -97.61 57.24 38.00
CA LEU B 433 -96.53 57.43 38.95
C LEU B 433 -97.00 57.14 40.37
N ASP B 434 -98.17 57.68 40.74
CA ASP B 434 -98.67 57.51 42.10
C ASP B 434 -98.76 56.03 42.48
N SER B 435 -99.53 55.26 41.72
CA SER B 435 -99.62 53.83 41.97
C SER B 435 -98.24 53.18 41.95
N VAL B 436 -97.34 53.68 41.10
CA VAL B 436 -95.98 53.15 41.06
C VAL B 436 -95.29 53.39 42.38
N VAL B 437 -95.42 54.60 42.93
CA VAL B 437 -94.89 54.87 44.25
C VAL B 437 -95.51 53.91 45.26
N GLY B 438 -96.77 53.54 45.06
CA GLY B 438 -97.44 52.60 45.93
C GLY B 438 -96.83 51.21 45.95
N MET B 439 -95.91 50.92 45.03
CA MET B 439 -95.28 49.61 44.96
C MET B 439 -93.80 49.63 45.27
N PHE B 440 -93.21 50.81 45.45
CA PHE B 440 -91.78 50.73 45.76
C PHE B 440 -91.58 50.28 47.21
N PRO B 441 -90.49 49.56 47.52
CA PRO B 441 -89.45 49.10 46.59
C PRO B 441 -89.60 47.63 46.23
N PHE B 442 -90.84 47.17 46.10
CA PHE B 442 -91.07 45.82 45.59
C PHE B 442 -90.86 45.77 44.09
N ARG B 443 -91.55 46.64 43.35
CA ARG B 443 -91.44 46.73 41.90
C ARG B 443 -90.47 47.86 41.58
N ILE B 444 -89.17 47.60 41.74
CA ILE B 444 -88.17 48.65 41.62
C ILE B 444 -88.08 49.13 40.18
N SER B 445 -87.91 48.21 39.24
CA SER B 445 -87.66 48.59 37.85
C SER B 445 -88.67 49.57 37.29
N PRO B 446 -89.98 49.42 37.54
CA PRO B 446 -90.93 50.37 36.94
C PRO B 446 -90.75 51.79 37.44
N LEU B 447 -90.72 51.98 38.77
CA LEU B 447 -90.57 53.33 39.31
C LEU B 447 -89.22 53.92 38.92
N LEU B 448 -88.17 53.10 38.92
CA LEU B 448 -86.85 53.62 38.56
C LEU B 448 -86.81 54.03 37.10
N LYS B 449 -87.40 53.23 36.21
CA LYS B 449 -87.43 53.58 34.80
C LYS B 449 -88.22 54.87 34.59
N LEU B 450 -89.37 54.99 35.23
CA LEU B 450 -90.20 56.19 35.04
C LEU B 450 -89.47 57.42 35.56
N PHE B 451 -88.80 57.30 36.71
CA PHE B 451 -88.06 58.44 37.26
C PHE B 451 -86.90 58.81 36.36
N THR B 452 -86.16 57.83 35.86
CA THR B 452 -85.11 58.13 34.88
C THR B 452 -85.70 58.79 33.64
N ALA B 453 -86.93 58.43 33.29
CA ALA B 453 -87.57 59.02 32.12
C ALA B 453 -87.88 60.48 32.34
N LEU B 454 -88.52 60.83 33.45
CA LEU B 454 -88.85 62.23 33.71
C LEU B 454 -87.63 63.11 33.91
N VAL B 455 -86.42 62.53 33.89
CA VAL B 455 -85.20 63.27 34.19
C VAL B 455 -84.88 64.20 33.02
N SER B 456 -85.07 65.50 33.24
CA SER B 456 -84.67 66.53 32.29
C SER B 456 -83.88 67.60 33.03
N LYS B 457 -83.38 68.57 32.27
CA LYS B 457 -82.48 69.58 32.84
C LYS B 457 -83.15 70.42 33.92
N SER B 458 -84.48 70.57 33.85
CA SER B 458 -85.18 71.39 34.82
C SER B 458 -85.72 70.59 35.99
N SER B 459 -85.96 69.30 35.81
CA SER B 459 -86.52 68.47 36.86
C SER B 459 -85.50 67.52 37.49
N ALA B 460 -84.22 67.67 37.17
CA ALA B 460 -83.20 66.82 37.76
C ALA B 460 -83.28 66.83 39.29
N LYS B 461 -83.11 68.01 39.89
CA LYS B 461 -83.18 68.10 41.35
C LYS B 461 -84.57 67.72 41.85
N LYS B 462 -85.60 67.89 41.04
CA LYS B 462 -86.93 67.46 41.44
C LYS B 462 -86.97 65.96 41.66
N VAL B 463 -86.41 65.20 40.71
CA VAL B 463 -86.36 63.74 40.87
C VAL B 463 -85.44 63.38 42.03
N TYR B 464 -84.33 64.11 42.18
CA TYR B 464 -83.42 63.87 43.29
C TYR B 464 -84.15 63.96 44.63
N SER B 465 -84.89 65.05 44.82
CA SER B 465 -85.60 65.22 46.09
C SER B 465 -86.76 64.24 46.22
N PHE B 466 -87.45 63.93 45.12
CA PHE B 466 -88.56 62.98 45.18
C PHE B 466 -88.07 61.61 45.64
N LEU B 467 -86.89 61.20 45.18
CA LEU B 467 -86.32 59.95 45.69
C LEU B 467 -85.73 60.13 47.08
N ASP B 468 -85.26 61.32 47.43
CA ASP B 468 -84.75 61.57 48.77
C ASP B 468 -85.84 61.51 49.83
N ARG B 469 -87.11 61.71 49.44
CA ARG B 469 -88.23 61.61 50.35
C ARG B 469 -89.30 60.70 49.73
N MET B 470 -89.14 59.39 49.93
CA MET B 470 -90.19 58.48 49.53
C MET B 470 -91.35 58.57 50.50
N SER B 471 -92.57 58.62 49.95
CA SER B 471 -93.77 58.77 50.76
C SER B 471 -94.42 57.45 51.12
N SER B 472 -94.15 56.39 50.38
CA SER B 472 -94.69 55.06 50.66
C SER B 472 -93.60 54.01 50.47
N TYR B 473 -93.64 52.98 51.29
CA TYR B 473 -92.75 51.82 51.15
C TYR B 473 -93.63 50.57 51.15
N THR B 474 -93.52 49.78 50.10
CA THR B 474 -94.44 48.66 49.88
C THR B 474 -93.74 47.35 50.15
N GLU B 475 -94.46 46.43 50.80
CA GLU B 475 -93.96 45.10 51.06
C GLU B 475 -95.05 44.08 50.78
N HIS B 476 -94.62 42.86 50.44
CA HIS B 476 -95.53 41.74 50.26
C HIS B 476 -95.36 40.76 51.41
N TYR B 477 -96.41 40.57 52.21
CA TYR B 477 -96.35 39.77 53.42
C TYR B 477 -97.24 38.55 53.26
N ARG B 478 -96.65 37.36 53.45
CA ARG B 478 -97.43 36.14 53.37
C ARG B 478 -98.33 35.97 54.59
N HIS B 479 -97.80 36.28 55.77
CA HIS B 479 -98.57 36.16 57.01
C HIS B 479 -98.38 37.41 57.85
N LYS B 480 -99.46 37.82 58.50
CA LYS B 480 -99.44 39.01 59.34
C LYS B 480 -98.43 38.83 60.46
N PRO B 481 -97.31 39.55 60.45
CA PRO B 481 -96.31 39.39 61.51
C PRO B 481 -96.90 39.73 62.86
N HIS B 482 -96.45 39.00 63.89
CA HIS B 482 -96.97 39.19 65.24
C HIS B 482 -96.74 40.59 65.76
N ASP B 483 -95.87 41.37 65.13
CA ASP B 483 -95.61 42.75 65.50
C ASP B 483 -96.36 43.75 64.62
N ILE B 484 -97.53 43.38 64.12
CA ILE B 484 -98.37 44.27 63.33
C ILE B 484 -99.72 44.42 64.03
N LEU B 485 -99.99 45.60 64.58
CA LEU B 485 -101.20 45.82 65.38
C LEU B 485 -102.25 46.54 64.53
N SER B 486 -103.41 45.93 64.39
CA SER B 486 -104.40 46.39 63.42
C SER B 486 -105.37 47.39 64.04
N HIS B 487 -105.83 48.32 63.21
CA HIS B 487 -106.96 49.14 63.61
C HIS B 487 -108.24 48.31 63.56
N ASP B 488 -109.35 48.97 63.91
CA ASP B 488 -110.64 48.28 63.92
C ASP B 488 -110.99 47.69 62.56
N ASP B 489 -110.76 48.44 61.48
CA ASP B 489 -111.15 48.03 60.14
C ASP B 489 -110.14 47.11 59.47
N GLU B 490 -109.03 46.78 60.12
CA GLU B 490 -107.95 45.99 59.52
C GLU B 490 -107.37 46.69 58.30
N THR B 491 -107.82 47.93 58.07
CA THR B 491 -107.34 48.72 56.93
C THR B 491 -106.09 49.51 57.27
N LEU B 492 -105.98 50.00 58.50
CA LEU B 492 -104.82 50.76 58.94
C LEU B 492 -104.12 49.98 60.03
N TRP B 493 -102.94 49.46 59.73
CA TRP B 493 -102.14 48.74 60.70
C TRP B 493 -101.05 49.67 61.22
N LYS B 494 -100.57 49.40 62.42
CA LYS B 494 -99.45 50.12 62.99
C LYS B 494 -98.30 49.14 63.17
N ARG B 495 -97.09 49.58 62.84
CA ARG B 495 -95.89 48.78 63.01
C ARG B 495 -95.43 48.86 64.45
N GLN B 496 -95.29 47.71 65.10
CA GLN B 496 -94.98 47.66 66.52
C GLN B 496 -93.50 47.91 66.81
N THR B 497 -92.61 47.13 66.21
CA THR B 497 -91.19 47.26 66.47
C THR B 497 -90.43 47.39 65.17
N PRO B 498 -89.21 47.92 65.22
CA PRO B 498 -88.48 48.22 63.98
C PRO B 498 -88.23 46.98 63.14
N LYS B 499 -88.49 47.11 61.84
CA LYS B 499 -88.10 46.12 60.86
C LYS B 499 -86.89 46.64 60.10
N LEU B 500 -85.83 45.84 60.05
CA LEU B 500 -84.62 46.20 59.33
C LEU B 500 -84.76 45.73 57.89
N LEU B 501 -84.48 46.63 56.93
CA LEU B 501 -84.71 46.29 55.53
C LEU B 501 -83.63 45.37 54.99
N TYR B 502 -82.37 45.81 55.00
CA TYR B 502 -81.25 45.03 54.48
C TYR B 502 -80.21 44.93 55.59
N ALA B 503 -79.88 43.70 55.98
CA ALA B 503 -78.98 43.45 57.10
C ALA B 503 -77.54 43.25 56.65
N LEU B 504 -77.12 43.87 55.55
CA LEU B 504 -75.73 43.83 55.13
C LEU B 504 -74.88 44.46 56.23
N GLY B 505 -73.91 43.71 56.72
CA GLY B 505 -73.23 44.09 57.96
C GLY B 505 -72.49 45.39 57.84
N LEU B 506 -72.51 46.17 58.93
CA LEU B 506 -71.70 47.37 59.09
C LEU B 506 -72.00 48.46 58.07
N GLY B 507 -73.10 48.32 57.34
CA GLY B 507 -73.45 49.33 56.34
C GLY B 507 -74.09 50.55 56.96
N GLN B 508 -73.59 51.73 56.58
CA GLN B 508 -74.10 52.98 57.13
C GLN B 508 -75.52 53.28 56.67
N THR B 509 -75.97 52.67 55.57
CA THR B 509 -77.31 52.94 55.05
C THR B 509 -78.28 51.86 55.56
N ASN B 510 -78.65 52.01 56.84
CA ASN B 510 -79.56 51.06 57.49
C ASN B 510 -80.97 51.63 57.45
N LEU B 511 -81.69 51.30 56.37
CA LEU B 511 -83.06 51.75 56.23
C LEU B 511 -83.97 50.98 57.18
N ARG B 512 -84.65 51.70 58.08
CA ARG B 512 -85.50 51.09 59.08
C ARG B 512 -86.87 51.75 59.07
N ILE B 513 -87.92 50.96 58.89
CA ILE B 513 -89.28 51.46 58.92
C ILE B 513 -89.65 51.70 60.38
N PRO B 514 -89.90 52.94 60.79
CA PRO B 514 -90.00 53.24 62.22
C PRO B 514 -91.22 52.63 62.86
N GLN B 515 -91.22 52.65 64.20
CA GLN B 515 -92.34 52.12 64.97
C GLN B 515 -93.56 53.01 64.82
N GLY B 516 -94.74 52.43 65.07
CA GLY B 516 -95.98 53.15 64.98
C GLY B 516 -96.41 53.50 63.57
N ALA B 517 -95.53 53.31 62.59
CA ALA B 517 -95.87 53.62 61.20
C ALA B 517 -97.08 52.81 60.75
N LEU B 518 -97.87 53.42 59.88
CA LEU B 518 -99.11 52.83 59.41
C LEU B 518 -98.88 52.04 58.13
N GLY B 519 -99.68 51.00 57.96
CA GLY B 519 -99.69 50.20 56.76
C GLY B 519 -101.10 50.08 56.23
N GLN B 520 -101.33 50.55 55.01
CA GLN B 520 -102.56 50.28 54.30
C GLN B 520 -102.51 48.87 53.74
N VAL B 521 -103.49 48.05 54.09
CA VAL B 521 -103.49 46.64 53.77
C VAL B 521 -104.39 46.39 52.57
N MET B 522 -103.80 45.94 51.47
CA MET B 522 -104.55 45.55 50.29
C MET B 522 -104.46 44.04 50.16
N ALA B 523 -105.61 43.40 50.00
CA ALA B 523 -105.64 41.94 49.96
C ALA B 523 -105.12 41.44 48.62
N ASP B 524 -104.09 40.61 48.66
CA ASP B 524 -103.61 39.89 47.48
C ASP B 524 -103.90 38.42 47.67
N GLU B 525 -104.02 37.70 46.55
CA GLU B 525 -104.48 36.31 46.60
C GLU B 525 -103.57 35.43 47.45
N ASN B 526 -102.37 35.90 47.78
CA ASN B 526 -101.42 35.10 48.55
C ASN B 526 -101.07 35.75 49.90
N GLY B 527 -101.74 36.82 50.27
CA GLY B 527 -101.44 37.47 51.53
C GLY B 527 -101.84 38.94 51.48
N PHE B 528 -100.96 39.78 52.01
CA PHE B 528 -101.25 41.20 52.17
C PHE B 528 -100.16 42.03 51.50
N LEU B 529 -100.55 42.90 50.59
CA LEU B 529 -99.69 43.97 50.15
C LEU B 529 -99.83 45.11 51.15
N VAL B 530 -98.76 45.39 51.88
CA VAL B 530 -98.76 46.40 52.93
C VAL B 530 -98.02 47.61 52.40
N ARG B 531 -98.74 48.72 52.24
CA ARG B 531 -98.14 50.00 51.87
C ARG B 531 -97.96 50.79 53.16
N TRP B 532 -96.75 50.76 53.70
CA TRP B 532 -96.48 51.46 54.95
C TRP B 532 -96.00 52.87 54.66
N GLU B 533 -96.57 53.83 55.38
CA GLU B 533 -96.13 55.21 55.29
C GLU B 533 -94.79 55.37 56.00
N TYR B 534 -93.71 55.12 55.27
CA TYR B 534 -92.37 55.24 55.81
C TYR B 534 -91.53 56.09 54.88
N SER B 535 -90.79 57.04 55.44
CA SER B 535 -90.02 57.95 54.62
C SER B 535 -88.58 57.47 54.49
N TYR B 536 -88.40 56.29 53.88
CA TYR B 536 -87.05 55.82 53.64
C TYR B 536 -86.48 56.46 52.39
N SER B 537 -85.21 56.83 52.47
CA SER B 537 -84.54 57.51 51.36
C SER B 537 -84.25 56.47 50.29
N CYS B 538 -84.69 56.75 49.05
CA CYS B 538 -84.45 55.81 47.96
C CYS B 538 -82.97 55.69 47.62
N TRP B 539 -82.19 56.76 47.80
CA TRP B 539 -80.76 56.68 47.52
C TRP B 539 -80.07 55.70 48.45
N THR B 540 -80.34 55.76 49.76
CA THR B 540 -79.73 54.82 50.69
C THR B 540 -80.24 53.40 50.45
N LEU B 541 -81.51 53.25 50.08
CA LEU B 541 -82.04 51.92 49.80
C LEU B 541 -81.35 51.30 48.59
N PHE B 542 -81.12 52.09 47.54
CA PHE B 542 -80.39 51.59 46.39
C PHE B 542 -78.94 51.32 46.75
N THR B 543 -78.37 52.11 47.66
CA THR B 543 -77.04 51.81 48.17
C THR B 543 -77.01 50.44 48.84
N CYS B 544 -78.03 50.13 49.64
CA CYS B 544 -78.09 48.83 50.30
C CYS B 544 -78.29 47.71 49.28
N GLU B 545 -79.08 47.96 48.25
CA GLU B 545 -79.26 46.95 47.20
C GLU B 545 -77.94 46.70 46.47
N ILE B 546 -77.15 47.75 46.25
CA ILE B 546 -75.84 47.58 45.63
C ILE B 546 -74.90 46.83 46.57
N GLU B 547 -75.01 47.08 47.87
CA GLU B 547 -74.23 46.30 48.83
C GLU B 547 -74.63 44.84 48.79
N MET B 548 -75.92 44.57 48.59
CA MET B 548 -76.38 43.19 48.44
C MET B 548 -75.78 42.56 47.19
N LEU B 549 -75.75 43.31 46.09
CA LEU B 549 -75.13 42.83 44.86
C LEU B 549 -73.64 42.56 45.08
N LEU B 550 -73.00 43.38 45.91
CA LEU B 550 -71.59 43.18 46.19
C LEU B 550 -71.36 41.94 47.06
N HIS B 551 -72.30 41.65 47.95
CA HIS B 551 -72.13 40.52 48.87
C HIS B 551 -72.54 39.20 48.23
N VAL B 552 -73.40 39.26 47.21
CA VAL B 552 -73.94 38.04 46.61
C VAL B 552 -73.38 37.72 45.23
N VAL B 553 -72.38 38.47 44.76
CA VAL B 553 -71.91 38.35 43.38
C VAL B 553 -71.44 36.96 43.05
N SER B 554 -70.92 36.22 44.04
CA SER B 554 -70.38 34.90 43.82
C SER B 554 -71.43 33.80 43.91
N THR B 555 -72.70 34.16 44.03
CA THR B 555 -73.81 33.23 43.98
C THR B 555 -74.34 33.15 42.56
N ALA B 556 -75.45 32.42 42.40
CA ALA B 556 -76.03 32.28 41.07
C ALA B 556 -76.96 33.42 40.72
N ASP B 557 -77.68 33.98 41.70
CA ASP B 557 -78.66 35.03 41.44
C ASP B 557 -78.03 36.35 41.02
N VAL B 558 -76.71 36.43 40.95
CA VAL B 558 -76.04 37.66 40.55
C VAL B 558 -76.64 38.21 39.26
N ILE B 559 -76.78 37.34 38.25
CA ILE B 559 -77.44 37.74 37.01
C ILE B 559 -78.78 38.40 37.31
N HIS B 560 -79.69 37.67 37.97
CA HIS B 560 -80.97 38.26 38.35
C HIS B 560 -80.76 39.49 39.21
N GLN B 561 -79.77 39.45 40.09
CA GLN B 561 -79.46 40.62 40.92
C GLN B 561 -79.18 41.84 40.06
N CYS B 562 -78.40 41.68 38.99
CA CYS B 562 -78.10 42.82 38.13
C CYS B 562 -79.38 43.47 37.62
N GLN B 563 -80.41 42.67 37.33
CA GLN B 563 -81.65 43.22 36.81
C GLN B 563 -82.36 44.06 37.86
N ARG B 564 -82.29 43.64 39.12
CA ARG B 564 -82.86 44.47 40.18
C ARG B 564 -82.03 45.71 40.40
N VAL B 565 -80.79 45.71 39.92
CA VAL B 565 -79.89 46.85 40.11
C VAL B 565 -79.87 47.79 38.90
N LYS B 566 -79.91 47.24 37.69
CA LYS B 566 -79.82 48.05 36.47
C LYS B 566 -80.82 49.21 36.45
N PRO B 567 -82.04 49.06 36.98
CA PRO B 567 -82.95 50.22 37.02
C PRO B 567 -82.42 51.35 37.88
N ILE B 568 -81.53 51.07 38.82
CA ILE B 568 -80.95 52.14 39.63
C ILE B 568 -79.78 52.79 38.90
N ILE B 569 -78.77 51.99 38.54
CA ILE B 569 -77.59 52.52 37.88
C ILE B 569 -77.97 53.33 36.64
N ASP B 570 -78.90 52.82 35.84
CA ASP B 570 -79.34 53.53 34.65
C ASP B 570 -79.80 54.94 34.98
N LEU B 571 -80.58 55.08 36.05
CA LEU B 571 -81.04 56.41 36.46
C LEU B 571 -79.88 57.24 36.96
N VAL B 572 -78.93 56.61 37.67
CA VAL B 572 -77.84 57.34 38.28
C VAL B 572 -77.06 58.12 37.22
N HIS B 573 -76.58 57.42 36.20
CA HIS B 573 -76.01 58.10 35.04
C HIS B 573 -76.98 59.16 34.52
N LYS B 574 -78.25 58.77 34.31
CA LYS B 574 -79.26 59.71 33.85
C LYS B 574 -79.30 60.95 34.75
N VAL B 575 -79.09 60.77 36.04
CA VAL B 575 -78.98 61.91 36.94
C VAL B 575 -77.60 62.54 36.81
N ILE B 576 -76.55 61.72 36.92
CA ILE B 576 -75.19 62.26 36.99
C ILE B 576 -74.83 62.97 35.69
N SER B 577 -75.33 62.46 34.56
CA SER B 577 -75.05 63.10 33.28
C SER B 577 -76.03 64.22 32.96
N THR B 578 -77.05 64.43 33.80
CA THR B 578 -77.99 65.53 33.59
C THR B 578 -77.60 66.80 34.34
N ASP B 579 -77.21 66.69 35.60
CA ASP B 579 -76.76 67.84 36.39
C ASP B 579 -75.55 67.40 37.20
N LEU B 580 -74.35 67.78 36.73
CA LEU B 580 -73.12 67.41 37.41
C LEU B 580 -73.10 67.90 38.86
N SER B 581 -73.91 68.91 39.20
CA SER B 581 -73.88 69.46 40.55
C SER B 581 -74.43 68.49 41.59
N ILE B 582 -75.11 67.42 41.16
CA ILE B 582 -75.55 66.40 42.10
C ILE B 582 -74.55 65.25 42.20
N ALA B 583 -73.42 65.33 41.49
CA ALA B 583 -72.44 64.24 41.50
C ALA B 583 -72.04 63.87 42.92
N ASP B 584 -71.77 64.87 43.76
CA ASP B 584 -71.29 64.59 45.10
C ASP B 584 -72.36 63.96 45.98
N CYS B 585 -73.61 64.40 45.82
CA CYS B 585 -74.69 63.89 46.66
C CYS B 585 -74.90 62.39 46.49
N LEU B 586 -74.56 61.86 45.32
CA LEU B 586 -74.63 60.42 45.06
C LEU B 586 -73.28 59.74 45.20
N LEU B 587 -72.43 60.20 46.11
CA LEU B 587 -71.10 59.61 46.27
C LEU B 587 -71.14 58.14 46.66
N PRO B 588 -72.11 57.66 47.44
CA PRO B 588 -72.07 56.24 47.83
C PRO B 588 -72.13 55.29 46.66
N ILE B 589 -73.07 55.47 45.75
CA ILE B 589 -73.16 54.59 44.59
C ILE B 589 -71.94 54.76 43.70
N THR B 590 -71.41 55.98 43.60
CA THR B 590 -70.27 56.22 42.74
C THR B 590 -69.03 55.50 43.25
N SER B 591 -68.85 55.44 44.57
CA SER B 591 -67.72 54.69 45.11
C SER B 591 -67.95 53.19 44.98
N ARG B 592 -69.20 52.74 45.11
CA ARG B 592 -69.49 51.31 45.02
C ARG B 592 -69.39 50.76 43.62
N ILE B 593 -69.57 51.61 42.60
CA ILE B 593 -69.58 51.13 41.22
C ILE B 593 -68.21 50.57 40.83
N TYR B 594 -67.14 51.15 41.37
CA TYR B 594 -65.80 50.67 41.03
C TYR B 594 -65.58 49.25 41.53
N MET B 595 -65.89 48.99 42.80
CA MET B 595 -65.79 47.64 43.32
C MET B 595 -66.76 46.70 42.58
N LEU B 596 -67.94 47.21 42.22
CA LEU B 596 -68.90 46.40 41.50
C LEU B 596 -68.32 45.93 40.16
N LEU B 597 -67.69 46.85 39.43
CA LEU B 597 -67.07 46.48 38.16
C LEU B 597 -65.93 45.50 38.39
N GLN B 598 -65.06 45.80 39.35
CA GLN B 598 -63.93 44.90 39.63
C GLN B 598 -64.41 43.51 40.01
N ARG B 599 -65.64 43.41 40.52
CA ARG B 599 -66.17 42.11 40.91
C ARG B 599 -66.87 41.40 39.75
N LEU B 600 -67.66 42.14 38.97
CA LEU B 600 -68.54 41.50 37.98
C LEU B 600 -67.89 41.42 36.61
N THR B 601 -66.68 41.96 36.44
CA THR B 601 -66.03 41.81 35.13
C THR B 601 -65.26 40.50 35.01
N THR B 602 -64.96 39.85 36.12
CA THR B 602 -64.19 38.60 36.09
C THR B 602 -65.07 37.36 36.18
N VAL B 603 -66.39 37.53 36.30
CA VAL B 603 -67.30 36.39 36.34
C VAL B 603 -67.36 35.75 34.96
N MET B 604 -67.60 34.45 34.93
CA MET B 604 -67.68 33.73 33.65
C MET B 604 -68.84 34.23 32.81
N ASN B 605 -69.74 35.01 33.40
CA ASN B 605 -70.91 35.56 32.70
C ASN B 605 -70.96 37.06 32.94
N PRO B 606 -70.29 37.84 32.11
CA PRO B 606 -70.37 39.30 32.25
C PRO B 606 -71.76 39.77 31.86
N PRO B 607 -72.57 40.20 32.83
CA PRO B 607 -73.89 40.75 32.47
C PRO B 607 -73.70 42.05 31.70
N MET B 608 -73.45 41.91 30.39
CA MET B 608 -72.88 42.98 29.59
C MET B 608 -73.60 44.31 29.82
N ASP B 609 -74.92 44.27 29.95
CA ASP B 609 -75.67 45.51 30.13
C ASP B 609 -75.37 46.17 31.47
N PHE B 610 -75.13 45.39 32.52
CA PHE B 610 -74.78 45.97 33.80
C PHE B 610 -73.41 46.64 33.74
N LEU B 611 -72.42 45.95 33.16
CA LEU B 611 -71.13 46.58 32.94
C LEU B 611 -71.25 47.84 32.11
N SER B 612 -72.14 47.82 31.12
CA SER B 612 -72.30 48.97 30.23
C SER B 612 -72.87 50.17 30.99
N SER B 613 -73.97 49.96 31.71
CA SER B 613 -74.54 51.05 32.48
C SER B 613 -73.57 51.56 33.54
N CYS B 614 -72.83 50.64 34.17
CA CYS B 614 -71.83 51.05 35.13
C CYS B 614 -70.79 51.95 34.49
N VAL B 615 -70.19 51.50 33.38
CA VAL B 615 -69.17 52.30 32.72
C VAL B 615 -69.75 53.60 32.21
N ASP B 616 -71.03 53.62 31.88
CA ASP B 616 -71.66 54.85 31.43
C ASP B 616 -71.75 55.87 32.56
N CYS B 617 -72.25 55.45 33.72
CA CYS B 617 -72.28 56.35 34.86
C CYS B 617 -70.88 56.78 35.25
N LEU B 618 -69.91 55.87 35.14
CA LEU B 618 -68.53 56.23 35.45
C LEU B 618 -68.00 57.25 34.48
N THR B 619 -68.37 57.15 33.19
CA THR B 619 -67.93 58.15 32.22
C THR B 619 -68.58 59.49 32.49
N ALA B 620 -69.86 59.48 32.84
CA ALA B 620 -70.53 60.73 33.19
C ALA B 620 -69.87 61.37 34.41
N LEU B 621 -69.35 60.54 35.32
CA LEU B 621 -68.59 61.09 36.44
C LEU B 621 -67.24 61.60 35.98
N ALA B 622 -66.64 60.94 34.98
CA ALA B 622 -65.35 61.34 34.46
C ALA B 622 -65.44 62.63 33.65
N THR B 623 -66.63 63.00 33.19
CA THR B 623 -66.79 64.21 32.40
C THR B 623 -66.54 65.47 33.22
N ARG B 624 -66.53 65.36 34.55
CA ARG B 624 -66.24 66.49 35.42
C ARG B 624 -64.95 66.33 36.20
N LEU B 625 -64.60 65.09 36.58
CA LEU B 625 -63.39 64.82 37.35
C LEU B 625 -62.52 63.82 36.59
N PRO B 626 -61.82 64.28 35.55
CA PRO B 626 -61.08 63.33 34.70
C PRO B 626 -60.03 62.51 35.43
N ALA B 627 -59.08 63.16 36.11
CA ALA B 627 -57.99 62.41 36.71
C ALA B 627 -58.46 61.56 37.87
N LYS B 628 -59.48 62.01 38.60
CA LYS B 628 -59.98 61.22 39.72
C LYS B 628 -60.60 59.91 39.25
N VAL B 629 -61.51 59.99 38.29
CA VAL B 629 -62.09 58.79 37.71
C VAL B 629 -60.99 57.95 37.06
N TRP B 630 -59.99 58.60 36.48
CA TRP B 630 -58.90 57.87 35.83
C TRP B 630 -58.16 57.00 36.84
N THR B 631 -57.74 57.59 37.96
CA THR B 631 -57.01 56.82 38.96
C THR B 631 -57.90 55.76 39.59
N ASP B 632 -59.16 56.12 39.87
CA ASP B 632 -60.08 55.15 40.46
C ASP B 632 -60.25 53.93 39.57
N LEU B 633 -60.54 54.14 38.29
CA LEU B 633 -60.74 53.03 37.37
C LEU B 633 -59.44 52.27 37.09
N ARG B 634 -58.31 52.96 36.97
CA ARG B 634 -57.05 52.25 36.78
C ARG B 634 -56.71 51.41 38.00
N HIS B 635 -57.24 51.77 39.16
CA HIS B 635 -57.00 50.98 40.36
C HIS B 635 -57.72 49.63 40.32
N THR B 636 -58.82 49.53 39.58
CA THR B 636 -59.58 48.28 39.54
C THR B 636 -59.26 47.42 38.33
N GLY B 637 -58.52 47.95 37.35
CA GLY B 637 -58.21 47.18 36.16
C GLY B 637 -59.44 46.86 35.34
N GLY B 659 -56.01 43.34 30.65
CA GLY B 659 -57.03 44.16 31.25
C GLY B 659 -58.38 43.50 31.31
N GLY B 660 -59.20 43.92 32.29
CA GLY B 660 -60.52 43.33 32.43
C GLY B 660 -61.46 43.64 31.28
N TYR B 661 -61.16 44.69 30.51
CA TYR B 661 -62.03 45.05 29.41
C TYR B 661 -61.87 44.09 28.23
N GLY B 662 -60.72 43.41 28.15
CA GLY B 662 -60.47 42.49 27.04
C GLY B 662 -61.46 41.35 26.99
N SER B 663 -61.91 40.87 28.15
CA SER B 663 -62.89 39.79 28.16
C SER B 663 -64.24 40.26 27.62
N LEU B 664 -64.69 41.43 28.06
CA LEU B 664 -65.94 41.98 27.52
C LEU B 664 -65.82 42.23 26.02
N PHE B 665 -64.66 42.68 25.56
CA PHE B 665 -64.46 42.91 24.13
C PHE B 665 -64.53 41.61 23.35
N GLY B 666 -63.86 40.56 23.83
CA GLY B 666 -63.95 39.27 23.18
C GLY B 666 -65.37 38.73 23.15
N ILE B 667 -66.09 38.84 24.27
CA ILE B 667 -67.45 38.30 24.33
C ILE B 667 -68.37 39.10 23.42
N GLU B 668 -68.13 40.40 23.30
CA GLU B 668 -68.93 41.22 22.40
C GLU B 668 -68.66 40.87 20.95
N GLN B 669 -67.38 40.72 20.58
CA GLN B 669 -67.05 40.32 19.22
C GLN B 669 -67.63 38.97 18.89
N SER B 670 -67.67 38.05 19.87
CA SER B 670 -68.25 36.74 19.61
C SER B 670 -69.76 36.80 19.49
N GLN B 671 -70.42 37.60 20.33
CA GLN B 671 -71.88 37.60 20.34
C GLN B 671 -72.46 38.50 19.26
N GLY B 672 -71.93 39.71 19.08
CA GLY B 672 -72.44 40.61 18.07
C GLY B 672 -73.17 41.84 18.58
N GLU B 673 -72.95 42.22 19.83
CA GLU B 673 -73.41 43.49 20.37
C GLU B 673 -72.28 44.09 21.19
N TYR B 674 -72.08 45.40 21.07
CA TYR B 674 -70.85 46.04 21.54
C TYR B 674 -71.12 47.17 22.52
N SER B 675 -72.13 47.01 23.39
CA SER B 675 -72.39 48.04 24.39
C SER B 675 -71.23 48.17 25.37
N VAL B 676 -70.58 47.05 25.70
CA VAL B 676 -69.44 47.09 26.61
C VAL B 676 -68.28 47.82 25.97
N THR B 677 -67.91 47.42 24.74
CA THR B 677 -66.82 48.08 24.05
C THR B 677 -67.14 49.55 23.82
N LEU B 678 -68.38 49.85 23.41
CA LEU B 678 -68.76 51.24 23.16
C LEU B 678 -68.70 52.06 24.44
N SER B 679 -69.08 51.48 25.57
CA SER B 679 -68.98 52.20 26.83
C SER B 679 -67.52 52.45 27.18
N PHE B 680 -66.68 51.44 27.00
CA PHE B 680 -65.24 51.65 27.18
C PHE B 680 -64.76 52.80 26.33
N LEU B 681 -65.23 52.87 25.10
CA LEU B 681 -64.80 53.92 24.19
C LEU B 681 -65.28 55.29 24.65
N ARG B 682 -66.52 55.37 25.13
CA ARG B 682 -67.05 56.66 25.58
C ARG B 682 -66.27 57.15 26.79
N LEU B 683 -66.03 56.28 27.76
CA LEU B 683 -65.21 56.66 28.91
C LEU B 683 -63.82 57.09 28.47
N ILE B 684 -63.22 56.35 27.54
CA ILE B 684 -61.86 56.67 27.11
C ILE B 684 -61.82 58.01 26.40
N THR B 685 -62.83 58.29 25.57
CA THR B 685 -62.88 59.56 24.86
C THR B 685 -63.06 60.72 25.83
N THR B 686 -63.93 60.56 26.83
CA THR B 686 -64.08 61.62 27.82
C THR B 686 -62.78 61.82 28.59
N LEU B 687 -62.10 60.73 28.93
CA LEU B 687 -60.85 60.84 29.67
C LEU B 687 -59.78 61.57 28.86
N VAL B 688 -59.65 61.22 27.59
CA VAL B 688 -58.62 61.83 26.75
C VAL B 688 -58.99 63.27 26.41
N LYS B 689 -60.30 63.59 26.48
CA LYS B 689 -60.74 64.94 26.15
C LYS B 689 -60.80 65.84 27.38
N GLY B 690 -60.96 65.27 28.57
CA GLY B 690 -61.10 66.04 29.78
C GLY B 690 -59.83 66.75 30.21
N GLN B 691 -58.81 66.73 29.36
CA GLN B 691 -57.53 67.40 29.60
C GLN B 691 -56.85 66.84 30.85
N LEU B 692 -56.70 65.52 30.86
CA LEU B 692 -55.86 64.88 31.86
C LEU B 692 -54.45 65.40 31.74
N GLY B 693 -53.89 65.88 32.85
CA GLY B 693 -52.57 66.49 32.83
C GLY B 693 -51.51 65.63 32.17
N SER B 694 -50.46 66.26 31.67
CA SER B 694 -49.41 65.60 30.91
C SER B 694 -48.94 64.29 31.54
N THR B 695 -48.87 64.25 32.87
CA THR B 695 -48.45 63.03 33.55
C THR B 695 -49.50 61.92 33.40
N GLN B 696 -50.74 62.28 33.10
CA GLN B 696 -51.83 61.32 33.11
C GLN B 696 -52.05 60.63 31.77
N SER B 697 -51.55 61.21 30.67
CA SER B 697 -51.78 60.61 29.36
C SER B 697 -51.05 59.28 29.20
N GLN B 698 -49.93 59.11 29.91
CA GLN B 698 -49.12 57.90 29.74
C GLN B 698 -49.86 56.65 30.17
N GLY B 699 -50.79 56.77 31.13
CA GLY B 699 -51.51 55.60 31.60
C GLY B 699 -52.60 55.14 30.65
N LEU B 700 -53.07 56.03 29.78
CA LEU B 700 -54.11 55.68 28.81
C LEU B 700 -53.56 55.24 27.46
N VAL B 701 -52.26 55.40 27.23
CA VAL B 701 -51.68 55.04 25.93
C VAL B 701 -51.88 53.57 25.60
N PRO B 702 -51.88 52.64 26.56
CA PRO B 702 -52.19 51.25 26.20
C PRO B 702 -53.60 51.09 25.67
N CYS B 703 -54.58 51.73 26.32
CA CYS B 703 -55.93 51.74 25.76
C CYS B 703 -55.93 52.37 24.38
N ILE B 704 -55.07 53.35 24.13
CA ILE B 704 -55.02 53.97 22.81
C ILE B 704 -54.49 52.99 21.78
N LEU B 705 -53.43 52.24 22.12
CA LEU B 705 -52.93 51.23 21.21
C LEU B 705 -53.99 50.17 20.94
N PHE B 706 -54.78 49.83 21.96
CA PHE B 706 -55.89 48.90 21.75
C PHE B 706 -56.92 49.49 20.81
N VAL B 707 -57.18 50.79 20.90
CA VAL B 707 -58.19 51.42 20.07
C VAL B 707 -57.68 51.58 18.64
N LEU B 708 -56.35 51.58 18.47
CA LEU B 708 -55.79 51.85 17.16
C LEU B 708 -55.46 50.57 16.39
N ARG B 709 -55.00 49.53 17.08
CA ARG B 709 -54.47 48.34 16.40
C ARG B 709 -55.50 47.24 16.20
N GLU B 710 -56.39 47.01 17.17
CA GLU B 710 -57.30 45.88 17.13
C GLU B 710 -58.73 46.27 16.78
N MET B 711 -59.16 47.48 17.15
CA MET B 711 -60.54 47.87 16.89
C MET B 711 -60.70 48.36 15.45
N LEU B 712 -59.92 49.36 15.07
CA LEU B 712 -60.09 49.97 13.74
C LEU B 712 -59.72 49.04 12.60
N PRO B 713 -58.74 48.13 12.73
CA PRO B 713 -58.36 47.32 11.57
C PRO B 713 -59.34 46.20 11.28
N ASN B 714 -60.06 45.70 12.28
CA ASN B 714 -60.95 44.57 12.09
C ASN B 714 -62.41 44.90 12.29
N TYR B 715 -62.75 46.11 12.75
CA TYR B 715 -64.14 46.45 13.02
C TYR B 715 -65.04 46.25 11.80
N HIS B 716 -64.44 46.17 10.61
CA HIS B 716 -65.24 45.87 9.43
C HIS B 716 -65.67 44.42 9.38
N ARG B 717 -64.84 43.50 9.89
CA ARG B 717 -65.11 42.07 9.79
C ARG B 717 -65.95 41.54 10.95
N TRP B 718 -66.00 42.26 12.07
CA TRP B 718 -66.72 41.80 13.23
C TRP B 718 -68.20 41.63 12.90
N ARG B 719 -68.80 40.61 13.51
CA ARG B 719 -70.19 40.29 13.24
C ARG B 719 -71.08 41.43 13.71
N TYR B 720 -72.00 41.84 12.85
CA TYR B 720 -72.93 42.90 13.18
C TYR B 720 -74.31 42.30 13.28
N ASN B 721 -74.81 42.16 14.51
CA ASN B 721 -76.15 41.63 14.70
C ASN B 721 -77.23 42.57 14.18
N SER B 722 -76.98 43.88 14.19
CA SER B 722 -77.89 44.86 13.63
C SER B 722 -77.10 45.80 12.72
N HIS B 723 -77.79 46.44 11.80
CA HIS B 723 -77.15 47.41 10.92
C HIS B 723 -76.89 48.71 11.68
N GLY B 724 -75.84 49.42 11.28
CA GLY B 724 -75.48 50.68 11.89
C GLY B 724 -74.49 50.58 13.02
N VAL B 725 -74.55 49.53 13.83
CA VAL B 725 -73.70 49.45 15.01
C VAL B 725 -72.23 49.31 14.61
N ARG B 726 -71.96 48.59 13.53
CA ARG B 726 -70.59 48.52 13.03
C ARG B 726 -70.09 49.91 12.64
N GLU B 727 -70.93 50.65 11.89
CA GLU B 727 -70.57 51.99 11.48
C GLU B 727 -70.35 52.90 12.69
N GLN B 728 -71.24 52.83 13.68
CA GLN B 728 -71.09 53.70 14.84
C GLN B 728 -69.87 53.32 15.67
N LEU B 729 -69.54 52.03 15.74
CA LEU B 729 -68.30 51.61 16.38
C LEU B 729 -67.10 52.25 15.70
N GLY B 730 -67.03 52.12 14.37
CA GLY B 730 -65.97 52.79 13.63
C GLY B 730 -65.95 54.28 13.85
N PHE B 731 -67.14 54.89 13.94
CA PHE B 731 -67.25 56.34 14.06
C PHE B 731 -66.75 56.81 15.41
N GLN B 732 -67.10 56.10 16.48
CA GLN B 732 -66.58 56.45 17.79
C GLN B 732 -65.07 56.24 17.85
N ILE B 733 -64.56 55.18 17.21
CA ILE B 733 -63.12 54.98 17.14
C ILE B 733 -62.46 56.20 16.49
N LEU B 734 -62.99 56.63 15.35
CA LEU B 734 -62.42 57.79 14.65
C LEU B 734 -62.56 59.06 15.47
N SER B 735 -63.68 59.22 16.19
CA SER B 735 -63.86 60.41 17.01
C SER B 735 -62.82 60.47 18.11
N LEU B 736 -62.59 59.36 18.79
CA LEU B 736 -61.52 59.32 19.79
C LEU B 736 -60.18 59.66 19.16
N ILE B 737 -59.88 59.02 18.02
CA ILE B 737 -58.60 59.28 17.36
C ILE B 737 -58.42 60.77 17.07
N HIS B 738 -59.43 61.39 16.46
CA HIS B 738 -59.31 62.79 16.08
C HIS B 738 -59.20 63.69 17.30
N ALA B 739 -60.13 63.56 18.25
CA ALA B 739 -60.09 64.43 19.43
C ALA B 739 -58.76 64.31 20.14
N ILE B 740 -58.17 63.12 20.17
CA ILE B 740 -56.82 63.00 20.68
C ILE B 740 -55.86 63.81 19.82
N LEU B 741 -55.98 63.66 18.50
CA LEU B 741 -55.08 64.37 17.59
C LEU B 741 -55.34 65.86 17.57
N ASN B 742 -56.52 66.31 17.98
CA ASN B 742 -56.85 67.73 18.00
C ASN B 742 -56.46 68.41 19.31
N LEU B 743 -55.85 67.68 20.23
CA LEU B 743 -55.40 68.26 21.49
C LEU B 743 -54.19 69.15 21.25
N LEU B 756 -49.63 61.32 22.76
CA LEU B 756 -50.92 61.35 22.08
C LEU B 756 -50.72 61.60 20.59
N ARG B 757 -50.14 62.75 20.26
CA ARG B 757 -49.93 63.10 18.87
C ARG B 757 -48.95 62.15 18.20
N SER B 758 -47.75 61.99 18.77
CA SER B 758 -46.72 61.18 18.14
C SER B 758 -47.18 59.74 17.97
N LEU B 759 -47.85 59.18 18.98
CA LEU B 759 -48.26 57.79 18.91
C LEU B 759 -49.32 57.57 17.85
N CYS B 760 -50.33 58.44 17.81
CA CYS B 760 -51.36 58.33 16.78
C CYS B 760 -50.75 58.46 15.40
N ILE B 761 -49.80 59.40 15.25
CA ILE B 761 -49.18 59.61 13.95
C ILE B 761 -48.43 58.35 13.51
N PHE B 762 -47.58 57.82 14.39
CA PHE B 762 -46.81 56.63 14.04
C PHE B 762 -47.72 55.45 13.72
N SER B 763 -48.78 55.26 14.51
CA SER B 763 -49.69 54.16 14.26
C SER B 763 -50.38 54.30 12.92
N LEU B 764 -50.89 55.50 12.61
CA LEU B 764 -51.58 55.69 11.34
C LEU B 764 -50.64 55.54 10.15
N THR B 765 -49.37 55.95 10.31
CA THR B 765 -48.47 55.95 9.17
C THR B 765 -47.76 54.61 8.97
N ASN B 766 -47.70 53.75 9.98
CA ASN B 766 -46.96 52.51 9.85
C ASN B 766 -47.75 51.25 10.19
N THR B 767 -49.06 51.34 10.40
CA THR B 767 -49.85 50.18 10.76
C THR B 767 -51.14 50.13 9.94
N GLU B 768 -51.94 49.10 10.20
CA GLU B 768 -53.14 48.83 9.42
C GLU B 768 -54.15 49.96 9.51
N ALA B 769 -54.10 50.80 10.54
CA ALA B 769 -55.07 51.87 10.67
C ALA B 769 -55.08 52.76 9.44
N GLY B 770 -53.90 52.96 8.84
CA GLY B 770 -53.84 53.76 7.63
C GLY B 770 -54.76 53.24 6.54
N GLN B 771 -54.59 51.96 6.18
CA GLN B 771 -55.41 51.39 5.12
C GLN B 771 -56.88 51.30 5.54
N ALA B 772 -57.13 51.10 6.83
CA ALA B 772 -58.52 51.04 7.29
C ALA B 772 -59.23 52.36 7.08
N VAL B 773 -58.61 53.45 7.52
CA VAL B 773 -59.21 54.77 7.31
C VAL B 773 -59.26 55.09 5.82
N ILE B 774 -58.26 54.62 5.07
CA ILE B 774 -58.29 54.79 3.63
C ILE B 774 -59.54 54.16 3.05
N ASN B 775 -59.87 52.95 3.50
CA ASN B 775 -61.07 52.28 3.01
C ASN B 775 -62.33 53.03 3.42
N ILE B 776 -62.38 53.47 4.68
CA ILE B 776 -63.51 54.26 5.15
C ILE B 776 -63.73 55.46 4.24
N MET B 777 -62.64 56.07 3.78
CA MET B 777 -62.75 57.17 2.83
C MET B 777 -63.15 56.67 1.44
N GLY B 778 -62.66 55.51 1.04
CA GLY B 778 -62.82 54.99 -0.30
C GLY B 778 -64.08 54.22 -0.57
N ILE B 779 -65.01 54.19 0.39
CA ILE B 779 -66.30 53.56 0.14
C ILE B 779 -66.99 54.17 -1.08
N GLY B 780 -66.51 55.32 -1.53
CA GLY B 780 -67.03 55.94 -2.73
C GLY B 780 -68.31 56.73 -2.48
N VAL B 781 -68.39 57.87 -3.16
CA VAL B 781 -69.53 58.77 -2.97
C VAL B 781 -70.82 58.11 -3.38
N ASP B 782 -70.76 57.14 -4.28
CA ASP B 782 -71.97 56.51 -4.77
C ASP B 782 -72.64 55.68 -3.68
N THR B 783 -71.87 54.82 -2.99
CA THR B 783 -72.44 54.09 -1.88
C THR B 783 -73.00 55.03 -0.83
N LEU B 784 -72.30 56.13 -0.59
CA LEU B 784 -72.80 57.13 0.34
C LEU B 784 -74.18 57.62 -0.07
N ASN B 785 -74.28 58.20 -1.27
CA ASN B 785 -75.56 58.75 -1.72
C ASN B 785 -76.63 57.68 -1.76
N THR B 786 -76.24 56.43 -2.04
CA THR B 786 -77.21 55.34 -2.10
C THR B 786 -77.81 55.10 -0.74
N VAL B 787 -76.96 54.91 0.28
CA VAL B 787 -77.47 54.75 1.63
C VAL B 787 -78.22 56.00 2.07
N MET B 788 -77.86 57.15 1.50
CA MET B 788 -78.54 58.40 1.82
C MET B 788 -79.98 58.37 1.33
N LEU B 789 -80.21 57.81 0.14
CA LEU B 789 -81.59 57.68 -0.34
C LEU B 789 -82.34 56.59 0.40
N THR B 790 -81.63 55.75 1.16
CA THR B 790 -82.27 54.68 1.91
C THR B 790 -83.01 55.19 3.15
N GLN B 791 -82.71 56.39 3.63
CA GLN B 791 -83.38 56.90 4.82
C GLN B 791 -84.85 57.17 4.51
N ALA B 792 -85.73 56.63 5.37
CA ALA B 792 -87.16 56.57 5.05
C ALA B 792 -87.99 57.65 5.70
N GLY B 793 -87.39 58.57 6.46
CA GLY B 793 -88.18 59.55 7.17
C GLY B 793 -87.59 60.94 7.06
N SER B 794 -88.18 61.87 7.82
CA SER B 794 -87.70 63.24 7.84
C SER B 794 -86.23 63.33 8.22
N SER B 795 -85.66 62.27 8.77
CA SER B 795 -84.28 62.33 9.26
C SER B 795 -83.27 62.19 8.11
N GLY B 796 -83.45 63.01 7.08
CA GLY B 796 -82.41 63.11 6.05
C GLY B 796 -81.15 63.74 6.57
N THR B 797 -81.25 64.56 7.61
CA THR B 797 -80.10 65.05 8.34
C THR B 797 -79.75 64.20 9.54
N GLU B 798 -80.51 63.14 9.81
CA GLU B 798 -80.30 62.34 11.01
C GLU B 798 -80.49 60.86 10.72
N GLY B 799 -80.23 60.44 9.48
CA GLY B 799 -80.30 59.05 9.10
C GLY B 799 -78.99 58.32 9.37
N GLN B 800 -79.05 56.99 9.21
CA GLN B 800 -77.83 56.20 9.23
C GLN B 800 -76.80 56.76 8.25
N GLY B 801 -77.28 57.28 7.12
CA GLY B 801 -76.39 57.94 6.19
C GLY B 801 -75.71 59.15 6.76
N GLN B 802 -76.36 59.84 7.71
CA GLN B 802 -75.70 60.97 8.36
C GLN B 802 -74.50 60.51 9.17
N MET B 803 -74.68 59.46 9.98
CA MET B 803 -73.54 58.91 10.71
C MET B 803 -72.48 58.42 9.75
N LEU B 804 -72.89 57.84 8.63
CA LEU B 804 -71.93 57.35 7.64
C LEU B 804 -71.08 58.49 7.09
N MET B 805 -71.74 59.55 6.64
CA MET B 805 -71.01 60.72 6.14
C MET B 805 -70.13 61.31 7.23
N GLN B 806 -70.59 61.27 8.47
CA GLN B 806 -69.76 61.74 9.57
C GLN B 806 -68.49 60.89 9.67
N THR B 807 -68.62 59.58 9.53
CA THR B 807 -67.45 58.70 9.56
C THR B 807 -66.51 59.00 8.40
N ILE B 808 -67.08 59.27 7.23
CA ILE B 808 -66.24 59.59 6.07
C ILE B 808 -65.47 60.88 6.31
N LYS B 809 -66.17 61.94 6.71
CA LYS B 809 -65.50 63.20 6.98
C LYS B 809 -64.48 63.06 8.11
N LEU B 810 -64.75 62.17 9.06
CA LEU B 810 -63.78 61.91 10.11
C LEU B 810 -62.51 61.29 9.53
N ALA B 811 -62.65 60.27 8.69
CA ALA B 811 -61.47 59.67 8.07
C ALA B 811 -60.72 60.71 7.26
N PHE B 812 -61.44 61.60 6.59
CA PHE B 812 -60.80 62.61 5.75
C PHE B 812 -60.03 63.62 6.60
N SER B 813 -60.66 64.18 7.62
CA SER B 813 -59.96 65.11 8.51
C SER B 813 -58.78 64.41 9.19
N ILE B 814 -58.92 63.12 9.48
CA ILE B 814 -57.83 62.36 10.07
C ILE B 814 -56.64 62.35 9.14
N THR B 815 -56.83 61.88 7.91
CA THR B 815 -55.73 61.86 6.94
C THR B 815 -55.16 63.25 6.73
N ASN B 816 -56.03 64.26 6.75
CA ASN B 816 -55.56 65.63 6.60
C ASN B 816 -54.60 66.00 7.72
N ASN B 817 -55.02 65.79 8.97
CA ASN B 817 -54.16 66.10 10.10
C ASN B 817 -52.87 65.30 10.03
N VAL B 818 -52.96 64.02 9.67
CA VAL B 818 -51.78 63.16 9.66
C VAL B 818 -50.77 63.67 8.63
N ILE B 819 -51.25 64.03 7.45
CA ILE B 819 -50.37 64.59 6.43
C ILE B 819 -49.78 65.91 6.93
N ARG B 820 -50.59 66.70 7.64
CA ARG B 820 -50.12 67.99 8.10
C ARG B 820 -49.01 67.86 9.13
N LEU B 821 -49.13 66.89 10.04
CA LEU B 821 -48.22 66.79 11.16
C LEU B 821 -46.95 66.02 10.85
N LYS B 822 -46.96 65.18 9.83
CA LYS B 822 -45.76 64.44 9.46
C LYS B 822 -44.88 65.33 8.59
N PRO B 830 -45.58 54.15 4.82
CA PRO B 830 -46.40 53.28 3.95
C PRO B 830 -47.72 53.93 3.55
N LEU B 831 -48.29 54.73 4.45
CA LEU B 831 -49.60 55.33 4.21
C LEU B 831 -49.61 56.13 2.91
N GLU B 832 -48.60 56.97 2.71
CA GLU B 832 -48.54 57.77 1.48
C GLU B 832 -48.49 56.87 0.25
N HIS B 833 -47.76 55.77 0.34
CA HIS B 833 -47.69 54.85 -0.78
C HIS B 833 -49.06 54.24 -1.08
N ALA B 834 -49.79 53.85 -0.04
CA ALA B 834 -51.14 53.33 -0.26
C ALA B 834 -52.05 54.39 -0.84
N LEU B 835 -51.87 55.65 -0.43
CA LEU B 835 -52.73 56.73 -0.92
C LEU B 835 -52.44 57.07 -2.37
N THR B 836 -51.21 56.90 -2.83
CA THR B 836 -50.89 57.15 -4.23
C THR B 836 -50.93 55.89 -5.07
N GLN B 837 -50.98 54.72 -4.45
CA GLN B 837 -51.01 53.48 -5.20
C GLN B 837 -52.26 53.39 -6.06
N HIS B 838 -52.12 52.73 -7.21
CA HIS B 838 -53.28 52.41 -8.04
C HIS B 838 -53.90 51.13 -7.50
N GLY B 839 -55.11 51.24 -6.94
CA GLY B 839 -55.75 50.08 -6.34
C GLY B 839 -55.85 48.93 -7.32
N ALA B 840 -55.76 47.71 -6.78
CA ALA B 840 -55.72 46.53 -7.61
C ALA B 840 -56.98 46.32 -8.45
N HIS B 841 -58.02 47.13 -8.23
CA HIS B 841 -59.27 46.97 -8.96
C HIS B 841 -59.45 48.04 -10.04
N GLY B 842 -58.42 48.83 -10.31
CA GLY B 842 -58.48 49.84 -11.35
C GLY B 842 -58.86 51.23 -10.89
N ASN B 843 -59.51 51.38 -9.74
CA ASN B 843 -59.92 52.69 -9.23
C ASN B 843 -58.88 53.16 -8.23
N ASN B 844 -57.93 53.96 -8.70
CA ASN B 844 -56.95 54.57 -7.81
C ASN B 844 -57.68 55.37 -6.73
N LEU B 845 -57.23 55.21 -5.48
CA LEU B 845 -57.91 55.85 -4.37
C LEU B 845 -58.09 57.34 -4.61
N ILE B 846 -57.08 57.99 -5.18
CA ILE B 846 -57.16 59.43 -5.43
C ILE B 846 -58.32 59.73 -6.37
N ALA B 847 -58.64 58.79 -7.26
CA ALA B 847 -59.77 59.01 -8.16
C ALA B 847 -61.08 58.95 -7.39
N VAL B 848 -61.22 57.99 -6.47
CA VAL B 848 -62.40 57.94 -5.64
C VAL B 848 -62.53 59.22 -4.84
N LEU B 849 -61.39 59.73 -4.36
CA LEU B 849 -61.40 60.99 -3.64
C LEU B 849 -61.91 62.13 -4.51
N ALA B 850 -61.35 62.26 -5.71
CA ALA B 850 -61.77 63.33 -6.61
C ALA B 850 -63.24 63.23 -6.95
N LYS B 851 -63.73 62.01 -7.18
CA LYS B 851 -65.14 61.83 -7.51
C LYS B 851 -66.06 62.39 -6.45
N TYR B 852 -65.58 62.49 -5.20
CA TYR B 852 -66.39 63.07 -4.14
C TYR B 852 -66.81 64.50 -4.45
N ILE B 853 -66.20 65.13 -5.46
CA ILE B 853 -66.65 66.43 -5.92
C ILE B 853 -68.10 66.37 -6.34
N TYR B 854 -68.63 65.17 -6.58
CA TYR B 854 -70.02 64.99 -6.93
C TYR B 854 -70.95 65.13 -5.72
N HIS B 855 -70.44 65.00 -4.50
CA HIS B 855 -71.27 65.09 -3.31
C HIS B 855 -71.82 66.51 -3.19
N ARG B 856 -73.14 66.65 -3.27
CA ARG B 856 -73.77 67.95 -3.29
C ARG B 856 -74.65 68.26 -2.08
N TYR B 857 -74.72 67.37 -1.10
CA TYR B 857 -75.55 67.63 0.07
C TYR B 857 -74.73 68.23 1.21
N ASP B 858 -73.47 67.83 1.36
CA ASP B 858 -72.65 68.29 2.46
C ASP B 858 -71.34 68.88 1.94
N PRO B 859 -71.21 70.21 1.92
CA PRO B 859 -70.03 70.81 1.28
C PRO B 859 -68.74 70.53 2.00
N SER B 860 -68.77 70.31 3.32
CA SER B 860 -67.54 70.08 4.06
C SER B 860 -66.81 68.84 3.58
N LEU B 861 -67.56 67.80 3.17
CA LEU B 861 -66.89 66.60 2.66
C LEU B 861 -66.09 66.90 1.41
N PRO B 862 -66.65 67.55 0.39
CA PRO B 862 -65.82 67.87 -0.78
C PRO B 862 -64.73 68.88 -0.48
N ARG B 863 -64.98 69.82 0.43
CA ARG B 863 -63.94 70.77 0.80
C ARG B 863 -62.74 70.05 1.40
N LEU B 864 -63.00 69.08 2.29
CA LEU B 864 -61.92 68.32 2.90
C LEU B 864 -61.24 67.41 1.88
N ALA B 865 -62.02 66.82 0.98
CA ALA B 865 -61.41 66.04 -0.10
C ALA B 865 -60.48 66.90 -0.94
N ILE B 866 -60.89 68.14 -1.20
CA ILE B 866 -60.06 69.07 -1.94
C ILE B 866 -58.80 69.41 -1.14
N GLN B 867 -58.94 69.54 0.18
CA GLN B 867 -57.77 69.80 1.00
C GLN B 867 -56.78 68.65 0.91
N LEU B 868 -57.28 67.42 1.03
CA LEU B 868 -56.43 66.26 0.85
C LEU B 868 -55.81 66.25 -0.53
N LEU B 869 -56.55 66.70 -1.54
CA LEU B 869 -56.02 66.74 -2.90
C LEU B 869 -54.87 67.73 -3.01
N LYS B 870 -55.05 68.93 -2.48
CA LYS B 870 -53.98 69.92 -2.48
C LYS B 870 -52.76 69.39 -1.76
N ARG B 871 -52.97 68.75 -0.61
CA ARG B 871 -51.84 68.19 0.12
C ARG B 871 -51.11 67.15 -0.71
N LEU B 872 -51.85 66.18 -1.26
CA LEU B 872 -51.23 65.14 -2.07
C LEU B 872 -50.51 65.74 -3.27
N ALA B 873 -51.07 66.79 -3.86
CA ALA B 873 -50.37 67.44 -4.96
C ALA B 873 -49.10 68.11 -4.48
N MET B 874 -49.08 68.54 -3.22
CA MET B 874 -47.83 69.04 -2.66
C MET B 874 -46.83 67.92 -2.45
N VAL B 875 -47.31 66.69 -2.23
CA VAL B 875 -46.42 65.65 -1.72
C VAL B 875 -46.31 64.43 -2.63
N ALA B 876 -47.30 64.20 -3.49
CA ALA B 876 -47.29 62.95 -4.26
C ALA B 876 -46.46 63.11 -5.53
N PRO B 877 -45.77 62.06 -5.98
CA PRO B 877 -44.94 62.20 -7.18
C PRO B 877 -45.61 61.78 -8.48
N MET B 878 -46.70 61.02 -8.42
CA MET B 878 -47.41 60.63 -9.62
C MET B 878 -48.38 61.72 -10.04
N SER B 879 -48.41 62.00 -11.34
CA SER B 879 -49.29 63.05 -11.84
C SER B 879 -50.73 62.69 -11.51
N VAL B 880 -51.49 63.67 -11.03
CA VAL B 880 -52.89 63.42 -10.71
C VAL B 880 -53.65 63.00 -11.95
N TYR B 881 -53.26 63.52 -13.11
CA TYR B 881 -53.90 63.08 -14.35
C TYR B 881 -53.68 61.60 -14.58
N ALA B 882 -52.52 61.08 -14.20
CA ALA B 882 -52.21 59.67 -14.43
C ALA B 882 -53.16 58.76 -13.66
N CYS B 883 -53.19 58.89 -12.34
CA CYS B 883 -54.09 58.07 -11.54
C CYS B 883 -55.55 58.44 -11.78
N LEU B 884 -55.80 59.62 -12.36
CA LEU B 884 -57.16 60.02 -12.67
C LEU B 884 -57.70 59.33 -13.91
N GLY B 885 -56.83 59.07 -14.89
CA GLY B 885 -57.23 58.32 -16.07
C GLY B 885 -58.36 58.99 -16.83
N SER B 886 -59.19 58.18 -17.48
CA SER B 886 -60.21 58.70 -18.39
C SER B 886 -61.25 59.55 -17.68
N ASP B 887 -61.17 59.67 -16.35
CA ASP B 887 -62.07 60.57 -15.64
C ASP B 887 -61.42 61.91 -15.31
N ALA B 888 -60.16 62.12 -15.68
CA ALA B 888 -59.50 63.39 -15.38
C ALA B 888 -60.23 64.54 -16.02
N ALA B 889 -60.53 64.44 -17.31
CA ALA B 889 -61.25 65.51 -17.99
C ALA B 889 -62.64 65.69 -17.41
N ALA B 890 -63.29 64.58 -17.04
CA ALA B 890 -64.61 64.69 -16.45
C ALA B 890 -64.56 65.47 -15.14
N ILE B 891 -63.59 65.14 -14.29
CA ILE B 891 -63.47 65.84 -13.01
C ILE B 891 -63.11 67.30 -13.25
N ARG B 892 -62.32 67.57 -14.29
CA ARG B 892 -61.98 68.95 -14.61
C ARG B 892 -63.22 69.74 -14.98
N ASP B 893 -64.03 69.20 -15.87
CA ASP B 893 -65.27 69.88 -16.25
C ASP B 893 -66.18 70.05 -15.05
N ALA B 894 -66.25 69.03 -14.20
CA ALA B 894 -67.05 69.13 -12.99
C ALA B 894 -66.55 70.26 -12.11
N PHE B 895 -65.23 70.38 -11.96
CA PHE B 895 -64.68 71.46 -11.15
C PHE B 895 -65.01 72.81 -11.75
N LEU B 896 -64.92 72.92 -13.07
CA LEU B 896 -65.23 74.19 -13.71
C LEU B 896 -66.67 74.57 -13.48
N SER B 897 -67.59 73.61 -13.57
CA SER B 897 -68.98 73.91 -13.31
C SER B 897 -69.20 74.30 -11.86
N ARG B 898 -68.66 73.50 -10.93
CA ARG B 898 -68.88 73.75 -9.51
C ARG B 898 -68.31 75.09 -9.08
N LEU B 899 -67.19 75.50 -9.65
CA LEU B 899 -66.66 76.83 -9.36
C LEU B 899 -67.50 77.92 -10.02
N ARG B 900 -67.87 77.72 -11.28
CA ARG B 900 -68.61 78.75 -12.00
C ARG B 900 -69.94 79.05 -11.35
N ASP B 901 -70.60 78.04 -10.78
CA ASP B 901 -71.92 78.25 -10.21
C ASP B 901 -71.86 79.29 -9.10
N ASN B 902 -72.94 80.06 -8.97
CA ASN B 902 -72.99 81.16 -8.03
C ASN B 902 -73.44 80.73 -6.63
N ILE B 903 -74.16 79.62 -6.51
CA ILE B 903 -74.60 79.15 -5.20
C ILE B 903 -73.53 78.37 -4.47
N GLU B 904 -72.38 78.13 -5.10
CA GLU B 904 -71.30 77.43 -4.44
C GLU B 904 -70.78 78.23 -3.26
N ASP B 905 -70.24 77.53 -2.27
CA ASP B 905 -69.72 78.19 -1.08
C ASP B 905 -68.55 79.09 -1.45
N MET B 906 -68.66 80.36 -1.07
CA MET B 906 -67.53 81.27 -1.19
C MET B 906 -66.30 80.70 -0.49
N GLN B 907 -66.53 79.99 0.61
CA GLN B 907 -65.44 79.24 1.23
C GLN B 907 -64.86 78.21 0.27
N ILE B 908 -65.72 77.39 -0.34
CA ILE B 908 -65.24 76.43 -1.34
C ILE B 908 -64.60 77.17 -2.50
N LYS B 909 -65.11 78.37 -2.83
CA LYS B 909 -64.55 79.15 -3.92
C LYS B 909 -63.09 79.52 -3.64
N ILE B 910 -62.85 80.18 -2.51
CA ILE B 910 -61.49 80.56 -2.16
C ILE B 910 -60.63 79.31 -2.00
N MET B 911 -61.21 78.24 -1.47
CA MET B 911 -60.47 76.99 -1.32
C MET B 911 -59.99 76.49 -2.67
N ILE B 912 -60.86 76.53 -3.68
CA ILE B 912 -60.48 76.04 -5.00
C ILE B 912 -59.46 76.98 -5.63
N LEU B 913 -59.60 78.29 -5.37
CA LEU B 913 -58.63 79.23 -5.92
C LEU B 913 -57.24 78.98 -5.33
N GLU B 914 -57.17 78.77 -4.02
CA GLU B 914 -55.92 78.39 -3.40
C GLU B 914 -55.41 77.08 -3.96
N PHE B 915 -56.31 76.12 -4.21
CA PHE B 915 -55.91 74.85 -4.79
C PHE B 915 -55.23 75.06 -6.13
N LEU B 916 -55.82 75.91 -6.98
CA LEU B 916 -55.24 76.20 -8.28
C LEU B 916 -53.88 76.86 -8.14
N THR B 917 -53.79 77.89 -7.32
CA THR B 917 -52.51 78.54 -7.11
C THR B 917 -51.47 77.53 -6.62
N VAL B 918 -51.86 76.65 -5.70
CA VAL B 918 -50.93 75.69 -5.13
C VAL B 918 -50.46 74.71 -6.20
N ALA B 919 -51.38 74.23 -7.02
CA ALA B 919 -50.97 73.35 -8.11
C ALA B 919 -50.06 74.08 -9.08
N VAL B 920 -50.19 75.41 -9.17
CA VAL B 920 -49.32 76.19 -10.03
C VAL B 920 -47.87 76.06 -9.57
N GLU B 921 -47.67 75.77 -8.28
CA GLU B 921 -46.32 75.69 -7.74
C GLU B 921 -45.93 74.27 -7.36
N THR B 922 -46.87 73.33 -7.37
CA THR B 922 -46.60 71.97 -6.94
C THR B 922 -47.13 70.89 -7.87
N GLN B 923 -48.11 71.19 -8.70
CA GLN B 923 -48.73 70.20 -9.57
C GLN B 923 -48.77 70.75 -11.00
N PRO B 924 -47.66 70.64 -11.73
CA PRO B 924 -47.63 71.20 -13.09
C PRO B 924 -48.66 70.59 -14.02
N GLY B 925 -48.78 69.26 -14.01
CA GLY B 925 -49.72 68.61 -14.92
C GLY B 925 -51.15 69.04 -14.70
N LEU B 926 -51.63 68.96 -13.46
CA LEU B 926 -52.99 69.42 -13.18
C LEU B 926 -53.13 70.91 -13.43
N ILE B 927 -52.08 71.68 -13.13
CA ILE B 927 -52.15 73.12 -13.32
C ILE B 927 -52.36 73.45 -14.79
N GLU B 928 -51.77 72.64 -15.68
CA GLU B 928 -52.00 72.85 -17.11
C GLU B 928 -53.37 72.34 -17.51
N LEU B 929 -53.77 71.17 -16.98
CA LEU B 929 -55.04 70.58 -17.36
C LEU B 929 -56.20 71.51 -17.02
N PHE B 930 -56.09 72.22 -15.91
CA PHE B 930 -57.23 72.98 -15.41
C PHE B 930 -57.52 74.22 -16.24
N LEU B 931 -56.48 74.92 -16.69
CA LEU B 931 -56.72 76.16 -17.42
C LEU B 931 -57.32 75.89 -18.79
N ASN B 932 -57.10 74.70 -19.33
CA ASN B 932 -57.59 74.32 -20.65
C ASN B 932 -57.08 75.27 -21.75
N SER B 951 -62.69 77.75 -19.88
CA SER B 951 -61.37 77.93 -19.28
C SER B 951 -61.50 78.66 -17.95
N CYS B 952 -60.54 78.42 -17.06
CA CYS B 952 -60.58 78.98 -15.71
C CYS B 952 -60.39 80.49 -15.72
N LEU B 953 -59.58 81.01 -16.66
CA LEU B 953 -59.27 82.44 -16.67
C LEU B 953 -60.53 83.29 -16.72
N GLN B 954 -61.52 82.88 -17.52
CA GLN B 954 -62.75 83.66 -17.63
C GLN B 954 -63.39 83.88 -16.27
N VAL B 955 -63.33 82.87 -15.40
CA VAL B 955 -63.88 83.02 -14.06
C VAL B 955 -63.14 84.10 -13.30
N VAL B 956 -61.80 84.11 -13.38
CA VAL B 956 -61.03 85.12 -12.69
C VAL B 956 -61.38 86.50 -13.21
N LEU B 957 -61.57 86.63 -14.52
CA LEU B 957 -61.95 87.92 -15.08
C LEU B 957 -63.31 88.35 -14.55
N LYS B 958 -64.25 87.41 -14.47
CA LYS B 958 -65.57 87.74 -13.94
C LYS B 958 -65.47 88.19 -12.49
N LEU B 959 -64.61 87.56 -11.71
CA LEU B 959 -64.46 87.96 -10.31
C LEU B 959 -63.69 89.26 -10.18
N ILE B 960 -62.89 89.61 -11.19
CA ILE B 960 -62.14 90.87 -11.16
C ILE B 960 -62.91 92.01 -11.81
N ASP B 961 -64.08 91.76 -12.36
CA ASP B 961 -64.94 92.81 -12.88
C ASP B 961 -65.15 93.89 -11.80
N TRP B 969 -65.38 93.96 -7.26
CA TRP B 969 -65.35 93.86 -5.79
C TRP B 969 -66.02 92.61 -5.23
N GLY B 970 -66.16 91.54 -6.00
CA GLY B 970 -66.93 90.37 -5.62
C GLY B 970 -66.66 89.88 -4.20
N ALA B 971 -65.39 89.73 -3.86
CA ALA B 971 -64.95 89.45 -2.50
C ALA B 971 -63.46 89.66 -2.45
N PRO B 972 -62.96 90.46 -1.51
CA PRO B 972 -61.51 90.71 -1.46
C PRO B 972 -60.69 89.43 -1.46
N LEU B 973 -61.10 88.41 -0.70
CA LEU B 973 -60.32 87.18 -0.64
C LEU B 973 -60.31 86.45 -1.98
N LEU B 974 -61.41 86.51 -2.73
CA LEU B 974 -61.44 85.85 -4.04
C LEU B 974 -60.42 86.47 -4.98
N HIS B 975 -60.49 87.78 -5.17
CA HIS B 975 -59.53 88.46 -6.02
C HIS B 975 -58.11 88.26 -5.51
N ARG B 976 -57.96 88.21 -4.19
CA ARG B 976 -56.65 87.96 -3.61
C ARG B 976 -56.09 86.63 -4.09
N SER B 977 -56.85 85.55 -3.86
CA SER B 977 -56.38 84.24 -4.28
C SER B 977 -56.15 84.19 -5.78
N ALA B 978 -57.00 84.86 -6.55
CA ALA B 978 -56.86 84.82 -8.00
C ALA B 978 -55.58 85.52 -8.46
N ILE B 979 -55.41 86.78 -8.06
CA ILE B 979 -54.21 87.51 -8.45
C ILE B 979 -52.97 86.83 -7.89
N ALA B 980 -53.11 86.10 -6.78
CA ALA B 980 -51.98 85.34 -6.28
C ALA B 980 -51.61 84.21 -7.24
N PHE B 981 -52.60 83.45 -7.69
CA PHE B 981 -52.33 82.41 -8.68
C PHE B 981 -51.70 83.02 -9.91
N LEU B 982 -52.18 84.20 -10.31
CA LEU B 982 -51.62 84.86 -11.49
C LEU B 982 -50.17 85.24 -11.29
N HIS B 983 -49.87 85.90 -10.17
CA HIS B 983 -48.49 86.27 -9.87
C HIS B 983 -47.60 85.04 -9.84
N ALA B 984 -48.09 83.94 -9.28
CA ALA B 984 -47.29 82.73 -9.24
C ALA B 984 -47.01 82.20 -10.64
N LEU B 985 -48.03 82.18 -11.50
CA LEU B 985 -47.82 81.73 -12.86
C LEU B 985 -46.80 82.62 -13.56
N TRP B 986 -46.86 83.92 -13.32
CA TRP B 986 -45.90 84.82 -13.94
C TRP B 986 -44.51 84.64 -13.34
N GLN B 987 -44.45 84.16 -12.10
CA GLN B 987 -43.17 83.93 -11.45
C GLN B 987 -42.49 82.67 -12.00
N ASP B 988 -43.24 81.57 -12.08
CA ASP B 988 -42.71 80.29 -12.52
C ASP B 988 -42.37 80.27 -14.01
N ARG B 989 -42.45 81.42 -14.68
CA ARG B 989 -42.16 81.51 -16.12
C ARG B 989 -43.08 80.58 -16.91
N ARG B 990 -44.36 80.60 -16.56
CA ARG B 990 -45.36 79.83 -17.29
C ARG B 990 -45.57 80.54 -18.62
N ASP B 991 -44.59 80.33 -19.50
CA ASP B 991 -44.55 81.04 -20.77
C ASP B 991 -45.84 80.87 -21.55
N SER B 992 -46.33 79.63 -21.66
CA SER B 992 -47.62 79.43 -22.33
C SER B 992 -48.68 80.33 -21.71
N ALA B 993 -48.78 80.30 -20.38
CA ALA B 993 -49.76 81.13 -19.69
C ALA B 993 -49.44 82.61 -19.84
N MET B 994 -48.17 82.98 -19.68
CA MET B 994 -47.81 84.39 -19.78
C MET B 994 -48.18 84.96 -21.14
N THR B 995 -47.77 84.29 -22.21
CA THR B 995 -48.08 84.76 -23.56
C THR B 995 -49.57 84.75 -23.82
N VAL B 996 -50.27 83.69 -23.39
CA VAL B 996 -51.70 83.62 -23.64
C VAL B 996 -52.41 84.79 -22.98
N LEU B 997 -52.07 85.09 -21.72
CA LEU B 997 -52.69 86.20 -21.04
C LEU B 997 -52.33 87.52 -21.69
N ARG B 998 -51.03 87.80 -21.85
CA ARG B 998 -50.59 89.08 -22.37
C ARG B 998 -51.24 89.39 -23.72
N THR B 999 -51.78 88.39 -24.38
CA THR B 999 -52.53 88.63 -25.61
C THR B 999 -53.97 89.09 -25.34
N LYS B 1000 -54.54 88.73 -24.20
CA LYS B 1000 -55.94 89.08 -23.94
C LYS B 1000 -56.09 90.59 -23.84
N PRO B 1001 -57.12 91.16 -24.47
CA PRO B 1001 -57.29 92.62 -24.42
C PRO B 1001 -57.56 93.09 -23.01
N ASN B 1002 -57.12 94.32 -22.72
CA ASN B 1002 -57.37 94.98 -21.43
C ASN B 1002 -56.84 94.17 -20.25
N PHE B 1003 -56.02 93.15 -20.53
CA PHE B 1003 -55.47 92.32 -19.45
C PHE B 1003 -54.74 93.17 -18.43
N TRP B 1004 -53.86 94.05 -18.89
CA TRP B 1004 -53.18 94.95 -17.96
C TRP B 1004 -54.15 95.90 -17.29
N GLU B 1005 -55.14 96.40 -18.02
CA GLU B 1005 -56.07 97.36 -17.45
C GLU B 1005 -56.86 96.74 -16.31
N ASN B 1006 -57.51 95.61 -16.58
CA ASN B 1006 -58.32 94.95 -15.55
C ASN B 1006 -57.44 94.35 -14.46
N LEU B 1007 -56.18 94.07 -14.79
CA LEU B 1007 -55.26 93.51 -13.80
C LEU B 1007 -54.79 94.58 -12.83
N THR B 1008 -54.65 95.81 -13.30
CA THR B 1008 -54.09 96.88 -12.49
C THR B 1008 -55.13 97.84 -11.95
N SER B 1009 -56.39 97.71 -12.36
CA SER B 1009 -57.45 98.56 -11.81
C SER B 1009 -57.41 98.68 -10.31
N PRO B 1010 -57.03 97.65 -9.55
CA PRO B 1010 -57.02 97.80 -8.07
C PRO B 1010 -56.02 98.81 -7.58
N LEU B 1011 -54.88 98.98 -8.26
CA LEU B 1011 -53.88 99.93 -7.80
C LEU B 1011 -54.33 101.37 -8.00
N PHE B 1012 -55.19 101.63 -8.97
CA PHE B 1012 -55.64 102.99 -9.26
C PHE B 1012 -56.57 103.53 -8.19
N GLY B 1013 -57.09 102.67 -7.32
CA GLY B 1013 -57.98 103.13 -6.27
C GLY B 1013 -57.22 103.73 -5.10
N THR B 1014 -57.99 104.28 -4.16
CA THR B 1014 -57.45 104.86 -2.94
C THR B 1014 -57.89 103.99 -1.76
N LEU B 1015 -56.94 103.56 -0.96
CA LEU B 1015 -57.23 102.73 0.21
C LEU B 1015 -57.38 103.60 1.45
N ALA B 1016 -58.08 103.07 2.44
CA ALA B 1016 -58.22 103.76 3.70
C ALA B 1016 -56.87 103.83 4.41
N CYS B 1017 -56.74 104.80 5.32
CA CYS B 1017 -55.50 104.98 6.05
C CYS B 1017 -55.20 103.72 6.86
N PRO B 1018 -53.92 103.35 7.00
CA PRO B 1018 -53.58 102.08 7.67
C PRO B 1018 -54.02 102.01 9.13
N SER B 1019 -54.45 103.12 9.72
CA SER B 1019 -54.96 103.05 11.10
C SER B 1019 -56.37 102.48 11.14
N GLU B 1020 -57.17 102.75 10.12
CA GLU B 1020 -58.49 102.16 10.01
C GLU B 1020 -58.38 100.69 9.64
N SER B 1021 -59.52 100.00 9.68
CA SER B 1021 -59.54 98.59 9.33
C SER B 1021 -59.41 98.41 7.82
N SER B 1022 -58.20 98.59 7.29
CA SER B 1022 -57.98 98.42 5.87
C SER B 1022 -57.85 96.93 5.55
N GLU B 1023 -58.61 96.47 4.55
CA GLU B 1023 -58.66 95.05 4.21
C GLU B 1023 -57.29 94.56 3.78
N LEU B 1024 -56.68 93.72 4.62
CA LEU B 1024 -55.36 93.16 4.32
C LEU B 1024 -55.32 92.57 2.91
N SER B 1025 -56.45 92.06 2.43
CA SER B 1025 -56.48 91.48 1.10
C SER B 1025 -56.15 92.52 0.03
N ILE B 1026 -56.55 93.77 0.23
CA ILE B 1026 -56.24 94.81 -0.74
C ILE B 1026 -54.73 94.99 -0.86
N LEU B 1027 -54.05 95.11 0.28
CA LEU B 1027 -52.61 95.30 0.25
C LEU B 1027 -51.91 94.07 -0.34
N GLU B 1028 -52.34 92.87 0.05
CA GLU B 1028 -51.71 91.66 -0.47
C GLU B 1028 -51.90 91.57 -1.98
N THR B 1029 -53.10 91.88 -2.47
CA THR B 1029 -53.35 91.93 -3.90
C THR B 1029 -52.41 92.90 -4.59
N CYS B 1030 -52.44 94.17 -4.17
CA CYS B 1030 -51.56 95.17 -4.79
C CYS B 1030 -50.11 94.73 -4.75
N ALA B 1031 -49.72 94.03 -3.69
CA ALA B 1031 -48.36 93.51 -3.59
C ALA B 1031 -48.08 92.51 -4.70
N PHE B 1032 -48.90 91.48 -4.80
CA PHE B 1032 -48.68 90.48 -5.84
C PHE B 1032 -48.77 91.12 -7.22
N ILE B 1033 -49.58 92.17 -7.35
CA ILE B 1033 -49.74 92.82 -8.65
C ILE B 1033 -48.47 93.55 -9.04
N MET B 1034 -47.96 94.38 -8.14
CA MET B 1034 -46.68 95.03 -8.40
C MET B 1034 -45.59 94.00 -8.66
N LYS B 1035 -45.67 92.85 -7.99
CA LYS B 1035 -44.70 91.80 -8.23
C LYS B 1035 -44.79 91.26 -9.64
N ILE B 1036 -46.02 91.04 -10.12
CA ILE B 1036 -46.20 90.57 -11.50
C ILE B 1036 -45.65 91.60 -12.47
N ILE B 1037 -45.96 92.89 -12.23
CA ILE B 1037 -45.48 93.94 -13.11
C ILE B 1037 -43.96 93.96 -13.15
N CYS B 1038 -43.33 93.88 -11.99
CA CYS B 1038 -41.87 93.79 -11.94
C CYS B 1038 -41.38 92.60 -12.74
N LEU B 1039 -41.75 91.39 -12.31
CA LEU B 1039 -41.25 90.17 -12.96
C LEU B 1039 -41.42 90.23 -14.47
N GLU B 1040 -42.54 90.78 -14.94
CA GLU B 1040 -42.70 90.97 -16.37
C GLU B 1040 -41.63 91.90 -16.93
N ILE B 1041 -41.55 93.12 -16.39
CA ILE B 1041 -40.61 94.10 -16.93
C ILE B 1041 -39.20 93.54 -16.93
N TYR B 1042 -38.84 92.78 -15.91
CA TYR B 1042 -37.52 92.18 -15.83
C TYR B 1042 -37.35 91.10 -16.88
N TYR B 1043 -38.33 90.22 -17.02
CA TYR B 1043 -38.20 89.14 -17.99
C TYR B 1043 -38.46 89.63 -19.41
N ALA B 1044 -39.20 90.72 -19.57
CA ALA B 1044 -39.56 91.21 -20.90
C ALA B 1044 -38.34 91.51 -21.75
N SER B 1052 -50.21 98.45 -24.02
CA SER B 1052 -51.09 98.55 -22.86
C SER B 1052 -50.29 98.87 -21.61
N LEU B 1053 -49.21 98.12 -21.40
CA LEU B 1053 -48.37 98.33 -20.22
C LEU B 1053 -47.77 99.72 -20.21
N LYS B 1054 -47.16 100.13 -21.33
CA LYS B 1054 -46.53 101.45 -21.38
C LYS B 1054 -47.55 102.55 -21.16
N LYS B 1055 -48.74 102.42 -21.73
CA LYS B 1055 -49.77 103.41 -21.49
C LYS B 1055 -50.17 103.46 -20.03
N ILE B 1056 -50.32 102.29 -19.40
CA ILE B 1056 -50.69 102.26 -17.99
C ILE B 1056 -49.61 102.90 -17.15
N LEU B 1057 -48.34 102.67 -17.51
CA LEU B 1057 -47.24 103.22 -16.74
C LEU B 1057 -47.16 104.73 -16.89
N LYS B 1058 -47.35 105.21 -18.12
CA LYS B 1058 -47.38 106.66 -18.33
C LYS B 1058 -48.52 107.28 -17.57
N LYS B 1059 -49.67 106.60 -17.52
CA LYS B 1059 -50.79 107.10 -16.73
C LYS B 1059 -50.41 107.19 -15.26
N PHE B 1060 -49.91 106.09 -14.69
CA PHE B 1060 -49.56 106.08 -13.28
C PHE B 1060 -48.54 107.16 -12.95
N SER B 1061 -47.56 107.35 -13.82
CA SER B 1061 -46.58 108.41 -13.60
C SER B 1061 -47.25 109.78 -13.63
N GLU B 1062 -48.06 110.04 -14.65
CA GLU B 1062 -48.83 111.27 -14.66
C GLU B 1062 -49.82 111.32 -13.52
N GLU B 1063 -50.32 110.16 -13.08
CA GLU B 1063 -51.19 110.08 -11.93
C GLU B 1063 -50.46 110.28 -10.62
N GLU B 1064 -49.15 110.58 -10.68
CA GLU B 1064 -48.35 110.81 -9.47
C GLU B 1064 -48.39 109.61 -8.54
N ARG B 1065 -48.75 108.44 -9.10
CA ARG B 1065 -48.93 107.24 -8.27
C ARG B 1065 -47.71 106.97 -7.41
N PHE B 1066 -46.52 107.35 -7.87
CA PHE B 1066 -45.34 107.21 -7.03
C PHE B 1066 -45.46 108.04 -5.77
N THR B 1067 -45.99 109.27 -5.89
CA THR B 1067 -46.06 110.14 -4.73
C THR B 1067 -47.05 109.62 -3.69
N TYR B 1068 -48.26 109.26 -4.12
CA TYR B 1068 -49.24 108.72 -3.19
C TYR B 1068 -48.75 107.40 -2.60
N TRP B 1069 -48.18 106.54 -3.43
CA TRP B 1069 -47.67 105.27 -2.93
C TRP B 1069 -46.58 105.46 -1.89
N SER B 1070 -45.66 106.39 -2.13
CA SER B 1070 -44.59 106.63 -1.17
C SER B 1070 -45.14 107.23 0.12
N ASN B 1071 -46.05 108.21 0.01
CA ASN B 1071 -46.66 108.77 1.20
C ASN B 1071 -47.34 107.71 2.03
N TYR B 1072 -48.12 106.84 1.39
CA TYR B 1072 -48.82 105.80 2.12
C TYR B 1072 -47.84 104.81 2.73
N VAL B 1073 -46.82 104.41 1.99
CA VAL B 1073 -45.85 103.46 2.51
C VAL B 1073 -45.16 104.04 3.73
N HIS B 1074 -44.83 105.34 3.68
CA HIS B 1074 -44.20 105.98 4.82
C HIS B 1074 -45.13 106.00 6.01
N SER B 1075 -46.40 106.36 5.79
CA SER B 1075 -47.35 106.36 6.88
C SER B 1075 -47.46 104.98 7.50
N LEU B 1076 -47.50 103.95 6.66
CA LEU B 1076 -47.65 102.60 7.17
C LEU B 1076 -46.43 102.17 7.98
N VAL B 1077 -45.23 102.45 7.47
CA VAL B 1077 -44.03 102.12 8.22
C VAL B 1077 -44.03 102.84 9.56
N CYS B 1078 -44.38 104.12 9.56
CA CYS B 1078 -44.40 104.88 10.80
C CYS B 1078 -45.42 104.29 11.77
N GLN B 1079 -46.58 103.91 11.27
CA GLN B 1079 -47.60 103.33 12.14
C GLN B 1079 -47.10 102.02 12.73
N VAL B 1080 -46.44 101.19 11.93
CA VAL B 1080 -45.90 99.95 12.45
C VAL B 1080 -44.85 100.26 13.52
N ALA B 1081 -44.09 101.33 13.33
CA ALA B 1081 -43.05 101.67 14.28
C ALA B 1081 -43.64 102.14 15.61
N GLU B 1082 -44.67 102.99 15.54
CA GLU B 1082 -45.30 103.50 16.76
C GLU B 1082 -45.88 102.38 17.61
N THR B 1083 -46.20 101.25 17.00
CA THR B 1083 -46.73 100.10 17.71
C THR B 1083 -45.63 99.12 18.14
N GLU B 1084 -44.36 99.47 17.90
CA GLU B 1084 -43.23 98.65 18.32
C GLU B 1084 -43.36 97.21 17.84
N GLY B 1085 -44.06 97.01 16.73
CA GLY B 1085 -44.24 95.68 16.19
C GLY B 1085 -45.08 94.80 17.08
N ASN B 1088 -50.63 94.98 15.79
CA ASN B 1088 -51.40 93.92 15.17
C ASN B 1088 -51.46 94.10 13.66
N SER B 1089 -51.20 95.32 13.20
CA SER B 1089 -51.08 95.62 11.79
C SER B 1089 -49.64 95.45 11.30
N LEU B 1090 -48.81 94.73 12.06
CA LEU B 1090 -47.39 94.66 11.76
C LEU B 1090 -47.14 94.00 10.41
N THR B 1091 -47.55 92.74 10.25
CA THR B 1091 -47.23 92.01 9.03
C THR B 1091 -47.76 92.73 7.80
N GLU B 1092 -48.92 93.38 7.91
CA GLU B 1092 -49.46 94.12 6.78
C GLU B 1092 -48.53 95.24 6.35
N TYR B 1093 -48.16 96.12 7.28
CA TYR B 1093 -47.26 97.21 6.94
C TYR B 1093 -45.92 96.69 6.47
N GLN B 1094 -45.47 95.56 7.02
CA GLN B 1094 -44.21 94.98 6.58
C GLN B 1094 -44.27 94.57 5.12
N GLN B 1095 -45.30 93.82 4.74
CA GLN B 1095 -45.42 93.39 3.35
C GLN B 1095 -45.58 94.60 2.42
N LEU B 1096 -46.35 95.59 2.86
CA LEU B 1096 -46.54 96.77 2.02
C LEU B 1096 -45.23 97.53 1.84
N LEU B 1097 -44.39 97.55 2.88
CA LEU B 1097 -43.09 98.18 2.74
C LEU B 1097 -42.20 97.38 1.79
N SER B 1098 -42.26 96.05 1.88
CA SER B 1098 -41.57 95.22 0.91
C SER B 1098 -42.01 95.56 -0.51
N ALA B 1099 -43.30 95.85 -0.66
CA ALA B 1099 -43.83 96.21 -1.97
C ALA B 1099 -43.25 97.53 -2.45
N TRP B 1100 -43.36 98.58 -1.62
CA TRP B 1100 -42.82 99.87 -2.00
C TRP B 1100 -41.32 99.75 -2.31
N ARG B 1101 -40.62 98.94 -1.53
CA ARG B 1101 -39.21 98.72 -1.74
C ARG B 1101 -38.93 98.13 -3.11
N MET B 1102 -39.49 96.95 -3.38
CA MET B 1102 -39.25 96.31 -4.67
C MET B 1102 -39.66 97.21 -5.81
N PHE B 1103 -40.75 97.97 -5.61
CA PHE B 1103 -41.22 98.88 -6.64
C PHE B 1103 -40.19 99.95 -6.94
N LEU B 1104 -39.73 100.65 -5.91
CA LEU B 1104 -38.73 101.69 -6.13
C LEU B 1104 -37.44 101.11 -6.70
N ILE B 1105 -37.12 99.87 -6.33
CA ILE B 1105 -35.89 99.26 -6.83
C ILE B 1105 -36.00 99.03 -8.33
N VAL B 1106 -37.02 98.29 -8.75
CA VAL B 1106 -37.23 98.05 -10.17
C VAL B 1106 -37.39 99.36 -10.91
N ALA B 1107 -37.90 100.39 -10.24
CA ALA B 1107 -37.98 101.70 -10.86
C ALA B 1107 -36.60 102.26 -11.15
N THR B 1108 -35.77 102.38 -10.12
CA THR B 1108 -34.46 103.00 -10.30
C THR B 1108 -33.62 102.21 -11.31
N HIS B 1109 -33.82 100.89 -11.39
CA HIS B 1109 -33.07 100.11 -12.37
C HIS B 1109 -33.44 100.48 -13.79
N ASN B 1110 -34.65 100.99 -14.02
CA ASN B 1110 -35.08 101.38 -15.36
C ASN B 1110 -35.83 102.70 -15.33
N ALA B 1111 -35.26 103.71 -14.66
CA ALA B 1111 -35.98 104.94 -14.33
C ALA B 1111 -36.82 105.48 -15.48
N ASP B 1112 -36.32 105.36 -16.72
CA ASP B 1112 -37.06 105.90 -17.85
C ASP B 1112 -38.39 105.17 -18.04
N VAL B 1113 -38.38 103.84 -17.94
CA VAL B 1113 -39.61 103.07 -18.07
C VAL B 1113 -40.59 103.46 -16.97
N MET B 1114 -40.09 103.67 -15.76
CA MET B 1114 -40.90 104.20 -14.68
C MET B 1114 -41.11 105.70 -14.79
N HIS B 1115 -40.48 106.35 -15.77
CA HIS B 1115 -40.43 107.82 -15.82
C HIS B 1115 -39.86 108.38 -14.53
N LEU B 1116 -38.92 107.64 -13.92
CA LEU B 1116 -38.30 108.06 -12.67
C LEU B 1116 -37.07 108.92 -12.95
N THR B 1117 -37.28 109.93 -13.78
CA THR B 1117 -36.27 110.94 -14.08
C THR B 1117 -36.32 112.13 -13.12
N ASN B 1118 -37.43 112.33 -12.43
CA ASN B 1118 -37.62 113.51 -11.61
C ASN B 1118 -36.62 113.54 -10.47
N PRO B 1119 -35.61 114.42 -10.51
CA PRO B 1119 -34.72 114.55 -9.36
C PRO B 1119 -35.42 115.07 -8.13
N GLU B 1120 -36.48 115.88 -8.30
CA GLU B 1120 -37.29 116.27 -7.15
C GLU B 1120 -37.91 115.04 -6.49
N VAL B 1121 -38.49 114.15 -7.29
CA VAL B 1121 -39.05 112.92 -6.75
C VAL B 1121 -37.95 112.02 -6.22
N ARG B 1122 -36.81 111.98 -6.91
CA ARG B 1122 -35.68 111.18 -6.42
C ARG B 1122 -35.25 111.63 -5.04
N GLN B 1123 -35.14 112.94 -4.84
CA GLN B 1123 -34.71 113.46 -3.55
C GLN B 1123 -35.79 113.26 -2.49
N LYS B 1124 -37.06 113.42 -2.87
CA LYS B 1124 -38.14 113.15 -1.94
C LYS B 1124 -38.07 111.70 -1.45
N LEU B 1125 -37.90 110.77 -2.39
CA LEU B 1125 -37.80 109.36 -2.03
C LEU B 1125 -36.61 109.11 -1.12
N PHE B 1126 -35.45 109.63 -1.49
CA PHE B 1126 -34.25 109.41 -0.68
C PHE B 1126 -34.43 109.93 0.73
N LYS B 1127 -34.89 111.18 0.87
CA LYS B 1127 -35.09 111.77 2.18
C LYS B 1127 -36.12 111.00 2.99
N ASP B 1128 -37.20 110.58 2.34
CA ASP B 1128 -38.25 109.87 3.07
C ASP B 1128 -37.76 108.52 3.57
N ILE B 1129 -37.05 107.78 2.72
CA ILE B 1129 -36.54 106.48 3.15
C ILE B 1129 -35.52 106.64 4.26
N LEU B 1130 -34.66 107.65 4.15
CA LEU B 1130 -33.72 107.94 5.21
C LEU B 1130 -34.43 108.20 6.53
N GLY B 1131 -35.30 109.22 6.55
CA GLY B 1131 -36.01 109.53 7.78
C GLY B 1131 -36.81 108.36 8.32
N GLY B 1132 -37.32 107.52 7.43
CA GLY B 1132 -38.02 106.33 7.87
C GLY B 1132 -37.09 105.37 8.59
N THR B 1133 -35.95 105.08 7.98
CA THR B 1133 -34.95 104.28 8.66
C THR B 1133 -34.63 104.87 10.02
N GLN B 1134 -34.56 106.20 10.08
CA GLN B 1134 -34.22 106.88 11.33
C GLN B 1134 -35.27 106.61 12.40
N ALA B 1135 -36.51 107.04 12.13
CA ALA B 1135 -37.58 106.89 13.11
C ALA B 1135 -37.73 105.43 13.52
N LEU B 1136 -37.58 104.49 12.58
CA LEU B 1136 -37.69 103.09 12.93
C LEU B 1136 -36.55 102.66 13.83
N LEU B 1137 -35.33 103.12 13.56
CA LEU B 1137 -34.19 102.73 14.36
C LEU B 1137 -34.11 103.51 15.67
N VAL B 1138 -35.04 104.42 15.93
CA VAL B 1138 -35.00 105.16 17.18
C VAL B 1138 -35.68 104.42 18.34
N VAL B 1139 -36.55 103.47 18.06
CA VAL B 1139 -37.30 102.78 19.12
C VAL B 1139 -36.37 101.87 19.90
N PRO B 1140 -36.22 102.08 21.21
CA PRO B 1140 -35.31 101.23 21.99
C PRO B 1140 -35.72 99.77 22.07
N ARG B 1141 -36.93 99.52 22.53
CA ARG B 1141 -37.39 98.15 22.75
C ARG B 1141 -37.77 97.45 21.46
N VAL B 1143 -37.35 93.59 17.96
CA VAL B 1143 -36.65 92.87 16.91
C VAL B 1143 -37.22 93.27 15.55
N ALA B 1144 -38.53 93.54 15.51
CA ALA B 1144 -39.17 93.91 14.25
C ALA B 1144 -38.56 95.18 13.68
N CYS B 1145 -38.45 96.22 14.51
CA CYS B 1145 -37.87 97.48 14.07
C CYS B 1145 -36.49 97.26 13.47
N MET B 1146 -35.73 96.32 14.02
CA MET B 1146 -34.41 96.02 13.49
C MET B 1146 -34.49 95.57 12.04
N HIS B 1147 -35.24 94.49 11.77
CA HIS B 1147 -35.32 93.97 10.41
C HIS B 1147 -35.89 95.00 9.46
N LEU B 1148 -36.91 95.74 9.91
CA LEU B 1148 -37.48 96.77 9.06
C LEU B 1148 -36.44 97.81 8.68
N SER B 1149 -35.74 98.36 9.67
CA SER B 1149 -34.73 99.37 9.39
C SER B 1149 -33.61 98.79 8.54
N SER B 1150 -33.33 97.50 8.68
CA SER B 1150 -32.28 96.90 7.86
C SER B 1150 -32.69 96.85 6.40
N MET B 1151 -33.94 96.47 6.14
CA MET B 1151 -34.42 96.53 4.76
C MET B 1151 -34.37 97.94 4.23
N LEU B 1152 -34.88 98.89 5.01
CA LEU B 1152 -34.83 100.29 4.60
C LEU B 1152 -33.40 100.73 4.34
N CYS B 1153 -32.45 100.19 5.10
CA CYS B 1153 -31.06 100.58 4.94
C CYS B 1153 -30.48 100.07 3.63
N THR B 1154 -30.66 98.78 3.36
CA THR B 1154 -30.22 98.26 2.07
C THR B 1154 -30.81 99.10 0.93
N VAL B 1155 -32.09 99.42 1.04
CA VAL B 1155 -32.74 100.23 0.02
C VAL B 1155 -32.05 101.57 -0.11
N MET B 1156 -31.93 102.31 0.99
CA MET B 1156 -31.37 103.64 0.94
C MET B 1156 -29.96 103.62 0.40
N ILE B 1157 -29.20 102.56 0.71
CA ILE B 1157 -27.83 102.48 0.23
C ILE B 1157 -27.81 102.36 -1.28
N ILE B 1158 -28.54 101.38 -1.83
CA ILE B 1158 -28.54 101.23 -3.28
C ILE B 1158 -29.06 102.49 -3.93
N LEU B 1159 -30.05 103.14 -3.30
CA LEU B 1159 -30.68 104.30 -3.89
C LEU B 1159 -29.73 105.48 -3.94
N LEU B 1160 -29.03 105.73 -2.84
CA LEU B 1160 -28.04 106.80 -2.84
C LEU B 1160 -26.96 106.53 -3.86
N ARG B 1161 -26.51 105.27 -3.97
CA ARG B 1161 -25.49 104.95 -4.96
C ARG B 1161 -25.97 105.27 -6.37
N ARG B 1162 -27.23 104.95 -6.69
CA ARG B 1162 -27.69 105.18 -8.05
C ARG B 1162 -28.02 106.65 -8.30
N TRP B 1163 -28.53 107.35 -7.29
CA TRP B 1163 -28.99 108.72 -7.45
C TRP B 1163 -28.05 109.74 -6.82
N LYS B 1164 -26.77 109.38 -6.65
CA LYS B 1164 -25.81 110.30 -6.05
C LYS B 1164 -25.82 111.64 -6.76
N ASN B 1165 -25.78 111.63 -8.10
CA ASN B 1165 -25.74 112.88 -8.85
C ASN B 1165 -27.03 113.68 -8.73
N ASP B 1166 -28.14 113.04 -8.35
CA ASP B 1166 -29.36 113.75 -8.06
C ASP B 1166 -29.47 114.15 -6.59
N LEU B 1167 -28.77 113.44 -5.71
CA LEU B 1167 -28.80 113.73 -4.28
C LEU B 1167 -28.40 115.17 -3.99
N PRO B 1170 -27.80 119.46 3.40
CA PRO B 1170 -27.12 118.23 3.86
C PRO B 1170 -26.82 118.27 5.35
N GLU B 1171 -26.85 119.46 5.94
CA GLU B 1171 -26.54 119.59 7.35
C GLU B 1171 -27.53 118.84 8.21
N ASP B 1172 -28.83 119.04 7.96
CA ASP B 1172 -29.84 118.33 8.74
C ASP B 1172 -29.70 116.83 8.58
N ILE B 1173 -29.35 116.38 7.37
CA ILE B 1173 -29.06 114.97 7.18
C ILE B 1173 -27.88 114.55 8.05
N LEU B 1174 -26.89 115.43 8.20
CA LEU B 1174 -25.76 115.10 9.05
C LEU B 1174 -26.21 114.92 10.50
N ASN B 1175 -26.98 115.88 11.02
CA ASN B 1175 -27.45 115.78 12.40
C ASN B 1175 -28.30 114.53 12.59
N SER B 1176 -29.11 114.21 11.59
CA SER B 1176 -29.99 113.05 11.70
C SER B 1176 -29.19 111.75 11.71
N LEU B 1177 -28.27 111.60 10.75
CA LEU B 1177 -27.43 110.41 10.77
C LEU B 1177 -26.58 110.36 12.02
N THR B 1178 -26.27 111.52 12.60
CA THR B 1178 -25.57 111.55 13.87
C THR B 1178 -26.40 110.91 14.97
N GLN B 1179 -27.62 111.41 15.16
CA GLN B 1179 -28.49 110.81 16.17
C GLN B 1179 -28.73 109.33 15.88
N ILE B 1180 -28.79 108.98 14.60
CA ILE B 1180 -29.03 107.60 14.22
C ILE B 1180 -27.86 106.71 14.63
N LEU B 1181 -26.64 107.14 14.31
CA LEU B 1181 -25.47 106.40 14.74
C LEU B 1181 -25.39 106.35 16.25
N GLU B 1182 -25.87 107.41 16.92
CA GLU B 1182 -25.91 107.42 18.38
C GLU B 1182 -26.78 106.29 18.90
N GLY B 1183 -28.00 106.20 18.40
CA GLY B 1183 -28.85 105.08 18.78
C GLY B 1183 -28.25 103.74 18.40
N VAL B 1184 -27.60 103.68 17.24
CA VAL B 1184 -26.97 102.43 16.80
C VAL B 1184 -25.85 102.04 17.75
N LEU B 1185 -25.26 103.02 18.43
CA LEU B 1185 -24.23 102.75 19.43
C LEU B 1185 -24.82 102.26 20.73
N GLN B 1186 -25.92 102.84 21.19
CA GLN B 1186 -26.55 102.39 22.42
C GLN B 1186 -27.20 101.02 22.26
N ARG B 1187 -27.05 100.39 21.10
CA ARG B 1187 -27.65 99.10 20.80
C ARG B 1187 -26.69 97.98 21.16
N ASP B 1188 -27.25 96.80 21.39
CA ASP B 1188 -26.43 95.60 21.53
C ASP B 1188 -25.67 95.38 20.24
N GLN B 1189 -24.38 95.02 20.36
CA GLN B 1189 -23.52 95.01 19.19
C GLN B 1189 -23.93 93.96 18.17
N GLN B 1190 -24.25 92.75 18.62
CA GLN B 1190 -24.38 91.60 17.73
C GLN B 1190 -25.44 91.82 16.66
N LEU B 1191 -26.32 92.81 16.82
CA LEU B 1191 -27.37 93.06 15.85
C LEU B 1191 -27.25 94.40 15.14
N VAL B 1192 -26.32 95.26 15.57
CA VAL B 1192 -26.25 96.61 15.02
C VAL B 1192 -25.11 96.80 14.04
N GLU B 1193 -24.35 95.73 13.74
CA GLU B 1193 -23.20 95.88 12.85
C GLU B 1193 -23.60 96.44 11.49
N LYS B 1194 -24.45 95.73 10.77
CA LYS B 1194 -24.84 96.18 9.43
C LYS B 1194 -25.42 97.58 9.47
N THR B 1195 -26.15 97.91 10.53
CA THR B 1195 -26.69 99.26 10.65
C THR B 1195 -25.58 100.29 10.81
N LYS B 1196 -24.55 99.95 11.59
CA LYS B 1196 -23.43 100.86 11.74
C LYS B 1196 -22.74 101.08 10.40
N ALA B 1197 -22.49 99.99 9.66
CA ALA B 1197 -21.85 100.11 8.36
C ALA B 1197 -22.67 100.95 7.41
N GLN B 1198 -23.98 100.74 7.41
CA GLN B 1198 -24.85 101.53 6.56
C GLN B 1198 -24.78 103.01 6.93
N ILE B 1199 -24.99 103.32 8.21
CA ILE B 1199 -24.98 104.71 8.65
C ILE B 1199 -23.64 105.35 8.34
N PHE B 1200 -22.57 104.57 8.42
CA PHE B 1200 -21.25 105.11 8.13
C PHE B 1200 -21.11 105.45 6.66
N SER B 1201 -21.47 104.53 5.77
CA SER B 1201 -21.41 104.85 4.35
C SER B 1201 -22.31 106.03 4.02
N ALA B 1202 -23.44 106.14 4.72
CA ALA B 1202 -24.32 107.28 4.54
C ALA B 1202 -23.62 108.58 4.90
N LEU B 1203 -23.03 108.64 6.08
CA LEU B 1203 -22.32 109.83 6.49
C LEU B 1203 -21.20 110.15 5.52
N ILE B 1204 -20.51 109.11 5.03
CA ILE B 1204 -19.44 109.33 4.06
C ILE B 1204 -19.99 110.00 2.82
N SER B 1205 -21.13 109.52 2.34
CA SER B 1205 -21.77 110.17 1.20
C SER B 1205 -22.17 111.60 1.53
N VAL B 1206 -22.55 111.84 2.79
CA VAL B 1206 -22.98 113.17 3.18
C VAL B 1206 -21.80 114.15 3.15
N LEU B 1207 -20.63 113.69 3.58
CA LEU B 1207 -19.45 114.54 3.54
C LEU B 1207 -18.88 114.65 2.13
N GLU B 1208 -18.84 113.53 1.40
CA GLU B 1208 -18.38 113.57 0.02
C GLU B 1208 -19.31 114.38 -0.87
N MET B 1209 -20.56 114.60 -0.45
CA MET B 1209 -21.49 115.37 -1.26
C MET B 1209 -21.04 116.82 -1.37
N LYS B 1210 -20.39 117.35 -0.35
CA LYS B 1210 -19.90 118.72 -0.38
C LYS B 1210 -18.73 118.86 0.58
N PRO B 1211 -17.56 119.29 0.10
CA PRO B 1211 -16.41 119.45 1.00
C PRO B 1211 -16.66 120.49 2.08
N MET B 1212 -16.66 120.06 3.34
CA MET B 1212 -17.00 120.94 4.46
C MET B 1212 -15.86 120.99 5.47
N LYS B 1213 -15.67 122.16 6.06
CA LYS B 1213 -14.72 122.31 7.15
C LYS B 1213 -15.37 121.92 8.47
N ALA B 1214 -14.52 121.61 9.45
CA ALA B 1214 -15.01 121.16 10.76
C ALA B 1214 -15.97 122.17 11.38
N SER B 1215 -15.82 123.45 11.05
CA SER B 1215 -16.66 124.48 11.65
C SER B 1215 -18.11 124.38 11.21
N GLU B 1216 -18.37 123.89 10.00
CA GLU B 1216 -19.74 123.76 9.52
C GLU B 1216 -20.40 122.44 9.93
N ILE B 1217 -19.66 121.55 10.59
CA ILE B 1217 -20.17 120.24 10.98
C ILE B 1217 -20.74 120.34 12.38
N PRO B 1218 -22.06 120.27 12.56
CA PRO B 1218 -22.61 120.34 13.92
C PRO B 1218 -22.17 119.14 14.74
N GLN B 1219 -21.76 119.41 15.98
CA GLN B 1219 -21.33 118.38 16.92
C GLN B 1219 -20.14 117.59 16.37
N TYR B 1220 -19.37 118.22 15.47
CA TYR B 1220 -18.18 117.58 14.90
C TYR B 1220 -17.34 116.95 15.97
N SER B 1221 -17.19 117.64 17.11
CA SER B 1221 -16.52 117.02 18.25
C SER B 1221 -17.18 115.69 18.61
N GLN B 1222 -18.50 115.70 18.83
CA GLN B 1222 -19.19 114.48 19.20
C GLN B 1222 -19.15 113.46 18.08
N LEU B 1223 -19.24 113.92 16.83
CA LEU B 1223 -19.17 113.01 15.69
C LEU B 1223 -17.86 112.24 15.70
N LEU B 1224 -16.75 112.94 15.72
CA LEU B 1224 -15.46 112.26 15.74
C LEU B 1224 -15.32 111.41 16.99
N LEU B 1225 -15.87 111.87 18.11
CA LEU B 1225 -15.81 111.09 19.34
C LEU B 1225 -16.45 109.73 19.14
N ASN B 1226 -17.67 109.72 18.58
CA ASN B 1226 -18.36 108.46 18.37
C ASN B 1226 -17.64 107.62 17.35
N VAL B 1227 -17.15 108.25 16.28
CA VAL B 1227 -16.40 107.49 15.29
C VAL B 1227 -15.22 106.82 15.94
N CYS B 1228 -14.55 107.52 16.85
CA CYS B 1228 -13.39 106.95 17.53
C CYS B 1228 -13.81 105.81 18.44
N GLU B 1229 -14.90 105.99 19.18
CA GLU B 1229 -15.36 104.93 20.07
C GLU B 1229 -15.65 103.66 19.28
N THR B 1230 -16.45 103.79 18.24
CA THR B 1230 -16.79 102.64 17.42
C THR B 1230 -15.55 102.02 16.83
N LEU B 1231 -14.66 102.86 16.29
CA LEU B 1231 -13.43 102.34 15.72
C LEU B 1231 -12.66 101.53 16.73
N GLN B 1232 -12.47 102.09 17.93
CA GLN B 1232 -11.72 101.38 18.95
C GLN B 1232 -12.34 100.04 19.27
N GLU B 1233 -13.64 100.05 19.55
CA GLU B 1233 -14.29 98.80 19.92
C GLU B 1233 -14.17 97.77 18.82
N GLU B 1234 -14.65 98.10 17.63
CA GLU B 1234 -14.66 97.13 16.55
C GLU B 1234 -13.25 96.71 16.18
N VAL B 1235 -12.28 97.60 16.33
CA VAL B 1235 -10.92 97.26 15.95
C VAL B 1235 -10.33 96.27 16.92
N VAL B 1236 -10.51 96.52 18.23
CA VAL B 1236 -10.05 95.55 19.21
C VAL B 1236 -10.73 94.22 18.95
N SER B 1237 -12.00 94.26 18.59
CA SER B 1237 -12.73 93.03 18.30
C SER B 1237 -12.09 92.29 17.14
N LEU B 1238 -11.88 92.98 16.03
CA LEU B 1238 -11.27 92.34 14.87
C LEU B 1238 -9.88 91.84 15.21
N VAL B 1239 -9.19 92.54 16.11
CA VAL B 1239 -7.88 92.11 16.54
C VAL B 1239 -7.98 90.76 17.22
N ASP B 1240 -8.88 90.64 18.18
CA ASP B 1240 -9.04 89.36 18.85
C ASP B 1240 -9.48 88.28 17.87
N HIS B 1241 -10.31 88.65 16.90
CA HIS B 1241 -10.83 87.68 15.96
C HIS B 1241 -9.72 87.15 15.07
N THR B 1242 -8.87 88.05 14.56
CA THR B 1242 -7.73 87.61 13.77
C THR B 1242 -6.75 86.82 14.62
N ARG B 1243 -6.61 87.16 15.90
CA ARG B 1243 -5.65 86.46 16.74
C ARG B 1243 -6.09 85.04 17.03
N HIS B 1244 -7.40 84.85 17.25
CA HIS B 1244 -7.91 83.50 17.50
C HIS B 1244 -7.84 82.61 16.27
N GLU B 1245 -7.63 83.18 15.09
CA GLU B 1245 -7.55 82.41 13.86
C GLU B 1245 -6.23 81.70 13.69
N VAL B 1246 -5.38 81.68 14.71
CA VAL B 1246 -4.09 81.02 14.61
C VAL B 1246 -4.25 79.51 14.44
N GLN B 1268 -16.55 85.00 7.70
CA GLN B 1268 -16.37 86.06 8.68
C GLN B 1268 -14.94 86.60 8.65
N LYS B 1269 -14.18 86.16 7.64
CA LYS B 1269 -12.82 86.68 7.48
C LYS B 1269 -12.83 88.03 6.79
N ASP B 1270 -13.70 88.21 5.78
CA ASP B 1270 -13.64 89.41 4.95
C ASP B 1270 -14.48 90.55 5.51
N GLN B 1271 -15.55 90.26 6.23
CA GLN B 1271 -16.46 91.33 6.68
C GLN B 1271 -15.82 92.19 7.75
N ARG B 1272 -15.09 91.58 8.69
CA ARG B 1272 -14.40 92.35 9.71
C ARG B 1272 -13.40 93.30 9.09
N ASP B 1273 -12.55 92.79 8.18
CA ASP B 1273 -11.58 93.64 7.51
C ASP B 1273 -12.27 94.72 6.68
N GLY B 1274 -13.40 94.37 6.06
CA GLY B 1274 -14.16 95.37 5.33
C GLY B 1274 -14.58 96.52 6.22
N VAL B 1275 -15.20 96.20 7.36
CA VAL B 1275 -15.62 97.24 8.28
C VAL B 1275 -14.42 98.02 8.78
N CYS B 1276 -13.30 97.33 8.97
CA CYS B 1276 -12.09 97.99 9.44
C CYS B 1276 -11.61 99.04 8.45
N VAL B 1277 -11.31 98.60 7.22
CA VAL B 1277 -10.89 99.52 6.18
C VAL B 1277 -11.90 100.65 6.02
N LEU B 1278 -13.18 100.32 6.17
CA LEU B 1278 -14.22 101.34 6.06
C LEU B 1278 -14.01 102.44 7.09
N GLY B 1279 -13.98 102.07 8.38
CA GLY B 1279 -13.76 103.06 9.41
C GLY B 1279 -12.44 103.79 9.23
N LEU B 1280 -11.45 103.10 8.69
CA LEU B 1280 -10.16 103.73 8.48
C LEU B 1280 -10.27 104.87 7.50
N HIS B 1281 -10.82 104.60 6.32
CA HIS B 1281 -11.00 105.67 5.34
C HIS B 1281 -11.91 106.75 5.90
N LEU B 1282 -12.90 106.35 6.69
CA LEU B 1282 -13.79 107.34 7.30
C LEU B 1282 -13.01 108.32 8.15
N ALA B 1283 -12.23 107.80 9.10
CA ALA B 1283 -11.46 108.69 9.96
C ALA B 1283 -10.43 109.46 9.15
N LYS B 1284 -9.91 108.86 8.08
CA LYS B 1284 -8.97 109.57 7.23
C LYS B 1284 -9.63 110.82 6.67
N GLU B 1285 -10.84 110.69 6.15
CA GLU B 1285 -11.53 111.86 5.62
C GLU B 1285 -11.86 112.84 6.73
N LEU B 1286 -12.27 112.33 7.89
CA LEU B 1286 -12.61 113.21 9.00
C LEU B 1286 -11.41 114.05 9.41
N CYS B 1287 -10.23 113.44 9.44
CA CYS B 1287 -9.02 114.18 9.75
C CYS B 1287 -8.66 115.13 8.63
N GLU B 1288 -8.86 114.71 7.37
CA GLU B 1288 -8.63 115.60 6.25
C GLU B 1288 -9.53 116.82 6.34
N ALA B 1289 -10.66 116.71 7.03
CA ALA B 1289 -11.47 117.88 7.30
C ALA B 1289 -10.88 118.73 8.41
N ASP B 1290 -10.05 118.16 9.29
CA ASP B 1290 -9.45 118.91 10.39
C ASP B 1290 -7.94 119.00 10.13
N GLU B 1291 -7.53 120.05 9.41
CA GLU B 1291 -6.12 120.20 9.06
C GLU B 1291 -5.27 120.55 10.27
N GLU B 1292 -5.84 121.24 11.26
CA GLU B 1292 -5.04 121.70 12.39
C GLU B 1292 -4.79 120.60 13.41
N GLY B 1293 -5.63 119.57 13.43
CA GLY B 1293 -5.45 118.45 14.33
C GLY B 1293 -5.71 118.74 15.80
N ASP B 1294 -6.04 119.99 16.15
CA ASP B 1294 -6.24 120.32 17.56
C ASP B 1294 -7.33 119.46 18.17
N GLN B 1295 -8.46 119.32 17.48
CA GLN B 1295 -9.46 118.37 17.95
C GLN B 1295 -8.94 116.95 17.84
N TRP B 1296 -8.29 116.63 16.72
CA TRP B 1296 -7.63 115.34 16.60
C TRP B 1296 -6.62 115.14 17.70
N GLN B 1297 -5.96 116.22 18.13
CA GLN B 1297 -5.01 116.12 19.21
C GLN B 1297 -5.72 115.74 20.51
N GLN B 1298 -6.79 116.47 20.85
CA GLN B 1298 -7.54 116.12 22.05
C GLN B 1298 -8.01 114.69 21.99
N VAL B 1299 -8.38 114.23 20.79
CA VAL B 1299 -8.86 112.86 20.65
C VAL B 1299 -7.75 111.87 20.94
N LEU B 1300 -6.65 111.94 20.18
CA LEU B 1300 -5.55 111.00 20.38
C LEU B 1300 -5.03 111.07 21.81
N ARG B 1301 -5.17 112.22 22.46
CA ARG B 1301 -4.83 112.31 23.87
C ARG B 1301 -5.83 111.56 24.73
N LYS B 1302 -7.09 111.50 24.31
CA LYS B 1302 -8.06 110.75 25.10
C LYS B 1302 -7.96 109.25 24.85
N LEU B 1303 -7.43 108.82 23.71
CA LEU B 1303 -7.47 107.42 23.36
C LEU B 1303 -6.11 106.93 22.87
N PRO B 1304 -5.56 105.87 23.46
CA PRO B 1304 -4.33 105.26 22.93
C PRO B 1304 -4.60 104.41 21.69
N VAL B 1305 -5.15 105.06 20.66
CA VAL B 1305 -5.51 104.33 19.44
C VAL B 1305 -4.26 103.77 18.79
N LEU B 1306 -3.32 104.64 18.44
CA LEU B 1306 -2.10 104.20 17.76
C LEU B 1306 -1.45 103.01 18.46
N PRO B 1307 -1.44 102.94 19.79
CA PRO B 1307 -0.88 101.74 20.42
C PRO B 1307 -1.51 100.45 19.93
N ILE B 1308 -2.82 100.33 20.08
CA ILE B 1308 -3.48 99.10 19.69
C ILE B 1308 -3.33 98.89 18.19
N LEU B 1309 -3.39 99.99 17.45
CA LEU B 1309 -3.28 99.90 16.00
C LEU B 1309 -1.96 99.26 15.60
N PHE B 1310 -0.86 99.80 16.09
CA PHE B 1310 0.42 99.25 15.72
C PHE B 1310 0.59 97.85 16.24
N SER B 1311 0.08 97.56 17.43
CA SER B 1311 0.11 96.18 17.89
C SER B 1311 -0.55 95.27 16.88
N ALA B 1312 -1.70 95.69 16.39
CA ALA B 1312 -2.41 94.91 15.40
C ALA B 1312 -1.58 94.75 14.14
N LEU B 1313 -1.08 95.86 13.60
CA LEU B 1313 -0.32 95.82 12.36
C LEU B 1313 0.88 94.90 12.49
N GLU B 1314 1.56 94.98 13.62
CA GLU B 1314 2.67 94.08 13.86
C GLU B 1314 2.21 92.65 13.78
N VAL B 1315 1.12 92.32 14.48
CA VAL B 1315 0.60 90.96 14.41
C VAL B 1315 0.32 90.60 12.96
N SER B 1316 -0.32 91.50 12.24
CA SER B 1316 -0.77 91.21 10.89
C SER B 1316 0.39 90.91 9.97
N LEU B 1317 1.36 91.82 9.93
CA LEU B 1317 2.54 91.59 9.11
C LEU B 1317 3.27 90.34 9.55
N ARG B 1318 3.26 90.03 10.85
CA ARG B 1318 3.87 88.79 11.30
C ARG B 1318 3.20 87.58 10.64
N ILE B 1319 1.87 87.56 10.65
CA ILE B 1319 1.15 86.45 10.04
C ILE B 1319 0.88 86.67 8.57
N LYS B 1320 1.11 87.87 8.06
CA LYS B 1320 0.83 88.21 6.66
C LYS B 1320 -0.65 88.01 6.34
N GLN B 1321 -1.51 88.73 7.06
CA GLN B 1321 -2.94 88.67 6.86
C GLN B 1321 -3.53 90.08 6.87
N ASN B 1322 -4.82 90.15 6.52
CA ASN B 1322 -5.58 91.40 6.55
C ASN B 1322 -4.91 92.48 5.70
N LEU B 1323 -4.56 92.10 4.48
CA LEU B 1323 -3.88 93.03 3.58
C LEU B 1323 -4.69 94.30 3.42
N HIS B 1324 -5.99 94.18 3.20
CA HIS B 1324 -6.82 95.37 3.09
C HIS B 1324 -6.74 96.21 4.35
N PHE B 1325 -6.75 95.55 5.51
CA PHE B 1325 -6.62 96.27 6.77
C PHE B 1325 -5.31 97.02 6.82
N CYS B 1326 -4.21 96.32 6.52
CA CYS B 1326 -2.89 96.96 6.54
C CYS B 1326 -2.88 98.18 5.65
N GLU B 1327 -3.40 98.05 4.43
CA GLU B 1327 -3.33 99.16 3.48
C GLU B 1327 -4.18 100.32 3.96
N ALA B 1328 -5.40 100.05 4.40
CA ALA B 1328 -6.25 101.14 4.86
C ALA B 1328 -5.63 101.87 6.04
N ILE B 1329 -5.12 101.12 7.01
CA ILE B 1329 -4.49 101.75 8.15
C ILE B 1329 -3.30 102.57 7.70
N LEU B 1330 -2.53 102.05 6.76
CA LEU B 1330 -1.37 102.77 6.27
C LEU B 1330 -1.79 104.08 5.62
N HIS B 1331 -2.87 104.05 4.84
CA HIS B 1331 -3.33 105.27 4.21
C HIS B 1331 -3.80 106.27 5.26
N PHE B 1332 -4.52 105.79 6.26
CA PHE B 1332 -4.96 106.67 7.33
C PHE B 1332 -3.76 107.31 8.01
N LEU B 1333 -2.75 106.51 8.29
CA LEU B 1333 -1.54 107.03 8.91
C LEU B 1333 -0.90 108.08 8.02
N PHE B 1334 -0.78 107.80 6.73
CA PHE B 1334 -0.13 108.75 5.83
C PHE B 1334 -0.91 110.05 5.78
N THR B 1335 -2.24 109.97 5.84
CA THR B 1335 -3.04 111.18 5.86
C THR B 1335 -2.82 111.95 7.15
N LEU B 1336 -2.76 111.24 8.27
CA LEU B 1336 -2.48 111.91 9.54
C LEU B 1336 -1.09 112.53 9.54
N ALA B 1337 -0.16 111.96 8.78
CA ALA B 1337 1.23 112.38 8.80
C ALA B 1337 1.43 113.76 8.21
N LYS B 1338 0.46 114.29 7.46
CA LYS B 1338 0.60 115.65 6.94
C LYS B 1338 0.73 116.66 8.08
N THR B 1339 0.27 116.31 9.26
CA THR B 1339 0.27 117.23 10.40
C THR B 1339 1.56 117.09 11.20
N HIS B 1340 1.99 118.21 11.77
CA HIS B 1340 3.19 118.19 12.59
C HIS B 1340 2.97 117.36 13.84
N GLN B 1341 1.95 117.71 14.63
CA GLN B 1341 1.65 116.95 15.83
C GLN B 1341 1.33 115.49 15.49
N GLY B 1342 0.63 115.29 14.38
CA GLY B 1342 0.31 113.93 13.96
C GLY B 1342 1.55 113.08 13.81
N ALA B 1343 2.44 113.46 12.90
CA ALA B 1343 3.64 112.67 12.69
C ALA B 1343 4.48 112.62 13.95
N ALA B 1344 4.44 113.68 14.74
CA ALA B 1344 5.18 113.70 15.99
C ALA B 1344 4.76 112.54 16.87
N ALA B 1345 3.46 112.38 17.08
CA ALA B 1345 2.99 111.25 17.88
C ALA B 1345 3.25 109.94 17.17
N MET B 1346 3.13 109.93 15.84
CA MET B 1346 3.38 108.71 15.07
C MET B 1346 4.74 108.16 15.39
N ALA B 1347 5.76 109.01 15.36
CA ALA B 1347 7.07 108.60 15.82
C ALA B 1347 7.02 108.23 17.29
N GLY B 1348 6.39 109.08 18.11
CA GLY B 1348 6.25 108.77 19.52
C GLY B 1348 5.61 107.42 19.78
N ALA B 1349 4.92 106.88 18.78
CA ALA B 1349 4.39 105.54 18.85
C ALA B 1349 5.43 104.47 18.49
N GLY B 1350 6.64 104.87 18.12
CA GLY B 1350 7.58 103.90 17.61
C GLY B 1350 7.10 103.24 16.35
N ILE B 1351 6.38 103.99 15.51
CA ILE B 1351 5.91 103.44 14.24
C ILE B 1351 7.04 102.71 13.55
N THR B 1352 8.24 103.27 13.63
CA THR B 1352 9.41 102.55 13.15
C THR B 1352 9.60 101.27 13.95
N GLN B 1353 9.64 101.39 15.28
CA GLN B 1353 9.88 100.22 16.12
C GLN B 1353 8.88 99.11 15.82
N THR B 1354 7.69 99.48 15.38
CA THR B 1354 6.73 98.44 15.02
C THR B 1354 6.94 97.92 13.61
N VAL B 1355 6.99 98.80 12.62
CA VAL B 1355 6.85 98.39 11.23
C VAL B 1355 8.18 97.86 10.71
N CYS B 1356 9.27 98.54 11.03
CA CYS B 1356 10.56 98.23 10.43
C CYS B 1356 10.89 96.75 10.53
N LEU B 1357 10.67 96.16 11.71
CA LEU B 1357 11.00 94.75 11.88
C LEU B 1357 10.18 93.85 10.98
N PRO B 1358 8.85 93.85 11.05
CA PRO B 1358 8.09 92.89 10.25
C PRO B 1358 8.22 93.10 8.76
N LEU B 1359 8.39 94.36 8.31
CA LEU B 1359 8.35 94.66 6.88
C LEU B 1359 9.29 93.79 6.07
N LEU B 1360 10.31 93.21 6.71
CA LEU B 1360 11.12 92.21 6.02
C LEU B 1360 10.26 91.05 5.52
N SER B 1361 9.23 90.67 6.27
CA SER B 1361 8.46 89.47 5.96
C SER B 1361 7.77 89.58 4.60
N VAL B 1362 7.30 90.78 4.25
CA VAL B 1362 6.48 90.94 3.04
C VAL B 1362 7.26 90.57 1.79
N TYR B 1363 8.56 90.87 1.75
CA TYR B 1363 9.38 90.58 0.59
C TYR B 1363 10.22 89.32 0.77
N GLN B 1364 10.46 88.88 2.00
CA GLN B 1364 11.23 87.67 2.23
C GLN B 1364 10.46 86.46 1.69
N SER B 1387 -3.29 96.02 -0.97
CA SER B 1387 -2.36 95.10 -1.60
C SER B 1387 -0.97 95.21 -0.97
N TRP B 1388 -0.27 94.09 -0.94
CA TRP B 1388 1.03 94.03 -0.25
C TRP B 1388 2.04 95.04 -0.78
N PRO B 1389 2.51 94.95 -2.03
CA PRO B 1389 3.44 95.98 -2.52
C PRO B 1389 2.85 97.38 -2.39
N GLY B 1390 1.53 97.51 -2.51
CA GLY B 1390 0.91 98.80 -2.26
C GLY B 1390 1.10 99.26 -0.82
N VAL B 1391 0.98 98.33 0.13
CA VAL B 1391 1.19 98.70 1.52
C VAL B 1391 2.64 99.13 1.71
N TYR B 1392 3.58 98.38 1.14
CA TYR B 1392 4.98 98.77 1.25
C TYR B 1392 5.21 100.16 0.69
N ARG B 1393 4.62 100.44 -0.47
CA ARG B 1393 4.78 101.75 -1.08
C ARG B 1393 4.20 102.83 -0.20
N LEU B 1394 2.99 102.60 0.34
CA LEU B 1394 2.39 103.59 1.20
C LEU B 1394 3.26 103.82 2.44
N THR B 1395 3.86 102.77 2.95
CA THR B 1395 4.75 102.93 4.09
C THR B 1395 5.95 103.78 3.73
N VAL B 1396 6.54 103.51 2.57
CA VAL B 1396 7.68 104.32 2.14
C VAL B 1396 7.24 105.76 1.96
N SER B 1397 6.04 105.96 1.46
CA SER B 1397 5.53 107.31 1.28
C SER B 1397 5.38 108.01 2.61
N LEU B 1398 4.86 107.29 3.60
CA LEU B 1398 4.73 107.87 4.92
C LEU B 1398 6.10 108.20 5.49
N MET B 1399 7.08 107.34 5.24
CA MET B 1399 8.43 107.62 5.72
C MET B 1399 8.97 108.89 5.09
N GLU B 1400 8.82 109.03 3.78
CA GLU B 1400 9.32 110.22 3.10
C GLU B 1400 8.61 111.46 3.61
N ARG B 1401 7.30 111.40 3.75
CA ARG B 1401 6.56 112.55 4.24
C ARG B 1401 6.97 112.87 5.68
N LEU B 1402 7.24 111.84 6.47
CA LEU B 1402 7.66 112.07 7.85
C LEU B 1402 9.01 112.77 7.88
N LEU B 1403 9.92 112.35 7.02
CA LEU B 1403 11.19 113.05 6.92
C LEU B 1403 10.95 114.50 6.54
N LYS B 1404 10.10 114.73 5.54
CA LYS B 1404 9.82 116.10 5.10
C LYS B 1404 9.16 116.89 6.21
N THR B 1405 8.54 116.22 7.17
CA THR B 1405 7.81 116.91 8.23
C THR B 1405 8.71 117.24 9.41
N LEU B 1406 9.63 116.33 9.75
CA LEU B 1406 10.47 116.51 10.92
C LEU B 1406 11.90 116.01 10.75
N ARG B 1407 12.56 116.35 9.65
CA ARG B 1407 13.87 115.81 9.29
C ARG B 1407 14.84 115.59 10.43
N TYR B 1408 15.10 116.62 11.24
CA TYR B 1408 16.19 116.53 12.20
C TYR B 1408 16.02 115.35 13.15
N ASN B 1409 14.97 115.38 13.97
CA ASN B 1409 14.84 114.38 15.02
C ASN B 1409 14.48 113.00 14.48
N PHE B 1410 14.15 112.88 13.20
CA PHE B 1410 13.68 111.62 12.64
C PHE B 1410 14.70 110.98 11.72
N LEU B 1411 15.76 111.70 11.36
CA LEU B 1411 16.76 111.14 10.46
C LEU B 1411 17.33 109.84 11.01
N SER B 1412 17.48 109.73 12.32
CA SER B 1412 18.03 108.51 12.90
C SER B 1412 17.20 107.30 12.51
N GLU B 1413 15.91 107.33 12.85
CA GLU B 1413 15.07 106.19 12.53
C GLU B 1413 14.94 106.00 11.03
N ALA B 1414 14.90 107.11 10.28
CA ALA B 1414 14.84 106.98 8.85
C ALA B 1414 16.02 106.20 8.33
N LEU B 1415 17.22 106.55 8.78
CA LEU B 1415 18.41 105.82 8.36
C LEU B 1415 18.34 104.37 8.81
N ASP B 1416 17.82 104.13 10.01
CA ASP B 1416 17.69 102.76 10.48
C ASP B 1416 16.84 101.94 9.52
N PHE B 1417 15.64 102.42 9.24
CA PHE B 1417 14.73 101.71 8.35
C PHE B 1417 15.36 101.52 6.98
N VAL B 1418 16.04 102.55 6.48
CA VAL B 1418 16.67 102.45 5.18
C VAL B 1418 17.71 101.35 5.19
N GLY B 1419 18.58 101.35 6.21
CA GLY B 1419 19.55 100.27 6.32
C GLY B 1419 18.86 98.92 6.33
N VAL B 1420 17.68 98.87 6.93
CA VAL B 1420 16.90 97.65 6.82
C VAL B 1420 16.42 97.46 5.40
N HIS B 1421 15.65 98.41 4.89
CA HIS B 1421 15.01 98.29 3.60
C HIS B 1421 15.95 98.61 2.44
N GLN B 1422 17.26 98.66 2.69
CA GLN B 1422 18.19 99.05 1.64
C GLN B 1422 18.09 98.14 0.43
N GLU B 1423 18.13 96.83 0.66
CA GLU B 1423 18.12 95.89 -0.47
C GLU B 1423 16.87 96.05 -1.30
N ARG B 1424 15.72 96.19 -0.66
CA ARG B 1424 14.47 96.33 -1.41
C ARG B 1424 14.44 97.65 -2.17
N ILE B 1425 14.99 98.71 -1.59
CA ILE B 1425 15.06 99.99 -2.30
C ILE B 1425 15.91 99.84 -3.55
N LEU B 1426 17.03 99.13 -3.42
CA LEU B 1426 17.88 98.88 -4.59
C LEU B 1426 17.13 98.08 -5.64
N GLN B 1427 16.39 97.06 -5.21
CA GLN B 1427 15.64 96.26 -6.16
C GLN B 1427 14.60 97.11 -6.89
N CYS B 1428 13.93 98.00 -6.17
CA CYS B 1428 12.95 98.88 -6.81
C CYS B 1428 13.62 99.79 -7.81
N LEU B 1429 14.78 100.33 -7.45
CA LEU B 1429 15.51 101.22 -8.36
C LEU B 1429 16.04 100.47 -9.57
N SER B 1430 16.25 99.16 -9.44
CA SER B 1430 16.78 98.39 -10.56
C SER B 1430 15.69 97.81 -11.44
N ALA B 1431 14.50 97.57 -10.89
CA ALA B 1431 13.45 96.90 -11.63
C ALA B 1431 12.91 97.75 -12.77
N VAL B 1432 13.13 99.08 -12.72
CA VAL B 1432 12.63 99.97 -13.77
C VAL B 1432 13.10 99.55 -15.15
N ARG B 1433 14.19 98.77 -15.24
CA ARG B 1433 14.63 98.29 -16.53
C ARG B 1433 13.68 97.25 -17.11
N THR B 1434 13.36 96.22 -16.34
CA THR B 1434 12.50 95.14 -16.83
C THR B 1434 11.03 95.51 -16.68
N SER B 1437 7.13 97.25 -16.60
CA SER B 1437 6.18 96.78 -15.59
C SER B 1437 5.77 97.92 -14.67
N LEU B 1438 4.47 98.22 -14.67
CA LEU B 1438 3.97 99.36 -13.92
C LEU B 1438 4.30 99.26 -12.43
N SER B 1439 4.21 98.06 -11.87
CA SER B 1439 4.52 97.91 -10.45
C SER B 1439 5.98 98.25 -10.17
N CYS B 1440 6.89 97.77 -11.02
CA CYS B 1440 8.28 98.17 -10.88
C CYS B 1440 8.43 99.68 -10.98
N LEU B 1441 7.67 100.31 -11.87
CA LEU B 1441 7.72 101.76 -12.00
C LEU B 1441 7.34 102.43 -10.69
N GLU B 1442 6.18 102.08 -10.15
CA GLU B 1442 5.73 102.73 -8.92
C GLU B 1442 6.68 102.47 -7.77
N GLU B 1443 7.21 101.25 -7.69
CA GLU B 1443 8.14 100.95 -6.60
C GLU B 1443 9.40 101.78 -6.74
N ALA B 1444 9.92 101.91 -7.95
CA ALA B 1444 11.09 102.75 -8.16
C ALA B 1444 10.78 104.21 -7.81
N ASP B 1445 9.59 104.67 -8.19
CA ASP B 1445 9.23 106.05 -7.90
C ASP B 1445 9.18 106.30 -6.41
N HIS B 1446 8.64 105.34 -5.66
CA HIS B 1446 8.57 105.52 -4.22
C HIS B 1446 9.95 105.46 -3.58
N THR B 1447 10.77 104.50 -3.99
CA THR B 1447 12.13 104.43 -3.46
C THR B 1447 12.88 105.72 -3.77
N VAL B 1448 12.68 106.26 -4.96
CA VAL B 1448 13.36 107.48 -5.35
C VAL B 1448 12.87 108.65 -4.53
N GLY B 1449 11.56 108.74 -4.30
CA GLY B 1449 11.04 109.81 -3.46
C GLY B 1449 11.58 109.74 -2.04
N PHE B 1450 11.71 108.52 -1.51
CA PHE B 1450 12.31 108.36 -0.19
C PHE B 1450 13.75 108.82 -0.20
N LEU B 1451 14.52 108.37 -1.20
CA LEU B 1451 15.90 108.81 -1.33
C LEU B 1451 15.99 110.32 -1.42
N LEU B 1452 15.04 110.95 -2.11
CA LEU B 1452 15.04 112.40 -2.22
C LEU B 1452 14.81 113.04 -0.86
N GLN B 1453 13.76 112.61 -0.17
CA GLN B 1453 13.47 113.13 1.16
C GLN B 1453 14.69 112.98 2.07
N LEU B 1454 15.46 111.92 1.88
CA LEU B 1454 16.66 111.72 2.70
C LEU B 1454 17.81 112.60 2.24
N SER B 1455 17.86 112.92 0.94
CA SER B 1455 18.96 113.70 0.39
C SER B 1455 19.15 115.02 1.12
N ASN B 1456 18.10 115.60 1.67
CA ASN B 1456 18.23 116.87 2.39
C ASN B 1456 19.12 116.75 3.62
N PHE B 1457 19.53 115.54 3.99
CA PHE B 1457 20.47 115.38 5.09
C PHE B 1457 21.66 114.58 4.61
N THR B 1458 22.11 114.86 3.39
CA THR B 1458 23.20 114.09 2.79
C THR B 1458 24.43 114.05 3.68
N LYS B 1459 24.64 115.09 4.47
CA LYS B 1459 25.78 115.12 5.38
C LYS B 1459 25.76 113.91 6.31
N GLU B 1460 24.75 113.82 7.16
CA GLU B 1460 24.64 112.68 8.06
C GLU B 1460 24.50 111.38 7.28
N TRP B 1461 23.84 111.43 6.12
CA TRP B 1461 23.67 110.23 5.32
C TRP B 1461 25.02 109.59 5.00
N HIS B 1462 25.90 110.34 4.35
CA HIS B 1462 27.24 109.82 4.08
C HIS B 1462 28.00 109.57 5.37
N PHE B 1463 27.69 110.35 6.41
CA PHE B 1463 28.41 110.20 7.68
C PHE B 1463 28.23 108.80 8.25
N HIS B 1464 27.00 108.32 8.33
CA HIS B 1464 26.76 107.04 8.96
C HIS B 1464 26.94 105.88 7.99
N LEU B 1465 26.42 106.01 6.77
CA LEU B 1465 26.39 104.92 5.80
C LEU B 1465 27.22 105.29 4.58
N PRO B 1466 28.53 105.42 4.76
CA PRO B 1466 29.36 105.94 3.65
C PRO B 1466 29.22 105.15 2.36
N GLN B 1467 29.17 103.82 2.42
CA GLN B 1467 28.98 103.06 1.20
C GLN B 1467 27.63 103.37 0.58
N LEU B 1468 26.63 103.66 1.41
CA LEU B 1468 25.28 103.83 0.92
C LEU B 1468 25.17 105.02 -0.03
N ILE B 1469 25.52 106.21 0.45
CA ILE B 1469 25.34 107.40 -0.38
C ILE B 1469 26.10 107.27 -1.69
N LYS B 1470 27.26 106.61 -1.65
CA LYS B 1470 28.08 106.52 -2.85
C LYS B 1470 27.48 105.56 -3.87
N ASP B 1471 27.18 104.33 -3.44
CA ASP B 1471 26.52 103.40 -4.35
C ASP B 1471 25.22 103.99 -4.84
N VAL B 1472 24.58 104.82 -4.01
CA VAL B 1472 23.34 105.46 -4.39
C VAL B 1472 23.56 106.41 -5.55
N GLN B 1473 24.53 107.32 -5.42
CA GLN B 1473 24.80 108.25 -6.50
C GLN B 1473 25.15 107.51 -7.79
N VAL B 1474 25.94 106.44 -7.66
CA VAL B 1474 26.33 105.67 -8.85
C VAL B 1474 25.10 105.11 -9.54
N ASN B 1475 24.33 104.30 -8.81
CA ASN B 1475 23.15 103.69 -9.40
C ASN B 1475 22.15 104.73 -9.87
N LEU B 1476 22.13 105.91 -9.22
CA LEU B 1476 21.19 106.94 -9.64
C LEU B 1476 21.56 107.51 -10.98
N CYS B 1477 22.85 107.75 -11.21
CA CYS B 1477 23.30 108.07 -12.55
C CYS B 1477 22.87 106.98 -13.53
N TYR B 1478 23.13 105.72 -13.17
CA TYR B 1478 22.76 104.61 -14.04
C TYR B 1478 21.28 104.63 -14.38
N LEU B 1479 20.42 104.92 -13.41
CA LEU B 1479 18.99 104.80 -13.62
C LEU B 1479 18.43 106.02 -14.34
N CYS B 1480 18.98 107.19 -14.08
CA CYS B 1480 18.62 108.36 -14.88
C CYS B 1480 18.95 108.10 -16.35
N GLN B 1481 20.12 107.51 -16.61
CA GLN B 1481 20.45 107.15 -17.98
C GLN B 1481 19.46 106.12 -18.53
N ALA B 1482 19.08 105.13 -17.71
CA ALA B 1482 18.13 104.12 -18.14
C ALA B 1482 16.81 104.76 -18.54
N CYS B 1483 16.33 105.69 -17.72
CA CYS B 1483 15.08 106.39 -18.03
C CYS B 1483 15.20 107.16 -19.32
N THR B 1484 16.32 107.87 -19.51
CA THR B 1484 16.52 108.63 -20.75
C THR B 1484 16.47 107.70 -21.95
N SER B 1485 17.14 106.55 -21.86
CA SER B 1485 17.20 105.63 -22.99
C SER B 1485 15.84 105.03 -23.30
N LEU B 1486 15.10 104.63 -22.26
CA LEU B 1486 13.76 104.09 -22.48
C LEU B 1486 12.84 105.15 -23.10
N LEU B 1487 12.98 106.40 -22.68
CA LEU B 1487 12.08 107.44 -23.18
C LEU B 1487 12.41 107.87 -24.60
N HIS B 1488 13.70 107.98 -24.94
CA HIS B 1488 14.06 108.53 -26.25
C HIS B 1488 13.59 107.62 -27.38
N SER B 1489 13.48 106.32 -27.13
CA SER B 1489 13.05 105.38 -28.16
C SER B 1489 11.84 104.58 -27.72
N LEU B 1531 -5.95 101.56 -28.15
CA LEU B 1531 -5.81 101.96 -26.76
C LEU B 1531 -4.48 101.50 -26.19
N GLU B 1532 -3.88 100.49 -26.83
CA GLU B 1532 -2.52 100.11 -26.47
C GLU B 1532 -1.57 101.27 -26.65
N LEU B 1533 -1.83 102.13 -27.63
CA LEU B 1533 -1.11 103.38 -27.73
C LEU B 1533 -1.35 104.24 -26.49
N ARG B 1534 -2.59 104.27 -26.01
CA ARG B 1534 -2.90 105.08 -24.83
C ARG B 1534 -2.21 104.52 -23.60
N GLN B 1535 -2.25 103.19 -23.42
CA GLN B 1535 -1.57 102.59 -22.29
C GLN B 1535 -0.06 102.81 -22.36
N LEU B 1536 0.51 102.68 -23.55
CA LEU B 1536 1.94 102.93 -23.71
C LEU B 1536 2.28 104.37 -23.39
N ARG B 1537 1.46 105.31 -23.87
CA ARG B 1537 1.71 106.73 -23.60
C ARG B 1537 1.60 107.03 -22.12
N THR B 1538 0.63 106.41 -21.43
CA THR B 1538 0.53 106.62 -19.99
C THR B 1538 1.74 106.06 -19.26
N VAL B 1539 2.17 104.86 -19.64
CA VAL B 1539 3.35 104.27 -19.02
C VAL B 1539 4.57 105.16 -19.25
N GLN B 1540 4.73 105.67 -20.46
CA GLN B 1540 5.85 106.55 -20.76
C GLN B 1540 5.73 107.86 -19.98
N HIS B 1541 4.51 108.36 -19.80
CA HIS B 1541 4.33 109.59 -19.05
C HIS B 1541 4.74 109.42 -17.60
N SER B 1542 4.32 108.32 -16.99
CA SER B 1542 4.74 108.04 -15.62
C SER B 1542 6.25 107.83 -15.56
N LEU B 1543 6.80 107.12 -16.56
CA LEU B 1543 8.24 106.96 -16.63
C LEU B 1543 8.95 108.30 -16.68
N LEU B 1544 8.41 109.24 -17.46
CA LEU B 1544 9.05 110.54 -17.61
C LEU B 1544 8.94 111.35 -16.34
N LYS B 1545 7.81 111.27 -15.64
CA LYS B 1545 7.68 111.97 -14.37
C LYS B 1545 8.70 111.44 -13.37
N ILE B 1546 8.76 110.12 -13.22
CA ILE B 1546 9.74 109.52 -12.32
C ILE B 1546 11.15 109.88 -12.75
N LEU B 1547 11.38 109.93 -14.07
CA LEU B 1547 12.69 110.23 -14.58
C LEU B 1547 13.12 111.64 -14.22
N GLY B 1548 12.24 112.61 -14.43
CA GLY B 1548 12.55 113.98 -14.04
C GLY B 1548 12.79 114.08 -12.55
N LYS B 1549 12.03 113.33 -11.76
CA LYS B 1549 12.28 113.29 -10.33
C LYS B 1549 13.69 112.80 -10.04
N THR B 1550 14.06 111.67 -10.64
CA THR B 1550 15.38 111.09 -10.40
C THR B 1550 16.48 112.00 -10.93
N LEU B 1551 16.18 112.76 -11.98
CA LEU B 1551 17.16 113.69 -12.52
C LEU B 1551 17.41 114.84 -11.56
N ALA B 1552 16.34 115.53 -11.15
CA ALA B 1552 16.50 116.57 -10.13
C ALA B 1552 17.11 116.00 -8.86
N THR B 1553 16.97 114.69 -8.65
CA THR B 1553 17.53 114.07 -7.46
C THR B 1553 19.04 113.94 -7.56
N LEU B 1554 19.51 113.20 -8.57
CA LEU B 1554 20.95 113.09 -8.77
C LEU B 1554 21.59 114.46 -8.91
N ARG B 1555 20.84 115.44 -9.43
CA ARG B 1555 21.33 116.80 -9.47
C ARG B 1555 21.47 117.37 -8.06
N ALA B 1556 20.43 117.21 -7.23
CA ALA B 1556 20.51 117.69 -5.85
C ALA B 1556 21.67 117.05 -5.11
N PHE B 1557 22.21 115.96 -5.64
CA PHE B 1557 23.46 115.41 -5.15
C PHE B 1557 24.62 116.12 -5.83
N SER B 1595 32.41 111.99 -16.10
CA SER B 1595 33.20 113.12 -16.56
C SER B 1595 32.29 114.22 -17.09
N PHE B 1596 32.91 115.35 -17.47
CA PHE B 1596 32.14 116.40 -18.11
C PHE B 1596 31.42 115.89 -19.34
N GLY B 1597 32.02 114.94 -20.05
CA GLY B 1597 31.35 114.34 -21.19
C GLY B 1597 30.08 113.62 -20.81
N THR B 1598 30.07 112.96 -19.64
CA THR B 1598 28.85 112.30 -19.21
C THR B 1598 27.76 113.31 -18.92
N LEU B 1599 28.12 114.42 -18.27
CA LEU B 1599 27.16 115.49 -18.06
C LEU B 1599 26.62 116.01 -19.39
N LEU B 1600 27.50 116.19 -20.36
CA LEU B 1600 27.06 116.64 -21.67
C LEU B 1600 26.12 115.62 -22.30
N ALA B 1601 26.41 114.34 -22.11
CA ALA B 1601 25.51 113.30 -22.61
C ALA B 1601 24.15 113.40 -21.95
N THR B 1602 24.14 113.68 -20.65
CA THR B 1602 22.86 113.87 -19.95
C THR B 1602 22.08 115.02 -20.56
N VAL B 1603 22.75 116.16 -20.76
CA VAL B 1603 22.07 117.33 -21.31
C VAL B 1603 21.57 117.05 -22.73
N ASN B 1604 22.37 116.29 -23.49
CA ASN B 1604 21.99 115.97 -24.86
C ASN B 1604 20.78 115.05 -24.88
N VAL B 1605 20.77 114.02 -24.03
CA VAL B 1605 19.61 113.14 -23.93
C VAL B 1605 18.39 113.94 -23.47
N THR B 1606 18.62 114.96 -22.64
CA THR B 1606 17.52 115.82 -22.22
C THR B 1606 16.91 116.55 -23.41
N LEU B 1607 17.75 117.22 -24.19
CA LEU B 1607 17.24 117.91 -25.38
C LEU B 1607 16.60 116.93 -26.36
N SER B 1608 17.15 115.71 -26.43
CA SER B 1608 16.60 114.70 -27.33
C SER B 1608 15.20 114.28 -26.89
N MET B 1609 15.02 114.01 -25.59
CA MET B 1609 13.70 113.67 -25.09
C MET B 1609 12.74 114.82 -25.28
N LEU B 1610 13.22 116.06 -25.08
CA LEU B 1610 12.37 117.22 -25.30
C LEU B 1610 11.88 117.28 -26.74
N GLY B 1611 12.78 117.05 -27.69
CA GLY B 1611 12.37 117.05 -29.09
C GLY B 1611 11.42 115.92 -29.41
N GLU B 1612 11.71 114.72 -28.90
CA GLU B 1612 10.86 113.56 -29.15
C GLU B 1612 9.46 113.76 -28.60
N MET B 1613 9.37 114.42 -27.45
CA MET B 1613 8.05 114.70 -26.88
C MET B 1613 7.33 115.79 -27.64
N ASP B 1614 8.00 116.91 -27.92
CA ASP B 1614 7.37 117.99 -28.67
C ASP B 1614 7.00 117.54 -30.08
N LYS B 1615 7.58 116.44 -30.53
CA LYS B 1615 7.23 115.88 -31.84
C LYS B 1615 5.93 115.09 -31.79
N LYS B 1616 5.69 114.37 -30.70
CA LYS B 1616 4.61 113.38 -30.64
C LYS B 1616 3.23 113.98 -30.80
N LYS B 1617 3.08 115.29 -30.79
CA LYS B 1617 1.78 115.91 -30.98
C LYS B 1617 1.27 115.68 -32.40
N GLU B 1633 -0.49 114.37 -18.17
CA GLU B 1633 0.55 113.35 -18.20
C GLU B 1633 1.74 113.84 -19.03
N SER B 1634 1.45 114.42 -20.19
CA SER B 1634 2.51 114.86 -21.08
C SER B 1634 3.16 116.15 -20.59
N LYS B 1635 2.34 117.13 -20.19
CA LYS B 1635 2.88 118.36 -19.62
C LYS B 1635 3.81 118.04 -18.45
N ASN B 1636 3.53 116.95 -17.74
CA ASN B 1636 4.46 116.48 -16.72
C ASN B 1636 5.81 116.15 -17.33
N ASN B 1637 5.82 115.46 -18.47
CA ASN B 1637 7.10 115.16 -19.12
C ASN B 1637 7.82 116.44 -19.53
N LYS B 1638 7.07 117.42 -20.04
CA LYS B 1638 7.69 118.67 -20.43
C LYS B 1638 8.36 119.35 -19.24
N SER B 1639 7.63 119.47 -18.14
CA SER B 1639 8.18 120.13 -16.97
C SER B 1639 9.39 119.38 -16.43
N LEU B 1640 9.30 118.05 -16.38
CA LEU B 1640 10.42 117.26 -15.85
C LEU B 1640 11.66 117.41 -16.73
N LEU B 1641 11.48 117.37 -18.05
CA LEU B 1641 12.63 117.50 -18.94
C LEU B 1641 13.25 118.90 -18.86
N LEU B 1642 12.42 119.93 -18.72
CA LEU B 1642 12.96 121.28 -18.57
C LEU B 1642 13.76 121.40 -17.28
N PHE B 1643 13.20 120.90 -16.18
CA PHE B 1643 13.94 120.88 -14.93
C PHE B 1643 15.25 120.13 -15.09
N ILE B 1644 15.23 119.01 -15.81
CA ILE B 1644 16.43 118.19 -15.98
C ILE B 1644 17.48 118.96 -16.76
N MET B 1645 17.05 119.69 -17.80
CA MET B 1645 17.99 120.50 -18.56
C MET B 1645 18.64 121.55 -17.67
N GLU B 1646 17.83 122.29 -16.91
CA GLU B 1646 18.37 123.28 -15.99
C GLU B 1646 19.38 122.64 -15.04
N ASN B 1647 19.02 121.48 -14.49
CA ASN B 1647 19.87 120.83 -13.49
C ASN B 1647 21.18 120.33 -14.10
N CYS B 1648 21.12 119.75 -15.30
CA CYS B 1648 22.34 119.25 -15.94
C CYS B 1648 23.27 120.41 -16.27
N PHE B 1649 22.70 121.52 -16.75
CA PHE B 1649 23.50 122.72 -16.96
C PHE B 1649 24.19 123.14 -15.67
N TYR B 1650 23.42 123.23 -14.58
CA TYR B 1650 24.01 123.67 -13.32
C TYR B 1650 25.12 122.74 -12.86
N LEU B 1651 24.91 121.43 -12.97
CA LEU B 1651 25.88 120.47 -12.45
C LEU B 1651 27.16 120.46 -13.27
N LEU B 1652 27.01 120.37 -14.60
CA LEU B 1652 28.19 120.45 -15.46
C LEU B 1652 28.95 121.75 -15.23
N ILE B 1653 28.24 122.87 -15.11
CA ILE B 1653 28.89 124.16 -14.91
C ILE B 1653 29.63 124.18 -13.59
N SER B 1654 29.00 123.67 -12.52
CA SER B 1654 29.65 123.66 -11.22
C SER B 1654 30.92 122.82 -11.25
N GLN B 1655 30.86 121.65 -11.90
CA GLN B 1655 32.04 120.80 -11.98
C GLN B 1655 33.15 121.49 -12.76
N ALA B 1656 32.81 122.12 -13.88
CA ALA B 1656 33.82 122.79 -14.68
C ALA B 1656 34.42 123.98 -13.94
N VAL B 1657 33.59 124.73 -13.21
CA VAL B 1657 34.10 125.85 -12.42
C VAL B 1657 34.96 125.34 -11.29
N ARG B 1658 34.68 124.14 -10.78
CA ARG B 1658 35.57 123.52 -9.80
C ARG B 1658 36.93 123.24 -10.42
N TYR B 1659 36.95 122.55 -11.55
CA TYR B 1659 38.21 122.27 -12.24
C TYR B 1659 38.96 123.56 -12.58
N LEU B 1660 38.22 124.62 -12.90
CA LEU B 1660 38.84 125.90 -13.25
C LEU B 1660 39.44 126.59 -12.04
N ARG B 1661 38.68 126.68 -10.95
CA ARG B 1661 39.18 127.34 -9.75
C ARG B 1661 40.14 126.46 -8.97
N ASP B 1662 40.13 125.16 -9.18
CA ASP B 1662 41.06 124.26 -8.50
C ASP B 1662 42.47 124.54 -9.00
N PRO B 1663 43.40 124.97 -8.13
CA PRO B 1663 44.78 125.17 -8.58
C PRO B 1663 45.54 123.88 -8.81
N SER B 1664 45.02 122.74 -8.34
CA SER B 1664 45.66 121.46 -8.61
C SER B 1664 45.45 120.99 -10.04
N VAL B 1665 44.34 121.40 -10.67
CA VAL B 1665 44.15 121.15 -12.09
C VAL B 1665 45.07 122.07 -12.87
N HIS B 1666 45.82 121.50 -13.80
CA HIS B 1666 46.84 122.27 -14.51
C HIS B 1666 46.17 123.35 -15.37
N PRO B 1667 46.90 124.40 -15.74
CA PRO B 1667 46.34 125.37 -16.70
C PRO B 1667 46.13 124.76 -18.08
N ARG B 1668 46.92 123.75 -18.45
CA ARG B 1668 46.70 123.07 -19.73
C ARG B 1668 45.32 122.43 -19.77
N ASP B 1669 44.98 121.65 -18.73
CA ASP B 1669 43.64 121.08 -18.65
C ASP B 1669 42.59 122.18 -18.59
N LYS B 1670 42.90 123.28 -17.90
CA LYS B 1670 41.98 124.40 -17.83
C LYS B 1670 41.61 124.91 -19.22
N GLN B 1671 42.61 125.25 -20.03
CA GLN B 1671 42.33 125.84 -21.32
C GLN B 1671 41.75 124.82 -22.29
N ARG B 1672 42.24 123.56 -22.24
CA ARG B 1672 41.70 122.54 -23.12
C ARG B 1672 40.24 122.29 -22.84
N MET B 1673 39.89 122.13 -21.56
CA MET B 1673 38.49 121.98 -21.17
C MET B 1673 37.70 123.21 -21.57
N LYS B 1674 38.27 124.40 -21.36
CA LYS B 1674 37.59 125.62 -21.77
C LYS B 1674 37.21 125.56 -23.24
N GLN B 1675 38.16 125.19 -24.10
CA GLN B 1675 37.89 125.17 -25.53
C GLN B 1675 36.86 124.11 -25.88
N GLU B 1676 37.07 122.88 -25.40
CA GLU B 1676 36.17 121.79 -25.77
C GLU B 1676 34.77 122.03 -25.25
N LEU B 1677 34.65 122.49 -24.01
CA LEU B 1677 33.35 122.81 -23.45
C LEU B 1677 32.72 123.99 -24.18
N SER B 1678 33.53 124.96 -24.61
CA SER B 1678 32.98 126.06 -25.38
C SER B 1678 32.39 125.55 -26.68
N SER B 1679 33.06 124.60 -27.31
CA SER B 1679 32.52 124.01 -28.54
C SER B 1679 31.20 123.31 -28.27
N GLU B 1680 31.22 122.37 -27.31
CA GLU B 1680 30.01 121.61 -27.02
C GLU B 1680 28.87 122.52 -26.58
N LEU B 1681 29.18 123.57 -25.83
CA LEU B 1681 28.15 124.46 -25.31
C LEU B 1681 27.62 125.40 -26.39
N SER B 1682 28.47 125.88 -27.28
CA SER B 1682 27.98 126.64 -28.42
C SER B 1682 27.03 125.80 -29.25
N THR B 1683 27.42 124.57 -29.58
CA THR B 1683 26.55 123.72 -30.37
C THR B 1683 25.24 123.43 -29.64
N LEU B 1684 25.32 123.13 -28.34
CA LEU B 1684 24.12 122.79 -27.58
C LEU B 1684 23.20 123.98 -27.44
N LEU B 1685 23.76 125.15 -27.12
CA LEU B 1685 22.94 126.35 -26.98
C LEU B 1685 22.33 126.76 -28.30
N SER B 1686 23.03 126.53 -29.41
CA SER B 1686 22.44 126.78 -30.71
C SER B 1686 21.25 125.87 -30.95
N SER B 1687 21.42 124.57 -30.77
CA SER B 1687 20.30 123.65 -30.93
C SER B 1687 19.17 123.99 -29.97
N LEU B 1688 19.52 124.47 -28.78
CA LEU B 1688 18.52 124.87 -27.80
C LEU B 1688 17.69 126.03 -28.33
N SER B 1689 18.35 127.13 -28.68
CA SER B 1689 17.64 128.28 -29.23
C SER B 1689 16.83 127.88 -30.46
N ARG B 1690 17.28 126.86 -31.18
CA ARG B 1690 16.50 126.36 -32.32
C ARG B 1690 15.21 125.70 -31.84
N TYR B 1691 15.29 124.92 -30.76
CA TYR B 1691 14.10 124.24 -30.25
C TYR B 1691 13.13 125.23 -29.61
N PHE B 1692 13.65 126.13 -28.78
CA PHE B 1692 12.80 127.04 -28.00
C PHE B 1692 12.23 128.17 -28.84
N ARG B 1693 12.67 128.32 -30.08
CA ARG B 1693 12.14 129.36 -30.94
C ARG B 1693 10.67 129.14 -31.25
N PRO B 1725 16.38 133.41 -19.07
CA PRO B 1725 17.72 133.64 -18.54
C PRO B 1725 18.61 132.43 -18.69
N LEU B 1726 18.03 131.28 -19.03
CA LEU B 1726 18.82 130.07 -19.21
C LEU B 1726 19.71 130.16 -20.44
N ILE B 1727 19.17 130.68 -21.54
CA ILE B 1727 19.97 130.84 -22.75
C ILE B 1727 21.07 131.87 -22.52
N GLN B 1728 20.77 132.93 -21.79
CA GLN B 1728 21.79 133.92 -21.47
C GLN B 1728 22.90 133.30 -20.62
N LEU B 1729 22.52 132.56 -19.57
CA LEU B 1729 23.52 131.93 -18.72
C LEU B 1729 24.38 130.95 -19.51
N VAL B 1730 23.77 130.21 -20.42
CA VAL B 1730 24.52 129.22 -21.19
C VAL B 1730 25.46 129.91 -22.17
N GLN B 1731 24.99 130.97 -22.82
CA GLN B 1731 25.87 131.71 -23.73
C GLN B 1731 27.03 132.34 -22.98
N ALA B 1732 26.76 132.87 -21.78
CA ALA B 1732 27.83 133.48 -20.99
C ALA B 1732 28.81 132.43 -20.51
N PHE B 1733 28.32 131.25 -20.14
CA PHE B 1733 29.23 130.17 -19.75
C PHE B 1733 30.08 129.73 -20.93
N VAL B 1734 29.49 129.65 -22.11
CA VAL B 1734 30.26 129.30 -23.31
C VAL B 1734 31.34 130.34 -23.56
N ARG B 1735 30.97 131.62 -23.51
CA ARG B 1735 31.93 132.68 -23.79
C ARG B 1735 33.06 132.71 -22.76
N HIS B 1736 32.73 132.61 -21.47
CA HIS B 1736 33.76 132.57 -20.45
C HIS B 1736 34.54 131.26 -20.51
N VAL B 1737 34.00 130.27 -21.21
CA VAL B 1737 34.74 129.04 -21.49
C VAL B 1737 35.44 129.15 -22.83
N GLN B 1738 34.94 130.01 -23.71
CA GLN B 1738 35.57 130.22 -25.01
C GLN B 1738 36.93 130.87 -24.84
N LEU C 33 -33.72 69.29 -32.26
CA LEU C 33 -33.52 69.10 -30.83
C LEU C 33 -34.00 67.73 -30.34
N GLN C 34 -34.90 67.09 -31.09
CA GLN C 34 -35.41 65.78 -30.66
C GLN C 34 -34.32 64.72 -30.79
N GLU C 35 -33.72 64.61 -31.96
CA GLU C 35 -32.53 63.77 -32.10
C GLU C 35 -31.46 64.18 -31.09
N ILE C 36 -31.28 65.48 -30.88
CA ILE C 36 -30.22 65.95 -30.00
C ILE C 36 -30.54 65.62 -28.55
N GLN C 37 -31.81 65.72 -28.16
CA GLN C 37 -32.20 65.26 -26.83
C GLN C 37 -31.93 63.77 -26.68
N GLN C 38 -32.35 62.98 -27.68
CA GLN C 38 -32.10 61.55 -27.67
C GLN C 38 -30.61 61.25 -27.54
N ALA C 39 -29.77 62.01 -28.24
CA ALA C 39 -28.34 61.71 -28.28
C ALA C 39 -27.65 62.18 -27.00
N GLY C 40 -28.08 63.31 -26.44
CA GLY C 40 -27.65 63.65 -25.11
C GLY C 40 -27.96 62.55 -24.12
N GLU C 41 -29.19 62.03 -24.18
CA GLU C 41 -29.58 60.92 -23.31
C GLU C 41 -28.70 59.70 -23.53
N ARG C 42 -28.36 59.38 -24.79
CA ARG C 42 -27.58 58.19 -25.08
C ARG C 42 -26.13 58.33 -24.65
N LEU C 43 -25.47 59.42 -25.08
CA LEU C 43 -24.08 59.63 -24.70
C LEU C 43 -23.93 59.77 -23.20
N ARG C 44 -24.93 60.34 -22.53
CA ARG C 44 -24.97 60.30 -21.07
C ARG C 44 -25.10 58.87 -20.58
N SER C 45 -25.93 58.06 -21.25
CA SER C 45 -26.12 56.68 -20.84
C SER C 45 -24.82 55.89 -20.92
N LYS C 46 -23.96 56.22 -21.89
CA LYS C 46 -22.65 55.60 -21.99
C LYS C 46 -21.61 56.43 -21.24
N ASP C 97 -28.66 91.82 -4.80
CA ASP C 97 -28.40 92.59 -3.59
C ASP C 97 -27.75 93.90 -3.94
N ILE C 98 -28.56 94.83 -4.46
CA ILE C 98 -28.05 96.12 -4.90
C ILE C 98 -27.35 96.85 -3.77
N GLN C 99 -27.69 96.53 -2.53
CA GLN C 99 -27.05 97.19 -1.40
C GLN C 99 -25.55 96.93 -1.39
N GLY C 100 -25.15 95.67 -1.43
CA GLY C 100 -23.73 95.35 -1.40
C GLY C 100 -22.99 95.99 -2.56
N PHE C 101 -23.60 95.98 -3.75
CA PHE C 101 -23.00 96.67 -4.88
C PHE C 101 -22.77 98.14 -4.56
N LEU C 102 -23.80 98.80 -4.02
CA LEU C 102 -23.69 100.21 -3.67
C LEU C 102 -22.56 100.45 -2.69
N LYS C 103 -22.46 99.60 -1.68
CA LYS C 103 -21.50 99.84 -0.61
C LYS C 103 -20.08 99.62 -1.09
N ASN C 104 -19.84 98.50 -1.79
CA ASN C 104 -18.52 98.27 -2.35
C ASN C 104 -18.16 99.37 -3.33
N GLU C 105 -19.14 99.87 -4.07
CA GLU C 105 -18.88 100.98 -4.98
C GLU C 105 -18.42 102.21 -4.21
N LYS C 106 -19.13 102.58 -3.14
CA LYS C 106 -18.74 103.75 -2.38
C LYS C 106 -17.37 103.58 -1.74
N ASP C 107 -17.08 102.36 -1.29
CA ASP C 107 -15.79 102.10 -0.66
C ASP C 107 -14.66 102.22 -1.66
N ASN C 108 -14.79 101.57 -2.82
CA ASN C 108 -13.78 101.69 -3.86
C ASN C 108 -13.68 103.12 -4.35
N ALA C 109 -14.79 103.86 -4.35
CA ALA C 109 -14.75 105.27 -4.70
C ALA C 109 -13.87 106.05 -3.74
N LEU C 110 -14.05 105.82 -2.45
CA LEU C 110 -13.18 106.46 -1.46
C LEU C 110 -11.73 106.05 -1.69
N LEU C 111 -11.49 104.77 -1.96
CA LEU C 111 -10.12 104.30 -2.13
C LEU C 111 -9.46 104.96 -3.33
N SER C 112 -10.17 105.05 -4.44
CA SER C 112 -9.63 105.71 -5.62
C SER C 112 -9.42 107.19 -5.36
N ALA C 113 -10.37 107.83 -4.67
CA ALA C 113 -10.21 109.25 -4.36
C ALA C 113 -8.95 109.49 -3.54
N ILE C 114 -8.70 108.64 -2.56
CA ILE C 114 -7.52 108.81 -1.72
C ILE C 114 -6.26 108.50 -2.49
N GLU C 115 -6.26 107.42 -3.29
CA GLU C 115 -5.09 107.08 -4.08
C GLU C 115 -4.75 108.20 -5.06
N GLU C 116 -5.76 108.80 -5.66
CA GLU C 116 -5.53 109.88 -6.62
C GLU C 116 -5.03 111.13 -5.92
N SER C 117 -5.65 111.50 -4.79
CA SER C 117 -5.14 112.62 -4.01
C SER C 117 -3.70 112.37 -3.60
N ARG C 118 -3.38 111.11 -3.27
CA ARG C 118 -2.01 110.78 -2.87
C ARG C 118 -1.04 110.96 -4.02
N LYS C 119 -1.38 110.41 -5.20
CA LYS C 119 -0.51 110.56 -6.35
C LYS C 119 -0.36 112.03 -6.73
N ARG C 120 -1.43 112.80 -6.62
CA ARG C 120 -1.37 114.22 -6.92
C ARG C 120 -0.43 114.93 -5.96
N THR C 121 -0.54 114.63 -4.67
CA THR C 121 0.39 115.20 -3.70
C THR C 121 1.82 114.79 -3.99
N PHE C 122 2.04 113.53 -4.36
CA PHE C 122 3.38 113.07 -4.65
C PHE C 122 3.97 113.80 -5.85
N VAL C 123 3.17 113.99 -6.90
CA VAL C 123 3.63 114.71 -8.07
C VAL C 123 3.90 116.17 -7.73
N MET C 124 3.05 116.75 -6.88
CA MET C 124 3.30 118.12 -6.43
C MET C 124 4.61 118.21 -5.67
N ALA C 125 4.88 117.22 -4.83
CA ALA C 125 6.15 117.18 -4.10
C ALA C 125 7.32 117.09 -5.06
N GLU C 126 7.22 116.18 -6.03
CA GLU C 126 8.30 116.01 -6.99
C GLU C 126 8.55 117.29 -7.77
N GLU C 127 7.49 117.93 -8.27
CA GLU C 127 7.67 119.11 -9.09
C GLU C 127 8.17 120.30 -8.27
N TYR C 128 7.66 120.45 -7.04
CA TYR C 128 8.16 121.51 -6.19
C TYR C 128 9.62 121.31 -5.87
N HIS C 129 10.00 120.09 -5.50
CA HIS C 129 11.40 119.77 -5.29
C HIS C 129 12.21 120.04 -6.54
N ARG C 130 11.61 119.85 -7.72
CA ARG C 130 12.33 120.07 -8.97
C ARG C 130 12.60 121.56 -9.17
N GLU C 131 11.58 122.39 -8.98
CA GLU C 131 11.79 123.83 -9.07
C GLU C 131 12.82 124.29 -8.04
N SER C 132 12.79 123.68 -6.85
CA SER C 132 13.78 124.02 -5.82
C SER C 132 15.18 123.64 -6.27
N MET C 133 15.34 122.44 -6.80
CA MET C 133 16.63 122.02 -7.35
C MET C 133 17.08 122.97 -8.44
N LEU C 134 16.15 123.44 -9.26
CA LEU C 134 16.52 124.37 -10.34
C LEU C 134 17.01 125.69 -9.78
N VAL C 135 16.31 126.24 -8.79
CA VAL C 135 16.72 127.54 -8.23
C VAL C 135 18.07 127.42 -7.53
N GLU C 136 18.19 126.47 -6.59
CA GLU C 136 19.46 126.29 -5.89
C GLU C 136 20.55 125.91 -6.86
N TRP C 137 20.20 125.22 -7.95
CA TRP C 137 21.17 124.82 -8.94
C TRP C 137 21.71 126.02 -9.69
N GLU C 138 20.83 126.94 -10.08
CA GLU C 138 21.29 128.19 -10.67
C GLU C 138 22.17 128.98 -9.70
N GLN C 139 21.86 128.92 -8.40
CA GLN C 139 22.69 129.66 -7.45
C GLN C 139 24.09 129.06 -7.35
N VAL C 140 24.17 127.73 -7.21
CA VAL C 140 25.46 127.06 -7.26
C VAL C 140 26.17 127.37 -8.56
N LYS C 141 25.42 127.36 -9.67
CA LYS C 141 26.00 127.61 -10.99
C LYS C 141 26.63 128.99 -11.06
N GLN C 142 25.97 129.99 -10.49
CA GLN C 142 26.47 131.36 -10.58
C GLN C 142 27.70 131.53 -9.70
N ARG C 143 27.63 131.03 -8.46
CA ARG C 143 28.82 131.06 -7.60
C ARG C 143 29.98 130.34 -8.28
N VAL C 144 29.69 129.19 -8.89
CA VAL C 144 30.70 128.43 -9.60
C VAL C 144 31.30 129.26 -10.72
N LEU C 145 30.47 129.75 -11.64
CA LEU C 145 30.99 130.47 -12.80
C LEU C 145 31.78 131.71 -12.39
N HIS C 146 31.40 132.32 -11.26
CA HIS C 146 32.23 133.38 -10.71
C HIS C 146 33.58 132.84 -10.24
N THR C 147 33.62 131.61 -9.75
CA THR C 147 34.92 130.99 -9.46
C THR C 147 35.67 130.61 -10.75
N LEU C 148 34.91 130.39 -11.83
CA LEU C 148 35.51 129.95 -13.09
C LEU C 148 36.22 131.11 -13.78
N LEU C 149 35.51 132.21 -14.00
CA LEU C 149 36.13 133.42 -14.54
C LEU C 149 37.24 133.94 -13.65
N ALA C 150 37.41 133.39 -12.44
CA ALA C 150 38.59 133.68 -11.64
C ALA C 150 39.83 133.03 -12.22
N SER C 151 39.68 131.87 -12.86
CA SER C 151 40.77 131.28 -13.63
C SER C 151 40.64 131.75 -15.07
N GLY C 152 41.72 132.28 -15.62
CA GLY C 152 41.71 132.87 -16.95
C GLY C 152 41.16 132.00 -18.07
N ASP C 179 49.50 137.97 5.55
CA ASP C 179 50.92 138.31 5.61
C ASP C 179 51.16 139.50 6.53
N ASN C 180 52.43 139.86 6.69
CA ASN C 180 52.78 140.98 7.55
C ASN C 180 52.11 142.27 7.09
N VAL C 181 52.10 142.52 5.78
CA VAL C 181 51.56 143.76 5.26
C VAL C 181 50.10 143.89 5.66
N GLU C 182 49.32 142.86 5.38
CA GLU C 182 47.91 142.87 5.75
C GLU C 182 47.74 143.07 7.25
N MET C 183 48.66 142.53 8.05
CA MET C 183 48.57 142.71 9.50
C MET C 183 48.76 144.17 9.87
N ALA C 184 49.69 144.86 9.22
CA ALA C 184 49.86 146.29 9.48
C ALA C 184 48.63 147.07 9.05
N TYR C 185 48.10 146.76 7.87
CA TYR C 185 46.89 147.44 7.41
C TYR C 185 45.72 147.18 8.35
N ALA C 186 45.67 145.99 8.96
CA ALA C 186 44.57 145.65 9.83
C ALA C 186 44.67 146.36 11.17
N ARG C 187 45.88 146.42 11.73
CA ARG C 187 46.08 147.26 12.91
C ARG C 187 45.68 148.71 12.63
N GLN C 188 46.02 149.20 11.44
CA GLN C 188 45.66 150.57 11.08
C GLN C 188 44.15 150.75 10.97
N MET C 189 43.48 149.81 10.30
CA MET C 189 42.02 149.89 10.15
C MET C 189 41.32 149.78 11.50
N TYR C 190 41.81 148.91 12.38
CA TYR C 190 41.28 148.84 13.73
C TYR C 190 41.41 150.17 14.43
N MET C 191 42.59 150.80 14.36
CA MET C 191 42.76 152.11 14.96
C MET C 191 41.77 153.12 14.38
N TYR C 192 41.58 153.07 13.06
CA TYR C 192 40.69 154.04 12.40
C TYR C 192 39.25 153.87 12.88
N ASN C 193 38.69 152.68 12.71
CA ASN C 193 37.32 152.45 13.17
C ASN C 193 37.18 152.64 14.67
N GLU C 194 38.26 152.43 15.42
CA GLU C 194 38.19 152.64 16.86
C GLU C 194 38.06 154.12 17.18
N LYS C 195 38.80 154.97 16.47
CA LYS C 195 38.60 156.41 16.64
C LYS C 195 37.27 156.85 16.02
N VAL C 196 36.68 155.99 15.20
CA VAL C 196 35.36 156.28 14.63
C VAL C 196 34.26 156.03 15.65
N VAL C 197 34.23 154.83 16.22
CA VAL C 197 33.16 154.45 17.14
C VAL C 197 33.12 155.37 18.34
N SER C 198 34.27 155.61 18.97
CA SER C 198 34.35 156.55 20.08
C SER C 198 34.02 157.98 19.65
N GLY C 199 33.70 158.20 18.38
CA GLY C 199 33.39 159.53 17.90
C GLY C 199 34.55 160.48 17.94
N HIS C 200 35.77 159.98 18.09
CA HIS C 200 36.92 160.86 18.12
C HIS C 200 37.11 161.52 16.77
N LEU C 201 37.90 162.59 16.75
CA LEU C 201 38.21 163.27 15.50
C LEU C 201 38.69 162.25 14.48
N GLN C 202 37.90 162.10 13.42
CA GLN C 202 38.19 161.08 12.42
C GLN C 202 39.57 161.31 11.84
N PRO C 203 40.57 160.48 12.17
CA PRO C 203 41.91 160.71 11.65
C PRO C 203 42.01 160.38 10.18
N SER C 204 43.07 160.88 9.55
CA SER C 204 43.28 160.65 8.13
C SER C 204 43.81 159.23 7.92
N LEU C 205 43.01 158.39 7.25
CA LEU C 205 43.45 157.03 6.97
C LEU C 205 44.57 157.00 5.95
N VAL C 206 44.72 158.07 5.16
CA VAL C 206 45.90 158.19 4.30
C VAL C 206 47.16 158.24 5.16
N ASP C 207 47.11 158.98 6.27
CA ASP C 207 48.27 159.09 7.15
C ASP C 207 48.60 157.75 7.80
N LEU C 208 47.59 157.05 8.32
CA LEU C 208 47.84 155.74 8.91
C LEU C 208 48.35 154.76 7.86
N CYS C 209 47.81 154.84 6.65
CA CYS C 209 48.30 154.02 5.56
C CYS C 209 49.78 154.29 5.29
N THR C 210 50.16 155.56 5.25
CA THR C 210 51.56 155.92 4.99
C THR C 210 52.46 155.48 6.14
N GLU C 211 51.94 155.55 7.37
CA GLU C 211 52.71 155.09 8.52
C GLU C 211 52.99 153.60 8.43
N ALA C 212 51.98 152.81 8.09
CA ALA C 212 52.21 151.39 7.86
C ALA C 212 53.17 151.18 6.70
N ALA C 213 53.06 152.01 5.66
CA ALA C 213 53.89 151.85 4.47
C ALA C 213 55.35 152.08 4.77
N GLU C 214 55.67 153.13 5.54
CA GLU C 214 57.06 153.46 5.83
C GLU C 214 57.74 152.36 6.63
N ARG C 215 56.99 151.70 7.53
CA ARG C 215 57.54 150.59 8.28
C ARG C 215 57.58 149.30 7.49
N LEU C 216 56.75 149.17 6.44
CA LEU C 216 56.83 148.03 5.54
C LEU C 216 58.14 148.01 4.74
N ASP C 217 58.80 149.16 4.60
CA ASP C 217 60.17 149.27 4.11
C ASP C 217 60.33 148.98 2.63
N ASP C 218 59.24 148.84 1.87
CA ASP C 218 59.31 148.60 0.43
C ASP C 218 59.24 149.96 -0.27
N LYS C 219 60.34 150.33 -0.92
CA LYS C 219 60.44 151.66 -1.53
C LYS C 219 59.24 151.97 -2.40
N ASN C 220 58.80 151.00 -3.21
CA ASN C 220 57.67 151.23 -4.11
C ASN C 220 56.42 151.60 -3.34
N VAL C 221 56.15 150.90 -2.23
CA VAL C 221 54.94 151.18 -1.46
C VAL C 221 55.04 152.54 -0.78
N SER C 222 56.24 152.89 -0.28
CA SER C 222 56.42 154.21 0.32
C SER C 222 56.14 155.31 -0.70
N ASP C 223 56.68 155.17 -1.91
CA ASP C 223 56.49 156.19 -2.92
C ASP C 223 55.04 156.25 -3.38
N LEU C 224 54.38 155.11 -3.48
CA LEU C 224 52.95 155.11 -3.80
C LEU C 224 52.15 155.83 -2.73
N TRP C 225 52.51 155.61 -1.46
CA TRP C 225 51.84 156.31 -0.39
C TRP C 225 52.06 157.81 -0.47
N VAL C 226 53.29 158.23 -0.78
CA VAL C 226 53.56 159.66 -0.93
C VAL C 226 52.76 160.23 -2.10
N MET C 227 52.62 159.45 -3.17
CA MET C 227 51.90 159.92 -4.35
C MET C 227 50.42 160.10 -4.06
N VAL C 228 49.80 159.09 -3.44
CA VAL C 228 48.39 159.21 -3.08
C VAL C 228 48.21 160.35 -2.08
N LYS C 229 49.14 160.50 -1.14
CA LYS C 229 49.09 161.61 -0.21
C LYS C 229 49.10 162.94 -0.94
N GLN C 230 49.88 163.01 -2.01
CA GLN C 230 49.83 164.20 -2.87
C GLN C 230 48.50 164.30 -3.60
N MET C 231 47.87 163.16 -3.87
CA MET C 231 46.69 163.15 -4.73
C MET C 231 45.40 163.49 -4.00
N THR C 232 45.32 163.23 -2.70
CA THR C 232 44.11 163.55 -1.96
C THR C 232 44.13 164.93 -1.32
N ASP C 233 45.27 165.63 -1.35
CA ASP C 233 45.40 166.92 -0.69
C ASP C 233 44.75 168.03 -1.50
N VAL C 234 43.44 167.93 -1.71
CA VAL C 234 42.69 168.95 -2.45
C VAL C 234 41.55 169.45 -1.57
N PRO C 235 40.82 170.48 -1.98
CA PRO C 235 39.69 170.94 -1.16
C PRO C 235 38.55 169.95 -1.14
N LEU C 236 38.32 169.32 0.01
CA LEU C 236 37.29 168.31 0.13
C LEU C 236 35.91 168.93 -0.04
N ASP C 241 28.24 161.71 -4.21
CA ASP C 241 28.59 160.60 -5.07
C ASP C 241 30.10 160.54 -5.29
N THR C 242 30.67 159.34 -5.20
CA THR C 242 32.11 159.18 -5.39
C THR C 242 32.52 159.40 -6.84
N LEU C 243 31.66 159.00 -7.79
CA LEU C 243 32.06 159.03 -9.19
C LEU C 243 32.19 160.46 -9.71
N LYS C 244 31.10 161.24 -9.64
CA LYS C 244 31.12 162.60 -10.16
C LYS C 244 32.28 163.40 -9.59
N SER C 245 32.55 163.24 -8.29
CA SER C 245 33.72 163.87 -7.70
C SER C 245 35.01 163.36 -8.33
N ARG C 246 35.15 162.03 -8.44
CA ARG C 246 36.33 161.46 -9.06
C ARG C 246 36.36 161.77 -10.56
N CYS C 247 35.23 162.14 -11.13
CA CYS C 247 35.17 162.56 -12.53
C CYS C 247 35.25 164.07 -12.69
N SER C 248 35.21 164.83 -11.59
CA SER C 248 35.27 166.28 -11.68
C SER C 248 36.62 166.73 -12.23
N GLY C 249 36.56 167.56 -13.28
CA GLY C 249 37.78 168.08 -13.87
C GLY C 249 38.63 168.84 -12.88
N GLN C 250 38.00 169.47 -11.89
CA GLN C 250 38.77 170.07 -10.80
C GLN C 250 39.57 169.01 -10.07
N MET C 251 38.93 167.91 -9.66
CA MET C 251 39.63 166.84 -8.97
C MET C 251 40.69 166.23 -9.87
N GLN C 252 40.41 166.10 -11.16
CA GLN C 252 41.39 165.51 -12.08
C GLN C 252 42.59 166.43 -12.25
N MET C 253 42.36 167.74 -12.34
CA MET C 253 43.47 168.67 -12.44
C MET C 253 44.30 168.67 -11.16
N ALA C 254 43.63 168.53 -10.01
CA ALA C 254 44.36 168.40 -8.75
C ALA C 254 45.24 167.15 -8.77
N PHE C 255 44.69 166.02 -9.26
CA PHE C 255 45.47 164.80 -9.33
C PHE C 255 46.63 164.95 -10.31
N VAL C 256 46.43 165.69 -11.39
CA VAL C 256 47.48 165.87 -12.39
C VAL C 256 48.59 166.76 -11.84
N ARG C 257 48.21 167.80 -11.11
CA ARG C 257 49.20 168.59 -10.39
C ARG C 257 49.99 167.71 -9.42
N GLN C 258 49.30 166.83 -8.70
CA GLN C 258 49.99 165.90 -7.81
C GLN C 258 50.95 165.01 -8.59
N ALA C 259 50.54 164.57 -9.77
CA ALA C 259 51.42 163.78 -10.63
C ALA C 259 52.68 164.54 -10.95
N LEU C 260 52.54 165.76 -11.46
CA LEU C 260 53.69 166.59 -11.75
C LEU C 260 54.57 166.76 -10.52
N ASN C 261 53.96 167.00 -9.37
CA ASN C 261 54.72 167.24 -8.14
C ASN C 261 55.52 166.00 -7.76
N TYR C 262 54.88 164.85 -7.70
CA TYR C 262 55.57 163.62 -7.30
C TYR C 262 56.68 163.29 -8.29
N LEU C 263 56.40 163.36 -9.59
CA LEU C 263 57.40 162.99 -10.58
C LEU C 263 58.59 163.96 -10.55
N GLU C 264 58.31 165.26 -10.45
CA GLU C 264 59.37 166.24 -10.36
C GLU C 264 60.19 166.05 -9.10
N GLN C 265 59.54 165.67 -8.00
CA GLN C 265 60.25 165.42 -6.76
C GLN C 265 61.21 164.25 -6.90
N SER C 266 60.71 163.11 -7.39
CA SER C 266 61.57 161.96 -7.61
C SER C 266 62.68 162.29 -8.60
N TYR C 267 62.41 163.19 -9.55
CA TYR C 267 63.42 163.57 -10.52
C TYR C 267 64.52 164.40 -9.88
N LYS C 268 64.16 165.35 -9.02
CA LYS C 268 65.15 166.07 -8.23
C LYS C 268 65.97 165.10 -7.40
N ASN C 269 65.31 164.09 -6.82
CA ASN C 269 66.03 163.07 -6.06
C ASN C 269 67.04 162.34 -6.92
N TYR C 270 66.62 161.90 -8.12
CA TYR C 270 67.52 161.21 -9.02
C TYR C 270 68.70 162.08 -9.42
N THR C 271 68.43 163.33 -9.79
CA THR C 271 69.51 164.22 -10.23
C THR C 271 70.52 164.45 -9.12
N LEU C 272 70.03 164.70 -7.89
CA LEU C 272 70.95 164.94 -6.79
C LEU C 272 71.74 163.67 -6.44
N ILE C 273 71.06 162.53 -6.41
CA ILE C 273 71.74 161.27 -6.09
C ILE C 273 72.80 160.95 -7.12
N SER C 274 72.55 161.31 -8.38
CA SER C 274 73.56 161.10 -9.42
C SER C 274 74.68 162.13 -9.32
N VAL C 275 74.36 163.32 -8.83
CA VAL C 275 75.39 164.33 -8.62
C VAL C 275 76.39 163.87 -7.56
N PHE C 276 75.88 163.48 -6.39
CA PHE C 276 76.78 163.22 -5.27
C PHE C 276 77.55 161.91 -5.43
N ALA C 277 76.97 160.93 -6.11
CA ALA C 277 77.62 159.62 -6.26
C ALA C 277 78.68 159.66 -7.36
N GLY C 289 73.21 173.10 -5.14
CA GLY C 289 72.08 173.73 -5.80
C GLY C 289 71.59 172.97 -7.02
N THR C 290 70.27 173.00 -7.24
CA THR C 290 69.69 172.30 -8.39
C THR C 290 70.28 172.79 -9.69
N TYR C 291 70.62 174.07 -9.78
CA TYR C 291 71.31 174.57 -10.96
C TYR C 291 72.74 174.02 -11.01
N ASN C 292 73.46 174.10 -9.89
CA ASN C 292 74.79 173.50 -9.83
C ASN C 292 74.70 171.99 -10.02
N LEU C 293 73.68 171.36 -9.44
CA LEU C 293 73.51 169.92 -9.61
C LEU C 293 73.28 169.56 -11.07
N VAL C 294 72.40 170.29 -11.74
CA VAL C 294 72.09 170.00 -13.14
C VAL C 294 73.30 170.26 -14.02
N ARG C 295 74.09 171.28 -13.70
CA ARG C 295 75.34 171.52 -14.43
C ARG C 295 76.29 170.34 -14.26
N SER C 296 76.51 169.91 -13.03
CA SER C 296 77.41 168.80 -12.77
C SER C 296 76.93 167.50 -13.41
N PHE C 297 75.60 167.31 -13.49
CA PHE C 297 75.07 166.10 -14.11
C PHE C 297 75.17 166.18 -15.63
N LEU C 298 74.98 167.38 -16.20
CA LEU C 298 75.18 167.55 -17.64
C LEU C 298 76.63 167.35 -18.03
N ASN C 299 77.55 167.55 -17.08
CA ASN C 299 78.95 167.20 -17.34
C ASN C 299 79.09 165.74 -17.74
N ILE C 300 78.32 164.84 -17.12
CA ILE C 300 78.38 163.41 -17.45
C ILE C 300 77.43 163.07 -18.58
N ARG C 301 76.26 163.71 -18.61
CA ARG C 301 75.25 163.41 -19.62
C ARG C 301 75.57 164.05 -20.96
N LEU C 302 76.12 165.26 -20.96
CA LEU C 302 76.48 165.95 -22.20
C LEU C 302 77.97 166.31 -22.16
N PRO C 303 78.84 165.32 -21.93
CA PRO C 303 80.27 165.63 -21.81
C PRO C 303 80.89 166.20 -23.08
N THR C 304 80.21 166.11 -24.21
CA THR C 304 80.68 166.71 -25.44
C THR C 304 79.67 167.73 -25.95
N PRO C 305 80.11 168.77 -26.64
CA PRO C 305 79.17 169.78 -27.14
C PRO C 305 78.22 169.19 -28.16
N ILE C 306 76.91 169.37 -27.91
CA ILE C 306 75.88 168.88 -28.81
C ILE C 306 75.54 169.96 -29.84
N PRO C 307 75.82 169.74 -31.11
CA PRO C 307 75.50 170.76 -32.12
C PRO C 307 74.00 170.89 -32.32
N GLY C 308 73.56 172.12 -32.54
CA GLY C 308 72.16 172.42 -32.73
C GLY C 308 71.48 173.14 -31.58
N LEU C 309 72.17 173.28 -30.44
CA LEU C 309 71.59 174.01 -29.32
C LEU C 309 71.58 175.50 -29.61
N GLN C 310 70.44 176.13 -29.36
CA GLN C 310 70.22 177.53 -29.71
C GLN C 310 70.24 178.40 -28.46
N ASP C 311 70.17 179.71 -28.70
CA ASP C 311 69.98 180.72 -27.65
C ASP C 311 71.15 180.80 -26.68
N GLY C 312 72.35 180.44 -27.11
CA GLY C 312 73.54 180.69 -26.30
C GLY C 312 73.67 179.75 -25.11
N GLU C 313 74.64 180.09 -24.27
CA GLU C 313 74.99 179.28 -23.11
C GLU C 313 75.14 180.16 -21.88
N ILE C 314 75.14 179.52 -20.71
CA ILE C 314 75.36 180.19 -19.43
C ILE C 314 76.51 179.50 -18.71
N GLU C 315 77.63 180.21 -18.58
CA GLU C 315 78.87 179.64 -18.03
C GLU C 315 79.29 178.39 -18.79
N GLY C 316 79.04 178.36 -20.09
CA GLY C 316 79.36 177.22 -20.91
C GLY C 316 78.30 176.13 -20.98
N TYR C 317 77.20 176.29 -20.26
CA TYR C 317 76.17 175.27 -20.32
C TYR C 317 74.99 175.78 -21.14
N PRO C 318 74.45 174.96 -22.04
CA PRO C 318 73.31 175.39 -22.85
C PRO C 318 72.15 175.82 -21.96
N VAL C 319 71.67 177.05 -22.20
CA VAL C 319 70.54 177.58 -21.45
C VAL C 319 69.34 176.64 -21.54
N TRP C 320 69.07 176.15 -22.75
CA TRP C 320 67.95 175.23 -22.94
C TRP C 320 68.15 173.93 -22.16
N ALA C 321 69.39 173.44 -22.08
CA ALA C 321 69.64 172.20 -21.35
C ALA C 321 69.46 172.40 -19.85
N LEU C 322 69.93 173.53 -19.32
CA LEU C 322 69.73 173.82 -17.90
C LEU C 322 68.25 174.01 -17.61
N ILE C 323 67.51 174.65 -18.52
CA ILE C 323 66.07 174.81 -18.35
C ILE C 323 65.39 173.46 -18.28
N TYR C 324 65.71 172.58 -19.23
CA TYR C 324 65.14 171.24 -19.24
C TYR C 324 65.47 170.50 -17.95
N TYR C 325 66.73 170.57 -17.52
CA TYR C 325 67.15 169.83 -16.34
C TYR C 325 66.50 170.36 -15.07
N CYS C 326 66.26 171.68 -15.00
CA CYS C 326 65.62 172.25 -13.81
C CYS C 326 64.14 171.94 -13.79
N MET C 327 63.44 172.10 -14.92
CA MET C 327 62.02 171.80 -14.96
C MET C 327 61.78 170.31 -14.70
N ARG C 328 62.59 169.44 -15.28
CA ARG C 328 62.50 168.02 -14.98
C ARG C 328 62.68 167.76 -13.49
N CYS C 329 63.67 168.39 -12.86
CA CYS C 329 63.86 168.29 -11.43
C CYS C 329 62.74 168.96 -10.64
N GLY C 330 61.91 169.75 -11.30
CA GLY C 330 60.75 170.34 -10.66
C GLY C 330 61.02 171.50 -9.73
N ASP C 331 62.24 172.03 -9.71
CA ASP C 331 62.52 173.27 -9.00
C ASP C 331 62.46 174.39 -10.02
N LEU C 332 61.22 174.87 -10.25
CA LEU C 332 61.00 175.91 -11.25
C LEU C 332 61.85 177.14 -10.99
N MET C 333 62.39 177.28 -9.78
CA MET C 333 63.23 178.44 -9.48
C MET C 333 64.62 178.31 -10.10
N ALA C 334 65.13 177.09 -10.21
CA ALA C 334 66.40 176.91 -10.89
C ALA C 334 66.29 177.29 -12.36
N ALA C 335 65.21 176.85 -13.02
CA ALA C 335 64.98 177.25 -14.40
C ALA C 335 64.65 178.73 -14.49
N GLN C 336 64.03 179.29 -13.44
CA GLN C 336 63.73 180.73 -13.44
C GLN C 336 65.00 181.55 -13.39
N GLN C 337 65.98 181.14 -12.57
CA GLN C 337 67.27 181.83 -12.56
C GLN C 337 68.04 181.58 -13.86
N VAL C 338 67.93 180.37 -14.41
CA VAL C 338 68.59 180.08 -15.69
C VAL C 338 68.07 181.00 -16.78
N VAL C 339 66.75 181.20 -16.82
CA VAL C 339 66.15 182.10 -17.80
C VAL C 339 66.47 183.56 -17.46
N ASN C 340 66.51 183.89 -16.18
CA ASN C 340 66.82 185.25 -15.77
C ASN C 340 68.23 185.64 -16.19
N ARG C 341 69.14 184.68 -16.24
CA ARG C 341 70.47 184.94 -16.79
C ARG C 341 70.47 184.88 -18.31
N ALA C 342 69.50 184.20 -18.91
CA ALA C 342 69.37 184.07 -20.35
C ALA C 342 68.18 184.83 -20.91
N GLN C 343 67.89 186.03 -20.37
CA GLN C 343 66.71 186.77 -20.79
C GLN C 343 66.91 187.47 -22.11
N HIS C 344 68.12 187.96 -22.39
CA HIS C 344 68.36 188.69 -23.63
C HIS C 344 68.09 187.83 -24.86
N GLN C 345 68.36 186.52 -24.77
CA GLN C 345 68.11 185.63 -25.90
C GLN C 345 66.73 184.99 -25.83
N LEU C 346 66.21 184.73 -24.63
CA LEU C 346 64.92 184.07 -24.49
C LEU C 346 63.75 185.00 -24.74
N GLY C 347 63.90 186.30 -24.48
CA GLY C 347 62.86 187.25 -24.79
C GLY C 347 61.59 187.02 -23.99
N ASP C 348 60.45 187.20 -24.66
CA ASP C 348 59.15 187.04 -24.00
C ASP C 348 58.99 185.68 -23.35
N PHE C 349 59.87 184.73 -23.67
CA PHE C 349 59.91 183.48 -22.92
C PHE C 349 60.11 183.75 -21.44
N LYS C 350 60.79 184.84 -21.09
CA LYS C 350 60.92 185.20 -19.69
C LYS C 350 59.56 185.43 -19.06
N ASN C 351 58.72 186.25 -19.69
CA ASN C 351 57.40 186.53 -19.14
C ASN C 351 56.52 185.28 -19.17
N CYS C 352 56.62 184.49 -20.23
CA CYS C 352 55.84 183.27 -20.33
C CYS C 352 56.18 182.31 -19.19
N PHE C 353 57.48 182.10 -18.95
CA PHE C 353 57.91 181.19 -17.89
C PHE C 353 57.58 181.76 -16.51
N GLN C 354 57.65 183.08 -16.35
CA GLN C 354 57.24 183.68 -15.09
C GLN C 354 55.76 183.45 -14.82
N GLU C 355 54.92 183.65 -15.84
CA GLU C 355 53.50 183.35 -15.70
C GLU C 355 53.27 181.89 -15.35
N TYR C 356 53.92 180.99 -16.08
CA TYR C 356 53.79 179.57 -15.79
C TYR C 356 54.20 179.26 -14.35
N ILE C 357 55.29 179.87 -13.88
CA ILE C 357 55.77 179.58 -12.54
C ILE C 357 54.83 180.17 -11.49
N HIS C 358 54.16 181.27 -11.82
CA HIS C 358 53.27 181.92 -10.88
C HIS C 358 51.96 181.17 -10.68
N ASN C 359 51.72 180.12 -11.44
CA ASN C 359 50.52 179.32 -11.30
C ASN C 359 50.83 178.08 -10.45
N LYS C 360 49.94 177.78 -9.49
CA LYS C 360 50.17 176.62 -8.63
C LYS C 360 50.05 175.30 -9.39
N ASP C 361 49.19 175.26 -10.40
CA ASP C 361 49.06 174.09 -11.25
C ASP C 361 49.90 174.19 -12.52
N ARG C 362 50.74 175.23 -12.61
CA ARG C 362 51.71 175.39 -13.70
C ARG C 362 51.03 175.44 -15.05
N ARG C 363 50.01 176.28 -15.16
CA ARG C 363 49.30 176.48 -16.41
C ARG C 363 49.49 177.91 -16.87
N LEU C 364 49.81 178.09 -18.14
CA LEU C 364 49.78 179.42 -18.71
C LEU C 364 48.35 179.76 -19.09
N SER C 365 48.00 181.03 -18.93
CA SER C 365 46.67 181.47 -19.29
C SER C 365 46.42 181.18 -20.76
N PRO C 366 45.15 181.04 -21.16
CA PRO C 366 44.85 180.73 -22.56
C PRO C 366 45.43 181.73 -23.54
N THR C 367 45.53 183.01 -23.17
CA THR C 367 46.14 183.99 -24.06
C THR C 367 47.64 183.77 -24.18
N THR C 368 48.33 183.64 -23.04
CA THR C 368 49.75 183.32 -23.07
C THR C 368 49.99 181.97 -23.72
N GLU C 369 49.15 180.98 -23.41
CA GLU C 369 49.24 179.68 -24.05
C GLU C 369 49.13 179.80 -25.56
N ASN C 370 48.21 180.64 -26.03
CA ASN C 370 48.00 180.78 -27.46
C ASN C 370 49.18 181.47 -28.13
N LYS C 371 49.69 182.54 -27.52
CA LYS C 371 50.88 183.19 -28.05
C LYS C 371 52.05 182.23 -28.10
N LEU C 372 52.24 181.43 -27.06
CA LEU C 372 53.35 180.49 -27.01
C LEU C 372 53.21 179.39 -28.05
N ARG C 373 52.00 178.84 -28.22
CA ARG C 373 51.77 177.82 -29.23
C ARG C 373 52.00 178.38 -30.63
N LEU C 374 51.55 179.61 -30.88
CA LEU C 374 51.76 180.24 -32.18
C LEU C 374 53.25 180.41 -32.47
N HIS C 375 54.00 180.92 -31.49
CA HIS C 375 55.44 181.08 -31.70
C HIS C 375 56.15 179.74 -31.89
N TYR C 376 55.75 178.73 -31.11
CA TYR C 376 56.38 177.42 -31.23
C TYR C 376 56.13 176.81 -32.60
N ARG C 377 54.88 176.86 -33.06
CA ARG C 377 54.57 176.32 -34.39
C ARG C 377 55.24 177.14 -35.49
N ARG C 378 55.38 178.44 -35.29
CA ARG C 378 55.95 179.29 -36.33
C ARG C 378 57.46 179.10 -36.44
N ALA C 379 58.17 179.08 -35.31
CA ALA C 379 59.63 179.00 -35.35
C ALA C 379 60.18 177.76 -34.65
N VAL C 380 59.79 177.55 -33.39
CA VAL C 380 60.48 176.59 -32.54
C VAL C 380 60.27 175.15 -33.03
N ARG C 381 59.24 174.90 -33.84
CA ARG C 381 58.88 173.54 -34.19
C ARG C 381 59.94 172.89 -35.08
N ALA C 382 60.72 173.70 -35.80
CA ALA C 382 61.76 173.19 -36.68
C ALA C 382 63.16 173.38 -36.12
N SER C 383 63.29 174.01 -34.95
CA SER C 383 64.60 174.31 -34.38
C SER C 383 65.43 173.04 -34.19
N THR C 384 66.74 173.21 -34.08
CA THR C 384 67.67 172.09 -33.97
C THR C 384 67.89 171.63 -32.53
N ASP C 385 67.63 172.48 -31.54
CA ASP C 385 67.89 172.14 -30.14
C ASP C 385 66.71 171.36 -29.60
N PRO C 386 66.91 170.11 -29.16
CA PRO C 386 65.76 169.35 -28.64
C PRO C 386 65.25 169.85 -27.30
N TYR C 387 66.13 170.41 -26.46
CA TYR C 387 65.71 170.81 -25.12
C TYR C 387 64.80 172.03 -25.16
N LYS C 388 65.12 173.02 -25.99
CA LYS C 388 64.23 174.17 -26.15
C LYS C 388 62.87 173.72 -26.67
N ARG C 389 62.85 172.75 -27.59
CA ARG C 389 61.58 172.25 -28.12
C ARG C 389 60.77 171.56 -27.04
N ALA C 390 61.43 170.71 -26.24
CA ALA C 390 60.73 170.03 -25.16
C ALA C 390 60.19 171.03 -24.14
N VAL C 391 60.95 172.09 -23.86
CA VAL C 391 60.50 173.10 -22.93
C VAL C 391 59.30 173.85 -23.49
N TYR C 392 59.37 174.25 -24.76
CA TYR C 392 58.24 174.94 -25.39
C TYR C 392 57.01 174.06 -25.39
N CYS C 393 57.17 172.75 -25.62
CA CYS C 393 56.03 171.85 -25.64
C CYS C 393 55.43 171.67 -24.25
N ILE C 394 56.28 171.42 -23.25
CA ILE C 394 55.79 171.20 -21.89
C ILE C 394 55.11 172.45 -21.35
N ILE C 395 55.70 173.62 -21.61
CA ILE C 395 55.13 174.86 -21.12
C ILE C 395 53.88 175.24 -21.92
N GLY C 396 53.83 174.85 -23.19
CA GLY C 396 52.71 175.18 -24.03
C GLY C 396 51.71 174.07 -24.27
N ARG C 397 51.98 172.87 -23.77
CA ARG C 397 51.14 171.69 -23.99
C ARG C 397 50.72 171.61 -25.46
N CYS C 398 51.69 171.81 -26.34
CA CYS C 398 51.47 171.82 -27.78
C CYS C 398 52.33 170.73 -28.41
N ASP C 399 51.90 170.27 -29.58
CA ASP C 399 52.56 169.18 -30.31
C ASP C 399 52.54 167.89 -29.48
N VAL C 400 51.33 167.40 -29.20
CA VAL C 400 51.16 166.27 -28.29
C VAL C 400 51.68 164.94 -28.84
N SER C 401 51.88 164.82 -30.16
CA SER C 401 52.21 163.51 -30.72
C SER C 401 53.71 163.26 -30.76
N ASP C 402 54.53 164.31 -30.66
CA ASP C 402 55.97 164.14 -30.67
C ASP C 402 56.43 163.53 -29.35
N ASN C 403 57.30 162.52 -29.43
CA ASN C 403 57.79 161.86 -28.23
C ASN C 403 59.04 162.50 -27.66
N HIS C 404 59.72 163.37 -28.43
CA HIS C 404 60.89 164.10 -27.96
C HIS C 404 61.89 163.20 -27.24
N SER C 405 62.13 162.02 -27.83
CA SER C 405 63.05 161.07 -27.24
C SER C 405 64.47 161.61 -27.14
N GLU C 406 64.81 162.63 -27.94
CA GLU C 406 66.16 163.19 -27.91
C GLU C 406 66.54 163.66 -26.52
N VAL C 407 65.56 164.11 -25.73
CA VAL C 407 65.79 164.42 -24.34
C VAL C 407 65.04 163.50 -23.39
N ALA C 408 64.01 162.80 -23.86
CA ALA C 408 63.21 161.91 -23.03
C ALA C 408 63.40 160.48 -23.53
N ASP C 409 64.44 159.83 -23.03
CA ASP C 409 64.67 158.43 -23.31
C ASP C 409 64.08 157.51 -22.25
N LYS C 410 63.74 158.05 -21.08
CA LYS C 410 63.18 157.27 -19.99
C LYS C 410 61.66 157.28 -20.07
N THR C 411 61.08 156.10 -19.90
CA THR C 411 59.63 156.01 -19.77
C THR C 411 59.13 156.93 -18.65
N GLU C 412 59.92 157.05 -17.58
CA GLU C 412 59.65 158.06 -16.57
C GLU C 412 59.55 159.45 -17.20
N ASP C 413 60.47 159.77 -18.12
CA ASP C 413 60.49 161.11 -18.70
C ASP C 413 59.31 161.33 -19.65
N TYR C 414 58.98 160.34 -20.46
CA TYR C 414 57.82 160.45 -21.34
C TYR C 414 56.54 160.62 -20.52
N LEU C 415 56.41 159.84 -19.44
CA LEU C 415 55.26 159.99 -18.55
C LEU C 415 55.22 161.39 -17.96
N TRP C 416 56.38 161.90 -17.53
CA TRP C 416 56.44 163.25 -16.97
C TRP C 416 55.94 164.29 -17.96
N LEU C 417 56.49 164.29 -19.17
CA LEU C 417 56.09 165.29 -20.16
C LEU C 417 54.62 165.16 -20.52
N LYS C 418 54.14 163.92 -20.70
CA LYS C 418 52.75 163.71 -21.11
C LYS C 418 51.79 164.16 -20.01
N LEU C 419 52.13 163.91 -18.75
CA LEU C 419 51.32 164.42 -17.65
C LEU C 419 51.37 165.94 -17.62
N SER C 420 52.54 166.52 -17.86
CA SER C 420 52.65 167.98 -17.81
C SER C 420 51.86 168.65 -18.92
N GLN C 421 51.65 167.97 -20.05
CA GLN C 421 50.82 168.50 -21.12
C GLN C 421 49.38 168.04 -21.02
N VAL C 422 49.06 167.16 -20.07
CA VAL C 422 47.70 166.66 -19.94
C VAL C 422 46.77 167.80 -19.56
N CYS C 423 45.62 167.88 -20.21
CA CYS C 423 44.72 169.01 -20.09
C CYS C 423 43.51 168.64 -19.25
N PHE C 424 43.07 169.59 -18.42
CA PHE C 424 41.86 169.42 -17.62
C PHE C 424 41.01 170.69 -17.69
N LEU C 438 40.50 165.57 -19.58
CA LEU C 438 41.36 164.78 -18.72
C LEU C 438 41.12 163.29 -18.92
N PRO C 439 39.86 162.92 -19.21
CA PRO C 439 39.56 161.49 -19.42
C PRO C 439 40.40 160.87 -20.52
N GLN C 440 40.69 161.63 -21.57
CA GLN C 440 41.58 161.14 -22.62
C GLN C 440 42.98 160.89 -22.08
N PHE C 441 43.45 161.74 -21.17
CA PHE C 441 44.79 161.56 -20.62
C PHE C 441 44.87 160.33 -19.72
N GLN C 442 43.88 160.13 -18.86
CA GLN C 442 43.85 158.93 -18.03
C GLN C 442 43.75 157.69 -18.89
N LYS C 443 42.91 157.73 -19.93
CA LYS C 443 42.80 156.60 -20.84
C LYS C 443 44.11 156.34 -21.56
N GLN C 444 44.84 157.41 -21.91
CA GLN C 444 46.13 157.23 -22.57
C GLN C 444 47.13 156.56 -21.65
N LEU C 445 47.26 157.07 -20.41
CA LEU C 445 48.28 156.54 -19.52
C LEU C 445 47.94 155.12 -19.06
N PHE C 446 46.66 154.80 -18.91
CA PHE C 446 46.28 153.50 -18.40
C PHE C 446 46.07 152.47 -19.51
N GLU C 447 45.56 152.89 -20.67
CA GLU C 447 45.24 151.95 -21.73
C GLU C 447 46.32 151.89 -22.82
N ASP C 448 46.79 153.04 -23.30
CA ASP C 448 47.73 153.04 -24.41
C ASP C 448 49.14 152.68 -23.95
N TYR C 449 49.55 153.15 -22.77
CA TYR C 449 50.85 152.82 -22.22
C TYR C 449 50.80 151.55 -21.38
N GLY C 450 49.94 151.54 -20.37
CA GLY C 450 49.76 150.37 -19.54
C GLY C 450 50.92 150.10 -18.59
N GLU C 451 50.84 148.92 -17.98
CA GLU C 451 51.83 148.53 -16.98
C GLU C 451 53.06 147.91 -17.62
N SER C 452 53.00 147.59 -18.92
CA SER C 452 54.17 147.07 -19.60
C SER C 452 55.12 148.19 -19.99
N HIS C 453 54.58 149.38 -20.29
CA HIS C 453 55.43 150.52 -20.60
C HIS C 453 56.15 151.02 -19.36
N PHE C 454 55.44 151.10 -18.23
CA PHE C 454 56.02 151.56 -16.98
C PHE C 454 56.84 150.48 -16.28
N ALA C 455 56.89 149.28 -16.84
CA ALA C 455 57.55 148.13 -16.22
C ALA C 455 57.13 147.98 -14.76
N VAL C 456 55.82 147.85 -14.56
CA VAL C 456 55.24 147.82 -13.20
C VAL C 456 56.02 146.88 -12.29
N ASN C 457 56.56 145.80 -12.86
CA ASN C 457 57.32 144.82 -12.09
C ASN C 457 58.47 145.47 -11.32
N GLN C 458 59.02 146.57 -11.83
CA GLN C 458 60.17 147.23 -11.21
C GLN C 458 59.81 148.53 -10.50
N GLN C 459 58.96 149.35 -11.10
CA GLN C 459 58.61 150.65 -10.53
C GLN C 459 57.10 150.68 -10.25
N PRO C 460 56.62 149.75 -9.42
CA PRO C 460 55.24 149.88 -8.93
C PRO C 460 54.97 151.24 -8.34
N TYR C 461 56.00 151.89 -7.79
CA TYR C 461 55.86 153.26 -7.32
C TYR C 461 55.49 154.21 -8.45
N LEU C 462 56.17 154.09 -9.59
CA LEU C 462 55.91 154.99 -10.70
C LEU C 462 54.48 154.82 -11.23
N TYR C 463 54.07 153.57 -11.46
CA TYR C 463 52.76 153.32 -12.01
C TYR C 463 51.66 153.69 -11.01
N PHE C 464 51.86 153.36 -9.73
CA PHE C 464 50.91 153.76 -8.71
C PHE C 464 50.74 155.27 -8.68
N GLN C 465 51.86 156.01 -8.74
CA GLN C 465 51.78 157.46 -8.82
C GLN C 465 51.03 157.89 -10.08
N VAL C 466 51.35 157.29 -11.22
CA VAL C 466 50.75 157.70 -12.49
C VAL C 466 49.25 157.55 -12.44
N LEU C 467 48.77 156.43 -11.88
CA LEU C 467 47.34 156.16 -11.89
C LEU C 467 46.60 156.93 -10.80
N PHE C 468 47.12 156.93 -9.57
CA PHE C 468 46.46 157.66 -8.50
C PHE C 468 46.45 159.15 -8.77
N LEU C 469 47.51 159.68 -9.37
CA LEU C 469 47.55 161.09 -9.73
C LEU C 469 46.93 161.35 -11.09
N THR C 470 46.35 160.34 -11.72
CA THR C 470 45.52 160.57 -12.90
C THR C 470 44.04 160.61 -12.56
N ALA C 471 43.70 160.85 -11.29
CA ALA C 471 42.34 160.78 -10.77
C ALA C 471 41.74 159.38 -10.92
N GLN C 472 42.50 158.44 -11.46
CA GLN C 472 42.07 157.05 -11.57
C GLN C 472 42.41 156.31 -10.27
N PHE C 473 41.94 156.87 -9.17
CA PHE C 473 42.31 156.36 -7.86
C PHE C 473 41.83 154.93 -7.66
N GLU C 474 40.70 154.57 -8.27
CA GLU C 474 40.19 153.20 -8.14
C GLU C 474 41.10 152.22 -8.88
N ALA C 475 41.45 152.52 -10.13
CA ALA C 475 42.34 151.62 -10.86
C ALA C 475 43.71 151.53 -10.19
N ALA C 476 44.21 152.66 -9.70
CA ALA C 476 45.47 152.64 -8.96
C ALA C 476 45.39 151.76 -7.73
N ILE C 477 44.29 151.89 -6.97
CA ILE C 477 44.14 151.07 -5.77
C ILE C 477 44.07 149.59 -6.13
N ALA C 478 43.41 149.27 -7.26
CA ALA C 478 43.37 147.89 -7.70
C ALA C 478 44.76 147.37 -8.04
N PHE C 479 45.53 148.16 -8.79
CA PHE C 479 46.90 147.77 -9.13
C PHE C 479 47.74 147.56 -7.87
N LEU C 480 47.63 148.47 -6.91
CA LEU C 480 48.41 148.34 -5.69
C LEU C 480 47.93 147.15 -4.84
N PHE C 481 46.66 146.80 -4.94
CA PHE C 481 46.17 145.62 -4.25
C PHE C 481 46.67 144.34 -4.90
N ARG C 482 46.95 144.38 -6.21
CA ARG C 482 47.45 143.21 -6.90
C ARG C 482 48.73 142.67 -6.27
N LEU C 483 49.75 143.52 -6.14
CA LEU C 483 51.03 143.09 -5.57
C LEU C 483 50.83 142.69 -4.12
N GLU C 484 51.46 141.60 -3.71
CA GLU C 484 51.36 141.17 -2.32
C GLU C 484 51.77 142.30 -1.37
N ARG C 485 53.05 142.68 -1.40
CA ARG C 485 53.59 143.65 -0.46
C ARG C 485 52.77 144.93 -0.37
N THR C 486 52.24 145.42 -1.49
CA THR C 486 51.56 146.70 -1.51
C THR C 486 50.11 146.61 -1.07
N ARG C 487 49.51 145.42 -1.12
CA ARG C 487 48.07 145.31 -0.92
C ARG C 487 47.62 146.07 0.32
N CYS C 488 48.38 145.93 1.40
CA CYS C 488 48.04 146.58 2.66
C CYS C 488 47.73 148.05 2.44
N HIS C 489 48.72 148.82 2.00
CA HIS C 489 48.49 150.25 1.85
C HIS C 489 47.32 150.52 0.92
N ALA C 490 47.25 149.75 -0.18
CA ALA C 490 46.18 149.93 -1.13
C ALA C 490 44.83 149.90 -0.42
N VAL C 491 44.60 148.86 0.38
CA VAL C 491 43.32 148.74 1.07
C VAL C 491 43.09 149.96 1.94
N HIS C 492 44.10 150.33 2.74
CA HIS C 492 43.94 151.51 3.58
C HIS C 492 43.70 152.73 2.72
N VAL C 493 44.39 152.84 1.59
CA VAL C 493 44.14 153.94 0.67
C VAL C 493 42.67 153.97 0.30
N ALA C 494 42.13 152.82 -0.12
CA ALA C 494 40.72 152.76 -0.46
C ALA C 494 39.86 153.22 0.70
N LEU C 495 40.18 152.75 1.90
CA LEU C 495 39.43 153.20 3.07
C LEU C 495 39.58 154.70 3.26
N ALA C 496 40.82 155.21 3.13
CA ALA C 496 41.04 156.65 3.20
C ALA C 496 40.24 157.36 2.12
N LEU C 497 40.04 156.69 0.99
CA LEU C 497 39.17 157.25 -0.06
C LEU C 497 37.70 157.12 0.31
N PHE C 498 37.29 155.99 0.89
CA PHE C 498 35.87 155.75 1.13
C PHE C 498 35.32 156.77 2.11
N GLU C 499 36.01 156.99 3.23
CA GLU C 499 35.49 157.90 4.25
C GLU C 499 35.34 159.31 3.72
N LEU C 500 36.20 159.72 2.79
CA LEU C 500 36.01 160.99 2.10
C LEU C 500 34.98 160.89 0.98
N LYS C 501 34.28 159.78 0.88
CA LYS C 501 33.24 159.57 -0.12
C LYS C 501 33.77 159.75 -1.54
N PHE C 529 34.83 149.51 -2.10
CA PHE C 529 35.29 149.51 -0.70
C PHE C 529 34.88 148.22 -0.01
N ILE C 530 33.57 147.95 -0.02
CA ILE C 530 33.04 146.78 0.68
C ILE C 530 33.61 145.50 0.06
N ARG C 531 33.39 145.32 -1.25
CA ARG C 531 33.91 144.12 -1.92
C ARG C 531 35.39 143.95 -1.65
N LEU C 532 36.13 145.05 -1.56
CA LEU C 532 37.54 144.97 -1.19
C LEU C 532 37.70 144.38 0.21
N LEU C 533 36.95 144.91 1.18
CA LEU C 533 37.02 144.39 2.53
C LEU C 533 36.74 142.90 2.56
N MET C 534 35.78 142.46 1.74
CA MET C 534 35.45 141.04 1.69
C MET C 534 36.59 140.24 1.11
N LEU C 535 37.08 140.63 -0.07
CA LEU C 535 38.12 139.87 -0.75
C LEU C 535 39.41 139.87 0.06
N TYR C 536 39.54 140.81 1.00
CA TYR C 536 40.71 140.82 1.86
C TYR C 536 40.49 139.95 3.08
N THR C 537 39.42 140.19 3.83
CA THR C 537 39.22 139.49 5.09
C THR C 537 38.94 138.02 4.89
N ARG C 538 38.22 137.65 3.83
CA ARG C 538 37.85 136.25 3.61
C ARG C 538 39.05 135.32 3.65
N LYS C 539 40.25 135.85 3.42
CA LYS C 539 41.44 135.03 3.54
C LYS C 539 41.66 134.59 4.98
N PHE C 540 41.46 135.50 5.93
CA PHE C 540 41.81 135.23 7.32
C PHE C 540 40.63 135.28 8.27
N GLU C 541 39.40 135.27 7.77
CA GLU C 541 38.24 135.13 8.66
C GLU C 541 38.17 133.76 9.32
N PRO C 542 38.58 132.67 8.66
CA PRO C 542 38.51 131.36 9.34
C PRO C 542 39.60 131.18 10.38
N THR C 543 40.78 131.78 10.20
CA THR C 543 41.87 131.64 11.16
C THR C 543 41.98 132.81 12.13
N ASP C 544 41.54 134.00 11.74
CA ASP C 544 41.69 135.20 12.56
C ASP C 544 40.42 136.05 12.48
N PRO C 545 39.42 135.76 13.31
CA PRO C 545 38.14 136.48 13.18
C PRO C 545 38.15 137.86 13.79
N ARG C 546 38.91 138.10 14.85
CA ARG C 546 38.86 139.41 15.50
C ARG C 546 39.50 140.48 14.63
N GLU C 547 40.52 140.10 13.85
CA GLU C 547 41.10 141.05 12.92
C GLU C 547 40.12 141.38 11.79
N ALA C 548 39.42 140.35 11.29
CA ALA C 548 38.41 140.59 10.28
C ALA C 548 37.32 141.51 10.81
N LEU C 549 36.96 141.34 12.08
CA LEU C 549 35.98 142.23 12.69
C LEU C 549 36.54 143.62 12.90
N GLN C 550 37.86 143.72 13.15
CA GLN C 550 38.49 145.04 13.26
C GLN C 550 38.42 145.78 11.93
N TYR C 551 38.55 145.03 10.83
CA TYR C 551 38.34 145.63 9.51
C TYR C 551 36.87 145.97 9.29
N PHE C 552 35.97 145.07 9.67
CA PHE C 552 34.54 145.25 9.39
C PHE C 552 33.95 146.39 10.21
N TYR C 553 34.61 146.74 11.31
CA TYR C 553 34.21 147.93 12.06
C TYR C 553 34.31 149.19 11.22
N PHE C 554 35.12 149.17 10.15
CA PHE C 554 35.29 150.35 9.32
C PHE C 554 34.04 150.68 8.52
N LEU C 555 33.18 149.69 8.26
CA LEU C 555 31.92 149.93 7.57
C LEU C 555 30.81 150.31 8.54
N ARG C 556 31.15 150.87 9.69
CA ARG C 556 30.19 151.08 10.78
C ARG C 556 28.94 151.83 10.34
N ASN C 557 29.09 152.83 9.47
CA ASN C 557 27.97 153.68 9.07
C ASN C 557 27.39 153.28 7.73
N GLU C 558 27.94 152.27 7.08
CA GLU C 558 27.48 151.87 5.77
C GLU C 558 26.04 151.34 5.85
N LYS C 559 25.25 151.70 4.86
CA LYS C 559 23.91 151.15 4.71
C LYS C 559 23.78 150.53 3.33
N ASP C 560 23.21 149.34 3.29
CA ASP C 560 22.94 148.71 2.01
C ASP C 560 21.88 149.52 1.27
N ASN C 561 21.57 149.10 0.05
CA ASN C 561 20.48 149.75 -0.68
C ASN C 561 19.14 149.54 0.03
N GLN C 562 19.03 148.53 0.88
CA GLN C 562 17.82 148.24 1.64
C GLN C 562 17.86 148.81 3.06
N GLY C 563 18.92 149.52 3.44
CA GLY C 563 18.96 150.24 4.69
C GLY C 563 19.66 149.54 5.84
N GLU C 564 20.03 148.28 5.71
CA GLU C 564 20.67 147.57 6.82
C GLU C 564 22.11 148.02 6.98
N SER C 565 22.66 147.77 8.16
CA SER C 565 24.07 148.08 8.42
C SER C 565 24.97 146.96 7.92
N MET C 566 25.88 147.31 7.01
CA MET C 566 26.82 146.32 6.50
C MET C 566 27.60 145.67 7.63
N PHE C 567 27.84 146.41 8.71
CA PHE C 567 28.51 145.85 9.88
C PHE C 567 27.81 144.60 10.39
N LEU C 568 26.50 144.68 10.57
CA LEU C 568 25.74 143.54 11.09
C LEU C 568 25.81 142.35 10.13
N ARG C 569 25.64 142.59 8.84
CA ARG C 569 25.66 141.52 7.86
C ARG C 569 27.00 140.80 7.85
N CYS C 570 28.09 141.58 7.79
CA CYS C 570 29.41 140.98 7.78
C CYS C 570 29.69 140.23 9.08
N VAL C 571 29.33 140.82 10.22
CA VAL C 571 29.56 140.16 11.50
C VAL C 571 28.80 138.84 11.56
N SER C 572 27.56 138.83 11.05
CA SER C 572 26.78 137.60 11.04
C SER C 572 27.45 136.55 10.17
N GLU C 573 27.82 136.91 8.94
CA GLU C 573 28.43 135.93 8.04
C GLU C 573 29.73 135.38 8.64
N LEU C 574 30.50 136.23 9.32
CA LEU C 574 31.74 135.78 9.92
C LEU C 574 31.49 134.84 11.09
N VAL C 575 30.70 135.29 12.06
CA VAL C 575 30.43 134.48 13.25
C VAL C 575 29.83 133.14 12.85
N ILE C 576 28.91 133.13 11.90
CA ILE C 576 28.31 131.88 11.47
C ILE C 576 29.35 131.04 10.74
N GLU C 577 30.26 131.67 10.01
CA GLU C 577 31.26 130.93 9.27
C GLU C 577 32.41 130.49 10.16
N SER C 578 32.98 131.41 10.93
CA SER C 578 34.21 131.16 11.65
C SER C 578 34.02 130.37 12.95
N ARG C 579 32.80 129.89 13.23
CA ARG C 579 32.51 129.19 14.48
C ARG C 579 32.92 130.00 15.70
N GLU C 580 32.99 131.32 15.53
CA GLU C 580 33.55 132.21 16.54
C GLU C 580 32.55 133.28 17.00
N PHE C 581 31.26 132.96 16.98
CA PHE C 581 30.25 133.84 17.57
C PHE C 581 30.64 134.28 18.98
N ASP C 582 31.20 133.35 19.76
CA ASP C 582 31.52 133.63 21.15
C ASP C 582 32.39 134.86 21.31
N MET C 583 33.32 135.09 20.37
CA MET C 583 34.21 136.24 20.49
C MET C 583 33.56 137.51 19.95
N LEU C 584 32.99 137.45 18.75
CA LEU C 584 32.52 138.66 18.08
C LEU C 584 31.24 139.18 18.70
N LEU C 585 30.29 138.30 18.99
CA LEU C 585 29.02 138.71 19.57
C LEU C 585 28.96 138.48 21.07
N GLY C 586 29.90 137.75 21.63
CA GLY C 586 29.91 137.49 23.05
C GLY C 586 29.49 136.08 23.40
N LYS C 587 29.60 135.78 24.69
CA LYS C 587 29.26 134.46 25.20
C LYS C 587 28.44 134.62 26.47
N LEU C 588 27.49 133.70 26.67
CA LEU C 588 26.61 133.76 27.82
C LEU C 588 27.19 132.93 28.95
N GLU C 589 27.45 133.58 30.09
CA GLU C 589 28.00 132.90 31.25
C GLU C 589 26.92 132.06 31.92
N LYS C 590 27.31 131.38 33.00
CA LYS C 590 26.38 130.47 33.68
C LYS C 590 25.24 131.22 34.36
N ASP C 591 25.53 132.40 34.92
CA ASP C 591 24.50 133.13 35.65
C ASP C 591 23.47 133.78 34.73
N GLY C 592 23.72 133.84 33.43
CA GLY C 592 22.84 134.57 32.55
C GLY C 592 23.22 136.01 32.30
N SER C 593 24.49 136.36 32.45
CA SER C 593 24.97 137.69 32.11
C SER C 593 25.84 137.62 30.86
N ARG C 594 25.72 138.64 30.01
CA ARG C 594 26.32 138.61 28.69
C ARG C 594 27.77 139.08 28.75
N LYS C 595 28.69 138.17 28.45
CA LYS C 595 30.09 138.56 28.28
C LYS C 595 30.25 139.21 26.91
N PRO C 596 30.79 140.43 26.83
CA PRO C 596 30.70 141.19 25.58
C PRO C 596 31.39 140.51 24.41
N GLY C 597 30.88 140.81 23.21
CA GLY C 597 31.58 140.52 21.98
C GLY C 597 32.24 141.77 21.41
N ALA C 598 33.13 141.53 20.46
CA ALA C 598 33.77 142.67 19.79
C ALA C 598 32.73 143.52 19.07
N ILE C 599 31.68 142.90 18.52
CA ILE C 599 30.67 143.65 17.81
C ILE C 599 29.85 144.48 18.79
N ASP C 600 30.05 144.30 20.09
CA ASP C 600 29.43 145.17 21.07
C ASP C 600 30.12 146.53 21.11
N LYS C 601 31.36 146.62 20.63
CA LYS C 601 32.08 147.88 20.69
C LYS C 601 31.56 148.87 19.65
N PHE C 602 31.10 148.38 18.51
CA PHE C 602 30.72 149.25 17.40
C PHE C 602 29.27 149.69 17.45
N THR C 603 28.41 148.98 18.17
CA THR C 603 27.01 149.36 18.30
C THR C 603 26.56 149.05 19.73
N ARG C 604 25.42 149.62 20.12
CA ARG C 604 24.95 149.45 21.49
C ARG C 604 24.13 148.19 21.67
N ASP C 605 23.23 147.88 20.72
CA ASP C 605 22.27 146.80 20.87
C ASP C 605 22.44 145.78 19.76
N THR C 606 22.40 144.50 20.13
CA THR C 606 22.48 143.41 19.16
C THR C 606 21.37 142.39 19.42
N LYS C 607 20.19 142.88 19.81
CA LYS C 607 19.08 141.98 20.08
C LYS C 607 18.69 141.19 18.84
N THR C 608 18.31 141.87 17.77
CA THR C 608 17.90 141.18 16.56
C THR C 608 19.03 140.32 15.99
N ILE C 609 20.27 140.79 16.14
CA ILE C 609 21.42 139.98 15.76
C ILE C 609 21.39 138.65 16.50
N ILE C 610 21.25 138.72 17.83
CA ILE C 610 21.23 137.51 18.64
C ILE C 610 20.08 136.61 18.23
N ASN C 611 18.91 137.19 17.99
CA ASN C 611 17.74 136.39 17.62
C ASN C 611 17.97 135.66 16.31
N LYS C 612 18.39 136.39 15.27
CA LYS C 612 18.59 135.77 13.96
C LYS C 612 19.71 134.74 14.01
N VAL C 613 20.77 135.00 14.77
CA VAL C 613 21.89 134.07 14.83
C VAL C 613 21.49 132.80 15.57
N ALA C 614 20.74 132.95 16.67
CA ALA C 614 20.17 131.79 17.35
C ALA C 614 19.28 131.00 16.39
N SER C 615 18.51 131.71 15.55
CA SER C 615 17.71 131.04 14.55
C SER C 615 18.58 130.22 13.60
N VAL C 616 19.70 130.79 13.17
CA VAL C 616 20.62 130.08 12.29
C VAL C 616 21.14 128.82 12.98
N ALA C 617 21.59 128.96 14.23
CA ALA C 617 22.09 127.80 14.96
C ALA C 617 21.02 126.73 15.10
N GLU C 618 19.79 127.16 15.38
CA GLU C 618 18.67 126.22 15.36
C GLU C 618 18.59 125.50 14.03
N ASN C 619 18.57 126.25 12.93
CA ASN C 619 18.56 125.65 11.61
C ASN C 619 19.70 124.65 11.45
N LYS C 620 20.86 124.96 11.98
CA LYS C 620 22.00 124.05 11.91
C LYS C 620 21.90 122.90 12.88
N GLY C 621 20.78 122.73 13.57
CA GLY C 621 20.70 121.75 14.62
C GLY C 621 21.55 122.04 15.84
N LEU C 622 22.15 123.22 15.91
CA LEU C 622 23.00 123.61 17.03
C LEU C 622 22.10 123.97 18.22
N PHE C 623 21.72 122.93 18.96
CA PHE C 623 20.75 123.13 20.03
C PHE C 623 21.32 123.96 21.17
N GLU C 624 22.41 123.52 21.80
CA GLU C 624 22.85 124.15 23.03
C GLU C 624 23.23 125.61 22.81
N GLU C 625 23.96 125.89 21.74
CA GLU C 625 24.35 127.26 21.48
C GLU C 625 23.13 128.11 21.13
N ALA C 626 22.13 127.52 20.48
CA ALA C 626 20.91 128.27 20.22
C ALA C 626 20.21 128.62 21.52
N ALA C 627 20.21 127.68 22.47
CA ALA C 627 19.67 127.96 23.78
C ALA C 627 20.40 129.11 24.44
N LYS C 628 21.74 129.04 24.46
CA LYS C 628 22.52 130.10 25.08
C LYS C 628 22.31 131.44 24.39
N LEU C 629 22.16 131.42 23.07
CA LEU C 629 22.02 132.66 22.31
C LEU C 629 20.68 133.31 22.57
N TYR C 630 19.59 132.55 22.39
CA TYR C 630 18.28 133.06 22.76
C TYR C 630 18.26 133.50 24.21
N ASP C 631 18.99 132.80 25.08
CA ASP C 631 19.10 133.22 26.47
C ASP C 631 19.71 134.61 26.57
N LEU C 632 20.75 134.87 25.79
CA LEU C 632 21.30 136.21 25.74
C LEU C 632 20.26 137.21 25.26
N ALA C 633 19.51 136.86 24.21
CA ALA C 633 18.53 137.77 23.62
C ALA C 633 17.30 138.00 24.48
N LYS C 634 17.28 137.46 25.70
CA LYS C 634 16.15 137.63 26.62
C LYS C 634 14.87 137.03 26.03
N ASN C 635 14.95 135.77 25.63
CA ASN C 635 13.77 135.07 25.15
C ASN C 635 13.63 133.75 25.90
N PRO C 636 13.07 133.78 27.11
CA PRO C 636 12.98 132.54 27.89
C PRO C 636 12.18 131.44 27.21
N ASP C 637 11.21 131.79 26.38
CA ASP C 637 10.36 130.78 25.75
C ASP C 637 11.19 129.81 24.92
N LYS C 638 11.92 130.34 23.94
CA LYS C 638 12.76 129.49 23.11
C LYS C 638 13.80 128.76 23.96
N VAL C 639 14.30 129.42 25.00
CA VAL C 639 15.27 128.79 25.88
C VAL C 639 14.70 127.51 26.45
N LEU C 640 13.61 127.62 27.20
CA LEU C 640 12.96 126.46 27.79
C LEU C 640 12.63 125.43 26.72
N GLU C 641 12.20 125.89 25.55
CA GLU C 641 11.88 124.97 24.47
C GLU C 641 13.07 124.07 24.16
N LEU C 642 14.21 124.67 23.87
CA LEU C 642 15.38 123.88 23.50
C LEU C 642 15.88 123.06 24.68
N THR C 643 15.82 123.64 25.87
CA THR C 643 16.23 122.91 27.08
C THR C 643 15.45 121.61 27.20
N ASN C 644 14.13 121.68 27.10
CA ASN C 644 13.31 120.49 27.17
C ASN C 644 13.64 119.53 26.02
N LYS C 645 13.71 120.08 24.81
CA LYS C 645 13.98 119.24 23.64
C LYS C 645 15.22 118.40 23.86
N LEU C 646 16.26 118.98 24.44
CA LEU C 646 17.50 118.23 24.64
C LEU C 646 17.39 117.33 25.87
N LEU C 647 16.79 117.82 26.94
CA LEU C 647 16.75 117.06 28.19
C LEU C 647 15.94 115.79 28.03
N SER C 648 15.02 115.77 27.05
CA SER C 648 14.22 114.58 26.79
C SER C 648 15.04 113.30 26.70
N PRO C 649 15.94 113.14 25.71
CA PRO C 649 16.72 111.90 25.65
C PRO C 649 17.68 111.71 26.81
N VAL C 650 17.76 112.64 27.75
CA VAL C 650 18.71 112.57 28.84
C VAL C 650 18.17 111.66 29.93
N VAL C 651 17.10 110.93 29.61
CA VAL C 651 16.51 110.02 30.57
C VAL C 651 17.47 108.88 30.93
N SER C 652 18.37 108.49 30.05
CA SER C 652 19.23 107.33 30.25
C SER C 652 20.66 107.78 30.54
N GLN C 653 21.30 107.13 31.52
CA GLN C 653 22.63 107.54 31.98
C GLN C 653 23.60 106.37 31.88
N ILE C 654 24.76 106.63 31.26
CA ILE C 654 25.84 105.65 31.17
C ILE C 654 27.11 106.41 30.81
N SER C 655 28.26 105.81 31.12
CA SER C 655 29.58 106.46 30.96
C SER C 655 29.63 107.78 31.70
N ALA C 656 29.35 107.77 33.01
CA ALA C 656 29.00 108.89 33.87
C ALA C 656 29.66 110.19 33.45
N PRO C 657 30.98 110.31 33.54
CA PRO C 657 31.60 111.58 33.15
C PRO C 657 31.72 111.75 31.64
N GLN C 658 31.96 110.66 30.91
CA GLN C 658 32.26 110.75 29.49
C GLN C 658 31.13 111.39 28.72
N SER C 659 29.92 110.87 28.88
CA SER C 659 28.76 111.46 28.22
C SER C 659 28.46 112.84 28.80
N ASN C 660 27.90 113.69 27.97
CA ASN C 660 27.58 115.05 28.38
C ASN C 660 26.52 115.09 29.45
N ARG C 661 26.09 113.92 29.91
CA ARG C 661 25.15 113.84 31.02
C ARG C 661 25.50 114.84 32.11
N GLU C 662 26.75 114.81 32.55
CA GLU C 662 27.18 115.82 33.52
C GLU C 662 27.07 117.22 32.93
N ARG C 663 27.54 117.40 31.69
CA ARG C 663 27.50 118.72 31.08
C ARG C 663 26.08 119.23 30.95
N LEU C 664 25.21 118.42 30.36
CA LEU C 664 23.83 118.84 30.19
C LEU C 664 23.16 119.09 31.54
N LYS C 665 23.45 118.25 32.54
CA LYS C 665 22.89 118.45 33.86
C LYS C 665 23.30 119.80 34.42
N ASN C 666 24.58 120.14 34.29
CA ASN C 666 25.05 121.42 34.78
C ASN C 666 24.38 122.57 34.05
N MET C 667 24.29 122.49 32.72
CA MET C 667 23.71 123.58 31.96
C MET C 667 22.24 123.77 32.30
N ALA C 668 21.51 122.65 32.40
CA ALA C 668 20.10 122.72 32.78
C ALA C 668 19.94 123.31 34.16
N LEU C 669 20.76 122.86 35.11
CA LEU C 669 20.69 123.43 36.46
C LEU C 669 20.91 124.93 36.45
N ALA C 670 21.91 125.39 35.69
CA ALA C 670 22.21 126.81 35.66
C ALA C 670 21.08 127.60 35.02
N ILE C 671 20.50 127.07 33.94
CA ILE C 671 19.41 127.77 33.28
C ILE C 671 18.18 127.82 34.17
N ALA C 672 17.89 126.72 34.86
CA ALA C 672 16.77 126.70 35.79
C ALA C 672 16.97 127.71 36.90
N GLU C 673 18.18 127.78 37.45
CA GLU C 673 18.48 128.79 38.45
C GLU C 673 18.27 130.19 37.89
N ARG C 674 18.72 130.42 36.66
CA ARG C 674 18.55 131.73 36.04
C ARG C 674 17.07 132.11 35.95
N TYR C 675 16.24 131.20 35.45
CA TYR C 675 14.83 131.53 35.26
C TYR C 675 14.11 131.65 36.60
N LYS C 676 14.47 130.81 37.57
CA LYS C 676 13.83 130.89 38.88
C LYS C 676 14.19 132.19 39.59
N SER C 677 15.39 132.71 39.33
CA SER C 677 15.73 134.03 39.87
C SER C 677 15.10 135.15 39.06
N GLN C 678 15.04 134.99 37.74
CA GLN C 678 14.51 136.03 36.87
C GLN C 678 13.06 136.36 37.21
N LYS C 684 2.82 133.29 35.36
CA LYS C 684 2.90 132.06 36.15
C LYS C 684 3.09 130.86 35.25
N SER C 685 2.53 130.95 34.04
CA SER C 685 2.60 129.84 33.10
C SER C 685 4.03 129.45 32.79
N ILE C 686 4.80 130.39 32.22
CA ILE C 686 6.15 130.07 31.74
C ILE C 686 7.04 129.63 32.90
N ASN C 687 6.98 130.35 34.02
CA ASN C 687 7.85 130.02 35.14
C ASN C 687 7.49 128.68 35.76
N SER C 688 6.19 128.36 35.82
CA SER C 688 5.79 127.07 36.39
C SER C 688 6.20 125.94 35.48
N THR C 689 5.97 126.08 34.17
CA THR C 689 6.47 125.09 33.22
C THR C 689 7.98 124.92 33.37
N PHE C 690 8.70 126.02 33.56
CA PHE C 690 10.15 125.96 33.72
C PHE C 690 10.54 125.18 34.97
N TYR C 691 10.10 125.65 36.13
CA TYR C 691 10.49 125.01 37.39
C TYR C 691 10.04 123.55 37.45
N LEU C 692 8.86 123.24 36.90
CA LEU C 692 8.43 121.85 36.87
C LEU C 692 9.30 121.04 35.91
N LEU C 693 9.71 121.63 34.79
CA LEU C 693 10.66 120.96 33.91
C LEU C 693 11.96 120.69 34.64
N LEU C 694 12.36 121.61 35.52
CA LEU C 694 13.61 121.42 36.25
C LEU C 694 13.49 120.31 37.28
N ASP C 695 12.37 120.28 38.01
CA ASP C 695 12.14 119.18 38.94
C ASP C 695 12.02 117.87 38.19
N LEU C 696 11.47 117.90 36.97
CA LEU C 696 11.39 116.71 36.15
C LEU C 696 12.77 116.26 35.71
N ILE C 697 13.65 117.21 35.40
CA ILE C 697 15.03 116.89 35.10
C ILE C 697 15.68 116.22 36.31
N THR C 698 15.43 116.76 37.51
CA THR C 698 15.95 116.14 38.72
C THR C 698 15.43 114.71 38.87
N PHE C 699 14.14 114.50 38.62
CA PHE C 699 13.55 113.18 38.75
C PHE C 699 14.18 112.21 37.75
N PHE C 700 14.28 112.63 36.49
CA PHE C 700 14.94 111.80 35.50
C PHE C 700 16.37 111.50 35.89
N ASP C 701 17.05 112.45 36.54
CA ASP C 701 18.42 112.23 36.98
C ASP C 701 18.49 111.14 38.03
N GLU C 702 17.66 111.25 39.07
CA GLU C 702 17.65 110.23 40.11
C GLU C 702 17.24 108.88 39.54
N TYR C 703 16.34 108.89 38.56
CA TYR C 703 15.95 107.64 37.90
C TYR C 703 17.13 107.01 37.20
N HIS C 704 17.83 107.80 36.39
CA HIS C 704 18.94 107.27 35.60
C HIS C 704 20.17 106.99 36.46
N ALA C 705 20.16 107.44 37.72
CA ALA C 705 21.33 107.29 38.58
C ALA C 705 21.19 106.17 39.60
N GLY C 706 19.98 105.65 39.81
CA GLY C 706 19.77 104.72 40.91
C GLY C 706 19.38 105.38 42.21
N HIS C 707 19.32 106.71 42.25
CA HIS C 707 18.74 107.40 43.40
C HIS C 707 17.24 107.20 43.39
N ILE C 708 16.72 106.47 44.39
CA ILE C 708 15.37 105.95 44.32
C ILE C 708 14.50 106.47 45.46
N ASP C 709 15.01 106.44 46.69
CA ASP C 709 14.18 106.79 47.82
C ASP C 709 13.81 108.28 47.84
N LEU C 710 14.81 109.15 47.77
CA LEU C 710 14.55 110.59 47.85
C LEU C 710 13.69 111.06 46.68
N SER C 711 13.93 110.52 45.48
CA SER C 711 13.18 110.97 44.31
C SER C 711 11.74 110.47 44.35
N PHE C 712 11.52 109.24 44.83
CA PHE C 712 10.16 108.79 45.02
C PHE C 712 9.44 109.62 46.07
N ASP C 713 10.16 110.06 47.11
CA ASP C 713 9.56 110.97 48.09
C ASP C 713 9.14 112.28 47.44
N VAL C 714 10.05 112.91 46.70
CA VAL C 714 9.74 114.18 46.04
C VAL C 714 8.61 114.00 45.05
N ILE C 715 8.57 112.84 44.38
CA ILE C 715 7.47 112.52 43.46
C ILE C 715 6.15 112.49 44.22
N GLU C 716 6.12 111.81 45.35
CA GLU C 716 4.92 111.80 46.17
C GLU C 716 4.51 113.21 46.53
N ARG C 717 5.47 114.06 46.87
CA ARG C 717 5.14 115.42 47.30
C ARG C 717 4.62 116.26 46.15
N LEU C 718 5.08 116.00 44.93
CA LEU C 718 4.74 116.87 43.80
C LEU C 718 3.32 116.64 43.29
N LYS C 719 2.76 115.44 43.49
CA LYS C 719 1.42 115.11 43.00
C LYS C 719 1.29 115.31 41.49
N LEU C 720 2.36 114.98 40.75
CA LEU C 720 2.29 115.05 39.30
C LEU C 720 2.04 113.68 38.68
N VAL C 721 2.55 112.62 39.31
CA VAL C 721 2.35 111.27 38.80
C VAL C 721 1.54 110.49 39.83
N PRO C 722 0.57 109.68 39.41
CA PRO C 722 -0.26 108.98 40.40
C PRO C 722 0.34 107.64 40.78
N LEU C 723 0.34 107.35 42.07
CA LEU C 723 0.85 106.08 42.59
C LEU C 723 -0.26 105.19 43.12
N SER C 724 -1.52 105.55 42.90
CA SER C 724 -2.65 104.76 43.37
C SER C 724 -3.72 104.75 42.30
N GLN C 725 -4.50 103.67 42.29
CA GLN C 725 -5.55 103.54 41.29
C GLN C 725 -6.54 104.69 41.39
N ASP C 726 -6.95 105.06 42.60
CA ASP C 726 -7.89 106.16 42.77
C ASP C 726 -7.24 107.44 42.28
N SER C 727 -5.93 107.56 42.50
CA SER C 727 -5.21 108.75 42.06
C SER C 727 -5.27 108.92 40.55
N VAL C 728 -5.86 107.95 39.85
CA VAL C 728 -6.24 108.16 38.46
C VAL C 728 -6.88 109.54 38.31
N GLU C 729 -7.96 109.78 39.05
CA GLU C 729 -8.59 111.10 39.01
C GLU C 729 -7.55 112.18 39.24
N GLU C 730 -6.83 112.09 40.36
CA GLU C 730 -5.81 113.08 40.67
C GLU C 730 -4.87 113.27 39.49
N ARG C 731 -4.37 112.15 38.93
CA ARG C 731 -3.41 112.26 37.84
C ARG C 731 -3.95 113.13 36.74
N VAL C 732 -5.18 112.85 36.28
CA VAL C 732 -5.76 113.63 35.19
C VAL C 732 -5.66 115.11 35.52
N ALA C 733 -6.16 115.49 36.70
CA ALA C 733 -6.15 116.88 37.10
C ALA C 733 -4.78 117.49 36.89
N ALA C 734 -3.75 116.89 37.49
CA ALA C 734 -2.41 117.47 37.38
C ALA C 734 -1.98 117.53 35.92
N PHE C 735 -2.11 116.40 35.22
CA PHE C 735 -1.64 116.35 33.84
C PHE C 735 -2.46 117.28 32.97
N ARG C 736 -3.65 117.65 33.43
CA ARG C 736 -4.48 118.56 32.63
C ARG C 736 -4.21 120.01 32.98
N ASN C 737 -3.73 120.28 34.20
CA ASN C 737 -3.67 121.67 34.64
C ASN C 737 -2.34 122.32 34.30
N PHE C 738 -1.25 121.54 34.28
CA PHE C 738 0.10 122.09 34.21
C PHE C 738 0.34 122.83 32.89
N SER C 739 1.49 123.49 32.83
CA SER C 739 1.86 124.27 31.66
C SER C 739 2.67 123.43 30.68
N ASP C 740 3.25 124.11 29.68
CA ASP C 740 3.87 123.41 28.56
C ASP C 740 5.14 122.67 28.97
N GLU C 741 6.17 123.40 29.41
CA GLU C 741 7.48 122.80 29.62
C GLU C 741 7.45 121.69 30.66
N ILE C 742 6.35 121.60 31.42
CA ILE C 742 6.19 120.47 32.32
C ILE C 742 5.55 119.29 31.61
N ARG C 743 4.46 119.53 30.87
CA ARG C 743 3.81 118.44 30.16
C ARG C 743 4.74 117.82 29.15
N HIS C 744 5.66 118.62 28.60
CA HIS C 744 6.69 118.07 27.72
C HIS C 744 7.55 117.05 28.46
N ASN C 745 7.76 117.23 29.75
CA ASN C 745 8.48 116.26 30.56
C ASN C 745 7.60 115.15 31.09
N LEU C 746 6.27 115.32 30.98
CA LEU C 746 5.34 114.38 31.60
C LEU C 746 5.56 112.95 31.15
N SER C 747 5.88 112.74 29.87
CA SER C 747 6.05 111.37 29.37
C SER C 747 7.18 110.64 30.08
N GLU C 748 8.37 111.25 30.09
CA GLU C 748 9.50 110.62 30.74
C GLU C 748 9.30 110.56 32.25
N ILE C 749 8.56 111.52 32.81
CA ILE C 749 8.25 111.47 34.24
C ILE C 749 7.45 110.21 34.55
N LEU C 750 6.44 109.93 33.72
CA LEU C 750 5.67 108.70 33.88
C LEU C 750 6.57 107.47 33.77
N LEU C 751 7.41 107.42 32.73
CA LEU C 751 8.29 106.27 32.54
C LEU C 751 9.19 106.03 33.75
N ALA C 752 9.79 107.10 34.27
CA ALA C 752 10.72 106.97 35.39
C ALA C 752 10.01 106.56 36.68
N THR C 753 8.85 107.14 36.95
CA THR C 753 8.10 106.73 38.14
C THR C 753 7.71 105.26 38.06
N MET C 754 7.28 104.81 36.87
CA MET C 754 6.96 103.40 36.69
C MET C 754 8.17 102.53 36.98
N ASN C 755 9.30 102.85 36.38
CA ASN C 755 10.47 101.99 36.56
C ASN C 755 10.99 102.02 37.99
N ILE C 756 10.78 103.14 38.70
CA ILE C 756 11.16 103.19 40.12
C ILE C 756 10.30 102.24 40.92
N LEU C 757 8.99 102.28 40.68
CA LEU C 757 8.10 101.28 41.23
C LEU C 757 8.61 99.88 40.90
N PHE C 758 9.11 99.70 39.67
CA PHE C 758 9.51 98.37 39.21
C PHE C 758 10.74 97.86 39.94
N THR C 759 11.73 98.72 40.13
CA THR C 759 12.95 98.29 40.82
C THR C 759 12.67 98.06 42.30
N GLN C 760 11.80 98.87 42.90
CA GLN C 760 11.36 98.58 44.26
C GLN C 760 10.67 97.22 44.33
N TYR C 761 9.82 96.94 43.33
CA TYR C 761 9.18 95.64 43.24
C TYR C 761 10.20 94.52 43.20
N LYS C 762 11.19 94.64 42.33
CA LYS C 762 12.20 93.57 42.20
C LYS C 762 12.99 93.39 43.48
N ARG C 763 13.47 94.49 44.07
CA ARG C 763 14.19 94.40 45.33
C ARG C 763 13.35 93.71 46.39
N LEU C 764 12.04 93.99 46.43
CA LEU C 764 11.17 93.27 47.33
C LEU C 764 11.14 91.78 46.99
N LYS C 765 10.94 91.46 45.71
CA LYS C 765 10.86 90.07 45.28
C LYS C 765 12.21 89.38 45.36
N GLY C 766 13.28 90.07 44.97
CA GLY C 766 14.61 89.50 45.00
C GLY C 766 15.15 89.33 46.42
N VAL C 778 6.67 85.50 51.62
CA VAL C 778 6.91 86.93 51.48
C VAL C 778 7.17 87.28 50.01
N GLN C 779 7.73 86.33 49.27
CA GLN C 779 8.02 86.54 47.86
C GLN C 779 6.76 86.78 47.04
N GLU C 780 5.86 85.80 47.02
CA GLU C 780 4.65 85.93 46.22
C GLU C 780 3.83 87.14 46.65
N ASP C 781 3.86 87.46 47.94
CA ASP C 781 3.19 88.67 48.41
C ASP C 781 3.83 89.91 47.80
N LYS C 782 5.16 89.87 47.65
CA LYS C 782 5.84 90.98 46.99
C LYS C 782 5.43 91.09 45.53
N ASP C 783 5.34 89.97 44.82
CA ASP C 783 4.88 90.00 43.43
C ASP C 783 3.46 90.53 43.33
N SER C 784 2.61 90.16 44.30
CA SER C 784 1.26 90.67 44.35
C SER C 784 1.24 92.18 44.50
N VAL C 785 1.93 92.71 45.51
CA VAL C 785 1.97 94.15 45.74
C VAL C 785 2.54 94.86 44.52
N LEU C 786 3.52 94.25 43.86
CA LEU C 786 4.12 94.84 42.67
C LEU C 786 3.08 95.00 41.56
N ARG C 787 2.45 93.90 41.17
CA ARG C 787 1.47 93.99 40.09
C ARG C 787 0.31 94.87 40.49
N SER C 788 0.00 94.93 41.77
CA SER C 788 -1.06 95.82 42.24
C SER C 788 -0.71 97.26 41.96
N GLN C 789 0.49 97.69 42.38
CA GLN C 789 0.94 99.05 42.09
C GLN C 789 0.95 99.28 40.58
N ALA C 790 1.35 98.27 39.81
CA ALA C 790 1.41 98.41 38.36
C ALA C 790 0.04 98.69 37.77
N ARG C 791 -0.96 97.89 38.16
CA ARG C 791 -2.30 98.07 37.61
C ARG C 791 -2.93 99.36 38.11
N ALA C 792 -2.60 99.78 39.34
CA ALA C 792 -3.13 101.04 39.85
C ALA C 792 -2.58 102.22 39.05
N LEU C 793 -1.28 102.21 38.78
CA LEU C 793 -0.69 103.24 37.91
C LEU C 793 -1.28 103.16 36.51
N ILE C 794 -1.58 101.96 36.04
CA ILE C 794 -2.23 101.81 34.74
C ILE C 794 -3.55 102.54 34.73
N THR C 795 -4.44 102.21 35.67
CA THR C 795 -5.71 102.92 35.80
C THR C 795 -5.49 104.42 35.91
N PHE C 796 -4.35 104.82 36.47
CA PHE C 796 -4.08 106.25 36.60
C PHE C 796 -3.92 106.92 35.25
N ALA C 797 -2.91 106.53 34.49
CA ALA C 797 -2.52 107.24 33.27
C ALA C 797 -3.67 107.37 32.28
N GLY C 806 -3.75 103.93 28.30
CA GLY C 806 -3.59 102.88 27.31
C GLY C 806 -2.21 102.27 27.35
N ASP C 807 -1.20 103.08 27.03
CA ASP C 807 0.18 102.61 27.09
C ASP C 807 0.48 102.01 28.46
N THR C 808 0.03 102.67 29.52
CA THR C 808 0.34 102.23 30.87
C THR C 808 -0.22 100.83 31.14
N ASN C 809 -1.44 100.55 30.68
CA ASN C 809 -2.04 99.25 30.95
C ASN C 809 -1.30 98.14 30.22
N ALA C 810 -0.95 98.37 28.97
CA ALA C 810 -0.16 97.37 28.24
C ALA C 810 1.18 97.14 28.92
N ARG C 811 1.84 98.23 29.34
CA ARG C 811 3.11 98.10 30.04
C ARG C 811 2.97 97.29 31.32
N LEU C 812 1.95 97.57 32.13
CA LEU C 812 1.82 96.92 33.43
C LEU C 812 1.45 95.45 33.28
N VAL C 813 0.53 95.15 32.36
CA VAL C 813 0.26 93.76 32.04
C VAL C 813 1.54 93.07 31.60
N GLN C 814 2.35 93.74 30.78
CA GLN C 814 3.59 93.16 30.31
C GLN C 814 4.55 92.87 31.46
N MET C 815 4.61 93.77 32.44
CA MET C 815 5.52 93.58 33.56
C MET C 815 5.06 92.43 34.45
N GLU C 816 3.76 92.36 34.72
CA GLU C 816 3.21 91.22 35.43
C GLU C 816 3.54 89.91 34.69
N VAL C 817 3.45 89.94 33.36
CA VAL C 817 3.83 88.76 32.58
C VAL C 817 5.29 88.42 32.80
N LEU C 818 6.19 89.38 32.60
CA LEU C 818 7.62 89.12 32.63
C LEU C 818 8.11 88.66 34.00
N MET C 819 7.61 89.23 35.09
CA MET C 819 8.06 88.80 36.40
C MET C 819 7.53 87.44 36.81
N ASN C 820 6.61 86.87 36.02
CA ASN C 820 6.02 85.58 36.33
C ASN C 820 6.72 84.45 35.57
N PRO D 9 -18.02 32.71 78.15
CA PRO D 9 -18.18 32.16 79.50
C PRO D 9 -19.50 31.44 79.66
N ALA D 10 -20.58 32.20 79.88
CA ALA D 10 -21.90 31.61 79.95
C ALA D 10 -22.13 30.66 78.78
N ALA D 11 -21.69 31.05 77.59
CA ALA D 11 -21.65 30.10 76.48
C ALA D 11 -20.79 28.90 76.82
N SER D 12 -19.51 29.11 77.11
CA SER D 12 -18.62 27.99 77.38
C SER D 12 -19.11 27.18 78.57
N ALA D 13 -19.68 27.85 79.58
CA ALA D 13 -20.16 27.13 80.75
C ALA D 13 -21.35 26.25 80.40
N ALA D 14 -22.29 26.78 79.62
CA ALA D 14 -23.39 25.95 79.15
C ALA D 14 -22.88 24.80 78.30
N MET D 15 -21.78 25.02 77.58
CA MET D 15 -21.20 23.95 76.78
C MET D 15 -20.64 22.84 77.65
N GLN D 16 -19.95 23.22 78.72
CA GLN D 16 -19.49 22.24 79.69
C GLN D 16 -20.68 21.49 80.29
N GLU D 17 -21.72 22.22 80.67
CA GLU D 17 -22.94 21.60 81.19
C GLU D 17 -23.49 20.57 80.21
N ALA D 18 -23.50 20.92 78.92
CA ALA D 18 -23.93 19.97 77.90
C ALA D 18 -23.06 18.73 77.92
N LEU D 19 -21.78 18.88 77.59
CA LEU D 19 -20.88 17.74 77.55
C LEU D 19 -21.03 16.86 78.79
N GLU D 20 -21.28 17.48 79.93
CA GLU D 20 -21.49 16.72 81.16
C GLU D 20 -22.75 15.89 81.11
N GLY D 21 -23.90 16.53 80.83
CA GLY D 21 -25.13 15.76 80.75
C GLY D 21 -25.05 14.67 79.70
N ALA D 22 -24.37 14.98 78.60
CA ALA D 22 -24.14 13.98 77.57
C ALA D 22 -23.41 12.79 78.14
N GLY D 23 -22.22 13.01 78.68
CA GLY D 23 -21.50 11.93 79.33
C GLY D 23 -22.34 11.23 80.38
N ARG D 24 -23.27 11.95 80.99
CA ARG D 24 -24.11 11.33 82.01
C ARG D 24 -25.02 10.29 81.38
N ILE D 25 -25.72 10.67 80.32
CA ILE D 25 -26.49 9.70 79.58
C ILE D 25 -25.58 8.58 79.09
N ILE D 26 -24.37 8.94 78.69
CA ILE D 26 -23.47 7.97 78.08
C ILE D 26 -23.07 6.91 79.07
N ASP D 27 -22.66 7.32 80.26
CA ASP D 27 -22.31 6.36 81.30
C ASP D 27 -23.52 5.56 81.72
N ARG D 28 -24.68 6.21 81.84
CA ARG D 28 -25.89 5.47 82.14
C ARG D 28 -26.09 4.34 81.15
N LEU D 29 -25.96 4.66 79.87
CA LEU D 29 -26.22 3.66 78.84
C LEU D 29 -25.15 2.59 78.83
N LEU D 30 -23.88 2.98 78.94
CA LEU D 30 -22.80 1.99 78.93
C LEU D 30 -22.92 1.04 80.10
N GLN D 31 -23.20 1.58 81.29
CA GLN D 31 -23.47 0.74 82.44
C GLN D 31 -24.59 -0.24 82.12
N GLU D 32 -25.70 0.25 81.55
CA GLU D 32 -26.74 -0.67 81.13
C GLU D 32 -26.22 -1.65 80.09
N ASP D 33 -25.20 -1.24 79.34
CA ASP D 33 -24.71 -2.04 78.22
C ASP D 33 -23.90 -3.23 78.69
N ARG D 34 -23.20 -3.10 79.81
CA ARG D 34 -22.60 -4.29 80.39
C ARG D 34 -23.65 -5.24 80.94
N ALA D 35 -24.90 -4.82 81.02
CA ALA D 35 -25.94 -5.60 81.69
C ALA D 35 -26.73 -6.46 80.71
N ASP D 38 -26.32 -11.12 81.75
CA ASP D 38 -25.58 -12.37 81.84
C ASP D 38 -26.48 -13.54 81.46
N LEU D 39 -25.88 -14.53 80.79
CA LEU D 39 -26.63 -15.75 80.48
C LEU D 39 -27.26 -16.32 81.74
N SER D 40 -26.56 -16.20 82.87
CA SER D 40 -27.17 -16.58 84.14
C SER D 40 -28.38 -15.73 84.45
N GLU D 41 -28.19 -14.41 84.61
CA GLU D 41 -29.34 -13.54 84.90
C GLU D 41 -30.31 -13.52 83.73
N LEU D 42 -29.90 -14.07 82.59
CA LEU D 42 -30.87 -14.38 81.54
C LEU D 42 -31.77 -15.54 81.93
N LEU D 43 -31.18 -16.70 82.18
CA LEU D 43 -31.94 -17.94 82.36
C LEU D 43 -32.63 -18.04 83.71
N ASN D 44 -32.54 -17.01 84.56
CA ASN D 44 -33.34 -16.91 85.78
C ASN D 44 -33.01 -18.02 86.78
N VAL D 45 -31.75 -18.43 86.82
CA VAL D 45 -31.29 -19.45 87.75
C VAL D 45 -30.61 -18.74 88.92
N PRO D 46 -31.25 -18.65 90.09
CA PRO D 46 -30.68 -17.78 91.14
C PRO D 46 -29.37 -18.28 91.72
N VAL D 47 -29.26 -19.57 92.06
CA VAL D 47 -28.09 -20.08 92.74
C VAL D 47 -27.62 -21.34 92.04
N HIS D 48 -26.33 -21.65 92.21
CA HIS D 48 -25.70 -22.79 91.54
C HIS D 48 -26.50 -24.08 91.69
N THR D 49 -27.34 -24.18 92.72
CA THR D 49 -28.10 -25.39 92.98
C THR D 49 -29.57 -25.28 92.65
N CYS D 50 -30.04 -24.13 92.15
CA CYS D 50 -31.47 -23.86 92.06
C CYS D 50 -31.88 -23.83 90.59
N PRO D 51 -31.82 -24.98 89.91
CA PRO D 51 -32.20 -25.02 88.49
C PRO D 51 -33.62 -24.52 88.26
N THR D 52 -33.82 -23.95 87.07
CA THR D 52 -35.13 -23.53 86.59
C THR D 52 -35.24 -23.95 85.12
N ILE D 53 -36.41 -23.74 84.53
CA ILE D 53 -36.63 -24.14 83.14
C ILE D 53 -37.32 -23.02 82.39
N SER D 54 -37.05 -22.96 81.09
CA SER D 54 -37.71 -22.06 80.17
C SER D 54 -37.95 -22.81 78.87
N GLY D 55 -38.77 -22.22 78.00
CA GLY D 55 -39.14 -22.87 76.77
C GLY D 55 -40.51 -23.45 76.77
N VAL D 56 -41.43 -22.91 77.57
CA VAL D 56 -42.79 -23.42 77.63
C VAL D 56 -43.86 -22.36 77.38
N SER D 57 -43.57 -21.09 77.60
CA SER D 57 -44.57 -20.04 77.42
C SER D 57 -44.31 -19.30 76.11
N GLU D 58 -45.41 -18.89 75.46
CA GLU D 58 -45.29 -18.28 74.14
C GLU D 58 -44.44 -17.03 74.16
N MET D 59 -44.48 -16.27 75.25
CA MET D 59 -43.64 -15.09 75.37
C MET D 59 -42.17 -15.42 75.19
N ASP D 60 -41.71 -16.56 75.72
CA ASP D 60 -40.33 -16.97 75.50
C ASP D 60 -40.00 -17.06 74.03
N TYR D 61 -40.96 -17.42 73.20
CA TYR D 61 -40.81 -17.34 71.74
C TYR D 61 -41.94 -16.46 71.23
N PRO D 62 -41.97 -15.20 71.68
CA PRO D 62 -43.09 -14.32 71.28
C PRO D 62 -43.25 -14.15 69.80
N LEU D 63 -42.25 -14.50 69.01
CA LEU D 63 -42.36 -14.46 67.56
C LEU D 63 -42.91 -15.77 67.03
N LEU D 74 -39.95 -10.18 58.30
CA LEU D 74 -38.62 -9.78 58.76
C LEU D 74 -37.67 -10.94 58.65
N PRO D 75 -37.00 -11.07 57.50
CA PRO D 75 -36.10 -12.20 57.30
C PRO D 75 -34.95 -12.13 58.30
N GLU D 76 -34.60 -13.27 58.85
CA GLU D 76 -33.52 -13.29 59.83
C GLU D 76 -32.24 -13.87 59.27
N ILE D 77 -32.32 -14.88 58.43
CA ILE D 77 -31.15 -15.47 57.82
C ILE D 77 -31.05 -14.95 56.40
N SER D 78 -29.83 -14.81 55.92
CA SER D 78 -29.68 -14.42 54.53
C SER D 78 -30.12 -15.57 53.63
N ALA D 79 -30.51 -15.21 52.41
CA ALA D 79 -30.90 -16.22 51.45
C ALA D 79 -29.69 -17.05 51.05
N ILE D 80 -29.91 -18.36 50.95
CA ILE D 80 -28.79 -19.29 50.84
C ILE D 80 -28.18 -19.17 49.45
N ARG D 81 -26.89 -18.92 49.40
CA ARG D 81 -26.12 -19.13 48.19
C ARG D 81 -25.58 -20.56 48.21
N ARG D 82 -25.89 -21.34 47.19
CA ARG D 82 -25.44 -22.71 47.11
C ARG D 82 -24.06 -22.74 46.48
N VAL D 83 -23.41 -23.89 46.56
CA VAL D 83 -22.15 -24.11 45.86
C VAL D 83 -21.93 -25.61 45.76
N PRO D 84 -21.81 -26.18 44.57
CA PRO D 84 -21.74 -27.64 44.47
C PRO D 84 -20.38 -28.16 44.90
N LEU D 85 -20.40 -29.33 45.55
CA LEU D 85 -19.16 -30.03 45.83
C LEU D 85 -18.37 -30.20 44.54
N PRO D 86 -17.09 -29.85 44.53
CA PRO D 86 -16.33 -29.84 43.29
C PRO D 86 -16.44 -31.17 42.57
N PRO D 87 -16.55 -31.14 41.25
CA PRO D 87 -16.85 -32.38 40.52
C PRO D 87 -15.92 -33.53 40.84
N GLU D 88 -14.64 -33.24 41.10
CA GLU D 88 -13.69 -34.32 41.37
C GLU D 88 -14.15 -35.18 42.53
N LEU D 89 -14.83 -34.59 43.51
CA LEU D 89 -15.29 -35.40 44.63
C LEU D 89 -16.48 -36.28 44.25
N ILE D 90 -17.40 -35.75 43.44
CA ILE D 90 -18.51 -36.58 42.98
C ILE D 90 -17.99 -37.69 42.06
N GLU D 91 -16.81 -37.48 41.48
CA GLU D 91 -16.16 -38.54 40.71
C GLU D 91 -15.59 -39.60 41.63
N GLN D 92 -14.75 -39.21 42.58
CA GLN D 92 -14.10 -40.18 43.46
C GLN D 92 -15.11 -40.93 44.31
N PHE D 93 -16.28 -40.35 44.56
CA PHE D 93 -17.29 -41.03 45.37
C PHE D 93 -17.71 -42.36 44.75
N GLY D 94 -17.37 -42.60 43.49
CA GLY D 94 -17.62 -43.88 42.89
C GLY D 94 -16.69 -44.98 43.37
N HIS D 95 -15.59 -44.61 44.01
CA HIS D 95 -14.59 -45.59 44.42
C HIS D 95 -14.59 -45.84 45.93
N MET D 96 -15.47 -45.20 46.68
CA MET D 96 -15.54 -45.44 48.13
C MET D 96 -16.61 -46.49 48.39
N GLN D 97 -16.16 -47.72 48.67
CA GLN D 97 -17.07 -48.83 48.98
C GLN D 97 -16.91 -49.31 50.42
N CYS D 98 -15.84 -48.92 51.09
CA CYS D 98 -15.60 -49.31 52.47
C CYS D 98 -16.22 -48.34 53.46
N ASN D 99 -15.98 -47.04 53.29
CA ASN D 99 -16.51 -46.03 54.20
C ASN D 99 -16.27 -44.66 53.62
N CYS D 100 -16.81 -43.64 54.29
CA CYS D 100 -16.59 -42.27 53.90
C CYS D 100 -16.91 -41.37 55.08
N MET D 101 -16.21 -40.24 55.19
CA MET D 101 -16.51 -39.27 56.23
C MET D 101 -16.13 -37.88 55.76
N MET D 102 -16.92 -36.90 56.19
CA MET D 102 -16.73 -35.54 55.71
C MET D 102 -16.82 -34.55 56.86
N GLY D 103 -15.78 -33.76 57.02
CA GLY D 103 -15.75 -32.76 58.06
C GLY D 103 -15.32 -31.44 57.47
N VAL D 104 -15.59 -30.38 58.21
CA VAL D 104 -15.32 -29.02 57.76
C VAL D 104 -14.30 -28.39 58.68
N PHE D 105 -13.22 -27.86 58.10
CA PHE D 105 -12.17 -27.16 58.84
C PHE D 105 -12.36 -25.66 58.58
N PRO D 106 -12.86 -24.93 59.57
CA PRO D 106 -13.19 -23.51 59.34
C PRO D 106 -11.98 -22.63 59.12
N GLU D 107 -10.99 -22.73 60.01
CA GLU D 107 -9.93 -21.73 60.04
C GLU D 107 -9.17 -21.63 58.73
N ILE D 108 -9.12 -22.69 57.94
CA ILE D 108 -8.38 -22.67 56.69
C ILE D 108 -9.29 -22.73 55.49
N SER D 109 -10.57 -22.44 55.67
CA SER D 109 -11.54 -22.50 54.59
C SER D 109 -11.39 -23.80 53.83
N ARG D 110 -11.61 -24.91 54.51
CA ARG D 110 -11.33 -26.20 53.92
C ARG D 110 -12.39 -27.22 54.30
N ALA D 111 -12.57 -28.20 53.44
CA ALA D 111 -13.32 -29.39 53.79
C ALA D 111 -12.45 -30.61 53.58
N TRP D 112 -12.64 -31.61 54.43
CA TRP D 112 -11.88 -32.83 54.34
C TRP D 112 -12.84 -33.99 54.20
N LEU D 113 -12.61 -34.79 53.17
CA LEU D 113 -13.41 -35.95 52.88
C LEU D 113 -12.48 -37.14 52.81
N THR D 114 -12.62 -38.04 53.75
CA THR D 114 -11.82 -39.24 53.80
C THR D 114 -12.59 -40.37 53.16
N ILE D 115 -11.99 -40.97 52.13
CA ILE D 115 -12.38 -42.29 51.67
C ILE D 115 -11.41 -43.22 52.40
N ASP D 116 -11.73 -44.51 52.46
CA ASP D 116 -11.19 -45.43 53.45
C ASP D 116 -9.73 -45.15 53.83
N SER D 117 -8.84 -45.09 52.85
CA SER D 117 -7.42 -44.91 53.12
C SER D 117 -6.91 -43.49 52.84
N ASP D 118 -7.61 -42.71 52.03
CA ASP D 118 -7.07 -41.46 51.51
C ASP D 118 -7.88 -40.27 51.98
N ILE D 119 -7.22 -39.12 52.05
CA ILE D 119 -7.86 -37.87 52.44
C ILE D 119 -7.86 -36.94 51.25
N PHE D 120 -9.00 -36.28 51.02
CA PHE D 120 -9.07 -35.20 50.06
C PHE D 120 -9.51 -33.93 50.77
N MET D 121 -8.80 -32.84 50.53
CA MET D 121 -9.11 -31.59 51.19
C MET D 121 -9.26 -30.52 50.13
N TRP D 122 -10.37 -29.79 50.18
CA TRP D 122 -10.70 -28.87 49.12
C TRP D 122 -11.09 -27.53 49.72
N ASN D 123 -11.04 -26.49 48.88
CA ASN D 123 -11.41 -25.15 49.33
C ASN D 123 -12.92 -25.05 49.39
N TYR D 124 -13.46 -25.21 50.60
CA TYR D 124 -14.90 -25.15 50.80
C TYR D 124 -15.49 -23.82 50.40
N GLU D 125 -14.67 -22.83 50.07
CA GLU D 125 -15.22 -21.55 49.67
C GLU D 125 -15.79 -21.61 48.26
N ASP D 126 -15.01 -22.10 47.30
CA ASP D 126 -15.46 -22.24 45.92
C ASP D 126 -15.02 -23.52 45.24
N GLY D 127 -14.61 -24.54 45.98
CA GLY D 127 -14.29 -25.81 45.36
C GLY D 127 -12.92 -25.92 44.74
N GLY D 128 -12.01 -25.00 45.05
CA GLY D 128 -10.65 -25.08 44.56
C GLY D 128 -9.73 -25.85 45.49
N ASP D 129 -8.46 -25.89 45.11
CA ASP D 129 -7.39 -26.42 45.96
C ASP D 129 -7.68 -27.84 46.40
N LEU D 130 -8.09 -28.68 45.46
CA LEU D 130 -8.23 -30.09 45.76
C LEU D 130 -6.84 -30.68 45.98
N ALA D 131 -6.51 -30.97 47.23
CA ALA D 131 -5.29 -31.67 47.57
C ALA D 131 -5.64 -33.07 48.05
N TYR D 132 -4.81 -34.04 47.68
CA TYR D 132 -5.06 -35.42 48.02
C TYR D 132 -3.89 -35.96 48.82
N TYR D 133 -4.13 -37.04 49.54
CA TYR D 133 -3.08 -37.75 50.25
C TYR D 133 -3.48 -39.20 50.37
N ASP D 134 -2.64 -40.09 49.81
CA ASP D 134 -2.91 -41.52 49.75
C ASP D 134 -1.82 -42.34 50.45
N GLY D 135 -1.09 -41.72 51.37
CA GLY D 135 0.01 -42.40 52.02
C GLY D 135 -0.35 -43.38 53.10
N LEU D 136 -1.64 -43.67 53.29
CA LEU D 136 -2.10 -44.59 54.30
C LEU D 136 -2.60 -45.88 53.67
N SER D 137 -2.25 -47.00 54.26
CA SER D 137 -2.71 -48.29 53.76
C SER D 137 -3.98 -48.77 54.45
N GLU D 138 -4.16 -48.47 55.72
CA GLU D 138 -5.32 -48.93 56.49
C GLU D 138 -6.33 -47.80 56.62
N THR D 139 -7.56 -48.17 57.02
CA THR D 139 -8.66 -47.22 57.00
C THR D 139 -8.44 -46.08 57.99
N ILE D 140 -8.51 -44.85 57.49
CA ILE D 140 -8.47 -43.68 58.37
C ILE D 140 -9.80 -43.55 59.09
N LEU D 141 -9.73 -43.49 60.42
CA LEU D 141 -10.94 -43.52 61.23
C LEU D 141 -11.28 -42.20 61.89
N SER D 142 -10.30 -41.38 62.23
CA SER D 142 -10.55 -40.08 62.81
C SER D 142 -9.47 -39.12 62.32
N VAL D 143 -9.84 -37.85 62.22
CA VAL D 143 -8.95 -36.84 61.67
C VAL D 143 -9.00 -35.59 62.54
N GLY D 144 -7.85 -34.97 62.75
CA GLY D 144 -7.79 -33.78 63.55
C GLY D 144 -6.83 -32.74 63.00
N LEU D 145 -7.12 -31.48 63.27
CA LEU D 145 -6.22 -30.38 62.94
C LEU D 145 -5.71 -29.76 64.22
N VAL D 146 -4.43 -29.42 64.24
CA VAL D 146 -3.81 -28.88 65.44
C VAL D 146 -2.91 -27.72 65.06
N LYS D 147 -3.05 -26.61 65.76
CA LYS D 147 -2.09 -25.53 65.66
C LYS D 147 -0.84 -25.92 66.42
N PRO D 148 0.34 -25.92 65.79
CA PRO D 148 1.49 -26.60 66.38
C PRO D 148 1.94 -25.97 67.70
N LYS D 149 2.48 -26.82 68.58
CA LYS D 149 2.93 -26.39 69.89
C LYS D 149 4.11 -25.44 69.74
N THR D 150 4.03 -24.29 70.41
CA THR D 150 4.88 -23.14 70.12
C THR D 150 6.35 -23.51 70.05
N GLY D 151 6.98 -23.19 68.92
CA GLY D 151 8.40 -23.35 68.74
C GLY D 151 8.88 -24.76 68.50
N ILE D 152 7.98 -25.74 68.45
CA ILE D 152 8.39 -27.13 68.29
C ILE D 152 8.81 -27.40 66.85
N PHE D 153 8.08 -26.85 65.89
CA PHE D 153 8.40 -27.02 64.48
C PHE D 153 8.94 -25.72 63.92
N GLN D 154 9.61 -25.82 62.77
CA GLN D 154 10.11 -24.63 62.09
C GLN D 154 8.93 -23.80 61.57
N PRO D 155 9.18 -22.56 61.16
CA PRO D 155 8.07 -21.59 61.03
C PRO D 155 7.15 -21.83 59.83
N HIS D 156 7.58 -22.57 58.82
CA HIS D 156 6.70 -22.77 57.67
C HIS D 156 5.54 -23.71 57.99
N ILE D 157 5.66 -24.51 59.05
CA ILE D 157 4.68 -25.54 59.38
C ILE D 157 3.54 -24.88 60.13
N ARG D 158 2.51 -24.46 59.41
CA ARG D 158 1.40 -23.77 60.04
C ARG D 158 0.56 -24.69 60.90
N PHE D 159 0.27 -25.90 60.45
CA PHE D 159 -0.62 -26.77 61.21
C PHE D 159 -0.14 -28.21 61.13
N LEU D 160 -0.73 -29.05 61.96
CA LEU D 160 -0.46 -30.47 61.95
C LEU D 160 -1.76 -31.21 61.70
N LEU D 161 -1.71 -32.13 60.74
CA LEU D 161 -2.82 -33.03 60.45
C LEU D 161 -2.58 -34.34 61.17
N VAL D 162 -3.49 -34.68 62.07
CA VAL D 162 -3.45 -35.94 62.79
C VAL D 162 -4.43 -36.88 62.11
N LEU D 163 -3.97 -38.06 61.77
CA LEU D 163 -4.81 -39.11 61.22
C LEU D 163 -4.78 -40.30 62.16
N SER D 164 -5.90 -40.99 62.25
CA SER D 164 -6.04 -42.12 63.15
C SER D 164 -6.52 -43.34 62.38
N THR D 165 -5.70 -44.36 62.35
CA THR D 165 -6.07 -45.58 61.65
C THR D 165 -6.25 -46.70 62.67
N PRO D 166 -6.81 -47.83 62.28
CA PRO D 166 -7.07 -48.91 63.25
C PRO D 166 -5.84 -49.35 64.03
N VAL D 167 -4.64 -48.96 63.60
CA VAL D 167 -3.41 -49.39 64.25
C VAL D 167 -2.68 -48.21 64.89
N ASP D 168 -2.68 -47.05 64.27
CA ASP D 168 -1.72 -46.03 64.65
C ASP D 168 -2.28 -44.63 64.57
N ILE D 169 -1.45 -43.68 65.01
CA ILE D 169 -1.69 -42.26 64.84
C ILE D 169 -0.54 -41.73 64.01
N VAL D 170 -0.87 -40.99 62.97
CA VAL D 170 0.10 -40.44 62.01
C VAL D 170 0.00 -38.93 62.05
N ILE D 171 1.14 -38.26 62.15
CA ILE D 171 1.20 -36.81 62.26
C ILE D 171 1.95 -36.27 61.06
N LEU D 172 1.23 -35.52 60.22
CA LEU D 172 1.79 -34.89 59.03
C LEU D 172 1.82 -33.37 59.21
N GLY D 173 2.89 -32.75 58.71
CA GLY D 173 3.00 -31.31 58.75
C GLY D 173 2.26 -30.70 57.57
N LEU D 174 1.63 -29.55 57.82
CA LEU D 174 0.89 -28.83 56.79
C LEU D 174 1.41 -27.40 56.76
N SER D 175 1.98 -27.03 55.62
CA SER D 175 2.53 -25.70 55.40
C SER D 175 1.65 -25.00 54.37
N PHE D 176 1.74 -23.67 54.35
CA PHE D 176 0.90 -22.85 53.49
C PHE D 176 1.76 -21.85 52.74
N ALA D 177 1.73 -21.92 51.41
CA ALA D 177 2.47 -20.97 50.60
C ALA D 177 1.80 -19.61 50.69
N GLY D 191 -1.35 -21.66 49.01
CA GLY D 191 -1.56 -22.97 48.45
C GLY D 191 -1.41 -24.07 49.48
N MET D 192 -2.37 -24.98 49.52
CA MET D 192 -2.33 -26.06 50.49
C MET D 192 -1.11 -26.94 50.24
N GLN D 193 -0.17 -26.91 51.17
CA GLN D 193 1.05 -27.69 51.06
C GLN D 193 1.11 -28.66 52.23
N LEU D 194 0.88 -29.93 51.96
CA LEU D 194 1.05 -30.97 52.96
C LEU D 194 2.38 -31.67 52.73
N LEU D 195 3.16 -31.79 53.79
CA LEU D 195 4.37 -32.56 53.69
C LEU D 195 4.02 -34.01 53.40
N PRO D 196 4.67 -34.66 52.44
CA PRO D 196 4.31 -36.05 52.15
C PRO D 196 4.71 -37.01 53.24
N ASP D 197 5.81 -36.74 53.92
CA ASP D 197 6.29 -37.63 54.98
C ASP D 197 5.68 -37.22 56.30
N PRO D 198 5.02 -38.14 57.00
CA PRO D 198 4.45 -37.78 58.30
C PRO D 198 5.54 -37.35 59.27
N LEU D 199 5.19 -36.40 60.14
CA LEU D 199 6.17 -35.92 61.12
C LEU D 199 6.31 -36.87 62.29
N TYR D 200 5.33 -37.74 62.51
CA TYR D 200 5.42 -38.66 63.64
C TYR D 200 4.51 -39.86 63.43
N SER D 201 4.89 -40.98 64.06
CA SER D 201 4.10 -42.20 64.06
C SER D 201 4.05 -42.76 65.47
N LEU D 202 2.88 -43.24 65.88
CA LEU D 202 2.80 -43.88 67.19
C LEU D 202 1.69 -44.94 67.19
N PRO D 203 1.74 -45.90 68.12
CA PRO D 203 0.74 -46.97 68.10
C PRO D 203 -0.56 -46.54 68.76
N THR D 204 -1.67 -46.88 68.10
CA THR D 204 -2.98 -46.68 68.72
C THR D 204 -3.36 -47.85 69.62
N ASP D 205 -2.51 -48.86 69.72
CA ASP D 205 -2.68 -49.97 70.65
C ASP D 205 -3.97 -50.74 70.37
N ASN D 206 -4.21 -51.02 69.09
CA ASN D 206 -5.40 -51.74 68.65
C ASN D 206 -6.69 -51.08 69.13
N THR D 207 -6.61 -49.80 69.49
CA THR D 207 -7.76 -49.06 69.99
C THR D 207 -8.17 -48.05 68.94
N TYR D 208 -9.38 -48.21 68.42
CA TYR D 208 -9.86 -47.32 67.37
C TYR D 208 -10.08 -45.93 67.94
N LEU D 209 -9.46 -44.94 67.30
CA LEU D 209 -9.53 -43.55 67.73
C LEU D 209 -10.78 -42.91 67.13
N LEU D 210 -11.69 -42.46 67.99
CA LEU D 210 -13.00 -42.00 67.55
C LEU D 210 -13.06 -40.51 67.28
N SER D 211 -12.31 -39.68 68.01
CA SER D 211 -12.34 -38.25 67.79
C SER D 211 -10.97 -37.67 68.14
N ILE D 212 -10.54 -36.70 67.35
CA ILE D 212 -9.28 -36.00 67.56
C ILE D 212 -9.59 -34.55 67.89
N THR D 213 -8.94 -34.02 68.93
CA THR D 213 -9.21 -32.65 69.36
C THR D 213 -7.94 -32.04 69.93
N SER D 214 -7.97 -30.73 70.13
CA SER D 214 -6.82 -30.00 70.65
C SER D 214 -7.26 -28.75 71.38
N THR D 215 -6.46 -28.35 72.36
CA THR D 215 -6.64 -27.07 73.01
C THR D 215 -5.68 -26.05 72.43
N ASP D 216 -5.83 -24.80 72.86
CA ASP D 216 -5.11 -23.69 72.23
C ASP D 216 -3.61 -23.89 72.24
N ASN D 217 -3.02 -24.21 73.39
CA ASN D 217 -1.58 -24.33 73.51
C ASN D 217 -1.03 -25.57 72.80
N GLY D 218 -1.87 -26.31 72.09
CA GLY D 218 -1.41 -27.42 71.29
C GLY D 218 -1.30 -28.74 71.98
N ARG D 219 -2.14 -29.00 72.98
CA ARG D 219 -2.24 -30.35 73.53
C ARG D 219 -3.19 -31.18 72.67
N ILE D 220 -2.81 -32.42 72.41
CA ILE D 220 -3.54 -33.28 71.48
C ILE D 220 -4.27 -34.34 72.27
N PHE D 221 -5.59 -34.37 72.16
CA PHE D 221 -6.42 -35.35 72.83
C PHE D 221 -7.08 -36.26 71.81
N LEU D 222 -7.19 -37.54 72.15
CA LEU D 222 -7.84 -38.53 71.30
C LEU D 222 -8.80 -39.35 72.13
N SER D 223 -9.92 -39.74 71.50
CA SER D 223 -10.96 -40.49 72.17
C SER D 223 -10.92 -41.95 71.73
N GLY D 224 -10.56 -42.82 72.66
CA GLY D 224 -10.47 -44.23 72.38
C GLY D 224 -11.82 -44.90 72.47
N LYS D 225 -12.13 -45.70 71.45
CA LYS D 225 -13.43 -46.35 71.34
C LYS D 225 -13.82 -47.09 72.60
N ASP D 226 -12.85 -47.47 73.43
CA ASP D 226 -13.13 -48.04 74.73
C ASP D 226 -13.38 -46.98 75.79
N GLY D 227 -13.64 -45.74 75.38
CA GLY D 227 -14.07 -44.72 76.32
C GLY D 227 -12.97 -44.10 77.14
N CYS D 228 -11.71 -44.33 76.79
CA CYS D 228 -10.60 -43.75 77.52
C CYS D 228 -10.06 -42.53 76.80
N LEU D 229 -9.86 -41.45 77.55
CA LEU D 229 -9.33 -40.21 77.01
C LEU D 229 -7.82 -40.28 77.03
N TYR D 230 -7.19 -40.13 75.88
CA TYR D 230 -5.74 -40.21 75.79
C TYR D 230 -5.17 -38.89 75.32
N GLU D 231 -3.91 -38.65 75.68
CA GLU D 231 -3.19 -37.46 75.30
C GLU D 231 -1.92 -37.84 74.55
N VAL D 232 -1.61 -37.09 73.51
CA VAL D 232 -0.39 -37.29 72.73
C VAL D 232 0.57 -36.16 73.09
N GLU D 233 1.50 -36.45 74.00
CA GLU D 233 2.46 -35.46 74.46
C GLU D 233 3.67 -35.50 73.54
N TYR D 234 3.93 -34.38 72.87
CA TYR D 234 5.04 -34.29 71.93
C TYR D 234 5.96 -33.15 72.33
N GLN D 235 7.22 -33.28 71.92
CA GLN D 235 8.21 -32.22 72.08
C GLN D 235 9.14 -32.28 70.89
N ALA D 236 10.09 -31.35 70.85
CA ALA D 236 11.05 -31.30 69.75
C ALA D 236 12.17 -32.32 69.95
N ARG D 244 10.20 -38.05 71.89
CA ARG D 244 9.77 -36.77 71.35
C ARG D 244 8.26 -36.75 71.13
N CYS D 245 7.62 -37.91 71.25
CA CYS D 245 6.18 -38.03 71.15
C CYS D 245 5.75 -39.33 71.82
N ARG D 246 4.66 -39.27 72.57
CA ARG D 246 4.19 -40.45 73.28
C ARG D 246 2.69 -40.35 73.51
N LYS D 247 2.05 -41.51 73.60
CA LYS D 247 0.65 -41.60 73.99
C LYS D 247 0.59 -41.80 75.50
N ILE D 248 -0.47 -41.30 76.11
CA ILE D 248 -0.68 -41.45 77.55
C ILE D 248 -2.18 -41.55 77.79
N ASN D 249 -2.57 -42.26 78.84
CA ASN D 249 -3.96 -42.43 79.21
C ASN D 249 -4.23 -41.69 80.51
N HIS D 250 -5.23 -40.81 80.49
CA HIS D 250 -5.56 -40.01 81.66
C HIS D 250 -6.78 -40.49 82.41
N SER D 251 -7.66 -41.23 81.75
CA SER D 251 -8.93 -41.62 82.38
C SER D 251 -8.72 -42.70 83.43
N ASP D 271 -19.70 -47.31 76.40
CA ASP D 271 -19.71 -45.87 76.66
C ASP D 271 -18.59 -45.18 75.88
N PRO D 272 -18.47 -45.51 74.60
CA PRO D 272 -17.44 -44.86 73.78
C PRO D 272 -17.60 -43.35 73.78
N ILE D 273 -16.53 -42.66 74.13
CA ILE D 273 -16.55 -41.20 74.18
C ILE D 273 -16.46 -40.69 72.76
N VAL D 274 -17.42 -39.85 72.37
CA VAL D 274 -17.59 -39.51 70.96
C VAL D 274 -17.52 -38.01 70.69
N GLN D 275 -17.23 -37.20 71.69
CA GLN D 275 -17.14 -35.76 71.47
C GLN D 275 -16.34 -35.15 72.60
N ILE D 276 -15.27 -34.47 72.26
CA ILE D 276 -14.43 -33.81 73.24
C ILE D 276 -14.52 -32.31 73.00
N ALA D 277 -15.01 -31.59 73.99
CA ALA D 277 -15.17 -30.16 73.91
C ALA D 277 -14.18 -29.50 74.84
N ILE D 278 -13.31 -28.66 74.29
CA ILE D 278 -12.26 -27.99 75.05
C ILE D 278 -12.53 -26.51 74.99
N ASP D 279 -12.62 -25.88 76.15
CA ASP D 279 -12.79 -24.44 76.23
C ASP D 279 -11.47 -23.85 76.66
N ASN D 280 -10.64 -23.47 75.70
CA ASN D 280 -9.32 -22.90 76.02
C ASN D 280 -9.46 -21.56 76.72
N SER D 281 -10.69 -21.13 77.02
CA SER D 281 -10.91 -19.91 77.79
C SER D 281 -10.91 -20.17 79.29
N ARG D 282 -11.03 -21.43 79.71
CA ARG D 282 -10.88 -21.79 81.12
C ARG D 282 -10.11 -23.09 81.31
N ASN D 283 -9.66 -23.73 80.24
CA ASN D 283 -8.88 -24.97 80.30
C ASN D 283 -9.63 -26.08 81.04
N ILE D 284 -10.93 -26.20 80.73
CA ILE D 284 -11.76 -27.27 81.26
C ILE D 284 -12.13 -28.20 80.12
N LEU D 285 -11.78 -29.47 80.25
CA LEU D 285 -12.04 -30.43 79.18
C LEU D 285 -13.29 -31.21 79.51
N TYR D 286 -14.31 -31.06 78.68
CA TYR D 286 -15.57 -31.75 78.87
C TYR D 286 -15.72 -32.83 77.80
N THR D 287 -16.09 -34.03 78.22
CA THR D 287 -16.17 -35.17 77.33
C THR D 287 -17.47 -35.92 77.56
N ARG D 288 -17.90 -36.68 76.56
CA ARG D 288 -19.17 -37.37 76.60
C ARG D 288 -19.03 -38.78 76.04
N SER D 289 -19.68 -39.73 76.69
CA SER D 289 -19.78 -41.09 76.21
C SER D 289 -21.06 -41.27 75.41
N GLU D 290 -21.11 -42.37 74.67
CA GLU D 290 -22.32 -42.68 73.91
C GLU D 290 -23.51 -42.88 74.83
N LYS D 291 -23.29 -43.46 76.01
CA LYS D 291 -24.35 -43.65 76.98
C LYS D 291 -24.69 -42.37 77.73
N GLY D 292 -24.22 -41.23 77.25
CA GLY D 292 -24.52 -39.97 77.90
C GLY D 292 -23.72 -39.68 79.14
N VAL D 293 -22.69 -40.46 79.42
CA VAL D 293 -21.79 -40.14 80.51
C VAL D 293 -21.08 -38.84 80.15
N ILE D 294 -21.10 -37.88 81.06
CA ILE D 294 -20.44 -36.59 80.87
C ILE D 294 -19.36 -36.46 81.93
N GLN D 295 -18.12 -36.37 81.50
CA GLN D 295 -16.99 -36.31 82.40
C GLN D 295 -16.29 -34.98 82.23
N VAL D 296 -15.87 -34.41 83.36
CA VAL D 296 -15.26 -33.10 83.41
C VAL D 296 -13.88 -33.26 84.01
N TYR D 297 -12.87 -32.77 83.30
CA TYR D 297 -11.49 -32.86 83.74
C TYR D 297 -10.90 -31.46 83.82
N ASP D 298 -10.23 -31.16 84.92
CA ASP D 298 -9.53 -29.91 85.06
C ASP D 298 -8.15 -30.04 84.46
N LEU D 299 -7.69 -28.98 83.81
CA LEU D 299 -6.32 -28.92 83.31
C LEU D 299 -5.46 -27.99 84.13
N GLY D 300 -5.97 -27.53 85.26
CA GLY D 300 -5.25 -26.58 86.08
C GLY D 300 -5.23 -25.20 85.46
N VAL D 301 -4.88 -24.23 86.30
CA VAL D 301 -4.85 -22.85 85.86
C VAL D 301 -3.86 -22.68 84.72
N ASP D 302 -2.71 -23.33 84.81
CA ASP D 302 -1.70 -23.22 83.78
C ASP D 302 -2.05 -24.00 82.53
N GLY D 303 -3.02 -24.91 82.60
CA GLY D 303 -3.53 -25.61 81.44
C GLY D 303 -2.71 -26.80 80.98
N HIS D 304 -1.61 -27.12 81.63
CA HIS D 304 -0.83 -28.32 81.30
C HIS D 304 -1.24 -29.52 82.13
N GLY D 305 -2.29 -29.39 82.95
CA GLY D 305 -2.71 -30.49 83.79
C GLY D 305 -3.77 -31.36 83.16
N MET D 306 -4.02 -32.49 83.81
CA MET D 306 -5.05 -33.42 83.36
C MET D 306 -5.49 -34.26 84.54
N SER D 307 -6.70 -34.02 85.04
CA SER D 307 -7.23 -34.77 86.17
C SER D 307 -8.75 -34.72 86.13
N ARG D 308 -9.36 -35.90 86.19
CA ARG D 308 -10.82 -36.00 86.15
C ARG D 308 -11.38 -35.43 87.45
N VAL D 309 -12.40 -34.57 87.33
CA VAL D 309 -12.95 -33.88 88.49
C VAL D 309 -14.42 -34.21 88.69
N ALA D 310 -15.14 -34.56 87.64
CA ALA D 310 -16.57 -34.79 87.82
C ALA D 310 -17.11 -35.73 86.77
N SER D 311 -18.31 -36.24 87.01
CA SER D 311 -18.98 -37.13 86.07
C SER D 311 -20.46 -37.23 86.41
N VAL D 312 -21.31 -37.25 85.39
CA VAL D 312 -22.75 -37.41 85.55
C VAL D 312 -23.24 -38.37 84.47
N SER D 313 -24.16 -39.25 84.84
CA SER D 313 -24.68 -40.23 83.89
C SER D 313 -25.98 -39.74 83.28
N GLN D 314 -26.20 -40.12 82.03
CA GLN D 314 -27.39 -39.69 81.31
C GLN D 314 -28.64 -39.97 82.11
N ASN D 315 -28.68 -41.10 82.81
CA ASN D 315 -29.86 -41.43 83.59
C ASN D 315 -29.98 -40.54 84.81
N SER D 316 -28.87 -40.22 85.46
CA SER D 316 -28.92 -39.24 86.54
C SER D 316 -29.44 -37.92 86.02
N LEU D 317 -29.02 -37.53 84.83
CA LEU D 317 -29.57 -36.34 84.20
C LEU D 317 -31.07 -36.44 84.08
N VAL D 318 -31.57 -37.44 83.33
CA VAL D 318 -32.99 -37.57 83.07
C VAL D 318 -33.79 -37.60 84.36
N SER D 319 -33.22 -38.21 85.41
CA SER D 319 -33.91 -38.24 86.69
C SER D 319 -34.03 -36.85 87.27
N ALA D 320 -32.91 -36.15 87.38
CA ALA D 320 -32.96 -34.76 87.84
C ALA D 320 -33.95 -33.96 87.00
N ALA D 321 -33.97 -34.23 85.71
CA ALA D 321 -34.86 -33.52 84.81
C ALA D 321 -36.31 -33.74 85.18
N GLY D 322 -36.76 -35.00 85.11
CA GLY D 322 -38.12 -35.29 85.51
C GLY D 322 -38.46 -34.75 86.87
N ASN D 323 -37.46 -34.62 87.73
CA ASN D 323 -37.68 -33.95 89.00
C ASN D 323 -37.98 -32.48 88.81
N ILE D 324 -37.23 -31.81 87.92
CA ILE D 324 -37.43 -30.38 87.72
C ILE D 324 -38.73 -30.12 86.97
N ALA D 325 -38.83 -30.60 85.73
CA ALA D 325 -40.01 -30.40 84.89
C ALA D 325 -40.99 -31.56 85.02
N ARG D 326 -41.84 -31.44 86.06
CA ARG D 326 -42.70 -32.55 86.46
C ARG D 326 -43.60 -33.05 85.34
N THR D 327 -43.86 -32.23 84.32
CA THR D 327 -44.89 -32.55 83.35
C THR D 327 -44.36 -33.26 82.10
N ILE D 328 -43.08 -33.17 81.82
CA ILE D 328 -42.53 -33.70 80.58
C ILE D 328 -42.43 -35.21 80.69
N ASP D 329 -42.69 -35.90 79.57
CA ASP D 329 -42.32 -37.30 79.46
C ASP D 329 -40.80 -37.41 79.47
N ARG D 330 -40.27 -38.11 80.47
CA ARG D 330 -38.86 -38.01 80.78
C ARG D 330 -37.97 -38.38 79.60
N ASN D 331 -38.49 -39.17 78.65
CA ASN D 331 -37.66 -39.60 77.53
C ASN D 331 -37.16 -38.42 76.72
N VAL D 332 -37.90 -37.30 76.74
CA VAL D 332 -37.48 -36.13 76.00
C VAL D 332 -36.17 -35.58 76.51
N PHE D 333 -35.67 -36.10 77.62
CA PHE D 333 -34.39 -35.68 78.15
C PHE D 333 -33.23 -36.47 77.57
N LYS D 334 -33.49 -37.61 76.95
CA LYS D 334 -32.43 -38.55 76.62
C LYS D 334 -32.67 -39.09 75.23
N PRO D 335 -31.61 -39.41 74.48
CA PRO D 335 -30.21 -39.33 74.89
C PRO D 335 -29.61 -37.95 74.71
N ILE D 336 -28.34 -37.78 75.08
CA ILE D 336 -27.67 -36.49 75.00
C ILE D 336 -26.80 -36.46 73.76
N ILE D 337 -27.21 -35.67 72.76
CA ILE D 337 -26.56 -35.67 71.47
C ILE D 337 -25.34 -34.76 71.43
N HIS D 338 -25.36 -33.61 72.10
CA HIS D 338 -24.23 -32.71 71.93
C HIS D 338 -23.93 -32.00 73.24
N ILE D 339 -22.64 -31.87 73.52
CA ILE D 339 -22.15 -31.01 74.57
C ILE D 339 -21.36 -29.90 73.90
N SER D 340 -21.34 -28.73 74.55
CA SER D 340 -20.70 -27.57 73.95
C SER D 340 -20.28 -26.59 75.03
N VAL D 341 -19.05 -26.13 74.95
CA VAL D 341 -18.56 -25.17 75.92
C VAL D 341 -19.16 -23.80 75.62
N ILE D 342 -19.74 -23.18 76.64
CA ILE D 342 -20.21 -21.81 76.56
C ILE D 342 -19.07 -20.95 77.08
N GLU D 343 -18.34 -20.32 76.18
CA GLU D 343 -17.16 -19.56 76.56
C GLU D 343 -17.51 -18.52 77.62
N MET D 344 -16.57 -18.33 78.54
CA MET D 344 -16.77 -17.38 79.63
C MET D 344 -17.10 -15.99 79.10
N SER D 345 -16.56 -15.64 77.93
CA SER D 345 -16.75 -14.30 77.39
C SER D 345 -18.22 -13.89 77.37
N GLU D 346 -19.11 -14.82 77.06
CA GLU D 346 -20.54 -14.54 77.14
C GLU D 346 -21.09 -14.74 78.54
N SER D 347 -20.55 -15.70 79.27
CA SER D 347 -21.12 -16.05 80.57
C SER D 347 -20.03 -16.62 81.47
N VAL D 348 -19.73 -15.88 82.53
CA VAL D 348 -18.85 -16.42 83.55
C VAL D 348 -19.54 -17.56 84.28
N ASN D 349 -20.87 -17.54 84.33
CA ASN D 349 -21.61 -18.52 85.08
C ASN D 349 -21.68 -19.87 84.40
N CYS D 350 -22.30 -19.96 83.24
CA CYS D 350 -22.52 -21.24 82.59
C CYS D 350 -21.24 -21.70 81.93
N HIS D 351 -20.97 -23.01 82.01
CA HIS D 351 -19.79 -23.59 81.39
C HIS D 351 -20.09 -24.82 80.56
N LEU D 352 -21.36 -25.10 80.27
CA LEU D 352 -21.70 -26.23 79.42
C LEU D 352 -23.14 -26.08 78.92
N LEU D 353 -23.32 -26.29 77.63
CA LEU D 353 -24.63 -26.40 77.02
C LEU D 353 -24.77 -27.80 76.44
N ALA D 354 -25.96 -28.36 76.56
CA ALA D 354 -26.21 -29.71 76.10
C ALA D 354 -27.45 -29.71 75.24
N VAL D 355 -27.41 -30.54 74.21
CA VAL D 355 -28.41 -30.56 73.17
C VAL D 355 -28.93 -31.98 73.07
N THR D 356 -30.22 -32.14 73.32
CA THR D 356 -30.83 -33.45 73.32
C THR D 356 -31.40 -33.75 71.95
N HIS D 357 -31.64 -35.03 71.71
CA HIS D 357 -32.28 -35.44 70.47
C HIS D 357 -33.59 -34.71 70.24
N THR D 358 -34.42 -34.55 71.26
CA THR D 358 -35.63 -33.76 71.15
C THR D 358 -35.39 -32.29 71.47
N GLY D 359 -34.14 -31.84 71.40
CA GLY D 359 -33.86 -30.43 71.52
C GLY D 359 -33.92 -29.86 72.91
N VAL D 360 -34.06 -30.69 73.93
CA VAL D 360 -33.87 -30.19 75.28
C VAL D 360 -32.50 -29.56 75.35
N ARG D 361 -32.44 -28.32 75.83
CA ARG D 361 -31.20 -27.60 75.94
C ARG D 361 -30.88 -27.42 77.42
N PHE D 362 -29.78 -28.01 77.85
CA PHE D 362 -29.39 -28.04 79.25
C PHE D 362 -28.21 -27.09 79.46
N TYR D 363 -28.23 -26.36 80.57
CA TYR D 363 -27.09 -25.56 80.99
C TYR D 363 -26.48 -26.19 82.24
N PHE D 364 -25.17 -26.40 82.22
CA PHE D 364 -24.45 -27.08 83.29
C PHE D 364 -23.24 -26.27 83.71
N SER D 365 -22.98 -26.25 85.02
CA SER D 365 -21.91 -25.46 85.61
C SER D 365 -20.94 -26.37 86.35
N THR D 366 -19.72 -25.88 86.54
CA THR D 366 -18.64 -26.65 87.14
C THR D 366 -18.08 -26.04 88.41
N VAL D 367 -18.26 -24.74 88.62
CA VAL D 367 -17.76 -24.09 89.84
C VAL D 367 -18.89 -23.27 90.43
N PRO D 368 -18.83 -23.00 91.74
CA PRO D 368 -19.91 -22.26 92.40
C PRO D 368 -20.10 -20.88 91.78
N PHE D 369 -21.34 -20.41 91.79
CA PHE D 369 -21.67 -19.15 91.14
C PHE D 369 -20.88 -18.00 91.74
N LYS D 370 -20.40 -17.11 90.87
CA LYS D 370 -19.65 -15.92 91.24
C LYS D 370 -18.30 -16.27 91.86
N GLN D 371 -17.65 -17.32 91.36
CA GLN D 371 -16.35 -17.77 91.85
C GLN D 371 -15.38 -17.87 90.68
N PRO D 372 -15.15 -16.75 89.98
CA PRO D 372 -14.56 -16.84 88.64
C PRO D 372 -13.20 -17.51 88.57
N THR D 373 -12.44 -17.54 89.65
CA THR D 373 -11.11 -18.12 89.59
C THR D 373 -11.11 -19.65 89.70
N ALA D 374 -12.21 -20.24 90.15
CA ALA D 374 -12.22 -21.67 90.43
C ALA D 374 -12.12 -22.49 89.16
N ARG D 375 -11.17 -23.39 89.11
CA ARG D 375 -11.22 -24.37 88.05
C ARG D 375 -12.40 -25.30 88.29
N PRO D 376 -12.67 -26.23 87.38
CA PRO D 376 -13.89 -27.05 87.50
C PRO D 376 -13.86 -27.89 88.76
N CYS D 377 -15.01 -27.95 89.43
CA CYS D 377 -15.14 -28.75 90.64
C CYS D 377 -16.34 -29.69 90.64
N MET D 378 -17.46 -29.29 90.03
CA MET D 378 -18.64 -30.15 90.02
C MET D 378 -19.19 -30.19 88.61
N LEU D 379 -20.32 -30.88 88.45
CA LEU D 379 -21.11 -30.81 87.23
C LEU D 379 -22.57 -30.73 87.67
N ALA D 380 -23.06 -29.52 87.88
CA ALA D 380 -24.42 -29.32 88.36
C ALA D 380 -25.24 -28.57 87.31
N LEU D 381 -26.42 -29.10 87.01
CA LEU D 381 -27.29 -28.46 86.02
C LEU D 381 -27.96 -27.25 86.65
N VAL D 382 -28.19 -26.21 85.84
CA VAL D 382 -28.77 -24.97 86.34
C VAL D 382 -30.11 -24.63 85.71
N HIS D 383 -30.28 -24.84 84.41
CA HIS D 383 -31.53 -24.48 83.77
C HIS D 383 -31.75 -25.35 82.55
N VAL D 384 -33.00 -25.71 82.32
CA VAL D 384 -33.39 -26.58 81.22
C VAL D 384 -34.22 -25.75 80.25
N ARG D 385 -33.83 -25.76 78.98
CA ARG D 385 -34.50 -25.00 77.94
C ARG D 385 -35.38 -25.93 77.13
N LEU D 386 -36.68 -25.70 77.16
CA LEU D 386 -37.59 -26.51 76.40
C LEU D 386 -37.75 -25.93 75.00
N PRO D 387 -38.02 -26.77 74.00
CA PRO D 387 -37.94 -26.31 72.62
C PRO D 387 -39.24 -25.66 72.17
N PRO D 388 -39.24 -25.04 70.99
CA PRO D 388 -40.48 -24.42 70.50
C PRO D 388 -41.49 -25.47 70.09
N GLY D 389 -42.76 -25.16 70.30
CA GLY D 389 -43.83 -26.11 70.05
C GLY D 389 -43.95 -27.13 71.15
N LYS D 398 -42.62 -28.96 65.94
CA LYS D 398 -41.64 -29.22 66.98
C LYS D 398 -40.48 -30.02 66.41
N PRO D 399 -39.28 -29.75 66.89
CA PRO D 399 -38.09 -30.38 66.31
C PRO D 399 -38.02 -31.86 66.64
N SER D 400 -37.56 -32.64 65.67
CA SER D 400 -37.46 -34.08 65.83
C SER D 400 -36.22 -34.59 65.09
N LYS D 401 -35.78 -35.79 65.47
CA LYS D 401 -34.69 -36.48 64.78
C LYS D 401 -33.45 -35.62 64.63
N VAL D 402 -33.22 -34.71 65.58
CA VAL D 402 -32.02 -33.90 65.55
C VAL D 402 -30.82 -34.82 65.40
N HIS D 403 -30.06 -34.64 64.33
CA HIS D 403 -28.98 -35.55 64.01
C HIS D 403 -27.61 -34.90 63.91
N LYS D 404 -27.52 -33.58 64.03
CA LYS D 404 -26.27 -32.86 64.09
C LYS D 404 -26.57 -31.46 64.60
N ALA D 405 -25.55 -30.73 65.03
CA ALA D 405 -25.80 -29.41 65.57
C ALA D 405 -24.51 -28.58 65.62
N LEU D 406 -24.70 -27.31 65.97
CA LEU D 406 -23.60 -26.38 66.22
C LEU D 406 -24.13 -25.14 66.91
N TYR D 407 -23.41 -24.66 67.90
CA TYR D 407 -23.79 -23.47 68.64
C TYR D 407 -22.68 -22.44 68.53
N ASN D 408 -23.06 -21.17 68.42
CA ASN D 408 -22.09 -20.08 68.43
C ASN D 408 -22.81 -18.80 68.85
N ASN D 409 -22.36 -18.21 69.96
CA ASN D 409 -22.70 -16.85 70.36
C ASN D 409 -24.21 -16.62 70.34
N GLY D 410 -24.90 -17.33 71.22
CA GLY D 410 -26.33 -17.19 71.30
C GLY D 410 -27.07 -17.62 70.05
N VAL D 411 -26.45 -18.46 69.23
CA VAL D 411 -27.08 -19.03 68.06
C VAL D 411 -27.00 -20.53 68.20
N LEU D 412 -28.11 -21.21 67.99
CA LEU D 412 -28.14 -22.67 68.03
C LEU D 412 -28.74 -23.17 66.73
N LEU D 413 -27.97 -23.94 65.98
CA LEU D 413 -28.43 -24.57 64.75
C LEU D 413 -28.44 -26.08 64.94
N MET D 414 -29.48 -26.72 64.41
CA MET D 414 -29.67 -28.15 64.58
C MET D 414 -30.27 -28.72 63.30
N ALA D 415 -29.69 -29.82 62.84
CA ALA D 415 -30.06 -30.45 61.58
C ALA D 415 -30.89 -31.69 61.87
N ALA D 416 -32.08 -31.74 61.31
CA ALA D 416 -33.08 -32.75 61.64
C ALA D 416 -33.41 -33.55 60.39
N SER D 417 -33.68 -34.84 60.59
CA SER D 417 -33.99 -35.75 59.50
C SER D 417 -35.48 -35.78 59.23
N GLU D 418 -35.95 -34.92 58.33
CA GLU D 418 -37.33 -35.04 57.85
C GLU D 418 -37.49 -36.28 56.98
N ASN D 419 -36.68 -36.39 55.95
CA ASN D 419 -36.62 -37.58 55.12
C ASN D 419 -35.20 -38.12 55.16
N GLU D 420 -34.94 -39.23 54.47
CA GLU D 420 -33.62 -39.84 54.52
C GLU D 420 -32.60 -39.06 53.72
N ASP D 421 -33.04 -38.23 52.77
CA ASP D 421 -32.14 -37.43 51.96
C ASP D 421 -32.40 -35.93 52.03
N ASN D 422 -33.41 -35.50 52.79
CA ASN D 422 -33.72 -34.09 52.95
C ASN D 422 -33.70 -33.74 54.42
N ASP D 423 -33.00 -32.67 54.77
CA ASP D 423 -32.88 -32.27 56.15
C ASP D 423 -33.51 -30.91 56.37
N MET D 424 -33.88 -30.64 57.61
CA MET D 424 -34.42 -29.36 58.00
C MET D 424 -33.47 -28.74 59.00
N LEU D 425 -33.15 -27.46 58.82
CA LEU D 425 -32.25 -26.75 59.70
C LEU D 425 -33.03 -25.80 60.57
N TRP D 426 -32.98 -25.99 61.88
CA TRP D 426 -33.64 -25.08 62.81
C TRP D 426 -32.59 -24.25 63.52
N CYS D 427 -32.85 -22.95 63.64
CA CYS D 427 -31.92 -22.03 64.28
C CYS D 427 -32.71 -21.17 65.24
N ILE D 428 -32.20 -21.02 66.45
CA ILE D 428 -32.78 -20.16 67.47
C ILE D 428 -31.70 -19.21 67.94
N ASN D 429 -32.09 -17.98 68.28
CA ASN D 429 -31.13 -17.01 68.74
C ASN D 429 -31.82 -15.94 69.59
N ARG D 430 -31.03 -15.25 70.39
CA ARG D 430 -31.54 -14.29 71.36
C ARG D 430 -31.35 -12.84 70.93
N ASP D 431 -31.08 -12.60 69.65
CA ASP D 431 -30.85 -11.24 69.18
C ASP D 431 -32.02 -10.32 69.50
N SER D 432 -33.22 -10.74 69.15
CA SER D 432 -34.36 -9.84 69.05
C SER D 432 -34.53 -8.96 70.27
N PHE D 433 -34.22 -9.43 71.45
CA PHE D 433 -34.50 -8.67 72.68
C PHE D 433 -33.36 -8.86 73.67
N PRO D 434 -32.13 -8.51 73.29
CA PRO D 434 -31.00 -8.68 74.22
C PRO D 434 -31.25 -8.07 75.59
N PHE D 435 -32.25 -7.23 75.74
CA PHE D 435 -32.57 -6.57 77.00
C PHE D 435 -33.82 -7.13 77.69
N GLN D 436 -34.26 -8.34 77.34
CA GLN D 436 -35.50 -8.87 77.90
C GLN D 436 -35.25 -9.86 79.03
N LYS D 437 -35.79 -9.55 80.22
CA LYS D 437 -35.83 -10.50 81.31
C LYS D 437 -37.25 -11.03 81.45
N PRO D 438 -37.50 -12.32 81.20
CA PRO D 438 -36.60 -13.43 80.85
C PRO D 438 -36.27 -13.52 79.37
N MET D 439 -35.42 -14.49 79.05
CA MET D 439 -34.90 -14.65 77.69
C MET D 439 -36.00 -14.90 76.68
N MET D 440 -35.95 -14.15 75.59
CA MET D 440 -36.73 -14.41 74.39
C MET D 440 -35.78 -14.84 73.28
N GLU D 441 -36.35 -15.31 72.18
CA GLU D 441 -35.55 -15.78 71.07
C GLU D 441 -36.41 -15.91 69.82
N THR D 442 -35.83 -15.57 68.69
CA THR D 442 -36.45 -15.85 67.41
C THR D 442 -35.83 -17.09 66.81
N GLN D 443 -36.63 -17.80 66.02
CA GLN D 443 -36.21 -19.08 65.48
C GLN D 443 -36.87 -19.32 64.14
N VAL D 444 -36.22 -20.13 63.33
CA VAL D 444 -36.79 -20.51 62.04
C VAL D 444 -36.15 -21.81 61.57
N THR D 445 -36.85 -22.48 60.66
CA THR D 445 -36.37 -23.71 60.05
C THR D 445 -36.40 -23.55 58.55
N THR D 446 -35.47 -24.23 57.87
CA THR D 446 -35.32 -24.10 56.42
C THR D 446 -34.95 -25.44 55.81
N GLN D 447 -35.34 -25.64 54.56
CA GLN D 447 -35.02 -26.90 53.89
C GLN D 447 -33.56 -26.91 53.48
N VAL D 448 -32.99 -28.10 53.45
CA VAL D 448 -31.61 -28.28 53.02
C VAL D 448 -31.53 -29.65 52.35
N ASP D 449 -30.84 -29.70 51.21
CA ASP D 449 -30.71 -30.95 50.48
C ASP D 449 -29.58 -31.79 51.08
N GLY D 450 -29.89 -33.02 51.48
CA GLY D 450 -28.89 -33.98 51.87
C GLY D 450 -28.84 -34.24 53.37
N HIS D 451 -28.34 -35.42 53.73
CA HIS D 451 -28.06 -35.70 55.12
C HIS D 451 -26.91 -34.84 55.59
N SER D 452 -27.16 -34.07 56.65
CA SER D 452 -26.19 -33.10 57.14
C SER D 452 -24.96 -33.85 57.65
N TRP D 453 -23.91 -33.89 56.83
CA TRP D 453 -22.70 -34.60 57.21
C TRP D 453 -21.86 -33.81 58.20
N ALA D 454 -21.87 -32.48 58.12
CA ALA D 454 -21.15 -31.64 59.05
C ALA D 454 -21.74 -30.24 59.03
N LEU D 455 -21.70 -29.58 60.18
CA LEU D 455 -22.29 -28.25 60.33
C LEU D 455 -21.38 -27.41 61.21
N SER D 456 -20.57 -26.56 60.58
CA SER D 456 -19.52 -25.82 61.27
C SER D 456 -19.81 -24.32 61.21
N ALA D 457 -19.08 -23.56 62.01
CA ALA D 457 -19.10 -22.12 61.88
C ALA D 457 -17.72 -21.61 61.46
N VAL D 458 -17.70 -20.47 60.79
CA VAL D 458 -16.47 -19.87 60.29
C VAL D 458 -16.03 -18.85 61.34
N ASP D 459 -14.86 -19.08 61.93
CA ASP D 459 -14.35 -18.20 62.97
C ASP D 459 -13.78 -16.93 62.36
N GLU D 460 -14.41 -15.80 62.65
CA GLU D 460 -13.92 -14.50 62.24
C GLU D 460 -13.09 -13.86 63.34
N GLN D 461 -12.74 -12.60 63.14
CA GLN D 461 -11.97 -11.84 64.14
C GLN D 461 -12.87 -10.96 64.99
N THR D 478 -17.91 -8.44 79.64
CA THR D 478 -18.69 -8.95 78.52
C THR D 478 -18.90 -7.90 77.46
N ASP D 479 -19.35 -8.33 76.29
CA ASP D 479 -19.62 -7.42 75.20
C ASP D 479 -20.94 -6.69 75.42
N SER D 480 -21.05 -5.49 74.87
CA SER D 480 -22.35 -4.88 74.72
C SER D 480 -23.13 -5.63 73.64
N PRO D 481 -24.44 -5.40 73.52
CA PRO D 481 -25.21 -6.10 72.48
C PRO D 481 -25.20 -5.32 71.16
N VAL D 482 -25.61 -6.03 70.10
CA VAL D 482 -25.57 -5.48 68.75
C VAL D 482 -26.20 -4.10 68.68
N ILE D 483 -27.27 -3.86 69.43
CA ILE D 483 -28.04 -2.63 69.27
C ILE D 483 -27.23 -1.40 69.64
N ILE D 484 -25.97 -1.57 70.03
CA ILE D 484 -25.14 -0.40 70.29
C ILE D 484 -23.91 -0.40 69.39
N GLN D 485 -23.48 -1.56 68.93
CA GLN D 485 -22.27 -1.66 68.12
C GLN D 485 -22.54 -1.87 66.65
N GLN D 486 -23.80 -1.93 66.23
CA GLN D 486 -24.10 -2.09 64.82
C GLN D 486 -23.45 -1.01 63.97
N HIS D 487 -23.12 0.14 64.56
CA HIS D 487 -22.55 1.21 63.77
C HIS D 487 -21.10 0.97 63.40
N MET D 488 -20.55 -0.22 63.69
CA MET D 488 -19.22 -0.52 63.18
C MET D 488 -19.01 -1.97 62.74
N ILE D 489 -19.76 -2.92 63.28
CA ILE D 489 -19.35 -4.32 63.12
C ILE D 489 -20.26 -4.95 62.07
N PRO D 490 -19.77 -5.94 61.34
CA PRO D 490 -20.56 -6.52 60.26
C PRO D 490 -21.80 -7.19 60.80
N PRO D 491 -22.83 -7.38 59.96
CA PRO D 491 -23.76 -8.47 60.22
C PRO D 491 -23.02 -9.79 60.08
N LYS D 492 -23.40 -10.77 60.89
CA LYS D 492 -22.56 -11.95 61.04
C LYS D 492 -22.88 -13.01 60.01
N ARG D 493 -21.86 -13.72 59.57
CA ARG D 493 -21.96 -14.75 58.56
C ARG D 493 -21.87 -16.12 59.19
N PHE D 494 -22.71 -17.04 58.72
CA PHE D 494 -22.65 -18.44 59.10
C PHE D 494 -22.70 -19.29 57.85
N VAL D 495 -22.12 -20.48 57.93
CA VAL D 495 -21.98 -21.36 56.78
C VAL D 495 -22.45 -22.75 57.17
N LEU D 496 -23.35 -23.33 56.37
CA LEU D 496 -23.83 -24.68 56.59
C LEU D 496 -23.44 -25.56 55.41
N LEU D 497 -22.95 -26.75 55.70
CA LEU D 497 -22.50 -27.69 54.68
C LEU D 497 -23.47 -28.85 54.61
N SER D 498 -23.89 -29.21 53.40
CA SER D 498 -24.78 -30.33 53.18
C SER D 498 -24.31 -31.13 51.97
N ALA D 499 -24.95 -32.28 51.76
CA ALA D 499 -24.63 -33.11 50.61
C ALA D 499 -24.80 -32.38 49.29
N GLN D 500 -25.58 -31.31 49.25
CA GLN D 500 -25.72 -30.53 48.04
C GLN D 500 -24.71 -29.39 47.93
N GLY D 501 -24.11 -28.97 49.06
CA GLY D 501 -23.07 -27.98 49.03
C GLY D 501 -23.20 -26.98 50.17
N SER D 502 -22.59 -25.81 49.97
CA SER D 502 -22.51 -24.79 50.98
C SER D 502 -23.72 -23.87 50.88
N HIS D 503 -24.20 -23.41 52.02
CA HIS D 503 -25.23 -22.38 52.08
C HIS D 503 -24.78 -21.38 53.14
N ILE D 504 -24.42 -20.19 52.71
CA ILE D 504 -24.04 -19.13 53.62
C ILE D 504 -25.29 -18.34 53.93
N PHE D 505 -25.38 -17.80 55.13
CA PHE D 505 -26.48 -16.95 55.49
C PHE D 505 -25.97 -15.96 56.49
N TYR D 506 -26.78 -14.95 56.77
CA TYR D 506 -26.34 -13.84 57.59
C TYR D 506 -27.39 -13.53 58.63
N LYS D 507 -26.95 -13.31 59.85
CA LYS D 507 -27.84 -12.81 60.88
C LYS D 507 -27.90 -11.30 60.75
N LEU D 508 -29.05 -10.80 60.29
CA LEU D 508 -29.15 -9.38 60.01
C LEU D 508 -29.32 -8.61 61.31
N ARG D 509 -28.40 -7.71 61.58
CA ARG D 509 -28.57 -6.77 62.66
C ARG D 509 -29.87 -6.01 62.49
N PRO D 510 -30.35 -5.33 63.53
CA PRO D 510 -31.55 -4.51 63.34
C PRO D 510 -31.46 -3.59 62.15
N VAL D 511 -30.23 -3.27 61.72
CA VAL D 511 -30.07 -2.42 60.56
C VAL D 511 -30.71 -3.04 59.33
N ASP D 512 -30.22 -4.21 58.91
CA ASP D 512 -30.76 -4.85 57.70
C ASP D 512 -32.24 -5.15 57.85
N GLN D 513 -32.70 -5.33 59.09
CA GLN D 513 -34.14 -5.41 59.33
C GLN D 513 -34.82 -4.15 58.82
N LEU D 514 -34.50 -3.01 59.43
CA LEU D 514 -35.06 -1.74 58.98
C LEU D 514 -34.92 -1.58 57.48
N ARG D 515 -33.82 -2.08 56.92
CA ARG D 515 -33.62 -1.99 55.48
C ARG D 515 -34.74 -2.69 54.73
N HIS D 516 -34.82 -4.01 54.85
CA HIS D 516 -35.82 -4.74 54.08
C HIS D 516 -37.21 -4.23 54.36
N LEU D 517 -37.48 -3.84 55.60
CA LEU D 517 -38.79 -3.26 55.90
C LEU D 517 -39.03 -2.03 55.07
N LEU D 518 -37.99 -1.21 54.89
CA LEU D 518 -38.13 -0.06 54.02
C LEU D 518 -38.30 -0.49 52.56
N VAL D 519 -37.40 -1.34 52.08
CA VAL D 519 -37.28 -1.57 50.64
C VAL D 519 -38.52 -2.26 50.10
N SER D 520 -39.12 -3.14 50.89
CA SER D 520 -40.35 -3.75 50.45
C SER D 520 -41.42 -2.69 50.26
N ASN D 521 -41.82 -2.01 51.34
CA ASN D 521 -42.77 -0.92 51.21
C ASN D 521 -42.25 0.18 50.31
N SER D 522 -40.98 0.13 49.95
CA SER D 522 -40.41 0.91 48.85
C SER D 522 -40.61 2.41 49.06
N GLY D 523 -40.81 2.81 50.31
CA GLY D 523 -41.01 4.21 50.62
C GLY D 523 -41.07 4.41 52.12
N GLY D 524 -40.54 5.54 52.54
CA GLY D 524 -40.31 5.78 53.95
C GLY D 524 -41.53 5.69 54.83
N ASP D 525 -42.71 5.48 54.27
CA ASP D 525 -43.91 5.32 55.08
C ASP D 525 -44.43 3.90 54.91
N GLY D 526 -44.94 3.34 55.99
CA GLY D 526 -45.54 2.02 56.00
C GLY D 526 -45.88 1.62 57.42
N GLU D 527 -47.01 0.94 57.62
CA GLU D 527 -47.40 0.57 58.97
C GLU D 527 -46.37 -0.33 59.62
N GLU D 528 -45.75 -1.22 58.82
CA GLU D 528 -44.65 -2.02 59.33
C GLU D 528 -43.57 -1.16 59.95
N ILE D 529 -43.39 0.06 59.44
CA ILE D 529 -42.46 0.99 60.06
C ILE D 529 -42.96 1.40 61.44
N GLU D 530 -44.25 1.74 61.55
CA GLU D 530 -44.82 2.01 62.87
C GLU D 530 -44.58 0.83 63.82
N ARG D 531 -44.62 -0.38 63.28
CA ARG D 531 -44.42 -1.56 64.11
C ARG D 531 -42.98 -1.63 64.60
N PHE D 532 -42.01 -1.70 63.69
CA PHE D 532 -40.62 -1.76 64.11
C PHE D 532 -40.29 -0.62 65.08
N PHE D 533 -40.87 0.55 64.85
CA PHE D 533 -40.68 1.66 65.77
C PHE D 533 -41.18 1.31 67.17
N LYS D 534 -42.44 0.87 67.28
CA LYS D 534 -42.96 0.54 68.61
C LYS D 534 -42.17 -0.60 69.24
N LEU D 535 -41.60 -1.47 68.41
CA LEU D 535 -40.82 -2.59 68.93
C LEU D 535 -39.56 -2.09 69.61
N HIS D 536 -38.78 -1.27 68.92
CA HIS D 536 -37.47 -0.96 69.46
C HIS D 536 -37.43 0.32 70.27
N GLN D 537 -38.52 0.71 70.95
CA GLN D 537 -38.39 1.72 71.99
C GLN D 537 -37.86 3.04 71.44
N GLU D 538 -38.76 3.85 70.86
CA GLU D 538 -38.45 4.81 69.80
C GLU D 538 -37.00 5.30 69.81
N ASN D 539 -36.43 5.61 70.98
CA ASN D 539 -35.08 6.17 71.02
C ASN D 539 -34.11 5.31 70.22
N GLN D 540 -34.01 4.03 70.56
CA GLN D 540 -33.12 3.15 69.80
C GLN D 540 -33.50 3.11 68.33
N ALA D 541 -34.79 3.26 68.02
CA ALA D 541 -35.18 3.35 66.62
C ALA D 541 -34.48 4.50 65.95
N CYS D 542 -34.77 5.74 66.39
CA CYS D 542 -34.15 6.92 65.82
C CYS D 542 -32.66 6.71 65.62
N ALA D 543 -32.00 6.08 66.59
CA ALA D 543 -30.58 5.78 66.40
C ALA D 543 -30.37 4.87 65.19
N THR D 544 -31.00 3.70 65.19
CA THR D 544 -30.80 2.78 64.07
C THR D 544 -31.23 3.40 62.76
N CYS D 545 -32.09 4.41 62.82
CA CYS D 545 -32.48 5.14 61.62
C CYS D 545 -31.30 5.94 61.08
N LEU D 546 -30.72 6.79 61.92
CA LEU D 546 -29.51 7.48 61.50
C LEU D 546 -28.45 6.50 61.01
N ILE D 547 -28.50 5.26 61.51
CA ILE D 547 -27.47 4.28 61.17
C ILE D 547 -27.35 4.12 59.67
N LEU D 548 -28.47 4.19 58.96
CA LEU D 548 -28.39 4.24 57.51
C LEU D 548 -28.35 5.68 57.04
N ALA D 549 -29.01 6.59 57.77
CA ALA D 549 -29.23 7.93 57.25
C ALA D 549 -27.93 8.69 56.97
N CYS D 550 -26.79 8.10 57.28
CA CYS D 550 -25.53 8.71 56.90
C CYS D 550 -24.64 7.78 56.09
N SER D 551 -25.15 6.60 55.71
CA SER D 551 -24.33 5.67 54.93
C SER D 551 -23.88 6.35 53.65
N SER D 552 -22.77 5.88 53.09
CA SER D 552 -22.14 6.63 52.02
C SER D 552 -21.88 5.82 50.77
N ALA D 553 -21.70 4.51 50.88
CA ALA D 553 -21.55 3.69 49.68
C ALA D 553 -22.77 3.90 48.79
N ALA D 554 -22.67 3.52 47.52
CA ALA D 554 -23.67 3.96 46.56
C ALA D 554 -25.01 3.29 46.78
N SER D 555 -25.00 1.99 47.08
CA SER D 555 -26.17 1.15 46.99
C SER D 555 -27.37 1.68 47.74
N ASP D 556 -27.23 2.72 48.55
CA ASP D 556 -28.29 3.13 49.46
C ASP D 556 -28.78 4.53 49.22
N ARG D 557 -28.20 5.23 48.24
CA ARG D 557 -28.49 6.64 48.07
C ARG D 557 -29.98 6.90 48.14
N GLU D 558 -30.78 6.06 47.49
CA GLU D 558 -32.21 6.30 47.54
C GLU D 558 -32.75 6.02 48.93
N VAL D 559 -32.53 4.81 49.43
CA VAL D 559 -33.00 4.43 50.76
C VAL D 559 -32.76 5.56 51.74
N SER D 560 -31.61 6.20 51.64
CA SER D 560 -31.26 7.24 52.58
C SER D 560 -32.35 8.29 52.64
N SER D 561 -32.61 8.96 51.53
CA SER D 561 -33.60 10.02 51.57
C SER D 561 -34.88 9.53 52.23
N TRP D 562 -35.20 8.26 52.02
CA TRP D 562 -36.42 7.74 52.63
C TRP D 562 -36.29 7.71 54.14
N ALA D 563 -35.23 7.09 54.65
CA ALA D 563 -35.20 6.71 56.05
C ALA D 563 -35.23 7.93 56.96
N ALA D 564 -34.55 8.99 56.58
CA ALA D 564 -34.61 10.20 57.40
C ALA D 564 -36.03 10.71 57.45
N ARG D 565 -36.73 10.69 56.33
CA ARG D 565 -38.16 10.93 56.34
C ARG D 565 -38.82 10.12 57.44
N ALA D 566 -38.53 8.82 57.47
CA ALA D 566 -39.01 7.96 58.53
C ALA D 566 -38.59 8.49 59.90
N PHE D 567 -37.30 8.81 60.07
CA PHE D 567 -36.84 9.33 61.34
C PHE D 567 -37.62 10.56 61.73
N PHE D 568 -38.02 11.36 60.73
CA PHE D 568 -38.77 12.56 61.04
C PHE D 568 -40.21 12.24 61.41
N ARG D 569 -40.76 11.17 60.84
CA ARG D 569 -42.18 10.91 60.99
C ARG D 569 -42.50 10.24 62.33
N TYR D 570 -41.80 9.15 62.63
CA TYR D 570 -42.20 8.26 63.72
C TYR D 570 -41.45 8.47 65.02
N GLY D 571 -40.54 9.42 65.08
CA GLY D 571 -39.85 9.62 66.32
C GLY D 571 -40.66 10.33 67.39
N GLY D 572 -41.86 10.77 67.06
CA GLY D 572 -42.66 11.45 68.05
C GLY D 572 -42.31 12.92 68.17
N GLU D 573 -42.66 13.47 69.33
CA GLU D 573 -42.60 14.90 69.56
C GLU D 573 -42.16 15.19 70.99
N ALA D 574 -41.36 16.24 71.13
CA ALA D 574 -40.97 16.71 72.44
C ALA D 574 -42.19 17.21 73.20
N GLN D 575 -42.23 16.94 74.49
CA GLN D 575 -43.27 17.44 75.37
C GLN D 575 -42.73 17.46 76.79
N LEU D 576 -43.41 18.18 77.67
CA LEU D 576 -42.98 18.30 79.05
C LEU D 576 -43.77 17.31 79.88
N ARG D 577 -43.08 16.32 80.44
CA ARG D 577 -43.71 15.37 81.34
C ARG D 577 -43.79 15.99 82.72
N VAL D 578 -45.01 16.28 83.17
CA VAL D 578 -45.21 16.80 84.51
C VAL D 578 -45.42 15.64 85.46
N GLN D 579 -44.49 15.44 86.39
CA GLN D 579 -44.59 14.34 87.33
C GLN D 579 -45.52 14.69 88.49
N GLY D 648 -42.12 17.58 90.38
CA GLY D 648 -41.15 18.20 89.49
C GLY D 648 -41.36 17.80 88.04
N THR D 649 -41.11 18.73 87.13
CA THR D 649 -41.32 18.48 85.71
C THR D 649 -40.03 17.94 85.11
N GLU D 650 -40.13 16.81 84.44
CA GLU D 650 -39.00 16.18 83.78
C GLU D 650 -39.20 16.23 82.27
N ILE D 651 -38.12 16.46 81.54
CA ILE D 651 -38.20 16.59 80.09
C ILE D 651 -37.81 15.26 79.46
N VAL D 652 -38.63 14.79 78.54
CA VAL D 652 -38.32 13.60 77.77
C VAL D 652 -37.93 14.08 76.38
N PHE D 653 -36.63 14.25 76.17
CA PHE D 653 -36.15 14.60 74.85
C PHE D 653 -36.73 13.62 73.84
N SER D 654 -37.13 14.16 72.69
CA SER D 654 -37.71 13.32 71.67
C SER D 654 -36.74 12.20 71.34
N GLY D 655 -37.30 11.08 70.90
CA GLY D 655 -36.47 9.97 70.49
C GLY D 655 -35.31 10.41 69.63
N LYS D 656 -35.47 11.55 68.95
CA LYS D 656 -34.39 12.09 68.14
C LYS D 656 -33.22 12.56 69.01
N HIS D 657 -33.48 13.37 70.02
CA HIS D 657 -32.37 13.92 70.80
C HIS D 657 -31.57 12.82 71.46
N ASN D 658 -32.20 12.06 72.35
CA ASN D 658 -31.50 10.96 72.99
C ASN D 658 -30.97 9.98 71.97
N GLY D 659 -31.65 9.84 70.84
CA GLY D 659 -31.19 8.93 69.83
C GLY D 659 -29.87 9.36 69.22
N ILE D 660 -29.77 10.63 68.85
CA ILE D 660 -28.51 11.15 68.33
C ILE D 660 -27.43 11.07 69.38
N CYS D 661 -27.79 11.37 70.63
CA CYS D 661 -26.84 11.22 71.71
C CYS D 661 -26.28 9.81 71.75
N ILE D 662 -27.15 8.83 71.79
CA ILE D 662 -26.74 7.44 71.87
C ILE D 662 -25.95 7.07 70.63
N TYR D 663 -26.36 7.59 69.48
CA TYR D 663 -25.61 7.34 68.26
C TYR D 663 -24.17 7.80 68.41
N PHE D 664 -24.01 9.03 68.89
CA PHE D 664 -22.67 9.56 69.08
C PHE D 664 -21.87 8.68 70.01
N CYS D 665 -22.39 8.48 71.22
CA CYS D 665 -21.66 7.66 72.18
C CYS D 665 -21.34 6.28 71.61
N ARG D 666 -22.29 5.70 70.88
CA ARG D 666 -22.02 4.42 70.25
C ARG D 666 -20.94 4.55 69.21
N ILE D 667 -20.77 5.75 68.65
CA ILE D 667 -19.69 5.97 67.70
C ILE D 667 -18.35 5.88 68.42
N ILE D 668 -18.23 6.58 69.55
CA ILE D 668 -16.95 6.58 70.26
C ILE D 668 -17.11 6.06 71.69
N GLY D 669 -17.75 6.83 72.56
CA GLY D 669 -18.15 6.31 73.86
C GLY D 669 -17.05 6.14 74.90
N ASN D 670 -16.22 5.12 74.68
CA ASN D 670 -15.21 4.74 75.67
C ASN D 670 -14.21 5.86 75.88
N ILE D 671 -14.06 6.74 74.88
CA ILE D 671 -13.13 7.84 75.06
C ILE D 671 -13.80 9.01 75.74
N TRP D 672 -15.10 8.93 75.98
CA TRP D 672 -15.77 9.98 76.73
C TRP D 672 -15.14 10.15 78.09
N ASP D 673 -14.58 9.08 78.64
CA ASP D 673 -13.93 9.14 79.94
C ASP D 673 -12.49 8.62 79.92
N GLY D 674 -12.11 7.90 78.88
CA GLY D 674 -10.81 7.24 78.88
C GLY D 674 -9.65 8.21 78.83
N SER D 675 -8.44 7.68 78.98
CA SER D 675 -7.26 8.52 79.03
C SER D 675 -6.83 8.94 77.64
N VAL D 676 -6.27 10.16 77.56
CA VAL D 676 -5.77 10.63 76.29
C VAL D 676 -4.42 10.02 75.98
N ALA D 677 -3.62 9.69 76.99
CA ALA D 677 -2.29 9.16 76.78
C ALA D 677 -1.93 8.16 77.87
N VAL D 678 -1.10 7.19 77.50
CA VAL D 678 -0.69 6.13 78.40
C VAL D 678 0.81 5.91 78.23
N GLU D 679 1.51 5.74 79.34
CA GLU D 679 2.95 5.53 79.29
C GLU D 679 3.22 4.08 78.93
N ASN D 680 3.96 3.88 77.84
CA ASN D 680 4.42 2.57 77.42
C ASN D 680 5.91 2.46 77.72
N THR D 681 6.37 1.23 77.95
CA THR D 681 7.77 0.98 78.26
C THR D 681 8.33 -0.05 77.29
N PHE D 682 9.39 0.32 76.59
CA PHE D 682 10.03 -0.56 75.62
C PHE D 682 11.43 -0.93 76.12
N GLN D 683 11.75 -2.22 76.01
CA GLN D 683 13.06 -2.69 76.42
C GLN D 683 14.06 -2.41 75.30
N SER D 684 14.59 -1.19 75.27
CA SER D 684 15.57 -0.79 74.26
C SER D 684 16.90 -1.42 74.67
N GLY D 685 17.10 -2.67 74.25
CA GLY D 685 18.32 -3.38 74.58
C GLY D 685 18.47 -3.63 76.07
N ASN D 686 19.54 -3.09 76.65
CA ASN D 686 19.78 -3.18 78.08
C ASN D 686 19.22 -1.98 78.85
N ARG D 687 18.41 -1.15 78.20
CA ARG D 687 17.87 0.06 78.83
C ARG D 687 16.36 0.10 78.63
N GLU D 688 15.63 0.24 79.74
CA GLU D 688 14.19 0.43 79.66
C GLU D 688 13.90 1.87 79.28
N VAL D 689 13.01 2.07 78.31
CA VAL D 689 12.67 3.40 77.82
C VAL D 689 11.19 3.64 78.09
N THR D 690 10.90 4.67 78.86
CA THR D 690 9.54 5.13 79.03
C THR D 690 9.22 6.11 77.92
N ALA D 691 8.11 5.88 77.22
CA ALA D 691 7.55 6.86 76.32
C ALA D 691 6.09 7.07 76.70
N ILE D 692 5.57 8.23 76.38
CA ILE D 692 4.14 8.48 76.55
C ILE D 692 3.50 8.32 75.18
N ASP D 693 2.81 7.20 74.96
CA ASP D 693 2.18 6.94 73.68
C ASP D 693 0.68 7.17 73.78
N SER D 694 0.08 7.49 72.64
CA SER D 694 -1.34 7.77 72.61
C SER D 694 -2.13 6.55 73.05
N SER D 695 -3.15 6.79 73.87
CA SER D 695 -4.06 5.71 74.19
C SER D 695 -4.77 5.15 72.96
N VAL D 696 -4.81 5.89 71.86
CA VAL D 696 -5.58 5.53 70.67
C VAL D 696 -4.61 5.20 69.54
N THR D 697 -5.02 4.26 68.70
CA THR D 697 -4.23 3.89 67.52
C THR D 697 -4.73 4.63 66.28
N PRO D 698 -3.88 4.74 65.25
CA PRO D 698 -4.28 5.57 64.10
C PRO D 698 -5.49 5.06 63.35
N GLN D 699 -5.42 3.84 62.80
CA GLN D 699 -6.44 3.41 61.84
C GLN D 699 -7.84 3.49 62.44
N HIS D 700 -8.00 3.01 63.67
CA HIS D 700 -9.29 3.11 64.33
C HIS D 700 -9.70 4.56 64.47
N LEU D 701 -8.74 5.45 64.73
CA LEU D 701 -9.05 6.86 64.84
C LEU D 701 -9.54 7.42 63.52
N GLU D 702 -8.92 6.99 62.42
CA GLU D 702 -9.37 7.44 61.10
C GLU D 702 -10.83 7.07 60.90
N SER D 703 -11.17 5.81 61.17
CA SER D 703 -12.56 5.40 61.02
C SER D 703 -13.48 6.23 61.92
N VAL D 704 -13.07 6.42 63.17
CA VAL D 704 -13.90 7.16 64.12
C VAL D 704 -14.15 8.56 63.60
N LEU D 705 -13.09 9.22 63.12
CA LEU D 705 -13.26 10.50 62.47
C LEU D 705 -14.30 10.40 61.37
N LYS D 706 -14.03 9.58 60.35
CA LYS D 706 -14.93 9.49 59.20
C LYS D 706 -16.38 9.45 59.64
N GLU D 707 -16.68 8.60 60.62
CA GLU D 707 -18.05 8.54 61.09
C GLU D 707 -18.46 9.85 61.76
N LEU D 708 -17.57 10.45 62.53
CA LEU D 708 -17.91 11.69 63.20
C LEU D 708 -18.19 12.80 62.19
N LYS D 709 -17.35 12.87 61.17
CA LYS D 709 -17.62 13.74 60.04
C LYS D 709 -19.02 13.50 59.51
N GLY D 710 -19.36 12.24 59.28
CA GLY D 710 -20.70 11.95 58.83
C GLY D 710 -21.75 12.53 59.76
N LEU D 711 -21.55 12.36 61.06
CA LEU D 711 -22.53 12.83 62.02
C LEU D 711 -22.65 14.34 61.98
N LEU D 712 -21.51 15.02 61.84
CA LEU D 712 -21.54 16.46 61.64
C LEU D 712 -22.36 16.80 60.41
N GLU D 713 -22.20 16.02 59.35
CA GLU D 713 -22.89 16.31 58.10
C GLU D 713 -24.39 16.23 58.26
N PHE D 714 -24.87 15.11 58.80
CA PHE D 714 -26.31 14.96 59.00
C PHE D 714 -26.81 16.00 59.99
N LEU D 715 -26.08 16.18 61.08
CA LEU D 715 -26.43 17.23 62.03
C LEU D 715 -26.59 18.55 61.32
N ASP D 716 -25.70 18.84 60.39
CA ASP D 716 -25.75 20.13 59.72
C ASP D 716 -26.96 20.21 58.81
N ARG D 717 -27.10 19.23 57.93
CA ARG D 717 -28.21 19.23 56.99
C ARG D 717 -29.53 19.34 57.72
N TYR D 718 -29.61 18.80 58.94
CA TYR D 718 -30.81 18.92 59.74
C TYR D 718 -30.77 20.13 60.67
N SER D 719 -29.65 20.85 60.71
CA SER D 719 -29.52 21.96 61.64
C SER D 719 -30.58 23.01 61.40
N GLN D 720 -30.70 23.48 60.16
CA GLN D 720 -31.73 24.46 59.88
C GLN D 720 -33.12 23.90 60.11
N PHE D 721 -33.33 22.62 59.78
CA PHE D 721 -34.69 22.10 59.75
C PHE D 721 -35.27 21.89 61.14
N THR D 722 -34.47 22.04 62.19
CA THR D 722 -34.98 21.88 63.54
C THR D 722 -35.39 23.19 64.16
N ALA D 723 -35.21 24.31 63.46
CA ALA D 723 -35.53 25.62 64.02
C ALA D 723 -36.71 26.26 63.31
N GLN D 760 -49.10 26.16 78.74
CA GLN D 760 -48.94 25.08 77.77
C GLN D 760 -47.94 25.46 76.69
N ARG D 761 -48.36 26.39 75.83
CA ARG D 761 -47.54 26.76 74.68
C ARG D 761 -46.16 27.25 75.11
N LYS D 762 -46.11 28.11 76.12
CA LYS D 762 -44.83 28.60 76.61
C LYS D 762 -43.91 27.44 76.95
N TYR D 763 -44.42 26.44 77.65
CA TYR D 763 -43.60 25.30 78.01
C TYR D 763 -43.15 24.54 76.78
N HIS D 764 -44.02 24.43 75.78
CA HIS D 764 -43.62 23.78 74.53
C HIS D 764 -42.43 24.50 73.91
N THR D 765 -42.56 25.80 73.70
CA THR D 765 -41.49 26.58 73.13
C THR D 765 -40.22 26.47 73.97
N GLU D 766 -40.38 26.44 75.30
CA GLU D 766 -39.20 26.42 76.16
C GLU D 766 -38.48 25.10 76.07
N ALA D 767 -39.21 23.99 76.13
CA ALA D 767 -38.58 22.69 75.94
C ALA D 767 -37.91 22.63 74.58
N GLN D 768 -38.56 23.21 73.58
CA GLN D 768 -37.96 23.26 72.25
C GLN D 768 -36.61 23.97 72.29
N LEU D 769 -36.58 25.18 72.83
CA LEU D 769 -35.35 25.96 72.86
C LEU D 769 -34.28 25.26 73.68
N ALA D 770 -34.68 24.58 74.75
CA ALA D 770 -33.70 23.87 75.55
C ALA D 770 -33.08 22.76 74.74
N GLU D 771 -33.91 21.94 74.10
CA GLU D 771 -33.39 20.92 73.19
C GLU D 771 -32.50 21.55 72.13
N GLN D 772 -32.88 22.73 71.66
CA GLN D 772 -32.14 23.36 70.58
C GLN D 772 -30.74 23.77 71.02
N PHE D 773 -30.66 24.62 72.05
CA PHE D 773 -29.36 25.00 72.59
C PHE D 773 -28.55 23.76 72.93
N SER D 774 -29.20 22.76 73.52
CA SER D 774 -28.53 21.51 73.78
C SER D 774 -27.85 20.98 72.54
N LEU D 775 -28.61 20.84 71.47
CA LEU D 775 -28.03 20.32 70.24
C LEU D 775 -26.92 21.22 69.73
N GLN D 776 -27.08 22.53 69.90
CA GLN D 776 -26.04 23.43 69.43
C GLN D 776 -24.73 23.13 70.12
N GLY D 777 -24.78 22.99 71.43
CA GLY D 777 -23.62 22.50 72.13
C GLY D 777 -23.11 21.21 71.53
N ILE D 778 -23.95 20.17 71.58
CA ILE D 778 -23.55 18.86 71.09
C ILE D 778 -22.84 18.99 69.75
N HIS D 779 -23.33 19.89 68.92
CA HIS D 779 -22.70 20.13 67.63
C HIS D 779 -21.29 20.66 67.80
N GLN D 780 -21.15 21.80 68.47
CA GLN D 780 -19.83 22.41 68.59
C GLN D 780 -18.87 21.47 69.28
N LEU D 781 -19.35 20.72 70.25
CA LEU D 781 -18.54 19.71 70.89
C LEU D 781 -18.08 18.67 69.88
N VAL D 782 -19.00 18.18 69.06
CA VAL D 782 -18.65 17.22 68.03
C VAL D 782 -17.54 17.77 67.16
N ARG D 783 -17.68 19.04 66.75
CA ARG D 783 -16.69 19.66 65.89
C ARG D 783 -15.33 19.67 66.57
N LYS D 784 -15.25 20.35 67.71
CA LYS D 784 -13.99 20.43 68.43
C LYS D 784 -13.41 19.04 68.67
N MET D 785 -14.27 18.07 68.95
CA MET D 785 -13.78 16.73 69.22
C MET D 785 -13.13 16.16 67.98
N CYS D 786 -13.78 16.32 66.84
CA CYS D 786 -13.18 15.85 65.59
C CYS D 786 -11.83 16.50 65.38
N GLN D 787 -11.75 17.81 65.57
CA GLN D 787 -10.49 18.50 65.35
C GLN D 787 -9.43 17.96 66.28
N ALA D 788 -9.78 17.76 67.54
CA ALA D 788 -8.84 17.18 68.48
C ALA D 788 -8.37 15.82 67.99
N LEU D 789 -9.30 14.89 67.83
CA LEU D 789 -8.95 13.55 67.37
C LEU D 789 -8.05 13.63 66.15
N ALA D 790 -8.28 14.61 65.30
CA ALA D 790 -7.37 14.83 64.19
C ALA D 790 -5.99 15.15 64.70
N LEU D 791 -5.85 16.24 65.44
CA LEU D 791 -4.55 16.64 65.96
C LEU D 791 -3.81 15.44 66.50
N TRP D 792 -4.50 14.61 67.27
CA TRP D 792 -3.90 13.39 67.77
C TRP D 792 -3.50 12.47 66.65
N LYS D 793 -4.34 12.34 65.62
CA LYS D 793 -4.03 11.44 64.52
C LYS D 793 -2.78 11.88 63.78
N LEU D 794 -2.78 13.12 63.31
CA LEU D 794 -1.59 13.69 62.69
C LEU D 794 -0.37 13.45 63.56
N LEU D 795 -0.44 13.83 64.83
CA LEU D 795 0.71 13.64 65.71
C LEU D 795 1.17 12.20 65.69
N CYS D 796 0.23 11.25 65.80
CA CYS D 796 0.61 9.85 65.73
C CYS D 796 1.32 9.55 64.42
N GLU D 797 0.89 10.21 63.34
CA GLU D 797 1.51 9.96 62.06
C GLU D 797 2.96 10.39 62.03
N HIS D 798 3.42 11.13 63.02
CA HIS D 798 4.78 11.67 63.02
C HIS D 798 5.58 11.25 64.25
N GLN D 799 5.53 9.97 64.63
CA GLN D 799 6.33 9.41 65.72
C GLN D 799 6.01 10.13 67.04
N PHE D 800 4.76 9.91 67.49
CA PHE D 800 4.21 10.55 68.68
C PHE D 800 5.21 10.66 69.83
N SER D 801 5.91 9.57 70.12
CA SER D 801 6.84 9.57 71.24
C SER D 801 7.81 10.73 71.18
N LEU D 802 8.55 10.86 70.07
CA LEU D 802 9.51 11.94 69.96
C LEU D 802 8.82 13.29 70.11
N VAL D 803 7.70 13.49 69.42
CA VAL D 803 7.06 14.80 69.44
C VAL D 803 6.64 15.17 70.85
N VAL D 804 6.20 14.19 71.63
CA VAL D 804 5.67 14.50 72.94
C VAL D 804 6.79 14.66 73.95
N SER D 805 7.86 13.89 73.82
CA SER D 805 8.96 13.97 74.76
C SER D 805 9.57 15.38 74.81
N ASP D 806 9.43 16.15 73.74
CA ASP D 806 9.94 17.51 73.72
C ASP D 806 9.07 18.46 74.53
N LEU D 807 7.81 18.11 74.79
CA LEU D 807 6.96 18.97 75.60
C LEU D 807 7.50 19.06 77.01
N GLN D 808 7.01 20.06 77.75
CA GLN D 808 7.49 20.27 79.10
C GLN D 808 7.21 19.05 79.97
N LYS D 809 8.06 18.83 80.97
CA LYS D 809 7.89 17.65 81.82
C LYS D 809 6.64 17.75 82.66
N GLU D 810 6.34 18.94 83.17
CA GLU D 810 5.02 19.15 83.77
C GLU D 810 3.93 18.79 82.78
N LEU D 811 4.16 19.06 81.50
CA LEU D 811 3.18 18.73 80.49
C LEU D 811 3.05 17.23 80.31
N GLN D 812 4.17 16.52 80.14
CA GLN D 812 4.09 15.07 80.00
C GLN D 812 3.40 14.43 81.20
N GLU D 813 3.70 14.95 82.40
CA GLU D 813 3.05 14.44 83.59
C GLU D 813 1.54 14.68 83.54
N GLN D 814 1.13 15.94 83.41
CA GLN D 814 -0.30 16.25 83.38
C GLN D 814 -1.02 15.42 82.32
N LEU D 815 -0.39 15.24 81.16
CA LEU D 815 -0.99 14.41 80.13
C LEU D 815 -1.17 12.99 80.60
N LYS D 816 -0.20 12.45 81.34
CA LYS D 816 -0.30 11.08 81.81
C LYS D 816 -1.64 10.78 82.48
N ILE D 817 -2.32 11.81 83.00
CA ILE D 817 -3.58 11.62 83.71
C ILE D 817 -4.76 12.29 83.02
N THR D 818 -4.66 12.57 81.72
CA THR D 818 -5.65 13.40 81.06
C THR D 818 -6.65 12.54 80.28
N THR D 819 -7.93 12.73 80.57
CA THR D 819 -8.98 12.14 79.75
C THR D 819 -9.29 13.04 78.57
N PHE D 820 -9.50 12.42 77.41
CA PHE D 820 -9.77 13.19 76.20
C PHE D 820 -10.97 14.12 76.37
N LYS D 821 -11.90 13.75 77.24
CA LYS D 821 -13.03 14.64 77.51
C LYS D 821 -12.56 15.90 78.21
N ASP D 822 -11.80 15.77 79.27
CA ASP D 822 -11.15 16.92 79.85
C ASP D 822 -10.32 17.64 78.81
N LEU D 823 -9.65 16.87 77.93
CA LEU D 823 -8.84 17.49 76.90
C LEU D 823 -9.65 18.41 76.03
N VAL D 824 -10.91 18.06 75.75
CA VAL D 824 -11.68 18.81 74.77
C VAL D 824 -12.49 19.91 75.44
N ILE D 825 -13.02 19.64 76.64
CA ILE D 825 -13.98 20.56 77.21
C ILE D 825 -13.30 21.77 77.84
N ARG D 826 -12.02 21.65 78.22
CA ARG D 826 -11.43 22.74 79.00
C ARG D 826 -10.02 23.15 78.61
N ASP D 827 -9.19 22.29 78.03
CA ASP D 827 -7.74 22.55 78.00
C ASP D 827 -7.23 22.78 76.58
N LYS D 828 -7.26 24.04 76.14
CA LYS D 828 -6.57 24.40 74.91
C LYS D 828 -5.06 24.46 75.09
N GLU D 829 -4.61 24.60 76.33
CA GLU D 829 -3.19 24.86 76.58
C GLU D 829 -2.33 23.69 76.14
N LEU D 830 -2.59 22.50 76.69
CA LEU D 830 -1.75 21.35 76.36
C LEU D 830 -1.82 21.02 74.88
N THR D 831 -2.97 21.27 74.26
CA THR D 831 -3.05 21.13 72.82
C THR D 831 -2.06 22.05 72.13
N GLY D 832 -2.15 23.36 72.39
CA GLY D 832 -1.20 24.28 71.80
C GLY D 832 0.24 23.87 72.07
N ALA D 833 0.48 23.28 73.24
CA ALA D 833 1.81 22.79 73.55
C ALA D 833 2.23 21.71 72.57
N LEU D 834 1.37 20.71 72.36
CA LEU D 834 1.70 19.67 71.40
C LEU D 834 1.82 20.23 70.00
N THR D 835 1.07 21.28 69.69
CA THR D 835 1.11 21.85 68.35
C THR D 835 2.44 22.55 68.11
N ALA D 836 2.84 23.40 69.06
CA ALA D 836 4.19 23.94 69.04
C ALA D 836 5.22 22.83 68.96
N SER D 837 4.97 21.74 69.68
CA SER D 837 5.90 20.61 69.67
C SER D 837 6.08 20.08 68.27
N LEU D 838 4.99 19.80 67.56
CA LEU D 838 5.09 19.21 66.24
C LEU D 838 5.66 20.22 65.25
N ILE D 839 5.22 21.47 65.35
CA ILE D 839 5.80 22.51 64.51
C ILE D 839 7.30 22.51 64.66
N SER D 840 7.78 22.49 65.91
CA SER D 840 9.20 22.49 66.16
C SER D 840 9.85 21.19 65.71
N CYS D 841 9.10 20.10 65.74
CA CYS D 841 9.65 18.83 65.29
C CYS D 841 9.97 18.88 63.81
N TYR D 842 9.00 19.33 63.01
CA TYR D 842 9.26 19.48 61.58
C TYR D 842 10.28 20.56 61.31
N ILE D 843 10.35 21.56 62.19
CA ILE D 843 11.29 22.66 61.98
C ILE D 843 12.71 22.22 62.33
N ARG D 844 12.85 21.27 63.25
CA ARG D 844 14.16 20.94 63.79
C ARG D 844 14.90 19.96 62.89
N ASP D 845 14.16 19.10 62.20
CA ASP D 845 14.79 18.11 61.34
C ASP D 845 15.12 18.72 59.98
N ASP D 850 3.49 23.36 54.25
CA ASP D 850 2.38 23.49 53.32
C ASP D 850 1.06 23.10 53.99
N GLY D 851 0.61 21.87 53.75
CA GLY D 851 -0.61 21.41 54.39
C GLY D 851 -0.60 21.57 55.88
N ILE D 852 0.58 21.42 56.50
CA ILE D 852 0.69 21.52 57.95
C ILE D 852 0.33 22.93 58.42
N SER D 853 1.03 23.94 57.93
CA SER D 853 0.74 25.31 58.34
C SER D 853 -0.69 25.70 57.98
N TYR D 854 -1.20 25.19 56.87
CA TYR D 854 -2.59 25.43 56.51
C TYR D 854 -3.53 24.92 57.60
N ARG D 855 -3.35 23.66 58.01
CA ARG D 855 -4.18 23.11 59.07
C ARG D 855 -4.05 23.91 60.35
N LEU D 856 -2.82 24.30 60.71
CA LEU D 856 -2.62 25.07 61.94
C LEU D 856 -3.37 26.39 61.89
N GLN D 857 -3.31 27.08 60.76
CA GLN D 857 -4.09 28.31 60.63
C GLN D 857 -5.59 28.02 60.61
N GLU D 858 -5.98 26.82 60.17
CA GLU D 858 -7.40 26.47 60.15
C GLU D 858 -7.94 26.31 61.55
N VAL D 859 -7.42 25.35 62.31
CA VAL D 859 -7.90 25.10 63.66
C VAL D 859 -7.35 26.15 64.62
N THR D 866 2.12 31.54 61.38
CA THR D 866 3.32 31.97 60.69
C THR D 866 3.64 33.43 60.98
N ASP D 867 2.61 34.28 60.86
CA ASP D 867 2.80 35.71 61.03
C ASP D 867 3.48 36.05 62.35
N ASP D 868 3.18 35.28 63.40
CA ASP D 868 3.78 35.55 64.70
C ASP D 868 5.30 35.36 64.64
N ALA D 869 5.77 34.38 63.89
CA ALA D 869 7.22 34.20 63.76
C ALA D 869 7.86 35.35 63.02
N VAL D 870 7.17 35.89 62.01
CA VAL D 870 7.70 37.05 61.29
C VAL D 870 7.75 38.27 62.20
N CYS D 871 6.71 38.48 63.01
CA CYS D 871 6.73 39.59 63.97
C CYS D 871 7.83 39.40 65.00
N SER D 872 8.08 38.16 65.43
CA SER D 872 9.19 37.87 66.32
C SER D 872 10.52 38.20 65.66
N LYS D 873 10.68 37.84 64.38
CA LYS D 873 11.90 38.17 63.66
C LYS D 873 12.11 39.68 63.56
N ALA D 874 11.05 40.42 63.25
CA ALA D 874 11.16 41.87 63.14
C ALA D 874 11.49 42.49 64.50
N ASN D 875 10.87 41.98 65.57
CA ASN D 875 11.21 42.44 66.90
C ASN D 875 12.68 42.17 67.21
N GLU D 876 13.16 40.97 66.88
CA GLU D 876 14.55 40.63 67.13
C GLU D 876 15.49 41.55 66.37
N LEU D 877 15.19 41.82 65.10
CA LEU D 877 16.07 42.66 64.29
C LEU D 877 16.07 44.10 64.78
N LEU D 878 14.88 44.64 65.10
CA LEU D 878 14.81 46.01 65.59
C LEU D 878 15.52 46.15 66.94
N GLN D 879 15.31 45.19 67.84
CA GLN D 879 16.02 45.20 69.11
C GLN D 879 17.52 45.15 68.90
N ARG D 880 17.99 44.24 68.04
CA ARG D 880 19.42 44.11 67.80
C ARG D 880 20.01 45.38 67.20
N SER D 881 19.21 46.11 66.41
CA SER D 881 19.71 47.35 65.83
C SER D 881 20.15 48.36 66.88
N ARG D 882 19.57 48.29 68.08
CA ARG D 882 19.93 49.23 69.13
C ARG D 882 21.36 49.03 69.62
N HIS D 883 21.87 47.80 69.54
CA HIS D 883 23.19 47.48 70.05
C HIS D 883 24.26 47.48 68.97
N VAL D 884 23.91 47.80 67.74
CA VAL D 884 24.87 47.74 66.64
C VAL D 884 25.78 48.97 66.71
N PRO D 885 27.10 48.78 66.87
CA PRO D 885 28.01 49.94 66.83
C PRO D 885 28.22 50.48 65.43
N ASN D 886 28.45 49.60 64.46
CA ASN D 886 28.74 50.02 63.09
C ASN D 886 27.44 50.44 62.41
N LYS D 887 27.36 51.70 62.00
CA LYS D 887 26.08 52.31 61.64
C LYS D 887 25.43 51.62 60.45
N GLN D 888 26.18 51.39 59.38
CA GLN D 888 25.59 50.79 58.18
C GLN D 888 24.91 49.47 58.51
N GLU D 889 25.42 48.74 59.50
CA GLU D 889 24.74 47.54 59.97
C GLU D 889 23.43 47.90 60.68
N LYS D 890 23.40 49.02 61.41
CA LYS D 890 22.16 49.45 62.02
C LYS D 890 21.11 49.75 60.96
N GLU D 891 21.52 50.43 59.89
CA GLU D 891 20.60 50.68 58.79
C GLU D 891 20.13 49.38 58.16
N ARG D 892 21.06 48.44 57.95
CA ARG D 892 20.68 47.14 57.39
C ARG D 892 19.64 46.44 58.26
N MET D 893 19.88 46.42 59.57
CA MET D 893 18.96 45.75 60.48
C MET D 893 17.59 46.42 60.47
N LEU D 894 17.56 47.76 60.55
CA LEU D 894 16.29 48.46 60.54
C LEU D 894 15.54 48.21 59.24
N ARG D 895 16.28 48.11 58.13
CA ARG D 895 15.61 47.87 56.85
C ARG D 895 15.05 46.46 56.77
N GLU D 896 15.81 45.46 57.25
CA GLU D 896 15.28 44.11 57.30
C GLU D 896 14.04 44.06 58.20
N SER D 897 14.05 44.84 59.28
CA SER D 897 12.88 44.91 60.14
C SER D 897 11.70 45.55 59.42
N LEU D 898 11.98 46.57 58.61
CA LEU D 898 10.92 47.20 57.83
C LEU D 898 10.30 46.21 56.86
N LYS D 899 11.13 45.38 56.22
CA LYS D 899 10.60 44.37 55.31
C LYS D 899 9.81 43.30 56.05
N GLU D 900 10.37 42.78 57.14
CA GLU D 900 9.68 41.74 57.91
C GLU D 900 8.34 42.26 58.43
N TYR D 901 8.32 43.50 58.93
CA TYR D 901 7.07 44.06 59.41
C TYR D 901 6.08 44.31 58.28
N GLN D 902 6.55 44.80 57.13
CA GLN D 902 5.64 45.00 56.01
C GLN D 902 5.10 43.68 55.51
N LYS D 903 5.76 42.57 55.83
CA LYS D 903 5.26 41.27 55.38
C LYS D 903 3.91 40.94 56.00
N ILE D 904 3.68 41.35 57.24
CA ILE D 904 2.44 41.06 57.94
C ILE D 904 1.76 42.35 58.42
N SER D 905 1.92 43.44 57.68
CA SER D 905 1.57 44.78 58.17
C SER D 905 0.10 44.94 58.52
N GLN D 906 -0.76 43.95 58.25
CA GLN D 906 -2.16 44.10 58.60
C GLN D 906 -2.39 43.95 60.11
N GLN D 907 -1.65 43.05 60.77
CA GLN D 907 -1.85 42.76 62.17
C GLN D 907 -0.72 43.29 63.06
N VAL D 908 0.26 43.98 62.50
CA VAL D 908 1.34 44.51 63.32
C VAL D 908 0.88 45.80 63.99
N ASP D 909 1.07 45.89 65.30
CA ASP D 909 0.64 47.05 66.07
C ASP D 909 1.50 48.24 65.65
N LEU D 910 1.12 48.86 64.54
CA LEU D 910 1.88 49.95 63.96
C LEU D 910 2.32 51.00 64.98
N PRO D 911 1.55 51.32 66.01
CA PRO D 911 2.04 52.28 67.00
C PRO D 911 3.29 51.82 67.74
N ASN D 912 3.29 50.59 68.26
CA ASN D 912 4.41 50.15 69.08
C ASN D 912 5.68 49.95 68.25
N VAL D 913 5.56 49.27 67.10
CA VAL D 913 6.71 49.08 66.24
C VAL D 913 7.20 50.43 65.72
N CYS D 914 6.27 51.34 65.42
CA CYS D 914 6.66 52.68 65.00
C CYS D 914 7.42 53.40 66.11
N ALA D 915 7.00 53.21 67.36
CA ALA D 915 7.72 53.80 68.47
C ALA D 915 9.12 53.21 68.59
N GLN D 916 9.24 51.89 68.39
CA GLN D 916 10.57 51.28 68.38
C GLN D 916 11.45 51.88 67.30
N TYR D 917 10.87 52.12 66.12
CA TYR D 917 11.63 52.78 65.07
C TYR D 917 12.01 54.20 65.45
N ARG D 918 11.12 54.91 66.13
CA ARG D 918 11.40 56.27 66.55
C ARG D 918 12.52 56.30 67.57
N GLN D 919 12.63 55.27 68.40
CA GLN D 919 13.73 55.19 69.34
C GLN D 919 15.06 54.98 68.62
N VAL D 920 15.07 54.16 67.56
CA VAL D 920 16.28 53.90 66.81
C VAL D 920 16.46 54.93 65.69
N ARG D 921 15.71 56.01 65.71
CA ARG D 921 15.89 57.14 64.80
C ARG D 921 15.75 56.74 63.33
N PHE D 922 15.06 55.64 63.06
CA PHE D 922 14.79 55.24 61.69
C PHE D 922 13.37 55.66 61.30
N TYR D 923 13.25 56.93 60.92
CA TYR D 923 11.96 57.47 60.52
C TYR D 923 11.40 56.74 59.29
N GLU D 924 12.27 56.40 58.34
CA GLU D 924 11.82 55.76 57.11
C GLU D 924 11.09 54.46 57.40
N GLY D 925 11.58 53.69 58.38
CA GLY D 925 10.86 52.50 58.77
C GLY D 925 9.46 52.79 59.24
N VAL D 926 9.29 53.85 60.04
CA VAL D 926 7.97 54.21 60.53
C VAL D 926 7.06 54.56 59.38
N VAL D 927 7.55 55.40 58.47
CA VAL D 927 6.73 55.85 57.36
C VAL D 927 6.32 54.66 56.48
N GLU D 928 7.28 53.80 56.14
CA GLU D 928 6.99 52.71 55.23
C GLU D 928 6.11 51.67 55.87
N LEU D 929 6.31 51.36 57.16
CA LEU D 929 5.42 50.44 57.83
C LEU D 929 4.00 51.01 57.90
N CYS D 930 3.89 52.30 58.18
CA CYS D 930 2.59 52.94 58.19
C CYS D 930 1.89 52.79 56.85
N LEU D 931 2.58 53.16 55.76
CA LEU D 931 1.95 53.11 54.45
C LEU D 931 1.68 51.68 54.00
N SER D 932 2.49 50.72 54.47
CA SER D 932 2.25 49.33 54.12
C SER D 932 1.00 48.79 54.82
N ALA D 933 0.87 49.10 56.12
CA ALA D 933 -0.36 48.75 56.82
C ALA D 933 -1.55 49.43 56.18
N ALA D 934 -1.38 50.68 55.75
CA ALA D 934 -2.41 51.38 55.01
C ALA D 934 -2.85 50.57 53.79
N GLU D 935 -1.92 50.28 52.89
CA GLU D 935 -2.27 49.63 51.62
C GLU D 935 -2.86 48.25 51.85
N LYS D 936 -2.33 47.50 52.82
CA LYS D 936 -2.86 46.16 53.07
C LYS D 936 -4.21 46.23 53.79
N LYS D 937 -4.53 47.35 54.42
CA LYS D 937 -5.81 47.46 55.10
C LYS D 937 -6.94 47.82 54.14
N ASP D 938 -6.65 48.62 53.11
CA ASP D 938 -7.66 49.08 52.14
C ASP D 938 -7.40 48.42 50.79
N PRO D 939 -8.00 47.26 50.53
CA PRO D 939 -7.75 46.60 49.23
C PRO D 939 -8.61 47.14 48.10
N GLN D 940 -9.74 47.78 48.41
CA GLN D 940 -10.66 48.27 47.40
C GLN D 940 -11.07 49.72 47.59
N GLY D 941 -10.29 50.53 48.29
CA GLY D 941 -10.58 51.95 48.39
C GLY D 941 -11.70 52.30 49.34
N LEU D 942 -11.51 52.04 50.63
CA LEU D 942 -12.54 52.29 51.64
C LEU D 942 -12.36 53.61 52.36
N GLY D 943 -11.19 54.23 52.30
CA GLY D 943 -11.02 55.53 52.94
C GLY D 943 -11.37 56.68 52.02
N LEU D 944 -10.89 56.63 50.76
CA LEU D 944 -11.18 57.70 49.83
C LEU D 944 -12.66 57.76 49.48
N HIS D 945 -13.25 56.62 49.12
CA HIS D 945 -14.66 56.59 48.74
C HIS D 945 -15.54 57.19 49.83
N PHE D 946 -15.19 56.93 51.09
CA PHE D 946 -15.80 57.67 52.19
C PHE D 946 -15.52 59.16 52.06
N HIS D 947 -14.25 59.51 51.87
CA HIS D 947 -13.86 60.93 51.92
C HIS D 947 -14.63 61.77 50.90
N LYS D 948 -14.64 61.34 49.64
CA LYS D 948 -15.29 62.14 48.60
C LYS D 948 -16.81 62.04 48.69
N ASN D 949 -17.32 61.16 49.54
CA ASN D 949 -18.77 61.01 49.69
C ASN D 949 -19.30 61.88 50.84
N LEU D 959 -13.23 52.86 55.34
CA LEU D 959 -12.95 53.99 56.22
C LEU D 959 -11.99 53.57 57.34
N GLN D 960 -12.23 52.40 57.92
CA GLN D 960 -11.35 51.92 58.98
C GLN D 960 -9.90 51.88 58.52
N ALA D 961 -9.70 51.54 57.24
CA ALA D 961 -8.34 51.45 56.72
C ALA D 961 -7.67 52.81 56.68
N PHE D 962 -8.37 53.83 56.19
CA PHE D 962 -7.79 55.16 56.15
C PHE D 962 -7.54 55.69 57.56
N GLN D 963 -8.42 55.35 58.50
CA GLN D 963 -8.22 55.80 59.86
C GLN D 963 -6.96 55.17 60.47
N GLU D 964 -6.85 53.84 60.41
CA GLU D 964 -5.65 53.19 60.93
C GLU D 964 -4.40 53.69 60.21
N ARG D 965 -4.53 53.96 58.91
CA ARG D 965 -3.38 54.44 58.15
C ARG D 965 -2.92 55.80 58.65
N LEU D 966 -3.80 56.81 58.57
CA LEU D 966 -3.45 58.15 59.02
C LEU D 966 -2.97 58.12 60.46
N ASN D 967 -3.52 57.22 61.27
CA ASN D 967 -2.97 56.99 62.59
C ASN D 967 -1.49 56.63 62.52
N SER D 968 -1.17 55.56 61.79
CA SER D 968 0.22 55.12 61.73
C SER D 968 1.14 56.22 61.18
N TYR D 969 0.61 57.06 60.29
CA TYR D 969 1.42 58.12 59.70
C TYR D 969 1.55 59.31 60.61
N LYS D 970 0.63 59.46 61.56
CA LYS D 970 0.73 60.53 62.54
C LYS D 970 2.06 60.49 63.28
N CYS D 971 2.64 59.29 63.42
CA CYS D 971 3.94 59.18 64.06
C CYS D 971 4.99 59.99 63.34
N ILE D 972 5.18 59.73 62.05
CA ILE D 972 6.18 60.45 61.28
C ILE D 972 5.80 61.92 61.14
N THR D 973 4.50 62.20 61.00
CA THR D 973 4.06 63.59 60.96
C THR D 973 4.47 64.31 62.22
N ASP D 974 4.28 63.67 63.37
CA ASP D 974 4.70 64.26 64.63
C ASP D 974 6.20 64.50 64.63
N THR D 975 6.98 63.44 64.44
CA THR D 975 8.43 63.58 64.48
C THR D 975 8.91 64.70 63.56
N LEU D 976 8.25 64.85 62.41
CA LEU D 976 8.50 66.02 61.58
C LEU D 976 8.20 67.30 62.35
N GLN D 977 7.03 67.36 62.99
CA GLN D 977 6.65 68.55 63.73
C GLN D 977 7.67 68.87 64.82
N GLU D 978 8.27 67.84 65.40
CA GLU D 978 9.27 68.02 66.45
C GLU D 978 10.42 68.87 65.94
N LEU D 979 10.96 68.52 64.78
CA LEU D 979 12.02 69.27 64.15
C LEU D 979 13.19 69.50 65.10
N GLY D 1014 15.38 70.38 63.36
CA GLY D 1014 14.71 70.91 62.19
C GLY D 1014 15.15 70.24 60.91
N ILE D 1015 16.45 69.99 60.80
CA ILE D 1015 16.95 69.13 59.73
C ILE D 1015 16.29 67.77 59.81
N HIS D 1016 15.95 67.33 61.03
CA HIS D 1016 15.14 66.13 61.19
C HIS D 1016 13.83 66.26 60.44
N PHE D 1017 13.15 67.40 60.58
CA PHE D 1017 11.90 67.62 59.87
C PHE D 1017 12.13 67.62 58.36
N GLU D 1018 13.18 68.30 57.91
CA GLU D 1018 13.45 68.35 56.48
C GLU D 1018 13.70 66.96 55.91
N GLN D 1019 14.50 66.15 56.60
CA GLN D 1019 14.83 64.82 56.11
C GLN D 1019 13.62 63.90 56.21
N MET D 1020 12.79 64.08 57.24
CA MET D 1020 11.57 63.29 57.34
C MET D 1020 10.64 63.58 56.17
N LEU D 1021 10.41 64.87 55.88
CA LEU D 1021 9.62 65.21 54.70
C LEU D 1021 10.26 64.72 53.42
N LYS D 1022 11.60 64.71 53.38
CA LYS D 1022 12.30 64.19 52.21
C LYS D 1022 11.99 62.73 51.98
N LEU D 1023 12.16 61.90 52.99
CA LEU D 1023 11.78 60.49 52.87
C LEU D 1023 10.29 60.37 52.58
N ALA D 1024 9.48 61.28 53.12
CA ALA D 1024 8.03 61.18 52.97
C ALA D 1024 7.60 61.34 51.53
N GLN D 1025 8.12 62.35 50.84
CA GLN D 1025 7.76 62.57 49.45
C GLN D 1025 7.95 61.31 48.60
N ARG D 1026 8.91 60.46 48.96
CA ARG D 1026 9.23 59.27 48.18
C ARG D 1026 8.10 58.26 48.14
N SER D 1027 7.15 58.33 49.05
CA SER D 1027 6.04 57.39 49.05
C SER D 1027 5.26 57.50 47.74
N ALA D 1028 4.65 56.39 47.32
CA ALA D 1028 3.86 56.34 46.10
C ALA D 1028 2.36 56.27 46.35
N ASP D 1029 1.93 55.81 47.52
CA ASP D 1029 0.50 55.61 47.78
C ASP D 1029 -0.20 56.95 47.88
N GLU D 1030 -1.16 57.18 46.98
CA GLU D 1030 -1.83 58.47 46.91
C GLU D 1030 -2.41 58.88 48.26
N LEU D 1031 -3.21 58.01 48.88
CA LEU D 1031 -3.87 58.37 50.13
C LEU D 1031 -2.89 58.92 51.15
N PHE D 1032 -1.68 58.35 51.19
CA PHE D 1032 -0.65 58.90 52.07
C PHE D 1032 -0.35 60.34 51.71
N ASN D 1033 -0.22 60.62 50.41
CA ASN D 1033 0.07 61.99 49.99
C ASN D 1033 -1.08 62.92 50.32
N ILE D 1034 -2.31 62.45 50.15
CA ILE D 1034 -3.48 63.27 50.47
C ILE D 1034 -3.47 63.60 51.96
N ALA D 1035 -3.19 62.62 52.81
CA ALA D 1035 -3.15 62.87 54.24
C ALA D 1035 -2.00 63.80 54.60
N LEU D 1036 -0.85 63.62 53.95
CA LEU D 1036 0.29 64.49 54.21
C LEU D 1036 -0.02 65.92 53.82
N PHE D 1037 -0.58 66.14 52.64
CA PHE D 1037 -1.00 67.48 52.24
C PHE D 1037 -2.01 68.04 53.21
N ASN D 1038 -2.97 67.21 53.63
CA ASN D 1038 -3.95 67.63 54.62
C ASN D 1038 -3.26 68.18 55.86
N TRP D 1039 -2.43 67.37 56.50
CA TRP D 1039 -1.75 67.80 57.72
C TRP D 1039 -0.91 69.04 57.47
N LEU D 1040 -0.21 69.08 56.33
CA LEU D 1040 0.58 70.25 55.99
C LEU D 1040 -0.29 71.50 55.99
N ILE D 1041 -1.43 71.45 55.31
CA ILE D 1041 -2.37 72.57 55.35
C ILE D 1041 -2.70 72.91 56.78
N GLN D 1042 -3.13 71.91 57.55
CA GLN D 1042 -3.40 72.13 58.96
C GLN D 1042 -2.14 72.57 59.69
N ALA D 1043 -1.00 71.95 59.37
CA ALA D 1043 0.26 72.38 59.95
C ALA D 1043 0.73 73.73 59.43
N ASP D 1044 -0.03 74.32 58.50
CA ASP D 1044 0.26 75.65 57.96
C ASP D 1044 1.60 75.70 57.23
N LEU D 1045 2.14 74.55 56.85
CA LEU D 1045 3.40 74.50 56.10
C LEU D 1045 3.14 74.57 54.61
N THR D 1046 2.44 75.63 54.19
CA THR D 1046 2.02 75.75 52.80
C THR D 1046 3.20 75.80 51.85
N ASP D 1047 4.24 76.56 52.20
CA ASP D 1047 5.41 76.64 51.34
C ASP D 1047 5.98 75.26 51.10
N LYS D 1048 6.10 74.46 52.16
CA LYS D 1048 6.55 73.08 51.98
C LYS D 1048 5.62 72.30 51.07
N LEU D 1049 4.31 72.53 51.19
CA LEU D 1049 3.37 71.85 50.32
C LEU D 1049 3.66 72.18 48.86
N LEU D 1050 3.81 73.47 48.55
CA LEU D 1050 4.14 73.87 47.19
C LEU D 1050 5.51 73.34 46.76
N GLU D 1051 6.39 73.04 47.69
CA GLU D 1051 7.70 72.51 47.33
C GLU D 1051 7.66 71.07 46.84
N LEU D 1052 6.52 70.39 46.96
CA LEU D 1052 6.44 68.98 46.60
C LEU D 1052 6.11 68.83 45.12
N ASN D 1053 6.84 67.95 44.43
CA ASN D 1053 6.51 67.54 43.08
C ASN D 1053 5.78 66.19 43.12
N SER D 1054 4.53 66.24 43.57
CA SER D 1054 3.72 65.04 43.72
C SER D 1054 2.62 65.02 42.66
N PRO D 1055 2.48 63.93 41.90
CA PRO D 1055 1.46 63.89 40.84
C PRO D 1055 0.04 63.84 41.37
N PHE D 1056 -0.15 63.73 42.68
CA PHE D 1056 -1.47 63.80 43.28
C PHE D 1056 -1.84 65.20 43.76
N LEU D 1057 -0.89 66.14 43.72
CA LEU D 1057 -1.08 67.42 44.41
C LEU D 1057 -2.11 68.28 43.72
N GLU D 1058 -2.04 68.39 42.40
CA GLU D 1058 -3.02 69.19 41.67
C GLU D 1058 -4.43 68.63 41.84
N PRO D 1059 -4.67 67.35 41.61
CA PRO D 1059 -6.05 66.84 41.72
C PRO D 1059 -6.64 66.99 43.10
N HIS D 1060 -5.87 66.67 44.15
CA HIS D 1060 -6.38 66.84 45.50
C HIS D 1060 -6.65 68.30 45.80
N LEU D 1061 -5.76 69.18 45.34
CA LEU D 1061 -6.00 70.61 45.50
C LEU D 1061 -7.34 71.01 44.91
N VAL D 1062 -7.60 70.60 43.67
CA VAL D 1062 -8.82 71.03 42.99
C VAL D 1062 -10.05 70.40 43.64
N ARG D 1063 -9.97 69.11 43.99
CA ARG D 1063 -11.11 68.46 44.63
C ARG D 1063 -11.44 69.11 45.97
N MET D 1064 -10.42 69.37 46.79
CA MET D 1064 -10.65 70.13 48.01
C MET D 1064 -11.34 71.44 47.71
N ALA D 1065 -10.79 72.23 46.79
CA ALA D 1065 -11.42 73.50 46.44
C ALA D 1065 -12.82 73.31 45.88
N LYS D 1066 -13.18 72.08 45.51
CA LYS D 1066 -14.52 71.82 45.01
C LYS D 1066 -15.50 71.47 46.13
N LEU D 1067 -15.15 70.53 47.01
CA LEU D 1067 -16.09 70.00 47.98
C LEU D 1067 -15.93 70.62 49.36
N ASP D 1068 -14.71 70.88 49.79
CA ASP D 1068 -14.49 71.40 51.13
C ASP D 1068 -15.14 72.77 51.28
N GLN D 1069 -15.55 73.07 52.51
CA GLN D 1069 -16.20 74.35 52.77
C GLN D 1069 -15.21 75.50 52.65
N ASN D 1070 -13.98 75.31 53.12
CA ASN D 1070 -12.98 76.36 53.05
C ASN D 1070 -12.51 76.50 51.61
N LYS D 1071 -13.43 76.81 50.71
CA LYS D 1071 -13.09 76.90 49.29
C LYS D 1071 -12.00 77.92 49.03
N VAL D 1072 -12.05 79.06 49.74
CA VAL D 1072 -11.09 80.13 49.47
C VAL D 1072 -9.67 79.65 49.68
N ARG D 1073 -9.43 78.92 50.78
CA ARG D 1073 -8.08 78.45 51.08
C ARG D 1073 -7.57 77.50 50.01
N TYR D 1074 -8.33 76.44 49.71
CA TYR D 1074 -7.85 75.44 48.76
C TYR D 1074 -7.70 76.02 47.37
N MET D 1075 -8.58 76.96 46.98
CA MET D 1075 -8.40 77.62 45.69
C MET D 1075 -7.15 78.51 45.69
N ASP D 1076 -6.84 79.17 46.82
CA ASP D 1076 -5.63 79.96 46.90
C ASP D 1076 -4.39 79.07 46.79
N LEU D 1077 -4.45 77.90 47.42
CA LEU D 1077 -3.36 76.94 47.27
C LEU D 1077 -3.24 76.49 45.82
N LEU D 1078 -4.36 76.25 45.16
CA LEU D 1078 -4.32 75.87 43.74
C LEU D 1078 -3.67 76.96 42.91
N TRP D 1079 -3.99 78.22 43.20
CA TRP D 1079 -3.44 79.32 42.42
C TRP D 1079 -1.94 79.44 42.62
N ARG D 1080 -1.48 79.45 43.87
CA ARG D 1080 -0.05 79.53 44.13
C ARG D 1080 0.68 78.32 43.57
N TYR D 1081 0.05 77.14 43.60
CA TYR D 1081 0.69 75.93 43.12
C TYR D 1081 0.83 75.94 41.60
N TYR D 1082 -0.17 76.50 40.91
CA TYR D 1082 0.00 76.74 39.48
C TYR D 1082 1.06 77.81 39.23
N GLU D 1083 1.18 78.78 40.15
CA GLU D 1083 2.09 79.89 39.95
C GLU D 1083 3.54 79.43 39.98
N LYS D 1084 3.93 78.72 41.05
CA LYS D 1084 5.33 78.37 41.21
C LYS D 1084 5.84 77.57 40.03
N ASN D 1085 5.06 76.60 39.55
CA ASN D 1085 5.50 75.77 38.44
C ASN D 1085 5.28 76.42 37.09
N ARG D 1086 5.02 77.73 37.06
CA ARG D 1086 4.98 78.52 35.82
C ARG D 1086 3.87 78.09 34.86
N ASN D 1087 2.69 77.76 35.36
CA ASN D 1087 1.51 77.59 34.51
C ASN D 1087 0.62 78.82 34.63
N PHE D 1088 1.00 79.87 33.88
CA PHE D 1088 0.45 81.22 34.10
C PHE D 1088 -1.06 81.28 33.92
N SER D 1089 -1.60 80.71 32.85
CA SER D 1089 -3.01 80.92 32.51
C SER D 1089 -3.94 80.24 33.51
N ASN D 1090 -3.55 79.05 33.99
CA ASN D 1090 -4.35 78.39 35.00
C ASN D 1090 -4.44 79.22 36.27
N ALA D 1091 -3.31 79.79 36.72
CA ALA D 1091 -3.33 80.62 37.92
C ALA D 1091 -4.14 81.89 37.71
N ALA D 1092 -4.05 82.49 36.51
CA ALA D 1092 -4.87 83.65 36.22
C ALA D 1092 -6.36 83.30 36.33
N ARG D 1093 -6.77 82.20 35.70
CA ARG D 1093 -8.15 81.75 35.83
C ARG D 1093 -8.54 81.54 37.28
N VAL D 1094 -7.65 80.93 38.07
CA VAL D 1094 -7.98 80.59 39.45
C VAL D 1094 -8.19 81.85 40.27
N VAL D 1095 -7.23 82.78 40.22
CA VAL D 1095 -7.35 84.02 40.99
C VAL D 1095 -8.57 84.81 40.51
N ALA D 1096 -8.88 84.75 39.22
CA ALA D 1096 -10.08 85.40 38.74
C ALA D 1096 -11.33 84.78 39.37
N LYS D 1097 -11.37 83.45 39.44
CA LYS D 1097 -12.50 82.78 40.07
C LYS D 1097 -12.64 83.18 41.54
N LEU D 1098 -11.55 83.23 42.28
CA LEU D 1098 -11.61 83.64 43.68
C LEU D 1098 -12.11 85.07 43.80
N ALA D 1099 -11.63 85.96 42.93
CA ALA D 1099 -12.16 87.31 42.88
C ALA D 1099 -13.66 87.31 42.61
N ASP D 1100 -14.13 86.34 41.84
CA ASP D 1100 -15.54 86.32 41.43
C ASP D 1100 -16.45 85.59 42.42
N MET D 1101 -15.90 84.84 43.37
CA MET D 1101 -16.72 84.02 44.24
C MET D 1101 -17.54 84.90 45.19
N HIS D 1102 -18.86 84.83 45.08
CA HIS D 1102 -19.72 85.56 45.99
C HIS D 1102 -19.63 84.95 47.39
N SER D 1103 -18.88 85.60 48.27
CA SER D 1103 -18.67 85.01 49.58
C SER D 1103 -18.35 86.09 50.60
N PRO D 1104 -18.89 85.99 51.81
CA PRO D 1104 -18.59 87.00 52.83
C PRO D 1104 -17.14 87.04 53.25
N GLU D 1105 -16.35 86.03 52.91
CA GLU D 1105 -14.96 85.99 53.32
C GLU D 1105 -14.04 86.75 52.37
N ILE D 1106 -14.40 86.89 51.10
CA ILE D 1106 -13.56 87.54 50.11
C ILE D 1106 -14.06 88.97 49.99
N SER D 1107 -13.50 89.86 50.80
CA SER D 1107 -13.90 91.26 50.78
C SER D 1107 -13.52 91.92 49.47
N LEU D 1108 -13.97 93.17 49.32
CA LEU D 1108 -13.66 93.93 48.12
C LEU D 1108 -12.17 94.10 47.92
N LYS D 1109 -11.42 94.32 49.00
CA LYS D 1109 -9.98 94.56 48.88
C LYS D 1109 -9.26 93.33 48.34
N GLN D 1110 -9.55 92.17 48.92
CA GLN D 1110 -8.94 90.95 48.42
C GLN D 1110 -9.43 90.65 47.01
N ARG D 1111 -10.66 91.07 46.68
CA ARG D 1111 -11.14 90.94 45.32
C ARG D 1111 -10.26 91.73 44.35
N LEU D 1112 -10.00 92.99 44.69
CA LEU D 1112 -9.17 93.83 43.83
C LEU D 1112 -7.75 93.28 43.72
N GLU D 1113 -7.19 92.80 44.84
CA GLU D 1113 -5.84 92.24 44.78
C GLU D 1113 -5.79 91.00 43.91
N TYR D 1114 -6.75 90.09 44.09
CA TYR D 1114 -6.81 88.90 43.24
C TYR D 1114 -6.98 89.29 41.78
N ILE D 1115 -7.68 90.39 41.52
CA ILE D 1115 -7.79 90.90 40.16
C ILE D 1115 -6.43 91.35 39.65
N SER D 1116 -5.72 92.13 40.45
CA SER D 1116 -4.40 92.63 40.04
C SER D 1116 -3.44 91.48 39.79
N ARG D 1117 -3.58 90.40 40.53
CA ARG D 1117 -2.77 89.21 40.28
C ARG D 1117 -3.29 88.42 39.09
N ALA D 1118 -4.40 88.85 38.51
CA ALA D 1118 -4.97 88.16 37.35
C ALA D 1118 -4.55 88.83 36.06
N ALA D 1133 -8.08 84.70 21.44
CA ALA D 1133 -9.22 84.68 22.35
C ALA D 1133 -8.99 85.57 23.56
N ASP D 1134 -7.77 86.10 23.67
CA ASP D 1134 -7.39 86.84 24.87
C ASP D 1134 -7.93 88.27 24.88
N GLY D 1135 -8.05 88.90 23.71
CA GLY D 1135 -8.41 90.31 23.67
C GLY D 1135 -9.77 90.59 24.27
N GLU D 1136 -10.77 89.76 23.94
CA GLU D 1136 -12.08 89.91 24.56
C GLU D 1136 -12.01 89.68 26.07
N PHE D 1137 -11.12 88.78 26.51
CA PHE D 1137 -10.94 88.57 27.94
C PHE D 1137 -10.42 89.84 28.61
N LEU D 1138 -9.48 90.52 27.96
CA LEU D 1138 -8.96 91.77 28.51
C LEU D 1138 -10.04 92.84 28.55
N HIS D 1139 -10.82 92.95 27.47
CA HIS D 1139 -11.88 93.95 27.45
C HIS D 1139 -12.93 93.66 28.51
N GLU D 1140 -13.29 92.39 28.68
CA GLU D 1140 -14.19 91.99 29.75
C GLU D 1140 -13.64 92.41 31.12
N LEU D 1141 -12.37 92.13 31.37
CA LEU D 1141 -11.79 92.45 32.67
C LEU D 1141 -11.73 93.97 32.88
N GLU D 1142 -11.50 94.73 31.81
CA GLU D 1142 -11.44 96.18 31.96
C GLU D 1142 -12.82 96.76 32.26
N GLU D 1143 -13.84 96.34 31.52
CA GLU D 1143 -15.20 96.75 31.86
C GLU D 1143 -15.53 96.35 33.28
N LYS D 1144 -15.09 95.17 33.69
CA LYS D 1144 -15.26 94.74 35.06
C LYS D 1144 -14.62 95.73 36.02
N LEU D 1145 -13.41 96.19 35.71
CA LEU D 1145 -12.72 97.13 36.59
C LEU D 1145 -13.49 98.43 36.70
N GLU D 1146 -14.06 98.90 35.59
CA GLU D 1146 -14.86 100.13 35.64
C GLU D 1146 -16.08 99.95 36.54
N VAL D 1147 -16.85 98.89 36.31
CA VAL D 1147 -18.00 98.61 37.16
C VAL D 1147 -17.57 98.49 38.62
N ALA D 1148 -16.36 97.97 38.84
CA ALA D 1148 -15.86 97.80 40.20
C ALA D 1148 -15.55 99.13 40.86
N ARG D 1149 -14.92 100.04 40.13
CA ARG D 1149 -14.73 101.38 40.67
C ARG D 1149 -16.06 102.02 41.03
N ILE D 1150 -17.07 101.80 40.18
CA ILE D 1150 -18.39 102.32 40.49
C ILE D 1150 -18.92 101.71 41.78
N GLN D 1151 -18.82 100.39 41.92
CA GLN D 1151 -19.33 99.70 43.09
C GLN D 1151 -18.64 100.17 44.35
N LEU D 1152 -17.32 100.35 44.28
CA LEU D 1152 -16.58 100.79 45.47
C LEU D 1152 -16.93 102.23 45.83
N GLN D 1153 -17.14 103.09 44.82
CA GLN D 1153 -17.62 104.43 45.11
C GLN D 1153 -18.94 104.39 45.86
N ILE D 1154 -19.89 103.60 45.36
CA ILE D 1154 -21.21 103.51 46.00
C ILE D 1154 -21.07 103.01 47.43
N GLN D 1155 -20.27 101.96 47.63
CA GLN D 1155 -20.11 101.38 48.96
C GLN D 1155 -19.50 102.40 49.91
N GLU D 1156 -18.45 103.09 49.49
CA GLU D 1156 -17.81 104.06 50.36
C GLU D 1156 -18.76 105.19 50.74
N THR D 1157 -19.50 105.71 49.75
CA THR D 1157 -20.46 106.77 50.04
C THR D 1157 -21.53 106.29 51.01
N LEU D 1158 -22.03 105.06 50.81
CA LEU D 1158 -23.04 104.53 51.71
C LEU D 1158 -22.49 104.38 53.13
N THR D 1159 -21.24 103.94 53.26
CA THR D 1159 -20.65 103.76 54.58
C THR D 1159 -20.45 105.09 55.28
N ARG D 1160 -20.02 106.12 54.55
CA ARG D 1160 -19.81 107.41 55.17
C ARG D 1160 -21.12 108.19 55.31
N GLN D 1161 -22.02 108.05 54.35
CA GLN D 1161 -23.33 108.69 54.45
C GLN D 1161 -24.33 107.74 55.06
N VAL D 1168 -28.90 101.29 55.97
CA VAL D 1168 -27.76 101.39 55.08
C VAL D 1168 -26.85 100.19 55.27
N GLY D 1169 -27.12 99.41 56.32
CA GLY D 1169 -26.32 98.22 56.55
C GLY D 1169 -26.44 97.19 55.45
N ASP D 1170 -27.68 96.84 55.09
CA ASP D 1170 -27.90 95.76 54.13
C ASP D 1170 -27.35 96.13 52.77
N ALA D 1171 -27.44 97.39 52.37
CA ALA D 1171 -26.93 97.78 51.06
C ALA D 1171 -25.42 97.63 50.99
N VAL D 1172 -24.70 98.08 52.02
CA VAL D 1172 -23.26 97.89 52.06
C VAL D 1172 -22.91 96.41 52.07
N SER D 1173 -23.57 95.64 52.94
CA SER D 1173 -23.27 94.21 53.04
C SER D 1173 -23.53 93.51 51.71
N GLN D 1174 -24.59 93.91 51.01
CA GLN D 1174 -24.92 93.25 49.75
C GLN D 1174 -23.95 93.63 48.65
N LEU D 1175 -23.67 94.92 48.48
CA LEU D 1175 -22.67 95.33 47.51
C LEU D 1175 -21.30 94.73 47.82
N ASP D 1176 -21.07 94.36 49.08
CA ASP D 1176 -19.83 93.68 49.42
C ASP D 1176 -19.91 92.18 49.16
N SER D 1177 -21.12 91.61 49.21
CA SER D 1177 -21.26 90.17 49.18
C SER D 1177 -21.04 89.58 47.80
N GLN D 1178 -21.32 90.33 46.73
CA GLN D 1178 -21.23 89.77 45.40
C GLN D 1178 -21.18 90.89 44.37
N LEU D 1179 -20.82 90.53 43.15
CA LEU D 1179 -20.74 91.50 42.08
C LEU D 1179 -22.13 91.90 41.64
N MET D 1180 -22.35 93.20 41.48
CA MET D 1180 -23.64 93.72 41.06
C MET D 1180 -23.55 94.25 39.64
N ASP D 1181 -24.57 93.93 38.84
CA ASP D 1181 -24.63 94.42 37.47
C ASP D 1181 -25.21 95.82 37.43
N ILE D 1182 -25.05 96.48 36.28
CA ILE D 1182 -25.36 97.89 36.15
C ILE D 1182 -26.79 98.20 36.57
N THR D 1183 -27.76 97.43 36.06
CA THR D 1183 -29.16 97.72 36.32
C THR D 1183 -29.47 97.67 37.81
N LYS D 1184 -28.93 96.67 38.51
CA LYS D 1184 -29.20 96.55 39.94
C LYS D 1184 -28.63 97.73 40.70
N MET D 1185 -27.41 98.15 40.37
CA MET D 1185 -26.84 99.33 41.01
C MET D 1185 -27.69 100.56 40.74
N PHE D 1186 -28.16 100.72 39.50
CA PHE D 1186 -28.94 101.90 39.15
C PHE D 1186 -30.26 101.95 39.92
N GLY D 1187 -31.02 100.85 39.88
CA GLY D 1187 -32.36 100.87 40.45
C GLY D 1187 -32.41 100.61 41.95
N GLN D 1188 -31.67 99.62 42.44
CA GLN D 1188 -31.72 99.24 43.84
C GLN D 1188 -30.71 99.99 44.71
N TYR D 1189 -29.60 100.46 44.13
CA TYR D 1189 -28.57 101.09 44.94
C TYR D 1189 -28.43 102.57 44.64
N ALA D 1190 -28.14 102.92 43.39
CA ALA D 1190 -27.77 104.30 43.10
C ALA D 1190 -28.97 105.24 43.19
N ASP D 1191 -30.12 104.82 42.66
CA ASP D 1191 -31.29 105.71 42.68
C ASP D 1191 -31.86 105.87 44.07
N PRO D 1192 -32.11 104.80 44.83
CA PRO D 1192 -32.78 104.98 46.13
C PRO D 1192 -32.10 105.97 47.05
N PHE D 1193 -30.78 105.92 47.17
CA PHE D 1193 -30.04 106.87 47.98
C PHE D 1193 -29.72 108.14 47.20
N ARG D 1194 -30.23 108.26 45.98
CA ARG D 1194 -30.10 109.47 45.18
C ARG D 1194 -28.64 109.90 45.03
N LEU D 1195 -27.78 108.94 44.69
CA LEU D 1195 -26.37 109.22 44.46
C LEU D 1195 -26.18 109.68 43.01
N SER D 1196 -26.45 110.97 42.80
CA SER D 1196 -26.41 111.55 41.46
C SER D 1196 -25.09 111.26 40.75
N GLU D 1197 -23.97 111.55 41.41
CA GLU D 1197 -22.67 111.25 40.81
C GLU D 1197 -22.57 109.78 40.45
N CYS D 1198 -23.05 108.91 41.32
CA CYS D 1198 -22.99 107.47 41.06
C CYS D 1198 -23.79 107.10 39.82
N LYS D 1199 -25.00 107.63 39.69
CA LYS D 1199 -25.80 107.34 38.50
C LYS D 1199 -25.11 107.86 37.24
N LEU D 1200 -24.48 109.03 37.35
CA LEU D 1200 -23.73 109.56 36.20
C LEU D 1200 -22.63 108.60 35.78
N ALA D 1201 -21.84 108.13 36.74
CA ALA D 1201 -20.79 107.16 36.43
C ALA D 1201 -21.39 105.87 35.85
N ILE D 1202 -22.53 105.44 36.38
CA ILE D 1202 -23.12 104.17 35.95
C ILE D 1202 -23.57 104.26 34.50
N ILE D 1203 -24.41 105.24 34.20
CA ILE D 1203 -24.87 105.40 32.82
C ILE D 1203 -23.69 105.67 31.89
N HIS D 1204 -22.63 106.31 32.39
CA HIS D 1204 -21.42 106.45 31.60
C HIS D 1204 -20.85 105.07 31.25
N CYS D 1205 -20.79 104.18 32.24
CA CYS D 1205 -20.32 102.84 31.97
C CYS D 1205 -21.31 102.05 31.12
N ALA D 1206 -22.57 102.45 31.13
CA ALA D 1206 -23.59 101.80 30.31
C ALA D 1206 -23.71 102.39 28.91
N GLY D 1207 -23.00 103.49 28.65
CA GLY D 1207 -23.08 104.13 27.33
C GLY D 1207 -24.44 104.67 26.99
N HIS D 1208 -25.34 104.79 27.96
CA HIS D 1208 -26.63 105.40 27.72
C HIS D 1208 -26.48 106.91 27.66
N SER D 1209 -27.16 107.55 26.72
CA SER D 1209 -27.13 109.00 26.57
C SER D 1209 -28.55 109.54 26.71
N ASP D 1210 -28.77 110.36 27.73
CA ASP D 1210 -30.05 111.04 27.93
C ASP D 1210 -29.74 112.46 28.36
N PRO D 1211 -29.91 113.45 27.48
CA PRO D 1211 -29.40 114.80 27.78
C PRO D 1211 -30.00 115.41 29.03
N ILE D 1212 -31.31 115.55 29.11
CA ILE D 1212 -31.92 116.23 30.25
C ILE D 1212 -31.66 115.45 31.54
N LEU D 1213 -31.60 114.11 31.43
CA LEU D 1213 -31.25 113.31 32.59
C LEU D 1213 -29.86 113.66 33.09
N VAL D 1214 -28.92 113.85 32.17
CA VAL D 1214 -27.56 114.24 32.55
C VAL D 1214 -27.58 115.62 33.18
N GLN D 1215 -28.36 116.53 32.60
CA GLN D 1215 -28.58 117.83 33.22
C GLN D 1215 -28.99 117.65 34.68
N THR D 1216 -29.99 116.81 34.92
CA THR D 1216 -30.50 116.61 36.26
C THR D 1216 -29.44 116.00 37.16
N LEU D 1217 -28.63 115.09 36.63
CA LEU D 1217 -27.62 114.46 37.45
C LEU D 1217 -26.60 115.50 37.92
N TRP D 1218 -26.10 116.32 37.00
CA TRP D 1218 -25.14 117.34 37.39
C TRP D 1218 -25.77 118.34 38.35
N GLN D 1219 -27.01 118.76 38.07
CA GLN D 1219 -27.70 119.72 38.92
C GLN D 1219 -27.92 119.15 40.31
N ASP D 1220 -28.25 117.86 40.39
CA ASP D 1220 -28.45 117.23 41.68
C ASP D 1220 -27.16 117.15 42.46
N ILE D 1221 -26.07 116.78 41.80
CA ILE D 1221 -24.77 116.84 42.44
C ILE D 1221 -24.54 118.22 43.04
N ILE D 1222 -24.74 119.25 42.22
CA ILE D 1222 -24.47 120.62 42.66
C ILE D 1222 -25.31 120.99 43.87
N ASP D 1223 -26.62 120.80 43.78
CA ASP D 1223 -27.51 121.26 44.85
C ASP D 1223 -27.33 120.43 46.12
N LYS D 1224 -27.23 119.10 45.99
CA LYS D 1224 -27.06 118.27 47.17
C LYS D 1224 -25.77 118.61 47.89
N GLU D 1225 -24.68 118.83 47.14
CA GLU D 1225 -23.44 119.25 47.79
C GLU D 1225 -23.60 120.60 48.46
N LEU D 1226 -24.15 121.57 47.74
CA LEU D 1226 -24.42 122.87 48.34
C LEU D 1226 -25.21 122.71 49.63
N SER D 1227 -25.98 121.63 49.72
CA SER D 1227 -26.73 121.38 50.95
C SER D 1227 -25.84 120.79 52.03
N ASP D 1228 -25.01 119.80 51.68
CA ASP D 1228 -24.32 119.03 52.69
C ASP D 1228 -23.30 119.86 53.47
N SER D 1229 -23.04 121.09 53.04
CA SER D 1229 -22.17 121.99 53.77
C SER D 1229 -22.89 123.27 54.20
N MET D 1230 -24.14 123.17 54.62
CA MET D 1230 -24.97 124.34 54.93
C MET D 1230 -24.30 125.32 55.91
N VAL D 1235 -20.24 130.94 51.21
CA VAL D 1235 -19.03 130.48 50.56
C VAL D 1235 -18.92 128.96 50.65
N ASP D 1236 -19.20 128.41 51.84
CA ASP D 1236 -19.04 126.98 52.04
C ASP D 1236 -19.97 126.19 51.12
N ARG D 1237 -21.14 126.74 50.80
CA ARG D 1237 -22.06 126.05 49.90
C ARG D 1237 -21.48 125.93 48.50
N MET D 1238 -21.00 127.04 47.94
CA MET D 1238 -20.40 127.00 46.62
C MET D 1238 -19.14 126.14 46.62
N GLN D 1239 -18.40 126.16 47.73
CA GLN D 1239 -17.23 125.28 47.84
C GLN D 1239 -17.64 123.82 47.79
N SER D 1240 -18.73 123.45 48.48
CA SER D 1240 -19.22 122.08 48.43
C SER D 1240 -19.68 121.72 47.02
N LEU D 1241 -20.30 122.69 46.34
CA LEU D 1241 -20.68 122.47 44.94
C LEU D 1241 -19.46 122.18 44.09
N HIS D 1242 -18.39 122.97 44.27
CA HIS D 1242 -17.14 122.68 43.57
C HIS D 1242 -16.67 121.27 43.88
N LEU D 1243 -16.71 120.89 45.15
CA LEU D 1243 -16.29 119.55 45.56
C LEU D 1243 -17.03 118.47 44.77
N LYS D 1244 -18.36 118.46 44.85
CA LYS D 1244 -19.11 117.37 44.24
C LYS D 1244 -19.06 117.43 42.71
N ILE D 1245 -19.19 118.63 42.15
CA ILE D 1245 -19.19 118.74 40.70
C ILE D 1245 -17.86 118.27 40.13
N THR D 1246 -16.75 118.61 40.78
CA THR D 1246 -15.46 118.09 40.32
C THR D 1246 -15.38 116.59 40.51
N SER D 1247 -15.80 116.11 41.68
CA SER D 1247 -15.72 114.68 41.97
C SER D 1247 -16.48 113.85 40.94
N LEU D 1248 -17.57 114.41 40.41
CA LEU D 1248 -18.35 113.66 39.42
C LEU D 1248 -17.82 113.90 38.01
N GLY D 1249 -17.49 115.15 37.67
CA GLY D 1249 -16.99 115.44 36.34
C GLY D 1249 -15.75 114.63 36.00
N LYS D 1250 -14.75 114.64 36.88
CA LYS D 1250 -13.54 113.85 36.62
C LYS D 1250 -13.87 112.39 36.37
N ILE D 1251 -15.05 111.94 36.79
CA ILE D 1251 -15.46 110.57 36.55
C ILE D 1251 -16.18 110.45 35.20
N TYR D 1252 -16.98 111.45 34.85
CA TYR D 1252 -17.86 111.32 33.70
C TYR D 1252 -17.51 112.22 32.53
N ALA D 1253 -16.53 113.13 32.68
CA ALA D 1253 -16.20 114.03 31.58
C ALA D 1253 -15.73 113.29 30.34
N SER D 1254 -15.26 112.05 30.49
CA SER D 1254 -14.74 111.28 29.37
C SER D 1254 -15.81 110.57 28.56
N THR D 1255 -17.05 110.49 29.07
CA THR D 1255 -18.13 109.77 28.41
C THR D 1255 -19.24 110.77 28.11
N PRO D 1256 -19.26 111.33 26.89
CA PRO D 1256 -20.27 112.37 26.58
C PRO D 1256 -21.70 111.92 26.73
N ARG D 1257 -21.95 110.63 26.99
CA ARG D 1257 -23.31 110.16 27.18
C ARG D 1257 -23.79 110.33 28.63
N TYR D 1258 -22.93 110.78 29.54
CA TYR D 1258 -23.32 110.90 30.94
C TYR D 1258 -22.78 112.14 31.63
N PHE D 1259 -22.18 113.09 30.90
CA PHE D 1259 -21.72 114.35 31.47
C PHE D 1259 -22.13 115.48 30.54
N PRO D 1260 -23.37 115.94 30.60
CA PRO D 1260 -23.80 117.01 29.68
C PRO D 1260 -23.17 118.35 30.06
N LEU D 1261 -21.93 118.52 29.61
CA LEU D 1261 -21.16 119.73 29.91
C LEU D 1261 -22.00 120.99 29.74
N GLU D 1262 -22.71 121.11 28.62
CA GLU D 1262 -23.59 122.25 28.42
C GLU D 1262 -24.60 122.36 29.56
N PHE D 1263 -25.27 121.26 29.89
CA PHE D 1263 -26.31 121.30 30.90
C PHE D 1263 -25.73 121.57 32.28
N LEU D 1264 -24.59 120.95 32.59
CA LEU D 1264 -23.95 121.20 33.87
C LEU D 1264 -23.60 122.68 34.02
N VAL D 1265 -22.96 123.25 33.00
CA VAL D 1265 -22.60 124.67 33.05
C VAL D 1265 -23.84 125.54 33.20
N LYS D 1266 -24.90 125.23 32.44
CA LYS D 1266 -26.10 126.05 32.49
C LYS D 1266 -26.74 126.03 33.87
N TYR D 1267 -26.98 124.84 34.40
CA TYR D 1267 -27.64 124.75 35.71
C TYR D 1267 -26.78 125.33 36.81
N LEU D 1268 -25.45 125.14 36.73
CA LEU D 1268 -24.59 125.69 37.77
C LEU D 1268 -24.56 127.21 37.71
N GLU D 1269 -24.58 127.78 36.50
CA GLU D 1269 -24.68 129.23 36.40
C GLU D 1269 -25.99 129.72 36.97
N GLN D 1270 -27.07 128.99 36.74
CA GLN D 1270 -28.33 129.33 37.39
C GLN D 1270 -28.20 129.33 38.90
N GLN D 1271 -27.52 128.33 39.45
CA GLN D 1271 -27.34 128.27 40.89
C GLN D 1271 -26.52 129.44 41.41
N VAL D 1272 -25.36 129.70 40.78
CA VAL D 1272 -24.50 130.80 41.21
C VAL D 1272 -25.22 132.12 41.11
N CYS D 1273 -26.11 132.27 40.13
CA CYS D 1273 -26.95 133.46 40.08
C CYS D 1273 -27.95 133.46 41.23
N ASN D 1274 -28.43 132.28 41.61
CA ASN D 1274 -29.41 132.20 42.69
C ASN D 1274 -28.84 132.67 44.02
N PHE D 1275 -27.67 132.15 44.39
CA PHE D 1275 -27.09 132.47 45.69
C PHE D 1275 -26.07 133.60 45.63
N SER D 1276 -25.80 134.13 44.44
CA SER D 1276 -24.92 135.28 44.27
C SER D 1276 -23.51 135.00 44.80
N TRP D 1277 -22.86 134.01 44.21
CA TRP D 1277 -21.46 133.74 44.51
C TRP D 1277 -20.56 134.36 43.45
N ASP D 1278 -19.29 133.96 43.46
CA ASP D 1278 -18.34 134.46 42.48
C ASP D 1278 -18.58 133.81 41.11
N ALA D 1279 -18.72 134.64 40.08
CA ALA D 1279 -19.06 134.15 38.76
C ALA D 1279 -17.99 133.23 38.18
N GLY D 1280 -16.85 133.08 38.84
CA GLY D 1280 -15.80 132.21 38.33
C GLY D 1280 -15.90 130.79 38.83
N PHE D 1281 -16.77 130.52 39.81
CA PHE D 1281 -16.89 129.18 40.38
C PHE D 1281 -17.21 128.14 39.31
N VAL D 1282 -18.06 128.50 38.36
CA VAL D 1282 -18.40 127.57 37.28
C VAL D 1282 -17.16 127.24 36.45
N THR D 1283 -16.39 128.27 36.08
CA THR D 1283 -15.25 128.06 35.18
C THR D 1283 -14.13 127.30 35.88
N TYR D 1284 -13.73 127.77 37.06
CA TYR D 1284 -12.69 127.07 37.81
C TYR D 1284 -13.13 125.65 38.14
N THR D 1285 -14.42 125.45 38.42
CA THR D 1285 -14.92 124.11 38.70
C THR D 1285 -14.79 123.21 37.48
N MET D 1286 -15.32 123.65 36.34
CA MET D 1286 -15.23 122.83 35.13
C MET D 1286 -13.78 122.56 34.76
N GLN D 1287 -12.88 123.53 34.94
CA GLN D 1287 -11.47 123.29 34.65
C GLN D 1287 -10.88 122.32 35.65
N GLU D 1288 -11.42 122.25 36.87
CA GLU D 1288 -10.95 121.27 37.83
C GLU D 1288 -11.26 119.86 37.38
N ILE D 1289 -12.24 119.69 36.49
CA ILE D 1289 -12.53 118.38 35.92
C ILE D 1289 -11.89 118.18 34.56
N ASN D 1290 -10.97 119.06 34.17
CA ASN D 1290 -10.14 118.90 32.99
C ASN D 1290 -10.91 119.07 31.68
N VAL D 1291 -12.12 119.62 31.75
CA VAL D 1291 -12.85 119.99 30.54
C VAL D 1291 -12.03 121.03 29.80
N PRO D 1292 -11.72 120.83 28.52
CA PRO D 1292 -10.81 121.75 27.82
C PRO D 1292 -11.42 123.14 27.67
N VAL D 1293 -10.59 124.16 27.89
CA VAL D 1293 -11.02 125.56 27.92
C VAL D 1293 -11.71 125.95 26.61
N PRO D 1294 -11.33 125.37 25.48
CA PRO D 1294 -12.02 125.73 24.24
C PRO D 1294 -13.46 125.24 24.18
N LYS D 1295 -13.70 123.98 24.52
CA LYS D 1295 -15.07 123.49 24.57
C LYS D 1295 -15.89 124.24 25.61
N LEU D 1296 -15.24 124.64 26.71
CA LEU D 1296 -15.92 125.47 27.69
C LEU D 1296 -16.26 126.84 27.13
N LEU D 1297 -15.36 127.41 26.32
CA LEU D 1297 -15.64 128.69 25.67
C LEU D 1297 -16.82 128.54 24.73
N GLU D 1298 -16.90 127.43 24.00
CA GLU D 1298 -18.04 127.17 23.14
C GLU D 1298 -19.33 127.08 23.95
N VAL D 1299 -19.30 126.36 25.08
CA VAL D 1299 -20.49 126.24 25.93
C VAL D 1299 -20.94 127.60 26.41
N TYR D 1300 -19.99 128.41 26.90
CA TYR D 1300 -20.32 129.73 27.41
C TYR D 1300 -20.90 130.63 26.31
N ASP D 1301 -20.24 130.66 25.15
CA ASP D 1301 -20.71 131.49 24.05
C ASP D 1301 -22.10 131.06 23.58
N HIS D 1302 -22.34 129.75 23.52
CA HIS D 1302 -23.65 129.27 23.10
C HIS D 1302 -24.73 129.67 24.11
N LEU D 1303 -24.44 129.47 25.40
CA LEU D 1303 -25.38 129.91 26.43
C LEU D 1303 -25.66 131.41 26.32
N PHE D 1304 -24.65 132.18 25.93
CA PHE D 1304 -24.86 133.61 25.75
C PHE D 1304 -25.73 133.89 24.54
N LYS D 1305 -25.54 133.13 23.46
CA LYS D 1305 -26.26 133.38 22.22
C LYS D 1305 -27.73 133.01 22.34
N ALA D 1306 -28.05 132.01 23.17
CA ALA D 1306 -29.44 131.60 23.31
C ALA D 1306 -30.30 132.70 23.89
N ARG D 1307 -29.69 133.74 24.47
CA ARG D 1307 -30.42 134.88 25.05
C ARG D 1307 -31.52 134.41 25.99
N ASP D 1308 -31.16 133.51 26.88
CA ASP D 1308 -32.12 132.89 27.79
C ASP D 1308 -32.78 133.93 28.67
N PRO D 1309 -34.10 134.10 28.61
CA PRO D 1309 -34.73 135.16 29.42
C PRO D 1309 -34.60 134.95 30.91
N TRP D 1310 -34.15 133.77 31.36
CA TRP D 1310 -33.93 133.55 32.78
C TRP D 1310 -32.92 134.53 33.34
N TRP D 1311 -31.71 134.56 32.76
CA TRP D 1311 -30.68 135.48 33.23
C TRP D 1311 -31.16 136.92 33.19
N SER D 1312 -32.00 137.26 32.21
CA SER D 1312 -32.60 138.58 32.19
C SER D 1312 -33.55 138.77 33.37
N ARG D 1313 -34.22 137.70 33.79
CA ARG D 1313 -35.18 137.80 34.88
C ARG D 1313 -34.48 138.08 36.20
N MET D 1314 -33.29 137.52 36.39
CA MET D 1314 -32.54 137.73 37.62
C MET D 1314 -31.75 139.03 37.61
N LYS D 1315 -31.99 139.91 36.63
CA LYS D 1315 -31.33 141.21 36.54
C LYS D 1315 -29.81 141.08 36.56
N LYS D 1316 -29.29 139.99 36.02
CA LYS D 1316 -27.85 139.77 35.90
C LYS D 1316 -27.50 139.48 34.45
N PRO D 1317 -27.94 140.34 33.53
CA PRO D 1317 -27.81 140.01 32.10
C PRO D 1317 -26.37 139.88 31.62
N LEU D 1318 -25.38 140.13 32.46
CA LEU D 1318 -23.99 140.03 32.06
C LEU D 1318 -23.24 138.90 32.74
N HIS D 1319 -23.93 138.11 33.57
CA HIS D 1319 -23.27 136.99 34.25
C HIS D 1319 -22.54 136.09 33.26
N LEU D 1320 -23.18 135.80 32.14
CA LEU D 1320 -22.50 135.06 31.08
C LEU D 1320 -21.22 135.77 30.65
N LEU D 1321 -21.29 137.08 30.47
CA LEU D 1321 -20.12 137.84 30.01
C LEU D 1321 -19.01 137.83 31.04
N GLU D 1322 -19.35 137.99 32.32
CA GLU D 1322 -18.33 137.96 33.36
C GLU D 1322 -17.70 136.58 33.50
N SER D 1323 -18.51 135.54 33.34
CA SER D 1323 -17.96 134.18 33.33
C SER D 1323 -16.96 134.01 32.19
N ILE D 1324 -17.33 134.47 30.99
CA ILE D 1324 -16.41 134.41 29.87
C ILE D 1324 -15.14 135.20 30.17
N TYR D 1325 -15.29 136.37 30.79
CA TYR D 1325 -14.14 137.20 31.11
C TYR D 1325 -13.19 136.50 32.06
N ILE D 1326 -13.72 135.86 33.10
CA ILE D 1326 -12.88 135.13 34.05
C ILE D 1326 -12.17 133.98 33.36
N LEU D 1327 -12.92 133.21 32.56
CA LEU D 1327 -12.32 132.10 31.83
C LEU D 1327 -11.18 132.57 30.95
N LEU D 1328 -11.40 133.65 30.19
CA LEU D 1328 -10.40 134.11 29.24
C LEU D 1328 -9.19 134.73 29.94
N SER D 1329 -9.41 135.49 31.01
CA SER D 1329 -8.29 136.06 31.74
C SER D 1329 -7.45 134.98 32.39
N GLY D 1330 -8.10 133.98 33.00
CA GLY D 1330 -7.37 132.82 33.46
C GLY D 1330 -6.57 132.16 32.34
N TYR D 1331 -7.17 132.06 31.15
CA TYR D 1331 -6.47 131.47 30.03
C TYR D 1331 -5.22 132.26 29.66
N VAL D 1332 -5.35 133.59 29.59
CA VAL D 1332 -4.21 134.42 29.19
C VAL D 1332 -3.10 134.32 30.22
N GLN D 1333 -3.45 134.33 31.50
CA GLN D 1333 -2.41 134.24 32.53
C GLN D 1333 -1.77 132.86 32.53
N GLU D 1334 -2.48 131.85 32.05
CA GLU D 1334 -1.95 130.49 32.05
C GLU D 1334 -2.39 129.72 30.81
N ARG D 1344 -2.56 130.35 19.33
CA ARG D 1344 -2.85 131.46 18.42
C ARG D 1344 -4.23 131.33 17.79
N ARG D 1345 -4.61 130.08 17.49
CA ARG D 1345 -5.93 129.83 16.91
C ARG D 1345 -7.01 129.86 17.98
N PHE D 1346 -6.75 129.27 19.16
CA PHE D 1346 -7.68 129.42 20.26
C PHE D 1346 -7.82 130.89 20.65
N THR D 1347 -6.70 131.61 20.70
CA THR D 1347 -6.75 133.05 20.93
C THR D 1347 -7.51 133.75 19.82
N THR D 1348 -7.44 133.24 18.59
CA THR D 1348 -8.20 133.82 17.49
C THR D 1348 -9.70 133.65 17.71
N LEU D 1349 -10.12 132.43 18.04
CA LEU D 1349 -11.52 132.19 18.40
C LEU D 1349 -11.93 133.10 19.56
N CYS D 1350 -11.02 133.31 20.51
CA CYS D 1350 -11.30 134.21 21.63
C CYS D 1350 -11.51 135.64 21.13
N LEU D 1351 -10.69 136.10 20.20
CA LEU D 1351 -10.87 137.42 19.62
C LEU D 1351 -12.24 137.54 18.96
N ASP D 1352 -12.62 136.52 18.20
CA ASP D 1352 -13.92 136.53 17.53
C ASP D 1352 -15.05 136.59 18.55
N ALA D 1353 -15.02 135.72 19.55
CA ALA D 1353 -16.09 135.68 20.54
C ALA D 1353 -16.14 136.95 21.37
N ILE D 1354 -14.98 137.54 21.66
CA ILE D 1354 -14.93 138.78 22.41
C ILE D 1354 -15.57 139.91 21.60
N SER D 1355 -15.24 139.99 20.31
CA SER D 1355 -15.90 140.96 19.44
C SER D 1355 -17.40 140.73 19.41
N CYS D 1356 -17.82 139.47 19.32
CA CYS D 1356 -19.25 139.16 19.21
C CYS D 1356 -20.00 139.57 20.46
N TYR D 1357 -19.53 139.12 21.63
CA TYR D 1357 -20.18 139.48 22.88
C TYR D 1357 -20.08 140.98 23.13
N LEU D 1358 -19.02 141.63 22.64
CA LEU D 1358 -18.93 143.07 22.72
C LEU D 1358 -20.04 143.72 21.93
N VAL D 1359 -20.33 143.19 20.74
CA VAL D 1359 -21.42 143.74 19.94
C VAL D 1359 -22.76 143.50 20.63
N GLU D 1360 -22.94 142.29 21.17
CA GLU D 1360 -24.21 141.96 21.82
C GLU D 1360 -24.45 142.82 23.05
N LEU D 1361 -23.39 143.11 23.82
CA LEU D 1361 -23.54 143.95 25.00
C LEU D 1361 -23.64 145.42 24.62
N GLN D 1362 -23.01 145.83 23.53
CA GLN D 1362 -23.18 147.19 23.04
C GLN D 1362 -24.54 147.40 22.42
N SER D 1363 -25.26 146.32 22.11
CA SER D 1363 -26.63 146.44 21.65
C SER D 1363 -27.64 146.52 22.78
N MET D 1364 -27.28 146.09 24.00
CA MET D 1364 -28.20 146.11 25.13
C MET D 1364 -28.28 147.50 25.72
N ASP D 1365 -29.35 147.74 26.48
CA ASP D 1365 -29.55 149.03 27.11
C ASP D 1365 -28.41 149.29 28.10
N PRO D 1366 -27.90 150.52 28.17
CA PRO D 1366 -26.72 150.76 29.01
C PRO D 1366 -27.01 150.77 30.49
N ALA D 1367 -26.63 149.72 31.17
CA ALA D 1367 -26.65 149.73 32.61
C ALA D 1367 -25.22 149.76 33.15
N PRO D 1368 -25.02 150.14 34.40
CA PRO D 1368 -23.65 150.14 34.95
C PRO D 1368 -22.97 148.79 34.84
N ALA D 1369 -23.68 147.71 35.16
CA ALA D 1369 -23.13 146.38 34.96
C ALA D 1369 -22.78 146.14 33.49
N LEU D 1370 -23.63 146.61 32.58
CA LEU D 1370 -23.37 146.45 31.15
C LEU D 1370 -22.06 147.13 30.74
N LEU D 1371 -21.89 148.40 31.11
CA LEU D 1371 -20.70 149.13 30.70
C LEU D 1371 -19.44 148.59 31.38
N ASN D 1372 -19.57 148.14 32.63
CA ASN D 1372 -18.42 147.55 33.30
C ASN D 1372 -18.01 146.26 32.61
N THR D 1373 -18.97 145.39 32.28
CA THR D 1373 -18.65 144.22 31.49
C THR D 1373 -18.03 144.61 30.17
N VAL D 1374 -18.51 145.69 29.54
CA VAL D 1374 -17.98 146.13 28.26
C VAL D 1374 -16.51 146.48 28.38
N SER D 1375 -16.17 147.32 29.35
CA SER D 1375 -14.78 147.74 29.51
C SER D 1375 -13.90 146.57 29.91
N ASN D 1376 -14.40 145.66 30.76
CA ASN D 1376 -13.61 144.50 31.15
C ASN D 1376 -13.30 143.61 29.95
N PHE D 1377 -14.32 143.33 29.13
CA PHE D 1377 -14.10 142.50 27.94
C PHE D 1377 -13.21 143.20 26.93
N LYS D 1378 -13.27 144.53 26.86
CA LYS D 1378 -12.36 145.27 25.97
C LYS D 1378 -10.92 145.15 26.45
N SER D 1379 -10.71 145.25 27.76
CA SER D 1379 -9.37 145.03 28.31
C SER D 1379 -8.89 143.62 28.00
N LEU D 1380 -9.77 142.62 28.15
CA LEU D 1380 -9.40 141.26 27.77
C LEU D 1380 -9.09 141.18 26.27
N GLN D 1381 -9.80 141.96 25.46
CA GLN D 1381 -9.55 141.97 24.01
C GLN D 1381 -8.15 142.43 23.71
N ALA D 1382 -7.77 143.61 24.22
CA ALA D 1382 -6.42 144.10 23.97
C ALA D 1382 -5.36 143.19 24.60
N LYS D 1383 -5.67 142.59 25.75
CA LYS D 1383 -4.71 141.67 26.37
C LYS D 1383 -4.49 140.45 25.49
N LEU D 1384 -5.56 139.87 24.96
CA LEU D 1384 -5.44 138.74 24.05
C LEU D 1384 -4.71 139.15 22.78
N GLU D 1385 -4.93 140.38 22.33
CA GLU D 1385 -4.21 140.87 21.16
C GLU D 1385 -2.72 140.89 21.40
N ARG D 1386 -2.30 141.39 22.57
CA ARG D 1386 -0.88 141.29 22.92
C ARG D 1386 -0.46 139.84 23.10
N LEU D 1387 -1.39 138.96 23.44
CA LEU D 1387 -1.08 137.54 23.62
C LEU D 1387 -1.07 136.77 22.31
N SER D 1388 -1.75 137.29 21.29
CA SER D 1388 -1.75 136.65 19.98
C SER D 1388 -0.47 136.98 19.23
N LEU E 33 -57.79 -11.56 -22.82
CA LEU E 33 -57.50 -12.53 -23.86
C LEU E 33 -57.21 -13.91 -23.25
N GLN E 34 -58.12 -14.86 -23.47
CA GLN E 34 -58.09 -16.13 -22.76
C GLN E 34 -56.93 -17.00 -23.20
N GLU E 35 -56.53 -16.91 -24.48
CA GLU E 35 -55.31 -17.59 -24.88
C GLU E 35 -54.08 -16.88 -24.33
N ILE E 36 -54.12 -15.54 -24.26
CA ILE E 36 -53.05 -14.82 -23.60
C ILE E 36 -53.04 -15.14 -22.12
N GLN E 37 -54.22 -15.27 -21.51
CA GLN E 37 -54.27 -15.65 -20.11
C GLN E 37 -53.76 -17.08 -19.90
N GLN E 38 -54.07 -17.97 -20.82
CA GLN E 38 -53.55 -19.33 -20.76
C GLN E 38 -52.05 -19.36 -20.97
N ALA E 39 -51.54 -18.48 -21.84
CA ALA E 39 -50.11 -18.43 -22.07
C ALA E 39 -49.37 -17.79 -20.90
N GLY E 40 -49.98 -16.79 -20.26
CA GLY E 40 -49.45 -16.29 -19.01
C GLY E 40 -49.50 -17.35 -17.93
N GLU E 41 -50.56 -18.16 -17.93
CA GLU E 41 -50.64 -19.30 -17.03
C GLU E 41 -49.52 -20.30 -17.30
N ARG E 42 -49.18 -20.49 -18.57
CA ARG E 42 -48.11 -21.42 -18.93
C ARG E 42 -46.75 -20.84 -18.55
N LEU E 43 -46.61 -19.52 -18.65
CA LEU E 43 -45.46 -18.86 -18.06
C LEU E 43 -45.40 -19.13 -16.56
N ARG E 44 -46.54 -19.04 -15.89
CA ARG E 44 -46.60 -19.20 -14.44
C ARG E 44 -46.35 -20.65 -14.03
N SER E 45 -46.72 -21.60 -14.88
CA SER E 45 -46.59 -23.01 -14.53
C SER E 45 -45.25 -23.58 -14.99
N LYS E 46 -44.70 -23.05 -16.06
CA LYS E 46 -43.39 -23.50 -16.53
C LYS E 46 -42.28 -22.71 -15.83
N ASP E 97 -58.83 9.05 -12.09
CA ASP E 97 -59.12 9.40 -10.70
C ASP E 97 -58.75 10.86 -10.41
N ILE E 98 -59.72 11.76 -10.60
CA ILE E 98 -59.52 13.16 -10.26
C ILE E 98 -58.94 13.26 -8.84
N GLN E 99 -59.60 12.62 -7.89
CA GLN E 99 -59.02 12.50 -6.56
C GLN E 99 -57.61 11.94 -6.65
N GLY E 100 -57.43 10.81 -7.32
CA GLY E 100 -56.09 10.24 -7.47
C GLY E 100 -55.12 11.20 -8.14
N PHE E 101 -55.63 12.06 -9.02
CA PHE E 101 -54.77 13.09 -9.59
C PHE E 101 -54.24 14.01 -8.51
N LEU E 102 -55.17 14.59 -7.74
CA LEU E 102 -54.76 15.38 -6.57
C LEU E 102 -53.77 14.60 -5.72
N LYS E 103 -53.93 13.27 -5.68
CA LYS E 103 -53.09 12.44 -4.83
C LYS E 103 -51.66 12.40 -5.32
N ASN E 104 -51.47 12.09 -6.60
CA ASN E 104 -50.13 12.12 -7.17
C ASN E 104 -49.48 13.48 -6.96
N GLU E 105 -50.25 14.55 -7.17
CA GLU E 105 -49.73 15.89 -6.93
C GLU E 105 -49.19 16.02 -5.51
N LYS E 106 -50.06 15.82 -4.51
CA LYS E 106 -49.65 16.07 -3.14
C LYS E 106 -48.48 15.19 -2.73
N ASP E 107 -48.42 13.96 -3.26
CA ASP E 107 -47.28 13.11 -2.93
C ASP E 107 -45.98 13.72 -3.43
N ASN E 108 -46.00 14.22 -4.67
CA ASN E 108 -44.81 14.93 -5.14
C ASN E 108 -44.49 16.09 -4.22
N ALA E 109 -45.51 16.86 -3.80
CA ALA E 109 -45.26 18.02 -2.96
C ALA E 109 -44.58 17.64 -1.65
N LEU E 110 -44.98 16.51 -1.09
CA LEU E 110 -44.31 16.03 0.11
C LEU E 110 -42.84 15.80 -0.17
N LEU E 111 -42.56 14.91 -1.13
CA LEU E 111 -41.16 14.59 -1.44
C LEU E 111 -40.36 15.87 -1.65
N SER E 112 -41.01 16.88 -2.19
CA SER E 112 -40.35 18.16 -2.41
C SER E 112 -39.94 18.81 -1.11
N ALA E 113 -40.90 19.02 -0.21
CA ALA E 113 -40.57 19.67 1.05
C ALA E 113 -39.41 18.96 1.75
N ILE E 114 -39.44 17.63 1.76
CA ILE E 114 -38.37 16.88 2.42
C ILE E 114 -37.03 17.20 1.79
N GLU E 115 -36.90 16.97 0.49
CA GLU E 115 -35.62 17.22 -0.15
C GLU E 115 -35.17 18.65 0.09
N GLU E 116 -36.11 19.58 0.17
CA GLU E 116 -35.75 20.97 0.40
C GLU E 116 -35.01 21.13 1.71
N SER E 117 -35.53 20.49 2.76
CA SER E 117 -34.80 20.54 4.02
C SER E 117 -33.42 19.90 3.86
N ARG E 118 -33.35 18.76 3.17
CA ARG E 118 -32.05 18.12 2.95
C ARG E 118 -31.06 19.10 2.34
N LYS E 119 -31.50 19.86 1.36
CA LYS E 119 -30.63 20.87 0.77
C LYS E 119 -30.18 21.87 1.80
N ARG E 120 -31.13 22.61 2.41
CA ARG E 120 -30.76 23.68 3.33
C ARG E 120 -29.73 23.19 4.33
N THR E 121 -29.84 21.94 4.76
CA THR E 121 -28.85 21.38 5.66
C THR E 121 -27.49 21.29 5.00
N PHE E 122 -27.43 20.65 3.83
CA PHE E 122 -26.15 20.58 3.13
C PHE E 122 -25.53 21.97 2.98
N VAL E 123 -26.39 22.97 2.80
CA VAL E 123 -25.92 24.32 2.53
C VAL E 123 -25.23 24.91 3.75
N MET E 124 -25.93 24.94 4.88
CA MET E 124 -25.30 25.43 6.09
C MET E 124 -24.02 24.66 6.38
N ALA E 125 -24.00 23.37 6.05
CA ALA E 125 -22.77 22.60 6.24
C ALA E 125 -21.62 23.20 5.46
N GLU E 126 -21.82 23.45 4.17
CA GLU E 126 -20.74 24.02 3.37
C GLU E 126 -20.33 25.39 3.92
N GLU E 127 -21.30 26.18 4.37
CA GLU E 127 -20.97 27.49 4.92
C GLU E 127 -20.06 27.36 6.13
N TYR E 128 -20.30 26.33 6.94
CA TYR E 128 -19.40 26.10 8.07
C TYR E 128 -18.03 25.69 7.60
N HIS E 129 -17.96 24.82 6.60
CA HIS E 129 -16.65 24.48 6.03
C HIS E 129 -15.93 25.74 5.58
N ARG E 130 -16.68 26.73 5.10
CA ARG E 130 -16.06 27.94 4.61
C ARG E 130 -15.52 28.77 5.75
N GLU E 131 -16.39 29.16 6.69
CA GLU E 131 -15.94 29.90 7.86
C GLU E 131 -14.77 29.17 8.52
N SER E 132 -14.77 27.84 8.44
CA SER E 132 -13.62 27.06 8.88
C SER E 132 -12.37 27.45 8.12
N MET E 133 -12.41 27.33 6.80
CA MET E 133 -11.25 27.71 6.00
C MET E 133 -10.78 29.11 6.36
N LEU E 134 -11.71 30.03 6.61
CA LEU E 134 -11.32 31.40 6.93
C LEU E 134 -10.67 31.45 8.29
N VAL E 135 -11.15 30.66 9.23
CA VAL E 135 -10.48 30.52 10.51
C VAL E 135 -9.05 30.05 10.29
N GLU E 136 -8.88 29.05 9.41
CA GLU E 136 -7.55 28.52 9.14
C GLU E 136 -6.66 29.60 8.53
N TRP E 137 -7.25 30.46 7.70
CA TRP E 137 -6.47 31.50 7.07
C TRP E 137 -6.07 32.57 8.08
N GLU E 138 -6.98 32.93 8.99
CA GLU E 138 -6.63 33.86 10.05
C GLU E 138 -5.55 33.28 10.94
N GLN E 139 -5.59 31.96 11.14
CA GLN E 139 -4.54 31.30 11.88
C GLN E 139 -3.22 31.38 11.14
N VAL E 140 -3.24 31.12 9.83
CA VAL E 140 -2.03 31.22 9.02
C VAL E 140 -1.51 32.65 9.03
N LYS E 141 -2.43 33.63 9.10
CA LYS E 141 -2.03 35.03 9.02
C LYS E 141 -1.41 35.50 10.33
N GLN E 142 -2.09 35.25 11.45
CA GLN E 142 -1.48 35.49 12.76
C GLN E 142 -0.18 34.73 12.90
N ARG E 143 -0.08 33.56 12.26
CA ARG E 143 1.15 32.76 12.32
C ARG E 143 2.29 33.45 11.57
N VAL E 144 2.02 33.92 10.35
CA VAL E 144 3.04 34.66 9.60
C VAL E 144 3.42 35.92 10.35
N LEU E 145 2.45 36.59 10.98
CA LEU E 145 2.77 37.70 11.85
C LEU E 145 3.74 37.27 12.94
N HIS E 146 3.48 36.12 13.55
CA HIS E 146 4.43 35.55 14.49
C HIS E 146 5.77 35.31 13.83
N THR E 147 5.77 34.89 12.57
CA THR E 147 7.01 34.69 11.84
C THR E 147 7.58 36.02 11.37
N ASP E 179 23.60 36.97 27.63
CA ASP E 179 24.85 36.53 28.23
C ASP E 179 25.03 37.16 29.61
N ASN E 180 26.29 37.33 30.01
CA ASN E 180 26.58 37.81 31.35
C ASN E 180 25.90 39.14 31.64
N VAL E 181 26.06 40.13 30.78
CA VAL E 181 25.47 41.45 31.04
C VAL E 181 23.99 41.31 31.30
N GLU E 182 23.32 40.45 30.51
CA GLU E 182 21.94 40.14 30.80
C GLU E 182 21.79 39.65 32.23
N MET E 183 22.36 38.49 32.56
CA MET E 183 22.12 37.88 33.86
C MET E 183 22.43 38.86 35.00
N ALA E 184 23.38 39.75 34.80
CA ALA E 184 23.68 40.75 35.81
C ALA E 184 22.53 41.74 35.96
N TYR E 185 22.14 42.37 34.85
CA TYR E 185 20.98 43.27 34.91
C TYR E 185 19.73 42.53 35.37
N ALA E 186 19.71 41.22 35.19
CA ALA E 186 18.52 40.44 35.54
C ALA E 186 18.45 40.20 37.03
N ARG E 187 19.53 39.73 37.63
CA ARG E 187 19.60 39.71 39.08
C ARG E 187 19.29 41.10 39.63
N GLN E 188 19.74 42.14 38.93
CA GLN E 188 19.42 43.50 39.36
C GLN E 188 17.92 43.74 39.40
N MET E 189 17.22 43.43 38.30
CA MET E 189 15.78 43.66 38.28
C MET E 189 15.08 42.77 39.29
N TYR E 190 15.59 41.56 39.51
CA TYR E 190 15.00 40.68 40.51
C TYR E 190 15.08 41.32 41.88
N MET E 191 16.24 41.85 42.23
CA MET E 191 16.38 42.60 43.46
C MET E 191 15.45 43.79 43.49
N TYR E 192 15.33 44.50 42.37
CA TYR E 192 14.44 45.66 42.29
C TYR E 192 13.02 45.28 42.65
N ASN E 193 12.50 44.25 41.99
CA ASN E 193 11.14 43.79 42.26
C ASN E 193 10.99 43.34 43.71
N GLU E 194 11.88 42.47 44.17
CA GLU E 194 11.82 41.99 45.55
C GLU E 194 11.73 43.16 46.51
N LYS E 195 12.53 44.21 46.29
CA LYS E 195 12.45 45.39 47.13
C LYS E 195 11.08 46.05 47.00
N VAL E 196 10.65 46.30 45.77
CA VAL E 196 9.34 46.90 45.55
C VAL E 196 8.26 46.00 46.11
N VAL E 197 8.52 44.70 46.14
CA VAL E 197 7.59 43.75 46.72
C VAL E 197 7.64 43.86 48.24
N SER E 204 16.09 52.18 42.40
CA SER E 204 16.23 52.85 41.11
C SER E 204 16.84 51.91 40.10
N LEU E 205 16.07 51.56 39.08
CA LEU E 205 16.63 50.78 37.98
C LEU E 205 17.79 51.51 37.35
N VAL E 206 17.81 52.84 37.46
CA VAL E 206 18.95 53.60 36.96
C VAL E 206 20.22 53.22 37.71
N ASP E 207 20.17 53.30 39.04
CA ASP E 207 21.35 52.96 39.82
C ASP E 207 21.74 51.51 39.64
N LEU E 208 20.75 50.61 39.67
CA LEU E 208 21.05 49.20 39.50
C LEU E 208 21.72 48.94 38.16
N CYS E 209 21.15 49.48 37.09
CA CYS E 209 21.73 49.31 35.77
C CYS E 209 23.13 49.93 35.70
N THR E 210 23.32 51.11 36.28
CA THR E 210 24.62 51.76 36.19
C THR E 210 25.69 50.96 36.90
N GLU E 211 25.38 50.47 38.11
CA GLU E 211 26.31 49.61 38.81
C GLU E 211 26.57 48.35 38.00
N ALA E 212 25.55 47.83 37.33
CA ALA E 212 25.77 46.71 36.44
C ALA E 212 26.73 47.09 35.32
N ALA E 213 26.57 48.30 34.78
CA ALA E 213 27.36 48.71 33.63
C ALA E 213 28.83 48.86 34.00
N GLU E 214 29.09 49.61 35.08
CA GLU E 214 30.47 49.75 35.54
C GLU E 214 31.13 48.39 35.67
N ARG E 215 30.45 47.45 36.31
CA ARG E 215 30.96 46.09 36.41
C ARG E 215 31.10 45.44 35.04
N LEU E 216 30.34 45.87 34.04
CA LEU E 216 30.44 45.27 32.72
C LEU E 216 31.68 45.71 31.95
N ASP E 217 32.27 46.85 32.32
CA ASP E 217 33.56 47.29 31.81
C ASP E 217 33.53 47.74 30.35
N ASP E 218 32.38 48.17 29.85
CA ASP E 218 32.27 48.67 28.49
C ASP E 218 32.25 50.19 28.55
N LYS E 219 33.21 50.83 27.88
CA LYS E 219 33.31 52.29 27.95
C LYS E 219 32.04 52.97 27.48
N ASN E 220 31.68 52.79 26.21
CA ASN E 220 30.54 53.50 25.65
C ASN E 220 29.31 53.34 26.51
N VAL E 221 29.06 52.12 26.99
CA VAL E 221 27.91 51.90 27.84
C VAL E 221 28.04 52.69 29.13
N SER E 222 29.26 52.75 29.69
CA SER E 222 29.44 53.56 30.88
C SER E 222 29.01 54.98 30.59
N ASP E 223 29.47 55.52 29.48
CA ASP E 223 29.09 56.88 29.12
C ASP E 223 27.59 57.01 28.98
N LEU E 224 26.99 56.15 28.18
CA LEU E 224 25.57 56.28 27.90
C LEU E 224 24.74 56.15 29.16
N TRP E 225 25.12 55.23 30.04
CA TRP E 225 24.37 55.06 31.27
C TRP E 225 24.51 56.25 32.17
N VAL E 226 25.72 56.78 32.31
CA VAL E 226 25.88 58.01 33.09
C VAL E 226 25.01 59.10 32.51
N MET E 227 24.94 59.15 31.18
CA MET E 227 24.09 60.13 30.52
C MET E 227 22.62 59.84 30.83
N VAL E 228 22.25 58.58 30.85
CA VAL E 228 20.88 58.22 31.16
C VAL E 228 20.51 58.78 32.51
N LYS E 229 21.31 58.45 33.51
CA LYS E 229 21.12 59.03 34.83
C LYS E 229 21.01 60.54 34.73
N GLN E 230 22.04 61.18 34.17
CA GLN E 230 22.11 62.62 34.17
C GLN E 230 20.88 63.24 33.54
N MET E 231 20.46 62.71 32.40
CA MET E 231 19.31 63.23 31.69
C MET E 231 18.01 62.90 32.40
N THR E 232 18.01 61.90 33.27
CA THR E 232 16.78 61.46 33.89
C THR E 232 16.34 62.34 35.05
N ASP E 233 17.27 63.00 35.73
CA ASP E 233 16.92 63.80 36.89
C ASP E 233 16.11 65.01 36.49
N ASP E 241 -0.73 61.57 32.22
CA ASP E 241 -0.54 61.28 30.80
C ASP E 241 0.88 61.64 30.37
N THR E 242 1.76 60.64 30.41
CA THR E 242 3.18 60.87 30.14
C THR E 242 3.40 61.66 28.87
N LEU E 243 2.53 61.50 27.89
CA LEU E 243 2.61 62.34 26.69
C LEU E 243 2.54 63.82 27.06
N LYS E 244 1.58 64.18 27.91
CA LYS E 244 1.47 65.57 28.33
C LYS E 244 2.73 66.04 29.03
N SER E 245 3.32 65.17 29.86
CA SER E 245 4.50 65.57 30.61
C SER E 245 5.70 65.77 29.69
N ARG E 246 5.88 64.87 28.71
CA ARG E 246 7.04 64.97 27.83
C ARG E 246 7.07 66.30 27.09
N CYS E 247 5.89 66.89 26.85
CA CYS E 247 5.78 68.08 26.03
C CYS E 247 5.71 69.37 26.83
N SER E 248 5.63 69.32 28.15
CA SER E 248 5.42 70.53 28.93
C SER E 248 6.66 71.41 28.90
N GLY E 249 6.44 72.71 28.75
CA GLY E 249 7.55 73.63 28.58
C GLY E 249 8.58 73.52 29.67
N GLN E 250 8.14 73.39 30.92
CA GLN E 250 9.07 73.18 32.01
C GLN E 250 9.88 71.90 31.79
N MET E 251 9.22 70.83 31.33
CA MET E 251 9.92 69.58 31.12
C MET E 251 10.99 69.71 30.04
N GLN E 252 10.65 70.39 28.95
CA GLN E 252 11.65 70.64 27.93
C GLN E 252 12.81 71.44 28.49
N MET E 253 12.50 72.50 29.24
CA MET E 253 13.56 73.30 29.83
C MET E 253 14.49 72.45 30.68
N ALA E 254 13.92 71.51 31.41
CA ALA E 254 14.74 70.69 32.28
C ALA E 254 15.61 69.73 31.49
N PHE E 255 15.01 69.00 30.56
CA PHE E 255 15.79 68.07 29.75
C PHE E 255 16.92 68.80 29.05
N VAL E 256 16.64 70.02 28.57
CA VAL E 256 17.67 70.77 27.89
C VAL E 256 18.79 71.14 28.85
N ARG E 257 18.48 71.91 29.90
CA ARG E 257 19.51 72.33 30.84
C ARG E 257 20.34 71.13 31.32
N GLN E 258 19.71 69.97 31.41
CA GLN E 258 20.43 68.77 31.81
C GLN E 258 21.45 68.36 30.74
N ALA E 259 21.01 68.27 29.49
CA ALA E 259 21.95 67.92 28.44
C ALA E 259 23.05 68.96 28.33
N LEU E 260 22.71 70.22 28.56
CA LEU E 260 23.71 71.30 28.54
C LEU E 260 24.74 71.07 29.62
N ASN E 261 24.30 70.70 30.81
CA ASN E 261 25.24 70.32 31.87
C ASN E 261 26.12 69.17 31.40
N TYR E 262 25.52 68.13 30.84
CA TYR E 262 26.29 66.98 30.38
C TYR E 262 27.39 67.41 29.44
N LEU E 263 27.04 68.22 28.44
CA LEU E 263 28.01 68.64 27.44
C LEU E 263 29.05 69.59 28.03
N GLU E 264 28.62 70.49 28.91
CA GLU E 264 29.54 71.38 29.58
C GLU E 264 30.63 70.60 30.29
N GLN E 265 30.22 69.67 31.13
CA GLN E 265 31.19 68.83 31.83
C GLN E 265 32.02 68.02 30.85
N SER E 266 31.39 67.54 29.77
CA SER E 266 32.13 66.74 28.80
C SER E 266 33.30 67.53 28.23
N TYR E 267 33.01 68.68 27.63
CA TYR E 267 34.09 69.44 27.02
C TYR E 267 35.06 69.97 28.07
N LYS E 268 34.59 70.22 29.30
CA LYS E 268 35.53 70.64 30.34
C LYS E 268 36.49 69.51 30.69
N ASN E 269 35.97 68.28 30.71
CA ASN E 269 36.85 67.12 30.84
C ASN E 269 37.82 67.05 29.68
N TYR E 270 37.34 67.35 28.47
CA TYR E 270 38.23 67.40 27.32
C TYR E 270 39.35 68.40 27.55
N THR E 271 39.00 69.55 28.13
CA THR E 271 40.00 70.58 28.42
C THR E 271 41.01 70.08 29.43
N LEU E 272 40.54 69.48 30.50
CA LEU E 272 41.43 68.91 31.49
C LEU E 272 42.38 67.91 30.85
N ILE E 273 41.84 66.99 30.05
CA ILE E 273 42.65 65.95 29.45
C ILE E 273 43.70 66.55 28.53
N SER E 274 43.29 67.47 27.66
CA SER E 274 44.23 68.04 26.70
C SER E 274 45.32 68.83 27.41
N VAL E 275 44.96 69.62 28.42
CA VAL E 275 45.96 70.41 29.11
C VAL E 275 46.93 69.52 29.87
N PHE E 276 46.41 68.48 30.53
CA PHE E 276 47.29 67.60 31.28
C PHE E 276 48.17 66.77 30.37
N ALA E 277 47.74 66.56 29.13
CA ALA E 277 48.61 65.88 28.18
C ALA E 277 49.64 66.82 27.57
N ASN E 278 49.30 68.10 27.42
CA ASN E 278 50.16 69.06 26.74
C ASN E 278 50.73 70.07 27.72
N LEU E 279 50.96 69.64 28.97
CA LEU E 279 51.61 70.47 29.98
C LEU E 279 52.75 71.30 29.42
N GLN E 280 53.71 70.67 28.74
CA GLN E 280 54.89 71.40 28.26
C GLN E 280 54.52 72.68 27.54
N GLN E 281 53.61 72.58 26.56
CA GLN E 281 53.19 73.77 25.84
C GLN E 281 52.20 74.60 26.65
N ALA E 282 51.59 73.98 27.65
CA ALA E 282 50.48 74.62 28.35
C ALA E 282 50.93 75.80 29.19
N GLN E 283 52.08 75.70 29.85
CA GLN E 283 52.45 76.66 30.89
C GLN E 283 51.26 76.87 31.82
N LEU E 284 50.83 75.77 32.42
CA LEU E 284 49.54 75.73 33.12
C LEU E 284 49.44 76.71 34.27
N GLY E 285 50.52 76.93 35.00
CA GLY E 285 50.38 77.72 36.19
C GLY E 285 49.76 76.88 37.31
N GLY E 286 49.87 77.42 38.51
CA GLY E 286 49.50 76.69 39.71
C GLY E 286 48.13 76.99 40.28
N TYR E 291 39.92 81.10 34.74
CA TYR E 291 40.54 81.85 33.67
C TYR E 291 41.80 81.16 33.18
N ASN E 292 42.57 80.62 34.12
CA ASN E 292 43.87 80.07 33.77
C ASN E 292 43.75 78.92 32.78
N LEU E 293 42.96 77.89 33.13
CA LEU E 293 42.91 76.69 32.31
C LEU E 293 42.59 77.02 30.86
N VAL E 294 41.66 77.94 30.64
CA VAL E 294 41.31 78.28 29.28
C VAL E 294 42.49 78.93 28.56
N ARG E 295 43.23 79.78 29.26
CA ARG E 295 44.42 80.36 28.64
C ARG E 295 45.40 79.26 28.26
N SER E 296 45.61 78.30 29.16
CA SER E 296 46.49 77.20 28.85
C SER E 296 46.01 76.46 27.60
N PHE E 297 44.71 76.21 27.50
CA PHE E 297 44.20 75.54 26.31
C PHE E 297 44.41 76.39 25.07
N LEU E 298 44.07 77.68 25.14
CA LEU E 298 44.22 78.58 24.01
C LEU E 298 45.65 78.59 23.51
N ASN E 299 46.61 78.36 24.41
CA ASN E 299 47.97 78.18 23.95
C ASN E 299 48.10 76.94 23.08
N ILE E 300 47.51 75.83 23.52
CA ILE E 300 47.57 74.60 22.74
C ILE E 300 46.71 74.68 21.49
N ARG E 301 45.57 75.35 21.60
CA ARG E 301 44.69 75.56 20.46
C ARG E 301 45.34 76.51 19.46
N VAL E 319 39.64 88.70 22.80
CA VAL E 319 38.74 88.59 23.95
C VAL E 319 37.56 87.69 23.60
N TRP E 320 37.07 87.79 22.37
CA TRP E 320 35.98 86.91 21.96
C TRP E 320 36.42 85.45 21.98
N ALA E 321 37.68 85.18 21.64
CA ALA E 321 38.16 83.80 21.65
C ALA E 321 38.11 83.21 23.06
N LEU E 322 38.50 84.00 24.07
CA LEU E 322 38.50 83.49 25.44
C LEU E 322 37.10 83.10 25.87
N ILE E 323 36.14 84.01 25.74
CA ILE E 323 34.78 83.71 26.18
C ILE E 323 34.19 82.55 25.39
N TYR E 324 34.45 82.52 24.07
CA TYR E 324 33.94 81.43 23.26
C TYR E 324 34.45 80.09 23.76
N TYR E 325 35.77 79.89 23.70
CA TYR E 325 36.32 78.62 24.14
C TYR E 325 35.98 78.32 25.58
N CYS E 326 35.71 79.34 26.39
CA CYS E 326 35.26 79.11 27.75
C CYS E 326 33.89 78.46 27.77
N MET E 327 32.90 79.15 27.21
CA MET E 327 31.54 78.65 27.25
C MET E 327 31.44 77.27 26.62
N ARG E 328 32.27 76.99 25.61
CA ARG E 328 32.20 75.67 25.00
C ARG E 328 32.83 74.61 25.89
N CYS E 329 33.52 75.01 26.93
CA CYS E 329 33.89 74.08 27.98
C CYS E 329 32.91 74.13 29.14
N GLY E 330 31.87 74.94 29.02
CA GLY E 330 30.73 74.87 29.91
C GLY E 330 30.81 75.67 31.18
N ASP E 331 31.90 76.39 31.41
CA ASP E 331 32.02 77.20 32.62
C ASP E 331 31.73 78.66 32.22
N LEU E 332 30.48 79.06 32.39
CA LEU E 332 30.10 80.42 32.02
C LEU E 332 30.72 81.47 32.94
N MET E 333 31.12 81.09 34.15
CA MET E 333 31.59 82.08 35.12
C MET E 333 33.02 82.54 34.80
N ALA E 334 33.84 81.66 34.23
CA ALA E 334 35.16 82.10 33.79
C ALA E 334 35.02 83.12 32.67
N ALA E 335 34.20 82.83 31.67
CA ALA E 335 33.91 83.81 30.64
C ALA E 335 33.31 85.07 31.25
N GLN E 336 32.59 84.94 32.36
CA GLN E 336 32.05 86.12 33.04
C GLN E 336 33.17 87.00 33.58
N GLN E 337 34.15 86.40 34.25
CA GLN E 337 35.31 87.16 34.68
C GLN E 337 36.00 87.81 33.50
N VAL E 338 36.11 87.08 32.39
CA VAL E 338 36.81 87.59 31.22
C VAL E 338 36.11 88.82 30.66
N VAL E 339 34.78 88.76 30.56
CA VAL E 339 34.03 89.93 30.11
C VAL E 339 34.12 91.04 31.13
N ASN E 340 34.22 90.70 32.41
CA ASN E 340 34.35 91.71 33.45
C ASN E 340 35.63 92.52 33.28
N ARG E 341 36.72 91.86 32.91
CA ARG E 341 38.00 92.57 32.82
C ARG E 341 38.04 93.54 31.65
N ALA E 342 37.54 93.14 30.48
CA ALA E 342 37.57 93.98 29.28
C ALA E 342 36.29 94.78 29.09
N GLN E 343 35.57 95.05 30.18
CA GLN E 343 34.27 95.72 30.11
C GLN E 343 34.38 97.13 29.58
N ASP E 348 24.75 101.53 32.38
CA ASP E 348 23.51 100.81 32.15
C ASP E 348 23.79 99.47 31.49
N PHE E 349 24.98 99.33 30.92
CA PHE E 349 25.33 98.09 30.22
C PHE E 349 25.67 96.98 31.18
N LYS E 350 26.03 97.32 32.43
CA LYS E 350 26.41 96.31 33.40
C LYS E 350 25.19 95.56 33.94
N ASN E 351 24.17 96.32 34.37
CA ASN E 351 22.90 95.68 34.73
C ASN E 351 22.38 94.84 33.58
N CYS E 352 22.57 95.31 32.35
CA CYS E 352 22.15 94.55 31.17
C CYS E 352 22.93 93.25 31.06
N PHE E 353 24.26 93.31 31.18
CA PHE E 353 25.09 92.12 31.09
C PHE E 353 24.68 91.09 32.15
N GLN E 354 24.55 91.52 33.40
CA GLN E 354 24.11 90.61 34.45
C GLN E 354 22.75 90.03 34.10
N GLU E 355 21.85 90.86 33.58
CA GLU E 355 20.56 90.38 33.13
C GLU E 355 20.71 89.28 32.11
N TYR E 356 21.73 89.39 31.25
CA TYR E 356 21.91 88.39 30.21
C TYR E 356 22.38 87.08 30.79
N ILE E 357 23.37 87.11 31.67
CA ILE E 357 23.93 85.89 32.22
C ILE E 357 23.15 85.48 33.46
N HIS E 358 23.27 86.28 34.52
CA HIS E 358 22.87 85.78 35.83
C HIS E 358 21.63 86.49 36.35
N ASN E 359 21.66 87.82 36.41
CA ASN E 359 20.63 88.56 37.13
C ASN E 359 19.27 88.36 36.48
N LYS E 360 18.26 88.08 37.30
CA LYS E 360 16.92 87.86 36.78
C LYS E 360 16.43 89.09 36.02
N ASP E 361 16.48 90.25 36.65
CA ASP E 361 16.21 91.52 36.00
C ASP E 361 14.76 91.63 35.52
N ARG E 362 13.82 91.26 36.38
CA ARG E 362 12.42 91.56 36.09
C ARG E 362 12.24 93.06 35.98
N ARG E 363 11.74 93.52 34.84
CA ARG E 363 11.62 94.93 34.57
C ARG E 363 10.22 95.22 34.06
N LEU E 364 9.79 96.48 34.19
CA LEU E 364 8.45 96.90 33.82
C LEU E 364 8.54 97.77 32.58
N SER E 365 7.78 97.40 31.57
CA SER E 365 7.77 98.05 30.25
C SER E 365 9.19 98.21 29.72
N PRO E 366 10.04 97.20 29.85
CA PRO E 366 11.37 97.29 29.24
C PRO E 366 11.47 96.45 27.99
N THR E 367 12.34 96.83 27.07
CA THR E 367 12.50 96.14 25.79
C THR E 367 13.85 95.45 25.77
N THR E 368 13.84 94.14 25.57
CA THR E 368 15.03 93.31 25.64
C THR E 368 15.12 92.43 24.40
N GLU E 369 16.36 92.20 23.96
CA GLU E 369 16.70 91.29 22.88
C GLU E 369 16.23 91.81 21.52
N ASN E 370 15.46 92.90 21.52
CA ASN E 370 15.20 93.59 20.27
C ASN E 370 16.39 94.43 19.88
N LYS E 371 17.00 95.14 20.81
CA LYS E 371 18.13 96.00 20.48
C LYS E 371 19.37 95.20 20.10
N LEU E 372 19.63 94.10 20.81
CA LEU E 372 20.82 93.31 20.53
C LEU E 372 20.80 92.74 19.13
N ARG E 373 19.72 92.03 18.78
CA ARG E 373 19.60 91.47 17.44
C ARG E 373 19.74 92.55 16.38
N LEU E 374 19.21 93.74 16.67
CA LEU E 374 19.28 94.83 15.70
C LEU E 374 20.73 95.15 15.35
N HIS E 375 21.50 95.62 16.33
CA HIS E 375 22.89 95.94 16.07
C HIS E 375 23.63 94.75 15.48
N TYR E 376 23.36 93.55 16.01
CA TYR E 376 24.04 92.37 15.53
C TYR E 376 23.85 92.21 14.02
N ARG E 377 22.60 92.32 13.57
CA ARG E 377 22.34 92.29 12.13
C ARG E 377 23.03 93.44 11.42
N ARG E 378 23.04 94.62 12.04
CA ARG E 378 23.64 95.78 11.43
C ARG E 378 25.14 95.61 11.24
N ALA E 379 25.87 95.44 12.35
CA ALA E 379 27.32 95.48 12.31
C ALA E 379 27.91 94.10 12.51
N VAL E 380 27.51 93.43 13.59
CA VAL E 380 28.16 92.18 13.98
C VAL E 380 27.97 91.10 12.94
N ARG E 381 26.80 91.07 12.29
CA ARG E 381 26.52 90.01 11.33
C ARG E 381 27.60 89.91 10.26
N ALA E 382 28.28 91.02 9.98
CA ALA E 382 29.36 91.03 9.00
C ALA E 382 30.74 91.06 9.62
N SER E 383 30.83 91.04 10.95
CA SER E 383 32.11 91.21 11.62
C SER E 383 33.14 90.20 11.14
N THR E 384 34.40 90.59 11.17
CA THR E 384 35.49 89.67 10.85
C THR E 384 35.96 88.86 12.06
N ASP E 385 35.25 88.96 13.19
CA ASP E 385 35.59 88.19 14.38
C ASP E 385 34.63 87.01 14.50
N PRO E 386 35.01 85.81 14.08
CA PRO E 386 34.09 84.68 14.20
C PRO E 386 33.59 84.47 15.61
N TYR E 387 34.48 84.50 16.59
CA TYR E 387 34.05 84.32 17.96
C TYR E 387 33.03 85.38 18.36
N LYS E 388 33.26 86.63 17.96
CA LYS E 388 32.35 87.70 18.35
C LYS E 388 30.95 87.48 17.78
N ARG E 389 30.87 87.19 16.47
CA ARG E 389 29.57 86.98 15.86
C ARG E 389 28.87 85.77 16.47
N ALA E 390 29.63 84.72 16.76
CA ALA E 390 29.04 83.55 17.41
C ALA E 390 28.45 83.93 18.77
N VAL E 391 29.18 84.75 19.53
CA VAL E 391 28.70 85.18 20.84
C VAL E 391 27.44 86.01 20.70
N TYR E 392 27.39 86.86 19.67
CA TYR E 392 26.18 87.64 19.42
C TYR E 392 25.00 86.73 19.14
N CYS E 393 25.20 85.75 18.26
CA CYS E 393 24.16 84.75 18.00
C CYS E 393 23.67 84.12 19.28
N ILE E 394 24.59 83.71 20.15
CA ILE E 394 24.22 83.04 21.38
C ILE E 394 23.39 83.95 22.27
N ILE E 395 23.85 85.19 22.44
CA ILE E 395 23.19 86.08 23.38
C ILE E 395 21.81 86.47 22.88
N GLY E 396 21.71 86.90 21.63
CA GLY E 396 20.47 87.50 21.17
C GLY E 396 19.48 86.57 20.49
N ARG E 397 19.75 85.27 20.46
CA ARG E 397 18.89 84.28 19.80
C ARG E 397 18.53 84.74 18.39
N CYS E 398 19.57 84.91 17.56
CA CYS E 398 19.38 85.33 16.19
C CYS E 398 20.37 84.58 15.31
N ASP E 399 20.17 84.71 14.00
CA ASP E 399 21.07 84.14 13.00
C ASP E 399 21.22 82.64 13.19
N VAL E 400 20.12 81.98 13.57
CA VAL E 400 20.15 80.55 13.79
C VAL E 400 20.61 79.77 12.57
N SER E 401 20.61 80.39 11.40
CA SER E 401 21.09 79.70 10.21
C SER E 401 22.59 79.47 10.26
N ASP E 402 23.34 80.37 10.89
CA ASP E 402 24.79 80.32 10.84
C ASP E 402 25.33 79.19 11.68
N ASN E 403 25.95 78.21 11.02
CA ASN E 403 26.67 77.20 11.77
C ASN E 403 27.83 77.80 12.54
N HIS E 404 28.25 79.02 12.17
CA HIS E 404 29.39 79.69 12.78
C HIS E 404 30.52 78.70 13.01
N SER E 405 30.72 77.80 12.05
CA SER E 405 31.62 76.68 12.26
C SER E 405 33.06 77.12 12.35
N GLU E 406 33.36 78.38 12.06
CA GLU E 406 34.71 78.87 12.28
C GLU E 406 35.16 78.62 13.71
N VAL E 407 34.26 78.78 14.67
CA VAL E 407 34.57 78.51 16.07
C VAL E 407 33.81 77.32 16.63
N ALA E 408 33.07 76.58 15.81
CA ALA E 408 32.31 75.41 16.25
C ALA E 408 32.61 74.26 15.29
N ASP E 409 33.41 73.30 15.74
CA ASP E 409 33.85 72.24 14.86
C ASP E 409 33.31 70.87 15.21
N LYS E 410 32.96 70.62 16.46
CA LYS E 410 32.48 69.30 16.87
C LYS E 410 30.97 69.33 17.09
N THR E 411 30.32 68.27 16.63
CA THR E 411 28.87 68.13 16.84
C THR E 411 28.49 68.59 18.23
N GLU E 412 29.33 68.27 19.21
CA GLU E 412 29.19 68.84 20.53
C GLU E 412 28.88 70.33 20.45
N ASP E 413 29.72 71.09 19.77
CA ASP E 413 29.45 72.51 19.66
C ASP E 413 28.13 72.76 18.96
N TYR E 414 27.98 72.28 17.72
CA TYR E 414 26.76 72.54 16.96
C TYR E 414 25.53 72.41 17.83
N LEU E 415 25.45 71.32 18.57
CA LEU E 415 24.41 71.20 19.58
C LEU E 415 24.46 72.38 20.52
N TRP E 416 25.52 72.47 21.31
CA TRP E 416 25.59 73.49 22.37
C TRP E 416 25.07 74.82 21.90
N LEU E 417 25.53 75.27 20.74
CA LEU E 417 25.07 76.53 20.17
C LEU E 417 23.58 76.49 19.89
N LYS E 418 23.18 75.62 18.95
CA LYS E 418 21.79 75.65 18.50
C LYS E 418 20.84 75.53 19.68
N LEU E 419 21.14 74.62 20.59
CA LEU E 419 20.43 74.58 21.85
C LEU E 419 20.38 75.95 22.49
N SER E 420 21.54 76.53 22.80
CA SER E 420 21.58 77.80 23.48
C SER E 420 20.76 78.85 22.77
N GLN E 421 20.44 78.63 21.50
CA GLN E 421 19.61 79.57 20.76
C GLN E 421 18.12 79.28 20.88
N VAL E 422 17.74 78.17 21.49
CA VAL E 422 16.34 77.75 21.48
C VAL E 422 15.42 78.78 22.14
N THR E 437 11.93 77.15 18.35
CA THR E 437 10.80 76.43 18.90
C THR E 437 11.09 74.95 18.92
N LEU E 438 11.12 74.39 20.13
CA LEU E 438 11.68 73.06 20.35
C LEU E 438 11.28 72.05 19.28
N PRO E 439 10.02 71.95 18.88
CA PRO E 439 9.69 70.98 17.83
C PRO E 439 10.37 71.27 16.52
N GLN E 440 10.57 72.55 16.19
CA GLN E 440 11.25 72.86 14.94
C GLN E 440 12.62 72.21 14.89
N PHE E 441 13.49 72.55 15.83
CA PHE E 441 14.79 71.91 15.87
C PHE E 441 14.67 70.41 16.01
N GLN E 442 13.62 69.94 16.69
CA GLN E 442 13.43 68.51 16.85
C GLN E 442 13.32 67.83 15.50
N LYS E 443 12.39 68.30 14.68
CA LYS E 443 12.29 67.78 13.32
C LYS E 443 13.60 67.97 12.60
N GLN E 444 14.17 69.16 12.70
CA GLN E 444 15.39 69.46 11.96
C GLN E 444 16.42 68.36 12.18
N LEU E 445 16.79 68.13 13.42
CA LEU E 445 17.81 67.11 13.69
C LEU E 445 17.28 65.74 13.33
N PHE E 446 16.03 65.45 13.66
CA PHE E 446 15.48 64.14 13.38
C PHE E 446 15.20 63.95 11.90
N GLU E 447 14.47 64.87 11.29
CA GLU E 447 14.05 64.74 9.90
C GLU E 447 15.08 65.30 8.92
N ASP E 448 15.38 66.59 9.01
CA ASP E 448 16.30 67.19 8.05
C ASP E 448 17.67 66.52 8.07
N TYR E 449 18.30 66.44 9.24
CA TYR E 449 19.57 65.76 9.30
C TYR E 449 19.42 64.26 9.09
N GLY E 450 18.48 63.64 9.79
CA GLY E 450 18.31 62.22 9.61
C GLY E 450 19.53 61.44 10.06
N GLU E 451 19.42 60.13 9.86
CA GLU E 451 20.47 59.24 10.33
C GLU E 451 21.78 59.46 9.60
N SER E 452 21.77 59.37 8.27
CA SER E 452 23.01 59.33 7.51
C SER E 452 23.94 60.46 7.88
N HIS E 453 23.39 61.66 8.11
CA HIS E 453 24.20 62.77 8.57
C HIS E 453 24.93 62.39 9.84
N PHE E 454 24.24 61.76 10.78
CA PHE E 454 24.86 61.39 12.03
C PHE E 454 25.77 60.19 11.90
N ALA E 455 25.77 59.53 10.74
CA ALA E 455 26.67 58.42 10.46
C ALA E 455 26.72 57.44 11.62
N VAL E 456 25.54 57.18 12.20
CA VAL E 456 25.43 56.44 13.47
C VAL E 456 26.20 55.13 13.43
N ASN E 457 26.49 54.62 12.24
CA ASN E 457 27.17 53.34 12.07
C ASN E 457 28.35 53.19 13.02
N GLN E 458 29.19 54.21 13.12
CA GLN E 458 30.24 54.22 14.13
C GLN E 458 29.76 54.79 15.45
N GLN E 459 28.95 55.83 15.42
CA GLN E 459 28.61 56.60 16.60
C GLN E 459 27.12 56.46 16.90
N PRO E 460 26.64 55.24 17.09
CA PRO E 460 25.29 55.08 17.61
C PRO E 460 25.09 55.88 18.87
N TYR E 461 26.01 55.76 19.81
CA TYR E 461 25.93 56.54 21.03
C TYR E 461 25.74 58.01 20.74
N LEU E 462 26.39 58.52 19.69
CA LEU E 462 26.18 59.90 19.32
C LEU E 462 24.73 60.16 18.98
N TYR E 463 24.25 59.54 17.90
CA TYR E 463 22.89 59.81 17.43
C TYR E 463 21.88 59.64 18.56
N PHE E 464 22.13 58.68 19.44
CA PHE E 464 21.33 58.59 20.65
C PHE E 464 21.41 59.89 21.41
N GLN E 465 22.59 60.24 21.89
CA GLN E 465 22.76 61.46 22.67
C GLN E 465 22.04 62.62 22.00
N VAL E 466 22.12 62.68 20.69
CA VAL E 466 21.45 63.74 19.94
C VAL E 466 19.95 63.67 20.19
N LEU E 467 19.38 62.48 20.02
CA LEU E 467 17.94 62.38 20.20
C LEU E 467 17.55 62.62 21.65
N PHE E 468 18.18 61.89 22.57
CA PHE E 468 17.75 61.89 23.96
C PHE E 468 17.95 63.25 24.61
N LEU E 469 19.00 63.97 24.20
CA LEU E 469 19.19 65.32 24.71
C LEU E 469 18.02 66.21 24.36
N THR E 470 17.38 65.96 23.22
CA THR E 470 16.30 66.80 22.75
C THR E 470 14.92 66.31 23.17
N ALA E 471 14.85 65.39 24.14
CA ALA E 471 13.58 64.88 24.66
C ALA E 471 12.79 64.16 23.58
N GLN E 472 13.46 63.34 22.78
CA GLN E 472 12.81 62.55 21.73
C GLN E 472 12.75 61.07 22.12
N PHE E 473 12.50 60.86 23.41
CA PHE E 473 12.78 59.57 24.04
C PHE E 473 12.44 58.39 23.15
N GLU E 474 11.23 58.37 22.62
CA GLU E 474 10.83 57.27 21.76
C GLU E 474 11.80 57.08 20.62
N ALA E 475 12.25 58.18 20.02
CA ALA E 475 13.24 58.05 18.96
C ALA E 475 14.46 57.29 19.46
N ALA E 476 15.21 57.90 20.39
CA ALA E 476 16.44 57.28 20.85
C ALA E 476 16.23 55.82 21.17
N ILE E 477 15.16 55.53 21.92
CA ILE E 477 14.86 54.15 22.21
C ILE E 477 14.82 53.34 20.92
N ALA E 478 14.00 53.77 19.97
CA ALA E 478 13.80 52.97 18.76
C ALA E 478 15.10 52.78 18.03
N PHE E 479 15.80 53.88 17.79
CA PHE E 479 17.04 53.82 17.04
C PHE E 479 17.98 52.84 17.68
N LEU E 480 18.38 53.10 18.93
CA LEU E 480 19.31 52.20 19.57
C LEU E 480 18.78 50.78 19.59
N PHE E 481 17.46 50.64 19.59
CA PHE E 481 16.88 49.30 19.55
C PHE E 481 17.25 48.59 18.28
N ARG E 482 17.17 49.29 17.15
CA ARG E 482 17.56 48.68 15.89
C ARG E 482 18.94 48.04 15.99
N LEU E 483 19.81 48.59 16.81
CA LEU E 483 21.13 48.03 17.01
C LEU E 483 21.02 46.75 17.82
N GLU E 484 21.87 45.77 17.51
CA GLU E 484 21.88 44.52 18.27
C GLU E 484 22.52 44.71 19.63
N ARG E 485 23.77 45.14 19.65
CA ARG E 485 24.51 45.26 20.89
C ARG E 485 23.82 46.13 21.92
N THR E 486 22.96 47.04 21.49
CA THR E 486 22.30 47.96 22.41
C THR E 486 20.98 47.45 22.96
N ARG E 487 20.47 46.33 22.42
CA ARG E 487 19.11 45.92 22.71
C ARG E 487 18.82 45.93 24.21
N CYS E 488 19.43 45.01 24.95
CA CYS E 488 19.14 44.90 26.37
C CYS E 488 19.14 46.27 27.03
N HIS E 489 20.12 47.09 26.67
CA HIS E 489 20.22 48.40 27.28
C HIS E 489 18.92 49.16 27.13
N ALA E 490 18.54 49.48 25.89
CA ALA E 490 17.34 50.26 25.66
C ALA E 490 16.18 49.69 26.46
N VAL E 491 16.14 48.36 26.56
CA VAL E 491 15.04 47.72 27.26
C VAL E 491 14.92 48.28 28.67
N HIS E 492 15.96 48.08 29.48
CA HIS E 492 15.90 48.63 30.82
C HIS E 492 15.65 50.11 30.76
N VAL E 493 16.29 50.77 29.79
CA VAL E 493 16.04 52.18 29.59
C VAL E 493 14.55 52.44 29.47
N ALA E 494 13.93 51.80 28.48
CA ALA E 494 12.50 51.96 28.31
C ALA E 494 11.78 51.69 29.62
N LEU E 495 12.13 50.59 30.28
CA LEU E 495 11.45 50.25 31.51
C LEU E 495 11.55 51.39 32.50
N ALA E 496 12.76 51.94 32.66
CA ALA E 496 12.93 53.10 33.53
C ALA E 496 11.94 54.18 33.16
N LEU E 497 11.92 54.56 31.88
CA LEU E 497 11.00 55.59 31.43
C LEU E 497 9.56 55.22 31.74
N PHE E 498 9.21 53.94 31.60
CA PHE E 498 7.82 53.52 31.79
C PHE E 498 7.33 53.87 33.18
N GLU E 499 7.93 53.26 34.20
CA GLU E 499 7.56 53.59 35.57
C GLU E 499 7.75 55.07 35.85
N LEU E 500 8.74 55.69 35.22
CA LEU E 500 8.98 57.11 35.43
C LEU E 500 7.81 57.97 34.99
N LYS E 501 6.79 57.37 34.40
CA LYS E 501 5.76 58.12 33.68
C LYS E 501 6.40 58.99 32.62
N LEU E 502 7.46 58.46 32.00
CA LEU E 502 8.27 59.21 31.06
C LEU E 502 8.35 58.55 29.69
N LEU E 503 7.70 57.41 29.50
CA LEU E 503 7.67 56.77 28.20
C LEU E 503 6.26 56.85 27.63
N LEU E 504 6.18 57.07 26.32
CA LEU E 504 4.90 57.16 25.63
C LEU E 504 4.67 55.86 24.88
N LYS E 505 3.58 55.18 25.22
CA LYS E 505 3.29 53.89 24.62
C LYS E 505 2.36 54.06 23.43
N SER E 506 2.49 53.15 22.47
CA SER E 506 1.54 53.10 21.37
C SER E 506 0.31 52.31 21.79
N THR E 507 -0.83 52.67 21.19
CA THR E 507 -2.10 52.14 21.67
C THR E 507 -2.43 50.79 21.07
N GLY E 508 -2.13 50.57 19.80
CA GLY E 508 -2.52 49.35 19.10
C GLY E 508 -1.37 48.39 19.02
N GLN E 509 -1.66 47.10 19.24
CA GLN E 509 -0.60 46.11 19.35
C GLN E 509 0.18 45.96 18.05
N SER E 510 -0.51 45.83 16.92
CA SER E 510 0.16 45.59 15.65
C SER E 510 0.87 46.81 15.09
N ALA E 511 0.93 47.90 15.83
CA ALA E 511 1.68 49.07 15.37
C ALA E 511 3.17 48.72 15.25
N GLN E 512 3.83 49.33 14.27
CA GLN E 512 5.27 49.20 14.16
C GLN E 512 5.94 49.78 15.42
N LEU E 513 7.17 49.33 15.67
CA LEU E 513 7.81 49.62 16.95
C LEU E 513 7.77 51.10 17.29
N LEU E 514 7.96 51.96 16.30
CA LEU E 514 7.81 53.40 16.46
C LEU E 514 6.52 53.83 15.79
N SER E 515 5.78 54.72 16.43
CA SER E 515 4.55 55.20 15.85
C SER E 515 4.29 56.62 16.30
N GLN E 516 3.77 57.42 15.37
CA GLN E 516 3.33 58.77 15.65
C GLN E 516 1.81 58.82 15.52
N GLU E 517 1.14 59.26 16.57
CA GLU E 517 -0.30 59.15 16.44
C GLU E 517 -0.89 60.47 15.99
N PRO E 518 -2.05 60.43 15.32
CA PRO E 518 -2.64 61.66 14.79
C PRO E 518 -2.98 62.64 15.89
N GLY E 519 -2.91 63.92 15.57
CA GLY E 519 -3.27 64.96 16.51
C GLY E 519 -2.26 65.22 17.59
N GLU E 520 -1.22 64.43 17.68
CA GLU E 520 -0.22 64.73 18.69
C GLU E 520 0.57 65.97 18.28
N PRO E 521 1.02 66.76 19.25
CA PRO E 521 1.99 67.81 18.93
C PRO E 521 3.18 67.19 18.22
N GLN E 522 3.61 67.83 17.13
CA GLN E 522 4.54 67.21 16.20
C GLN E 522 5.80 66.76 16.93
N GLY E 523 6.41 65.70 16.40
CA GLY E 523 7.54 65.08 17.05
C GLY E 523 7.20 64.11 18.15
N VAL E 524 5.91 63.97 18.49
CA VAL E 524 5.52 62.97 19.47
C VAL E 524 5.51 61.60 18.79
N ARG E 525 6.11 60.64 19.47
CA ARG E 525 6.14 59.27 18.97
C ARG E 525 5.81 58.32 20.10
N ARG E 526 5.28 57.15 19.74
CA ARG E 526 4.87 56.14 20.71
C ARG E 526 5.47 54.80 20.33
N LEU E 527 5.81 54.01 21.35
CA LEU E 527 6.38 52.69 21.18
C LEU E 527 5.62 51.70 22.05
N ASN E 528 5.42 50.50 21.53
CA ASN E 528 4.62 49.49 22.20
C ASN E 528 5.49 48.79 23.21
N PHE E 529 5.56 49.34 24.42
CA PHE E 529 6.40 48.79 25.47
C PHE E 529 6.16 47.30 25.64
N ILE E 530 4.90 46.89 25.57
CA ILE E 530 4.59 45.47 25.57
C ILE E 530 5.25 44.80 24.37
N ARG E 531 4.78 45.12 23.16
CA ARG E 531 5.34 44.50 21.96
C ARG E 531 6.85 44.52 22.01
N LEU E 532 7.42 45.60 22.55
CA LEU E 532 8.84 45.63 22.76
C LEU E 532 9.28 44.45 23.60
N LEU E 533 8.88 44.42 24.86
CA LEU E 533 9.39 43.42 25.78
C LEU E 533 9.11 42.02 25.25
N MET E 534 7.99 41.85 24.58
CA MET E 534 7.65 40.56 24.02
C MET E 534 8.66 40.14 22.99
N LEU E 535 8.79 40.92 21.93
CA LEU E 535 9.77 40.58 20.90
C LEU E 535 11.15 40.41 21.51
N TYR E 536 11.47 41.23 22.50
CA TYR E 536 12.78 41.14 23.11
C TYR E 536 12.97 39.79 23.77
N THR E 537 12.18 39.51 24.81
CA THR E 537 12.35 38.31 25.59
C THR E 537 12.19 37.06 24.75
N ARG E 538 11.43 37.14 23.66
CA ARG E 538 11.13 35.96 22.86
C ARG E 538 12.38 35.16 22.55
N LYS E 539 13.48 35.84 22.23
CA LYS E 539 14.70 35.13 21.88
C LYS E 539 15.17 34.23 23.01
N PHE E 540 14.82 34.57 24.25
CA PHE E 540 15.44 33.95 25.41
C PHE E 540 14.48 33.16 26.28
N GLU E 541 13.18 33.25 26.04
CA GLU E 541 12.23 32.50 26.87
C GLU E 541 12.49 31.01 26.89
N PRO E 542 12.69 30.34 25.74
CA PRO E 542 12.96 28.89 25.78
C PRO E 542 14.13 28.51 26.65
N THR E 543 15.15 29.35 26.75
CA THR E 543 16.32 29.01 27.53
C THR E 543 16.18 29.38 29.00
N ASP E 544 15.96 30.66 29.29
CA ASP E 544 16.02 31.17 30.65
C ASP E 544 14.61 31.53 31.10
N PRO E 545 13.76 30.51 31.26
CA PRO E 545 12.37 30.78 31.67
C PRO E 545 12.25 31.76 32.82
N ARG E 546 12.94 31.53 33.93
CA ARG E 546 12.79 32.40 35.08
C ARG E 546 13.02 33.85 34.69
N GLU E 547 13.87 34.09 33.71
CA GLU E 547 14.04 35.44 33.21
C GLU E 547 12.74 35.98 32.66
N ALA E 548 12.25 35.37 31.57
CA ALA E 548 11.02 35.83 30.96
C ALA E 548 9.94 36.04 32.00
N LEU E 549 9.95 35.19 33.02
CA LEU E 549 9.05 35.43 34.14
C LEU E 549 9.32 36.78 34.76
N GLN E 550 10.50 36.96 35.35
CA GLN E 550 10.80 38.18 36.08
C GLN E 550 10.51 39.40 35.24
N TYR E 551 10.76 39.31 33.93
CA TYR E 551 10.43 40.40 33.03
C TYR E 551 8.93 40.65 33.00
N PHE E 552 8.15 39.67 32.54
CA PHE E 552 6.71 39.87 32.44
C PHE E 552 6.13 40.35 33.74
N TYR E 553 6.74 39.97 34.86
CA TYR E 553 6.29 40.44 36.15
C TYR E 553 6.17 41.94 36.21
N PHE E 554 6.95 42.66 35.41
CA PHE E 554 6.81 44.10 35.36
C PHE E 554 5.49 44.52 34.75
N LEU E 555 4.88 43.67 33.93
CA LEU E 555 3.57 43.95 33.34
C LEU E 555 2.43 43.74 34.32
N ARG E 556 2.74 43.46 35.58
CA ARG E 556 1.72 43.10 36.56
C ARG E 556 0.54 44.07 36.55
N ASN E 557 0.79 45.33 36.24
CA ASN E 557 -0.28 46.32 36.20
C ASN E 557 -0.94 46.41 34.83
N GLU E 558 -0.45 45.66 33.85
CA GLU E 558 -0.94 45.80 32.48
C GLU E 558 -2.14 44.89 32.24
N LYS E 559 -3.25 45.51 31.85
CA LYS E 559 -4.47 44.79 31.57
C LYS E 559 -4.64 44.67 30.07
N ASP E 560 -5.20 43.55 29.63
CA ASP E 560 -5.44 43.36 28.21
C ASP E 560 -6.67 44.13 27.77
N ASN E 561 -7.02 43.98 26.49
CA ASN E 561 -8.21 44.63 25.95
C ASN E 561 -9.49 43.99 26.47
N GLN E 562 -9.41 42.80 27.05
CA GLN E 562 -10.56 42.16 27.67
C GLN E 562 -10.58 42.34 29.18
N GLY E 563 -9.78 43.24 29.71
CA GLY E 563 -9.59 43.32 31.15
C GLY E 563 -8.71 42.23 31.71
N GLU E 564 -8.20 41.34 30.88
CA GLU E 564 -7.29 40.32 31.34
C GLU E 564 -5.95 40.93 31.71
N SER E 565 -5.54 40.74 32.94
CA SER E 565 -4.19 41.11 33.32
C SER E 565 -3.23 40.42 32.37
N MET E 566 -2.58 41.21 31.52
CA MET E 566 -1.62 40.65 30.58
C MET E 566 -0.71 39.66 31.28
N PHE E 567 -0.24 40.01 32.47
CA PHE E 567 0.53 39.09 33.29
C PHE E 567 -0.07 37.69 33.24
N LEU E 568 -1.39 37.60 33.44
CA LEU E 568 -2.03 36.29 33.42
C LEU E 568 -1.75 35.56 32.12
N ARG E 569 -2.19 36.11 31.01
CA ARG E 569 -2.01 35.42 29.74
C ARG E 569 -0.54 35.14 29.49
N CYS E 570 0.26 36.20 29.45
CA CYS E 570 1.67 36.05 29.19
C CYS E 570 2.26 34.92 30.00
N VAL E 571 1.94 34.86 31.30
CA VAL E 571 2.45 33.78 32.11
C VAL E 571 1.85 32.45 31.67
N SER E 572 0.61 32.48 31.19
CA SER E 572 -0.01 31.24 30.80
C SER E 572 0.69 30.66 29.58
N GLU E 573 0.62 31.39 28.47
CA GLU E 573 1.41 31.04 27.30
C GLU E 573 2.82 30.70 27.70
N LEU E 574 3.36 31.38 28.70
CA LEU E 574 4.69 31.07 29.17
C LEU E 574 4.78 29.64 29.65
N VAL E 575 3.94 29.28 30.61
CA VAL E 575 3.98 27.93 31.15
C VAL E 575 3.74 26.90 30.06
N ILE E 576 2.68 27.10 29.30
CA ILE E 576 2.30 26.12 28.29
C ILE E 576 3.43 25.95 27.29
N GLU E 577 3.74 27.01 26.54
CA GLU E 577 4.83 26.96 25.59
C GLU E 577 6.06 26.34 26.21
N SER E 578 6.43 26.79 27.40
CA SER E 578 7.61 26.26 28.05
C SER E 578 7.45 24.79 28.41
N ARG E 579 6.22 24.34 28.58
CA ARG E 579 5.91 22.94 28.81
C ARG E 579 6.60 22.42 30.06
N GLU E 580 6.55 23.23 31.12
CA GLU E 580 7.09 22.85 32.42
C GLU E 580 6.34 23.61 33.50
N PHE E 581 5.92 22.90 34.54
CA PHE E 581 5.25 23.54 35.67
C PHE E 581 6.05 23.26 36.93
N ASP E 582 6.56 22.02 37.02
CA ASP E 582 7.27 21.58 38.21
C ASP E 582 8.24 22.65 38.69
N MET E 583 9.16 23.07 37.83
CA MET E 583 10.11 24.09 38.25
C MET E 583 9.42 25.42 38.50
N LEU E 584 8.47 25.78 37.65
CA LEU E 584 7.85 27.08 37.76
C LEU E 584 6.92 27.16 38.96
N LEU E 585 6.04 26.17 39.11
CA LEU E 585 4.98 26.24 40.10
C LEU E 585 5.13 25.24 41.24
N GLY E 586 6.10 24.33 41.15
CA GLY E 586 6.38 23.46 42.28
C GLY E 586 6.02 22.02 42.05
N LYS E 587 6.29 21.21 43.07
CA LYS E 587 6.00 19.80 43.06
C LYS E 587 5.29 19.44 44.36
N LEU E 588 4.58 18.32 44.32
CA LEU E 588 3.87 17.85 45.51
C LEU E 588 4.63 16.70 46.14
N GLU E 589 4.79 16.77 47.46
CA GLU E 589 5.44 15.70 48.20
C GLU E 589 4.39 14.69 48.66
N LYS E 590 4.86 13.47 48.93
CA LYS E 590 3.95 12.36 49.20
C LYS E 590 2.99 12.67 50.33
N ASP E 591 3.45 13.36 51.36
CA ASP E 591 2.58 13.68 52.49
C ASP E 591 1.73 14.92 52.25
N GLY E 592 1.60 15.36 51.00
CA GLY E 592 0.74 16.48 50.71
C GLY E 592 1.34 17.84 50.97
N SER E 593 2.64 17.93 51.17
CA SER E 593 3.27 19.25 51.18
C SER E 593 3.64 19.66 49.77
N ARG E 594 3.19 20.86 49.39
CA ARG E 594 3.45 21.38 48.06
C ARG E 594 4.80 22.08 48.06
N LYS E 595 5.79 21.47 47.41
CA LYS E 595 7.12 22.05 47.36
C LYS E 595 7.08 23.35 46.57
N PRO E 596 7.24 24.50 47.20
CA PRO E 596 7.06 25.77 46.48
C PRO E 596 8.09 25.92 45.38
N GLY E 597 7.62 26.35 44.21
CA GLY E 597 8.44 26.42 43.03
C GLY E 597 8.77 27.85 42.65
N ALA E 598 9.20 28.00 41.39
CA ALA E 598 9.71 29.28 40.94
C ALA E 598 8.70 30.39 41.16
N ILE E 599 7.51 30.26 40.58
CA ILE E 599 6.54 31.34 40.63
C ILE E 599 6.28 31.75 42.06
N ASP E 600 6.37 30.81 43.00
CA ASP E 600 6.07 31.15 44.38
C ASP E 600 6.92 32.30 44.90
N LYS E 601 8.14 32.44 44.39
CA LYS E 601 9.00 33.50 44.86
C LYS E 601 8.46 34.87 44.51
N PHE E 602 7.68 34.97 43.43
CA PHE E 602 7.21 36.27 42.99
C PHE E 602 5.88 36.64 43.61
N THR E 603 4.97 35.70 43.76
CA THR E 603 3.66 36.01 44.30
C THR E 603 3.41 35.20 45.55
N ARG E 604 2.61 35.77 46.44
CA ARG E 604 2.15 35.02 47.60
C ARG E 604 0.81 34.33 47.33
N ASP E 605 0.07 34.79 46.32
CA ASP E 605 -1.23 34.23 45.99
C ASP E 605 -1.13 33.15 44.92
N THR E 606 -0.33 32.11 45.16
CA THR E 606 -0.14 31.07 44.14
C THR E 606 -1.45 30.42 43.76
N LYS E 607 -2.45 30.49 44.64
CA LYS E 607 -3.71 29.80 44.40
C LYS E 607 -4.32 30.23 43.08
N THR E 608 -4.74 31.49 42.98
CA THR E 608 -5.47 31.93 41.81
C THR E 608 -4.64 31.76 40.54
N ILE E 609 -3.32 31.93 40.67
CA ILE E 609 -2.47 31.78 39.51
C ILE E 609 -2.55 30.37 38.96
N ILE E 610 -2.19 29.39 39.79
CA ILE E 610 -2.25 28.02 39.33
C ILE E 610 -3.65 27.69 38.85
N ASN E 611 -4.66 28.29 39.49
CA ASN E 611 -6.03 27.97 39.14
C ASN E 611 -6.35 28.39 37.72
N LYS E 612 -6.05 29.64 37.38
CA LYS E 612 -6.32 30.08 36.02
C LYS E 612 -5.46 29.31 35.02
N VAL E 613 -4.23 28.99 35.40
CA VAL E 613 -3.40 28.15 34.54
C VAL E 613 -4.12 26.84 34.25
N ALA E 614 -4.70 26.24 35.28
CA ALA E 614 -5.40 24.99 35.11
C ALA E 614 -6.64 25.16 34.26
N SER E 615 -7.35 26.29 34.42
CA SER E 615 -8.49 26.56 33.56
C SER E 615 -8.08 26.54 32.10
N VAL E 616 -6.96 27.21 31.80
CA VAL E 616 -6.44 27.17 30.45
C VAL E 616 -6.15 25.74 30.02
N ALA E 617 -5.28 25.06 30.76
CA ALA E 617 -4.96 23.67 30.44
C ALA E 617 -6.23 22.87 30.18
N GLU E 618 -7.26 23.12 30.96
CA GLU E 618 -8.52 22.44 30.77
C GLU E 618 -9.10 22.73 29.41
N ASN E 619 -9.41 24.00 29.15
CA ASN E 619 -10.13 24.35 27.92
C ASN E 619 -9.42 23.80 26.69
N LYS E 620 -8.12 23.56 26.79
CA LYS E 620 -7.39 22.87 25.75
C LYS E 620 -7.54 21.36 25.86
N GLY E 621 -7.91 20.84 27.01
CA GLY E 621 -8.09 19.42 27.15
C GLY E 621 -6.86 18.64 27.55
N LEU E 622 -5.84 19.29 28.09
CA LEU E 622 -4.69 18.56 28.61
C LEU E 622 -5.08 17.97 29.97
N PHE E 623 -5.81 16.86 29.90
CA PHE E 623 -6.49 16.34 31.08
C PHE E 623 -5.55 16.05 32.23
N GLU E 624 -4.65 15.08 32.09
CA GLU E 624 -3.76 14.72 33.19
C GLU E 624 -3.11 15.96 33.79
N GLU E 625 -2.79 16.93 32.94
CA GLU E 625 -2.25 18.18 33.45
C GLU E 625 -3.25 18.87 34.37
N ALA E 626 -4.37 19.35 33.81
CA ALA E 626 -5.34 20.08 34.61
C ALA E 626 -5.71 19.32 35.88
N ALA E 627 -5.69 17.99 35.82
CA ALA E 627 -5.85 17.20 37.02
C ALA E 627 -4.78 17.54 38.04
N LYS E 628 -3.53 17.17 37.75
CA LYS E 628 -2.48 17.34 38.74
C LYS E 628 -2.41 18.78 39.19
N LEU E 629 -2.66 19.70 38.27
CA LEU E 629 -2.67 21.11 38.61
C LEU E 629 -3.74 21.42 39.64
N TYR E 630 -5.01 21.23 39.28
CA TYR E 630 -6.08 21.54 40.22
C TYR E 630 -5.88 20.80 41.53
N ASP E 631 -5.20 19.65 41.48
CA ASP E 631 -4.72 19.05 42.72
C ASP E 631 -3.85 20.02 43.49
N LEU E 632 -2.82 20.54 42.83
CA LEU E 632 -1.93 21.48 43.50
C LEU E 632 -2.70 22.62 44.16
N ALA E 633 -3.50 23.36 43.40
CA ALA E 633 -4.23 24.47 44.00
C ALA E 633 -5.23 24.03 45.04
N LYS E 634 -5.37 22.72 45.25
CA LYS E 634 -6.25 22.18 46.29
C LYS E 634 -7.70 22.61 46.08
N ASN E 635 -8.25 22.21 44.95
CA ASN E 635 -9.67 22.40 44.72
C ASN E 635 -10.23 21.06 44.26
N PRO E 636 -10.30 20.07 45.15
CA PRO E 636 -10.55 18.69 44.70
C PRO E 636 -11.82 18.53 43.90
N ASP E 637 -12.75 19.47 43.96
CA ASP E 637 -13.99 19.34 43.20
C ASP E 637 -13.72 19.01 41.75
N LYS E 638 -13.04 19.92 41.05
CA LYS E 638 -12.72 19.65 39.66
C LYS E 638 -11.89 18.39 39.54
N VAL E 639 -10.85 18.26 40.36
CA VAL E 639 -9.99 17.09 40.29
C VAL E 639 -10.81 15.83 40.19
N LEU E 640 -11.80 15.72 41.07
CA LEU E 640 -12.70 14.59 41.03
C LEU E 640 -13.44 14.53 39.72
N GLU E 641 -14.05 15.64 39.31
CA GLU E 641 -14.88 15.62 38.11
C GLU E 641 -14.10 15.07 36.92
N LEU E 642 -12.97 15.71 36.63
CA LEU E 642 -12.18 15.32 35.47
C LEU E 642 -11.59 13.93 35.63
N THR E 643 -11.16 13.56 36.84
CA THR E 643 -10.66 12.21 37.02
C THR E 643 -11.73 11.20 36.67
N ASN E 644 -12.95 11.44 37.13
CA ASN E 644 -14.06 10.56 36.82
C ASN E 644 -14.26 10.47 35.32
N LYS E 645 -14.23 11.62 34.65
CA LYS E 645 -14.39 11.62 33.21
C LYS E 645 -13.32 10.77 32.55
N LEU E 646 -12.05 11.06 32.84
CA LEU E 646 -10.96 10.29 32.27
C LEU E 646 -11.13 8.80 32.56
N LEU E 647 -11.82 8.47 33.64
CA LEU E 647 -12.03 7.07 33.96
C LEU E 647 -13.08 6.45 33.07
N SER E 648 -14.23 7.11 32.94
CA SER E 648 -15.49 6.47 32.55
C SER E 648 -15.37 5.39 31.48
N PRO E 649 -14.73 5.63 30.33
CA PRO E 649 -14.58 4.55 29.35
C PRO E 649 -13.54 3.54 29.74
N VAL E 650 -12.58 3.94 30.56
CA VAL E 650 -11.49 3.06 30.97
C VAL E 650 -11.93 2.01 31.97
N VAL E 651 -13.21 1.95 32.30
CA VAL E 651 -13.69 0.94 33.23
C VAL E 651 -13.63 -0.44 32.60
N SER E 652 -14.33 -0.63 31.49
CA SER E 652 -14.50 -1.97 30.94
C SER E 652 -13.21 -2.54 30.36
N GLN E 653 -12.13 -1.78 30.29
CA GLN E 653 -10.88 -2.28 29.75
C GLN E 653 -10.29 -3.37 30.62
N SER E 659 -0.96 -0.81 30.06
CA SER E 659 -2.19 -0.30 29.49
C SER E 659 -2.66 0.91 30.25
N ASN E 660 -3.16 1.91 29.52
CA ASN E 660 -3.65 3.15 30.15
C ASN E 660 -4.53 2.84 31.34
N ARG E 661 -5.27 1.73 31.27
CA ARG E 661 -6.06 1.28 32.39
C ARG E 661 -5.28 1.36 33.69
N GLU E 662 -4.17 0.65 33.76
CA GLU E 662 -3.37 0.64 34.98
C GLU E 662 -2.95 2.04 35.37
N ARG E 663 -2.65 2.88 34.38
CA ARG E 663 -2.23 4.25 34.67
C ARG E 663 -3.30 4.99 35.46
N LEU E 664 -4.47 5.16 34.85
CA LEU E 664 -5.53 5.86 35.56
C LEU E 664 -5.87 5.14 36.85
N LYS E 665 -5.79 3.81 36.86
CA LYS E 665 -6.14 3.06 38.05
C LYS E 665 -5.28 3.47 39.22
N ASN E 666 -3.97 3.34 39.07
CA ASN E 666 -3.07 3.81 40.11
C ASN E 666 -3.39 5.25 40.46
N MET E 667 -3.43 6.13 39.46
CA MET E 667 -3.63 7.54 39.72
C MET E 667 -4.78 7.75 40.67
N ALA E 668 -5.89 7.07 40.41
CA ALA E 668 -6.96 7.03 41.38
C ALA E 668 -6.45 6.54 42.72
N LEU E 669 -5.94 5.31 42.75
CA LEU E 669 -5.61 4.67 44.02
C LEU E 669 -4.89 5.64 44.93
N ALA E 670 -3.95 6.37 44.37
CA ALA E 670 -3.34 7.45 45.12
C ALA E 670 -4.40 8.48 45.52
N ILE E 671 -4.96 9.19 44.54
CA ILE E 671 -5.78 10.35 44.85
C ILE E 671 -6.80 10.01 45.92
N ALA E 672 -7.35 8.80 45.82
CA ALA E 672 -8.18 8.28 46.89
C ALA E 672 -7.42 8.22 48.21
N GLU E 673 -6.42 7.34 48.30
CA GLU E 673 -5.78 7.10 49.59
C GLU E 673 -5.42 8.41 50.26
N ARG E 674 -5.01 9.39 49.47
CA ARG E 674 -4.79 10.72 50.00
C ARG E 674 -6.09 11.32 50.51
N TYR E 675 -7.05 11.58 49.61
CA TYR E 675 -8.23 12.32 50.00
C TYR E 675 -8.88 11.72 51.23
N LYS E 676 -8.74 10.40 51.37
CA LYS E 676 -9.08 9.75 52.62
C LYS E 676 -8.32 10.38 53.78
N SER E 677 -7.01 10.36 53.70
CA SER E 677 -6.17 10.88 54.76
C SER E 677 -6.48 12.35 55.03
N LYS E 684 -21.54 15.95 47.21
CA LYS E 684 -21.75 14.58 47.66
C LYS E 684 -21.72 13.64 46.49
N SER E 685 -22.62 13.92 45.54
CA SER E 685 -22.85 13.04 44.42
C SER E 685 -21.55 12.55 43.82
N ILE E 686 -20.72 13.48 43.38
CA ILE E 686 -19.51 13.10 42.68
C ILE E 686 -18.77 12.02 43.43
N ASN E 687 -18.39 12.30 44.67
CA ASN E 687 -17.62 11.34 45.43
C ASN E 687 -18.21 9.97 45.32
N SER E 688 -19.53 9.88 45.49
CA SER E 688 -20.17 8.61 45.30
C SER E 688 -19.83 8.05 43.95
N THR E 689 -20.18 8.78 42.91
CA THR E 689 -19.97 8.27 41.56
C THR E 689 -18.58 7.73 41.41
N PHE E 690 -17.59 8.47 41.90
CA PHE E 690 -16.22 8.02 41.79
C PHE E 690 -16.05 6.68 42.44
N TYR E 691 -16.40 6.59 43.71
CA TYR E 691 -16.19 5.35 44.43
C TYR E 691 -16.87 4.21 43.71
N LEU E 692 -18.13 4.41 43.34
CA LEU E 692 -18.84 3.37 42.63
C LEU E 692 -18.09 3.00 41.37
N LEU E 693 -17.42 3.97 40.76
CA LEU E 693 -16.76 3.68 39.51
C LEU E 693 -15.56 2.78 39.73
N LEU E 694 -14.72 3.12 40.69
CA LEU E 694 -13.63 2.23 41.03
C LEU E 694 -14.16 0.85 41.34
N ASP E 695 -15.23 0.81 42.13
CA ASP E 695 -15.80 -0.47 42.52
C ASP E 695 -16.17 -1.29 41.31
N LEU E 696 -17.08 -0.78 40.50
CA LEU E 696 -17.51 -1.54 39.34
C LEU E 696 -16.35 -1.86 38.44
N ILE E 697 -15.30 -1.04 38.46
CA ILE E 697 -14.11 -1.37 37.69
C ILE E 697 -13.52 -2.66 38.18
N THR E 698 -13.32 -2.76 39.50
CA THR E 698 -12.90 -4.01 40.08
C THR E 698 -13.85 -5.13 39.69
N PHE E 699 -15.14 -4.86 39.75
CA PHE E 699 -16.13 -5.89 39.51
C PHE E 699 -15.95 -6.49 38.12
N PHE E 700 -15.98 -5.64 37.11
CA PHE E 700 -15.81 -6.14 35.76
C PHE E 700 -14.43 -6.74 35.56
N ASP E 701 -13.42 -6.21 36.24
CA ASP E 701 -12.10 -6.81 36.15
C ASP E 701 -12.17 -8.28 36.56
N GLU E 702 -12.76 -8.52 37.73
CA GLU E 702 -12.92 -9.90 38.20
C GLU E 702 -13.75 -10.70 37.22
N TYR E 703 -14.86 -10.12 36.76
CA TYR E 703 -15.71 -10.83 35.82
C TYR E 703 -14.89 -11.32 34.64
N HIS E 704 -14.17 -10.41 33.99
CA HIS E 704 -13.33 -10.81 32.87
C HIS E 704 -12.34 -11.87 33.28
N ALA E 705 -11.97 -11.92 34.56
CA ALA E 705 -11.13 -13.00 35.03
C ALA E 705 -11.89 -14.30 35.20
N GLY E 706 -13.16 -14.23 35.58
CA GLY E 706 -13.97 -15.43 35.73
C GLY E 706 -14.08 -15.99 37.13
N HIS E 707 -13.64 -15.27 38.15
CA HIS E 707 -13.90 -15.68 39.53
C HIS E 707 -15.34 -15.32 39.86
N ILE E 708 -16.23 -16.01 39.17
CA ILE E 708 -17.63 -15.60 39.10
C ILE E 708 -18.17 -15.25 40.49
N ASP E 709 -18.05 -16.18 41.42
CA ASP E 709 -18.62 -15.96 42.73
C ASP E 709 -18.24 -14.60 43.28
N LEU E 710 -17.00 -14.19 43.04
CA LEU E 710 -16.62 -12.85 43.44
C LEU E 710 -17.54 -11.81 42.84
N SER E 711 -17.70 -11.83 41.52
CA SER E 711 -18.55 -10.83 40.89
C SER E 711 -19.94 -10.86 41.48
N PHE E 712 -20.46 -12.06 41.70
CA PHE E 712 -21.77 -12.17 42.32
C PHE E 712 -21.80 -11.42 43.64
N ASP E 713 -20.83 -11.68 44.50
CA ASP E 713 -20.81 -11.00 45.78
C ASP E 713 -20.74 -9.51 45.59
N VAL E 714 -19.97 -9.07 44.61
CA VAL E 714 -19.76 -7.65 44.40
C VAL E 714 -21.08 -6.98 44.06
N ILE E 715 -21.73 -7.45 43.00
CA ILE E 715 -22.99 -6.84 42.62
C ILE E 715 -23.98 -6.95 43.75
N GLU E 716 -24.10 -8.13 44.33
CA GLU E 716 -24.96 -8.35 45.47
C GLU E 716 -24.83 -7.22 46.47
N ARG E 717 -23.62 -7.00 46.95
CA ARG E 717 -23.42 -5.92 47.90
C ARG E 717 -23.77 -4.58 47.30
N LEU E 718 -23.40 -4.37 46.05
CA LEU E 718 -23.60 -3.07 45.43
C LEU E 718 -25.06 -2.70 45.31
N LYS E 719 -25.97 -3.66 45.52
CA LYS E 719 -27.41 -3.40 45.59
C LYS E 719 -27.90 -2.43 44.53
N LEU E 720 -27.39 -2.56 43.30
CA LEU E 720 -27.93 -1.78 42.20
C LEU E 720 -28.99 -2.55 41.43
N VAL E 721 -28.64 -3.69 40.85
CA VAL E 721 -29.60 -4.51 40.13
C VAL E 721 -30.42 -5.27 41.16
N PRO E 722 -31.74 -5.32 41.04
CA PRO E 722 -32.50 -6.17 41.95
C PRO E 722 -32.13 -7.62 41.67
N LEU E 723 -32.13 -8.45 42.71
CA LEU E 723 -31.83 -9.86 42.56
C LEU E 723 -32.89 -10.75 43.20
N SER E 724 -33.89 -10.14 43.83
CA SER E 724 -35.01 -10.89 44.34
C SER E 724 -36.25 -10.04 44.15
N GLN E 725 -37.31 -10.69 43.68
CA GLN E 725 -38.43 -9.98 43.07
C GLN E 725 -38.80 -8.71 43.80
N ASP E 726 -38.89 -8.76 45.13
CA ASP E 726 -39.47 -7.64 45.85
C ASP E 726 -38.63 -6.39 45.74
N SER E 727 -37.35 -6.53 45.42
CA SER E 727 -36.52 -5.35 45.29
C SER E 727 -36.81 -4.56 44.02
N VAL E 728 -37.44 -5.20 43.02
CA VAL E 728 -37.42 -4.66 41.66
C VAL E 728 -37.87 -3.22 41.65
N GLU E 729 -39.12 -2.97 42.04
CA GLU E 729 -39.67 -1.63 41.97
C GLU E 729 -38.70 -0.62 42.56
N GLU E 730 -38.19 -0.89 43.75
CA GLU E 730 -37.30 0.09 44.38
C GLU E 730 -36.12 0.39 43.47
N ARG E 731 -35.37 -0.64 43.10
CA ARG E 731 -34.22 -0.43 42.25
C ARG E 731 -34.59 0.39 41.02
N VAL E 732 -35.75 0.12 40.44
CA VAL E 732 -36.08 0.76 39.17
C VAL E 732 -36.27 2.25 39.38
N ALA E 733 -36.95 2.65 40.46
CA ALA E 733 -37.13 4.07 40.68
C ALA E 733 -35.80 4.78 40.80
N ALA E 734 -34.80 4.06 41.31
CA ALA E 734 -33.48 4.64 41.47
C ALA E 734 -32.91 5.15 40.15
N PHE E 735 -33.19 4.44 39.05
CA PHE E 735 -32.63 4.85 37.76
C PHE E 735 -33.00 6.28 37.43
N ARG E 736 -34.15 6.77 37.89
CA ARG E 736 -34.55 8.12 37.52
C ARG E 736 -33.74 9.18 38.24
N ASN E 737 -32.70 8.79 38.97
CA ASN E 737 -31.76 9.71 39.55
C ASN E 737 -30.31 9.33 39.32
N PHE E 738 -30.05 8.11 38.84
CA PHE E 738 -28.68 7.66 38.65
C PHE E 738 -27.94 8.56 37.67
N SER E 739 -26.71 8.89 38.00
CA SER E 739 -25.94 9.79 37.17
C SER E 739 -25.41 9.08 35.93
N ASP E 740 -25.03 9.88 34.95
CA ASP E 740 -24.95 9.37 33.58
C ASP E 740 -23.96 8.22 33.45
N GLU E 741 -22.74 8.39 33.94
CA GLU E 741 -21.69 7.41 33.64
C GLU E 741 -22.17 6.01 33.97
N ILE E 742 -22.93 5.89 35.05
CA ILE E 742 -23.61 4.63 35.31
C ILE E 742 -24.47 4.23 34.13
N ARG E 743 -25.43 5.08 33.77
CA ARG E 743 -26.34 4.74 32.69
C ARG E 743 -25.58 4.24 31.49
N HIS E 744 -24.46 4.88 31.19
CA HIS E 744 -23.65 4.46 30.05
C HIS E 744 -23.20 3.02 30.20
N ASN E 745 -23.11 2.51 31.41
CA ASN E 745 -22.64 1.15 31.56
C ASN E 745 -23.76 0.16 31.83
N LEU E 746 -24.92 0.64 32.26
CA LEU E 746 -25.95 -0.25 32.80
C LEU E 746 -26.23 -1.42 31.87
N SER E 747 -26.08 -1.20 30.57
CA SER E 747 -26.34 -2.28 29.63
C SER E 747 -25.40 -3.46 29.85
N GLU E 748 -24.10 -3.24 29.64
CA GLU E 748 -23.15 -4.31 29.88
C GLU E 748 -23.25 -4.83 31.30
N ILE E 749 -23.63 -3.96 32.25
CA ILE E 749 -23.81 -4.42 33.63
C ILE E 749 -24.83 -5.55 33.67
N LEU E 750 -26.06 -5.24 33.29
CA LEU E 750 -27.11 -6.26 33.34
C LEU E 750 -26.72 -7.47 32.52
N LEU E 751 -26.06 -7.24 31.39
CA LEU E 751 -25.67 -8.35 30.54
C LEU E 751 -24.78 -9.32 31.30
N ALA E 752 -23.72 -8.80 31.90
CA ALA E 752 -22.82 -9.67 32.62
C ALA E 752 -23.53 -10.34 33.79
N THR E 753 -24.37 -9.61 34.51
CA THR E 753 -25.03 -10.21 35.67
C THR E 753 -25.82 -11.44 35.24
N MET E 754 -26.60 -11.30 34.17
CA MET E 754 -27.40 -12.43 33.74
C MET E 754 -26.53 -13.53 33.16
N ASN E 755 -25.44 -13.18 32.48
CA ASN E 755 -24.53 -14.20 31.98
C ASN E 755 -23.97 -15.02 33.13
N ILE E 756 -23.62 -14.35 34.22
CA ILE E 756 -23.10 -15.04 35.40
C ILE E 756 -24.16 -15.99 35.95
N LEU E 757 -25.32 -15.45 36.32
CA LEU E 757 -26.36 -16.31 36.90
C LEU E 757 -26.70 -17.46 35.97
N PHE E 758 -26.66 -17.20 34.66
CA PHE E 758 -26.83 -18.27 33.69
C PHE E 758 -25.80 -19.34 33.90
N THR E 759 -24.52 -18.95 33.94
CA THR E 759 -23.48 -19.93 34.19
C THR E 759 -23.69 -20.64 35.51
N GLN E 760 -24.36 -19.98 36.45
CA GLN E 760 -24.63 -20.59 37.74
C GLN E 760 -25.60 -21.76 37.58
N TYR E 761 -26.71 -21.52 36.90
CA TYR E 761 -27.62 -22.62 36.60
C TYR E 761 -26.95 -23.64 35.68
N LYS E 762 -25.93 -23.20 34.94
CA LYS E 762 -25.20 -24.11 34.07
C LYS E 762 -24.39 -25.10 34.88
N ARG E 763 -23.58 -24.61 35.80
CA ARG E 763 -22.80 -25.49 36.64
C ARG E 763 -23.70 -26.33 37.55
N LEU E 764 -24.71 -25.70 38.14
CA LEU E 764 -25.69 -26.46 38.92
C LEU E 764 -26.33 -27.54 38.06
N LYS E 765 -26.46 -27.30 36.76
CA LYS E 765 -26.94 -28.33 35.86
C LYS E 765 -25.79 -29.23 35.41
N GLY E 766 -24.83 -28.68 34.69
CA GLY E 766 -23.75 -29.47 34.11
C GLY E 766 -22.90 -30.23 35.10
N VAL E 785 -34.16 -20.40 43.04
CA VAL E 785 -33.76 -19.04 43.36
C VAL E 785 -33.19 -18.37 42.14
N LEU E 786 -32.18 -19.00 41.54
CA LEU E 786 -31.64 -18.52 40.28
C LEU E 786 -32.76 -18.12 39.34
N ARG E 787 -33.82 -18.93 39.29
CA ARG E 787 -34.96 -18.58 38.46
C ARG E 787 -35.62 -17.28 38.92
N SER E 788 -35.95 -17.17 40.20
CA SER E 788 -36.64 -15.98 40.66
C SER E 788 -35.77 -14.75 40.53
N GLN E 789 -34.46 -14.92 40.72
CA GLN E 789 -33.54 -13.80 40.51
C GLN E 789 -33.56 -13.36 39.04
N ALA E 790 -33.39 -14.30 38.12
CA ALA E 790 -33.49 -13.99 36.71
C ALA E 790 -34.79 -13.27 36.39
N ARG E 791 -35.86 -13.69 37.04
CA ARG E 791 -37.14 -13.02 36.84
C ARG E 791 -37.07 -11.57 37.27
N ALA E 792 -36.48 -11.32 38.43
CA ALA E 792 -36.36 -9.94 38.88
C ALA E 792 -35.57 -9.11 37.88
N LEU E 793 -34.53 -9.70 37.30
CA LEU E 793 -33.72 -8.97 36.32
C LEU E 793 -34.52 -8.63 35.07
N ILE E 794 -35.22 -9.62 34.52
CA ILE E 794 -36.00 -9.38 33.31
C ILE E 794 -37.06 -8.33 33.57
N THR E 795 -37.74 -8.42 34.71
CA THR E 795 -38.76 -7.43 35.00
C THR E 795 -38.16 -6.05 35.12
N PHE E 796 -36.97 -5.96 35.72
CA PHE E 796 -36.27 -4.69 35.73
C PHE E 796 -36.10 -4.17 34.32
N ALA E 797 -35.50 -4.99 33.45
CA ALA E 797 -35.30 -4.60 32.06
C ALA E 797 -36.59 -4.02 31.47
N GLY E 798 -37.71 -4.68 31.74
CA GLY E 798 -38.96 -4.17 31.21
C GLY E 798 -39.36 -2.81 31.74
N MET E 799 -39.35 -2.62 33.05
CA MET E 799 -39.89 -1.38 33.57
C MET E 799 -39.01 -0.17 33.28
N ILE E 800 -37.82 -0.38 32.74
CA ILE E 800 -36.75 0.62 32.83
C ILE E 800 -37.00 1.75 31.83
N PRO E 801 -37.24 2.98 32.29
CA PRO E 801 -37.59 4.06 31.36
C PRO E 801 -36.42 4.52 30.48
N TYR E 802 -35.80 3.58 29.78
CA TYR E 802 -34.69 3.90 28.91
C TYR E 802 -34.54 2.78 27.90
N ARG E 803 -34.54 3.14 26.62
CA ARG E 803 -34.44 2.17 25.56
C ARG E 803 -33.05 1.57 25.59
N MET E 804 -32.92 0.41 26.22
CA MET E 804 -31.72 -0.36 26.04
C MET E 804 -31.57 -0.70 24.56
N SER E 805 -30.36 -1.07 24.18
CA SER E 805 -30.11 -1.44 22.81
C SER E 805 -30.88 -2.69 22.44
N GLY E 806 -30.96 -2.96 21.14
CA GLY E 806 -31.71 -4.10 20.66
C GLY E 806 -31.07 -5.43 20.99
N ASP E 807 -29.88 -5.70 20.43
CA ASP E 807 -29.22 -6.98 20.67
C ASP E 807 -29.07 -7.25 22.15
N THR E 808 -29.00 -6.19 22.96
CA THR E 808 -29.14 -6.35 24.39
C THR E 808 -30.40 -7.12 24.72
N ASN E 809 -31.56 -6.57 24.38
CA ASN E 809 -32.81 -7.22 24.67
C ASN E 809 -32.81 -8.63 24.11
N ALA E 810 -32.14 -8.82 22.97
CA ALA E 810 -32.12 -10.14 22.36
C ALA E 810 -31.46 -11.16 23.28
N ARG E 811 -30.23 -10.87 23.69
CA ARG E 811 -29.53 -11.81 24.56
C ARG E 811 -30.29 -12.01 25.87
N LEU E 812 -30.86 -10.93 26.41
CA LEU E 812 -31.60 -11.03 27.66
C LEU E 812 -32.73 -12.04 27.53
N VAL E 813 -33.61 -11.85 26.55
CA VAL E 813 -34.76 -12.73 26.39
C VAL E 813 -34.31 -14.16 26.11
N GLN E 814 -33.33 -14.34 25.22
CA GLN E 814 -32.91 -15.69 24.86
C GLN E 814 -32.39 -16.45 26.07
N MET E 815 -31.48 -15.84 26.83
CA MET E 815 -30.94 -16.54 27.98
C MET E 815 -31.99 -16.75 29.06
N GLU E 816 -32.87 -15.77 29.27
CA GLU E 816 -33.96 -15.98 30.22
C GLU E 816 -34.79 -17.20 29.84
N VAL E 817 -34.93 -17.45 28.55
CA VAL E 817 -35.64 -18.65 28.12
C VAL E 817 -34.82 -19.90 28.42
N LEU E 818 -33.54 -19.90 28.05
CA LEU E 818 -32.79 -21.16 27.98
C LEU E 818 -32.65 -21.84 29.34
N MET E 819 -33.16 -21.26 30.40
CA MET E 819 -33.10 -21.91 31.71
C MET E 819 -34.31 -22.79 31.95
N ALA F 13 -74.45 -68.32 7.85
CA ALA F 13 -75.69 -68.67 8.52
C ALA F 13 -76.25 -69.98 7.99
N ALA F 14 -76.23 -70.14 6.66
CA ALA F 14 -76.87 -71.28 6.02
C ALA F 14 -76.25 -72.59 6.47
N MET F 15 -74.93 -72.61 6.66
CA MET F 15 -74.28 -73.82 7.15
C MET F 15 -74.78 -74.18 8.54
N GLN F 16 -74.88 -73.18 9.42
CA GLN F 16 -75.42 -73.43 10.76
C GLN F 16 -76.88 -73.85 10.68
N GLU F 17 -77.62 -73.38 9.69
CA GLU F 17 -79.03 -73.78 9.56
C GLU F 17 -79.15 -75.23 9.13
N ALA F 18 -78.36 -75.65 8.14
CA ALA F 18 -78.36 -77.05 7.74
C ALA F 18 -77.87 -77.93 8.88
N LEU F 19 -76.90 -77.44 9.65
CA LEU F 19 -76.41 -78.17 10.80
C LEU F 19 -77.48 -78.30 11.87
N GLU F 20 -78.29 -77.26 12.08
CA GLU F 20 -79.35 -77.32 13.07
C GLU F 20 -80.48 -78.24 12.62
N GLY F 21 -80.80 -78.21 11.33
CA GLY F 21 -81.75 -79.18 10.80
C GLY F 21 -81.28 -80.60 11.01
N ALA F 22 -80.00 -80.85 10.71
CA ALA F 22 -79.42 -82.18 10.94
C ALA F 22 -79.43 -82.54 12.42
N GLY F 23 -79.13 -81.56 13.28
CA GLY F 23 -79.16 -81.83 14.71
C GLY F 23 -80.53 -82.19 15.21
N ARG F 24 -81.56 -81.49 14.74
CA ARG F 24 -82.92 -81.79 15.14
C ARG F 24 -83.35 -83.16 14.64
N ILE F 25 -83.00 -83.50 13.39
CA ILE F 25 -83.37 -84.81 12.85
C ILE F 25 -82.65 -85.91 13.61
N ILE F 26 -81.37 -85.70 13.93
CA ILE F 26 -80.61 -86.70 14.65
C ILE F 26 -81.15 -86.88 16.06
N ASP F 27 -81.52 -85.78 16.72
CA ASP F 27 -82.11 -85.90 18.05
C ASP F 27 -83.43 -86.64 17.99
N ARG F 28 -84.26 -86.35 16.98
CA ARG F 28 -85.49 -87.10 16.81
C ARG F 28 -85.21 -88.57 16.58
N LEU F 29 -84.15 -88.87 15.83
CA LEU F 29 -83.77 -90.26 15.57
C LEU F 29 -83.29 -90.95 16.84
N LEU F 30 -82.58 -90.21 17.70
CA LEU F 30 -82.14 -90.78 18.96
C LEU F 30 -83.34 -91.06 19.87
N GLN F 31 -84.27 -90.12 19.94
CA GLN F 31 -85.52 -90.37 20.64
C GLN F 31 -86.24 -91.59 20.05
N GLU F 32 -86.15 -91.76 18.73
CA GLU F 32 -86.81 -92.89 18.08
C GLU F 32 -86.20 -94.21 18.50
N ASP F 38 -90.31 -105.17 24.32
CA ASP F 38 -90.15 -106.24 25.30
C ASP F 38 -90.46 -107.59 24.68
N LEU F 39 -89.80 -108.64 25.19
CA LEU F 39 -90.13 -109.98 24.75
C LEU F 39 -91.56 -110.34 25.10
N SER F 40 -91.98 -110.03 26.34
CA SER F 40 -93.36 -110.33 26.74
C SER F 40 -94.36 -109.61 25.85
N GLU F 41 -94.08 -108.35 25.50
CA GLU F 41 -95.00 -107.62 24.63
C GLU F 41 -95.07 -108.25 23.26
N LEU F 42 -93.92 -108.61 22.69
CA LEU F 42 -93.92 -109.35 21.43
C LEU F 42 -94.69 -110.66 21.58
N LEU F 43 -94.57 -111.31 22.74
CA LEU F 43 -95.37 -112.48 23.05
C LEU F 43 -96.80 -112.14 23.46
N ASN F 44 -97.15 -110.85 23.48
CA ASN F 44 -98.50 -110.39 23.80
C ASN F 44 -98.93 -110.81 25.20
N VAL F 45 -98.00 -110.75 26.15
CA VAL F 45 -98.27 -111.10 27.53
C VAL F 45 -98.50 -109.81 28.31
N PRO F 46 -99.76 -109.42 28.58
CA PRO F 46 -99.97 -108.12 29.23
C PRO F 46 -99.52 -108.08 30.67
N VAL F 47 -99.80 -109.13 31.42
CA VAL F 47 -99.41 -109.21 32.84
C VAL F 47 -98.96 -110.63 33.12
N HIS F 48 -97.94 -110.76 33.98
CA HIS F 48 -97.49 -112.08 34.39
C HIS F 48 -98.63 -112.93 34.91
N THR F 49 -99.70 -112.31 35.40
CA THR F 49 -100.92 -113.03 35.74
C THR F 49 -101.78 -113.36 34.53
N CYS F 50 -101.36 -112.98 33.33
CA CYS F 50 -102.14 -113.21 32.10
C CYS F 50 -101.26 -113.95 31.10
N PRO F 51 -101.35 -115.28 31.04
CA PRO F 51 -100.57 -116.03 30.04
C PRO F 51 -101.21 -115.97 28.67
N THR F 52 -100.37 -116.01 27.64
CA THR F 52 -100.83 -116.03 26.25
C THR F 52 -100.16 -117.17 25.49
N ILE F 53 -100.54 -117.33 24.23
CA ILE F 53 -100.00 -118.38 23.37
C ILE F 53 -99.84 -117.86 21.96
N SER F 54 -98.70 -118.19 21.34
CA SER F 54 -98.43 -117.85 19.95
C SER F 54 -97.83 -119.04 19.24
N GLY F 55 -97.93 -119.03 17.90
CA GLY F 55 -97.35 -120.06 17.07
C GLY F 55 -98.32 -121.06 16.49
N VAL F 56 -99.61 -120.96 16.80
CA VAL F 56 -100.58 -121.88 16.24
C VAL F 56 -100.73 -121.64 14.75
N GLU F 76 -80.49 -118.24 6.51
CA GLU F 76 -80.44 -117.60 7.82
C GLU F 76 -79.12 -117.87 8.53
N ILE F 77 -78.54 -119.03 8.26
CA ILE F 77 -77.29 -119.44 8.90
C ILE F 77 -76.23 -119.66 7.83
N SER F 78 -75.01 -119.28 8.16
CA SER F 78 -73.90 -119.46 7.24
C SER F 78 -73.66 -120.95 6.97
N ALA F 79 -72.91 -121.23 5.91
CA ALA F 79 -72.58 -122.62 5.59
C ALA F 79 -71.72 -123.22 6.70
N ILE F 80 -71.87 -124.52 6.91
CA ILE F 80 -71.24 -125.21 8.03
C ILE F 80 -69.79 -125.52 7.66
N ARG F 81 -68.86 -125.04 8.49
CA ARG F 81 -67.45 -125.39 8.32
C ARG F 81 -67.12 -126.57 9.22
N ARG F 82 -66.57 -127.62 8.65
CA ARG F 82 -66.30 -128.86 9.38
C ARG F 82 -64.82 -128.93 9.75
N VAL F 83 -64.55 -129.25 11.02
CA VAL F 83 -63.19 -129.49 11.47
C VAL F 83 -63.16 -130.90 12.08
N PRO F 84 -62.38 -131.81 11.52
CA PRO F 84 -62.38 -133.18 12.05
C PRO F 84 -61.71 -133.25 13.41
N LEU F 85 -62.14 -134.24 14.19
CA LEU F 85 -61.49 -134.50 15.45
C LEU F 85 -60.02 -134.84 15.19
N PRO F 86 -59.09 -134.31 15.99
CA PRO F 86 -57.69 -134.69 15.85
C PRO F 86 -57.54 -136.21 15.92
N PRO F 87 -56.79 -136.80 15.00
CA PRO F 87 -56.74 -138.28 14.94
C PRO F 87 -56.35 -138.94 16.25
N GLU F 88 -55.73 -138.19 17.17
CA GLU F 88 -55.34 -138.77 18.45
C GLU F 88 -56.56 -139.16 19.28
N LEU F 89 -57.61 -138.34 19.27
CA LEU F 89 -58.81 -138.69 20.02
C LEU F 89 -59.56 -139.85 19.37
N ILE F 90 -59.62 -139.87 18.04
CA ILE F 90 -60.21 -141.01 17.34
C ILE F 90 -59.47 -142.29 17.69
N GLU F 91 -58.13 -142.21 17.79
CA GLU F 91 -57.36 -143.40 18.14
C GLU F 91 -57.59 -143.80 19.59
N GLN F 92 -57.65 -142.84 20.51
CA GLN F 92 -57.93 -143.17 21.90
C GLN F 92 -59.30 -143.81 22.06
N PHE F 93 -60.24 -143.47 21.18
CA PHE F 93 -61.58 -144.07 21.24
C PHE F 93 -61.52 -145.58 21.26
N GLY F 94 -60.49 -146.17 20.63
CA GLY F 94 -60.35 -147.61 20.65
C GLY F 94 -60.05 -148.17 22.02
N HIS F 95 -59.51 -147.36 22.92
CA HIS F 95 -59.24 -147.80 24.29
C HIS F 95 -60.46 -147.72 25.19
N MET F 96 -61.53 -147.05 24.75
CA MET F 96 -62.67 -146.74 25.61
C MET F 96 -63.26 -147.99 26.26
N GLN F 97 -63.70 -147.85 27.51
CA GLN F 97 -64.30 -148.95 28.24
C GLN F 97 -65.75 -148.69 28.67
N CYS F 98 -66.02 -147.59 29.38
CA CYS F 98 -67.32 -147.48 30.04
C CYS F 98 -68.04 -146.14 29.83
N ASN F 99 -67.31 -145.05 29.64
CA ASN F 99 -67.94 -143.73 29.63
C ASN F 99 -67.22 -142.79 28.69
N CYS F 100 -68.00 -142.04 27.91
CA CYS F 100 -67.46 -141.05 26.98
C CYS F 100 -68.40 -139.85 26.94
N MET F 101 -67.85 -138.66 27.18
CA MET F 101 -68.64 -137.44 27.18
C MET F 101 -67.95 -136.38 26.32
N MET F 102 -68.75 -135.60 25.60
CA MET F 102 -68.22 -134.57 24.72
C MET F 102 -68.91 -133.24 25.01
N GLY F 103 -68.15 -132.15 24.91
CA GLY F 103 -68.67 -130.83 25.16
C GLY F 103 -67.73 -129.78 24.60
N VAL F 104 -68.03 -128.52 24.89
CA VAL F 104 -67.26 -127.41 24.36
C VAL F 104 -67.23 -126.27 25.38
N PHE F 105 -66.05 -125.65 25.53
CA PHE F 105 -65.86 -124.41 26.27
C PHE F 105 -65.47 -123.35 25.25
N PRO F 106 -66.41 -122.50 24.81
CA PRO F 106 -66.07 -121.49 23.80
C PRO F 106 -65.33 -120.28 24.37
N GLU F 107 -65.31 -120.13 25.70
CA GLU F 107 -64.63 -118.99 26.32
C GLU F 107 -63.11 -119.10 26.21
N ILE F 108 -62.59 -120.28 25.89
CA ILE F 108 -61.16 -120.49 25.69
C ILE F 108 -60.85 -121.21 24.38
N SER F 109 -61.83 -121.30 23.48
CA SER F 109 -61.66 -121.95 22.19
C SER F 109 -61.24 -123.42 22.35
N ARG F 110 -62.02 -124.17 23.12
CA ARG F 110 -61.71 -125.56 23.42
C ARG F 110 -62.93 -126.44 23.20
N ALA F 111 -62.70 -127.61 22.62
CA ALA F 111 -63.65 -128.71 22.66
C ALA F 111 -63.06 -129.84 23.51
N TRP F 112 -63.90 -130.39 24.38
CA TRP F 112 -63.43 -131.28 25.43
C TRP F 112 -64.13 -132.62 25.30
N LEU F 113 -63.40 -133.67 25.61
CA LEU F 113 -63.94 -135.03 25.61
C LEU F 113 -63.34 -135.77 26.79
N THR F 114 -64.21 -136.28 27.65
CA THR F 114 -63.78 -137.13 28.75
C THR F 114 -63.92 -138.59 28.33
N ILE F 115 -62.78 -139.27 28.24
CA ILE F 115 -62.73 -140.72 28.18
C ILE F 115 -62.47 -141.13 29.62
N ASP F 116 -62.64 -142.41 29.93
CA ASP F 116 -62.98 -142.87 31.27
C ASP F 116 -62.29 -142.07 32.37
N SER F 117 -60.96 -142.11 32.43
CA SER F 117 -60.23 -141.36 33.44
C SER F 117 -59.62 -140.07 32.91
N ASP F 118 -59.38 -139.98 31.61
CA ASP F 118 -58.59 -138.90 31.04
C ASP F 118 -59.46 -137.89 30.32
N ILE F 119 -59.02 -136.64 30.32
CA ILE F 119 -59.67 -135.58 29.59
C ILE F 119 -58.78 -135.19 28.42
N PHE F 120 -59.33 -135.21 27.21
CA PHE F 120 -58.65 -134.73 26.03
C PHE F 120 -59.30 -133.44 25.58
N MET F 121 -58.47 -132.45 25.28
CA MET F 121 -58.97 -131.15 24.86
C MET F 121 -58.27 -130.76 23.56
N TRP F 122 -59.01 -130.15 22.65
CA TRP F 122 -58.43 -129.66 21.41
C TRP F 122 -59.20 -128.43 20.96
N ASN F 123 -58.46 -127.48 20.35
CA ASN F 123 -59.09 -126.22 19.94
C ASN F 123 -60.08 -126.52 18.82
N TYR F 124 -61.35 -126.21 19.06
CA TYR F 124 -62.40 -126.57 18.12
C TYR F 124 -62.36 -125.74 16.84
N GLU F 125 -61.54 -124.69 16.80
CA GLU F 125 -61.43 -123.91 15.58
C GLU F 125 -60.59 -124.64 14.53
N ASP F 126 -59.46 -125.21 14.95
CA ASP F 126 -58.50 -125.78 14.01
C ASP F 126 -58.08 -127.21 14.32
N GLY F 127 -58.46 -127.76 15.47
CA GLY F 127 -57.99 -129.08 15.83
C GLY F 127 -56.57 -129.13 16.35
N GLY F 128 -55.90 -127.99 16.46
CA GLY F 128 -54.61 -127.91 17.11
C GLY F 128 -54.75 -127.77 18.62
N ASP F 129 -53.61 -127.65 19.28
CA ASP F 129 -53.55 -127.51 20.74
C ASP F 129 -54.15 -128.74 21.43
N LEU F 130 -53.81 -129.91 20.91
CA LEU F 130 -54.32 -131.17 21.46
C LEU F 130 -53.55 -131.50 22.74
N ALA F 131 -54.23 -131.41 23.88
CA ALA F 131 -53.64 -131.74 25.17
C ALA F 131 -54.49 -132.79 25.87
N TYR F 132 -53.90 -133.44 26.87
CA TYR F 132 -54.61 -134.44 27.65
C TYR F 132 -54.20 -134.34 29.12
N TYR F 133 -55.06 -134.86 29.98
CA TYR F 133 -54.83 -134.87 31.42
C TYR F 133 -55.29 -136.21 31.97
N ASP F 134 -54.39 -136.92 32.64
CA ASP F 134 -54.66 -138.26 33.14
C ASP F 134 -54.37 -138.38 34.63
N GLY F 135 -54.44 -137.28 35.37
CA GLY F 135 -54.20 -137.33 36.80
C GLY F 135 -55.30 -137.97 37.62
N LEU F 136 -56.39 -138.37 37.00
CA LEU F 136 -57.53 -138.95 37.69
C LEU F 136 -57.45 -140.48 37.63
N SER F 137 -57.92 -141.13 38.69
CA SER F 137 -57.97 -142.58 38.76
C SER F 137 -59.38 -143.13 38.57
N GLU F 138 -60.39 -142.28 38.60
CA GLU F 138 -61.77 -142.71 38.49
C GLU F 138 -62.38 -142.22 37.18
N THR F 139 -63.44 -142.91 36.76
CA THR F 139 -64.12 -142.55 35.52
C THR F 139 -64.76 -141.16 35.66
N ILE F 140 -64.53 -140.31 34.66
CA ILE F 140 -65.07 -138.95 34.69
C ILE F 140 -66.58 -139.00 34.47
N LEU F 141 -67.30 -138.18 35.23
CA LEU F 141 -68.75 -138.08 35.07
C LEU F 141 -69.23 -136.67 34.76
N SER F 142 -68.52 -135.64 35.24
CA SER F 142 -68.92 -134.26 34.98
C SER F 142 -67.66 -133.39 34.94
N VAL F 143 -67.63 -132.49 33.96
CA VAL F 143 -66.53 -131.55 33.79
C VAL F 143 -67.10 -130.16 33.79
N GLY F 144 -66.28 -129.18 34.12
CA GLY F 144 -66.74 -127.80 34.12
C GLY F 144 -65.64 -126.78 33.99
N LEU F 145 -65.93 -125.69 33.28
CA LEU F 145 -65.05 -124.55 33.17
C LEU F 145 -65.53 -123.43 34.08
N VAL F 146 -64.66 -123.01 35.00
CA VAL F 146 -64.99 -121.97 35.97
C VAL F 146 -63.98 -120.86 35.80
N LYS F 147 -64.41 -119.63 36.05
CA LYS F 147 -63.53 -118.48 35.92
C LYS F 147 -63.06 -117.99 37.28
N ILE F 157 -53.48 -117.87 37.36
CA ILE F 157 -54.43 -118.89 36.96
C ILE F 157 -55.65 -118.26 36.33
N ARG F 158 -55.81 -118.42 35.01
CA ARG F 158 -56.88 -117.78 34.29
C ARG F 158 -58.20 -118.52 34.39
N PHE F 159 -58.16 -119.86 34.43
CA PHE F 159 -59.38 -120.65 34.49
C PHE F 159 -59.19 -121.77 35.51
N LEU F 160 -60.29 -122.39 35.88
CA LEU F 160 -60.26 -123.57 36.73
C LEU F 160 -61.09 -124.67 36.10
N LEU F 161 -60.47 -125.83 35.93
CA LEU F 161 -61.15 -127.02 35.44
C LEU F 161 -61.64 -127.81 36.65
N VAL F 162 -62.95 -127.98 36.74
CA VAL F 162 -63.58 -128.69 37.85
C VAL F 162 -64.03 -130.03 37.32
N LEU F 163 -63.47 -131.10 37.89
CA LEU F 163 -63.79 -132.46 37.49
C LEU F 163 -64.50 -133.16 38.63
N SER F 164 -65.47 -133.99 38.30
CA SER F 164 -66.17 -134.81 39.26
C SER F 164 -65.96 -136.28 38.90
N THR F 165 -65.56 -137.06 39.88
CA THR F 165 -65.43 -138.50 39.72
C THR F 165 -66.43 -139.16 40.65
N PRO F 166 -66.61 -140.49 40.55
CA PRO F 166 -67.53 -141.16 41.48
C PRO F 166 -67.16 -140.98 42.94
N VAL F 167 -65.96 -140.50 43.24
CA VAL F 167 -65.48 -140.40 44.60
C VAL F 167 -65.24 -138.96 45.03
N ASP F 168 -64.71 -138.12 44.14
CA ASP F 168 -64.21 -136.83 44.55
C ASP F 168 -64.59 -135.73 43.56
N ILE F 169 -64.27 -134.50 43.96
CA ILE F 169 -64.27 -133.35 43.09
C ILE F 169 -62.86 -132.79 43.13
N VAL F 170 -62.26 -132.61 41.96
CA VAL F 170 -60.92 -132.05 41.82
C VAL F 170 -61.04 -130.71 41.10
N ILE F 171 -60.32 -129.71 41.61
CA ILE F 171 -60.26 -128.39 40.99
C ILE F 171 -58.81 -128.16 40.60
N LEU F 172 -58.58 -127.93 39.31
CA LEU F 172 -57.24 -127.72 38.78
C LEU F 172 -57.15 -126.38 38.08
N GLY F 173 -55.94 -125.87 37.95
CA GLY F 173 -55.72 -124.56 37.36
C GLY F 173 -55.38 -124.63 35.89
N LEU F 174 -55.83 -123.63 35.13
CA LEU F 174 -55.53 -123.47 33.73
C LEU F 174 -54.91 -122.10 33.51
N SER F 175 -53.65 -122.08 33.09
CA SER F 175 -52.96 -120.87 32.68
C SER F 175 -52.81 -120.92 31.16
N PHE F 176 -52.32 -119.83 30.60
CA PHE F 176 -52.13 -119.73 29.16
C PHE F 176 -50.66 -119.39 28.89
N ALA F 177 -50.09 -120.01 27.87
CA ALA F 177 -48.73 -119.71 27.49
C ALA F 177 -48.64 -118.29 26.97
N GLY F 190 -53.80 -118.52 23.19
CA GLY F 190 -52.60 -119.28 22.89
C GLY F 190 -52.63 -120.66 23.51
N GLY F 191 -51.46 -121.18 23.87
CA GLY F 191 -51.38 -122.49 24.48
C GLY F 191 -52.03 -122.55 25.85
N MET F 192 -53.09 -123.36 25.97
CA MET F 192 -53.70 -123.60 27.26
C MET F 192 -52.92 -124.67 28.01
N GLN F 193 -52.55 -124.38 29.25
CA GLN F 193 -51.70 -125.26 30.03
C GLN F 193 -52.35 -125.48 31.39
N LEU F 194 -52.72 -126.73 31.67
CA LEU F 194 -53.31 -127.08 32.95
C LEU F 194 -52.22 -127.32 33.97
N LEU F 195 -52.47 -126.91 35.20
CA LEU F 195 -51.60 -127.31 36.29
C LEU F 195 -51.81 -128.79 36.56
N PRO F 196 -50.77 -129.62 36.49
CA PRO F 196 -50.99 -131.07 36.66
C PRO F 196 -51.53 -131.44 38.03
N ASP F 197 -51.06 -130.79 39.07
CA ASP F 197 -51.52 -131.12 40.42
C ASP F 197 -52.86 -130.44 40.68
N PRO F 198 -53.78 -131.10 41.40
CA PRO F 198 -55.08 -130.48 41.66
C PRO F 198 -54.97 -129.33 42.65
N LEU F 199 -55.65 -128.22 42.36
CA LEU F 199 -55.66 -127.11 43.29
C LEU F 199 -56.54 -127.38 44.50
N TYR F 200 -57.49 -128.30 44.36
CA TYR F 200 -58.34 -128.73 45.47
C TYR F 200 -58.86 -130.13 45.22
N SER F 201 -59.07 -130.87 46.31
CA SER F 201 -59.66 -132.20 46.26
C SER F 201 -60.65 -132.35 47.40
N LEU F 202 -61.85 -132.83 47.08
CA LEU F 202 -62.89 -132.99 48.09
C LEU F 202 -63.64 -134.30 47.87
N PRO F 203 -64.14 -134.94 48.93
CA PRO F 203 -64.89 -136.18 48.75
C PRO F 203 -66.30 -135.90 48.25
N THR F 204 -66.77 -136.72 47.31
CA THR F 204 -68.07 -136.49 46.69
C THR F 204 -69.23 -136.99 47.54
N ASP F 205 -68.96 -137.51 48.73
CA ASP F 205 -69.99 -138.08 49.60
C ASP F 205 -70.83 -139.12 48.85
N ASN F 206 -70.19 -139.79 47.89
CA ASN F 206 -70.80 -140.82 47.06
C ASN F 206 -72.04 -140.31 46.31
N THR F 207 -72.24 -139.01 46.25
CA THR F 207 -73.39 -138.42 45.55
C THR F 207 -72.92 -137.93 44.19
N TYR F 208 -73.34 -138.61 43.13
CA TYR F 208 -72.84 -138.32 41.80
C TYR F 208 -73.23 -136.90 41.40
N LEU F 209 -72.23 -136.06 41.17
CA LEU F 209 -72.43 -134.71 40.67
C LEU F 209 -72.37 -134.75 39.16
N LEU F 210 -73.51 -134.55 38.51
CA LEU F 210 -73.63 -134.84 37.08
C LEU F 210 -73.36 -133.65 36.18
N SER F 211 -73.52 -132.43 36.66
CA SER F 211 -73.25 -131.24 35.85
C SER F 211 -72.85 -130.10 36.77
N ILE F 212 -71.98 -129.23 36.27
CA ILE F 212 -71.39 -128.17 37.09
C ILE F 212 -71.49 -126.86 36.35
N THR F 213 -71.57 -125.77 37.10
CA THR F 213 -71.55 -124.44 36.52
C THR F 213 -71.00 -123.48 37.56
N SER F 214 -70.97 -122.20 37.20
CA SER F 214 -70.46 -121.18 38.10
C SER F 214 -71.05 -119.83 37.72
N THR F 215 -71.39 -119.06 38.76
CA THR F 215 -71.75 -117.66 38.54
C THR F 215 -70.50 -116.89 38.11
N ASP F 216 -70.73 -115.74 37.48
CA ASP F 216 -69.60 -114.97 36.96
C ASP F 216 -68.64 -114.51 38.06
N ASN F 217 -68.96 -114.75 39.33
CA ASN F 217 -68.16 -114.24 40.44
C ASN F 217 -67.31 -115.31 41.13
N GLY F 218 -67.34 -116.56 40.65
CA GLY F 218 -66.38 -117.56 41.09
C GLY F 218 -66.88 -118.64 42.02
N ARG F 219 -68.17 -118.69 42.31
CA ARG F 219 -68.73 -119.80 43.08
C ARG F 219 -69.11 -120.94 42.13
N ILE F 220 -68.96 -122.17 42.60
CA ILE F 220 -69.16 -123.36 41.77
C ILE F 220 -70.36 -124.12 42.29
N PHE F 221 -71.32 -124.38 41.41
CA PHE F 221 -72.50 -125.16 41.75
C PHE F 221 -72.45 -126.50 41.03
N LEU F 222 -73.04 -127.52 41.66
CA LEU F 222 -73.01 -128.88 41.15
C LEU F 222 -74.39 -129.50 41.30
N SER F 223 -74.75 -130.37 40.37
CA SER F 223 -76.04 -131.04 40.36
C SER F 223 -75.85 -132.53 40.64
N GLY F 224 -76.55 -133.02 41.65
CA GLY F 224 -76.39 -134.39 42.07
C GLY F 224 -77.52 -135.31 41.58
N LYS F 225 -77.15 -136.57 41.32
CA LYS F 225 -78.15 -137.57 40.99
C LYS F 225 -79.14 -137.75 42.14
N ASP F 226 -78.74 -137.42 43.36
CA ASP F 226 -79.65 -137.35 44.49
C ASP F 226 -80.60 -136.16 44.42
N GLY F 227 -80.51 -135.37 43.35
CA GLY F 227 -81.45 -134.29 43.11
C GLY F 227 -81.21 -133.01 43.89
N CYS F 228 -80.11 -132.90 44.63
CA CYS F 228 -79.81 -131.71 45.40
C CYS F 228 -78.86 -130.80 44.64
N LEU F 229 -78.85 -129.53 45.03
CA LEU F 229 -77.92 -128.56 44.50
C LEU F 229 -76.80 -128.34 45.51
N TYR F 230 -75.56 -128.46 45.06
CA TYR F 230 -74.39 -128.35 45.93
C TYR F 230 -73.56 -127.14 45.54
N GLU F 231 -72.85 -126.59 46.52
CA GLU F 231 -71.98 -125.46 46.29
C GLU F 231 -70.59 -125.77 46.82
N VAL F 232 -69.58 -125.63 45.97
CA VAL F 232 -68.20 -125.90 46.32
C VAL F 232 -67.53 -124.55 46.57
N GLU F 233 -67.40 -124.16 47.83
CA GLU F 233 -66.78 -122.90 48.21
C GLU F 233 -65.27 -123.08 48.24
N TYR F 234 -64.57 -122.13 47.62
CA TYR F 234 -63.11 -122.17 47.52
C TYR F 234 -62.52 -120.82 47.91
N GLN F 235 -61.62 -120.86 48.90
CA GLN F 235 -60.98 -119.65 49.40
C GLN F 235 -59.51 -119.89 49.68
N ARG F 244 -60.70 -124.22 53.54
CA ARG F 244 -60.33 -123.46 52.36
C ARG F 244 -61.25 -123.78 51.19
N CYS F 245 -61.67 -125.04 51.08
CA CYS F 245 -62.63 -125.47 50.07
C CYS F 245 -63.50 -126.56 50.67
N ARG F 246 -64.81 -126.47 50.44
CA ARG F 246 -65.73 -127.41 51.06
C ARG F 246 -67.04 -127.43 50.29
N LYS F 247 -67.85 -128.44 50.60
CA LYS F 247 -69.16 -128.61 49.98
C LYS F 247 -70.25 -128.16 50.93
N ILE F 248 -71.24 -127.47 50.40
CA ILE F 248 -72.43 -127.09 51.14
C ILE F 248 -73.64 -127.58 50.36
N ASN F 249 -74.48 -128.37 51.03
CA ASN F 249 -75.71 -128.87 50.43
C ASN F 249 -76.77 -127.79 50.53
N HIS F 250 -77.42 -127.48 49.41
CA HIS F 250 -78.43 -126.43 49.39
C HIS F 250 -79.82 -127.01 49.59
N ILE F 273 -81.31 -133.47 39.51
CA ILE F 273 -81.10 -132.31 38.67
C ILE F 273 -80.05 -132.61 37.60
N VAL F 274 -80.43 -132.45 36.34
CA VAL F 274 -79.50 -132.66 35.24
C VAL F 274 -79.14 -131.37 34.52
N GLN F 275 -79.69 -130.23 34.94
CA GLN F 275 -79.39 -128.97 34.28
C GLN F 275 -79.38 -127.84 35.29
N ILE F 276 -78.33 -127.02 35.26
CA ILE F 276 -78.27 -125.80 36.05
C ILE F 276 -78.21 -124.62 35.09
N ALA F 277 -78.81 -123.51 35.47
CA ALA F 277 -78.81 -122.31 34.66
C ALA F 277 -78.76 -121.09 35.57
N ILE F 278 -77.71 -120.29 35.45
CA ILE F 278 -77.51 -119.13 36.30
C ILE F 278 -77.74 -117.90 35.46
N ASP F 279 -78.76 -117.12 35.82
CA ASP F 279 -78.96 -115.79 35.27
C ASP F 279 -78.10 -114.85 36.10
N ASN F 280 -76.88 -114.61 35.61
CA ASN F 280 -75.99 -113.68 36.29
C ASN F 280 -76.47 -112.25 36.12
N SER F 281 -77.41 -112.02 35.21
CA SER F 281 -78.01 -110.70 35.06
C SER F 281 -78.92 -110.35 36.21
N ARG F 282 -79.69 -111.31 36.73
CA ARG F 282 -80.54 -111.10 37.88
C ARG F 282 -80.09 -111.89 39.10
N ASN F 283 -78.99 -112.63 39.00
CA ASN F 283 -78.48 -113.45 40.11
C ASN F 283 -79.50 -114.50 40.53
N ILE F 284 -80.00 -115.25 39.55
CA ILE F 284 -81.07 -116.21 39.77
C ILE F 284 -80.58 -117.59 39.40
N LEU F 285 -80.89 -118.58 40.23
CA LEU F 285 -80.54 -119.97 39.95
C LEU F 285 -81.78 -120.70 39.48
N TYR F 286 -81.63 -121.47 38.40
CA TYR F 286 -82.68 -122.35 37.92
C TYR F 286 -82.13 -123.76 37.78
N THR F 287 -82.88 -124.73 38.29
CA THR F 287 -82.46 -126.13 38.27
C THR F 287 -83.54 -126.95 37.59
N ARG F 288 -83.12 -127.79 36.64
CA ARG F 288 -84.00 -128.63 35.86
C ARG F 288 -83.64 -130.10 36.08
N SER F 289 -84.61 -130.87 36.57
CA SER F 289 -84.43 -132.27 36.88
C SER F 289 -84.79 -133.16 35.70
N GLU F 290 -84.57 -134.46 35.86
CA GLU F 290 -84.79 -135.42 34.77
C GLU F 290 -86.24 -135.44 34.33
N LYS F 291 -87.17 -135.50 35.27
CA LYS F 291 -88.60 -135.52 34.96
C LYS F 291 -89.14 -134.15 34.57
N GLY F 292 -88.28 -133.13 34.54
CA GLY F 292 -88.74 -131.79 34.19
C GLY F 292 -89.10 -130.92 35.37
N VAL F 293 -88.45 -131.09 36.51
CA VAL F 293 -88.74 -130.27 37.69
C VAL F 293 -87.83 -129.05 37.68
N ILE F 294 -88.44 -127.86 37.70
CA ILE F 294 -87.70 -126.60 37.61
C ILE F 294 -87.84 -125.85 38.93
N GLN F 295 -86.73 -125.65 39.61
CA GLN F 295 -86.71 -124.87 40.85
C GLN F 295 -85.91 -123.59 40.63
N VAL F 296 -86.30 -122.54 41.35
CA VAL F 296 -85.66 -121.24 41.26
C VAL F 296 -85.17 -120.87 42.66
N TYR F 297 -83.88 -120.53 42.75
CA TYR F 297 -83.22 -120.20 44.00
C TYR F 297 -82.60 -118.81 43.90
N ASP F 298 -82.86 -117.98 44.91
CA ASP F 298 -82.38 -116.60 44.89
C ASP F 298 -80.95 -116.55 45.43
N LEU F 299 -80.04 -116.00 44.63
CA LEU F 299 -78.63 -115.88 45.00
C LEU F 299 -78.32 -114.53 45.66
N GLY F 300 -79.35 -113.78 46.04
CA GLY F 300 -79.15 -112.50 46.68
C GLY F 300 -78.86 -111.39 45.70
N VAL F 301 -78.87 -110.16 46.24
CA VAL F 301 -78.71 -108.98 45.39
C VAL F 301 -77.29 -108.89 44.85
N ASP F 302 -76.31 -109.35 45.63
CA ASP F 302 -74.91 -109.23 45.26
C ASP F 302 -74.36 -110.46 44.55
N GLY F 303 -75.14 -111.55 44.48
CA GLY F 303 -74.65 -112.78 43.91
C GLY F 303 -73.92 -113.69 44.88
N HIS F 304 -74.04 -113.45 46.18
CA HIS F 304 -73.39 -114.28 47.18
C HIS F 304 -74.37 -115.15 47.96
N GLY F 305 -75.64 -114.78 48.02
CA GLY F 305 -76.59 -115.52 48.81
C GLY F 305 -77.05 -116.81 48.15
N MET F 306 -77.91 -117.53 48.86
CA MET F 306 -78.49 -118.76 48.34
C MET F 306 -79.75 -119.07 49.13
N SER F 307 -80.90 -119.04 48.46
CA SER F 307 -82.15 -119.37 49.10
C SER F 307 -83.13 -119.90 48.05
N ARG F 308 -83.79 -121.00 48.38
CA ARG F 308 -84.75 -121.62 47.47
C ARG F 308 -86.03 -120.79 47.45
N VAL F 309 -86.46 -120.39 46.26
CA VAL F 309 -87.58 -119.47 46.09
C VAL F 309 -88.85 -120.18 45.64
N ALA F 310 -88.77 -120.94 44.54
CA ALA F 310 -89.97 -121.54 43.97
C ALA F 310 -89.64 -122.87 43.31
N SER F 311 -90.68 -123.65 43.01
CA SER F 311 -90.52 -124.92 42.32
C SER F 311 -91.78 -125.24 41.54
N VAL F 312 -91.63 -125.63 40.29
CA VAL F 312 -92.73 -126.02 39.43
C VAL F 312 -92.42 -127.40 38.86
N SER F 313 -93.38 -128.32 38.99
CA SER F 313 -93.22 -129.67 38.50
C SER F 313 -93.71 -129.79 37.07
N GLN F 314 -93.41 -130.93 36.44
CA GLN F 314 -93.80 -131.14 35.05
C GLN F 314 -95.31 -131.23 34.88
N ASN F 315 -96.00 -131.86 35.85
CA ASN F 315 -97.44 -132.06 35.72
C ASN F 315 -98.19 -130.74 35.78
N SER F 316 -97.78 -129.85 36.68
CA SER F 316 -98.41 -128.52 36.75
C SER F 316 -98.18 -127.74 35.47
N LEU F 317 -96.94 -127.70 34.99
CA LEU F 317 -96.64 -127.03 33.73
C LEU F 317 -97.48 -127.62 32.59
N VAL F 318 -97.68 -128.93 32.61
CA VAL F 318 -98.39 -129.59 31.52
C VAL F 318 -99.87 -129.24 31.56
N SER F 319 -100.48 -129.32 32.75
CA SER F 319 -101.87 -128.90 32.88
C SER F 319 -102.03 -127.44 32.49
N ALA F 320 -101.05 -126.60 32.84
CA ALA F 320 -101.08 -125.19 32.44
C ALA F 320 -101.08 -125.04 30.93
N ALA F 321 -100.12 -125.69 30.27
CA ALA F 321 -100.03 -125.59 28.81
C ALA F 321 -101.29 -126.11 28.15
N GLY F 322 -101.77 -127.29 28.57
CA GLY F 322 -102.98 -127.83 27.99
C GLY F 322 -104.21 -126.96 28.22
N ASN F 323 -104.27 -126.27 29.36
CA ASN F 323 -105.36 -125.35 29.59
C ASN F 323 -105.25 -124.11 28.72
N ILE F 324 -104.04 -123.56 28.56
CA ILE F 324 -103.87 -122.37 27.74
C ILE F 324 -104.00 -122.72 26.27
N ALA F 325 -103.23 -123.70 25.81
CA ALA F 325 -103.39 -124.25 24.47
C ALA F 325 -104.47 -125.34 24.49
N ARG F 326 -105.71 -124.87 24.62
CA ARG F 326 -106.84 -125.78 24.84
C ARG F 326 -106.99 -126.79 23.71
N THR F 327 -106.82 -126.36 22.46
CA THR F 327 -106.98 -127.24 21.32
C THR F 327 -105.78 -128.15 21.08
N ILE F 328 -104.87 -128.26 22.04
CA ILE F 328 -103.58 -128.91 21.83
C ILE F 328 -103.51 -130.21 22.61
N ASP F 329 -102.88 -131.22 22.00
CA ASP F 329 -102.60 -132.47 22.69
C ASP F 329 -101.48 -132.28 23.72
N ARG F 330 -101.69 -132.80 24.93
CA ARG F 330 -100.75 -132.57 26.03
C ARG F 330 -99.39 -133.19 25.79
N ASN F 331 -99.31 -134.27 24.99
CA ASN F 331 -98.06 -135.02 24.90
C ASN F 331 -96.95 -134.22 24.24
N VAL F 332 -97.29 -133.12 23.56
CA VAL F 332 -96.26 -132.28 22.96
C VAL F 332 -95.54 -131.46 24.02
N PHE F 333 -96.18 -131.18 25.14
CA PHE F 333 -95.56 -130.38 26.19
C PHE F 333 -94.74 -131.20 27.18
N LYS F 334 -94.37 -132.43 26.82
CA LYS F 334 -93.58 -133.28 27.71
C LYS F 334 -92.86 -134.32 26.87
N PRO F 335 -91.62 -134.69 27.23
CA PRO F 335 -90.90 -134.15 28.39
C PRO F 335 -90.10 -132.90 28.05
N ILE F 336 -89.73 -132.13 29.07
CA ILE F 336 -88.97 -130.90 28.87
C ILE F 336 -87.50 -131.26 28.67
N ILE F 337 -86.88 -130.66 27.67
CA ILE F 337 -85.53 -131.05 27.28
C ILE F 337 -84.46 -130.01 27.62
N HIS F 338 -84.81 -128.73 27.69
CA HIS F 338 -83.77 -127.72 27.92
C HIS F 338 -84.35 -126.48 28.58
N ILE F 339 -83.52 -125.83 29.37
CA ILE F 339 -83.86 -124.57 30.03
C ILE F 339 -82.74 -123.57 29.79
N SER F 340 -83.11 -122.32 29.56
CA SER F 340 -82.17 -121.27 29.21
C SER F 340 -82.56 -119.97 29.88
N VAL F 341 -81.55 -119.29 30.44
CA VAL F 341 -81.78 -117.98 31.04
C VAL F 341 -82.13 -116.98 29.95
N ILE F 342 -83.12 -116.14 30.23
CA ILE F 342 -83.46 -115.01 29.38
C ILE F 342 -83.10 -113.76 30.17
N GLU F 343 -81.92 -113.21 29.90
CA GLU F 343 -81.34 -112.18 30.75
C GLU F 343 -82.16 -110.89 30.71
N MET F 344 -81.71 -109.91 31.51
CA MET F 344 -82.35 -108.60 31.51
C MET F 344 -82.02 -107.81 30.25
N SER F 345 -80.88 -108.10 29.60
CA SER F 345 -80.57 -107.45 28.34
C SER F 345 -81.42 -107.95 27.19
N GLU F 346 -82.21 -109.00 27.43
CA GLU F 346 -83.13 -109.55 26.42
C GLU F 346 -84.59 -109.31 26.75
N SER F 347 -84.96 -109.34 28.04
CA SER F 347 -86.33 -109.05 28.45
C SER F 347 -86.32 -108.70 29.94
N VAL F 348 -87.32 -107.92 30.35
CA VAL F 348 -87.41 -107.53 31.75
C VAL F 348 -88.42 -108.40 32.50
N ASN F 349 -89.52 -108.78 31.85
CA ASN F 349 -90.54 -109.58 32.50
C ASN F 349 -90.29 -111.07 32.41
N CYS F 350 -90.12 -111.61 31.21
CA CYS F 350 -89.84 -113.03 31.02
C CYS F 350 -88.34 -113.25 31.19
N HIS F 351 -87.97 -114.18 32.06
CA HIS F 351 -86.58 -114.43 32.38
C HIS F 351 -86.14 -115.88 32.22
N LEU F 352 -87.03 -116.79 31.83
CA LEU F 352 -86.64 -118.18 31.63
C LEU F 352 -87.37 -118.74 30.42
N LEU F 353 -86.65 -119.50 29.60
CA LEU F 353 -87.25 -120.18 28.46
C LEU F 353 -87.01 -121.67 28.58
N ALA F 354 -88.07 -122.46 28.38
CA ALA F 354 -87.96 -123.91 28.47
C ALA F 354 -88.49 -124.55 27.20
N VAL F 355 -87.72 -125.48 26.66
CA VAL F 355 -88.03 -126.14 25.39
C VAL F 355 -88.19 -127.63 25.65
N THR F 356 -89.22 -128.23 25.04
CA THR F 356 -89.54 -129.63 25.23
C THR F 356 -89.14 -130.46 24.01
N HIS F 357 -89.53 -131.73 24.03
CA HIS F 357 -89.11 -132.70 23.02
C HIS F 357 -89.73 -132.44 21.65
N THR F 358 -90.81 -131.67 21.57
CA THR F 358 -91.46 -131.39 20.30
C THR F 358 -91.20 -129.97 19.81
N GLY F 359 -90.44 -129.17 20.56
CA GLY F 359 -90.12 -127.81 20.13
C GLY F 359 -90.96 -126.73 20.74
N VAL F 360 -91.66 -127.01 21.85
CA VAL F 360 -92.49 -125.99 22.47
C VAL F 360 -91.65 -125.14 23.42
N ARG F 361 -91.85 -123.82 23.34
CA ARG F 361 -91.08 -122.87 24.13
C ARG F 361 -91.99 -122.14 25.08
N PHE F 362 -91.80 -122.37 26.38
CA PHE F 362 -92.59 -121.72 27.42
C PHE F 362 -91.70 -120.69 28.13
N TYR F 363 -92.19 -119.46 28.21
CA TYR F 363 -91.50 -118.40 28.92
C TYR F 363 -92.05 -118.30 30.34
N PHE F 364 -91.18 -118.07 31.30
CA PHE F 364 -91.58 -117.94 32.70
C PHE F 364 -90.90 -116.73 33.31
N SER F 365 -91.64 -116.08 34.19
CA SER F 365 -91.16 -114.95 34.97
C SER F 365 -90.97 -115.38 36.41
N THR F 366 -90.31 -114.52 37.19
CA THR F 366 -90.04 -114.78 38.60
C THR F 366 -90.53 -113.68 39.52
N VAL F 367 -90.79 -112.49 38.99
CA VAL F 367 -91.33 -111.37 39.77
C VAL F 367 -92.52 -110.79 39.03
N PRO F 368 -93.38 -110.08 39.74
CA PRO F 368 -94.53 -109.43 39.07
C PRO F 368 -94.05 -108.53 37.95
N PHE F 369 -94.87 -108.42 36.91
CA PHE F 369 -94.48 -107.68 35.71
C PHE F 369 -94.03 -106.27 36.06
N LYS F 370 -93.10 -105.75 35.27
CA LYS F 370 -92.65 -104.36 35.36
C LYS F 370 -92.00 -104.04 36.69
N GLN F 371 -91.24 -104.99 37.25
CA GLN F 371 -90.46 -104.76 38.47
C GLN F 371 -89.07 -105.36 38.29
N PRO F 372 -88.16 -104.62 37.65
CA PRO F 372 -86.82 -105.18 37.41
C PRO F 372 -85.95 -105.27 38.65
N THR F 373 -86.30 -104.56 39.72
CA THR F 373 -85.46 -104.51 40.91
C THR F 373 -85.93 -105.43 42.03
N ALA F 374 -87.05 -106.13 41.85
CA ALA F 374 -87.51 -107.05 42.89
C ALA F 374 -86.84 -108.41 42.73
N ARG F 375 -86.51 -109.03 43.85
CA ARG F 375 -85.95 -110.37 43.82
C ARG F 375 -86.98 -111.35 43.28
N PRO F 376 -86.54 -112.51 42.82
CA PRO F 376 -87.51 -113.55 42.40
C PRO F 376 -88.40 -113.95 43.56
N CYS F 377 -89.71 -113.93 43.32
CA CYS F 377 -90.68 -114.33 44.34
C CYS F 377 -91.56 -115.48 43.90
N MET F 378 -91.42 -115.97 42.67
CA MET F 378 -92.22 -117.08 42.18
C MET F 378 -91.63 -117.56 40.86
N LEU F 379 -92.38 -118.42 40.17
CA LEU F 379 -92.03 -118.86 38.82
C LEU F 379 -93.36 -119.08 38.08
N ALA F 380 -93.76 -118.10 37.28
CA ALA F 380 -95.04 -118.14 36.58
C ALA F 380 -94.81 -118.37 35.09
N LEU F 381 -95.48 -119.39 34.56
CA LEU F 381 -95.51 -119.59 33.11
C LEU F 381 -96.37 -118.52 32.48
N VAL F 382 -95.75 -117.63 31.71
CA VAL F 382 -96.46 -116.47 31.15
C VAL F 382 -96.89 -116.69 29.72
N HIS F 383 -96.13 -117.43 28.92
CA HIS F 383 -96.45 -117.55 27.51
C HIS F 383 -96.12 -118.95 27.03
N VAL F 384 -96.93 -119.45 26.12
CA VAL F 384 -96.67 -120.71 25.42
C VAL F 384 -96.47 -120.37 23.95
N ARG F 385 -95.29 -120.66 23.43
CA ARG F 385 -94.94 -120.34 22.05
C ARG F 385 -94.57 -121.62 21.32
N LEU F 386 -95.53 -122.19 20.59
CA LEU F 386 -95.25 -123.40 19.82
C LEU F 386 -94.32 -123.06 18.66
N PRO F 387 -93.60 -124.06 18.15
CA PRO F 387 -92.71 -123.80 17.02
C PRO F 387 -93.47 -123.96 15.71
N PRO F 388 -92.80 -123.74 14.58
CA PRO F 388 -93.48 -123.88 13.29
C PRO F 388 -94.01 -125.29 13.09
N GLY F 389 -94.92 -125.44 12.13
CA GLY F 389 -95.50 -126.73 11.83
C GLY F 389 -97.02 -126.78 11.91
N ASN F 395 -97.53 -126.07 5.88
CA ASN F 395 -96.75 -127.02 5.09
C ASN F 395 -95.47 -127.40 5.82
N VAL F 396 -95.38 -126.98 7.08
CA VAL F 396 -94.15 -127.17 7.85
C VAL F 396 -94.26 -128.43 8.70
N GLU F 397 -93.24 -129.27 8.62
CA GLU F 397 -93.14 -130.41 9.51
C GLU F 397 -92.87 -129.95 10.93
N LYS F 398 -93.49 -130.61 11.90
CA LYS F 398 -93.29 -130.07 13.23
C LYS F 398 -92.07 -130.68 13.89
N PRO F 399 -91.29 -129.86 14.60
CA PRO F 399 -90.13 -130.40 15.33
C PRO F 399 -90.54 -131.51 16.27
N SER F 400 -89.68 -132.51 16.41
CA SER F 400 -89.97 -133.64 17.27
C SER F 400 -88.66 -134.27 17.73
N LYS F 401 -88.75 -135.08 18.78
CA LYS F 401 -87.61 -135.77 19.35
C LYS F 401 -86.47 -134.82 19.70
N VAL F 402 -86.81 -133.59 20.09
CA VAL F 402 -85.79 -132.59 20.37
C VAL F 402 -84.94 -133.05 21.55
N HIS F 403 -83.68 -133.38 21.27
CA HIS F 403 -82.79 -133.92 22.28
C HIS F 403 -81.84 -132.90 22.88
N LYS F 404 -81.40 -131.91 22.11
CA LYS F 404 -80.60 -130.82 22.63
C LYS F 404 -81.22 -129.51 22.17
N ALA F 405 -81.04 -128.46 22.98
CA ALA F 405 -81.54 -127.15 22.61
C ALA F 405 -80.63 -126.08 23.18
N LEU F 406 -80.59 -124.95 22.49
CA LEU F 406 -79.80 -123.80 22.90
C LEU F 406 -80.53 -122.53 22.50
N TYR F 407 -80.71 -121.64 23.48
CA TYR F 407 -81.35 -120.35 23.25
C TYR F 407 -80.34 -119.24 23.45
N ASN F 408 -80.27 -118.32 22.49
CA ASN F 408 -79.32 -117.20 22.54
C ASN F 408 -79.94 -115.99 21.84
N ASN F 409 -80.46 -115.06 22.64
CA ASN F 409 -80.85 -113.71 22.22
C ASN F 409 -81.66 -113.72 20.92
N GLY F 410 -82.86 -114.32 21.02
CA GLY F 410 -83.76 -114.36 19.90
C GLY F 410 -83.47 -115.47 18.91
N VAL F 411 -82.41 -116.24 19.12
CA VAL F 411 -82.08 -117.38 18.27
C VAL F 411 -82.39 -118.63 19.07
N LEU F 412 -83.14 -119.54 18.45
CA LEU F 412 -83.44 -120.83 19.06
C LEU F 412 -82.89 -121.92 18.16
N LEU F 413 -81.94 -122.69 18.68
CA LEU F 413 -81.38 -123.82 17.96
C LEU F 413 -81.82 -125.11 18.66
N MET F 414 -82.25 -126.08 17.86
CA MET F 414 -82.80 -127.31 18.40
C MET F 414 -82.26 -128.47 17.58
N ALA F 415 -81.71 -129.46 18.26
CA ALA F 415 -81.23 -130.67 17.64
C ALA F 415 -82.36 -131.69 17.63
N ALA F 416 -82.90 -131.98 16.46
CA ALA F 416 -83.93 -132.99 16.29
C ALA F 416 -83.31 -134.21 15.65
N SER F 417 -83.31 -135.33 16.37
CA SER F 417 -82.74 -136.55 15.83
C SER F 417 -83.65 -137.08 14.73
N GLU F 418 -83.17 -137.04 13.49
CA GLU F 418 -83.92 -137.62 12.37
C GLU F 418 -83.75 -139.13 12.34
N ASN F 419 -82.55 -139.60 12.66
CA ASN F 419 -82.29 -141.02 12.85
C ASN F 419 -81.24 -141.15 13.95
N GLU F 420 -80.70 -142.35 14.10
CA GLU F 420 -79.68 -142.57 15.12
C GLU F 420 -78.33 -141.97 14.74
N ASP F 421 -78.15 -141.55 13.49
CA ASP F 421 -76.84 -141.19 12.97
C ASP F 421 -76.72 -139.76 12.47
N ASN F 422 -77.82 -139.05 12.26
CA ASN F 422 -77.76 -137.71 11.69
C ASN F 422 -78.78 -136.82 12.36
N ASP F 423 -78.40 -135.57 12.60
CA ASP F 423 -79.26 -134.63 13.30
C ASP F 423 -79.77 -133.55 12.36
N MET F 424 -80.91 -132.98 12.71
CA MET F 424 -81.44 -131.80 12.04
C MET F 424 -81.33 -130.63 13.01
N LEU F 425 -80.43 -129.69 12.69
CA LEU F 425 -80.28 -128.47 13.46
C LEU F 425 -81.30 -127.45 12.96
N TRP F 426 -82.32 -127.21 13.77
CA TRP F 426 -83.35 -126.24 13.43
C TRP F 426 -83.02 -124.92 14.12
N CYS F 427 -83.23 -123.82 13.39
CA CYS F 427 -82.99 -122.48 13.91
C CYS F 427 -84.24 -121.65 13.67
N ILE F 428 -84.68 -120.95 14.70
CA ILE F 428 -85.84 -120.07 14.62
C ILE F 428 -85.47 -118.74 15.26
N ASN F 429 -85.70 -117.65 14.53
CA ASN F 429 -85.38 -116.33 15.05
C ASN F 429 -86.38 -115.33 14.51
N ARG F 430 -86.29 -114.10 15.00
CA ARG F 430 -87.14 -113.02 14.52
C ARG F 430 -86.32 -111.85 14.00
N ASP F 431 -85.09 -112.08 13.54
CA ASP F 431 -84.18 -111.01 13.16
C ASP F 431 -84.79 -110.11 12.10
N SER F 432 -85.52 -110.66 11.16
CA SER F 432 -86.19 -109.87 10.15
C SER F 432 -87.21 -108.95 10.80
N MET F 440 -93.63 -112.89 15.22
CA MET F 440 -93.25 -113.45 13.93
C MET F 440 -91.84 -114.02 13.98
N GLU F 441 -91.63 -115.16 13.30
CA GLU F 441 -90.34 -115.82 13.28
C GLU F 441 -90.10 -116.50 11.94
N THR F 442 -88.84 -116.45 11.49
CA THR F 442 -88.35 -117.23 10.36
C THR F 442 -87.57 -118.43 10.88
N GLN F 443 -87.60 -119.51 10.09
CA GLN F 443 -87.07 -120.80 10.53
C GLN F 443 -86.31 -121.47 9.40
N VAL F 444 -85.19 -122.11 9.74
CA VAL F 444 -84.32 -122.78 8.78
C VAL F 444 -83.76 -124.06 9.39
N THR F 445 -83.79 -125.14 8.62
CA THR F 445 -83.29 -126.43 9.05
C THR F 445 -82.01 -126.78 8.29
N THR F 446 -81.06 -127.38 8.98
CA THR F 446 -79.78 -127.74 8.38
C THR F 446 -79.40 -129.15 8.81
N GLN F 447 -78.93 -129.96 7.86
CA GLN F 447 -78.57 -131.34 8.16
C GLN F 447 -77.14 -131.43 8.67
N VAL F 448 -76.93 -132.21 9.74
CA VAL F 448 -75.64 -132.33 10.39
C VAL F 448 -75.31 -133.80 10.53
N ASP F 449 -74.11 -134.18 10.11
CA ASP F 449 -73.65 -135.54 10.25
C ASP F 449 -73.41 -135.86 11.72
N GLY F 450 -73.96 -136.97 12.18
CA GLY F 450 -73.79 -137.39 13.55
C GLY F 450 -74.97 -137.03 14.43
N HIS F 451 -75.13 -137.81 15.49
CA HIS F 451 -75.95 -137.37 16.61
C HIS F 451 -75.20 -136.32 17.40
N SER F 452 -75.87 -135.21 17.70
CA SER F 452 -75.23 -134.05 18.30
C SER F 452 -74.94 -134.34 19.76
N TRP F 453 -73.67 -134.23 20.15
CA TRP F 453 -73.30 -134.37 21.54
C TRP F 453 -73.39 -133.04 22.29
N ALA F 454 -73.08 -131.93 21.62
CA ALA F 454 -73.10 -130.63 22.27
C ALA F 454 -73.45 -129.54 21.27
N LEU F 455 -74.11 -128.50 21.75
CA LEU F 455 -74.41 -127.31 20.98
C LEU F 455 -74.15 -126.10 21.87
N SER F 456 -73.28 -125.20 21.44
CA SER F 456 -72.91 -124.05 22.26
C SER F 456 -72.68 -122.85 21.36
N ALA F 457 -72.90 -121.66 21.92
CA ALA F 457 -72.63 -120.43 21.19
C ALA F 457 -71.26 -119.89 21.53
N VAL F 458 -70.72 -119.06 20.64
CA VAL F 458 -69.43 -118.41 20.84
C VAL F 458 -69.71 -116.92 21.00
N ASP F 459 -69.84 -116.48 22.24
CA ASP F 459 -70.14 -115.08 22.54
C ASP F 459 -68.90 -114.21 22.36
N GLN F 486 -75.50 -103.59 13.00
CA GLN F 486 -74.80 -104.56 12.18
C GLN F 486 -73.57 -103.93 11.55
N HIS F 487 -73.36 -102.65 11.83
CA HIS F 487 -72.22 -101.94 11.25
C HIS F 487 -70.96 -102.07 12.10
N MET F 488 -71.11 -102.37 13.38
CA MET F 488 -69.97 -102.52 14.29
C MET F 488 -69.91 -103.88 14.97
N ILE F 489 -70.93 -104.72 14.82
CA ILE F 489 -70.96 -106.02 15.48
C ILE F 489 -70.78 -107.13 14.45
N PRO F 490 -70.12 -108.23 14.79
CA PRO F 490 -69.94 -109.32 13.83
C PRO F 490 -71.06 -110.34 13.93
N PRO F 491 -71.24 -111.18 12.92
CA PRO F 491 -72.26 -112.23 13.01
C PRO F 491 -71.93 -113.22 14.11
N LYS F 492 -72.95 -113.56 14.90
CA LYS F 492 -72.76 -114.44 16.04
C LYS F 492 -72.34 -115.83 15.59
N ARG F 493 -71.44 -116.46 16.34
CA ARG F 493 -70.90 -117.76 16.00
C ARG F 493 -71.45 -118.85 16.92
N PHE F 494 -71.47 -120.08 16.43
CA PHE F 494 -71.86 -121.20 17.26
C PHE F 494 -71.10 -122.46 16.82
N VAL F 495 -70.84 -123.32 17.80
CA VAL F 495 -70.10 -124.55 17.60
C VAL F 495 -70.99 -125.71 18.00
N LEU F 496 -71.11 -126.69 17.11
CA LEU F 496 -71.85 -127.92 17.37
C LEU F 496 -70.90 -129.09 17.31
N LEU F 497 -70.74 -129.79 18.42
CA LEU F 497 -69.84 -130.92 18.52
C LEU F 497 -70.65 -132.20 18.36
N SER F 498 -70.40 -132.93 17.28
CA SER F 498 -71.07 -134.19 17.02
C SER F 498 -70.04 -135.30 17.06
N ALA F 499 -70.53 -136.54 17.04
CA ALA F 499 -69.65 -137.69 16.93
C ALA F 499 -68.81 -137.66 15.65
N GLN F 500 -69.09 -136.73 14.74
CA GLN F 500 -68.31 -136.56 13.53
C GLN F 500 -67.16 -135.57 13.67
N GLY F 501 -67.18 -134.71 14.69
CA GLY F 501 -66.21 -133.65 14.83
C GLY F 501 -66.86 -132.34 15.22
N SER F 502 -66.27 -131.24 14.76
CA SER F 502 -66.77 -129.91 15.08
C SER F 502 -67.41 -129.30 13.84
N HIS F 503 -68.55 -128.64 14.02
CA HIS F 503 -69.17 -127.84 12.98
C HIS F 503 -69.26 -126.41 13.49
N ILE F 504 -68.66 -125.47 12.77
CA ILE F 504 -68.67 -124.06 13.11
C ILE F 504 -69.62 -123.36 12.14
N PHE F 505 -70.56 -122.59 12.69
CA PHE F 505 -71.54 -121.92 11.85
C PHE F 505 -71.77 -120.51 12.39
N TYR F 506 -72.37 -119.66 11.56
CA TYR F 506 -72.62 -118.28 11.90
C TYR F 506 -74.07 -117.93 11.59
N LYS F 507 -74.67 -117.14 12.47
CA LYS F 507 -76.01 -116.63 12.25
C LYS F 507 -75.94 -115.37 11.39
N LEU F 508 -76.49 -115.44 10.19
CA LEU F 508 -76.40 -114.34 9.24
C LEU F 508 -77.00 -113.07 9.83
N ARG F 509 -76.28 -111.97 9.67
CA ARG F 509 -76.82 -110.65 9.98
C ARG F 509 -77.47 -110.06 8.74
N PRO F 510 -78.19 -108.94 8.88
CA PRO F 510 -78.84 -108.35 7.71
C PRO F 510 -77.87 -107.97 6.60
N VAL F 511 -76.75 -107.32 6.94
CA VAL F 511 -75.74 -107.04 5.93
C VAL F 511 -75.25 -108.33 5.30
N ASP F 512 -75.16 -109.40 6.10
CA ASP F 512 -74.71 -110.68 5.57
C ASP F 512 -75.68 -111.22 4.54
N GLN F 513 -76.98 -111.16 4.83
CA GLN F 513 -77.96 -111.66 3.87
C GLN F 513 -77.99 -110.79 2.62
N LEU F 514 -77.83 -109.49 2.79
CA LEU F 514 -77.78 -108.61 1.62
C LEU F 514 -76.58 -108.93 0.74
N ARG F 515 -75.43 -109.18 1.36
CA ARG F 515 -74.24 -109.58 0.60
C ARG F 515 -74.45 -110.94 -0.07
N HIS F 516 -75.12 -111.87 0.63
CA HIS F 516 -75.45 -113.15 0.03
C HIS F 516 -76.26 -112.97 -1.25
N LEU F 517 -77.31 -112.17 -1.19
CA LEU F 517 -78.13 -111.94 -2.38
C LEU F 517 -77.35 -111.21 -3.46
N LEU F 518 -76.46 -110.28 -3.06
CA LEU F 518 -75.70 -109.52 -4.05
C LEU F 518 -74.70 -110.39 -4.79
N VAL F 519 -74.02 -111.28 -4.07
CA VAL F 519 -73.06 -112.17 -4.72
C VAL F 519 -73.78 -113.27 -5.49
N SER F 520 -74.93 -113.71 -4.98
CA SER F 520 -75.72 -114.69 -5.70
C SER F 520 -76.22 -114.13 -7.04
N ASN F 521 -76.75 -112.90 -7.02
CA ASN F 521 -77.12 -112.23 -8.25
C ASN F 521 -75.91 -111.80 -9.08
N SER F 522 -74.70 -111.96 -8.54
CA SER F 522 -73.47 -111.58 -9.24
C SER F 522 -73.50 -110.11 -9.67
N GLY F 523 -74.14 -109.29 -8.85
CA GLY F 523 -74.34 -107.89 -9.19
C GLY F 523 -75.45 -107.31 -8.37
N GLY F 524 -75.69 -106.01 -8.60
CA GLY F 524 -76.60 -105.22 -7.79
C GLY F 524 -78.04 -105.17 -8.25
N ASP F 525 -78.44 -105.94 -9.26
CA ASP F 525 -79.81 -105.93 -9.76
C ASP F 525 -80.39 -107.32 -9.63
N GLY F 526 -81.69 -107.40 -9.33
CA GLY F 526 -82.34 -108.69 -9.19
C GLY F 526 -83.64 -108.65 -8.41
N GLU F 527 -84.51 -109.64 -8.61
CA GLU F 527 -85.79 -109.67 -7.91
C GLU F 527 -85.61 -109.89 -6.42
N GLU F 528 -84.65 -110.75 -6.04
CA GLU F 528 -84.35 -110.94 -4.63
C GLU F 528 -83.92 -109.62 -3.98
N ILE F 529 -83.28 -108.75 -4.75
CA ILE F 529 -82.80 -107.49 -4.20
C ILE F 529 -83.97 -106.57 -3.85
N GLU F 530 -84.87 -106.35 -4.81
CA GLU F 530 -86.05 -105.53 -4.53
C GLU F 530 -86.93 -106.18 -3.46
N ARG F 531 -86.95 -107.52 -3.40
CA ARG F 531 -87.76 -108.20 -2.39
C ARG F 531 -87.20 -107.99 -0.99
N PHE F 532 -85.89 -108.16 -0.80
CA PHE F 532 -85.29 -107.88 0.50
C PHE F 532 -85.42 -106.41 0.84
N PHE F 533 -85.38 -105.54 -0.17
CA PHE F 533 -85.62 -104.11 0.07
C PHE F 533 -87.04 -103.87 0.56
N LYS F 534 -88.00 -104.63 0.02
CA LYS F 534 -89.36 -104.56 0.52
C LYS F 534 -89.44 -105.07 1.97
N LEU F 535 -88.72 -106.15 2.26
CA LEU F 535 -88.77 -106.74 3.59
C LEU F 535 -88.13 -105.81 4.61
N HIS F 536 -87.11 -105.07 4.21
CA HIS F 536 -86.40 -104.20 5.12
C HIS F 536 -86.78 -102.73 4.99
N GLN F 537 -87.96 -102.41 4.45
CA GLN F 537 -88.47 -101.05 4.56
C GLN F 537 -87.50 -100.02 4.01
N GLU F 538 -87.54 -99.75 2.70
CA GLU F 538 -86.35 -99.44 1.90
C GLU F 538 -85.30 -98.61 2.65
N ASN F 539 -85.69 -97.91 3.71
CA ASN F 539 -84.68 -97.30 4.58
C ASN F 539 -83.62 -98.30 5.01
N GLN F 540 -84.03 -99.43 5.59
CA GLN F 540 -83.04 -100.33 6.17
C GLN F 540 -82.28 -101.10 5.09
N ALA F 541 -82.94 -101.45 4.00
CA ALA F 541 -82.21 -102.04 2.87
C ALA F 541 -81.17 -101.06 2.34
N CYS F 542 -81.54 -99.79 2.21
CA CYS F 542 -80.57 -98.78 1.79
C CYS F 542 -79.44 -98.65 2.81
N ALA F 543 -79.76 -98.79 4.10
CA ALA F 543 -78.73 -98.65 5.13
C ALA F 543 -77.73 -99.80 5.05
N THR F 544 -78.23 -101.04 4.96
CA THR F 544 -77.34 -102.17 4.77
C THR F 544 -76.60 -102.07 3.44
N CYS F 545 -77.20 -101.38 2.46
CA CYS F 545 -76.52 -101.12 1.21
C CYS F 545 -75.34 -100.17 1.42
N LEU F 546 -75.56 -99.09 2.18
CA LEU F 546 -74.49 -98.17 2.49
C LEU F 546 -73.40 -98.84 3.31
N ILE F 547 -73.76 -99.79 4.16
CA ILE F 547 -72.78 -100.51 4.95
C ILE F 547 -71.83 -101.28 4.04
N LEU F 548 -72.36 -101.89 2.98
CA LEU F 548 -71.53 -102.71 2.10
C LEU F 548 -70.83 -101.84 1.06
N ALA F 549 -71.42 -100.71 0.68
CA ALA F 549 -70.78 -99.82 -0.27
C ALA F 549 -69.78 -98.90 0.41
N CYS F 550 -69.60 -99.04 1.72
CA CYS F 550 -68.67 -98.25 2.49
C CYS F 550 -67.47 -99.04 3.00
N SER F 551 -67.59 -100.36 3.09
CA SER F 551 -66.55 -101.17 3.72
C SER F 551 -65.26 -101.11 2.91
N SER F 552 -64.13 -101.23 3.62
CA SER F 552 -62.82 -101.18 2.99
C SER F 552 -62.16 -102.56 2.89
N ALA F 553 -62.92 -103.63 3.00
CA ALA F 553 -62.36 -104.97 2.84
C ALA F 553 -62.14 -105.27 1.36
N ALA F 554 -60.92 -105.71 1.02
CA ALA F 554 -60.65 -106.09 -0.36
C ALA F 554 -61.57 -107.21 -0.83
N SER F 555 -62.08 -108.01 0.11
CA SER F 555 -63.09 -109.01 -0.19
C SER F 555 -64.44 -108.40 -0.56
N ASP F 556 -64.54 -107.07 -0.63
CA ASP F 556 -65.82 -106.40 -0.86
C ASP F 556 -65.81 -105.49 -2.08
N ARG F 557 -64.64 -105.28 -2.71
CA ARG F 557 -64.52 -104.28 -3.78
C ARG F 557 -65.61 -104.45 -4.83
N GLU F 558 -65.89 -105.69 -5.24
CA GLU F 558 -66.94 -105.93 -6.22
C GLU F 558 -68.33 -105.80 -5.59
N VAL F 559 -68.53 -106.40 -4.41
CA VAL F 559 -69.79 -106.24 -3.71
C VAL F 559 -70.03 -104.78 -3.37
N SER F 560 -68.96 -104.06 -2.99
CA SER F 560 -69.04 -102.62 -2.82
C SER F 560 -69.70 -101.96 -4.02
N SER F 561 -69.30 -102.36 -5.22
CA SER F 561 -69.89 -101.77 -6.42
C SER F 561 -71.36 -102.14 -6.55
N TRP F 562 -71.72 -103.38 -6.21
CA TRP F 562 -73.08 -103.85 -6.47
C TRP F 562 -74.08 -103.25 -5.49
N ALA F 563 -73.78 -103.29 -4.19
CA ALA F 563 -74.69 -102.75 -3.19
C ALA F 563 -74.98 -101.28 -3.45
N ALA F 564 -73.92 -100.50 -3.72
CA ALA F 564 -74.11 -99.13 -4.16
C ALA F 564 -75.17 -99.05 -5.26
N ARG F 565 -75.00 -99.84 -6.32
CA ARG F 565 -75.97 -99.85 -7.40
C ARG F 565 -77.37 -100.12 -6.85
N ALA F 566 -77.50 -101.18 -6.03
CA ALA F 566 -78.82 -101.50 -5.47
C ALA F 566 -79.33 -100.36 -4.61
N PHE F 567 -78.43 -99.72 -3.85
CA PHE F 567 -78.82 -98.53 -3.10
C PHE F 567 -79.50 -97.53 -4.03
N PHE F 568 -78.85 -97.22 -5.16
CA PHE F 568 -79.47 -96.33 -6.12
C PHE F 568 -80.71 -96.95 -6.74
N ARG F 569 -80.70 -98.26 -6.96
CA ARG F 569 -81.76 -98.88 -7.74
C ARG F 569 -83.03 -99.09 -6.91
N TYR F 570 -82.88 -99.51 -5.67
CA TYR F 570 -84.03 -99.87 -4.84
C TYR F 570 -84.36 -98.83 -3.77
N GLY F 571 -83.67 -97.70 -3.75
CA GLY F 571 -83.90 -96.68 -2.75
C GLY F 571 -85.03 -95.73 -3.04
N GLY F 572 -85.73 -95.89 -4.16
CA GLY F 572 -86.87 -95.06 -4.45
C GLY F 572 -86.50 -93.62 -4.74
N GLU F 573 -87.49 -92.75 -4.58
CA GLU F 573 -87.34 -91.32 -4.78
C GLU F 573 -88.24 -90.57 -3.80
N ALA F 574 -87.87 -89.33 -3.52
CA ALA F 574 -88.65 -88.49 -2.62
C ALA F 574 -90.10 -88.44 -3.05
N GLN F 575 -90.99 -88.72 -2.10
CA GLN F 575 -92.41 -88.70 -2.36
C GLN F 575 -93.01 -87.42 -1.78
N LEU F 576 -94.15 -87.03 -2.31
CA LEU F 576 -94.82 -85.83 -1.86
C LEU F 576 -96.25 -86.13 -1.40
N GLU F 650 -97.96 -83.57 3.97
CA GLU F 650 -96.61 -83.87 4.44
C GLU F 650 -95.88 -84.77 3.45
N ILE F 651 -94.57 -84.55 3.31
CA ILE F 651 -93.75 -85.31 2.37
C ILE F 651 -93.05 -86.44 3.14
N VAL F 652 -93.36 -87.68 2.75
CA VAL F 652 -92.75 -88.86 3.35
C VAL F 652 -91.52 -89.21 2.52
N PHE F 653 -90.34 -88.95 3.08
CA PHE F 653 -89.10 -89.13 2.35
C PHE F 653 -88.92 -90.57 1.91
N SER F 654 -88.05 -90.77 0.92
CA SER F 654 -87.91 -92.07 0.28
C SER F 654 -87.25 -93.07 1.21
N GLY F 655 -87.14 -94.31 0.72
CA GLY F 655 -86.38 -95.32 1.44
C GLY F 655 -84.92 -94.98 1.58
N LYS F 656 -84.27 -94.61 0.46
CA LYS F 656 -82.83 -94.35 0.49
C LYS F 656 -82.50 -93.15 1.38
N HIS F 657 -83.33 -92.11 1.34
CA HIS F 657 -83.09 -90.95 2.18
C HIS F 657 -83.07 -91.33 3.65
N ASN F 658 -84.19 -91.84 4.17
CA ASN F 658 -84.27 -92.23 5.57
C ASN F 658 -83.20 -93.26 5.92
N GLY F 659 -82.87 -94.12 4.97
CA GLY F 659 -81.88 -95.16 5.24
C GLY F 659 -80.48 -94.62 5.41
N ILE F 660 -80.05 -93.74 4.50
CA ILE F 660 -78.75 -93.10 4.64
C ILE F 660 -78.72 -92.29 5.92
N CYS F 661 -79.83 -91.64 6.25
CA CYS F 661 -79.89 -90.87 7.49
C CYS F 661 -79.70 -91.78 8.70
N ILE F 662 -80.42 -92.90 8.73
CA ILE F 662 -80.38 -93.80 9.88
C ILE F 662 -79.01 -94.45 9.99
N TYR F 663 -78.43 -94.84 8.86
CA TYR F 663 -77.09 -95.42 8.89
C TYR F 663 -76.06 -94.41 9.39
N PHE F 664 -76.15 -93.17 8.90
CA PHE F 664 -75.26 -92.13 9.40
C PHE F 664 -75.43 -91.94 10.90
N CYS F 665 -76.67 -91.94 11.37
CA CYS F 665 -76.91 -91.74 12.80
C CYS F 665 -76.38 -92.90 13.63
N ARG F 666 -76.59 -94.14 13.17
CA ARG F 666 -76.09 -95.29 13.89
C ARG F 666 -74.57 -95.31 13.93
N ILE F 667 -73.93 -94.97 12.82
CA ILE F 667 -72.47 -94.89 12.79
C ILE F 667 -71.98 -93.80 13.75
N ILE F 668 -72.57 -92.61 13.65
CA ILE F 668 -72.18 -91.51 14.52
C ILE F 668 -72.52 -91.82 15.97
N GLY F 669 -73.33 -92.85 16.20
CA GLY F 669 -73.52 -93.46 17.50
C GLY F 669 -73.63 -92.53 18.69
N ASN F 670 -72.68 -92.66 19.62
CA ASN F 670 -72.68 -91.82 20.81
C ASN F 670 -72.10 -90.44 20.52
N ILE F 671 -71.02 -90.38 19.73
CA ILE F 671 -70.32 -89.11 19.50
C ILE F 671 -71.23 -88.08 18.86
N TRP F 672 -72.34 -88.52 18.26
CA TRP F 672 -73.37 -87.58 17.83
C TRP F 672 -73.92 -86.83 19.04
N ASP F 673 -74.37 -87.56 20.06
CA ASP F 673 -75.00 -86.99 21.23
C ASP F 673 -74.06 -86.86 22.42
N GLY F 674 -72.95 -87.57 22.42
CA GLY F 674 -72.03 -87.50 23.54
C GLY F 674 -71.41 -86.12 23.67
N SER F 675 -70.94 -85.84 24.88
CA SER F 675 -70.12 -84.66 25.07
C SER F 675 -68.79 -84.85 24.36
N VAL F 676 -68.27 -83.78 23.76
CA VAL F 676 -66.98 -83.89 23.10
C VAL F 676 -65.83 -83.66 24.07
N ALA F 677 -66.08 -82.97 25.18
CA ALA F 677 -65.05 -82.70 26.17
C ALA F 677 -65.58 -82.94 27.58
N VAL F 678 -64.82 -83.71 28.36
CA VAL F 678 -65.20 -84.04 29.72
C VAL F 678 -64.12 -83.52 30.65
N GLU F 679 -64.53 -82.89 31.75
CA GLU F 679 -63.60 -82.33 32.71
C GLU F 679 -63.16 -83.41 33.68
N ASN F 680 -61.87 -83.71 33.70
CA ASN F 680 -61.28 -84.65 34.64
C ASN F 680 -60.54 -83.87 35.71
N THR F 681 -60.80 -84.19 36.97
CA THR F 681 -60.13 -83.57 38.10
C THR F 681 -59.09 -84.55 38.63
N PHE F 682 -57.82 -84.25 38.41
CA PHE F 682 -56.73 -85.13 38.82
C PHE F 682 -56.14 -84.62 40.13
N GLN F 683 -55.54 -85.53 40.90
CA GLN F 683 -54.93 -85.17 42.17
C GLN F 683 -53.40 -85.14 42.00
N SER F 684 -52.83 -83.95 41.92
CA SER F 684 -51.39 -83.75 41.84
C SER F 684 -50.92 -83.35 43.23
N GLY F 685 -50.33 -84.30 43.95
CA GLY F 685 -49.88 -84.05 45.30
C GLY F 685 -51.03 -83.71 46.23
N ASN F 686 -51.06 -82.45 46.69
CA ASN F 686 -52.16 -81.97 47.52
C ASN F 686 -53.05 -80.97 46.80
N ARG F 687 -53.05 -80.96 45.46
CA ARG F 687 -53.82 -79.99 44.70
C ARG F 687 -54.57 -80.69 43.57
N GLU F 688 -55.87 -80.42 43.47
CA GLU F 688 -56.66 -80.94 42.36
C GLU F 688 -56.49 -80.05 41.14
N VAL F 689 -55.99 -80.62 40.05
CA VAL F 689 -55.85 -79.93 38.79
C VAL F 689 -57.04 -80.31 37.92
N THR F 690 -57.80 -79.30 37.49
CA THR F 690 -58.94 -79.53 36.61
C THR F 690 -58.50 -79.38 35.16
N ALA F 691 -58.65 -80.44 34.39
CA ALA F 691 -58.27 -80.43 32.98
C ALA F 691 -59.38 -81.03 32.15
N ILE F 692 -59.80 -80.29 31.14
CA ILE F 692 -60.83 -80.75 30.22
C ILE F 692 -60.13 -81.57 29.15
N ASP F 693 -60.62 -82.78 28.93
CA ASP F 693 -59.98 -83.71 28.01
C ASP F 693 -60.96 -84.17 26.94
N SER F 694 -60.40 -84.59 25.82
CA SER F 694 -61.19 -85.12 24.73
C SER F 694 -61.98 -86.33 25.21
N SER F 695 -63.21 -86.46 24.73
CA SER F 695 -64.09 -87.51 25.22
C SER F 695 -63.78 -88.86 24.58
N VAL F 696 -63.39 -88.86 23.31
CA VAL F 696 -63.12 -90.09 22.58
C VAL F 696 -61.64 -90.16 22.26
N THR F 697 -61.00 -91.25 22.70
CA THR F 697 -59.61 -91.48 22.35
C THR F 697 -59.49 -91.69 20.84
N PRO F 698 -58.28 -91.68 20.32
CA PRO F 698 -58.11 -91.60 18.86
C PRO F 698 -58.66 -92.78 18.09
N GLN F 699 -58.75 -93.96 18.71
CA GLN F 699 -59.03 -95.17 17.95
C GLN F 699 -60.51 -95.32 17.63
N HIS F 700 -61.39 -95.09 18.61
CA HIS F 700 -62.81 -95.07 18.30
C HIS F 700 -63.10 -94.05 17.22
N LEU F 701 -62.47 -92.88 17.31
CA LEU F 701 -62.66 -91.84 16.29
C LEU F 701 -62.15 -92.29 14.94
N GLU F 702 -61.07 -93.08 14.92
CA GLU F 702 -60.54 -93.56 13.65
C GLU F 702 -61.49 -94.56 13.00
N SER F 703 -62.02 -95.50 13.78
CA SER F 703 -62.98 -96.46 13.23
C SER F 703 -64.25 -95.74 12.78
N VAL F 704 -64.69 -94.75 13.56
CA VAL F 704 -65.88 -94.00 13.19
C VAL F 704 -65.66 -93.20 11.92
N LEU F 705 -64.48 -92.59 11.79
CA LEU F 705 -64.13 -91.90 10.57
C LEU F 705 -64.02 -92.86 9.41
N LYS F 706 -63.64 -94.11 9.68
CA LYS F 706 -63.60 -95.11 8.62
C LYS F 706 -64.99 -95.38 8.08
N GLU F 707 -65.92 -95.74 8.96
CA GLU F 707 -67.30 -95.95 8.52
C GLU F 707 -67.89 -94.69 7.90
N LEU F 708 -67.53 -93.52 8.42
CA LEU F 708 -68.11 -92.27 7.94
C LEU F 708 -67.59 -91.90 6.56
N LYS F 709 -66.28 -91.96 6.35
CA LYS F 709 -65.73 -91.70 5.04
C LYS F 709 -66.16 -92.77 4.03
N GLY F 710 -66.45 -93.98 4.50
CA GLY F 710 -67.08 -94.96 3.63
C GLY F 710 -68.45 -94.50 3.15
N LEU F 711 -69.29 -94.06 4.09
CA LEU F 711 -70.58 -93.48 3.71
C LEU F 711 -70.39 -92.31 2.76
N LEU F 712 -69.37 -91.48 3.01
CA LEU F 712 -69.08 -90.35 2.13
C LEU F 712 -68.72 -90.82 0.73
N GLU F 713 -67.94 -91.89 0.64
CA GLU F 713 -67.61 -92.47 -0.65
C GLU F 713 -68.87 -92.90 -1.38
N PHE F 714 -69.77 -93.58 -0.66
CA PHE F 714 -71.04 -93.97 -1.27
C PHE F 714 -71.80 -92.75 -1.79
N LEU F 715 -71.88 -91.70 -0.97
CA LEU F 715 -72.66 -90.52 -1.33
C LEU F 715 -72.06 -89.84 -2.55
N ASP F 716 -70.75 -89.67 -2.58
CA ASP F 716 -70.10 -89.06 -3.74
C ASP F 716 -70.30 -89.91 -4.99
N ARG F 717 -70.19 -91.24 -4.84
CA ARG F 717 -70.33 -92.12 -6.00
C ARG F 717 -71.73 -92.02 -6.60
N TYR F 718 -72.77 -92.06 -5.77
CA TYR F 718 -74.14 -92.13 -6.26
C TYR F 718 -74.81 -90.78 -6.42
N SER F 719 -74.11 -89.68 -6.11
CA SER F 719 -74.76 -88.37 -6.05
C SER F 719 -75.37 -87.95 -7.38
N GLN F 720 -74.93 -88.55 -8.49
CA GLN F 720 -75.45 -88.15 -9.79
C GLN F 720 -76.78 -88.83 -10.11
N PHE F 721 -77.13 -89.90 -9.40
CA PHE F 721 -78.34 -90.64 -9.69
C PHE F 721 -79.56 -90.01 -9.06
N GLU F 766 -91.25 -80.71 -6.31
CA GLU F 766 -91.24 -80.27 -4.93
C GLU F 766 -90.71 -81.36 -4.00
N ALA F 767 -90.90 -82.62 -4.40
CA ALA F 767 -90.43 -83.72 -3.58
C ALA F 767 -88.94 -83.97 -3.78
N GLN F 768 -88.51 -84.13 -5.04
CA GLN F 768 -87.13 -84.49 -5.30
C GLN F 768 -86.18 -83.40 -4.83
N LEU F 769 -86.48 -82.14 -5.12
CA LEU F 769 -85.63 -81.05 -4.66
C LEU F 769 -85.58 -81.01 -3.14
N ALA F 770 -86.69 -81.37 -2.49
CA ALA F 770 -86.70 -81.44 -1.03
C ALA F 770 -85.71 -82.48 -0.52
N GLU F 771 -85.79 -83.70 -1.05
CA GLU F 771 -84.82 -84.73 -0.65
C GLU F 771 -83.41 -84.30 -1.01
N GLN F 772 -83.26 -83.50 -2.07
CA GLN F 772 -81.95 -83.01 -2.45
C GLN F 772 -81.41 -82.04 -1.39
N PHE F 773 -82.27 -81.16 -0.88
CA PHE F 773 -81.85 -80.26 0.19
C PHE F 773 -81.49 -81.03 1.46
N SER F 774 -82.30 -82.05 1.79
CA SER F 774 -82.01 -82.86 2.98
C SER F 774 -80.70 -83.63 2.82
N LEU F 775 -80.46 -84.21 1.64
CA LEU F 775 -79.21 -84.93 1.41
C LEU F 775 -78.02 -83.99 1.40
N GLN F 776 -78.19 -82.78 0.87
CA GLN F 776 -77.11 -81.79 0.92
C GLN F 776 -76.76 -81.43 2.35
N GLY F 777 -77.78 -81.20 3.18
CA GLY F 777 -77.54 -80.95 4.59
C GLY F 777 -76.83 -82.11 5.27
N ILE F 778 -77.30 -83.33 5.00
CA ILE F 778 -76.64 -84.52 5.55
C ILE F 778 -75.18 -84.57 5.13
N HIS F 779 -74.90 -84.32 3.85
CA HIS F 779 -73.53 -84.43 3.35
C HIS F 779 -72.62 -83.38 3.96
N GLN F 780 -73.08 -82.12 4.02
CA GLN F 780 -72.25 -81.08 4.60
C GLN F 780 -72.02 -81.34 6.08
N LEU F 781 -73.04 -81.78 6.80
CA LEU F 781 -72.85 -82.15 8.19
C LEU F 781 -71.85 -83.29 8.30
N VAL F 782 -71.88 -84.23 7.36
CA VAL F 782 -70.97 -85.37 7.41
C VAL F 782 -69.54 -84.91 7.22
N ARG F 783 -69.33 -83.93 6.33
CA ARG F 783 -67.98 -83.38 6.16
C ARG F 783 -67.52 -82.69 7.44
N LYS F 784 -68.43 -81.91 8.05
CA LYS F 784 -68.11 -81.27 9.32
C LYS F 784 -67.77 -82.30 10.39
N MET F 785 -68.49 -83.43 10.40
CA MET F 785 -68.30 -84.44 11.43
C MET F 785 -67.00 -85.21 11.22
N CYS F 786 -66.68 -85.57 9.98
CA CYS F 786 -65.39 -86.18 9.68
C CYS F 786 -64.26 -85.30 10.16
N GLN F 787 -64.28 -84.02 9.77
CA GLN F 787 -63.24 -83.11 10.23
C GLN F 787 -63.22 -83.01 11.75
N ALA F 788 -64.40 -82.95 12.38
CA ALA F 788 -64.48 -82.77 13.82
C ALA F 788 -63.90 -83.95 14.57
N LEU F 789 -64.26 -85.17 14.16
CA LEU F 789 -63.73 -86.35 14.84
C LEU F 789 -62.23 -86.49 14.59
N ALA F 790 -61.77 -86.15 13.38
CA ALA F 790 -60.34 -86.11 13.16
C ALA F 790 -59.66 -85.15 14.12
N LEU F 791 -60.27 -83.99 14.35
CA LEU F 791 -59.68 -83.01 15.26
C LEU F 791 -59.70 -83.50 16.70
N TRP F 792 -60.79 -84.16 17.10
CA TRP F 792 -60.86 -84.69 18.45
C TRP F 792 -59.78 -85.73 18.69
N LYS F 793 -59.60 -86.64 17.74
CA LYS F 793 -58.50 -87.59 17.84
C LYS F 793 -57.16 -86.87 17.85
N LEU F 794 -57.03 -85.80 17.05
CA LEU F 794 -55.79 -85.05 17.01
C LEU F 794 -55.46 -84.45 18.38
N LEU F 795 -56.46 -83.92 19.06
CA LEU F 795 -56.22 -83.36 20.39
C LEU F 795 -55.94 -84.45 21.41
N CYS F 796 -56.67 -85.55 21.36
CA CYS F 796 -56.48 -86.62 22.34
C CYS F 796 -55.13 -87.28 22.17
N GLU F 797 -54.59 -87.29 20.95
CA GLU F 797 -53.25 -87.81 20.72
C GLU F 797 -52.17 -86.86 21.21
N HIS F 798 -52.54 -85.63 21.59
CA HIS F 798 -51.59 -84.62 22.05
C HIS F 798 -51.91 -84.13 23.46
N GLN F 799 -52.23 -85.05 24.37
CA GLN F 799 -52.47 -84.73 25.78
C GLN F 799 -53.62 -83.74 25.94
N PHE F 800 -54.80 -84.22 25.56
CA PHE F 800 -56.02 -83.42 25.61
C PHE F 800 -56.19 -82.65 26.91
N SER F 801 -55.93 -83.32 28.04
CA SER F 801 -56.15 -82.68 29.33
C SER F 801 -55.30 -81.43 29.50
N LEU F 802 -54.02 -81.50 29.09
CA LEU F 802 -53.18 -80.31 29.15
C LEU F 802 -53.66 -79.24 28.18
N VAL F 803 -53.98 -79.62 26.95
CA VAL F 803 -54.39 -78.65 25.94
C VAL F 803 -55.59 -77.84 26.42
N VAL F 804 -56.68 -78.52 26.78
CA VAL F 804 -57.87 -77.77 27.19
C VAL F 804 -57.70 -77.20 28.59
N SER F 805 -56.75 -77.72 29.37
CA SER F 805 -56.42 -77.09 30.64
C SER F 805 -55.96 -75.65 30.46
N ASP F 806 -55.32 -75.35 29.33
CA ASP F 806 -54.96 -73.98 29.02
C ASP F 806 -56.13 -73.15 28.57
N LEU F 807 -57.21 -73.78 28.10
CA LEU F 807 -58.40 -73.05 27.70
C LEU F 807 -59.00 -72.33 28.90
N GLN F 808 -59.89 -71.38 28.62
CA GLN F 808 -60.49 -70.59 29.68
C GLN F 808 -61.43 -71.45 30.53
N LYS F 809 -61.43 -71.18 31.84
CA LYS F 809 -62.26 -71.96 32.76
C LYS F 809 -63.72 -71.92 32.35
N GLU F 810 -64.20 -70.76 31.91
CA GLU F 810 -65.54 -70.70 31.37
C GLU F 810 -65.67 -71.57 30.12
N LEU F 811 -64.66 -71.54 29.25
CA LEU F 811 -64.68 -72.41 28.08
C LEU F 811 -64.61 -73.89 28.48
N GLN F 812 -63.91 -74.20 29.58
CA GLN F 812 -63.88 -75.59 30.04
C GLN F 812 -65.25 -76.03 30.55
N GLU F 813 -65.90 -75.18 31.34
CA GLU F 813 -67.24 -75.51 31.82
C GLU F 813 -68.21 -75.64 30.66
N GLN F 814 -68.11 -74.76 29.66
CA GLN F 814 -68.96 -74.89 28.49
C GLN F 814 -68.67 -76.19 27.75
N LEU F 815 -67.40 -76.59 27.71
CA LEU F 815 -67.06 -77.91 27.17
C LEU F 815 -67.71 -79.02 27.97
N LYS F 816 -67.90 -78.80 29.28
CA LYS F 816 -68.55 -79.80 30.11
C LYS F 816 -70.03 -79.93 29.79
N ILE F 817 -70.66 -78.86 29.31
CA ILE F 817 -72.08 -78.87 29.01
C ILE F 817 -72.36 -79.05 27.53
N THR F 818 -71.32 -79.12 26.71
CA THR F 818 -71.49 -79.23 25.27
C THR F 818 -71.62 -80.69 24.85
N THR F 819 -72.69 -81.00 24.12
CA THR F 819 -72.79 -82.29 23.45
C THR F 819 -72.28 -82.15 22.02
N PHE F 820 -71.51 -83.15 21.59
CA PHE F 820 -70.73 -82.99 20.36
C PHE F 820 -71.61 -82.64 19.16
N LYS F 821 -72.91 -82.92 19.25
CA LYS F 821 -73.82 -82.41 18.22
C LYS F 821 -73.80 -80.89 18.19
N ASP F 822 -73.89 -80.26 19.36
CA ASP F 822 -73.76 -78.81 19.42
C ASP F 822 -72.34 -78.36 19.06
N LEU F 823 -71.36 -79.25 19.25
CA LEU F 823 -69.99 -78.92 18.88
C LEU F 823 -69.85 -78.79 17.37
N VAL F 824 -70.40 -79.75 16.63
CA VAL F 824 -70.28 -79.72 15.18
C VAL F 824 -71.23 -78.69 14.57
N ILE F 825 -72.42 -78.54 15.15
CA ILE F 825 -73.45 -77.73 14.50
C ILE F 825 -73.27 -76.25 14.79
N ARG F 826 -73.11 -75.88 16.06
CA ARG F 826 -73.29 -74.49 16.47
C ARG F 826 -72.02 -73.82 16.99
N ASP F 827 -71.25 -74.48 17.85
CA ASP F 827 -70.17 -73.81 18.58
C ASP F 827 -68.85 -74.02 17.85
N LYS F 828 -68.69 -73.31 16.73
CA LYS F 828 -67.38 -73.25 16.09
C LYS F 828 -66.39 -72.51 16.98
N GLU F 829 -66.88 -71.80 17.98
CA GLU F 829 -66.01 -71.05 18.88
C GLU F 829 -65.20 -71.99 19.76
N LEU F 830 -65.84 -73.02 20.34
CA LEU F 830 -65.10 -74.01 21.11
C LEU F 830 -64.08 -74.72 20.23
N THR F 831 -64.42 -74.94 18.96
CA THR F 831 -63.49 -75.60 18.04
C THR F 831 -62.26 -74.73 17.81
N GLY F 832 -62.47 -73.49 17.38
CA GLY F 832 -61.35 -72.57 17.22
C GLY F 832 -60.55 -72.40 18.50
N ALA F 833 -61.23 -72.43 19.65
CA ALA F 833 -60.56 -72.20 20.92
C ALA F 833 -59.71 -73.40 21.32
N LEU F 834 -60.22 -74.62 21.14
CA LEU F 834 -59.39 -75.80 21.39
C LEU F 834 -58.22 -75.87 20.40
N THR F 835 -58.46 -75.50 19.15
CA THR F 835 -57.38 -75.47 18.17
C THR F 835 -56.30 -74.49 18.58
N ALA F 836 -56.71 -73.28 18.96
CA ALA F 836 -55.76 -72.29 19.45
C ALA F 836 -55.06 -72.78 20.72
N SER F 837 -55.77 -73.52 21.56
CA SER F 837 -55.16 -74.03 22.79
C SER F 837 -54.07 -75.03 22.49
N LEU F 838 -54.29 -75.92 21.52
CA LEU F 838 -53.28 -76.90 21.16
C LEU F 838 -52.08 -76.23 20.49
N ILE F 839 -52.35 -75.33 19.55
CA ILE F 839 -51.27 -74.59 18.90
C ILE F 839 -50.50 -73.78 19.93
N SER F 840 -51.18 -73.31 20.99
CA SER F 840 -50.51 -72.57 22.04
C SER F 840 -49.66 -73.48 22.91
N CYS F 841 -50.17 -74.65 23.25
CA CYS F 841 -49.34 -75.64 23.94
C CYS F 841 -48.06 -75.89 23.17
N TYR F 842 -48.16 -76.03 21.85
CA TYR F 842 -46.98 -76.26 21.03
C TYR F 842 -46.07 -75.03 20.99
N ILE F 843 -46.65 -73.83 20.92
CA ILE F 843 -45.85 -72.62 20.76
C ILE F 843 -45.21 -72.19 22.07
N ARG F 844 -45.74 -72.68 23.20
CA ARG F 844 -45.11 -72.44 24.49
C ARG F 844 -44.07 -73.51 24.79
N ASP F 845 -44.25 -74.71 24.22
CA ASP F 845 -43.24 -75.75 24.28
C ASP F 845 -42.09 -75.52 23.29
N ASN F 846 -42.14 -74.44 22.52
CA ASN F 846 -41.06 -74.02 21.62
C ASN F 846 -40.71 -75.08 20.59
N ALA F 847 -41.69 -75.90 20.21
CA ALA F 847 -41.50 -76.81 19.09
C ALA F 847 -42.03 -76.18 17.82
N SER F 848 -41.47 -76.58 16.68
CA SER F 848 -41.90 -76.05 15.41
C SER F 848 -43.38 -76.32 15.21
N VAL F 849 -44.10 -75.30 14.72
CA VAL F 849 -45.55 -75.43 14.54
C VAL F 849 -45.94 -75.89 13.16
N ASP F 850 -44.98 -76.08 12.25
CA ASP F 850 -45.31 -76.46 10.88
C ASP F 850 -45.94 -77.86 10.84
N GLY F 851 -45.42 -78.80 11.63
CA GLY F 851 -45.96 -80.15 11.60
C GLY F 851 -47.39 -80.22 12.08
N ILE F 852 -47.67 -79.65 13.24
CA ILE F 852 -49.03 -79.62 13.75
C ILE F 852 -49.93 -78.83 12.81
N SER F 853 -49.36 -77.83 12.13
CA SER F 853 -50.14 -77.02 11.20
C SER F 853 -50.56 -77.84 9.99
N TYR F 854 -49.63 -78.59 9.40
CA TYR F 854 -49.97 -79.46 8.29
C TYR F 854 -50.97 -80.53 8.73
N ARG F 855 -50.81 -81.04 9.96
CA ARG F 855 -51.77 -82.03 10.47
C ARG F 855 -53.17 -81.43 10.56
N LEU F 856 -53.29 -80.20 11.06
CA LEU F 856 -54.59 -79.54 11.12
C LEU F 856 -55.15 -79.32 9.72
N GLN F 857 -54.35 -78.74 8.82
CA GLN F 857 -54.80 -78.50 7.46
C GLN F 857 -55.25 -79.78 6.78
N GLU F 858 -54.64 -80.92 7.13
CA GLU F 858 -55.03 -82.17 6.52
C GLU F 858 -56.28 -82.76 7.18
N VAL F 859 -56.47 -82.52 8.47
CA VAL F 859 -57.54 -83.18 9.20
C VAL F 859 -58.82 -82.34 9.27
N CYS F 860 -58.71 -81.03 9.45
CA CYS F 860 -59.88 -80.17 9.64
C CYS F 860 -59.60 -78.79 9.07
N PRO F 861 -59.29 -78.70 7.77
CA PRO F 861 -59.07 -77.39 7.15
C PRO F 861 -60.36 -76.59 7.05
N ASP F 868 -54.79 -71.07 10.35
CA ASP F 868 -54.11 -71.17 11.64
C ASP F 868 -52.75 -71.84 11.50
N ALA F 869 -52.45 -72.33 10.30
CA ALA F 869 -51.13 -72.90 10.06
C ALA F 869 -50.06 -71.84 10.12
N VAL F 870 -50.15 -70.82 9.26
CA VAL F 870 -49.16 -69.75 9.25
C VAL F 870 -49.18 -69.00 10.57
N CYS F 871 -50.35 -68.86 11.18
CA CYS F 871 -50.42 -68.21 12.48
C CYS F 871 -49.62 -68.98 13.52
N SER F 872 -49.81 -70.30 13.58
CA SER F 872 -49.02 -71.11 14.51
C SER F 872 -47.53 -71.00 14.21
N LYS F 873 -47.16 -71.03 12.92
CA LYS F 873 -45.74 -70.93 12.56
C LYS F 873 -45.13 -69.62 13.03
N ALA F 874 -45.81 -68.51 12.77
CA ALA F 874 -45.35 -67.21 13.25
C ALA F 874 -45.27 -67.19 14.76
N ASN F 875 -46.25 -67.78 15.44
CA ASN F 875 -46.23 -67.85 16.89
C ASN F 875 -44.98 -68.56 17.39
N GLU F 876 -44.67 -69.70 16.77
CA GLU F 876 -43.48 -70.44 17.17
C GLU F 876 -42.22 -69.61 16.93
N LEU F 877 -42.13 -68.97 15.76
CA LEU F 877 -40.97 -68.14 15.47
C LEU F 877 -40.78 -67.07 16.54
N LEU F 878 -41.85 -66.36 16.88
CA LEU F 878 -41.75 -65.28 17.86
C LEU F 878 -41.35 -65.83 19.22
N GLN F 879 -42.09 -66.83 19.72
CA GLN F 879 -41.81 -67.35 21.05
C GLN F 879 -40.39 -67.90 21.14
N ARG F 880 -39.88 -68.50 20.06
CA ARG F 880 -38.50 -68.96 20.07
C ARG F 880 -37.52 -67.79 20.03
N SER F 881 -37.91 -66.68 19.40
CA SER F 881 -37.03 -65.51 19.36
C SER F 881 -36.69 -64.98 20.74
N ARG F 882 -37.34 -65.50 21.80
CA ARG F 882 -36.98 -65.11 23.15
C ARG F 882 -35.85 -65.95 23.70
N HIS F 883 -35.58 -67.12 23.10
CA HIS F 883 -34.56 -68.04 23.60
C HIS F 883 -33.35 -68.12 22.70
N VAL F 884 -33.30 -67.36 21.61
CA VAL F 884 -32.15 -67.36 20.72
C VAL F 884 -31.14 -66.32 21.18
N LYS F 887 -26.50 -62.19 18.81
CA LYS F 887 -27.08 -60.86 18.73
C LYS F 887 -27.63 -60.57 17.34
N GLN F 888 -26.76 -60.72 16.32
CA GLN F 888 -27.18 -60.46 14.95
C GLN F 888 -28.32 -61.37 14.53
N GLU F 889 -28.17 -62.67 14.78
CA GLU F 889 -29.21 -63.61 14.37
C GLU F 889 -30.51 -63.37 15.12
N LYS F 890 -30.41 -63.04 16.41
CA LYS F 890 -31.61 -62.72 17.18
C LYS F 890 -32.35 -61.54 16.56
N GLU F 891 -31.61 -60.51 16.16
CA GLU F 891 -32.24 -59.36 15.52
C GLU F 891 -32.86 -59.76 14.17
N ARG F 892 -32.19 -60.63 13.42
CA ARG F 892 -32.74 -61.05 12.13
C ARG F 892 -34.06 -61.78 12.32
N MET F 893 -34.10 -62.74 13.25
CA MET F 893 -35.34 -63.47 13.52
C MET F 893 -36.42 -62.54 14.07
N LEU F 894 -36.02 -61.53 14.83
CA LEU F 894 -36.98 -60.54 15.31
C LEU F 894 -37.60 -59.77 14.16
N ARG F 895 -36.77 -59.31 13.21
CA ARG F 895 -37.31 -58.60 12.05
C ARG F 895 -38.21 -59.51 11.21
N GLU F 896 -37.89 -60.79 11.12
CA GLU F 896 -38.72 -61.71 10.35
C GLU F 896 -40.07 -61.94 11.03
N SER F 897 -40.06 -62.16 12.35
CA SER F 897 -41.30 -62.25 13.10
C SER F 897 -42.10 -60.96 13.00
N LEU F 898 -41.41 -59.82 12.93
CA LEU F 898 -42.09 -58.53 12.77
C LEU F 898 -42.84 -58.47 11.45
N LYS F 899 -42.17 -58.83 10.36
CA LYS F 899 -42.85 -58.87 9.06
C LYS F 899 -44.02 -59.84 9.10
N GLU F 900 -43.84 -61.00 9.74
CA GLU F 900 -44.91 -61.98 9.80
C GLU F 900 -46.14 -61.42 10.54
N TYR F 901 -45.93 -60.89 11.75
CA TYR F 901 -47.05 -60.44 12.56
C TYR F 901 -47.69 -59.18 12.00
N GLN F 902 -46.93 -58.36 11.26
CA GLN F 902 -47.54 -57.20 10.62
C GLN F 902 -48.29 -57.61 9.35
N LYS F 903 -47.96 -58.77 8.79
CA LYS F 903 -48.73 -59.27 7.65
C LYS F 903 -50.18 -59.59 8.05
N ILE F 904 -50.39 -60.00 9.29
CA ILE F 904 -51.72 -60.35 9.80
C ILE F 904 -52.19 -59.30 10.81
N SER F 905 -51.77 -58.05 10.64
CA SER F 905 -51.96 -57.00 11.64
C SER F 905 -53.43 -56.74 12.00
N GLN F 906 -54.39 -57.42 11.38
CA GLN F 906 -55.78 -57.15 11.71
C GLN F 906 -56.19 -57.80 13.02
N GLN F 907 -55.80 -59.06 13.25
CA GLN F 907 -56.22 -59.80 14.42
C GLN F 907 -55.10 -60.12 15.38
N VAL F 908 -53.90 -59.61 15.15
CA VAL F 908 -52.76 -59.88 16.03
C VAL F 908 -53.02 -59.29 17.40
N ASP F 909 -52.80 -60.09 18.44
CA ASP F 909 -52.97 -59.61 19.81
C ASP F 909 -51.81 -58.66 20.12
N LEU F 910 -52.03 -57.39 19.79
CA LEU F 910 -50.98 -56.37 19.94
C LEU F 910 -50.38 -56.34 21.34
N PRO F 911 -51.15 -56.43 22.42
CA PRO F 911 -50.53 -56.37 23.74
C PRO F 911 -49.52 -57.47 24.00
N ASN F 912 -49.88 -58.73 23.72
CA ASN F 912 -48.97 -59.84 23.98
C ASN F 912 -47.78 -59.81 23.02
N VAL F 913 -48.02 -59.49 21.74
CA VAL F 913 -46.93 -59.42 20.78
C VAL F 913 -45.92 -58.35 21.19
N CYS F 914 -46.41 -57.15 21.50
CA CYS F 914 -45.52 -56.09 21.96
C CYS F 914 -44.87 -56.45 23.28
N ALA F 915 -45.54 -57.22 24.13
CA ALA F 915 -44.94 -57.62 25.39
C ALA F 915 -43.75 -58.54 25.15
N GLN F 916 -43.91 -59.54 24.30
CA GLN F 916 -42.79 -60.42 23.98
C GLN F 916 -41.71 -59.66 23.23
N TYR F 917 -42.09 -58.63 22.48
CA TYR F 917 -41.09 -57.77 21.84
C TYR F 917 -40.40 -56.88 22.85
N ARG F 918 -41.02 -56.66 24.01
CA ARG F 918 -40.40 -55.90 25.08
C ARG F 918 -39.47 -56.80 25.89
N GLN F 919 -39.78 -58.09 25.96
CA GLN F 919 -38.93 -59.03 26.69
C GLN F 919 -37.56 -59.19 26.03
N VAL F 920 -37.48 -59.07 24.71
CA VAL F 920 -36.23 -59.24 23.98
C VAL F 920 -35.59 -57.91 23.61
N ARG F 921 -36.04 -56.82 24.24
CA ARG F 921 -35.55 -55.47 23.93
C ARG F 921 -35.69 -55.13 22.45
N PHE F 922 -36.61 -55.80 21.76
CA PHE F 922 -36.88 -55.52 20.35
C PHE F 922 -38.00 -54.49 20.26
N TYR F 923 -37.70 -53.28 20.76
CA TYR F 923 -38.71 -52.23 20.83
C TYR F 923 -39.15 -51.76 19.45
N GLU F 924 -38.21 -51.69 18.49
CA GLU F 924 -38.57 -51.31 17.13
C GLU F 924 -39.67 -52.20 16.57
N GLY F 925 -39.67 -53.47 16.98
CA GLY F 925 -40.76 -54.35 16.61
C GLY F 925 -42.09 -53.87 17.15
N VAL F 926 -42.14 -53.52 18.44
CA VAL F 926 -43.39 -53.03 19.02
C VAL F 926 -43.84 -51.78 18.29
N VAL F 927 -42.90 -50.90 17.95
CA VAL F 927 -43.26 -49.64 17.29
C VAL F 927 -43.86 -49.90 15.92
N GLU F 928 -43.11 -50.57 15.05
CA GLU F 928 -43.59 -50.80 13.70
C GLU F 928 -44.87 -51.62 13.70
N LEU F 929 -45.02 -52.54 14.65
CA LEU F 929 -46.22 -53.36 14.70
C LEU F 929 -47.42 -52.53 15.16
N CYS F 930 -47.21 -51.67 16.15
CA CYS F 930 -48.28 -50.76 16.56
C CYS F 930 -48.76 -49.92 15.40
N LEU F 931 -47.82 -49.29 14.68
CA LEU F 931 -48.24 -48.39 13.60
C LEU F 931 -48.85 -49.15 12.44
N SER F 932 -48.32 -50.34 12.12
CA SER F 932 -48.90 -51.14 11.06
C SER F 932 -50.30 -51.61 11.43
N ALA F 933 -50.50 -52.03 12.68
CA ALA F 933 -51.84 -52.43 13.10
C ALA F 933 -52.79 -51.25 13.05
N ALA F 934 -52.33 -50.06 13.42
CA ALA F 934 -53.16 -48.88 13.31
C ALA F 934 -53.58 -48.64 11.87
N GLU F 935 -52.59 -48.57 10.96
CA GLU F 935 -52.89 -48.29 9.56
C GLU F 935 -53.83 -49.33 8.98
N LYS F 936 -53.50 -50.60 9.13
CA LYS F 936 -54.32 -51.65 8.53
C LYS F 936 -55.69 -51.72 9.20
N LYS F 937 -55.80 -51.33 10.47
CA LYS F 937 -57.08 -51.44 11.15
C LYS F 937 -58.09 -50.44 10.62
N ASP F 938 -57.67 -49.20 10.39
CA ASP F 938 -58.50 -48.17 9.76
C ASP F 938 -57.88 -47.85 8.41
N PRO F 939 -58.12 -48.68 7.40
CA PRO F 939 -57.40 -48.52 6.13
C PRO F 939 -57.76 -47.25 5.37
N GLN F 940 -58.85 -46.57 5.73
CA GLN F 940 -59.25 -45.34 5.06
C GLN F 940 -58.94 -44.09 5.86
N GLY F 941 -58.65 -44.22 7.15
CA GLY F 941 -58.40 -43.06 7.97
C GLY F 941 -59.65 -42.34 8.43
N LEU F 942 -60.76 -43.06 8.61
CA LEU F 942 -61.99 -42.43 9.08
C LEU F 942 -61.77 -41.70 10.40
N GLY F 943 -60.87 -42.23 11.24
CA GLY F 943 -60.60 -41.58 12.51
C GLY F 943 -59.98 -40.20 12.34
N LEU F 944 -59.13 -40.03 11.33
CA LEU F 944 -58.50 -38.74 11.11
C LEU F 944 -59.52 -37.71 10.64
N HIS F 945 -60.47 -38.12 9.78
CA HIS F 945 -61.53 -37.22 9.37
C HIS F 945 -62.44 -36.88 10.55
N PHE F 946 -62.76 -37.88 11.37
CA PHE F 946 -63.55 -37.63 12.56
C PHE F 946 -62.89 -36.58 13.45
N HIS F 947 -61.67 -36.87 13.90
CA HIS F 947 -60.96 -35.94 14.76
C HIS F 947 -60.84 -34.57 14.11
N LYS F 948 -60.57 -34.53 12.81
CA LYS F 948 -60.42 -33.26 12.11
C LYS F 948 -61.75 -32.53 11.98
N ASN F 949 -62.85 -33.26 11.88
CA ASN F 949 -64.16 -32.65 11.85
C ASN F 949 -64.61 -32.20 13.23
N GLY F 950 -63.72 -32.26 14.22
CA GLY F 950 -64.06 -31.90 15.57
C GLY F 950 -64.57 -33.04 16.42
N GLU F 951 -64.32 -34.28 16.00
CA GLU F 951 -64.88 -35.47 16.64
C GLU F 951 -66.38 -35.31 16.80
N PRO F 952 -67.08 -34.81 15.78
CA PRO F 952 -68.53 -34.64 15.90
C PRO F 952 -69.18 -35.96 16.27
N GLU F 953 -70.13 -35.88 17.21
CA GLU F 953 -70.66 -37.09 17.83
C GLU F 953 -71.34 -38.03 16.85
N GLU F 954 -71.81 -37.53 15.70
CA GLU F 954 -72.59 -38.36 14.80
C GLU F 954 -71.75 -39.42 14.09
N ASP F 955 -70.45 -39.21 13.96
CA ASP F 955 -69.61 -40.13 13.20
C ASP F 955 -69.20 -41.30 14.10
N MET F 956 -70.08 -42.28 14.18
CA MET F 956 -69.78 -43.51 14.92
C MET F 956 -68.61 -44.27 14.29
N ALA F 957 -68.54 -44.29 12.95
CA ALA F 957 -67.45 -45.01 12.30
C ALA F 957 -66.13 -44.28 12.46
N GLY F 958 -66.13 -42.96 12.30
CA GLY F 958 -64.92 -42.20 12.55
C GLY F 958 -64.43 -42.36 13.98
N LEU F 959 -65.34 -42.20 14.94
CA LEU F 959 -64.98 -42.42 16.35
C LEU F 959 -64.42 -43.82 16.56
N GLN F 960 -65.04 -44.82 15.95
CA GLN F 960 -64.60 -46.20 16.14
C GLN F 960 -63.19 -46.41 15.59
N ALA F 961 -62.94 -45.97 14.36
CA ALA F 961 -61.62 -46.16 13.78
C ALA F 961 -60.57 -45.40 14.57
N PHE F 962 -60.92 -44.21 15.06
CA PHE F 962 -60.00 -43.47 15.91
C PHE F 962 -59.70 -44.26 17.18
N GLN F 963 -60.73 -44.88 17.76
CA GLN F 963 -60.53 -45.67 18.98
C GLN F 963 -59.63 -46.87 18.72
N GLU F 964 -59.76 -47.48 17.55
CA GLU F 964 -58.93 -48.66 17.24
C GLU F 964 -57.48 -48.25 17.00
N ARG F 965 -57.27 -47.15 16.29
CA ARG F 965 -55.93 -46.59 16.18
C ARG F 965 -55.37 -46.26 17.56
N LEU F 966 -56.22 -45.77 18.46
CA LEU F 966 -55.79 -45.45 19.81
C LEU F 966 -55.38 -46.70 20.57
N ASN F 967 -56.13 -47.78 20.41
CA ASN F 967 -55.75 -49.05 21.02
C ASN F 967 -54.42 -49.55 20.47
N SER F 968 -54.22 -49.42 19.15
CA SER F 968 -52.92 -49.77 18.58
C SER F 968 -51.80 -48.95 19.21
N TYR F 969 -51.96 -47.62 19.24
CA TYR F 969 -50.94 -46.75 19.77
C TYR F 969 -50.70 -46.98 21.27
N LYS F 970 -51.74 -47.43 21.98
CA LYS F 970 -51.59 -47.71 23.40
C LYS F 970 -50.43 -48.66 23.67
N CYS F 971 -50.13 -49.54 22.72
CA CYS F 971 -49.01 -50.46 22.89
C CYS F 971 -47.69 -49.70 22.99
N ILE F 972 -47.40 -48.84 22.01
CA ILE F 972 -46.17 -48.07 22.06
C ILE F 972 -46.16 -47.14 23.26
N THR F 973 -47.35 -46.63 23.63
CA THR F 973 -47.46 -45.79 24.81
C THR F 973 -47.01 -46.55 26.06
N ASP F 974 -47.56 -47.73 26.27
CA ASP F 974 -47.20 -48.54 27.42
C ASP F 974 -45.72 -48.92 27.40
N THR F 975 -45.19 -49.25 26.22
CA THR F 975 -43.78 -49.59 26.14
C THR F 975 -42.91 -48.41 26.57
N LEU F 976 -43.22 -47.22 26.06
CA LEU F 976 -42.45 -46.04 26.45
C LEU F 976 -42.62 -45.74 27.92
N GLN F 977 -43.83 -45.92 28.46
CA GLN F 977 -44.07 -45.64 29.87
C GLN F 977 -43.27 -46.58 30.75
N GLU F 978 -43.24 -47.87 30.40
CA GLU F 978 -42.41 -48.82 31.14
C GLU F 978 -40.94 -48.43 31.05
N LEU F 979 -40.50 -48.06 29.84
CA LEU F 979 -39.11 -47.64 29.66
C LEU F 979 -38.78 -46.46 30.57
N VAL F 980 -39.66 -45.48 30.65
CA VAL F 980 -39.36 -44.29 31.45
C VAL F 980 -39.44 -44.62 32.93
N ASN F 981 -40.41 -45.43 33.34
CA ASN F 981 -40.54 -45.81 34.73
C ASN F 981 -39.29 -46.55 35.21
N GLN F 982 -38.87 -47.57 34.46
CA GLN F 982 -37.62 -48.27 34.79
C GLN F 982 -36.42 -47.35 34.59
N SER F 983 -36.61 -46.27 33.82
CA SER F 983 -35.56 -45.26 33.72
C SER F 983 -35.44 -44.46 34.99
N LYS F 984 -36.52 -44.32 35.74
CA LYS F 984 -36.49 -43.51 36.97
C LYS F 984 -36.23 -44.33 38.22
N ALA F 985 -36.42 -45.65 38.18
CA ALA F 985 -36.36 -46.50 39.36
C ALA F 985 -35.13 -46.27 40.23
N SER F 1009 -32.34 -51.14 33.44
CA SER F 1009 -32.00 -50.21 34.52
C SER F 1009 -32.43 -48.80 34.17
N ASN F 1010 -32.03 -47.84 35.01
CA ASN F 1010 -32.44 -46.46 34.81
C ASN F 1010 -32.07 -45.95 33.41
N GLU F 1011 -30.78 -45.83 33.13
CA GLU F 1011 -30.36 -45.21 31.87
C GLU F 1011 -30.67 -46.11 30.69
N GLU F 1012 -30.64 -47.43 30.89
CA GLU F 1012 -30.97 -48.35 29.81
C GLU F 1012 -32.42 -48.17 29.36
N ALA F 1013 -33.36 -48.28 30.30
CA ALA F 1013 -34.75 -48.06 29.96
C ALA F 1013 -34.99 -46.62 29.51
N GLY F 1014 -34.13 -45.70 29.94
CA GLY F 1014 -34.24 -44.33 29.46
C GLY F 1014 -33.86 -44.20 28.01
N ILE F 1015 -32.80 -44.91 27.59
CA ILE F 1015 -32.45 -44.95 26.18
C ILE F 1015 -33.52 -45.72 25.41
N HIS F 1016 -34.17 -46.67 26.08
CA HIS F 1016 -35.33 -47.30 25.48
C HIS F 1016 -36.42 -46.29 25.19
N PHE F 1017 -36.68 -45.41 26.16
CA PHE F 1017 -37.68 -44.36 25.98
C PHE F 1017 -37.28 -43.41 24.87
N GLU F 1018 -36.02 -42.97 24.87
CA GLU F 1018 -35.56 -42.04 23.85
C GLU F 1018 -35.64 -42.65 22.46
N GLN F 1019 -35.23 -43.92 22.32
CA GLN F 1019 -35.31 -44.58 21.02
C GLN F 1019 -36.75 -44.76 20.60
N MET F 1020 -37.61 -45.20 21.52
CA MET F 1020 -39.03 -45.33 21.23
C MET F 1020 -39.62 -44.02 20.73
N LEU F 1021 -39.29 -42.91 21.40
CA LEU F 1021 -39.89 -41.64 21.03
C LEU F 1021 -39.32 -41.10 19.73
N LYS F 1022 -38.00 -41.22 19.54
CA LYS F 1022 -37.41 -40.75 18.29
C LYS F 1022 -37.88 -41.61 17.12
N LEU F 1023 -38.28 -42.85 17.40
CA LEU F 1023 -39.03 -43.61 16.42
C LEU F 1023 -40.40 -42.98 16.17
N ALA F 1024 -41.20 -42.88 17.23
CA ALA F 1024 -42.58 -42.38 17.10
C ALA F 1024 -42.62 -41.00 16.48
N GLN F 1025 -41.49 -40.28 16.48
CA GLN F 1025 -41.45 -38.96 15.89
C GLN F 1025 -41.37 -39.02 14.37
N ARG F 1026 -41.03 -40.16 13.80
CA ARG F 1026 -41.19 -40.32 12.36
C ARG F 1026 -42.64 -40.51 11.97
N SER F 1027 -43.54 -40.73 12.94
CA SER F 1027 -44.93 -41.07 12.63
C SER F 1027 -45.63 -39.91 11.95
N ALA F 1028 -46.35 -40.21 10.88
CA ALA F 1028 -47.06 -39.19 10.14
C ALA F 1028 -48.54 -39.10 10.48
N ASP F 1029 -49.05 -39.96 11.36
CA ASP F 1029 -50.46 -39.93 11.68
C ASP F 1029 -50.77 -38.69 12.51
N GLU F 1030 -51.50 -37.74 11.92
CA GLU F 1030 -51.78 -36.48 12.60
C GLU F 1030 -52.49 -36.70 13.93
N LEU F 1031 -53.51 -37.56 13.93
CA LEU F 1031 -54.16 -37.89 15.20
C LEU F 1031 -53.17 -38.51 16.17
N PHE F 1032 -52.18 -39.25 15.66
CA PHE F 1032 -51.18 -39.83 16.55
C PHE F 1032 -50.29 -38.74 17.16
N ASN F 1033 -49.86 -37.78 16.36
CA ASN F 1033 -49.11 -36.66 16.91
C ASN F 1033 -49.95 -35.94 17.96
N ILE F 1034 -51.24 -35.77 17.68
CA ILE F 1034 -52.13 -35.10 18.63
C ILE F 1034 -52.17 -35.87 19.95
N ALA F 1035 -52.41 -37.17 19.86
CA ALA F 1035 -52.47 -37.99 21.07
C ALA F 1035 -51.15 -38.00 21.80
N LEU F 1036 -50.05 -38.07 21.06
CA LEU F 1036 -48.72 -38.02 21.68
C LEU F 1036 -48.53 -36.72 22.45
N PHE F 1037 -48.96 -35.61 21.85
CA PHE F 1037 -48.93 -34.34 22.55
C PHE F 1037 -49.77 -34.41 23.82
N ASN F 1038 -50.98 -34.92 23.71
CA ASN F 1038 -51.85 -35.00 24.87
C ASN F 1038 -51.19 -35.79 25.98
N TRP F 1039 -50.58 -36.93 25.64
CA TRP F 1039 -49.94 -37.75 26.66
C TRP F 1039 -48.74 -37.01 27.25
N LEU F 1040 -47.87 -36.49 26.39
CA LEU F 1040 -46.66 -35.84 26.87
C LEU F 1040 -46.98 -34.68 27.79
N ILE F 1041 -47.92 -33.82 27.42
CA ILE F 1041 -48.33 -32.74 28.30
C ILE F 1041 -48.93 -33.32 29.58
N GLN F 1042 -49.78 -34.33 29.43
CA GLN F 1042 -50.22 -35.07 30.60
C GLN F 1042 -49.04 -35.71 31.32
N ALA F 1043 -47.99 -36.04 30.58
CA ALA F 1043 -46.78 -36.59 31.19
C ALA F 1043 -45.85 -35.53 31.74
N ASP F 1044 -46.17 -34.25 31.54
CA ASP F 1044 -45.40 -33.14 32.10
C ASP F 1044 -43.97 -33.10 31.57
N LEU F 1045 -43.74 -33.64 30.38
CA LEU F 1045 -42.43 -33.53 29.73
C LEU F 1045 -42.40 -32.38 28.73
N THR F 1046 -42.75 -31.17 29.19
CA THR F 1046 -42.88 -30.03 28.30
C THR F 1046 -41.55 -29.70 27.62
N ASP F 1047 -40.43 -30.09 28.22
CA ASP F 1047 -39.15 -29.90 27.55
C ASP F 1047 -39.05 -30.77 26.30
N LYS F 1048 -39.27 -32.08 26.45
CA LYS F 1048 -39.35 -32.94 25.28
C LYS F 1048 -40.40 -32.42 24.29
N LEU F 1049 -41.44 -31.77 24.81
CA LEU F 1049 -42.44 -31.18 23.93
C LEU F 1049 -41.83 -30.11 23.04
N LEU F 1050 -41.06 -29.19 23.62
CA LEU F 1050 -40.34 -28.25 22.79
C LEU F 1050 -39.28 -28.94 21.94
N GLU F 1051 -38.90 -30.17 22.27
CA GLU F 1051 -37.71 -30.81 21.72
C GLU F 1051 -37.96 -31.64 20.46
N LEU F 1052 -39.20 -31.79 20.00
CA LEU F 1052 -39.48 -32.63 18.84
C LEU F 1052 -40.33 -31.85 17.84
N ASN F 1053 -40.10 -32.11 16.55
CA ASN F 1053 -40.71 -31.35 15.47
C ASN F 1053 -42.01 -32.02 15.03
N SER F 1054 -43.13 -31.31 15.19
CA SER F 1054 -44.41 -31.81 14.78
C SER F 1054 -45.22 -30.72 14.11
N PRO F 1055 -45.90 -30.99 13.00
CA PRO F 1055 -46.75 -29.94 12.41
C PRO F 1055 -47.91 -29.55 13.30
N PHE F 1056 -48.64 -30.52 13.82
CA PHE F 1056 -49.92 -30.26 14.47
C PHE F 1056 -49.78 -29.58 15.81
N LEU F 1057 -48.59 -29.61 16.42
CA LEU F 1057 -48.41 -28.96 17.71
C LEU F 1057 -48.96 -27.54 17.67
N GLU F 1058 -48.37 -26.70 16.83
CA GLU F 1058 -48.93 -25.38 16.60
C GLU F 1058 -50.43 -25.44 16.41
N PRO F 1059 -50.95 -26.22 15.47
CA PRO F 1059 -52.40 -26.31 15.36
C PRO F 1059 -53.05 -26.78 16.63
N HIS F 1060 -52.72 -28.00 17.08
CA HIS F 1060 -53.34 -28.56 18.28
C HIS F 1060 -53.25 -27.59 19.44
N LEU F 1061 -52.11 -26.90 19.54
CA LEU F 1061 -52.00 -25.86 20.56
C LEU F 1061 -53.11 -24.84 20.38
N VAL F 1062 -53.09 -24.07 19.29
CA VAL F 1062 -54.03 -22.98 19.13
C VAL F 1062 -55.46 -23.45 19.32
N ARG F 1063 -55.77 -24.63 18.80
CA ARG F 1063 -57.08 -25.21 18.99
C ARG F 1063 -57.39 -25.35 20.47
N MET F 1064 -56.62 -26.16 21.19
CA MET F 1064 -56.89 -26.39 22.60
C MET F 1064 -56.93 -25.09 23.39
N ALA F 1065 -56.04 -24.16 23.06
CA ALA F 1065 -55.99 -22.89 23.75
C ALA F 1065 -57.27 -22.10 23.57
N LYS F 1066 -57.88 -22.17 22.40
CA LYS F 1066 -59.16 -21.52 22.22
C LYS F 1066 -60.34 -22.35 22.68
N LEU F 1067 -60.12 -23.63 23.02
CA LEU F 1067 -61.24 -24.55 23.23
C LEU F 1067 -61.24 -25.20 24.61
N ASP F 1068 -60.15 -25.14 25.35
CA ASP F 1068 -60.12 -25.91 26.60
C ASP F 1068 -60.87 -25.18 27.71
N GLN F 1069 -60.78 -23.84 27.74
CA GLN F 1069 -61.31 -22.96 28.78
C GLN F 1069 -60.44 -23.01 30.03
N ASN F 1070 -59.32 -23.74 29.96
CA ASN F 1070 -58.29 -23.71 30.99
C ASN F 1070 -57.04 -23.17 30.30
N LYS F 1071 -57.25 -22.16 29.47
CA LYS F 1071 -56.29 -21.77 28.45
C LYS F 1071 -54.91 -21.45 29.00
N VAL F 1072 -54.81 -21.03 30.26
CA VAL F 1072 -53.55 -20.51 30.79
C VAL F 1072 -52.39 -21.43 30.45
N ARG F 1073 -52.54 -22.71 30.78
CA ARG F 1073 -51.47 -23.66 30.51
C ARG F 1073 -51.10 -23.66 29.04
N TYR F 1074 -52.08 -23.85 28.17
CA TYR F 1074 -51.80 -23.94 26.75
C TYR F 1074 -51.12 -22.67 26.23
N MET F 1075 -51.64 -21.51 26.62
CA MET F 1075 -51.11 -20.26 26.09
C MET F 1075 -49.68 -20.04 26.53
N ASP F 1076 -49.38 -20.35 27.79
CA ASP F 1076 -48.00 -20.24 28.22
C ASP F 1076 -47.11 -21.14 27.36
N LEU F 1077 -47.53 -22.40 27.20
CA LEU F 1077 -46.74 -23.32 26.39
C LEU F 1077 -46.58 -22.78 24.98
N LEU F 1078 -47.58 -22.04 24.51
CA LEU F 1078 -47.55 -21.53 23.15
C LEU F 1078 -46.51 -20.43 23.01
N TRP F 1079 -46.53 -19.47 23.91
CA TRP F 1079 -45.48 -18.46 23.92
C TRP F 1079 -44.12 -19.14 23.95
N ARG F 1080 -43.97 -20.16 24.79
CA ARG F 1080 -42.70 -20.87 24.86
C ARG F 1080 -42.32 -21.43 23.50
N TYR F 1081 -43.18 -22.27 22.93
CA TYR F 1081 -42.84 -22.98 21.70
C TYR F 1081 -42.53 -22.00 20.58
N TYR F 1082 -43.34 -20.95 20.45
CA TYR F 1082 -43.07 -19.96 19.42
C TYR F 1082 -41.72 -19.29 19.66
N GLU F 1083 -41.36 -19.08 20.92
CA GLU F 1083 -40.05 -18.52 21.20
C GLU F 1083 -38.95 -19.45 20.73
N LYS F 1084 -39.06 -20.73 21.09
CA LYS F 1084 -38.07 -21.70 20.67
C LYS F 1084 -37.96 -21.74 19.16
N ASN F 1085 -39.03 -21.41 18.45
CA ASN F 1085 -38.99 -21.28 17.01
C ASN F 1085 -38.61 -19.89 16.55
N ARG F 1086 -38.22 -19.01 17.49
CA ARG F 1086 -37.73 -17.67 17.19
C ARG F 1086 -38.83 -16.75 16.64
N ASN F 1087 -40.07 -17.21 16.57
CA ASN F 1087 -41.17 -16.39 16.08
C ASN F 1087 -41.52 -15.35 17.15
N PHE F 1088 -40.69 -14.31 17.19
CA PHE F 1088 -40.77 -13.35 18.29
C PHE F 1088 -42.17 -12.76 18.45
N SER F 1089 -42.70 -12.10 17.42
CA SER F 1089 -43.93 -11.34 17.61
C SER F 1089 -45.11 -12.24 17.91
N ASN F 1090 -45.11 -13.45 17.36
CA ASN F 1090 -46.21 -14.36 17.64
C ASN F 1090 -46.26 -14.73 19.10
N ALA F 1091 -45.20 -15.35 19.62
CA ALA F 1091 -45.10 -15.61 21.04
C ALA F 1091 -45.41 -14.36 21.83
N ALA F 1092 -44.97 -13.21 21.33
CA ALA F 1092 -45.27 -11.95 22.00
C ALA F 1092 -46.76 -11.80 22.21
N ARG F 1093 -47.52 -11.75 21.14
CA ARG F 1093 -48.96 -11.58 21.26
C ARG F 1093 -49.56 -12.65 22.15
N VAL F 1094 -49.04 -13.86 22.05
CA VAL F 1094 -49.54 -14.94 22.90
C VAL F 1094 -49.46 -14.53 24.35
N VAL F 1095 -48.25 -14.27 24.82
CA VAL F 1095 -48.08 -13.92 26.22
C VAL F 1095 -48.89 -12.67 26.55
N ALA F 1096 -49.04 -11.78 25.57
CA ALA F 1096 -49.79 -10.55 25.82
C ALA F 1096 -51.22 -10.86 26.24
N LYS F 1097 -51.92 -11.62 25.41
CA LYS F 1097 -53.25 -12.06 25.80
C LYS F 1097 -53.20 -12.79 27.13
N LEU F 1098 -52.25 -13.71 27.29
CA LEU F 1098 -52.14 -14.46 28.54
C LEU F 1098 -52.20 -13.53 29.73
N ALA F 1099 -51.52 -12.40 29.62
CA ALA F 1099 -51.53 -11.48 30.76
C ALA F 1099 -52.85 -10.74 30.86
N ASP F 1100 -53.34 -10.22 29.75
CA ASP F 1100 -54.56 -9.43 29.82
C ASP F 1100 -55.75 -10.22 30.34
N MET F 1101 -55.71 -11.55 30.26
CA MET F 1101 -56.89 -12.38 30.45
C MET F 1101 -57.47 -12.21 31.85
N HIS F 1102 -58.71 -11.74 31.92
CA HIS F 1102 -59.43 -11.77 33.18
C HIS F 1102 -59.55 -13.23 33.64
N SER F 1103 -58.95 -13.55 34.77
CA SER F 1103 -58.94 -14.91 35.29
C SER F 1103 -58.41 -14.87 36.72
N PRO F 1104 -58.99 -15.63 37.65
CA PRO F 1104 -58.49 -15.60 39.03
C PRO F 1104 -57.17 -16.31 39.22
N GLU F 1105 -56.71 -17.09 38.24
CA GLU F 1105 -55.47 -17.84 38.37
C GLU F 1105 -54.22 -17.04 38.00
N ILE F 1106 -54.32 -15.72 37.90
CA ILE F 1106 -53.20 -14.88 37.51
C ILE F 1106 -53.11 -13.73 38.50
N SER F 1107 -52.04 -13.70 39.28
CA SER F 1107 -51.82 -12.60 40.21
C SER F 1107 -50.98 -11.51 39.56
N LEU F 1108 -51.18 -10.28 40.06
CA LEU F 1108 -50.55 -9.11 39.46
C LEU F 1108 -49.10 -9.36 39.12
N LYS F 1109 -48.39 -10.06 40.00
CA LYS F 1109 -46.98 -10.31 39.76
C LYS F 1109 -46.77 -10.97 38.41
N GLN F 1110 -47.33 -12.17 38.24
CA GLN F 1110 -47.10 -12.90 37.00
C GLN F 1110 -47.59 -12.11 35.80
N ARG F 1111 -48.64 -11.32 35.98
CA ARG F 1111 -49.07 -10.42 34.92
C ARG F 1111 -47.94 -9.50 34.47
N LEU F 1112 -47.42 -8.70 35.40
CA LEU F 1112 -46.37 -7.76 35.04
C LEU F 1112 -45.14 -8.48 34.51
N GLU F 1113 -44.80 -9.63 35.08
CA GLU F 1113 -43.64 -10.38 34.61
C GLU F 1113 -43.84 -10.79 33.16
N TYR F 1114 -45.05 -11.23 32.84
CA TYR F 1114 -45.39 -11.46 31.46
C TYR F 1114 -45.16 -10.20 30.62
N ILE F 1115 -45.86 -9.12 30.96
CA ILE F 1115 -45.79 -7.89 30.16
C ILE F 1115 -44.33 -7.49 29.94
N SER F 1116 -43.50 -7.76 30.92
CA SER F 1116 -42.07 -7.56 30.72
C SER F 1116 -41.58 -8.46 29.60
N ARG F 1117 -41.67 -9.78 29.81
CA ARG F 1117 -41.25 -10.72 28.78
C ARG F 1117 -41.82 -10.32 27.43
N ALA F 1118 -42.98 -9.68 27.44
CA ALA F 1118 -43.59 -9.17 26.22
C ALA F 1118 -42.75 -8.09 25.59
N ILE F 1119 -42.59 -6.96 26.28
CA ILE F 1119 -41.81 -5.87 25.70
C ILE F 1119 -40.46 -6.39 25.24
N LEU F 1120 -39.89 -7.32 26.00
CA LEU F 1120 -38.58 -7.85 25.66
C LEU F 1120 -38.61 -8.64 24.37
N SER F 1121 -39.60 -9.52 24.21
CA SER F 1121 -39.72 -10.22 22.95
C SER F 1121 -40.07 -9.25 21.83
N ALA F 1122 -40.68 -8.12 22.18
CA ALA F 1122 -41.08 -7.16 21.17
C ALA F 1122 -39.88 -6.48 20.55
N LYS F 1123 -39.00 -5.95 21.39
CA LYS F 1123 -37.77 -5.37 20.87
C LYS F 1123 -36.88 -6.43 20.23
N SER F 1124 -37.21 -7.70 20.41
CA SER F 1124 -36.44 -8.75 19.79
C SER F 1124 -36.70 -8.77 18.29
N ALA F 1133 -46.48 -2.00 12.39
CA ALA F 1133 -47.59 -2.47 13.19
C ALA F 1133 -47.15 -2.81 14.60
N ASP F 1134 -46.16 -3.70 14.71
CA ASP F 1134 -45.60 -4.04 16.01
C ASP F 1134 -45.28 -2.78 16.82
N GLY F 1135 -44.91 -1.70 16.14
CA GLY F 1135 -44.74 -0.44 16.84
C GLY F 1135 -46.00 0.00 17.55
N GLU F 1136 -47.15 -0.20 16.92
CA GLU F 1136 -48.41 0.06 17.62
C GLU F 1136 -48.50 -0.79 18.87
N PHE F 1137 -48.45 -2.12 18.72
CA PHE F 1137 -48.48 -3.01 19.87
C PHE F 1137 -47.59 -2.48 20.99
N LEU F 1138 -46.40 -2.03 20.63
CA LEU F 1138 -45.51 -1.41 21.62
C LEU F 1138 -46.16 -0.19 22.25
N HIS F 1139 -46.71 0.70 21.43
CA HIS F 1139 -47.29 1.93 21.96
C HIS F 1139 -48.42 1.64 22.92
N GLU F 1140 -49.29 0.73 22.52
CA GLU F 1140 -50.33 0.24 23.41
C GLU F 1140 -49.70 -0.23 24.72
N LEU F 1141 -48.88 -1.28 24.65
CA LEU F 1141 -48.30 -1.86 25.85
C LEU F 1141 -47.66 -0.79 26.72
N GLU F 1142 -47.16 0.27 26.10
CA GLU F 1142 -46.55 1.34 26.86
C GLU F 1142 -47.59 2.09 27.67
N GLU F 1143 -48.58 2.66 26.99
CA GLU F 1143 -49.65 3.34 27.74
C GLU F 1143 -50.27 2.38 28.75
N LYS F 1144 -50.23 1.09 28.44
CA LYS F 1144 -50.82 0.08 29.31
C LYS F 1144 -50.06 -0.02 30.62
N LEU F 1145 -48.76 -0.29 30.55
CA LEU F 1145 -47.97 -0.34 31.77
C LEU F 1145 -48.06 0.98 32.52
N GLU F 1146 -48.27 2.08 31.81
CA GLU F 1146 -48.51 3.34 32.50
C GLU F 1146 -49.74 3.25 33.38
N VAL F 1147 -50.86 2.85 32.79
CA VAL F 1147 -52.06 2.62 33.58
C VAL F 1147 -51.74 1.72 34.76
N ALA F 1148 -51.14 0.56 34.48
CA ALA F 1148 -50.85 -0.44 35.49
C ALA F 1148 -50.15 0.18 36.68
N ARG F 1149 -49.19 1.05 36.41
CA ARG F 1149 -48.57 1.75 37.51
C ARG F 1149 -49.61 2.53 38.29
N ILE F 1150 -50.35 3.41 37.61
CA ILE F 1150 -51.30 4.27 38.31
C ILE F 1150 -52.22 3.44 39.20
N GLN F 1151 -52.64 2.28 38.71
CA GLN F 1151 -53.40 1.36 39.52
C GLN F 1151 -52.63 0.95 40.76
N LEU F 1152 -51.48 0.32 40.58
CA LEU F 1152 -50.71 -0.17 41.71
C LEU F 1152 -50.51 0.93 42.75
N GLN F 1153 -50.40 2.17 42.30
CA GLN F 1153 -50.31 3.28 43.23
C GLN F 1153 -51.59 3.42 44.02
N ILE F 1154 -52.73 3.42 43.34
CA ILE F 1154 -54.00 3.46 44.06
C ILE F 1154 -54.08 2.32 45.06
N GLN F 1155 -53.64 1.14 44.66
CA GLN F 1155 -53.72 -0.05 45.50
C GLN F 1155 -52.92 0.13 46.79
N GLU F 1156 -51.61 0.34 46.66
CA GLU F 1156 -50.79 0.51 47.84
C GLU F 1156 -51.27 1.68 48.67
N THR F 1157 -51.78 2.73 48.04
CA THR F 1157 -52.29 3.86 48.79
C THR F 1157 -53.45 3.46 49.67
N LEU F 1158 -54.41 2.74 49.09
CA LEU F 1158 -55.50 2.21 49.89
C LEU F 1158 -54.97 1.38 51.05
N THR F 1159 -54.11 0.41 50.74
CA THR F 1159 -53.62 -0.48 51.78
C THR F 1159 -53.02 0.30 52.93
N ARG F 1160 -52.12 1.23 52.63
CA ARG F 1160 -51.47 2.00 53.67
C ARG F 1160 -52.47 2.85 54.43
N GLN F 1161 -53.37 3.51 53.73
CA GLN F 1161 -54.21 4.53 54.36
C GLN F 1161 -55.55 4.02 54.84
N TYR F 1162 -56.07 2.94 54.28
CA TYR F 1162 -57.48 2.61 54.46
C TYR F 1162 -57.70 1.24 55.07
N SER F 1163 -56.81 0.78 55.95
CA SER F 1163 -57.03 -0.50 56.62
C SER F 1163 -58.35 -0.54 57.37
N HIS F 1164 -58.78 0.59 57.92
CA HIS F 1164 -60.01 0.61 58.72
C HIS F 1164 -61.27 0.63 57.89
N HIS F 1165 -61.19 0.99 56.62
CA HIS F 1165 -62.39 1.11 55.79
C HIS F 1165 -62.98 -0.26 55.54
N SER F 1166 -64.31 -0.35 55.60
CA SER F 1166 -64.96 -1.62 55.30
C SER F 1166 -64.72 -2.06 53.86
N THR F 1167 -65.14 -1.25 52.89
CA THR F 1167 -65.05 -1.60 51.48
C THR F 1167 -63.62 -1.80 51.01
N VAL F 1168 -62.64 -1.67 51.90
CA VAL F 1168 -61.24 -1.76 51.52
C VAL F 1168 -60.95 -3.09 50.83
N GLY F 1169 -61.22 -4.20 51.51
CA GLY F 1169 -60.82 -5.50 50.96
C GLY F 1169 -61.41 -5.76 49.58
N ASP F 1170 -62.62 -5.27 49.34
CA ASP F 1170 -63.28 -5.57 48.08
C ASP F 1170 -62.66 -4.80 46.93
N ALA F 1171 -62.50 -3.48 47.11
CA ALA F 1171 -61.72 -2.71 46.16
C ALA F 1171 -60.37 -3.38 45.92
N VAL F 1172 -59.75 -3.87 46.98
CA VAL F 1172 -58.44 -4.51 46.85
C VAL F 1172 -58.53 -5.71 45.92
N SER F 1173 -59.45 -6.61 46.20
CA SER F 1173 -59.56 -7.82 45.39
C SER F 1173 -59.84 -7.47 43.95
N GLN F 1174 -60.83 -6.62 43.72
CA GLN F 1174 -61.16 -6.22 42.36
C GLN F 1174 -59.94 -5.68 41.64
N LEU F 1175 -59.30 -4.67 42.21
CA LEU F 1175 -58.19 -4.02 41.54
C LEU F 1175 -57.01 -4.97 41.38
N ASP F 1176 -56.89 -5.98 42.23
CA ASP F 1176 -55.79 -6.91 42.06
C ASP F 1176 -56.16 -8.01 41.08
N SER F 1177 -57.42 -8.05 40.67
CA SER F 1177 -57.83 -9.07 39.73
C SER F 1177 -57.46 -8.72 38.29
N GLN F 1178 -57.88 -7.57 37.78
CA GLN F 1178 -57.79 -7.31 36.36
C GLN F 1178 -57.56 -5.83 36.11
N LEU F 1179 -57.00 -5.54 34.94
CA LEU F 1179 -56.63 -4.17 34.60
C LEU F 1179 -57.85 -3.29 34.44
N MET F 1180 -57.89 -2.19 35.18
CA MET F 1180 -59.05 -1.32 35.21
C MET F 1180 -58.91 -0.21 34.19
N ASP F 1181 -60.05 0.24 33.66
CA ASP F 1181 -60.04 1.34 32.72
C ASP F 1181 -59.77 2.65 33.44
N ILE F 1182 -59.42 3.67 32.66
CA ILE F 1182 -59.12 4.97 33.23
C ILE F 1182 -60.29 5.47 34.06
N THR F 1183 -61.44 5.67 33.42
CA THR F 1183 -62.58 6.24 34.13
C THR F 1183 -62.93 5.40 35.35
N LYS F 1184 -62.70 4.08 35.27
CA LYS F 1184 -62.96 3.24 36.42
C LYS F 1184 -62.15 3.67 37.61
N MET F 1185 -60.83 3.59 37.49
CA MET F 1185 -59.97 4.03 38.58
C MET F 1185 -60.32 5.45 38.98
N PHE F 1186 -60.78 6.26 38.05
CA PHE F 1186 -61.07 7.65 38.34
C PHE F 1186 -62.26 7.80 39.28
N GLY F 1187 -63.35 7.08 38.99
CA GLY F 1187 -64.59 7.31 39.72
C GLY F 1187 -64.81 6.37 40.89
N GLN F 1188 -64.41 5.12 40.76
CA GLN F 1188 -64.79 4.11 41.74
C GLN F 1188 -63.86 4.05 42.94
N TYR F 1189 -62.56 4.13 42.72
CA TYR F 1189 -61.66 3.89 43.82
C TYR F 1189 -61.28 5.20 44.49
N ALA F 1190 -60.72 6.13 43.72
CA ALA F 1190 -60.16 7.32 44.33
C ALA F 1190 -61.22 8.38 44.58
N ASP F 1191 -62.05 8.65 43.58
CA ASP F 1191 -63.11 9.65 43.77
C ASP F 1191 -63.91 9.35 45.02
N PRO F 1192 -64.20 8.10 45.36
CA PRO F 1192 -64.73 7.82 46.68
C PRO F 1192 -63.80 8.25 47.79
N PHE F 1193 -62.51 7.95 47.69
CA PHE F 1193 -61.59 8.03 48.82
C PHE F 1193 -60.84 9.35 48.90
N ARG F 1194 -61.07 10.27 47.98
CA ARG F 1194 -60.38 11.56 47.96
C ARG F 1194 -58.86 11.38 48.00
N LEU F 1195 -58.36 10.51 47.12
CA LEU F 1195 -56.92 10.20 47.04
C LEU F 1195 -56.24 11.15 46.06
N SER F 1196 -56.15 12.42 46.49
CA SER F 1196 -55.76 13.51 45.60
C SER F 1196 -54.44 13.24 44.88
N GLU F 1197 -53.50 12.57 45.55
CA GLU F 1197 -52.25 12.24 44.89
C GLU F 1197 -52.48 11.42 43.64
N CYS F 1198 -53.09 10.24 43.79
CA CYS F 1198 -53.43 9.44 42.63
C CYS F 1198 -54.26 10.22 41.63
N LYS F 1199 -55.06 11.16 42.10
CA LYS F 1199 -55.83 11.99 41.19
C LYS F 1199 -54.93 12.74 40.24
N LEU F 1200 -53.98 13.51 40.77
CA LEU F 1200 -53.04 14.19 39.90
C LEU F 1200 -52.29 13.21 39.04
N ALA F 1201 -51.94 12.05 39.60
CA ALA F 1201 -51.24 11.03 38.82
C ALA F 1201 -51.99 10.71 37.54
N ILE F 1202 -53.25 10.32 37.68
CA ILE F 1202 -54.03 10.00 36.49
C ILE F 1202 -54.17 11.22 35.60
N ILE F 1203 -54.62 12.35 36.17
CA ILE F 1203 -54.94 13.53 35.38
C ILE F 1203 -53.77 13.92 34.50
N HIS F 1204 -52.56 13.66 34.95
CA HIS F 1204 -51.42 13.82 34.06
C HIS F 1204 -51.33 12.65 33.09
N CYS F 1205 -51.61 11.44 33.58
CA CYS F 1205 -51.54 10.28 32.69
C CYS F 1205 -52.43 10.45 31.46
N ALA F 1206 -53.41 11.34 31.53
CA ALA F 1206 -54.30 11.59 30.40
C ALA F 1206 -54.18 12.99 29.81
N GLY F 1207 -53.97 14.01 30.63
CA GLY F 1207 -53.56 15.29 30.13
C GLY F 1207 -54.61 16.37 30.03
N HIS F 1208 -55.80 16.16 30.55
CA HIS F 1208 -56.72 17.28 30.68
C HIS F 1208 -56.10 18.32 31.59
N SER F 1209 -56.35 19.59 31.30
CA SER F 1209 -55.78 20.65 32.15
C SER F 1209 -56.70 21.87 32.08
N ASP F 1210 -57.61 21.96 33.04
CA ASP F 1210 -58.46 23.13 33.23
C ASP F 1210 -57.96 23.88 34.46
N PRO F 1211 -57.52 25.13 34.29
CA PRO F 1211 -56.68 25.79 35.29
C PRO F 1211 -57.05 25.56 36.75
N ILE F 1212 -58.30 25.83 37.09
CA ILE F 1212 -58.71 25.83 38.50
C ILE F 1212 -58.53 24.47 39.13
N LEU F 1213 -58.80 23.41 38.37
CA LEU F 1213 -58.66 22.07 38.92
C LEU F 1213 -57.27 21.83 39.46
N VAL F 1214 -56.25 22.18 38.67
CA VAL F 1214 -54.88 21.96 39.09
C VAL F 1214 -54.62 22.66 40.42
N GLN F 1215 -55.05 23.91 40.53
CA GLN F 1215 -54.77 24.69 41.73
C GLN F 1215 -55.48 24.12 42.93
N THR F 1216 -56.76 23.78 42.78
CA THR F 1216 -57.48 23.17 43.90
C THR F 1216 -56.80 21.88 44.32
N LEU F 1217 -56.35 21.08 43.34
CA LEU F 1217 -55.71 19.80 43.68
C LEU F 1217 -54.43 20.03 44.45
N TRP F 1218 -53.59 20.95 43.96
CA TRP F 1218 -52.36 21.25 44.66
C TRP F 1218 -52.67 21.71 46.09
N GLN F 1219 -53.47 22.75 46.22
CA GLN F 1219 -53.82 23.26 47.55
C GLN F 1219 -54.35 22.14 48.44
N ASP F 1220 -55.06 21.19 47.85
CA ASP F 1220 -55.59 20.09 48.64
C ASP F 1220 -54.45 19.25 49.18
N ILE F 1221 -53.55 18.82 48.32
CA ILE F 1221 -52.38 18.07 48.77
C ILE F 1221 -51.68 18.85 49.87
N ILE F 1222 -51.56 20.16 49.68
CA ILE F 1222 -50.86 21.00 50.64
C ILE F 1222 -51.55 20.96 51.98
N ASP F 1223 -52.79 21.46 52.05
CA ASP F 1223 -53.50 21.58 53.31
C ASP F 1223 -53.58 20.25 54.02
N LYS F 1224 -53.73 19.16 53.27
CA LYS F 1224 -53.72 17.85 53.91
C LYS F 1224 -52.39 17.59 54.59
N GLU F 1225 -51.30 17.59 53.82
CA GLU F 1225 -49.99 17.30 54.39
C GLU F 1225 -49.71 18.20 55.58
N LEU F 1226 -50.22 19.42 55.55
CA LEU F 1226 -50.05 20.31 56.68
C LEU F 1226 -50.83 19.82 57.88
N SER F 1227 -52.13 19.58 57.69
CA SER F 1227 -52.97 19.17 58.81
C SER F 1227 -52.41 17.92 59.47
N ASP F 1228 -51.93 16.96 58.67
CA ASP F 1228 -51.45 15.72 59.25
C ASP F 1228 -50.28 15.94 60.20
N SER F 1229 -49.39 16.88 59.88
CA SER F 1229 -48.24 17.14 60.72
C SER F 1229 -48.59 18.01 61.92
N MET F 1230 -49.88 18.20 62.20
CA MET F 1230 -50.28 19.10 63.28
C MET F 1230 -49.64 18.75 64.61
N GLY F 1231 -49.25 17.49 64.79
CA GLY F 1231 -48.59 17.12 66.02
C GLY F 1231 -47.10 17.30 66.03
N ASN F 1232 -46.46 17.30 64.87
CA ASN F 1232 -45.01 17.45 64.80
C ASN F 1232 -44.61 18.87 65.19
N SER F 1233 -43.31 19.06 65.38
CA SER F 1233 -42.79 20.39 65.67
C SER F 1233 -42.85 21.26 64.43
N SER F 1234 -43.00 22.56 64.66
CA SER F 1234 -43.08 23.50 63.55
C SER F 1234 -41.96 23.27 62.57
N VAL F 1235 -40.76 23.07 63.09
CA VAL F 1235 -39.62 22.74 62.25
C VAL F 1235 -39.86 21.44 61.51
N ASP F 1236 -40.38 20.43 62.20
CA ASP F 1236 -40.65 19.17 61.53
C ASP F 1236 -41.69 19.36 60.44
N ARG F 1237 -42.73 20.14 60.71
CA ARG F 1237 -43.71 20.42 59.69
C ARG F 1237 -43.05 21.03 58.47
N MET F 1238 -42.17 21.99 58.69
CA MET F 1238 -41.43 22.58 57.58
C MET F 1238 -40.70 21.52 56.79
N GLN F 1239 -39.89 20.71 57.47
CA GLN F 1239 -39.05 19.77 56.74
C GLN F 1239 -39.88 18.71 56.03
N SER F 1240 -41.03 18.37 56.58
CA SER F 1240 -41.88 17.37 55.94
C SER F 1240 -42.51 17.94 54.68
N LEU F 1241 -43.09 19.13 54.78
CA LEU F 1241 -43.57 19.82 53.58
C LEU F 1241 -42.47 19.86 52.53
N HIS F 1242 -41.24 20.12 52.95
CA HIS F 1242 -40.13 20.12 52.00
C HIS F 1242 -40.05 18.78 51.30
N LEU F 1243 -39.73 17.72 52.05
CA LEU F 1243 -39.52 16.42 51.44
C LEU F 1243 -40.64 16.07 50.48
N LYS F 1244 -41.88 16.38 50.84
CA LYS F 1244 -43.01 16.03 49.99
C LYS F 1244 -43.00 16.83 48.69
N ILE F 1245 -42.83 18.14 48.81
CA ILE F 1245 -42.83 18.97 47.60
C ILE F 1245 -41.73 18.53 46.66
N THR F 1246 -40.55 18.23 47.22
CA THR F 1246 -39.47 17.75 46.37
C THR F 1246 -39.88 16.50 45.63
N SER F 1247 -40.40 15.52 46.38
CA SER F 1247 -40.86 14.30 45.75
C SER F 1247 -41.77 14.58 44.56
N LEU F 1248 -42.82 15.37 44.78
CA LEU F 1248 -43.82 15.54 43.73
C LEU F 1248 -43.30 16.40 42.57
N GLY F 1249 -42.53 17.43 42.88
CA GLY F 1249 -41.95 18.25 41.84
C GLY F 1249 -41.08 17.44 40.90
N LYS F 1250 -40.32 16.49 41.43
CA LYS F 1250 -39.37 15.76 40.59
C LYS F 1250 -40.06 15.03 39.45
N ILE F 1251 -41.39 15.07 39.42
CA ILE F 1251 -42.10 14.58 38.24
C ILE F 1251 -42.94 15.68 37.62
N TYR F 1252 -43.75 16.37 38.41
CA TYR F 1252 -44.82 17.20 37.86
C TYR F 1252 -44.39 18.58 37.40
N ALA F 1253 -43.10 18.83 37.25
CA ALA F 1253 -42.64 20.13 36.78
C ALA F 1253 -43.05 20.35 35.35
N LEU F 1261 -47.51 26.52 38.83
CA LEU F 1261 -46.32 26.80 39.65
C LEU F 1261 -46.51 28.07 40.46
N GLU F 1262 -46.94 29.15 39.82
CA GLU F 1262 -47.18 30.39 40.54
C GLU F 1262 -48.07 30.15 41.76
N PHE F 1263 -49.07 29.28 41.61
CA PHE F 1263 -49.94 28.99 42.74
C PHE F 1263 -49.15 28.40 43.90
N LEU F 1264 -48.18 27.55 43.58
CA LEU F 1264 -47.34 26.99 44.63
C LEU F 1264 -46.70 28.10 45.44
N VAL F 1265 -46.07 29.05 44.76
CA VAL F 1265 -45.40 30.13 45.46
C VAL F 1265 -46.40 30.94 46.27
N LYS F 1266 -47.55 31.23 45.69
CA LYS F 1266 -48.55 32.01 46.41
C LYS F 1266 -48.92 31.33 47.74
N TYR F 1267 -49.35 30.08 47.65
CA TYR F 1267 -49.76 29.38 48.85
C TYR F 1267 -48.62 29.31 49.86
N LEU F 1268 -47.43 28.92 49.39
CA LEU F 1268 -46.31 28.77 50.30
C LEU F 1268 -45.99 30.07 51.00
N GLU F 1269 -46.15 31.20 50.30
CA GLU F 1269 -45.92 32.46 50.97
C GLU F 1269 -46.95 32.70 52.04
N GLN F 1270 -48.23 32.46 51.73
CA GLN F 1270 -49.25 32.64 52.74
C GLN F 1270 -48.94 31.81 53.98
N GLN F 1271 -48.45 30.60 53.76
CA GLN F 1271 -48.14 29.73 54.89
C GLN F 1271 -46.97 30.26 55.69
N VAL F 1272 -45.85 30.47 55.02
CA VAL F 1272 -44.66 30.97 55.69
C VAL F 1272 -45.00 32.20 56.52
N CYS F 1273 -45.92 33.02 56.01
CA CYS F 1273 -46.36 34.16 56.79
C CYS F 1273 -47.11 33.71 58.04
N ASN F 1274 -48.17 32.92 57.88
CA ASN F 1274 -49.00 32.57 59.01
C ASN F 1274 -48.19 31.89 60.11
N PHE F 1275 -47.26 31.02 59.73
CA PHE F 1275 -46.43 30.33 60.71
C PHE F 1275 -45.10 31.01 60.94
N SER F 1276 -44.86 32.16 60.30
CA SER F 1276 -43.68 32.98 60.55
C SER F 1276 -42.38 32.21 60.32
N TRP F 1277 -42.37 31.36 59.31
CA TRP F 1277 -41.15 30.64 59.03
C TRP F 1277 -40.18 31.55 58.27
N ASP F 1278 -38.94 31.09 58.15
CA ASP F 1278 -37.91 31.90 57.52
C ASP F 1278 -38.31 32.26 56.08
N ALA F 1279 -37.99 33.48 55.68
CA ALA F 1279 -38.39 33.98 54.36
C ALA F 1279 -37.69 33.27 53.20
N GLY F 1280 -36.83 32.29 53.48
CA GLY F 1280 -36.07 31.67 52.42
C GLY F 1280 -36.54 30.29 52.01
N PHE F 1281 -37.42 29.68 52.80
CA PHE F 1281 -37.85 28.30 52.53
C PHE F 1281 -38.40 28.17 51.12
N VAL F 1282 -39.21 29.15 50.70
CA VAL F 1282 -39.73 29.10 49.34
C VAL F 1282 -38.60 29.06 48.34
N THR F 1283 -37.72 30.07 48.39
CA THR F 1283 -36.67 30.16 47.40
C THR F 1283 -35.70 29.01 47.51
N TYR F 1284 -35.25 28.72 48.74
CA TYR F 1284 -34.34 27.60 48.90
C TYR F 1284 -34.93 26.33 48.32
N THR F 1285 -36.21 26.11 48.60
CA THR F 1285 -36.89 24.94 48.09
C THR F 1285 -36.86 24.93 46.58
N MET F 1286 -37.48 25.95 45.98
CA MET F 1286 -37.63 25.96 44.52
C MET F 1286 -36.29 25.85 43.84
N GLN F 1287 -35.27 26.49 44.41
CA GLN F 1287 -33.93 26.34 43.87
C GLN F 1287 -33.50 24.89 43.90
N GLU F 1288 -33.64 24.24 45.06
CA GLU F 1288 -33.36 22.81 45.10
C GLU F 1288 -34.08 22.08 43.98
N ILE F 1289 -35.25 22.59 43.57
CA ILE F 1289 -35.95 22.01 42.44
C ILE F 1289 -35.35 22.40 41.11
N ASN F 1290 -34.41 23.34 41.09
CA ASN F 1290 -33.68 23.72 39.88
C ASN F 1290 -34.50 24.59 38.92
N VAL F 1291 -35.45 25.36 39.43
CA VAL F 1291 -36.24 26.27 38.60
C VAL F 1291 -35.39 27.48 38.19
N PRO F 1292 -35.46 27.91 36.94
CA PRO F 1292 -34.66 29.06 36.51
C PRO F 1292 -35.00 30.31 37.28
N VAL F 1293 -33.98 30.87 37.93
CA VAL F 1293 -34.10 32.03 38.82
C VAL F 1293 -34.84 33.16 38.12
N PRO F 1294 -34.55 33.46 36.87
CA PRO F 1294 -35.32 34.51 36.19
C PRO F 1294 -36.80 34.29 36.31
N LYS F 1295 -37.25 33.06 36.13
CA LYS F 1295 -38.68 32.79 36.24
C LYS F 1295 -39.19 33.17 37.62
N LEU F 1296 -38.53 32.69 38.66
CA LEU F 1296 -38.97 33.02 40.00
C LEU F 1296 -39.00 34.52 40.21
N LEU F 1297 -38.01 35.22 39.65
CA LEU F 1297 -38.01 36.66 39.77
C LEU F 1297 -39.25 37.25 39.13
N GLU F 1298 -39.57 36.81 37.92
CA GLU F 1298 -40.74 37.33 37.25
C GLU F 1298 -41.97 37.08 38.08
N VAL F 1299 -42.13 35.87 38.59
CA VAL F 1299 -43.35 35.52 39.31
C VAL F 1299 -43.45 36.34 40.59
N TYR F 1300 -42.33 36.48 41.29
CA TYR F 1300 -42.33 37.28 42.50
C TYR F 1300 -42.73 38.70 42.18
N ASP F 1301 -42.14 39.27 41.14
CA ASP F 1301 -42.50 40.62 40.73
C ASP F 1301 -43.97 40.71 40.39
N HIS F 1302 -44.51 39.64 39.83
CA HIS F 1302 -45.93 39.63 39.47
C HIS F 1302 -46.79 39.70 40.73
N LEU F 1303 -46.62 38.74 41.62
CA LEU F 1303 -47.37 38.76 42.87
C LEU F 1303 -47.20 40.10 43.58
N PHE F 1304 -45.97 40.60 43.62
CA PHE F 1304 -45.71 41.89 44.24
C PHE F 1304 -46.59 42.98 43.61
N LYS F 1305 -46.47 43.15 42.31
CA LYS F 1305 -47.31 44.12 41.63
C LYS F 1305 -48.78 43.82 41.86
N ALA F 1306 -49.16 42.54 41.87
CA ALA F 1306 -50.56 42.17 42.02
C ALA F 1306 -51.19 42.77 43.25
N ARG F 1307 -50.39 43.07 44.27
CA ARG F 1307 -50.87 43.75 45.46
C ARG F 1307 -51.98 42.96 46.13
N ASP F 1308 -51.64 41.75 46.56
CA ASP F 1308 -52.59 40.97 47.34
C ASP F 1308 -52.72 41.60 48.72
N PRO F 1309 -53.92 42.00 49.14
CA PRO F 1309 -54.04 42.67 50.44
C PRO F 1309 -53.65 41.79 51.62
N TRP F 1310 -53.73 40.47 51.47
CA TRP F 1310 -53.45 39.58 52.59
C TRP F 1310 -52.12 39.89 53.24
N TRP F 1311 -51.13 40.31 52.44
CA TRP F 1311 -49.84 40.68 53.00
C TRP F 1311 -49.99 41.86 53.95
N SER F 1312 -50.89 42.79 53.64
CA SER F 1312 -51.13 43.91 54.55
C SER F 1312 -51.95 43.45 55.75
N ARG F 1313 -52.97 42.62 55.51
CA ARG F 1313 -53.77 42.10 56.60
C ARG F 1313 -52.94 41.23 57.53
N MET F 1314 -51.99 40.49 56.97
CA MET F 1314 -51.02 39.78 57.79
C MET F 1314 -50.02 40.71 58.44
N LYS F 1315 -50.17 42.02 58.26
CA LYS F 1315 -49.28 43.02 58.83
C LYS F 1315 -47.84 42.83 58.38
N LYS F 1316 -47.64 42.30 57.18
CA LYS F 1316 -46.31 42.18 56.58
C LYS F 1316 -46.39 42.47 55.10
N PRO F 1317 -46.90 43.64 54.72
CA PRO F 1317 -47.06 43.94 53.29
C PRO F 1317 -45.78 43.90 52.50
N LEU F 1318 -44.62 43.69 53.14
CA LEU F 1318 -43.36 43.68 52.42
C LEU F 1318 -42.73 42.30 52.32
N HIS F 1319 -43.30 41.30 53.00
CA HIS F 1319 -42.65 40.01 53.15
C HIS F 1319 -42.06 39.50 51.85
N LEU F 1320 -42.88 39.50 50.79
CA LEU F 1320 -42.39 39.01 49.51
C LEU F 1320 -41.14 39.76 49.07
N LEU F 1321 -41.04 41.03 49.41
CA LEU F 1321 -39.84 41.78 49.04
C LEU F 1321 -38.63 41.26 49.78
N GLU F 1322 -38.78 40.95 51.06
CA GLU F 1322 -37.69 40.34 51.79
C GLU F 1322 -37.27 39.05 51.10
N SER F 1323 -38.24 38.23 50.71
CA SER F 1323 -37.91 37.02 49.97
C SER F 1323 -37.15 37.36 48.70
N ILE F 1324 -37.57 38.43 48.02
CA ILE F 1324 -36.91 38.84 46.79
C ILE F 1324 -35.46 39.20 47.04
N TYR F 1325 -35.21 39.94 48.11
CA TYR F 1325 -33.86 40.29 48.47
C TYR F 1325 -33.04 39.03 48.71
N ILE F 1326 -33.63 38.06 49.40
CA ILE F 1326 -32.96 36.79 49.56
C ILE F 1326 -32.55 36.25 48.20
N LEU F 1327 -33.52 36.16 47.29
CA LEU F 1327 -33.26 35.57 45.98
C LEU F 1327 -32.13 36.29 45.28
N LEU F 1328 -32.19 37.63 45.27
CA LEU F 1328 -31.25 38.40 44.48
C LEU F 1328 -29.86 38.36 45.10
N SER F 1329 -29.76 38.49 46.41
CA SER F 1329 -28.47 38.34 47.06
C SER F 1329 -27.88 36.98 46.74
N GLY F 1330 -28.72 35.94 46.70
CA GLY F 1330 -28.23 34.64 46.31
C GLY F 1330 -27.70 34.61 44.89
N TYR F 1331 -28.46 35.20 43.95
CA TYR F 1331 -28.02 35.23 42.57
C TYR F 1331 -26.69 35.94 42.44
N VAL F 1332 -26.57 37.10 43.04
CA VAL F 1332 -25.30 37.82 43.03
C VAL F 1332 -24.19 36.95 43.58
N GLN F 1333 -24.44 36.31 44.72
CA GLN F 1333 -23.40 35.51 45.36
C GLN F 1333 -22.85 34.43 44.45
N GLU F 1334 -23.56 34.13 43.36
CA GLU F 1334 -23.09 33.10 42.45
C GLU F 1334 -23.37 33.50 41.01
N TYR F 1341 -23.27 33.08 27.70
CA TYR F 1341 -23.88 33.68 26.51
C TYR F 1341 -25.13 34.44 26.88
N GLU F 1342 -25.71 34.08 28.02
CA GLU F 1342 -26.85 34.82 28.55
C GLU F 1342 -26.52 35.57 29.82
N ARG F 1343 -25.36 35.29 30.43
CA ARG F 1343 -24.97 35.98 31.65
C ARG F 1343 -25.15 37.49 31.52
N ARG F 1344 -24.66 38.07 30.42
CA ARG F 1344 -24.72 39.51 30.27
C ARG F 1344 -26.17 39.99 30.25
N ARG F 1345 -26.93 39.63 29.22
CA ARG F 1345 -28.30 40.11 29.12
C ARG F 1345 -29.06 39.82 30.40
N PHE F 1346 -28.77 38.69 31.02
CA PHE F 1346 -29.35 38.39 32.31
C PHE F 1346 -29.03 39.49 33.31
N THR F 1347 -27.75 39.86 33.41
CA THR F 1347 -27.35 40.84 34.41
C THR F 1347 -27.96 42.20 34.11
N THR F 1348 -28.03 42.56 32.83
CA THR F 1348 -28.71 43.79 32.45
C THR F 1348 -30.13 43.79 32.97
N LEU F 1349 -30.87 42.74 32.65
CA LEU F 1349 -32.23 42.62 33.16
C LEU F 1349 -32.25 42.70 34.67
N CYS F 1350 -31.29 42.06 35.31
CA CYS F 1350 -31.26 42.01 36.76
C CYS F 1350 -31.13 43.40 37.36
N LEU F 1351 -30.15 44.17 36.89
CA LEU F 1351 -30.00 45.53 37.38
C LEU F 1351 -31.24 46.35 37.07
N ASP F 1352 -31.87 46.11 35.92
CA ASP F 1352 -33.09 46.85 35.61
C ASP F 1352 -34.17 46.57 36.63
N ALA F 1353 -34.39 45.29 36.92
CA ALA F 1353 -35.39 44.91 37.90
C ALA F 1353 -35.03 45.47 39.27
N ILE F 1354 -33.75 45.42 39.62
CA ILE F 1354 -33.31 45.93 40.92
C ILE F 1354 -33.61 47.42 41.02
N SER F 1355 -33.42 48.15 39.93
CA SER F 1355 -33.76 49.56 39.94
C SER F 1355 -35.24 49.77 40.20
N CYS F 1356 -36.07 49.07 39.44
CA CYS F 1356 -37.52 49.20 39.64
C CYS F 1356 -37.88 48.87 41.08
N TYR F 1357 -37.24 47.84 41.65
CA TYR F 1357 -37.58 47.41 42.99
C TYR F 1357 -37.18 48.44 44.02
N LEU F 1358 -35.95 48.94 43.94
CA LEU F 1358 -35.52 49.98 44.87
C LEU F 1358 -36.44 51.19 44.78
N VAL F 1359 -36.92 51.51 43.57
CA VAL F 1359 -37.82 52.65 43.42
C VAL F 1359 -39.12 52.39 44.16
N GLU F 1360 -39.76 51.25 43.90
CA GLU F 1360 -41.02 50.96 44.56
C GLU F 1360 -40.85 50.85 46.07
N LEU F 1361 -39.68 50.36 46.51
CA LEU F 1361 -39.44 50.24 47.95
C LEU F 1361 -39.29 51.61 48.59
N GLN F 1362 -38.49 52.49 47.97
CA GLN F 1362 -38.37 53.84 48.46
C GLN F 1362 -39.70 54.56 48.47
N SER F 1363 -40.61 54.18 47.59
CA SER F 1363 -41.94 54.78 47.59
C SER F 1363 -42.70 54.51 48.88
N MET F 1364 -42.33 53.49 49.64
CA MET F 1364 -43.06 53.14 50.84
C MET F 1364 -42.70 54.08 51.99
N ASP F 1365 -43.49 54.00 53.07
CA ASP F 1365 -43.20 54.76 54.26
C ASP F 1365 -41.93 54.22 54.93
N PRO F 1366 -41.14 55.06 55.59
CA PRO F 1366 -39.83 54.61 56.08
C PRO F 1366 -39.89 53.81 57.36
N ALA F 1367 -39.62 52.54 57.28
CA ALA F 1367 -39.46 51.77 58.50
C ALA F 1367 -38.07 51.14 58.54
N PRO F 1368 -37.70 50.56 59.68
CA PRO F 1368 -36.36 49.96 59.80
C PRO F 1368 -36.06 48.94 58.72
N ALA F 1369 -36.97 47.99 58.52
CA ALA F 1369 -36.78 46.97 57.51
C ALA F 1369 -36.58 47.58 56.13
N LEU F 1370 -37.36 48.60 55.79
CA LEU F 1370 -37.21 49.23 54.48
C LEU F 1370 -35.83 49.85 54.34
N LEU F 1371 -35.34 50.47 55.42
CA LEU F 1371 -34.00 51.02 55.38
C LEU F 1371 -32.98 49.93 55.08
N ASN F 1372 -33.01 48.86 55.88
CA ASN F 1372 -32.07 47.77 55.66
C ASN F 1372 -32.24 47.16 54.27
N THR F 1373 -33.45 47.23 53.73
CA THR F 1373 -33.73 46.59 52.44
C THR F 1373 -33.17 47.41 51.28
N VAL F 1374 -33.46 48.71 51.25
CA VAL F 1374 -32.81 49.58 50.29
C VAL F 1374 -31.30 49.46 50.41
N SER F 1375 -30.80 49.28 51.64
CA SER F 1375 -29.36 49.12 51.84
C SER F 1375 -28.85 47.85 51.17
N ASN F 1376 -29.43 46.72 51.53
CA ASN F 1376 -29.05 45.45 50.92
C ASN F 1376 -29.09 45.56 49.40
N PHE F 1377 -30.17 46.10 48.86
CA PHE F 1377 -30.32 46.15 47.41
C PHE F 1377 -29.30 47.09 46.78
N LYS F 1378 -28.94 48.16 47.47
CA LYS F 1378 -27.89 49.03 46.93
C LYS F 1378 -26.57 48.29 46.88
N SER F 1379 -26.23 47.59 47.97
CA SER F 1379 -25.04 46.75 47.96
C SER F 1379 -25.11 45.74 46.83
N LEU F 1380 -26.31 45.22 46.56
CA LEU F 1380 -26.49 44.22 45.52
C LEU F 1380 -26.28 44.82 44.15
N GLN F 1381 -26.85 46.00 43.90
CA GLN F 1381 -26.65 46.68 42.64
C GLN F 1381 -25.17 46.94 42.40
N ALA F 1382 -24.47 47.35 43.45
CA ALA F 1382 -23.03 47.55 43.31
C ALA F 1382 -22.34 46.25 42.95
N LYS F 1383 -22.66 45.17 43.66
CA LYS F 1383 -22.03 43.90 43.33
C LYS F 1383 -22.38 43.45 41.92
N LEU F 1384 -23.57 43.81 41.44
CA LEU F 1384 -23.97 43.40 40.11
C LEU F 1384 -23.22 44.17 39.04
N GLU F 1385 -23.04 45.47 39.26
CA GLU F 1385 -22.13 46.22 38.41
C GLU F 1385 -20.72 45.65 38.48
N ARG F 1386 -20.38 45.02 39.60
CA ARG F 1386 -19.05 44.43 39.74
C ARG F 1386 -18.91 43.12 38.97
N LEU F 1387 -20.00 42.34 38.86
CA LEU F 1387 -19.92 41.10 38.11
C LEU F 1387 -20.33 41.28 36.66
N SER F 1388 -21.02 42.37 36.35
CA SER F 1388 -21.39 42.68 34.97
C SER F 1388 -20.21 43.34 34.25
N THR G 156 22.81 101.82 -95.45
CA THR G 156 22.56 102.47 -94.17
C THR G 156 21.81 101.53 -93.23
N LEU G 157 22.33 101.38 -92.02
CA LEU G 157 21.66 100.56 -91.02
C LEU G 157 20.46 101.28 -90.43
N LEU G 158 20.37 102.59 -90.61
CA LEU G 158 19.21 103.33 -90.14
C LEU G 158 17.96 102.92 -90.89
N GLY G 159 18.02 102.92 -92.22
CA GLY G 159 16.86 102.51 -93.00
C GLY G 159 16.52 101.05 -92.81
N ASP G 160 17.52 100.22 -92.48
CA ASP G 160 17.24 98.81 -92.23
C ASP G 160 16.56 98.61 -90.88
N GLU G 161 17.03 99.30 -89.84
CA GLU G 161 16.29 99.31 -88.58
C GLU G 161 14.87 99.81 -88.80
N ARG G 162 14.71 100.80 -89.68
CA ARG G 162 13.37 101.31 -89.99
C ARG G 162 12.54 100.24 -90.69
N ASP G 163 13.16 99.46 -91.57
CA ASP G 163 12.45 98.38 -92.23
C ASP G 163 12.03 97.32 -91.23
N ALA G 164 12.90 97.04 -90.25
CA ALA G 164 12.54 96.11 -89.18
C ALA G 164 11.36 96.65 -88.37
N ILE G 165 11.36 97.95 -88.11
CA ILE G 165 10.23 98.57 -87.40
C ILE G 165 8.97 98.48 -88.25
N LEU G 166 9.11 98.62 -89.56
CA LEU G 166 7.96 98.64 -90.46
C LEU G 166 7.33 97.26 -90.58
N ALA G 167 8.16 96.23 -90.72
CA ALA G 167 7.64 94.87 -90.74
C ALA G 167 7.26 94.40 -89.34
N LYS G 168 7.76 95.09 -88.31
CA LYS G 168 7.43 94.70 -86.94
C LYS G 168 5.94 94.85 -86.69
N TRP G 169 5.45 96.08 -86.65
CA TRP G 169 4.04 96.31 -86.40
C TRP G 169 3.32 96.28 -87.75
N ASN G 170 2.80 95.10 -88.09
CA ASN G 170 2.18 94.92 -89.39
C ASN G 170 1.38 93.63 -89.37
N GLN G 171 0.52 93.48 -90.40
CA GLN G 171 -0.30 92.29 -90.57
C GLN G 171 0.30 91.28 -91.51
N LEU G 172 1.54 91.47 -91.95
CA LEU G 172 2.14 90.60 -92.93
C LEU G 172 2.90 89.43 -92.31
N GLN G 173 2.97 89.37 -90.98
CA GLN G 173 3.65 88.31 -90.25
C GLN G 173 5.12 88.24 -90.62
N ALA G 174 5.73 89.40 -90.89
CA ALA G 174 7.17 89.49 -91.13
C ALA G 174 7.81 89.79 -89.79
N PHE G 175 7.95 88.74 -88.97
CA PHE G 175 8.36 88.88 -87.57
C PHE G 175 7.42 89.85 -86.86
N TRP G 176 6.16 89.43 -86.72
CA TRP G 176 5.07 90.37 -86.53
C TRP G 176 5.15 91.10 -85.19
N GLY G 177 6.19 91.91 -85.04
CA GLY G 177 6.29 92.84 -83.93
C GLY G 177 6.37 92.19 -82.58
N THR G 178 6.81 90.93 -82.52
CA THR G 178 6.72 90.12 -81.30
C THR G 178 5.27 90.00 -80.84
N GLY G 179 4.35 90.36 -81.74
CA GLY G 179 2.93 90.16 -81.53
C GLY G 179 2.44 88.79 -81.90
N LYS G 180 3.34 87.93 -82.36
CA LYS G 180 2.96 86.55 -82.63
C LYS G 180 2.52 85.88 -81.34
N GLY G 181 1.26 85.45 -81.31
CA GLY G 181 0.69 84.80 -80.16
C GLY G 181 -0.37 83.82 -80.60
N PHE G 182 -0.46 82.68 -79.95
CA PHE G 182 -1.34 81.60 -80.37
C PHE G 182 -2.41 81.36 -79.31
N PHE G 183 -3.65 81.20 -79.76
CA PHE G 183 -4.75 80.86 -78.89
C PHE G 183 -5.24 79.45 -79.20
N MET G 184 -5.81 78.82 -78.19
CA MET G 184 -6.41 77.50 -78.32
C MET G 184 -7.91 77.66 -78.53
N ASN G 185 -8.35 77.58 -79.78
CA ASN G 185 -9.77 77.68 -80.11
C ASN G 185 -10.35 76.29 -80.12
N ASN G 186 -11.41 76.08 -79.35
CA ASN G 186 -11.97 74.75 -79.16
C ASN G 186 -12.32 74.11 -80.50
N THR G 187 -12.18 72.79 -80.57
CA THR G 187 -12.48 72.04 -81.77
C THR G 187 -12.62 70.57 -81.43
N VAL G 319 -11.35 62.83 -86.72
CA VAL G 319 -10.10 62.81 -87.46
C VAL G 319 -9.89 64.13 -88.19
N GLN G 320 -11.00 64.76 -88.60
CA GLN G 320 -10.92 66.02 -89.33
C GLN G 320 -10.09 67.06 -88.61
N ILE G 321 -9.94 66.93 -87.29
CA ILE G 321 -8.94 67.71 -86.58
C ILE G 321 -7.57 67.47 -87.21
N LYS G 322 -7.11 66.22 -87.18
CA LYS G 322 -5.82 65.89 -87.79
C LYS G 322 -5.77 66.29 -89.26
N GLN G 323 -6.93 66.48 -89.88
CA GLN G 323 -6.96 67.02 -91.24
C GLN G 323 -6.62 68.51 -91.24
N LEU G 324 -7.14 69.26 -90.26
CA LEU G 324 -6.99 70.72 -90.28
C LEU G 324 -5.72 71.20 -89.60
N ILE G 325 -5.33 70.58 -88.48
CA ILE G 325 -4.24 71.09 -87.66
C ILE G 325 -2.90 70.96 -88.36
N GLN G 326 -2.80 70.06 -89.33
CA GLN G 326 -1.62 69.94 -90.17
C GLN G 326 -1.90 70.62 -91.51
N ASN G 327 -0.91 70.59 -92.40
CA ASN G 327 -0.98 71.41 -93.61
C ASN G 327 -1.23 72.84 -93.17
N PRO G 328 -0.20 73.54 -92.69
CA PRO G 328 -0.39 74.65 -91.74
C PRO G 328 -1.28 75.77 -92.26
N LEU G 329 -1.54 76.72 -91.37
CA LEU G 329 -2.65 77.65 -91.49
C LEU G 329 -2.37 78.79 -92.45
N SER G 330 -3.09 79.91 -92.26
CA SER G 330 -3.20 80.98 -93.25
C SER G 330 -1.90 81.73 -93.50
N GLY G 331 -0.78 81.32 -92.91
CA GLY G 331 0.44 82.10 -93.04
C GLY G 331 1.30 82.06 -91.80
N VAL G 332 0.86 81.31 -90.79
CA VAL G 332 1.72 81.03 -89.64
C VAL G 332 2.83 80.09 -90.06
N ASP G 333 4.01 80.27 -89.45
CA ASP G 333 5.14 79.44 -89.80
C ASP G 333 4.88 78.00 -89.39
N PRO G 334 5.11 77.03 -90.28
CA PRO G 334 4.95 75.62 -89.88
C PRO G 334 5.64 75.29 -88.56
N ILE G 335 6.84 75.82 -88.35
CA ILE G 335 7.61 75.45 -87.17
C ILE G 335 6.90 75.90 -85.89
N ILE G 336 6.56 77.17 -85.80
CA ILE G 336 5.93 77.67 -84.58
C ILE G 336 4.52 77.10 -84.43
N TRP G 337 3.88 76.76 -85.54
CA TRP G 337 2.56 76.16 -85.45
C TRP G 337 2.64 74.75 -84.89
N GLU G 338 3.68 74.00 -85.26
CA GLU G 338 3.88 72.68 -84.68
C GLU G 338 4.26 72.80 -83.22
N GLN G 339 5.10 73.78 -82.88
CA GLN G 339 5.45 74.00 -81.49
C GLN G 339 4.23 74.42 -80.67
N ALA G 340 3.26 75.07 -81.31
CA ALA G 340 2.05 75.46 -80.60
C ALA G 340 1.14 74.27 -80.38
N LYS G 341 0.88 73.49 -81.42
CA LYS G 341 0.18 72.23 -81.23
C LYS G 341 0.89 71.36 -80.20
N VAL G 342 2.19 71.58 -80.02
CA VAL G 342 2.93 70.86 -78.99
C VAL G 342 2.67 71.47 -77.62
N ASP G 343 2.51 72.79 -77.54
CA ASP G 343 2.29 73.45 -76.25
C ASP G 343 0.83 73.74 -75.98
N ASN G 344 -0.07 73.33 -76.87
CA ASN G 344 -1.49 73.62 -76.71
C ASN G 344 -2.09 72.79 -75.56
N PRO G 345 -2.64 73.41 -74.55
CA PRO G 345 -3.33 72.64 -73.51
C PRO G 345 -4.73 72.26 -73.95
N ASP G 346 -5.21 71.08 -73.51
CA ASP G 346 -6.51 70.53 -73.85
C ASP G 346 -6.60 70.33 -75.36
N PRO G 347 -5.74 69.48 -75.95
CA PRO G 347 -5.76 69.31 -77.40
C PRO G 347 -7.05 68.68 -77.91
N GLU G 348 -7.74 67.88 -77.09
CA GLU G 348 -9.07 67.39 -77.43
C GLU G 348 -10.15 68.45 -77.21
N ARG G 349 -9.94 69.35 -76.26
CA ARG G 349 -10.89 70.41 -76.01
C ARG G 349 -10.57 71.68 -76.78
N LEU G 350 -9.43 71.71 -77.46
CA LEU G 350 -9.02 72.92 -78.18
C LEU G 350 -7.96 72.57 -79.22
N ILE G 351 -8.11 73.14 -80.40
CA ILE G 351 -7.10 73.04 -81.45
C ILE G 351 -6.39 74.38 -81.55
N PRO G 352 -5.23 74.41 -82.20
CA PRO G 352 -4.53 75.69 -82.36
C PRO G 352 -5.27 76.57 -83.36
N VAL G 353 -5.32 77.86 -83.07
CA VAL G 353 -5.91 78.79 -84.03
C VAL G 353 -4.99 80.00 -84.12
N PRO G 354 -4.69 80.48 -85.33
CA PRO G 354 -3.82 81.65 -85.44
C PRO G 354 -4.48 82.87 -84.83
N MET G 355 -3.70 83.59 -84.03
CA MET G 355 -4.06 84.91 -83.57
C MET G 355 -3.12 85.91 -84.23
N ILE G 356 -3.71 86.87 -84.93
CA ILE G 356 -2.97 87.78 -85.80
C ILE G 356 -3.00 89.16 -85.16
N GLY G 357 -1.93 89.52 -84.43
CA GLY G 357 -1.84 90.83 -83.83
C GLY G 357 -2.87 91.01 -82.72
N PHE G 358 -3.17 92.28 -82.43
CA PHE G 358 -4.09 92.59 -81.34
C PHE G 358 -5.50 92.86 -81.85
N LYS G 359 -5.65 93.19 -83.14
CA LYS G 359 -6.98 93.17 -83.74
C LYS G 359 -7.63 91.81 -83.60
N GLU G 360 -6.85 90.74 -83.74
CA GLU G 360 -7.38 89.41 -83.49
C GLU G 360 -7.73 89.23 -82.02
N LEU G 361 -6.93 89.81 -81.12
CA LEU G 361 -7.30 89.78 -79.71
C LEU G 361 -8.63 90.48 -79.49
N LEU G 362 -8.88 91.55 -80.24
CA LEU G 362 -10.14 92.27 -80.15
C LEU G 362 -11.30 91.39 -80.62
N ARG G 363 -11.14 90.78 -81.78
CA ARG G 363 -12.18 89.86 -82.27
C ARG G 363 -12.38 88.72 -81.29
N ARG G 364 -11.31 88.30 -80.63
CA ARG G 364 -11.41 87.23 -79.65
C ARG G 364 -12.21 87.66 -78.44
N LEU G 365 -11.98 88.89 -77.97
CA LEU G 365 -12.76 89.38 -76.84
C LEU G 365 -14.21 89.60 -77.23
N GLU G 366 -14.46 89.91 -78.51
CA GLU G 366 -15.83 89.99 -78.97
C GLU G 366 -16.51 88.63 -78.93
N VAL G 367 -15.82 87.61 -79.43
CA VAL G 367 -16.32 86.24 -79.31
C VAL G 367 -16.54 85.90 -77.84
N GLN G 368 -15.64 86.35 -76.97
CA GLN G 368 -15.74 86.04 -75.55
C GLN G 368 -17.01 86.66 -74.95
N ASP G 369 -17.26 87.94 -75.24
CA ASP G 369 -18.46 88.58 -74.74
C ASP G 369 -19.72 87.91 -75.28
N GLN G 370 -19.72 87.54 -76.56
CA GLN G 370 -20.90 86.88 -77.12
C GLN G 370 -21.13 85.53 -76.44
N MET G 371 -20.06 84.76 -76.25
CA MET G 371 -20.17 83.48 -75.57
C MET G 371 -20.64 83.67 -74.14
N THR G 372 -20.17 84.73 -73.48
CA THR G 372 -20.58 84.98 -72.10
C THR G 372 -22.06 85.32 -72.03
N LYS G 373 -22.55 86.07 -73.01
CA LYS G 373 -23.98 86.38 -73.07
C LYS G 373 -24.78 85.10 -73.22
N GLN G 374 -24.47 84.29 -74.23
CA GLN G 374 -25.15 83.02 -74.37
C GLN G 374 -24.98 82.16 -73.13
N HIS G 375 -23.87 82.32 -72.42
CA HIS G 375 -23.56 81.46 -71.29
C HIS G 375 -24.45 81.79 -70.10
N GLN G 376 -24.49 83.06 -69.71
CA GLN G 376 -25.41 83.45 -68.64
C GLN G 376 -26.84 83.21 -69.06
N SER G 377 -27.14 83.28 -70.36
CA SER G 377 -28.49 82.98 -70.81
C SER G 377 -28.83 81.51 -70.61
N ARG G 378 -27.87 80.63 -70.88
CA ARG G 378 -28.07 79.20 -70.64
C ARG G 378 -28.17 78.91 -69.15
N LEU G 379 -27.33 79.56 -68.35
CA LEU G 379 -27.48 79.47 -66.90
C LEU G 379 -28.87 79.91 -66.48
N ASP G 380 -29.41 80.92 -67.15
CA ASP G 380 -30.76 81.40 -66.84
C ASP G 380 -31.79 80.34 -67.18
N ILE G 381 -31.63 79.67 -68.32
CA ILE G 381 -32.56 78.61 -68.67
C ILE G 381 -32.52 77.50 -67.64
N ILE G 382 -31.32 77.12 -67.21
CA ILE G 382 -31.19 76.05 -66.21
C ILE G 382 -31.81 76.48 -64.90
N SER G 383 -31.61 77.74 -64.52
CA SER G 383 -32.16 78.23 -63.27
C SER G 383 -33.68 78.26 -63.31
N GLU G 384 -34.24 78.66 -64.45
CA GLU G 384 -35.70 78.64 -64.60
C GLU G 384 -36.23 77.23 -64.46
N ASP G 385 -35.54 76.26 -65.06
CA ASP G 385 -35.94 74.86 -64.90
C ASP G 385 -35.90 74.45 -63.43
N ILE G 386 -34.83 74.81 -62.74
CA ILE G 386 -34.68 74.43 -61.32
C ILE G 386 -35.79 75.06 -60.49
N GLY G 387 -36.12 76.33 -60.76
CA GLY G 387 -37.13 77.00 -59.97
C GLY G 387 -38.52 76.44 -60.20
N GLU G 388 -38.84 76.14 -61.46
CA GLU G 388 -40.10 75.46 -61.73
C GLU G 388 -40.15 74.12 -61.02
N LEU G 389 -39.05 73.37 -61.05
CA LEU G 389 -39.00 72.11 -60.33
C LEU G 389 -39.31 72.30 -58.84
N GLN G 390 -38.69 73.31 -58.21
CA GLN G 390 -38.89 73.51 -56.78
C GLN G 390 -40.33 73.93 -56.46
N LYS G 391 -40.92 74.81 -57.27
CA LYS G 391 -42.30 75.21 -57.03
C LYS G 391 -43.26 74.02 -57.16
N ASN G 392 -43.14 73.26 -58.25
CA ASN G 392 -44.03 72.12 -58.45
C ASN G 392 -43.79 71.05 -57.40
N GLN G 393 -42.55 70.88 -56.95
CA GLN G 393 -42.26 69.93 -55.88
C GLN G 393 -42.89 70.36 -54.57
N THR G 394 -42.86 71.65 -54.27
CA THR G 394 -43.55 72.14 -53.07
C THR G 394 -45.04 71.87 -53.14
N THR G 395 -45.65 72.12 -54.31
CA THR G 395 -47.08 71.83 -54.46
C THR G 395 -47.37 70.34 -54.29
N THR G 396 -46.53 69.50 -54.88
CA THR G 396 -46.71 68.06 -54.72
C THR G 396 -46.61 67.66 -53.26
N MET G 397 -45.62 68.18 -52.54
CA MET G 397 -45.46 67.86 -51.13
C MET G 397 -46.67 68.29 -50.33
N ALA G 398 -47.22 69.47 -50.64
CA ALA G 398 -48.41 69.92 -49.93
C ALA G 398 -49.60 69.01 -50.21
N LYS G 399 -49.71 68.51 -51.45
CA LYS G 399 -50.75 67.54 -51.77
C LYS G 399 -50.56 66.25 -50.98
N ILE G 400 -49.30 65.88 -50.75
CA ILE G 400 -48.94 64.68 -49.99
C ILE G 400 -49.56 64.73 -48.60
N GLY G 401 -49.53 65.90 -47.95
CA GLY G 401 -50.11 66.00 -46.63
C GLY G 401 -51.62 65.77 -46.63
N GLN G 402 -52.30 66.32 -47.64
CA GLN G 402 -53.72 66.05 -47.78
C GLN G 402 -53.98 64.56 -47.95
N TYR G 403 -53.24 63.94 -48.87
CA TYR G 403 -53.43 62.50 -49.10
C TYR G 403 -53.16 61.70 -47.84
N LYS G 404 -52.21 62.14 -47.01
CA LYS G 404 -51.87 61.40 -45.80
C LYS G 404 -52.97 61.52 -44.75
N ARG G 405 -53.50 62.73 -44.59
CA ARG G 405 -54.66 62.89 -43.72
C ARG G 405 -55.80 62.02 -44.19
N LYS G 406 -56.02 61.97 -45.50
CA LYS G 406 -57.09 61.13 -46.04
C LYS G 406 -56.81 59.66 -45.78
N LEU G 407 -55.53 59.26 -45.82
CA LEU G 407 -55.17 57.88 -45.55
C LEU G 407 -55.52 57.51 -44.13
N MET G 408 -55.10 58.33 -43.16
CA MET G 408 -55.44 58.05 -41.77
C MET G 408 -56.95 58.04 -41.55
N GLU G 409 -57.67 58.95 -42.22
CA GLU G 409 -59.12 59.04 -41.99
C GLU G 409 -59.85 57.84 -42.57
N LEU G 410 -59.65 57.55 -43.85
CA LEU G 410 -60.26 56.37 -44.44
C LEU G 410 -59.77 55.10 -43.77
N SER G 411 -58.59 55.13 -43.13
CA SER G 411 -58.14 53.96 -42.38
C SER G 411 -58.99 53.74 -41.15
N HIS G 412 -59.23 54.82 -40.38
CA HIS G 412 -60.17 54.73 -39.28
C HIS G 412 -61.54 54.25 -39.76
N ARG G 413 -61.98 54.74 -40.92
CA ARG G 413 -63.26 54.33 -41.46
C ARG G 413 -63.27 52.84 -41.82
N VAL G 414 -62.18 52.35 -42.41
CA VAL G 414 -62.09 50.95 -42.76
C VAL G 414 -62.13 50.09 -41.51
N LEU G 415 -61.40 50.52 -40.47
CA LEU G 415 -61.47 49.84 -39.18
C LEU G 415 -62.91 49.80 -38.66
N GLN G 416 -63.65 50.90 -38.86
CA GLN G 416 -65.05 50.93 -38.45
C GLN G 416 -65.87 49.90 -39.20
N VAL G 417 -65.71 49.84 -40.52
CA VAL G 417 -66.48 48.90 -41.32
C VAL G 417 -66.10 47.46 -40.97
N LEU G 418 -64.84 47.24 -40.64
CA LEU G 418 -64.39 45.90 -40.26
C LEU G 418 -65.01 45.46 -38.95
N ILE G 419 -64.95 46.34 -37.94
CA ILE G 419 -65.54 46.01 -36.65
C ILE G 419 -67.04 45.83 -36.78
N LYS G 420 -67.69 46.64 -37.63
CA LYS G 420 -69.14 46.50 -37.78
C LYS G 420 -69.53 45.25 -38.55
N GLN G 421 -68.70 44.79 -39.49
CA GLN G 421 -69.00 43.54 -40.16
C GLN G 421 -68.75 42.37 -39.23
N GLU G 422 -67.68 42.41 -38.45
CA GLU G 422 -67.46 41.39 -37.42
C GLU G 422 -68.49 41.47 -36.31
N ILE G 423 -69.25 42.55 -36.23
CA ILE G 423 -70.33 42.64 -35.25
C ILE G 423 -71.62 42.06 -35.80
N GLN G 424 -72.02 42.46 -37.00
CA GLN G 424 -73.32 42.05 -37.52
C GLN G 424 -73.42 40.54 -37.72
N ARG G 425 -72.36 39.93 -38.29
CA ARG G 425 -72.49 38.56 -38.76
C ARG G 425 -72.05 37.55 -37.71
N LYS G 426 -70.80 37.65 -37.25
CA LYS G 426 -70.20 36.61 -36.42
C LYS G 426 -70.94 36.37 -35.10
N SER G 427 -71.90 37.23 -34.77
CA SER G 427 -72.70 37.07 -33.57
C SER G 427 -73.43 35.73 -33.57
N GLY G 428 -74.01 35.39 -32.41
CA GLY G 428 -74.75 34.15 -32.31
C GLY G 428 -74.22 33.18 -31.28
N PHE G 429 -73.73 33.70 -30.16
CA PHE G 429 -73.11 32.88 -29.14
C PHE G 429 -71.97 32.07 -29.73
N ALA G 430 -71.26 32.69 -30.67
CA ALA G 430 -70.21 32.05 -31.43
C ALA G 430 -68.84 32.71 -31.20
N ILE G 431 -68.82 33.98 -30.78
CA ILE G 431 -67.56 34.63 -30.47
C ILE G 431 -67.08 34.01 -29.17
N GLN G 432 -66.18 33.05 -29.29
CA GLN G 432 -66.00 32.04 -28.26
C GLN G 432 -64.54 31.88 -27.89
N ALA G 433 -64.23 30.74 -27.26
CA ALA G 433 -63.15 30.56 -26.30
C ALA G 433 -61.91 31.32 -26.75
N GLU G 434 -61.26 30.95 -27.86
CA GLU G 434 -60.03 31.62 -28.21
C GLU G 434 -60.27 33.09 -28.53
N GLU G 435 -61.37 33.38 -29.22
CA GLU G 435 -61.68 34.77 -29.54
C GLU G 435 -61.96 35.55 -28.27
N GLU G 436 -62.70 34.95 -27.34
CA GLU G 436 -62.92 35.61 -26.07
C GLU G 436 -61.61 35.92 -25.38
N GLN G 437 -60.67 34.97 -25.41
CA GLN G 437 -59.36 35.22 -24.82
C GLN G 437 -58.69 36.42 -25.46
N LEU G 438 -58.75 36.49 -26.78
CA LEU G 438 -58.21 37.66 -27.46
C LEU G 438 -58.86 38.94 -26.94
N ARG G 439 -60.19 38.94 -26.86
CA ARG G 439 -60.91 40.13 -26.43
C ARG G 439 -60.48 40.54 -25.02
N VAL G 440 -60.27 39.55 -24.16
CA VAL G 440 -59.87 39.85 -22.79
C VAL G 440 -58.47 40.45 -22.77
N GLN G 441 -57.55 39.85 -23.51
CA GLN G 441 -56.20 40.41 -23.60
C GLN G 441 -56.24 41.83 -24.13
N LEU G 442 -57.19 42.12 -25.02
CA LEU G 442 -57.27 43.45 -25.61
C LEU G 442 -57.80 44.46 -24.59
N ASP G 443 -58.88 44.10 -23.89
CA ASP G 443 -59.34 44.97 -22.80
C ASP G 443 -58.22 45.21 -21.80
N THR G 444 -57.41 44.19 -21.55
CA THR G 444 -56.27 44.34 -20.64
C THR G 444 -55.32 45.41 -21.15
N ILE G 445 -54.82 45.25 -22.38
CA ILE G 445 -53.90 46.25 -22.93
C ILE G 445 -54.53 47.63 -22.89
N GLN G 446 -55.83 47.73 -23.17
CA GLN G 446 -56.51 49.00 -23.07
C GLN G 446 -56.44 49.55 -21.64
N SER G 447 -56.43 48.66 -20.66
CA SER G 447 -56.30 49.11 -19.28
C SER G 447 -54.86 49.47 -18.96
N GLU G 448 -53.91 49.00 -19.75
CA GLU G 448 -52.50 49.28 -19.50
C GLU G 448 -52.12 50.65 -20.04
N PHE G 455 -50.47 57.12 -18.24
CA PHE G 455 -50.02 57.31 -19.60
C PHE G 455 -50.65 58.56 -20.20
N LYS G 456 -51.98 58.57 -20.29
CA LYS G 456 -52.67 59.70 -20.88
C LYS G 456 -52.31 61.00 -20.18
N GLY G 457 -52.30 61.00 -18.85
CA GLY G 457 -51.99 62.21 -18.12
C GLY G 457 -50.59 62.72 -18.43
N ARG G 458 -49.65 61.78 -18.57
CA ARG G 458 -48.36 62.17 -19.10
C ARG G 458 -48.52 62.89 -20.44
N LEU G 459 -49.47 62.45 -21.27
CA LEU G 459 -49.61 63.07 -22.59
C LEU G 459 -50.16 64.49 -22.47
N ASN G 460 -51.11 64.70 -21.56
CA ASN G 460 -51.53 66.06 -21.27
C ASN G 460 -50.36 66.90 -20.79
N GLU G 461 -49.47 66.29 -19.99
CA GLU G 461 -48.27 67.00 -19.56
C GLU G 461 -47.38 67.33 -20.75
N LEU G 462 -47.32 66.41 -21.73
CA LEU G 462 -46.54 66.65 -22.92
C LEU G 462 -47.07 67.87 -23.66
N MET G 463 -48.36 67.87 -23.96
CA MET G 463 -48.98 69.03 -24.60
C MET G 463 -48.76 70.30 -23.77
N SER G 464 -48.77 70.16 -22.45
CA SER G 464 -48.55 71.30 -21.58
C SER G 464 -47.17 71.89 -21.79
N GLN G 465 -46.13 71.10 -21.54
CA GLN G 465 -44.76 71.58 -21.73
C GLN G 465 -44.54 72.03 -23.17
N ILE G 466 -45.25 71.44 -24.12
CA ILE G 466 -45.09 71.83 -25.52
C ILE G 466 -45.66 73.22 -25.74
N ARG G 467 -46.82 73.50 -25.17
CA ARG G 467 -47.35 74.86 -25.22
C ARG G 467 -46.40 75.82 -24.54
N MET G 468 -45.80 75.37 -23.43
CA MET G 468 -44.82 76.20 -22.73
C MET G 468 -43.68 76.57 -23.66
N GLN G 469 -43.13 75.58 -24.36
CA GLN G 469 -42.02 75.84 -25.28
C GLN G 469 -42.46 76.71 -26.45
N ASN G 470 -43.65 76.46 -26.98
CA ASN G 470 -44.14 77.23 -28.11
C ASN G 470 -44.28 78.70 -27.74
N HIS G 471 -44.72 78.98 -26.52
CA HIS G 471 -44.81 80.37 -26.09
C HIS G 471 -43.44 80.95 -25.76
N PHE G 472 -42.57 80.16 -25.12
CA PHE G 472 -41.23 80.64 -24.80
C PHE G 472 -40.48 81.03 -26.07
N GLY G 473 -40.69 80.29 -27.16
CA GLY G 473 -40.11 80.68 -28.42
C GLY G 473 -40.72 81.96 -28.98
N ALA G 474 -42.00 82.18 -28.69
CA ALA G 474 -42.71 83.33 -29.24
C ALA G 474 -42.16 84.64 -28.72
N LEU G 488 -17.06 79.79 -31.37
CA LEU G 488 -16.51 78.44 -31.25
C LEU G 488 -15.90 77.99 -32.58
N ARG G 489 -14.83 78.67 -33.01
CA ARG G 489 -14.13 78.26 -34.22
C ARG G 489 -13.20 77.08 -33.93
N GLU G 490 -12.82 76.91 -32.66
CA GLU G 490 -11.87 75.84 -32.32
C GLU G 490 -12.53 74.47 -32.39
N ILE G 491 -13.79 74.37 -31.97
CA ILE G 491 -14.43 73.07 -31.79
C ILE G 491 -14.72 72.42 -33.13
N LYS G 492 -15.13 73.22 -34.12
CA LYS G 492 -15.45 72.72 -35.45
C LYS G 492 -14.38 71.78 -35.97
N GLN G 493 -13.12 72.04 -35.63
CA GLN G 493 -12.03 71.19 -36.11
C GLN G 493 -12.19 69.76 -35.61
N HIS G 494 -12.30 69.58 -34.29
CA HIS G 494 -12.47 68.24 -33.74
C HIS G 494 -13.76 67.61 -34.22
N LEU G 495 -14.84 68.41 -34.32
CA LEU G 495 -16.11 67.86 -34.80
C LEU G 495 -15.97 67.28 -36.20
N LYS G 496 -15.36 68.03 -37.11
CA LYS G 496 -15.21 67.55 -38.49
C LYS G 496 -14.22 66.39 -38.56
N GLN G 497 -13.19 66.38 -37.71
CA GLN G 497 -12.28 65.25 -37.67
C GLN G 497 -13.02 63.97 -37.28
N GLN G 498 -13.85 64.05 -36.25
CA GLN G 498 -14.64 62.89 -35.85
C GLN G 498 -15.60 62.47 -36.96
N GLN G 499 -16.19 63.45 -37.66
CA GLN G 499 -17.07 63.12 -38.77
C GLN G 499 -16.33 62.36 -39.86
N GLU G 500 -15.10 62.79 -40.17
CA GLU G 500 -14.30 62.07 -41.15
C GLU G 500 -13.99 60.66 -40.68
N GLY G 501 -13.71 60.49 -39.38
CA GLY G 501 -13.52 59.16 -38.84
C GLY G 501 -14.73 58.27 -39.01
N VAL G 502 -15.92 58.83 -38.78
CA VAL G 502 -17.15 58.06 -38.94
C VAL G 502 -17.33 57.65 -40.41
N SER G 503 -17.05 58.56 -41.33
CA SER G 503 -17.13 58.23 -42.75
C SER G 503 -16.10 57.17 -43.11
N HIS G 504 -14.99 57.12 -42.37
CA HIS G 504 -14.01 56.06 -42.57
C HIS G 504 -14.53 54.71 -42.12
N LEU G 505 -15.24 54.69 -40.99
CA LEU G 505 -15.67 53.41 -40.41
C LEU G 505 -16.85 52.80 -41.17
N ILE G 506 -17.75 53.66 -41.67
CA ILE G 506 -19.00 53.21 -42.31
C ILE G 506 -18.72 52.27 -43.47
N SER G 507 -17.75 52.62 -44.32
CA SER G 507 -17.46 51.81 -45.48
C SER G 507 -16.87 50.46 -45.11
N ILE G 508 -16.06 50.39 -44.05
CA ILE G 508 -15.53 49.12 -43.60
C ILE G 508 -16.66 48.23 -43.07
N ILE G 509 -17.65 48.84 -42.42
CA ILE G 509 -18.79 48.06 -41.95
C ILE G 509 -19.60 47.52 -43.13
N LYS G 510 -19.80 48.36 -44.16
CA LYS G 510 -20.52 47.89 -45.34
C LYS G 510 -19.75 46.77 -46.03
N ASP G 511 -18.41 46.81 -46.00
CA ASP G 511 -17.63 45.73 -46.55
C ASP G 511 -17.79 44.46 -45.72
N ASN G 512 -17.87 44.62 -44.39
CA ASN G 512 -18.24 43.49 -43.54
C ASN G 512 -19.54 42.85 -44.04
N HIS G 513 -20.53 43.69 -44.38
CA HIS G 513 -21.81 43.16 -44.84
C HIS G 513 -21.69 42.45 -46.18
N GLU G 514 -20.87 43.00 -47.08
CA GLU G 514 -20.63 42.32 -48.35
C GLU G 514 -20.00 40.96 -48.12
N ASP G 515 -19.05 40.89 -47.19
CA ASP G 515 -18.44 39.60 -46.86
C ASP G 515 -19.47 38.65 -46.26
N ILE G 516 -20.41 39.19 -45.50
CA ILE G 516 -21.48 38.36 -44.94
C ILE G 516 -22.31 37.75 -46.05
N LYS G 517 -22.84 38.59 -46.94
CA LYS G 517 -23.66 38.08 -48.05
C LYS G 517 -22.88 37.08 -48.89
N LEU G 518 -21.58 37.31 -49.07
CA LEU G 518 -20.77 36.34 -49.81
C LEU G 518 -20.58 35.05 -49.01
N ILE G 519 -20.71 35.14 -47.68
CA ILE G 519 -20.56 33.95 -46.85
C ILE G 519 -21.82 33.09 -46.93
N GLU G 520 -22.96 33.71 -47.23
CA GLU G 520 -24.21 32.97 -47.34
C GLU G 520 -24.46 32.53 -48.78
N GLU H 359 17.51 110.67 -86.38
CA GLU H 359 17.46 109.32 -85.83
C GLU H 359 16.53 109.26 -84.63
N ASN H 360 15.85 110.38 -84.36
CA ASN H 360 14.98 110.46 -83.20
C ASN H 360 13.67 109.71 -83.42
N LEU H 361 12.96 110.05 -84.49
CA LEU H 361 11.72 109.37 -84.81
C LEU H 361 11.95 107.87 -85.02
N ILE H 362 13.12 107.51 -85.55
CA ILE H 362 13.46 106.10 -85.70
C ILE H 362 13.56 105.43 -84.34
N ASN H 363 14.02 106.16 -83.33
CA ASN H 363 14.06 105.60 -81.98
C ASN H 363 12.65 105.37 -81.45
N LYS H 364 11.79 106.40 -81.55
CA LYS H 364 10.43 106.29 -81.05
C LYS H 364 9.67 105.17 -81.74
N TRP H 365 9.97 104.92 -83.02
CA TRP H 365 9.30 103.84 -83.75
C TRP H 365 9.54 102.50 -83.06
N SER H 366 10.80 102.11 -82.89
CA SER H 366 11.12 100.85 -82.24
C SER H 366 10.63 100.83 -80.81
N LEU H 367 10.70 101.97 -80.11
CA LEU H 367 10.28 101.99 -78.73
C LEU H 367 8.78 101.69 -78.60
N GLU H 368 7.95 102.41 -79.35
CA GLU H 368 6.53 102.14 -79.36
C GLU H 368 6.26 100.72 -79.82
N LEU H 369 7.05 100.23 -80.77
CA LEU H 369 6.91 98.85 -81.23
C LEU H 369 7.00 97.88 -80.05
N GLU H 370 8.13 97.93 -79.34
CA GLU H 370 8.33 97.02 -78.21
C GLU H 370 7.24 97.21 -77.15
N ASP H 371 6.91 98.46 -76.84
CA ASP H 371 5.96 98.72 -75.76
C ASP H 371 4.58 98.17 -76.10
N GLN H 372 3.97 98.69 -77.18
CA GLN H 372 2.65 98.23 -77.57
C GLN H 372 2.64 96.74 -77.85
N GLU H 373 3.78 96.17 -78.25
CA GLU H 373 3.82 94.73 -78.50
C GLU H 373 3.73 93.96 -77.20
N LYS H 374 4.44 94.41 -76.17
CA LYS H 374 4.31 93.75 -74.87
C LYS H 374 2.89 93.86 -74.36
N HIS H 375 2.27 95.03 -74.53
CA HIS H 375 0.90 95.21 -74.06
C HIS H 375 -0.07 94.30 -74.82
N PHE H 376 0.11 94.21 -76.14
CA PHE H 376 -0.80 93.41 -76.95
C PHE H 376 -0.60 91.92 -76.68
N LEU H 377 0.64 91.51 -76.38
CA LEU H 377 0.88 90.13 -76.00
C LEU H 377 0.14 89.79 -74.71
N GLN H 378 0.28 90.66 -73.71
CA GLN H 378 -0.48 90.46 -72.48
C GLN H 378 -1.98 90.48 -72.75
N GLN H 379 -2.41 91.26 -73.75
CA GLN H 379 -3.84 91.32 -74.08
C GLN H 379 -4.33 90.01 -74.68
N ALA H 380 -3.59 89.48 -75.65
CA ALA H 380 -3.91 88.16 -76.18
C ALA H 380 -3.91 87.12 -75.07
N THR H 381 -3.03 87.28 -74.09
CA THR H 381 -3.01 86.35 -72.97
C THR H 381 -4.29 86.44 -72.14
N GLN H 382 -4.75 87.65 -71.85
CA GLN H 382 -6.01 87.81 -71.12
C GLN H 382 -7.17 87.25 -71.92
N VAL H 383 -7.13 87.41 -73.26
CA VAL H 383 -8.17 86.84 -74.10
C VAL H 383 -8.14 85.32 -74.02
N ASN H 384 -6.95 84.73 -74.02
CA ASN H 384 -6.83 83.28 -73.87
C ASN H 384 -7.39 82.82 -72.54
N ALA H 385 -7.10 83.57 -71.47
CA ALA H 385 -7.64 83.20 -70.16
C ALA H 385 -9.16 83.28 -70.14
N TRP H 386 -9.71 84.34 -70.71
CA TRP H 386 -11.17 84.47 -70.78
C TRP H 386 -11.78 83.31 -71.57
N ASP H 387 -11.12 82.89 -72.64
CA ASP H 387 -11.64 81.76 -73.41
C ASP H 387 -11.55 80.47 -72.63
N ARG H 388 -10.45 80.28 -71.88
CA ARG H 388 -10.33 79.11 -71.02
C ARG H 388 -11.47 79.07 -70.01
N THR H 389 -11.78 80.21 -69.41
CA THR H 389 -12.84 80.25 -68.42
C THR H 389 -14.21 80.02 -69.07
N LEU H 390 -14.40 80.53 -70.28
CA LEU H 390 -15.67 80.32 -70.97
C LEU H 390 -15.90 78.84 -71.23
N MET H 391 -14.86 78.14 -71.70
CA MET H 391 -15.00 76.70 -71.94
C MET H 391 -15.26 75.96 -70.63
N GLN H 392 -14.49 76.29 -69.59
CA GLN H 392 -14.61 75.58 -68.32
C GLN H 392 -16.00 75.76 -67.72
N ASN H 393 -16.60 76.93 -67.91
CA ASN H 393 -17.94 77.15 -67.37
C ASN H 393 -19.00 76.50 -68.27
N GLY H 394 -18.74 76.47 -69.57
CA GLY H 394 -19.65 75.77 -70.47
C GLY H 394 -19.80 74.31 -70.11
N GLU H 395 -18.71 73.70 -69.64
CA GLU H 395 -18.80 72.30 -69.19
C GLU H 395 -19.81 72.15 -68.05
N ARG H 396 -19.70 72.99 -67.03
CA ARG H 396 -20.65 72.93 -65.91
C ARG H 396 -22.05 73.21 -66.38
N ILE H 397 -22.21 74.12 -67.33
CA ILE H 397 -23.53 74.37 -67.88
C ILE H 397 -24.11 73.10 -68.51
N THR H 398 -23.27 72.37 -69.24
CA THR H 398 -23.73 71.14 -69.88
C THR H 398 -24.20 70.13 -68.85
N THR H 399 -23.39 69.90 -67.82
CA THR H 399 -23.80 68.94 -66.80
C THR H 399 -25.02 69.40 -66.02
N LEU H 400 -25.17 70.71 -65.81
CA LEU H 400 -26.35 71.23 -65.15
C LEU H 400 -27.59 70.96 -65.99
N HIS H 401 -27.48 71.12 -67.30
CA HIS H 401 -28.61 70.82 -68.18
C HIS H 401 -28.95 69.34 -68.14
N ARG H 402 -27.93 68.48 -68.12
CA ARG H 402 -28.14 67.04 -68.00
C ARG H 402 -28.97 66.70 -66.75
N GLU H 403 -28.45 67.10 -65.60
CA GLU H 403 -29.16 66.83 -64.36
C GLU H 403 -30.50 67.55 -64.32
N MET H 404 -30.66 68.65 -65.06
CA MET H 404 -31.95 69.33 -65.13
C MET H 404 -32.97 68.49 -65.87
N GLU H 405 -32.55 67.86 -66.98
CA GLU H 405 -33.43 66.93 -67.66
C GLU H 405 -33.85 65.80 -66.74
N LYS H 406 -32.89 65.23 -66.01
CA LYS H 406 -33.25 64.20 -65.04
C LYS H 406 -34.23 64.71 -64.00
N VAL H 407 -34.03 65.95 -63.51
CA VAL H 407 -34.85 66.47 -62.41
C VAL H 407 -36.25 66.76 -62.88
N LYS H 408 -36.41 67.26 -64.10
CA LYS H 408 -37.73 67.43 -64.66
C LYS H 408 -38.43 66.11 -64.90
N LEU H 409 -37.67 65.06 -65.27
CA LEU H 409 -38.26 63.73 -65.36
C LEU H 409 -38.77 63.30 -64.00
N ASP H 410 -37.99 63.56 -62.94
CA ASP H 410 -38.38 63.15 -61.60
C ASP H 410 -39.62 63.89 -61.13
N GLN H 411 -39.67 65.21 -61.38
CA GLN H 411 -40.84 65.99 -61.02
C GLN H 411 -42.09 65.48 -61.72
N LYS H 412 -42.00 65.25 -63.03
CA LYS H 412 -43.16 64.73 -63.77
C LYS H 412 -43.59 63.38 -63.21
N ARG H 413 -42.65 62.47 -62.97
CA ARG H 413 -43.02 61.12 -62.56
C ARG H 413 -43.63 61.11 -61.16
N LEU H 414 -43.04 61.85 -60.22
CA LEU H 414 -43.63 61.94 -58.90
C LEU H 414 -44.99 62.61 -58.94
N ASP H 415 -45.15 63.61 -59.81
CA ASP H 415 -46.47 64.23 -59.99
C ASP H 415 -47.49 63.20 -60.42
N GLN H 416 -47.15 62.39 -61.42
CA GLN H 416 -48.08 61.35 -61.87
C GLN H 416 -48.38 60.34 -60.77
N GLU H 417 -47.36 59.99 -59.97
CA GLU H 417 -47.56 58.98 -58.93
C GLU H 417 -48.46 59.51 -57.81
N LEU H 418 -48.38 60.81 -57.51
CA LEU H 418 -49.28 61.39 -56.53
C LEU H 418 -50.73 61.35 -57.02
N ASP H 419 -50.98 61.66 -58.29
CA ASP H 419 -52.32 61.55 -58.85
C ASP H 419 -52.79 60.11 -58.86
N PHE H 420 -51.89 59.16 -59.05
CA PHE H 420 -52.28 57.76 -58.97
C PHE H 420 -52.70 57.38 -57.56
N ILE H 421 -51.92 57.82 -56.57
CA ILE H 421 -52.32 57.65 -55.18
C ILE H 421 -53.65 58.33 -54.91
N LEU H 422 -53.93 59.43 -55.61
CA LEU H 422 -55.19 60.13 -55.39
C LEU H 422 -56.37 59.37 -55.98
N SER H 423 -56.20 58.85 -57.20
CA SER H 423 -57.23 57.99 -57.76
C SER H 423 -57.44 56.75 -56.89
N GLN H 424 -56.39 56.31 -56.21
CA GLN H 424 -56.56 55.27 -55.21
C GLN H 424 -57.40 55.76 -54.04
N GLN H 425 -57.07 56.95 -53.51
CA GLN H 425 -57.83 57.52 -52.40
C GLN H 425 -59.29 57.76 -52.75
N LYS H 426 -59.61 57.83 -54.04
CA LYS H 426 -61.00 58.00 -54.45
C LYS H 426 -61.70 56.67 -54.68
N GLU H 427 -61.12 55.82 -55.54
CA GLU H 427 -61.66 54.49 -55.76
C GLU H 427 -61.83 53.75 -54.44
N LEU H 428 -60.97 54.04 -53.47
CA LEU H 428 -61.08 53.42 -52.16
C LEU H 428 -62.21 54.01 -51.34
N GLU H 429 -62.56 55.27 -51.58
CA GLU H 429 -63.76 55.79 -50.93
C GLU H 429 -65.00 55.11 -51.51
N ASP H 430 -65.02 54.94 -52.82
CA ASP H 430 -66.10 54.18 -53.45
C ASP H 430 -66.18 52.77 -52.86
N LEU H 431 -65.03 52.13 -52.67
CA LEU H 431 -65.00 50.77 -52.14
C LEU H 431 -65.46 50.74 -50.69
N LEU H 432 -65.06 51.74 -49.90
CA LEU H 432 -65.49 51.80 -48.51
C LEU H 432 -66.98 52.08 -48.40
N THR H 433 -67.55 52.74 -49.41
CA THR H 433 -68.98 52.97 -49.41
C THR H 433 -69.78 51.69 -49.57
N PRO H 434 -69.45 50.79 -50.51
CA PRO H 434 -70.21 49.52 -50.59
C PRO H 434 -70.10 48.72 -49.31
N LEU H 435 -68.96 48.77 -48.63
CA LEU H 435 -68.88 48.21 -47.29
C LEU H 435 -69.94 48.82 -46.37
N GLU H 436 -70.16 50.12 -46.47
CA GLU H 436 -71.14 50.78 -45.60
C GLU H 436 -72.55 50.33 -45.94
N GLU H 437 -72.91 50.31 -47.23
CA GLU H 437 -74.26 49.91 -47.61
C GLU H 437 -74.53 48.45 -47.26
N SER H 438 -73.52 47.59 -47.42
CA SER H 438 -73.72 46.18 -47.09
C SER H 438 -73.71 45.93 -45.59
N VAL H 439 -72.96 46.75 -44.83
CA VAL H 439 -73.06 46.69 -43.36
C VAL H 439 -74.44 47.16 -42.92
N LYS H 440 -75.00 48.14 -43.63
CA LYS H 440 -76.39 48.53 -43.38
C LYS H 440 -77.33 47.37 -43.66
N GLU H 441 -77.10 46.64 -44.77
CA GLU H 441 -77.90 45.47 -45.05
C GLU H 441 -77.78 44.43 -43.93
N GLN H 442 -76.56 44.22 -43.44
CA GLN H 442 -76.34 43.25 -42.37
C GLN H 442 -77.03 43.68 -41.08
N SER H 443 -77.06 44.99 -40.82
CA SER H 443 -77.76 45.49 -39.64
C SER H 443 -79.26 45.31 -39.79
N GLY H 444 -79.80 45.64 -40.96
CA GLY H 444 -81.23 45.49 -41.19
C GLY H 444 -81.66 44.04 -41.29
N THR H 445 -80.69 43.13 -41.40
CA THR H 445 -81.01 41.72 -41.31
C THR H 445 -80.90 41.22 -39.87
N ILE H 446 -79.82 41.57 -39.18
CA ILE H 446 -79.63 41.13 -37.81
C ILE H 446 -80.72 41.71 -36.92
N TYR H 447 -81.25 42.86 -37.30
CA TYR H 447 -82.43 43.40 -36.63
C TYR H 447 -83.60 42.44 -36.78
N LEU H 448 -83.74 41.81 -37.95
CA LEU H 448 -84.79 40.85 -38.19
C LEU H 448 -84.39 39.52 -37.53
N GLN H 449 -84.20 39.60 -36.21
CA GLN H 449 -83.92 38.46 -35.36
C GLN H 449 -84.52 38.78 -33.99
N HIS H 450 -84.18 37.97 -32.99
CA HIS H 450 -84.74 38.18 -31.67
C HIS H 450 -84.15 39.41 -30.98
N ALA H 451 -82.86 39.35 -30.65
CA ALA H 451 -82.28 40.28 -29.69
C ALA H 451 -80.76 40.21 -29.64
N ASP H 452 -80.18 40.78 -28.58
CA ASP H 452 -78.80 40.50 -28.20
C ASP H 452 -77.74 41.00 -29.16
N GLU H 453 -77.61 42.31 -29.31
CA GLU H 453 -76.43 42.88 -29.96
C GLU H 453 -75.22 42.57 -29.11
N GLU H 454 -74.04 42.75 -29.69
CA GLU H 454 -72.80 42.44 -29.00
C GLU H 454 -72.18 43.72 -28.47
N ARG H 455 -71.10 43.58 -27.72
CA ARG H 455 -70.37 44.72 -27.18
C ARG H 455 -70.01 45.70 -28.29
N GLU H 456 -70.57 46.90 -28.24
CA GLU H 456 -70.12 47.98 -29.10
C GLU H 456 -69.36 49.03 -28.30
N LYS H 457 -69.73 49.18 -27.03
CA LYS H 457 -69.11 50.10 -26.10
C LYS H 457 -67.68 49.75 -25.79
N THR H 458 -67.16 48.66 -26.34
CA THR H 458 -65.75 48.30 -26.20
C THR H 458 -64.94 48.59 -27.45
N TYR H 459 -65.41 48.15 -28.61
CA TYR H 459 -64.71 48.49 -29.86
C TYR H 459 -64.71 49.99 -30.07
N LYS H 460 -65.78 50.68 -29.67
CA LYS H 460 -65.77 52.13 -29.74
C LYS H 460 -64.68 52.72 -28.87
N LEU H 461 -64.47 52.14 -27.69
CA LEU H 461 -63.39 52.60 -26.81
C LEU H 461 -62.03 52.32 -27.43
N ALA H 462 -61.91 51.21 -28.16
CA ALA H 462 -60.66 50.94 -28.87
C ALA H 462 -60.39 52.01 -29.92
N GLU H 463 -61.42 52.35 -30.70
CA GLU H 463 -61.27 53.43 -31.68
C GLU H 463 -60.88 54.73 -30.99
N ASN H 464 -61.46 55.00 -29.82
CA ASN H 464 -61.14 56.22 -29.09
C ASN H 464 -59.70 56.21 -28.59
N ILE H 465 -59.20 55.05 -28.17
CA ILE H 465 -57.80 54.94 -27.77
C ILE H 465 -56.90 55.22 -28.96
N ASP H 466 -57.27 54.70 -30.13
CA ASP H 466 -56.55 55.01 -31.36
C ASP H 466 -56.56 56.51 -31.63
N ALA H 467 -57.71 57.15 -31.46
CA ALA H 467 -57.81 58.58 -31.73
C ALA H 467 -56.98 59.41 -30.76
N GLN H 468 -56.99 59.03 -29.48
CA GLN H 468 -56.19 59.75 -28.49
C GLN H 468 -54.71 59.59 -28.76
N LEU H 469 -54.28 58.38 -29.14
CA LEU H 469 -52.90 58.18 -29.55
C LEU H 469 -52.57 59.02 -30.78
N LYS H 470 -53.53 59.17 -31.69
CA LYS H 470 -53.31 60.00 -32.87
C LYS H 470 -53.12 61.45 -32.48
N ARG H 471 -53.95 61.94 -31.55
CA ARG H 471 -53.77 63.29 -31.04
C ARG H 471 -52.41 63.44 -30.36
N MET H 472 -51.98 62.40 -29.63
CA MET H 472 -50.68 62.44 -28.99
C MET H 472 -49.56 62.56 -30.02
N ALA H 473 -49.65 61.78 -31.10
CA ALA H 473 -48.62 61.87 -32.15
C ALA H 473 -48.65 63.23 -32.83
N GLN H 474 -49.84 63.78 -33.05
CA GLN H 474 -49.94 65.13 -33.61
C GLN H 474 -49.29 66.15 -32.69
N ASP H 475 -49.55 66.05 -31.38
CA ASP H 475 -48.95 66.97 -30.43
C ASP H 475 -47.45 66.80 -30.37
N LEU H 476 -46.96 65.57 -30.54
CA LEU H 476 -45.52 65.35 -30.61
C LEU H 476 -44.93 66.02 -31.84
N LYS H 477 -45.65 65.94 -32.96
CA LYS H 477 -45.23 66.68 -34.15
C LYS H 477 -45.17 68.17 -33.84
N GLU H 478 -46.16 68.68 -33.13
CA GLU H 478 -46.17 70.10 -32.76
C GLU H 478 -45.00 70.43 -31.86
N VAL H 479 -44.69 69.55 -30.92
CA VAL H 479 -43.59 69.79 -29.99
C VAL H 479 -42.27 69.81 -30.75
N ILE H 480 -42.11 68.89 -31.70
CA ILE H 480 -40.89 68.88 -32.50
C ILE H 480 -40.79 70.16 -33.31
N GLU H 481 -41.91 70.61 -33.89
CA GLU H 481 -41.91 71.84 -34.66
C GLU H 481 -41.51 73.03 -33.79
N HIS H 482 -42.04 73.09 -32.56
CA HIS H 482 -41.70 74.21 -31.68
C HIS H 482 -40.25 74.13 -31.22
N LEU H 483 -39.77 72.91 -30.92
CA LEU H 483 -38.37 72.74 -30.55
C LEU H 483 -37.45 73.25 -31.65
N ASN H 484 -37.77 72.93 -32.91
CA ASN H 484 -37.06 73.52 -34.02
C ASN H 484 -37.20 75.04 -34.01
N THR H 485 -38.40 75.56 -33.73
CA THR H 485 -38.61 77.00 -33.69
C THR H 485 -37.72 77.66 -32.65
N SER H 486 -37.30 76.90 -31.64
CA SER H 486 -36.35 77.44 -30.67
C SER H 486 -34.93 77.39 -31.21
N ALA H 487 -34.66 76.48 -32.15
CA ALA H 487 -33.31 76.31 -32.69
C ALA H 487 -32.92 77.47 -33.57
N ASN H 494 -25.80 81.59 -32.62
CA ASN H 494 -24.78 81.13 -31.69
C ASN H 494 -24.06 79.92 -32.24
N PRO H 495 -22.92 79.56 -31.67
CA PRO H 495 -22.26 78.32 -32.09
C PRO H 495 -22.87 77.12 -31.40
N LEU H 496 -23.61 77.37 -30.31
CA LEU H 496 -24.11 76.28 -29.48
C LEU H 496 -25.04 75.36 -30.25
N GLN H 497 -26.17 75.89 -30.74
CA GLN H 497 -27.13 75.05 -31.42
C GLN H 497 -26.56 74.41 -32.67
N GLN H 498 -25.53 75.01 -33.27
CA GLN H 498 -24.82 74.34 -34.34
C GLN H 498 -24.11 73.09 -33.82
N ILE H 499 -23.41 73.22 -32.69
CA ILE H 499 -22.78 72.06 -32.07
C ILE H 499 -23.81 70.98 -31.77
N CYS H 500 -24.98 71.39 -31.28
CA CYS H 500 -25.99 70.40 -30.92
C CYS H 500 -26.56 69.70 -32.14
N LYS H 501 -26.88 70.46 -33.20
CA LYS H 501 -27.39 69.85 -34.42
C LYS H 501 -26.37 68.90 -35.03
N ILE H 502 -25.10 69.31 -35.04
CA ILE H 502 -24.06 68.48 -35.62
C ILE H 502 -23.86 67.21 -34.81
N LEU H 503 -23.88 67.33 -33.48
CA LEU H 503 -23.74 66.15 -32.63
C LEU H 503 -24.92 65.22 -32.81
N ASN H 504 -26.12 65.75 -32.99
CA ASN H 504 -27.27 64.90 -33.24
C ASN H 504 -27.15 64.18 -34.57
N ALA H 505 -26.69 64.88 -35.61
CA ALA H 505 -26.46 64.22 -36.89
C ALA H 505 -25.44 63.11 -36.74
N HIS H 506 -24.34 63.38 -36.03
CA HIS H 506 -23.30 62.37 -35.87
C HIS H 506 -23.82 61.16 -35.10
N MET H 507 -24.62 61.40 -34.06
CA MET H 507 -25.17 60.30 -33.28
C MET H 507 -26.15 59.49 -34.12
N ASP H 508 -26.96 60.15 -34.95
CA ASP H 508 -27.88 59.44 -35.82
C ASP H 508 -27.11 58.57 -36.80
N SER H 509 -25.99 59.09 -37.31
CA SER H 509 -25.15 58.30 -38.19
C SER H 509 -24.58 57.09 -37.45
N LEU H 510 -24.16 57.28 -36.20
CA LEU H 510 -23.67 56.16 -35.40
C LEU H 510 -24.76 55.12 -35.20
N GLN H 511 -26.01 55.55 -35.05
CA GLN H 511 -27.12 54.62 -34.83
C GLN H 511 -27.39 53.79 -36.08
N TRP H 512 -27.58 54.45 -37.23
CA TRP H 512 -27.80 53.70 -38.46
C TRP H 512 -26.59 52.84 -38.80
N ILE H 513 -25.40 53.28 -38.40
CA ILE H 513 -24.19 52.50 -38.65
C ILE H 513 -24.20 51.22 -37.85
N ASP H 514 -24.49 51.30 -36.55
CA ASP H 514 -24.60 50.09 -35.75
C ASP H 514 -25.74 49.20 -36.24
N GLN H 515 -26.77 49.81 -36.83
CA GLN H 515 -27.85 49.01 -37.43
C GLN H 515 -27.33 48.19 -38.61
N ASN H 516 -26.61 48.83 -39.53
CA ASN H 516 -26.02 48.09 -40.65
C ASN H 516 -25.03 47.03 -40.15
N SER H 517 -24.28 47.36 -39.10
CA SER H 517 -23.31 46.41 -38.56
C SER H 517 -24.00 45.16 -38.02
N ALA H 518 -25.06 45.34 -37.23
CA ALA H 518 -25.80 44.19 -36.74
C ALA H 518 -26.46 43.42 -37.87
N LEU H 519 -26.92 44.12 -38.91
CA LEU H 519 -27.44 43.43 -40.08
C LEU H 519 -26.39 42.52 -40.69
N LEU H 520 -25.15 43.01 -40.77
CA LEU H 520 -24.06 42.19 -41.27
C LEU H 520 -23.82 40.98 -40.37
N GLN H 521 -23.80 41.19 -39.06
CA GLN H 521 -23.56 40.07 -38.15
C GLN H 521 -24.64 39.01 -38.28
N ARG H 522 -25.89 39.44 -38.47
CA ARG H 522 -26.98 38.47 -38.59
C ARG H 522 -26.94 37.76 -39.93
N LYS H 523 -26.57 38.46 -41.01
CA LYS H 523 -26.37 37.80 -42.28
C LYS H 523 -25.27 36.76 -42.20
N VAL H 524 -24.21 37.06 -41.43
CA VAL H 524 -23.12 36.12 -41.28
C VAL H 524 -23.57 34.90 -40.49
N GLU H 525 -24.31 35.12 -39.40
CA GLU H 525 -24.81 33.99 -38.61
C GLU H 525 -25.73 33.11 -39.46
N GLN H 526 -26.57 33.73 -40.28
CA GLN H 526 -27.40 32.94 -41.19
C GLN H 526 -26.55 32.31 -42.28
N VAL H 527 -25.40 32.91 -42.58
CA VAL H 527 -24.51 32.40 -43.64
C VAL H 527 -24.01 31.00 -43.30
N PRO I 282 16.84 111.35 -101.63
CA PRO I 282 16.49 111.06 -100.24
C PRO I 282 14.98 111.05 -100.02
N GLN I 283 14.26 111.75 -100.89
CA GLN I 283 12.81 111.79 -100.82
C GLN I 283 12.21 110.39 -100.67
N LEU I 284 12.75 109.43 -101.43
CA LEU I 284 12.31 108.04 -101.27
C LEU I 284 12.50 107.57 -99.84
N LEU I 285 13.68 107.83 -99.28
CA LEU I 285 13.96 107.40 -97.91
C LEU I 285 13.05 108.09 -96.91
N CYS I 286 12.83 109.40 -97.07
CA CYS I 286 12.05 110.17 -96.12
C CYS I 286 10.56 109.95 -96.30
N GLN I 287 10.15 109.36 -97.42
CA GLN I 287 8.76 108.94 -97.59
C GLN I 287 8.54 107.54 -97.06
N ASP I 288 9.55 106.67 -97.24
CA ASP I 288 9.47 105.33 -96.70
C ASP I 288 9.44 105.35 -95.18
N VAL I 289 10.21 106.27 -94.58
CA VAL I 289 10.17 106.41 -93.13
C VAL I 289 8.76 106.77 -92.66
N GLU I 290 8.10 107.70 -93.34
CA GLU I 290 6.78 108.13 -92.89
C GLU I 290 5.74 107.04 -93.10
N ASN I 291 5.77 106.38 -94.26
CA ASN I 291 4.82 105.31 -94.54
C ASN I 291 5.02 104.13 -93.59
N PHE I 292 6.27 103.82 -93.27
CA PHE I 292 6.58 102.73 -92.36
C PHE I 292 6.09 103.04 -90.95
N GLN I 293 6.41 104.23 -90.44
CA GLN I 293 5.92 104.61 -89.12
C GLN I 293 4.39 104.70 -89.11
N LYS I 294 3.79 105.06 -90.25
CA LYS I 294 2.33 105.06 -90.34
C LYS I 294 1.76 103.67 -90.17
N PHE I 295 2.31 102.70 -90.90
CA PHE I 295 1.89 101.31 -90.74
C PHE I 295 2.07 100.83 -89.31
N VAL I 296 3.22 101.15 -88.71
CA VAL I 296 3.50 100.69 -87.35
C VAL I 296 2.50 101.31 -86.37
N LYS I 297 2.25 102.62 -86.50
CA LYS I 297 1.29 103.28 -85.63
C LYS I 297 -0.11 102.73 -85.83
N GLU I 298 -0.47 102.40 -87.07
CA GLU I 298 -1.78 101.81 -87.30
C GLU I 298 -1.91 100.47 -86.60
N GLN I 299 -0.85 99.66 -86.61
CA GLN I 299 -0.91 98.39 -85.87
C GLN I 299 -0.94 98.63 -84.36
N LYS I 300 -0.29 99.70 -83.91
CA LYS I 300 -0.40 100.08 -82.50
C LYS I 300 -1.83 100.46 -82.15
N GLN I 301 -2.56 101.00 -83.13
CA GLN I 301 -3.99 101.25 -82.92
C GLN I 301 -4.75 99.95 -82.66
N VAL I 302 -4.38 98.87 -83.35
CA VAL I 302 -5.03 97.58 -83.09
C VAL I 302 -4.64 97.07 -81.70
N GLN I 303 -3.39 97.30 -81.31
CA GLN I 303 -3.01 97.04 -79.92
C GLN I 303 -3.92 97.81 -78.96
N GLU I 304 -4.22 99.06 -79.28
CA GLU I 304 -5.10 99.87 -78.44
C GLU I 304 -6.52 99.30 -78.39
N GLU I 305 -7.00 98.81 -79.54
CA GLU I 305 -8.32 98.20 -79.57
C GLU I 305 -8.39 96.99 -78.66
N ILE I 306 -7.37 96.11 -78.75
CA ILE I 306 -7.31 94.98 -77.84
C ILE I 306 -7.26 95.45 -76.39
N SER I 307 -6.54 96.56 -76.13
CA SER I 307 -6.49 97.13 -74.79
C SER I 307 -7.88 97.53 -74.31
N ARG I 308 -8.70 98.04 -75.22
CA ARG I 308 -10.07 98.40 -74.86
C ARG I 308 -10.92 97.16 -74.61
N MET I 309 -10.60 96.05 -75.29
CA MET I 309 -11.54 94.93 -75.39
C MET I 309 -11.65 94.10 -74.11
N SER I 310 -10.99 94.49 -73.03
CA SER I 310 -10.89 93.67 -71.82
C SER I 310 -12.23 93.06 -71.39
N SER I 311 -12.23 91.78 -71.03
CA SER I 311 -13.44 91.01 -70.81
C SER I 311 -13.58 90.65 -69.34
N LYS I 312 -14.80 90.83 -68.81
CA LYS I 312 -15.13 90.50 -67.43
C LYS I 312 -16.35 89.60 -67.29
N ALA I 313 -17.32 89.66 -68.21
CA ALA I 313 -18.45 88.74 -68.17
C ALA I 313 -17.96 87.30 -68.15
N MET I 314 -16.78 87.05 -68.75
CA MET I 314 -16.15 85.76 -68.59
C MET I 314 -15.95 85.43 -67.12
N LEU I 315 -15.46 86.40 -66.34
CA LEU I 315 -15.33 86.15 -64.91
C LEU I 315 -16.68 85.89 -64.26
N LYS I 316 -17.76 86.42 -64.85
CA LYS I 316 -19.09 86.21 -64.28
C LYS I 316 -19.62 84.84 -64.62
N VAL I 317 -19.15 84.25 -65.72
CA VAL I 317 -19.69 82.98 -66.19
C VAL I 317 -19.47 81.89 -65.14
N GLN I 318 -18.27 81.85 -64.57
CA GLN I 318 -17.97 80.84 -63.56
C GLN I 318 -18.89 80.98 -62.36
N GLU I 319 -19.15 82.21 -61.93
CA GLU I 319 -20.09 82.41 -60.84
C GLU I 319 -21.48 81.91 -61.20
N ASP I 320 -21.94 82.25 -62.40
CA ASP I 320 -23.27 81.83 -62.84
C ASP I 320 -23.39 80.31 -62.83
N ILE I 321 -22.34 79.63 -63.28
CA ILE I 321 -22.40 78.17 -63.35
C ILE I 321 -22.32 77.55 -61.95
N LYS I 322 -21.45 78.09 -61.10
CA LYS I 322 -21.35 77.59 -59.74
C LYS I 322 -22.66 77.77 -58.99
N ALA I 323 -23.42 78.80 -59.34
CA ALA I 323 -24.72 79.01 -58.72
C ALA I 323 -25.77 78.08 -59.32
N LEU I 324 -25.74 77.91 -60.64
CA LEU I 324 -26.68 77.00 -61.30
C LEU I 324 -26.55 75.59 -60.72
N LYS I 325 -25.32 75.18 -60.41
CA LYS I 325 -25.11 73.85 -59.86
C LYS I 325 -25.78 73.71 -58.49
N GLN I 326 -25.55 74.66 -57.59
CA GLN I 326 -26.13 74.58 -56.26
C GLN I 326 -27.65 74.68 -56.31
N LEU I 327 -28.18 75.48 -57.24
CA LEU I 327 -29.63 75.59 -57.35
C LEU I 327 -30.24 74.30 -57.84
N LEU I 328 -29.66 73.69 -58.87
CA LEU I 328 -30.13 72.38 -59.31
C LEU I 328 -30.02 71.37 -58.20
N SER I 329 -28.99 71.50 -57.35
CA SER I 329 -28.87 70.60 -56.22
C SER I 329 -29.98 70.80 -55.20
N VAL I 330 -30.39 72.04 -54.99
CA VAL I 330 -31.51 72.31 -54.08
C VAL I 330 -32.78 71.68 -54.64
N ALA I 331 -33.01 71.83 -55.94
CA ALA I 331 -34.17 71.19 -56.57
C ALA I 331 -34.10 69.68 -56.42
N SER I 332 -32.91 69.12 -56.61
CA SER I 332 -32.73 67.69 -56.43
C SER I 332 -33.07 67.26 -55.02
N SER I 333 -32.63 68.04 -54.03
CA SER I 333 -32.94 67.71 -52.64
C SER I 333 -34.44 67.77 -52.39
N GLY I 334 -35.12 68.77 -52.94
CA GLY I 334 -36.55 68.84 -52.79
C GLY I 334 -37.25 67.62 -53.36
N LEU I 335 -36.86 67.23 -54.58
CA LEU I 335 -37.50 66.07 -55.21
C LEU I 335 -37.15 64.77 -54.49
N GLN I 336 -35.94 64.68 -53.95
CA GLN I 336 -35.55 63.48 -53.23
C GLN I 336 -36.30 63.37 -51.91
N ARG I 337 -36.65 64.51 -51.33
CA ARG I 337 -37.54 64.47 -50.17
C ARG I 337 -38.95 64.10 -50.59
N ASN I 338 -39.36 64.51 -51.80
CA ASN I 338 -40.70 64.17 -52.29
C ASN I 338 -40.86 62.67 -52.57
N ALA I 339 -39.81 62.00 -53.02
CA ALA I 339 -39.94 60.60 -53.44
C ALA I 339 -40.29 59.69 -52.27
N LEU I 340 -39.72 59.95 -51.09
CA LEU I 340 -40.04 59.14 -49.92
C LEU I 340 -41.49 59.33 -49.50
N ALA I 341 -41.98 60.57 -49.54
CA ALA I 341 -43.39 60.82 -49.28
C ALA I 341 -44.25 60.10 -50.31
N ILE I 342 -43.77 60.01 -51.55
CA ILE I 342 -44.51 59.29 -52.60
C ILE I 342 -44.63 57.82 -52.26
N ASP I 343 -43.53 57.21 -51.85
CA ASP I 343 -43.58 55.79 -51.46
C ASP I 343 -44.49 55.59 -50.26
N LYS I 344 -44.44 56.50 -49.29
CA LYS I 344 -45.35 56.41 -48.16
C LYS I 344 -46.79 56.49 -48.61
N LEU I 345 -47.10 57.42 -49.52
CA LEU I 345 -48.45 57.55 -50.02
C LEU I 345 -48.90 56.28 -50.74
N LYS I 346 -48.06 55.73 -51.59
CA LYS I 346 -48.44 54.53 -52.32
C LYS I 346 -48.73 53.38 -51.37
N ILE I 347 -47.82 53.13 -50.42
CA ILE I 347 -47.99 51.97 -49.55
C ILE I 347 -49.22 52.15 -48.65
N GLU I 348 -49.39 53.35 -48.08
CA GLU I 348 -50.51 53.58 -47.19
C GLU I 348 -51.83 53.49 -47.93
N THR I 349 -51.88 54.03 -49.15
CA THR I 349 -53.09 53.94 -49.94
C THR I 349 -53.38 52.49 -50.28
N ALA I 350 -52.36 51.73 -50.67
CA ALA I 350 -52.57 50.30 -50.88
C ALA I 350 -53.21 49.67 -49.66
N GLU I 351 -52.65 49.94 -48.49
CA GLU I 351 -53.16 49.32 -47.27
C GLU I 351 -54.62 49.69 -47.04
N GLU I 352 -54.90 50.97 -46.84
CA GLU I 352 -56.25 51.40 -46.46
C GLU I 352 -57.25 51.07 -47.56
N LEU I 353 -56.90 51.34 -48.81
CA LEU I 353 -57.77 51.03 -49.93
C LEU I 353 -58.11 49.54 -49.96
N LYS I 354 -57.09 48.67 -49.98
CA LYS I 354 -57.35 47.24 -50.08
C LYS I 354 -58.10 46.73 -48.87
N ASN I 355 -57.94 47.39 -47.72
CA ASN I 355 -58.69 46.97 -46.54
C ASN I 355 -60.16 47.32 -46.69
N ALA I 356 -60.46 48.54 -47.14
CA ALA I 356 -61.83 48.88 -47.47
C ALA I 356 -62.39 47.92 -48.51
N GLU I 357 -61.53 47.51 -49.46
CA GLU I 357 -61.95 46.55 -50.48
C GLU I 357 -62.33 45.22 -49.86
N ILE I 358 -61.51 44.72 -48.96
CA ILE I 358 -61.77 43.42 -48.35
C ILE I 358 -63.04 43.48 -47.51
N ALA I 359 -63.22 44.56 -46.74
CA ALA I 359 -64.43 44.69 -45.94
C ALA I 359 -65.66 44.76 -46.83
N LEU I 360 -65.58 45.51 -47.93
CA LEU I 360 -66.71 45.60 -48.84
C LEU I 360 -66.99 44.25 -49.49
N ARG I 361 -65.95 43.51 -49.86
CA ARG I 361 -66.15 42.20 -50.47
C ARG I 361 -66.80 41.24 -49.50
N THR I 362 -66.34 41.24 -48.24
CA THR I 362 -66.93 40.36 -47.24
C THR I 362 -68.37 40.77 -46.95
N GLN I 363 -68.64 42.06 -46.97
CA GLN I 363 -70.00 42.54 -46.78
C GLN I 363 -70.87 42.22 -47.99
N LYS I 364 -70.24 42.05 -49.16
CA LYS I 364 -70.99 41.66 -50.36
C LYS I 364 -71.35 40.18 -50.33
N THR I 365 -70.37 39.33 -50.04
CA THR I 365 -70.66 37.90 -49.92
C THR I 365 -71.69 37.60 -48.85
N PRO I 366 -71.78 38.36 -47.77
CA PRO I 366 -72.81 38.10 -46.76
C PRO I 366 -74.19 38.37 -47.30
N PRO I 367 -74.34 39.35 -48.19
CA PRO I 367 -75.67 39.66 -48.74
C PRO I 367 -76.41 38.44 -49.26
N GLY I 368 -75.73 37.61 -50.05
CA GLY I 368 -76.34 36.34 -50.41
C GLY I 368 -76.37 35.38 -49.23
N LEU I 369 -75.20 34.88 -48.83
CA LEU I 369 -75.00 34.15 -47.58
C LEU I 369 -73.52 33.89 -47.34
N GLN I 370 -72.93 34.46 -46.28
CA GLN I 370 -71.53 34.20 -46.01
C GLN I 370 -71.10 34.50 -44.58
N HIS I 371 -69.80 34.37 -44.33
CA HIS I 371 -69.22 34.70 -43.05
C HIS I 371 -67.72 34.94 -43.20
N GLU I 372 -67.28 36.19 -43.05
CA GLU I 372 -65.87 36.55 -43.09
C GLU I 372 -65.60 37.51 -41.93
N ASN I 373 -65.29 36.93 -40.76
CA ASN I 373 -65.18 37.71 -39.54
C ASN I 373 -63.85 37.57 -38.81
N THR I 374 -63.18 36.42 -38.90
CA THR I 374 -61.90 36.26 -38.22
C THR I 374 -60.92 37.33 -38.68
N ALA I 375 -61.02 37.71 -39.94
CA ALA I 375 -60.16 38.77 -40.46
C ALA I 375 -60.28 40.05 -39.63
N PRO I 376 -61.45 40.69 -39.55
CA PRO I 376 -61.53 41.92 -38.73
C PRO I 376 -61.15 41.71 -37.29
N ALA I 377 -61.27 40.48 -36.79
CA ALA I 377 -60.79 40.21 -35.44
C ALA I 377 -59.30 40.41 -35.35
N ASP I 378 -58.54 39.71 -36.19
CA ASP I 378 -57.10 39.92 -36.21
C ASP I 378 -56.77 41.37 -36.52
N TYR I 379 -57.67 42.04 -37.24
CA TYR I 379 -57.42 43.44 -37.60
C TYR I 379 -57.49 44.34 -36.38
N PHE I 380 -58.56 44.22 -35.59
CA PHE I 380 -58.63 44.96 -34.33
C PHE I 380 -57.47 44.60 -33.42
N HIS I 381 -57.05 43.33 -33.44
CA HIS I 381 -55.89 42.92 -32.64
C HIS I 381 -54.66 43.73 -33.02
N THR I 382 -54.34 43.76 -34.32
CA THR I 382 -53.18 44.52 -34.76
C THR I 382 -53.36 46.02 -34.50
N LEU I 383 -54.58 46.52 -34.64
CA LEU I 383 -54.83 47.94 -34.42
C LEU I 383 -54.54 48.33 -32.97
N VAL I 384 -54.88 47.45 -32.03
CA VAL I 384 -54.53 47.70 -30.64
C VAL I 384 -53.03 47.57 -30.43
N GLN I 385 -52.42 46.54 -31.02
CA GLN I 385 -50.98 46.33 -30.84
C GLN I 385 -50.19 47.54 -31.32
N GLN I 386 -50.68 48.19 -32.38
CA GLN I 386 -50.05 49.41 -32.89
C GLN I 386 -50.11 50.54 -31.87
N PHE I 387 -51.32 50.93 -31.46
CA PHE I 387 -51.47 52.03 -30.52
C PHE I 387 -50.75 51.76 -29.21
N GLU I 388 -50.48 50.48 -28.91
CA GLU I 388 -49.71 50.15 -27.71
C GLU I 388 -48.41 50.94 -27.65
N VAL I 389 -47.55 50.77 -28.64
CA VAL I 389 -46.24 51.41 -28.61
C VAL I 389 -46.38 52.94 -28.67
N GLN I 390 -47.40 53.42 -29.38
CA GLN I 390 -47.59 54.86 -29.49
C GLN I 390 -47.94 55.48 -28.14
N LEU I 391 -48.61 54.72 -27.26
CA LEU I 391 -48.87 55.24 -25.93
C LEU I 391 -47.58 55.49 -25.17
N GLN I 392 -46.71 54.47 -25.11
CA GLN I 392 -45.40 54.65 -24.51
C GLN I 392 -44.67 55.81 -25.15
N GLN I 393 -44.85 56.00 -26.45
CA GLN I 393 -44.24 57.15 -27.11
C GLN I 393 -44.78 58.45 -26.55
N TYR I 394 -46.10 58.54 -26.37
CA TYR I 394 -46.69 59.75 -25.81
C TYR I 394 -46.09 60.07 -24.45
N ARG I 395 -45.89 59.04 -23.62
CA ARG I 395 -45.34 59.30 -22.29
C ARG I 395 -43.85 59.65 -22.36
N GLN I 396 -43.10 59.01 -23.26
CA GLN I 396 -41.68 59.32 -23.39
C GLN I 396 -41.49 60.75 -23.89
N GLN I 397 -42.35 61.18 -24.81
CA GLN I 397 -42.33 62.58 -25.24
C GLN I 397 -42.74 63.49 -24.10
N ILE I 398 -43.67 63.04 -23.26
CA ILE I 398 -44.02 63.81 -22.07
C ILE I 398 -42.77 64.10 -21.26
N GLU I 399 -42.03 63.06 -20.90
CA GLU I 399 -40.83 63.25 -20.10
C GLU I 399 -39.79 64.06 -20.85
N GLU I 400 -39.76 63.94 -22.17
CA GLU I 400 -38.79 64.73 -22.94
C GLU I 400 -39.09 66.21 -22.85
N LEU I 401 -40.34 66.60 -23.08
CA LEU I 401 -40.73 67.99 -22.93
C LEU I 401 -40.49 68.45 -21.51
N GLU I 402 -40.71 67.58 -20.53
CA GLU I 402 -40.48 67.93 -19.15
C GLU I 402 -39.02 68.31 -18.91
N ASN I 403 -38.10 67.46 -19.33
CA ASN I 403 -36.69 67.78 -19.12
C ASN I 403 -36.27 68.98 -19.94
N HIS I 404 -36.86 69.15 -21.12
CA HIS I 404 -36.54 70.31 -21.94
C HIS I 404 -36.91 71.59 -21.21
N LEU I 405 -38.14 71.68 -20.70
CA LEU I 405 -38.56 72.91 -20.05
C LEU I 405 -37.88 73.07 -18.70
N ALA I 406 -37.49 71.96 -18.08
CA ALA I 406 -36.69 72.06 -16.87
C ALA I 406 -35.38 72.76 -17.17
N THR I 407 -34.74 72.41 -18.28
CA THR I 407 -33.57 73.16 -18.71
C THR I 407 -33.93 74.60 -19.06
N GLN I 408 -35.09 74.81 -19.68
CA GLN I 408 -35.46 76.13 -20.20
C GLN I 408 -35.68 77.14 -19.09
N SER I 409 -36.21 76.69 -17.95
CA SER I 409 -36.28 77.57 -16.79
C SER I 409 -34.88 77.89 -16.27
N ASN I 410 -33.98 76.92 -16.34
CA ASN I 410 -32.57 77.19 -16.04
C ASN I 410 -31.91 77.91 -17.20
N THR I 411 -32.42 77.71 -18.42
CA THR I 411 -31.75 78.29 -19.57
C THR I 411 -31.83 79.81 -19.57
N LEU I 412 -30.74 80.45 -19.16
CA LEU I 412 -30.49 81.86 -19.41
C LEU I 412 -29.00 82.00 -19.66
N HIS I 413 -28.35 80.86 -19.91
CA HIS I 413 -26.90 80.81 -20.06
C HIS I 413 -26.52 79.57 -20.85
N LEU I 414 -25.26 79.49 -21.26
CA LEU I 414 -24.75 78.37 -22.04
C LEU I 414 -23.38 77.97 -21.50
N SER I 415 -22.89 76.81 -21.93
CA SER I 415 -21.62 76.30 -21.41
C SER I 415 -20.72 75.75 -22.51
N PRO I 416 -19.40 75.72 -22.29
CA PRO I 416 -18.47 75.22 -23.31
C PRO I 416 -18.00 73.77 -23.13
N GLN I 417 -18.32 73.15 -22.00
CA GLN I 417 -17.75 71.83 -21.70
C GLN I 417 -18.54 70.70 -22.34
N ASP I 418 -19.86 70.87 -22.49
CA ASP I 418 -20.70 69.83 -23.07
C ASP I 418 -20.16 69.35 -24.41
N LEU I 419 -19.48 70.24 -25.15
CA LEU I 419 -18.84 69.81 -26.38
C LEU I 419 -17.79 68.74 -26.11
N SER I 420 -16.90 68.98 -25.14
CA SER I 420 -15.85 67.99 -24.86
C SER I 420 -16.45 66.71 -24.30
N MET I 421 -17.48 66.83 -23.47
CA MET I 421 -18.13 65.63 -22.95
C MET I 421 -18.71 64.79 -24.08
N ALA I 422 -19.47 65.43 -24.96
CA ALA I 422 -20.08 64.70 -26.07
C ALA I 422 -19.01 64.18 -27.02
N MET I 423 -17.89 64.88 -27.13
CA MET I 423 -16.83 64.41 -28.01
C MET I 423 -16.20 63.13 -27.48
N GLN I 424 -15.87 63.09 -26.19
CA GLN I 424 -15.29 61.87 -25.64
C GLN I 424 -16.31 60.73 -25.63
N LYS I 425 -17.58 61.05 -25.40
CA LYS I 425 -18.59 60.00 -25.38
C LYS I 425 -18.82 59.45 -26.77
N LEU I 426 -18.88 60.31 -27.79
CA LEU I 426 -19.02 59.84 -29.16
C LEU I 426 -17.78 59.09 -29.62
N TYR I 427 -16.61 59.44 -29.08
CA TYR I 427 -15.42 58.66 -29.39
C TYR I 427 -15.53 57.24 -28.85
N GLN I 428 -15.84 57.07 -27.56
CA GLN I 428 -16.03 55.71 -27.05
C GLN I 428 -17.19 55.02 -27.75
N THR I 429 -18.19 55.79 -28.19
CA THR I 429 -19.36 55.21 -28.84
C THR I 429 -19.01 54.62 -30.19
N PHE I 430 -18.44 55.43 -31.07
CA PHE I 430 -18.02 54.91 -32.36
C PHE I 430 -16.97 53.82 -32.20
N VAL I 431 -16.22 53.85 -31.10
CA VAL I 431 -15.26 52.77 -30.86
C VAL I 431 -16.02 51.46 -30.62
N ALA I 432 -17.06 51.49 -29.79
CA ALA I 432 -17.88 50.30 -29.59
C ALA I 432 -18.55 49.88 -30.90
N LEU I 433 -18.98 50.86 -31.70
CA LEU I 433 -19.64 50.54 -32.96
C LEU I 433 -18.69 49.85 -33.91
N ALA I 434 -17.45 50.32 -33.98
CA ALA I 434 -16.47 49.68 -34.85
C ALA I 434 -16.08 48.32 -34.32
N ALA I 435 -16.09 48.14 -33.00
CA ALA I 435 -15.90 46.80 -32.43
C ALA I 435 -17.00 45.85 -32.88
N GLN I 436 -18.25 46.33 -32.88
CA GLN I 436 -19.35 45.51 -33.35
C GLN I 436 -19.22 45.19 -34.84
N LEU I 437 -18.89 46.20 -35.64
CA LEU I 437 -18.67 45.98 -37.06
C LEU I 437 -17.54 45.00 -37.30
N GLN I 438 -16.54 44.99 -36.41
CA GLN I 438 -15.45 44.04 -36.52
C GLN I 438 -15.91 42.64 -36.22
N ALA I 439 -16.74 42.48 -35.19
CA ALA I 439 -17.36 41.17 -34.95
C ALA I 439 -18.14 40.71 -36.18
N VAL I 440 -18.81 41.66 -36.85
CA VAL I 440 -19.63 41.30 -38.00
C VAL I 440 -18.76 40.87 -39.17
N ASN I 441 -17.69 41.63 -39.46
CA ASN I 441 -16.78 41.25 -40.53
C ASN I 441 -16.09 39.94 -40.23
N GLU I 442 -15.75 39.70 -38.97
CA GLU I 442 -15.08 38.46 -38.62
C GLU I 442 -16.02 37.26 -38.73
N ASN I 443 -17.30 37.46 -38.43
CA ASN I 443 -18.26 36.36 -38.60
C ASN I 443 -18.52 36.08 -40.07
N PHE I 444 -18.65 37.14 -40.86
CA PHE I 444 -18.71 36.99 -42.30
C PHE I 444 -17.52 36.18 -42.80
N LYS I 445 -16.33 36.50 -42.32
CA LYS I 445 -15.14 35.81 -42.79
C LYS I 445 -15.12 34.37 -42.31
N MET I 446 -15.60 34.11 -41.09
CA MET I 446 -15.66 32.73 -40.61
C MET I 446 -16.53 31.87 -41.51
N LEU I 447 -17.73 32.36 -41.81
CA LEU I 447 -18.62 31.59 -42.67
C LEU I 447 -18.04 31.45 -44.09
N LYS I 448 -17.54 32.56 -44.66
CA LYS I 448 -17.05 32.52 -46.03
C LYS I 448 -15.74 31.74 -46.13
N GLU I 449 -15.13 31.43 -45.00
CA GLU I 449 -14.02 30.48 -45.02
C GLU I 449 -14.51 29.06 -44.83
N GLN I 450 -15.64 28.90 -44.15
CA GLN I 450 -16.23 27.57 -44.01
C GLN I 450 -16.72 27.05 -45.36
N TYR I 451 -17.25 27.94 -46.21
CA TYR I 451 -17.90 27.49 -47.44
C TYR I 451 -16.90 26.79 -48.37
N LEU I 452 -15.77 27.45 -48.67
CA LEU I 452 -14.79 26.89 -49.58
C LEU I 452 -14.07 25.70 -48.99
N THR J 156 -46.97 49.59 -84.11
CA THR J 156 -46.74 49.91 -82.71
C THR J 156 -46.62 48.64 -81.88
N LEU J 157 -45.94 48.74 -80.74
CA LEU J 157 -45.85 47.63 -79.81
C LEU J 157 -46.98 47.65 -78.80
N LEU J 158 -47.55 48.82 -78.52
CA LEU J 158 -48.65 48.92 -77.58
C LEU J 158 -49.89 48.23 -78.13
N GLY J 159 -50.17 48.40 -79.42
CA GLY J 159 -51.31 47.72 -80.01
C GLY J 159 -51.16 46.22 -80.00
N ASP J 160 -49.94 45.73 -80.23
CA ASP J 160 -49.72 44.28 -80.17
C ASP J 160 -49.82 43.76 -78.74
N GLU J 161 -49.35 44.54 -77.77
CA GLU J 161 -49.57 44.16 -76.38
C GLU J 161 -51.05 44.06 -76.07
N ARG J 162 -51.82 45.07 -76.49
CA ARG J 162 -53.27 45.05 -76.26
C ARG J 162 -53.92 43.86 -76.94
N ASP J 163 -53.43 43.48 -78.12
CA ASP J 163 -54.03 42.35 -78.83
C ASP J 163 -53.70 41.04 -78.13
N ALA J 164 -52.43 40.86 -77.74
CA ALA J 164 -52.06 39.66 -77.00
C ALA J 164 -52.88 39.54 -75.73
N ILE J 165 -53.05 40.65 -75.00
CA ILE J 165 -53.84 40.60 -73.77
C ILE J 165 -55.30 40.34 -74.07
N LEU J 166 -55.80 40.90 -75.18
CA LEU J 166 -57.19 40.68 -75.56
C LEU J 166 -57.46 39.21 -75.82
N ALA J 167 -56.67 38.60 -76.70
CA ALA J 167 -56.85 37.18 -76.98
C ALA J 167 -56.50 36.33 -75.78
N LYS J 168 -55.73 36.89 -74.84
CA LYS J 168 -55.38 36.15 -73.64
C LYS J 168 -56.63 35.79 -72.86
N TRP J 169 -57.36 36.80 -72.37
CA TRP J 169 -58.63 36.55 -71.69
C TRP J 169 -59.65 36.24 -72.79
N ASN J 170 -59.71 34.97 -73.17
CA ASN J 170 -60.59 34.54 -74.25
C ASN J 170 -60.78 33.04 -74.16
N GLN J 171 -61.83 32.56 -74.84
CA GLN J 171 -62.10 31.14 -74.98
C GLN J 171 -61.61 30.57 -76.29
N LEU J 172 -61.02 31.40 -77.16
CA LEU J 172 -60.60 30.98 -78.47
C LEU J 172 -59.25 30.28 -78.47
N GLN J 173 -58.50 30.37 -77.37
CA GLN J 173 -57.33 29.54 -77.14
C GLN J 173 -56.22 29.78 -78.16
N ALA J 174 -55.91 31.04 -78.46
CA ALA J 174 -54.68 31.38 -79.15
C ALA J 174 -53.72 31.79 -78.05
N PHE J 175 -53.10 30.79 -77.43
CA PHE J 175 -52.41 30.97 -76.15
C PHE J 175 -53.37 31.56 -75.12
N TRP J 176 -54.37 30.75 -74.76
CA TRP J 176 -55.56 31.21 -74.05
C TRP J 176 -55.27 31.80 -72.67
N GLY J 177 -54.54 32.92 -72.63
CA GLY J 177 -54.33 33.63 -71.40
C GLY J 177 -53.84 32.79 -70.26
N THR J 178 -53.03 31.78 -70.55
CA THR J 178 -52.39 30.91 -69.56
C THR J 178 -53.39 30.41 -68.51
N GLY J 179 -54.66 30.39 -68.89
CA GLY J 179 -55.64 29.62 -68.14
C GLY J 179 -55.70 28.18 -68.56
N LYS J 180 -54.98 27.82 -69.62
CA LYS J 180 -54.97 26.46 -70.11
C LYS J 180 -54.72 25.48 -68.98
N GLY J 181 -55.65 24.57 -68.78
CA GLY J 181 -55.58 23.61 -67.71
C GLY J 181 -56.37 22.36 -68.05
N PHE J 182 -55.72 21.21 -67.93
CA PHE J 182 -56.28 19.94 -68.36
C PHE J 182 -56.54 19.06 -67.15
N PHE J 183 -57.77 18.56 -67.05
CA PHE J 183 -58.16 17.63 -65.99
C PHE J 183 -58.29 16.22 -66.56
N MET J 184 -58.21 15.24 -65.67
CA MET J 184 -58.36 13.84 -66.04
C MET J 184 -59.76 13.38 -65.66
N ASN J 185 -60.65 13.30 -66.63
CA ASN J 185 -62.03 12.93 -66.37
C ASN J 185 -62.20 11.45 -66.64
N ASN J 186 -62.91 10.76 -65.76
CA ASN J 186 -62.95 9.31 -65.78
C ASN J 186 -63.49 8.77 -67.10
N THR J 187 -62.85 7.72 -67.60
CA THR J 187 -63.28 7.06 -68.82
C THR J 187 -62.72 5.65 -68.86
N VAL J 319 -60.62 -0.18 -77.04
CA VAL J 319 -60.25 0.43 -78.31
C VAL J 319 -60.82 1.83 -78.41
N GLN J 320 -62.10 1.99 -78.08
CA GLN J 320 -62.76 3.29 -78.12
C GLN J 320 -61.98 4.36 -77.38
N ILE J 321 -61.25 3.99 -76.32
CA ILE J 321 -60.39 4.93 -75.62
C ILE J 321 -59.37 5.53 -76.59
N LYS J 322 -58.76 4.68 -77.42
CA LYS J 322 -57.75 5.17 -78.36
C LYS J 322 -58.37 5.74 -79.61
N GLN J 323 -59.65 5.44 -79.87
CA GLN J 323 -60.37 6.11 -80.95
C GLN J 323 -60.73 7.53 -80.55
N LEU J 324 -60.92 7.77 -79.24
CA LEU J 324 -61.32 9.06 -78.73
C LEU J 324 -60.14 9.96 -78.36
N ILE J 325 -59.24 9.48 -77.50
CA ILE J 325 -58.18 10.32 -76.96
C ILE J 325 -57.29 10.87 -78.05
N GLN J 326 -57.22 10.19 -79.19
CA GLN J 326 -56.41 10.65 -80.31
C GLN J 326 -57.34 11.23 -81.38
N ASN J 327 -56.76 11.63 -82.52
CA ASN J 327 -57.47 12.51 -83.43
C ASN J 327 -57.91 13.70 -82.61
N PRO J 328 -57.01 14.64 -82.33
CA PRO J 328 -57.12 15.50 -81.14
C PRO J 328 -58.45 16.24 -81.04
N LEU J 329 -58.71 16.75 -79.84
CA LEU J 329 -60.05 17.18 -79.41
C LEU J 329 -60.50 18.50 -80.02
N SER J 330 -61.41 19.17 -79.32
CA SER J 330 -62.20 20.27 -79.89
C SER J 330 -61.35 21.40 -80.48
N GLY J 331 -60.04 21.38 -80.29
CA GLY J 331 -59.23 22.47 -80.79
C GLY J 331 -58.03 22.82 -79.91
N VAL J 332 -57.83 22.05 -78.84
CA VAL J 332 -56.55 22.14 -78.13
C VAL J 332 -55.46 21.68 -79.07
N ASP J 333 -54.33 22.37 -79.05
CA ASP J 333 -53.29 22.03 -80.01
C ASP J 333 -52.75 20.64 -79.73
N PRO J 334 -52.31 19.91 -80.75
CA PRO J 334 -51.92 18.51 -80.52
C PRO J 334 -50.76 18.33 -79.55
N ILE J 335 -49.83 19.28 -79.49
CA ILE J 335 -48.66 19.11 -78.62
C ILE J 335 -49.10 18.99 -77.16
N ILE J 336 -49.93 19.92 -76.70
CA ILE J 336 -50.40 19.86 -75.33
C ILE J 336 -51.28 18.63 -75.13
N TRP J 337 -51.95 18.17 -76.19
CA TRP J 337 -52.82 17.02 -76.06
C TRP J 337 -52.03 15.75 -75.85
N GLU J 338 -50.94 15.57 -76.60
CA GLU J 338 -50.11 14.38 -76.42
C GLU J 338 -49.30 14.47 -75.13
N GLN J 339 -48.94 15.69 -74.72
CA GLN J 339 -48.25 15.84 -73.44
C GLN J 339 -49.16 15.50 -72.27
N ALA J 340 -50.44 15.85 -72.36
CA ALA J 340 -51.39 15.50 -71.32
C ALA J 340 -51.80 14.04 -71.40
N LYS J 341 -51.66 13.43 -72.58
CA LYS J 341 -51.86 11.99 -72.71
C LYS J 341 -50.72 11.22 -72.06
N VAL J 342 -49.48 11.73 -72.22
CA VAL J 342 -48.33 11.05 -71.64
C VAL J 342 -48.26 11.29 -70.14
N ASP J 343 -48.55 12.51 -69.69
CA ASP J 343 -48.53 12.81 -68.25
C ASP J 343 -49.73 12.24 -67.52
N ASN J 344 -50.58 11.48 -68.20
CA ASN J 344 -51.80 10.96 -67.61
C ASN J 344 -51.49 10.00 -66.48
N PRO J 345 -51.82 10.33 -65.24
CA PRO J 345 -51.80 9.32 -64.18
C PRO J 345 -53.14 8.59 -64.11
N ASP J 346 -53.11 7.27 -64.02
CA ASP J 346 -54.29 6.41 -64.07
C ASP J 346 -54.99 6.63 -65.41
N PRO J 347 -54.32 6.40 -66.54
CA PRO J 347 -54.96 6.63 -67.84
C PRO J 347 -56.04 5.62 -68.16
N GLU J 348 -56.09 4.50 -67.45
CA GLU J 348 -57.22 3.58 -67.54
C GLU J 348 -58.42 4.06 -66.77
N ARG J 349 -58.22 4.72 -65.62
CA ARG J 349 -59.32 5.23 -64.82
C ARG J 349 -59.68 6.66 -65.17
N LEU J 350 -59.08 7.22 -66.22
CA LEU J 350 -59.34 8.58 -66.62
C LEU J 350 -58.73 8.84 -67.99
N ILE J 351 -59.42 9.63 -68.79
CA ILE J 351 -58.87 10.16 -70.03
C ILE J 351 -58.76 11.67 -69.88
N PRO J 352 -57.76 12.27 -70.51
CA PRO J 352 -57.64 13.73 -70.47
C PRO J 352 -58.85 14.37 -71.13
N VAL J 353 -59.54 15.22 -70.38
CA VAL J 353 -60.72 15.90 -70.90
C VAL J 353 -60.37 17.38 -71.05
N PRO J 354 -60.78 18.03 -72.14
CA PRO J 354 -60.40 19.43 -72.33
C PRO J 354 -61.22 20.35 -71.43
N MET J 355 -60.52 21.30 -70.81
CA MET J 355 -61.13 22.31 -69.97
C MET J 355 -60.71 23.68 -70.45
N ILE J 356 -61.67 24.62 -70.48
CA ILE J 356 -61.46 25.94 -71.08
C ILE J 356 -61.72 26.99 -70.02
N GLY J 357 -60.66 27.61 -69.50
CA GLY J 357 -60.80 28.79 -68.68
C GLY J 357 -61.43 28.52 -67.32
N PHE J 358 -62.31 29.44 -66.92
CA PHE J 358 -62.82 29.46 -65.55
C PHE J 358 -64.27 29.00 -65.47
N LYS J 359 -65.10 29.35 -66.46
CA LYS J 359 -66.44 28.78 -66.51
C LYS J 359 -66.40 27.27 -66.59
N GLU J 360 -65.36 26.70 -67.21
CA GLU J 360 -65.20 25.25 -67.18
C GLU J 360 -64.77 24.77 -65.80
N LEU J 361 -64.05 25.61 -65.05
CA LEU J 361 -63.78 25.25 -63.66
C LEU J 361 -65.07 25.21 -62.85
N LEU J 362 -65.95 26.19 -63.07
CA LEU J 362 -67.29 26.14 -62.50
C LEU J 362 -68.04 24.88 -62.94
N ARG J 363 -67.82 24.48 -64.20
CA ARG J 363 -68.42 23.25 -64.70
C ARG J 363 -67.92 22.03 -63.94
N ARG J 364 -66.62 21.97 -63.71
CA ARG J 364 -66.03 20.85 -62.98
C ARG J 364 -66.48 20.85 -61.53
N LEU J 365 -66.70 22.04 -60.96
CA LEU J 365 -67.24 22.11 -59.60
C LEU J 365 -68.68 21.62 -59.57
N GLU J 366 -69.44 21.92 -60.61
CA GLU J 366 -70.81 21.41 -60.68
C GLU J 366 -70.82 19.90 -60.82
N VAL J 367 -69.93 19.36 -61.66
CA VAL J 367 -69.83 17.92 -61.81
C VAL J 367 -69.44 17.27 -60.49
N GLN J 368 -68.47 17.87 -59.79
CA GLN J 368 -68.07 17.38 -58.47
C GLN J 368 -69.24 17.42 -57.50
N ASP J 369 -70.05 18.47 -57.55
CA ASP J 369 -71.20 18.56 -56.67
C ASP J 369 -72.22 17.46 -56.96
N GLN J 370 -72.55 17.25 -58.23
CA GLN J 370 -73.55 16.25 -58.57
C GLN J 370 -73.06 14.85 -58.25
N MET J 371 -71.77 14.60 -58.49
CA MET J 371 -71.19 13.31 -58.12
C MET J 371 -71.14 13.15 -56.61
N THR J 372 -70.95 14.25 -55.88
CA THR J 372 -70.99 14.18 -54.42
C THR J 372 -72.38 13.82 -53.95
N LYS J 373 -73.41 14.40 -54.57
CA LYS J 373 -74.77 14.03 -54.23
C LYS J 373 -75.01 12.55 -54.47
N GLN J 374 -74.66 12.05 -55.66
CA GLN J 374 -74.83 10.64 -55.95
C GLN J 374 -74.02 9.77 -55.00
N HIS J 375 -72.84 10.26 -54.60
CA HIS J 375 -71.96 9.46 -53.74
C HIS J 375 -72.55 9.34 -52.35
N GLN J 376 -73.00 10.46 -51.78
CA GLN J 376 -73.70 10.40 -50.51
C GLN J 376 -74.93 9.51 -50.61
N SER J 377 -75.62 9.54 -51.76
CA SER J 377 -76.81 8.73 -51.91
C SER J 377 -76.50 7.24 -51.89
N ARG J 378 -75.53 6.80 -52.70
CA ARG J 378 -75.18 5.39 -52.73
C ARG J 378 -74.55 4.94 -51.42
N LEU J 379 -73.77 5.82 -50.78
CA LEU J 379 -73.22 5.48 -49.48
C LEU J 379 -74.31 5.27 -48.46
N ASP J 380 -75.33 6.14 -48.46
CA ASP J 380 -76.45 5.97 -47.55
C ASP J 380 -77.24 4.72 -47.89
N ILE J 381 -77.27 4.34 -49.17
CA ILE J 381 -77.93 3.09 -49.53
C ILE J 381 -77.19 1.90 -48.94
N ILE J 382 -75.86 1.92 -49.02
CA ILE J 382 -75.06 0.88 -48.39
C ILE J 382 -75.29 0.89 -46.88
N SER J 383 -75.48 2.09 -46.31
CA SER J 383 -75.77 2.19 -44.88
C SER J 383 -77.13 1.59 -44.55
N GLU J 384 -78.12 1.77 -45.42
CA GLU J 384 -79.42 1.16 -45.21
C GLU J 384 -79.33 -0.36 -45.23
N ASP J 385 -78.63 -0.90 -46.22
CA ASP J 385 -78.38 -2.34 -46.24
C ASP J 385 -77.70 -2.78 -44.95
N ILE J 386 -76.71 -2.01 -44.49
CA ILE J 386 -75.97 -2.37 -43.30
C ILE J 386 -76.89 -2.40 -42.08
N GLY J 387 -77.70 -1.36 -41.91
CA GLY J 387 -78.57 -1.30 -40.75
C GLY J 387 -79.62 -2.40 -40.76
N GLU J 388 -80.13 -2.75 -41.95
CA GLU J 388 -81.10 -3.83 -42.03
C GLU J 388 -80.45 -5.16 -41.67
N LEU J 389 -79.31 -5.46 -42.27
CA LEU J 389 -78.57 -6.66 -41.90
C LEU J 389 -78.30 -6.69 -40.40
N GLN J 390 -78.02 -5.54 -39.80
CA GLN J 390 -77.71 -5.49 -38.38
C GLN J 390 -78.92 -5.81 -37.51
N LYS J 391 -80.07 -5.19 -37.77
CA LYS J 391 -81.26 -5.49 -36.99
C LYS J 391 -81.66 -6.95 -37.15
N ASN J 392 -81.64 -7.45 -38.38
CA ASN J 392 -81.99 -8.84 -38.59
C ASN J 392 -80.97 -9.78 -37.96
N GLN J 393 -79.71 -9.35 -37.91
CA GLN J 393 -78.69 -10.15 -37.26
C GLN J 393 -78.92 -10.23 -35.76
N THR J 394 -79.27 -9.10 -35.14
CA THR J 394 -79.62 -9.14 -33.72
C THR J 394 -80.80 -10.06 -33.47
N THR J 395 -81.80 -10.03 -34.36
CA THR J 395 -82.95 -10.90 -34.19
C THR J 395 -82.56 -12.38 -34.31
N THR J 396 -81.76 -12.71 -35.33
CA THR J 396 -81.31 -14.08 -35.52
C THR J 396 -80.49 -14.56 -34.33
N MET J 397 -79.59 -13.71 -33.84
CA MET J 397 -78.76 -14.09 -32.70
C MET J 397 -79.58 -14.16 -31.43
N ALA J 398 -80.75 -13.53 -31.42
CA ALA J 398 -81.67 -13.73 -30.30
C ALA J 398 -82.34 -15.10 -30.39
N LYS J 399 -82.81 -15.48 -31.58
CA LYS J 399 -83.57 -16.72 -31.72
C LYS J 399 -82.67 -17.95 -31.59
N ILE J 400 -81.40 -17.80 -31.96
CA ILE J 400 -80.44 -18.90 -31.80
C ILE J 400 -80.43 -19.41 -30.37
N GLY J 401 -80.40 -18.49 -29.40
CA GLY J 401 -80.35 -18.89 -28.01
C GLY J 401 -81.63 -19.56 -27.54
N GLN J 402 -82.77 -19.04 -28.00
CA GLN J 402 -84.02 -19.75 -27.85
C GLN J 402 -83.87 -21.20 -28.27
N TYR J 403 -83.45 -21.41 -29.51
CA TYR J 403 -83.31 -22.76 -30.04
C TYR J 403 -82.37 -23.58 -29.18
N LYS J 404 -81.29 -22.98 -28.70
CA LYS J 404 -80.30 -23.74 -27.95
C LYS J 404 -80.85 -24.18 -26.60
N ARG J 405 -81.50 -23.28 -25.88
CA ARG J 405 -82.08 -23.66 -24.60
C ARG J 405 -83.17 -24.69 -24.79
N LYS J 406 -83.97 -24.53 -25.86
CA LYS J 406 -84.97 -25.54 -26.15
C LYS J 406 -84.31 -26.86 -26.51
N LEU J 407 -83.14 -26.80 -27.13
CA LEU J 407 -82.37 -28.00 -27.41
C LEU J 407 -81.94 -28.67 -26.12
N MET J 408 -81.57 -27.87 -25.13
CA MET J 408 -81.23 -28.43 -23.83
C MET J 408 -82.43 -29.11 -23.18
N GLU J 409 -83.60 -28.47 -23.24
CA GLU J 409 -84.79 -29.07 -22.66
C GLU J 409 -85.18 -30.35 -23.40
N LEU J 410 -85.07 -30.34 -24.73
CA LEU J 410 -85.37 -31.54 -25.50
C LEU J 410 -84.35 -32.63 -25.26
N SER J 411 -83.09 -32.26 -25.02
CA SER J 411 -82.09 -33.24 -24.65
C SER J 411 -82.45 -33.89 -23.32
N HIS J 412 -82.89 -33.09 -22.36
CA HIS J 412 -83.42 -33.65 -21.13
C HIS J 412 -84.53 -34.65 -21.44
N ARG J 413 -85.46 -34.25 -22.30
CA ARG J 413 -86.57 -35.11 -22.67
C ARG J 413 -86.09 -36.42 -23.28
N VAL J 414 -85.14 -36.36 -24.20
CA VAL J 414 -84.71 -37.55 -24.92
C VAL J 414 -83.94 -38.48 -23.99
N LEU J 415 -83.02 -37.91 -23.21
CA LEU J 415 -82.28 -38.74 -22.26
C LEU J 415 -83.23 -39.40 -21.27
N GLN J 416 -84.29 -38.70 -20.86
CA GLN J 416 -85.27 -39.31 -19.98
C GLN J 416 -86.03 -40.43 -20.68
N VAL J 417 -86.42 -40.21 -21.92
CA VAL J 417 -87.12 -41.26 -22.67
C VAL J 417 -86.24 -42.48 -22.85
N LEU J 418 -84.93 -42.25 -23.03
CA LEU J 418 -84.01 -43.37 -23.22
C LEU J 418 -83.82 -44.13 -21.92
N ILE J 419 -83.68 -43.40 -20.81
CA ILE J 419 -83.63 -44.06 -19.51
C ILE J 419 -84.90 -44.87 -19.28
N LYS J 420 -86.05 -44.35 -19.75
CA LYS J 420 -87.31 -45.06 -19.59
C LYS J 420 -87.37 -46.35 -20.38
N GLN J 421 -86.98 -46.31 -21.66
CA GLN J 421 -86.98 -47.53 -22.46
C GLN J 421 -85.88 -48.48 -21.98
N GLU J 422 -84.92 -47.96 -21.23
CA GLU J 422 -83.97 -48.80 -20.53
C GLU J 422 -84.57 -49.42 -19.28
N ILE J 423 -85.52 -48.75 -18.64
CA ILE J 423 -86.10 -49.30 -17.42
C ILE J 423 -87.16 -50.35 -17.75
N GLN J 424 -88.19 -49.96 -18.49
CA GLN J 424 -89.40 -50.78 -18.58
C GLN J 424 -89.17 -52.05 -19.39
N ARG J 425 -88.67 -51.92 -20.62
CA ARG J 425 -88.48 -53.09 -21.46
C ARG J 425 -87.32 -53.94 -20.97
N LYS J 426 -86.19 -53.30 -20.64
CA LYS J 426 -85.06 -54.05 -20.13
C LYS J 426 -85.29 -54.59 -18.72
N SER J 427 -86.49 -54.47 -18.17
CA SER J 427 -86.76 -55.08 -16.87
C SER J 427 -87.03 -56.56 -17.07
N GLY J 428 -87.26 -57.27 -15.97
CA GLY J 428 -87.49 -58.70 -16.01
C GLY J 428 -86.25 -59.48 -16.37
N PHE J 455 -65.04 -24.64 -4.59
CA PHE J 455 -65.89 -24.97 -5.72
C PHE J 455 -66.95 -23.90 -5.93
N LYS J 456 -67.95 -23.88 -5.06
CA LYS J 456 -69.01 -22.88 -5.17
C LYS J 456 -68.47 -21.49 -4.87
N GLY J 457 -67.61 -21.37 -3.86
CA GLY J 457 -66.92 -20.11 -3.64
C GLY J 457 -66.00 -19.77 -4.80
N ARG J 458 -65.37 -20.78 -5.39
CA ARG J 458 -64.61 -20.58 -6.61
C ARG J 458 -65.51 -20.03 -7.71
N LEU J 459 -66.72 -20.58 -7.82
CA LEU J 459 -67.67 -20.05 -8.79
C LEU J 459 -68.02 -18.60 -8.49
N ASN J 460 -68.19 -18.27 -7.22
CA ASN J 460 -68.54 -16.90 -6.86
C ASN J 460 -67.42 -15.94 -7.23
N GLU J 461 -66.19 -16.28 -6.87
CA GLU J 461 -65.06 -15.44 -7.23
C GLU J 461 -64.89 -15.36 -8.74
N LEU J 462 -65.21 -16.44 -9.45
CA LEU J 462 -65.13 -16.42 -10.91
C LEU J 462 -66.15 -15.46 -11.50
N MET J 463 -67.36 -15.44 -10.96
CA MET J 463 -68.37 -14.48 -11.39
C MET J 463 -67.88 -13.06 -11.11
N SER J 464 -67.29 -12.84 -9.94
CA SER J 464 -66.74 -11.52 -9.62
C SER J 464 -65.67 -11.13 -10.62
N GLN J 465 -64.84 -12.08 -11.04
CA GLN J 465 -63.78 -11.79 -11.99
C GLN J 465 -64.33 -11.43 -13.37
N ILE J 466 -65.31 -12.21 -13.84
CA ILE J 466 -65.94 -11.90 -15.13
C ILE J 466 -66.58 -10.52 -15.09
N ARG J 467 -67.24 -10.19 -13.97
CA ARG J 467 -67.83 -8.86 -13.84
C ARG J 467 -66.75 -7.78 -13.84
N MET J 468 -65.63 -8.04 -13.18
CA MET J 468 -64.53 -7.08 -13.17
C MET J 468 -64.01 -6.85 -14.58
N GLN J 469 -63.91 -7.90 -15.38
CA GLN J 469 -63.49 -7.74 -16.76
C GLN J 469 -64.51 -6.94 -17.56
N ASN J 470 -65.81 -7.18 -17.31
CA ASN J 470 -66.84 -6.35 -17.93
C ASN J 470 -66.65 -4.89 -17.57
N HIS J 471 -66.31 -4.62 -16.31
CA HIS J 471 -66.07 -3.24 -15.88
C HIS J 471 -64.88 -2.63 -16.60
N PHE J 472 -63.77 -3.38 -16.68
CA PHE J 472 -62.63 -2.93 -17.46
C PHE J 472 -63.05 -2.63 -18.90
N GLY J 473 -64.02 -3.38 -19.42
CA GLY J 473 -64.52 -3.12 -20.75
C GLY J 473 -65.10 -1.72 -20.88
N ALA J 474 -65.72 -1.22 -19.82
CA ALA J 474 -66.34 0.10 -19.87
C ALA J 474 -65.38 1.16 -19.36
N LEU J 488 -42.97 1.06 -27.89
CA LEU J 488 -43.38 -0.31 -28.16
C LEU J 488 -43.37 -0.63 -29.65
N ARG J 489 -42.58 0.10 -30.42
CA ARG J 489 -42.51 -0.13 -31.86
C ARG J 489 -41.47 -1.18 -32.21
N GLU J 490 -40.53 -1.43 -31.30
CA GLU J 490 -39.52 -2.45 -31.55
C GLU J 490 -40.12 -3.85 -31.54
N ILE J 491 -41.07 -4.10 -30.64
CA ILE J 491 -41.61 -5.44 -30.46
C ILE J 491 -42.33 -5.92 -31.71
N LYS J 492 -43.09 -5.02 -32.35
CA LYS J 492 -43.90 -5.39 -33.52
C LYS J 492 -43.09 -6.09 -34.58
N GLN J 493 -41.81 -5.71 -34.73
CA GLN J 493 -40.95 -6.41 -35.67
C GLN J 493 -40.87 -7.89 -35.34
N HIS J 494 -40.48 -8.22 -34.11
CA HIS J 494 -40.36 -9.61 -33.70
C HIS J 494 -41.70 -10.33 -33.78
N LEU J 495 -42.79 -9.63 -33.41
CA LEU J 495 -44.09 -10.27 -33.38
C LEU J 495 -44.57 -10.61 -34.78
N LYS J 496 -44.42 -9.67 -35.72
CA LYS J 496 -44.72 -9.96 -37.12
C LYS J 496 -43.84 -11.10 -37.62
N GLN J 497 -42.57 -11.12 -37.22
CA GLN J 497 -41.68 -12.19 -37.63
C GLN J 497 -42.15 -13.55 -37.13
N GLN J 498 -42.62 -13.62 -35.88
CA GLN J 498 -43.03 -14.90 -35.30
C GLN J 498 -44.37 -15.35 -35.86
N GLN J 499 -45.32 -14.42 -36.00
CA GLN J 499 -46.54 -14.75 -36.71
C GLN J 499 -46.24 -15.26 -38.10
N GLU J 500 -45.24 -14.67 -38.77
CA GLU J 500 -44.84 -15.14 -40.09
C GLU J 500 -44.28 -16.55 -40.02
N GLY J 501 -43.43 -16.82 -39.02
CA GLY J 501 -42.87 -18.16 -38.88
C GLY J 501 -43.93 -19.22 -38.69
N VAL J 502 -44.89 -18.96 -37.79
CA VAL J 502 -45.97 -19.91 -37.59
C VAL J 502 -46.85 -20.01 -38.83
N SER J 503 -47.03 -18.88 -39.52
CA SER J 503 -47.82 -18.88 -40.75
C SER J 503 -47.18 -19.77 -41.79
N HIS J 504 -45.85 -19.83 -41.80
CA HIS J 504 -45.17 -20.78 -42.68
C HIS J 504 -45.34 -22.21 -42.16
N LEU J 505 -45.22 -22.40 -40.85
CA LEU J 505 -45.20 -23.75 -40.29
C LEU J 505 -46.54 -24.46 -40.49
N ILE J 506 -47.64 -23.77 -40.23
CA ILE J 506 -48.98 -24.32 -40.37
C ILE J 506 -49.16 -24.87 -41.78
N SER J 507 -48.49 -24.24 -42.75
CA SER J 507 -48.55 -24.74 -44.12
C SER J 507 -47.98 -26.15 -44.23
N ILE J 508 -46.80 -26.36 -43.64
CA ILE J 508 -46.22 -27.70 -43.64
C ILE J 508 -47.11 -28.66 -42.88
N ILE J 509 -47.75 -28.18 -41.81
CA ILE J 509 -48.66 -29.03 -41.06
C ILE J 509 -49.81 -29.52 -41.94
N LYS J 510 -50.44 -28.58 -42.64
CA LYS J 510 -51.56 -28.95 -43.51
C LYS J 510 -51.10 -29.86 -44.64
N ASP J 511 -49.91 -29.61 -45.18
CA ASP J 511 -49.38 -30.47 -46.24
C ASP J 511 -49.16 -31.89 -45.72
N ASN J 512 -48.66 -32.01 -44.49
CA ASN J 512 -48.52 -33.32 -43.88
C ASN J 512 -49.87 -34.00 -43.73
N HIS J 513 -50.89 -33.22 -43.34
CA HIS J 513 -52.22 -33.79 -43.21
C HIS J 513 -52.73 -34.32 -44.55
N GLU J 514 -52.54 -33.55 -45.62
CA GLU J 514 -53.04 -33.97 -46.93
C GLU J 514 -52.28 -35.18 -47.47
N ASP J 515 -50.97 -35.24 -47.21
CA ASP J 515 -50.19 -36.41 -47.61
C ASP J 515 -50.64 -37.64 -46.83
N ILE J 516 -50.87 -37.48 -45.53
CA ILE J 516 -51.44 -38.57 -44.74
C ILE J 516 -52.77 -39.02 -45.34
N LYS J 517 -53.58 -38.06 -45.77
CA LYS J 517 -54.85 -38.39 -46.43
C LYS J 517 -54.62 -39.27 -47.65
N LEU J 518 -53.81 -38.80 -48.60
CA LEU J 518 -53.59 -39.57 -49.81
C LEU J 518 -53.01 -40.95 -49.50
N ILE J 519 -52.17 -41.05 -48.47
CA ILE J 519 -51.62 -42.34 -48.08
C ILE J 519 -52.73 -43.24 -47.55
N GLU J 520 -53.78 -42.64 -46.98
CA GLU J 520 -54.93 -43.39 -46.51
C GLU J 520 -55.91 -43.64 -47.65
N GLU K 359 -49.89 53.16 -74.04
CA GLU K 359 -49.61 51.80 -73.59
C GLU K 359 -49.98 51.64 -72.13
N ASN K 360 -50.64 52.65 -71.58
CA ASN K 360 -51.12 52.58 -70.20
C ASN K 360 -52.23 51.53 -70.06
N LEU K 361 -52.91 51.22 -71.17
CA LEU K 361 -54.03 50.27 -71.12
C LEU K 361 -53.56 48.83 -71.36
N ILE K 362 -52.73 48.63 -72.38
CA ILE K 362 -52.31 47.28 -72.75
C ILE K 362 -51.46 46.64 -71.67
N ASN K 363 -50.61 47.43 -71.00
CA ASN K 363 -49.76 46.88 -69.95
C ASN K 363 -50.60 46.27 -68.84
N LYS K 364 -51.62 47.00 -68.39
CA LYS K 364 -52.46 46.47 -67.32
C LYS K 364 -53.37 45.37 -67.81
N TRP K 365 -53.83 45.45 -69.06
CA TRP K 365 -54.57 44.33 -69.64
C TRP K 365 -53.75 43.06 -69.57
N SER K 366 -52.48 43.15 -69.98
CA SER K 366 -51.60 41.99 -69.96
C SER K 366 -51.33 41.52 -68.53
N LEU K 367 -51.13 42.46 -67.61
CA LEU K 367 -50.78 42.07 -66.24
C LEU K 367 -51.94 41.36 -65.57
N GLU K 368 -53.15 41.90 -65.69
CA GLU K 368 -54.32 41.20 -65.18
C GLU K 368 -54.55 39.90 -65.94
N LEU K 369 -54.15 39.88 -67.21
CA LEU K 369 -54.25 38.64 -67.99
C LEU K 369 -53.43 37.54 -67.34
N GLU K 370 -52.14 37.81 -67.10
CA GLU K 370 -51.28 36.80 -66.48
C GLU K 370 -51.71 36.50 -65.04
N ASP K 371 -52.30 37.48 -64.36
CA ASP K 371 -52.75 37.26 -62.99
C ASP K 371 -53.92 36.29 -62.94
N GLN K 372 -55.03 36.65 -63.61
CA GLN K 372 -56.14 35.72 -63.76
C GLN K 372 -55.69 34.43 -64.44
N GLU K 373 -54.57 34.47 -65.14
CA GLU K 373 -54.01 33.27 -65.77
C GLU K 373 -53.50 32.27 -64.74
N LYS K 374 -52.56 32.71 -63.89
CA LYS K 374 -52.11 31.85 -62.82
C LYS K 374 -53.26 31.41 -61.94
N HIS K 375 -54.20 32.32 -61.67
CA HIS K 375 -55.32 32.01 -60.79
C HIS K 375 -56.22 30.94 -61.41
N PHE K 376 -56.58 31.09 -62.68
CA PHE K 376 -57.46 30.12 -63.33
C PHE K 376 -56.75 28.80 -63.59
N LEU K 377 -55.43 28.84 -63.81
CA LEU K 377 -54.67 27.61 -63.91
C LEU K 377 -54.77 26.81 -62.61
N GLN K 378 -54.46 27.47 -61.50
CA GLN K 378 -54.58 26.79 -60.20
C GLN K 378 -56.03 26.39 -59.92
N GLN K 379 -57.00 27.14 -60.47
CA GLN K 379 -58.41 26.80 -60.25
C GLN K 379 -58.81 25.54 -61.01
N ALA K 380 -58.39 25.44 -62.27
CA ALA K 380 -58.58 24.20 -63.00
C ALA K 380 -57.90 23.06 -62.27
N THR K 381 -56.74 23.31 -61.68
CA THR K 381 -56.08 22.29 -60.89
C THR K 381 -56.91 21.88 -59.67
N GLN K 382 -57.57 22.85 -59.02
CA GLN K 382 -58.38 22.53 -57.84
C GLN K 382 -59.60 21.72 -58.23
N VAL K 383 -60.24 22.08 -59.35
CA VAL K 383 -61.33 21.27 -59.88
C VAL K 383 -60.84 19.87 -60.19
N ASN K 384 -59.63 19.76 -60.73
CA ASN K 384 -59.03 18.46 -61.00
C ASN K 384 -58.89 17.66 -59.72
N ALA K 385 -58.36 18.28 -58.68
CA ALA K 385 -58.18 17.57 -57.41
C ALA K 385 -59.54 17.13 -56.84
N TRP K 386 -60.57 17.96 -57.04
CA TRP K 386 -61.91 17.55 -56.64
C TRP K 386 -62.33 16.28 -57.36
N ASP K 387 -62.11 16.23 -58.68
CA ASP K 387 -62.46 15.03 -59.43
C ASP K 387 -61.64 13.82 -58.97
N ARG K 388 -60.37 14.04 -58.69
CA ARG K 388 -59.48 12.96 -58.29
C ARG K 388 -59.93 12.36 -56.97
N THR K 389 -60.30 13.20 -56.01
CA THR K 389 -60.83 12.67 -54.76
C THR K 389 -62.19 12.00 -54.99
N LEU K 390 -62.98 12.51 -55.93
CA LEU K 390 -64.30 11.94 -56.18
C LEU K 390 -64.20 10.50 -56.64
N MET K 391 -63.38 10.24 -57.66
CA MET K 391 -63.24 8.88 -58.16
C MET K 391 -62.65 7.96 -57.11
N GLN K 392 -61.65 8.45 -56.39
CA GLN K 392 -61.04 7.65 -55.33
C GLN K 392 -62.07 7.22 -54.31
N ASN K 393 -63.00 8.11 -53.95
CA ASN K 393 -64.05 7.71 -53.03
C ASN K 393 -65.05 6.78 -53.71
N GLY K 394 -65.30 6.98 -55.00
CA GLY K 394 -66.27 6.15 -55.71
C GLY K 394 -65.86 4.68 -55.74
N GLU K 395 -64.57 4.43 -55.80
CA GLU K 395 -64.09 3.04 -55.73
C GLU K 395 -64.53 2.39 -54.43
N ARG K 396 -64.28 3.07 -53.31
CA ARG K 396 -64.75 2.58 -52.01
C ARG K 396 -66.26 2.44 -51.99
N ILE K 397 -66.96 3.33 -52.70
CA ILE K 397 -68.43 3.25 -52.73
C ILE K 397 -68.88 1.94 -53.37
N THR K 398 -68.29 1.59 -54.51
CA THR K 398 -68.65 0.35 -55.19
C THR K 398 -68.30 -0.86 -54.33
N THR K 399 -67.10 -0.87 -53.76
CA THR K 399 -66.72 -1.98 -52.91
C THR K 399 -67.60 -2.09 -51.67
N LEU K 400 -68.09 -0.96 -51.17
CA LEU K 400 -69.02 -0.98 -50.04
C LEU K 400 -70.35 -1.56 -50.47
N HIS K 401 -70.76 -1.28 -51.70
CA HIS K 401 -71.96 -1.94 -52.22
C HIS K 401 -71.78 -3.45 -52.21
N ARG K 402 -70.62 -3.93 -52.69
CA ARG K 402 -70.29 -5.35 -52.68
C ARG K 402 -70.41 -5.95 -51.28
N GLU K 403 -69.70 -5.33 -50.33
CA GLU K 403 -69.66 -5.84 -48.97
C GLU K 403 -71.02 -5.79 -48.31
N MET K 404 -71.81 -4.74 -48.54
CA MET K 404 -73.12 -4.62 -47.90
C MET K 404 -74.08 -5.66 -48.45
N GLU K 405 -74.06 -5.90 -49.76
CA GLU K 405 -74.89 -6.97 -50.31
C GLU K 405 -74.50 -8.33 -49.76
N LYS K 406 -73.20 -8.64 -49.69
CA LYS K 406 -72.79 -9.93 -49.15
C LYS K 406 -73.17 -10.07 -47.69
N VAL K 407 -73.01 -9.01 -46.89
CA VAL K 407 -73.43 -9.06 -45.50
C VAL K 407 -74.93 -9.20 -45.40
N LYS K 408 -75.66 -8.67 -46.37
CA LYS K 408 -77.10 -8.89 -46.41
C LYS K 408 -77.46 -10.34 -46.63
N LEU K 409 -76.73 -11.01 -47.52
CA LEU K 409 -76.90 -12.44 -47.65
C LEU K 409 -76.61 -13.15 -46.33
N ASP K 410 -75.54 -12.75 -45.65
CA ASP K 410 -75.13 -13.41 -44.41
C ASP K 410 -76.18 -13.23 -43.32
N GLN K 411 -76.69 -12.01 -43.19
CA GLN K 411 -77.70 -11.72 -42.17
C GLN K 411 -79.00 -12.46 -42.46
N LYS K 412 -79.46 -12.45 -43.71
CA LYS K 412 -80.65 -13.21 -44.05
C LYS K 412 -80.46 -14.69 -43.76
N ARG K 413 -79.25 -15.19 -44.00
CA ARG K 413 -78.97 -16.60 -43.74
C ARG K 413 -79.10 -16.90 -42.26
N LEU K 414 -78.40 -16.15 -41.42
CA LEU K 414 -78.54 -16.34 -39.98
C LEU K 414 -79.98 -16.17 -39.53
N ASP K 415 -80.72 -15.26 -40.16
CA ASP K 415 -82.11 -15.02 -39.80
C ASP K 415 -82.96 -16.24 -40.02
N GLN K 416 -82.98 -16.74 -41.26
CA GLN K 416 -83.76 -17.94 -41.55
C GLN K 416 -83.30 -19.11 -40.70
N GLU K 417 -81.99 -19.22 -40.45
CA GLU K 417 -81.48 -20.34 -39.66
C GLU K 417 -81.98 -20.29 -38.23
N LEU K 418 -82.16 -19.09 -37.68
CA LEU K 418 -82.70 -18.98 -36.35
C LEU K 418 -84.14 -19.50 -36.26
N ASP K 419 -84.98 -19.13 -37.23
CA ASP K 419 -86.35 -19.64 -37.22
C ASP K 419 -86.38 -21.13 -37.49
N PHE K 420 -85.43 -21.65 -38.28
CA PHE K 420 -85.42 -23.09 -38.54
C PHE K 420 -84.99 -23.88 -37.30
N ILE K 421 -83.96 -23.41 -36.60
CA ILE K 421 -83.57 -24.06 -35.36
C ILE K 421 -84.69 -23.94 -34.34
N LEU K 422 -85.47 -22.85 -34.38
CA LEU K 422 -86.64 -22.76 -33.52
C LEU K 422 -87.70 -23.75 -33.95
N SER K 423 -87.82 -24.01 -35.25
CA SER K 423 -88.76 -25.02 -35.72
C SER K 423 -88.37 -26.39 -35.20
N GLN K 424 -87.09 -26.69 -35.19
CA GLN K 424 -86.64 -27.95 -34.62
C GLN K 424 -86.86 -27.98 -33.12
N GLN K 425 -86.66 -26.84 -32.45
CA GLN K 425 -86.94 -26.72 -31.03
C GLN K 425 -88.41 -26.98 -30.71
N LYS K 426 -89.31 -26.62 -31.62
CA LYS K 426 -90.73 -26.88 -31.44
C LYS K 426 -91.05 -28.36 -31.69
N GLU K 427 -90.63 -28.89 -32.84
CA GLU K 427 -90.88 -30.29 -33.17
C GLU K 427 -90.29 -31.23 -32.11
N LEU K 428 -89.18 -30.83 -31.49
CA LEU K 428 -88.55 -31.68 -30.50
C LEU K 428 -89.29 -31.66 -29.18
N GLU K 429 -89.92 -30.54 -28.80
CA GLU K 429 -90.80 -30.57 -27.64
C GLU K 429 -92.08 -31.34 -27.96
N ASP K 430 -92.52 -31.28 -29.22
CA ASP K 430 -93.65 -32.09 -29.64
C ASP K 430 -93.35 -33.59 -29.49
N LEU K 431 -92.14 -34.00 -29.85
CA LEU K 431 -91.74 -35.39 -29.64
C LEU K 431 -91.47 -35.67 -28.17
N LEU K 432 -91.12 -34.63 -27.41
CA LEU K 432 -90.90 -34.78 -25.98
C LEU K 432 -92.19 -35.06 -25.23
N THR K 433 -93.31 -34.57 -25.75
CA THR K 433 -94.60 -34.91 -25.16
C THR K 433 -95.05 -36.33 -25.50
N PRO K 434 -94.86 -36.84 -26.71
CA PRO K 434 -95.28 -38.23 -26.98
C PRO K 434 -94.43 -39.27 -26.25
N LEU K 435 -93.13 -39.02 -26.10
CA LEU K 435 -92.32 -39.89 -25.25
C LEU K 435 -92.85 -39.90 -23.83
N GLU K 436 -93.35 -38.75 -23.36
CA GLU K 436 -94.01 -38.71 -22.05
C GLU K 436 -95.29 -39.54 -22.05
N GLU K 437 -96.04 -39.51 -23.16
CA GLU K 437 -97.23 -40.36 -23.24
C GLU K 437 -96.86 -41.83 -23.10
N SER K 438 -95.81 -42.27 -23.80
CA SER K 438 -95.35 -43.64 -23.68
C SER K 438 -94.86 -43.93 -22.26
N VAL K 439 -94.19 -42.95 -21.64
CA VAL K 439 -93.71 -43.13 -20.27
C VAL K 439 -94.87 -43.36 -19.31
N LYS K 440 -95.89 -42.51 -19.42
CA LYS K 440 -97.10 -42.59 -18.56
C LYS K 440 -97.66 -44.01 -18.62
N GLU K 441 -97.82 -44.55 -19.83
CA GLU K 441 -98.37 -45.93 -20.02
C GLU K 441 -97.44 -46.94 -19.36
N GLN K 442 -96.13 -46.76 -19.52
CA GLN K 442 -95.12 -47.69 -18.91
C GLN K 442 -95.26 -47.63 -17.39
N SER K 443 -95.42 -46.41 -16.85
CA SER K 443 -95.56 -46.23 -15.38
C SER K 443 -96.83 -46.95 -14.91
N GLY K 444 -97.92 -46.82 -15.68
CA GLY K 444 -99.18 -47.50 -15.34
C GLY K 444 -99.02 -49.01 -15.33
N THR K 445 -98.29 -49.54 -16.33
CA THR K 445 -98.03 -51.00 -16.43
C THR K 445 -97.23 -51.44 -15.20
N ILE K 446 -96.23 -50.64 -14.81
CA ILE K 446 -95.38 -50.97 -13.62
C ILE K 446 -96.27 -50.98 -12.37
N TYR K 447 -97.19 -50.02 -12.26
CA TYR K 447 -98.12 -49.94 -11.11
C TYR K 447 -99.00 -51.19 -11.07
N LEU K 448 -99.48 -51.62 -12.25
CA LEU K 448 -100.34 -52.83 -12.36
C LEU K 448 -99.54 -54.06 -11.91
N GLN K 449 -98.26 -54.13 -12.32
CA GLN K 449 -97.38 -55.27 -11.95
C GLN K 449 -97.12 -55.24 -10.44
N LYS K 457 -77.53 -43.16 -4.85
CA LYS K 457 -76.89 -42.29 -3.82
C LYS K 457 -75.56 -41.76 -4.37
N THR K 458 -74.62 -42.67 -4.67
CA THR K 458 -73.29 -42.27 -5.21
C THR K 458 -73.49 -41.56 -6.55
N TYR K 459 -74.39 -42.08 -7.39
CA TYR K 459 -74.66 -41.48 -8.73
C TYR K 459 -75.21 -40.07 -8.53
N LYS K 460 -76.10 -39.89 -7.55
CA LYS K 460 -76.71 -38.56 -7.26
C LYS K 460 -75.59 -37.54 -7.01
N LEU K 461 -74.75 -37.80 -6.00
CA LEU K 461 -73.65 -36.87 -5.68
C LEU K 461 -72.75 -36.66 -6.89
N ALA K 462 -72.57 -37.72 -7.68
CA ALA K 462 -71.73 -37.66 -8.87
C ALA K 462 -72.33 -36.76 -9.94
N GLU K 463 -73.61 -36.95 -10.26
CA GLU K 463 -74.23 -36.05 -11.23
C GLU K 463 -74.42 -34.66 -10.64
N ASN K 464 -74.29 -34.53 -9.32
CA ASN K 464 -74.32 -33.21 -8.70
C ASN K 464 -73.04 -32.46 -9.02
N ILE K 465 -71.91 -33.14 -8.86
CA ILE K 465 -70.67 -32.64 -9.43
C ILE K 465 -70.83 -32.38 -10.92
N ASP K 466 -71.70 -33.15 -11.59
CA ASP K 466 -71.91 -32.92 -13.02
C ASP K 466 -72.54 -31.57 -13.30
N ALA K 467 -73.64 -31.26 -12.60
CA ALA K 467 -74.25 -29.95 -12.76
C ALA K 467 -73.30 -28.84 -12.34
N GLN K 468 -72.53 -29.07 -11.27
CA GLN K 468 -71.59 -28.06 -10.80
C GLN K 468 -70.52 -27.77 -11.85
N LEU K 469 -69.97 -28.82 -12.46
CA LEU K 469 -68.92 -28.62 -13.47
C LEU K 469 -69.50 -28.02 -14.75
N LYS K 470 -70.74 -28.38 -15.09
CA LYS K 470 -71.41 -27.72 -16.21
C LYS K 470 -71.50 -26.23 -15.97
N ARG K 471 -71.92 -25.83 -14.76
CA ARG K 471 -72.03 -24.41 -14.46
C ARG K 471 -70.67 -23.73 -14.44
N MET K 472 -69.66 -24.43 -13.92
CA MET K 472 -68.33 -23.84 -13.85
C MET K 472 -67.73 -23.66 -15.23
N ALA K 473 -67.94 -24.63 -16.13
CA ALA K 473 -67.55 -24.47 -17.52
C ALA K 473 -68.24 -23.28 -18.15
N GLN K 474 -69.55 -23.12 -17.88
CA GLN K 474 -70.25 -21.94 -18.36
C GLN K 474 -69.59 -20.65 -17.86
N ASP K 475 -69.23 -20.62 -16.58
CA ASP K 475 -68.62 -19.42 -16.03
C ASP K 475 -67.26 -19.15 -16.66
N LEU K 476 -66.47 -20.21 -16.91
CA LEU K 476 -65.19 -20.03 -17.56
C LEU K 476 -65.36 -19.52 -18.97
N LYS K 477 -66.40 -19.97 -19.67
CA LYS K 477 -66.73 -19.41 -20.97
C LYS K 477 -67.04 -17.93 -20.85
N GLU K 478 -67.81 -17.55 -19.83
CA GLU K 478 -68.11 -16.14 -19.61
C GLU K 478 -66.83 -15.35 -19.36
N VAL K 479 -65.89 -15.93 -18.63
CA VAL K 479 -64.64 -15.22 -18.33
C VAL K 479 -63.83 -15.02 -19.61
N ILE K 480 -63.70 -16.07 -20.42
CA ILE K 480 -63.04 -15.93 -21.71
C ILE K 480 -63.73 -14.85 -22.54
N GLU K 481 -65.07 -14.78 -22.48
CA GLU K 481 -65.80 -13.80 -23.28
C GLU K 481 -65.52 -12.37 -22.83
N HIS K 482 -65.52 -12.14 -21.52
CA HIS K 482 -65.20 -10.80 -21.03
C HIS K 482 -63.77 -10.42 -21.37
N LEU K 483 -62.85 -11.39 -21.29
CA LEU K 483 -61.48 -11.15 -21.73
C LEU K 483 -61.45 -10.78 -23.21
N ASN K 484 -62.35 -11.37 -24.00
CA ASN K 484 -62.44 -11.02 -25.42
C ASN K 484 -62.88 -9.58 -25.58
N THR K 485 -63.92 -9.17 -24.85
CA THR K 485 -64.37 -7.78 -24.89
C THR K 485 -63.24 -6.83 -24.46
N SER K 486 -62.32 -7.32 -23.63
CA SER K 486 -61.19 -6.51 -23.19
C SER K 486 -60.33 -6.08 -24.37
N ALA K 487 -60.24 -6.91 -25.41
CA ALA K 487 -59.34 -6.64 -26.54
C ALA K 487 -59.72 -5.38 -27.29
N ASN K 494 -55.10 1.48 -25.06
CA ASN K 494 -53.66 1.48 -25.24
C ASN K 494 -53.23 0.30 -26.11
N PRO K 495 -51.93 0.22 -26.39
CA PRO K 495 -51.43 -0.92 -27.18
C PRO K 495 -51.47 -2.22 -26.39
N LEU K 496 -51.26 -2.12 -25.07
CA LEU K 496 -51.06 -3.33 -24.26
C LEU K 496 -52.18 -4.33 -24.43
N GLN K 497 -53.42 -3.87 -24.45
CA GLN K 497 -54.54 -4.78 -24.67
C GLN K 497 -54.63 -5.26 -26.10
N GLN K 498 -54.30 -4.41 -27.08
CA GLN K 498 -54.25 -4.87 -28.46
C GLN K 498 -53.16 -5.93 -28.61
N ILE K 499 -52.00 -5.69 -28.00
CA ILE K 499 -50.93 -6.68 -28.01
C ILE K 499 -51.38 -7.95 -27.31
N CYS K 500 -52.20 -7.81 -26.27
CA CYS K 500 -52.73 -8.98 -25.59
C CYS K 500 -53.60 -9.80 -26.54
N LYS K 501 -54.48 -9.12 -27.27
CA LYS K 501 -55.33 -9.79 -28.25
C LYS K 501 -54.49 -10.53 -29.28
N ILE K 502 -53.50 -9.86 -29.85
CA ILE K 502 -52.70 -10.47 -30.91
C ILE K 502 -51.84 -11.60 -30.35
N LEU K 503 -51.37 -11.46 -29.10
CA LEU K 503 -50.57 -12.51 -28.51
C LEU K 503 -51.40 -13.75 -28.22
N ASN K 504 -52.63 -13.56 -27.77
CA ASN K 504 -53.55 -14.67 -27.62
C ASN K 504 -53.84 -15.35 -28.95
N ALA K 505 -54.01 -14.55 -30.02
CA ALA K 505 -54.24 -15.12 -31.34
C ALA K 505 -53.04 -15.97 -31.76
N HIS K 506 -51.84 -15.44 -31.54
CA HIS K 506 -50.64 -16.23 -31.75
C HIS K 506 -50.71 -17.54 -30.98
N MET K 507 -51.07 -17.47 -29.69
CA MET K 507 -51.15 -18.67 -28.87
C MET K 507 -52.08 -19.71 -29.48
N ASP K 508 -53.28 -19.28 -29.86
CA ASP K 508 -54.28 -20.23 -30.35
C ASP K 508 -53.85 -20.82 -31.69
N SER K 509 -53.39 -19.98 -32.61
CA SER K 509 -52.96 -20.49 -33.90
C SER K 509 -51.79 -21.46 -33.74
N LEU K 510 -50.92 -21.22 -32.75
CA LEU K 510 -49.81 -22.13 -32.52
C LEU K 510 -50.29 -23.47 -32.01
N GLN K 511 -51.24 -23.45 -31.07
CA GLN K 511 -51.86 -24.71 -30.64
C GLN K 511 -52.46 -25.44 -31.83
N TRP K 512 -53.06 -24.70 -32.75
CA TRP K 512 -53.70 -25.32 -33.91
C TRP K 512 -52.67 -25.99 -34.82
N ILE K 513 -51.58 -25.29 -35.12
CA ILE K 513 -50.54 -25.85 -35.98
C ILE K 513 -49.95 -27.11 -35.35
N ASP K 514 -49.68 -27.08 -34.05
CA ASP K 514 -49.08 -28.26 -33.41
C ASP K 514 -50.06 -29.42 -33.36
N GLN K 515 -51.34 -29.14 -33.11
CA GLN K 515 -52.34 -30.20 -33.12
C GLN K 515 -52.44 -30.85 -34.50
N ASN K 516 -52.51 -30.03 -35.55
CA ASN K 516 -52.59 -30.58 -36.90
C ASN K 516 -51.36 -31.42 -37.24
N SER K 517 -50.18 -30.93 -36.85
CA SER K 517 -48.96 -31.69 -37.12
C SER K 517 -48.99 -33.03 -36.40
N ALA K 518 -49.43 -33.04 -35.14
CA ALA K 518 -49.56 -34.30 -34.42
C ALA K 518 -50.54 -35.24 -35.13
N LEU K 519 -51.64 -34.69 -35.62
CA LEU K 519 -52.61 -35.51 -36.36
C LEU K 519 -51.96 -36.18 -37.56
N LEU K 520 -51.17 -35.41 -38.31
CA LEU K 520 -50.51 -35.97 -39.50
C LEU K 520 -49.50 -37.04 -39.13
N GLN K 521 -48.70 -36.78 -38.09
CA GLN K 521 -47.72 -37.77 -37.65
C GLN K 521 -48.41 -39.05 -37.22
N ARG K 522 -49.55 -38.93 -36.54
CA ARG K 522 -50.31 -40.12 -36.16
C ARG K 522 -50.80 -40.87 -37.38
N LYS K 523 -51.41 -40.15 -38.32
CA LYS K 523 -51.93 -40.80 -39.53
C LYS K 523 -50.82 -41.51 -40.28
N VAL K 524 -49.59 -41.00 -40.19
CA VAL K 524 -48.46 -41.70 -40.79
C VAL K 524 -48.08 -42.91 -39.95
N GLU K 525 -48.23 -42.80 -38.63
CA GLU K 525 -47.92 -43.93 -37.76
C GLU K 525 -48.87 -45.09 -38.01
N GLN K 526 -50.06 -44.81 -38.54
CA GLN K 526 -50.99 -45.89 -38.88
C GLN K 526 -50.46 -46.75 -40.01
N VAL K 527 -49.89 -46.12 -41.04
CA VAL K 527 -49.44 -46.83 -42.24
C VAL K 527 -48.53 -48.01 -41.92
N PRO L 282 -59.55 58.20 -84.89
CA PRO L 282 -59.03 57.61 -83.64
C PRO L 282 -60.15 57.04 -82.78
N GLN L 283 -61.36 57.57 -82.93
CA GLN L 283 -62.53 57.07 -82.20
C GLN L 283 -62.60 55.55 -82.21
N LEU L 284 -62.18 54.93 -83.31
CA LEU L 284 -62.12 53.47 -83.38
C LEU L 284 -61.21 52.91 -82.31
N LEU L 285 -60.02 53.49 -82.16
CA LEU L 285 -59.11 53.02 -81.12
C LEU L 285 -59.71 53.21 -79.73
N CYS L 286 -60.41 54.33 -79.50
CA CYS L 286 -60.92 54.66 -78.18
C CYS L 286 -62.31 54.08 -77.95
N GLN L 287 -62.83 53.31 -78.90
CA GLN L 287 -63.99 52.46 -78.62
C GLN L 287 -63.55 51.00 -78.49
N ASP L 288 -62.51 50.61 -79.23
CA ASP L 288 -61.96 49.28 -79.10
C ASP L 288 -61.26 49.11 -77.77
N VAL L 289 -60.71 50.20 -77.22
CA VAL L 289 -60.21 50.15 -75.86
C VAL L 289 -61.28 49.68 -74.90
N GLU L 290 -62.47 50.28 -74.97
CA GLU L 290 -63.56 49.91 -74.08
C GLU L 290 -64.03 48.49 -74.36
N ASN L 291 -64.13 48.11 -75.63
CA ASN L 291 -64.60 46.77 -75.98
C ASN L 291 -63.66 45.69 -75.45
N PHE L 292 -62.35 45.83 -75.74
CA PHE L 292 -61.38 44.84 -75.32
C PHE L 292 -61.30 44.75 -73.81
N GLN L 293 -61.19 45.90 -73.13
CA GLN L 293 -61.18 45.88 -71.67
C GLN L 293 -62.44 45.24 -71.12
N LYS L 294 -63.60 45.48 -71.75
CA LYS L 294 -64.85 44.92 -71.26
C LYS L 294 -64.84 43.40 -71.36
N PHE L 295 -64.43 42.87 -72.51
CA PHE L 295 -64.33 41.42 -72.65
C PHE L 295 -63.36 40.83 -71.64
N VAL L 296 -62.24 41.53 -71.40
CA VAL L 296 -61.25 41.04 -70.44
C VAL L 296 -61.88 40.93 -69.05
N LYS L 297 -62.50 42.02 -68.59
CA LYS L 297 -63.20 41.99 -67.32
C LYS L 297 -64.27 40.90 -67.29
N GLU L 298 -64.93 40.68 -68.43
CA GLU L 298 -65.99 39.67 -68.48
C GLU L 298 -65.43 38.29 -68.18
N GLN L 299 -64.28 37.97 -68.76
CA GLN L 299 -63.68 36.66 -68.47
C GLN L 299 -63.16 36.61 -67.03
N LYS L 300 -62.68 37.74 -66.52
CA LYS L 300 -62.27 37.78 -65.12
C LYS L 300 -63.45 37.53 -64.19
N GLN L 301 -64.66 37.88 -64.63
CA GLN L 301 -65.85 37.62 -63.83
C GLN L 301 -66.05 36.12 -63.63
N VAL L 302 -65.96 35.33 -64.71
CA VAL L 302 -66.07 33.88 -64.59
C VAL L 302 -64.91 33.34 -63.76
N GLN L 303 -63.73 33.97 -63.87
CA GLN L 303 -62.62 33.59 -63.00
C GLN L 303 -63.00 33.72 -61.53
N GLU L 304 -63.59 34.85 -61.17
CA GLU L 304 -64.02 35.05 -59.78
C GLU L 304 -65.12 34.08 -59.40
N GLU L 305 -66.02 33.76 -60.34
CA GLU L 305 -67.08 32.81 -60.05
C GLU L 305 -66.50 31.44 -59.71
N ILE L 306 -65.51 31.01 -60.49
CA ILE L 306 -64.85 29.74 -60.19
C ILE L 306 -64.14 29.81 -58.85
N SER L 307 -63.61 30.99 -58.50
CA SER L 307 -63.03 31.15 -57.17
C SER L 307 -64.09 31.05 -56.08
N ARG L 308 -65.32 31.46 -56.40
CA ARG L 308 -66.38 31.45 -55.40
C ARG L 308 -66.97 30.06 -55.23
N MET L 309 -66.86 29.22 -56.24
CA MET L 309 -67.42 27.87 -56.17
C MET L 309 -66.71 27.01 -55.11
N SER L 310 -65.70 27.55 -54.43
CA SER L 310 -64.79 26.80 -53.57
C SER L 310 -65.47 25.69 -52.79
N SER L 311 -64.82 24.52 -52.73
CA SER L 311 -65.48 23.26 -52.41
C SER L 311 -65.19 22.84 -50.98
N LYS L 312 -66.24 22.40 -50.30
CA LYS L 312 -66.14 21.79 -48.96
C LYS L 312 -66.77 20.41 -48.87
N ALA L 313 -67.81 20.11 -49.65
CA ALA L 313 -68.48 18.81 -49.54
C ALA L 313 -67.54 17.68 -49.96
N MET L 314 -66.78 17.89 -51.02
CA MET L 314 -65.83 16.88 -51.46
C MET L 314 -64.87 16.50 -50.32
N LEU L 315 -64.66 17.41 -49.38
CA LEU L 315 -63.92 17.04 -48.18
C LEU L 315 -64.77 16.17 -47.28
N LYS L 316 -66.09 16.36 -47.28
CA LYS L 316 -66.95 15.58 -46.38
C LYS L 316 -67.15 14.16 -46.88
N VAL L 317 -67.16 13.99 -48.20
CA VAL L 317 -67.48 12.69 -48.77
C VAL L 317 -66.44 11.65 -48.34
N GLN L 318 -65.16 11.95 -48.58
CA GLN L 318 -64.09 11.01 -48.23
C GLN L 318 -64.17 10.57 -46.78
N GLU L 319 -64.50 11.50 -45.88
CA GLU L 319 -64.71 11.11 -44.49
C GLU L 319 -65.89 10.15 -44.35
N ASP L 320 -66.99 10.47 -45.03
CA ASP L 320 -68.16 9.60 -44.96
C ASP L 320 -67.82 8.19 -45.44
N ILE L 321 -67.05 8.10 -46.52
CA ILE L 321 -66.72 6.79 -47.09
C ILE L 321 -65.78 6.04 -46.18
N LYS L 322 -64.79 6.72 -45.61
CA LYS L 322 -63.89 6.07 -44.67
C LYS L 322 -64.65 5.57 -43.45
N ALA L 323 -65.75 6.23 -43.09
CA ALA L 323 -66.56 5.75 -41.98
C ALA L 323 -67.45 4.58 -42.39
N LEU L 324 -68.01 4.64 -43.60
CA LEU L 324 -68.90 3.58 -44.05
C LEU L 324 -68.16 2.28 -44.27
N LYS L 325 -66.88 2.36 -44.65
CA LYS L 325 -66.08 1.15 -44.72
C LYS L 325 -66.03 0.45 -43.38
N GLN L 326 -65.75 1.21 -42.31
CA GLN L 326 -65.73 0.63 -40.98
C GLN L 326 -67.11 0.13 -40.55
N LEU L 327 -68.17 0.80 -41.02
CA LEU L 327 -69.52 0.34 -40.69
C LEU L 327 -69.81 -1.02 -41.30
N LEU L 328 -69.49 -1.18 -42.59
CA LEU L 328 -69.62 -2.48 -43.22
C LEU L 328 -68.75 -3.50 -42.51
N SER L 329 -67.56 -3.09 -42.04
CA SER L 329 -66.70 -4.03 -41.31
C SER L 329 -67.32 -4.45 -39.99
N VAL L 330 -68.02 -3.54 -39.32
CA VAL L 330 -68.71 -3.86 -38.07
C VAL L 330 -69.79 -4.89 -38.33
N ALA L 331 -70.62 -4.64 -39.36
CA ALA L 331 -71.63 -5.63 -39.73
C ALA L 331 -70.99 -6.96 -40.11
N SER L 332 -69.82 -6.90 -40.75
CA SER L 332 -69.12 -8.11 -41.17
C SER L 332 -68.70 -8.95 -39.96
N SER L 333 -68.05 -8.30 -38.99
CA SER L 333 -67.68 -9.00 -37.77
C SER L 333 -68.91 -9.54 -37.05
N GLY L 334 -70.01 -8.78 -37.04
CA GLY L 334 -71.21 -9.26 -36.38
C GLY L 334 -71.75 -10.53 -37.01
N LEU L 335 -71.83 -10.56 -38.33
CA LEU L 335 -72.30 -11.77 -39.01
C LEU L 335 -71.31 -12.92 -38.83
N GLN L 336 -70.02 -12.61 -38.82
CA GLN L 336 -69.02 -13.63 -38.59
C GLN L 336 -69.22 -14.31 -37.24
N ARG L 337 -69.51 -13.51 -36.22
CA ARG L 337 -69.73 -14.09 -34.89
C ARG L 337 -71.05 -14.86 -34.83
N ASN L 338 -72.13 -14.31 -35.38
CA ASN L 338 -73.40 -15.01 -35.35
C ASN L 338 -73.35 -16.33 -36.11
N ALA L 339 -72.46 -16.44 -37.09
CA ALA L 339 -72.32 -17.69 -37.84
C ALA L 339 -71.91 -18.85 -36.93
N LEU L 340 -70.95 -18.60 -36.04
CA LEU L 340 -70.48 -19.66 -35.14
C LEU L 340 -71.54 -20.02 -34.12
N ALA L 341 -72.31 -19.04 -33.64
CA ALA L 341 -73.45 -19.34 -32.79
C ALA L 341 -74.42 -20.26 -33.51
N ILE L 342 -74.67 -19.98 -34.79
CA ILE L 342 -75.52 -20.85 -35.59
C ILE L 342 -74.95 -22.25 -35.65
N ASP L 343 -73.64 -22.38 -35.89
CA ASP L 343 -73.00 -23.69 -35.96
C ASP L 343 -73.19 -24.47 -34.67
N LYS L 344 -72.95 -23.83 -33.53
CA LYS L 344 -73.06 -24.52 -32.25
C LYS L 344 -74.49 -24.92 -31.92
N LEU L 345 -75.44 -23.99 -32.11
CA LEU L 345 -76.84 -24.32 -31.85
C LEU L 345 -77.31 -25.45 -32.75
N LYS L 346 -76.89 -25.44 -34.02
CA LYS L 346 -77.21 -26.54 -34.92
C LYS L 346 -76.61 -27.85 -34.41
N ILE L 347 -75.39 -27.81 -33.88
CA ILE L 347 -74.77 -29.03 -33.34
C ILE L 347 -75.60 -29.59 -32.20
N GLU L 348 -76.03 -28.72 -31.28
CA GLU L 348 -76.81 -29.18 -30.13
C GLU L 348 -78.16 -29.74 -30.57
N THR L 349 -78.84 -29.02 -31.48
CA THR L 349 -80.14 -29.50 -31.97
C THR L 349 -79.99 -30.84 -32.68
N ALA L 350 -78.89 -31.03 -33.42
CA ALA L 350 -78.66 -32.30 -34.10
C ALA L 350 -78.42 -33.42 -33.10
N GLU L 351 -77.69 -33.11 -32.02
CA GLU L 351 -77.53 -34.09 -30.95
C GLU L 351 -78.88 -34.52 -30.40
N GLU L 352 -79.73 -33.55 -30.08
CA GLU L 352 -81.08 -33.86 -29.61
C GLU L 352 -81.84 -34.70 -30.63
N LEU L 353 -81.69 -34.41 -31.93
CA LEU L 353 -82.46 -35.11 -32.95
C LEU L 353 -82.06 -36.57 -33.06
N LYS L 354 -80.76 -36.84 -33.08
CA LYS L 354 -80.32 -38.23 -33.08
C LYS L 354 -80.80 -38.95 -31.82
N ASN L 355 -80.71 -38.29 -30.67
CA ASN L 355 -81.20 -38.87 -29.43
C ASN L 355 -82.68 -39.26 -29.55
N ALA L 356 -83.49 -38.36 -30.10
CA ALA L 356 -84.92 -38.63 -30.21
C ALA L 356 -85.20 -39.75 -31.20
N GLU L 357 -84.42 -39.84 -32.29
CA GLU L 357 -84.64 -40.91 -33.25
C GLU L 357 -84.37 -42.27 -32.62
N ILE L 358 -83.23 -42.42 -31.95
CA ILE L 358 -82.95 -43.68 -31.27
C ILE L 358 -83.97 -43.95 -30.18
N ALA L 359 -84.48 -42.87 -29.55
CA ALA L 359 -85.52 -43.02 -28.55
C ALA L 359 -86.78 -43.61 -29.15
N LEU L 360 -87.17 -43.13 -30.33
CA LEU L 360 -88.34 -43.68 -31.02
C LEU L 360 -88.13 -45.16 -31.34
N ARG L 361 -86.92 -45.52 -31.81
CA ARG L 361 -86.65 -46.92 -32.08
C ARG L 361 -86.81 -47.78 -30.82
N THR L 362 -86.18 -47.36 -29.73
CA THR L 362 -86.29 -48.12 -28.48
C THR L 362 -87.73 -48.18 -28.00
N GLN L 363 -88.50 -47.10 -28.18
CA GLN L 363 -89.90 -47.11 -27.80
C GLN L 363 -90.67 -48.17 -28.58
N LYS L 364 -90.52 -48.18 -29.91
CA LYS L 364 -91.21 -49.19 -30.71
C LYS L 364 -90.73 -50.60 -30.35
N THR L 365 -89.55 -50.71 -29.75
CA THR L 365 -89.13 -51.99 -29.19
C THR L 365 -89.80 -52.32 -27.87
N PRO L 366 -90.04 -51.37 -26.96
CA PRO L 366 -90.59 -51.71 -25.64
C PRO L 366 -92.07 -52.07 -25.72
N PRO L 367 -92.90 -51.19 -26.31
CA PRO L 367 -94.36 -51.34 -26.37
C PRO L 367 -94.82 -52.65 -27.00
N ASN L 373 -82.32 -52.23 -14.34
CA ASN L 373 -82.00 -50.93 -13.77
C ASN L 373 -80.55 -50.52 -14.04
N THR L 374 -79.77 -51.43 -14.64
CA THR L 374 -78.34 -51.20 -14.79
C THR L 374 -78.06 -49.99 -15.68
N ALA L 375 -78.90 -49.77 -16.70
CA ALA L 375 -78.67 -48.66 -17.61
C ALA L 375 -78.73 -47.30 -16.94
N PRO L 376 -79.71 -47.00 -16.07
CA PRO L 376 -79.73 -45.66 -15.45
C PRO L 376 -78.57 -45.42 -14.50
N ALA L 377 -78.19 -46.42 -13.71
CA ALA L 377 -77.01 -46.28 -12.85
C ALA L 377 -75.75 -46.06 -13.66
N ASP L 378 -75.62 -46.78 -14.78
CA ASP L 378 -74.47 -46.57 -15.66
C ASP L 378 -74.46 -45.17 -16.25
N TYR L 379 -75.63 -44.67 -16.64
CA TYR L 379 -75.69 -43.30 -17.17
C TYR L 379 -75.34 -42.29 -16.09
N PHE L 380 -75.77 -42.53 -14.85
CA PHE L 380 -75.38 -41.65 -13.75
C PHE L 380 -73.87 -41.66 -13.54
N HIS L 381 -73.25 -42.84 -13.56
CA HIS L 381 -71.80 -42.91 -13.40
C HIS L 381 -71.08 -42.22 -14.55
N THR L 382 -71.63 -42.33 -15.77
CA THR L 382 -71.07 -41.59 -16.89
C THR L 382 -71.19 -40.08 -16.67
N LEU L 383 -72.31 -39.65 -16.10
CA LEU L 383 -72.48 -38.24 -15.74
C LEU L 383 -71.46 -37.84 -14.68
N VAL L 384 -71.04 -38.80 -13.86
CA VAL L 384 -69.93 -38.56 -12.94
C VAL L 384 -68.65 -38.29 -13.72
N GLN L 385 -68.31 -39.21 -14.63
CA GLN L 385 -67.05 -39.13 -15.35
C GLN L 385 -66.94 -37.83 -16.14
N GLN L 386 -68.01 -37.47 -16.84
CA GLN L 386 -68.06 -36.25 -17.64
C GLN L 386 -67.58 -35.02 -16.85
N PHE L 387 -68.12 -34.84 -15.65
CA PHE L 387 -67.76 -33.66 -14.85
C PHE L 387 -66.44 -33.83 -14.14
N GLU L 388 -65.98 -35.08 -13.97
CA GLU L 388 -64.72 -35.30 -13.26
C GLU L 388 -63.63 -34.38 -13.77
N VAL L 389 -63.41 -34.35 -15.08
CA VAL L 389 -62.37 -33.49 -15.64
C VAL L 389 -62.82 -32.04 -15.65
N GLN L 390 -64.13 -31.79 -15.75
CA GLN L 390 -64.60 -30.42 -15.92
C GLN L 390 -64.40 -29.59 -14.65
N LEU L 391 -64.49 -30.25 -13.49
CA LEU L 391 -64.15 -29.55 -12.24
C LEU L 391 -62.72 -29.04 -12.29
N GLN L 392 -61.79 -29.84 -12.84
CA GLN L 392 -60.40 -29.41 -12.92
C GLN L 392 -60.22 -28.36 -14.01
N GLN L 393 -61.02 -28.45 -15.08
CA GLN L 393 -61.03 -27.38 -16.06
C GLN L 393 -61.40 -26.05 -15.42
N TYR L 394 -62.43 -26.08 -14.57
CA TYR L 394 -62.82 -24.88 -13.82
C TYR L 394 -61.69 -24.40 -12.93
N ARG L 395 -61.05 -25.31 -12.20
CA ARG L 395 -59.97 -24.92 -11.30
C ARG L 395 -58.80 -24.30 -12.06
N GLN L 396 -58.46 -24.88 -13.22
CA GLN L 396 -57.37 -24.34 -14.01
C GLN L 396 -57.71 -22.96 -14.56
N GLN L 397 -58.93 -22.82 -15.11
CA GLN L 397 -59.36 -21.52 -15.59
C GLN L 397 -59.42 -20.49 -14.47
N ILE L 398 -59.69 -20.93 -13.24
CA ILE L 398 -59.77 -19.99 -12.13
C ILE L 398 -58.38 -19.55 -11.71
N GLU L 399 -57.44 -20.48 -11.64
CA GLU L 399 -56.07 -20.08 -11.36
C GLU L 399 -55.53 -19.17 -12.44
N GLU L 400 -55.95 -19.38 -13.69
CA GLU L 400 -55.54 -18.49 -14.76
C GLU L 400 -56.23 -17.14 -14.67
N LEU L 401 -57.48 -17.10 -14.19
CA LEU L 401 -58.16 -15.83 -14.00
C LEU L 401 -57.44 -14.99 -12.95
N GLU L 402 -57.08 -15.62 -11.82
CA GLU L 402 -56.28 -14.94 -10.83
C GLU L 402 -54.95 -14.46 -11.41
N ASN L 403 -54.30 -15.29 -12.25
CA ASN L 403 -53.02 -14.89 -12.82
C ASN L 403 -53.17 -13.68 -13.74
N HIS L 404 -54.17 -13.70 -14.62
CA HIS L 404 -54.34 -12.59 -15.56
C HIS L 404 -54.82 -11.34 -14.85
N LEU L 405 -55.58 -11.51 -13.77
CA LEU L 405 -55.96 -10.35 -12.98
C LEU L 405 -54.73 -9.72 -12.33
N ALA L 406 -53.86 -10.55 -11.77
CA ALA L 406 -52.62 -10.02 -11.21
C ALA L 406 -51.79 -9.33 -12.27
N THR L 407 -51.76 -9.89 -13.48
CA THR L 407 -50.96 -9.30 -14.55
C THR L 407 -51.55 -7.97 -15.02
N GLN L 408 -52.88 -7.88 -15.09
CA GLN L 408 -53.51 -6.63 -15.48
C GLN L 408 -53.35 -5.58 -14.40
N SER L 409 -53.21 -6.00 -13.14
CA SER L 409 -52.80 -5.07 -12.09
C SER L 409 -51.41 -4.49 -12.40
N ASN L 410 -50.56 -5.28 -13.04
CA ASN L 410 -49.28 -4.75 -13.50
C ASN L 410 -49.43 -4.07 -14.85
N THR L 411 -50.52 -4.38 -15.55
CA THR L 411 -50.80 -3.82 -16.90
C THR L 411 -50.83 -2.29 -16.84
N LEU L 412 -50.53 -1.71 -15.68
CA LEU L 412 -50.55 -0.22 -15.51
C LEU L 412 -49.50 0.41 -16.44
N HIS L 413 -48.29 -0.17 -16.50
CA HIS L 413 -47.22 0.39 -17.36
C HIS L 413 -46.17 -0.70 -17.71
N LEU L 414 -45.30 -1.00 -16.74
CA LEU L 414 -44.38 -2.18 -16.66
C LEU L 414 -43.13 -1.97 -17.52
N SER L 415 -42.25 -2.98 -17.58
CA SER L 415 -41.00 -2.90 -18.37
C SER L 415 -41.05 -3.89 -19.54
N PRO L 416 -40.84 -3.41 -20.93
CA PRO L 416 -40.78 -3.80 -22.35
C PRO L 416 -40.09 -5.13 -22.59
N GLN L 417 -39.39 -5.67 -21.59
CA GLN L 417 -38.53 -6.83 -21.81
C GLN L 417 -39.32 -8.12 -21.92
N ASP L 418 -40.37 -8.26 -21.09
CA ASP L 418 -41.18 -9.47 -21.11
C ASP L 418 -41.62 -9.83 -22.52
N LEU L 419 -41.94 -8.82 -23.33
CA LEU L 419 -42.26 -9.06 -24.72
C LEU L 419 -41.09 -9.72 -25.44
N SER L 420 -39.87 -9.26 -25.16
CA SER L 420 -38.70 -9.88 -25.78
C SER L 420 -38.58 -11.34 -25.36
N MET L 421 -38.82 -11.62 -24.08
CA MET L 421 -38.79 -13.00 -23.60
C MET L 421 -39.80 -13.85 -24.35
N ALA L 422 -41.02 -13.33 -24.49
CA ALA L 422 -42.07 -14.09 -25.16
C ALA L 422 -41.75 -14.26 -26.65
N MET L 423 -41.07 -13.30 -27.24
CA MET L 423 -40.70 -13.42 -28.65
C MET L 423 -39.64 -14.51 -28.85
N GLN L 424 -38.67 -14.58 -27.94
CA GLN L 424 -37.67 -15.65 -28.05
C GLN L 424 -38.31 -17.02 -27.83
N LYS L 425 -39.17 -17.13 -26.83
CA LYS L 425 -39.88 -18.40 -26.64
C LYS L 425 -40.80 -18.69 -27.81
N LEU L 426 -41.29 -17.65 -28.49
CA LEU L 426 -42.13 -17.84 -29.67
C LEU L 426 -41.33 -18.41 -30.83
N TYR L 427 -40.13 -17.90 -31.04
CA TYR L 427 -39.28 -18.47 -32.07
C TYR L 427 -38.89 -19.91 -31.75
N GLN L 428 -38.64 -20.22 -30.47
CA GLN L 428 -38.33 -21.60 -30.11
C GLN L 428 -39.53 -22.51 -30.31
N THR L 429 -40.72 -22.01 -29.95
CA THR L 429 -41.94 -22.77 -30.13
C THR L 429 -42.17 -23.06 -31.60
N PHE L 430 -42.13 -22.03 -32.45
CA PHE L 430 -42.34 -22.25 -33.87
C PHE L 430 -41.27 -23.16 -34.47
N VAL L 431 -40.06 -23.12 -33.91
CA VAL L 431 -39.00 -23.98 -34.43
C VAL L 431 -39.29 -25.44 -34.13
N ALA L 432 -39.53 -25.77 -32.85
CA ALA L 432 -39.86 -27.15 -32.52
C ALA L 432 -41.16 -27.59 -33.16
N LEU L 433 -42.05 -26.64 -33.44
CA LEU L 433 -43.28 -26.97 -34.14
C LEU L 433 -43.00 -27.29 -35.60
N ALA L 434 -42.07 -26.56 -36.21
CA ALA L 434 -41.61 -26.93 -37.54
C ALA L 434 -40.96 -28.30 -37.51
N ALA L 435 -40.29 -28.63 -36.42
CA ALA L 435 -39.76 -29.99 -36.25
C ALA L 435 -40.88 -31.01 -36.29
N GLN L 436 -41.93 -30.77 -35.50
CA GLN L 436 -43.08 -31.67 -35.49
C GLN L 436 -43.71 -31.79 -36.87
N LEU L 437 -43.97 -30.65 -37.52
CA LEU L 437 -44.69 -30.67 -38.78
C LEU L 437 -43.84 -31.29 -39.89
N GLN L 438 -42.56 -30.93 -39.94
CA GLN L 438 -41.67 -31.54 -40.90
C GLN L 438 -41.57 -33.04 -40.67
N ALA L 439 -41.59 -33.47 -39.42
CA ALA L 439 -41.56 -34.90 -39.10
C ALA L 439 -42.79 -35.60 -39.63
N VAL L 440 -43.96 -35.01 -39.41
CA VAL L 440 -45.21 -35.60 -39.90
C VAL L 440 -45.22 -35.67 -41.41
N ASN L 441 -44.81 -34.57 -42.06
CA ASN L 441 -44.73 -34.55 -43.51
C ASN L 441 -43.82 -35.66 -44.02
N GLU L 442 -42.62 -35.79 -43.45
CA GLU L 442 -41.66 -36.75 -43.95
C GLU L 442 -42.15 -38.18 -43.73
N ASN L 443 -42.83 -38.45 -42.61
CA ASN L 443 -43.32 -39.79 -42.36
C ASN L 443 -44.49 -40.13 -43.29
N PHE L 444 -45.35 -39.16 -43.56
CA PHE L 444 -46.45 -39.44 -44.48
C PHE L 444 -45.94 -39.59 -45.90
N LYS L 445 -44.85 -38.90 -46.24
CA LYS L 445 -44.25 -39.09 -47.56
C LYS L 445 -43.61 -40.46 -47.68
N MET L 446 -42.97 -40.93 -46.61
CA MET L 446 -42.48 -42.31 -46.61
C MET L 446 -43.63 -43.30 -46.77
N LEU L 447 -44.78 -43.00 -46.16
CA LEU L 447 -45.94 -43.88 -46.32
C LEU L 447 -46.42 -43.92 -47.76
N LYS L 448 -46.64 -42.75 -48.37
CA LYS L 448 -47.12 -42.70 -49.74
C LYS L 448 -46.11 -43.29 -50.70
N GLU L 449 -44.82 -43.26 -50.33
CA GLU L 449 -43.83 -44.03 -51.06
C GLU L 449 -44.10 -45.52 -50.93
N GLN L 450 -44.27 -46.00 -49.69
CA GLN L 450 -44.53 -47.42 -49.46
C GLN L 450 -45.79 -47.87 -50.19
N TYR L 451 -46.65 -46.93 -50.58
CA TYR L 451 -47.85 -47.31 -51.32
C TYR L 451 -47.51 -47.76 -52.73
N LEU L 452 -46.94 -46.86 -53.53
CA LEU L 452 -46.69 -47.15 -54.94
C LEU L 452 -45.61 -48.21 -55.11
N ALA M 18 -17.41 86.47 140.09
CA ALA M 18 -17.28 86.73 138.66
C ALA M 18 -15.81 86.70 138.24
N LEU M 19 -14.98 87.45 138.95
CA LEU M 19 -13.56 87.52 138.60
C LEU M 19 -12.79 86.28 139.05
N GLU M 20 -12.98 85.87 140.31
CA GLU M 20 -12.18 84.78 140.85
C GLU M 20 -12.44 83.47 140.12
N GLY M 21 -13.69 83.24 139.68
CA GLY M 21 -13.98 82.02 138.94
C GLY M 21 -13.28 81.98 137.60
N ALA M 22 -13.33 83.10 136.86
CA ALA M 22 -12.58 83.20 135.61
C ALA M 22 -11.10 82.98 135.84
N GLY M 23 -10.58 83.51 136.96
CA GLY M 23 -9.18 83.30 137.27
C GLY M 23 -8.82 81.84 137.50
N ARG M 24 -9.64 81.15 138.31
CA ARG M 24 -9.40 79.73 138.55
C ARG M 24 -9.49 78.94 137.25
N ILE M 25 -10.45 79.27 136.40
CA ILE M 25 -10.61 78.55 135.14
C ILE M 25 -9.42 78.81 134.22
N ILE M 26 -8.91 80.05 134.22
CA ILE M 26 -7.77 80.38 133.37
C ILE M 26 -6.51 79.67 133.86
N ASP M 27 -6.30 79.64 135.18
CA ASP M 27 -5.15 78.92 135.72
C ASP M 27 -5.25 77.42 135.42
N ARG M 28 -6.45 76.85 135.53
CA ARG M 28 -6.65 75.45 135.21
C ARG M 28 -6.35 75.18 133.74
N LEU M 29 -6.86 76.04 132.85
CA LEU M 29 -6.62 75.86 131.42
C LEU M 29 -5.14 76.00 131.09
N LEU M 30 -4.44 76.91 131.78
CA LEU M 30 -3.01 77.04 131.56
C LEU M 30 -2.27 75.77 131.98
N GLN M 31 -2.62 75.24 133.15
CA GLN M 31 -2.01 73.98 133.59
C GLN M 31 -2.30 72.87 132.59
N GLU M 32 -3.51 72.87 132.00
CA GLU M 32 -3.83 71.87 130.98
C GLU M 32 -2.93 72.04 129.76
N ASP M 33 -2.93 73.23 129.18
CA ASP M 33 -2.11 73.50 127.99
C ASP M 33 -0.63 73.32 128.26
N ARG M 34 -0.22 73.24 129.52
CA ARG M 34 1.16 72.91 129.86
C ARG M 34 1.40 71.42 130.05
N ALA M 35 0.35 70.60 130.02
CA ALA M 35 0.44 69.20 130.40
C ALA M 35 0.67 68.27 129.23
N TYR M 36 1.16 68.78 128.11
CA TYR M 36 1.45 67.86 127.01
C TYR M 36 2.62 66.95 127.38
N PRO M 37 2.65 65.74 126.86
CA PRO M 37 3.71 64.80 127.24
C PRO M 37 5.01 65.05 126.49
N ASP M 38 6.08 64.47 127.04
CA ASP M 38 7.37 64.52 126.37
C ASP M 38 7.45 63.45 125.28
N LEU M 39 8.40 63.63 124.37
CA LEU M 39 8.50 62.73 123.22
C LEU M 39 8.73 61.28 123.65
N SER M 40 9.41 61.09 124.78
CA SER M 40 9.54 59.74 125.31
C SER M 40 8.19 59.17 125.71
N GLU M 41 7.30 60.01 126.24
CA GLU M 41 5.98 59.52 126.63
C GLU M 41 5.12 59.23 125.41
N LEU M 42 5.20 60.09 124.39
CA LEU M 42 4.38 59.89 123.19
C LEU M 42 4.71 58.57 122.52
N LEU M 43 5.98 58.20 122.49
CA LEU M 43 6.38 56.88 122.01
C LEU M 43 6.23 55.81 123.07
N ASN M 44 5.71 56.17 124.25
CA ASN M 44 5.39 55.21 125.31
C ASN M 44 6.63 54.52 125.86
N VAL M 45 7.65 55.30 126.18
CA VAL M 45 8.87 54.78 126.80
C VAL M 45 8.98 55.40 128.19
N PRO M 46 8.88 54.61 129.26
CA PRO M 46 9.04 55.20 130.60
C PRO M 46 10.49 55.25 131.06
N VAL M 47 11.36 54.37 130.54
CA VAL M 47 12.73 54.28 130.99
C VAL M 47 13.64 54.03 129.79
N HIS M 48 14.86 54.56 129.87
CA HIS M 48 15.78 54.51 128.73
C HIS M 48 16.28 53.10 128.44
N THR M 49 15.94 52.12 129.29
CA THR M 49 16.43 50.77 129.11
C THR M 49 15.39 49.82 128.52
N CYS M 50 14.15 50.28 128.33
CA CYS M 50 13.06 49.45 127.82
C CYS M 50 12.69 49.93 126.42
N PRO M 51 13.47 49.59 125.41
CA PRO M 51 13.17 50.06 124.05
C PRO M 51 11.84 49.50 123.57
N THR M 52 11.01 50.39 123.02
CA THR M 52 9.66 50.04 122.63
C THR M 52 9.50 50.19 121.13
N ILE M 53 8.29 49.88 120.66
CA ILE M 53 7.98 49.91 119.23
C ILE M 53 6.64 50.61 119.05
N SER M 54 6.53 51.39 117.98
CA SER M 54 5.29 52.04 117.63
C SER M 54 5.21 52.13 116.11
N GLY M 55 4.01 52.43 115.60
CA GLY M 55 3.78 52.39 114.18
C GLY M 55 3.47 51.02 113.63
N VAL M 56 2.96 50.10 114.46
CA VAL M 56 2.65 48.75 114.00
C VAL M 56 1.16 48.52 113.84
N SER M 57 0.31 49.26 114.54
CA SER M 57 -1.13 49.15 114.39
C SER M 57 -1.67 50.39 113.69
N GLU M 58 -2.91 50.29 113.21
CA GLU M 58 -3.51 51.40 112.48
C GLU M 58 -3.63 52.66 113.33
N MET M 59 -3.67 52.51 114.66
CA MET M 59 -3.83 53.66 115.55
C MET M 59 -2.66 54.62 115.46
N ASP M 60 -1.53 54.21 114.88
CA ASP M 60 -0.43 55.13 114.67
C ASP M 60 -0.77 56.18 113.62
N TYR M 61 -1.63 55.86 112.66
CA TYR M 61 -2.00 56.78 111.59
C TYR M 61 -3.52 56.80 111.48
N PRO M 62 -4.20 57.44 112.44
CA PRO M 62 -5.67 57.51 112.37
C PRO M 62 -6.21 58.11 111.09
N LEU M 63 -5.39 58.78 110.30
CA LEU M 63 -5.81 59.32 109.02
C LEU M 63 -5.62 58.34 107.87
N GLN M 64 -5.19 57.11 108.16
CA GLN M 64 -5.03 56.13 107.10
C GLN M 64 -6.31 55.35 106.85
N SER M 65 -7.06 55.05 107.90
CA SER M 65 -8.24 54.21 107.69
C SER M 65 -9.48 55.09 107.62
N PRO M 66 -10.35 54.83 106.65
CA PRO M 66 -11.50 55.72 106.46
C PRO M 66 -12.65 55.47 107.44
N GLY M 67 -12.75 56.28 108.47
CA GLY M 67 -14.00 56.37 109.23
C GLY M 67 -14.00 57.41 110.33
N LEU M 68 -15.01 58.29 110.30
CA LEU M 68 -15.42 59.14 111.41
C LEU M 68 -14.41 60.22 111.77
N LEU M 69 -13.23 60.19 111.19
CA LEU M 69 -12.17 61.11 111.58
C LEU M 69 -11.41 61.69 110.40
N THR M 70 -11.52 61.10 109.22
CA THR M 70 -10.73 61.54 108.08
C THR M 70 -11.42 62.70 107.38
N ILE M 71 -10.75 63.86 107.38
CA ILE M 71 -11.18 65.00 106.59
C ILE M 71 -10.32 65.01 105.33
N PRO M 72 -10.76 64.36 104.25
CA PRO M 72 -9.84 64.07 103.14
C PRO M 72 -9.14 65.29 102.56
N SER M 73 -9.82 66.43 102.49
CA SER M 73 -9.25 67.61 101.87
C SER M 73 -8.49 68.50 102.84
N LEU M 74 -8.28 68.05 104.07
CA LEU M 74 -7.54 68.86 105.04
C LEU M 74 -6.07 68.86 104.68
N PRO M 75 -5.54 69.96 104.16
CA PRO M 75 -4.15 69.97 103.70
C PRO M 75 -3.18 69.96 104.87
N GLU M 76 -2.20 69.05 104.81
CA GLU M 76 -1.09 69.07 105.74
C GLU M 76 0.09 69.85 105.20
N ILE M 77 0.50 69.55 103.97
CA ILE M 77 1.54 70.29 103.29
C ILE M 77 0.89 71.27 102.33
N SER M 78 1.22 72.54 102.48
CA SER M 78 0.69 73.56 101.60
C SER M 78 1.17 73.32 100.17
N ALA M 79 0.55 74.02 99.22
CA ALA M 79 0.99 73.96 97.84
C ALA M 79 2.46 74.37 97.75
N ILE M 80 3.23 73.58 97.02
CA ILE M 80 4.65 73.85 96.87
C ILE M 80 4.83 74.96 95.84
N ARG M 81 5.50 76.04 96.24
CA ARG M 81 5.78 77.14 95.34
C ARG M 81 7.15 76.95 94.72
N ARG M 82 7.22 76.92 93.40
CA ARG M 82 8.45 76.65 92.66
C ARG M 82 9.16 77.96 92.33
N VAL M 83 10.49 77.90 92.26
CA VAL M 83 11.28 79.02 91.78
C VAL M 83 12.42 78.43 90.95
N PRO M 84 12.51 78.75 89.67
CA PRO M 84 13.51 78.09 88.82
C PRO M 84 14.92 78.47 89.24
N LEU M 85 15.87 77.58 88.93
CA LEU M 85 17.26 77.86 89.22
C LEU M 85 17.71 79.08 88.43
N PRO M 86 18.63 79.88 88.98
CA PRO M 86 19.19 80.99 88.22
C PRO M 86 19.78 80.51 86.91
N PRO M 87 19.21 80.94 85.77
CA PRO M 87 19.65 80.38 84.49
C PRO M 87 21.14 80.45 84.24
N GLU M 88 21.84 81.35 84.94
CA GLU M 88 23.30 81.30 84.90
C GLU M 88 23.81 79.91 85.26
N LEU M 89 23.16 79.25 86.22
CA LEU M 89 23.52 77.88 86.53
C LEU M 89 23.18 76.94 85.38
N ILE M 90 22.06 77.17 84.70
CA ILE M 90 21.68 76.34 83.56
C ILE M 90 22.68 76.50 82.42
N GLU M 91 23.42 77.62 82.42
CA GLU M 91 24.43 77.82 81.40
C GLU M 91 25.78 77.27 81.85
N GLN M 92 26.10 77.37 83.13
CA GLN M 92 27.37 76.84 83.62
C GLN M 92 27.38 75.32 83.63
N PHE M 93 26.22 74.70 83.82
CA PHE M 93 26.16 73.24 83.87
C PHE M 93 26.67 72.62 82.57
N GLY M 94 26.61 73.36 81.46
CA GLY M 94 27.23 72.89 80.23
C GLY M 94 28.74 72.90 80.26
N HIS M 95 29.32 73.65 81.21
CA HIS M 95 30.77 73.66 81.40
C HIS M 95 31.21 72.82 82.59
N MET M 96 30.28 72.17 83.27
CA MET M 96 30.63 71.34 84.42
C MET M 96 31.53 70.19 83.98
N GLN M 97 32.65 70.03 84.67
CA GLN M 97 33.65 69.04 84.28
C GLN M 97 33.59 67.78 85.14
N CYS M 98 33.75 67.92 86.45
CA CYS M 98 34.00 66.75 87.28
C CYS M 98 32.96 66.57 88.38
N ASN M 99 32.41 67.66 88.89
CA ASN M 99 31.51 67.57 90.03
C ASN M 99 30.41 68.61 89.91
N CYS M 100 29.23 68.25 90.41
CA CYS M 100 28.10 69.16 90.46
C CYS M 100 27.39 68.94 91.78
N MET M 101 27.29 70.00 92.58
CA MET M 101 26.64 69.88 93.88
C MET M 101 25.67 71.03 94.07
N MET M 102 24.64 70.80 94.87
CA MET M 102 23.69 71.84 95.22
C MET M 102 23.44 71.76 96.72
N GLY M 103 22.96 72.86 97.28
CA GLY M 103 22.71 72.87 98.71
C GLY M 103 21.94 74.10 99.13
N VAL M 104 21.58 74.13 100.41
CA VAL M 104 20.81 75.22 100.97
C VAL M 104 21.56 75.80 102.16
N PHE M 105 21.79 77.11 102.13
CA PHE M 105 22.24 77.90 103.27
C PHE M 105 21.02 78.71 103.69
N PRO M 106 20.22 78.22 104.62
CA PRO M 106 18.92 78.87 104.90
C PRO M 106 19.03 80.14 105.73
N GLU M 107 19.93 80.19 106.71
CA GLU M 107 19.98 81.33 107.62
C GLU M 107 20.29 82.64 106.90
N ILE M 108 20.75 82.58 105.65
CA ILE M 108 20.99 83.77 104.84
C ILE M 108 20.11 83.80 103.60
N SER M 109 19.02 83.03 103.60
CA SER M 109 18.09 82.98 102.46
C SER M 109 18.83 82.70 101.16
N ARG M 110 19.64 81.65 101.16
CA ARG M 110 20.51 81.35 100.03
C ARG M 110 20.45 79.88 99.65
N ALA M 111 20.46 79.62 98.35
CA ALA M 111 20.81 78.32 97.81
C ALA M 111 22.17 78.42 97.14
N TRP M 112 22.84 77.28 96.98
CA TRP M 112 24.18 77.26 96.44
C TRP M 112 24.31 76.14 95.42
N LEU M 113 25.12 76.39 94.41
CA LEU M 113 25.44 75.41 93.38
C LEU M 113 26.94 75.46 93.13
N THR M 114 27.62 74.35 93.38
CA THR M 114 29.06 74.25 93.19
C THR M 114 29.34 73.47 91.91
N ILE M 115 29.95 74.14 90.94
CA ILE M 115 30.55 73.50 89.79
C ILE M 115 32.04 73.41 90.11
N ASP M 116 32.75 72.54 89.38
CA ASP M 116 34.06 72.01 89.77
C ASP M 116 34.94 73.03 90.49
N SER M 117 35.14 74.21 89.90
CA SER M 117 35.91 75.26 90.54
C SER M 117 35.06 76.37 91.13
N ASP M 118 33.93 76.70 90.51
CA ASP M 118 33.19 77.90 90.85
C ASP M 118 32.04 77.59 91.78
N ILE M 119 31.91 78.39 92.82
CA ILE M 119 30.76 78.33 93.72
C ILE M 119 29.80 79.43 93.32
N PHE M 120 28.51 79.12 93.32
CA PHE M 120 27.48 80.10 93.01
C PHE M 120 26.50 80.14 94.17
N MET M 121 26.16 81.35 94.61
CA MET M 121 25.17 81.54 95.66
C MET M 121 24.09 82.43 95.11
N TRP M 122 22.83 82.05 95.34
CA TRP M 122 21.70 82.78 94.80
C TRP M 122 20.58 82.77 95.81
N ASN M 123 19.60 83.64 95.60
CA ASN M 123 18.43 83.66 96.46
C ASN M 123 17.39 82.72 95.90
N TYR M 124 17.24 81.55 96.53
CA TYR M 124 16.27 80.57 96.06
C TYR M 124 14.83 81.02 96.28
N GLU M 125 14.62 82.05 97.10
CA GLU M 125 13.26 82.54 97.29
C GLU M 125 12.73 83.22 96.03
N ASP M 126 13.60 83.88 95.27
CA ASP M 126 13.19 84.55 94.04
C ASP M 126 14.14 84.37 92.86
N GLY M 127 15.27 83.69 93.02
CA GLY M 127 16.16 83.45 91.91
C GLY M 127 17.18 84.55 91.63
N GLY M 128 17.17 85.64 92.39
CA GLY M 128 18.04 86.76 92.13
C GLY M 128 19.20 86.85 93.11
N ASP M 129 19.86 88.01 93.09
CA ASP M 129 21.00 88.30 93.96
C ASP M 129 22.15 87.30 93.72
N LEU M 130 22.52 87.16 92.46
CA LEU M 130 23.50 86.15 92.04
C LEU M 130 24.90 86.60 92.42
N ALA M 131 25.61 85.74 93.17
CA ALA M 131 27.01 85.94 93.49
C ALA M 131 27.81 84.71 93.10
N TYR M 132 29.03 84.94 92.63
CA TYR M 132 29.90 83.87 92.18
C TYR M 132 31.26 84.00 92.85
N TYR M 133 31.93 82.86 93.00
CA TYR M 133 33.27 82.81 93.57
C TYR M 133 34.09 81.82 92.76
N ASP M 134 35.08 82.34 92.02
CA ASP M 134 35.88 81.52 91.13
C ASP M 134 37.36 81.55 91.50
N GLY M 135 37.68 81.92 92.73
CA GLY M 135 39.05 81.94 93.20
C GLY M 135 39.61 80.61 93.60
N LEU M 136 39.03 79.50 93.14
CA LEU M 136 39.47 78.16 93.50
C LEU M 136 40.33 77.58 92.40
N SER M 137 41.10 76.53 92.74
CA SER M 137 41.97 75.87 91.79
C SER M 137 41.69 74.40 91.62
N GLU M 138 41.12 73.73 92.62
CA GLU M 138 40.85 72.30 92.56
C GLU M 138 39.36 72.04 92.75
N THR M 139 38.94 70.83 92.37
CA THR M 139 37.53 70.48 92.41
C THR M 139 36.95 70.70 93.80
N ILE M 140 35.70 71.17 93.84
CA ILE M 140 35.05 71.45 95.11
C ILE M 140 34.48 70.15 95.69
N LEU M 141 34.66 69.97 96.99
CA LEU M 141 34.17 68.78 97.69
C LEU M 141 33.10 69.06 98.73
N SER M 142 33.18 70.19 99.43
CA SER M 142 32.17 70.51 100.43
C SER M 142 32.15 72.01 100.67
N VAL M 143 30.97 72.53 100.96
CA VAL M 143 30.76 73.94 101.23
C VAL M 143 29.90 74.06 102.47
N GLY M 144 30.19 75.07 103.30
CA GLY M 144 29.40 75.26 104.50
C GLY M 144 29.37 76.68 105.03
N LEU M 145 28.21 77.11 105.49
CA LEU M 145 28.08 78.37 106.21
C LEU M 145 28.48 78.13 107.65
N VAL M 146 28.99 79.18 108.30
CA VAL M 146 29.35 79.11 109.71
C VAL M 146 29.19 80.50 110.31
N LYS M 147 28.70 80.55 111.54
CA LYS M 147 28.65 81.82 112.26
C LYS M 147 30.04 82.15 112.77
N PRO M 148 30.66 83.24 112.34
CA PRO M 148 31.99 83.58 112.85
C PRO M 148 31.93 83.90 114.32
N LYS M 149 32.85 83.30 115.07
CA LYS M 149 32.85 83.44 116.53
C LYS M 149 32.91 84.92 116.91
N THR M 150 32.26 85.25 118.01
CA THR M 150 32.16 86.65 118.44
C THR M 150 33.54 87.20 118.78
N GLY M 151 33.90 88.31 118.15
CA GLY M 151 35.11 89.02 118.47
C GLY M 151 36.32 88.70 117.63
N ILE M 152 36.17 87.93 116.55
CA ILE M 152 37.33 87.58 115.73
C ILE M 152 37.46 88.54 114.55
N PHE M 153 36.37 88.81 113.85
CA PHE M 153 36.38 89.61 112.65
C PHE M 153 35.74 90.96 112.90
N GLN M 154 35.86 91.84 111.91
CA GLN M 154 35.22 93.14 111.98
C GLN M 154 33.70 92.97 112.02
N PRO M 155 32.97 93.99 112.47
CA PRO M 155 31.51 93.84 112.61
C PRO M 155 30.80 93.62 111.29
N HIS M 156 31.35 94.10 110.18
CA HIS M 156 30.68 93.91 108.89
C HIS M 156 30.67 92.44 108.47
N ILE M 157 31.65 91.65 108.93
CA ILE M 157 31.69 90.23 108.61
C ILE M 157 30.49 89.58 109.30
N ARG M 158 29.53 89.13 108.51
CA ARG M 158 28.32 88.55 109.07
C ARG M 158 28.37 87.04 109.13
N PHE M 159 29.12 86.39 108.25
CA PHE M 159 29.23 84.94 108.27
C PHE M 159 30.57 84.52 107.69
N LEU M 160 30.90 83.25 107.88
CA LEU M 160 32.10 82.67 107.29
C LEU M 160 31.68 81.56 106.34
N LEU M 161 32.09 81.68 105.09
CA LEU M 161 31.90 80.64 104.10
C LEU M 161 33.14 79.77 104.06
N VAL M 162 32.96 78.47 104.30
CA VAL M 162 34.08 77.54 104.39
C VAL M 162 33.97 76.58 103.21
N LEU M 163 35.02 76.55 102.40
CA LEU M 163 35.10 75.64 101.27
C LEU M 163 36.19 74.62 101.55
N SER M 164 35.99 73.39 101.09
CA SER M 164 36.98 72.36 101.23
C SER M 164 37.19 71.66 99.89
N THR M 165 38.44 71.62 99.45
CA THR M 165 38.78 70.96 98.19
C THR M 165 39.74 69.82 98.47
N PRO M 166 40.10 69.03 97.47
CA PRO M 166 41.08 67.96 97.69
C PRO M 166 42.39 68.43 98.26
N VAL M 167 42.65 69.74 98.30
CA VAL M 167 43.95 70.27 98.68
C VAL M 167 43.89 71.03 100.00
N ASP M 168 42.90 71.89 100.18
CA ASP M 168 42.92 72.79 101.32
C ASP M 168 41.50 73.16 101.74
N ILE M 169 41.40 73.71 102.95
CA ILE M 169 40.16 74.27 103.48
C ILE M 169 40.34 75.78 103.54
N VAL M 170 39.50 76.51 102.79
CA VAL M 170 39.56 77.95 102.70
C VAL M 170 38.43 78.53 103.53
N ILE M 171 38.73 79.53 104.35
CA ILE M 171 37.75 80.21 105.18
C ILE M 171 37.70 81.67 104.73
N LEU M 172 36.55 82.09 104.21
CA LEU M 172 36.36 83.44 103.72
C LEU M 172 35.22 84.11 104.47
N GLY M 173 35.22 85.44 104.46
CA GLY M 173 34.18 86.20 105.12
C GLY M 173 33.11 86.64 104.14
N LEU M 174 31.87 86.65 104.61
CA LEU M 174 30.73 87.09 103.83
C LEU M 174 29.98 88.17 104.61
N SER M 175 29.69 89.28 103.93
CA SER M 175 29.08 90.45 104.55
C SER M 175 27.77 90.77 103.84
N PHE M 176 26.96 91.59 104.50
CA PHE M 176 25.67 92.01 103.99
C PHE M 176 25.62 93.53 103.91
N ALA M 177 25.14 94.05 102.78
CA ALA M 177 25.12 95.49 102.58
C ALA M 177 23.76 96.07 102.96
N ASN M 178 23.75 97.38 103.22
CA ASN M 178 22.51 98.14 103.49
C ASN M 178 21.76 97.56 104.69
N LEU M 179 22.51 97.03 105.64
CA LEU M 179 21.93 96.49 106.88
C LEU M 179 22.02 97.58 107.94
N GLN M 180 21.30 98.67 107.70
CA GLN M 180 21.26 99.75 108.68
C GLN M 180 20.69 99.21 109.99
N PRO M 181 21.26 99.57 111.14
CA PRO M 181 20.76 99.03 112.40
C PRO M 181 19.41 99.59 112.78
N GLY M 182 18.38 98.75 112.79
CA GLY M 182 17.05 99.17 113.17
C GLY M 182 15.97 98.52 112.33
N ASN M 183 16.31 98.17 111.09
CA ASN M 183 15.39 97.44 110.22
C ASN M 183 15.72 95.95 110.36
N LEU M 184 15.41 95.41 111.53
CA LEU M 184 15.77 94.03 111.84
C LEU M 184 14.72 93.02 111.40
N ASN M 185 13.69 93.45 110.68
CA ASN M 185 12.59 92.57 110.29
C ASN M 185 12.74 92.02 108.88
N ASP M 186 13.40 92.74 107.97
CA ASP M 186 13.51 92.25 106.60
C ASP M 186 14.86 92.53 105.93
N SER M 187 15.92 92.86 106.67
CA SER M 187 17.15 93.35 106.06
C SER M 187 18.07 92.24 105.56
N ILE M 188 17.76 90.98 105.85
CA ILE M 188 18.62 89.88 105.42
C ILE M 188 18.63 89.70 103.91
N SER M 189 17.61 90.19 103.21
CA SER M 189 17.51 90.00 101.77
C SER M 189 18.48 90.86 100.99
N GLY M 190 19.36 91.62 101.65
CA GLY M 190 20.29 92.47 100.92
C GLY M 190 21.25 91.67 100.07
N GLY M 191 21.86 92.35 99.11
CA GLY M 191 22.86 91.74 98.26
C GLY M 191 24.07 91.28 99.03
N MET M 192 24.28 89.97 99.10
CA MET M 192 25.42 89.43 99.83
C MET M 192 26.72 89.74 99.11
N GLN M 193 27.78 89.98 99.87
CA GLN M 193 29.09 90.27 99.32
C GLN M 193 30.08 89.25 99.88
N LEU M 194 30.58 88.38 99.02
CA LEU M 194 31.63 87.44 99.40
C LEU M 194 32.98 88.11 99.25
N LEU M 195 33.77 88.08 100.32
CA LEU M 195 35.05 88.78 100.33
C LEU M 195 35.97 88.20 99.27
N PRO M 196 36.73 89.03 98.55
CA PRO M 196 37.68 88.46 97.58
C PRO M 196 38.90 87.85 98.22
N ASP M 197 39.40 88.41 99.29
CA ASP M 197 40.57 87.83 99.91
C ASP M 197 40.15 86.74 100.90
N PRO M 198 40.72 85.55 100.82
CA PRO M 198 40.41 84.54 101.83
C PRO M 198 40.91 84.97 103.19
N LEU M 199 40.06 84.82 104.21
CA LEU M 199 40.46 85.18 105.56
C LEU M 199 41.55 84.23 106.06
N TYR M 200 41.46 82.95 105.72
CA TYR M 200 42.50 82.00 106.09
C TYR M 200 42.47 80.81 105.14
N SER M 201 43.60 80.13 105.05
CA SER M 201 43.75 78.90 104.28
C SER M 201 44.45 77.86 105.14
N LEU M 202 43.96 76.61 105.10
CA LEU M 202 44.49 75.59 105.97
C LEU M 202 44.73 74.30 105.18
N PRO M 203 45.77 73.55 105.53
CA PRO M 203 46.06 72.31 104.79
C PRO M 203 45.06 71.23 105.11
N THR M 204 44.52 70.61 104.06
CA THR M 204 43.55 69.53 104.24
C THR M 204 44.23 68.18 104.45
N ASP M 205 45.54 68.10 104.21
CA ASP M 205 46.34 66.91 104.54
C ASP M 205 45.81 65.66 103.84
N ASN M 206 45.57 65.77 102.54
CA ASN M 206 45.23 64.65 101.66
C ASN M 206 44.01 63.88 102.15
N THR M 207 43.23 64.45 103.06
CA THR M 207 42.03 63.82 103.58
C THR M 207 40.82 64.49 102.92
N TYR M 208 40.07 63.71 102.15
CA TYR M 208 38.92 64.25 101.44
C TYR M 208 37.86 64.69 102.45
N LEU M 209 37.65 66.00 102.55
CA LEU M 209 36.66 66.57 103.45
C LEU M 209 35.30 66.51 102.76
N LEU M 210 34.34 65.84 103.40
CA LEU M 210 33.04 65.64 102.79
C LEU M 210 31.96 66.56 103.33
N SER M 211 32.02 66.94 104.60
CA SER M 211 30.98 67.77 105.18
C SER M 211 31.59 68.73 106.20
N ILE M 212 31.02 69.92 106.28
CA ILE M 212 31.44 70.94 107.24
C ILE M 212 30.22 71.42 108.00
N THR M 213 30.36 71.59 109.31
CA THR M 213 29.24 71.99 110.16
C THR M 213 29.74 73.00 111.18
N SER M 214 28.78 73.67 111.82
CA SER M 214 29.10 74.76 112.73
C SER M 214 28.22 74.67 113.97
N THR M 215 28.82 74.99 115.11
CA THR M 215 28.08 75.20 116.34
C THR M 215 27.95 76.69 116.60
N ASP M 216 26.94 77.05 117.41
CA ASP M 216 26.58 78.45 117.57
C ASP M 216 27.71 79.31 118.14
N ASN M 217 28.69 78.71 118.82
CA ASN M 217 29.79 79.46 119.39
C ASN M 217 30.90 79.73 118.39
N GLY M 218 30.75 79.30 117.14
CA GLY M 218 31.73 79.57 116.12
C GLY M 218 32.73 78.47 115.86
N ARG M 219 32.63 77.34 116.55
CA ARG M 219 33.51 76.23 116.27
C ARG M 219 33.12 75.57 114.95
N ILE M 220 34.12 75.24 114.14
CA ILE M 220 33.92 74.70 112.81
C ILE M 220 34.42 73.27 112.80
N PHE M 221 33.56 72.34 112.41
CA PHE M 221 33.88 70.91 112.38
C PHE M 221 33.82 70.40 110.96
N LEU M 222 34.62 69.37 110.66
CA LEU M 222 34.67 68.76 109.34
C LEU M 222 34.71 67.25 109.50
N SER M 223 34.09 66.56 108.55
CA SER M 223 34.12 65.10 108.50
C SER M 223 35.10 64.66 107.41
N GLY M 224 36.07 63.84 107.79
CA GLY M 224 37.08 63.39 106.86
C GLY M 224 36.75 62.04 106.24
N LYS M 225 37.14 61.87 104.98
CA LYS M 225 36.94 60.61 104.29
C LYS M 225 37.63 59.45 104.99
N ASP M 226 38.61 59.73 105.84
CA ASP M 226 39.24 58.71 106.66
C ASP M 226 38.43 58.39 107.92
N GLY M 227 37.16 58.79 107.95
CA GLY M 227 36.30 58.49 109.08
C GLY M 227 36.64 59.23 110.35
N CYS M 228 37.55 60.19 110.30
CA CYS M 228 37.95 60.94 111.47
C CYS M 228 37.32 62.32 111.47
N LEU M 229 36.95 62.78 112.66
CA LEU M 229 36.38 64.11 112.85
C LEU M 229 37.51 65.10 113.03
N TYR M 230 37.42 66.23 112.34
CA TYR M 230 38.41 67.29 112.43
C TYR M 230 37.75 68.57 112.93
N GLU M 231 38.54 69.39 113.60
CA GLU M 231 38.09 70.68 114.10
C GLU M 231 39.07 71.75 113.65
N VAL M 232 38.53 72.86 113.15
CA VAL M 232 39.34 73.98 112.70
C VAL M 232 39.18 75.10 113.70
N GLU M 233 40.22 75.31 114.52
CA GLU M 233 40.18 76.33 115.56
C GLU M 233 40.80 77.61 115.05
N TYR M 234 40.10 78.73 115.25
CA TYR M 234 40.54 80.03 114.77
C TYR M 234 40.52 81.02 115.92
N GLN M 235 41.48 81.96 115.89
CA GLN M 235 41.55 83.01 116.88
C GLN M 235 42.10 84.26 116.22
N ALA M 236 41.70 85.41 116.75
CA ALA M 236 42.04 86.69 116.14
C ALA M 236 43.55 86.90 116.07
N ARG M 244 47.07 81.27 113.29
CA ARG M 244 45.84 81.75 113.91
C ARG M 244 44.65 80.90 113.49
N CYS M 245 44.92 79.82 112.78
CA CYS M 245 43.91 78.87 112.38
C CYS M 245 44.55 77.52 112.12
N ARG M 246 44.11 76.51 112.87
CA ARG M 246 44.79 75.22 112.79
C ARG M 246 43.76 74.10 112.77
N LYS M 247 44.13 73.01 112.10
CA LYS M 247 43.27 71.84 111.95
C LYS M 247 43.75 70.73 112.87
N ILE M 248 42.82 70.14 113.61
CA ILE M 248 43.13 69.06 114.54
C ILE M 248 42.23 67.87 114.21
N ASN M 249 42.75 66.67 114.41
CA ASN M 249 41.94 65.45 114.33
C ASN M 249 41.72 64.93 115.75
N HIS M 250 40.46 64.70 116.11
CA HIS M 250 40.11 64.30 117.45
C HIS M 250 39.42 62.94 117.53
N SER M 251 39.19 62.29 116.40
CA SER M 251 38.54 60.99 116.40
C SER M 251 39.43 59.91 116.99
N ASP M 271 35.21 53.95 105.75
CA ASP M 271 34.16 54.31 106.69
C ASP M 271 34.11 55.81 106.88
N PRO M 272 34.02 56.55 105.77
CA PRO M 272 34.00 58.01 105.88
C PRO M 272 32.75 58.51 106.58
N ILE M 273 32.94 59.49 107.45
CA ILE M 273 31.82 60.14 108.12
C ILE M 273 31.13 61.05 107.11
N VAL M 274 29.84 60.82 106.87
CA VAL M 274 29.12 61.57 105.85
C VAL M 274 27.99 62.43 106.42
N GLN M 275 27.74 62.34 107.72
CA GLN M 275 26.69 63.14 108.33
C GLN M 275 27.07 63.45 109.77
N ILE M 276 27.09 64.75 110.10
CA ILE M 276 27.38 65.23 111.44
C ILE M 276 26.28 66.21 111.83
N ALA M 277 25.84 66.14 113.08
CA ALA M 277 24.80 66.99 113.60
C ALA M 277 25.19 67.46 115.01
N ILE M 278 24.94 68.72 115.30
CA ILE M 278 25.30 69.32 116.58
C ILE M 278 24.03 69.84 117.24
N ASP M 279 23.64 69.23 118.34
CA ASP M 279 22.51 69.71 119.14
C ASP M 279 23.08 70.71 120.14
N ASN M 280 23.27 71.94 119.68
CA ASN M 280 23.93 72.96 120.52
C ASN M 280 23.14 73.24 121.79
N SER M 281 21.90 72.77 121.87
CA SER M 281 21.11 72.95 123.08
C SER M 281 21.66 72.15 124.25
N ARG M 282 22.39 71.07 123.97
CA ARG M 282 23.08 70.31 125.01
C ARG M 282 24.56 70.13 124.72
N ASN M 283 25.09 70.76 123.67
CA ASN M 283 26.50 70.65 123.31
C ASN M 283 26.89 69.19 123.10
N ILE M 284 26.30 68.57 122.08
CA ILE M 284 26.57 67.18 121.73
C ILE M 284 26.85 67.09 120.24
N LEU M 285 27.92 66.39 119.88
CA LEU M 285 28.31 66.23 118.49
C LEU M 285 28.12 64.78 118.09
N TYR M 286 27.22 64.55 117.14
CA TYR M 286 26.95 63.22 116.64
C TYR M 286 27.49 63.10 115.22
N THR M 287 28.00 61.93 114.91
CA THR M 287 28.58 61.66 113.60
C THR M 287 27.94 60.39 113.04
N ARG M 288 27.70 60.41 111.74
CA ARG M 288 27.11 59.27 111.06
C ARG M 288 28.08 58.81 109.98
N SER M 289 28.33 57.50 109.94
CA SER M 289 29.24 56.92 108.98
C SER M 289 28.48 56.49 107.73
N GLU M 290 29.24 56.23 106.66
CA GLU M 290 28.62 55.72 105.44
C GLU M 290 27.91 54.40 105.70
N LYS M 291 28.57 53.47 106.39
CA LYS M 291 27.95 52.23 106.81
C LYS M 291 27.01 52.41 107.99
N GLY M 292 26.85 53.63 108.48
CA GLY M 292 25.87 53.91 109.51
C GLY M 292 26.37 53.89 110.92
N VAL M 293 27.69 53.87 111.13
CA VAL M 293 28.22 53.90 112.48
C VAL M 293 27.87 55.23 113.13
N ILE M 294 27.14 55.18 114.24
CA ILE M 294 26.67 56.38 114.93
C ILE M 294 27.58 56.63 116.11
N GLN M 295 28.29 57.74 116.07
CA GLN M 295 29.21 58.11 117.13
C GLN M 295 28.67 59.32 117.87
N VAL M 296 28.74 59.28 119.20
CA VAL M 296 28.32 60.37 120.05
C VAL M 296 29.53 60.89 120.80
N TYR M 297 29.72 62.20 120.77
CA TYR M 297 30.85 62.86 121.42
C TYR M 297 30.33 64.04 122.23
N ASP M 298 30.85 64.19 123.45
CA ASP M 298 30.47 65.30 124.31
C ASP M 298 31.42 66.47 124.07
N LEU M 299 30.88 67.69 124.06
CA LEU M 299 31.67 68.88 123.79
C LEU M 299 31.78 69.83 125.00
N GLY M 300 31.25 69.45 126.15
CA GLY M 300 31.36 70.25 127.35
C GLY M 300 30.14 71.11 127.63
N VAL M 301 30.16 71.75 128.79
CA VAL M 301 29.03 72.58 129.21
C VAL M 301 29.05 73.93 128.48
N ASP M 302 30.23 74.50 128.28
CA ASP M 302 30.35 75.80 127.62
C ASP M 302 30.70 75.69 126.14
N GLY M 303 30.52 74.53 125.53
CA GLY M 303 30.80 74.38 124.13
C GLY M 303 32.26 74.45 123.76
N HIS M 304 33.16 74.10 124.67
CA HIS M 304 34.60 74.23 124.43
C HIS M 304 35.35 72.90 124.42
N GLY M 305 34.82 71.85 125.05
CA GLY M 305 35.51 70.58 125.10
C GLY M 305 35.21 69.69 123.92
N MET M 306 35.82 68.51 123.92
CA MET M 306 35.60 67.53 122.87
C MET M 306 36.17 66.19 123.32
N SER M 307 35.37 65.13 123.19
CA SER M 307 35.83 63.78 123.49
C SER M 307 34.80 62.78 122.99
N ARG M 308 35.28 61.67 122.44
CA ARG M 308 34.40 60.60 122.00
C ARG M 308 33.72 59.98 123.22
N VAL M 309 32.43 59.72 123.12
CA VAL M 309 31.65 59.20 124.24
C VAL M 309 31.17 57.78 123.99
N ALA M 310 30.57 57.54 122.83
CA ALA M 310 30.05 56.22 122.53
C ALA M 310 29.99 56.02 121.02
N SER M 311 29.83 54.76 120.62
CA SER M 311 29.76 54.43 119.20
C SER M 311 28.97 53.15 119.02
N VAL M 312 27.90 53.21 118.24
CA VAL M 312 27.07 52.05 117.93
C VAL M 312 27.14 51.84 116.43
N SER M 313 27.72 50.72 116.01
CA SER M 313 27.79 50.38 114.60
C SER M 313 26.41 49.96 114.10
N GLN M 314 26.26 49.96 112.77
CA GLN M 314 24.99 49.59 112.16
C GLN M 314 24.56 48.19 112.58
N ASN M 315 25.52 47.30 112.82
CA ASN M 315 25.17 45.92 113.14
C ASN M 315 24.43 45.83 114.48
N SER M 316 25.00 46.39 115.54
CA SER M 316 24.37 46.32 116.86
C SER M 316 23.02 47.01 116.86
N LEU M 317 22.89 48.10 116.10
CA LEU M 317 21.60 48.80 116.04
C LEU M 317 20.57 47.98 115.29
N VAL M 318 20.97 47.35 114.17
CA VAL M 318 20.05 46.47 113.46
C VAL M 318 19.61 45.33 114.35
N SER M 319 20.52 44.83 115.18
CA SER M 319 20.17 43.75 116.11
C SER M 319 19.19 44.23 117.17
N ALA M 320 19.45 45.40 117.75
CA ALA M 320 18.54 45.95 118.75
C ALA M 320 17.16 46.19 118.15
N ALA M 321 17.12 46.60 116.88
CA ALA M 321 15.84 46.81 116.22
C ALA M 321 15.12 45.49 115.99
N GLY M 322 15.80 44.52 115.39
CA GLY M 322 15.20 43.21 115.20
C GLY M 322 14.77 42.55 116.49
N ASN M 323 15.39 42.95 117.61
CA ASN M 323 14.95 42.44 118.91
C ASN M 323 13.80 43.27 119.49
N ILE M 324 13.67 44.53 119.07
CA ILE M 324 12.54 45.33 119.51
C ILE M 324 11.34 45.09 118.62
N ALA M 325 11.48 45.35 117.32
CA ALA M 325 10.43 45.08 116.34
C ALA M 325 10.65 43.70 115.72
N ARG M 326 10.35 42.67 116.52
CA ARG M 326 10.71 41.30 116.16
C ARG M 326 10.11 40.87 114.84
N THR M 327 8.87 41.25 114.55
CA THR M 327 8.21 40.81 113.33
C THR M 327 8.40 41.77 112.17
N ILE M 328 9.20 42.79 112.34
CA ILE M 328 9.58 43.67 111.24
C ILE M 328 10.88 43.15 110.67
N ASP M 329 10.92 42.94 109.36
CA ASP M 329 12.09 42.36 108.72
C ASP M 329 13.32 43.21 109.00
N ARG M 330 14.38 42.55 109.47
CA ARG M 330 15.62 43.25 109.80
C ARG M 330 16.14 44.09 108.65
N ASN M 331 15.86 43.69 107.40
CA ASN M 331 16.39 44.42 106.25
C ASN M 331 15.88 45.84 106.19
N VAL M 332 14.76 46.14 106.86
CA VAL M 332 14.25 47.50 106.87
C VAL M 332 15.02 48.39 107.84
N PHE M 333 15.69 47.81 108.82
CA PHE M 333 16.36 48.58 109.85
C PHE M 333 17.73 49.11 109.43
N LYS M 334 18.16 48.84 108.21
CA LYS M 334 19.49 49.23 107.77
C LYS M 334 19.49 49.28 106.25
N PRO M 335 20.40 50.08 105.64
CA PRO M 335 21.45 50.92 106.22
C PRO M 335 20.93 52.25 106.78
N ILE M 336 21.74 52.90 107.61
CA ILE M 336 21.38 54.20 108.16
C ILE M 336 21.57 55.25 107.06
N ILE M 337 20.60 56.15 106.92
CA ILE M 337 20.64 57.13 105.84
C ILE M 337 20.65 58.57 106.33
N HIS M 338 20.08 58.87 107.50
CA HIS M 338 20.03 60.25 107.96
C HIS M 338 20.05 60.30 109.47
N ILE M 339 20.57 61.40 110.00
CA ILE M 339 20.59 61.66 111.43
C ILE M 339 19.95 63.02 111.70
N SER M 340 19.30 63.15 112.84
CA SER M 340 18.64 64.40 113.20
C SER M 340 18.67 64.58 114.71
N VAL M 341 19.10 65.75 115.15
CA VAL M 341 19.18 66.01 116.58
C VAL M 341 17.79 66.32 117.11
N ILE M 342 17.48 65.77 118.28
CA ILE M 342 16.24 66.07 118.99
C ILE M 342 16.62 67.03 120.11
N GLU M 343 16.53 68.32 119.83
CA GLU M 343 16.98 69.33 120.78
C GLU M 343 16.19 69.25 122.08
N MET M 344 16.74 69.89 123.12
CA MET M 344 16.07 69.91 124.42
C MET M 344 14.71 70.59 124.34
N SER M 345 14.50 71.45 123.36
CA SER M 345 13.21 72.12 123.22
C SER M 345 12.08 71.12 123.03
N GLU M 346 12.34 69.98 122.39
CA GLU M 346 11.30 69.01 122.10
C GLU M 346 11.23 67.88 123.13
N SER M 347 12.38 67.36 123.57
CA SER M 347 12.38 66.20 124.45
C SER M 347 13.61 66.21 125.34
N VAL M 348 13.42 65.87 126.61
CA VAL M 348 14.54 65.77 127.53
C VAL M 348 15.11 64.36 127.55
N ASN M 349 14.29 63.36 127.20
CA ASN M 349 14.70 61.97 127.28
C ASN M 349 15.16 61.39 125.95
N CYS M 350 14.73 61.95 124.83
CA CYS M 350 15.17 61.50 123.52
C CYS M 350 16.00 62.59 122.87
N HIS M 351 17.18 62.23 122.37
CA HIS M 351 18.11 63.20 121.83
C HIS M 351 18.42 63.02 120.35
N LEU M 352 18.33 61.80 119.81
CA LEU M 352 18.73 61.57 118.44
C LEU M 352 17.68 60.76 117.70
N LEU M 353 17.51 61.07 116.42
CA LEU M 353 16.66 60.29 115.54
C LEU M 353 17.47 59.82 114.35
N ALA M 354 17.50 58.51 114.13
CA ALA M 354 18.16 57.92 112.99
C ALA M 354 17.10 57.44 112.01
N VAL M 355 17.24 57.82 110.75
CA VAL M 355 16.25 57.52 109.73
C VAL M 355 16.90 56.61 108.70
N THR M 356 16.20 55.51 108.38
CA THR M 356 16.68 54.53 107.43
C THR M 356 15.89 54.62 106.13
N HIS M 357 16.28 53.79 105.17
CA HIS M 357 15.78 53.90 103.81
C HIS M 357 14.32 53.50 103.66
N THR M 358 13.70 52.93 104.68
CA THR M 358 12.30 52.53 104.58
C THR M 358 11.36 53.39 105.39
N GLY M 359 11.88 54.40 106.10
CA GLY M 359 11.05 55.26 106.91
C GLY M 359 11.06 54.93 108.38
N VAL M 360 11.90 54.00 108.83
CA VAL M 360 11.95 53.65 110.24
C VAL M 360 12.67 54.75 111.02
N ARG M 361 12.12 55.10 112.17
CA ARG M 361 12.72 56.10 113.04
C ARG M 361 13.26 55.40 114.28
N PHE M 362 14.58 55.43 114.44
CA PHE M 362 15.23 54.86 115.60
C PHE M 362 15.58 56.00 116.54
N TYR M 363 14.89 56.05 117.67
CA TYR M 363 15.14 57.08 118.68
C TYR M 363 16.26 56.60 119.58
N PHE M 364 17.25 57.45 119.79
CA PHE M 364 18.37 57.14 120.65
C PHE M 364 18.46 58.19 121.75
N SER M 365 18.82 57.72 122.94
CA SER M 365 19.03 58.57 124.09
C SER M 365 20.47 58.43 124.57
N THR M 366 21.02 59.54 125.07
CA THR M 366 22.42 59.59 125.46
C THR M 366 22.62 59.57 126.96
N VAL M 367 21.67 60.06 127.74
CA VAL M 367 21.79 60.09 129.20
C VAL M 367 20.51 59.55 129.81
N PRO M 368 20.51 59.30 131.11
CA PRO M 368 19.34 58.71 131.76
C PRO M 368 18.11 59.60 131.65
N PHE M 369 16.94 58.97 131.63
CA PHE M 369 15.68 59.69 131.62
C PHE M 369 15.56 60.55 132.86
N LYS M 370 14.93 61.72 132.70
CA LYS M 370 14.73 62.67 133.80
C LYS M 370 16.06 63.21 134.33
N GLN M 371 16.99 63.53 133.44
CA GLN M 371 18.28 64.10 133.80
C GLN M 371 18.63 65.21 132.82
N PRO M 372 17.86 66.29 132.80
CA PRO M 372 18.10 67.35 131.81
C PRO M 372 19.46 68.01 131.93
N THR M 373 20.12 67.90 133.08
CA THR M 373 21.41 68.53 133.30
C THR M 373 22.58 67.57 133.13
N ALA M 374 22.33 66.30 132.84
CA ALA M 374 23.42 65.32 132.76
C ALA M 374 24.02 65.28 131.35
N ARG M 375 25.32 64.97 131.29
CA ARG M 375 26.05 64.90 130.04
C ARG M 375 25.91 63.52 129.40
N PRO M 376 26.21 63.41 128.10
CA PRO M 376 26.05 62.12 127.41
C PRO M 376 27.02 61.07 127.94
N CYS M 377 26.51 59.86 128.14
CA CYS M 377 27.33 58.75 128.59
C CYS M 377 27.02 57.44 127.88
N MET M 378 26.15 57.42 126.89
CA MET M 378 25.85 56.21 126.14
C MET M 378 25.10 56.57 124.87
N LEU M 379 24.75 55.55 124.09
CA LEU M 379 23.88 55.69 122.92
C LEU M 379 22.94 54.50 122.95
N ALA M 380 21.79 54.66 123.59
CA ALA M 380 20.85 53.55 123.79
C ALA M 380 19.60 53.79 122.95
N LEU M 381 19.27 52.80 122.12
CA LEU M 381 18.02 52.86 121.36
C LEU M 381 16.85 52.68 122.31
N VAL M 382 15.92 53.62 122.28
CA VAL M 382 14.79 53.61 123.19
C VAL M 382 13.46 53.34 122.49
N HIS M 383 13.35 53.60 121.19
CA HIS M 383 12.09 53.41 120.50
C HIS M 383 12.34 53.22 119.01
N VAL M 384 11.57 52.32 118.41
CA VAL M 384 11.59 52.07 116.98
C VAL M 384 10.20 52.34 116.44
N ARG M 385 10.10 53.29 115.51
CA ARG M 385 8.84 53.62 114.87
C ARG M 385 8.94 53.29 113.39
N LEU M 386 8.32 52.19 112.98
CA LEU M 386 8.25 51.89 111.56
C LEU M 386 7.31 52.90 110.89
N PRO M 387 7.60 53.29 109.66
CA PRO M 387 6.81 54.33 109.01
C PRO M 387 5.41 53.84 108.70
N PRO M 388 4.57 54.67 108.09
CA PRO M 388 3.23 54.23 107.73
C PRO M 388 3.27 52.98 106.87
N GLY M 389 2.20 52.20 106.92
CA GLY M 389 2.11 51.00 106.13
C GLY M 389 2.65 49.74 106.79
N PHE M 390 3.28 49.86 107.95
CA PHE M 390 3.77 48.69 108.66
C PHE M 390 2.63 47.86 109.26
N SER M 391 1.44 48.44 109.39
CA SER M 391 0.31 47.71 109.93
C SER M 391 -0.17 46.65 108.95
N ALA M 392 -0.66 45.54 109.50
CA ALA M 392 -1.07 44.41 108.66
C ALA M 392 -2.32 44.70 107.85
N SER M 393 -2.94 45.87 108.03
CA SER M 393 -4.17 46.20 107.32
C SER M 393 -4.09 47.55 106.62
N SER M 394 -3.02 48.31 106.80
CA SER M 394 -2.91 49.60 106.13
C SER M 394 -2.83 49.39 104.63
N ASN M 395 -3.42 50.31 103.87
CA ASN M 395 -3.42 50.23 102.42
C ASN M 395 -2.48 51.25 101.77
N VAL M 396 -1.73 52.01 102.56
CA VAL M 396 -0.82 53.00 102.01
C VAL M 396 0.52 52.35 101.70
N GLU M 397 1.08 52.66 100.54
CA GLU M 397 2.36 52.10 100.15
C GLU M 397 3.43 52.41 101.18
N LYS M 398 4.29 51.45 101.44
CA LYS M 398 5.29 51.65 102.48
C LYS M 398 6.43 52.52 101.95
N PRO M 399 6.93 53.45 102.76
CA PRO M 399 8.04 54.29 102.31
C PRO M 399 9.23 53.43 101.91
N SER M 400 9.77 53.68 100.72
CA SER M 400 10.88 52.91 100.19
C SER M 400 11.86 53.86 99.52
N LYS M 401 13.12 53.42 99.47
CA LYS M 401 14.19 54.15 98.80
C LYS M 401 14.37 55.55 99.36
N VAL M 402 14.20 55.71 100.67
CA VAL M 402 14.44 57.01 101.30
C VAL M 402 15.90 57.39 101.10
N HIS M 403 16.14 58.59 100.60
CA HIS M 403 17.50 59.07 100.35
C HIS M 403 17.88 60.29 101.16
N LYS M 404 16.96 61.21 101.38
CA LYS M 404 17.22 62.40 102.18
C LYS M 404 16.06 62.61 103.13
N ALA M 405 16.38 63.05 104.36
CA ALA M 405 15.36 63.23 105.38
C ALA M 405 15.73 64.43 106.24
N LEU M 406 14.73 64.91 106.99
CA LEU M 406 14.94 66.01 107.92
C LEU M 406 13.86 65.96 108.99
N TYR M 407 14.28 66.11 110.23
CA TYR M 407 13.36 66.12 111.37
C TYR M 407 13.47 67.46 112.08
N ASN M 408 12.33 67.96 112.55
CA ASN M 408 12.28 69.25 113.25
C ASN M 408 11.01 69.32 114.09
N ASN M 409 11.17 69.26 115.41
CA ASN M 409 10.10 69.49 116.38
C ASN M 409 8.84 68.69 116.02
N GLY M 410 9.03 67.39 115.86
CA GLY M 410 7.92 66.51 115.59
C GLY M 410 7.51 66.40 114.13
N VAL M 411 8.15 67.12 113.21
CA VAL M 411 7.82 67.08 111.80
C VAL M 411 8.94 66.35 111.07
N LEU M 412 8.57 65.44 110.18
CA LEU M 412 9.52 64.64 109.42
C LEU M 412 9.25 64.80 107.94
N LEU M 413 10.26 65.20 107.19
CA LEU M 413 10.21 65.25 105.74
C LEU M 413 11.16 64.23 105.16
N MET M 414 10.67 63.46 104.19
CA MET M 414 11.48 62.41 103.57
C MET M 414 11.29 62.43 102.06
N ALA M 415 12.39 62.54 101.32
CA ALA M 415 12.34 62.53 99.88
C ALA M 415 12.74 61.14 99.38
N ALA M 416 11.79 60.43 98.78
CA ALA M 416 12.00 59.07 98.33
C ALA M 416 11.91 59.02 96.81
N SER M 417 12.89 58.38 96.18
CA SER M 417 12.93 58.32 94.73
C SER M 417 11.90 57.33 94.22
N GLU M 418 10.79 57.85 93.68
CA GLU M 418 9.81 56.99 93.04
C GLU M 418 10.42 56.28 91.83
N ASN M 419 11.12 57.04 90.99
CA ASN M 419 11.89 56.50 89.88
C ASN M 419 13.08 57.43 89.67
N GLU M 420 13.74 57.29 88.52
CA GLU M 420 14.94 58.08 88.28
C GLU M 420 14.66 59.57 88.13
N ASP M 421 13.42 59.96 87.86
CA ASP M 421 13.11 61.34 87.51
C ASP M 421 12.17 62.05 88.47
N ASN M 422 11.52 61.34 89.39
CA ASN M 422 10.51 61.95 90.24
C ASN M 422 10.70 61.51 91.68
N ASP M 423 10.71 62.49 92.59
CA ASP M 423 10.78 62.22 94.01
C ASP M 423 9.43 62.47 94.66
N MET M 424 9.14 61.71 95.70
CA MET M 424 7.95 61.89 96.51
C MET M 424 8.37 62.41 97.86
N LEU M 425 7.84 63.57 98.25
CA LEU M 425 8.07 64.11 99.57
C LEU M 425 6.96 63.64 100.48
N TRP M 426 7.32 62.84 101.47
CA TRP M 426 6.39 62.40 102.49
C TRP M 426 6.60 63.26 103.73
N CYS M 427 5.52 63.81 104.25
CA CYS M 427 5.57 64.65 105.44
C CYS M 427 4.73 63.97 106.51
N ILE M 428 5.30 63.81 107.70
CA ILE M 428 4.62 63.17 108.82
C ILE M 428 4.73 64.08 110.02
N ASN M 429 3.60 64.31 110.69
CA ASN M 429 3.59 65.22 111.82
C ASN M 429 2.68 64.66 112.90
N ARG M 430 2.76 65.26 114.09
CA ARG M 430 1.90 64.91 115.20
C ARG M 430 1.11 66.10 115.71
N ASP M 431 0.98 67.16 114.91
CA ASP M 431 0.37 68.39 115.40
C ASP M 431 -1.13 68.25 115.62
N SER M 432 -1.74 67.18 115.10
CA SER M 432 -3.15 66.96 115.34
C SER M 432 -3.43 66.18 116.62
N PHE M 433 -2.54 65.27 116.99
CA PHE M 433 -2.71 64.44 118.19
C PHE M 433 -1.58 64.69 119.19
N PRO M 434 -1.36 65.95 119.57
CA PRO M 434 -0.23 66.26 120.46
C PRO M 434 -0.33 65.60 121.81
N PHE M 435 -1.53 65.34 122.31
CA PHE M 435 -1.69 64.80 123.65
C PHE M 435 -2.12 63.34 123.66
N GLN M 436 -2.16 62.67 122.52
CA GLN M 436 -2.61 61.29 122.47
C GLN M 436 -1.47 60.33 122.78
N LYS M 437 -1.75 59.32 123.60
CA LYS M 437 -0.78 58.30 123.95
C LYS M 437 -1.39 56.93 123.72
N PRO M 438 -0.85 56.11 122.81
CA PRO M 438 0.31 56.12 121.91
C PRO M 438 0.39 57.32 120.96
N MET M 439 1.57 57.54 120.41
CA MET M 439 1.77 58.64 119.48
C MET M 439 0.99 58.41 118.20
N MET M 440 0.02 59.27 117.95
CA MET M 440 -0.69 59.27 116.67
C MET M 440 -0.11 60.37 115.80
N GLU M 441 -0.04 60.11 114.52
CA GLU M 441 0.61 61.03 113.60
C GLU M 441 -0.11 61.04 112.26
N THR M 442 -0.35 62.24 111.75
CA THR M 442 -0.89 62.42 110.42
C THR M 442 0.24 62.38 109.40
N GLN M 443 -0.12 61.99 108.18
CA GLN M 443 0.86 61.78 107.13
C GLN M 443 0.28 62.17 105.78
N VAL M 444 1.12 62.73 104.93
CA VAL M 444 0.68 63.19 103.61
C VAL M 444 1.84 63.08 102.63
N THR M 445 1.50 63.09 101.36
CA THR M 445 2.48 62.98 100.28
C THR M 445 2.31 64.13 99.31
N THR M 446 3.42 64.55 98.70
CA THR M 446 3.41 65.59 97.68
C THR M 446 4.48 65.28 96.66
N GLN M 447 4.13 65.38 95.37
CA GLN M 447 5.09 65.04 94.33
C GLN M 447 6.12 66.15 94.16
N VAL M 448 7.28 65.80 93.64
CA VAL M 448 8.36 66.74 93.35
C VAL M 448 9.10 66.25 92.12
N ASP M 449 9.32 67.14 91.16
CA ASP M 449 10.02 66.77 89.94
C ASP M 449 11.53 66.86 90.17
N GLY M 450 12.28 65.95 89.55
CA GLY M 450 13.72 65.97 89.64
C GLY M 450 14.23 65.42 90.97
N HIS M 451 15.51 65.07 90.98
CA HIS M 451 16.13 64.54 92.18
C HIS M 451 16.18 65.60 93.27
N SER M 452 15.68 65.26 94.45
CA SER M 452 15.71 66.17 95.58
C SER M 452 17.16 66.28 96.05
N TRP M 453 17.85 67.31 95.58
CA TRP M 453 19.27 67.43 95.85
C TRP M 453 19.55 67.82 97.30
N ALA M 454 18.69 68.63 97.90
CA ALA M 454 18.86 69.03 99.28
C ALA M 454 17.51 69.41 99.86
N LEU M 455 17.38 69.29 101.19
CA LEU M 455 16.14 69.61 101.88
C LEU M 455 16.49 70.18 103.25
N SER M 456 16.03 71.39 103.54
CA SER M 456 16.37 72.06 104.79
C SER M 456 15.13 72.72 105.37
N ALA M 457 15.13 72.85 106.70
CA ALA M 457 14.10 73.60 107.38
C ALA M 457 14.57 75.01 107.68
N VAL M 458 13.68 75.98 107.51
CA VAL M 458 14.01 77.39 107.67
C VAL M 458 13.65 77.76 109.11
N ASP M 459 14.66 77.90 109.95
CA ASP M 459 14.43 78.19 111.36
C ASP M 459 13.86 79.61 111.50
N GLU M 460 12.58 79.70 111.80
CA GLU M 460 11.94 80.98 112.00
C GLU M 460 11.91 81.33 113.48
N GLN M 461 11.26 82.44 113.79
CA GLN M 461 11.21 83.00 115.14
C GLN M 461 10.73 81.97 116.16
N LYS M 462 11.44 81.88 117.28
CA LYS M 462 11.00 81.05 118.37
C LYS M 462 10.10 81.85 119.31
N ALA M 463 9.02 81.21 119.77
CA ALA M 463 8.12 81.89 120.70
C ALA M 463 8.85 82.15 122.01
N ASP M 464 8.98 83.42 122.37
CA ASP M 464 9.67 83.78 123.60
C ASP M 464 8.88 83.30 124.80
N LYS M 465 9.52 82.46 125.62
CA LYS M 465 8.87 81.94 126.82
C LYS M 465 9.25 82.83 128.00
N ILE M 466 8.35 83.72 128.38
CA ILE M 466 8.62 84.65 129.48
C ILE M 466 8.65 83.86 130.77
N VAL M 467 9.85 83.63 131.29
CA VAL M 467 10.04 82.92 132.56
C VAL M 467 10.50 83.93 133.59
N THR M 468 9.83 83.94 134.74
CA THR M 468 10.14 84.86 135.82
C THR M 468 10.47 84.06 137.06
N PRO M 469 10.84 84.73 138.16
CA PRO M 469 11.26 84.00 139.36
C PRO M 469 10.17 83.15 139.98
N LEU M 470 8.89 83.52 139.84
CA LEU M 470 7.84 82.85 140.59
C LEU M 470 7.12 81.76 139.79
N ASN M 471 7.36 81.67 138.49
CA ASN M 471 6.68 80.68 137.65
C ASN M 471 7.63 79.73 136.95
N LYS M 472 8.94 79.92 137.08
CA LYS M 472 9.90 79.04 136.42
C LYS M 472 9.74 77.59 136.87
N ASP M 473 9.17 77.37 138.05
CA ASP M 473 8.93 76.03 138.54
C ASP M 473 7.78 75.34 137.82
N LEU M 474 6.79 76.09 137.34
CA LEU M 474 5.61 75.50 136.73
C LEU M 474 5.80 75.15 135.26
N ILE M 475 6.58 75.94 134.52
CA ILE M 475 6.70 75.80 133.08
C ILE M 475 7.59 74.61 132.78
N PRO M 476 7.16 73.65 131.95
CA PRO M 476 8.09 72.62 131.49
C PRO M 476 9.17 73.22 130.60
N LEU M 477 10.35 72.60 130.64
CA LEU M 477 11.46 73.08 129.82
C LEU M 477 11.11 73.06 128.34
N THR M 478 10.32 72.08 127.92
CA THR M 478 10.00 71.93 126.51
C THR M 478 8.97 72.97 126.08
N ASP M 479 8.82 73.13 124.77
CA ASP M 479 7.90 74.11 124.22
C ASP M 479 6.51 73.51 124.07
N SER M 480 5.50 74.35 124.24
CA SER M 480 4.12 73.88 124.14
C SER M 480 3.85 73.33 122.74
N PRO M 481 2.88 72.45 122.60
CA PRO M 481 2.54 71.95 121.25
C PRO M 481 2.01 73.06 120.37
N VAL M 482 2.12 72.83 119.06
CA VAL M 482 1.76 73.86 118.08
C VAL M 482 0.31 74.29 118.25
N ILE M 483 -0.54 73.43 118.81
CA ILE M 483 -1.97 73.75 118.89
C ILE M 483 -2.23 74.91 119.84
N ILE M 484 -1.40 75.05 120.87
CA ILE M 484 -1.65 76.08 121.88
C ILE M 484 -1.00 77.41 121.49
N GLN M 485 0.11 77.36 120.76
CA GLN M 485 0.86 78.55 120.41
C GLN M 485 0.73 78.95 118.94
N GLN M 486 -0.15 78.29 118.17
CA GLN M 486 -0.29 78.62 116.75
C GLN M 486 -0.81 80.02 116.52
N HIS M 487 -1.15 80.77 117.58
CA HIS M 487 -1.56 82.16 117.43
C HIS M 487 -0.38 83.12 117.48
N MET M 488 0.85 82.62 117.60
CA MET M 488 2.02 83.48 117.69
C MET M 488 3.16 83.10 116.77
N ILE M 489 3.26 81.85 116.35
CA ILE M 489 4.37 81.39 115.52
C ILE M 489 3.87 81.06 114.12
N PRO M 490 4.57 81.49 113.07
CA PRO M 490 4.15 81.13 111.71
C PRO M 490 4.29 79.64 111.49
N PRO M 491 3.66 79.09 110.45
CA PRO M 491 3.88 77.68 110.13
C PRO M 491 5.32 77.43 109.76
N LYS M 492 5.84 76.28 110.17
CA LYS M 492 7.20 75.91 109.82
C LYS M 492 7.34 75.88 108.31
N ARG M 493 8.49 76.32 107.82
CA ARG M 493 8.75 76.43 106.40
C ARG M 493 9.92 75.54 106.01
N PHE M 494 9.84 74.95 104.83
CA PHE M 494 10.86 74.08 104.31
C PHE M 494 11.27 74.54 102.92
N VAL M 495 12.54 74.35 102.61
CA VAL M 495 13.13 74.72 101.33
C VAL M 495 13.86 73.50 100.78
N LEU M 496 13.47 73.07 99.58
CA LEU M 496 14.11 71.94 98.92
C LEU M 496 14.71 72.42 97.61
N LEU M 497 15.83 71.81 97.23
CA LEU M 497 16.51 72.14 95.98
C LEU M 497 16.64 70.88 95.14
N SER M 498 16.21 70.97 93.88
CA SER M 498 16.34 69.91 92.91
C SER M 498 16.94 70.48 91.64
N ALA M 499 17.32 69.59 90.72
CA ALA M 499 17.91 70.04 89.47
C ALA M 499 16.97 70.89 88.64
N GLN M 500 15.72 71.04 89.04
CA GLN M 500 14.78 71.89 88.32
C GLN M 500 14.49 73.20 89.04
N GLY M 501 15.10 73.46 90.19
CA GLY M 501 14.92 74.70 90.92
C GLY M 501 14.70 74.47 92.40
N SER M 502 14.28 75.52 93.09
CA SER M 502 14.06 75.48 94.52
C SER M 502 12.57 75.59 94.82
N HIS M 503 12.07 74.67 95.63
CA HIS M 503 10.66 74.61 96.00
C HIS M 503 10.54 75.01 97.47
N ILE M 504 9.68 75.98 97.74
CA ILE M 504 9.36 76.41 99.10
C ILE M 504 8.01 75.80 99.46
N PHE M 505 7.89 75.34 100.71
CA PHE M 505 6.63 74.76 101.15
C PHE M 505 6.47 75.04 102.64
N TYR M 506 5.25 74.87 103.12
CA TYR M 506 4.91 75.16 104.50
C TYR M 506 4.16 73.99 105.12
N LYS M 507 4.55 73.63 106.34
CA LYS M 507 3.81 72.63 107.10
C LYS M 507 2.72 73.34 107.88
N LEU M 508 1.47 73.07 107.54
CA LEU M 508 0.35 73.80 108.13
C LEU M 508 -0.02 73.21 109.49
N ARG M 509 -0.12 74.08 110.48
CA ARG M 509 -0.65 73.68 111.77
C ARG M 509 -2.18 73.60 111.71
N PRO M 510 -2.82 73.25 112.83
CA PRO M 510 -4.29 73.10 112.80
C PRO M 510 -5.02 74.36 112.37
N VAL M 511 -4.49 75.54 112.68
CA VAL M 511 -5.18 76.77 112.32
C VAL M 511 -5.27 76.90 110.80
N ASP M 512 -4.17 76.68 110.10
CA ASP M 512 -4.21 76.73 108.64
C ASP M 512 -5.10 75.64 108.08
N GLN M 513 -5.18 74.50 108.77
CA GLN M 513 -6.09 73.43 108.33
C GLN M 513 -7.53 73.92 108.35
N LEU M 514 -7.97 74.42 109.50
CA LEU M 514 -9.34 74.96 109.59
C LEU M 514 -9.55 76.09 108.60
N ARG M 515 -8.51 76.90 108.37
CA ARG M 515 -8.64 78.01 107.42
C ARG M 515 -8.86 77.49 106.00
N HIS M 516 -8.09 76.48 105.59
CA HIS M 516 -8.30 75.89 104.28
C HIS M 516 -9.69 75.27 104.18
N LEU M 517 -10.16 74.66 105.27
CA LEU M 517 -11.50 74.09 105.26
C LEU M 517 -12.55 75.17 105.05
N LEU M 518 -12.37 76.33 105.68
CA LEU M 518 -13.32 77.42 105.51
C LEU M 518 -13.22 78.02 104.11
N VAL M 519 -12.02 78.04 103.53
CA VAL M 519 -11.84 78.62 102.20
C VAL M 519 -12.47 77.71 101.15
N SER M 520 -12.39 76.40 101.34
CA SER M 520 -12.99 75.48 100.37
C SER M 520 -14.51 75.53 100.42
N ASN M 521 -15.08 75.52 101.63
CA ASN M 521 -16.53 75.49 101.80
C ASN M 521 -17.17 76.85 101.66
N SER M 522 -16.39 77.90 101.39
CA SER M 522 -16.91 79.25 101.17
C SER M 522 -17.75 79.73 102.34
N GLY M 523 -17.32 79.39 103.55
CA GLY M 523 -18.03 79.83 104.74
C GLY M 523 -17.61 79.02 105.94
N GLY M 524 -18.31 79.30 107.04
CA GLY M 524 -18.14 78.53 108.26
C GLY M 524 -19.03 77.33 108.41
N ASP M 525 -19.53 76.80 107.29
CA ASP M 525 -20.48 75.69 107.30
C ASP M 525 -20.05 74.64 106.29
N GLY M 526 -20.24 73.38 106.63
CA GLY M 526 -19.90 72.28 105.75
C GLY M 526 -19.63 71.00 106.51
N GLU M 527 -19.61 69.87 105.82
CA GLU M 527 -19.27 68.61 106.46
C GLU M 527 -17.81 68.60 106.90
N GLU M 528 -16.94 69.22 106.12
CA GLU M 528 -15.52 69.20 106.45
C GLU M 528 -15.21 70.01 107.71
N ILE M 529 -15.86 71.15 107.89
CA ILE M 529 -15.64 71.93 109.09
C ILE M 529 -16.05 71.14 110.33
N GLU M 530 -17.22 70.50 110.28
CA GLU M 530 -17.65 69.66 111.40
C GLU M 530 -16.68 68.52 111.63
N ARG M 531 -16.16 67.92 110.55
CA ARG M 531 -15.19 66.85 110.73
C ARG M 531 -13.92 67.35 111.42
N PHE M 532 -13.45 68.55 111.06
CA PHE M 532 -12.27 69.09 111.72
C PHE M 532 -12.55 69.36 113.19
N PHE M 533 -13.72 69.94 113.49
CA PHE M 533 -14.07 70.22 114.88
C PHE M 533 -14.18 68.92 115.69
N LYS M 534 -14.61 67.84 115.05
CA LYS M 534 -14.66 66.56 115.74
C LYS M 534 -13.27 65.95 115.88
N LEU M 535 -12.38 66.28 114.94
CA LEU M 535 -11.00 65.81 115.04
C LEU M 535 -10.29 66.47 116.21
N HIS M 536 -10.53 67.76 116.41
CA HIS M 536 -9.75 68.52 117.36
C HIS M 536 -10.44 68.74 118.70
N GLN M 537 -11.28 67.82 119.18
CA GLN M 537 -11.79 67.93 120.54
C GLN M 537 -12.46 69.26 120.77
N GLU M 538 -13.68 69.41 120.23
CA GLU M 538 -14.14 70.66 119.61
C GLU M 538 -13.64 71.93 120.31
N ASN M 539 -13.35 71.87 121.61
CA ASN M 539 -12.85 73.06 122.30
C ASN M 539 -11.60 73.63 121.62
N GLN M 540 -10.67 72.75 121.24
CA GLN M 540 -9.49 73.24 120.54
C GLN M 540 -9.87 73.83 119.19
N ALA M 541 -10.89 73.27 118.54
CA ALA M 541 -11.37 73.87 117.30
C ALA M 541 -11.95 75.25 117.54
N CYS M 542 -12.61 75.44 118.69
CA CYS M 542 -13.15 76.74 119.03
C CYS M 542 -12.03 77.75 119.25
N ALA M 543 -10.97 77.34 119.94
CA ALA M 543 -9.82 78.23 120.10
C ALA M 543 -9.21 78.57 118.74
N THR M 544 -9.02 77.55 117.89
CA THR M 544 -8.40 77.76 116.59
C THR M 544 -9.25 78.66 115.70
N CYS M 545 -10.57 78.58 115.83
CA CYS M 545 -11.44 79.41 115.02
C CYS M 545 -11.53 80.82 115.58
N LEU M 546 -11.60 80.95 116.90
CA LEU M 546 -11.66 82.27 117.51
C LEU M 546 -10.37 83.05 117.27
N ILE M 547 -9.25 82.34 117.11
CA ILE M 547 -8.02 83.01 116.70
C ILE M 547 -8.24 83.72 115.36
N LEU M 548 -8.70 82.98 114.36
CA LEU M 548 -8.93 83.58 113.05
C LEU M 548 -10.03 84.63 113.09
N ALA M 549 -10.97 84.48 114.03
CA ALA M 549 -12.08 85.43 114.12
C ALA M 549 -11.62 86.77 114.67
N CYS M 550 -10.55 86.77 115.46
CA CYS M 550 -9.99 88.01 116.01
C CYS M 550 -8.78 88.49 115.23
N SER M 551 -8.54 87.97 114.03
CA SER M 551 -7.47 88.49 113.19
C SER M 551 -7.83 89.89 112.70
N SER M 552 -6.90 90.81 112.84
CA SER M 552 -7.09 92.18 112.39
C SER M 552 -6.60 92.41 110.97
N ALA M 553 -5.83 91.48 110.42
CA ALA M 553 -5.33 91.63 109.06
C ALA M 553 -6.48 91.55 108.06
N ALA M 554 -6.43 92.38 107.03
CA ALA M 554 -7.50 92.40 106.03
C ALA M 554 -7.70 91.06 105.35
N SER M 555 -6.61 90.32 105.11
CA SER M 555 -6.69 89.08 104.33
C SER M 555 -7.52 88.00 104.99
N ASP M 556 -7.95 88.18 106.23
CA ASP M 556 -8.79 87.21 106.91
C ASP M 556 -10.17 87.77 107.23
N ARG M 557 -10.48 88.99 106.76
CA ARG M 557 -11.70 89.67 107.16
C ARG M 557 -12.93 88.80 106.94
N GLU M 558 -13.07 88.23 105.75
CA GLU M 558 -14.19 87.32 105.51
C GLU M 558 -14.03 86.04 106.31
N VAL M 559 -12.83 85.45 106.30
CA VAL M 559 -12.59 84.23 107.08
C VAL M 559 -12.92 84.48 108.54
N SER M 560 -12.50 85.62 109.07
CA SER M 560 -12.76 85.94 110.47
C SER M 560 -14.25 85.89 110.76
N SER M 561 -15.08 86.28 109.81
CA SER M 561 -16.52 86.14 110.00
C SER M 561 -16.96 84.69 109.79
N TRP M 562 -16.45 84.05 108.73
CA TRP M 562 -16.82 82.67 108.49
C TRP M 562 -16.42 81.78 109.66
N ALA M 563 -15.17 81.89 110.10
CA ALA M 563 -14.73 81.09 111.24
C ALA M 563 -15.59 81.37 112.47
N ALA M 564 -15.88 82.65 112.73
CA ALA M 564 -16.80 82.98 113.80
C ALA M 564 -18.14 82.29 113.61
N ARG M 565 -18.64 82.29 112.37
CA ARG M 565 -19.85 81.52 112.06
C ARG M 565 -19.66 80.06 112.49
N ALA M 566 -18.53 79.45 112.11
CA ALA M 566 -18.22 78.12 112.57
C ALA M 566 -18.21 78.05 114.09
N PHE M 567 -17.62 79.05 114.74
CA PHE M 567 -17.56 79.08 116.20
C PHE M 567 -18.96 79.08 116.80
N PHE M 568 -19.95 79.54 116.04
CA PHE M 568 -21.32 79.54 116.55
C PHE M 568 -22.06 78.26 116.22
N ARG M 569 -21.64 77.54 115.17
CA ARG M 569 -22.42 76.40 114.69
C ARG M 569 -22.03 75.09 115.40
N TYR M 570 -20.74 74.84 115.53
CA TYR M 570 -20.26 73.57 116.06
C TYR M 570 -19.80 73.64 117.52
N GLY M 571 -19.88 74.81 118.14
CA GLY M 571 -19.37 74.99 119.49
C GLY M 571 -20.16 74.30 120.58
N GLY M 572 -21.07 73.40 120.23
CA GLY M 572 -21.82 72.68 121.23
C GLY M 572 -22.78 73.56 122.01
N GLU M 573 -23.34 72.96 123.06
CA GLU M 573 -24.28 73.64 123.94
C GLU M 573 -23.99 73.25 125.39
N ALA M 574 -24.21 74.20 126.29
CA ALA M 574 -23.89 73.98 127.69
C ALA M 574 -24.79 72.93 128.31
N GLN M 575 -24.19 71.87 128.82
CA GLN M 575 -24.94 70.77 129.41
C GLN M 575 -24.47 70.51 130.85
N ILE M 651 -21.86 71.07 135.49
CA ILE M 651 -22.09 71.96 134.36
C ILE M 651 -20.90 71.91 133.40
N VAL M 652 -21.03 71.12 132.35
CA VAL M 652 -19.95 70.93 131.38
C VAL M 652 -19.98 72.11 130.42
N PHE M 653 -18.92 72.91 130.44
CA PHE M 653 -18.84 74.06 129.54
C PHE M 653 -18.76 73.61 128.09
N SER M 654 -19.54 74.27 127.24
CA SER M 654 -19.61 73.89 125.84
C SER M 654 -18.33 74.30 125.11
N GLY M 655 -18.23 73.86 123.86
CA GLY M 655 -17.04 74.10 123.08
C GLY M 655 -16.66 75.56 122.96
N LYS M 656 -17.64 76.42 122.66
CA LYS M 656 -17.33 77.84 122.44
C LYS M 656 -16.77 78.48 123.71
N HIS M 657 -17.38 78.19 124.86
CA HIS M 657 -16.95 78.81 126.10
C HIS M 657 -15.49 78.47 126.41
N ASN M 658 -15.19 77.18 126.55
CA ASN M 658 -13.83 76.78 126.86
C ASN M 658 -12.87 77.15 125.75
N GLY M 659 -13.36 77.26 124.51
CA GLY M 659 -12.51 77.69 123.43
C GLY M 659 -12.07 79.13 123.59
N ILE M 660 -13.01 80.01 123.94
CA ILE M 660 -12.65 81.38 124.26
C ILE M 660 -11.68 81.40 125.43
N CYS M 661 -11.96 80.60 126.46
CA CYS M 661 -11.09 80.57 127.62
C CYS M 661 -9.67 80.15 127.24
N ILE M 662 -9.56 79.16 126.35
CA ILE M 662 -8.25 78.61 126.00
C ILE M 662 -7.50 79.57 125.11
N TYR M 663 -8.19 80.20 124.16
CA TYR M 663 -7.53 81.19 123.32
C TYR M 663 -7.05 82.36 124.15
N PHE M 664 -7.89 82.85 125.07
CA PHE M 664 -7.47 83.91 125.98
C PHE M 664 -6.27 83.49 126.82
N CYS M 665 -6.30 82.24 127.32
CA CYS M 665 -5.18 81.77 128.13
C CYS M 665 -3.89 81.70 127.32
N ARG M 666 -3.96 81.17 126.10
CA ARG M 666 -2.75 81.00 125.31
C ARG M 666 -2.24 82.33 124.77
N ILE M 667 -3.12 83.33 124.66
CA ILE M 667 -2.66 84.65 124.26
C ILE M 667 -2.05 85.37 125.45
N ILE M 668 -2.63 85.19 126.63
CA ILE M 668 -2.07 85.79 127.83
C ILE M 668 -0.74 85.14 128.17
N GLY M 669 -0.55 83.89 127.79
CA GLY M 669 0.73 83.21 127.98
C GLY M 669 1.13 83.13 129.43
N ASN M 670 2.42 82.94 129.65
CA ASN M 670 2.97 82.87 131.00
C ASN M 670 2.81 84.17 131.77
N ILE M 671 2.36 85.24 131.12
CA ILE M 671 2.09 86.48 131.85
C ILE M 671 0.96 86.27 132.84
N TRP M 672 0.08 85.28 132.59
CA TRP M 672 -0.97 84.97 133.56
C TRP M 672 -0.38 84.67 134.93
N ASP M 673 0.63 83.80 134.98
CA ASP M 673 1.32 83.45 136.21
C ASP M 673 2.73 84.03 136.27
N GLY M 674 3.04 85.02 135.45
CA GLY M 674 4.35 85.63 135.50
C GLY M 674 4.40 86.85 136.40
N SER M 675 5.55 87.08 137.00
CA SER M 675 5.73 88.21 137.90
C SER M 675 5.70 89.51 137.11
N VAL M 676 5.47 90.61 137.83
CA VAL M 676 5.48 91.92 137.17
C VAL M 676 6.90 92.35 136.83
N ALA M 677 7.83 92.24 137.78
CA ALA M 677 9.18 92.72 137.63
C ALA M 677 10.16 91.74 138.24
N VAL M 678 11.45 91.99 138.00
CA VAL M 678 12.52 91.20 138.57
C VAL M 678 13.59 92.14 139.09
N GLU M 679 14.33 91.68 140.10
CA GLU M 679 15.43 92.44 140.67
C GLU M 679 16.73 92.00 140.01
N ASN M 680 17.40 92.93 139.34
CA ASN M 680 18.65 92.66 138.66
C ASN M 680 19.77 93.42 139.35
N THR M 681 20.92 92.76 139.51
CA THR M 681 22.09 93.36 140.15
C THR M 681 23.10 93.72 139.07
N PHE M 682 23.38 95.01 138.93
CA PHE M 682 24.33 95.51 137.97
C PHE M 682 25.56 96.03 138.69
N GLN M 683 26.74 95.66 138.18
CA GLN M 683 28.00 96.06 138.78
C GLN M 683 28.55 97.27 138.05
N SER M 684 28.40 98.45 138.64
CA SER M 684 28.91 99.70 138.06
C SER M 684 30.19 100.04 138.82
N GLY M 685 31.32 99.95 138.13
CA GLY M 685 32.60 100.17 138.76
C GLY M 685 32.88 99.13 139.82
N ASN M 686 32.82 99.54 141.09
CA ASN M 686 32.99 98.63 142.22
C ASN M 686 31.70 98.44 143.02
N ARG M 687 30.57 98.95 142.54
CA ARG M 687 29.34 98.98 143.32
C ARG M 687 28.30 98.06 142.71
N GLU M 688 27.62 97.30 143.56
CA GLU M 688 26.49 96.49 143.12
C GLU M 688 25.19 97.24 143.36
N VAL M 689 24.45 97.52 142.30
CA VAL M 689 23.21 98.28 142.38
C VAL M 689 22.06 97.36 141.95
N THR M 690 21.03 97.29 142.78
CA THR M 690 19.84 96.51 142.48
C THR M 690 18.79 97.41 141.82
N ALA M 691 18.27 96.96 140.68
CA ALA M 691 17.27 97.72 139.92
C ALA M 691 16.09 96.82 139.59
N ILE M 692 14.92 97.44 139.50
CA ILE M 692 13.67 96.73 139.21
C ILE M 692 13.42 96.83 137.71
N ASP M 693 13.57 95.71 137.01
CA ASP M 693 13.37 95.68 135.57
C ASP M 693 12.08 94.96 135.24
N SER M 694 11.46 95.38 134.14
CA SER M 694 10.20 94.79 133.72
C SER M 694 10.40 93.32 133.35
N SER M 695 9.51 92.47 133.84
CA SER M 695 9.61 91.05 133.54
C SER M 695 9.47 90.78 132.05
N VAL M 696 8.86 91.69 131.29
CA VAL M 696 8.62 91.50 129.87
C VAL M 696 9.00 92.76 129.13
N THR M 697 9.63 92.59 127.97
CA THR M 697 9.95 93.73 127.14
C THR M 697 8.67 94.35 126.57
N PRO M 698 8.75 95.58 126.06
CA PRO M 698 7.53 96.24 125.60
C PRO M 698 6.88 95.59 124.39
N GLN M 699 7.68 95.01 123.48
CA GLN M 699 7.11 94.41 122.28
C GLN M 699 6.19 93.23 122.63
N HIS M 700 6.58 92.42 123.61
CA HIS M 700 5.73 91.30 124.01
C HIS M 700 4.42 91.81 124.61
N LEU M 701 4.50 92.83 125.48
CA LEU M 701 3.29 93.39 126.06
C LEU M 701 2.39 93.96 124.97
N GLU M 702 2.98 94.54 123.93
CA GLU M 702 2.19 95.11 122.85
C GLU M 702 1.51 94.03 122.02
N SER M 703 2.22 92.94 121.74
CA SER M 703 1.61 91.83 121.02
C SER M 703 0.46 91.23 121.82
N VAL M 704 0.67 91.05 123.12
CA VAL M 704 -0.39 90.52 123.97
C VAL M 704 -1.57 91.47 124.01
N LEU M 705 -1.30 92.78 124.08
CA LEU M 705 -2.37 93.76 124.10
C LEU M 705 -3.17 93.73 122.81
N LYS M 706 -2.49 93.63 121.67
CA LYS M 706 -3.19 93.62 120.39
C LYS M 706 -4.03 92.35 120.23
N GLU M 707 -3.48 91.20 120.61
CA GLU M 707 -4.24 89.95 120.51
C GLU M 707 -5.44 89.96 121.45
N LEU M 708 -5.23 90.36 122.71
CA LEU M 708 -6.34 90.43 123.65
C LEU M 708 -7.36 91.47 123.21
N LYS M 709 -6.93 92.52 122.51
CA LYS M 709 -7.86 93.53 122.05
C LYS M 709 -8.70 93.02 120.89
N GLY M 710 -8.08 92.28 119.96
CA GLY M 710 -8.86 91.64 118.92
C GLY M 710 -9.88 90.67 119.49
N LEU M 711 -9.46 89.88 120.49
CA LEU M 711 -10.39 88.96 121.13
C LEU M 711 -11.49 89.71 121.89
N LEU M 712 -11.15 90.83 122.51
CA LEU M 712 -12.14 91.62 123.22
C LEU M 712 -13.11 92.29 122.24
N GLU M 713 -12.62 92.65 121.06
CA GLU M 713 -13.51 93.18 120.03
C GLU M 713 -14.51 92.11 119.59
N PHE M 714 -14.03 90.89 119.36
CA PHE M 714 -14.94 89.80 119.03
C PHE M 714 -15.93 89.55 120.17
N LEU M 715 -15.45 89.59 121.41
CA LEU M 715 -16.31 89.34 122.56
C LEU M 715 -17.38 90.41 122.69
N ASP M 716 -17.00 91.69 122.56
CA ASP M 716 -17.98 92.77 122.63
C ASP M 716 -18.98 92.68 121.48
N ARG M 717 -18.49 92.37 120.28
CA ARG M 717 -19.38 92.30 119.13
C ARG M 717 -20.40 91.17 119.28
N TYR M 718 -20.00 90.06 119.89
CA TYR M 718 -20.91 88.93 120.08
C TYR M 718 -21.55 88.90 121.46
N SER M 719 -21.30 89.92 122.30
CA SER M 719 -21.82 89.91 123.66
C SER M 719 -23.32 89.75 123.73
N GLN M 720 -24.05 90.16 122.69
CA GLN M 720 -25.48 89.92 122.67
C GLN M 720 -25.81 88.51 122.21
N PHE M 721 -24.95 87.92 121.36
CA PHE M 721 -25.23 86.59 120.82
C PHE M 721 -25.29 85.54 121.92
N THR M 722 -24.73 85.84 123.09
CA THR M 722 -24.83 84.91 124.22
C THR M 722 -26.03 85.21 125.11
N ALA M 723 -26.73 86.31 124.88
CA ALA M 723 -27.83 86.71 125.75
C ALA M 723 -29.20 86.36 125.21
N GLY M 724 -29.38 86.36 123.89
CA GLY M 724 -30.68 86.09 123.31
C GLY M 724 -30.88 84.62 122.98
N LEU M 769 -27.74 79.45 132.50
CA LEU M 769 -27.43 80.79 132.99
C LEU M 769 -25.99 80.86 133.47
N ALA M 770 -25.45 79.71 133.88
CA ALA M 770 -24.08 79.68 134.40
C ALA M 770 -23.07 80.00 133.32
N GLU M 771 -23.28 79.48 132.10
CA GLU M 771 -22.39 79.80 131.00
C GLU M 771 -22.34 81.31 130.76
N GLN M 772 -23.49 81.97 130.92
CA GLN M 772 -23.51 83.43 130.80
C GLN M 772 -22.61 84.07 131.85
N PHE M 773 -22.69 83.61 133.10
CA PHE M 773 -21.84 84.17 134.15
C PHE M 773 -20.37 83.95 133.84
N SER M 774 -20.03 82.75 133.39
CA SER M 774 -18.64 82.45 133.05
C SER M 774 -18.15 83.36 131.94
N LEU M 775 -18.95 83.52 130.89
CA LEU M 775 -18.53 84.35 129.77
C LEU M 775 -18.40 85.81 130.19
N GLN M 776 -19.29 86.28 131.07
CA GLN M 776 -19.20 87.65 131.53
C GLN M 776 -17.95 87.87 132.35
N GLY M 777 -17.68 86.97 133.29
CA GLY M 777 -16.44 87.06 134.04
C GLY M 777 -15.22 87.02 133.14
N ILE M 778 -15.27 86.19 132.10
CA ILE M 778 -14.12 86.05 131.20
C ILE M 778 -13.92 87.32 130.39
N HIS M 779 -15.00 87.91 129.91
CA HIS M 779 -14.88 89.15 129.14
C HIS M 779 -14.41 90.31 130.01
N GLN M 780 -14.91 90.39 131.25
CA GLN M 780 -14.44 91.43 132.16
C GLN M 780 -12.97 91.23 132.49
N LEU M 781 -12.54 89.98 132.69
CA LEU M 781 -11.15 89.70 132.95
C LEU M 781 -10.30 90.04 131.73
N VAL M 782 -10.81 89.79 130.54
CA VAL M 782 -10.07 90.14 129.32
C VAL M 782 -9.90 91.64 129.23
N ARG M 783 -10.96 92.39 129.52
CA ARG M 783 -10.86 93.84 129.48
C ARG M 783 -9.86 94.35 130.51
N LYS M 784 -9.98 93.88 131.75
CA LYS M 784 -9.05 94.31 132.79
C LYS M 784 -7.63 93.87 132.49
N MET M 785 -7.47 92.75 131.80
CA MET M 785 -6.14 92.27 131.47
C MET M 785 -5.51 93.12 130.37
N CYS M 786 -6.30 93.47 129.35
CA CYS M 786 -5.81 94.39 128.34
C CYS M 786 -5.43 95.72 128.96
N GLN M 787 -6.24 96.17 129.93
CA GLN M 787 -5.96 97.45 130.59
C GLN M 787 -4.68 97.38 131.41
N ALA M 788 -4.51 96.33 132.22
CA ALA M 788 -3.30 96.20 133.01
C ALA M 788 -2.08 95.98 132.11
N LEU M 789 -2.27 95.31 130.98
CA LEU M 789 -1.17 95.12 130.04
C LEU M 789 -0.74 96.44 129.43
N ALA M 790 -1.70 97.26 129.02
CA ALA M 790 -1.37 98.59 128.53
C ALA M 790 -0.72 99.42 129.62
N LEU M 791 -1.18 99.27 130.86
CA LEU M 791 -0.56 99.97 131.98
C LEU M 791 0.90 99.59 132.13
N TRP M 792 1.19 98.29 132.12
CA TRP M 792 2.57 97.84 132.23
C TRP M 792 3.40 98.32 131.05
N LYS M 793 2.90 98.18 129.84
CA LYS M 793 3.63 98.62 128.66
C LYS M 793 3.96 100.11 128.73
N LEU M 794 2.97 100.92 129.10
CA LEU M 794 3.20 102.35 129.18
C LEU M 794 4.17 102.70 130.29
N LEU M 795 4.02 102.09 131.46
CA LEU M 795 4.98 102.32 132.53
C LEU M 795 6.38 101.97 132.08
N CYS M 796 6.50 100.95 131.22
CA CYS M 796 7.82 100.57 130.71
C CYS M 796 8.31 101.57 129.66
N GLU M 797 7.38 102.22 128.96
CA GLU M 797 7.77 103.28 128.03
C GLU M 797 8.08 104.57 128.76
N HIS M 798 7.70 104.67 130.03
CA HIS M 798 7.92 105.87 130.84
C HIS M 798 8.98 105.66 131.91
N GLN M 799 10.04 104.90 131.59
CA GLN M 799 11.12 104.59 132.54
C GLN M 799 10.58 103.89 133.78
N PHE M 800 10.10 102.66 133.55
CA PHE M 800 9.51 101.84 134.60
C PHE M 800 10.39 101.74 135.84
N SER M 801 11.70 101.68 135.64
CA SER M 801 12.60 101.46 136.77
C SER M 801 12.53 102.59 137.79
N LEU M 802 12.71 103.84 137.34
CA LEU M 802 12.64 104.96 138.27
C LEU M 802 11.23 105.14 138.82
N VAL M 803 10.21 104.94 137.98
CA VAL M 803 8.84 105.08 138.45
C VAL M 803 8.56 104.11 139.59
N VAL M 804 9.02 102.87 139.46
CA VAL M 804 8.88 101.92 140.56
C VAL M 804 9.77 102.32 141.72
N SER M 805 10.93 102.91 141.44
CA SER M 805 11.79 103.41 142.50
C SER M 805 11.15 104.54 143.28
N ASP M 806 10.25 105.29 142.64
CA ASP M 806 9.51 106.33 143.36
C ASP M 806 8.47 105.75 144.31
N LEU M 807 8.05 104.50 144.10
CA LEU M 807 7.13 103.89 145.04
C LEU M 807 7.82 103.67 146.38
N GLN M 808 7.01 103.53 147.42
CA GLN M 808 7.54 103.25 148.75
C GLN M 808 8.20 101.88 148.77
N LYS M 809 8.91 101.59 149.87
CA LYS M 809 9.53 100.28 150.01
C LYS M 809 8.49 99.17 150.01
N GLU M 810 7.38 99.38 150.71
CA GLU M 810 6.35 98.35 150.78
C GLU M 810 5.73 98.09 149.41
N LEU M 811 5.48 99.15 148.65
CA LEU M 811 4.90 98.97 147.31
C LEU M 811 5.84 98.22 146.39
N GLN M 812 7.13 98.57 146.40
CA GLN M 812 8.09 97.81 145.61
C GLN M 812 8.10 96.34 146.03
N GLU M 813 8.15 96.09 147.34
CA GLU M 813 8.23 94.72 147.83
C GLU M 813 7.00 93.92 147.41
N GLN M 814 5.82 94.52 147.49
CA GLN M 814 4.60 93.82 147.09
C GLN M 814 4.57 93.58 145.60
N LEU M 815 4.95 94.59 144.81
CA LEU M 815 5.00 94.43 143.36
C LEU M 815 6.00 93.35 142.96
N LYS M 816 7.00 93.09 143.80
CA LYS M 816 7.98 92.08 143.47
C LYS M 816 7.41 90.66 143.58
N ILE M 817 6.45 90.44 144.49
CA ILE M 817 5.96 89.10 144.76
C ILE M 817 4.57 88.86 144.18
N THR M 818 3.83 89.91 143.85
CA THR M 818 2.48 89.75 143.34
C THR M 818 2.54 89.29 141.88
N THR M 819 1.96 88.12 141.62
CA THR M 819 1.87 87.65 140.26
C THR M 819 0.92 88.54 139.46
N PHE M 820 1.08 88.50 138.13
CA PHE M 820 0.30 89.39 137.29
C PHE M 820 -1.19 89.11 137.42
N LYS M 821 -1.56 87.85 137.67
CA LYS M 821 -2.97 87.54 137.92
C LYS M 821 -3.49 88.30 139.13
N ASP M 822 -2.72 88.30 140.24
CA ASP M 822 -3.15 89.03 141.43
C ASP M 822 -3.14 90.53 141.18
N LEU M 823 -2.26 91.01 140.30
CA LEU M 823 -2.28 92.42 139.94
C LEU M 823 -3.51 92.76 139.11
N VAL M 824 -4.04 91.77 138.39
CA VAL M 824 -5.19 92.01 137.53
C VAL M 824 -6.48 91.96 138.33
N ILE M 825 -6.62 90.98 139.24
CA ILE M 825 -7.93 90.69 139.80
C ILE M 825 -8.16 91.46 141.10
N ARG M 826 -7.27 91.32 142.08
CA ARG M 826 -7.57 91.74 143.45
C ARG M 826 -6.86 93.01 143.90
N ASP M 827 -5.58 93.18 143.56
CA ASP M 827 -4.78 94.27 144.11
C ASP M 827 -4.90 95.50 143.21
N LYS M 828 -5.99 96.24 143.41
CA LYS M 828 -6.15 97.49 142.68
C LYS M 828 -5.20 98.57 143.20
N GLU M 829 -4.87 98.52 144.48
CA GLU M 829 -4.01 99.54 145.06
C GLU M 829 -2.62 99.51 144.46
N LEU M 830 -2.17 98.33 144.01
CA LEU M 830 -0.86 98.24 143.39
C LEU M 830 -0.83 98.98 142.06
N THR M 831 -1.81 98.74 141.19
CA THR M 831 -1.86 99.47 139.93
C THR M 831 -2.06 100.95 140.18
N GLY M 832 -2.83 101.30 141.22
CA GLY M 832 -2.97 102.69 141.60
C GLY M 832 -1.65 103.33 141.97
N ALA M 833 -0.84 102.62 142.76
CA ALA M 833 0.47 103.15 143.15
C ALA M 833 1.38 103.29 141.94
N LEU M 834 1.35 102.31 141.03
CA LEU M 834 2.17 102.42 139.83
C LEU M 834 1.77 103.64 139.00
N THR M 835 0.47 103.87 138.84
CA THR M 835 0.01 105.00 138.04
C THR M 835 0.36 106.32 138.71
N ALA M 836 0.10 106.44 140.01
CA ALA M 836 0.45 107.66 140.73
C ALA M 836 1.95 107.88 140.74
N SER M 837 2.73 106.81 140.69
CA SER M 837 4.19 106.95 140.62
C SER M 837 4.60 107.52 139.26
N LEU M 838 4.07 106.95 138.18
CA LEU M 838 4.33 107.52 136.86
C LEU M 838 3.94 108.99 136.83
N ILE M 839 2.82 109.33 137.45
CA ILE M 839 2.33 110.70 137.43
C ILE M 839 3.26 111.62 138.21
N SER M 840 3.69 111.20 139.40
CA SER M 840 4.58 112.04 140.19
C SER M 840 5.94 112.18 139.52
N CYS M 841 6.39 111.14 138.82
CA CYS M 841 7.65 111.22 138.09
C CYS M 841 7.55 112.23 136.95
N TYR M 842 6.43 112.21 136.21
CA TYR M 842 6.24 113.19 135.16
C TYR M 842 6.09 114.59 135.73
N ILE M 843 5.55 114.70 136.94
CA ILE M 843 5.27 116.02 137.53
C ILE M 843 6.53 116.65 138.08
N ARG M 844 7.42 115.85 138.67
CA ARG M 844 8.58 116.40 139.38
C ARG M 844 9.46 117.21 138.45
N ASP M 845 9.57 116.81 137.18
CA ASP M 845 10.37 117.55 136.21
C ASP M 845 9.68 118.82 135.73
N ASN M 846 8.59 119.25 136.36
CA ASN M 846 7.86 120.47 136.02
C ASN M 846 7.25 120.37 134.62
N ALA M 847 6.79 119.19 134.23
CA ALA M 847 6.09 119.03 132.97
C ALA M 847 4.59 118.97 133.19
N SER M 848 3.83 119.42 132.18
CA SER M 848 2.39 119.34 132.26
C SER M 848 1.93 117.90 132.10
N VAL M 849 1.13 117.42 133.05
CA VAL M 849 0.71 116.02 133.07
C VAL M 849 -0.38 115.71 132.06
N ASP M 850 -0.73 116.67 131.19
CA ASP M 850 -1.86 116.47 130.29
C ASP M 850 -1.66 115.28 129.37
N GLY M 851 -0.47 115.15 128.78
CA GLY M 851 -0.24 114.06 127.86
C GLY M 851 -0.30 112.69 128.52
N ILE M 852 0.40 112.54 129.64
CA ILE M 852 0.43 111.24 130.31
C ILE M 852 -0.95 110.89 130.85
N SER M 853 -1.69 111.89 131.34
CA SER M 853 -3.03 111.61 131.84
C SER M 853 -3.98 111.25 130.71
N TYR M 854 -3.87 111.93 129.58
CA TYR M 854 -4.70 111.60 128.43
C TYR M 854 -4.43 110.18 127.96
N ARG M 855 -3.14 109.81 127.88
CA ARG M 855 -2.80 108.44 127.52
C ARG M 855 -3.35 107.45 128.53
N LEU M 856 -3.21 107.76 129.83
CA LEU M 856 -3.75 106.87 130.86
C LEU M 856 -5.25 106.67 130.69
N GLN M 857 -5.99 107.76 130.45
CA GLN M 857 -7.42 107.63 130.25
C GLN M 857 -7.74 106.82 129.00
N GLU M 858 -7.04 107.09 127.91
CA GLU M 858 -7.30 106.38 126.66
C GLU M 858 -7.01 104.89 126.80
N VAL M 859 -6.05 104.53 127.64
CA VAL M 859 -5.70 103.12 127.78
C VAL M 859 -6.24 102.51 129.06
N CYS M 860 -6.38 103.30 130.12
CA CYS M 860 -6.87 102.77 131.39
C CYS M 860 -7.85 103.73 132.04
N THR M 866 -10.79 102.31 139.99
CA THR M 866 -11.40 103.63 140.07
C THR M 866 -10.64 104.52 141.05
N ASP M 867 -10.45 104.04 142.28
CA ASP M 867 -9.65 104.78 143.24
C ASP M 867 -8.19 104.86 142.80
N ASP M 868 -7.78 103.96 141.90
CA ASP M 868 -6.42 104.02 141.37
C ASP M 868 -6.21 105.26 140.52
N ALA M 869 -7.11 105.51 139.56
CA ALA M 869 -6.97 106.69 138.72
C ALA M 869 -7.15 107.97 139.53
N VAL M 870 -8.07 107.94 140.50
CA VAL M 870 -8.25 109.09 141.38
C VAL M 870 -6.96 109.39 142.14
N CYS M 871 -6.31 108.35 142.67
CA CYS M 871 -5.06 108.55 143.40
C CYS M 871 -3.97 109.07 142.48
N SER M 872 -3.89 108.54 141.26
CA SER M 872 -2.90 109.03 140.31
C SER M 872 -3.11 110.49 140.00
N LYS M 873 -4.36 110.90 139.73
CA LYS M 873 -4.63 112.29 139.44
C LYS M 873 -4.31 113.19 140.64
N ALA M 874 -4.68 112.75 141.85
CA ALA M 874 -4.37 113.54 143.04
C ALA M 874 -2.88 113.76 143.19
N ASN M 875 -2.10 112.67 143.14
CA ASN M 875 -0.65 112.80 143.31
C ASN M 875 -0.04 113.66 142.20
N GLU M 876 -0.54 113.51 140.96
CA GLU M 876 -0.03 114.30 139.86
C GLU M 876 -0.25 115.79 140.11
N LEU M 877 -1.50 116.17 140.41
CA LEU M 877 -1.79 117.57 140.67
C LEU M 877 -0.95 118.10 141.82
N LEU M 878 -0.80 117.30 142.89
CA LEU M 878 -0.02 117.75 144.03
C LEU M 878 1.43 118.02 143.66
N GLN M 879 2.10 117.03 143.07
CA GLN M 879 3.51 117.20 142.72
C GLN M 879 3.69 118.27 141.65
N ARG M 880 2.69 118.48 140.81
CA ARG M 880 2.80 119.51 139.78
C ARG M 880 2.64 120.91 140.36
N SER M 881 1.86 121.04 141.44
CA SER M 881 1.68 122.35 142.08
C SER M 881 3.00 122.96 142.55
N ARG M 882 3.97 122.12 142.93
CA ARG M 882 5.22 122.63 143.50
C ARG M 882 6.02 123.46 142.52
N HIS M 883 5.66 123.41 141.23
CA HIS M 883 6.37 124.17 140.21
C HIS M 883 5.66 125.45 139.79
N VAL M 884 4.48 125.71 140.34
CA VAL M 884 3.68 126.86 139.91
C VAL M 884 4.31 128.15 140.43
N PRO M 885 4.52 129.15 139.57
CA PRO M 885 5.02 130.44 140.06
C PRO M 885 3.89 131.35 140.53
N ASN M 886 2.69 131.14 139.99
CA ASN M 886 1.52 131.89 140.41
C ASN M 886 0.90 131.23 141.63
N LYS M 887 0.83 131.97 142.74
CA LYS M 887 0.32 131.41 143.98
C LYS M 887 -1.13 130.96 143.85
N GLN M 888 -1.94 131.72 143.10
CA GLN M 888 -3.37 131.42 143.02
C GLN M 888 -3.63 130.10 142.31
N GLU M 889 -2.94 129.85 141.19
CA GLU M 889 -3.10 128.57 140.51
C GLU M 889 -2.60 127.43 141.39
N LYS M 890 -1.50 127.66 142.12
CA LYS M 890 -1.00 126.66 143.06
C LYS M 890 -2.07 126.30 144.08
N GLU M 891 -2.69 127.30 144.70
CA GLU M 891 -3.70 127.04 145.72
C GLU M 891 -4.92 126.35 145.12
N ARG M 892 -5.33 126.77 143.93
CA ARG M 892 -6.50 126.15 143.29
C ARG M 892 -6.22 124.67 143.00
N MET M 893 -5.09 124.37 142.38
CA MET M 893 -4.75 122.99 142.10
C MET M 893 -4.57 122.19 143.39
N LEU M 894 -4.11 122.84 144.46
CA LEU M 894 -3.97 122.17 145.74
C LEU M 894 -5.34 121.79 146.30
N ARG M 895 -6.32 122.69 146.20
CA ARG M 895 -7.66 122.35 146.64
C ARG M 895 -8.26 121.25 145.80
N GLU M 896 -8.01 121.26 144.49
CA GLU M 896 -8.51 120.18 143.63
C GLU M 896 -7.90 118.84 144.01
N SER M 897 -6.59 118.82 144.27
CA SER M 897 -5.92 117.60 144.71
C SER M 897 -6.46 117.14 146.05
N LEU M 898 -6.71 118.08 146.97
CA LEU M 898 -7.27 117.71 148.26
C LEU M 898 -8.66 117.08 148.10
N LYS M 899 -9.44 117.60 147.15
CA LYS M 899 -10.74 117.00 146.88
C LYS M 899 -10.58 115.58 146.32
N GLU M 900 -9.67 115.40 145.38
CA GLU M 900 -9.43 114.07 144.84
C GLU M 900 -8.91 113.13 145.91
N TYR M 901 -8.28 113.69 146.95
CA TYR M 901 -7.85 112.87 148.08
C TYR M 901 -9.01 112.49 148.98
N GLN M 902 -9.88 113.45 149.31
CA GLN M 902 -11.04 113.15 150.15
C GLN M 902 -11.99 112.19 149.46
N LYS M 903 -11.93 112.11 148.12
CA LYS M 903 -12.76 111.15 147.41
C LYS M 903 -12.37 109.71 147.76
N ILE M 904 -11.08 109.46 147.97
CA ILE M 904 -10.56 108.12 148.22
C ILE M 904 -9.71 108.07 149.50
N SER M 905 -10.05 108.88 150.50
CA SER M 905 -9.18 109.11 151.65
C SER M 905 -8.94 107.87 152.51
N GLN M 906 -9.83 106.88 152.48
CA GLN M 906 -9.70 105.74 153.39
C GLN M 906 -8.42 104.96 153.15
N GLN M 907 -8.22 104.50 151.91
CA GLN M 907 -6.99 103.79 151.55
C GLN M 907 -5.91 104.73 151.04
N VAL M 908 -6.12 106.04 151.13
CA VAL M 908 -5.07 106.99 150.76
C VAL M 908 -3.97 106.97 151.82
N ASP M 909 -2.72 107.04 151.36
CA ASP M 909 -1.56 107.00 152.26
C ASP M 909 -1.49 108.32 153.03
N LEU M 910 -2.13 108.33 154.19
CA LEU M 910 -2.20 109.54 155.02
C LEU M 910 -0.83 110.12 155.35
N PRO M 911 0.14 109.36 155.85
CA PRO M 911 1.42 109.96 156.20
C PRO M 911 2.16 110.58 155.02
N ASN M 912 2.22 109.86 153.90
CA ASN M 912 2.98 110.36 152.74
C ASN M 912 2.31 111.59 152.13
N VAL M 913 0.99 111.55 151.96
CA VAL M 913 0.30 112.71 151.42
C VAL M 913 0.43 113.89 152.38
N CYS M 914 0.36 113.63 153.69
CA CYS M 914 0.51 114.70 154.66
C CYS M 914 1.89 115.33 154.57
N ALA M 915 2.93 114.51 154.44
CA ALA M 915 4.28 115.06 154.31
C ALA M 915 4.44 115.85 153.03
N GLN M 916 3.90 115.34 151.91
CA GLN M 916 3.99 116.06 150.66
C GLN M 916 3.28 117.39 150.74
N TYR M 917 2.16 117.44 151.45
CA TYR M 917 1.47 118.71 151.67
C TYR M 917 2.30 119.64 152.54
N ARG M 918 2.94 119.10 153.58
CA ARG M 918 3.73 119.91 154.48
C ARG M 918 4.93 120.52 153.77
N GLN M 919 5.48 119.81 152.78
CA GLN M 919 6.55 120.38 151.98
C GLN M 919 6.05 121.57 151.17
N VAL M 920 4.81 121.51 150.68
CA VAL M 920 4.21 122.62 149.95
C VAL M 920 3.43 123.56 150.87
N ARG M 921 3.58 123.41 152.19
CA ARG M 921 2.91 124.24 153.19
C ARG M 921 1.38 124.18 153.06
N PHE M 922 0.85 123.01 152.70
CA PHE M 922 -0.59 122.83 152.56
C PHE M 922 -1.17 122.19 153.81
N TYR M 923 -1.22 123.00 154.88
CA TYR M 923 -1.70 122.50 156.16
C TYR M 923 -3.22 122.39 156.18
N GLU M 924 -3.93 123.31 155.54
CA GLU M 924 -5.40 123.23 155.51
C GLU M 924 -5.86 121.96 154.83
N GLY M 925 -5.24 121.62 153.70
CA GLY M 925 -5.56 120.35 153.04
C GLY M 925 -5.25 119.15 153.91
N VAL M 926 -4.18 119.24 154.71
CA VAL M 926 -3.85 118.14 155.62
C VAL M 926 -4.96 117.98 156.66
N VAL M 927 -5.41 119.09 157.23
CA VAL M 927 -6.47 119.05 158.24
C VAL M 927 -7.76 118.47 157.64
N GLU M 928 -8.09 118.89 156.42
CA GLU M 928 -9.31 118.39 155.78
C GLU M 928 -9.20 116.91 155.44
N LEU M 929 -8.03 116.47 154.96
CA LEU M 929 -7.83 115.06 154.66
C LEU M 929 -7.91 114.22 155.92
N CYS M 930 -7.36 114.73 157.02
CA CYS M 930 -7.46 114.03 158.30
C CYS M 930 -8.90 113.90 158.75
N LEU M 931 -9.64 115.00 158.73
CA LEU M 931 -11.04 114.95 159.13
C LEU M 931 -11.85 113.99 158.26
N SER M 932 -11.67 114.05 156.94
CA SER M 932 -12.46 113.23 156.05
C SER M 932 -12.08 111.75 156.17
N ALA M 933 -10.78 111.45 156.24
CA ALA M 933 -10.34 110.07 156.37
C ALA M 933 -10.81 109.47 157.69
N ALA M 934 -10.74 110.24 158.78
CA ALA M 934 -11.24 109.75 160.06
C ALA M 934 -12.74 109.51 160.01
N GLU M 935 -13.51 110.49 159.51
CA GLU M 935 -14.96 110.37 159.48
C GLU M 935 -15.40 109.20 158.61
N LYS M 936 -14.71 108.98 157.48
CA LYS M 936 -15.05 107.85 156.62
C LYS M 936 -14.53 106.53 157.18
N LYS M 937 -13.54 106.60 158.09
CA LYS M 937 -13.08 105.38 158.76
C LYS M 937 -14.08 104.92 159.79
N ASP M 938 -14.92 105.83 160.29
CA ASP M 938 -16.01 105.53 161.22
C ASP M 938 -17.26 106.27 160.77
N PRO M 939 -17.75 105.97 159.56
CA PRO M 939 -18.99 106.62 159.11
C PRO M 939 -20.17 106.34 160.03
N GLN M 940 -20.14 105.25 160.78
CA GLN M 940 -21.08 105.02 161.86
C GLN M 940 -20.58 105.59 163.18
N GLY M 941 -19.35 106.11 163.21
CA GLY M 941 -18.83 106.75 164.41
C GLY M 941 -18.55 105.81 165.55
N LEU M 942 -18.13 104.58 165.25
CA LEU M 942 -17.83 103.62 166.32
C LEU M 942 -16.71 104.13 167.21
N GLY M 943 -15.84 104.99 166.68
CA GLY M 943 -14.70 105.46 167.45
C GLY M 943 -15.07 106.44 168.55
N LEU M 944 -15.84 107.48 168.20
CA LEU M 944 -16.27 108.44 169.21
C LEU M 944 -17.17 107.78 170.25
N HIS M 945 -18.08 106.90 169.81
CA HIS M 945 -18.94 106.19 170.74
C HIS M 945 -18.14 105.27 171.65
N PHE M 946 -17.12 104.61 171.09
CA PHE M 946 -16.25 103.78 171.89
C PHE M 946 -15.51 104.59 172.95
N HIS M 947 -15.00 105.75 172.55
CA HIS M 947 -14.31 106.61 173.51
C HIS M 947 -15.28 107.20 174.54
N LYS M 948 -16.56 107.26 174.20
CA LYS M 948 -17.53 107.93 175.07
C LYS M 948 -18.02 107.05 176.22
N ASN M 949 -18.33 105.78 175.95
CA ASN M 949 -19.03 104.93 176.90
C ASN M 949 -18.10 104.26 177.91
N GLY M 950 -16.91 104.80 178.13
CA GLY M 950 -15.97 104.24 179.09
C GLY M 950 -15.36 102.93 178.67
N GLY M 958 -15.74 98.64 167.75
CA GLY M 958 -15.64 100.03 168.17
C GLY M 958 -14.21 100.52 168.31
N LEU M 959 -13.43 99.83 169.15
CA LEU M 959 -12.03 100.19 169.35
C LEU M 959 -11.28 100.20 168.02
N GLN M 960 -11.75 99.42 167.05
CA GLN M 960 -11.23 99.50 165.70
C GLN M 960 -11.33 100.93 165.19
N ALA M 961 -12.54 101.49 165.19
CA ALA M 961 -12.75 102.83 164.67
C ALA M 961 -12.03 103.87 165.53
N PHE M 962 -11.97 103.66 166.85
CA PHE M 962 -11.30 104.62 167.73
C PHE M 962 -9.81 104.67 167.45
N GLN M 963 -9.17 103.51 167.36
CA GLN M 963 -7.75 103.47 167.02
C GLN M 963 -7.50 104.01 165.61
N GLU M 964 -8.45 103.77 164.69
CA GLU M 964 -8.30 104.29 163.34
C GLU M 964 -8.36 105.81 163.31
N ARG M 965 -9.29 106.39 164.08
CA ARG M 965 -9.39 107.84 164.16
C ARG M 965 -8.17 108.43 164.85
N LEU M 966 -7.65 107.73 165.86
CA LEU M 966 -6.39 108.15 166.47
C LEU M 966 -5.26 108.17 165.44
N ASN M 967 -5.14 107.11 164.64
CA ASN M 967 -4.08 107.03 163.65
C ASN M 967 -4.25 108.08 162.55
N SER M 968 -5.49 108.43 162.22
CA SER M 968 -5.70 109.46 161.22
C SER M 968 -5.39 110.84 161.77
N TYR M 969 -5.97 111.18 162.93
CA TYR M 969 -5.69 112.47 163.57
C TYR M 969 -4.23 112.59 163.97
N LYS M 970 -3.50 111.47 163.99
CA LYS M 970 -2.06 111.54 164.20
C LYS M 970 -1.39 112.45 163.18
N CYS M 971 -1.89 112.45 161.95
CA CYS M 971 -1.31 113.33 160.93
C CYS M 971 -1.41 114.79 161.35
N ILE M 972 -2.59 115.21 161.80
CA ILE M 972 -2.79 116.61 162.18
C ILE M 972 -2.01 116.94 163.44
N THR M 973 -2.01 116.03 164.41
CA THR M 973 -1.26 116.26 165.65
C THR M 973 0.23 116.39 165.36
N ASP M 974 0.78 115.51 164.52
CA ASP M 974 2.21 115.55 164.21
C ASP M 974 2.57 116.78 163.39
N THR M 975 1.71 117.18 162.46
CA THR M 975 1.98 118.39 161.70
C THR M 975 1.95 119.62 162.59
N LEU M 976 0.97 119.69 163.51
CA LEU M 976 0.91 120.80 164.45
C LEU M 976 2.14 120.82 165.36
N GLN M 977 2.55 119.65 165.85
CA GLN M 977 3.75 119.59 166.68
C GLN M 977 4.98 120.02 165.90
N GLU M 978 5.08 119.62 164.63
CA GLU M 978 6.23 119.98 163.82
C GLU M 978 6.28 121.49 163.57
N LEU M 979 5.12 122.09 163.29
CA LEU M 979 5.10 123.53 163.05
C LEU M 979 5.39 124.30 164.35
N VAL M 980 4.86 123.82 165.48
CA VAL M 980 5.11 124.49 166.75
C VAL M 980 6.59 124.37 167.13
N ASN M 981 7.20 123.22 166.89
CA ASN M 981 8.59 123.02 167.24
C ASN M 981 9.51 123.83 166.33
N GLN M 982 9.23 123.83 165.02
CA GLN M 982 10.00 124.68 164.11
C GLN M 982 9.83 126.15 164.47
N SER M 983 8.66 126.53 165.01
CA SER M 983 8.51 127.86 165.56
C SER M 983 9.47 128.10 166.72
N LYS M 984 9.90 127.05 167.40
CA LYS M 984 10.88 127.17 168.48
C LYS M 984 12.29 127.00 167.93
N ASN M 1010 11.47 131.12 161.58
CA ASN M 1010 10.85 130.89 162.87
C ASN M 1010 9.44 131.46 162.93
N GLU M 1011 9.23 132.57 162.23
CA GLU M 1011 7.91 133.21 162.20
C GLU M 1011 6.94 132.43 161.32
N GLU M 1012 7.44 131.92 160.19
CA GLU M 1012 6.56 131.22 159.25
C GLU M 1012 6.02 129.92 159.84
N ALA M 1013 6.85 129.16 160.55
CA ALA M 1013 6.38 127.94 161.19
C ALA M 1013 5.34 128.26 162.26
N GLY M 1014 5.56 129.34 163.03
CA GLY M 1014 4.59 129.72 164.03
C GLY M 1014 3.26 130.14 163.43
N ILE M 1015 3.28 130.95 162.38
CA ILE M 1015 2.06 131.36 161.71
C ILE M 1015 1.35 130.15 161.11
N HIS M 1016 2.12 129.20 160.58
CA HIS M 1016 1.52 128.00 159.99
C HIS M 1016 0.84 127.14 161.06
N PHE M 1017 1.51 126.94 162.20
CA PHE M 1017 0.90 126.21 163.30
C PHE M 1017 -0.37 126.91 163.77
N GLU M 1018 -0.32 128.24 163.87
CA GLU M 1018 -1.49 129.00 164.32
C GLU M 1018 -2.67 128.83 163.37
N GLN M 1019 -2.42 128.96 162.06
CA GLN M 1019 -3.49 128.80 161.09
C GLN M 1019 -4.02 127.36 161.09
N MET M 1020 -3.12 126.38 161.24
CA MET M 1020 -3.56 124.99 161.32
C MET M 1020 -4.48 124.77 162.51
N LEU M 1021 -4.08 125.23 163.69
CA LEU M 1021 -4.92 125.08 164.87
C LEU M 1021 -6.23 125.82 164.72
N LYS M 1022 -6.20 127.01 164.12
CA LYS M 1022 -7.43 127.78 163.94
C LYS M 1022 -8.41 127.08 163.02
N LEU M 1023 -7.91 126.51 161.91
CA LEU M 1023 -8.78 125.76 161.01
C LEU M 1023 -9.30 124.51 161.70
N ALA M 1024 -8.44 123.84 162.47
CA ALA M 1024 -8.88 122.65 163.22
C ALA M 1024 -9.98 123.00 164.21
N GLN M 1025 -9.94 124.21 164.76
CA GLN M 1025 -10.95 124.61 165.74
C GLN M 1025 -12.36 124.63 165.16
N ARG M 1026 -12.49 124.71 163.85
CA ARG M 1026 -13.81 124.71 163.21
C ARG M 1026 -14.40 123.31 163.09
N SER M 1027 -13.63 122.26 163.34
CA SER M 1027 -14.13 120.89 163.18
C SER M 1027 -15.13 120.55 164.27
N ALA M 1028 -16.16 119.78 163.90
CA ALA M 1028 -17.19 119.35 164.83
C ALA M 1028 -17.00 117.92 165.33
N ASP M 1029 -15.84 117.30 165.08
CA ASP M 1029 -15.61 115.91 165.49
C ASP M 1029 -15.27 115.86 166.98
N GLU M 1030 -16.02 115.04 167.72
CA GLU M 1030 -15.85 114.98 169.17
C GLU M 1030 -14.50 114.38 169.56
N LEU M 1031 -14.25 113.13 169.16
CA LEU M 1031 -13.02 112.47 169.54
C LEU M 1031 -11.81 113.18 168.95
N PHE M 1032 -11.99 113.86 167.81
CA PHE M 1032 -10.90 114.67 167.27
C PHE M 1032 -10.58 115.83 168.20
N ASN M 1033 -11.60 116.48 168.75
CA ASN M 1033 -11.36 117.54 169.72
C ASN M 1033 -10.72 116.98 170.99
N ILE M 1034 -11.09 115.74 171.35
CA ILE M 1034 -10.47 115.08 172.50
C ILE M 1034 -8.98 114.91 172.26
N ALA M 1035 -8.62 114.37 171.09
CA ALA M 1035 -7.21 114.23 170.75
C ALA M 1035 -6.53 115.59 170.68
N LEU M 1036 -7.25 116.61 170.22
CA LEU M 1036 -6.68 117.95 170.16
C LEU M 1036 -6.31 118.46 171.54
N PHE M 1037 -7.24 118.35 172.50
CA PHE M 1037 -6.94 118.76 173.86
C PHE M 1037 -5.80 117.92 174.43
N ASN M 1038 -5.81 116.61 174.17
CA ASN M 1038 -4.78 115.74 174.73
C ASN M 1038 -3.41 116.09 174.19
N TRP M 1039 -3.32 116.41 172.90
CA TRP M 1039 -2.02 116.73 172.30
C TRP M 1039 -1.56 118.12 172.68
N LEU M 1040 -2.51 119.06 172.81
CA LEU M 1040 -2.15 120.40 173.27
C LEU M 1040 -1.64 120.37 174.70
N ILE M 1041 -2.24 119.51 175.54
CA ILE M 1041 -1.73 119.33 176.89
C ILE M 1041 -0.37 118.63 176.85
N GLN M 1042 -0.23 117.66 175.95
CA GLN M 1042 1.07 117.01 175.76
C GLN M 1042 2.10 118.01 175.25
N ALA M 1043 1.70 118.88 174.32
CA ALA M 1043 2.59 119.90 173.78
C ALA M 1043 2.93 121.00 174.77
N ASP M 1044 2.47 120.89 176.02
CA ASP M 1044 2.68 121.91 177.05
C ASP M 1044 2.13 123.27 176.63
N LEU M 1045 1.14 123.27 175.75
CA LEU M 1045 0.47 124.49 175.30
C LEU M 1045 -0.79 124.76 176.12
N THR M 1046 -0.61 124.94 177.43
CA THR M 1046 -1.75 125.13 178.32
C THR M 1046 -2.54 126.39 177.98
N ASP M 1047 -1.84 127.46 177.59
CA ASP M 1047 -2.53 128.70 177.24
C ASP M 1047 -3.27 128.55 175.92
N LYS M 1048 -2.69 127.82 174.96
CA LYS M 1048 -3.33 127.65 173.67
C LYS M 1048 -4.60 126.82 173.79
N LEU M 1049 -4.55 125.70 174.52
CA LEU M 1049 -5.76 124.93 174.79
C LEU M 1049 -6.75 125.73 175.63
N LEU M 1050 -6.23 126.61 176.50
CA LEU M 1050 -7.10 127.47 177.29
C LEU M 1050 -7.79 128.53 176.44
N GLU M 1051 -7.23 128.85 175.27
CA GLU M 1051 -7.83 129.86 174.41
C GLU M 1051 -8.93 129.32 173.50
N LEU M 1052 -9.14 128.01 173.47
CA LEU M 1052 -10.15 127.41 172.61
C LEU M 1052 -11.53 127.62 173.22
N ASN M 1053 -12.47 128.11 172.41
CA ASN M 1053 -13.86 128.27 172.84
C ASN M 1053 -14.65 127.01 172.45
N SER M 1054 -14.23 125.89 173.04
CA SER M 1054 -14.78 124.59 172.73
C SER M 1054 -15.76 124.14 173.80
N PRO M 1055 -17.00 123.77 173.44
CA PRO M 1055 -17.96 123.35 174.47
C PRO M 1055 -17.67 121.98 175.07
N PHE M 1056 -16.81 121.18 174.44
CA PHE M 1056 -16.49 119.85 174.95
C PHE M 1056 -15.22 119.82 175.80
N LEU M 1057 -14.50 120.93 175.90
CA LEU M 1057 -13.28 120.95 176.70
C LEU M 1057 -13.59 120.84 178.18
N GLU M 1058 -14.64 121.52 178.64
CA GLU M 1058 -14.99 121.47 180.06
C GLU M 1058 -15.43 120.09 180.50
N PRO M 1059 -16.37 119.42 179.81
CA PRO M 1059 -16.71 118.05 180.21
C PRO M 1059 -15.53 117.09 180.07
N HIS M 1060 -14.69 117.27 179.05
CA HIS M 1060 -13.52 116.43 178.90
C HIS M 1060 -12.52 116.67 180.02
N LEU M 1061 -12.34 117.94 180.42
CA LEU M 1061 -11.43 118.25 181.52
C LEU M 1061 -11.95 117.68 182.84
N VAL M 1062 -13.27 117.74 183.05
CA VAL M 1062 -13.84 117.15 184.26
C VAL M 1062 -13.67 115.63 184.24
N ARG M 1063 -13.92 115.00 183.09
CA ARG M 1063 -13.77 113.56 182.97
C ARG M 1063 -12.32 113.14 183.19
N MET M 1064 -11.37 113.97 182.75
CA MET M 1064 -9.96 113.70 183.01
C MET M 1064 -9.64 113.83 184.49
N ALA M 1065 -10.07 114.92 185.13
CA ALA M 1065 -9.88 115.08 186.56
C ALA M 1065 -10.53 113.96 187.36
N LYS M 1066 -11.51 113.27 186.78
CA LYS M 1066 -12.12 112.11 187.43
C LYS M 1066 -11.36 110.82 187.16
N LEU M 1067 -10.87 110.62 185.93
CA LEU M 1067 -10.28 109.35 185.53
C LEU M 1067 -8.76 109.36 185.59
N ASP M 1068 -8.13 110.51 185.44
CA ASP M 1068 -6.67 110.59 185.49
C ASP M 1068 -6.16 110.63 186.94
N LEU N 13 50.58 7.85 -103.29
CA LEU N 13 51.90 8.38 -103.61
C LEU N 13 52.63 8.83 -102.35
N TRP N 14 51.93 8.81 -101.22
CA TRP N 14 52.50 9.27 -99.96
C TRP N 14 52.66 8.13 -98.95
N GLY N 15 51.58 7.43 -98.62
CA GLY N 15 51.60 6.39 -97.63
C GLY N 15 52.71 5.38 -97.84
N PRO N 16 52.89 4.93 -99.10
CA PRO N 16 53.94 3.93 -99.35
C PRO N 16 55.33 4.46 -99.10
N TYR N 17 55.64 5.67 -99.57
CA TYR N 17 56.95 6.24 -99.33
C TYR N 17 57.16 6.54 -97.85
N ARG N 18 56.11 6.97 -97.15
CA ARG N 18 56.24 7.25 -95.72
C ARG N 18 56.53 5.98 -94.94
N GLU N 19 55.76 4.92 -95.19
CA GLU N 19 56.03 3.64 -94.54
C GLU N 19 57.42 3.13 -94.92
N ILE N 20 57.84 3.34 -96.15
CA ILE N 20 59.13 2.84 -96.60
C ILE N 20 60.26 3.54 -95.84
N TRP N 21 60.21 4.87 -95.78
CA TRP N 21 61.22 5.62 -95.04
C TRP N 21 61.20 5.25 -93.56
N GLN N 22 60.02 5.10 -92.98
CA GLN N 22 59.94 4.75 -91.56
C GLN N 22 60.56 3.38 -91.29
N THR N 23 60.27 2.40 -92.14
CA THR N 23 60.85 1.08 -91.96
C THR N 23 62.36 1.13 -92.16
N VAL N 24 62.81 1.89 -93.15
CA VAL N 24 64.25 2.04 -93.38
C VAL N 24 64.92 2.62 -92.14
N LEU N 25 64.27 3.58 -91.49
CA LEU N 25 64.84 4.17 -90.28
C LEU N 25 64.84 3.17 -89.14
N SER N 26 63.77 2.37 -89.03
CA SER N 26 63.68 1.37 -87.97
C SER N 26 64.78 0.34 -88.09
N ALA N 27 65.05 -0.11 -89.31
CA ALA N 27 66.04 -1.17 -89.48
C ALA N 27 67.47 -0.62 -89.54
N LEU N 28 67.70 0.42 -90.33
CA LEU N 28 69.03 0.90 -90.67
C LEU N 28 69.62 1.86 -89.64
N ILE N 29 68.80 2.66 -88.99
CA ILE N 29 69.31 3.61 -88.01
C ILE N 29 68.90 3.24 -86.60
N LYS N 30 67.65 2.85 -86.41
CA LYS N 30 67.20 2.37 -85.11
C LYS N 30 67.71 0.98 -84.80
N ARG N 31 68.24 0.28 -85.80
CA ARG N 31 68.80 -1.07 -85.63
C ARG N 31 67.81 -2.01 -84.94
N GLN N 32 66.52 -1.70 -85.05
CA GLN N 32 65.49 -2.51 -84.43
C GLN N 32 65.49 -3.90 -85.07
N PRO N 33 65.54 -4.97 -84.29
CA PRO N 33 65.72 -6.29 -84.91
C PRO N 33 64.57 -6.72 -85.79
N GLU N 34 63.34 -6.67 -85.28
CA GLU N 34 62.19 -7.10 -86.07
C GLU N 34 62.04 -6.32 -87.36
N ALA N 35 62.56 -5.09 -87.40
CA ALA N 35 62.42 -4.23 -88.57
C ALA N 35 63.16 -4.76 -89.80
N VAL N 36 64.18 -5.60 -89.61
CA VAL N 36 65.02 -5.98 -90.74
C VAL N 36 64.22 -6.80 -91.75
N HIS N 37 63.35 -7.68 -91.27
CA HIS N 37 62.54 -8.48 -92.19
C HIS N 37 61.53 -7.61 -92.92
N SER N 38 60.91 -6.67 -92.20
CA SER N 38 60.04 -5.71 -92.86
C SER N 38 60.79 -4.91 -93.90
N LEU N 39 62.07 -4.64 -93.65
CA LEU N 39 62.89 -3.92 -94.62
C LEU N 39 63.14 -4.78 -95.85
N ASP N 40 63.45 -6.06 -95.64
CA ASP N 40 63.57 -6.96 -96.78
C ASP N 40 62.31 -6.96 -97.62
N ILE N 41 61.15 -7.00 -96.97
CA ILE N 41 59.90 -7.05 -97.72
C ILE N 41 59.64 -5.74 -98.44
N VAL N 42 59.92 -4.62 -97.78
CA VAL N 42 59.68 -3.32 -98.39
C VAL N 42 60.62 -3.11 -99.56
N LEU N 43 61.84 -3.63 -99.47
CA LEU N 43 62.79 -3.46 -100.56
C LEU N 43 62.44 -4.36 -101.73
N LYS N 44 61.94 -5.57 -101.46
CA LYS N 44 61.51 -6.43 -102.55
C LYS N 44 60.29 -5.86 -103.27
N LYS N 45 59.30 -5.37 -102.50
CA LYS N 45 58.09 -4.88 -103.12
C LYS N 45 58.34 -3.60 -103.91
N TYR N 46 58.95 -2.59 -103.28
CA TYR N 46 59.04 -1.25 -103.85
C TYR N 46 60.31 -1.04 -104.66
N LYS N 47 60.93 -2.13 -105.12
CA LYS N 47 62.08 -1.99 -106.01
C LYS N 47 61.75 -1.22 -107.27
N PRO N 48 60.56 -1.36 -107.86
CA PRO N 48 60.23 -0.53 -109.04
C PRO N 48 60.22 0.95 -108.73
N ASP N 49 59.87 1.34 -107.51
CA ASP N 49 59.92 2.76 -107.16
C ASP N 49 61.37 3.23 -107.06
N PHE N 50 62.27 2.38 -106.59
CA PHE N 50 63.67 2.77 -106.45
C PHE N 50 64.42 2.69 -107.77
N ILE N 51 63.86 2.00 -108.75
CA ILE N 51 64.52 1.91 -110.05
C ILE N 51 64.21 3.15 -110.89
N SER N 52 62.92 3.44 -111.11
CA SER N 52 62.50 4.63 -111.82
C SER N 52 62.17 5.78 -110.87
N LEU N 53 63.17 6.27 -110.12
CA LEU N 53 63.01 7.29 -109.09
C LEU N 53 62.23 8.51 -109.56
N PHE N 54 61.22 8.93 -108.78
CA PHE N 54 60.46 10.16 -108.94
C PHE N 54 59.64 10.20 -110.21
N LYS N 55 59.34 9.05 -110.82
CA LYS N 55 58.45 9.02 -111.97
C LYS N 55 57.02 8.81 -111.50
N ASN N 56 56.12 9.66 -111.97
CA ASN N 56 54.74 9.54 -111.54
C ASN N 56 53.95 8.62 -112.47
N PRO N 57 52.88 8.01 -111.97
CA PRO N 57 52.00 7.23 -112.84
C PRO N 57 51.35 8.13 -113.88
N PRO N 58 51.56 7.87 -115.16
CA PRO N 58 51.09 8.80 -116.20
C PRO N 58 49.59 9.00 -116.16
N LYS N 59 49.14 10.06 -116.85
CA LYS N 59 47.72 10.38 -116.86
C LYS N 59 46.96 9.33 -117.65
N SER N 60 45.75 9.01 -117.21
CA SER N 60 44.98 7.92 -117.78
C SER N 60 43.60 8.41 -118.22
N ALA N 61 43.25 8.12 -119.47
CA ALA N 61 41.99 8.59 -120.03
C ALA N 61 40.80 7.75 -119.56
N GLN N 62 40.99 6.43 -119.42
CA GLN N 62 39.93 5.63 -118.82
C GLN N 62 39.75 6.01 -117.36
N GLN N 63 40.87 6.31 -116.69
CA GLN N 63 40.78 6.90 -115.35
C GLN N 63 40.17 8.29 -115.40
N HIS N 64 40.48 9.06 -116.45
CA HIS N 64 39.81 10.34 -116.64
C HIS N 64 38.29 10.17 -116.68
N GLU N 65 37.81 9.16 -117.41
CA GLU N 65 36.38 8.97 -117.54
C GLU N 65 35.76 8.45 -116.26
N ARG N 66 36.41 7.48 -115.61
CA ARG N 66 35.92 6.99 -114.33
C ARG N 66 35.91 8.08 -113.27
N VAL N 67 36.83 9.05 -113.39
CA VAL N 67 36.87 10.16 -112.44
C VAL N 67 35.79 11.19 -112.77
N GLN N 68 35.53 11.41 -114.05
CA GLN N 68 34.48 12.35 -114.44
C GLN N 68 33.09 11.80 -114.11
N LYS N 69 32.99 10.49 -113.90
CA LYS N 69 31.72 9.85 -113.62
C LYS N 69 31.49 9.59 -112.13
N ALA N 70 32.34 10.11 -111.26
CA ALA N 70 32.20 9.89 -109.82
C ALA N 70 31.23 10.88 -109.20
N LEU N 90 34.07 16.15 -106.94
CA LEU N 90 35.46 15.73 -107.00
C LEU N 90 35.86 15.34 -108.42
N ILE N 91 34.88 15.25 -109.32
CA ILE N 91 35.15 14.78 -110.67
C ILE N 91 36.00 15.78 -111.42
N LYS N 92 35.49 17.00 -111.60
CA LYS N 92 36.26 18.04 -112.26
C LYS N 92 37.57 18.27 -111.54
N GLU N 93 37.56 18.17 -110.20
CA GLU N 93 38.80 18.32 -109.46
C GLU N 93 39.79 17.24 -109.83
N ALA N 94 39.31 16.01 -110.04
CA ALA N 94 40.22 14.92 -110.37
C ALA N 94 40.79 15.11 -111.77
N PHE N 95 39.95 15.44 -112.73
CA PHE N 95 40.46 15.71 -114.08
C PHE N 95 41.42 16.88 -114.07
N ILE N 96 41.15 17.90 -113.26
CA ILE N 96 42.01 19.08 -113.20
C ILE N 96 43.36 18.73 -112.61
N LEU N 97 43.35 17.95 -111.53
CA LEU N 97 44.61 17.50 -110.95
C LEU N 97 45.39 16.66 -111.95
N SER N 98 44.71 15.76 -112.66
CA SER N 98 45.38 14.97 -113.69
C SER N 98 45.99 15.87 -114.75
N ASP N 99 45.30 16.95 -115.10
CA ASP N 99 45.86 17.89 -116.06
C ASP N 99 47.07 18.62 -115.47
N LEU N 100 47.02 18.88 -114.16
CA LEU N 100 48.06 19.68 -113.53
C LEU N 100 49.34 18.90 -113.34
N TYR N 101 49.23 17.58 -113.13
CA TYR N 101 50.37 16.77 -112.75
C TYR N 101 50.59 15.57 -113.67
N ASN N 102 49.77 15.41 -114.70
CA ASN N 102 49.92 14.29 -115.64
C ASN N 102 49.94 12.95 -114.91
N ILE N 103 48.91 12.72 -114.11
CA ILE N 103 48.80 11.48 -113.34
C ILE N 103 47.48 10.82 -113.68
N GLY N 104 47.44 9.49 -113.56
CA GLY N 104 46.24 8.74 -113.85
C GLY N 104 45.09 9.21 -113.00
N GLU N 105 43.99 9.62 -113.65
CA GLU N 105 42.93 10.30 -112.93
C GLU N 105 42.33 9.42 -111.84
N ILE N 106 42.53 8.11 -111.92
CA ILE N 106 42.08 7.24 -110.84
C ILE N 106 42.98 7.41 -109.61
N ALA N 107 44.30 7.47 -109.83
CA ALA N 107 45.19 7.82 -108.73
C ALA N 107 44.86 9.21 -108.20
N ALA N 108 44.44 10.11 -109.09
CA ALA N 108 44.00 11.43 -108.63
C ALA N 108 42.77 11.33 -107.75
N VAL N 109 41.84 10.43 -108.10
CA VAL N 109 40.64 10.25 -107.30
C VAL N 109 41.01 9.67 -105.94
N GLU N 110 41.93 8.71 -105.93
CA GLU N 110 42.39 8.15 -104.66
C GLU N 110 43.02 9.24 -103.80
N LEU N 111 43.89 10.05 -104.39
CA LEU N 111 44.53 11.12 -103.64
C LEU N 111 43.52 12.12 -103.11
N LEU N 112 42.53 12.48 -103.93
CA LEU N 112 41.53 13.45 -103.49
C LEU N 112 40.67 12.88 -102.38
N LEU N 113 40.32 11.59 -102.46
CA LEU N 113 39.56 10.97 -101.39
C LEU N 113 40.38 10.93 -100.11
N ILE N 114 41.66 10.58 -100.22
CA ILE N 114 42.52 10.58 -99.05
C ILE N 114 42.65 11.98 -98.48
N GLY N 115 42.62 13.00 -99.35
CA GLY N 115 42.70 14.37 -98.87
C GLY N 115 41.46 14.80 -98.13
N GLU N 116 40.28 14.48 -98.66
CA GLU N 116 39.05 14.79 -97.95
C GLU N 116 38.92 13.97 -96.68
N GLN N 117 39.59 12.82 -96.62
CA GLN N 117 39.70 12.08 -95.37
C GLN N 117 40.65 12.76 -94.41
N GLN N 118 41.65 13.47 -94.93
CA GLN N 118 42.60 14.21 -94.11
C GLN N 118 42.25 15.68 -93.99
N GLN N 119 41.25 16.16 -94.72
CA GLN N 119 40.88 17.56 -94.75
C GLN N 119 40.63 18.09 -93.35
N PRO N 120 40.09 17.27 -92.44
CA PRO N 120 39.86 17.76 -91.07
C PRO N 120 41.14 18.13 -90.33
N THR N 121 42.29 17.61 -90.75
CA THR N 121 43.55 18.02 -90.14
C THR N 121 44.03 19.35 -90.69
N PHE N 122 44.08 19.49 -92.00
CA PHE N 122 44.46 20.74 -92.65
C PHE N 122 43.17 21.54 -92.82
N HIS N 123 42.78 22.23 -91.75
CA HIS N 123 41.52 22.99 -91.76
C HIS N 123 41.57 24.12 -92.77
N GLY N 124 40.55 24.19 -93.62
CA GLY N 124 40.38 25.31 -94.53
C GLY N 124 41.02 25.15 -95.90
N LEU N 125 41.91 24.18 -96.09
CA LEU N 125 42.52 23.93 -97.38
C LEU N 125 41.68 22.92 -98.13
N THR N 126 41.38 23.24 -99.39
CA THR N 126 40.47 22.42 -100.18
C THR N 126 40.99 21.00 -100.28
N ARG N 127 40.05 20.06 -100.47
CA ARG N 127 40.43 18.68 -100.73
C ARG N 127 41.47 18.60 -101.83
N GLY N 128 41.31 19.42 -102.87
CA GLY N 128 42.34 19.49 -103.90
C GLY N 128 43.63 20.10 -103.37
N LEU N 129 43.52 21.08 -102.47
CA LEU N 129 44.72 21.68 -101.91
C LEU N 129 45.47 20.70 -101.04
N VAL N 130 44.75 19.99 -100.18
CA VAL N 130 45.37 18.92 -99.39
C VAL N 130 45.93 17.86 -100.32
N ALA N 131 45.27 17.63 -101.46
CA ALA N 131 45.76 16.63 -102.39
C ALA N 131 47.10 17.04 -102.99
N ILE N 132 47.22 18.29 -103.39
CA ILE N 132 48.49 18.77 -103.95
C ILE N 132 49.58 18.72 -102.90
N LEU N 133 49.26 19.17 -101.70
CA LEU N 133 50.23 19.09 -100.61
C LEU N 133 50.64 17.64 -100.35
N LEU N 134 49.68 16.72 -100.50
CA LEU N 134 49.97 15.31 -100.24
C LEU N 134 50.86 14.73 -101.33
N TYR N 135 50.62 15.11 -102.59
CA TYR N 135 51.49 14.66 -103.67
C TYR N 135 52.91 15.14 -103.44
N TRP N 136 53.05 16.42 -103.06
CA TRP N 136 54.36 16.93 -102.70
C TRP N 136 54.98 16.14 -101.55
N ASP N 137 54.21 15.91 -100.49
CA ASP N 137 54.71 15.18 -99.34
C ASP N 137 55.15 13.77 -99.74
N GLY N 138 54.41 13.13 -100.63
CA GLY N 138 54.78 11.80 -101.07
C GLY N 138 56.10 11.79 -101.80
N LYS N 139 56.27 12.70 -102.75
CA LYS N 139 57.57 12.82 -103.40
C LYS N 139 58.67 13.05 -102.38
N SER N 140 58.37 13.87 -101.36
CA SER N 140 59.35 14.16 -100.32
C SER N 140 59.74 12.90 -99.57
N CYS N 141 58.75 12.12 -99.15
CA CYS N 141 59.03 10.91 -98.38
C CYS N 141 59.83 9.93 -99.22
N MET N 142 59.49 9.80 -100.50
CA MET N 142 60.26 8.91 -101.37
C MET N 142 61.73 9.33 -101.43
N ALA N 143 61.96 10.61 -101.72
CA ALA N 143 63.33 11.08 -101.85
C ALA N 143 64.10 10.92 -100.55
N GLU N 144 63.49 11.32 -99.42
CA GLU N 144 64.18 11.23 -98.14
C GLU N 144 64.42 9.78 -97.75
N SER N 145 63.55 8.87 -98.21
CA SER N 145 63.77 7.46 -97.97
C SER N 145 65.01 6.97 -98.69
N LEU N 146 65.10 7.29 -99.99
CA LEU N 146 66.32 6.96 -100.73
C LEU N 146 67.54 7.60 -100.07
N LEU N 147 67.35 8.77 -99.47
CA LEU N 147 68.45 9.45 -98.79
C LEU N 147 68.92 8.64 -97.59
N HIS N 148 67.99 8.31 -96.68
CA HIS N 148 68.35 7.51 -95.51
C HIS N 148 68.97 6.20 -95.93
N LEU N 149 68.45 5.57 -96.99
CA LEU N 149 69.04 4.33 -97.48
C LEU N 149 70.48 4.54 -97.92
N ILE N 150 70.70 5.44 -98.87
CA ILE N 150 72.04 5.66 -99.40
C ILE N 150 72.97 6.16 -98.30
N GLN N 151 72.41 6.65 -97.20
CA GLN N 151 73.23 6.96 -96.03
C GLN N 151 73.44 5.73 -95.16
N ALA N 152 72.62 4.70 -95.35
CA ALA N 152 72.79 3.46 -94.60
C ALA N 152 73.76 2.50 -95.29
N ARG N 153 74.09 2.73 -96.56
CA ARG N 153 75.08 1.92 -97.25
C ARG N 153 76.46 2.17 -96.66
N LYS N 154 77.34 1.21 -96.85
CA LYS N 154 78.71 1.34 -96.36
C LYS N 154 79.41 2.43 -97.16
N GLY N 155 79.88 3.46 -96.47
CA GLY N 155 80.65 4.50 -97.10
C GLY N 155 82.06 4.53 -96.55
N LYS N 156 82.84 5.52 -97.02
CA LYS N 156 84.16 5.73 -96.45
C LYS N 156 84.16 6.88 -95.45
N THR N 157 83.30 7.87 -95.65
CA THR N 157 83.28 9.06 -94.81
C THR N 157 82.64 8.80 -93.45
N PHE N 158 81.46 8.19 -93.44
CA PHE N 158 80.76 7.90 -92.20
C PHE N 158 79.89 6.67 -92.41
N THR N 159 80.10 5.66 -91.58
CA THR N 159 79.47 4.35 -91.75
C THR N 159 78.44 4.16 -90.65
N LEU N 160 77.19 3.98 -91.05
CA LEU N 160 76.10 3.77 -90.10
C LEU N 160 76.35 2.50 -89.30
N ASP N 161 76.22 2.60 -87.97
CA ASP N 161 76.42 1.44 -87.11
C ASP N 161 75.21 0.53 -87.15
N HIS N 162 74.88 0.01 -88.33
CA HIS N 162 73.76 -0.90 -88.52
C HIS N 162 74.24 -2.34 -88.62
N SER N 163 73.30 -3.27 -88.49
CA SER N 163 73.64 -4.68 -88.60
C SER N 163 74.22 -4.95 -89.98
N PRO N 164 75.32 -5.71 -90.08
CA PRO N 164 76.01 -5.86 -91.37
C PRO N 164 75.12 -6.36 -92.49
N GLU N 165 74.12 -7.17 -92.17
CA GLU N 165 73.19 -7.64 -93.20
C GLU N 165 72.33 -6.49 -93.71
N VAL N 166 71.89 -5.61 -92.81
CA VAL N 166 71.16 -4.42 -93.25
C VAL N 166 72.02 -3.59 -94.18
N VAL N 167 73.29 -3.40 -93.82
CA VAL N 167 74.20 -2.63 -94.65
C VAL N 167 74.35 -3.29 -96.01
N SER N 168 74.51 -4.62 -96.03
CA SER N 168 74.70 -5.32 -97.30
C SER N 168 73.46 -5.22 -98.19
N MET N 169 72.27 -5.34 -97.59
CA MET N 169 71.04 -5.26 -98.37
C MET N 169 70.85 -3.86 -98.93
N VAL N 170 71.00 -2.85 -98.10
CA VAL N 170 70.91 -1.48 -98.57
C VAL N 170 71.95 -1.23 -99.65
N THR N 171 73.15 -1.80 -99.47
CA THR N 171 74.21 -1.59 -100.44
C THR N 171 73.89 -2.21 -101.78
N ARG N 172 73.35 -3.42 -101.78
CA ARG N 172 72.99 -4.05 -103.05
C ARG N 172 71.88 -3.28 -103.75
N PHE N 173 70.87 -2.85 -102.99
CA PHE N 173 69.78 -2.09 -103.60
C PHE N 173 70.29 -0.77 -104.16
N THR N 174 71.17 -0.09 -103.44
CA THR N 174 71.69 1.19 -103.90
C THR N 174 72.60 1.00 -105.11
N ASP N 175 73.38 -0.08 -105.14
CA ASP N 175 74.18 -0.38 -106.31
C ASP N 175 73.30 -0.55 -107.53
N ASP N 176 72.25 -1.36 -107.41
CA ASP N 176 71.33 -1.51 -108.52
C ASP N 176 70.74 -0.17 -108.95
N LEU N 177 70.38 0.67 -107.98
CA LEU N 177 69.80 1.96 -108.31
C LEU N 177 70.79 2.82 -109.09
N MET N 178 72.06 2.81 -108.67
CA MET N 178 73.08 3.55 -109.38
C MET N 178 73.28 2.98 -110.78
N GLU N 179 73.04 1.68 -110.95
CA GLU N 179 73.27 1.04 -112.24
C GLU N 179 72.33 1.57 -113.32
N GLN N 180 71.23 2.20 -112.96
CA GLN N 180 70.29 2.73 -113.94
C GLN N 180 70.52 4.22 -114.23
N GLY N 181 71.51 4.83 -113.61
CA GLY N 181 71.81 6.23 -113.86
C GLY N 181 71.09 7.19 -112.94
N LEU N 182 71.00 6.83 -111.66
CA LEU N 182 70.30 7.67 -110.69
C LEU N 182 70.88 9.08 -110.65
N THR N 183 72.15 9.23 -111.05
CA THR N 183 72.76 10.56 -111.07
C THR N 183 72.08 11.47 -112.07
N ASN N 184 71.93 11.00 -113.30
CA ASN N 184 71.31 11.82 -114.33
C ASN N 184 69.86 12.16 -113.99
N LYS N 185 69.10 11.16 -113.55
CA LYS N 185 67.73 11.42 -113.15
C LYS N 185 67.67 12.40 -111.99
N ILE N 186 68.62 12.29 -111.05
CA ILE N 186 68.62 13.19 -109.90
C ILE N 186 68.84 14.63 -110.34
N LEU N 187 69.87 14.85 -111.17
CA LEU N 187 70.17 16.21 -111.60
C LEU N 187 69.05 16.77 -112.47
N THR N 188 68.46 15.92 -113.31
CA THR N 188 67.36 16.39 -114.14
C THR N 188 66.14 16.73 -113.30
N LEU N 189 65.91 15.98 -112.22
CA LEU N 189 64.84 16.33 -111.30
C LEU N 189 65.13 17.64 -110.63
N ILE N 190 66.37 17.84 -110.18
CA ILE N 190 66.75 19.07 -109.50
C ILE N 190 66.50 20.27 -110.40
N SER N 191 67.02 20.22 -111.62
CA SER N 191 66.76 21.30 -112.58
C SER N 191 65.28 21.43 -112.89
N GLN N 192 64.55 20.31 -112.90
CA GLN N 192 63.13 20.34 -113.19
C GLN N 192 62.32 20.86 -112.01
N ILE N 193 62.90 20.83 -110.81
CA ILE N 193 62.20 21.28 -109.62
C ILE N 193 62.33 22.80 -109.63
N ASP N 194 61.38 23.46 -110.26
CA ASP N 194 61.34 24.91 -110.35
C ASP N 194 60.19 25.44 -109.51
N VAL N 195 60.51 26.01 -108.35
CA VAL N 195 59.48 26.54 -107.47
C VAL N 195 58.68 27.62 -108.18
N ASN N 196 59.35 28.43 -108.99
CA ASN N 196 58.64 29.41 -109.80
C ASN N 196 57.62 28.74 -110.72
N ASN N 197 58.07 27.75 -111.49
CA ASN N 197 57.16 27.06 -112.40
C ASN N 197 56.09 26.30 -111.63
N GLU N 198 56.45 25.76 -110.47
CA GLU N 198 55.46 25.07 -109.65
C GLU N 198 54.34 26.01 -109.25
N PHE N 199 54.69 27.14 -108.62
CA PHE N 199 53.67 28.09 -108.19
C PHE N 199 52.90 28.64 -109.39
N ASP N 200 53.55 28.77 -110.54
CA ASP N 200 52.85 29.23 -111.73
C ASP N 200 51.78 28.24 -112.14
N LYS N 201 52.17 26.97 -112.37
CA LYS N 201 51.21 25.96 -112.80
C LYS N 201 50.14 25.73 -111.74
N LEU N 202 50.43 26.06 -110.48
CA LEU N 202 49.42 25.91 -109.44
C LEU N 202 48.42 27.05 -109.45
N LYS N 203 48.90 28.29 -109.46
CA LYS N 203 48.01 29.44 -109.56
C LYS N 203 47.16 29.37 -110.83
N LYS N 204 47.71 28.76 -111.88
CA LYS N 204 46.94 28.57 -113.11
C LYS N 204 45.64 27.83 -112.83
N GLU N 205 45.71 26.66 -112.20
CA GLU N 205 44.52 25.93 -111.82
C GLU N 205 44.01 26.36 -110.45
N ARG N 206 44.34 27.59 -110.03
CA ARG N 206 43.90 28.12 -108.74
C ARG N 206 44.29 27.17 -107.61
N GLY N 207 45.48 26.61 -107.69
CA GLY N 207 45.93 25.60 -106.76
C GLY N 207 46.72 26.10 -105.57
N LEU N 208 46.98 27.40 -105.48
CA LEU N 208 47.74 27.96 -104.37
C LEU N 208 46.78 28.31 -103.25
N GLY N 209 46.98 27.70 -102.07
CA GLY N 209 46.14 27.94 -100.93
C GLY N 209 46.54 29.19 -100.18
N ASN N 210 46.14 29.27 -98.91
CA ASN N 210 46.49 30.41 -98.09
C ASN N 210 47.99 30.45 -97.85
N LYS N 211 48.46 31.60 -97.37
CA LYS N 211 49.88 31.80 -97.13
C LYS N 211 50.48 30.63 -96.37
N LYS N 212 49.73 30.08 -95.41
CA LYS N 212 50.17 28.88 -94.74
C LYS N 212 50.37 27.74 -95.73
N HIS N 213 49.35 27.47 -96.55
CA HIS N 213 49.47 26.40 -97.54
C HIS N 213 50.63 26.67 -98.49
N ARG N 214 50.84 27.94 -98.84
CA ARG N 214 51.91 28.26 -99.77
C ARG N 214 53.27 27.94 -99.17
N LYS N 215 53.52 28.46 -97.96
CA LYS N 215 54.77 28.17 -97.28
C LYS N 215 54.94 26.67 -97.12
N GLU N 216 53.85 25.96 -96.85
CA GLU N 216 53.95 24.53 -96.59
C GLU N 216 54.36 23.77 -97.83
N VAL N 217 53.65 23.96 -98.93
CA VAL N 217 53.98 23.26 -100.16
C VAL N 217 55.36 23.67 -100.65
N SER N 218 55.71 24.95 -100.51
CA SER N 218 57.01 25.41 -100.97
C SER N 218 58.13 24.78 -100.16
N ASP N 219 57.97 24.77 -98.83
CA ASP N 219 58.95 24.11 -97.98
C ASP N 219 59.06 22.63 -98.34
N LEU N 220 57.92 21.99 -98.62
CA LEU N 220 57.96 20.60 -99.06
C LEU N 220 58.84 20.45 -100.29
N ILE N 221 58.65 21.35 -101.27
CA ILE N 221 59.38 21.23 -102.52
C ILE N 221 60.88 21.41 -102.28
N LYS N 222 61.25 22.50 -101.61
CA LYS N 222 62.67 22.77 -101.37
C LYS N 222 63.27 21.66 -100.53
N GLU N 223 62.50 21.12 -99.59
CA GLU N 223 62.97 20.01 -98.78
C GLU N 223 63.29 18.80 -99.63
N CYS N 224 62.38 18.44 -100.54
CA CYS N 224 62.63 17.27 -101.38
C CYS N 224 63.85 17.47 -102.26
N GLN N 225 64.01 18.68 -102.81
CA GLN N 225 65.17 18.94 -103.67
C GLN N 225 66.46 18.82 -102.88
N GLN N 226 66.52 19.48 -101.72
CA GLN N 226 67.67 19.31 -100.85
C GLN N 226 67.87 17.86 -100.47
N SER N 227 66.78 17.10 -100.37
CA SER N 227 66.88 15.70 -100.02
C SER N 227 67.61 14.92 -101.11
N LEU N 228 67.24 15.16 -102.37
CA LEU N 228 67.93 14.50 -103.47
C LEU N 228 69.39 14.91 -103.51
N ALA N 229 69.65 16.20 -103.32
CA ALA N 229 71.03 16.66 -103.27
C ALA N 229 71.79 16.00 -102.13
N HIS N 230 71.13 15.83 -101.00
CA HIS N 230 71.76 15.19 -99.85
C HIS N 230 72.08 13.74 -100.15
N SER N 231 71.17 13.04 -100.82
CA SER N 231 71.46 11.67 -101.21
C SER N 231 72.68 11.61 -102.10
N LEU N 232 72.75 12.49 -103.10
CA LEU N 232 73.89 12.47 -104.02
C LEU N 232 75.18 12.79 -103.30
N TYR N 233 75.17 13.80 -102.43
CA TYR N 233 76.37 14.16 -101.68
C TYR N 233 76.75 13.04 -100.72
N SER N 234 75.77 12.38 -100.13
CA SER N 234 76.06 11.26 -99.23
C SER N 234 76.72 10.13 -99.98
N TRP N 235 76.27 9.87 -101.21
CA TRP N 235 76.91 8.84 -102.02
C TRP N 235 78.34 9.24 -102.37
N SER N 236 78.52 10.47 -102.87
CA SER N 236 79.85 10.94 -103.22
C SER N 236 80.79 10.90 -102.02
N CYS N 237 80.27 11.14 -100.83
CA CYS N 237 81.07 10.97 -99.62
C CYS N 237 81.27 9.51 -99.30
N GLN N 238 80.37 8.65 -99.76
CA GLN N 238 80.37 7.24 -99.39
C GLN N 238 81.07 6.37 -100.41
N THR N 239 80.97 6.73 -101.70
CA THR N 239 81.61 5.97 -102.75
C THR N 239 81.87 6.87 -103.94
N PRO N 240 82.98 6.65 -104.66
CA PRO N 240 83.28 7.50 -105.81
C PRO N 240 82.31 7.25 -106.95
N LEU N 241 81.93 8.33 -107.63
CA LEU N 241 81.05 8.24 -108.78
C LEU N 241 81.85 8.02 -110.06
N ASN N 242 81.24 7.32 -111.01
CA ASN N 242 81.91 6.97 -112.25
C ASN N 242 82.14 8.22 -113.11
N ARG N 243 83.03 8.07 -114.09
CA ARG N 243 83.45 9.20 -114.90
C ARG N 243 82.28 9.88 -115.58
N GLU N 244 81.32 9.10 -116.06
CA GLU N 244 80.16 9.68 -116.70
C GLU N 244 79.38 10.56 -115.72
N ASP N 245 79.18 10.07 -114.50
CA ASP N 245 78.45 10.88 -113.53
C ASP N 245 79.25 12.10 -113.11
N THR N 246 80.58 11.99 -113.08
CA THR N 246 81.40 13.15 -112.75
C THR N 246 81.28 14.23 -113.82
N LEU N 247 81.43 13.84 -115.08
CA LEU N 247 81.21 14.76 -116.18
C LEU N 247 79.80 15.34 -116.15
N LEU N 248 78.82 14.55 -115.73
CA LEU N 248 77.45 15.07 -115.64
C LEU N 248 77.35 16.15 -114.57
N LEU N 249 77.90 15.89 -113.40
CA LEU N 249 77.92 16.91 -112.36
C LEU N 249 78.64 18.16 -112.83
N ILE N 250 79.71 17.99 -113.61
CA ILE N 250 80.44 19.13 -114.14
C ILE N 250 79.57 19.92 -115.11
N GLY N 251 78.90 19.22 -116.03
CA GLY N 251 78.04 19.91 -116.98
C GLY N 251 76.92 20.66 -116.30
N TYR N 252 76.32 20.05 -115.28
CA TYR N 252 75.28 20.74 -114.53
C TYR N 252 75.85 21.96 -113.83
N LEU N 253 77.02 21.82 -113.20
CA LEU N 253 77.62 22.94 -112.50
C LEU N 253 78.05 24.05 -113.44
N GLU N 254 78.26 23.73 -114.71
CA GLU N 254 78.72 24.74 -115.66
C GLU N 254 77.67 25.81 -115.94
N LYS N 255 76.48 25.71 -115.35
CA LYS N 255 75.42 26.68 -115.62
C LYS N 255 74.68 27.12 -114.36
N VAL N 256 75.28 26.99 -113.17
CA VAL N 256 74.64 27.43 -111.93
C VAL N 256 75.13 28.83 -111.58
N THR N 257 74.21 29.77 -111.42
CA THR N 257 74.53 31.14 -111.05
C THR N 257 74.45 31.29 -109.54
N VAL N 258 75.18 32.29 -109.02
CA VAL N 258 75.22 32.56 -107.55
C VAL N 258 73.94 33.29 -107.14
N GLU N 259 73.82 34.56 -107.50
CA GLU N 259 72.62 35.38 -107.15
C GLU N 259 72.59 36.65 -108.01
N GLY N 262 76.45 37.09 -105.48
CA GLY N 262 77.79 36.51 -105.56
C GLY N 262 77.93 35.24 -104.76
N SER N 263 77.14 35.15 -103.69
CA SER N 263 77.06 33.94 -102.89
C SER N 263 76.07 32.98 -103.52
N LEU N 264 76.55 31.77 -103.78
CA LEU N 264 75.75 30.78 -104.48
C LEU N 264 74.65 30.26 -103.55
N ASP N 265 73.56 29.82 -104.15
CA ASP N 265 72.50 29.18 -103.38
C ASP N 265 73.04 27.95 -102.65
N LYS N 266 72.35 27.56 -101.58
CA LYS N 266 72.74 26.39 -100.82
C LYS N 266 72.92 25.17 -101.72
N VAL N 267 72.06 25.03 -102.73
CA VAL N 267 72.08 23.83 -103.56
C VAL N 267 73.37 23.73 -104.34
N ASN N 268 73.73 24.80 -105.06
CA ASN N 268 74.96 24.76 -105.85
C ASN N 268 76.17 24.57 -104.97
N LEU N 269 76.17 25.16 -103.76
CA LEU N 269 77.29 24.96 -102.85
C LEU N 269 77.38 23.51 -102.41
N THR N 270 76.25 22.88 -102.12
CA THR N 270 76.26 21.46 -101.78
C THR N 270 76.80 20.63 -102.93
N LEU N 271 76.37 20.95 -104.14
CA LEU N 271 76.88 20.24 -105.31
C LEU N 271 78.39 20.41 -105.43
N LEU N 272 78.87 21.62 -105.21
CA LEU N 272 80.31 21.87 -105.28
C LEU N 272 81.04 21.16 -104.15
N MET N 273 80.39 20.99 -103.00
CA MET N 273 80.98 20.20 -101.94
C MET N 273 81.13 18.75 -102.36
N SER N 274 80.09 18.20 -102.98
CA SER N 274 80.19 16.87 -103.55
C SER N 274 81.30 16.79 -104.57
N LEU N 275 81.45 17.83 -105.38
CA LEU N 275 82.49 17.83 -106.42
C LEU N 275 83.88 17.87 -105.81
N LEU N 276 84.10 18.76 -104.83
CA LEU N 276 85.39 18.86 -104.19
C LEU N 276 85.75 17.57 -103.47
N TYR N 277 84.85 17.05 -102.65
CA TYR N 277 85.08 15.75 -102.04
C TYR N 277 85.36 14.70 -103.10
N CYS N 278 84.75 14.85 -104.28
CA CYS N 278 85.01 13.90 -105.37
C CYS N 278 86.41 14.09 -105.94
N LEU N 279 86.94 15.30 -105.91
CA LEU N 279 88.30 15.54 -106.38
C LEU N 279 89.34 15.39 -105.27
N ASP N 280 88.94 14.88 -104.12
CA ASP N 280 89.82 14.84 -102.96
C ASP N 280 90.83 13.72 -103.10
N VAL N 281 92.11 14.06 -102.95
CA VAL N 281 93.18 13.10 -102.76
C VAL N 281 93.76 13.18 -101.35
N GLY N 282 93.03 13.82 -100.42
CA GLY N 282 93.51 14.06 -99.07
C GLY N 282 93.66 12.80 -98.24
N PHE N 283 93.31 11.64 -98.79
CA PHE N 283 93.57 10.37 -98.10
C PHE N 283 94.96 9.82 -98.39
N LEU N 284 95.66 10.35 -99.40
CA LEU N 284 96.94 9.80 -99.81
C LEU N 284 98.10 10.25 -98.95
N GLU N 285 97.94 11.33 -98.18
CA GLU N 285 98.96 11.77 -97.25
C GLU N 285 98.71 11.26 -95.84
N GLN N 286 97.58 10.60 -95.60
CA GLN N 286 97.32 9.93 -94.34
C GLN N 286 98.12 8.64 -94.34
N GLY N 287 99.24 8.65 -93.60
CA GLY N 287 100.15 7.52 -93.57
C GLY N 287 99.62 6.30 -92.84
N THR N 288 98.31 6.26 -92.63
CA THR N 288 97.66 5.17 -91.90
C THR N 288 97.97 3.84 -92.58
N ASP N 289 97.74 2.74 -91.85
CA ASP N 289 98.17 1.41 -92.28
C ASP N 289 97.52 0.94 -93.57
N ASP N 290 96.32 1.41 -93.90
CA ASP N 290 95.56 0.89 -95.03
C ASP N 290 95.71 1.75 -96.28
N ARG N 291 96.90 2.30 -96.51
CA ARG N 291 97.13 3.15 -97.67
C ARG N 291 96.96 2.37 -98.97
N GLU N 292 97.51 1.15 -99.03
CA GLU N 292 97.39 0.34 -100.24
C GLU N 292 95.94 0.02 -100.54
N GLU N 293 95.16 -0.33 -99.52
CA GLU N 293 93.77 -0.70 -99.74
C GLU N 293 92.91 0.50 -100.09
N LEU N 294 93.13 1.64 -99.42
CA LEU N 294 92.35 2.83 -99.76
C LEU N 294 92.70 3.35 -101.15
N MET N 295 93.97 3.34 -101.52
CA MET N 295 94.34 3.70 -102.88
C MET N 295 93.75 2.71 -103.88
N LYS N 296 93.62 1.43 -103.49
CA LYS N 296 92.90 0.48 -104.31
C LYS N 296 91.39 0.65 -104.23
N GLN N 297 90.92 1.56 -103.37
CA GLN N 297 89.50 1.78 -103.22
C GLN N 297 89.01 3.07 -103.87
N ALA N 298 89.91 3.95 -104.29
CA ALA N 298 89.52 5.21 -104.91
C ALA N 298 89.52 5.02 -106.42
N SER N 299 88.36 5.24 -107.06
CA SER N 299 88.21 5.13 -108.50
C SER N 299 89.20 6.02 -109.26
N MET N 300 89.77 7.00 -108.57
CA MET N 300 90.74 7.90 -109.20
C MET N 300 92.12 7.28 -109.34
N PHE N 301 92.30 6.02 -108.91
CA PHE N 301 93.58 5.36 -108.98
C PHE N 301 93.62 4.19 -109.96
N MET N 302 92.47 3.67 -110.38
CA MET N 302 92.43 2.51 -111.25
C MET N 302 92.05 2.85 -112.69
N ASP N 303 91.80 4.12 -112.99
CA ASP N 303 91.41 4.53 -114.34
C ASP N 303 92.14 5.82 -114.69
N ARG N 304 93.28 5.69 -115.35
CA ARG N 304 93.97 6.83 -115.95
C ARG N 304 93.01 7.59 -116.87
N GLN N 305 92.01 6.90 -117.40
CA GLN N 305 91.01 7.56 -118.24
C GLN N 305 90.12 8.50 -117.43
N TYR N 306 89.97 8.26 -116.12
CA TYR N 306 89.15 9.16 -115.32
C TYR N 306 89.80 10.53 -115.18
N ILE N 307 91.03 10.56 -114.67
CA ILE N 307 91.77 11.82 -114.59
C ILE N 307 91.98 12.39 -115.98
N ALA N 308 92.11 11.52 -117.00
CA ALA N 308 92.27 12.00 -118.36
C ALA N 308 91.03 12.78 -118.81
N ALA N 309 89.84 12.20 -118.62
CA ALA N 309 88.61 12.85 -119.02
C ALA N 309 88.40 14.15 -118.24
N ILE N 310 88.62 14.11 -116.93
CA ILE N 310 88.37 15.30 -116.12
C ILE N 310 89.38 16.39 -116.46
N HIS N 311 90.63 16.02 -116.69
CA HIS N 311 91.65 17.00 -117.06
C HIS N 311 91.34 17.60 -118.41
N ASN N 312 90.87 16.79 -119.37
CA ASN N 312 90.50 17.32 -120.66
C ASN N 312 89.28 18.23 -120.54
N ARG N 313 88.39 17.94 -119.60
CA ARG N 313 87.19 18.76 -119.45
C ARG N 313 87.50 20.10 -118.81
N LEU N 314 88.34 20.09 -117.77
CA LEU N 314 88.67 21.35 -117.09
C LEU N 314 89.70 22.16 -117.85
N GLN N 315 90.60 21.50 -118.60
CA GLN N 315 91.54 22.21 -119.45
C GLN N 315 90.87 22.76 -120.70
N ASN N 316 89.74 22.20 -121.08
CA ASN N 316 88.95 22.79 -122.17
C ASN N 316 88.64 24.24 -121.84
N THR N 317 88.94 25.14 -122.77
CA THR N 317 88.85 26.57 -122.53
C THR N 317 87.42 27.09 -122.58
N GLN N 318 86.42 26.22 -122.55
CA GLN N 318 85.04 26.70 -122.55
C GLN N 318 84.78 27.49 -121.28
N PRO N 319 84.38 28.77 -121.39
CA PRO N 319 84.24 29.61 -120.19
C PRO N 319 82.94 29.28 -119.47
N TRP N 320 83.07 28.74 -118.27
CA TRP N 320 81.89 28.40 -117.47
C TRP N 320 81.05 29.65 -117.20
N LYS N 321 79.76 29.44 -116.95
CA LYS N 321 78.87 30.55 -116.64
C LYS N 321 79.29 31.26 -115.36
N SER N 322 79.96 30.53 -114.46
CA SER N 322 80.58 31.14 -113.29
C SER N 322 82.08 30.92 -113.41
N PRO N 323 82.81 31.84 -114.05
CA PRO N 323 84.25 31.63 -114.23
C PRO N 323 84.99 31.35 -112.95
N GLY N 324 84.62 32.01 -111.85
CA GLY N 324 85.21 31.68 -110.57
C GLY N 324 85.00 30.22 -110.21
N MET N 325 83.87 29.65 -110.60
CA MET N 325 83.65 28.23 -110.34
C MET N 325 84.57 27.38 -111.19
N GLN N 326 84.72 27.71 -112.47
CA GLN N 326 85.66 26.99 -113.31
C GLN N 326 87.06 27.05 -112.75
N ALA N 327 87.45 28.23 -112.23
CA ALA N 327 88.78 28.38 -111.65
C ALA N 327 88.92 27.64 -110.33
N THR N 328 87.83 27.58 -109.54
CA THR N 328 87.91 26.86 -108.27
C THR N 328 88.04 25.37 -108.49
N VAL N 329 87.22 24.82 -109.40
CA VAL N 329 87.40 23.43 -109.79
C VAL N 329 88.77 23.22 -110.42
N ARG N 330 89.25 24.21 -111.16
CA ARG N 330 90.56 24.09 -111.80
C ARG N 330 91.67 24.03 -110.75
N LEU N 331 91.57 24.88 -109.72
CA LEU N 331 92.54 24.85 -108.63
C LEU N 331 92.47 23.53 -107.89
N ALA N 332 91.26 23.02 -107.68
CA ALA N 332 91.11 21.70 -107.08
C ALA N 332 91.80 20.63 -107.93
N TRP N 333 91.61 20.69 -109.25
CA TRP N 333 92.22 19.71 -110.13
C TRP N 333 93.73 19.85 -110.14
N ALA N 334 94.23 21.08 -110.08
CA ALA N 334 95.67 21.30 -109.99
C ALA N 334 96.22 20.75 -108.69
N LEU N 335 95.51 20.95 -107.60
CA LEU N 335 95.96 20.43 -106.31
C LEU N 335 95.97 18.91 -106.32
N ALA N 336 94.92 18.30 -106.85
CA ALA N 336 94.88 16.84 -106.92
C ALA N 336 95.96 16.32 -107.85
N LEU N 337 96.22 17.02 -108.96
CA LEU N 337 97.30 16.64 -109.85
C LEU N 337 98.64 16.71 -109.12
N ARG N 338 98.83 17.74 -108.30
CA ARG N 338 100.04 17.82 -107.48
C ARG N 338 100.12 16.63 -106.54
N GLY N 339 99.02 16.31 -105.86
CA GLY N 339 99.03 15.20 -104.92
C GLY N 339 99.25 13.86 -105.59
N ILE N 340 98.87 13.76 -106.87
CA ILE N 340 99.03 12.50 -107.60
C ILE N 340 100.42 12.39 -108.22
N SER N 341 101.05 13.52 -108.56
CA SER N 341 102.43 13.48 -109.05
C SER N 341 103.39 12.94 -108.00
N GLN N 342 102.96 12.86 -106.74
CA GLN N 342 103.70 12.16 -105.71
C GLN N 342 103.46 10.66 -105.74
N PHE N 343 102.53 10.19 -106.57
CA PHE N 343 102.30 8.77 -106.81
C PHE N 343 102.93 8.45 -108.17
N SER N 344 103.92 7.56 -108.17
CA SER N 344 104.84 7.38 -109.28
C SER N 344 104.23 6.79 -110.56
N GLU N 345 102.93 6.50 -110.54
CA GLU N 345 102.32 5.78 -111.65
C GLU N 345 101.46 6.66 -112.56
N VAL N 346 101.51 7.98 -112.41
CA VAL N 346 100.62 8.85 -113.16
C VAL N 346 101.38 10.01 -113.80
N LEU N 347 102.68 9.83 -114.02
CA LEU N 347 103.57 10.94 -114.35
C LEU N 347 103.10 11.77 -115.54
N GLU N 348 102.23 11.24 -116.41
CA GLU N 348 101.82 11.95 -117.61
C GLU N 348 100.96 13.18 -117.32
N PHE N 349 100.52 13.38 -116.08
CA PHE N 349 99.86 14.62 -115.69
C PHE N 349 100.66 15.40 -114.68
N SER N 350 101.85 14.91 -114.29
CA SER N 350 102.60 15.52 -113.20
C SER N 350 102.89 16.99 -113.46
N GLU N 351 103.01 17.39 -114.72
CA GLU N 351 103.36 18.76 -115.06
C GLU N 351 102.16 19.62 -115.44
N ALA N 352 100.95 19.06 -115.47
CA ALA N 352 99.78 19.88 -115.71
C ALA N 352 99.23 20.52 -114.45
N ASP N 353 99.94 20.38 -113.32
CA ASP N 353 99.50 20.99 -112.08
C ASP N 353 99.66 22.50 -112.11
N GLU N 354 100.86 22.98 -112.43
CA GLU N 354 101.20 24.39 -112.34
C GLU N 354 100.37 25.24 -113.28
N PRO N 355 100.19 24.81 -114.53
CA PRO N 355 99.41 25.64 -115.46
C PRO N 355 97.94 25.74 -115.08
N MET N 356 97.31 24.64 -114.68
CA MET N 356 95.92 24.70 -114.27
C MET N 356 95.74 25.67 -113.12
N ALA N 357 96.47 25.45 -112.01
CA ALA N 357 96.46 26.42 -110.92
C ALA N 357 96.77 27.82 -111.44
N GLU N 358 97.69 27.92 -112.41
CA GLU N 358 97.96 29.21 -113.03
C GLU N 358 96.67 29.84 -113.53
N ILE N 359 95.96 29.13 -114.42
CA ILE N 359 94.68 29.63 -114.88
C ILE N 359 93.76 29.89 -113.69
N ALA N 360 93.77 28.98 -112.72
CA ALA N 360 92.94 29.19 -111.53
C ALA N 360 93.31 30.47 -110.82
N ILE N 361 94.62 30.71 -110.65
CA ILE N 361 95.05 31.96 -110.04
C ILE N 361 94.67 33.13 -110.95
N GLY N 362 94.79 32.93 -112.26
CA GLY N 362 94.33 33.94 -113.19
C GLY N 362 92.82 34.05 -113.26
N GLY N 363 92.11 33.06 -112.75
CA GLY N 363 90.67 33.08 -112.74
C GLY N 363 90.04 33.57 -111.46
N ASN N 364 90.82 34.24 -110.60
CA ASN N 364 90.33 34.77 -109.33
C ASN N 364 89.71 33.67 -108.48
N VAL N 365 90.39 32.52 -108.42
CA VAL N 365 89.89 31.40 -107.64
C VAL N 365 89.78 31.79 -106.18
N PHE N 366 90.82 32.43 -105.63
CA PHE N 366 90.79 32.82 -104.23
C PHE N 366 89.69 33.84 -103.97
N LEU N 367 89.53 34.80 -104.87
CA LEU N 367 88.45 35.77 -104.74
C LEU N 367 87.10 35.08 -104.79
N PHE N 368 86.92 34.16 -105.74
CA PHE N 368 85.64 33.46 -105.85
C PHE N 368 85.36 32.64 -104.60
N LEU N 369 86.39 32.05 -104.00
CA LEU N 369 86.20 31.33 -102.76
C LEU N 369 85.83 32.27 -101.62
N THR N 370 86.39 33.48 -101.63
CA THR N 370 86.07 34.44 -100.58
C THR N 370 84.63 34.91 -100.67
N GLU N 371 84.25 35.49 -101.82
CA GLU N 371 82.92 36.09 -101.95
C GLU N 371 81.82 35.05 -102.03
N ALA N 372 81.99 34.03 -102.86
CA ALA N 372 80.93 33.05 -103.06
C ALA N 372 80.91 31.98 -101.98
N VAL N 373 81.93 31.12 -101.94
CA VAL N 373 81.88 29.88 -101.17
C VAL N 373 81.92 30.20 -99.69
N VAL N 374 82.98 30.88 -99.25
CA VAL N 374 82.99 31.33 -97.86
C VAL N 374 81.89 32.35 -97.63
N GLY N 375 81.58 33.17 -98.64
CA GLY N 375 80.59 34.21 -98.47
C GLY N 375 79.16 33.71 -98.34
N SER N 376 78.89 32.47 -98.75
CA SER N 376 77.54 31.92 -98.63
C SER N 376 77.25 31.61 -97.17
N GLU N 377 76.06 31.97 -96.72
CA GLU N 377 75.72 31.82 -95.31
C GLU N 377 75.67 30.35 -94.90
N SER N 378 75.25 29.46 -95.80
CA SER N 378 75.14 28.06 -95.44
C SER N 378 76.49 27.38 -95.30
N PHE N 379 77.55 27.99 -95.83
CA PHE N 379 78.87 27.40 -95.75
C PHE N 379 79.22 27.02 -94.32
N CYS N 380 78.95 27.91 -93.37
CA CYS N 380 79.34 27.71 -91.98
C CYS N 380 78.48 26.68 -91.26
N THR N 381 77.49 26.09 -91.93
CA THR N 381 76.65 25.11 -91.27
C THR N 381 77.19 23.69 -91.41
N ASP N 382 77.76 23.36 -92.56
CA ASP N 382 78.29 22.04 -92.83
C ASP N 382 79.74 21.99 -92.38
N GLU N 383 79.95 21.49 -91.16
CA GLU N 383 81.31 21.27 -90.67
C GLU N 383 82.16 20.56 -91.72
N PHE N 384 81.58 19.58 -92.41
CA PHE N 384 82.26 18.95 -93.52
C PHE N 384 82.66 19.95 -94.60
N PHE N 385 81.80 20.92 -94.89
CA PHE N 385 82.15 21.90 -95.92
C PHE N 385 83.34 22.74 -95.48
N ILE N 386 83.33 23.19 -94.23
CA ILE N 386 84.44 24.00 -93.74
C ILE N 386 85.72 23.18 -93.71
N ARG N 387 85.60 21.89 -93.39
CA ARG N 387 86.76 21.02 -93.42
C ARG N 387 87.34 20.92 -94.82
N ARG N 388 86.46 20.69 -95.81
CA ARG N 388 86.93 20.59 -97.19
C ARG N 388 87.59 21.89 -97.63
N ILE N 389 86.98 23.03 -97.30
CA ILE N 389 87.51 24.31 -97.71
C ILE N 389 88.87 24.55 -97.06
N HIS N 390 88.96 24.36 -95.75
CA HIS N 390 90.23 24.50 -95.06
C HIS N 390 91.29 23.56 -95.63
N LYS N 391 90.86 22.37 -96.03
CA LYS N 391 91.79 21.42 -96.64
C LYS N 391 92.38 21.98 -97.92
N LEU N 392 91.51 22.46 -98.82
CA LEU N 392 92.01 23.06 -100.05
C LEU N 392 92.90 24.26 -99.75
N VAL N 393 92.53 25.05 -98.74
CA VAL N 393 93.24 26.29 -98.45
C VAL N 393 94.64 25.99 -97.91
N THR N 394 94.75 24.97 -97.07
CA THR N 394 96.06 24.58 -96.58
C THR N 394 96.86 23.87 -97.66
N ASP N 395 96.20 23.13 -98.54
CA ASP N 395 96.92 22.44 -99.61
C ASP N 395 97.53 23.41 -100.60
N PHE N 396 96.88 24.55 -100.80
CA PHE N 396 97.46 25.56 -101.69
C PHE N 396 98.84 26.00 -101.25
N PRO N 397 99.08 26.35 -99.98
CA PRO N 397 100.43 26.76 -99.58
C PRO N 397 101.33 25.59 -99.22
N THR N 398 100.78 24.43 -98.92
CA THR N 398 101.62 23.31 -98.50
C THR N 398 102.16 22.52 -99.69
N LEU N 399 101.39 22.48 -100.78
CA LEU N 399 101.77 21.68 -101.95
C LEU N 399 102.46 22.50 -103.03
N MET N 400 102.23 23.81 -103.06
CA MET N 400 102.77 24.67 -104.11
C MET N 400 103.53 25.84 -103.48
N PRO N 401 104.65 25.56 -102.82
CA PRO N 401 105.40 26.65 -102.17
C PRO N 401 106.02 27.63 -103.16
N MET N 402 106.54 27.13 -104.28
CA MET N 402 107.10 28.03 -105.28
C MET N 402 106.06 29.02 -105.77
N LYS N 403 104.82 28.57 -105.98
CA LYS N 403 103.77 29.48 -106.42
C LYS N 403 103.47 30.52 -105.34
N VAL N 404 103.55 30.13 -104.06
CA VAL N 404 103.33 31.09 -102.98
C VAL N 404 104.42 32.15 -103.01
N LYS N 405 105.68 31.73 -103.10
CA LYS N 405 106.77 32.69 -103.16
C LYS N 405 106.64 33.59 -104.38
N GLN N 406 106.17 33.05 -105.51
CA GLN N 406 106.00 33.85 -106.71
C GLN N 406 104.88 34.86 -106.51
N LEU N 407 103.81 34.47 -105.82
CA LEU N 407 102.76 35.41 -105.48
C LEU N 407 103.30 36.52 -104.61
N ARG N 408 104.17 36.18 -103.66
CA ARG N 408 104.75 37.19 -102.78
C ARG N 408 105.63 38.15 -103.57
N ASN N 409 106.41 37.63 -104.52
CA ASN N 409 107.29 38.47 -105.30
C ASN N 409 106.51 39.40 -106.22
N ARG N 410 105.54 38.84 -106.96
CA ARG N 410 104.73 39.68 -107.83
C ARG N 410 103.94 40.70 -107.03
N ALA N 411 103.53 40.33 -105.81
CA ALA N 411 102.81 41.27 -104.96
C ALA N 411 103.74 42.37 -104.47
N GLU N 412 105.00 42.03 -104.18
CA GLU N 412 105.96 43.07 -103.81
C GLU N 412 106.15 44.06 -104.95
N GLU N 413 106.30 43.56 -106.17
CA GLU N 413 106.46 44.46 -107.31
C GLU N 413 105.20 45.28 -107.55
N ASP N 414 104.03 44.69 -107.31
CA ASP N 414 102.78 45.42 -107.45
C ASP N 414 102.67 46.53 -106.41
N ALA N 415 103.03 46.23 -105.17
CA ALA N 415 103.01 47.26 -104.12
C ALA N 415 104.00 48.37 -104.43
N ARG N 416 105.14 48.02 -105.02
CA ARG N 416 106.08 49.05 -105.45
C ARG N 416 105.45 49.96 -106.49
N LEU N 417 104.81 49.36 -107.50
CA LEU N 417 104.11 50.15 -108.51
C LEU N 417 103.04 51.03 -107.88
N ILE N 418 102.33 50.50 -106.89
CA ILE N 418 101.27 51.27 -106.25
C ILE N 418 101.83 52.47 -105.51
N GLN N 419 102.90 52.26 -104.73
CA GLN N 419 103.52 53.36 -104.02
C GLN N 419 104.03 54.40 -105.00
N MET N 420 104.58 53.96 -106.13
CA MET N 420 105.02 54.90 -107.15
C MET N 420 103.84 55.73 -107.66
N SER N 421 102.76 55.07 -108.03
CA SER N 421 101.59 55.78 -108.55
C SER N 421 101.04 56.75 -107.52
N MET N 422 101.12 56.40 -106.24
CA MET N 422 100.65 57.30 -105.19
C MET N 422 101.57 58.51 -105.08
N GLN N 423 102.89 58.29 -105.12
CA GLN N 423 103.82 59.41 -105.12
C GLN N 423 103.71 60.23 -106.40
N MET N 424 102.99 59.74 -107.40
CA MET N 424 102.67 60.51 -108.59
C MET N 424 101.23 60.99 -108.59
N GLY N 425 100.45 60.67 -107.57
CA GLY N 425 99.07 61.09 -107.49
C GLY N 425 98.19 60.51 -108.58
N LEU N 432 93.16 48.23 -109.39
CA LEU N 432 94.37 47.61 -108.86
C LEU N 432 94.11 46.15 -108.49
N ARG N 433 95.19 45.37 -108.40
CA ARG N 433 95.08 44.00 -107.93
C ARG N 433 95.39 43.94 -106.45
N ARG N 434 94.48 43.37 -105.67
CA ARG N 434 94.67 43.17 -104.24
C ARG N 434 94.69 41.68 -103.90
N ASP N 435 95.24 40.88 -104.82
CA ASP N 435 95.23 39.43 -104.67
C ASP N 435 95.78 39.01 -103.31
N LEU N 436 96.87 39.65 -102.88
CA LEU N 436 97.44 39.31 -101.58
C LEU N 436 96.45 39.58 -100.46
N GLU N 437 95.75 40.71 -100.52
CA GLU N 437 94.77 41.03 -99.50
C GLU N 437 93.66 40.00 -99.46
N HIS N 438 93.17 39.61 -100.64
CA HIS N 438 92.11 38.61 -100.69
C HIS N 438 92.60 37.28 -100.16
N LEU N 439 93.83 36.91 -100.47
CA LEU N 439 94.36 35.64 -99.97
C LEU N 439 94.49 35.65 -98.46
N LEU N 440 94.98 36.76 -97.90
CA LEU N 440 95.12 36.84 -96.45
C LEU N 440 93.76 36.82 -95.76
N LEU N 441 92.78 37.55 -96.29
CA LEU N 441 91.46 37.57 -95.68
C LEU N 441 90.79 36.21 -95.82
N LEU N 442 90.99 35.52 -96.94
CA LEU N 442 90.44 34.19 -97.11
C LEU N 442 91.07 33.22 -96.12
N ILE N 443 92.39 33.29 -95.95
CA ILE N 443 93.06 32.43 -94.98
C ILE N 443 92.50 32.68 -93.59
N GLY N 444 92.35 33.95 -93.20
CA GLY N 444 91.75 34.24 -91.91
C GLY N 444 90.35 33.68 -91.79
N GLU N 445 89.52 33.93 -92.80
CA GLU N 445 88.11 33.56 -92.70
C GLU N 445 87.92 32.05 -92.64
N LEU N 446 88.69 31.30 -93.44
CA LEU N 446 88.54 29.84 -93.43
C LEU N 446 88.81 29.28 -92.04
N TYR N 447 89.89 29.71 -91.42
CA TYR N 447 90.24 29.26 -90.08
C TYR N 447 89.51 30.03 -89.00
N ARG N 448 88.72 31.04 -89.38
CA ARG N 448 88.02 31.86 -88.38
C ARG N 448 87.15 31.01 -87.48
N LYS N 449 86.43 30.05 -88.05
CA LYS N 449 85.54 29.18 -87.31
C LYS N 449 86.14 27.78 -87.25
N ASP N 450 85.84 27.05 -86.18
CA ASP N 450 86.19 25.64 -86.04
C ASP N 450 85.01 24.92 -85.38
N PRO N 451 83.88 24.82 -86.07
CA PRO N 451 82.76 24.05 -85.49
C PRO N 451 83.12 22.60 -85.22
N PHE N 452 84.00 22.03 -86.02
CA PHE N 452 84.53 20.69 -85.78
C PHE N 452 85.77 20.73 -84.90
N HIS N 453 86.17 21.92 -84.44
CA HIS N 453 87.35 22.08 -83.58
C HIS N 453 88.58 21.39 -84.18
N LEU N 454 88.69 21.41 -85.50
CA LEU N 454 89.79 20.71 -86.17
C LEU N 454 91.15 21.31 -85.85
N GLU N 455 91.20 22.50 -85.25
CA GLU N 455 92.44 23.21 -85.03
C GLU N 455 93.28 23.23 -86.30
N LEU N 456 92.61 23.49 -87.43
CA LEU N 456 93.31 23.57 -88.70
C LEU N 456 94.41 24.62 -88.67
N ALA N 457 94.16 25.76 -88.02
CA ALA N 457 95.14 26.84 -87.98
C ALA N 457 96.46 26.40 -87.37
N LEU N 458 96.48 25.28 -86.65
CA LEU N 458 97.73 24.77 -86.10
C LEU N 458 98.79 24.55 -87.17
N GLU N 459 98.36 24.35 -88.42
CA GLU N 459 99.31 24.17 -89.49
C GLU N 459 100.20 25.39 -89.70
N TYR N 460 99.70 26.59 -89.38
CA TYR N 460 100.45 27.80 -89.68
C TYR N 460 101.38 28.22 -88.55
N TRP N 461 101.18 27.69 -87.36
CA TRP N 461 102.08 27.92 -86.23
C TRP N 461 103.02 26.73 -86.10
N CYS N 462 104.31 27.03 -85.97
CA CYS N 462 105.31 25.97 -85.83
C CYS N 462 106.02 26.07 -84.48
N GLN N 488 104.37 22.87 -92.09
CA GLN N 488 104.41 23.70 -90.88
C GLN N 488 105.48 24.78 -90.99
N VAL N 489 106.66 24.38 -91.47
CA VAL N 489 107.77 25.32 -91.58
C VAL N 489 107.50 26.36 -92.65
N LEU N 490 107.06 25.93 -93.83
CA LEU N 490 106.72 26.88 -94.89
C LEU N 490 105.57 27.79 -94.47
N LEU N 491 104.59 27.23 -93.77
CA LEU N 491 103.44 28.03 -93.34
C LEU N 491 103.86 29.08 -92.31
N SER N 492 104.57 28.66 -91.27
CA SER N 492 105.01 29.62 -90.26
C SER N 492 105.97 30.65 -90.86
N LYS N 493 106.80 30.22 -91.81
CA LYS N 493 107.73 31.15 -92.45
C LYS N 493 106.99 32.20 -93.25
N PHE N 494 105.98 31.79 -94.02
CA PHE N 494 105.16 32.78 -94.72
C PHE N 494 104.45 33.69 -93.74
N VAL N 495 104.00 33.14 -92.61
CA VAL N 495 103.28 33.93 -91.62
C VAL N 495 104.15 35.02 -91.05
N ARG N 496 105.39 34.69 -90.70
CA ARG N 496 106.31 35.70 -90.19
C ARG N 496 106.72 36.66 -91.29
N GLN N 497 107.00 36.14 -92.48
CA GLN N 497 107.40 37.00 -93.60
C GLN N 497 106.35 38.06 -93.89
N MET N 498 105.07 37.70 -93.77
CA MET N 498 104.01 38.68 -93.99
C MET N 498 104.10 39.84 -93.01
N SER N 499 104.79 39.65 -91.89
CA SER N 499 104.93 40.71 -90.90
C SER N 499 106.13 41.61 -91.15
N ASP N 500 106.94 41.30 -92.17
CA ASP N 500 108.13 42.09 -92.45
C ASP N 500 107.78 43.23 -93.39
N LEU N 501 108.00 44.47 -92.93
CA LEU N 501 107.65 45.68 -93.67
C LEU N 501 106.17 45.67 -94.04
N LEU N 502 105.32 45.58 -93.02
CA LEU N 502 103.89 45.50 -93.22
C LEU N 502 103.36 46.81 -93.79
N PRO N 503 103.00 46.85 -95.08
CA PRO N 503 102.40 48.07 -95.63
C PRO N 503 101.06 48.36 -94.97
N ALA N 504 100.71 49.65 -94.93
CA ALA N 504 99.60 50.08 -94.09
C ALA N 504 98.28 49.46 -94.52
N THR N 505 97.95 49.53 -95.81
CA THR N 505 96.66 49.02 -96.28
C THR N 505 96.53 47.53 -96.05
N LEU N 506 97.63 46.80 -95.94
CA LEU N 506 97.60 45.38 -95.66
C LEU N 506 97.58 45.08 -94.17
N TYR N 507 97.95 46.05 -93.34
CA TYR N 507 97.86 45.87 -91.89
C TYR N 507 96.46 45.41 -91.49
N LEU N 508 95.46 45.81 -92.28
CA LEU N 508 94.12 45.31 -92.04
C LEU N 508 94.01 43.82 -92.33
N PRO N 509 94.39 43.33 -93.50
CA PRO N 509 94.18 41.90 -93.80
C PRO N 509 94.94 40.97 -92.87
N TYR N 510 96.25 41.16 -92.72
CA TYR N 510 97.04 40.24 -91.93
C TYR N 510 96.50 40.13 -90.51
N LEU N 511 96.20 41.27 -89.89
CA LEU N 511 95.55 41.24 -88.59
C LEU N 511 94.30 40.37 -88.64
N LYS N 512 93.38 40.68 -89.55
CA LYS N 512 92.23 39.81 -89.73
C LYS N 512 92.68 38.37 -89.97
N MET N 513 93.68 38.20 -90.84
CA MET N 513 94.20 36.86 -91.09
C MET N 513 94.67 36.22 -89.80
N LEU N 514 95.45 36.96 -89.00
CA LEU N 514 95.90 36.44 -87.73
C LEU N 514 94.72 36.02 -86.86
N ARG N 515 93.66 36.84 -86.85
CA ARG N 515 92.46 36.48 -86.11
C ARG N 515 92.02 35.06 -86.44
N GLY N 516 91.96 34.75 -87.74
CA GLY N 516 91.54 33.41 -88.14
C GLY N 516 92.52 32.34 -87.69
N LEU N 517 93.81 32.64 -87.76
CA LEU N 517 94.82 31.69 -87.28
C LEU N 517 94.76 31.50 -85.78
N ALA N 518 93.90 32.24 -85.08
CA ALA N 518 93.84 32.18 -83.63
C ALA N 518 92.68 31.33 -83.11
N SER N 519 91.93 30.69 -84.00
CA SER N 519 90.72 29.96 -83.61
C SER N 519 91.11 28.77 -82.73
N GLY N 520 90.76 28.82 -81.45
CA GLY N 520 91.01 27.72 -80.55
C GLY N 520 92.20 27.99 -79.64
N PRO N 521 92.23 27.29 -78.50
CA PRO N 521 93.24 27.62 -77.48
C PRO N 521 94.68 27.56 -77.96
N GLN N 522 95.15 26.41 -78.44
CA GLN N 522 96.57 26.27 -78.73
C GLN N 522 97.00 27.19 -79.87
N CYS N 523 96.17 27.28 -80.91
CA CYS N 523 96.45 28.23 -81.99
C CYS N 523 96.63 29.64 -81.44
N ALA N 524 95.74 30.05 -80.53
CA ALA N 524 95.79 31.42 -80.03
C ALA N 524 96.97 31.61 -79.08
N HIS N 525 97.41 30.54 -78.42
CA HIS N 525 98.61 30.64 -77.59
C HIS N 525 99.84 30.86 -78.46
N TYR N 526 99.97 30.06 -79.52
CA TYR N 526 101.04 30.31 -80.48
C TYR N 526 100.96 31.72 -81.01
N CYS N 527 99.75 32.18 -81.33
CA CYS N 527 99.58 33.55 -81.81
C CYS N 527 100.05 34.57 -80.79
N PHE N 528 99.66 34.39 -79.53
CA PHE N 528 100.11 35.29 -78.47
C PHE N 528 101.63 35.37 -78.44
N SER N 529 102.29 34.21 -78.35
CA SER N 529 103.75 34.20 -78.32
C SER N 529 104.32 34.92 -79.53
N LEU N 530 103.74 34.68 -80.71
CA LEU N 530 104.20 35.37 -81.92
C LEU N 530 104.10 36.88 -81.75
N LEU N 531 103.08 37.33 -81.04
CA LEU N 531 102.91 38.76 -80.86
C LEU N 531 103.86 39.32 -79.81
N LYS N 532 103.72 38.87 -78.56
CA LYS N 532 104.54 39.39 -77.48
C LYS N 532 106.02 39.27 -77.80
N ALA N 533 106.41 38.21 -78.51
CA ALA N 533 107.80 38.08 -78.94
C ALA N 533 108.19 39.22 -79.87
N ASN N 534 107.28 39.64 -80.73
CA ASN N 534 107.58 40.68 -81.69
C ASN N 534 106.99 42.01 -81.25
N VAL N 550 104.63 43.79 -88.69
CA VAL N 550 103.50 43.41 -87.86
C VAL N 550 103.98 42.73 -86.59
N SER N 551 103.90 43.44 -85.47
CA SER N 551 104.45 42.98 -84.21
C SER N 551 103.67 43.59 -83.06
N TRP N 552 103.58 42.85 -81.94
CA TRP N 552 102.86 43.39 -80.79
C TRP N 552 103.59 44.57 -80.18
N ASP N 553 104.92 44.58 -80.24
CA ASP N 553 105.63 45.77 -79.80
C ASP N 553 105.22 46.98 -80.62
N HIS N 554 105.32 46.89 -81.95
CA HIS N 554 104.89 47.99 -82.79
C HIS N 554 103.41 48.27 -82.63
N PHE N 555 102.60 47.22 -82.45
CA PHE N 555 101.17 47.43 -82.25
C PHE N 555 100.89 48.28 -81.02
N PHE N 556 101.25 47.78 -79.84
CA PHE N 556 101.00 48.53 -78.62
C PHE N 556 101.83 49.81 -78.55
N HIS N 557 102.88 49.91 -79.35
CA HIS N 557 103.69 51.11 -79.34
C HIS N 557 103.02 52.23 -80.11
N SER N 558 102.59 51.94 -81.35
CA SER N 558 101.73 52.89 -82.06
C SER N 558 100.47 53.16 -81.26
N LEU N 559 100.03 52.18 -80.46
CA LEU N 559 98.88 52.40 -79.59
C LEU N 559 99.18 53.47 -78.56
N MET N 560 100.22 53.27 -77.75
CA MET N 560 100.62 54.29 -76.80
C MET N 560 100.93 55.60 -77.49
N LEU N 561 101.42 55.54 -78.73
CA LEU N 561 101.78 56.76 -79.46
C LEU N 561 100.57 57.59 -79.80
N TYR N 562 99.56 56.97 -80.41
CA TYR N 562 98.34 57.71 -80.73
C TYR N 562 97.62 58.10 -79.45
N HIS N 563 97.63 57.25 -78.43
CA HIS N 563 97.06 57.63 -77.15
C HIS N 563 97.75 58.86 -76.61
N GLU N 564 99.06 58.97 -76.80
CA GLU N 564 99.79 60.14 -76.35
C GLU N 564 99.42 61.36 -77.18
N HIS N 565 99.55 61.27 -78.50
CA HIS N 565 99.28 62.40 -79.37
C HIS N 565 97.83 62.84 -79.28
N LEU N 566 96.97 61.98 -78.72
CA LEU N 566 95.59 62.37 -78.50
C LEU N 566 95.39 62.96 -77.11
N ARG N 567 96.05 62.40 -76.11
CA ARG N 567 96.03 63.01 -74.78
C ARG N 567 96.59 64.42 -74.83
N ARG N 568 97.45 64.69 -75.82
CA ARG N 568 98.13 65.98 -75.88
C ARG N 568 97.23 67.11 -76.38
N ASP N 569 96.20 66.81 -77.16
CA ASP N 569 95.41 67.85 -77.80
C ASP N 569 94.10 68.12 -77.10
N LEU N 570 93.96 67.71 -75.84
CA LEU N 570 92.74 67.98 -75.09
C LEU N 570 92.65 69.45 -74.72
N LEU N 583 94.22 69.83 -86.59
CA LEU N 583 94.13 68.50 -86.00
C LEU N 583 94.70 67.44 -86.95
N ARG N 584 95.78 66.78 -86.53
CA ARG N 584 96.37 65.71 -87.32
C ARG N 584 95.62 64.41 -87.04
N GLY N 585 94.32 64.41 -87.30
CA GLY N 585 93.43 63.32 -86.95
C GLY N 585 93.76 61.98 -87.57
N ILE N 586 93.18 60.91 -87.02
CA ILE N 586 93.35 59.57 -87.55
C ILE N 586 92.95 59.54 -89.02
N THR N 587 93.91 59.20 -89.89
CA THR N 587 93.58 58.92 -91.27
C THR N 587 92.81 57.62 -91.37
N GLN N 588 91.80 57.59 -92.24
CA GLN N 588 90.94 56.43 -92.35
C GLN N 588 91.74 55.15 -92.58
N ARG N 589 92.86 55.25 -93.28
CA ARG N 589 93.75 54.09 -93.45
C ARG N 589 94.28 53.62 -92.10
N GLU N 590 94.71 54.56 -91.26
CA GLU N 590 95.08 54.21 -89.90
C GLU N 590 93.92 53.61 -89.16
N LEU N 591 92.70 54.11 -89.42
CA LEU N 591 91.52 53.52 -88.80
C LEU N 591 91.39 52.06 -89.16
N ASP N 592 91.60 51.72 -90.43
CA ASP N 592 91.50 50.33 -90.88
C ASP N 592 92.56 49.47 -90.22
N GLY N 593 93.81 49.92 -90.25
CA GLY N 593 94.87 49.18 -89.58
C GLY N 593 94.56 48.91 -88.13
N LEU N 594 94.21 49.97 -87.39
CA LEU N 594 93.95 49.82 -85.96
C LEU N 594 92.75 48.93 -85.69
N ILE N 595 91.69 49.08 -86.47
CA ILE N 595 90.49 48.28 -86.27
C ILE N 595 90.81 46.81 -86.46
N ALA N 596 91.50 46.48 -87.56
CA ALA N 596 91.84 45.09 -87.80
C ALA N 596 92.76 44.56 -86.71
N CYS N 597 93.65 45.42 -86.21
CA CYS N 597 94.50 45.00 -85.10
C CYS N 597 93.67 44.69 -83.86
N LEU N 598 92.70 45.53 -83.56
CA LEU N 598 91.85 45.31 -82.39
C LEU N 598 91.06 44.02 -82.53
N GLN N 599 90.47 43.79 -83.70
CA GLN N 599 89.71 42.57 -83.91
C GLN N 599 90.59 41.34 -83.78
N LEU N 600 91.77 41.37 -84.42
CA LEU N 600 92.69 40.25 -84.33
C LEU N 600 93.09 39.98 -82.90
N THR N 601 93.52 41.01 -82.18
CA THR N 601 93.94 40.82 -80.79
C THR N 601 92.79 40.32 -79.95
N CYS N 602 91.59 40.80 -80.22
CA CYS N 602 90.42 40.33 -79.48
C CYS N 602 90.20 38.84 -79.70
N THR N 603 90.27 38.40 -80.96
CA THR N 603 90.12 36.97 -81.23
C THR N 603 91.19 36.16 -80.51
N ILE N 604 92.44 36.64 -80.56
CA ILE N 604 93.53 35.89 -79.96
C ILE N 604 93.34 35.81 -78.45
N ILE N 605 93.00 36.93 -77.81
CA ILE N 605 92.73 36.91 -76.39
C ILE N 605 91.47 36.12 -76.09
N ASP N 606 90.65 35.85 -77.10
CA ASP N 606 89.40 35.14 -76.86
C ASP N 606 89.58 33.64 -76.88
N TRP N 607 90.49 33.14 -77.72
CA TRP N 607 90.62 31.69 -77.84
C TRP N 607 91.63 31.08 -76.87
N SER N 608 92.72 31.77 -76.54
CA SER N 608 93.70 31.26 -75.58
C SER N 608 93.66 32.15 -74.35
N GLU N 609 93.37 31.56 -73.20
CA GLU N 609 93.51 32.31 -71.96
C GLU N 609 94.98 32.58 -71.67
N SER N 610 95.87 31.69 -72.11
CA SER N 610 97.30 31.96 -72.00
C SER N 610 97.66 33.26 -72.72
N ALA N 611 97.10 33.45 -73.91
CA ALA N 611 97.27 34.72 -74.61
C ALA N 611 96.84 35.89 -73.75
N ARG N 612 95.66 35.75 -73.12
CA ARG N 612 95.10 36.85 -72.33
C ARG N 612 96.02 37.18 -71.16
N LEU N 613 96.40 36.17 -70.39
CA LEU N 613 97.28 36.41 -69.25
C LEU N 613 98.61 37.00 -69.69
N ALA N 614 99.20 36.48 -70.76
CA ALA N 614 100.50 36.97 -71.19
C ALA N 614 100.44 38.44 -71.59
N LEU N 615 99.57 38.77 -72.54
CA LEU N 615 99.53 40.15 -73.01
C LEU N 615 99.08 41.10 -71.90
N CYS N 616 98.07 40.71 -71.12
CA CYS N 616 97.55 41.59 -70.08
C CYS N 616 98.56 41.85 -69.00
N GLU N 617 99.62 41.05 -68.92
CA GLU N 617 100.70 41.23 -67.96
C GLU N 617 101.90 41.91 -68.57
N HIS N 618 101.95 42.04 -69.89
CA HIS N 618 103.06 42.70 -70.55
C HIS N 618 103.22 44.10 -69.97
N ALA N 619 104.31 44.32 -69.24
CA ALA N 619 104.48 45.56 -68.51
C ALA N 619 104.68 46.74 -69.44
N GLN N 620 105.43 46.58 -70.52
CA GLN N 620 105.79 47.72 -71.36
C GLN N 620 104.63 48.20 -72.22
N TRP N 621 103.83 47.29 -72.75
CA TRP N 621 102.62 47.71 -73.44
C TRP N 621 101.59 48.29 -72.48
N MET N 622 101.45 47.70 -71.29
CA MET N 622 100.43 48.09 -70.32
C MET N 622 99.12 48.29 -71.04
N PRO N 623 98.57 47.24 -71.67
CA PRO N 623 97.47 47.46 -72.62
C PRO N 623 96.21 48.03 -72.00
N VAL N 624 95.80 47.52 -70.83
CA VAL N 624 94.53 47.93 -70.25
C VAL N 624 94.51 49.43 -70.02
N VAL N 625 95.61 49.99 -69.52
CA VAL N 625 95.62 51.41 -69.19
C VAL N 625 95.64 52.26 -70.45
N VAL N 626 96.43 51.86 -71.44
CA VAL N 626 96.42 52.59 -72.71
C VAL N 626 95.02 52.59 -73.30
N ILE N 627 94.34 51.44 -73.22
CA ILE N 627 93.00 51.34 -73.77
C ILE N 627 92.04 52.26 -73.01
N LEU N 628 92.10 52.23 -71.68
CA LEU N 628 91.20 53.07 -70.88
C LEU N 628 91.46 54.54 -71.10
N GLY N 629 92.72 54.91 -71.35
CA GLY N 629 93.01 56.30 -71.67
C GLY N 629 92.49 56.72 -73.02
N LEU N 630 92.78 55.92 -74.05
CA LEU N 630 92.31 56.25 -75.40
C LEU N 630 90.79 56.27 -75.48
N LEU N 631 90.12 55.39 -74.72
CA LEU N 631 88.67 55.42 -74.67
C LEU N 631 88.16 56.67 -73.96
N GLN N 632 89.01 57.34 -73.19
CA GLN N 632 88.67 58.67 -72.71
C GLN N 632 89.04 59.75 -73.72
N CYS N 633 89.78 59.41 -74.77
CA CYS N 633 89.97 60.31 -75.88
C CYS N 633 88.83 60.17 -76.89
N SER N 634 88.63 61.21 -77.70
CA SER N 634 87.51 61.25 -78.64
C SER N 634 87.94 60.62 -79.97
N ILE N 635 87.88 59.29 -80.01
CA ILE N 635 88.11 58.54 -81.23
C ILE N 635 86.79 58.39 -81.96
N PRO N 636 86.80 58.19 -83.27
CA PRO N 636 85.56 57.79 -83.94
C PRO N 636 84.97 56.58 -83.25
N PRO N 637 83.65 56.54 -83.10
CA PRO N 637 83.05 55.51 -82.23
C PRO N 637 83.42 54.08 -82.59
N LEU N 638 83.74 53.81 -83.86
CA LEU N 638 84.02 52.44 -84.28
C LEU N 638 85.24 51.88 -83.57
N LEU N 639 86.32 52.64 -83.55
CA LEU N 639 87.53 52.17 -82.86
C LEU N 639 87.26 52.02 -81.38
N LYS N 640 86.40 52.86 -80.81
CA LYS N 640 86.03 52.71 -79.41
C LYS N 640 85.31 51.38 -79.18
N ALA N 641 84.43 51.01 -80.11
CA ALA N 641 83.75 49.72 -79.99
C ALA N 641 84.74 48.57 -80.08
N GLU N 642 85.63 48.60 -81.07
CA GLU N 642 86.60 47.52 -81.21
C GLU N 642 87.51 47.42 -80.00
N LEU N 643 87.88 48.56 -79.43
CA LEU N 643 88.72 48.55 -78.24
C LEU N 643 87.96 47.95 -77.06
N LEU N 644 86.73 48.40 -76.84
CA LEU N 644 85.91 47.78 -75.80
C LEU N 644 85.77 46.28 -76.04
N LYS N 645 85.77 45.87 -77.30
CA LYS N 645 85.63 44.45 -77.61
C LYS N 645 86.87 43.67 -77.20
N THR N 646 88.05 44.17 -77.57
CA THR N 646 89.28 43.52 -77.12
C THR N 646 89.39 43.55 -75.61
N LEU N 647 88.92 44.64 -74.99
CA LEU N 647 88.88 44.72 -73.53
C LEU N 647 87.98 43.65 -72.95
N ALA N 648 86.84 43.40 -73.60
CA ALA N 648 85.99 42.30 -73.18
C ALA N 648 86.71 40.97 -73.30
N ALA N 649 87.33 40.73 -74.46
CA ALA N 649 88.12 39.52 -74.63
C ALA N 649 89.09 39.33 -73.47
N PHE N 650 89.72 40.42 -73.04
CA PHE N 650 90.53 40.36 -71.83
C PHE N 650 89.68 40.01 -70.62
N GLY N 651 88.51 40.63 -70.49
CA GLY N 651 87.62 40.35 -69.39
C GLY N 651 87.21 38.92 -69.27
N LYS N 652 87.61 38.08 -70.24
CA LYS N 652 87.46 36.65 -70.08
C LYS N 652 88.11 36.16 -68.79
N SER N 653 89.42 36.35 -68.65
CA SER N 653 90.12 35.91 -67.45
C SER N 653 89.59 36.69 -66.25
N PRO N 654 88.85 36.05 -65.35
CA PRO N 654 88.25 36.81 -64.23
C PRO N 654 89.26 37.59 -63.40
N GLU N 655 90.52 37.15 -63.39
CA GLU N 655 91.57 37.94 -62.78
C GLU N 655 91.63 39.33 -63.39
N ILE N 656 91.50 39.41 -64.72
CA ILE N 656 91.41 40.72 -65.36
C ILE N 656 90.07 41.38 -65.06
N ALA N 657 89.03 40.58 -64.82
CA ALA N 657 87.70 41.14 -64.63
C ALA N 657 87.62 41.97 -63.35
N ALA N 658 88.26 41.49 -62.28
CA ALA N 658 88.19 42.24 -61.02
C ALA N 658 88.80 43.63 -61.17
N SER N 659 90.04 43.69 -61.62
CA SER N 659 90.69 44.98 -61.82
C SER N 659 90.01 45.77 -62.92
N LEU N 660 89.32 45.09 -63.84
CA LEU N 660 88.59 45.79 -64.89
C LEU N 660 87.42 46.56 -64.30
N TRP N 661 86.62 45.90 -63.46
CA TRP N 661 85.55 46.61 -62.76
C TRP N 661 86.12 47.77 -61.95
N GLN N 662 87.26 47.54 -61.30
CA GLN N 662 87.90 48.63 -60.56
C GLN N 662 88.21 49.82 -61.47
N SER N 663 88.95 49.58 -62.54
CA SER N 663 89.41 50.68 -63.39
C SER N 663 88.25 51.30 -64.16
N LEU N 664 87.16 50.57 -64.34
CA LEU N 664 85.97 51.16 -64.94
C LEU N 664 85.26 52.07 -63.95
N GLU N 665 85.22 51.68 -62.68
CA GLU N 665 84.79 52.60 -61.64
C GLU N 665 85.67 53.85 -61.60
N TYR N 666 86.95 53.68 -61.95
CA TYR N 666 87.89 54.80 -61.86
C TYR N 666 87.77 55.76 -63.04
N THR N 667 87.99 55.28 -64.27
CA THR N 667 88.09 56.14 -65.44
C THR N 667 86.81 56.90 -65.74
N GLN N 668 85.73 56.60 -65.03
CA GLN N 668 84.45 57.29 -65.20
C GLN N 668 84.08 57.44 -66.67
N ILE N 669 84.35 56.40 -67.46
CA ILE N 669 83.87 56.38 -68.85
C ILE N 669 82.38 56.70 -68.89
N LEU N 670 81.63 56.11 -67.97
CA LEU N 670 80.23 56.47 -67.75
C LEU N 670 80.17 57.43 -66.57
N GLN N 671 79.41 58.51 -66.72
CA GLN N 671 79.25 59.45 -65.63
C GLN N 671 78.52 58.78 -64.48
N THR N 672 79.25 58.39 -63.44
CA THR N 672 78.65 57.67 -62.32
C THR N 672 78.39 58.57 -61.12
N VAL N 673 79.24 59.58 -60.91
CA VAL N 673 79.05 60.55 -59.84
C VAL N 673 78.81 61.88 -60.52
N ARG N 674 77.56 62.34 -60.51
CA ARG N 674 77.21 63.63 -61.10
C ARG N 674 78.03 64.70 -60.39
N ALA N 675 78.89 65.39 -61.14
CA ALA N 675 79.80 66.36 -60.57
C ALA N 675 79.07 67.47 -59.82
N GLY N 681 72.56 67.94 -70.72
CA GLY N 681 73.20 66.90 -69.93
C GLY N 681 74.52 66.44 -70.52
N VAL N 682 75.44 66.05 -69.64
CA VAL N 682 76.79 65.66 -70.05
C VAL N 682 76.93 64.15 -70.01
N GLY N 683 77.64 63.60 -70.98
CA GLY N 683 77.97 62.20 -71.01
C GLY N 683 77.40 61.51 -72.22
N ILE N 684 77.13 60.22 -72.06
CA ILE N 684 76.66 59.41 -73.18
C ILE N 684 75.24 59.74 -73.55
N GLU N 685 74.45 60.28 -72.62
CA GLU N 685 73.08 60.66 -72.94
C GLU N 685 73.06 61.68 -74.08
N VAL N 686 73.91 62.71 -73.97
CA VAL N 686 74.02 63.70 -75.04
C VAL N 686 74.53 63.04 -76.31
N GLU N 687 75.33 62.00 -76.18
CA GLU N 687 75.84 61.31 -77.37
C GLU N 687 74.73 60.58 -78.11
N LEU N 688 74.03 59.69 -77.40
CA LEU N 688 72.96 58.92 -78.03
C LEU N 688 71.87 59.83 -78.55
N ASN N 689 71.42 60.79 -77.75
CA ASN N 689 70.36 61.68 -78.18
C ASN N 689 70.80 62.61 -79.32
N GLU N 690 72.06 63.02 -79.33
CA GLU N 690 72.55 64.02 -80.28
C GLU N 690 73.33 63.41 -81.44
N ILE N 691 74.16 62.41 -81.18
CA ILE N 691 74.94 61.81 -82.25
C ILE N 691 74.23 60.58 -82.80
N GLU N 692 73.99 59.59 -81.93
CA GLU N 692 73.46 58.32 -82.40
C GLU N 692 72.04 58.45 -82.94
N SER N 693 71.18 59.12 -82.18
CA SER N 693 69.84 59.39 -82.69
C SER N 693 69.90 60.19 -83.98
N ARG N 694 70.92 61.05 -84.12
CA ARG N 694 71.13 61.70 -85.42
C ARG N 694 71.58 60.69 -86.45
N CYS N 695 72.47 59.77 -86.08
CA CYS N 695 72.89 58.71 -86.98
C CYS N 695 71.79 57.68 -87.22
N GLU N 696 70.78 57.63 -86.36
CA GLU N 696 69.70 56.63 -86.40
C GLU N 696 70.21 55.21 -86.16
N GLU N 697 71.49 55.07 -85.82
CA GLU N 697 72.10 53.81 -85.43
C GLU N 697 72.69 53.98 -84.04
N TYR N 698 72.71 52.91 -83.25
CA TYR N 698 73.07 52.99 -81.83
C TYR N 698 74.05 51.89 -81.44
N PRO N 699 75.29 51.97 -81.92
CA PRO N 699 76.31 51.07 -81.36
C PRO N 699 76.70 51.44 -79.95
N LEU N 700 76.86 52.73 -79.66
CA LEU N 700 77.41 53.15 -78.37
C LEU N 700 76.47 52.80 -77.22
N THR N 701 75.18 53.11 -77.36
CA THR N 701 74.22 52.70 -76.34
C THR N 701 74.23 51.18 -76.18
N ARG N 702 74.45 50.45 -77.28
CA ARG N 702 74.48 49.01 -77.21
C ARG N 702 75.66 48.52 -76.37
N ALA N 703 76.84 49.07 -76.62
CA ALA N 703 78.00 48.70 -75.83
C ALA N 703 77.82 49.11 -74.37
N PHE N 704 77.20 50.27 -74.14
CA PHE N 704 76.98 50.73 -72.78
C PHE N 704 76.07 49.76 -72.03
N CYS N 705 75.00 49.33 -72.68
CA CYS N 705 74.14 48.31 -72.06
C CYS N 705 74.90 47.00 -71.87
N GLN N 706 75.72 46.61 -72.85
CA GLN N 706 76.43 45.34 -72.75
C GLN N 706 77.37 45.32 -71.56
N LEU N 707 78.13 46.39 -71.36
CA LEU N 707 79.08 46.43 -70.27
C LEU N 707 78.37 46.68 -68.94
N ILE N 708 77.33 47.52 -68.94
CA ILE N 708 76.48 47.67 -67.77
C ILE N 708 76.01 46.30 -67.30
N SER N 709 75.62 45.45 -68.26
CA SER N 709 75.18 44.11 -67.94
C SER N 709 76.34 43.27 -67.38
N THR N 710 77.44 43.21 -68.13
CA THR N 710 78.57 42.38 -67.71
C THR N 710 79.06 42.75 -66.32
N LEU N 711 78.89 44.02 -65.93
CA LEU N 711 79.31 44.44 -64.60
C LEU N 711 78.24 44.16 -63.56
N VAL N 712 76.97 44.43 -63.90
CA VAL N 712 75.88 44.15 -62.96
C VAL N 712 75.84 42.66 -62.64
N GLU N 713 76.32 41.82 -63.57
CA GLU N 713 76.51 40.41 -63.26
C GLU N 713 77.60 40.23 -62.21
N SER N 714 78.52 41.18 -62.11
CA SER N 714 79.60 41.08 -61.14
C SER N 714 79.22 41.70 -59.81
N SER N 715 77.92 41.70 -59.47
CA SER N 715 77.45 42.09 -58.14
C SER N 715 77.85 43.52 -57.78
N PHE N 716 77.20 44.50 -58.41
CA PHE N 716 77.47 45.91 -58.17
C PHE N 716 77.43 46.22 -56.68
N PRO N 717 78.15 47.24 -56.23
CA PRO N 717 78.36 47.42 -54.79
C PRO N 717 77.18 48.08 -54.12
N THR N 718 77.05 47.85 -52.81
CA THR N 718 75.99 48.48 -52.02
C THR N 718 76.27 49.96 -51.79
N ASN N 719 77.53 50.36 -51.77
CA ASN N 719 77.92 51.75 -51.56
C ASN N 719 78.40 52.41 -52.84
N LEU N 720 78.02 51.87 -53.99
CA LEU N 720 78.34 52.47 -55.27
C LEU N 720 77.97 53.95 -55.26
N GLY N 721 78.96 54.81 -55.40
CA GLY N 721 78.74 56.23 -55.48
C GLY N 721 78.67 56.95 -54.16
N ALA N 722 78.85 56.25 -53.04
CA ALA N 722 78.80 56.91 -51.74
C ALA N 722 79.89 57.97 -51.65
N GLY N 723 79.56 59.11 -51.03
CA GLY N 723 80.42 60.26 -50.98
C GLY N 723 80.02 61.36 -51.93
N LEU N 724 79.56 61.01 -53.13
CA LEU N 724 79.13 61.96 -54.14
C LEU N 724 77.61 62.06 -54.27
N ARG N 725 76.91 60.93 -54.37
CA ARG N 725 75.47 60.94 -54.55
C ARG N 725 74.86 59.90 -53.63
N ALA N 726 73.53 59.94 -53.53
CA ALA N 726 72.79 58.98 -52.74
C ALA N 726 73.24 57.56 -53.09
N PRO N 727 73.50 56.71 -52.10
CA PRO N 727 74.02 55.37 -52.40
C PRO N 727 73.04 54.56 -53.25
N GLY N 728 73.55 54.00 -54.35
CA GLY N 728 72.73 53.16 -55.20
C GLY N 728 73.13 53.12 -56.66
N PHE N 729 72.42 52.28 -57.43
CA PHE N 729 72.58 52.19 -58.87
C PHE N 729 71.39 52.78 -59.63
N GLU N 730 70.48 53.44 -58.93
CA GLU N 730 69.25 53.93 -59.55
C GLU N 730 69.51 54.82 -60.76
N PRO N 731 70.37 55.84 -60.68
CA PRO N 731 70.52 56.73 -61.84
C PRO N 731 70.78 55.99 -63.13
N TYR N 732 71.60 54.94 -63.10
CA TYR N 732 71.77 54.12 -64.28
C TYR N 732 70.45 53.49 -64.70
N LEU N 733 69.60 53.14 -63.73
CA LEU N 733 68.33 52.51 -64.07
C LEU N 733 67.40 53.48 -64.75
N GLN N 734 67.29 54.70 -64.21
CA GLN N 734 66.53 55.73 -64.90
C GLN N 734 67.09 56.00 -66.28
N PHE N 735 68.41 55.97 -66.41
CA PHE N 735 69.04 56.20 -67.70
C PHE N 735 68.61 55.16 -68.70
N LEU N 736 68.67 53.89 -68.31
CA LEU N 736 68.28 52.83 -69.23
C LEU N 736 66.79 52.89 -69.55
N ARG N 737 65.94 52.96 -68.54
CA ARG N 737 64.51 52.84 -68.77
C ARG N 737 63.95 54.11 -69.43
N ASP N 738 64.08 55.25 -68.75
CA ASP N 738 63.43 56.48 -69.17
C ASP N 738 64.03 57.05 -70.45
N THR N 739 65.28 56.73 -70.76
CA THR N 739 65.95 57.32 -71.92
C THR N 739 66.24 56.33 -73.03
N VAL N 740 66.52 55.06 -72.71
CA VAL N 740 66.80 54.08 -73.74
C VAL N 740 65.58 53.19 -73.96
N PHE N 741 65.12 52.55 -72.89
CA PHE N 741 64.02 51.60 -73.03
C PHE N 741 62.76 52.27 -73.53
N LEU N 742 62.23 53.23 -72.77
CA LEU N 742 61.01 53.90 -73.16
C LEU N 742 61.14 54.64 -74.49
N ARG N 743 62.35 54.81 -74.99
CA ARG N 743 62.58 55.58 -76.20
C ARG N 743 63.02 54.73 -77.38
N TYR N 744 63.41 53.47 -77.14
CA TYR N 744 63.85 52.63 -78.24
C TYR N 744 62.83 52.58 -79.34
N ARG N 745 61.54 52.52 -78.99
CA ARG N 745 60.51 52.62 -80.00
C ARG N 745 60.55 53.94 -80.74
N THR N 746 60.41 55.06 -80.02
CA THR N 746 60.42 56.37 -80.64
C THR N 746 61.73 56.68 -81.35
N ARG N 747 62.78 55.92 -81.06
CA ARG N 747 64.03 56.05 -81.78
C ARG N 747 63.90 55.41 -83.15
N ALA N 748 64.18 56.20 -84.18
CA ALA N 748 64.17 55.67 -85.54
C ALA N 748 65.44 54.87 -85.77
N TYR N 749 65.29 53.74 -86.44
CA TYR N 749 66.39 52.79 -86.62
C TYR N 749 66.79 52.77 -88.09
N ARG N 750 68.09 52.93 -88.34
CA ARG N 750 68.59 52.82 -89.71
C ARG N 750 68.45 51.40 -90.24
N ARG N 751 68.93 50.42 -89.48
CA ARG N 751 68.72 49.01 -89.79
C ARG N 751 67.60 48.51 -88.90
N ALA N 752 66.71 47.69 -89.48
CA ALA N 752 65.53 47.26 -88.75
C ALA N 752 65.88 46.46 -87.50
N ALA N 753 66.91 45.63 -87.60
CA ALA N 753 67.29 44.79 -86.46
C ALA N 753 67.64 45.60 -85.22
N GLU N 754 67.91 46.90 -85.40
CA GLU N 754 68.38 47.72 -84.28
C GLU N 754 67.32 47.89 -83.22
N LYS N 755 66.07 48.17 -83.60
CA LYS N 755 65.02 48.31 -82.61
C LYS N 755 64.96 47.08 -81.71
N TRP N 756 64.97 45.90 -82.33
CA TRP N 756 64.89 44.67 -81.57
C TRP N 756 66.12 44.46 -80.70
N GLU N 757 67.31 44.67 -81.25
CA GLU N 757 68.52 44.39 -80.48
C GLU N 757 68.63 45.30 -79.27
N VAL N 758 68.32 46.58 -79.44
CA VAL N 758 68.37 47.51 -78.32
C VAL N 758 67.33 47.14 -77.29
N ALA N 759 66.12 46.81 -77.74
CA ALA N 759 65.09 46.38 -76.80
C ALA N 759 65.57 45.21 -75.97
N GLU N 760 66.14 44.20 -76.63
CA GLU N 760 66.62 43.02 -75.92
C GLU N 760 67.70 43.38 -74.93
N ALA N 761 68.60 44.28 -75.32
CA ALA N 761 69.63 44.74 -74.40
C ALA N 761 69.02 45.30 -73.13
N VAL N 762 68.13 46.29 -73.26
CA VAL N 762 67.53 46.91 -72.08
C VAL N 762 66.83 45.85 -71.23
N LEU N 763 66.15 44.92 -71.90
CA LEU N 763 65.44 43.87 -71.20
C LEU N 763 66.38 43.01 -70.37
N ASP N 764 67.53 42.65 -70.93
CA ASP N 764 68.45 41.78 -70.21
C ASP N 764 68.90 42.42 -68.91
N VAL N 765 69.14 43.72 -68.93
CA VAL N 765 69.61 44.41 -67.73
C VAL N 765 68.49 44.48 -66.70
N PHE N 766 67.29 44.89 -67.12
CA PHE N 766 66.16 44.87 -66.18
C PHE N 766 66.00 43.49 -65.56
N TYR N 767 66.19 42.45 -66.37
CA TYR N 767 65.98 41.09 -65.89
C TYR N 767 67.02 40.70 -64.86
N LYS N 768 68.28 40.95 -65.15
CA LYS N 768 69.33 40.66 -64.18
C LYS N 768 69.11 41.45 -62.90
N LEU N 769 68.51 42.64 -63.01
CA LEU N 769 68.26 43.44 -61.82
C LEU N 769 67.19 42.80 -60.94
N LEU N 770 66.09 42.37 -61.55
CA LEU N 770 65.00 41.82 -60.74
C LEU N 770 65.29 40.39 -60.28
N LYS N 771 65.96 39.60 -61.11
CA LYS N 771 66.09 38.17 -60.86
C LYS N 771 66.79 37.88 -59.54
N ASP N 772 67.64 38.79 -59.08
CA ASP N 772 68.29 38.62 -57.78
C ASP N 772 67.51 39.24 -56.65
N TYR N 773 66.42 39.93 -56.93
CA TYR N 773 65.72 40.70 -55.92
C TYR N 773 65.14 39.78 -54.86
N GLU N 774 65.24 40.20 -53.60
CA GLU N 774 64.60 39.51 -52.50
C GLU N 774 63.84 40.54 -51.68
N PRO N 775 62.51 40.48 -51.62
CA PRO N 775 61.76 41.48 -50.84
C PRO N 775 61.91 41.24 -49.35
N GLN N 776 62.70 42.08 -48.71
CA GLN N 776 62.90 41.96 -47.28
C GLN N 776 62.49 43.25 -46.59
N PRO N 777 62.11 43.18 -45.32
CA PRO N 777 61.52 44.36 -44.67
C PRO N 777 62.45 45.55 -44.62
N GLU N 778 63.74 45.38 -44.91
CA GLU N 778 64.64 46.52 -44.96
C GLU N 778 64.35 47.41 -46.16
N ASP N 779 63.63 46.90 -47.16
CA ASP N 779 63.41 47.64 -48.39
C ASP N 779 62.36 48.73 -48.24
N PHE N 780 61.22 48.44 -47.63
CA PHE N 780 60.16 49.42 -47.48
C PHE N 780 60.16 50.07 -46.10
N VAL N 781 61.19 49.82 -45.29
CA VAL N 781 61.58 50.74 -44.22
C VAL N 781 62.65 51.63 -44.85
N ASP N 782 62.31 52.88 -45.12
CA ASP N 782 63.18 53.76 -45.88
C ASP N 782 64.43 54.12 -45.07
N GLN N 783 65.53 53.42 -45.33
CA GLN N 783 66.77 53.68 -44.62
C GLN N 783 67.40 54.98 -45.09
N TYR N 784 67.90 55.78 -44.14
CA TYR N 784 68.54 57.06 -44.44
C TYR N 784 70.05 56.89 -44.37
N VAL N 785 70.73 57.22 -45.47
CA VAL N 785 72.18 57.14 -45.55
C VAL N 785 72.72 58.52 -45.92
N GLU N 786 73.87 58.87 -45.37
CA GLU N 786 74.42 60.22 -45.48
C GLU N 786 75.20 60.35 -46.78
N LEU N 787 74.64 61.07 -47.76
CA LEU N 787 75.35 61.41 -48.99
C LEU N 787 75.64 62.91 -48.97
N GLN N 788 76.93 63.25 -48.85
CA GLN N 788 77.40 64.63 -49.00
C GLN N 788 76.56 65.62 -48.17
N GLY N 789 76.38 65.33 -46.89
CA GLY N 789 75.71 66.22 -45.98
C GLY N 789 74.20 66.14 -45.96
N GLU N 790 73.59 65.28 -46.80
CA GLU N 790 72.15 65.13 -46.85
C GLU N 790 71.79 63.67 -46.61
N GLU N 791 70.85 63.45 -45.70
CA GLU N 791 70.38 62.09 -45.45
C GLU N 791 69.41 61.71 -46.56
N ARG N 792 69.91 60.96 -47.55
CA ARG N 792 69.10 60.50 -48.66
C ARG N 792 68.59 59.10 -48.36
N VAL N 793 67.36 58.82 -48.79
CA VAL N 793 66.80 57.49 -48.62
C VAL N 793 67.60 56.52 -49.48
N ALA N 794 68.13 55.47 -48.85
CA ALA N 794 68.91 54.49 -49.58
C ALA N 794 68.03 53.65 -50.49
N PHE N 795 68.63 53.10 -51.53
CA PHE N 795 67.90 52.20 -52.41
C PHE N 795 67.44 50.97 -51.64
N LYS N 796 66.29 50.45 -52.03
CA LYS N 796 65.76 49.22 -51.46
C LYS N 796 66.46 48.05 -52.14
N PRO N 797 66.06 46.83 -51.81
CA PRO N 797 66.59 45.65 -52.53
C PRO N 797 66.46 45.86 -54.02
N PRO N 798 67.52 45.55 -54.79
CA PRO N 798 67.64 46.12 -56.14
C PRO N 798 66.39 46.03 -56.99
N GLY N 799 65.66 44.92 -56.94
CA GLY N 799 64.54 44.77 -57.83
C GLY N 799 63.35 45.63 -57.49
N PHE N 800 63.29 46.11 -56.25
CA PHE N 800 62.11 46.86 -55.80
C PHE N 800 61.76 47.95 -56.79
N SER N 801 62.78 48.60 -57.36
CA SER N 801 62.52 49.62 -58.37
C SER N 801 61.63 49.09 -59.47
N LEU N 802 62.14 48.12 -60.24
CA LEU N 802 61.31 47.50 -61.26
C LEU N 802 59.97 47.08 -60.69
N MET N 803 59.97 46.54 -59.47
CA MET N 803 58.74 46.02 -58.89
C MET N 803 57.70 47.11 -58.75
N HIS N 804 58.08 48.24 -58.17
CA HIS N 804 57.11 49.31 -57.98
C HIS N 804 56.57 49.80 -59.31
N HIS N 805 57.35 49.65 -60.38
CA HIS N 805 56.86 49.99 -61.70
C HIS N 805 56.03 48.86 -62.30
N LEU N 806 56.46 47.61 -62.11
CA LEU N 806 55.78 46.50 -62.75
C LEU N 806 54.40 46.28 -62.16
N LEU N 807 54.19 46.65 -60.90
CA LEU N 807 52.90 46.50 -60.23
C LEU N 807 52.15 47.80 -60.14
N ASN N 808 52.61 48.85 -60.82
CA ASN N 808 51.85 50.07 -61.01
C ASN N 808 51.64 50.25 -62.51
N GLU N 809 50.72 51.13 -62.88
CA GLU N 809 50.41 51.29 -64.29
C GLU N 809 51.55 52.02 -65.00
N SER N 810 52.66 51.38 -65.11
CA SER N 810 53.77 52.20 -65.55
C SER N 810 53.93 52.13 -67.06
N PRO N 811 54.55 53.17 -67.64
CA PRO N 811 54.89 53.11 -69.06
C PRO N 811 55.70 51.89 -69.42
N MET N 812 56.48 51.36 -68.48
CA MET N 812 57.20 50.12 -68.73
C MET N 812 56.24 48.94 -68.83
N LEU N 813 55.17 48.97 -68.04
CA LEU N 813 54.19 47.88 -68.10
C LEU N 813 53.53 47.82 -69.46
N GLU N 814 52.86 48.90 -69.85
CA GLU N 814 52.26 48.98 -71.17
C GLU N 814 53.31 48.76 -72.25
N LEU N 815 54.56 49.17 -71.99
CA LEU N 815 55.62 49.00 -72.97
C LEU N 815 55.91 47.52 -73.21
N CYS N 816 56.12 46.77 -72.14
CA CYS N 816 56.34 45.34 -72.28
C CYS N 816 55.15 44.66 -72.92
N LEU N 817 53.94 45.06 -72.52
CA LEU N 817 52.74 44.44 -73.08
C LEU N 817 52.64 44.71 -74.58
N SER N 818 52.99 45.93 -74.99
CA SER N 818 53.00 46.25 -76.40
C SER N 818 54.07 45.45 -77.12
N LEU N 819 55.23 45.30 -76.50
CA LEU N 819 56.25 44.43 -77.06
C LEU N 819 55.70 43.04 -77.30
N MET N 820 54.93 42.53 -76.33
CA MET N 820 54.40 41.18 -76.42
C MET N 820 53.39 41.06 -77.55
N GLU N 821 52.39 41.93 -77.56
CA GLU N 821 51.35 41.83 -78.58
C GLU N 821 51.93 42.08 -79.97
N GLU N 822 52.84 43.05 -80.08
CA GLU N 822 53.48 43.31 -81.35
C GLU N 822 54.29 42.12 -81.81
N GLY N 823 54.98 41.46 -80.89
CA GLY N 823 55.68 40.24 -81.24
C GLY N 823 54.74 39.16 -81.71
N VAL N 824 53.60 39.02 -81.04
CA VAL N 824 52.62 38.03 -81.46
C VAL N 824 52.15 38.32 -82.87
N THR N 825 51.90 39.59 -83.17
CA THR N 825 51.51 39.96 -84.53
C THR N 825 52.61 39.60 -85.52
N GLN N 826 53.82 40.08 -85.27
CA GLN N 826 54.94 39.80 -86.17
C GLN N 826 55.13 38.32 -86.35
N LEU N 827 54.76 37.53 -85.35
CA LEU N 827 54.84 36.08 -85.47
C LEU N 827 53.75 35.55 -86.38
N ASP N 828 52.50 35.94 -86.12
CA ASP N 828 51.40 35.54 -86.99
C ASP N 828 51.66 35.96 -88.43
N THR N 829 52.53 36.94 -88.65
CA THR N 829 52.97 37.25 -90.00
C THR N 829 53.71 36.09 -90.63
N TYR N 830 54.34 35.24 -89.81
CA TYR N 830 55.07 34.08 -90.29
C TYR N 830 56.08 34.47 -91.37
N ALA N 831 57.07 35.27 -90.96
CA ALA N 831 58.01 35.86 -91.90
C ALA N 831 59.44 35.50 -91.55
N PRO N 832 60.34 35.48 -92.52
CA PRO N 832 61.72 35.03 -92.29
C PRO N 832 62.56 36.06 -91.52
N PHE N 833 63.86 35.83 -91.58
CA PHE N 833 64.97 36.30 -90.76
C PHE N 833 64.83 37.67 -90.10
N PRO N 834 64.33 38.72 -90.79
CA PRO N 834 64.56 40.10 -90.31
C PRO N 834 64.45 40.29 -88.80
N GLY N 835 65.59 40.56 -88.17
CA GLY N 835 65.67 40.76 -86.73
C GLY N 835 65.07 39.63 -85.92
N LYS N 836 64.73 38.52 -86.58
CA LYS N 836 63.80 37.55 -85.98
C LYS N 836 64.34 36.98 -84.69
N LYS N 837 65.58 36.48 -84.70
CA LYS N 837 66.11 35.83 -83.52
C LYS N 837 66.30 36.82 -82.38
N HIS N 838 66.71 38.05 -82.71
CA HIS N 838 66.83 39.08 -81.68
C HIS N 838 65.48 39.36 -81.03
N LEU N 839 64.46 39.61 -81.85
CA LEU N 839 63.12 39.82 -81.32
C LEU N 839 62.65 38.62 -80.51
N GLU N 840 63.07 37.43 -80.92
CA GLU N 840 62.71 36.23 -80.18
C GLU N 840 63.28 36.28 -78.77
N LYS N 841 64.59 36.52 -78.66
CA LYS N 841 65.20 36.63 -77.33
C LYS N 841 64.56 37.76 -76.52
N ALA N 842 64.12 38.82 -77.20
CA ALA N 842 63.52 39.94 -76.50
C ALA N 842 62.19 39.56 -75.87
N VAL N 843 61.28 39.03 -76.67
CA VAL N 843 60.00 38.58 -76.12
C VAL N 843 60.23 37.50 -75.09
N ALA N 844 61.26 36.68 -75.28
CA ALA N 844 61.57 35.64 -74.31
C ALA N 844 61.92 36.24 -72.97
N TYR N 845 62.81 37.23 -72.95
CA TYR N 845 63.14 37.90 -71.71
C TYR N 845 61.92 38.61 -71.14
N CYS N 846 61.02 39.08 -72.01
CA CYS N 846 59.78 39.65 -71.52
C CYS N 846 59.03 38.63 -70.69
N PHE N 847 58.77 37.46 -71.27
CA PHE N 847 58.03 36.42 -70.56
C PHE N 847 58.78 35.97 -69.32
N MET N 848 60.11 35.94 -69.38
CA MET N 848 60.88 35.49 -68.23
C MET N 848 60.79 36.49 -67.09
N LEU N 849 60.89 37.79 -67.40
CA LEU N 849 60.71 38.82 -66.39
C LEU N 849 59.31 38.72 -65.80
N LEU N 850 58.32 38.43 -66.65
CA LEU N 850 56.99 38.18 -66.15
C LEU N 850 56.99 37.03 -65.16
N ASN N 851 57.66 35.92 -65.52
CA ASN N 851 57.72 34.76 -64.64
C ASN N 851 58.32 35.13 -63.30
N LEU N 852 59.41 35.87 -63.32
CA LEU N 852 60.10 36.21 -62.08
C LEU N 852 59.26 37.15 -61.23
N THR N 853 58.65 38.16 -61.85
CA THR N 853 57.77 39.05 -61.09
C THR N 853 56.63 38.26 -60.48
N LEU N 854 56.06 37.33 -61.25
CA LEU N 854 54.98 36.51 -60.73
C LEU N 854 55.43 35.70 -59.53
N GLN N 855 56.55 35.01 -59.65
CA GLN N 855 57.01 34.15 -58.57
C GLN N 855 57.33 34.97 -57.32
N LYS N 856 57.86 36.18 -57.50
CA LYS N 856 58.22 37.00 -56.35
C LYS N 856 57.04 37.76 -55.77
N GLU N 857 55.95 37.91 -56.53
CA GLU N 857 54.88 38.84 -56.16
C GLU N 857 54.32 38.52 -54.77
N ASN N 858 54.19 37.24 -54.43
CA ASN N 858 53.62 36.92 -53.13
C ASN N 858 54.49 37.42 -52.00
N ARG N 859 55.79 37.13 -52.07
CA ARG N 859 56.72 37.63 -51.07
C ARG N 859 56.70 39.15 -51.03
N PHE N 860 56.69 39.77 -52.21
CA PHE N 860 56.67 41.23 -52.28
C PHE N 860 55.45 41.78 -51.56
N MET N 861 54.29 41.18 -51.80
CA MET N 861 53.05 41.71 -51.24
C MET N 861 52.99 41.46 -49.74
N ASP N 862 53.50 40.33 -49.28
CA ASP N 862 53.55 40.09 -47.84
C ASP N 862 54.47 41.09 -47.15
N LEU N 863 55.65 41.29 -47.72
CA LEU N 863 56.61 42.23 -47.15
C LEU N 863 56.07 43.64 -47.18
N LEU N 864 55.30 43.99 -48.22
CA LEU N 864 54.69 45.31 -48.27
C LEU N 864 53.58 45.44 -47.23
N ARG N 865 52.68 44.46 -47.17
CA ARG N 865 51.61 44.48 -46.19
C ARG N 865 52.16 44.69 -44.79
N GLU N 866 53.29 44.04 -44.48
CA GLU N 866 53.93 44.30 -43.19
C GLU N 866 54.84 45.53 -43.24
N SER N 867 55.01 46.12 -44.42
CA SER N 867 56.06 47.12 -44.60
C SER N 867 55.51 48.52 -44.76
N HIS N 868 54.18 48.64 -44.88
CA HIS N 868 53.45 49.88 -44.63
C HIS N 868 53.53 50.91 -45.74
N LEU N 869 54.28 50.66 -46.80
CA LEU N 869 54.40 51.69 -47.82
C LEU N 869 53.04 52.05 -48.38
N SER N 870 52.83 53.32 -48.62
CA SER N 870 51.56 53.73 -49.17
C SER N 870 51.41 53.31 -50.61
N MET N 871 52.42 52.63 -51.14
CA MET N 871 52.41 52.23 -52.54
C MET N 871 51.26 51.28 -52.81
N ILE N 872 50.59 51.47 -53.95
CA ILE N 872 49.56 50.54 -54.41
C ILE N 872 50.17 49.71 -55.53
N VAL N 873 50.41 48.44 -55.24
CA VAL N 873 50.96 47.50 -56.20
C VAL N 873 49.88 46.47 -56.49
N THR N 874 49.54 46.32 -57.73
CA THR N 874 48.46 45.37 -57.94
C THR N 874 49.03 44.01 -58.26
N PRO N 875 48.35 42.92 -57.91
CA PRO N 875 48.81 41.60 -58.35
C PRO N 875 48.86 41.54 -59.86
N LEU N 876 49.97 40.99 -60.38
CA LEU N 876 50.17 40.94 -61.82
C LEU N 876 49.01 40.23 -62.52
N GLU N 877 48.32 39.32 -61.81
CA GLU N 877 47.23 38.59 -62.45
C GLU N 877 46.14 39.53 -62.92
N GLN N 878 45.57 40.32 -62.01
CA GLN N 878 44.54 41.28 -62.41
C GLN N 878 45.06 42.19 -63.51
N LEU N 879 46.34 42.55 -63.43
CA LEU N 879 46.91 43.42 -64.45
C LEU N 879 46.83 42.77 -65.82
N LEU N 880 47.32 41.55 -65.96
CA LEU N 880 47.38 40.91 -67.27
C LEU N 880 46.01 40.79 -67.92
N GLN N 881 44.96 40.77 -67.12
CA GLN N 881 43.61 40.91 -67.62
C GLN N 881 43.25 42.35 -67.91
N GLY N 882 44.20 43.26 -67.85
CA GLY N 882 43.92 44.64 -68.18
C GLY N 882 43.54 44.80 -69.63
N ILE N 883 42.87 45.90 -69.92
CA ILE N 883 42.49 46.20 -71.30
C ILE N 883 43.73 46.69 -72.04
N ASN N 884 44.11 45.97 -73.08
CA ASN N 884 45.28 46.35 -73.84
C ASN N 884 44.97 47.58 -74.70
N PRO N 885 45.93 48.46 -74.94
CA PRO N 885 45.62 49.67 -75.71
C PRO N 885 45.18 49.39 -77.13
N ARG N 886 45.98 48.62 -77.87
CA ARG N 886 45.65 48.31 -79.25
C ARG N 886 44.38 47.47 -79.33
N SER N 887 44.32 46.39 -78.55
CA SER N 887 43.17 45.51 -78.61
C SER N 887 41.91 46.20 -78.11
N LYS N 888 42.04 47.09 -77.15
CA LYS N 888 40.94 47.73 -76.41
C LYS N 888 40.20 46.68 -75.59
N LYS N 889 40.83 45.54 -75.33
CA LYS N 889 40.22 44.47 -74.57
C LYS N 889 41.33 43.65 -73.93
N ALA N 890 40.95 42.82 -72.97
CA ALA N 890 41.93 42.10 -72.16
C ALA N 890 42.49 40.89 -72.89
N ASP N 891 43.05 41.08 -74.07
CA ASP N 891 43.54 39.98 -74.86
C ASP N 891 45.01 39.69 -74.63
N ASN N 892 45.65 40.43 -73.72
CA ASN N 892 47.03 40.12 -73.37
C ASN N 892 47.20 38.64 -73.11
N VAL N 893 46.33 38.07 -72.29
CA VAL N 893 46.35 36.64 -72.08
C VAL N 893 46.07 35.91 -73.39
N VAL N 894 45.00 36.28 -74.08
CA VAL N 894 44.68 35.62 -75.34
C VAL N 894 45.82 35.77 -76.32
N ASN N 895 46.43 36.96 -76.37
CA ASN N 895 47.56 37.16 -77.26
C ASN N 895 48.68 36.22 -76.92
N ILE N 896 49.07 36.18 -75.65
CA ILE N 896 50.16 35.30 -75.23
C ILE N 896 49.84 33.86 -75.59
N ALA N 897 48.57 33.48 -75.46
CA ALA N 897 48.16 32.15 -75.87
C ALA N 897 48.39 31.95 -77.35
N ARG N 898 48.05 32.95 -78.15
CA ARG N 898 48.19 32.84 -79.59
C ARG N 898 49.59 32.41 -79.98
N TYR N 899 50.57 32.62 -79.11
CA TYR N 899 51.90 32.09 -79.34
C TYR N 899 51.91 30.58 -79.41
N LEU N 900 51.10 29.92 -78.61
CA LEU N 900 51.06 28.45 -78.64
C LEU N 900 50.84 27.93 -80.05
N CYS N 901 50.03 28.61 -80.85
CA CYS N 901 49.89 28.27 -82.25
C CYS N 901 51.24 28.17 -82.93
N HIS N 902 52.21 28.99 -82.51
CA HIS N 902 53.54 28.94 -83.07
C HIS N 902 54.40 27.90 -82.38
N GLY N 903 53.78 26.91 -81.75
CA GLY N 903 54.55 25.85 -81.13
C GLY N 903 55.46 25.12 -82.11
N ASN N 904 54.91 24.70 -83.25
CA ASN N 904 55.65 23.84 -84.16
C ASN N 904 56.87 24.53 -84.75
N SER N 905 56.82 25.84 -84.95
CA SER N 905 57.98 26.54 -85.44
C SER N 905 58.89 26.99 -84.31
N ASN N 906 58.35 27.75 -83.36
CA ASN N 906 59.13 28.31 -82.26
C ASN N 906 58.77 27.51 -81.00
N ALA N 907 59.69 26.62 -80.62
CA ALA N 907 59.45 25.81 -79.43
C ALA N 907 59.59 26.63 -78.15
N GLU N 908 60.56 27.54 -78.11
CA GLU N 908 60.83 28.26 -76.87
C GLU N 908 59.67 29.19 -76.52
N LEU N 909 59.11 29.86 -77.53
CA LEU N 909 58.00 30.75 -77.28
C LEU N 909 56.82 29.98 -76.68
N ALA N 910 56.45 28.87 -77.31
CA ALA N 910 55.38 28.05 -76.79
C ALA N 910 55.69 27.57 -75.38
N PHE N 911 56.94 27.20 -75.12
CA PHE N 911 57.30 26.65 -73.81
C PHE N 911 57.14 27.71 -72.72
N GLU N 912 57.70 28.89 -72.95
CA GLU N 912 57.58 29.96 -71.97
C GLU N 912 56.12 30.34 -71.77
N SER N 913 55.36 30.43 -72.86
CA SER N 913 53.94 30.73 -72.74
C SER N 913 53.24 29.69 -71.88
N ALA N 914 53.57 28.42 -72.11
CA ALA N 914 52.91 27.34 -71.39
C ALA N 914 53.23 27.41 -69.91
N LYS N 915 54.49 27.68 -69.58
CA LYS N 915 54.84 27.83 -68.17
C LYS N 915 54.06 28.96 -67.53
N ILE N 916 54.10 30.14 -68.17
CA ILE N 916 53.36 31.29 -67.64
C ILE N 916 51.89 30.96 -67.52
N LEU N 917 51.39 30.11 -68.41
CA LEU N 917 49.96 29.83 -68.43
C LEU N 917 49.58 28.89 -67.30
N CYS N 918 50.39 27.86 -67.07
CA CYS N 918 50.20 27.05 -65.87
C CYS N 918 50.19 27.93 -64.65
N SER N 919 51.14 28.87 -64.57
CA SER N 919 51.24 29.74 -63.41
C SER N 919 49.97 30.55 -63.23
N ILE N 920 49.56 31.28 -64.25
CA ILE N 920 48.36 32.10 -64.15
C ILE N 920 47.15 31.24 -63.87
N SER N 921 47.02 30.11 -64.55
CA SER N 921 45.91 29.20 -64.35
C SER N 921 45.81 28.73 -62.91
N CYS N 922 46.94 28.60 -62.22
CA CYS N 922 46.90 28.23 -60.81
C CYS N 922 46.09 29.21 -59.97
N ASN N 923 45.70 30.35 -60.54
CA ASN N 923 44.90 31.33 -59.83
C ASN N 923 43.43 30.93 -59.93
N SER N 924 42.76 30.86 -58.77
CA SER N 924 41.42 30.28 -58.75
C SER N 924 40.37 31.27 -59.20
N LYS N 925 40.45 32.52 -58.76
CA LYS N 925 39.36 33.45 -59.00
C LYS N 925 39.27 33.88 -60.46
N ILE N 926 40.32 33.69 -61.25
CA ILE N 926 40.35 34.23 -62.59
C ILE N 926 39.98 33.21 -63.66
N GLN N 927 40.20 31.91 -63.40
CA GLN N 927 39.93 30.90 -64.42
C GLN N 927 38.56 31.07 -65.01
N GLU N 928 37.56 31.33 -64.17
CA GLU N 928 36.21 31.52 -64.67
C GLU N 928 36.16 32.63 -65.71
N LYS N 929 36.65 33.82 -65.36
CA LYS N 929 36.70 34.89 -66.35
C LYS N 929 37.56 34.46 -67.53
N ILE N 930 38.67 33.78 -67.26
CA ILE N 930 39.53 33.32 -68.34
C ILE N 930 38.73 32.44 -69.29
N VAL N 931 37.81 31.64 -68.75
CA VAL N 931 36.93 30.86 -69.60
C VAL N 931 36.26 31.77 -70.61
N GLY N 932 35.50 32.75 -70.12
CA GLY N 932 34.90 33.71 -71.02
C GLY N 932 35.93 34.30 -71.96
N ASP N 933 37.12 34.59 -71.44
CA ASP N 933 38.16 35.19 -72.26
C ASP N 933 38.53 34.29 -73.43
N PHE N 934 38.76 33.02 -73.17
CA PHE N 934 39.13 32.14 -74.28
C PHE N 934 37.94 31.84 -75.18
N THR N 935 36.73 32.18 -74.73
CA THR N 935 35.53 31.76 -75.45
C THR N 935 34.67 32.91 -75.92
N GLN N 936 35.05 34.16 -75.62
CA GLN N 936 34.26 35.28 -76.11
C GLN N 936 34.28 35.35 -77.62
N ASP N 937 35.42 35.03 -78.23
CA ASP N 937 35.57 35.00 -79.68
C ASP N 937 35.68 33.55 -80.12
N GLN N 938 34.70 33.10 -80.92
CA GLN N 938 34.66 31.70 -81.30
C GLN N 938 35.93 31.26 -82.00
N ASN N 939 36.26 31.87 -83.14
CA ASN N 939 37.45 31.45 -83.88
C ASN N 939 38.69 31.53 -83.01
N VAL N 940 38.69 32.43 -82.01
CA VAL N 940 39.78 32.46 -81.06
C VAL N 940 39.85 31.16 -80.29
N SER N 941 38.70 30.69 -79.78
CA SER N 941 38.69 29.44 -79.06
C SER N 941 39.16 28.29 -79.96
N GLN N 942 38.68 28.27 -81.21
CA GLN N 942 39.09 27.22 -82.11
C GLN N 942 40.60 27.22 -82.29
N LYS N 943 41.17 28.39 -82.54
CA LYS N 943 42.61 28.48 -82.70
C LYS N 943 43.34 28.02 -81.45
N LEU N 944 42.89 28.47 -80.28
CA LEU N 944 43.63 28.17 -79.06
C LEU N 944 43.62 26.68 -78.76
N MET N 945 42.46 26.04 -78.95
CA MET N 945 42.38 24.61 -78.70
C MET N 945 43.20 23.83 -79.72
N VAL N 946 43.12 24.21 -81.00
CA VAL N 946 43.95 23.56 -82.00
C VAL N 946 45.41 23.66 -81.63
N GLY N 947 45.82 24.83 -81.13
CA GLY N 947 47.22 25.02 -80.76
C GLY N 947 47.63 24.15 -79.59
N PHE N 948 46.82 24.12 -78.54
CA PHE N 948 47.16 23.30 -77.39
C PHE N 948 47.26 21.83 -77.78
N VAL N 949 46.32 21.36 -78.60
CA VAL N 949 46.39 19.97 -79.04
C VAL N 949 47.60 19.75 -79.93
N SER N 950 47.97 20.76 -80.70
CA SER N 950 49.17 20.64 -81.53
C SER N 950 50.41 20.45 -80.65
N CYS N 951 50.53 21.27 -79.62
CA CYS N 951 51.62 21.10 -78.66
C CYS N 951 51.62 19.71 -78.09
N LEU N 952 50.44 19.20 -77.74
CA LEU N 952 50.36 17.84 -77.22
C LEU N 952 50.87 16.82 -78.22
N ASP N 953 50.45 16.93 -79.48
CA ASP N 953 50.70 15.94 -80.51
C ASP N 953 52.18 15.79 -80.86
N SER N 954 53.09 16.44 -80.13
CA SER N 954 54.45 16.62 -80.63
C SER N 954 55.20 15.29 -80.73
N GLU N 955 55.17 14.70 -81.90
CA GLU N 955 55.78 13.40 -82.14
C GLU N 955 57.30 13.44 -81.96
N GLN N 970 69.41 19.67 -77.69
CA GLN N 970 68.19 19.02 -78.13
C GLN N 970 67.38 18.54 -76.94
N VAL N 971 68.04 17.87 -76.00
CA VAL N 971 67.33 17.26 -74.88
C VAL N 971 66.62 18.32 -74.05
N LYS N 972 67.18 19.53 -73.99
CA LYS N 972 66.48 20.61 -73.31
C LYS N 972 65.11 20.83 -73.93
N GLN N 973 65.03 20.84 -75.27
CA GLN N 973 63.77 21.15 -75.93
C GLN N 973 62.72 20.10 -75.66
N THR N 974 63.08 18.83 -75.83
CA THR N 974 62.12 17.76 -75.53
C THR N 974 61.77 17.77 -74.05
N ASN N 975 62.73 18.11 -73.21
CA ASN N 975 62.44 18.26 -71.79
C ASN N 975 61.38 19.32 -71.58
N ILE N 976 61.49 20.44 -72.29
CA ILE N 976 60.52 21.51 -72.15
C ILE N 976 59.18 21.07 -72.73
N ARG N 977 59.22 20.25 -73.78
CA ARG N 977 57.98 19.74 -74.34
C ARG N 977 57.23 18.90 -73.33
N TYR N 978 57.93 17.95 -72.72
CA TYR N 978 57.34 17.16 -71.66
C TYR N 978 56.84 18.05 -70.53
N MET N 979 57.66 19.01 -70.11
CA MET N 979 57.28 19.86 -69.00
C MET N 979 56.09 20.73 -69.35
N THR N 980 55.94 21.09 -70.61
CA THR N 980 54.82 21.92 -71.01
C THR N 980 53.55 21.11 -71.07
N LYS N 981 53.62 19.91 -71.62
CA LYS N 981 52.49 19.00 -71.51
C LYS N 981 52.12 18.82 -70.05
N ILE N 982 53.12 18.75 -69.18
CA ILE N 982 52.87 18.57 -67.75
C ILE N 982 52.12 19.76 -67.20
N HIS N 983 52.63 20.96 -67.41
CA HIS N 983 52.01 22.16 -66.88
C HIS N 983 50.62 22.34 -67.46
N ILE N 984 50.41 21.93 -68.70
CA ILE N 984 49.08 22.01 -69.29
C ILE N 984 48.13 21.06 -68.58
N LEU N 985 48.44 19.77 -68.59
CA LEU N 985 47.63 18.80 -67.87
C LEU N 985 47.38 19.26 -66.45
N ASN N 986 48.36 19.92 -65.85
CA ASN N 986 48.16 20.47 -64.53
C ASN N 986 47.07 21.52 -64.55
N LEU N 987 47.14 22.44 -65.50
CA LEU N 987 46.10 23.44 -65.63
C LEU N 987 44.75 22.76 -65.76
N LEU N 988 44.70 21.69 -66.54
CA LEU N 988 43.46 20.95 -66.74
C LEU N 988 42.93 20.40 -65.42
N ILE N 989 43.71 19.54 -64.78
CA ILE N 989 43.27 18.91 -63.54
C ILE N 989 42.85 19.96 -62.53
N THR N 990 43.67 20.99 -62.36
CA THR N 990 43.30 22.09 -61.50
C THR N 990 41.92 22.63 -61.87
N SER N 991 41.68 22.83 -63.16
CA SER N 991 40.40 23.35 -63.57
C SER N 991 39.27 22.40 -63.20
N LEU N 992 39.41 21.12 -63.55
CA LEU N 992 38.33 20.16 -63.40
C LEU N 992 37.79 20.10 -61.98
N GLU N 993 38.51 20.67 -61.03
CA GLU N 993 38.02 20.73 -59.67
C GLU N 993 37.07 21.89 -59.41
N MET N 994 37.11 22.93 -60.23
CA MET N 994 36.34 24.12 -59.91
C MET N 994 34.89 23.97 -60.37
N LYS N 995 34.05 24.85 -59.86
CA LYS N 995 32.69 24.95 -60.37
C LYS N 995 32.72 25.36 -61.83
N ALA N 996 31.81 24.79 -62.60
CA ALA N 996 31.79 25.02 -64.05
C ALA N 996 31.15 26.37 -64.37
N PRO N 997 31.26 26.88 -65.61
CA PRO N 997 31.89 26.35 -66.83
C PRO N 997 33.38 26.65 -66.84
N ASN N 998 34.19 25.61 -66.65
CA ASN N 998 35.62 25.77 -66.54
C ASN N 998 36.26 25.49 -67.89
N LEU N 999 37.41 26.12 -68.10
CA LEU N 999 38.07 26.05 -69.40
C LEU N 999 38.32 24.62 -69.82
N ALA N 1000 38.59 23.73 -68.87
CA ALA N 1000 38.85 22.34 -69.22
C ALA N 1000 37.64 21.72 -69.89
N MET N 1001 36.45 22.05 -69.42
CA MET N 1001 35.25 21.62 -70.12
C MET N 1001 35.32 22.04 -71.58
N PHE N 1002 35.67 23.29 -71.83
CA PHE N 1002 35.81 23.76 -73.19
C PHE N 1002 36.82 22.92 -73.96
N LEU N 1003 38.02 22.77 -73.43
CA LEU N 1003 39.09 22.13 -74.18
C LEU N 1003 38.81 20.66 -74.43
N LEU N 1004 38.15 19.98 -73.50
CA LEU N 1004 37.91 18.56 -73.64
C LEU N 1004 36.98 18.23 -74.79
N GLY N 1005 36.21 19.19 -75.26
CA GLY N 1005 35.12 18.90 -76.16
C GLY N 1005 33.78 18.80 -75.49
N TYR N 1006 33.64 19.34 -74.28
CA TYR N 1006 32.34 19.39 -73.63
C TYR N 1006 31.58 20.63 -74.08
N GLU N 1007 30.46 20.42 -74.76
CA GLU N 1007 29.67 21.53 -75.27
C GLU N 1007 29.14 22.35 -74.11
N LEU N 1008 29.72 23.53 -73.91
CA LEU N 1008 29.46 24.32 -72.71
C LEU N 1008 28.14 25.07 -72.75
N LYS N 1009 27.56 25.30 -73.93
CA LYS N 1009 26.32 26.07 -74.00
C LYS N 1009 25.13 25.26 -73.50
N LYS N 1010 24.85 24.13 -74.13
CA LYS N 1010 23.85 23.20 -73.65
C LYS N 1010 24.26 22.67 -72.29
N PRO N 1011 23.30 22.30 -71.45
CA PRO N 1011 23.65 21.72 -70.16
C PRO N 1011 24.67 20.62 -70.38
N VAL N 1012 25.87 20.83 -69.82
CA VAL N 1012 27.05 20.08 -70.23
C VAL N 1012 26.79 18.57 -70.17
N SER N 1013 25.81 18.17 -69.37
CA SER N 1013 25.40 16.77 -69.30
C SER N 1013 24.98 16.23 -70.66
N THR N 1014 24.51 17.10 -71.54
CA THR N 1014 24.00 16.68 -72.85
C THR N 1014 25.08 16.62 -73.92
N THR N 1015 26.34 16.84 -73.55
CA THR N 1015 27.41 16.84 -74.54
C THR N 1015 27.52 15.48 -75.21
N ASN N 1016 27.64 15.48 -76.53
CA ASN N 1016 27.86 14.26 -77.28
C ASN N 1016 29.27 14.31 -77.85
N LEU N 1017 30.18 13.55 -77.24
CA LEU N 1017 31.57 13.54 -77.64
C LEU N 1017 31.72 12.81 -78.97
N GLN N 1018 32.67 13.25 -79.79
CA GLN N 1018 32.90 12.69 -81.11
C GLN N 1018 34.34 12.92 -81.55
N ASP N 1019 34.63 12.48 -82.77
CA ASP N 1019 35.99 12.57 -83.30
C ASP N 1019 36.27 13.95 -83.91
N SER N 1020 37.49 14.44 -83.69
CA SER N 1020 37.91 15.76 -84.13
C SER N 1020 37.72 15.91 -85.64
N GLY N 1021 36.94 16.92 -86.02
CA GLY N 1021 36.58 17.14 -87.41
C GLY N 1021 35.29 16.51 -87.84
N VAL N 1022 34.98 15.29 -87.37
CA VAL N 1022 33.72 14.64 -87.69
C VAL N 1022 32.60 15.52 -87.16
N LEU N 1023 31.65 15.88 -88.02
CA LEU N 1023 30.62 16.86 -87.73
C LEU N 1023 31.20 18.20 -87.30
N GLY N 1024 32.48 18.43 -87.58
CA GLY N 1024 33.12 19.67 -87.17
C GLY N 1024 33.53 19.72 -85.72
N CYS N 1025 33.82 18.58 -85.10
CA CYS N 1025 34.44 18.61 -83.79
C CYS N 1025 35.83 19.19 -83.92
N PRO N 1026 36.15 20.27 -83.20
CA PRO N 1026 37.51 20.81 -83.29
C PRO N 1026 38.52 19.82 -82.74
N ARG N 1027 39.80 20.18 -82.76
CA ARG N 1027 40.78 19.32 -82.13
C ARG N 1027 40.37 19.06 -80.68
N THR N 1028 40.06 17.80 -80.39
CA THR N 1028 39.61 17.46 -79.05
C THR N 1028 40.79 17.41 -78.10
N CYS N 1029 40.50 17.53 -76.81
CA CYS N 1029 41.53 17.30 -75.80
C CYS N 1029 41.53 15.83 -75.38
N LEU N 1030 40.36 15.28 -75.06
CA LEU N 1030 40.27 13.89 -74.63
C LEU N 1030 40.94 12.96 -75.63
N HIS N 1031 40.65 13.14 -76.91
CA HIS N 1031 41.14 12.21 -77.92
C HIS N 1031 42.65 12.06 -77.87
N SER N 1032 43.36 13.18 -77.66
CA SER N 1032 44.82 13.12 -77.59
C SER N 1032 45.26 12.24 -76.43
N ILE N 1033 44.65 12.42 -75.27
CA ILE N 1033 44.96 11.55 -74.14
C ILE N 1033 44.74 10.11 -74.52
N LEU N 1034 43.50 9.78 -74.91
CA LEU N 1034 43.16 8.41 -75.26
C LEU N 1034 44.18 7.82 -76.22
N ASP N 1035 44.71 8.64 -77.12
CA ASP N 1035 45.76 8.15 -77.98
C ASP N 1035 47.03 7.85 -77.19
N ILE N 1036 47.54 8.86 -76.48
CA ILE N 1036 48.79 8.71 -75.75
C ILE N 1036 48.77 7.43 -74.92
N LEU N 1037 47.65 7.20 -74.24
CA LEU N 1037 47.53 6.00 -73.44
C LEU N 1037 47.41 4.74 -74.30
N ARG N 1038 46.51 4.74 -75.28
CA ARG N 1038 46.28 3.54 -76.05
C ARG N 1038 47.50 3.11 -76.85
N LYS N 1039 48.46 4.00 -77.02
CA LYS N 1039 49.68 3.66 -77.76
C LYS N 1039 50.45 2.58 -77.03
N GLY N 1040 50.60 1.43 -77.67
CA GLY N 1040 51.44 0.38 -77.15
C GLY N 1040 50.73 -0.80 -76.52
N THR N 1041 49.42 -0.69 -76.28
CA THR N 1041 48.70 -1.76 -75.61
C THR N 1041 48.59 -3.02 -76.44
N ASP N 1042 48.91 -2.97 -77.74
CA ASP N 1042 48.80 -4.13 -78.61
C ASP N 1042 49.94 -5.11 -78.41
N VAL N 1043 51.03 -4.68 -77.78
CA VAL N 1043 52.09 -5.57 -77.36
C VAL N 1043 51.71 -6.10 -75.99
N ARG N 1044 52.11 -7.35 -75.71
CA ARG N 1044 51.84 -7.92 -74.40
C ARG N 1044 52.43 -7.08 -73.27
N ALA N 1045 53.38 -6.20 -73.57
CA ALA N 1045 54.07 -5.40 -72.58
C ALA N 1045 53.23 -4.25 -72.02
N GLY N 1046 51.93 -4.22 -72.29
CA GLY N 1046 51.08 -3.19 -71.74
C GLY N 1046 51.22 -1.86 -72.46
N PRO N 1047 50.50 -0.84 -72.01
CA PRO N 1047 50.58 0.47 -72.67
C PRO N 1047 51.98 1.05 -72.61
N VAL N 1048 52.52 1.41 -73.78
CA VAL N 1048 53.91 1.84 -73.90
C VAL N 1048 54.21 3.04 -73.01
N ALA N 1049 53.24 3.92 -72.80
CA ALA N 1049 53.51 5.13 -72.05
C ALA N 1049 53.62 4.87 -70.56
N VAL N 1050 53.02 3.79 -70.07
CA VAL N 1050 53.19 3.45 -68.66
C VAL N 1050 54.64 3.13 -68.36
N TRP N 1051 55.37 2.64 -69.36
CA TRP N 1051 56.79 2.33 -69.21
C TRP N 1051 57.70 3.45 -69.67
N ASP N 1052 57.23 4.31 -70.58
CA ASP N 1052 58.09 5.36 -71.08
C ASP N 1052 58.19 6.55 -70.14
N THR N 1053 57.07 7.24 -69.91
CA THR N 1053 57.05 8.47 -69.10
C THR N 1053 55.94 8.35 -68.08
N PRO N 1054 56.25 7.84 -66.89
CA PRO N 1054 55.17 7.47 -65.97
C PRO N 1054 54.30 8.64 -65.52
N HIS N 1055 54.90 9.68 -64.95
CA HIS N 1055 54.10 10.76 -64.36
C HIS N 1055 53.08 11.31 -65.35
N LEU N 1056 53.40 11.24 -66.63
CA LEU N 1056 52.41 11.55 -67.64
C LEU N 1056 51.18 10.66 -67.48
N ALA N 1057 51.36 9.34 -67.64
CA ALA N 1057 50.25 8.41 -67.49
C ALA N 1057 49.52 8.63 -66.17
N GLU N 1058 50.26 9.03 -65.14
CA GLU N 1058 49.65 9.39 -63.87
C GLU N 1058 48.63 10.50 -64.03
N LEU N 1059 49.08 11.67 -64.49
CA LEU N 1059 48.16 12.79 -64.67
C LEU N 1059 47.01 12.38 -65.59
N CYS N 1060 47.28 11.51 -66.55
CA CYS N 1060 46.24 11.09 -67.48
C CYS N 1060 45.13 10.36 -66.76
N TYR N 1061 45.47 9.28 -66.07
CA TYR N 1061 44.47 8.57 -65.31
C TYR N 1061 43.80 9.49 -64.32
N GLN N 1062 44.54 10.44 -63.76
CA GLN N 1062 43.96 11.34 -62.77
C GLN N 1062 42.85 12.16 -63.38
N VAL N 1063 43.12 12.73 -64.56
CA VAL N 1063 42.07 13.48 -65.25
C VAL N 1063 40.92 12.57 -65.64
N ILE N 1064 41.22 11.35 -66.09
CA ILE N 1064 40.18 10.43 -66.50
C ILE N 1064 39.21 10.19 -65.36
N TYR N 1065 39.76 9.88 -64.19
CA TYR N 1065 38.93 9.75 -63.01
C TYR N 1065 38.19 11.04 -62.74
N GLN N 1066 38.91 12.15 -62.54
CA GLN N 1066 38.28 13.41 -62.18
C GLN N 1066 37.11 13.72 -63.08
N LEU N 1067 37.18 13.28 -64.33
CA LEU N 1067 36.04 13.45 -65.22
C LEU N 1067 34.93 12.48 -64.87
N CYS N 1068 35.24 11.18 -64.84
CA CYS N 1068 34.21 10.19 -64.57
C CYS N 1068 33.53 10.43 -63.23
N ALA N 1069 34.18 11.14 -62.32
CA ALA N 1069 33.68 11.35 -60.98
C ALA N 1069 32.73 12.54 -60.90
N CYS N 1070 33.11 13.66 -61.51
CA CYS N 1070 32.24 14.83 -61.54
C CYS N 1070 30.86 14.39 -62.00
N ALA N 1071 29.83 14.79 -61.24
CA ALA N 1071 28.49 14.25 -61.45
C ALA N 1071 27.98 14.52 -62.86
N ASP N 1072 28.25 15.71 -63.40
CA ASP N 1072 27.64 16.07 -64.67
C ASP N 1072 28.23 15.32 -65.84
N THR N 1073 29.54 15.45 -66.07
CA THR N 1073 30.15 14.84 -67.25
C THR N 1073 30.11 13.33 -67.22
N SER N 1074 29.97 12.72 -66.03
CA SER N 1074 30.01 11.28 -65.89
C SER N 1074 29.11 10.60 -66.91
N GLY N 1075 27.97 11.18 -67.20
CA GLY N 1075 27.05 10.54 -68.11
C GLY N 1075 27.66 10.33 -69.48
N PRO N 1076 27.86 11.41 -70.22
CA PRO N 1076 28.44 11.25 -71.56
C PRO N 1076 29.81 10.64 -71.51
N THR N 1077 30.55 10.91 -70.43
CA THR N 1077 31.88 10.35 -70.32
C THR N 1077 31.82 8.84 -70.33
N MET N 1078 31.05 8.27 -69.40
CA MET N 1078 30.86 6.84 -69.38
C MET N 1078 30.32 6.35 -70.70
N ARG N 1079 29.42 7.13 -71.31
CA ARG N 1079 28.85 6.71 -72.58
C ARG N 1079 29.94 6.45 -73.58
N TYR N 1080 30.73 7.48 -73.91
CA TYR N 1080 31.80 7.31 -74.89
C TYR N 1080 32.82 6.29 -74.41
N LEU N 1081 33.11 6.25 -73.12
CA LEU N 1081 34.17 5.39 -72.63
C LEU N 1081 33.82 3.93 -72.85
N ARG N 1082 32.59 3.54 -72.54
CA ARG N 1082 32.19 2.17 -72.80
C ARG N 1082 31.99 1.94 -74.28
N THR N 1083 31.50 2.95 -74.99
CA THR N 1083 31.15 2.77 -76.40
C THR N 1083 32.29 3.09 -77.34
N SER N 1084 32.93 4.25 -77.20
CA SER N 1084 33.83 4.72 -78.25
C SER N 1084 35.04 3.83 -78.43
N GLN N 1085 35.79 3.53 -77.37
CA GLN N 1085 37.02 2.79 -77.53
C GLN N 1085 37.11 1.54 -76.65
N ASP N 1086 36.12 1.26 -75.80
CA ASP N 1086 36.18 0.14 -74.87
C ASP N 1086 37.45 0.18 -74.05
N PHE N 1087 37.67 1.32 -73.40
CA PHE N 1087 38.95 1.57 -72.74
C PHE N 1087 39.22 0.57 -71.63
N LEU N 1088 38.30 0.48 -70.67
CA LEU N 1088 38.56 -0.26 -69.45
C LEU N 1088 39.05 -1.67 -69.73
N PHE N 1089 38.32 -2.42 -70.56
CA PHE N 1089 38.71 -3.79 -70.81
C PHE N 1089 40.10 -3.86 -71.40
N SER N 1090 40.37 -3.01 -72.39
CA SER N 1090 41.67 -3.05 -73.04
C SER N 1090 42.78 -2.75 -72.06
N GLN N 1091 42.70 -1.63 -71.36
CA GLN N 1091 43.76 -1.25 -70.45
C GLN N 1091 43.93 -2.27 -69.34
N LEU N 1092 42.85 -2.56 -68.61
CA LEU N 1092 42.93 -3.51 -67.51
C LEU N 1092 43.35 -4.90 -67.95
N GLN N 1093 43.32 -5.18 -69.25
CA GLN N 1093 43.80 -6.48 -69.70
C GLN N 1093 45.29 -6.66 -69.45
N HIS N 1094 45.96 -5.67 -68.88
CA HIS N 1094 47.40 -5.71 -68.68
C HIS N 1094 47.82 -5.43 -67.24
N LEU N 1095 46.89 -5.13 -66.35
CA LEU N 1095 47.25 -4.83 -64.97
C LEU N 1095 47.95 -6.03 -64.33
N PRO N 1096 48.77 -5.81 -63.30
CA PRO N 1096 49.11 -4.51 -62.70
C PRO N 1096 50.26 -3.85 -63.40
N PHE N 1097 50.40 -2.54 -63.21
CA PHE N 1097 51.61 -1.87 -63.65
C PHE N 1097 52.73 -2.22 -62.68
N SER N 1098 53.70 -2.98 -63.15
CA SER N 1098 54.87 -3.35 -62.35
C SER N 1098 56.02 -2.50 -62.83
N VAL N 1099 56.30 -1.41 -62.12
CA VAL N 1099 57.36 -0.48 -62.48
C VAL N 1099 58.43 -0.58 -61.41
N GLU N 1100 59.57 -1.16 -61.78
CA GLU N 1100 60.69 -1.27 -60.85
C GLU N 1100 61.23 0.11 -60.48
N GLU N 1101 61.34 1.00 -61.45
CA GLU N 1101 61.97 2.29 -61.21
C GLU N 1101 60.99 3.38 -60.80
N SER N 1102 59.71 3.26 -61.16
CA SER N 1102 58.72 4.31 -60.93
C SER N 1102 57.57 3.70 -60.14
N GLU N 1103 57.93 2.94 -59.11
CA GLU N 1103 56.95 2.17 -58.38
C GLU N 1103 55.80 3.04 -57.88
N ILE N 1104 56.10 4.22 -57.32
CA ILE N 1104 55.05 5.06 -56.76
C ILE N 1104 54.03 5.41 -57.83
N SER N 1105 54.50 5.72 -59.02
CA SER N 1105 53.58 6.04 -60.09
C SER N 1105 52.71 4.84 -60.42
N ALA N 1106 53.34 3.75 -60.87
CA ALA N 1106 52.60 2.54 -61.21
C ALA N 1106 51.54 2.26 -60.17
N MET N 1107 51.87 2.52 -58.91
CA MET N 1107 50.87 2.39 -57.87
C MET N 1107 49.73 3.36 -58.11
N ASN N 1108 49.97 4.66 -58.00
CA ASN N 1108 48.89 5.62 -58.04
C ASN N 1108 48.04 5.45 -59.30
N GLN N 1109 48.70 5.08 -60.38
CA GLN N 1109 48.00 4.74 -61.60
C GLN N 1109 47.02 3.60 -61.35
N MET N 1110 47.55 2.40 -61.09
CA MET N 1110 46.67 1.25 -60.88
C MET N 1110 45.57 1.59 -59.91
N SER N 1111 45.86 2.42 -58.92
CA SER N 1111 44.85 2.83 -57.96
C SER N 1111 43.69 3.55 -58.62
N TRP N 1112 43.98 4.69 -59.25
CA TRP N 1112 42.89 5.46 -59.83
C TRP N 1112 42.22 4.69 -60.96
N LEU N 1113 42.98 3.80 -61.61
CA LEU N 1113 42.40 2.92 -62.61
C LEU N 1113 41.34 2.02 -61.99
N MET N 1114 41.66 1.45 -60.84
CA MET N 1114 40.66 0.74 -60.06
C MET N 1114 39.45 1.63 -59.82
N LYS N 1115 39.66 2.78 -59.18
CA LYS N 1115 38.55 3.66 -58.83
C LYS N 1115 37.63 3.90 -60.02
N THR N 1116 38.21 4.12 -61.19
CA THR N 1116 37.42 4.20 -62.40
C THR N 1116 36.60 2.94 -62.58
N ALA N 1117 37.28 1.79 -62.76
CA ALA N 1117 36.58 0.53 -63.00
C ALA N 1117 35.45 0.33 -62.02
N THR N 1118 35.60 0.88 -60.80
CA THR N 1118 34.59 0.69 -59.78
C THR N 1118 33.36 1.52 -60.07
N ILE N 1119 33.52 2.83 -60.26
CA ILE N 1119 32.36 3.64 -60.60
C ILE N 1119 31.67 3.03 -61.82
N GLU N 1120 32.47 2.50 -62.75
CA GLU N 1120 31.91 1.89 -63.94
C GLU N 1120 31.01 0.71 -63.58
N LEU N 1121 31.58 -0.30 -62.91
CA LEU N 1121 30.79 -1.48 -62.57
C LEU N 1121 29.55 -1.10 -61.78
N ARG N 1122 29.65 -0.05 -60.95
CA ARG N 1122 28.47 0.44 -60.26
C ARG N 1122 27.38 0.77 -61.27
N ILE N 1123 27.69 1.63 -62.23
CA ILE N 1123 26.67 2.01 -63.20
C ILE N 1123 26.18 0.78 -63.97
N THR N 1124 27.11 -0.04 -64.43
CA THR N 1124 26.74 -1.14 -65.33
C THR N 1124 25.81 -2.12 -64.64
N SER N 1125 26.07 -2.41 -63.37
CA SER N 1125 25.13 -3.23 -62.62
C SER N 1125 23.88 -2.46 -62.32
N LEU N 1126 23.97 -1.13 -62.27
CA LEU N 1126 22.76 -0.34 -62.05
C LEU N 1126 21.79 -0.51 -63.20
N ASN N 1127 22.28 -0.81 -64.40
CA ASN N 1127 21.31 -1.11 -65.45
C ASN N 1127 21.38 -2.56 -65.91
N ARG N 1128 22.47 -2.99 -66.57
CA ARG N 1128 22.64 -4.39 -66.98
C ARG N 1128 23.81 -4.60 -67.92
N GLN N 1129 24.42 -5.77 -67.81
CA GLN N 1129 25.28 -6.39 -68.83
C GLN N 1129 25.76 -7.70 -68.24
N ARG N 1130 26.14 -8.65 -69.10
CA ARG N 1130 26.64 -9.91 -68.58
C ARG N 1130 27.97 -10.30 -69.19
N SER N 1131 28.13 -10.03 -70.49
CA SER N 1131 29.27 -10.56 -71.22
C SER N 1131 30.58 -10.08 -70.62
N HIS N 1132 30.84 -8.77 -70.66
CA HIS N 1132 32.12 -8.27 -70.19
C HIS N 1132 32.39 -8.69 -68.76
N THR N 1133 31.37 -8.63 -67.90
CA THR N 1133 31.52 -9.16 -66.56
C THR N 1133 31.96 -10.61 -66.60
N GLN N 1134 31.31 -11.41 -67.44
CA GLN N 1134 31.63 -12.83 -67.51
C GLN N 1134 33.07 -13.04 -67.94
N ARG N 1135 33.56 -12.24 -68.89
CA ARG N 1135 34.90 -12.46 -69.41
C ARG N 1135 35.95 -12.06 -68.39
N LEU N 1136 35.75 -10.89 -67.76
CA LEU N 1136 36.65 -10.51 -66.69
C LEU N 1136 36.71 -11.59 -65.63
N LEU N 1137 35.55 -12.14 -65.27
CA LEU N 1137 35.53 -13.22 -64.30
C LEU N 1137 36.31 -14.43 -64.81
N HIS N 1138 36.00 -14.90 -66.01
CA HIS N 1138 36.62 -16.11 -66.53
C HIS N 1138 38.13 -15.99 -66.53
N LEU N 1139 38.65 -14.88 -67.03
CA LEU N 1139 40.09 -14.68 -66.98
C LEU N 1139 40.57 -14.55 -65.54
N LEU N 1140 39.68 -14.16 -64.63
CA LEU N 1140 40.08 -13.97 -63.24
C LEU N 1140 40.08 -15.26 -62.43
N LEU N 1141 39.43 -16.32 -62.90
CA LEU N 1141 39.34 -17.53 -62.10
C LEU N 1141 39.61 -18.82 -62.85
N ASP N 1142 39.44 -18.86 -64.17
CA ASP N 1142 39.61 -20.11 -64.91
C ASP N 1142 41.02 -20.65 -64.75
N ASP N 1143 41.12 -21.91 -64.35
CA ASP N 1143 42.40 -22.57 -64.12
C ASP N 1143 43.32 -22.47 -65.33
N VAL N 1176 48.44 -21.84 -63.00
CA VAL N 1176 48.43 -20.41 -63.28
C VAL N 1176 47.68 -19.68 -62.19
N ARG N 1177 48.43 -18.99 -61.33
CA ARG N 1177 47.80 -18.16 -60.33
C ARG N 1177 46.72 -17.32 -60.96
N ARG N 1178 45.50 -17.45 -60.47
CA ARG N 1178 44.40 -16.64 -60.98
C ARG N 1178 44.81 -15.18 -60.94
N LYS N 1179 44.26 -14.38 -61.85
CA LYS N 1179 44.79 -13.04 -62.09
C LYS N 1179 44.74 -12.19 -60.83
N ILE N 1180 43.53 -11.93 -60.31
CA ILE N 1180 43.41 -11.08 -59.14
C ILE N 1180 44.30 -11.60 -58.02
N LEU N 1181 44.54 -12.90 -57.99
CA LEU N 1181 45.47 -13.44 -57.01
C LEU N 1181 46.87 -12.92 -57.23
N ARG N 1182 47.37 -12.97 -58.48
CA ARG N 1182 48.69 -12.41 -58.74
C ARG N 1182 48.72 -10.91 -58.45
N ILE N 1183 47.62 -10.23 -58.77
CA ILE N 1183 47.54 -8.80 -58.52
C ILE N 1183 47.72 -8.51 -57.04
N LEU N 1184 47.01 -9.26 -56.20
CA LEU N 1184 47.28 -9.22 -54.78
C LEU N 1184 48.75 -9.47 -54.51
N ASP N 1185 49.29 -10.55 -55.08
CA ASP N 1185 50.67 -10.94 -54.81
C ASP N 1185 51.65 -9.84 -55.17
N SER N 1186 51.24 -8.89 -56.00
CA SER N 1186 52.17 -7.87 -56.44
C SER N 1186 52.29 -6.70 -55.46
N ILE N 1187 51.22 -6.38 -54.74
CA ILE N 1187 51.29 -5.37 -53.70
C ILE N 1187 52.15 -5.95 -52.59
N GLN N 1188 53.31 -5.34 -52.35
CA GLN N 1188 54.27 -5.87 -51.38
C GLN N 1188 54.02 -5.24 -50.01
N PHE N 1189 53.69 -6.06 -49.02
CA PHE N 1189 53.11 -5.60 -47.76
C PHE N 1189 54.13 -5.08 -46.76
N SER N 1190 55.41 -5.31 -46.99
CA SER N 1190 56.45 -4.98 -46.03
C SER N 1190 56.92 -3.56 -46.24
N ASN N 1191 57.61 -3.03 -45.24
CA ASN N 1191 58.17 -1.68 -45.31
C ASN N 1191 59.35 -1.53 -44.34
N PHE N 1201 77.52 16.03 -35.51
CA PHE N 1201 77.56 17.34 -34.87
C PHE N 1201 76.19 17.74 -34.35
N PHE N 1202 75.19 16.88 -34.55
CA PHE N 1202 73.80 17.19 -34.24
C PHE N 1202 73.32 16.38 -33.04
N ASP N 1203 72.57 17.05 -32.16
CA ASP N 1203 71.91 16.36 -31.06
C ASP N 1203 70.71 15.60 -31.57
N ARG N 1204 70.68 14.28 -31.32
CA ARG N 1204 69.80 13.39 -32.06
C ARG N 1204 68.32 13.72 -31.82
N SER N 1205 67.92 13.93 -30.57
CA SER N 1205 66.50 14.12 -30.29
C SER N 1205 65.96 15.39 -30.94
N GLN N 1206 66.75 16.46 -30.92
CA GLN N 1206 66.31 17.69 -31.57
C GLN N 1206 66.27 17.51 -33.09
N ILE N 1207 67.20 16.72 -33.63
CA ILE N 1207 67.11 16.37 -35.04
C ILE N 1207 65.81 15.65 -35.33
N GLU N 1208 65.38 14.77 -34.41
CA GLU N 1208 64.12 14.07 -34.59
C GLU N 1208 62.94 15.02 -34.54
N GLN N 1209 62.98 16.00 -33.63
CA GLN N 1209 61.92 16.99 -33.57
C GLN N 1209 61.85 17.80 -34.86
N VAL N 1210 63.00 18.26 -35.35
CA VAL N 1210 63.02 19.03 -36.58
C VAL N 1210 62.52 18.20 -37.76
N ILE N 1211 62.89 16.92 -37.80
CA ILE N 1211 62.37 16.04 -38.84
C ILE N 1211 60.86 15.91 -38.72
N ALA N 1212 60.35 15.83 -37.49
CA ALA N 1212 58.92 15.69 -37.28
C ALA N 1212 58.16 16.95 -37.70
N ASN N 1213 58.80 18.11 -37.62
CA ASN N 1213 58.14 19.34 -38.06
C ASN N 1213 58.11 19.47 -39.58
N CYS N 1214 58.95 18.69 -40.28
CA CYS N 1214 59.01 18.73 -41.74
C CYS N 1214 58.23 17.58 -42.38
N GLU N 1215 57.35 16.92 -41.64
CA GLU N 1215 56.51 15.88 -42.19
C GLU N 1215 55.16 16.44 -42.59
N HIS N 1216 54.81 16.25 -43.85
CA HIS N 1216 53.51 16.63 -44.37
C HIS N 1216 52.80 15.37 -44.84
N LYS N 1217 51.49 15.34 -44.63
CA LYS N 1217 50.67 14.27 -45.18
C LYS N 1217 50.65 14.47 -46.69
N ASN N 1218 51.38 13.61 -47.40
CA ASN N 1218 51.34 13.69 -48.85
C ASN N 1218 49.94 13.32 -49.35
N ARG N 1219 49.72 13.53 -50.65
CA ARG N 1219 48.38 13.46 -51.23
C ARG N 1219 47.62 12.19 -50.82
N ARG N 1220 48.30 11.06 -50.65
CA ARG N 1220 47.62 9.80 -50.37
C ARG N 1220 47.54 9.49 -48.89
N GLY N 1221 47.81 10.45 -48.02
CA GLY N 1221 47.98 10.16 -46.62
C GLY N 1221 49.36 9.65 -46.26
N GLN N 1222 50.31 9.72 -47.18
CA GLN N 1222 51.69 9.39 -46.89
C GLN N 1222 52.30 10.42 -45.96
N THR N 1223 52.82 9.96 -44.83
CA THR N 1223 53.37 10.88 -43.83
C THR N 1223 54.83 11.13 -44.16
N VAL N 1224 55.09 12.04 -45.10
CA VAL N 1224 56.40 12.12 -45.74
C VAL N 1224 57.22 13.22 -45.09
N CYS N 1225 58.52 12.99 -45.01
CA CYS N 1225 59.41 14.01 -44.46
C CYS N 1225 59.93 14.86 -45.61
N ASN N 1226 59.43 16.09 -45.73
CA ASN N 1226 59.79 16.97 -46.84
C ASN N 1226 61.26 17.33 -46.71
N VAL N 1227 62.10 16.74 -47.58
CA VAL N 1227 63.53 16.91 -47.48
C VAL N 1227 63.98 18.27 -48.00
N LYS N 1228 63.17 18.91 -48.85
CA LYS N 1228 63.53 20.25 -49.30
C LYS N 1228 63.45 21.26 -48.16
N LEU N 1229 62.35 21.22 -47.40
CA LEU N 1229 62.23 22.11 -46.26
C LEU N 1229 63.25 21.77 -45.18
N LEU N 1230 63.50 20.48 -44.96
CA LEU N 1230 64.50 20.08 -43.96
C LEU N 1230 65.89 20.56 -44.38
N HIS N 1231 66.22 20.46 -45.66
CA HIS N 1231 67.50 20.95 -46.15
C HIS N 1231 67.62 22.46 -46.01
N ARG N 1232 66.56 23.18 -46.38
CA ARG N 1232 66.58 24.63 -46.22
C ARG N 1232 66.80 25.03 -44.77
N VAL N 1233 66.02 24.45 -43.85
CA VAL N 1233 66.13 24.82 -42.44
C VAL N 1233 67.47 24.38 -41.86
N LEU N 1234 68.02 23.27 -42.35
CA LEU N 1234 69.30 22.80 -41.83
C LEU N 1234 70.47 23.67 -42.29
N VAL N 1235 70.48 24.02 -43.58
CA VAL N 1235 71.46 24.99 -44.05
C VAL N 1235 71.27 26.31 -43.33
N ALA N 1236 70.03 26.63 -42.95
CA ALA N 1236 69.77 27.86 -42.21
C ALA N 1236 70.37 27.79 -40.81
N GLU N 1237 70.24 26.65 -40.13
CA GLU N 1237 70.81 26.51 -38.81
C GLU N 1237 72.33 26.49 -38.86
N VAL N 1238 72.87 26.01 -39.98
CA VAL N 1238 74.32 26.07 -40.16
C VAL N 1238 74.80 27.50 -40.36
N ASN N 1239 74.09 28.25 -41.20
CA ASN N 1239 74.56 29.59 -41.58
C ASN N 1239 74.41 30.61 -40.47
N ALA N 1240 73.49 30.42 -39.55
CA ALA N 1240 73.26 31.38 -38.46
C ALA N 1240 74.25 31.15 -37.32
N ALA N 1245 85.20 29.46 -33.11
CA ALA N 1245 84.99 28.02 -33.08
C ALA N 1245 83.96 27.59 -34.11
N ALA N 1246 83.12 28.52 -34.55
CA ALA N 1246 82.04 28.20 -35.47
C ALA N 1246 82.50 27.96 -36.90
N ILE N 1247 83.57 28.64 -37.35
CA ILE N 1247 83.97 28.52 -38.73
C ILE N 1247 84.70 27.21 -39.01
N GLY N 1248 85.42 26.68 -38.01
CA GLY N 1248 86.17 25.46 -38.22
C GLY N 1248 85.32 24.21 -38.28
N GLN N 1249 84.10 24.26 -37.76
CA GLN N 1249 83.16 23.16 -37.83
C GLN N 1249 82.04 23.41 -38.84
N ARG N 1250 82.19 24.42 -39.70
CA ARG N 1250 81.19 24.66 -40.73
C ARG N 1250 81.02 23.46 -41.64
N PRO N 1251 82.08 22.84 -42.16
CA PRO N 1251 81.86 21.66 -43.02
C PRO N 1251 81.22 20.49 -42.29
N LEU N 1252 81.54 20.30 -41.01
CA LEU N 1252 80.93 19.21 -40.26
C LEU N 1252 79.42 19.41 -40.13
N LEU N 1253 79.00 20.62 -39.75
CA LEU N 1253 77.58 20.90 -39.66
C LEU N 1253 76.91 20.80 -41.03
N MET N 1254 77.63 21.17 -42.09
CA MET N 1254 77.06 21.06 -43.44
C MET N 1254 76.80 19.61 -43.81
N GLU N 1255 77.77 18.73 -43.57
CA GLU N 1255 77.57 17.31 -43.83
C GLU N 1255 76.46 16.75 -42.95
N GLU N 1256 76.39 17.21 -41.70
CA GLU N 1256 75.31 16.78 -40.82
C GLU N 1256 73.97 17.18 -41.38
N ILE N 1257 73.88 18.39 -41.94
CA ILE N 1257 72.64 18.87 -42.55
C ILE N 1257 72.28 18.01 -43.74
N ASN N 1258 73.27 17.66 -44.57
CA ASN N 1258 73.00 16.81 -45.72
C ASN N 1258 72.52 15.42 -45.28
N THR N 1259 73.07 14.92 -44.18
CA THR N 1259 72.62 13.64 -43.65
C THR N 1259 71.19 13.71 -43.17
N ILE N 1260 70.85 14.76 -42.42
CA ILE N 1260 69.47 14.96 -41.96
C ILE N 1260 68.53 15.04 -43.16
N LEU N 1261 68.99 15.69 -44.23
CA LEU N 1261 68.17 15.81 -45.43
C LEU N 1261 67.95 14.46 -46.09
N GLN N 1262 69.02 13.66 -46.23
CA GLN N 1262 68.87 12.33 -46.81
C GLN N 1262 67.96 11.46 -45.96
N TYR N 1263 68.03 11.63 -44.64
CA TYR N 1263 67.10 10.92 -43.76
C TYR N 1263 65.67 11.34 -44.06
N VAL N 1264 65.42 12.64 -44.15
CA VAL N 1264 64.08 13.13 -44.45
C VAL N 1264 63.63 12.62 -45.81
N VAL N 1265 64.55 12.48 -46.76
CA VAL N 1265 64.20 12.07 -48.10
C VAL N 1265 63.79 10.61 -48.13
N GLU N 1266 64.63 9.73 -47.58
CA GLU N 1266 64.25 8.33 -47.48
C GLU N 1266 62.98 8.18 -46.68
N ARG N 1267 62.76 9.04 -45.69
CA ARG N 1267 61.56 8.97 -44.88
C ARG N 1267 60.32 9.31 -45.70
N ASN N 1268 60.38 10.43 -46.43
CA ASN N 1268 59.29 10.78 -47.33
C ASN N 1268 59.05 9.68 -48.34
N LYS N 1269 60.11 9.04 -48.83
CA LYS N 1269 59.95 7.96 -49.80
C LYS N 1269 59.22 6.79 -49.18
N LEU N 1270 59.64 6.39 -47.97
CA LEU N 1270 58.92 5.37 -47.24
C LEU N 1270 57.45 5.72 -47.12
N LEU N 1271 57.17 6.95 -46.69
CA LEU N 1271 55.78 7.37 -46.51
C LEU N 1271 55.00 7.26 -47.80
N GLN N 1272 55.54 7.82 -48.87
CA GLN N 1272 54.95 7.63 -50.18
C GLN N 1272 54.58 6.18 -50.39
N CYS N 1273 55.59 5.30 -50.40
CA CYS N 1273 55.34 3.89 -50.65
C CYS N 1273 54.26 3.35 -49.72
N LEU N 1274 54.22 3.86 -48.50
CA LEU N 1274 53.22 3.42 -47.55
C LEU N 1274 51.83 3.73 -48.06
N HIS N 1275 51.54 5.01 -48.26
CA HIS N 1275 50.20 5.39 -48.71
C HIS N 1275 49.92 4.79 -50.09
N ALA N 1276 50.98 4.48 -50.83
CA ALA N 1276 50.83 3.85 -52.13
C ALA N 1276 50.26 2.45 -51.98
N LYS N 1277 50.94 1.61 -51.21
CA LYS N 1277 50.39 0.29 -50.90
C LYS N 1277 49.04 0.42 -50.23
N ARG N 1278 48.81 1.54 -49.54
CA ARG N 1278 47.52 1.78 -48.92
C ARG N 1278 46.41 1.86 -49.95
N HIS N 1279 46.57 2.76 -50.91
CA HIS N 1279 45.63 2.83 -52.01
C HIS N 1279 45.57 1.50 -52.75
N ALA N 1280 46.71 0.84 -52.91
CA ALA N 1280 46.74 -0.43 -53.64
C ALA N 1280 45.81 -1.45 -52.99
N LEU N 1281 45.98 -1.65 -51.69
CA LEU N 1281 45.05 -2.50 -50.96
C LEU N 1281 43.63 -1.98 -51.11
N GLU N 1282 43.37 -0.75 -50.65
CA GLU N 1282 42.01 -0.20 -50.68
C GLU N 1282 41.33 -0.51 -52.00
N SER N 1283 42.08 -0.44 -53.10
CA SER N 1283 41.58 -0.93 -54.35
C SER N 1283 41.28 -2.41 -54.27
N TRP N 1284 42.31 -3.25 -54.16
CA TRP N 1284 42.09 -4.69 -54.27
C TRP N 1284 40.93 -5.11 -53.39
N ARG N 1285 40.91 -4.61 -52.16
CA ARG N 1285 39.78 -4.77 -51.27
C ARG N 1285 38.46 -4.39 -51.91
N GLN N 1286 38.27 -3.11 -52.24
CA GLN N 1286 36.95 -2.66 -52.68
C GLN N 1286 36.54 -3.34 -53.97
N LEU N 1287 37.51 -3.63 -54.84
CA LEU N 1287 37.25 -4.40 -56.04
C LEU N 1287 36.65 -5.74 -55.68
N VAL N 1288 37.24 -6.43 -54.71
CA VAL N 1288 36.65 -7.67 -54.25
C VAL N 1288 35.27 -7.43 -53.66
N GLU N 1289 35.13 -6.36 -52.89
CA GLU N 1289 33.86 -6.06 -52.24
C GLU N 1289 32.73 -6.07 -53.25
N ILE N 1290 32.84 -5.21 -54.26
CA ILE N 1290 31.81 -5.20 -55.29
C ILE N 1290 31.81 -6.53 -56.04
N ILE N 1291 32.97 -6.98 -56.49
CA ILE N 1291 33.08 -8.17 -57.34
C ILE N 1291 32.31 -9.33 -56.74
N LEU N 1292 32.15 -9.33 -55.42
CA LEU N 1292 31.39 -10.37 -54.77
C LEU N 1292 29.97 -9.94 -54.42
N THR N 1293 29.76 -8.65 -54.19
CA THR N 1293 28.46 -8.18 -53.71
C THR N 1293 27.42 -8.06 -54.82
N ALA N 1294 27.82 -7.72 -56.03
CA ALA N 1294 26.87 -7.32 -57.06
C ALA N 1294 26.59 -8.39 -58.11
N CYS N 1295 27.62 -9.04 -58.63
CA CYS N 1295 27.44 -9.94 -59.77
C CYS N 1295 26.56 -11.13 -59.37
N PRO N 1296 25.61 -11.52 -60.21
CA PRO N 1296 24.86 -12.74 -59.94
C PRO N 1296 25.79 -13.90 -59.64
N GLN N 1297 25.60 -14.52 -58.48
CA GLN N 1297 26.47 -15.61 -58.04
C GLN N 1297 26.48 -16.77 -59.02
N ASP N 1298 25.61 -16.77 -60.02
CA ASP N 1298 25.64 -17.81 -61.04
C ASP N 1298 26.85 -17.71 -61.94
N LEU N 1299 27.57 -16.60 -61.91
CA LEU N 1299 28.75 -16.46 -62.76
C LEU N 1299 29.90 -17.34 -62.30
N ILE N 1300 29.92 -17.71 -61.03
CA ILE N 1300 31.01 -18.50 -60.48
C ILE N 1300 30.45 -19.83 -59.98
N PRO N 1301 30.87 -20.96 -60.53
CA PRO N 1301 30.51 -22.24 -59.92
C PRO N 1301 30.81 -22.19 -58.42
N THR N 1302 29.77 -22.38 -57.62
CA THR N 1302 29.87 -22.18 -56.17
C THR N 1302 31.08 -22.89 -55.60
N GLU N 1303 31.49 -24.00 -56.20
CA GLU N 1303 32.70 -24.67 -55.75
C GLU N 1303 33.92 -23.79 -55.94
N HIS N 1304 34.08 -23.23 -57.15
CA HIS N 1304 35.18 -22.30 -57.35
C HIS N 1304 35.04 -21.07 -56.47
N ARG N 1305 33.81 -20.68 -56.15
CA ARG N 1305 33.62 -19.58 -55.22
C ARG N 1305 34.21 -19.91 -53.85
N GLN N 1306 33.95 -21.12 -53.38
CA GLN N 1306 34.50 -21.54 -52.11
C GLN N 1306 36.02 -21.56 -52.16
N LEU N 1307 36.58 -22.22 -53.18
CA LEU N 1307 38.04 -22.29 -53.27
C LEU N 1307 38.65 -20.90 -53.36
N ILE N 1308 37.95 -19.97 -54.00
CA ILE N 1308 38.49 -18.63 -54.22
C ILE N 1308 38.50 -17.84 -52.92
N ILE N 1309 37.34 -17.70 -52.28
CA ILE N 1309 37.31 -17.01 -51.00
C ILE N 1309 38.27 -17.66 -50.02
N ARG N 1310 38.42 -18.98 -50.11
CA ARG N 1310 39.35 -19.70 -49.24
C ARG N 1310 40.77 -19.18 -49.43
N ASP N 1311 41.33 -19.38 -50.62
CA ASP N 1311 42.71 -18.97 -50.85
C ASP N 1311 42.88 -17.48 -50.60
N LEU N 1312 41.81 -16.70 -50.79
CA LEU N 1312 41.86 -15.27 -50.54
C LEU N 1312 42.15 -14.99 -49.07
N LEU N 1313 41.31 -15.51 -48.18
CA LEU N 1313 41.58 -15.31 -46.76
C LEU N 1313 42.92 -15.91 -46.36
N GLN N 1314 43.30 -17.03 -47.00
CA GLN N 1314 44.57 -17.66 -46.68
C GLN N 1314 45.73 -16.71 -46.89
N ASP N 1315 45.86 -16.16 -48.09
CA ASP N 1315 46.97 -15.27 -48.35
C ASP N 1315 46.84 -13.94 -47.61
N LEU N 1316 45.59 -13.46 -47.44
CA LEU N 1316 45.41 -12.22 -46.71
C LEU N 1316 45.95 -12.33 -45.30
N HIS N 1317 45.65 -13.42 -44.62
CA HIS N 1317 46.31 -13.69 -43.35
C HIS N 1317 47.81 -13.81 -43.54
N VAL N 1318 48.25 -14.69 -44.44
CA VAL N 1318 49.67 -15.01 -44.59
C VAL N 1318 50.50 -13.75 -44.70
N LYS N 1319 49.91 -12.68 -45.21
CA LYS N 1319 50.63 -11.42 -45.23
C LYS N 1319 50.36 -10.60 -43.97
N ILE N 1320 49.10 -10.28 -43.69
CA ILE N 1320 48.80 -9.25 -42.69
C ILE N 1320 49.31 -9.63 -41.31
N LEU N 1321 49.62 -10.89 -41.09
CA LEU N 1321 50.17 -11.33 -39.81
C LEU N 1321 51.68 -11.37 -39.79
N ASP N 1322 52.35 -11.06 -40.91
CA ASP N 1322 53.80 -11.10 -40.97
C ASP N 1322 54.40 -9.98 -40.15
N ASP N 1323 55.36 -10.34 -39.28
CA ASP N 1323 55.90 -9.40 -38.29
C ASP N 1323 56.30 -8.06 -38.90
N ASP N 1324 56.67 -8.03 -40.17
CA ASP N 1324 57.06 -6.78 -40.81
C ASP N 1324 55.87 -5.88 -41.09
N ALA N 1325 54.65 -6.35 -40.80
CA ALA N 1325 53.46 -5.64 -41.24
C ALA N 1325 53.45 -4.21 -40.72
N ALA N 1326 53.13 -3.28 -41.61
CA ALA N 1326 52.91 -1.90 -41.23
C ALA N 1326 51.81 -1.82 -40.19
N GLN N 1327 51.88 -0.82 -39.32
CA GLN N 1327 50.80 -0.58 -38.38
C GLN N 1327 49.49 -0.26 -39.08
N GLU N 1328 49.47 0.78 -39.90
CA GLU N 1328 48.22 1.23 -40.47
C GLU N 1328 47.58 0.20 -41.39
N LEU N 1329 48.35 -0.74 -41.92
CA LEU N 1329 47.78 -1.77 -42.77
C LEU N 1329 46.90 -2.73 -41.99
N MET N 1330 46.73 -2.51 -40.69
CA MET N 1330 45.75 -3.30 -39.94
C MET N 1330 44.34 -2.96 -40.38
N PRO N 1331 43.83 -1.75 -40.17
CA PRO N 1331 42.37 -1.58 -40.14
C PRO N 1331 41.66 -2.12 -41.36
N ILE N 1332 42.18 -1.85 -42.54
CA ILE N 1332 41.48 -2.23 -43.75
C ILE N 1332 41.29 -3.73 -43.82
N VAL N 1333 42.41 -4.48 -43.74
CA VAL N 1333 42.35 -5.93 -43.86
C VAL N 1333 41.27 -6.48 -42.94
N ALA N 1334 40.97 -5.75 -41.85
CA ALA N 1334 39.96 -6.21 -40.92
C ALA N 1334 38.63 -6.43 -41.63
N GLY N 1335 38.02 -5.35 -42.12
CA GLY N 1335 36.82 -5.51 -42.91
C GLY N 1335 37.03 -6.55 -43.98
N ALA N 1336 38.23 -6.58 -44.58
CA ALA N 1336 38.54 -7.56 -45.60
C ALA N 1336 38.17 -8.94 -45.15
N VAL N 1337 38.81 -9.42 -44.08
CA VAL N 1337 38.46 -10.72 -43.57
C VAL N 1337 36.96 -10.76 -43.32
N PHE N 1338 36.47 -9.81 -42.52
CA PHE N 1338 35.04 -9.73 -42.26
C PHE N 1338 34.27 -9.92 -43.54
N THR N 1339 34.53 -9.06 -44.52
CA THR N 1339 33.81 -9.15 -45.77
C THR N 1339 33.88 -10.54 -46.34
N LEU N 1340 35.08 -11.00 -46.69
CA LEU N 1340 35.18 -12.27 -47.38
C LEU N 1340 34.46 -13.35 -46.61
N THR N 1341 34.57 -13.30 -45.28
CA THR N 1341 34.05 -14.39 -44.47
C THR N 1341 32.55 -14.50 -44.61
N ALA N 1342 31.84 -13.36 -44.52
CA ALA N 1342 30.39 -13.41 -44.62
C ALA N 1342 30.00 -14.15 -45.89
N HIS N 1343 30.67 -13.83 -47.00
CA HIS N 1343 30.38 -14.58 -48.21
C HIS N 1343 30.64 -16.05 -48.00
N LEU N 1344 31.87 -16.38 -47.63
CA LEU N 1344 32.21 -17.75 -47.27
C LEU N 1344 31.08 -18.37 -46.47
N SER N 1345 30.59 -17.65 -45.46
CA SER N 1345 29.55 -18.22 -44.61
C SER N 1345 28.38 -18.69 -45.45
N GLN N 1346 27.69 -17.76 -46.10
CA GLN N 1346 26.56 -18.14 -46.92
C GLN N 1346 26.98 -19.25 -47.88
N SER N 1347 28.18 -19.13 -48.44
CA SER N 1347 28.61 -20.10 -49.45
C SER N 1347 28.48 -21.52 -48.93
N VAL N 1348 29.10 -21.82 -47.79
CA VAL N 1348 28.99 -23.19 -47.31
C VAL N 1348 27.58 -23.45 -46.83
N ARG N 1349 26.99 -22.47 -46.15
CA ARG N 1349 25.60 -22.60 -45.74
C ARG N 1349 24.70 -22.81 -46.95
N THR N 1350 25.16 -22.40 -48.14
CA THR N 1350 24.33 -22.54 -49.32
C THR N 1350 24.32 -23.97 -49.84
N GLU N 1351 25.41 -24.71 -49.67
CA GLU N 1351 25.49 -26.02 -50.30
C GLU N 1351 24.98 -27.13 -49.39
N LEU N 1352 25.07 -26.94 -48.08
CA LEU N 1352 24.58 -27.92 -47.12
C LEU N 1352 23.08 -28.08 -47.26
N GLY N 1391 37.76 -28.85 -46.92
CA GLY N 1391 38.07 -29.62 -45.73
C GLY N 1391 38.11 -28.78 -44.48
N ASP N 1392 37.65 -29.37 -43.36
CA ASP N 1392 37.60 -28.65 -42.09
C ASP N 1392 38.91 -27.95 -41.76
N SER N 1393 40.02 -28.44 -42.32
CA SER N 1393 41.29 -27.75 -42.16
C SER N 1393 41.16 -26.28 -42.52
N SER N 1394 40.30 -25.96 -43.46
CA SER N 1394 40.15 -24.57 -43.87
C SER N 1394 39.56 -23.71 -42.76
N LEU N 1395 38.33 -24.01 -42.35
CA LEU N 1395 37.69 -23.22 -41.30
C LEU N 1395 38.54 -23.23 -40.04
N HIS N 1396 39.26 -24.33 -39.81
CA HIS N 1396 40.13 -24.40 -38.64
C HIS N 1396 41.23 -23.36 -38.72
N MET N 1397 42.05 -23.42 -39.76
CA MET N 1397 43.12 -22.44 -39.90
C MET N 1397 42.57 -21.02 -39.94
N ILE N 1398 41.35 -20.88 -40.47
CA ILE N 1398 40.75 -19.56 -40.55
C ILE N 1398 40.52 -19.00 -39.15
N LEU N 1399 39.79 -19.75 -38.32
CA LEU N 1399 39.59 -19.33 -36.95
C LEU N 1399 40.92 -19.06 -36.27
N ARG N 1400 41.91 -19.91 -36.54
CA ARG N 1400 43.20 -19.76 -35.89
C ARG N 1400 43.82 -18.40 -36.21
N ASN N 1401 43.89 -18.07 -37.49
CA ASN N 1401 44.53 -16.83 -37.88
C ASN N 1401 43.74 -15.64 -37.40
N LEU N 1402 42.41 -15.72 -37.53
CA LEU N 1402 41.57 -14.63 -37.02
C LEU N 1402 41.88 -14.38 -35.56
N LEU N 1403 42.03 -15.46 -34.79
CA LEU N 1403 42.32 -15.31 -33.38
C LEU N 1403 43.67 -14.66 -33.15
N GLU N 1404 44.71 -15.23 -33.76
CA GLU N 1404 46.05 -14.69 -33.56
C GLU N 1404 46.09 -13.21 -33.87
N PHE N 1405 45.34 -12.79 -34.88
CA PHE N 1405 45.26 -11.37 -35.17
C PHE N 1405 44.57 -10.63 -34.04
N ILE N 1406 43.39 -11.11 -33.63
CA ILE N 1406 42.69 -10.45 -32.53
C ILE N 1406 43.64 -10.22 -31.38
N LEU N 1407 44.58 -11.14 -31.21
CA LEU N 1407 45.58 -10.99 -30.18
C LEU N 1407 46.57 -9.89 -30.51
N LYS N 1408 47.32 -10.03 -31.59
CA LYS N 1408 48.43 -9.13 -31.87
C LYS N 1408 48.01 -7.68 -31.92
N THR N 1409 46.72 -7.41 -32.10
CA THR N 1409 46.21 -6.06 -32.10
C THR N 1409 46.56 -5.41 -30.78
N GLY N 1410 47.44 -4.41 -30.83
CA GLY N 1410 47.61 -3.57 -29.68
C GLY N 1410 46.27 -3.05 -29.18
N GLY N 1411 46.14 -3.02 -27.86
CA GLY N 1411 44.88 -2.63 -27.26
C GLY N 1411 44.38 -1.27 -27.70
N GLY N 1412 45.23 -0.44 -28.28
CA GLY N 1412 44.80 0.89 -28.66
C GLY N 1412 43.80 0.94 -29.78
N PHE N 1413 43.99 0.13 -30.81
CA PHE N 1413 43.15 0.18 -32.01
C PHE N 1413 41.85 -0.56 -31.73
N GLN N 1414 41.15 -0.10 -30.69
CA GLN N 1414 39.91 -0.75 -30.27
C GLN N 1414 38.96 -0.96 -31.45
N ARG N 1415 39.02 -0.08 -32.45
CA ARG N 1415 38.28 -0.32 -33.67
C ARG N 1415 38.67 -1.66 -34.29
N VAL N 1416 39.96 -1.86 -34.53
CA VAL N 1416 40.42 -3.10 -35.14
C VAL N 1416 39.94 -4.29 -34.32
N ARG N 1417 39.87 -4.12 -33.02
CA ARG N 1417 39.37 -5.20 -32.17
C ARG N 1417 37.91 -5.48 -32.48
N ALA N 1418 37.03 -4.48 -32.26
CA ALA N 1418 35.61 -4.65 -32.55
C ALA N 1418 35.41 -5.36 -33.87
N HIS N 1419 36.22 -4.99 -34.86
CA HIS N 1419 36.15 -5.69 -36.13
C HIS N 1419 36.39 -7.18 -35.96
N LEU N 1420 37.59 -7.56 -35.51
CA LEU N 1420 37.90 -8.99 -35.42
C LEU N 1420 36.87 -9.71 -34.56
N TYR N 1421 36.30 -9.01 -33.59
CA TYR N 1421 35.27 -9.59 -32.74
C TYR N 1421 34.05 -9.97 -33.54
N GLY N 1422 33.42 -9.01 -34.21
CA GLY N 1422 32.34 -9.35 -35.09
C GLY N 1422 32.70 -10.50 -36.01
N SER N 1423 33.94 -10.48 -36.51
CA SER N 1423 34.39 -11.56 -37.37
C SER N 1423 34.23 -12.90 -36.69
N LEU N 1424 34.65 -12.98 -35.44
CA LEU N 1424 34.47 -14.23 -34.71
C LEU N 1424 32.99 -14.59 -34.61
N LEU N 1425 32.15 -13.60 -34.32
CA LEU N 1425 30.71 -13.88 -34.21
C LEU N 1425 30.25 -14.62 -35.44
N TYR N 1426 30.60 -14.11 -36.60
CA TYR N 1426 30.24 -14.80 -37.84
C TYR N 1426 30.87 -16.19 -37.88
N TYR N 1427 32.20 -16.26 -37.88
CA TYR N 1427 32.88 -17.52 -38.11
C TYR N 1427 32.42 -18.58 -37.14
N LEU N 1428 31.75 -18.16 -36.07
CA LEU N 1428 31.12 -19.10 -35.16
C LEU N 1428 29.72 -19.49 -35.62
N GLN N 1429 28.86 -18.51 -35.90
CA GLN N 1429 27.46 -18.85 -36.18
C GLN N 1429 27.33 -19.78 -37.37
N ILE N 1430 28.41 -19.91 -38.14
CA ILE N 1430 28.40 -20.85 -39.27
C ILE N 1430 28.23 -22.27 -38.78
N ALA N 1431 28.50 -22.54 -37.52
CA ALA N 1431 28.39 -23.90 -37.01
C ALA N 1431 27.11 -24.10 -36.21
N ASP N 1456 25.68 -35.19 -34.73
CA ASP N 1456 25.25 -34.10 -35.59
C ASP N 1456 26.45 -33.29 -36.09
N VAL N 1457 26.50 -33.09 -37.40
CA VAL N 1457 27.59 -32.33 -38.02
C VAL N 1457 27.67 -30.99 -37.32
N PHE N 1458 26.54 -30.33 -37.16
CA PHE N 1458 26.53 -29.07 -36.43
C PHE N 1458 27.10 -29.25 -35.02
N SER N 1459 26.82 -30.38 -34.39
CA SER N 1459 27.33 -30.60 -33.05
C SER N 1459 28.83 -30.77 -33.04
N LYS N 1460 29.34 -31.71 -33.83
CA LYS N 1460 30.80 -31.92 -33.90
C LYS N 1460 31.50 -30.61 -34.23
N LEU N 1461 30.87 -29.79 -35.06
CA LEU N 1461 31.42 -28.46 -35.31
C LEU N 1461 31.46 -27.65 -34.03
N GLN N 1462 30.37 -27.62 -33.26
CA GLN N 1462 30.36 -26.83 -32.04
C GLN N 1462 31.47 -27.27 -31.10
N ARG N 1463 31.69 -28.57 -30.99
CA ARG N 1463 32.70 -29.05 -30.06
C ARG N 1463 34.10 -28.72 -30.55
N ASP N 1464 34.36 -28.89 -31.85
CA ASP N 1464 35.66 -28.50 -32.38
C ASP N 1464 35.92 -27.02 -32.16
N ASN N 1465 34.88 -26.20 -32.32
CA ASN N 1465 35.01 -24.77 -32.08
C ASN N 1465 35.39 -24.49 -30.64
N LEU N 1466 34.68 -25.10 -29.70
CA LEU N 1466 35.03 -24.92 -28.30
C LEU N 1466 36.47 -25.35 -28.04
N SER N 1467 36.91 -26.45 -28.66
CA SER N 1467 38.26 -26.93 -28.43
C SER N 1467 39.30 -25.93 -28.89
N ILE N 1468 39.15 -25.43 -30.11
CA ILE N 1468 40.05 -24.40 -30.58
C ILE N 1468 40.01 -23.19 -29.65
N PHE N 1469 38.81 -22.67 -29.37
CA PHE N 1469 38.68 -21.49 -28.52
C PHE N 1469 39.25 -21.74 -27.14
N GLU N 1470 39.52 -23.00 -26.81
CA GLU N 1470 40.20 -23.28 -25.57
C GLU N 1470 41.70 -23.20 -25.73
N SER N 1471 42.23 -23.80 -26.80
CA SER N 1471 43.69 -23.94 -26.92
C SER N 1471 44.43 -22.61 -26.75
N TYR N 1472 43.78 -21.48 -27.01
CA TYR N 1472 44.41 -20.18 -26.81
C TYR N 1472 44.63 -19.87 -25.34
N GLY N 1473 44.04 -20.65 -24.43
CA GLY N 1473 44.33 -20.47 -23.03
C GLY N 1473 43.85 -19.13 -22.51
N THR N 1474 44.36 -18.77 -21.33
CA THR N 1474 43.87 -17.60 -20.62
C THR N 1474 43.92 -16.33 -21.45
N ALA N 1475 44.76 -16.27 -22.47
CA ALA N 1475 45.00 -15.01 -23.14
C ALA N 1475 43.72 -14.40 -23.66
N LEU N 1476 43.07 -15.07 -24.61
CA LEU N 1476 41.87 -14.50 -25.20
C LEU N 1476 40.88 -14.10 -24.14
N MET N 1477 40.75 -14.92 -23.10
CA MET N 1477 39.85 -14.57 -22.02
C MET N 1477 40.23 -13.22 -21.45
N GLU N 1478 41.51 -13.03 -21.18
CA GLU N 1478 41.94 -11.76 -20.63
C GLU N 1478 41.62 -10.64 -21.61
N VAL N 1479 41.91 -10.88 -22.89
CA VAL N 1479 41.80 -9.82 -23.87
C VAL N 1479 40.37 -9.35 -23.96
N VAL N 1480 39.46 -10.27 -24.25
CA VAL N 1480 38.06 -9.94 -24.26
C VAL N 1480 37.67 -9.28 -22.96
N CYS N 1481 37.84 -10.00 -21.85
CA CYS N 1481 37.39 -9.51 -20.57
C CYS N 1481 37.76 -8.06 -20.39
N ARG N 1482 39.02 -7.75 -20.57
CA ARG N 1482 39.44 -6.37 -20.45
C ARG N 1482 38.62 -5.49 -21.38
N ASP N 1483 38.56 -5.87 -22.65
CA ASP N 1483 37.91 -5.01 -23.61
C ASP N 1483 36.46 -4.79 -23.21
N ALA N 1484 35.72 -5.87 -23.11
CA ALA N 1484 34.38 -5.83 -22.57
C ALA N 1484 34.28 -4.90 -21.38
N CYS N 1485 35.30 -4.91 -20.53
CA CYS N 1485 35.26 -4.06 -19.37
C CYS N 1485 35.26 -2.59 -19.74
N ASP N 1486 36.18 -2.17 -20.61
CA ASP N 1486 36.43 -0.73 -20.74
C ASP N 1486 36.47 -0.20 -22.17
N GLY N 1487 36.42 -1.07 -23.18
CA GLY N 1487 36.70 -0.63 -24.54
C GLY N 1487 35.75 0.44 -25.08
N HIS N 1488 35.99 0.85 -26.32
CA HIS N 1488 35.10 1.82 -26.96
C HIS N 1488 33.76 1.17 -27.28
N ASP N 1489 32.69 1.96 -27.11
CA ASP N 1489 31.34 1.43 -26.98
C ASP N 1489 30.99 0.38 -28.03
N ILE N 1490 31.42 0.60 -29.28
CA ILE N 1490 31.03 -0.33 -30.33
C ILE N 1490 31.56 -1.72 -30.03
N GLY N 1491 32.88 -1.84 -29.93
CA GLY N 1491 33.45 -3.12 -29.56
C GLY N 1491 32.90 -3.63 -28.26
N ARG N 1492 32.49 -2.72 -27.37
CA ARG N 1492 31.91 -3.16 -26.11
C ARG N 1492 30.65 -3.97 -26.36
N MET N 1493 29.68 -3.39 -27.05
CA MET N 1493 28.49 -4.16 -27.37
C MET N 1493 28.86 -5.45 -28.06
N LEU N 1494 29.69 -5.34 -29.10
CA LEU N 1494 29.99 -6.52 -29.91
C LEU N 1494 30.59 -7.63 -29.07
N ALA N 1495 31.54 -7.29 -28.22
CA ALA N 1495 32.16 -8.31 -27.40
C ALA N 1495 31.15 -8.89 -26.43
N LEU N 1496 30.43 -8.04 -25.71
CA LEU N 1496 29.45 -8.54 -24.75
C LEU N 1496 28.60 -9.61 -25.38
N ALA N 1497 28.22 -9.39 -26.63
CA ALA N 1497 27.57 -10.46 -27.37
C ALA N 1497 28.48 -11.68 -27.49
N LEU N 1498 29.72 -11.47 -27.93
CA LEU N 1498 30.62 -12.59 -28.16
C LEU N 1498 30.75 -13.45 -26.91
N LEU N 1499 30.91 -12.80 -25.77
CA LEU N 1499 30.92 -13.49 -24.49
C LEU N 1499 29.65 -14.30 -24.31
N ASP N 1500 28.51 -13.62 -24.17
CA ASP N 1500 27.26 -14.32 -23.90
C ASP N 1500 27.10 -15.53 -24.79
N ARG N 1501 27.57 -15.42 -26.03
CA ARG N 1501 27.46 -16.57 -26.90
C ARG N 1501 28.40 -17.68 -26.47
N ILE N 1502 29.71 -17.40 -26.42
CA ILE N 1502 30.65 -18.46 -26.15
C ILE N 1502 30.33 -19.11 -24.81
N VAL N 1503 29.70 -18.36 -23.92
CA VAL N 1503 29.15 -18.93 -22.70
C VAL N 1503 28.05 -19.91 -23.03
N SER N 1504 27.07 -19.48 -23.83
CA SER N 1504 25.99 -20.39 -24.18
C SER N 1504 26.52 -21.66 -24.82
N VAL N 1505 27.73 -21.64 -25.36
CA VAL N 1505 28.33 -22.85 -25.90
C VAL N 1505 29.31 -23.51 -24.94
N ASP N 1506 29.74 -22.82 -23.89
CA ASP N 1506 30.82 -23.30 -23.01
C ASP N 1506 30.26 -24.25 -21.96
N ARG N 1507 30.35 -25.55 -22.25
CA ARG N 1507 29.80 -26.54 -21.33
C ARG N 1507 30.54 -26.60 -20.00
N GLN N 1508 31.85 -26.38 -20.00
CA GLN N 1508 32.65 -26.57 -18.79
C GLN N 1508 32.62 -25.38 -17.86
N GLN N 1509 32.06 -24.25 -18.28
CA GLN N 1509 32.01 -23.02 -17.49
C GLN N 1509 33.40 -22.56 -17.06
N GLN N 1510 34.46 -23.14 -17.64
CA GLN N 1510 35.80 -22.68 -17.35
C GLN N 1510 35.91 -21.18 -17.60
N TRP N 1511 35.40 -20.73 -18.73
CA TRP N 1511 35.26 -19.30 -18.94
C TRP N 1511 34.55 -18.67 -17.76
N LEU N 1512 33.34 -19.12 -17.46
CA LEU N 1512 32.57 -18.53 -16.37
C LEU N 1512 33.42 -18.41 -15.13
N LEU N 1513 34.20 -19.45 -14.85
CA LEU N 1513 35.15 -19.35 -13.76
C LEU N 1513 36.01 -18.13 -13.93
N TYR N 1514 36.74 -18.03 -15.04
CA TYR N 1514 37.61 -16.88 -15.23
C TYR N 1514 36.84 -15.58 -15.08
N LEU N 1515 35.60 -15.55 -15.54
CA LEU N 1515 34.82 -14.32 -15.53
C LEU N 1515 34.56 -13.87 -14.12
N SER N 1516 34.36 -14.82 -13.22
CA SER N 1516 34.11 -14.41 -11.84
C SER N 1516 35.40 -14.27 -11.07
N ASN N 1517 36.33 -15.20 -11.26
CA ASN N 1517 37.58 -15.21 -10.51
C ASN N 1517 38.57 -14.18 -11.03
N SER N 1518 38.31 -13.59 -12.17
CA SER N 1518 39.03 -12.39 -12.54
C SER N 1518 38.41 -11.14 -11.95
N GLY N 1519 37.39 -11.28 -11.10
CA GLY N 1519 36.71 -10.13 -10.57
C GLY N 1519 35.92 -9.35 -11.59
N TYR N 1520 35.83 -9.84 -12.82
CA TYR N 1520 35.09 -9.12 -13.86
C TYR N 1520 33.65 -8.91 -13.48
N LEU N 1521 33.04 -9.86 -12.78
CA LEU N 1521 31.66 -9.66 -12.34
C LEU N 1521 31.51 -8.38 -11.55
N LYS N 1522 32.57 -7.97 -10.86
CA LYS N 1522 32.50 -6.68 -10.18
C LYS N 1522 32.43 -5.55 -11.19
N VAL N 1523 33.21 -5.66 -12.26
CA VAL N 1523 33.05 -4.70 -13.35
C VAL N 1523 31.61 -4.72 -13.83
N LEU N 1524 30.99 -5.89 -13.81
CA LEU N 1524 29.57 -5.94 -14.15
C LEU N 1524 28.77 -5.06 -13.21
N VAL N 1525 28.83 -5.35 -11.91
CA VAL N 1525 28.05 -4.59 -10.93
C VAL N 1525 28.26 -3.10 -11.14
N ASP N 1526 29.48 -2.72 -11.44
CA ASP N 1526 29.71 -1.34 -11.82
C ASP N 1526 28.85 -0.97 -13.01
N SER N 1527 28.93 -1.76 -14.08
CA SER N 1527 28.17 -1.45 -15.29
C SER N 1527 26.72 -1.24 -14.96
N LEU N 1528 26.22 -1.99 -13.97
CA LEU N 1528 24.89 -1.74 -13.46
C LEU N 1528 24.77 -0.32 -12.95
N ALA N 1529 25.68 0.08 -12.08
CA ALA N 1529 25.60 1.45 -11.57
C ALA N 1529 25.61 2.48 -12.70
N GLU N 1530 26.49 2.26 -13.67
CA GLU N 1530 26.61 3.20 -14.78
C GLU N 1530 25.33 3.28 -15.58
N ASP N 1531 24.77 2.13 -15.92
CA ASP N 1531 23.49 2.09 -16.59
C ASP N 1531 22.44 2.86 -15.81
N ASP N 1532 22.43 2.72 -14.48
CA ASP N 1532 21.47 3.47 -13.68
C ASP N 1532 21.66 4.96 -13.87
N VAL N 1533 22.91 5.41 -13.92
CA VAL N 1533 23.15 6.82 -14.20
C VAL N 1533 22.60 7.19 -15.57
N VAL N 1534 22.74 6.28 -16.55
CA VAL N 1534 22.26 6.56 -17.90
C VAL N 1534 20.76 6.75 -17.89
N LEU N 1535 20.05 5.91 -17.14
CA LEU N 1535 18.60 6.06 -17.06
C LEU N 1535 18.22 7.35 -16.36
N ARG N 1536 18.92 7.67 -15.26
CA ARG N 1536 18.72 8.96 -14.61
C ARG N 1536 18.76 10.07 -15.63
N ASN N 1537 19.80 10.07 -16.47
CA ASN N 1537 19.88 11.00 -17.59
C ASN N 1537 18.65 10.90 -18.48
N LEU N 1538 18.21 9.67 -18.73
CA LEU N 1538 17.07 9.47 -19.63
C LEU N 1538 15.80 10.08 -19.05
N LEU N 1539 15.78 10.34 -17.75
CA LEU N 1539 14.57 10.83 -17.10
C LEU N 1539 14.11 12.14 -17.72
N THR N 1540 15.04 12.97 -18.18
CA THR N 1540 14.69 14.24 -18.76
C THR N 1540 13.90 14.04 -20.06
N PRO N 1541 13.42 15.12 -20.67
CA PRO N 1541 12.61 14.97 -21.89
C PRO N 1541 13.38 14.47 -23.09
N GLN N 1542 14.67 14.80 -23.19
CA GLN N 1542 15.46 14.35 -24.32
C GLN N 1542 16.65 13.54 -23.85
N PRO N 1543 16.75 12.27 -24.22
CA PRO N 1543 17.97 11.54 -23.96
C PRO N 1543 19.04 11.96 -24.95
N PRO N 1544 20.23 12.30 -24.47
CA PRO N 1544 21.27 12.77 -25.40
C PRO N 1544 21.66 11.74 -26.43
N LEU N 1545 21.98 10.52 -25.99
CA LEU N 1545 22.40 9.44 -26.88
C LEU N 1545 21.57 8.21 -26.61
N LEU N 1546 21.15 7.54 -27.67
CA LEU N 1546 20.37 6.32 -27.56
C LEU N 1546 21.24 5.09 -27.38
N LYS N 1547 22.48 5.13 -27.83
CA LYS N 1547 23.34 3.95 -27.82
C LYS N 1547 23.41 3.33 -26.43
N ALA N 1548 23.40 4.17 -25.39
CA ALA N 1548 23.30 3.72 -24.02
C ALA N 1548 22.24 2.64 -23.90
N LEU N 1549 21.12 2.83 -24.58
CA LEU N 1549 20.07 1.83 -24.52
C LEU N 1549 20.55 0.51 -25.10
N TYR N 1550 21.20 0.56 -26.26
CA TYR N 1550 21.62 -0.68 -26.89
C TYR N 1550 22.67 -1.39 -26.04
N ILE N 1551 23.51 -0.63 -25.35
CA ILE N 1551 24.53 -1.29 -24.55
C ILE N 1551 23.91 -1.84 -23.27
N TYR N 1552 22.97 -1.11 -22.69
CA TYR N 1552 22.22 -1.65 -21.55
C TYR N 1552 21.58 -2.96 -21.94
N GLU N 1553 21.10 -3.03 -23.17
CA GLU N 1553 20.67 -4.31 -23.71
C GLU N 1553 21.82 -5.29 -23.65
N SER N 1554 22.86 -5.08 -24.45
CA SER N 1554 23.92 -6.08 -24.59
C SER N 1554 24.39 -6.57 -23.22
N LYS N 1555 24.35 -5.70 -22.22
CA LYS N 1555 24.81 -6.09 -20.90
C LYS N 1555 23.79 -6.99 -20.21
N MET N 1556 22.57 -6.50 -20.00
CA MET N 1556 21.57 -7.35 -19.38
C MET N 1556 21.39 -8.62 -20.18
N ALA N 1557 21.66 -8.56 -21.46
CA ALA N 1557 21.68 -9.73 -22.31
C ALA N 1557 22.70 -10.74 -21.84
N PHE N 1558 23.98 -10.37 -21.86
CA PHE N 1558 25.01 -11.30 -21.43
C PHE N 1558 24.69 -11.83 -20.03
N LEU N 1559 24.11 -11.00 -19.18
CA LEU N 1559 23.66 -11.47 -17.88
C LEU N 1559 22.70 -12.63 -18.02
N THR N 1560 21.54 -12.38 -18.63
CA THR N 1560 20.54 -13.43 -18.77
C THR N 1560 21.10 -14.65 -19.49
N ARG N 1561 22.04 -14.44 -20.41
CA ARG N 1561 22.64 -15.56 -21.11
C ARG N 1561 23.35 -16.48 -20.13
N VAL N 1562 23.51 -16.02 -18.90
CA VAL N 1562 24.02 -16.84 -17.83
C VAL N 1562 22.88 -17.22 -16.89
N SER N 1565 21.86 -20.63 -16.47
CA SER N 1565 22.91 -21.56 -16.05
C SER N 1565 23.07 -21.50 -14.54
N SER N 1566 23.47 -22.63 -13.93
CA SER N 1566 23.37 -22.77 -12.48
C SER N 1566 24.54 -22.14 -11.74
N GLN N 1567 25.75 -22.66 -11.95
CA GLN N 1567 26.89 -22.17 -11.19
C GLN N 1567 27.01 -20.67 -11.33
N GLY N 1568 26.82 -20.17 -12.54
CA GLY N 1568 26.61 -18.76 -12.70
C GLY N 1568 25.57 -18.24 -11.74
N ALA N 1569 24.35 -18.79 -11.81
CA ALA N 1569 23.24 -18.24 -11.03
C ALA N 1569 23.63 -18.07 -9.57
N ILE N 1570 24.31 -19.06 -9.02
CA ILE N 1570 24.91 -18.90 -7.70
C ILE N 1570 25.74 -17.63 -7.67
N GLU N 1571 26.73 -17.53 -8.56
CA GLU N 1571 27.64 -16.38 -8.50
C GLU N 1571 26.90 -15.06 -8.66
N LEU N 1572 25.88 -15.04 -9.48
CA LEU N 1572 25.17 -13.81 -9.78
C LEU N 1572 24.38 -13.34 -8.57
N LEU N 1573 23.61 -14.25 -7.98
CA LEU N 1573 23.03 -13.93 -6.69
C LEU N 1573 24.09 -13.41 -5.75
N ARG N 1574 25.26 -14.04 -5.79
CA ARG N 1574 26.34 -13.62 -4.91
C ARG N 1574 26.80 -12.21 -5.22
N SER N 1575 26.58 -11.74 -6.43
CA SER N 1575 26.98 -10.37 -6.71
C SER N 1575 25.97 -9.36 -6.19
N GLY N 1576 24.90 -9.81 -5.56
CA GLY N 1576 23.86 -8.88 -5.18
C GLY N 1576 23.31 -8.13 -6.37
N VAL N 1577 23.41 -8.72 -7.57
CA VAL N 1577 22.83 -8.11 -8.76
C VAL N 1577 21.43 -7.61 -8.46
N ILE N 1578 20.61 -8.48 -7.86
CA ILE N 1578 19.34 -8.03 -7.33
C ILE N 1578 19.56 -6.82 -6.44
N VAL N 1579 20.35 -6.97 -5.38
CA VAL N 1579 20.46 -5.93 -4.38
C VAL N 1579 20.78 -4.59 -5.04
N ARG N 1580 21.75 -4.58 -5.93
CA ARG N 1580 22.02 -3.35 -6.66
C ARG N 1580 20.77 -2.87 -7.38
N LEU N 1581 20.14 -3.76 -8.14
CA LEU N 1581 18.95 -3.37 -8.88
C LEU N 1581 17.91 -2.75 -7.96
N ALA N 1582 17.87 -3.21 -6.71
CA ALA N 1582 16.93 -2.67 -5.74
C ALA N 1582 17.23 -1.23 -5.38
N GLN N 1583 18.49 -0.83 -5.44
CA GLN N 1583 18.84 0.55 -5.17
C GLN N 1583 18.24 1.50 -6.20
N CYS N 1584 17.92 0.99 -7.38
CA CYS N 1584 17.62 1.85 -8.53
C CYS N 1584 16.43 2.76 -8.24
N GLN N 1585 16.49 3.97 -8.79
CA GLN N 1585 15.37 4.89 -8.81
C GLN N 1585 14.77 5.04 -10.21
N VAL N 1586 15.37 4.41 -11.20
CA VAL N 1586 14.91 4.56 -12.58
C VAL N 1586 13.57 3.89 -12.77
N TYR N 1587 13.45 2.62 -12.42
CA TYR N 1587 12.20 1.92 -12.61
C TYR N 1587 11.06 2.54 -11.83
N ASP N 1588 11.35 3.38 -10.84
CA ASP N 1588 10.31 3.99 -10.04
C ASP N 1588 9.61 5.14 -10.75
N MET N 1589 10.15 5.63 -11.86
CA MET N 1589 9.52 6.70 -12.62
C MET N 1589 8.78 6.16 -13.83
N ARG N 1590 7.71 5.40 -13.64
CA ARG N 1590 6.92 4.98 -14.78
C ARG N 1590 6.29 6.20 -15.44
N PRO N 1591 6.33 6.31 -16.76
CA PRO N 1591 5.70 7.47 -17.41
C PRO N 1591 4.22 7.54 -17.07
N GLU N 1592 3.83 8.63 -16.41
CA GLU N 1592 2.44 8.85 -16.01
C GLU N 1592 1.48 8.73 -17.17
N ALA N 1610 6.94 6.82 -28.34
CA ALA N 1610 6.57 7.90 -27.44
C ALA N 1610 6.96 7.56 -26.01
N PRO N 1611 6.92 8.58 -25.13
CA PRO N 1611 7.39 8.41 -23.75
C PRO N 1611 6.93 7.10 -23.14
N VAL N 1612 5.71 6.69 -23.46
CA VAL N 1612 5.28 5.36 -23.08
C VAL N 1612 6.26 4.34 -23.61
N GLU N 1613 6.37 4.25 -24.94
CA GLU N 1613 7.20 3.22 -25.55
C GLU N 1613 8.57 3.16 -24.90
N ARG N 1614 9.12 4.31 -24.55
CA ARG N 1614 10.35 4.32 -23.77
C ARG N 1614 10.13 3.62 -22.44
N TYR N 1615 9.31 4.20 -21.57
CA TYR N 1615 9.14 3.68 -20.21
C TYR N 1615 8.91 2.18 -20.23
N ARG N 1616 8.22 1.69 -21.26
CA ARG N 1616 8.16 0.27 -21.50
C ARG N 1616 9.54 -0.28 -21.75
N GLN N 1617 10.19 0.12 -22.84
CA GLN N 1617 11.48 -0.46 -23.21
C GLN N 1617 12.47 -0.41 -22.06
N ILE N 1618 12.15 0.37 -21.04
CA ILE N 1618 12.95 0.44 -19.83
C ILE N 1618 12.51 -0.61 -18.81
N LEU N 1619 11.26 -0.56 -18.37
CA LEU N 1619 10.82 -1.51 -17.37
C LEU N 1619 10.89 -2.94 -17.88
N LEU N 1620 10.85 -3.11 -19.20
CA LEU N 1620 10.72 -4.46 -19.76
C LEU N 1620 11.92 -5.34 -19.44
N PRO N 1621 13.11 -5.06 -19.94
CA PRO N 1621 14.23 -5.95 -19.63
C PRO N 1621 14.42 -6.13 -18.14
N ALA N 1622 14.09 -5.12 -17.36
CA ALA N 1622 14.30 -5.22 -15.91
C ALA N 1622 13.50 -6.36 -15.32
N LEU N 1623 12.17 -6.28 -15.41
CA LEU N 1623 11.36 -7.34 -14.85
C LEU N 1623 11.63 -8.66 -15.55
N GLN N 1624 11.97 -8.60 -16.84
CA GLN N 1624 12.39 -9.81 -17.51
C GLN N 1624 13.50 -10.50 -16.75
N ILE N 1625 14.53 -9.74 -16.39
CA ILE N 1625 15.66 -10.31 -15.69
C ILE N 1625 15.23 -10.79 -14.30
N CYS N 1626 14.38 -10.03 -13.63
CA CYS N 1626 13.99 -10.41 -12.28
C CYS N 1626 13.30 -11.77 -12.28
N GLN N 1627 12.32 -11.94 -13.15
CA GLN N 1627 11.63 -13.22 -13.20
C GLN N 1627 12.55 -14.33 -13.67
N LEU N 1628 13.41 -14.04 -14.65
CA LEU N 1628 14.34 -15.05 -15.12
C LEU N 1628 15.24 -15.51 -13.99
N ILE N 1629 15.58 -14.59 -13.09
CA ILE N 1629 16.42 -14.94 -11.95
C ILE N 1629 15.67 -15.83 -10.98
N LEU N 1630 14.53 -15.36 -10.48
CA LEU N 1630 13.78 -16.16 -9.53
C LEU N 1630 13.46 -17.53 -10.11
N THR N 1631 13.28 -17.62 -11.42
CA THR N 1631 13.15 -18.90 -12.10
C THR N 1631 14.42 -19.73 -12.01
N SER N 1632 15.51 -19.27 -12.64
CA SER N 1632 16.71 -20.07 -12.75
C SER N 1632 17.30 -20.39 -11.40
N SER N 1633 17.04 -19.56 -10.40
CA SER N 1633 17.39 -19.87 -9.02
C SER N 1633 16.44 -20.98 -8.58
N THR N 1634 16.99 -22.16 -8.27
CA THR N 1634 16.13 -23.26 -7.87
C THR N 1634 15.41 -22.99 -6.55
N ALA N 1635 14.17 -22.52 -6.63
CA ALA N 1635 13.10 -22.62 -5.64
C ALA N 1635 13.55 -22.51 -4.19
N GLN N 1636 14.77 -22.03 -3.95
CA GLN N 1636 15.27 -21.89 -2.60
C GLN N 1636 16.13 -20.66 -2.43
N HIS N 1637 16.20 -19.79 -3.43
CA HIS N 1637 16.90 -18.52 -3.30
C HIS N 1637 15.95 -17.59 -2.57
N LEU N 1638 15.55 -18.02 -1.38
CA LEU N 1638 14.54 -17.28 -0.62
C LEU N 1638 14.96 -15.84 -0.42
N GLN N 1639 16.28 -15.61 -0.32
CA GLN N 1639 16.77 -14.25 -0.42
C GLN N 1639 16.19 -13.57 -1.65
N ALA N 1640 16.49 -14.11 -2.83
CA ALA N 1640 15.98 -13.51 -4.06
C ALA N 1640 14.50 -13.20 -3.94
N ALA N 1641 13.77 -14.07 -3.24
CA ALA N 1641 12.37 -13.75 -3.00
C ALA N 1641 12.23 -12.44 -2.25
N GLY N 1642 12.75 -12.38 -1.02
CA GLY N 1642 12.55 -11.18 -0.22
C GLY N 1642 13.06 -9.93 -0.91
N GLN N 1643 14.17 -10.06 -1.63
CA GLN N 1643 14.70 -8.92 -2.35
C GLN N 1643 13.72 -8.47 -3.42
N VAL N 1644 13.22 -9.39 -4.22
CA VAL N 1644 12.24 -9.02 -5.23
C VAL N 1644 11.04 -8.38 -4.57
N LEU N 1645 10.68 -8.88 -3.40
CA LEU N 1645 9.54 -8.31 -2.70
C LEU N 1645 9.82 -6.87 -2.32
N GLN N 1646 11.01 -6.62 -1.78
CA GLN N 1646 11.41 -5.25 -1.50
C GLN N 1646 11.32 -4.41 -2.76
N PHE N 1647 11.74 -4.99 -3.88
CA PHE N 1647 11.75 -4.22 -5.12
C PHE N 1647 10.35 -3.82 -5.51
N LEU N 1648 9.44 -4.78 -5.46
CA LEU N 1648 8.05 -4.48 -5.79
C LEU N 1648 7.48 -3.45 -4.83
N VAL N 1649 7.69 -3.65 -3.53
CA VAL N 1649 7.18 -2.73 -2.54
C VAL N 1649 7.70 -1.34 -2.80
N ALA N 1650 8.95 -1.24 -3.23
CA ALA N 1650 9.49 0.05 -3.63
C ALA N 1650 8.73 0.60 -4.83
N HIS N 1651 8.07 -0.25 -5.59
CA HIS N 1651 7.28 0.16 -6.74
C HIS N 1651 5.80 0.17 -6.40
N SER N 1652 5.49 0.55 -5.14
CA SER N 1652 4.15 0.35 -4.62
C SER N 1652 3.09 1.05 -5.47
N ASP N 1653 3.13 2.38 -5.52
CA ASP N 1653 2.19 3.10 -6.36
C ASP N 1653 2.28 2.60 -7.79
N THR N 1654 3.51 2.34 -8.25
CA THR N 1654 3.71 1.91 -9.62
C THR N 1654 3.04 0.57 -9.89
N ILE N 1655 3.39 -0.46 -9.12
CA ILE N 1655 2.84 -1.78 -9.38
C ILE N 1655 1.33 -1.78 -9.18
N GLN N 1656 0.83 -0.98 -8.25
CA GLN N 1656 -0.62 -0.92 -8.04
C GLN N 1656 -1.31 -0.37 -9.27
N ALA N 1657 -0.82 0.75 -9.79
CA ALA N 1657 -1.39 1.24 -11.05
C ALA N 1657 -1.16 0.23 -12.17
N ILE N 1658 -0.06 -0.53 -12.11
CA ILE N 1658 0.31 -1.42 -13.19
C ILE N 1658 -0.70 -2.54 -13.33
N LEU N 1659 -1.08 -3.13 -12.21
CA LEU N 1659 -2.21 -4.03 -12.25
C LEU N 1659 -3.52 -3.29 -12.45
N ARG N 1660 -3.55 -1.99 -12.14
CA ARG N 1660 -4.78 -1.22 -12.22
C ARG N 1660 -5.04 -0.65 -13.60
N SER N 1661 -4.33 -1.13 -14.62
CA SER N 1661 -4.50 -0.60 -15.96
C SER N 1661 -5.84 -1.01 -16.56
N GLN N 1662 -6.50 -0.08 -17.22
CA GLN N 1662 -7.72 -0.36 -17.96
C GLN N 1662 -7.54 -0.26 -19.46
N GLU N 1663 -6.30 -0.29 -19.95
CA GLU N 1663 -6.00 -0.13 -21.36
C GLU N 1663 -5.64 -1.48 -21.95
N GLY N 1664 -6.20 -1.77 -23.12
CA GLY N 1664 -5.87 -2.99 -23.81
C GLY N 1664 -4.71 -2.78 -24.76
N SER N 1665 -3.82 -1.86 -24.40
CA SER N 1665 -2.60 -1.68 -25.16
C SER N 1665 -1.71 -2.90 -24.99
N LEU N 1666 -1.44 -3.59 -26.10
CA LEU N 1666 -0.64 -4.81 -26.11
C LEU N 1666 0.55 -4.68 -25.17
N GLY N 1667 1.20 -3.52 -25.20
CA GLY N 1667 2.25 -3.26 -24.23
C GLY N 1667 1.78 -3.44 -22.81
N SER N 1668 0.75 -2.70 -22.41
CA SER N 1668 0.24 -2.83 -21.05
C SER N 1668 -0.14 -4.26 -20.74
N LEU N 1669 -0.59 -4.99 -21.77
CA LEU N 1669 -0.89 -6.40 -21.59
C LEU N 1669 0.35 -7.16 -21.14
N GLN N 1670 1.42 -7.10 -21.93
CA GLN N 1670 2.64 -7.77 -21.54
C GLN N 1670 3.13 -7.28 -20.18
N GLU N 1671 2.83 -6.03 -19.84
CA GLU N 1671 3.32 -5.46 -18.59
C GLU N 1671 2.67 -6.13 -17.40
N LEU N 1672 1.35 -6.07 -17.31
CA LEU N 1672 0.66 -6.80 -16.27
C LEU N 1672 1.04 -8.27 -16.31
N ALA N 1673 1.30 -8.80 -17.52
CA ALA N 1673 1.62 -10.21 -17.66
C ALA N 1673 2.87 -10.57 -16.88
N LEU N 1674 3.98 -9.90 -17.17
CA LEU N 1674 5.22 -10.25 -16.51
C LEU N 1674 5.17 -9.89 -15.02
N LEU N 1675 4.56 -8.75 -14.68
CA LEU N 1675 4.42 -8.41 -13.28
C LEU N 1675 3.72 -9.54 -12.52
N THR N 1676 2.71 -10.12 -13.16
CA THR N 1676 1.95 -11.16 -12.49
C THR N 1676 2.70 -12.48 -12.44
N GLY N 1677 3.42 -12.82 -13.52
CA GLY N 1677 4.27 -14.00 -13.44
C GLY N 1677 5.22 -13.93 -12.26
N ILE N 1678 5.84 -12.77 -12.07
CA ILE N 1678 6.64 -12.57 -10.87
C ILE N 1678 5.79 -12.79 -9.63
N ILE N 1679 4.75 -11.97 -9.44
CA ILE N 1679 3.98 -12.00 -8.20
C ILE N 1679 3.51 -13.41 -7.89
N SER N 1680 3.33 -14.22 -8.93
CA SER N 1680 2.92 -15.60 -8.72
C SER N 1680 4.07 -16.42 -8.18
N LYS N 1681 5.21 -16.40 -8.85
CA LYS N 1681 6.33 -17.12 -8.29
C LYS N 1681 6.82 -16.56 -6.96
N ALA N 1682 6.26 -15.43 -6.51
CA ALA N 1682 6.94 -14.60 -5.53
C ALA N 1682 6.23 -14.43 -4.19
N ALA N 1683 4.93 -14.12 -4.16
CA ALA N 1683 4.34 -13.56 -2.95
C ALA N 1683 3.91 -14.64 -1.97
N LEU N 1684 4.59 -15.77 -2.00
CA LEU N 1684 4.29 -16.93 -1.19
C LEU N 1684 4.37 -16.61 0.29
N PRO N 1685 3.49 -17.20 1.10
CA PRO N 1685 3.63 -17.05 2.56
C PRO N 1685 4.97 -17.54 3.09
N GLY N 1686 5.62 -18.46 2.37
CA GLY N 1686 6.88 -19.03 2.84
C GLY N 1686 7.96 -18.02 3.10
N VAL N 1687 7.82 -16.80 2.58
CA VAL N 1687 8.85 -15.80 2.80
C VAL N 1687 8.48 -14.85 3.91
N LEU N 1688 7.24 -14.37 3.96
CA LEU N 1688 6.80 -13.44 4.99
C LEU N 1688 7.06 -13.96 6.38
N ASN N 1689 7.22 -15.27 6.54
CA ASN N 1689 7.59 -15.84 7.82
C ASN N 1689 9.07 -15.71 8.08
N GLU N 1690 9.92 -16.19 7.16
CA GLU N 1690 11.36 -16.08 7.34
C GLU N 1690 11.87 -14.64 7.32
N LEU N 1691 10.97 -13.66 7.17
CA LEU N 1691 11.35 -12.26 7.14
C LEU N 1691 11.55 -11.67 8.53
N ASP N 1692 10.87 -12.20 9.54
CA ASP N 1692 10.91 -11.63 10.89
C ASP N 1692 12.32 -11.59 11.44
N ASP N 1697 10.22 -5.96 12.37
CA ASP N 1697 9.13 -6.92 12.43
C ASP N 1697 7.87 -6.30 11.88
N GLY N 1698 7.61 -5.05 12.27
CA GLY N 1698 6.55 -4.29 11.64
C GLY N 1698 6.80 -4.25 10.17
N SER N 1699 8.08 -4.29 9.83
CA SER N 1699 8.50 -4.50 8.45
C SER N 1699 7.89 -5.76 7.84
N MET N 1700 8.05 -6.91 8.49
CA MET N 1700 7.47 -8.14 7.94
C MET N 1700 5.96 -8.01 7.80
N MET N 1701 5.33 -7.30 8.73
CA MET N 1701 3.91 -7.03 8.58
C MET N 1701 3.66 -6.29 7.27
N GLU N 1702 4.41 -5.22 7.03
CA GLU N 1702 4.24 -4.47 5.80
C GLU N 1702 4.44 -5.36 4.60
N LEU N 1703 5.41 -6.27 4.68
CA LEU N 1703 5.74 -7.10 3.54
C LEU N 1703 4.61 -8.07 3.23
N GLN N 1704 4.08 -8.71 4.27
CA GLN N 1704 2.94 -9.58 4.07
C GLN N 1704 1.76 -8.79 3.52
N GLY N 1705 1.56 -7.57 4.00
CA GLY N 1705 0.42 -6.78 3.54
C GLY N 1705 0.53 -6.44 2.07
N HIS N 1706 1.73 -6.07 1.63
CA HIS N 1706 1.94 -5.81 0.22
C HIS N 1706 1.73 -7.08 -0.59
N ILE N 1707 2.28 -8.20 -0.13
CA ILE N 1707 2.04 -9.47 -0.80
C ILE N 1707 0.55 -9.78 -0.85
N GLY N 1708 -0.20 -9.31 0.15
CA GLY N 1708 -1.62 -9.58 0.20
C GLY N 1708 -2.37 -8.79 -0.86
N ARG N 1709 -2.16 -7.48 -0.91
CA ARG N 1709 -2.72 -6.70 -2.01
C ARG N 1709 -2.30 -7.30 -3.36
N PHE N 1710 -1.06 -7.80 -3.43
CA PHE N 1710 -0.56 -8.34 -4.69
C PHE N 1710 -1.31 -9.58 -5.12
N GLN N 1711 -1.31 -10.61 -4.28
CA GLN N 1711 -2.01 -11.84 -4.64
C GLN N 1711 -3.50 -11.59 -4.82
N ARG N 1712 -4.08 -10.69 -4.02
CA ARG N 1712 -5.49 -10.39 -4.18
C ARG N 1712 -5.79 -9.86 -5.56
N GLN N 1713 -5.04 -8.85 -6.00
CA GLN N 1713 -5.22 -8.36 -7.34
C GLN N 1713 -4.92 -9.43 -8.38
N CYS N 1714 -3.86 -10.21 -8.17
CA CYS N 1714 -3.48 -11.21 -9.15
C CYS N 1714 -4.59 -12.21 -9.36
N LEU N 1715 -5.31 -12.54 -8.30
CA LEU N 1715 -6.46 -13.41 -8.46
C LEU N 1715 -7.60 -12.68 -9.14
N ALA N 1716 -7.86 -11.43 -8.75
CA ALA N 1716 -8.87 -10.66 -9.46
C ALA N 1716 -8.60 -10.60 -10.96
N LEU N 1717 -7.34 -10.73 -11.36
CA LEU N 1717 -6.97 -10.61 -12.76
C LEU N 1717 -7.63 -11.66 -13.62
N LEU N 1718 -7.85 -12.86 -13.10
CA LEU N 1718 -8.58 -13.86 -13.86
C LEU N 1718 -9.96 -13.34 -14.24
N ASN N 1719 -10.59 -12.57 -13.37
CA ASN N 1719 -11.94 -12.08 -13.67
C ASN N 1719 -11.93 -11.15 -14.87
N ARG N 1720 -10.84 -10.45 -15.12
CA ARG N 1720 -10.80 -9.53 -16.25
C ARG N 1720 -10.27 -10.22 -17.50
N PHE N 1721 -9.41 -11.22 -17.33
CA PHE N 1721 -8.71 -11.78 -18.47
C PHE N 1721 -9.28 -13.10 -18.98
N GLY N 1722 -10.08 -13.79 -18.18
CA GLY N 1722 -10.62 -15.06 -18.58
C GLY N 1722 -12.14 -15.16 -18.59
N GLY N 1723 -12.85 -14.04 -18.49
CA GLY N 1723 -14.29 -14.06 -18.38
C GLY N 1723 -15.02 -13.76 -19.67
N SER N 1724 -16.32 -13.52 -19.51
CA SER N 1724 -17.17 -13.07 -20.61
C SER N 1724 -16.80 -11.66 -21.03
N ASP N 1725 -16.19 -10.92 -20.10
CA ASP N 1725 -15.66 -9.60 -20.42
C ASP N 1725 -14.56 -9.65 -21.48
N ARG N 1726 -13.96 -10.83 -21.71
CA ARG N 1726 -12.93 -10.97 -22.72
C ARG N 1726 -13.44 -10.53 -24.08
N LEU N 1727 -14.54 -11.13 -24.54
CA LEU N 1727 -15.17 -10.72 -25.78
C LEU N 1727 -15.45 -9.22 -25.81
N ARG N 1728 -15.69 -8.60 -24.65
CA ARG N 1728 -15.85 -7.16 -24.61
C ARG N 1728 -14.54 -6.44 -24.92
N GLN N 1729 -13.46 -6.79 -24.22
CA GLN N 1729 -12.21 -6.09 -24.42
C GLN N 1729 -11.59 -6.43 -25.77
N LEU N 1730 -12.04 -7.53 -26.40
CA LEU N 1730 -11.66 -7.82 -27.77
C LEU N 1730 -12.59 -7.15 -28.77
N SER N 1731 -13.83 -6.85 -28.37
CA SER N 1731 -14.76 -6.23 -29.31
C SER N 1731 -14.58 -4.72 -29.39
N LEU N 1732 -14.29 -4.06 -28.26
CA LEU N 1732 -14.10 -2.62 -28.29
C LEU N 1732 -12.92 -2.18 -29.15
N GLN N 1733 -12.11 -3.13 -29.63
CA GLN N 1733 -10.92 -2.80 -30.40
C GLN N 1733 -11.12 -2.91 -31.91
N ASP N 1734 -12.31 -3.29 -32.36
CA ASP N 1734 -12.54 -3.54 -33.78
C ASP N 1734 -13.29 -2.41 -34.49
N ASP N 1735 -13.57 -1.31 -33.81
CA ASP N 1735 -14.26 -0.19 -34.45
C ASP N 1735 -13.30 0.94 -34.82
N GLY N 1741 -3.50 -8.03 -38.51
CA GLY N 1741 -3.77 -8.17 -37.08
C GLY N 1741 -3.75 -9.61 -36.62
N VAL N 1742 -3.33 -10.51 -37.51
CA VAL N 1742 -3.29 -11.92 -37.18
C VAL N 1742 -2.20 -12.25 -36.18
N SER N 1743 -0.95 -11.88 -36.48
CA SER N 1743 0.17 -12.20 -35.60
C SER N 1743 -0.07 -11.73 -34.18
N LYS N 1744 -0.58 -10.50 -34.03
CA LYS N 1744 -0.92 -9.99 -32.72
C LYS N 1744 -1.94 -10.87 -32.01
N LYS N 1745 -2.82 -11.52 -32.75
CA LYS N 1745 -3.84 -12.34 -32.10
C LYS N 1745 -3.24 -13.64 -31.58
N ASP N 1746 -2.44 -14.32 -32.40
CA ASP N 1746 -1.75 -15.50 -31.89
C ASP N 1746 -0.95 -15.15 -30.65
N ASP N 1747 -0.28 -14.00 -30.70
CA ASP N 1747 0.42 -13.51 -29.52
C ASP N 1747 -0.52 -13.41 -28.33
N MET N 1748 -1.57 -12.59 -28.45
CA MET N 1748 -2.40 -12.29 -27.30
C MET N 1748 -3.10 -13.52 -26.77
N GLU N 1749 -3.37 -14.49 -27.64
CA GLU N 1749 -3.99 -15.72 -27.17
C GLU N 1749 -3.02 -16.53 -26.32
N LEU N 1750 -1.81 -16.76 -26.84
CA LEU N 1750 -0.77 -17.36 -26.01
C LEU N 1750 -0.64 -16.59 -24.71
N ALA N 1751 -0.67 -15.26 -24.80
CA ALA N 1751 -0.46 -14.42 -23.63
C ALA N 1751 -1.51 -14.67 -22.57
N MET N 1752 -2.79 -14.48 -22.92
CA MET N 1752 -3.84 -14.65 -21.94
C MET N 1752 -3.85 -16.08 -21.40
N GLN N 1753 -3.51 -17.05 -22.26
CA GLN N 1753 -3.33 -18.40 -21.76
C GLN N 1753 -2.31 -18.41 -20.64
N GLN N 1754 -1.19 -17.73 -20.85
CA GLN N 1754 -0.16 -17.71 -19.83
C GLN N 1754 -0.64 -17.01 -18.57
N ILE N 1755 -1.36 -15.89 -18.73
CA ILE N 1755 -1.84 -15.12 -17.58
C ILE N 1755 -2.73 -15.99 -16.70
N CYS N 1756 -3.70 -16.65 -17.34
CA CYS N 1756 -4.53 -17.59 -16.60
C CYS N 1756 -3.65 -18.62 -15.91
N SER N 1757 -2.95 -19.45 -16.70
CA SER N 1757 -2.17 -20.54 -16.12
C SER N 1757 -1.30 -20.07 -14.97
N ASN N 1758 -0.84 -18.82 -15.05
CA ASN N 1758 -0.04 -18.25 -13.98
C ASN N 1758 -0.85 -18.11 -12.71
N VAL N 1759 -1.91 -17.30 -12.75
CA VAL N 1759 -2.70 -17.13 -11.53
C VAL N 1759 -3.19 -18.47 -11.03
N MET N 1760 -3.39 -19.40 -11.96
CA MET N 1760 -3.76 -20.76 -11.62
C MET N 1760 -2.71 -21.39 -10.74
N GLU N 1761 -1.51 -21.59 -11.28
CA GLU N 1761 -0.43 -22.19 -10.50
C GLU N 1761 -0.27 -21.48 -9.17
N TYR N 1762 -0.51 -20.17 -9.15
CA TYR N 1762 -0.48 -19.43 -7.90
C TYR N 1762 -1.42 -20.05 -6.89
N CYS N 1763 -2.69 -20.14 -7.22
CA CYS N 1763 -3.63 -20.79 -6.31
C CYS N 1763 -3.23 -22.24 -6.07
N GLN N 1764 -2.78 -22.92 -7.11
CA GLN N 1764 -2.48 -24.34 -7.04
C GLN N 1764 -1.51 -24.61 -5.91
N ALA N 1765 -0.50 -23.76 -5.78
CA ALA N 1765 0.35 -23.83 -4.61
C ALA N 1765 -0.38 -23.32 -3.37
N LEU N 1766 -1.19 -22.27 -3.53
CA LEU N 1766 -1.84 -21.65 -2.38
C LEU N 1766 -2.61 -22.67 -1.55
N MET N 1767 -3.12 -23.72 -2.20
CA MET N 1767 -3.85 -24.75 -1.48
C MET N 1767 -2.91 -25.83 -0.98
N ILE N 1768 -1.87 -26.15 -1.74
CA ILE N 1768 -0.95 -27.21 -1.36
C ILE N 1768 -0.27 -26.87 -0.04
N SER N 1810 -15.39 -15.56 -6.38
CA SER N 1810 -16.57 -16.34 -6.74
C SER N 1810 -16.18 -17.49 -7.64
N LEU N 1811 -16.51 -18.71 -7.22
CA LEU N 1811 -16.14 -19.89 -7.97
C LEU N 1811 -16.76 -19.89 -9.36
N GLY N 1812 -17.78 -19.05 -9.57
CA GLY N 1812 -18.40 -18.96 -10.89
C GLY N 1812 -17.41 -18.61 -11.97
N VAL N 1813 -16.34 -17.90 -11.61
CA VAL N 1813 -15.29 -17.64 -12.58
C VAL N 1813 -14.53 -18.91 -12.89
N VAL N 1814 -14.27 -19.74 -11.88
CA VAL N 1814 -13.69 -21.05 -12.14
C VAL N 1814 -14.57 -21.83 -13.11
N ILE N 1815 -15.88 -21.69 -12.96
CA ILE N 1815 -16.80 -22.37 -13.87
C ILE N 1815 -16.64 -21.83 -15.27
N HIS N 1816 -16.86 -20.52 -15.46
CA HIS N 1816 -16.77 -19.94 -16.78
C HIS N 1816 -15.43 -20.21 -17.42
N LEU N 1817 -14.39 -20.28 -16.59
CA LEU N 1817 -13.06 -20.56 -17.09
C LEU N 1817 -12.98 -21.99 -17.58
N LEU N 1818 -13.47 -22.93 -16.79
CA LEU N 1818 -13.57 -24.30 -17.28
C LEU N 1818 -14.28 -24.33 -18.62
N LYS N 1819 -15.33 -23.53 -18.75
CA LYS N 1819 -16.09 -23.50 -19.99
C LYS N 1819 -15.22 -23.05 -21.16
N GLN N 1820 -14.75 -21.80 -21.10
CA GLN N 1820 -13.93 -21.28 -22.18
C GLN N 1820 -12.75 -22.20 -22.45
N SER N 1821 -12.18 -22.74 -21.39
CA SER N 1821 -11.06 -23.67 -21.54
C SER N 1821 -11.45 -24.83 -22.43
N ALA N 1822 -12.53 -25.51 -22.09
CA ALA N 1822 -12.93 -26.65 -22.89
C ALA N 1822 -13.23 -26.23 -24.32
N ASN N 1823 -13.91 -25.11 -24.50
CA ASN N 1823 -14.32 -24.73 -25.84
C ASN N 1823 -13.11 -24.42 -26.71
N ASN N 1824 -12.27 -23.51 -26.25
CA ASN N 1824 -11.01 -23.32 -26.92
C ASN N 1824 -10.35 -24.66 -27.15
N PHE N 1825 -10.24 -25.49 -26.12
CA PHE N 1825 -9.50 -26.74 -26.22
C PHE N 1825 -9.87 -27.48 -27.50
N PHE N 1826 -11.16 -27.47 -27.84
CA PHE N 1826 -11.55 -28.08 -29.10
C PHE N 1826 -11.10 -27.24 -30.27
N THR N 1827 -11.30 -25.92 -30.18
CA THR N 1827 -10.85 -25.06 -31.27
C THR N 1827 -9.38 -25.29 -31.57
N TYR N 1828 -8.58 -25.34 -30.52
CA TYR N 1828 -7.18 -25.69 -30.65
C TYR N 1828 -7.03 -27.06 -31.30
N TYR N 1829 -7.45 -28.12 -30.61
CA TYR N 1829 -7.17 -29.47 -31.09
C TYR N 1829 -7.51 -29.60 -32.57
N ASP N 1830 -8.54 -28.89 -33.02
CA ASP N 1830 -8.90 -28.89 -34.42
C ASP N 1830 -7.85 -28.17 -35.25
N ILE N 1831 -7.59 -26.90 -34.94
CA ILE N 1831 -6.60 -26.16 -35.69
C ILE N 1831 -5.27 -26.88 -35.67
N HIS N 1832 -5.03 -27.66 -34.61
CA HIS N 1832 -3.76 -28.34 -34.43
C HIS N 1832 -3.63 -29.52 -35.36
N ARG N 1833 -4.59 -30.44 -35.30
CA ARG N 1833 -4.58 -31.56 -36.25
C ARG N 1833 -4.57 -31.04 -37.68
N GLN N 1834 -5.26 -29.93 -37.94
CA GLN N 1834 -5.34 -29.40 -39.30
C GLN N 1834 -4.00 -28.82 -39.75
N SER N 1835 -3.37 -28.01 -38.89
CA SER N 1835 -2.04 -27.51 -39.18
C SER N 1835 -1.08 -28.64 -39.39
N VAL N 1836 -1.19 -29.70 -38.59
CA VAL N 1836 -0.31 -30.84 -38.74
C VAL N 1836 -0.50 -31.48 -40.09
N GLY N 1837 -1.75 -31.60 -40.53
CA GLY N 1837 -2.00 -32.13 -41.87
C GLY N 1837 -1.40 -31.24 -42.95
N LYS N 1838 -1.66 -29.94 -42.88
CA LYS N 1838 -1.10 -29.02 -43.84
C LYS N 1838 0.42 -29.10 -43.88
N LEU N 1839 1.05 -29.30 -42.73
CA LEU N 1839 2.49 -29.47 -42.68
C LEU N 1839 2.91 -30.76 -43.39
N GLN N 1840 2.33 -31.89 -42.97
CA GLN N 1840 2.64 -33.15 -43.62
C GLN N 1840 2.31 -33.10 -45.10
N ASN N 1841 1.45 -32.17 -45.52
CA ASN N 1841 1.17 -31.93 -46.92
C ASN N 1841 1.69 -30.56 -47.34
N VAL N 1842 2.89 -30.20 -46.87
CA VAL N 1842 3.45 -28.88 -47.12
C VAL N 1842 3.38 -28.52 -48.59
N GLU N 1843 3.87 -29.40 -49.46
CA GLU N 1843 3.81 -29.13 -50.89
C GLU N 1843 2.39 -29.33 -51.41
N PRO N 1847 0.99 -17.51 -56.18
CA PRO N 1847 1.53 -16.48 -55.30
C PRO N 1847 0.57 -16.11 -54.17
N ASP N 1848 -0.73 -16.11 -54.45
CA ASP N 1848 -1.71 -15.78 -53.42
C ASP N 1848 -1.59 -16.72 -52.23
N GLU N 1849 -1.50 -18.02 -52.48
CA GLU N 1849 -1.24 -18.97 -51.40
C GLU N 1849 0.13 -18.74 -50.79
N ILE N 1850 1.14 -18.45 -51.61
CA ILE N 1850 2.48 -18.21 -51.08
C ILE N 1850 2.53 -16.89 -50.31
N LYS N 1851 1.80 -15.88 -50.79
CA LYS N 1851 1.78 -14.61 -50.09
C LYS N 1851 1.11 -14.74 -48.72
N GLU N 1852 -0.10 -15.28 -48.69
CA GLU N 1852 -0.79 -15.47 -47.41
C GLU N 1852 -0.09 -16.51 -46.54
N LEU N 1853 0.77 -17.36 -47.13
CA LEU N 1853 1.50 -18.36 -46.37
C LEU N 1853 2.80 -17.82 -45.78
N CYS N 1854 3.34 -16.74 -46.34
CA CYS N 1854 4.45 -16.05 -45.71
C CYS N 1854 4.01 -14.92 -44.81
N GLN N 1855 2.73 -14.55 -44.84
CA GLN N 1855 2.27 -13.31 -44.22
C GLN N 1855 2.22 -13.37 -42.70
N SER N 1856 2.20 -14.56 -42.11
CA SER N 1856 2.27 -14.68 -40.65
C SER N 1856 3.66 -15.02 -40.15
N GLU N 1857 4.57 -15.34 -41.06
CA GLU N 1857 5.96 -15.56 -40.72
C GLU N 1857 6.81 -14.41 -41.19
N THR N 1867 10.50 -20.48 -54.85
CA THR N 1867 9.52 -21.30 -54.17
C THR N 1867 10.16 -22.11 -53.06
N THR N 1868 11.48 -22.31 -53.14
CA THR N 1868 12.18 -23.10 -52.14
C THR N 1868 12.30 -22.35 -50.81
N GLN N 1869 12.63 -21.06 -50.87
CA GLN N 1869 12.61 -20.26 -49.66
C GLN N 1869 11.20 -20.06 -49.14
N LYS N 1870 10.23 -19.96 -50.06
CA LYS N 1870 8.83 -19.93 -49.64
C LYS N 1870 8.45 -21.20 -48.90
N TYR N 1871 8.82 -22.36 -49.47
CA TYR N 1871 8.53 -23.63 -48.81
C TYR N 1871 9.21 -23.71 -47.44
N GLY N 1872 10.47 -23.28 -47.35
CA GLY N 1872 11.14 -23.28 -46.07
C GLY N 1872 10.45 -22.39 -45.06
N LEU N 1873 10.11 -21.16 -45.48
CA LEU N 1873 9.39 -20.25 -44.61
C LEU N 1873 8.07 -20.85 -44.16
N ALA N 1874 7.40 -21.58 -45.05
CA ALA N 1874 6.13 -22.21 -44.70
C ALA N 1874 6.34 -23.29 -43.67
N ARG N 1875 7.34 -24.14 -43.86
CA ARG N 1875 7.68 -25.13 -42.86
C ARG N 1875 7.95 -24.47 -41.52
N ARG N 1876 8.67 -23.35 -41.55
CA ARG N 1876 8.98 -22.64 -40.31
C ARG N 1876 7.72 -22.17 -39.63
N ARG N 1877 6.91 -21.38 -40.33
CA ARG N 1877 5.69 -20.83 -39.74
C ARG N 1877 4.76 -21.92 -39.27
N LEU N 1878 4.65 -23.01 -40.03
CA LEU N 1878 3.72 -24.07 -39.65
C LEU N 1878 4.22 -24.81 -38.43
N VAL N 1879 5.53 -25.08 -38.35
CA VAL N 1879 6.07 -25.70 -37.15
C VAL N 1879 5.92 -24.76 -35.97
N LYS N 1880 6.04 -23.46 -36.21
CA LYS N 1880 5.83 -22.48 -35.16
C LYS N 1880 4.42 -22.56 -34.63
N LEU N 1881 3.44 -22.60 -35.55
CA LEU N 1881 2.06 -22.73 -35.12
C LEU N 1881 1.81 -24.08 -34.48
N ILE N 1882 2.51 -25.11 -34.94
CA ILE N 1882 2.39 -26.42 -34.32
C ILE N 1882 2.85 -26.36 -32.87
N ASN N 1883 3.96 -25.67 -32.64
CA ASN N 1883 4.46 -25.50 -31.28
C ASN N 1883 3.49 -24.66 -30.46
N SER N 1884 3.01 -23.56 -31.02
CA SER N 1884 2.07 -22.70 -30.31
C SER N 1884 0.82 -23.47 -29.93
N ARG N 1885 0.36 -24.32 -30.84
CA ARG N 1885 -0.80 -25.16 -30.55
C ARG N 1885 -0.48 -26.19 -29.49
N ALA N 1886 0.69 -26.84 -29.59
CA ALA N 1886 1.07 -27.82 -28.58
C ALA N 1886 1.16 -27.17 -27.22
N LYS N 1887 1.59 -25.91 -27.18
CA LYS N 1887 1.76 -25.22 -25.92
C LYS N 1887 0.42 -24.79 -25.35
N LEU N 1888 -0.40 -24.13 -26.17
CA LEU N 1888 -1.76 -23.84 -25.75
C LEU N 1888 -2.48 -25.11 -25.33
N LEU N 1889 -2.13 -26.23 -25.95
CA LEU N 1889 -2.80 -27.49 -25.64
C LEU N 1889 -2.37 -28.01 -24.29
N SER N 1890 -1.07 -28.10 -24.05
CA SER N 1890 -0.60 -28.53 -22.75
C SER N 1890 -1.07 -27.58 -21.67
N LEU N 1891 -1.04 -26.27 -21.95
CA LEU N 1891 -1.56 -25.29 -21.02
C LEU N 1891 -3.04 -25.51 -20.76
N CYS N 1892 -3.78 -25.88 -21.80
CA CYS N 1892 -5.14 -26.33 -21.59
C CYS N 1892 -5.16 -27.43 -20.57
N SER N 1893 -4.53 -28.57 -20.91
CA SER N 1893 -4.49 -29.72 -20.01
C SER N 1893 -4.25 -29.29 -18.58
N TYR N 1894 -3.29 -28.38 -18.39
CA TYR N 1894 -3.00 -27.91 -17.04
C TYR N 1894 -4.17 -27.13 -16.46
N ILE N 1895 -4.71 -26.18 -17.22
CA ILE N 1895 -5.79 -25.36 -16.71
C ILE N 1895 -6.96 -26.24 -16.31
N ILE N 1896 -7.28 -27.21 -17.14
CA ILE N 1896 -8.38 -28.13 -16.83
C ILE N 1896 -8.08 -28.88 -15.54
N GLU N 1897 -6.93 -29.55 -15.50
CA GLU N 1897 -6.65 -30.42 -14.35
C GLU N 1897 -6.60 -29.61 -13.07
N THR N 1898 -5.94 -28.46 -13.11
CA THR N 1898 -5.89 -27.61 -11.95
C THR N 1898 -7.29 -27.20 -11.53
N CYS N 1899 -8.06 -26.61 -12.44
CA CYS N 1899 -9.40 -26.17 -12.10
C CYS N 1899 -10.20 -27.30 -11.46
N LEU N 1900 -10.01 -28.53 -11.95
CA LEU N 1900 -10.68 -29.66 -11.34
C LEU N 1900 -10.25 -29.81 -9.89
N TYR N 1901 -8.95 -29.77 -9.63
CA TYR N 1901 -8.46 -29.92 -8.25
C TYR N 1901 -9.00 -28.80 -7.37
N ILE N 1902 -8.96 -27.57 -7.88
CA ILE N 1902 -9.39 -26.41 -7.09
C ILE N 1902 -10.87 -26.51 -6.76
N LEU N 1903 -11.70 -26.79 -7.76
CA LEU N 1903 -13.12 -26.95 -7.51
C LEU N 1903 -13.38 -28.06 -6.52
N TRP N 1904 -12.72 -29.21 -6.71
CA TRP N 1904 -12.95 -30.34 -5.81
C TRP N 1904 -12.69 -29.95 -4.37
N ARG N 1905 -11.54 -29.34 -4.11
CA ARG N 1905 -11.21 -29.01 -2.73
C ARG N 1905 -12.16 -27.95 -2.19
N HIS N 1906 -12.41 -26.90 -2.97
CA HIS N 1906 -13.30 -25.84 -2.51
C HIS N 1906 -14.69 -26.38 -2.21
N LEU N 1907 -15.17 -27.32 -3.00
CA LEU N 1907 -16.52 -27.82 -2.82
C LEU N 1907 -16.59 -28.76 -1.64
N GLU N 1908 -15.61 -29.64 -1.49
CA GLU N 1908 -15.58 -30.49 -0.31
C GLU N 1908 -15.61 -29.65 0.96
N TYR N 1909 -14.79 -28.60 1.01
CA TYR N 1909 -14.78 -27.75 2.20
C TYR N 1909 -16.07 -26.96 2.33
N TYR N 1910 -16.67 -26.56 1.20
CA TYR N 1910 -17.78 -25.61 1.23
C TYR N 1910 -19.12 -26.28 1.48
N LEU N 1911 -19.23 -27.59 1.22
CA LEU N 1911 -20.45 -28.30 1.57
C LEU N 1911 -20.28 -29.24 2.74
N LEU N 1912 -19.18 -29.99 2.80
CA LEU N 1912 -18.96 -30.95 3.86
C LEU N 1912 -18.55 -30.32 5.18
N HIS N 1913 -18.01 -29.10 5.15
CA HIS N 1913 -17.47 -28.48 6.35
C HIS N 1913 -17.78 -26.99 6.47
N CYS N 1914 -18.74 -26.48 5.73
CA CYS N 1914 -19.19 -25.10 5.95
C CYS N 1914 -20.40 -25.15 6.87
N THR N 1915 -20.21 -24.67 8.11
CA THR N 1915 -21.30 -24.65 9.13
C THR N 1915 -22.29 -23.54 8.79
N THR N 1916 -23.55 -23.91 8.50
CA THR N 1916 -24.61 -22.92 8.16
C THR N 1916 -25.29 -22.41 9.43
N GLN N 1957 -28.49 -22.70 2.87
CA GLN N 1957 -28.79 -22.50 1.45
C GLN N 1957 -27.56 -22.72 0.59
N ASP N 1958 -26.41 -22.23 1.07
CA ASP N 1958 -25.20 -22.25 0.26
C ASP N 1958 -24.85 -23.65 -0.21
N VAL N 1959 -24.80 -24.63 0.71
CA VAL N 1959 -24.40 -25.98 0.30
C VAL N 1959 -25.46 -26.60 -0.59
N ASP N 1960 -26.74 -26.33 -0.30
CA ASP N 1960 -27.80 -26.88 -1.12
C ASP N 1960 -27.78 -26.27 -2.51
N THR N 1961 -27.78 -24.94 -2.60
CA THR N 1961 -27.66 -24.29 -3.90
C THR N 1961 -26.39 -24.74 -4.61
N LEU N 1962 -25.37 -25.10 -3.85
CA LEU N 1962 -24.13 -25.59 -4.44
C LEU N 1962 -24.35 -26.94 -5.12
N LEU N 1963 -24.93 -27.89 -4.39
CA LEU N 1963 -25.27 -29.18 -5.01
C LEU N 1963 -26.15 -28.97 -6.23
N ARG N 1964 -27.08 -28.02 -6.16
CA ARG N 1964 -28.04 -27.81 -7.25
C ARG N 1964 -27.36 -27.24 -8.49
N GLU N 1965 -26.77 -26.06 -8.36
CA GLU N 1965 -26.03 -25.48 -9.47
C GLU N 1965 -24.86 -26.36 -9.92
N GLY N 1966 -24.44 -27.32 -9.10
CA GLY N 1966 -23.34 -28.17 -9.50
C GLY N 1966 -23.79 -29.32 -10.39
N ALA N 1967 -24.86 -30.01 -9.99
CA ALA N 1967 -25.46 -30.96 -10.90
C ALA N 1967 -25.94 -30.26 -12.16
N ASN N 1968 -26.23 -28.96 -12.07
CA ASN N 1968 -26.61 -28.20 -13.25
C ASN N 1968 -25.43 -27.89 -14.16
N SER N 1969 -24.32 -27.39 -13.61
CA SER N 1969 -23.23 -26.92 -14.44
C SER N 1969 -22.48 -28.06 -15.08
N PHE N 1970 -22.05 -29.04 -14.30
CA PHE N 1970 -21.35 -30.21 -14.86
C PHE N 1970 -22.35 -31.20 -15.42
N GLY N 1971 -23.30 -30.71 -16.20
CA GLY N 1971 -24.13 -31.58 -16.99
C GLY N 1971 -23.29 -32.47 -17.88
N GLU N 1972 -23.87 -33.60 -18.27
CA GLU N 1972 -23.12 -34.61 -19.01
C GLU N 1972 -22.41 -34.06 -20.24
N SER N 1973 -22.90 -32.94 -20.79
CA SER N 1973 -22.19 -32.33 -21.91
C SER N 1973 -20.75 -32.00 -21.53
N LEU N 1974 -20.58 -31.35 -20.38
CA LEU N 1974 -19.23 -31.04 -19.92
C LEU N 1974 -18.38 -32.30 -19.75
N GLN N 1975 -18.91 -33.30 -19.06
CA GLN N 1975 -18.12 -34.48 -18.75
C GLN N 1975 -17.76 -35.24 -20.02
N LYS N 1976 -18.72 -35.44 -20.91
CA LYS N 1976 -18.44 -36.12 -22.16
C LYS N 1976 -17.47 -35.32 -23.01
N ARG N 1977 -17.53 -33.99 -22.91
CA ARG N 1977 -16.54 -33.18 -23.61
C ARG N 1977 -15.15 -33.46 -23.06
N LEU N 1978 -15.04 -33.55 -21.74
CA LEU N 1978 -13.76 -33.83 -21.13
C LEU N 1978 -13.23 -35.19 -21.56
N LEU N 1979 -14.10 -36.20 -21.56
CA LEU N 1979 -13.65 -37.53 -21.96
C LEU N 1979 -13.33 -37.58 -23.44
N ASP N 1980 -14.09 -36.86 -24.27
CA ASP N 1980 -13.79 -36.79 -25.69
C ASP N 1980 -12.42 -36.20 -25.92
N ILE N 1981 -12.10 -35.11 -25.24
CA ILE N 1981 -10.78 -34.51 -25.38
C ILE N 1981 -9.70 -35.48 -24.89
N GLU N 1982 -9.87 -35.98 -23.67
CA GLU N 1982 -8.89 -36.90 -23.09
C GLU N 1982 -8.63 -38.08 -24.01
N SER N 1983 -9.63 -38.52 -24.76
CA SER N 1983 -9.38 -39.54 -25.75
C SER N 1983 -8.72 -38.97 -26.99
N LEU N 1984 -9.04 -37.74 -27.34
CA LEU N 1984 -8.50 -37.14 -28.55
C LEU N 1984 -7.00 -36.92 -28.47
N TYR N 1985 -6.54 -36.24 -27.43
CA TYR N 1985 -5.16 -35.82 -27.33
C TYR N 1985 -4.40 -36.51 -26.21
N CYS N 1986 -5.01 -36.69 -25.05
CA CYS N 1986 -4.29 -37.12 -23.86
C CYS N 1986 -3.64 -38.49 -24.01
N LYS N 1987 -4.23 -39.41 -24.76
CA LYS N 1987 -3.63 -40.72 -24.93
C LYS N 1987 -2.24 -40.65 -25.56
N VAL N 1988 -1.92 -39.55 -26.23
CA VAL N 1988 -0.64 -39.44 -26.93
C VAL N 1988 0.39 -38.60 -26.19
N ARG N 1989 0.09 -38.16 -24.98
CA ARG N 1989 1.05 -37.38 -24.20
C ARG N 1989 1.14 -37.76 -22.73
N SER N 1990 0.21 -38.54 -22.20
CA SER N 1990 0.22 -38.88 -20.78
C SER N 1990 -0.19 -40.34 -20.63
N ARG N 1991 0.51 -41.06 -19.76
CA ARG N 1991 0.19 -42.46 -19.55
C ARG N 1991 -1.08 -42.62 -18.72
N HIS N 1992 -1.56 -41.53 -18.14
CA HIS N 1992 -2.69 -41.58 -17.21
C HIS N 1992 -3.81 -40.68 -17.72
N SER N 1993 -4.98 -41.27 -17.96
CA SER N 1993 -6.16 -40.46 -18.18
C SER N 1993 -6.64 -39.93 -16.85
N PHE N 1994 -5.80 -39.12 -16.19
CA PHE N 1994 -6.14 -38.58 -14.88
C PHE N 1994 -7.45 -37.81 -14.93
N ILE N 1995 -7.74 -37.18 -16.08
CA ILE N 1995 -9.01 -36.49 -16.25
C ILE N 1995 -10.17 -37.44 -16.05
N GLN N 1996 -10.05 -38.68 -16.55
CA GLN N 1996 -11.11 -39.66 -16.33
C GLN N 1996 -11.36 -39.89 -14.85
N ALA N 1997 -10.29 -40.07 -14.08
CA ALA N 1997 -10.44 -40.24 -12.64
C ALA N 1997 -11.10 -39.04 -12.00
N LEU N 1998 -10.59 -37.83 -12.28
CA LEU N 1998 -11.16 -36.63 -11.68
C LEU N 1998 -12.63 -36.50 -12.04
N VAL N 1999 -13.01 -36.89 -13.26
CA VAL N 1999 -14.42 -36.88 -13.64
C VAL N 1999 -15.21 -37.84 -12.76
N ARG N 2000 -14.66 -39.04 -12.56
CA ARG N 2000 -15.34 -40.01 -11.71
C ARG N 2000 -15.58 -39.45 -10.31
N ARG N 2001 -14.55 -38.86 -9.72
CA ARG N 2001 -14.67 -38.39 -8.34
C ARG N 2001 -15.56 -37.17 -8.25
N ILE N 2002 -15.51 -36.30 -9.27
CA ILE N 2002 -16.40 -35.15 -9.29
C ILE N 2002 -17.84 -35.60 -9.34
N ARG N 2003 -18.13 -36.60 -10.16
CA ARG N 2003 -19.46 -37.18 -10.16
C ARG N 2003 -19.81 -37.74 -8.78
N GLY N 2004 -18.90 -38.54 -8.21
CA GLY N 2004 -19.20 -39.23 -6.98
C GLY N 2004 -19.45 -38.30 -5.82
N LEU N 2005 -18.78 -37.15 -5.78
CA LEU N 2005 -19.13 -36.15 -4.79
C LEU N 2005 -20.33 -35.32 -5.22
N LEU N 2006 -20.63 -35.31 -6.52
CA LEU N 2006 -21.77 -34.55 -7.02
C LEU N 2006 -23.09 -35.27 -6.81
N ARG N 2007 -23.12 -36.58 -7.01
CA ARG N 2007 -24.35 -37.35 -6.86
C ARG N 2007 -24.66 -37.65 -5.39
N THR O 11 36.32 -40.66 -98.44
CA THR O 11 36.91 -39.74 -97.49
C THR O 11 38.15 -40.35 -96.84
N SER O 12 39.22 -39.56 -96.78
CA SER O 12 40.50 -40.07 -96.32
C SER O 12 40.45 -40.49 -94.84
N ARG O 13 39.63 -39.82 -94.03
CA ARG O 13 39.49 -40.22 -92.64
C ARG O 13 39.06 -41.68 -92.53
N GLU O 14 38.11 -42.09 -93.37
CA GLU O 14 37.65 -43.47 -93.34
C GLU O 14 38.76 -44.43 -93.74
N LEU O 15 39.52 -44.09 -94.79
CA LEU O 15 40.62 -44.95 -95.22
C LEU O 15 41.64 -45.11 -94.10
N TRP O 16 42.01 -44.00 -93.47
CA TRP O 16 42.95 -44.07 -92.36
C TRP O 16 42.43 -44.95 -91.24
N THR O 17 41.20 -44.69 -90.78
CA THR O 17 40.63 -45.50 -89.71
C THR O 17 40.56 -46.97 -90.10
N ILE O 18 40.40 -47.26 -91.40
CA ILE O 18 40.39 -48.65 -91.84
C ILE O 18 41.77 -49.27 -91.71
N LEU O 19 42.79 -48.58 -92.22
CA LEU O 19 44.15 -49.07 -92.06
C LEU O 19 44.51 -49.23 -90.58
N LEU O 20 43.96 -48.37 -89.72
CA LEU O 20 44.20 -48.47 -88.29
C LEU O 20 43.37 -49.56 -87.63
N GLY O 21 42.56 -50.29 -88.40
CA GLY O 21 41.83 -51.41 -87.83
C GLY O 21 40.69 -51.05 -86.91
N ARG O 22 40.33 -49.78 -86.80
CA ARG O 22 39.20 -49.38 -85.99
C ARG O 22 37.86 -49.72 -86.62
N SER O 23 37.87 -50.45 -87.74
CA SER O 23 36.67 -50.79 -88.49
C SER O 23 36.38 -52.28 -88.41
N SER O 24 35.09 -52.62 -88.52
CA SER O 24 34.66 -54.00 -88.46
C SER O 24 35.11 -54.82 -89.67
N MET O 25 35.67 -54.19 -90.70
CA MET O 25 36.23 -54.93 -91.82
C MET O 25 37.60 -55.47 -91.39
N LYS O 26 37.69 -56.80 -91.23
CA LYS O 26 38.92 -57.42 -90.77
C LYS O 26 39.57 -58.33 -91.81
N ASP O 27 38.93 -58.53 -92.96
CA ASP O 27 39.47 -59.42 -94.00
C ASP O 27 40.54 -58.69 -94.80
N GLY O 28 41.65 -59.39 -95.05
CA GLY O 28 42.76 -58.77 -95.75
C GLY O 28 42.42 -58.34 -97.17
N TYR O 29 41.63 -59.16 -97.88
CA TYR O 29 41.27 -58.81 -99.24
C TYR O 29 40.50 -57.48 -99.30
N GLN O 30 39.63 -57.25 -98.33
CA GLN O 30 38.87 -55.99 -98.32
C GLN O 30 39.80 -54.80 -98.07
N ILE O 31 40.78 -54.96 -97.19
CA ILE O 31 41.75 -53.89 -96.97
C ILE O 31 42.53 -53.61 -98.24
N LYS O 32 42.91 -54.68 -98.95
CA LYS O 32 43.57 -54.51 -100.25
C LYS O 32 42.68 -53.76 -101.22
N ALA O 33 41.38 -54.05 -101.23
CA ALA O 33 40.48 -53.39 -102.16
C ALA O 33 40.30 -51.92 -101.79
N GLU O 34 40.23 -51.61 -100.50
CA GLU O 34 40.12 -50.21 -100.09
C GLU O 34 41.38 -49.43 -100.44
N LEU O 35 42.55 -50.05 -100.23
CA LEU O 35 43.78 -49.45 -100.68
C LEU O 35 43.76 -49.21 -102.18
N ASP O 36 43.25 -50.18 -102.94
CA ASP O 36 43.17 -50.02 -104.39
C ASP O 36 42.27 -48.85 -104.75
N ARG O 37 41.15 -48.71 -104.06
CA ARG O 37 40.22 -47.62 -104.38
C ARG O 37 40.84 -46.27 -104.07
N TYR O 38 41.50 -46.13 -102.91
CA TYR O 38 42.13 -44.87 -102.54
C TYR O 38 43.53 -44.71 -103.12
N GLY O 39 43.96 -45.62 -103.99
CA GLY O 39 45.31 -45.59 -104.51
C GLY O 39 45.66 -44.32 -105.25
N ASP O 40 44.77 -43.83 -106.10
CA ASP O 40 45.09 -42.65 -106.89
C ASP O 40 45.30 -41.43 -105.99
N ARG O 41 44.45 -41.28 -104.98
CA ARG O 41 44.60 -40.15 -104.05
C ARG O 41 45.86 -40.30 -103.21
N LEU O 42 46.11 -41.50 -102.69
CA LEU O 42 47.33 -41.72 -101.92
C LEU O 42 48.58 -41.43 -102.75
N LEU O 43 48.54 -41.79 -104.04
CA LEU O 43 49.70 -41.60 -104.90
C LEU O 43 49.89 -40.13 -105.26
N GLN O 44 48.82 -39.45 -105.62
CA GLN O 44 48.95 -38.04 -105.98
C GLN O 44 49.20 -37.16 -104.76
N GLY O 45 48.94 -37.65 -103.56
CA GLY O 45 49.25 -36.88 -102.36
C GLY O 45 48.41 -35.63 -102.26
N LEU O 46 49.04 -34.55 -101.79
CA LEU O 46 48.32 -33.30 -101.58
C LEU O 46 47.85 -32.69 -102.89
N ALA O 47 48.40 -33.13 -104.02
CA ALA O 47 47.98 -32.61 -105.30
C ALA O 47 46.57 -33.03 -105.68
N TYR O 48 45.92 -33.90 -104.89
CA TYR O 48 44.60 -34.38 -105.25
C TYR O 48 43.59 -33.24 -105.30
N TYR O 49 43.62 -32.35 -104.31
CA TYR O 49 42.72 -31.20 -104.27
C TYR O 49 43.18 -30.21 -105.31
N LYS O 50 42.46 -30.12 -106.41
CA LYS O 50 42.91 -29.24 -107.48
C LYS O 50 42.47 -27.80 -107.20
N PRO O 51 43.26 -26.82 -107.63
CA PRO O 51 42.83 -25.43 -107.51
C PRO O 51 41.61 -25.17 -108.36
N PRO O 52 40.98 -24.01 -108.22
CA PRO O 52 39.80 -23.71 -109.04
C PRO O 52 40.12 -23.79 -110.52
N SER O 53 39.17 -24.31 -111.28
CA SER O 53 39.30 -24.42 -112.73
C SER O 53 37.94 -24.15 -113.35
N THR O 54 37.95 -23.47 -114.50
CA THR O 54 36.70 -23.02 -115.09
C THR O 54 35.77 -24.18 -115.42
N ARG O 55 36.32 -25.29 -115.93
CA ARG O 55 35.47 -26.41 -116.32
C ARG O 55 34.76 -27.03 -115.12
N SER O 56 35.48 -27.22 -114.03
CA SER O 56 34.86 -27.79 -112.83
C SER O 56 33.79 -26.86 -112.28
N ALA O 57 34.01 -25.54 -112.34
CA ALA O 57 32.99 -24.61 -111.89
C ALA O 57 31.76 -24.67 -112.78
N ASP O 58 31.95 -24.72 -114.10
CA ASP O 58 30.82 -24.79 -115.01
C ASP O 58 30.06 -26.09 -114.84
N LYS O 59 30.75 -27.16 -114.45
CA LYS O 59 30.05 -28.40 -114.14
C LYS O 59 29.27 -28.28 -112.83
N VAL O 60 29.89 -27.67 -111.81
CA VAL O 60 29.21 -27.49 -110.53
C VAL O 60 27.93 -26.70 -110.73
N LYS O 61 27.96 -25.74 -111.64
CA LYS O 61 26.72 -25.06 -112.03
C LYS O 61 25.80 -25.99 -112.82
N ALA O 62 26.37 -26.74 -113.77
CA ALA O 62 25.59 -27.58 -114.67
C ALA O 62 25.19 -28.90 -114.05
N ASN O 63 25.80 -29.28 -112.92
CA ASN O 63 25.39 -30.52 -112.28
C ASN O 63 24.01 -30.30 -111.69
N LYS O 64 22.98 -30.67 -112.46
CA LYS O 64 21.60 -30.31 -112.14
C LYS O 64 21.08 -30.99 -110.88
N ASN O 65 21.79 -31.98 -110.36
CA ASN O 65 21.32 -32.65 -109.14
C ASN O 65 21.42 -31.77 -107.90
N LEU O 66 22.02 -30.59 -108.01
CA LEU O 66 22.31 -29.76 -106.84
C LEU O 66 21.27 -28.66 -106.69
N SER O 67 20.89 -28.40 -105.44
CA SER O 67 20.05 -27.25 -105.15
C SER O 67 20.86 -25.97 -105.36
N PRO O 68 20.25 -24.92 -105.91
CA PRO O 68 21.00 -23.68 -106.16
C PRO O 68 21.68 -23.13 -104.92
N ALA O 69 21.01 -23.15 -103.76
CA ALA O 69 21.66 -22.72 -102.54
C ALA O 69 22.92 -23.53 -102.29
N LEU O 70 22.88 -24.83 -102.57
CA LEU O 70 24.05 -25.68 -102.35
C LEU O 70 25.16 -25.34 -103.33
N GLN O 71 24.82 -25.15 -104.60
CA GLN O 71 25.85 -24.81 -105.59
C GLN O 71 26.49 -23.48 -105.27
N GLU O 72 25.71 -22.53 -104.77
CA GLU O 72 26.27 -21.24 -104.40
C GLU O 72 27.18 -21.36 -103.18
N LEU O 73 26.74 -22.10 -102.16
CA LEU O 73 27.60 -22.33 -101.01
C LEU O 73 28.90 -23.01 -101.45
N GLY O 74 28.80 -23.91 -102.43
CA GLY O 74 29.99 -24.59 -102.91
C GLY O 74 30.91 -23.68 -103.67
N LEU O 75 30.37 -22.79 -104.50
CA LEU O 75 31.20 -21.79 -105.15
C LEU O 75 31.88 -20.90 -104.12
N ARG O 76 31.15 -20.53 -103.07
CA ARG O 76 31.76 -19.75 -102.00
C ARG O 76 32.90 -20.52 -101.34
N LEU O 77 32.72 -21.82 -101.13
CA LEU O 77 33.77 -22.62 -100.54
C LEU O 77 34.98 -22.71 -101.45
N SER O 78 34.75 -22.96 -102.74
CA SER O 78 35.85 -23.04 -103.70
C SER O 78 36.62 -21.74 -103.75
N LYS O 79 35.92 -20.61 -103.65
CA LYS O 79 36.61 -19.34 -103.58
C LYS O 79 37.32 -19.17 -102.24
N PHE O 80 36.79 -19.79 -101.18
CA PHE O 80 37.36 -19.61 -99.86
C PHE O 80 38.68 -20.37 -99.70
N LEU O 81 38.73 -21.60 -100.17
CA LEU O 81 39.91 -22.43 -99.99
C LEU O 81 40.73 -22.60 -101.26
N ALA O 82 40.37 -21.89 -102.33
CA ALA O 82 41.10 -21.94 -103.59
C ALA O 82 41.19 -23.37 -104.13
N LEU O 83 40.15 -24.14 -103.89
CA LEU O 83 40.06 -25.51 -104.37
C LEU O 83 39.03 -25.59 -105.48
N ASP O 84 39.16 -26.61 -106.33
CA ASP O 84 38.23 -26.81 -107.42
C ASP O 84 36.79 -26.86 -106.91
N GLU O 85 35.87 -26.30 -107.69
CA GLU O 85 34.48 -26.22 -107.27
C GLU O 85 33.86 -27.62 -107.15
N GLU O 86 34.21 -28.52 -108.07
CA GLU O 86 33.66 -29.87 -108.02
C GLU O 86 34.12 -30.60 -106.77
N GLN O 87 35.42 -30.53 -106.48
CA GLN O 87 35.94 -31.13 -105.25
C GLN O 87 35.33 -30.45 -104.03
N SER O 88 35.07 -29.15 -104.11
CA SER O 88 34.40 -28.46 -103.02
C SER O 88 33.01 -29.02 -102.78
N VAL O 89 32.25 -29.24 -103.85
CA VAL O 89 30.91 -29.80 -103.71
C VAL O 89 30.98 -31.22 -103.15
N GLU O 90 31.92 -32.02 -103.62
CA GLU O 90 32.07 -33.38 -103.12
C GLU O 90 32.37 -33.37 -101.63
N LEU O 91 33.34 -32.57 -101.21
CA LEU O 91 33.68 -32.51 -99.79
C LEU O 91 32.52 -31.99 -98.97
N LEU O 92 31.76 -31.04 -99.51
CA LEU O 92 30.62 -30.50 -98.78
C LEU O 92 29.55 -31.57 -98.58
N GLN O 93 29.24 -32.31 -99.64
CA GLN O 93 28.27 -33.39 -99.49
C GLN O 93 28.78 -34.43 -98.50
N THR O 94 30.07 -34.71 -98.53
CA THR O 94 30.64 -35.68 -97.59
C THR O 94 30.44 -35.22 -96.15
N TYR O 95 30.77 -33.96 -95.88
CA TYR O 95 30.63 -33.45 -94.52
C TYR O 95 29.16 -33.43 -94.09
N LEU O 96 28.29 -32.89 -94.95
CA LEU O 96 26.89 -32.73 -94.56
C LEU O 96 26.17 -34.07 -94.48
N GLN O 97 26.71 -35.11 -95.12
CA GLN O 97 26.08 -36.42 -95.08
C GLN O 97 26.75 -37.35 -94.09
N TYR O 98 27.93 -36.98 -93.59
CA TYR O 98 28.68 -37.79 -92.65
C TYR O 98 29.11 -37.05 -91.40
N ASP O 99 29.39 -35.75 -91.50
CA ASP O 99 29.91 -34.99 -90.37
C ASP O 99 28.94 -33.96 -89.80
N TYR O 100 27.98 -33.48 -90.59
CA TYR O 100 27.03 -32.49 -90.11
C TYR O 100 26.34 -33.02 -88.87
N ARG O 101 26.39 -32.25 -87.78
CA ARG O 101 25.80 -32.68 -86.52
C ARG O 101 24.35 -32.24 -86.40
N GLY O 102 23.68 -32.10 -87.55
CA GLY O 102 22.30 -31.68 -87.56
C GLY O 102 21.49 -32.57 -88.48
N THR O 103 20.17 -32.46 -88.35
CA THR O 103 19.25 -33.28 -89.11
C THR O 103 19.33 -32.95 -90.60
N GLN O 104 18.93 -33.91 -91.43
CA GLN O 104 18.83 -33.66 -92.86
C GLN O 104 17.82 -32.56 -93.16
N GLU O 105 17.05 -32.13 -92.16
CA GLU O 105 16.11 -31.05 -92.38
C GLU O 105 16.80 -29.70 -92.46
N SER O 106 17.62 -29.36 -91.46
CA SER O 106 18.20 -28.03 -91.38
C SER O 106 19.15 -27.74 -92.53
N VAL O 107 19.63 -28.77 -93.23
CA VAL O 107 20.49 -28.55 -94.39
C VAL O 107 19.72 -27.87 -95.50
N LYS O 108 18.38 -27.89 -95.45
CA LYS O 108 17.59 -27.20 -96.46
C LYS O 108 17.67 -25.68 -96.29
N VAL O 109 17.87 -25.21 -95.06
CA VAL O 109 17.85 -23.78 -94.79
C VAL O 109 19.25 -23.22 -94.56
N LEU O 110 20.18 -24.01 -94.03
CA LEU O 110 21.51 -23.52 -93.73
C LEU O 110 22.21 -22.86 -94.91
N PRO O 111 21.93 -23.24 -96.16
CA PRO O 111 22.48 -22.47 -97.29
C PRO O 111 21.71 -21.19 -97.58
N GLN O 112 20.54 -21.01 -96.98
CA GLN O 112 19.81 -19.77 -97.09
C GLN O 112 20.14 -18.79 -95.99
N ASP O 113 20.30 -19.25 -94.76
CA ASP O 113 20.69 -18.40 -93.64
C ASP O 113 22.17 -18.06 -93.79
N GLU O 114 22.46 -16.78 -93.97
CA GLU O 114 23.83 -16.35 -94.18
C GLU O 114 24.74 -16.78 -93.03
N ARG O 115 24.25 -16.67 -91.79
CA ARG O 115 25.07 -17.04 -90.65
C ARG O 115 25.38 -18.53 -90.65
N GLN O 116 24.36 -19.36 -90.84
CA GLN O 116 24.59 -20.79 -90.92
C GLN O 116 25.48 -21.13 -92.10
N SER O 117 25.33 -20.43 -93.22
CA SER O 117 26.18 -20.69 -94.38
C SER O 117 27.64 -20.37 -94.07
N GLN O 118 27.89 -19.27 -93.36
CA GLN O 118 29.25 -18.92 -93.00
C GLN O 118 29.86 -19.93 -92.05
N ALA O 119 29.09 -20.36 -91.05
CA ALA O 119 29.60 -21.36 -90.13
C ALA O 119 29.90 -22.67 -90.85
N LEU O 120 29.03 -23.07 -91.77
CA LEU O 120 29.28 -24.26 -92.56
C LEU O 120 30.54 -24.10 -93.40
N MET O 121 30.76 -22.91 -93.96
CA MET O 121 31.97 -22.66 -94.74
C MET O 121 33.22 -22.84 -93.87
N LEU O 122 33.19 -22.30 -92.65
CA LEU O 122 34.34 -22.43 -91.76
C LEU O 122 34.61 -23.89 -91.42
N LYS O 123 33.58 -24.61 -91.00
CA LYS O 123 33.74 -26.03 -90.71
C LYS O 123 34.22 -26.79 -91.95
N MET O 124 33.80 -26.37 -93.14
CA MET O 124 34.21 -27.06 -94.34
C MET O 124 35.68 -26.83 -94.66
N ALA O 125 36.18 -25.61 -94.41
CA ALA O 125 37.61 -25.38 -94.58
C ALA O 125 38.40 -26.23 -93.61
N ASP O 126 37.96 -26.27 -92.36
CA ASP O 126 38.58 -27.17 -91.39
C ASP O 126 38.57 -28.60 -91.89
N TYR O 127 37.45 -29.02 -92.49
CA TYR O 127 37.32 -30.39 -92.97
C TYR O 127 38.30 -30.66 -94.10
N TYR O 128 38.47 -29.72 -95.02
CA TYR O 128 39.39 -29.93 -96.14
C TYR O 128 40.82 -30.07 -95.63
N TYR O 129 41.24 -29.15 -94.75
CA TYR O 129 42.58 -29.25 -94.19
C TYR O 129 42.76 -30.58 -93.47
N GLU O 130 41.79 -30.96 -92.64
CA GLU O 130 41.89 -32.22 -91.91
C GLU O 130 41.95 -33.39 -92.87
N GLU O 131 41.24 -33.31 -93.99
CA GLU O 131 41.27 -34.40 -94.95
C GLU O 131 42.65 -34.55 -95.56
N ARG O 132 43.29 -33.44 -95.90
CA ARG O 132 44.66 -33.50 -96.38
C ARG O 132 45.56 -34.15 -95.34
N ILE O 133 45.41 -33.72 -94.08
CA ILE O 133 46.23 -34.29 -93.01
C ILE O 133 45.97 -35.79 -92.89
N SER O 134 44.73 -36.21 -93.04
CA SER O 134 44.39 -37.63 -92.92
C SER O 134 45.05 -38.44 -94.02
N LEU O 135 45.01 -37.94 -95.26
CA LEU O 135 45.69 -38.63 -96.35
C LEU O 135 47.18 -38.77 -96.04
N LEU O 136 47.78 -37.70 -95.51
CA LEU O 136 49.20 -37.77 -95.16
C LEU O 136 49.44 -38.81 -94.07
N ARG O 137 48.56 -38.86 -93.06
CA ARG O 137 48.75 -39.82 -91.98
C ARG O 137 48.59 -41.24 -92.49
N CYS O 138 47.69 -41.45 -93.45
CA CYS O 138 47.52 -42.78 -94.04
C CYS O 138 48.78 -43.21 -94.76
N VAL O 139 49.34 -42.32 -95.59
CA VAL O 139 50.61 -42.63 -96.25
C VAL O 139 51.68 -42.93 -95.21
N LEU O 140 51.70 -42.16 -94.12
CA LEU O 140 52.68 -42.38 -93.06
C LEU O 140 52.57 -43.78 -92.49
N TYR O 141 51.36 -44.19 -92.13
CA TYR O 141 51.19 -45.52 -91.54
C TYR O 141 51.56 -46.61 -92.53
N ILE O 142 51.14 -46.46 -93.78
CA ILE O 142 51.44 -47.47 -94.79
C ILE O 142 52.94 -47.64 -94.95
N LEU O 143 53.68 -46.52 -94.89
CA LEU O 143 55.12 -46.63 -94.99
C LEU O 143 55.75 -47.16 -93.71
N ASN O 144 55.12 -46.88 -92.57
CA ASN O 144 55.73 -47.26 -91.29
C ASN O 144 55.48 -48.72 -90.97
N TYR O 145 54.54 -49.38 -91.65
CA TYR O 145 54.26 -50.79 -91.40
C TYR O 145 54.42 -51.68 -92.62
N PHE O 146 55.07 -51.20 -93.69
CA PHE O 146 55.12 -51.96 -94.93
C PHE O 146 56.04 -53.18 -94.86
N GLN O 147 56.93 -53.25 -93.87
CA GLN O 147 57.88 -54.35 -93.78
C GLN O 147 57.72 -55.17 -92.51
N ASP O 148 56.96 -54.68 -91.54
CA ASP O 148 56.76 -55.40 -90.27
C ASP O 148 55.79 -56.54 -90.53
N ASP O 149 56.30 -57.77 -90.48
CA ASP O 149 55.49 -58.94 -90.81
C ASP O 149 54.40 -59.22 -89.78
N LYS O 150 54.36 -58.47 -88.67
CA LYS O 150 53.38 -58.74 -87.62
C LYS O 150 52.05 -58.03 -87.85
N HIS O 151 52.02 -57.01 -88.70
CA HIS O 151 50.79 -56.25 -88.92
C HIS O 151 49.80 -57.09 -89.72
N PRO O 152 48.52 -57.10 -89.35
CA PRO O 152 47.57 -57.98 -90.03
C PRO O 152 47.48 -57.75 -91.53
N TYR O 153 47.75 -56.54 -92.01
CA TYR O 153 47.74 -56.24 -93.43
C TYR O 153 49.14 -55.98 -93.97
N SER O 154 50.12 -56.76 -93.54
CA SER O 154 51.51 -56.48 -93.88
C SER O 154 51.75 -56.58 -95.38
N ALA O 155 51.43 -57.72 -95.98
CA ALA O 155 51.72 -57.92 -97.40
C ALA O 155 50.88 -56.99 -98.27
N GLU O 156 49.64 -56.72 -97.86
CA GLU O 156 48.85 -55.72 -98.56
C GLU O 156 49.53 -54.36 -98.50
N PHE O 157 50.14 -54.04 -97.35
CA PHE O 157 50.85 -52.78 -97.22
C PHE O 157 52.06 -52.73 -98.13
N SER O 158 52.85 -53.81 -98.16
CA SER O 158 54.02 -53.85 -99.03
C SER O 158 53.61 -53.75 -100.50
N LYS O 159 52.46 -54.34 -100.84
CA LYS O 159 51.98 -54.27 -102.22
C LYS O 159 51.57 -52.85 -102.59
N CYS O 160 50.81 -52.19 -101.71
CA CYS O 160 50.44 -50.81 -101.97
C CYS O 160 51.68 -49.92 -102.04
N VAL O 161 52.67 -50.18 -101.19
CA VAL O 161 53.89 -49.37 -101.19
C VAL O 161 54.67 -49.59 -102.47
N GLU O 162 54.70 -50.84 -102.96
CA GLU O 162 55.36 -51.11 -104.23
C GLU O 162 54.63 -50.45 -105.38
N LEU O 163 53.30 -50.45 -105.35
CA LEU O 163 52.53 -49.77 -106.38
C LEU O 163 52.80 -48.27 -106.35
N MET O 164 53.03 -47.71 -105.16
CA MET O 164 53.35 -46.29 -105.05
C MET O 164 54.77 -46.00 -105.53
N GLU O 165 55.71 -46.88 -105.22
CA GLU O 165 57.12 -46.65 -105.59
C GLU O 165 57.32 -46.82 -107.08
N GLN O 166 56.62 -47.77 -107.70
CA GLN O 166 56.78 -48.00 -109.13
C GLN O 166 56.43 -46.78 -109.96
N LYS O 167 55.61 -45.88 -109.43
CA LYS O 167 55.22 -44.66 -110.12
C LYS O 167 55.90 -43.42 -109.54
N GLU O 168 57.07 -43.59 -108.91
CA GLU O 168 57.90 -42.48 -108.46
C GLU O 168 57.18 -41.58 -107.47
N LEU O 169 56.84 -42.15 -106.32
CA LEU O 169 56.27 -41.38 -105.22
C LEU O 169 57.25 -40.30 -104.76
N PHE O 170 58.55 -40.57 -104.90
CA PHE O 170 59.58 -39.67 -104.40
C PHE O 170 59.47 -38.29 -105.03
N GLY O 171 59.56 -38.23 -106.37
CA GLY O 171 59.49 -36.95 -107.05
C GLY O 171 58.19 -36.21 -106.81
N LYS O 172 57.08 -36.94 -106.76
CA LYS O 172 55.79 -36.30 -106.52
C LYS O 172 55.74 -35.66 -105.14
N TYR O 173 56.21 -36.37 -104.12
CA TYR O 173 56.22 -35.80 -102.78
C TYR O 173 57.19 -34.63 -102.68
N LEU O 174 58.33 -34.71 -103.37
CA LEU O 174 59.26 -33.59 -103.37
C LEU O 174 58.64 -32.35 -103.99
N LYS O 175 57.95 -32.53 -105.12
CA LYS O 175 57.33 -31.40 -105.79
C LYS O 175 56.20 -30.82 -104.95
N GLN O 176 55.42 -31.67 -104.29
CA GLN O 176 54.38 -31.16 -103.39
C GLN O 176 54.99 -30.39 -102.22
N PHE O 177 56.15 -30.85 -101.73
CA PHE O 177 56.85 -30.11 -100.69
C PHE O 177 57.24 -28.72 -101.17
N GLU O 178 57.86 -28.65 -102.36
CA GLU O 178 58.27 -27.36 -102.90
C GLU O 178 57.06 -26.44 -103.10
N SER O 179 55.97 -26.99 -103.64
CA SER O 179 54.78 -26.19 -103.87
C SER O 179 54.21 -25.65 -102.56
N LEU O 180 54.13 -26.50 -101.54
CA LEU O 180 53.64 -26.03 -100.24
C LEU O 180 54.63 -25.05 -99.62
N CYS O 181 55.88 -25.07 -100.05
CA CYS O 181 56.86 -24.13 -99.53
C CYS O 181 56.80 -22.77 -100.22
N ARG O 182 56.34 -22.71 -101.47
CA ARG O 182 56.34 -21.46 -102.22
C ARG O 182 54.94 -20.92 -102.49
N GLU O 183 53.96 -21.23 -101.65
CA GLU O 183 52.60 -20.73 -101.84
C GLU O 183 52.42 -19.42 -101.09
N GLU O 184 52.01 -18.38 -101.81
CA GLU O 184 51.75 -17.09 -101.17
C GLU O 184 50.60 -17.19 -100.18
N ALA O 185 50.71 -16.44 -99.09
CA ALA O 185 49.74 -16.54 -98.02
C ALA O 185 48.34 -16.22 -98.54
N PRO O 186 47.31 -16.92 -98.06
CA PRO O 186 45.96 -16.64 -98.53
C PRO O 186 45.54 -15.22 -98.19
N THR O 187 44.87 -14.58 -99.13
CA THR O 187 44.41 -13.20 -98.98
C THR O 187 42.92 -13.11 -99.24
N TRP O 188 42.27 -12.13 -98.58
CA TRP O 188 40.85 -11.91 -98.79
C TRP O 188 40.52 -11.60 -100.24
N GLU O 189 41.47 -11.04 -100.99
CA GLU O 189 41.24 -10.74 -102.40
C GLU O 189 41.07 -12.02 -103.20
N THR O 190 41.92 -13.01 -102.97
CA THR O 190 41.83 -14.27 -103.71
C THR O 190 40.92 -15.28 -103.01
N HIS O 191 40.73 -15.12 -101.72
CA HIS O 191 40.00 -16.11 -100.92
C HIS O 191 38.64 -15.64 -100.44
N GLY O 192 38.20 -14.46 -100.85
CA GLY O 192 36.86 -14.02 -100.49
C GLY O 192 36.78 -13.40 -99.11
N ASN O 193 35.54 -13.19 -98.67
CA ASN O 193 35.28 -12.44 -97.44
C ASN O 193 35.70 -13.18 -96.18
N PHE O 194 35.87 -14.50 -96.25
CA PHE O 194 36.10 -15.29 -95.04
C PHE O 194 37.57 -15.33 -94.63
N MET O 195 38.50 -15.01 -95.52
CA MET O 195 39.93 -15.20 -95.26
C MET O 195 40.44 -14.11 -94.32
N THR O 196 39.94 -14.17 -93.09
CA THR O 196 40.42 -13.27 -92.04
C THR O 196 41.82 -13.66 -91.63
N GLU O 197 42.40 -12.84 -90.74
CA GLU O 197 43.72 -13.14 -90.21
C GLU O 197 43.75 -14.51 -89.54
N ARG O 198 42.66 -14.85 -88.84
CA ARG O 198 42.54 -16.21 -88.31
C ARG O 198 42.71 -17.23 -89.42
N GLN O 199 42.07 -17.00 -90.56
CA GLN O 199 42.19 -17.92 -91.68
C GLN O 199 43.58 -17.88 -92.31
N VAL O 200 44.22 -16.71 -92.34
CA VAL O 200 45.58 -16.63 -92.86
C VAL O 200 46.50 -17.49 -92.02
N SER O 201 46.44 -17.32 -90.69
CA SER O 201 47.26 -18.12 -89.80
C SER O 201 46.92 -19.59 -89.91
N ARG O 202 45.64 -19.91 -90.10
CA ARG O 202 45.24 -21.31 -90.24
C ARG O 202 45.86 -21.93 -91.48
N TRP O 203 45.74 -21.26 -92.63
CA TRP O 203 46.36 -21.77 -93.85
C TRP O 203 47.87 -21.87 -93.70
N PHE O 204 48.47 -20.93 -92.97
CA PHE O 204 49.91 -20.98 -92.76
C PHE O 204 50.32 -22.20 -91.94
N VAL O 205 49.66 -22.42 -90.80
CA VAL O 205 49.94 -23.59 -89.98
C VAL O 205 49.68 -24.86 -90.76
N GLN O 206 48.65 -24.84 -91.62
CA GLN O 206 48.35 -26.01 -92.42
C GLN O 206 49.48 -26.31 -93.40
N ARG O 207 49.99 -25.29 -94.08
CA ARG O 207 51.12 -25.49 -94.98
C ARG O 207 52.34 -25.98 -94.20
N LEU O 208 52.52 -25.47 -92.98
CA LEU O 208 53.64 -25.91 -92.16
C LEU O 208 53.52 -27.39 -91.81
N ARG O 209 52.34 -27.81 -91.41
CA ARG O 209 52.12 -29.22 -91.09
C ARG O 209 52.32 -30.09 -92.32
N GLU O 210 51.86 -29.61 -93.48
CA GLU O 210 52.08 -30.36 -94.71
C GLU O 210 53.56 -30.52 -95.01
N GLN O 211 54.33 -29.44 -94.85
CA GLN O 211 55.77 -29.53 -95.05
C GLN O 211 56.39 -30.54 -94.10
N ALA O 212 56.02 -30.47 -92.82
CA ALA O 212 56.60 -31.37 -91.83
C ALA O 212 56.28 -32.83 -92.15
N MET O 213 55.02 -33.12 -92.48
CA MET O 213 54.63 -34.49 -92.77
C MET O 213 55.29 -34.98 -94.05
N LEU O 214 55.41 -34.13 -95.07
CA LEU O 214 56.07 -34.53 -96.29
C LEU O 214 57.54 -34.84 -96.05
N LEU O 215 58.20 -34.02 -95.23
CA LEU O 215 59.62 -34.28 -94.94
C LEU O 215 59.79 -35.56 -94.14
N GLU O 216 58.90 -35.82 -93.19
CA GLU O 216 58.95 -37.08 -92.45
C GLU O 216 58.75 -38.26 -93.40
N ILE O 217 57.80 -38.15 -94.32
CA ILE O 217 57.56 -39.22 -95.28
C ILE O 217 58.78 -39.44 -96.16
N ILE O 218 59.44 -38.35 -96.56
CA ILE O 218 60.65 -38.49 -97.36
C ILE O 218 61.73 -39.20 -96.57
N PHE O 219 61.89 -38.85 -95.29
CA PHE O 219 62.88 -39.49 -94.45
C PHE O 219 62.61 -40.99 -94.35
N LEU O 220 61.36 -41.36 -94.08
CA LEU O 220 61.03 -42.78 -93.96
C LEU O 220 61.23 -43.51 -95.27
N TYR O 221 60.86 -42.90 -96.39
CA TYR O 221 61.01 -43.56 -97.69
C TYR O 221 62.49 -43.77 -98.02
N PHE O 222 63.32 -42.76 -97.74
CA PHE O 222 64.75 -42.92 -97.98
C PHE O 222 65.34 -43.98 -97.07
N ALA O 223 64.88 -44.04 -95.81
CA ALA O 223 65.29 -45.13 -94.94
C ALA O 223 64.77 -46.47 -95.42
N CYS O 224 63.76 -46.47 -96.29
CA CYS O 224 63.21 -47.70 -96.85
C CYS O 224 63.80 -48.03 -98.22
N PHE O 225 64.13 -47.04 -99.02
CA PHE O 225 64.77 -47.25 -100.31
C PHE O 225 65.88 -46.22 -100.46
N ALA O 226 67.05 -46.66 -100.91
CA ALA O 226 68.21 -45.79 -101.03
C ALA O 226 67.87 -44.53 -101.84
N ALA O 227 68.03 -43.38 -101.21
CA ALA O 227 67.82 -42.12 -101.91
C ALA O 227 69.03 -41.79 -102.77
N SER O 228 68.78 -41.52 -104.04
CA SER O 228 69.88 -41.30 -104.98
C SER O 228 70.53 -39.95 -104.75
N PRO O 229 71.78 -39.78 -105.20
CA PRO O 229 72.51 -38.54 -104.88
C PRO O 229 71.95 -37.31 -105.54
N SER O 230 71.35 -37.43 -106.73
CA SER O 230 70.81 -36.25 -107.39
C SER O 230 69.60 -35.70 -106.63
N ASP O 231 68.70 -36.59 -106.20
CA ASP O 231 67.59 -36.16 -105.37
C ASP O 231 68.10 -35.55 -104.07
N LEU O 232 69.21 -36.06 -103.54
CA LEU O 232 69.76 -35.51 -102.31
C LEU O 232 70.31 -34.11 -102.54
N LEU O 233 70.95 -33.87 -103.69
CA LEU O 233 71.45 -32.54 -103.99
C LEU O 233 70.30 -31.57 -104.20
N ALA O 234 69.25 -32.01 -104.89
CA ALA O 234 68.06 -31.18 -105.03
C ALA O 234 67.45 -30.86 -103.66
N LEU O 235 67.43 -31.86 -102.77
CA LEU O 235 66.89 -31.65 -101.44
C LEU O 235 67.74 -30.65 -100.66
N THR O 236 69.06 -30.75 -100.78
CA THR O 236 69.93 -29.82 -100.06
C THR O 236 69.76 -28.40 -100.59
N LYS O 237 69.64 -28.24 -101.91
CA LYS O 237 69.40 -26.92 -102.47
C LYS O 237 68.05 -26.35 -102.03
N LEU O 238 67.03 -27.20 -101.98
CA LEU O 238 65.71 -26.75 -101.56
C LEU O 238 65.72 -26.35 -100.10
N PHE O 239 66.29 -27.19 -99.23
CA PHE O 239 66.41 -26.84 -97.82
C PHE O 239 67.28 -25.62 -97.64
N LYS O 240 68.18 -25.34 -98.59
CA LYS O 240 68.97 -24.12 -98.54
C LYS O 240 68.11 -22.91 -98.84
N GLU O 241 67.32 -22.96 -99.91
CA GLU O 241 66.45 -21.83 -100.24
C GLU O 241 65.51 -21.51 -99.10
N GLN O 242 64.84 -22.53 -98.54
CA GLN O 242 64.03 -22.34 -97.35
C GLN O 242 64.86 -22.23 -96.09
N GLY O 243 66.17 -22.39 -96.19
CA GLY O 243 67.04 -22.24 -95.03
C GLY O 243 66.69 -23.18 -93.88
N PHE O 244 66.57 -24.47 -94.18
CA PHE O 244 66.20 -25.47 -93.18
C PHE O 244 64.91 -25.10 -92.46
N GLY O 245 64.02 -24.37 -93.15
CA GLY O 245 62.78 -23.92 -92.56
C GLY O 245 62.85 -22.56 -91.91
N CYS O 246 63.96 -21.83 -92.07
CA CYS O 246 64.09 -20.53 -91.43
C CYS O 246 63.79 -19.36 -92.36
N ARG O 247 64.07 -19.50 -93.66
CA ARG O 247 63.77 -18.43 -94.61
C ARG O 247 62.47 -18.72 -95.32
N LEU O 248 61.37 -18.78 -94.57
CA LEU O 248 60.09 -19.15 -95.13
C LEU O 248 59.44 -17.97 -95.83
N GLN O 249 58.82 -18.25 -96.98
CA GLN O 249 58.15 -17.18 -97.75
C GLN O 249 57.12 -16.44 -96.91
N ASN O 250 56.44 -17.14 -96.02
CA ASN O 250 55.47 -16.53 -95.11
C ASN O 250 55.92 -16.59 -93.65
N HIS O 251 57.23 -16.51 -93.41
CA HIS O 251 57.76 -16.67 -92.06
C HIS O 251 57.21 -15.62 -91.09
N HIS O 252 56.55 -14.59 -91.60
CA HIS O 252 56.06 -13.52 -90.75
C HIS O 252 54.88 -13.93 -89.88
N LEU O 253 54.10 -14.91 -90.29
CA LEU O 253 52.84 -15.23 -89.61
C LEU O 253 53.01 -16.24 -88.47
N VAL O 254 54.20 -16.77 -88.25
CA VAL O 254 54.40 -17.82 -87.26
C VAL O 254 54.43 -17.19 -85.87
N GLU O 255 53.56 -17.64 -84.99
CA GLU O 255 53.52 -17.25 -83.59
C GLU O 255 54.22 -18.29 -82.73
N PRO O 256 54.38 -18.02 -81.44
CA PRO O 256 55.13 -18.96 -80.58
C PRO O 256 54.54 -20.36 -80.52
N SER O 257 53.26 -20.52 -80.84
CA SER O 257 52.66 -21.85 -80.80
C SER O 257 53.10 -22.71 -81.98
N MET O 258 53.75 -22.13 -82.98
CA MET O 258 54.16 -22.85 -84.17
C MET O 258 55.64 -23.20 -84.21
N ASP O 259 56.42 -22.75 -83.23
CA ASP O 259 57.87 -22.94 -83.27
C ASP O 259 58.29 -24.39 -83.42
N PRO O 260 57.74 -25.36 -82.66
CA PRO O 260 58.25 -26.74 -82.77
C PRO O 260 58.07 -27.33 -84.16
N LEU O 261 57.08 -26.86 -84.93
CA LEU O 261 56.92 -27.35 -86.29
C LEU O 261 58.15 -27.04 -87.14
N VAL O 262 58.65 -25.80 -87.07
CA VAL O 262 59.85 -25.43 -87.80
C VAL O 262 60.99 -26.38 -87.46
N GLU O 263 61.28 -26.56 -86.17
CA GLU O 263 62.30 -27.52 -85.77
C GLU O 263 62.02 -28.89 -86.37
N ARG O 264 60.75 -29.30 -86.37
CA ARG O 264 60.38 -30.54 -87.05
C ARG O 264 60.78 -30.47 -88.51
N ILE O 265 60.32 -29.43 -89.22
CA ILE O 265 60.75 -29.21 -90.59
C ILE O 265 62.28 -29.13 -90.64
N GLY O 266 62.87 -28.59 -89.58
CA GLY O 266 64.32 -28.60 -89.48
C GLY O 266 64.87 -30.01 -89.33
N TYR O 267 64.34 -30.76 -88.35
CA TYR O 267 64.92 -32.05 -87.99
C TYR O 267 64.97 -33.00 -89.17
N PHE O 268 63.83 -33.19 -89.85
CA PHE O 268 63.84 -34.03 -91.04
C PHE O 268 64.82 -33.52 -92.07
N SER O 269 64.89 -32.20 -92.27
CA SER O 269 65.87 -31.63 -93.18
C SER O 269 67.28 -32.10 -92.83
N ILE O 270 67.58 -32.20 -91.54
CA ILE O 270 68.82 -32.84 -91.12
C ILE O 270 68.79 -34.32 -91.44
N LEU O 271 67.78 -35.03 -90.92
CA LEU O 271 67.68 -36.47 -91.14
C LEU O 271 67.70 -36.80 -92.62
N ILE O 272 66.88 -36.11 -93.42
CA ILE O 272 66.86 -36.36 -94.85
C ILE O 272 68.24 -36.17 -95.44
N PHE O 273 68.98 -35.15 -94.99
CA PHE O 273 70.35 -34.98 -95.44
C PHE O 273 71.23 -36.10 -94.91
N LEU O 274 71.03 -36.49 -93.64
CA LEU O 274 71.81 -37.58 -93.07
C LEU O 274 71.41 -38.92 -93.67
N GLU O 275 70.11 -39.17 -93.81
CA GLU O 275 69.65 -40.45 -94.34
C GLU O 275 70.07 -40.63 -95.79
N ALA O 276 70.04 -39.56 -96.58
CA ALA O 276 70.50 -39.65 -97.96
C ALA O 276 72.00 -39.92 -98.05
N LEU O 277 72.74 -39.71 -96.96
CA LEU O 277 74.18 -39.96 -96.97
C LEU O 277 74.51 -41.42 -96.67
N ASP O 278 73.61 -42.16 -96.04
CA ASP O 278 73.76 -43.59 -95.77
C ASP O 278 75.11 -43.88 -95.12
N MET O 279 75.26 -43.37 -93.90
CA MET O 279 76.52 -43.51 -93.17
C MET O 279 76.93 -44.95 -92.99
N ASP O 280 75.99 -45.89 -92.97
CA ASP O 280 76.32 -47.29 -92.72
C ASP O 280 77.18 -47.86 -93.86
N THR O 281 76.74 -47.68 -95.10
CA THR O 281 77.51 -48.20 -96.22
C THR O 281 78.86 -47.49 -96.33
N LEU O 282 78.91 -46.21 -95.97
CA LEU O 282 80.18 -45.49 -96.03
C LEU O 282 81.16 -46.05 -94.99
N MET O 283 80.68 -46.29 -93.78
CA MET O 283 81.53 -46.88 -92.75
C MET O 283 82.03 -48.25 -93.20
N THR O 284 81.13 -49.09 -93.72
CA THR O 284 81.54 -50.43 -94.14
C THR O 284 82.53 -50.37 -95.29
N CYS O 285 82.34 -49.43 -96.23
CA CYS O 285 83.24 -49.31 -97.36
C CYS O 285 84.62 -48.85 -96.90
N SER O 286 84.69 -47.85 -96.04
CA SER O 286 85.98 -47.41 -95.51
C SER O 286 86.65 -48.54 -94.74
N LEU O 287 85.86 -49.34 -94.02
CA LEU O 287 86.44 -50.45 -93.26
C LEU O 287 86.97 -51.56 -94.17
N SER O 288 86.35 -51.75 -95.33
CA SER O 288 86.70 -52.86 -96.21
C SER O 288 87.55 -52.46 -97.41
N ASP O 289 87.89 -51.17 -97.53
CA ASP O 289 88.75 -50.67 -98.61
C ASP O 289 88.06 -50.77 -99.97
N LYS O 290 86.74 -50.56 -100.02
CA LYS O 290 86.00 -50.54 -101.27
C LYS O 290 85.04 -49.35 -101.33
N ILE O 291 85.55 -48.15 -101.03
CA ILE O 291 84.71 -46.95 -100.99
C ILE O 291 84.04 -46.68 -102.33
N GLU O 292 84.58 -47.23 -103.42
CA GLU O 292 84.00 -47.02 -104.74
C GLU O 292 82.58 -47.55 -104.84
N GLN O 293 82.16 -48.44 -103.92
CA GLN O 293 80.79 -48.93 -103.91
C GLN O 293 79.82 -47.94 -103.29
N HIS O 294 80.32 -46.85 -102.71
CA HIS O 294 79.40 -45.86 -102.19
C HIS O 294 78.78 -45.07 -103.34
N PRO O 295 77.49 -44.74 -103.24
CA PRO O 295 76.83 -44.03 -104.35
C PRO O 295 77.40 -42.65 -104.64
N PHE O 296 78.37 -42.19 -103.86
CA PHE O 296 78.94 -40.86 -104.05
C PHE O 296 80.30 -40.89 -104.75
N SER O 297 80.84 -42.06 -105.04
CA SER O 297 82.22 -42.13 -105.56
C SER O 297 82.30 -41.69 -107.01
N SER O 298 81.55 -42.31 -107.91
CA SER O 298 81.61 -41.98 -109.32
C SER O 298 80.92 -40.65 -109.64
N GLU O 299 80.20 -40.07 -108.69
CA GLU O 299 79.47 -38.83 -108.94
C GLU O 299 80.30 -37.62 -108.52
N GLU O 300 81.26 -37.23 -109.35
CA GLU O 300 82.09 -36.07 -109.03
C GLU O 300 81.29 -34.77 -109.04
N GLN O 301 80.39 -34.61 -110.01
CA GLN O 301 79.71 -33.33 -110.17
C GLN O 301 78.78 -33.03 -109.01
N VAL O 302 78.01 -34.02 -108.57
CA VAL O 302 77.10 -33.82 -107.45
C VAL O 302 77.90 -33.47 -106.20
N CYS O 303 79.03 -34.13 -105.99
CA CYS O 303 79.86 -33.84 -104.83
C CYS O 303 80.40 -32.42 -104.89
N LYS O 304 80.87 -31.99 -106.05
CA LYS O 304 81.44 -30.64 -106.17
C LYS O 304 80.37 -29.57 -105.98
N GLU O 305 79.18 -29.76 -106.58
CA GLU O 305 78.13 -28.77 -106.44
C GLU O 305 77.58 -28.74 -105.01
N MET O 306 77.41 -29.91 -104.40
CA MET O 306 76.98 -29.96 -103.01
C MET O 306 78.02 -29.34 -102.10
N ASP O 307 79.31 -29.44 -102.48
CA ASP O 307 80.34 -28.75 -101.72
C ASP O 307 80.18 -27.23 -101.85
N SER O 308 80.04 -26.75 -103.08
CA SER O 308 79.82 -25.32 -103.29
C SER O 308 78.59 -24.82 -102.54
N ILE O 309 77.61 -25.69 -102.34
CA ILE O 309 76.40 -25.29 -101.62
C ILE O 309 76.64 -25.32 -100.11
N LEU O 310 77.00 -26.48 -99.56
CA LEU O 310 77.15 -26.63 -98.12
C LEU O 310 78.31 -25.82 -97.57
N VAL O 311 79.19 -25.29 -98.44
CA VAL O 311 80.27 -24.45 -97.95
C VAL O 311 79.74 -23.17 -97.33
N THR O 312 78.63 -22.64 -97.83
CA THR O 312 78.07 -21.41 -97.30
C THR O 312 77.36 -21.60 -95.98
N LEU O 313 77.13 -22.84 -95.55
CA LEU O 313 76.45 -23.08 -94.29
C LEU O 313 77.39 -22.78 -93.14
N GLY O 314 76.82 -22.77 -91.93
CA GLY O 314 77.58 -22.48 -90.74
C GLY O 314 76.85 -21.47 -89.88
N ASP O 315 75.69 -21.03 -90.35
CA ASP O 315 74.95 -19.94 -89.72
C ASP O 315 73.87 -20.43 -88.77
N VAL O 316 73.30 -21.61 -88.97
CA VAL O 316 72.19 -22.07 -88.16
C VAL O 316 72.50 -23.47 -87.64
N PRO O 317 72.00 -23.85 -86.46
CA PRO O 317 72.33 -25.18 -85.92
C PRO O 317 71.94 -26.33 -86.81
N HIS O 318 70.91 -26.17 -87.64
CA HIS O 318 70.53 -27.26 -88.54
C HIS O 318 71.57 -27.50 -89.61
N HIS O 319 72.54 -26.60 -89.75
CA HIS O 319 73.65 -26.85 -90.66
C HIS O 319 74.77 -27.64 -89.99
N GLY O 320 74.60 -28.01 -88.72
CA GLY O 320 75.59 -28.78 -88.02
C GLY O 320 75.83 -30.15 -88.61
N PRO O 321 74.82 -31.02 -88.54
CA PRO O 321 75.04 -32.42 -88.96
C PRO O 321 75.34 -32.57 -90.44
N VAL O 322 74.62 -31.87 -91.30
CA VAL O 322 74.80 -32.03 -92.75
C VAL O 322 76.23 -31.69 -93.14
N LEU O 323 76.77 -30.61 -92.59
CA LEU O 323 78.15 -30.23 -92.90
C LEU O 323 79.13 -31.25 -92.36
N LEU O 324 78.77 -31.95 -91.27
CA LEU O 324 79.67 -32.95 -90.72
C LEU O 324 79.74 -34.18 -91.60
N ALA O 325 78.61 -34.87 -91.78
CA ALA O 325 78.59 -36.10 -92.58
C ALA O 325 79.15 -35.85 -93.97
N TRP O 326 78.71 -34.77 -94.63
CA TRP O 326 79.24 -34.43 -95.95
C TRP O 326 80.75 -34.27 -95.89
N ALA O 327 81.26 -33.57 -94.88
CA ALA O 327 82.71 -33.54 -94.67
C ALA O 327 83.25 -34.94 -94.47
N LEU O 328 82.61 -35.71 -93.58
CA LEU O 328 82.90 -37.13 -93.49
C LEU O 328 82.87 -37.78 -94.87
N LEU O 329 81.82 -37.50 -95.64
CA LEU O 329 81.76 -37.98 -97.02
C LEU O 329 83.01 -37.59 -97.79
N ARG O 330 83.35 -36.30 -97.78
CA ARG O 330 84.54 -35.85 -98.48
C ARG O 330 85.78 -36.53 -97.93
N PHE O 331 85.76 -36.90 -96.66
CA PHE O 331 86.87 -37.65 -96.09
C PHE O 331 86.98 -39.04 -96.70
N THR O 332 85.86 -39.73 -96.86
CA THR O 332 85.90 -41.13 -97.26
C THR O 332 86.13 -41.26 -98.76
N LEU O 333 85.47 -40.43 -99.56
CA LEU O 333 85.56 -40.57 -101.01
C LEU O 333 86.94 -40.20 -101.55
N ASN O 334 87.69 -39.36 -100.83
CA ASN O 334 89.02 -38.93 -101.26
C ASN O 334 89.79 -38.41 -100.05
N PRO O 335 90.48 -39.29 -99.33
CA PRO O 335 91.26 -38.83 -98.17
C PRO O 335 92.38 -37.87 -98.54
N ASP O 336 92.97 -38.03 -99.72
CA ASP O 336 94.09 -37.19 -100.11
C ASP O 336 93.66 -35.92 -100.84
N LYS O 337 92.40 -35.84 -101.27
CA LYS O 337 91.91 -34.70 -102.03
C LYS O 337 91.09 -33.75 -101.17
N VAL O 338 91.37 -33.73 -99.86
CA VAL O 338 90.65 -32.88 -98.93
C VAL O 338 91.12 -31.43 -99.09
N THR O 339 90.31 -30.62 -99.77
CA THR O 339 90.58 -29.19 -99.84
C THR O 339 90.22 -28.53 -98.51
N SER O 340 90.63 -27.27 -98.37
CA SER O 340 90.28 -26.52 -97.17
C SER O 340 88.78 -26.41 -96.97
N ALA O 341 88.00 -26.65 -98.03
CA ALA O 341 86.55 -26.60 -97.93
C ALA O 341 86.04 -27.57 -96.87
N VAL O 342 86.44 -28.84 -96.97
CA VAL O 342 85.94 -29.84 -96.03
C VAL O 342 86.47 -29.57 -94.63
N ARG O 343 87.69 -29.04 -94.52
CA ARG O 343 88.24 -28.72 -93.21
C ARG O 343 87.44 -27.62 -92.54
N LYS O 344 87.10 -26.58 -93.30
CA LYS O 344 86.24 -25.53 -92.77
C LYS O 344 84.87 -26.08 -92.41
N MET O 345 84.36 -26.98 -93.24
CA MET O 345 83.07 -27.62 -92.94
C MET O 345 83.12 -28.35 -91.61
N GLY O 346 84.23 -29.06 -91.35
CA GLY O 346 84.35 -29.81 -90.12
C GLY O 346 84.52 -28.92 -88.91
N SER O 347 85.36 -27.88 -89.03
CA SER O 347 85.47 -26.91 -87.95
C SER O 347 84.14 -26.25 -87.67
N THR O 348 83.34 -26.03 -88.70
CA THR O 348 82.01 -25.46 -88.50
C THR O 348 81.10 -26.42 -87.78
N ALA O 349 81.05 -27.68 -88.24
CA ALA O 349 80.18 -28.67 -87.62
C ALA O 349 80.51 -28.85 -86.15
N ILE O 350 81.81 -28.93 -85.82
CA ILE O 350 82.21 -28.98 -84.41
C ILE O 350 81.81 -27.68 -83.71
N GLN O 351 81.87 -26.57 -84.44
CA GLN O 351 81.54 -25.28 -83.85
C GLN O 351 80.04 -25.09 -83.68
N LEU O 352 79.21 -25.84 -84.39
CA LEU O 352 77.77 -25.63 -84.37
C LEU O 352 77.08 -26.36 -83.22
N HIS O 353 77.83 -26.98 -82.32
CA HIS O 353 77.27 -27.73 -81.19
C HIS O 353 76.30 -28.80 -81.69
N LEU O 354 76.64 -29.42 -82.82
CA LEU O 354 75.73 -30.35 -83.47
C LEU O 354 75.35 -31.51 -82.56
N PHE O 355 76.19 -31.81 -81.57
CA PHE O 355 75.88 -32.90 -80.67
C PHE O 355 74.61 -32.63 -79.87
N GLN O 356 74.55 -31.47 -79.20
CA GLN O 356 73.32 -31.12 -78.49
C GLN O 356 72.16 -30.95 -79.46
N TYR O 357 72.46 -30.58 -80.70
CA TYR O 357 71.40 -30.46 -81.71
C TYR O 357 70.75 -31.82 -81.96
N LEU O 358 71.56 -32.85 -82.20
CA LEU O 358 71.01 -34.18 -82.37
C LEU O 358 70.34 -34.65 -81.09
N THR O 359 70.88 -34.27 -79.93
CA THR O 359 70.27 -34.65 -78.66
C THR O 359 68.84 -34.13 -78.55
N ARG O 360 68.67 -32.82 -78.77
CA ARG O 360 67.34 -32.23 -78.66
C ARG O 360 66.42 -32.72 -79.77
N MET O 361 66.96 -32.94 -80.98
CA MET O 361 66.15 -33.47 -82.07
C MET O 361 65.61 -34.85 -81.70
N LEU O 362 66.46 -35.70 -81.15
CA LEU O 362 66.01 -37.04 -80.77
C LEU O 362 65.01 -36.97 -79.62
N GLN O 363 65.26 -36.10 -78.63
CA GLN O 363 64.33 -35.96 -77.52
C GLN O 363 62.95 -35.52 -78.01
N SER O 364 62.90 -34.52 -78.89
CA SER O 364 61.62 -34.06 -79.42
C SER O 364 60.94 -35.15 -80.24
N LEU O 365 61.67 -35.75 -81.19
CA LEU O 365 61.07 -36.74 -82.07
C LEU O 365 60.67 -38.01 -81.31
N ARG O 366 61.20 -38.20 -80.10
CA ARG O 366 60.80 -39.33 -79.28
C ARG O 366 59.73 -38.97 -78.27
N SER O 367 59.50 -37.67 -78.03
CA SER O 367 58.42 -37.27 -77.13
C SER O 367 57.05 -37.70 -77.63
N GLY O 368 56.97 -38.26 -78.83
CA GLY O 368 55.72 -38.79 -79.34
C GLY O 368 55.66 -40.31 -79.32
N GLU O 369 56.15 -40.93 -78.25
CA GLU O 369 55.94 -42.37 -78.07
C GLU O 369 56.54 -43.19 -79.20
N ASN O 370 57.86 -43.35 -79.19
CA ASN O 370 58.65 -43.59 -80.39
C ASN O 370 58.16 -44.84 -81.12
N ASN O 371 57.51 -44.58 -82.25
CA ASN O 371 57.11 -45.56 -83.24
C ASN O 371 58.23 -45.78 -84.26
N CYS O 372 57.86 -46.40 -85.38
CA CYS O 372 58.80 -46.66 -86.47
C CYS O 372 59.63 -45.43 -86.81
N THR O 373 59.01 -44.25 -86.82
CA THR O 373 59.70 -43.06 -87.28
C THR O 373 60.87 -42.68 -86.38
N THR O 374 60.61 -42.60 -85.07
CA THR O 374 61.68 -42.23 -84.14
C THR O 374 62.74 -43.33 -84.07
N SER O 375 62.34 -44.58 -84.30
CA SER O 375 63.31 -45.67 -84.35
C SER O 375 64.24 -45.51 -85.55
N THR O 376 63.67 -45.24 -86.73
CA THR O 376 64.50 -44.99 -87.90
C THR O 376 65.41 -43.79 -87.68
N ALA O 377 64.88 -42.73 -87.06
CA ALA O 377 65.69 -41.55 -86.81
C ALA O 377 66.86 -41.87 -85.87
N CYS O 378 66.58 -42.55 -84.76
CA CYS O 378 67.65 -42.87 -83.82
C CYS O 378 68.64 -43.83 -84.44
N LEU O 379 68.19 -44.70 -85.35
CA LEU O 379 69.13 -45.61 -86.01
C LEU O 379 70.05 -44.85 -86.96
N CYS O 380 69.50 -43.89 -87.69
CA CYS O 380 70.32 -43.03 -88.53
C CYS O 380 71.34 -42.27 -87.68
N VAL O 381 70.89 -41.76 -86.54
CA VAL O 381 71.80 -41.05 -85.65
C VAL O 381 72.88 -41.97 -85.13
N TYR O 382 72.53 -43.22 -84.82
CA TYR O 382 73.52 -44.18 -84.32
C TYR O 382 74.56 -44.49 -85.37
N THR O 383 74.13 -44.75 -86.61
CA THR O 383 75.09 -45.04 -87.67
C THR O 383 76.00 -43.83 -87.93
N PHE O 384 75.41 -42.64 -88.01
CA PHE O 384 76.20 -41.44 -88.27
C PHE O 384 77.20 -41.19 -87.16
N LEU O 385 76.75 -41.25 -85.90
CA LEU O 385 77.66 -41.04 -84.78
C LEU O 385 78.72 -42.13 -84.71
N ALA O 386 78.38 -43.34 -85.15
CA ALA O 386 79.38 -44.41 -85.22
C ALA O 386 80.49 -44.04 -86.19
N TYR O 387 80.11 -43.63 -87.40
CA TYR O 387 81.12 -43.20 -88.37
C TYR O 387 81.92 -42.01 -87.82
N VAL O 388 81.26 -41.12 -87.10
CA VAL O 388 81.96 -39.98 -86.51
C VAL O 388 83.03 -40.46 -85.54
N LEU O 389 82.65 -41.35 -84.63
CA LEU O 389 83.61 -41.85 -83.64
C LEU O 389 84.72 -42.65 -84.31
N SER O 390 84.45 -43.20 -85.49
CA SER O 390 85.46 -43.99 -86.17
C SER O 390 86.42 -43.13 -86.99
N THR O 391 86.01 -41.95 -87.45
CA THR O 391 86.79 -41.19 -88.42
C THR O 391 87.61 -40.05 -87.83
N LEU O 392 87.24 -39.53 -86.67
CA LEU O 392 87.90 -38.36 -86.08
C LEU O 392 88.19 -38.57 -84.60
N GLU O 393 88.80 -39.70 -84.25
CA GLU O 393 88.99 -40.16 -82.88
C GLU O 393 89.49 -39.10 -81.90
N GLU O 394 90.22 -38.10 -82.39
CA GLU O 394 90.92 -37.18 -81.49
C GLU O 394 90.09 -35.96 -81.09
N GLN O 395 89.47 -35.28 -82.06
CA GLN O 395 88.93 -33.94 -81.81
C GLN O 395 87.66 -33.95 -80.96
N VAL O 396 86.95 -35.09 -80.89
CA VAL O 396 85.66 -35.13 -80.21
C VAL O 396 85.76 -35.05 -78.70
N SER O 397 86.94 -35.27 -78.11
CA SER O 397 87.05 -35.50 -76.68
C SER O 397 86.49 -34.36 -75.85
N GLN O 398 86.46 -33.15 -76.39
CA GLN O 398 85.98 -32.01 -75.62
C GLN O 398 84.49 -32.08 -75.34
N SER O 399 83.72 -32.80 -76.15
CA SER O 399 82.28 -32.86 -76.00
C SER O 399 81.83 -34.16 -75.33
N GLN O 400 82.71 -34.74 -74.51
CA GLN O 400 82.44 -36.04 -73.90
C GLN O 400 81.15 -36.03 -73.10
N GLN O 401 80.70 -34.85 -72.67
CA GLN O 401 79.39 -34.75 -72.05
C GLN O 401 78.28 -34.87 -73.10
N ASP O 402 78.25 -33.92 -74.05
CA ASP O 402 77.12 -33.85 -74.98
C ASP O 402 76.95 -35.15 -75.75
N LEU O 403 78.03 -35.62 -76.38
CA LEU O 403 77.96 -36.86 -77.16
C LEU O 403 77.37 -38.00 -76.34
N VAL O 404 77.64 -38.01 -75.03
CA VAL O 404 77.09 -39.06 -74.17
C VAL O 404 75.58 -39.10 -74.29
N GLU O 405 74.93 -37.96 -74.06
CA GLU O 405 73.49 -37.89 -74.20
C GLU O 405 73.04 -38.35 -75.59
N THR O 406 73.86 -38.05 -76.61
CA THR O 406 73.55 -38.51 -77.96
C THR O 406 73.35 -40.01 -77.99
N ALA O 407 74.30 -40.76 -77.42
CA ALA O 407 74.11 -42.19 -77.28
C ALA O 407 72.91 -42.48 -76.39
N CYS O 408 72.80 -41.77 -75.26
CA CYS O 408 71.62 -41.89 -74.41
C CYS O 408 70.36 -41.56 -75.20
N GLN O 409 70.50 -40.79 -76.27
CA GLN O 409 69.37 -40.57 -77.18
C GLN O 409 69.19 -41.77 -78.11
N VAL O 410 70.27 -42.22 -78.75
CA VAL O 410 70.17 -43.28 -79.73
C VAL O 410 69.77 -44.60 -79.06
N PHE O 411 70.34 -44.88 -77.90
CA PHE O 411 70.11 -46.16 -77.24
C PHE O 411 68.69 -46.29 -76.70
N ALA O 412 67.89 -45.23 -76.74
CA ALA O 412 66.52 -45.31 -76.27
C ALA O 412 65.63 -46.17 -77.17
N ALA O 413 66.11 -46.55 -78.35
CA ALA O 413 65.35 -47.43 -79.22
C ALA O 413 65.59 -48.88 -78.82
N PRO O 414 64.56 -49.73 -78.75
CA PRO O 414 64.76 -51.10 -78.29
C PRO O 414 65.64 -51.93 -79.22
N ASN O 415 65.80 -51.53 -80.47
CA ASN O 415 66.55 -52.32 -81.42
C ASN O 415 68.03 -51.97 -81.46
N LEU O 416 68.44 -50.88 -80.81
CA LEU O 416 69.82 -50.41 -80.89
C LEU O 416 70.76 -51.18 -79.96
N PRO O 417 70.33 -51.45 -78.71
CA PRO O 417 71.28 -52.05 -77.75
C PRO O 417 71.85 -53.38 -78.19
N ASP O 418 71.04 -54.24 -78.81
CA ASP O 418 71.58 -55.50 -79.32
C ASP O 418 72.61 -55.25 -80.40
N LEU O 419 72.38 -54.23 -81.24
CA LEU O 419 73.36 -53.89 -82.28
C LEU O 419 74.67 -53.42 -81.65
N PHE O 420 74.58 -52.58 -80.62
CA PHE O 420 75.79 -52.11 -79.95
C PHE O 420 76.52 -53.27 -79.28
N TRP O 421 75.77 -54.22 -78.73
CA TRP O 421 76.38 -55.37 -78.07
C TRP O 421 76.96 -56.38 -79.06
N ASN O 422 76.52 -56.36 -80.32
CA ASN O 422 76.96 -57.34 -81.28
C ASN O 422 78.10 -56.87 -82.17
N MET O 423 78.47 -55.59 -82.11
CA MET O 423 79.60 -55.12 -82.89
C MET O 423 80.89 -55.17 -82.06
N GLU O 424 82.01 -54.95 -82.73
CA GLU O 424 83.29 -54.94 -82.04
C GLU O 424 83.31 -53.79 -81.03
N PRO O 425 84.05 -53.94 -79.92
CA PRO O 425 84.08 -52.86 -78.92
C PRO O 425 85.05 -51.74 -79.26
N THR O 426 85.91 -51.92 -80.25
CA THR O 426 86.97 -50.97 -80.54
C THR O 426 86.56 -49.88 -81.52
N ALA O 427 85.34 -49.92 -82.04
CA ALA O 427 84.89 -48.94 -83.02
C ALA O 427 83.47 -48.49 -82.70
N GLY O 428 83.06 -47.42 -83.36
CA GLY O 428 81.72 -46.89 -83.16
C GLY O 428 81.47 -46.52 -81.71
N LEU O 429 80.21 -46.64 -81.29
CA LEU O 429 79.80 -46.24 -79.95
C LEU O 429 80.61 -46.91 -78.85
N GLY O 430 81.06 -48.15 -79.07
CA GLY O 430 81.86 -48.82 -78.05
C GLY O 430 83.08 -48.02 -77.64
N ILE O 431 83.68 -47.30 -78.58
CA ILE O 431 84.82 -46.45 -78.25
C ILE O 431 84.45 -45.49 -77.14
N LEU O 432 83.31 -44.80 -77.28
CA LEU O 432 82.86 -43.90 -76.23
C LEU O 432 82.68 -44.65 -74.91
N LEU O 433 82.20 -45.90 -74.98
CA LEU O 433 82.11 -46.71 -73.77
C LEU O 433 83.51 -46.99 -73.22
N ASP O 434 84.44 -47.38 -74.09
CA ASP O 434 85.78 -47.73 -73.63
C ASP O 434 86.41 -46.60 -72.83
N SER O 435 86.55 -45.42 -73.43
CA SER O 435 87.07 -44.27 -72.71
C SER O 435 86.27 -44.01 -71.44
N VAL O 436 84.95 -44.24 -71.50
CA VAL O 436 84.13 -44.05 -70.32
C VAL O 436 84.55 -45.00 -69.21
N VAL O 437 84.78 -46.26 -69.56
CA VAL O 437 85.31 -47.20 -68.58
C VAL O 437 86.64 -46.70 -68.04
N GLY O 438 87.41 -46.02 -68.89
CA GLY O 438 88.68 -45.45 -68.46
C GLY O 438 88.56 -44.38 -67.40
N MET O 439 87.35 -43.91 -67.12
CA MET O 439 87.14 -42.87 -66.11
C MET O 439 86.36 -43.34 -64.90
N PHE O 440 85.86 -44.57 -64.90
CA PHE O 440 85.14 -44.95 -63.69
C PHE O 440 86.13 -45.25 -62.58
N PRO O 441 85.75 -45.00 -61.31
CA PRO O 441 84.49 -44.41 -60.86
C PRO O 441 84.64 -42.93 -60.51
N PHE O 442 85.47 -42.20 -61.24
CA PHE O 442 85.55 -40.76 -61.07
C PHE O 442 84.34 -40.08 -61.71
N ARG O 443 84.10 -40.36 -62.99
CA ARG O 443 82.97 -39.81 -63.73
C ARG O 443 81.86 -40.86 -63.74
N ILE O 444 81.16 -40.97 -62.60
CA ILE O 444 80.18 -42.04 -62.44
C ILE O 444 79.00 -41.85 -63.37
N SER O 445 78.40 -40.65 -63.35
CA SER O 445 77.17 -40.41 -64.08
C SER O 445 77.26 -40.79 -65.55
N PRO O 446 78.33 -40.50 -66.27
CA PRO O 446 78.36 -40.87 -67.71
C PRO O 446 78.30 -42.36 -67.94
N LEU O 447 79.18 -43.13 -67.28
CA LEU O 447 79.20 -44.58 -67.50
C LEU O 447 77.89 -45.20 -67.03
N LEU O 448 77.35 -44.71 -65.91
CA LEU O 448 76.11 -45.26 -65.39
C LEU O 448 74.95 -44.98 -66.34
N LYS O 449 74.88 -43.76 -66.87
CA LYS O 449 73.82 -43.43 -67.82
C LYS O 449 73.94 -44.29 -69.07
N LEU O 450 75.15 -44.43 -69.61
CA LEU O 450 75.33 -45.22 -70.83
C LEU O 450 74.96 -46.68 -70.60
N PHE O 451 75.35 -47.23 -69.44
CA PHE O 451 75.01 -48.61 -69.15
C PHE O 451 73.51 -48.79 -68.97
N THR O 452 72.86 -47.86 -68.26
CA THR O 452 71.40 -47.91 -68.19
C THR O 452 70.78 -47.81 -69.57
N ALA O 453 71.43 -47.07 -70.48
CA ALA O 453 70.91 -46.93 -71.83
C ALA O 453 70.97 -48.23 -72.60
N LEU O 454 72.12 -48.90 -72.60
CA LEU O 454 72.24 -50.15 -73.33
C LEU O 454 71.38 -51.27 -72.75
N VAL O 455 70.68 -51.02 -71.65
CA VAL O 455 69.91 -52.05 -70.95
C VAL O 455 68.68 -52.40 -71.77
N SER O 456 68.70 -53.58 -72.38
CA SER O 456 67.55 -54.14 -73.07
C SER O 456 67.32 -55.57 -72.59
N LYS O 457 66.24 -56.18 -73.09
CA LYS O 457 65.85 -57.50 -72.59
C LYS O 457 66.89 -58.57 -72.88
N SER O 458 67.71 -58.38 -73.91
CA SER O 458 68.70 -59.39 -74.26
C SER O 458 70.07 -59.11 -73.65
N SER O 459 70.36 -57.85 -73.34
CA SER O 459 71.65 -57.48 -72.79
C SER O 459 71.61 -57.14 -71.30
N ALA O 460 70.48 -57.41 -70.63
CA ALA O 460 70.39 -57.16 -69.20
C ALA O 460 71.53 -57.83 -68.44
N LYS O 461 71.61 -59.16 -68.52
CA LYS O 461 72.68 -59.87 -67.83
C LYS O 461 74.04 -59.47 -68.36
N LYS O 462 74.12 -59.05 -69.62
CA LYS O 462 75.40 -58.57 -70.15
C LYS O 462 75.88 -57.36 -69.37
N VAL O 463 74.99 -56.38 -69.16
CA VAL O 463 75.36 -55.21 -68.37
C VAL O 463 75.64 -55.61 -66.92
N TYR O 464 74.85 -56.54 -66.39
CA TYR O 464 75.08 -57.02 -65.04
C TYR O 464 76.50 -57.54 -64.88
N SER O 465 76.93 -58.42 -65.78
CA SER O 465 78.26 -58.98 -65.69
C SER O 465 79.34 -57.95 -65.99
N PHE O 466 79.08 -57.03 -66.93
CA PHE O 466 80.06 -56.01 -67.26
C PHE O 466 80.34 -55.13 -66.05
N LEU O 467 79.31 -54.82 -65.27
CA LEU O 467 79.54 -54.08 -64.03
C LEU O 467 80.10 -54.97 -62.94
N ASP O 468 79.78 -56.27 -62.96
CA ASP O 468 80.34 -57.19 -61.98
C ASP O 468 81.84 -57.40 -62.16
N ARG O 469 82.37 -57.12 -63.34
CA ARG O 469 83.80 -57.20 -63.61
C ARG O 469 84.26 -55.92 -64.30
N MET O 470 84.56 -54.90 -63.49
CA MET O 470 85.17 -53.69 -64.03
C MET O 470 86.62 -53.97 -64.39
N SER O 471 87.05 -53.50 -65.56
CA SER O 471 88.39 -53.74 -66.04
C SER O 471 89.36 -52.62 -65.70
N SER O 472 88.86 -51.42 -65.44
CA SER O 472 89.70 -50.29 -65.07
C SER O 472 89.04 -49.53 -63.93
N TYR O 473 89.87 -48.98 -63.04
CA TYR O 473 89.40 -48.10 -61.97
C TYR O 473 90.24 -46.84 -62.03
N THR O 474 89.59 -45.69 -62.17
CA THR O 474 90.27 -44.43 -62.43
C THR O 474 90.27 -43.56 -61.18
N GLU O 475 91.39 -42.90 -60.94
CA GLU O 475 91.51 -41.97 -59.83
C GLU O 475 92.26 -40.73 -60.30
N HIS O 476 91.99 -39.61 -59.63
CA HIS O 476 92.69 -38.35 -59.87
C HIS O 476 93.59 -38.05 -58.68
N TYR O 477 94.90 -38.03 -58.91
CA TYR O 477 95.89 -37.89 -57.84
C TYR O 477 96.61 -36.56 -58.02
N ARG O 478 96.61 -35.75 -56.96
CA ARG O 478 97.32 -34.48 -57.00
C ARG O 478 98.83 -34.70 -56.90
N HIS O 479 99.25 -35.61 -56.03
CA HIS O 479 100.67 -35.89 -55.85
C HIS O 479 100.89 -37.40 -55.84
N LYS O 480 102.00 -37.82 -56.43
CA LYS O 480 102.33 -39.23 -56.50
C LYS O 480 102.49 -39.80 -55.09
N PRO O 481 101.58 -40.65 -54.63
CA PRO O 481 101.70 -41.20 -53.28
C PRO O 481 102.99 -41.98 -53.11
N HIS O 482 103.57 -41.89 -51.91
CA HIS O 482 104.84 -42.55 -51.63
C HIS O 482 104.77 -44.05 -51.83
N ASP O 483 103.57 -44.63 -51.90
CA ASP O 483 103.39 -46.06 -52.14
C ASP O 483 103.06 -46.36 -53.59
N ILE O 484 103.57 -45.57 -54.54
CA ILE O 484 103.39 -45.82 -55.96
C ILE O 484 104.77 -45.97 -56.60
N LEU O 485 105.09 -47.20 -57.04
CA LEU O 485 106.43 -47.47 -57.56
C LEU O 485 106.38 -47.50 -59.09
N SER O 486 107.19 -46.66 -59.71
CA SER O 486 107.07 -46.42 -61.14
C SER O 486 107.96 -47.35 -61.96
N HIS O 487 107.49 -47.70 -63.15
CA HIS O 487 108.36 -48.36 -64.11
C HIS O 487 109.36 -47.35 -64.67
N ASP O 488 110.21 -47.82 -65.57
CA ASP O 488 111.24 -46.96 -66.16
C ASP O 488 110.62 -45.77 -66.89
N ASP O 489 109.54 -45.99 -67.65
CA ASP O 489 108.94 -44.94 -68.45
C ASP O 489 107.97 -44.06 -67.69
N GLU O 490 107.75 -44.31 -66.39
CA GLU O 490 106.77 -43.57 -65.59
C GLU O 490 105.36 -43.77 -66.16
N THR O 491 105.24 -44.64 -67.16
CA THR O 491 103.95 -44.91 -67.80
C THR O 491 103.19 -46.02 -67.09
N LEU O 492 103.89 -47.01 -66.56
CA LEU O 492 103.27 -48.12 -65.85
C LEU O 492 103.74 -48.08 -64.41
N TRP O 493 102.83 -47.73 -63.49
CA TRP O 493 103.14 -47.71 -62.08
C TRP O 493 102.59 -48.99 -61.45
N LYS O 494 103.17 -49.40 -60.33
CA LYS O 494 102.68 -50.52 -59.55
C LYS O 494 102.23 -49.98 -58.20
N ARG O 495 101.10 -50.48 -57.72
CA ARG O 495 100.58 -50.11 -56.41
C ARG O 495 101.27 -50.93 -55.33
N GLN O 496 101.88 -50.24 -54.37
CA GLN O 496 102.69 -50.91 -53.36
C GLN O 496 101.85 -51.56 -52.28
N THR O 497 100.99 -50.80 -51.60
CA THR O 497 100.20 -51.34 -50.51
C THR O 497 98.72 -51.03 -50.74
N PRO O 498 97.83 -51.76 -50.08
CA PRO O 498 96.41 -51.62 -50.37
C PRO O 498 95.90 -50.22 -50.09
N LYS O 499 95.11 -49.71 -51.04
CA LYS O 499 94.35 -48.49 -50.84
C LYS O 499 92.89 -48.85 -50.63
N LEU O 500 92.31 -48.36 -49.54
CA LEU O 500 90.91 -48.61 -49.24
C LEU O 500 90.06 -47.52 -49.90
N LEU O 501 89.02 -47.93 -50.63
CA LEU O 501 88.24 -46.97 -51.40
C LEU O 501 87.33 -46.14 -50.50
N TYR O 502 86.40 -46.80 -49.80
CA TYR O 502 85.43 -46.13 -48.93
C TYR O 502 85.54 -46.76 -47.56
N ALA O 503 85.85 -45.94 -46.56
CA ALA O 503 86.08 -46.41 -45.20
C ALA O 503 84.84 -46.34 -44.33
N LEU O 504 83.65 -46.48 -44.91
CA LEU O 504 82.43 -46.55 -44.12
C LEU O 504 82.51 -47.78 -43.21
N GLY O 505 82.36 -47.54 -41.91
CA GLY O 505 82.72 -48.57 -40.94
C GLY O 505 81.86 -49.81 -41.06
N LEU O 506 82.49 -50.96 -40.84
CA LEU O 506 81.82 -52.25 -40.72
C LEU O 506 81.07 -52.66 -41.98
N GLY O 507 81.32 -52.00 -43.10
CA GLY O 507 80.63 -52.35 -44.33
C GLY O 507 81.26 -53.56 -45.01
N GLN O 508 80.42 -54.52 -45.39
CA GLN O 508 80.88 -55.73 -46.02
C GLN O 508 81.45 -55.48 -47.42
N THR O 509 81.11 -54.38 -48.05
CA THR O 509 81.58 -54.09 -49.40
C THR O 509 82.80 -53.17 -49.33
N ASN O 510 83.94 -53.79 -48.97
CA ASN O 510 85.21 -53.08 -48.84
C ASN O 510 86.01 -53.26 -50.12
N LEU O 511 85.79 -52.34 -51.06
CA LEU O 511 86.52 -52.37 -52.31
C LEU O 511 87.97 -51.93 -52.09
N ARG O 512 88.91 -52.81 -52.42
CA ARG O 512 90.34 -52.55 -52.20
C ARG O 512 91.09 -52.84 -53.48
N ILE O 513 91.83 -51.84 -53.97
CA ILE O 513 92.68 -52.01 -55.14
C ILE O 513 93.92 -52.78 -54.73
N PRO O 514 94.12 -53.99 -55.24
CA PRO O 514 95.15 -54.88 -54.67
C PRO O 514 96.56 -54.38 -54.93
N GLN O 515 97.50 -55.00 -54.20
CA GLN O 515 98.90 -54.64 -54.34
C GLN O 515 99.44 -55.09 -55.69
N GLY O 516 100.53 -54.45 -56.13
CA GLY O 516 101.15 -54.77 -57.38
C GLY O 516 100.36 -54.36 -58.61
N ALA O 517 99.11 -53.92 -58.43
CA ALA O 517 98.29 -53.52 -59.55
C ALA O 517 98.94 -52.35 -60.30
N LEU O 518 98.73 -52.32 -61.61
CA LEU O 518 99.36 -51.34 -62.48
C LEU O 518 98.45 -50.12 -62.64
N GLY O 519 99.07 -48.98 -62.83
CA GLY O 519 98.39 -47.74 -63.13
C GLY O 519 98.99 -47.11 -64.37
N GLN O 520 98.17 -46.92 -65.39
CA GLN O 520 98.55 -46.10 -66.53
C GLN O 520 98.40 -44.64 -66.15
N VAL O 521 99.48 -43.87 -66.30
CA VAL O 521 99.54 -42.50 -65.83
C VAL O 521 99.34 -41.57 -67.00
N MET O 522 98.25 -40.81 -66.98
CA MET O 522 98.00 -39.77 -67.97
C MET O 522 98.15 -38.42 -67.30
N ALA O 523 98.93 -37.55 -67.91
CA ALA O 523 99.22 -36.26 -67.30
C ALA O 523 98.02 -35.33 -67.43
N ASP O 524 97.53 -34.84 -66.30
CA ASP O 524 96.52 -33.80 -66.28
C ASP O 524 97.15 -32.54 -65.70
N GLU O 525 96.58 -31.39 -66.07
CA GLU O 525 97.20 -30.12 -65.74
C GLU O 525 97.38 -29.92 -64.24
N ASN O 526 96.70 -30.73 -63.42
CA ASN O 526 96.78 -30.59 -61.97
C ASN O 526 97.37 -31.81 -61.29
N GLY O 527 97.87 -32.77 -62.04
CA GLY O 527 98.43 -33.96 -61.44
C GLY O 527 98.36 -35.14 -62.42
N PHE O 528 97.98 -36.29 -61.89
CA PHE O 528 97.99 -37.54 -62.65
C PHE O 528 96.63 -38.18 -62.61
N LEU O 529 96.06 -38.45 -63.78
CA LEU O 529 94.94 -39.37 -63.88
C LEU O 529 95.52 -40.77 -63.95
N VAL O 530 95.26 -41.57 -62.92
CA VAL O 530 95.81 -42.92 -62.82
C VAL O 530 94.69 -43.90 -63.14
N ARG O 531 94.84 -44.63 -64.24
CA ARG O 531 93.91 -45.71 -64.58
C ARG O 531 94.54 -47.00 -64.11
N TRP O 532 94.13 -47.48 -62.95
CA TRP O 532 94.69 -48.70 -62.39
C TRP O 532 93.87 -49.91 -62.85
N GLU O 533 94.56 -50.94 -63.30
CA GLU O 533 93.93 -52.20 -63.66
C GLU O 533 93.50 -52.92 -62.40
N TYR O 534 92.31 -52.61 -61.91
CA TYR O 534 91.77 -53.24 -60.71
C TYR O 534 90.37 -53.74 -61.02
N SER O 535 90.09 -54.98 -60.62
CA SER O 535 88.79 -55.56 -60.92
C SER O 535 87.83 -55.38 -59.76
N TYR O 536 87.52 -54.14 -59.42
CA TYR O 536 86.54 -53.89 -58.38
C TYR O 536 85.13 -54.01 -58.94
N SER O 537 84.25 -54.64 -58.17
CA SER O 537 82.87 -54.87 -58.60
C SER O 537 82.13 -53.55 -58.50
N CYS O 538 81.48 -53.15 -59.60
CA CYS O 538 80.73 -51.90 -59.60
C CYS O 538 79.53 -51.95 -58.67
N TRP O 539 78.91 -53.12 -58.51
CA TRP O 539 77.77 -53.24 -57.61
C TRP O 539 78.17 -52.95 -56.17
N THR O 540 79.27 -53.53 -55.69
CA THR O 540 79.72 -53.26 -54.34
C THR O 540 80.17 -51.81 -54.18
N LEU O 541 80.79 -51.25 -55.22
CA LEU O 541 81.22 -49.85 -55.14
C LEU O 541 80.02 -48.92 -55.03
N PHE O 542 78.96 -49.19 -55.79
CA PHE O 542 77.76 -48.38 -55.65
C PHE O 542 77.09 -48.62 -54.31
N THR O 543 77.20 -49.83 -53.77
CA THR O 543 76.72 -50.08 -52.42
C THR O 543 77.46 -49.19 -51.41
N CYS O 544 78.77 -49.08 -51.57
CA CYS O 544 79.54 -48.22 -50.68
C CYS O 544 79.19 -46.76 -50.86
N GLU O 545 78.94 -46.34 -52.10
CA GLU O 545 78.51 -44.96 -52.32
C GLU O 545 77.16 -44.69 -51.67
N ILE O 546 76.26 -45.67 -51.70
CA ILE O 546 74.97 -45.52 -51.03
C ILE O 546 75.16 -45.49 -49.52
N GLU O 547 76.11 -46.27 -49.00
CA GLU O 547 76.42 -46.19 -47.58
C GLU O 547 76.97 -44.81 -47.23
N MET O 548 77.75 -44.22 -48.13
CA MET O 548 78.23 -42.86 -47.92
C MET O 548 77.06 -41.88 -47.87
N LEU O 549 76.10 -42.04 -48.80
CA LEU O 549 74.92 -41.21 -48.79
C LEU O 549 74.12 -41.39 -47.51
N LEU O 550 74.12 -42.60 -46.97
CA LEU O 550 73.41 -42.86 -45.72
C LEU O 550 74.12 -42.22 -44.54
N HIS O 551 75.46 -42.17 -44.59
CA HIS O 551 76.22 -41.63 -43.46
C HIS O 551 76.31 -40.11 -43.50
N VAL O 552 76.14 -39.52 -44.69
CA VAL O 552 76.33 -38.07 -44.84
C VAL O 552 75.04 -37.30 -45.05
N VAL O 553 73.88 -37.96 -44.93
CA VAL O 553 72.61 -37.33 -45.29
C VAL O 553 72.33 -36.07 -44.50
N SER O 554 72.84 -35.99 -43.28
CA SER O 554 72.59 -34.85 -42.41
C SER O 554 73.60 -33.72 -42.60
N THR O 555 74.46 -33.82 -43.61
CA THR O 555 75.36 -32.76 -44.00
C THR O 555 74.72 -31.94 -45.12
N ALA O 556 75.50 -30.99 -45.66
CA ALA O 556 74.97 -30.15 -46.72
C ALA O 556 75.11 -30.79 -48.09
N ASP O 557 76.17 -31.56 -48.32
CA ASP O 557 76.44 -32.14 -49.63
C ASP O 557 75.45 -33.23 -50.02
N VAL O 558 74.49 -33.56 -49.15
CA VAL O 558 73.50 -34.59 -49.44
C VAL O 558 72.88 -34.35 -50.81
N ILE O 559 72.44 -33.13 -51.07
CA ILE O 559 71.92 -32.78 -52.39
C ILE O 559 72.89 -33.20 -53.48
N HIS O 560 74.12 -32.67 -53.43
CA HIS O 560 75.14 -33.08 -54.40
C HIS O 560 75.35 -34.59 -54.34
N GLN O 561 75.33 -35.15 -53.13
CA GLN O 561 75.46 -36.60 -53.00
C GLN O 561 74.42 -37.34 -53.82
N CYS O 562 73.16 -36.88 -53.77
CA CYS O 562 72.12 -37.55 -54.54
C CYS O 562 72.49 -37.62 -56.02
N GLN O 563 73.13 -36.57 -56.54
CA GLN O 563 73.49 -36.55 -57.96
C GLN O 563 74.53 -37.60 -58.27
N ARG O 564 75.48 -37.82 -57.35
CA ARG O 564 76.44 -38.89 -57.56
C ARG O 564 75.79 -40.25 -57.41
N VAL O 565 74.61 -40.30 -56.79
CA VAL O 565 73.92 -41.56 -56.57
C VAL O 565 72.85 -41.83 -57.62
N LYS O 566 72.11 -40.80 -58.06
CA LYS O 566 71.03 -40.98 -59.02
C LYS O 566 71.46 -41.76 -60.27
N PRO O 567 72.67 -41.62 -60.77
CA PRO O 567 73.09 -42.45 -61.92
C PRO O 567 73.12 -43.93 -61.60
N ILE O 568 73.23 -44.31 -60.33
CA ILE O 568 73.21 -45.71 -59.96
C ILE O 568 71.76 -46.20 -59.82
N ILE O 569 70.99 -45.55 -58.94
CA ILE O 569 69.62 -45.98 -58.70
C ILE O 569 68.83 -46.04 -60.00
N ASP O 570 68.99 -45.03 -60.86
CA ASP O 570 68.29 -45.03 -62.14
C ASP O 570 68.56 -46.31 -62.92
N LEU O 571 69.82 -46.74 -62.97
CA LEU O 571 70.13 -47.97 -63.67
C LEU O 571 69.54 -49.18 -62.94
N VAL O 572 69.53 -49.14 -61.61
CA VAL O 572 69.09 -50.29 -60.83
C VAL O 572 67.66 -50.66 -61.20
N HIS O 573 66.75 -49.69 -61.11
CA HIS O 573 65.41 -49.88 -61.64
C HIS O 573 65.47 -50.36 -63.08
N LYS O 574 66.25 -49.66 -63.91
CA LYS O 574 66.41 -50.07 -65.31
C LYS O 574 66.82 -51.52 -65.42
N VAL O 575 67.65 -51.99 -64.48
CA VAL O 575 67.97 -53.41 -64.43
C VAL O 575 66.82 -54.20 -63.80
N ILE O 576 66.36 -53.76 -62.63
CA ILE O 576 65.39 -54.54 -61.89
C ILE O 576 64.08 -54.64 -62.65
N SER O 577 63.72 -53.59 -63.38
CA SER O 577 62.49 -53.63 -64.16
C SER O 577 62.69 -54.25 -65.53
N THR O 578 63.92 -54.61 -65.90
CA THR O 578 64.19 -55.26 -67.17
C THR O 578 64.19 -56.79 -67.07
N ASP O 579 64.85 -57.35 -66.05
CA ASP O 579 64.89 -58.79 -65.84
C ASP O 579 64.73 -59.02 -64.34
N LEU O 580 63.52 -59.39 -63.92
CA LEU O 580 63.25 -59.65 -62.51
C LEU O 580 64.17 -60.72 -61.93
N SER O 581 64.75 -61.57 -62.77
CA SER O 581 65.59 -62.66 -62.28
C SER O 581 66.89 -62.17 -61.66
N ILE O 582 67.25 -60.91 -61.89
CA ILE O 582 68.43 -60.34 -61.24
C ILE O 582 68.06 -59.60 -59.96
N ALA O 583 66.78 -59.59 -59.58
CA ALA O 583 66.36 -58.86 -58.38
C ALA O 583 67.17 -59.27 -57.16
N ASP O 584 67.39 -60.57 -56.97
CA ASP O 584 68.08 -61.03 -55.76
C ASP O 584 69.55 -60.65 -55.78
N CYS O 585 70.19 -60.69 -56.95
CA CYS O 585 71.62 -60.40 -57.03
C CYS O 585 71.93 -58.98 -56.58
N LEU O 586 70.98 -58.05 -56.74
CA LEU O 586 71.13 -56.68 -56.29
C LEU O 586 70.47 -56.43 -54.94
N LEU O 587 70.45 -57.43 -54.06
CA LEU O 587 69.79 -57.26 -52.76
C LEU O 587 70.40 -56.15 -51.91
N PRO O 588 71.70 -55.88 -51.96
CA PRO O 588 72.25 -54.83 -51.07
C PRO O 588 71.65 -53.47 -51.32
N ILE O 589 71.59 -53.02 -52.57
CA ILE O 589 71.01 -51.71 -52.86
C ILE O 589 69.51 -51.71 -52.55
N THR O 590 68.85 -52.86 -52.78
CA THR O 590 67.41 -52.92 -52.55
C THR O 590 67.09 -52.79 -51.07
N SER O 591 67.93 -53.36 -50.20
CA SER O 591 67.70 -53.17 -48.77
C SER O 591 68.06 -51.77 -48.32
N ARG O 592 69.08 -51.17 -48.93
CA ARG O 592 69.51 -49.84 -48.53
C ARG O 592 68.55 -48.75 -48.98
N ILE O 593 67.77 -49.00 -50.04
CA ILE O 593 66.90 -47.95 -50.56
C ILE O 593 65.81 -47.59 -49.56
N TYR O 594 65.37 -48.56 -48.77
CA TYR O 594 64.32 -48.27 -47.78
C TYR O 594 64.82 -47.31 -46.72
N MET O 595 65.99 -47.59 -46.14
CA MET O 595 66.56 -46.66 -45.17
C MET O 595 66.88 -45.32 -45.85
N LEU O 596 67.31 -45.34 -47.10
CA LEU O 596 67.61 -44.11 -47.81
C LEU O 596 66.36 -43.24 -47.91
N LEU O 597 65.23 -43.83 -48.27
CA LEU O 597 63.98 -43.08 -48.35
C LEU O 597 63.58 -42.57 -46.97
N GLN O 598 63.62 -43.45 -45.97
CA GLN O 598 63.24 -43.03 -44.62
C GLN O 598 64.12 -41.89 -44.12
N ARG O 599 65.32 -41.77 -44.67
CA ARG O 599 66.23 -40.70 -44.25
C ARG O 599 66.02 -39.42 -45.05
N LEU O 600 65.85 -39.55 -46.37
CA LEU O 600 65.86 -38.36 -47.24
C LEU O 600 64.47 -37.81 -47.48
N THR O 601 63.41 -38.45 -46.96
CA THR O 601 62.08 -37.89 -47.14
C THR O 601 61.75 -36.85 -46.07
N THR O 602 62.46 -36.85 -44.95
CA THR O 602 62.19 -35.92 -43.87
C THR O 602 63.08 -34.69 -43.89
N VAL O 603 64.02 -34.62 -44.82
CA VAL O 603 64.90 -33.45 -44.94
C VAL O 603 64.08 -32.26 -45.43
N MET O 604 64.49 -31.07 -45.04
CA MET O 604 63.78 -29.86 -45.46
C MET O 604 63.86 -29.67 -46.97
N ASN O 605 64.73 -30.41 -47.64
CA ASN O 605 64.91 -30.33 -49.09
C ASN O 605 64.81 -31.73 -49.68
N PRO O 606 63.60 -32.19 -50.00
CA PRO O 606 63.45 -33.48 -50.64
C PRO O 606 64.01 -33.44 -52.05
N PRO O 607 65.15 -34.07 -52.30
CA PRO O 607 65.67 -34.11 -53.67
C PRO O 607 64.74 -34.93 -54.54
N MET O 608 63.68 -34.27 -55.02
CA MET O 608 62.50 -34.98 -55.53
C MET O 608 62.87 -36.07 -56.51
N ASP O 609 63.88 -35.82 -57.36
CA ASP O 609 64.25 -36.82 -58.36
C ASP O 609 64.86 -38.06 -57.71
N PHE O 610 65.61 -37.89 -56.63
CA PHE O 610 66.16 -39.06 -55.94
C PHE O 610 65.07 -39.89 -55.31
N LEU O 611 64.13 -39.24 -54.62
CA LEU O 611 62.97 -39.96 -54.09
C LEU O 611 62.21 -40.65 -55.20
N SER O 612 62.10 -40.01 -56.36
CA SER O 612 61.34 -40.59 -57.47
C SER O 612 62.02 -41.84 -58.00
N SER O 613 63.32 -41.75 -58.31
CA SER O 613 64.03 -42.92 -58.79
C SER O 613 64.03 -44.04 -57.76
N CYS O 614 64.16 -43.68 -56.49
CA CYS O 614 64.10 -44.68 -55.42
C CYS O 614 62.75 -45.39 -55.45
N VAL O 615 61.66 -44.63 -55.42
CA VAL O 615 60.34 -45.25 -55.40
C VAL O 615 60.10 -46.03 -56.68
N ASP O 616 60.73 -45.62 -57.78
CA ASP O 616 60.58 -46.36 -59.03
C ASP O 616 61.22 -47.73 -58.94
N CYS O 617 62.48 -47.78 -58.48
CA CYS O 617 63.13 -49.07 -58.29
C CYS O 617 62.37 -49.92 -57.28
N LEU O 618 61.83 -49.27 -56.24
CA LEU O 618 61.05 -50.02 -55.26
C LEU O 618 59.79 -50.58 -55.87
N THR O 619 59.14 -49.84 -56.77
CA THR O 619 57.95 -50.37 -57.44
C THR O 619 58.31 -51.52 -58.36
N ALA O 620 59.43 -51.39 -59.08
CA ALA O 620 59.87 -52.49 -59.93
C ALA O 620 60.17 -53.73 -59.08
N LEU O 621 60.64 -53.54 -57.86
CA LEU O 621 60.80 -54.68 -56.96
C LEU O 621 59.45 -55.20 -56.48
N ALA O 622 58.49 -54.30 -56.29
CA ALA O 622 57.16 -54.69 -55.84
C ALA O 622 56.39 -55.43 -56.92
N THR O 623 56.79 -55.29 -58.18
CA THR O 623 56.08 -55.95 -59.28
C THR O 623 56.24 -57.47 -59.22
N ARG O 624 57.20 -57.97 -58.45
CA ARG O 624 57.40 -59.41 -58.28
C ARG O 624 57.13 -59.88 -56.87
N LEU O 625 57.41 -59.06 -55.87
CA LEU O 625 57.20 -59.42 -54.46
C LEU O 625 56.28 -58.40 -53.81
N PRO O 626 54.97 -58.48 -54.08
CA PRO O 626 54.07 -57.43 -53.59
C PRO O 626 54.05 -57.27 -52.08
N ALA O 627 53.76 -58.33 -51.33
CA ALA O 627 53.61 -58.19 -49.89
C ALA O 627 54.92 -57.86 -49.20
N LYS O 628 56.03 -58.38 -49.73
CA LYS O 628 57.33 -58.08 -49.13
C LYS O 628 57.67 -56.61 -49.24
N VAL O 629 57.59 -56.06 -50.44
CA VAL O 629 57.81 -54.62 -50.61
C VAL O 629 56.79 -53.83 -49.82
N TRP O 630 55.56 -54.35 -49.71
CA TRP O 630 54.52 -53.66 -48.95
C TRP O 630 54.91 -53.51 -47.49
N THR O 631 55.31 -54.61 -46.85
CA THR O 631 55.69 -54.56 -45.45
C THR O 631 56.95 -53.72 -45.26
N ASP O 632 57.92 -53.88 -46.17
CA ASP O 632 59.16 -53.12 -46.06
C ASP O 632 58.89 -51.62 -46.12
N LEU O 633 58.12 -51.17 -47.11
CA LEU O 633 57.83 -49.75 -47.24
C LEU O 633 56.92 -49.24 -46.14
N ARG O 634 55.94 -50.03 -45.70
CA ARG O 634 55.10 -49.59 -44.60
C ARG O 634 55.90 -49.48 -43.31
N HIS O 635 57.01 -50.21 -43.22
CA HIS O 635 57.87 -50.09 -42.04
C HIS O 635 58.60 -48.76 -41.97
N THR O 636 58.83 -48.11 -43.11
CA THR O 636 59.57 -46.85 -43.10
C THR O 636 58.67 -45.62 -43.14
N GLY O 637 57.37 -45.80 -43.38
CA GLY O 637 56.47 -44.67 -43.46
C GLY O 637 56.78 -43.76 -44.63
N GLY O 659 51.84 -39.32 -43.14
CA GLY O 659 52.79 -40.10 -43.91
C GLY O 659 53.88 -39.26 -44.54
N GLY O 660 55.03 -39.88 -44.78
CA GLY O 660 56.15 -39.16 -45.37
C GLY O 660 55.89 -38.71 -46.80
N TYR O 661 54.93 -39.35 -47.48
CA TYR O 661 54.66 -38.98 -48.86
C TYR O 661 53.91 -37.65 -48.95
N GLY O 662 53.22 -37.27 -47.86
CA GLY O 662 52.45 -36.04 -47.87
C GLY O 662 53.30 -34.80 -48.09
N SER O 663 54.53 -34.81 -47.56
CA SER O 663 55.42 -33.67 -47.77
C SER O 663 55.84 -33.55 -49.22
N LEU O 664 56.22 -34.67 -49.84
CA LEU O 664 56.56 -34.63 -51.27
C LEU O 664 55.37 -34.20 -52.10
N PHE O 665 54.16 -34.65 -51.73
CA PHE O 665 52.97 -34.24 -52.46
C PHE O 665 52.73 -32.75 -52.35
N GLY O 666 52.83 -32.20 -51.15
CA GLY O 666 52.69 -30.77 -50.98
C GLY O 666 53.73 -29.98 -51.75
N ILE O 667 54.99 -30.42 -51.71
CA ILE O 667 56.06 -29.70 -52.41
C ILE O 667 55.87 -29.79 -53.91
N GLU O 668 55.35 -30.91 -54.39
CA GLU O 668 55.09 -31.06 -55.82
C GLU O 668 53.93 -30.16 -56.25
N GLN O 669 52.86 -30.13 -55.47
CA GLN O 669 51.74 -29.25 -55.78
C GLN O 669 52.17 -27.79 -55.77
N SER O 670 53.08 -27.44 -54.87
CA SER O 670 53.55 -26.06 -54.81
C SER O 670 54.47 -25.73 -55.98
N GLN O 671 55.34 -26.66 -56.35
CA GLN O 671 56.33 -26.36 -57.39
C GLN O 671 55.78 -26.54 -58.79
N GLY O 672 55.05 -27.62 -59.05
CA GLY O 672 54.48 -27.84 -60.37
C GLY O 672 55.07 -28.98 -61.16
N GLU O 673 55.75 -29.92 -60.51
CA GLU O 673 56.19 -31.17 -61.12
C GLU O 673 55.89 -32.30 -60.14
N TYR O 674 55.40 -33.42 -60.66
CA TYR O 674 54.78 -34.44 -59.82
C TYR O 674 55.43 -35.81 -59.98
N SER O 675 56.75 -35.84 -60.16
CA SER O 675 57.43 -37.13 -60.27
C SER O 675 57.33 -37.93 -58.98
N VAL O 676 57.36 -37.24 -57.84
CA VAL O 676 57.23 -37.93 -56.55
C VAL O 676 55.84 -38.52 -56.40
N THR O 677 54.80 -37.71 -56.62
CA THR O 677 53.44 -38.20 -56.53
C THR O 677 53.20 -39.31 -57.54
N LEU O 678 53.67 -39.12 -58.78
CA LEU O 678 53.47 -40.13 -59.81
C LEU O 678 54.18 -41.43 -59.45
N SER O 679 55.36 -41.35 -58.85
CA SER O 679 56.03 -42.56 -58.41
C SER O 679 55.26 -43.25 -57.30
N PHE O 680 54.76 -42.48 -56.34
CA PHE O 680 53.89 -43.02 -55.32
C PHE O 680 52.71 -43.76 -55.95
N LEU O 681 52.14 -43.16 -57.00
CA LEU O 681 50.99 -43.76 -57.66
C LEU O 681 51.38 -45.06 -58.36
N ARG O 682 52.53 -45.07 -59.02
CA ARG O 682 52.95 -46.29 -59.72
C ARG O 682 53.18 -47.42 -58.75
N LEU O 683 53.89 -47.15 -57.66
CA LEU O 683 54.08 -48.17 -56.64
C LEU O 683 52.74 -48.64 -56.08
N ILE O 684 51.82 -47.70 -55.82
CA ILE O 684 50.54 -48.08 -55.23
C ILE O 684 49.73 -48.93 -56.19
N THR O 685 49.77 -48.59 -57.48
CA THR O 685 49.03 -49.36 -58.47
C THR O 685 49.61 -50.77 -58.60
N THR O 686 50.93 -50.89 -58.61
CA THR O 686 51.52 -52.22 -58.65
C THR O 686 51.16 -53.02 -57.41
N LEU O 687 51.16 -52.37 -56.24
CA LEU O 687 50.84 -53.07 -55.01
C LEU O 687 49.39 -53.55 -55.02
N VAL O 688 48.47 -52.71 -55.46
CA VAL O 688 47.05 -53.09 -55.46
C VAL O 688 46.77 -54.10 -56.56
N LYS O 689 47.63 -54.15 -57.58
CA LYS O 689 47.43 -55.07 -58.69
C LYS O 689 48.15 -56.39 -58.47
N GLY O 690 49.23 -56.38 -57.68
CA GLY O 690 50.02 -57.58 -57.48
C GLY O 690 49.33 -58.66 -56.66
N GLN O 691 48.04 -58.48 -56.39
CA GLN O 691 47.22 -59.44 -55.66
C GLN O 691 47.76 -59.65 -54.25
N LEU O 692 47.93 -58.54 -53.54
CA LEU O 692 48.22 -58.60 -52.11
C LEU O 692 47.08 -59.31 -51.41
N GLY O 693 47.39 -60.34 -50.63
CA GLY O 693 46.37 -61.14 -49.98
C GLY O 693 45.37 -60.31 -49.19
N SER O 694 44.17 -60.87 -49.00
CA SER O 694 43.06 -60.17 -48.37
C SER O 694 43.47 -59.41 -47.10
N THR O 695 44.37 -60.00 -46.31
CA THR O 695 44.82 -59.33 -45.11
C THR O 695 45.64 -58.08 -45.42
N GLN O 696 46.19 -57.99 -46.63
CA GLN O 696 47.13 -56.92 -46.96
C GLN O 696 46.47 -55.69 -47.53
N SER O 697 45.24 -55.79 -48.04
CA SER O 697 44.57 -54.65 -48.64
C SER O 697 44.23 -53.58 -47.60
N GLN O 698 44.03 -53.98 -46.34
CA GLN O 698 43.59 -53.02 -45.33
C GLN O 698 44.67 -51.97 -45.04
N GLY O 699 45.94 -52.31 -45.25
CA GLY O 699 47.00 -51.36 -44.98
C GLY O 699 47.16 -50.30 -46.05
N LEU O 700 46.66 -50.57 -47.26
CA LEU O 700 46.75 -49.63 -48.36
C LEU O 700 45.51 -48.75 -48.50
N VAL O 701 44.43 -49.07 -47.77
CA VAL O 701 43.20 -48.29 -47.90
C VAL O 701 43.39 -46.83 -47.56
N PRO O 702 44.26 -46.45 -46.62
CA PRO O 702 44.50 -45.01 -46.41
C PRO O 702 45.11 -44.34 -47.63
N CYS O 703 46.09 -44.98 -48.26
CA CYS O 703 46.60 -44.45 -49.51
C CYS O 703 45.49 -44.37 -50.56
N ILE O 704 44.53 -45.30 -50.51
CA ILE O 704 43.43 -45.26 -51.47
C ILE O 704 42.53 -44.05 -51.21
N LEU O 705 42.23 -43.78 -49.94
CA LEU O 705 41.45 -42.60 -49.63
C LEU O 705 42.18 -41.33 -50.04
N PHE O 706 43.51 -41.33 -49.90
CA PHE O 706 44.29 -40.20 -50.37
C PHE O 706 44.19 -40.06 -51.89
N VAL O 707 44.17 -41.18 -52.60
CA VAL O 707 44.12 -41.15 -54.06
C VAL O 707 42.74 -40.75 -54.54
N LEU O 708 41.72 -40.94 -53.69
CA LEU O 708 40.35 -40.72 -54.12
C LEU O 708 39.85 -39.33 -53.73
N ARG O 709 40.24 -38.84 -52.56
CA ARG O 709 39.65 -37.61 -52.02
C ARG O 709 40.41 -36.35 -52.35
N GLU O 710 41.75 -36.39 -52.36
CA GLU O 710 42.56 -35.19 -52.51
C GLU O 710 43.20 -35.08 -53.89
N MET O 711 43.51 -36.19 -54.54
CA MET O 711 44.16 -36.13 -55.84
C MET O 711 43.15 -35.89 -56.95
N LEU O 712 42.14 -36.75 -57.05
CA LEU O 712 41.20 -36.64 -58.17
C LEU O 712 40.33 -35.40 -58.10
N PRO O 713 39.94 -34.89 -56.93
CA PRO O 713 39.03 -33.74 -56.92
C PRO O 713 39.70 -32.43 -57.26
N ASN O 714 41.01 -32.29 -57.01
CA ASN O 714 41.70 -31.03 -57.23
C ASN O 714 42.76 -31.10 -58.32
N TYR O 715 43.07 -32.28 -58.85
CA TYR O 715 44.12 -32.41 -59.85
C TYR O 715 43.89 -31.50 -61.04
N HIS O 716 42.67 -31.02 -61.24
CA HIS O 716 42.42 -30.07 -62.30
C HIS O 716 42.97 -28.69 -61.98
N ARG O 717 42.96 -28.29 -60.71
CA ARG O 717 43.37 -26.96 -60.31
C ARG O 717 44.86 -26.83 -60.04
N TRP O 718 45.54 -27.95 -59.79
CA TRP O 718 46.95 -27.91 -59.46
C TRP O 718 47.75 -27.30 -60.61
N ARG O 719 48.79 -26.57 -60.25
CA ARG O 719 49.59 -25.88 -61.24
C ARG O 719 50.30 -26.88 -62.13
N TYR O 720 50.22 -26.66 -63.42
CA TYR O 720 50.86 -27.53 -64.39
C TYR O 720 51.99 -26.76 -65.05
N ASN O 721 53.22 -27.09 -64.68
CA ASN O 721 54.36 -26.43 -65.28
C ASN O 721 54.53 -26.78 -66.76
N SER O 722 54.11 -27.97 -67.16
CA SER O 722 54.11 -28.39 -68.56
C SER O 722 52.74 -28.96 -68.90
N HIS O 723 52.43 -28.97 -70.19
CA HIS O 723 51.17 -29.55 -70.64
C HIS O 723 51.28 -31.06 -70.64
N GLY O 724 50.14 -31.73 -70.43
CA GLY O 724 50.07 -33.17 -70.41
C GLY O 724 50.24 -33.80 -69.06
N VAL O 725 51.07 -33.23 -68.19
CA VAL O 725 51.35 -33.88 -66.91
C VAL O 725 50.11 -33.89 -66.02
N ARG O 726 49.30 -32.83 -66.08
CA ARG O 726 48.04 -32.85 -65.36
C ARG O 726 47.14 -33.98 -65.84
N GLU O 727 47.03 -34.11 -67.16
CA GLU O 727 46.21 -35.18 -67.75
C GLU O 727 46.75 -36.55 -67.35
N GLN O 728 48.06 -36.74 -67.40
CA GLN O 728 48.62 -38.05 -67.07
C GLN O 728 48.46 -38.35 -65.59
N LEU O 729 48.54 -37.32 -64.73
CA LEU O 729 48.26 -37.51 -63.32
C LEU O 729 46.84 -38.03 -63.12
N GLY O 730 45.88 -37.33 -63.73
CA GLY O 730 44.49 -37.80 -63.67
C GLY O 730 44.33 -39.20 -64.22
N PHE O 731 45.07 -39.51 -65.29
CA PHE O 731 44.93 -40.80 -65.96
C PHE O 731 45.47 -41.93 -65.08
N GLN O 732 46.61 -41.71 -64.43
CA GLN O 732 47.12 -42.71 -63.51
C GLN O 732 46.19 -42.88 -62.32
N ILE O 733 45.61 -41.78 -61.83
CA ILE O 733 44.63 -41.87 -60.75
C ILE O 733 43.47 -42.79 -61.18
N LEU O 734 42.93 -42.53 -62.37
CA LEU O 734 41.82 -43.34 -62.86
C LEU O 734 42.23 -44.79 -63.11
N SER O 735 43.47 -45.02 -63.57
CA SER O 735 43.93 -46.38 -63.80
C SER O 735 44.00 -47.16 -62.49
N LEU O 736 44.56 -46.54 -61.46
CA LEU O 736 44.57 -47.17 -60.14
C LEU O 736 43.14 -47.48 -59.69
N ILE O 737 42.26 -46.48 -59.80
CA ILE O 737 40.88 -46.67 -59.36
C ILE O 737 40.25 -47.87 -60.06
N HIS O 738 40.37 -47.93 -61.39
CA HIS O 738 39.73 -48.99 -62.14
C HIS O 738 40.34 -50.35 -61.82
N ALA O 739 41.67 -50.46 -61.90
CA ALA O 739 42.30 -51.75 -61.63
C ALA O 739 41.94 -52.25 -60.24
N ILE O 740 41.81 -51.35 -59.27
CA ILE O 740 41.28 -51.76 -57.98
C ILE O 740 39.87 -52.29 -58.14
N LEU O 741 39.03 -51.54 -58.86
CA LEU O 741 37.64 -51.93 -59.03
C LEU O 741 37.49 -53.18 -59.91
N ASN O 742 38.49 -53.49 -60.73
CA ASN O 742 38.43 -54.66 -61.59
C ASN O 742 38.96 -55.92 -60.92
N LEU O 743 39.37 -55.83 -59.65
CA LEU O 743 39.85 -56.99 -58.92
C LEU O 743 38.67 -57.91 -58.59
N LEU O 756 38.28 -52.76 -51.00
CA LEU O 756 38.65 -52.20 -52.29
C LEU O 756 37.42 -51.80 -53.08
N ARG O 757 36.55 -52.77 -53.35
CA ARG O 757 35.34 -52.49 -54.12
C ARG O 757 34.40 -51.57 -53.36
N SER O 758 34.04 -51.95 -52.14
CA SER O 758 33.06 -51.18 -51.38
C SER O 758 33.55 -49.76 -51.13
N LEU O 759 34.82 -49.59 -50.81
CA LEU O 759 35.34 -48.25 -50.51
C LEU O 759 35.34 -47.38 -51.75
N CYS O 760 35.82 -47.90 -52.87
CA CYS O 760 35.80 -47.11 -54.11
C CYS O 760 34.38 -46.75 -54.49
N ILE O 761 33.44 -47.68 -54.32
CA ILE O 761 32.04 -47.41 -54.67
C ILE O 761 31.48 -46.28 -53.81
N PHE O 762 31.65 -46.40 -52.49
CA PHE O 762 31.13 -45.37 -51.59
C PHE O 762 31.75 -44.01 -51.89
N SER O 763 33.07 -43.98 -52.12
CA SER O 763 33.73 -42.71 -52.40
C SER O 763 33.20 -42.09 -53.68
N LEU O 764 33.09 -42.88 -54.75
CA LEU O 764 32.61 -42.34 -56.01
C LEU O 764 31.15 -41.88 -55.92
N THR O 765 30.34 -42.57 -55.13
CA THR O 765 28.91 -42.25 -55.10
C THR O 765 28.57 -41.15 -54.10
N ASN O 766 29.42 -40.87 -53.11
CA ASN O 766 29.09 -39.88 -52.10
C ASN O 766 30.12 -38.78 -51.91
N THR O 767 31.13 -38.67 -52.77
CA THR O 767 32.16 -37.65 -52.61
C THR O 767 32.43 -36.97 -53.94
N GLU O 768 33.37 -36.03 -53.90
CA GLU O 768 33.68 -35.19 -55.06
C GLU O 768 34.19 -35.99 -56.25
N ALA O 769 34.73 -37.19 -56.02
CA ALA O 769 35.25 -37.98 -57.13
C ALA O 769 34.19 -38.20 -58.20
N GLY O 770 32.94 -38.36 -57.78
CA GLY O 770 31.86 -38.52 -58.75
C GLY O 770 31.82 -37.39 -59.76
N GLN O 771 31.71 -36.15 -59.26
CA GLN O 771 31.63 -35.00 -60.16
C GLN O 771 32.93 -34.80 -60.92
N ALA O 772 34.06 -35.15 -60.32
CA ALA O 772 35.33 -35.01 -61.02
C ALA O 772 35.38 -35.92 -62.24
N VAL O 773 35.06 -37.20 -62.06
CA VAL O 773 35.05 -38.12 -63.20
C VAL O 773 33.96 -37.72 -64.18
N ILE O 774 32.85 -37.19 -63.67
CA ILE O 774 31.80 -36.68 -64.53
C ILE O 774 32.36 -35.61 -65.45
N ASN O 775 33.16 -34.69 -64.89
CA ASN O 775 33.74 -33.64 -65.71
C ASN O 775 34.72 -34.21 -66.72
N ILE O 776 35.57 -35.15 -66.27
CA ILE O 776 36.50 -35.80 -67.18
C ILE O 776 35.76 -36.38 -68.37
N MET O 777 34.57 -36.94 -68.12
CA MET O 777 33.75 -37.45 -69.22
C MET O 777 33.13 -36.31 -70.02
N GLY O 778 32.75 -35.22 -69.36
CA GLY O 778 32.00 -34.14 -69.96
C GLY O 778 32.83 -33.08 -70.66
N ILE O 779 34.14 -33.28 -70.78
CA ILE O 779 34.97 -32.36 -71.56
C ILE O 779 34.43 -32.19 -72.98
N GLY O 780 33.55 -33.09 -73.41
CA GLY O 780 32.92 -32.98 -74.69
C GLY O 780 33.79 -33.51 -75.82
N VAL O 781 33.13 -34.19 -76.77
CA VAL O 781 33.84 -34.81 -77.87
C VAL O 781 34.55 -33.77 -78.72
N ASP O 782 34.07 -32.53 -78.73
CA ASP O 782 34.67 -31.51 -79.57
C ASP O 782 36.07 -31.14 -79.08
N THR O 783 36.21 -30.87 -77.77
CA THR O 783 37.54 -30.60 -77.24
C THR O 783 38.46 -31.77 -77.50
N LEU O 784 37.94 -32.99 -77.37
CA LEU O 784 38.74 -34.18 -77.67
C LEU O 784 39.27 -34.12 -79.09
N ASN O 785 38.37 -34.07 -80.08
CA ASN O 785 38.79 -34.07 -81.47
C ASN O 785 39.71 -32.88 -81.77
N THR O 786 39.48 -31.76 -81.09
CA THR O 786 40.32 -30.58 -81.31
C THR O 786 41.76 -30.86 -80.89
N VAL O 787 41.94 -31.34 -79.66
CA VAL O 787 43.28 -31.70 -79.21
C VAL O 787 43.84 -32.82 -80.08
N MET O 788 42.95 -33.63 -80.64
CA MET O 788 43.38 -34.71 -81.52
C MET O 788 44.01 -34.17 -82.80
N LEU O 789 43.44 -33.10 -83.34
CA LEU O 789 44.04 -32.48 -84.52
C LEU O 789 45.31 -31.71 -84.16
N THR O 790 45.53 -31.47 -82.87
CA THR O 790 46.73 -30.75 -82.43
C THR O 790 48.00 -31.58 -82.52
N GLN O 791 47.89 -32.91 -82.59
CA GLN O 791 49.08 -33.74 -82.65
C GLN O 791 49.80 -33.52 -83.98
N ALA O 792 51.11 -33.25 -83.91
CA ALA O 792 51.85 -32.75 -85.06
C ALA O 792 52.65 -33.81 -85.80
N GLY O 793 52.60 -35.07 -85.37
CA GLY O 793 53.45 -36.08 -85.99
C GLY O 793 52.68 -37.36 -86.26
N SER O 794 53.42 -38.38 -86.69
CA SER O 794 52.84 -39.69 -86.95
C SER O 794 52.11 -40.25 -85.75
N SER O 795 52.33 -39.70 -84.56
CA SER O 795 51.74 -40.24 -83.35
C SER O 795 50.28 -39.83 -83.20
N GLY O 796 49.49 -40.04 -84.24
CA GLY O 796 48.05 -39.89 -84.10
C GLY O 796 47.43 -40.93 -83.21
N THR O 797 48.07 -42.09 -83.09
CA THR O 797 47.72 -43.09 -82.10
C THR O 797 48.52 -42.95 -80.81
N GLU O 798 49.45 -42.00 -80.75
CA GLU O 798 50.31 -41.89 -79.57
C GLU O 798 50.54 -40.43 -79.20
N GLY O 799 49.56 -39.57 -79.49
CA GLY O 799 49.63 -38.17 -79.12
C GLY O 799 49.08 -37.94 -77.73
N GLN O 800 49.28 -36.70 -77.25
CA GLN O 800 48.63 -36.28 -76.01
C GLN O 800 47.13 -36.54 -76.06
N GLY O 801 46.55 -36.39 -77.25
CA GLY O 801 45.14 -36.72 -77.42
C GLY O 801 44.85 -38.18 -77.17
N GLN O 802 45.81 -39.06 -77.44
CA GLN O 802 45.61 -40.47 -77.14
C GLN O 802 45.49 -40.70 -75.63
N MET O 803 46.38 -40.11 -74.84
CA MET O 803 46.26 -40.21 -73.39
C MET O 803 44.95 -39.56 -72.94
N LEU O 804 44.55 -38.47 -73.58
CA LEU O 804 43.30 -37.82 -73.20
C LEU O 804 42.10 -38.73 -73.41
N MET O 805 42.01 -39.33 -74.60
CA MET O 805 40.93 -40.26 -74.88
C MET O 805 40.99 -41.45 -73.94
N GLN O 806 42.20 -41.88 -73.58
CA GLN O 806 42.33 -42.94 -72.60
C GLN O 806 41.72 -42.53 -71.27
N THR O 807 41.96 -41.30 -70.84
CA THR O 807 41.38 -40.81 -69.60
C THR O 807 39.87 -40.74 -69.69
N ILE O 808 39.36 -40.32 -70.85
CA ILE O 808 37.91 -40.26 -71.03
C ILE O 808 37.30 -41.65 -70.93
N LYS O 809 37.83 -42.61 -71.70
CA LYS O 809 37.32 -43.97 -71.64
C LYS O 809 37.46 -44.55 -70.25
N LEU O 810 38.51 -44.16 -69.52
CA LEU O 810 38.66 -44.61 -68.14
C LEU O 810 37.52 -44.08 -67.28
N ALA O 811 37.23 -42.79 -67.37
CA ALA O 811 36.11 -42.24 -66.60
C ALA O 811 34.80 -42.94 -66.97
N PHE O 812 34.64 -43.25 -68.26
CA PHE O 812 33.41 -43.90 -68.69
C PHE O 812 33.28 -45.31 -68.15
N SER O 813 34.32 -46.12 -68.30
CA SER O 813 34.30 -47.47 -67.74
C SER O 813 34.14 -47.42 -66.23
N ILE O 814 34.70 -46.40 -65.59
CA ILE O 814 34.54 -46.23 -64.15
C ILE O 814 33.07 -46.07 -63.80
N THR O 815 32.42 -45.07 -64.40
CA THR O 815 31.01 -44.84 -64.12
C THR O 815 30.18 -46.08 -64.46
N ASN O 816 30.58 -46.79 -65.52
CA ASN O 816 29.87 -48.01 -65.89
C ASN O 816 29.96 -49.03 -64.77
N ASN O 817 31.17 -49.32 -64.30
CA ASN O 817 31.33 -50.27 -63.22
C ASN O 817 30.58 -49.82 -61.97
N VAL O 818 30.64 -48.53 -61.66
CA VAL O 818 30.02 -48.03 -60.44
C VAL O 818 28.51 -48.23 -60.50
N ILE O 819 27.92 -47.90 -61.65
CA ILE O 819 26.49 -48.13 -61.82
C ILE O 819 26.18 -49.61 -61.74
N ARG O 820 27.07 -50.45 -62.28
CA ARG O 820 26.81 -51.89 -62.28
C ARG O 820 26.82 -52.46 -60.87
N LEU O 821 27.74 -52.01 -60.04
CA LEU O 821 27.96 -52.61 -58.73
C LEU O 821 27.03 -52.07 -57.66
N LYS O 822 26.49 -50.88 -57.84
CA LYS O 822 25.57 -50.33 -56.85
C LYS O 822 24.18 -50.89 -57.09
N PRO O 830 24.24 -39.34 -54.59
CA PRO O 830 24.35 -38.03 -55.24
C PRO O 830 24.82 -38.13 -56.68
N LEU O 831 25.68 -39.12 -56.97
CA LEU O 831 26.27 -39.24 -58.30
C LEU O 831 25.19 -39.36 -59.38
N GLU O 832 24.19 -40.21 -59.14
CA GLU O 832 23.13 -40.37 -60.12
C GLU O 832 22.39 -39.05 -60.35
N HIS O 833 22.19 -38.29 -59.28
CA HIS O 833 21.53 -37.00 -59.43
C HIS O 833 22.36 -36.05 -60.29
N ALA O 834 23.67 -36.01 -60.07
CA ALA O 834 24.53 -35.18 -60.91
C ALA O 834 24.52 -35.65 -62.34
N LEU O 835 24.43 -36.96 -62.57
CA LEU O 835 24.43 -37.50 -63.92
C LEU O 835 23.14 -37.21 -64.66
N THR O 836 22.02 -37.12 -63.95
CA THR O 836 20.76 -36.78 -64.60
C THR O 836 20.44 -35.29 -64.52
N GLN O 837 21.16 -34.54 -63.69
CA GLN O 837 20.90 -33.12 -63.55
C GLN O 837 21.14 -32.39 -64.87
N HIS O 838 20.36 -31.34 -65.09
CA HIS O 838 20.61 -30.45 -66.21
C HIS O 838 21.68 -29.44 -65.78
N GLY O 839 22.86 -29.54 -66.38
CA GLY O 839 23.95 -28.66 -66.00
C GLY O 839 23.56 -27.20 -66.07
N ALA O 840 24.14 -26.41 -65.17
CA ALA O 840 23.74 -25.00 -65.06
C ALA O 840 24.05 -24.19 -66.31
N HIS O 841 24.74 -24.77 -67.30
CA HIS O 841 25.09 -24.04 -68.51
C HIS O 841 24.23 -24.44 -69.70
N GLY O 842 23.18 -25.23 -69.47
CA GLY O 842 22.28 -25.63 -70.53
C GLY O 842 22.58 -26.97 -71.18
N ASN O 843 23.81 -27.46 -71.10
CA ASN O 843 24.17 -28.75 -71.69
C ASN O 843 24.09 -29.83 -70.62
N ASN O 844 22.95 -30.52 -70.57
CA ASN O 844 22.80 -31.64 -69.67
C ASN O 844 23.89 -32.67 -69.96
N LEU O 845 24.52 -33.19 -68.90
CA LEU O 845 25.64 -34.09 -69.08
C LEU O 845 25.29 -35.25 -69.99
N ILE O 846 24.07 -35.78 -69.88
CA ILE O 846 23.65 -36.89 -70.73
C ILE O 846 23.70 -36.48 -72.20
N ALA O 847 23.47 -35.20 -72.49
CA ALA O 847 23.55 -34.76 -73.87
C ALA O 847 24.99 -34.76 -74.36
N VAL O 848 25.92 -34.31 -73.53
CA VAL O 848 27.33 -34.39 -73.89
C VAL O 848 27.71 -35.84 -74.13
N LEU O 849 27.19 -36.74 -73.29
CA LEU O 849 27.45 -38.16 -73.47
C LEU O 849 26.94 -38.63 -74.82
N ALA O 850 25.69 -38.34 -75.13
CA ALA O 850 25.12 -38.79 -76.39
C ALA O 850 25.88 -38.23 -77.58
N LYS O 851 26.29 -36.96 -77.50
CA LYS O 851 27.03 -36.36 -78.61
C LYS O 851 28.30 -37.12 -78.93
N TYR O 852 28.84 -37.87 -77.96
CA TYR O 852 30.03 -38.67 -78.23
C TYR O 852 29.79 -39.68 -79.33
N ILE O 853 28.54 -39.91 -79.72
CA ILE O 853 28.26 -40.75 -80.89
C ILE O 853 28.94 -40.20 -82.12
N TYR O 854 29.36 -38.93 -82.08
CA TYR O 854 30.10 -38.33 -83.18
C TYR O 854 31.55 -38.79 -83.25
N HIS O 855 32.10 -39.33 -82.16
CA HIS O 855 33.49 -39.77 -82.15
C HIS O 855 33.65 -40.94 -83.12
N ARG O 856 34.46 -40.75 -84.17
CA ARG O 856 34.60 -41.74 -85.22
C ARG O 856 35.97 -42.37 -85.31
N TYR O 857 36.92 -42.01 -84.44
CA TYR O 857 38.25 -42.59 -84.51
C TYR O 857 38.39 -43.79 -83.59
N ASP O 858 37.73 -43.77 -82.44
CA ASP O 858 37.87 -44.84 -81.46
C ASP O 858 36.51 -45.40 -81.08
N PRO O 859 36.13 -46.57 -81.60
CA PRO O 859 34.76 -47.06 -81.38
C PRO O 859 34.46 -47.41 -79.94
N SER O 860 35.47 -47.81 -79.16
CA SER O 860 35.21 -48.20 -77.78
C SER O 860 34.63 -47.06 -76.96
N LEU O 861 35.06 -45.82 -77.24
CA LEU O 861 34.49 -44.68 -76.50
C LEU O 861 32.99 -44.56 -76.74
N PRO O 862 32.51 -44.54 -77.98
CA PRO O 862 31.06 -44.47 -78.18
C PRO O 862 30.34 -45.71 -77.70
N ARG O 863 30.96 -46.89 -77.81
CA ARG O 863 30.32 -48.10 -77.29
C ARG O 863 30.11 -48.00 -75.79
N LEU O 864 31.11 -47.50 -75.06
CA LEU O 864 30.96 -47.33 -73.62
C LEU O 864 29.97 -46.23 -73.28
N ALA O 865 29.97 -45.14 -74.05
CA ALA O 865 28.96 -44.11 -73.85
C ALA O 865 27.55 -44.68 -74.03
N ILE O 866 27.39 -45.56 -75.03
CA ILE O 866 26.11 -46.22 -75.26
C ILE O 866 25.77 -47.13 -74.08
N GLN O 867 26.78 -47.81 -73.52
CA GLN O 867 26.53 -48.64 -72.36
C GLN O 867 26.03 -47.81 -71.20
N LEU O 868 26.71 -46.70 -70.94
CA LEU O 868 26.24 -45.79 -69.89
C LEU O 868 24.84 -45.30 -70.20
N LEU O 869 24.53 -45.08 -71.47
CA LEU O 869 23.20 -44.62 -71.85
C LEU O 869 22.15 -45.67 -71.54
N LYS O 870 22.41 -46.91 -71.94
CA LYS O 870 21.48 -47.99 -71.63
C LYS O 870 21.28 -48.11 -70.12
N ARG O 871 22.37 -48.03 -69.36
CA ARG O 871 22.24 -48.12 -67.91
C ARG O 871 21.37 -46.99 -67.37
N LEU O 872 21.68 -45.75 -67.76
CA LEU O 872 20.90 -44.62 -67.29
C LEU O 872 19.44 -44.74 -67.69
N ALA O 873 19.18 -45.29 -68.88
CA ALA O 873 17.80 -45.50 -69.28
C ALA O 873 17.14 -46.55 -68.41
N MET O 874 17.93 -47.50 -67.91
CA MET O 874 17.41 -48.44 -66.95
C MET O 874 17.11 -47.78 -65.62
N VAL O 875 17.84 -46.72 -65.28
CA VAL O 875 17.80 -46.23 -63.91
C VAL O 875 17.33 -44.78 -63.78
N ALA O 876 17.44 -43.98 -64.83
CA ALA O 876 17.14 -42.56 -64.68
C ALA O 876 15.64 -42.31 -64.85
N PRO O 877 15.08 -41.34 -64.13
CA PRO O 877 13.63 -41.09 -64.25
C PRO O 877 13.25 -40.01 -65.24
N MET O 878 14.17 -39.14 -65.64
CA MET O 878 13.87 -38.12 -66.62
C MET O 878 14.00 -38.68 -68.02
N SER O 879 13.04 -38.33 -68.88
CA SER O 879 13.07 -38.82 -70.24
C SER O 879 14.34 -38.36 -70.92
N VAL O 880 14.99 -39.27 -71.65
CA VAL O 880 16.21 -38.90 -72.36
C VAL O 880 15.92 -37.81 -73.37
N TYR O 881 14.73 -37.83 -73.97
CA TYR O 881 14.36 -36.76 -74.89
C TYR O 881 14.35 -35.41 -74.19
N ALA O 882 13.95 -35.38 -72.91
CA ALA O 882 13.87 -34.11 -72.20
C ALA O 882 15.24 -33.47 -72.04
N CYS O 883 16.17 -34.17 -71.39
CA CYS O 883 17.52 -33.61 -71.24
C CYS O 883 18.25 -33.53 -72.57
N LEU O 884 17.77 -34.24 -73.59
CA LEU O 884 18.38 -34.15 -74.91
C LEU O 884 17.99 -32.89 -75.65
N GLY O 885 16.76 -32.40 -75.44
CA GLY O 885 16.35 -31.14 -76.03
C GLY O 885 16.42 -31.15 -77.54
N SER O 886 16.69 -29.97 -78.12
CA SER O 886 16.63 -29.80 -79.56
C SER O 886 17.65 -30.65 -80.30
N ASP O 887 18.52 -31.35 -79.59
CA ASP O 887 19.45 -32.27 -80.23
C ASP O 887 18.98 -33.71 -80.21
N ALA O 888 17.82 -33.99 -79.61
CA ALA O 888 17.33 -35.37 -79.56
C ALA O 888 17.12 -35.94 -80.94
N ALA O 889 16.43 -35.20 -81.80
CA ALA O 889 16.21 -35.68 -83.16
C ALA O 889 17.52 -35.80 -83.92
N ALA O 890 18.45 -34.87 -83.68
CA ALA O 890 19.75 -34.94 -84.34
C ALA O 890 20.47 -36.22 -83.96
N ILE O 891 20.50 -36.52 -82.66
CA ILE O 891 21.18 -37.73 -82.20
C ILE O 891 20.48 -38.96 -82.73
N ARG O 892 19.16 -38.90 -82.86
CA ARG O 892 18.41 -40.02 -83.41
C ARG O 892 18.82 -40.29 -84.85
N ASP O 893 18.84 -39.24 -85.67
CA ASP O 893 19.27 -39.40 -87.06
C ASP O 893 20.70 -39.90 -87.12
N ALA O 894 21.56 -39.37 -86.24
CA ALA O 894 22.94 -39.84 -86.21
C ALA O 894 23.00 -41.33 -85.90
N PHE O 895 22.19 -41.77 -84.94
CA PHE O 895 22.18 -43.18 -84.59
C PHE O 895 21.69 -44.02 -85.76
N LEU O 896 20.67 -43.54 -86.46
CA LEU O 896 20.16 -44.28 -87.60
C LEU O 896 21.23 -44.43 -88.67
N SER O 897 21.97 -43.35 -88.94
CA SER O 897 23.03 -43.43 -89.92
C SER O 897 24.13 -44.37 -89.47
N ARG O 898 24.59 -44.22 -88.23
CA ARG O 898 25.70 -45.02 -87.72
C ARG O 898 25.36 -46.50 -87.69
N LEU O 899 24.11 -46.83 -87.39
CA LEU O 899 23.70 -48.23 -87.46
C LEU O 899 23.56 -48.70 -88.90
N ARG O 900 22.95 -47.89 -89.76
CA ARG O 900 22.73 -48.31 -91.14
C ARG O 900 24.02 -48.57 -91.87
N ASP O 901 25.08 -47.81 -91.57
CA ASP O 901 26.33 -47.97 -92.28
C ASP O 901 26.87 -49.38 -92.12
N ASN O 902 27.53 -49.88 -93.17
CA ASN O 902 28.02 -51.25 -93.18
C ASN O 902 29.39 -51.42 -92.56
N ILE O 903 30.19 -50.34 -92.50
CA ILE O 903 31.52 -50.43 -91.89
C ILE O 903 31.47 -50.31 -90.38
N GLU O 904 30.31 -50.06 -89.80
CA GLU O 904 30.19 -49.97 -88.36
C GLU O 904 30.51 -51.31 -87.71
N ASP O 905 31.00 -51.26 -86.48
CA ASP O 905 31.36 -52.47 -85.77
C ASP O 905 30.14 -53.34 -85.53
N MET O 906 30.21 -54.59 -85.99
CA MET O 906 29.18 -55.57 -85.67
C MET O 906 28.97 -55.64 -84.16
N GLN O 907 30.06 -55.47 -83.40
CA GLN O 907 29.92 -55.33 -81.96
C GLN O 907 29.07 -54.13 -81.60
N ILE O 908 29.37 -52.96 -82.17
CA ILE O 908 28.53 -51.78 -81.94
C ILE O 908 27.12 -52.04 -82.44
N LYS O 909 26.99 -52.82 -83.52
CA LYS O 909 25.68 -53.13 -84.06
C LYS O 909 24.82 -53.88 -83.05
N ILE O 910 25.33 -55.01 -82.56
CA ILE O 910 24.58 -55.80 -81.58
C ILE O 910 24.38 -54.97 -80.32
N MET O 911 25.37 -54.14 -79.96
CA MET O 911 25.22 -53.29 -78.79
C MET O 911 24.04 -52.33 -78.95
N ILE O 912 23.89 -51.74 -80.13
CA ILE O 912 22.80 -50.81 -80.36
C ILE O 912 21.48 -51.56 -80.40
N LEU O 913 21.49 -52.77 -80.94
CA LEU O 913 20.26 -53.56 -80.98
C LEU O 913 19.79 -53.89 -79.57
N GLU O 914 20.73 -54.31 -78.71
CA GLU O 914 20.40 -54.53 -77.32
C GLU O 914 19.93 -53.24 -76.66
N PHE O 915 20.55 -52.12 -77.01
CA PHE O 915 20.12 -50.84 -76.46
C PHE O 915 18.67 -50.56 -76.80
N LEU O 916 18.30 -50.80 -78.06
CA LEU O 916 16.92 -50.58 -78.49
C LEU O 916 15.97 -51.50 -77.75
N THR O 917 16.29 -52.79 -77.70
CA THR O 917 15.44 -53.72 -76.96
C THR O 917 15.28 -53.28 -75.51
N VAL O 918 16.38 -52.85 -74.90
CA VAL O 918 16.36 -52.47 -73.49
C VAL O 918 15.49 -51.24 -73.29
N ALA O 919 15.62 -50.25 -74.17
CA ALA O 919 14.75 -49.09 -74.07
C ALA O 919 13.29 -49.48 -74.28
N VAL O 920 13.05 -50.57 -75.02
CA VAL O 920 11.69 -51.04 -75.22
C VAL O 920 11.07 -51.44 -73.89
N GLU O 921 11.92 -51.82 -72.92
CA GLU O 921 11.40 -52.27 -71.63
C GLU O 921 11.70 -51.29 -70.50
N THR O 922 12.52 -50.27 -70.76
CA THR O 922 12.92 -49.34 -69.71
C THR O 922 12.85 -47.87 -70.10
N GLN O 923 12.84 -47.55 -71.39
CA GLN O 923 12.83 -46.17 -71.86
C GLN O 923 11.75 -46.00 -72.90
N PRO O 924 10.49 -45.81 -72.45
CA PRO O 924 9.39 -45.69 -73.42
C PRO O 924 9.55 -44.52 -74.37
N GLY O 925 9.90 -43.35 -73.87
CA GLY O 925 10.02 -42.19 -74.72
C GLY O 925 11.05 -42.36 -75.81
N LEU O 926 12.28 -42.74 -75.45
CA LEU O 926 13.29 -42.96 -76.47
C LEU O 926 12.91 -44.13 -77.38
N ILE O 927 12.26 -45.15 -76.82
CA ILE O 927 11.87 -46.31 -77.62
C ILE O 927 10.90 -45.89 -78.71
N GLU O 928 10.03 -44.91 -78.41
CA GLU O 928 9.13 -44.41 -79.44
C GLU O 928 9.87 -43.48 -80.40
N LEU O 929 10.75 -42.63 -79.87
CA LEU O 929 11.46 -41.68 -80.71
C LEU O 929 12.29 -42.39 -81.77
N PHE O 930 12.86 -43.53 -81.41
CA PHE O 930 13.83 -44.17 -82.30
C PHE O 930 13.18 -44.82 -83.50
N LEU O 931 12.02 -45.44 -83.33
CA LEU O 931 11.40 -46.14 -84.46
C LEU O 931 10.89 -45.17 -85.50
N ASN O 932 10.59 -43.93 -85.10
CA ASN O 932 10.06 -42.91 -85.99
C ASN O 932 8.76 -43.34 -86.64
N SER O 951 13.35 -45.16 -90.74
CA SER O 951 12.86 -45.86 -89.56
C SER O 951 13.72 -47.07 -89.27
N CYS O 952 13.78 -47.45 -87.99
CA CYS O 952 14.64 -48.54 -87.55
C CYS O 952 14.20 -49.89 -88.10
N LEU O 953 12.89 -50.09 -88.26
CA LEU O 953 12.38 -51.39 -88.69
C LEU O 953 13.01 -51.84 -90.01
N GLN O 954 13.19 -50.92 -90.95
CA GLN O 954 13.78 -51.28 -92.24
C GLN O 954 15.13 -51.95 -92.05
N VAL O 955 15.92 -51.48 -91.08
CA VAL O 955 17.21 -52.09 -90.81
C VAL O 955 17.03 -53.53 -90.36
N VAL O 956 16.08 -53.78 -89.47
CA VAL O 956 15.85 -55.13 -89.01
C VAL O 956 15.43 -56.03 -90.16
N LEU O 957 14.60 -55.51 -91.05
CA LEU O 957 14.20 -56.30 -92.22
C LEU O 957 15.40 -56.62 -93.09
N LYS O 958 16.28 -55.65 -93.28
CA LYS O 958 17.48 -55.89 -94.08
C LYS O 958 18.35 -56.95 -93.44
N LEU O 959 18.47 -56.92 -92.12
CA LEU O 959 19.27 -57.93 -91.44
C LEU O 959 18.58 -59.28 -91.40
N ILE O 960 17.25 -59.31 -91.55
CA ILE O 960 16.52 -60.57 -91.57
C ILE O 960 16.33 -61.11 -92.98
N ASP O 961 16.78 -60.40 -93.99
CA ASP O 961 16.77 -60.90 -95.36
C ASP O 961 17.47 -62.27 -95.42
N TRP O 969 20.84 -64.33 -93.14
CA TRP O 969 21.88 -64.90 -92.29
C TRP O 969 22.99 -63.92 -91.90
N GLY O 970 22.74 -62.61 -91.93
CA GLY O 970 23.78 -61.61 -91.73
C GLY O 970 24.70 -61.88 -90.57
N ALA O 971 24.12 -62.16 -89.41
CA ALA O 971 24.85 -62.63 -88.24
C ALA O 971 23.84 -63.15 -87.24
N PRO O 972 24.01 -64.37 -86.74
CA PRO O 972 23.03 -64.91 -85.79
C PRO O 972 22.73 -63.98 -84.64
N LEU O 973 23.76 -63.34 -84.06
CA LEU O 973 23.53 -62.46 -82.93
C LEU O 973 22.72 -61.23 -83.31
N LEU O 974 22.91 -60.71 -84.52
CA LEU O 974 22.13 -59.55 -84.94
C LEU O 974 20.65 -59.88 -85.02
N HIS O 975 20.30 -60.93 -85.75
CA HIS O 975 18.91 -61.34 -85.85
C HIS O 975 18.36 -61.70 -84.48
N ARG O 976 19.21 -62.28 -83.63
CA ARG O 976 18.79 -62.59 -82.27
C ARG O 976 18.36 -61.35 -81.53
N SER O 977 19.23 -60.35 -81.45
CA SER O 977 18.90 -59.12 -80.77
C SER O 977 17.67 -58.45 -81.39
N ALA O 978 17.56 -58.51 -82.71
CA ALA O 978 16.44 -57.86 -83.38
C ALA O 978 15.12 -58.53 -83.03
N ILE O 979 15.03 -59.84 -83.26
CA ILE O 979 13.80 -60.56 -82.95
C ILE O 979 13.50 -60.47 -81.47
N ALA O 980 14.53 -60.31 -80.64
CA ALA O 980 14.29 -60.11 -79.22
C ALA O 980 13.59 -58.79 -78.97
N PHE O 981 14.09 -57.70 -79.56
CA PHE O 981 13.41 -56.43 -79.44
C PHE O 981 11.98 -56.53 -79.93
N LEU O 982 11.78 -57.27 -81.02
CA LEU O 982 10.44 -57.43 -81.57
C LEU O 982 9.52 -58.16 -80.59
N HIS O 983 9.99 -59.31 -80.07
CA HIS O 983 9.20 -60.05 -79.10
C HIS O 983 8.87 -59.18 -77.90
N ALA O 984 9.83 -58.36 -77.45
CA ALA O 984 9.56 -57.50 -76.31
C ALA O 984 8.48 -56.49 -76.63
N LEU O 985 8.57 -55.86 -77.81
CA LEU O 985 7.53 -54.91 -78.18
C LEU O 985 6.17 -55.57 -78.24
N TRP O 986 6.12 -56.80 -78.75
CA TRP O 986 4.85 -57.53 -78.81
C TRP O 986 4.38 -57.92 -77.42
N GLN O 987 5.32 -58.07 -76.48
CA GLN O 987 4.97 -58.43 -75.11
C GLN O 987 4.38 -57.24 -74.37
N ASP O 988 5.05 -56.09 -74.45
CA ASP O 988 4.64 -54.89 -73.73
C ASP O 988 3.37 -54.28 -74.29
N ARG O 989 2.70 -54.95 -75.22
CA ARG O 989 1.47 -54.45 -75.84
C ARG O 989 1.71 -53.09 -76.49
N ARG O 990 2.82 -52.99 -77.23
CA ARG O 990 3.12 -51.80 -77.99
C ARG O 990 2.17 -51.77 -79.16
N ASP O 991 0.92 -51.39 -78.86
CA ASP O 991 -0.15 -51.46 -79.84
C ASP O 991 0.20 -50.68 -81.09
N SER O 992 0.70 -49.46 -80.94
CA SER O 992 1.13 -48.72 -82.12
C SER O 992 2.11 -49.53 -82.94
N ALA O 993 3.13 -50.09 -82.29
CA ALA O 993 4.10 -50.91 -82.99
C ALA O 993 3.48 -52.19 -83.52
N MET O 994 2.67 -52.86 -82.70
CA MET O 994 2.06 -54.12 -83.13
C MET O 994 1.23 -53.93 -84.38
N THR O 995 0.33 -52.95 -84.37
CA THR O 995 -0.52 -52.69 -85.52
C THR O 995 0.29 -52.24 -86.72
N VAL O 996 1.28 -51.38 -86.51
CA VAL O 996 2.08 -50.89 -87.63
C VAL O 996 2.79 -52.06 -88.30
N LEU O 997 3.39 -52.95 -87.51
CA LEU O 997 4.08 -54.10 -88.08
C LEU O 997 3.12 -55.04 -88.79
N ARG O 998 2.07 -55.47 -88.07
CA ARG O 998 1.13 -56.44 -88.62
C ARG O 998 0.55 -55.97 -89.95
N THR O 999 0.64 -54.69 -90.24
CA THR O 999 0.23 -54.19 -91.54
C THR O 999 1.28 -54.41 -92.62
N LYS O 1000 2.56 -54.49 -92.25
CA LYS O 1000 3.61 -54.60 -93.26
C LYS O 1000 3.48 -55.93 -94.00
N PRO O 1001 3.59 -55.93 -95.32
CA PRO O 1001 3.45 -57.18 -96.08
C PRO O 1001 4.55 -58.17 -95.72
N ASN O 1002 4.21 -59.46 -95.81
CA ASN O 1002 5.16 -60.55 -95.58
C ASN O 1002 5.81 -60.49 -94.20
N PHE O 1003 5.26 -59.66 -93.31
CA PHE O 1003 5.83 -59.54 -91.97
C PHE O 1003 5.90 -60.89 -91.28
N TRP O 1004 4.80 -61.63 -91.30
CA TRP O 1004 4.82 -62.96 -90.73
C TRP O 1004 5.76 -63.89 -91.48
N GLU O 1005 5.79 -63.79 -92.81
CA GLU O 1005 6.64 -64.69 -93.59
C GLU O 1005 8.11 -64.49 -93.26
N ASN O 1006 8.59 -63.24 -93.34
CA ASN O 1006 9.99 -62.97 -93.07
C ASN O 1006 10.29 -63.12 -91.58
N LEU O 1007 9.27 -62.98 -90.74
CA LEU O 1007 9.47 -63.14 -89.30
C LEU O 1007 9.62 -64.60 -88.92
N THR O 1008 8.95 -65.49 -89.64
CA THR O 1008 8.93 -66.90 -89.28
C THR O 1008 9.82 -67.76 -90.16
N SER O 1009 10.40 -67.20 -91.22
CA SER O 1009 11.33 -67.96 -92.06
C SER O 1009 12.35 -68.74 -91.27
N PRO O 1010 12.85 -68.28 -90.13
CA PRO O 1010 13.86 -69.07 -89.40
C PRO O 1010 13.33 -70.38 -88.86
N LEU O 1011 12.05 -70.45 -88.50
CA LEU O 1011 11.51 -71.70 -87.99
C LEU O 1011 11.38 -72.77 -89.06
N PHE O 1012 11.20 -72.38 -90.31
CA PHE O 1012 11.03 -73.33 -91.40
C PHE O 1012 12.31 -74.08 -91.73
N GLY O 1013 13.45 -73.61 -91.24
CA GLY O 1013 14.70 -74.30 -91.50
C GLY O 1013 14.90 -75.51 -90.61
N THR O 1014 15.98 -76.23 -90.90
CA THR O 1014 16.37 -77.40 -90.11
C THR O 1014 17.68 -77.09 -89.40
N LEU O 1015 17.69 -77.27 -88.09
CA LEU O 1015 18.89 -77.02 -87.30
C LEU O 1015 19.70 -78.29 -87.12
N ALA O 1016 20.98 -78.12 -86.84
CA ALA O 1016 21.84 -79.28 -86.57
C ALA O 1016 21.43 -79.93 -85.26
N CYS O 1017 21.78 -81.21 -85.12
CA CYS O 1017 21.43 -81.94 -83.92
C CYS O 1017 22.05 -81.29 -82.70
N PRO O 1018 21.37 -81.29 -81.55
CA PRO O 1018 21.89 -80.56 -80.38
C PRO O 1018 23.23 -81.07 -79.86
N SER O 1019 23.72 -82.20 -80.35
CA SER O 1019 25.05 -82.65 -79.94
C SER O 1019 26.14 -81.87 -80.65
N GLU O 1020 25.90 -81.48 -81.90
CA GLU O 1020 26.84 -80.65 -82.64
C GLU O 1020 26.81 -79.22 -82.09
N SER O 1021 27.73 -78.39 -82.57
CA SER O 1021 27.78 -77.01 -82.14
C SER O 1021 26.66 -76.21 -82.77
N SER O 1022 25.43 -76.39 -82.28
CA SER O 1022 24.30 -75.63 -82.81
C SER O 1022 24.30 -74.23 -82.23
N GLU O 1023 24.19 -73.23 -83.10
CA GLU O 1023 24.27 -71.84 -82.67
C GLU O 1023 23.14 -71.51 -81.71
N LEU O 1024 23.50 -71.28 -80.44
CA LEU O 1024 22.50 -70.94 -79.43
C LEU O 1024 21.61 -69.80 -79.88
N SER O 1025 22.12 -68.90 -80.71
CA SER O 1025 21.31 -67.80 -81.20
C SER O 1025 20.12 -68.29 -82.01
N ILE O 1026 20.29 -69.39 -82.75
CA ILE O 1026 19.17 -69.91 -83.53
C ILE O 1026 18.03 -70.35 -82.60
N LEU O 1027 18.36 -71.10 -81.56
CA LEU O 1027 17.33 -71.55 -80.63
C LEU O 1027 16.69 -70.38 -79.90
N GLU O 1028 17.51 -69.42 -79.46
CA GLU O 1028 16.96 -68.26 -78.75
C GLU O 1028 16.02 -67.46 -79.65
N THR O 1029 16.42 -67.26 -80.90
CA THR O 1029 15.56 -66.61 -81.88
C THR O 1029 14.25 -67.35 -82.02
N CYS O 1030 14.29 -68.63 -82.39
CA CYS O 1030 13.07 -69.41 -82.56
C CYS O 1030 12.21 -69.36 -81.30
N ALA O 1031 12.84 -69.30 -80.13
CA ALA O 1031 12.10 -69.19 -78.88
C ALA O 1031 11.33 -67.87 -78.83
N PHE O 1032 12.02 -66.76 -79.00
CA PHE O 1032 11.33 -65.48 -78.96
C PHE O 1032 10.28 -65.38 -80.06
N ILE O 1033 10.52 -66.07 -81.18
CA ILE O 1033 9.58 -66.03 -82.29
C ILE O 1033 8.29 -66.75 -81.93
N MET O 1034 8.41 -67.98 -81.45
CA MET O 1034 7.24 -68.71 -80.98
C MET O 1034 6.54 -67.92 -79.88
N LYS O 1035 7.30 -67.21 -79.06
CA LYS O 1035 6.69 -66.39 -78.01
C LYS O 1035 5.86 -65.26 -78.61
N ILE O 1036 6.38 -64.60 -79.64
CA ILE O 1036 5.62 -63.55 -80.29
C ILE O 1036 4.35 -64.11 -80.91
N ILE O 1037 4.47 -65.27 -81.57
CA ILE O 1037 3.30 -65.90 -82.18
C ILE O 1037 2.25 -66.21 -81.13
N CYS O 1038 2.67 -66.80 -80.01
CA CYS O 1038 1.74 -67.05 -78.92
C CYS O 1038 1.08 -65.76 -78.47
N LEU O 1039 1.88 -64.83 -77.94
CA LEU O 1039 1.34 -63.59 -77.40
C LEU O 1039 0.36 -62.93 -78.36
N GLU O 1040 0.66 -62.96 -79.66
CA GLU O 1040 -0.28 -62.44 -80.63
C GLU O 1040 -1.58 -63.22 -80.59
N ILE O 1041 -1.50 -64.54 -80.80
CA ILE O 1041 -2.72 -65.36 -80.86
C ILE O 1041 -3.56 -65.17 -79.61
N TYR O 1042 -2.91 -65.04 -78.45
CA TYR O 1042 -3.63 -64.83 -77.20
C TYR O 1042 -4.27 -63.46 -77.16
N TYR O 1043 -3.53 -62.42 -77.53
CA TYR O 1043 -4.09 -61.07 -77.49
C TYR O 1043 -5.02 -60.80 -78.66
N ALA O 1044 -4.85 -61.54 -79.76
CA ALA O 1044 -5.66 -61.28 -80.96
C ALA O 1044 -7.15 -61.43 -80.69
N SER O 1052 -2.21 -63.92 -93.46
CA SER O 1052 -0.81 -64.34 -93.51
C SER O 1052 -0.52 -65.35 -92.41
N LEU O 1053 -0.94 -65.02 -91.20
CA LEU O 1053 -0.70 -65.91 -90.06
C LEU O 1053 -1.39 -67.25 -90.26
N LYS O 1054 -2.68 -67.23 -90.62
CA LYS O 1054 -3.41 -68.48 -90.79
C LYS O 1054 -2.79 -69.33 -91.89
N LYS O 1055 -2.37 -68.70 -92.98
CA LYS O 1055 -1.71 -69.45 -94.04
C LYS O 1055 -0.41 -70.07 -93.55
N ILE O 1056 0.38 -69.30 -92.79
CA ILE O 1056 1.63 -69.84 -92.28
C ILE O 1056 1.38 -71.00 -91.34
N LEU O 1057 0.32 -70.89 -90.53
CA LEU O 1057 0.02 -71.96 -89.59
C LEU O 1057 -0.46 -73.22 -90.29
N LYS O 1058 -1.31 -73.05 -91.30
CA LYS O 1058 -1.72 -74.20 -92.09
C LYS O 1058 -0.53 -74.84 -92.78
N LYS O 1059 0.40 -74.02 -93.26
CA LYS O 1059 1.61 -74.58 -93.85
C LYS O 1059 2.39 -75.39 -92.83
N PHE O 1060 2.68 -74.80 -91.67
CA PHE O 1060 3.46 -75.50 -90.65
C PHE O 1060 2.78 -76.80 -90.23
N SER O 1061 1.47 -76.79 -90.10
CA SER O 1061 0.75 -78.01 -89.76
C SER O 1061 0.88 -79.04 -90.87
N GLU O 1062 0.66 -78.64 -92.12
CA GLU O 1062 0.91 -79.55 -93.23
C GLU O 1062 2.39 -79.89 -93.33
N GLU O 1063 3.27 -78.98 -92.92
CA GLU O 1063 4.70 -79.24 -92.89
C GLU O 1063 5.09 -80.15 -91.74
N GLU O 1064 4.12 -80.65 -90.98
CA GLU O 1064 4.38 -81.57 -89.88
C GLU O 1064 5.33 -80.93 -88.86
N ARG O 1065 5.41 -79.59 -88.88
CA ARG O 1065 6.35 -78.89 -88.02
C ARG O 1065 6.21 -79.30 -86.57
N PHE O 1066 4.99 -79.67 -86.14
CA PHE O 1066 4.83 -80.17 -84.79
C PHE O 1066 5.64 -81.43 -84.57
N THR O 1067 5.67 -82.33 -85.57
CA THR O 1067 6.36 -83.60 -85.39
C THR O 1067 7.87 -83.39 -85.28
N TYR O 1068 8.44 -82.64 -86.21
CA TYR O 1068 9.88 -82.37 -86.16
C TYR O 1068 10.25 -81.61 -84.91
N TRP O 1069 9.44 -80.60 -84.55
CA TRP O 1069 9.71 -79.83 -83.35
C TRP O 1069 9.69 -80.69 -82.11
N SER O 1070 8.72 -81.59 -82.00
CA SER O 1070 8.63 -82.46 -80.82
C SER O 1070 9.79 -83.44 -80.79
N ASN O 1071 10.12 -84.04 -81.94
CA ASN O 1071 11.26 -84.94 -81.98
C ASN O 1071 12.53 -84.24 -81.53
N TYR O 1072 12.78 -83.04 -82.04
CA TYR O 1072 13.98 -82.31 -81.68
C TYR O 1072 13.96 -81.93 -80.20
N VAL O 1073 12.82 -81.47 -79.70
CA VAL O 1073 12.73 -81.09 -78.30
C VAL O 1073 13.02 -82.28 -77.42
N HIS O 1074 12.50 -83.45 -77.79
CA HIS O 1074 12.75 -84.65 -77.02
C HIS O 1074 14.23 -85.01 -77.05
N SER O 1075 14.84 -84.96 -78.23
CA SER O 1075 16.27 -85.25 -78.31
C SER O 1075 17.06 -84.30 -77.44
N LEU O 1076 16.70 -83.02 -77.44
CA LEU O 1076 17.44 -82.04 -76.66
C LEU O 1076 17.28 -82.30 -75.17
N VAL O 1077 16.06 -82.57 -74.73
CA VAL O 1077 15.86 -82.86 -73.32
C VAL O 1077 16.66 -84.09 -72.92
N CYS O 1078 16.63 -85.13 -73.75
CA CYS O 1078 17.37 -86.34 -73.43
C CYS O 1078 18.86 -86.05 -73.37
N GLN O 1079 19.38 -85.24 -74.29
CA GLN O 1079 20.79 -84.91 -74.27
C GLN O 1079 21.15 -84.15 -73.02
N VAL O 1080 20.31 -83.21 -72.61
CA VAL O 1080 20.56 -82.48 -71.37
C VAL O 1080 20.56 -83.45 -70.20
N ALA O 1081 19.69 -84.45 -70.24
CA ALA O 1081 19.60 -85.41 -69.14
C ALA O 1081 20.85 -86.28 -69.06
N GLU O 1082 21.32 -86.76 -70.21
CA GLU O 1082 22.50 -87.62 -70.23
C GLU O 1082 23.73 -86.90 -69.67
N THR O 1083 23.74 -85.58 -69.73
CA THR O 1083 24.83 -84.79 -69.19
C THR O 1083 24.60 -84.36 -67.75
N GLU O 1084 23.52 -84.83 -67.12
CA GLU O 1084 23.22 -84.54 -65.72
C GLU O 1084 23.25 -83.05 -65.42
N GLY O 1085 22.97 -82.23 -66.43
CA GLY O 1085 22.97 -80.80 -66.26
C GLY O 1085 24.35 -80.25 -65.97
N ASN O 1088 27.13 -78.66 -70.68
CA ASN O 1088 27.43 -77.30 -71.09
C ASN O 1088 26.35 -76.76 -72.02
N SER O 1089 25.60 -77.67 -72.64
CA SER O 1089 24.44 -77.32 -73.45
C SER O 1089 23.17 -77.26 -72.63
N LEU O 1090 23.31 -77.16 -71.30
CA LEU O 1090 22.14 -77.26 -70.42
C LEU O 1090 21.14 -76.14 -70.67
N THR O 1091 21.56 -74.89 -70.48
CA THR O 1091 20.63 -73.76 -70.59
C THR O 1091 19.97 -73.73 -71.95
N GLU O 1092 20.69 -74.11 -73.00
CA GLU O 1092 20.10 -74.12 -74.34
C GLU O 1092 18.95 -75.10 -74.42
N TYR O 1093 19.18 -76.36 -74.04
CA TYR O 1093 18.11 -77.35 -74.09
C TYR O 1093 16.97 -76.96 -73.15
N GLN O 1094 17.30 -76.32 -72.03
CA GLN O 1094 16.26 -75.89 -71.10
C GLN O 1094 15.34 -74.86 -71.75
N GLN O 1095 15.91 -73.82 -72.36
CA GLN O 1095 15.09 -72.82 -72.99
C GLN O 1095 14.29 -73.41 -74.15
N LEU O 1096 14.92 -74.30 -74.92
CA LEU O 1096 14.22 -74.91 -76.04
C LEU O 1096 13.05 -75.76 -75.55
N LEU O 1097 13.22 -76.42 -74.40
CA LEU O 1097 12.12 -77.18 -73.83
C LEU O 1097 11.02 -76.25 -73.36
N SER O 1098 11.39 -75.12 -72.75
CA SER O 1098 10.39 -74.12 -72.39
C SER O 1098 9.62 -73.68 -73.63
N ALA O 1099 10.31 -73.58 -74.76
CA ALA O 1099 9.66 -73.20 -76.01
C ALA O 1099 8.66 -74.26 -76.46
N TRP O 1100 9.11 -75.52 -76.57
CA TRP O 1100 8.21 -76.58 -76.97
C TRP O 1100 7.03 -76.66 -76.02
N ARG O 1101 7.27 -76.45 -74.73
CA ARG O 1101 6.21 -76.47 -73.74
C ARG O 1101 5.17 -75.40 -74.02
N MET O 1102 5.59 -74.13 -74.03
CA MET O 1102 4.65 -73.05 -74.27
C MET O 1102 3.93 -73.24 -75.58
N PHE O 1103 4.64 -73.75 -76.59
CA PHE O 1103 4.04 -73.98 -77.90
C PHE O 1103 2.92 -75.00 -77.80
N LEU O 1104 3.19 -76.17 -77.23
CA LEU O 1104 2.16 -77.19 -77.12
C LEU O 1104 1.01 -76.69 -76.26
N ILE O 1105 1.30 -75.85 -75.26
CA ILE O 1105 0.25 -75.35 -74.39
C ILE O 1105 -0.70 -74.46 -75.18
N VAL O 1106 -0.16 -73.41 -75.79
CA VAL O 1106 -0.98 -72.53 -76.58
C VAL O 1106 -1.66 -73.30 -77.70
N ALA O 1107 -1.05 -74.39 -78.16
CA ALA O 1107 -1.71 -75.23 -79.15
C ALA O 1107 -2.95 -75.88 -78.58
N THR O 1108 -2.81 -76.63 -77.49
CA THR O 1108 -3.95 -77.35 -76.93
C THR O 1108 -5.07 -76.40 -76.52
N HIS O 1109 -4.72 -75.18 -76.11
CA HIS O 1109 -5.76 -74.22 -75.75
C HIS O 1109 -6.61 -73.82 -76.96
N ASN O 1110 -6.06 -73.91 -78.17
CA ASN O 1110 -6.79 -73.55 -79.38
C ASN O 1110 -6.54 -74.55 -80.50
N ALA O 1111 -6.66 -75.85 -80.18
CA ALA O 1111 -6.18 -76.91 -81.07
C ALA O 1111 -6.56 -76.69 -82.53
N ASP O 1112 -7.74 -76.14 -82.79
CA ASP O 1112 -8.16 -75.94 -84.18
C ASP O 1112 -7.25 -74.94 -84.88
N VAL O 1113 -6.92 -73.83 -84.22
CA VAL O 1113 -6.03 -72.85 -84.83
C VAL O 1113 -4.67 -73.46 -85.10
N MET O 1114 -4.19 -74.30 -84.18
CA MET O 1114 -2.98 -75.07 -84.42
C MET O 1114 -3.23 -76.28 -85.30
N HIS O 1115 -4.48 -76.55 -85.67
CA HIS O 1115 -4.85 -77.80 -86.33
C HIS O 1115 -4.42 -78.99 -85.48
N LEU O 1116 -4.48 -78.82 -84.15
CA LEU O 1116 -4.08 -79.88 -83.23
C LEU O 1116 -5.28 -80.76 -82.88
N THR O 1117 -5.94 -81.22 -83.95
CA THR O 1117 -7.04 -82.18 -83.84
C THR O 1117 -6.56 -83.62 -83.90
N ASN O 1118 -5.37 -83.87 -84.41
CA ASN O 1118 -4.89 -85.23 -84.64
C ASN O 1118 -4.77 -85.98 -83.31
N PRO O 1119 -5.65 -86.93 -83.02
CA PRO O 1119 -5.45 -87.76 -81.83
C PRO O 1119 -4.20 -88.61 -81.90
N GLU O 1120 -3.78 -89.01 -83.11
CA GLU O 1120 -2.50 -89.69 -83.24
C GLU O 1120 -1.37 -88.79 -82.76
N VAL O 1121 -1.37 -87.53 -83.21
CA VAL O 1121 -0.35 -86.59 -82.75
C VAL O 1121 -0.53 -86.29 -81.27
N ARG O 1122 -1.79 -86.18 -80.82
CA ARG O 1122 -2.02 -85.93 -79.40
C ARG O 1122 -1.42 -87.04 -78.54
N GLN O 1123 -1.61 -88.30 -78.95
CA GLN O 1123 -1.09 -89.41 -78.19
C GLN O 1123 0.42 -89.48 -78.29
N LYS O 1124 0.97 -89.20 -79.47
CA LYS O 1124 2.42 -89.14 -79.61
C LYS O 1124 3.00 -88.12 -78.65
N LEU O 1125 2.42 -86.92 -78.61
CA LEU O 1125 2.90 -85.88 -77.71
C LEU O 1125 2.79 -86.32 -76.25
N PHE O 1126 1.64 -86.85 -75.87
CA PHE O 1126 1.46 -87.27 -74.48
C PHE O 1126 2.48 -88.33 -74.08
N LYS O 1127 2.63 -89.37 -74.90
CA LYS O 1127 3.58 -90.44 -74.60
C LYS O 1127 5.00 -89.90 -74.54
N ASP O 1128 5.36 -89.02 -75.48
CA ASP O 1128 6.73 -88.51 -75.50
C ASP O 1128 7.03 -87.68 -74.27
N ILE O 1129 6.10 -86.79 -73.89
CA ILE O 1129 6.32 -85.96 -72.72
C ILE O 1129 6.40 -86.81 -71.46
N LEU O 1130 5.53 -87.82 -71.37
CA LEU O 1130 5.60 -88.75 -70.25
C LEU O 1130 6.97 -89.41 -70.17
N GLY O 1131 7.36 -90.13 -71.22
CA GLY O 1131 8.64 -90.81 -71.21
C GLY O 1131 9.80 -89.86 -70.96
N GLY O 1132 9.67 -88.61 -71.43
CA GLY O 1132 10.71 -87.64 -71.14
C GLY O 1132 10.79 -87.32 -69.66
N THR O 1133 9.64 -87.04 -69.05
CA THR O 1133 9.62 -86.85 -67.61
C THR O 1133 10.25 -88.05 -66.92
N GLN O 1134 9.98 -89.24 -67.43
CA GLN O 1134 10.50 -90.47 -66.83
C GLN O 1134 12.02 -90.49 -66.88
N ALA O 1135 12.58 -90.48 -68.08
CA ALA O 1135 14.03 -90.56 -68.24
C ALA O 1135 14.73 -89.45 -67.48
N LEU O 1136 14.14 -88.24 -67.47
CA LEU O 1136 14.75 -87.16 -66.71
C LEU O 1136 14.71 -87.44 -65.22
N LEU O 1137 13.60 -87.96 -64.70
CA LEU O 1137 13.49 -88.23 -63.28
C LEU O 1137 14.21 -89.51 -62.87
N VAL O 1138 14.83 -90.21 -63.81
CA VAL O 1138 15.54 -91.43 -63.43
C VAL O 1138 16.97 -91.17 -62.96
N VAL O 1139 17.57 -90.04 -63.30
CA VAL O 1139 18.95 -89.75 -62.96
C VAL O 1139 19.07 -89.51 -61.45
N PRO O 1140 19.85 -90.31 -60.73
CA PRO O 1140 19.98 -90.11 -59.28
C PRO O 1140 20.61 -88.79 -58.87
N ARG O 1141 21.80 -88.52 -59.37
CA ARG O 1141 22.55 -87.33 -58.95
C ARG O 1141 22.02 -86.07 -59.60
N VAL O 1143 20.04 -81.23 -59.45
CA VAL O 1143 18.96 -80.29 -59.21
C VAL O 1143 18.30 -79.90 -60.52
N ALA O 1144 19.10 -79.84 -61.58
CA ALA O 1144 18.56 -79.46 -62.89
C ALA O 1144 17.48 -80.44 -63.34
N CYS O 1145 17.79 -81.74 -63.29
CA CYS O 1145 16.82 -82.75 -63.69
C CYS O 1145 15.51 -82.60 -62.93
N MET O 1146 15.59 -82.19 -61.66
CA MET O 1146 14.38 -81.96 -60.88
C MET O 1146 13.50 -80.90 -61.52
N HIS O 1147 14.03 -79.69 -61.71
CA HIS O 1147 13.23 -78.61 -62.26
C HIS O 1147 12.71 -78.96 -63.66
N LEU O 1148 13.57 -79.58 -64.47
CA LEU O 1148 13.14 -79.98 -65.80
C LEU O 1148 11.96 -80.93 -65.74
N SER O 1149 12.08 -81.99 -64.95
CA SER O 1149 10.99 -82.96 -64.84
C SER O 1149 9.76 -82.32 -64.25
N SER O 1150 9.93 -81.32 -63.39
CA SER O 1150 8.76 -80.66 -62.81
C SER O 1150 8.01 -79.87 -63.86
N MET O 1151 8.73 -79.17 -64.73
CA MET O 1151 8.07 -78.49 -65.84
C MET O 1151 7.37 -79.50 -66.73
N LEU O 1152 8.07 -80.56 -67.10
CA LEU O 1152 7.47 -81.60 -67.92
C LEU O 1152 6.23 -82.17 -67.24
N CYS O 1153 6.24 -82.23 -65.92
CA CYS O 1153 5.11 -82.81 -65.19
C CYS O 1153 3.90 -81.90 -65.26
N THR O 1154 4.09 -80.61 -64.95
CA THR O 1154 2.97 -79.68 -65.10
C THR O 1154 2.39 -79.77 -66.50
N VAL O 1155 3.27 -79.82 -67.50
CA VAL O 1155 2.81 -79.94 -68.88
C VAL O 1155 1.97 -81.19 -69.08
N MET O 1156 2.53 -82.34 -68.72
CA MET O 1156 1.84 -83.61 -68.96
C MET O 1156 0.51 -83.65 -68.23
N ILE O 1157 0.45 -83.03 -67.05
CA ILE O 1157 -0.79 -83.02 -66.29
C ILE O 1157 -1.87 -82.25 -67.05
N ILE O 1158 -1.57 -81.00 -67.42
CA ILE O 1158 -2.56 -80.21 -68.14
C ILE O 1158 -2.94 -80.91 -69.44
N LEU O 1159 -1.95 -81.54 -70.07
CA LEU O 1159 -2.18 -82.16 -71.38
C LEU O 1159 -3.10 -83.36 -71.25
N LEU O 1160 -2.84 -84.22 -70.27
CA LEU O 1160 -3.71 -85.36 -70.06
C LEU O 1160 -5.13 -84.90 -69.72
N ARG O 1161 -5.24 -83.85 -68.90
CA ARG O 1161 -6.56 -83.34 -68.57
C ARG O 1161 -7.32 -82.89 -69.81
N ARG O 1162 -6.64 -82.20 -70.73
CA ARG O 1162 -7.33 -81.69 -71.91
C ARG O 1162 -7.59 -82.78 -72.93
N TRP O 1163 -6.67 -83.74 -73.06
CA TRP O 1163 -6.75 -84.76 -74.10
C TRP O 1163 -7.14 -86.12 -73.54
N LYS O 1164 -7.81 -86.15 -72.39
CA LYS O 1164 -8.22 -87.42 -71.80
C LYS O 1164 -9.00 -88.28 -72.79
N ASN O 1165 -9.96 -87.68 -73.48
CA ASN O 1165 -10.78 -88.43 -74.42
C ASN O 1165 -10.00 -88.90 -75.63
N ASP O 1166 -8.86 -88.29 -75.92
CA ASP O 1166 -7.96 -88.78 -76.96
C ASP O 1166 -6.94 -89.77 -76.42
N LEU O 1167 -6.63 -89.69 -75.13
CA LEU O 1167 -5.65 -90.57 -74.51
C LEU O 1167 -6.00 -92.04 -74.73
N PRO O 1170 -2.02 -99.20 -72.23
CA PRO O 1170 -1.89 -98.48 -70.95
C PRO O 1170 -1.05 -99.24 -69.94
N GLU O 1171 -0.85 -100.54 -70.19
CA GLU O 1171 -0.07 -101.35 -69.26
C GLU O 1171 1.36 -100.88 -69.16
N ASP O 1172 2.00 -100.66 -70.31
CA ASP O 1172 3.38 -100.19 -70.29
C ASP O 1172 3.49 -98.83 -69.60
N ILE O 1173 2.48 -97.98 -69.80
CA ILE O 1173 2.43 -96.72 -69.05
C ILE O 1173 2.35 -97.00 -67.56
N LEU O 1174 1.61 -98.04 -67.18
CA LEU O 1174 1.53 -98.38 -65.77
C LEU O 1174 2.89 -98.78 -65.22
N ASN O 1175 3.59 -99.67 -65.92
CA ASN O 1175 4.91 -100.11 -65.46
C ASN O 1175 5.87 -98.93 -65.40
N SER O 1176 5.77 -98.03 -66.37
CA SER O 1176 6.67 -96.89 -66.40
C SER O 1176 6.40 -95.94 -65.24
N LEU O 1177 5.14 -95.56 -65.04
CA LEU O 1177 4.81 -94.72 -63.90
C LEU O 1177 5.15 -95.42 -62.60
N THR O 1178 5.12 -96.75 -62.59
CA THR O 1178 5.54 -97.49 -61.42
C THR O 1178 7.02 -97.26 -61.12
N GLN O 1179 7.88 -97.51 -62.11
CA GLN O 1179 9.31 -97.26 -61.92
C GLN O 1179 9.55 -95.80 -61.58
N ILE O 1180 8.75 -94.91 -62.15
CA ILE O 1180 8.93 -93.48 -61.90
C ILE O 1180 8.62 -93.16 -60.45
N LEU O 1181 7.49 -93.64 -59.95
CA LEU O 1181 7.16 -93.43 -58.55
C LEU O 1181 8.19 -94.09 -57.66
N GLU O 1182 8.76 -95.20 -58.12
CA GLU O 1182 9.83 -95.85 -57.37
C GLU O 1182 11.01 -94.92 -57.18
N GLY O 1183 11.51 -94.36 -58.28
CA GLY O 1183 12.57 -93.38 -58.18
C GLY O 1183 12.17 -92.17 -57.35
N VAL O 1184 10.91 -91.73 -57.48
CA VAL O 1184 10.44 -90.59 -56.71
C VAL O 1184 10.44 -90.91 -55.23
N LEU O 1185 10.33 -92.20 -54.89
CA LEU O 1185 10.39 -92.62 -53.49
C LEU O 1185 11.83 -92.66 -52.98
N GLN O 1186 12.77 -93.13 -53.78
CA GLN O 1186 14.16 -93.16 -53.36
C GLN O 1186 14.76 -91.77 -53.29
N ARG O 1187 13.97 -90.72 -53.52
CA ARG O 1187 14.42 -89.35 -53.53
C ARG O 1187 14.25 -88.74 -52.14
N ASP O 1188 15.03 -87.69 -51.88
CA ASP O 1188 14.83 -86.89 -50.69
C ASP O 1188 13.43 -86.28 -50.74
N GLN O 1189 12.74 -86.29 -49.61
CA GLN O 1189 11.32 -85.94 -49.62
C GLN O 1189 11.09 -84.48 -49.99
N GLN O 1190 11.89 -83.58 -49.42
CA GLN O 1190 11.56 -82.15 -49.48
C GLN O 1190 11.47 -81.62 -50.91
N LEU O 1191 11.97 -82.37 -51.89
CA LEU O 1191 11.93 -81.93 -53.27
C LEU O 1191 11.08 -82.81 -54.18
N VAL O 1192 10.58 -83.94 -53.68
CA VAL O 1192 9.88 -84.89 -54.53
C VAL O 1192 8.36 -84.84 -54.34
N GLU O 1193 7.85 -83.95 -53.49
CA GLU O 1193 6.42 -83.92 -53.21
C GLU O 1193 5.60 -83.73 -54.48
N LYS O 1194 5.81 -82.60 -55.16
CA LYS O 1194 5.04 -82.30 -56.36
C LYS O 1194 5.16 -83.43 -57.38
N THR O 1195 6.34 -84.04 -57.47
CA THR O 1195 6.52 -85.14 -58.40
C THR O 1195 5.67 -86.34 -58.00
N LYS O 1196 5.61 -86.61 -56.69
CA LYS O 1196 4.77 -87.71 -56.23
C LYS O 1196 3.31 -87.44 -56.56
N ALA O 1197 2.85 -86.22 -56.28
CA ALA O 1197 1.45 -85.87 -56.58
C ALA O 1197 1.17 -86.00 -58.06
N GLN O 1198 2.08 -85.55 -58.91
CA GLN O 1198 1.90 -85.68 -60.34
C GLN O 1198 1.82 -87.14 -60.75
N ILE O 1199 2.80 -87.94 -60.35
CA ILE O 1199 2.83 -89.34 -60.74
C ILE O 1199 1.58 -90.04 -60.24
N PHE O 1200 1.07 -89.63 -59.08
CA PHE O 1200 -0.13 -90.24 -58.54
C PHE O 1200 -1.34 -89.92 -59.41
N SER O 1201 -1.54 -88.64 -59.72
CA SER O 1201 -2.66 -88.29 -60.59
C SER O 1201 -2.53 -88.98 -61.93
N ALA O 1202 -1.30 -89.15 -62.40
CA ALA O 1202 -1.06 -89.87 -63.65
C ALA O 1202 -1.54 -91.30 -63.55
N LEU O 1203 -1.10 -92.01 -62.51
CA LEU O 1203 -1.54 -93.39 -62.33
C LEU O 1203 -3.05 -93.46 -62.20
N ILE O 1204 -3.65 -92.49 -61.51
CA ILE O 1204 -5.10 -92.47 -61.37
C ILE O 1204 -5.75 -92.38 -62.73
N SER O 1205 -5.23 -91.50 -63.59
CA SER O 1205 -5.74 -91.42 -64.95
C SER O 1205 -5.52 -92.72 -65.69
N VAL O 1206 -4.43 -93.43 -65.40
CA VAL O 1206 -4.14 -94.67 -66.09
C VAL O 1206 -5.15 -95.75 -65.72
N LEU O 1207 -5.54 -95.78 -64.44
CA LEU O 1207 -6.53 -96.76 -64.01
C LEU O 1207 -7.93 -96.33 -64.42
N GLU O 1208 -8.26 -95.05 -64.28
CA GLU O 1208 -9.55 -94.56 -64.72
C GLU O 1208 -9.73 -94.68 -66.23
N MET O 1209 -8.63 -94.78 -66.98
CA MET O 1209 -8.75 -94.89 -68.43
C MET O 1209 -9.42 -96.20 -68.83
N LYS O 1210 -9.23 -97.25 -68.05
CA LYS O 1210 -9.87 -98.54 -68.34
C LYS O 1210 -10.00 -99.33 -67.05
N PRO O 1211 -11.21 -99.74 -66.67
CA PRO O 1211 -11.38 -100.52 -65.44
C PRO O 1211 -10.65 -101.86 -65.50
N MET O 1212 -9.67 -102.05 -64.63
CA MET O 1212 -8.82 -103.24 -64.67
C MET O 1212 -8.88 -103.98 -63.34
N LYS O 1213 -8.82 -105.31 -63.41
CA LYS O 1213 -8.72 -106.12 -62.21
C LYS O 1213 -7.26 -106.24 -61.78
N ALA O 1214 -7.07 -106.59 -60.51
CA ALA O 1214 -5.72 -106.69 -59.96
C ALA O 1214 -4.84 -107.63 -60.75
N SER O 1215 -5.43 -108.63 -61.40
CA SER O 1215 -4.65 -109.61 -62.14
C SER O 1215 -3.96 -109.03 -63.36
N GLU O 1216 -4.55 -108.00 -63.98
CA GLU O 1216 -3.95 -107.38 -65.15
C GLU O 1216 -2.95 -106.28 -64.80
N ILE O 1217 -2.79 -105.97 -63.52
CA ILE O 1217 -1.90 -104.88 -63.08
C ILE O 1217 -0.55 -105.49 -62.77
N PRO O 1218 0.48 -105.24 -63.57
CA PRO O 1218 1.81 -105.77 -63.27
C PRO O 1218 2.34 -105.20 -61.97
N GLN O 1219 2.90 -106.08 -61.13
CA GLN O 1219 3.47 -105.70 -59.85
C GLN O 1219 2.45 -105.01 -58.94
N TYR O 1220 1.16 -105.32 -59.18
CA TYR O 1220 0.09 -104.76 -58.35
C TYR O 1220 0.42 -104.87 -56.88
N SER O 1221 0.98 -106.01 -56.47
CA SER O 1221 1.48 -106.12 -55.11
C SER O 1221 2.45 -105.00 -54.78
N GLN O 1222 3.48 -104.82 -55.60
CA GLN O 1222 4.46 -103.78 -55.33
C GLN O 1222 3.84 -102.40 -55.45
N LEU O 1223 2.92 -102.22 -56.40
CA LEU O 1223 2.26 -100.93 -56.55
C LEU O 1223 1.53 -100.53 -55.28
N LEU O 1224 0.65 -101.41 -54.79
CA LEU O 1224 -0.06 -101.09 -53.56
C LEU O 1224 0.90 -100.94 -52.40
N LEU O 1225 1.99 -101.72 -52.39
CA LEU O 1225 2.98 -101.61 -51.33
C LEU O 1225 3.54 -100.20 -51.28
N ASN O 1226 3.97 -99.69 -52.43
CA ASN O 1226 4.55 -98.36 -52.48
C ASN O 1226 3.49 -97.31 -52.14
N VAL O 1227 2.28 -97.49 -52.65
CA VAL O 1227 1.22 -96.55 -52.32
C VAL O 1227 1.04 -96.50 -50.81
N CYS O 1228 1.09 -97.66 -50.17
CA CYS O 1228 0.91 -97.71 -48.73
C CYS O 1228 2.07 -97.04 -48.01
N GLU O 1229 3.29 -97.29 -48.47
CA GLU O 1229 4.45 -96.68 -47.83
C GLU O 1229 4.35 -95.17 -47.89
N THR O 1230 4.12 -94.64 -49.09
CA THR O 1230 4.00 -93.20 -49.25
C THR O 1230 2.86 -92.66 -48.40
N LEU O 1231 1.71 -93.34 -48.45
CA LEU O 1231 0.58 -92.90 -47.66
C LEU O 1231 0.95 -92.82 -46.19
N GLN O 1232 1.57 -93.87 -45.66
CA GLN O 1232 1.93 -93.88 -44.26
C GLN O 1232 2.85 -92.72 -43.91
N GLU O 1233 3.92 -92.57 -44.69
CA GLU O 1233 4.89 -91.52 -44.39
C GLU O 1233 4.22 -90.15 -44.43
N GLU O 1234 3.63 -89.81 -45.56
CA GLU O 1234 3.06 -88.48 -45.72
C GLU O 1234 1.94 -88.24 -44.72
N VAL O 1235 1.21 -89.29 -44.35
CA VAL O 1235 0.10 -89.12 -43.45
C VAL O 1235 0.60 -88.82 -42.05
N VAL O 1236 1.59 -89.58 -41.59
CA VAL O 1236 2.18 -89.26 -40.29
C VAL O 1236 2.73 -87.86 -40.31
N SER O 1237 3.31 -87.46 -41.44
CA SER O 1237 3.84 -86.11 -41.55
C SER O 1237 2.74 -85.09 -41.38
N LEU O 1238 1.66 -85.23 -42.15
CA LEU O 1238 0.57 -84.28 -42.05
C LEU O 1238 -0.02 -84.30 -40.65
N VAL O 1239 0.01 -85.45 -40.01
CA VAL O 1239 -0.47 -85.55 -38.64
C VAL O 1239 0.35 -84.65 -37.73
N ASP O 1240 1.67 -84.80 -37.80
CA ASP O 1240 2.52 -83.95 -36.97
C ASP O 1240 2.33 -82.49 -37.33
N HIS O 1241 2.12 -82.20 -38.61
CA HIS O 1241 2.00 -80.81 -39.04
C HIS O 1241 0.72 -80.20 -38.50
N THR O 1242 -0.38 -80.92 -38.57
CA THR O 1242 -1.62 -80.43 -38.00
C THR O 1242 -1.53 -80.33 -36.48
N ARG O 1243 -0.78 -81.24 -35.85
CA ARG O 1243 -0.68 -81.20 -34.40
C ARG O 1243 0.12 -80.00 -33.92
N HIS O 1244 1.18 -79.65 -34.64
CA HIS O 1244 1.98 -78.49 -34.26
C HIS O 1244 1.24 -77.19 -34.47
N GLU O 1245 0.15 -77.19 -35.22
CA GLU O 1245 -0.63 -75.99 -35.48
C GLU O 1245 -1.49 -75.57 -34.31
N VAL O 1246 -1.34 -76.19 -33.14
CA VAL O 1246 -2.14 -75.86 -31.98
C VAL O 1246 -1.84 -74.44 -31.51
N GLN O 1268 0.50 -73.58 -46.36
CA GLN O 1268 0.86 -74.98 -46.19
C GLN O 1268 -0.23 -75.73 -45.43
N LYS O 1269 -1.37 -75.07 -45.23
CA LYS O 1269 -2.50 -75.73 -44.59
C LYS O 1269 -3.27 -76.59 -45.58
N ASP O 1270 -3.43 -76.11 -46.81
CA ASP O 1270 -4.30 -76.79 -47.77
C ASP O 1270 -3.58 -77.86 -48.58
N GLN O 1271 -2.28 -77.70 -48.82
CA GLN O 1271 -1.57 -78.63 -49.70
C GLN O 1271 -1.42 -80.00 -49.06
N ARG O 1272 -1.11 -80.04 -47.76
CA ARG O 1272 -1.00 -81.32 -47.06
C ARG O 1272 -2.32 -82.07 -47.12
N ASP O 1273 -3.43 -81.41 -46.79
CA ASP O 1273 -4.73 -82.04 -46.84
C ASP O 1273 -5.07 -82.46 -48.26
N GLY O 1274 -4.69 -81.65 -49.25
CA GLY O 1274 -4.91 -82.03 -50.62
C GLY O 1274 -4.21 -83.33 -50.97
N VAL O 1275 -2.93 -83.44 -50.65
CA VAL O 1275 -2.19 -84.67 -50.92
C VAL O 1275 -2.82 -85.82 -50.15
N CYS O 1276 -3.29 -85.54 -48.93
CA CYS O 1276 -3.90 -86.58 -48.12
C CYS O 1276 -5.14 -87.15 -48.78
N VAL O 1277 -6.13 -86.29 -49.05
CA VAL O 1277 -7.34 -86.71 -49.73
C VAL O 1277 -7.00 -87.40 -51.04
N LEU O 1278 -5.96 -86.91 -51.72
CA LEU O 1278 -5.56 -87.53 -52.97
C LEU O 1278 -5.19 -88.99 -52.75
N GLY O 1279 -4.22 -89.24 -51.88
CA GLY O 1279 -3.83 -90.63 -51.62
C GLY O 1279 -4.99 -91.45 -51.10
N LEU O 1280 -5.90 -90.82 -50.38
CA LEU O 1280 -7.05 -91.54 -49.86
C LEU O 1280 -7.91 -92.07 -50.99
N HIS O 1281 -8.32 -91.20 -51.90
CA HIS O 1281 -9.11 -91.64 -53.03
C HIS O 1281 -8.33 -92.64 -53.87
N LEU O 1282 -7.02 -92.44 -53.96
CA LEU O 1282 -6.19 -93.38 -54.70
C LEU O 1282 -6.30 -94.78 -54.14
N ALA O 1283 -6.05 -94.93 -52.84
CA ALA O 1283 -6.13 -96.24 -52.22
C ALA O 1283 -7.56 -96.77 -52.28
N LYS O 1284 -8.54 -95.88 -52.22
CA LYS O 1284 -9.92 -96.31 -52.34
C LYS O 1284 -10.14 -97.01 -53.66
N GLU O 1285 -9.67 -96.40 -54.75
CA GLU O 1285 -9.83 -97.04 -56.06
C GLU O 1285 -9.00 -98.32 -56.14
N LEU O 1286 -7.80 -98.30 -55.57
CA LEU O 1286 -6.96 -99.49 -55.61
C LEU O 1286 -7.65 -100.66 -54.91
N CYS O 1287 -8.29 -100.39 -53.78
CA CYS O 1287 -9.04 -101.44 -53.09
C CYS O 1287 -10.27 -101.83 -53.87
N GLU O 1288 -10.95 -100.86 -54.50
CA GLU O 1288 -12.08 -101.18 -55.35
C GLU O 1288 -11.67 -102.09 -56.49
N ALA O 1289 -10.39 -102.06 -56.87
CA ALA O 1289 -9.88 -103.03 -57.83
C ALA O 1289 -9.67 -104.40 -57.20
N ASP O 1290 -9.48 -104.47 -55.88
CA ASP O 1290 -9.27 -105.74 -55.19
C ASP O 1290 -10.47 -106.02 -54.29
N GLU O 1291 -11.47 -106.69 -54.87
CA GLU O 1291 -12.69 -106.97 -54.13
C GLU O 1291 -12.48 -108.00 -53.03
N GLU O 1292 -11.54 -108.92 -53.20
CA GLU O 1292 -11.36 -110.00 -52.23
C GLU O 1292 -10.58 -109.54 -51.00
N GLY O 1293 -9.79 -108.47 -51.13
CA GLY O 1293 -9.04 -107.95 -50.01
C GLY O 1293 -7.89 -108.81 -49.53
N ASP O 1294 -7.67 -109.98 -50.14
CA ASP O 1294 -6.59 -110.85 -49.68
C ASP O 1294 -5.25 -110.15 -49.72
N GLN O 1295 -4.95 -109.48 -50.84
CA GLN O 1295 -3.76 -108.65 -50.86
C GLN O 1295 -3.90 -107.48 -49.91
N TRP O 1296 -5.07 -106.84 -49.91
CA TRP O 1296 -5.33 -105.80 -48.93
C TRP O 1296 -5.18 -106.34 -47.52
N GLN O 1297 -5.55 -107.61 -47.32
CA GLN O 1297 -5.39 -108.20 -46.00
C GLN O 1297 -3.91 -108.31 -45.63
N GLN O 1298 -3.11 -108.87 -46.54
CA GLN O 1298 -1.68 -108.96 -46.26
C GLN O 1298 -1.10 -107.57 -45.98
N VAL O 1299 -1.62 -106.56 -46.68
CA VAL O 1299 -1.13 -105.21 -46.49
C VAL O 1299 -1.46 -104.71 -45.10
N LEU O 1300 -2.75 -104.66 -44.76
CA LEU O 1300 -3.15 -104.18 -43.45
C LEU O 1300 -2.50 -104.98 -42.33
N ARG O 1301 -2.18 -106.25 -42.60
CA ARG O 1301 -1.42 -107.02 -41.64
C ARG O 1301 0.01 -106.55 -41.54
N LYS O 1302 0.58 -106.04 -42.63
CA LYS O 1302 1.95 -105.54 -42.56
C LYS O 1302 2.02 -104.15 -41.95
N LEU O 1303 0.92 -103.37 -41.99
CA LEU O 1303 0.98 -101.98 -41.58
C LEU O 1303 -0.19 -101.63 -40.66
N PRO O 1304 0.10 -101.09 -39.48
CA PRO O 1304 -0.98 -100.59 -38.61
C PRO O 1304 -1.52 -99.23 -39.09
N VAL O 1305 -2.01 -99.21 -40.33
CA VAL O 1305 -2.49 -97.97 -40.90
C VAL O 1305 -3.69 -97.45 -40.12
N LEU O 1306 -4.74 -98.24 -40.03
CA LEU O 1306 -5.94 -97.82 -39.34
C LEU O 1306 -5.65 -97.24 -37.97
N PRO O 1307 -4.70 -97.77 -37.21
CA PRO O 1307 -4.38 -97.13 -35.92
C PRO O 1307 -4.04 -95.66 -36.05
N ILE O 1308 -3.03 -95.34 -36.84
CA ILE O 1308 -2.62 -93.95 -36.97
C ILE O 1308 -3.74 -93.14 -37.59
N LEU O 1309 -4.46 -93.75 -38.53
CA LEU O 1309 -5.53 -93.04 -39.18
C LEU O 1309 -6.58 -92.59 -38.18
N PHE O 1310 -7.07 -93.51 -37.37
CA PHE O 1310 -8.10 -93.14 -36.42
C PHE O 1310 -7.56 -92.19 -35.38
N SER O 1311 -6.30 -92.36 -34.98
CA SER O 1311 -5.72 -91.38 -34.07
C SER O 1311 -5.81 -89.99 -34.68
N ALA O 1312 -5.46 -89.90 -35.96
CA ALA O 1312 -5.53 -88.62 -36.65
C ALA O 1312 -6.96 -88.10 -36.66
N LEU O 1313 -7.90 -88.93 -37.09
CA LEU O 1313 -9.29 -88.49 -37.22
C LEU O 1313 -9.81 -88.02 -35.88
N GLU O 1314 -9.49 -88.73 -34.81
CA GLU O 1314 -9.88 -88.30 -33.49
C GLU O 1314 -9.34 -86.91 -33.21
N VAL O 1315 -8.04 -86.72 -33.46
CA VAL O 1315 -7.46 -85.39 -33.26
C VAL O 1315 -8.23 -84.36 -34.07
N SER O 1316 -8.49 -84.69 -35.33
CA SER O 1316 -9.08 -83.74 -36.25
C SER O 1316 -10.47 -83.31 -35.78
N LEU O 1317 -11.33 -84.29 -35.52
CA LEU O 1317 -12.66 -83.98 -35.03
C LEU O 1317 -12.58 -83.23 -33.71
N ARG O 1318 -11.59 -83.55 -32.87
CA ARG O 1318 -11.42 -82.80 -31.64
C ARG O 1318 -11.20 -81.32 -31.93
N ILE O 1319 -10.29 -81.03 -32.85
CA ILE O 1319 -10.01 -79.62 -33.18
C ILE O 1319 -10.93 -79.10 -34.27
N LYS O 1320 -11.69 -79.97 -34.93
CA LYS O 1320 -12.57 -79.57 -36.04
C LYS O 1320 -11.76 -78.94 -37.17
N GLN O 1321 -10.82 -79.71 -37.71
CA GLN O 1321 -9.99 -79.26 -38.81
C GLN O 1321 -9.87 -80.37 -39.87
N ASN O 1322 -9.27 -80.01 -41.00
CA ASN O 1322 -8.99 -80.94 -42.09
C ASN O 1322 -10.26 -81.64 -42.56
N LEU O 1323 -11.29 -80.83 -42.80
CA LEU O 1323 -12.57 -81.38 -43.22
C LEU O 1323 -12.42 -82.25 -44.45
N HIS O 1324 -11.66 -81.77 -45.44
CA HIS O 1324 -11.43 -82.58 -46.64
C HIS O 1324 -10.76 -83.88 -46.27
N PHE O 1325 -9.79 -83.83 -45.35
CA PHE O 1325 -9.13 -85.05 -44.91
C PHE O 1325 -10.13 -86.00 -44.28
N CYS O 1326 -10.93 -85.50 -43.34
CA CYS O 1326 -11.93 -86.34 -42.70
C CYS O 1326 -12.83 -87.00 -43.72
N GLU O 1327 -13.32 -86.23 -44.68
CA GLU O 1327 -14.26 -86.79 -45.65
C GLU O 1327 -13.60 -87.83 -46.53
N ALA O 1328 -12.40 -87.53 -47.03
CA ALA O 1328 -11.72 -88.49 -47.88
C ALA O 1328 -11.45 -89.79 -47.13
N ILE O 1329 -10.95 -89.68 -45.90
CA ILE O 1329 -10.68 -90.88 -45.12
C ILE O 1329 -11.98 -91.64 -44.89
N LEU O 1330 -13.06 -90.92 -44.62
CA LEU O 1330 -14.34 -91.58 -44.39
C LEU O 1330 -14.78 -92.34 -45.63
N HIS O 1331 -14.61 -91.74 -46.80
CA HIS O 1331 -14.99 -92.42 -48.02
C HIS O 1331 -14.13 -93.65 -48.23
N PHE O 1332 -12.83 -93.54 -47.99
CA PHE O 1332 -11.96 -94.69 -48.12
C PHE O 1332 -12.40 -95.80 -47.20
N LEU O 1333 -12.72 -95.44 -45.96
CA LEU O 1333 -13.21 -96.43 -45.01
C LEU O 1333 -14.48 -97.09 -45.51
N PHE O 1334 -15.42 -96.29 -45.98
CA PHE O 1334 -16.69 -96.84 -46.45
C PHE O 1334 -16.47 -97.79 -47.61
N THR O 1335 -15.52 -97.46 -48.48
CA THR O 1335 -15.22 -98.35 -49.59
C THR O 1335 -14.60 -99.65 -49.09
N LEU O 1336 -13.69 -99.55 -48.12
CA LEU O 1336 -13.12 -100.75 -47.53
C LEU O 1336 -14.18 -101.59 -46.83
N ALA O 1337 -15.23 -100.93 -46.33
CA ALA O 1337 -16.23 -101.61 -45.52
C ALA O 1337 -17.07 -102.59 -46.32
N LYS O 1338 -17.06 -102.51 -47.65
CA LYS O 1338 -17.80 -103.48 -48.45
C LYS O 1338 -17.29 -104.90 -48.20
N THR O 1339 -16.06 -105.03 -47.71
CA THR O 1339 -15.44 -106.33 -47.53
C THR O 1339 -15.70 -106.84 -46.12
N HIS O 1340 -15.83 -108.16 -46.01
CA HIS O 1340 -16.04 -108.78 -44.70
C HIS O 1340 -14.83 -108.56 -43.81
N GLN O 1341 -13.65 -109.01 -44.26
CA GLN O 1341 -12.44 -108.82 -43.47
C GLN O 1341 -12.17 -107.35 -43.23
N GLY O 1342 -12.45 -106.51 -44.24
CA GLY O 1342 -12.25 -105.08 -44.07
C GLY O 1342 -13.02 -104.54 -42.89
N ALA O 1343 -14.35 -104.64 -42.93
CA ALA O 1343 -15.15 -104.11 -41.83
C ALA O 1343 -14.81 -104.82 -40.53
N ALA O 1344 -14.43 -106.09 -40.61
CA ALA O 1344 -14.04 -106.82 -39.42
C ALA O 1344 -12.88 -106.12 -38.72
N ALA O 1345 -11.84 -105.80 -39.46
CA ALA O 1345 -10.73 -105.08 -38.85
C ALA O 1345 -11.14 -103.67 -38.45
N MET O 1346 -12.00 -103.04 -39.26
CA MET O 1346 -12.46 -101.70 -38.95
C MET O 1346 -13.05 -101.65 -37.55
N ALA O 1347 -13.93 -102.59 -37.24
CA ALA O 1347 -14.39 -102.72 -35.87
C ALA O 1347 -13.24 -103.04 -34.94
N GLY O 1348 -12.40 -104.01 -35.33
CA GLY O 1348 -11.24 -104.34 -34.53
C GLY O 1348 -10.36 -103.15 -34.24
N ALA O 1349 -10.49 -102.09 -35.02
CA ALA O 1349 -9.81 -100.84 -34.75
C ALA O 1349 -10.55 -99.98 -33.72
N GLY O 1350 -11.71 -100.41 -33.25
CA GLY O 1350 -12.51 -99.54 -32.41
C GLY O 1350 -12.94 -98.30 -33.15
N ILE O 1351 -13.21 -98.41 -34.44
CA ILE O 1351 -13.69 -97.27 -35.21
C ILE O 1351 -14.80 -96.57 -34.46
N THR O 1352 -15.65 -97.35 -33.81
CA THR O 1352 -16.62 -96.75 -32.92
C THR O 1352 -15.93 -96.04 -31.78
N GLN O 1353 -15.04 -96.74 -31.08
CA GLN O 1353 -14.35 -96.16 -29.93
C GLN O 1353 -13.69 -94.85 -30.30
N THR O 1354 -13.26 -94.71 -31.55
CA THR O 1354 -12.66 -93.46 -31.96
C THR O 1354 -13.70 -92.42 -32.34
N VAL O 1355 -14.62 -92.75 -33.22
CA VAL O 1355 -15.43 -91.75 -33.88
C VAL O 1355 -16.59 -91.33 -32.99
N CYS O 1356 -17.23 -92.30 -32.35
CA CYS O 1356 -18.46 -92.03 -31.62
C CYS O 1356 -18.31 -90.86 -30.66
N LEU O 1357 -17.20 -90.83 -29.92
CA LEU O 1357 -17.01 -89.75 -28.95
C LEU O 1357 -16.92 -88.39 -29.62
N PRO O 1358 -15.98 -88.14 -30.52
CA PRO O 1358 -15.84 -86.79 -31.06
C PRO O 1358 -17.04 -86.33 -31.88
N LEU O 1359 -17.72 -87.25 -32.56
CA LEU O 1359 -18.77 -86.87 -33.49
C LEU O 1359 -19.81 -85.94 -32.87
N LEU O 1360 -19.92 -85.93 -31.54
CA LEU O 1360 -20.75 -84.94 -30.89
C LEU O 1360 -20.30 -83.53 -31.24
N SER O 1361 -18.99 -83.33 -31.39
CA SER O 1361 -18.45 -81.98 -31.57
C SER O 1361 -18.98 -81.32 -32.84
N VAL O 1362 -19.16 -82.09 -33.92
CA VAL O 1362 -19.50 -81.51 -35.22
C VAL O 1362 -20.84 -80.79 -35.16
N TYR O 1363 -21.80 -81.32 -34.42
CA TYR O 1363 -23.11 -80.72 -34.32
C TYR O 1363 -23.29 -79.88 -33.06
N GLN O 1364 -22.50 -80.10 -32.03
CA GLN O 1364 -22.59 -79.31 -30.81
C GLN O 1364 -22.23 -77.87 -31.10
N SER O 1387 -16.82 -82.07 -46.62
CA SER O 1387 -17.72 -81.18 -45.88
C SER O 1387 -18.22 -81.86 -44.60
N TRP O 1388 -18.45 -81.05 -43.57
CA TRP O 1388 -18.81 -81.58 -42.27
C TRP O 1388 -20.07 -82.43 -42.29
N PRO O 1389 -21.25 -81.89 -42.59
CA PRO O 1389 -22.44 -82.76 -42.67
C PRO O 1389 -22.24 -83.92 -43.63
N GLY O 1390 -21.47 -83.69 -44.69
CA GLY O 1390 -21.12 -84.79 -45.58
C GLY O 1390 -20.33 -85.88 -44.88
N VAL O 1391 -19.38 -85.47 -44.05
CA VAL O 1391 -18.62 -86.46 -43.29
C VAL O 1391 -19.53 -87.22 -42.36
N TYR O 1392 -20.42 -86.52 -41.67
CA TYR O 1392 -21.37 -87.19 -40.78
C TYR O 1392 -22.20 -88.21 -41.55
N ARG O 1393 -22.69 -87.80 -42.72
CA ARG O 1393 -23.49 -88.71 -43.54
C ARG O 1393 -22.69 -89.92 -43.96
N LEU O 1394 -21.45 -89.70 -44.42
CA LEU O 1394 -20.63 -90.83 -44.82
C LEU O 1394 -20.38 -91.76 -43.65
N THR O 1395 -20.21 -91.20 -42.46
CA THR O 1395 -20.02 -92.05 -41.29
C THR O 1395 -21.26 -92.87 -41.03
N VAL O 1396 -22.44 -92.24 -41.11
CA VAL O 1396 -23.66 -92.99 -40.90
C VAL O 1396 -23.79 -94.08 -41.95
N SER O 1397 -23.39 -93.76 -43.18
CA SER O 1397 -23.46 -94.75 -44.25
C SER O 1397 -22.55 -95.92 -43.94
N LEU O 1398 -21.34 -95.63 -43.46
CA LEU O 1398 -20.43 -96.70 -43.09
C LEU O 1398 -21.00 -97.53 -41.96
N MET O 1399 -21.68 -96.88 -41.01
CA MET O 1399 -22.29 -97.62 -39.92
C MET O 1399 -23.37 -98.57 -40.45
N GLU O 1400 -24.22 -98.06 -41.34
CA GLU O 1400 -25.29 -98.90 -41.88
C GLU O 1400 -24.70 -100.06 -42.67
N ARG O 1401 -23.71 -99.78 -43.50
CA ARG O 1401 -23.09 -100.84 -44.27
C ARG O 1401 -22.42 -101.85 -43.35
N LEU O 1402 -21.82 -101.38 -42.27
CA LEU O 1402 -21.17 -102.28 -41.33
C LEU O 1402 -22.19 -103.18 -40.68
N LEU O 1403 -23.34 -102.62 -40.30
CA LEU O 1403 -24.40 -103.46 -39.77
C LEU O 1403 -24.82 -104.49 -40.80
N LYS O 1404 -25.00 -104.07 -42.04
CA LYS O 1404 -25.40 -105.00 -43.10
C LYS O 1404 -24.33 -106.06 -43.33
N THR O 1405 -23.08 -105.77 -42.95
CA THR O 1405 -21.99 -106.69 -43.20
C THR O 1405 -21.81 -107.69 -42.07
N LEU O 1406 -22.01 -107.25 -40.82
CA LEU O 1406 -21.77 -108.11 -39.67
C LEU O 1406 -22.75 -107.89 -38.52
N ARG O 1407 -24.05 -107.84 -38.81
CA ARG O 1407 -25.08 -107.49 -37.84
C ARG O 1407 -24.88 -108.01 -36.43
N TYR O 1408 -24.68 -109.32 -36.28
CA TYR O 1408 -24.72 -109.90 -34.93
C TYR O 1408 -23.68 -109.29 -34.00
N ASN O 1409 -22.40 -109.44 -34.32
CA ASN O 1409 -21.36 -109.01 -33.40
C ASN O 1409 -21.22 -107.50 -33.32
N PHE O 1410 -21.90 -106.75 -34.20
CA PHE O 1410 -21.71 -105.31 -34.26
C PHE O 1410 -22.91 -104.55 -33.74
N LEU O 1411 -24.04 -105.24 -33.51
CA LEU O 1411 -25.24 -104.56 -33.03
C LEU O 1411 -24.97 -103.80 -31.75
N SER O 1412 -24.11 -104.33 -30.88
CA SER O 1412 -23.81 -103.64 -29.63
C SER O 1412 -23.29 -102.24 -29.88
N GLU O 1413 -22.19 -102.14 -30.62
CA GLU O 1413 -21.61 -100.84 -30.88
C GLU O 1413 -22.56 -99.98 -31.70
N ALA O 1414 -23.29 -100.60 -32.62
CA ALA O 1414 -24.25 -99.82 -33.40
C ALA O 1414 -25.25 -99.15 -32.48
N LEU O 1415 -25.80 -99.92 -31.54
CA LEU O 1415 -26.75 -99.35 -30.60
C LEU O 1415 -26.09 -98.28 -29.75
N ASP O 1416 -24.84 -98.50 -29.37
CA ASP O 1416 -24.14 -97.49 -28.58
C ASP O 1416 -24.09 -96.17 -29.34
N PHE O 1417 -23.57 -96.21 -30.56
CA PHE O 1417 -23.45 -95.00 -31.35
C PHE O 1417 -24.82 -94.36 -31.56
N VAL O 1418 -25.83 -95.17 -31.81
CA VAL O 1418 -27.16 -94.63 -32.03
C VAL O 1418 -27.64 -93.90 -30.78
N GLY O 1419 -27.50 -94.54 -29.62
CA GLY O 1419 -27.84 -93.86 -28.39
C GLY O 1419 -27.11 -92.55 -28.26
N VAL O 1420 -25.87 -92.52 -28.74
CA VAL O 1420 -25.18 -91.24 -28.81
C VAL O 1420 -25.83 -90.34 -29.84
N HIS O 1421 -25.86 -90.78 -31.09
CA HIS O 1421 -26.33 -89.96 -32.19
C HIS O 1421 -27.85 -89.92 -32.29
N GLN O 1422 -28.57 -90.35 -31.24
CA GLN O 1422 -30.03 -90.42 -31.33
C GLN O 1422 -30.62 -89.06 -31.64
N GLU O 1423 -30.23 -88.03 -30.90
CA GLU O 1423 -30.83 -86.71 -31.09
C GLU O 1423 -30.61 -86.21 -32.51
N ARG O 1424 -29.41 -86.38 -33.04
CA ARG O 1424 -29.14 -85.91 -34.39
C ARG O 1424 -29.93 -86.70 -35.42
N ILE O 1425 -30.10 -88.01 -35.19
CA ILE O 1425 -30.91 -88.82 -36.10
C ILE O 1425 -32.34 -88.30 -36.11
N LEU O 1426 -32.86 -87.98 -34.93
CA LEU O 1426 -34.21 -87.41 -34.84
C LEU O 1426 -34.29 -86.09 -35.58
N GLN O 1427 -33.28 -85.24 -35.41
CA GLN O 1427 -33.28 -83.96 -36.10
C GLN O 1427 -33.28 -84.14 -37.61
N CYS O 1428 -32.50 -85.10 -38.10
CA CYS O 1428 -32.47 -85.36 -39.54
C CYS O 1428 -33.83 -85.86 -40.01
N LEU O 1429 -34.46 -86.73 -39.23
CA LEU O 1429 -35.77 -87.25 -39.61
C LEU O 1429 -36.84 -86.17 -39.55
N SER O 1430 -36.62 -85.13 -38.75
CA SER O 1430 -37.62 -84.07 -38.62
C SER O 1430 -37.39 -82.94 -39.61
N ALA O 1431 -36.15 -82.74 -40.06
CA ALA O 1431 -35.84 -81.60 -40.90
C ALA O 1431 -36.46 -81.71 -42.28
N VAL O 1432 -36.84 -82.93 -42.70
CA VAL O 1432 -37.43 -83.13 -44.02
C VAL O 1432 -38.65 -82.25 -44.24
N ARG O 1433 -39.29 -81.77 -43.17
CA ARG O 1433 -40.41 -80.86 -43.34
C ARG O 1433 -39.97 -79.49 -43.85
N THR O 1434 -38.99 -78.88 -43.20
CA THR O 1434 -38.55 -77.54 -43.58
C THR O 1434 -37.53 -77.61 -44.72
N SER O 1437 -35.21 -78.33 -48.22
CA SER O 1437 -33.76 -78.18 -48.14
C SER O 1437 -33.06 -79.49 -48.46
N LEU O 1438 -32.24 -79.49 -49.51
CA LEU O 1438 -31.60 -80.70 -49.97
C LEU O 1438 -30.75 -81.36 -48.89
N SER O 1439 -30.04 -80.55 -48.10
CA SER O 1439 -29.20 -81.12 -47.04
C SER O 1439 -30.05 -81.85 -46.01
N CYS O 1440 -31.17 -81.24 -45.61
CA CYS O 1440 -32.10 -81.94 -44.73
C CYS O 1440 -32.57 -83.25 -45.36
N LEU O 1441 -32.82 -83.23 -46.66
CA LEU O 1441 -33.25 -84.44 -47.35
C LEU O 1441 -32.19 -85.53 -47.23
N GLU O 1442 -30.95 -85.22 -47.59
CA GLU O 1442 -29.92 -86.24 -47.54
C GLU O 1442 -29.69 -86.73 -46.13
N GLU O 1443 -29.72 -85.82 -45.15
CA GLU O 1443 -29.52 -86.24 -43.77
C GLU O 1443 -30.63 -87.18 -43.33
N ALA O 1444 -31.87 -86.85 -43.67
CA ALA O 1444 -32.97 -87.74 -43.34
C ALA O 1444 -32.81 -89.08 -44.02
N ASP O 1445 -32.38 -89.07 -45.29
CA ASP O 1445 -32.21 -90.32 -46.02
C ASP O 1445 -31.17 -91.20 -45.35
N HIS O 1446 -30.08 -90.60 -44.90
CA HIS O 1446 -29.04 -91.38 -44.25
C HIS O 1446 -29.50 -91.90 -42.90
N THR O 1447 -30.15 -91.05 -42.10
CA THR O 1447 -30.66 -91.52 -40.82
C THR O 1447 -31.66 -92.65 -41.02
N VAL O 1448 -32.48 -92.55 -42.06
CA VAL O 1448 -33.46 -93.58 -42.34
C VAL O 1448 -32.79 -94.87 -42.76
N GLY O 1449 -31.77 -94.77 -43.61
CA GLY O 1449 -31.04 -95.96 -44.02
C GLY O 1449 -30.38 -96.65 -42.84
N PHE O 1450 -29.84 -95.86 -41.91
CA PHE O 1450 -29.26 -96.44 -40.71
C PHE O 1450 -30.33 -97.13 -39.88
N LEU O 1451 -31.47 -96.46 -39.68
CA LEU O 1451 -32.58 -97.07 -38.97
C LEU O 1451 -33.02 -98.37 -39.63
N LEU O 1452 -33.00 -98.40 -40.96
CA LEU O 1452 -33.37 -99.61 -41.68
C LEU O 1452 -32.38 -100.72 -41.40
N GLN O 1453 -31.09 -100.44 -41.58
CA GLN O 1453 -30.06 -101.44 -41.29
C GLN O 1453 -30.20 -101.97 -39.87
N LEU O 1454 -30.63 -101.12 -38.94
CA LEU O 1454 -30.82 -101.57 -37.57
C LEU O 1454 -32.10 -102.37 -37.40
N SER O 1455 -33.11 -102.09 -38.20
CA SER O 1455 -34.40 -102.74 -38.08
C SER O 1455 -34.29 -104.26 -38.13
N ASN O 1456 -33.30 -104.78 -38.85
CA ASN O 1456 -33.14 -106.23 -38.95
C ASN O 1456 -32.84 -106.88 -37.60
N PHE O 1457 -32.60 -106.08 -36.56
CA PHE O 1457 -32.42 -106.63 -35.22
C PHE O 1457 -33.40 -105.97 -34.27
N THR O 1458 -34.63 -105.76 -34.74
CA THR O 1458 -35.62 -105.05 -33.94
C THR O 1458 -35.80 -105.68 -32.57
N LYS O 1459 -35.60 -106.99 -32.46
CA LYS O 1459 -35.72 -107.65 -31.17
C LYS O 1459 -34.81 -107.01 -30.14
N GLU O 1460 -33.49 -107.11 -30.36
CA GLU O 1460 -32.56 -106.49 -29.43
C GLU O 1460 -32.75 -104.99 -29.36
N TRP O 1461 -33.14 -104.38 -30.49
CA TRP O 1461 -33.36 -102.93 -30.50
C TRP O 1461 -34.35 -102.52 -29.42
N HIS O 1462 -35.57 -103.06 -29.48
CA HIS O 1462 -36.56 -102.77 -28.45
C HIS O 1462 -36.09 -103.30 -27.10
N PHE O 1463 -35.31 -104.38 -27.10
CA PHE O 1463 -34.86 -104.97 -25.85
C PHE O 1463 -34.04 -103.97 -25.03
N HIS O 1464 -33.07 -103.32 -25.65
CA HIS O 1464 -32.19 -102.44 -24.89
C HIS O 1464 -32.77 -101.04 -24.77
N LEU O 1465 -33.32 -100.50 -25.85
CA LEU O 1465 -33.76 -99.11 -25.92
C LEU O 1465 -35.26 -99.06 -26.15
N PRO O 1466 -36.05 -99.53 -25.18
CA PRO O 1466 -37.49 -99.65 -25.42
C PRO O 1466 -38.16 -98.37 -25.87
N GLN O 1467 -37.81 -97.24 -25.27
CA GLN O 1467 -38.39 -95.98 -25.73
C GLN O 1467 -38.00 -95.70 -27.16
N LEU O 1468 -36.79 -96.11 -27.54
CA LEU O 1468 -36.27 -95.74 -28.85
C LEU O 1468 -37.11 -96.33 -29.98
N ILE O 1469 -37.25 -97.65 -30.01
CA ILE O 1469 -37.96 -98.28 -31.12
C ILE O 1469 -39.37 -97.74 -31.23
N LYS O 1470 -40.00 -97.43 -30.09
CA LYS O 1470 -41.39 -96.98 -30.11
C LYS O 1470 -41.51 -95.57 -30.65
N ASP O 1471 -40.75 -94.63 -30.07
CA ASP O 1471 -40.77 -93.27 -30.61
C ASP O 1471 -40.37 -93.29 -32.08
N VAL O 1472 -39.52 -94.25 -32.46
CA VAL O 1472 -39.07 -94.38 -33.83
C VAL O 1472 -40.24 -94.73 -34.74
N GLN O 1473 -40.99 -95.78 -34.37
CA GLN O 1473 -42.13 -96.16 -35.19
C GLN O 1473 -43.12 -95.01 -35.31
N VAL O 1474 -43.35 -94.31 -34.19
CA VAL O 1474 -44.30 -93.19 -34.21
C VAL O 1474 -43.85 -92.13 -35.21
N ASN O 1475 -42.65 -91.59 -34.99
CA ASN O 1475 -42.15 -90.55 -35.87
C ASN O 1475 -42.02 -91.03 -37.30
N LEU O 1476 -41.80 -92.34 -37.50
CA LEU O 1476 -41.66 -92.86 -38.86
C LEU O 1476 -43.00 -92.82 -39.58
N CYS O 1477 -44.07 -93.20 -38.89
CA CYS O 1477 -45.39 -92.97 -39.45
C CYS O 1477 -45.58 -91.50 -39.79
N TYR O 1478 -45.24 -90.62 -38.84
CA TYR O 1478 -45.38 -89.20 -39.07
C TYR O 1478 -44.64 -88.74 -40.32
N LEU O 1479 -43.43 -89.24 -40.53
CA LEU O 1479 -42.59 -88.73 -41.61
C LEU O 1479 -42.97 -89.35 -42.94
N CYS O 1480 -43.40 -90.62 -42.94
CA CYS O 1480 -43.97 -91.19 -44.16
C CYS O 1480 -45.18 -90.38 -44.60
N GLN O 1481 -46.03 -89.99 -43.65
CA GLN O 1481 -47.15 -89.13 -43.99
C GLN O 1481 -46.67 -87.79 -44.52
N ALA O 1482 -45.63 -87.22 -43.90
CA ALA O 1482 -45.10 -85.95 -44.36
C ALA O 1482 -44.62 -86.04 -45.80
N CYS O 1483 -43.90 -87.12 -46.12
CA CYS O 1483 -43.43 -87.31 -47.48
C CYS O 1483 -44.59 -87.44 -48.44
N THR O 1484 -45.62 -88.21 -48.07
CA THR O 1484 -46.78 -88.35 -48.94
C THR O 1484 -47.42 -86.99 -49.21
N SER O 1485 -47.57 -86.18 -48.15
CA SER O 1485 -48.24 -84.89 -48.31
C SER O 1485 -47.41 -83.93 -49.18
N LEU O 1486 -46.09 -83.90 -48.97
CA LEU O 1486 -45.24 -83.05 -49.79
C LEU O 1486 -45.28 -83.50 -51.25
N LEU O 1487 -45.34 -84.81 -51.49
CA LEU O 1487 -45.29 -85.30 -52.86
C LEU O 1487 -46.61 -85.09 -53.59
N HIS O 1488 -47.74 -85.31 -52.93
CA HIS O 1488 -49.03 -85.28 -53.61
C HIS O 1488 -49.33 -83.88 -54.16
N SER O 1489 -48.81 -82.84 -53.51
CA SER O 1489 -49.08 -81.47 -53.94
C SER O 1489 -47.78 -80.71 -54.20
N LEU O 1531 -35.52 -74.14 -65.70
CA LEU O 1531 -34.71 -75.14 -65.04
C LEU O 1531 -35.10 -75.28 -63.57
N GLU O 1532 -35.75 -74.24 -63.03
CA GLU O 1532 -36.33 -74.35 -61.69
C GLU O 1532 -37.33 -75.50 -61.65
N LEU O 1533 -38.03 -75.74 -62.75
CA LEU O 1533 -38.85 -76.94 -62.85
C LEU O 1533 -37.98 -78.18 -62.75
N ARG O 1534 -36.80 -78.17 -63.38
CA ARG O 1534 -35.92 -79.32 -63.33
C ARG O 1534 -35.39 -79.55 -61.92
N GLN O 1535 -34.98 -78.46 -61.25
CA GLN O 1535 -34.49 -78.59 -59.88
C GLN O 1535 -35.61 -79.07 -58.96
N LEU O 1536 -36.82 -78.54 -59.13
CA LEU O 1536 -37.94 -78.99 -58.31
C LEU O 1536 -38.22 -80.46 -58.55
N ARG O 1537 -38.21 -80.89 -59.82
CA ARG O 1537 -38.47 -82.28 -60.13
C ARG O 1537 -37.41 -83.20 -59.55
N THR O 1538 -36.15 -82.76 -59.57
CA THR O 1538 -35.08 -83.56 -58.98
C THR O 1538 -35.27 -83.66 -57.47
N VAL O 1539 -35.59 -82.53 -56.82
CA VAL O 1539 -35.82 -82.54 -55.39
C VAL O 1539 -36.98 -83.48 -55.04
N GLN O 1540 -38.05 -83.41 -55.82
CA GLN O 1540 -39.20 -84.28 -55.57
C GLN O 1540 -38.83 -85.74 -55.84
N HIS O 1541 -37.99 -86.00 -56.83
CA HIS O 1541 -37.58 -87.37 -57.11
C HIS O 1541 -36.79 -87.95 -55.96
N SER O 1542 -35.84 -87.19 -55.43
CA SER O 1542 -35.11 -87.64 -54.26
C SER O 1542 -36.04 -87.81 -53.07
N LEU O 1543 -36.96 -86.86 -52.88
CA LEU O 1543 -37.95 -86.99 -51.83
C LEU O 1543 -38.74 -88.28 -51.97
N LEU O 1544 -39.12 -88.64 -53.19
CA LEU O 1544 -39.92 -89.84 -53.42
C LEU O 1544 -39.11 -91.09 -53.16
N LYS O 1545 -37.83 -91.09 -53.56
CA LYS O 1545 -36.99 -92.24 -53.27
C LYS O 1545 -36.85 -92.45 -51.77
N ILE O 1546 -36.50 -91.37 -51.05
CA ILE O 1546 -36.41 -91.46 -49.60
C ILE O 1546 -37.74 -91.88 -48.99
N LEU O 1547 -38.83 -91.37 -49.56
CA LEU O 1547 -40.15 -91.69 -49.05
C LEU O 1547 -40.47 -93.17 -49.18
N GLY O 1548 -40.23 -93.74 -50.37
CA GLY O 1548 -40.43 -95.16 -50.55
C GLY O 1548 -39.55 -95.98 -49.61
N LYS O 1549 -38.32 -95.51 -49.40
CA LYS O 1549 -37.47 -96.18 -48.42
C LYS O 1549 -38.11 -96.17 -47.05
N THR O 1550 -38.56 -95.00 -46.60
CA THR O 1550 -39.16 -94.89 -45.26
C THR O 1550 -40.45 -95.67 -45.18
N LEU O 1551 -41.15 -95.79 -46.30
CA LEU O 1551 -42.39 -96.56 -46.33
C LEU O 1551 -42.11 -98.05 -46.15
N ALA O 1552 -41.24 -98.61 -46.99
CA ALA O 1552 -40.83 -99.99 -46.81
C ALA O 1552 -40.22 -100.20 -45.43
N THR O 1553 -39.71 -99.13 -44.83
CA THR O 1553 -39.11 -99.25 -43.50
C THR O 1553 -40.16 -99.40 -42.42
N LEU O 1554 -41.05 -98.41 -42.31
CA LEU O 1554 -42.14 -98.52 -41.34
C LEU O 1554 -42.94 -99.79 -41.58
N ARG O 1555 -43.01 -100.25 -42.84
CA ARG O 1555 -43.65 -101.53 -43.12
C ARG O 1555 -42.86 -102.67 -42.51
N ALA O 1556 -41.54 -102.69 -42.73
CA ALA O 1556 -40.70 -103.73 -42.15
C ALA O 1556 -40.83 -103.75 -40.63
N PHE O 1557 -41.34 -102.69 -40.04
CA PHE O 1557 -41.72 -102.70 -38.65
C PHE O 1557 -43.13 -103.25 -38.51
N SER O 1595 -54.84 -96.72 -36.66
CA SER O 1595 -55.93 -97.66 -36.87
C SER O 1595 -55.93 -98.18 -38.29
N PHE O 1596 -56.82 -99.12 -38.58
CA PHE O 1596 -56.99 -99.59 -39.94
C PHE O 1596 -57.28 -98.44 -40.89
N GLY O 1597 -57.99 -97.42 -40.42
CA GLY O 1597 -58.23 -96.25 -41.23
C GLY O 1597 -56.95 -95.52 -41.60
N THR O 1598 -55.99 -95.47 -40.68
CA THR O 1598 -54.73 -94.83 -41.01
C THR O 1598 -53.99 -95.61 -42.09
N LEU O 1599 -54.00 -96.94 -41.98
CA LEU O 1599 -53.41 -97.76 -43.04
C LEU O 1599 -54.10 -97.51 -44.37
N LEU O 1600 -55.42 -97.41 -44.36
CA LEU O 1600 -56.15 -97.12 -45.59
C LEU O 1600 -55.77 -95.76 -46.12
N ALA O 1601 -55.57 -94.79 -45.24
CA ALA O 1601 -55.10 -93.47 -45.68
C ALA O 1601 -53.74 -93.57 -46.33
N THR O 1602 -52.86 -94.40 -45.76
CA THR O 1602 -51.55 -94.60 -46.38
C THR O 1602 -51.69 -95.17 -47.78
N VAL O 1603 -52.51 -96.21 -47.93
CA VAL O 1603 -52.69 -96.83 -49.24
C VAL O 1603 -53.31 -95.84 -50.22
N ASN O 1604 -54.24 -95.02 -49.74
CA ASN O 1604 -54.88 -94.04 -50.60
C ASN O 1604 -53.89 -92.97 -51.06
N VAL O 1605 -53.07 -92.47 -50.13
CA VAL O 1605 -52.05 -91.51 -50.51
C VAL O 1605 -51.07 -92.14 -51.48
N THR O 1606 -50.83 -93.45 -51.33
CA THR O 1606 -49.97 -94.15 -52.27
C THR O 1606 -50.55 -94.12 -53.68
N LEU O 1607 -51.81 -94.52 -53.82
CA LEU O 1607 -52.46 -94.49 -55.12
C LEU O 1607 -52.53 -93.06 -55.66
N SER O 1608 -52.70 -92.08 -54.77
CA SER O 1608 -52.76 -90.68 -55.19
C SER O 1608 -51.42 -90.23 -55.75
N MET O 1609 -50.34 -90.53 -55.06
CA MET O 1609 -49.01 -90.19 -55.56
C MET O 1609 -48.73 -90.91 -56.88
N LEU O 1610 -49.17 -92.16 -56.97
CA LEU O 1610 -48.99 -92.90 -58.23
C LEU O 1610 -49.69 -92.19 -59.38
N GLY O 1611 -50.94 -91.76 -59.16
CA GLY O 1611 -51.65 -91.05 -60.20
C GLY O 1611 -51.02 -89.72 -60.54
N GLU O 1612 -50.59 -88.97 -59.51
CA GLU O 1612 -49.98 -87.68 -59.73
C GLU O 1612 -48.69 -87.80 -60.51
N MET O 1613 -47.92 -88.86 -60.26
CA MET O 1613 -46.69 -89.08 -61.00
C MET O 1613 -46.98 -89.54 -62.43
N ASP O 1614 -47.85 -90.53 -62.61
CA ASP O 1614 -48.19 -91.00 -63.95
C ASP O 1614 -48.85 -89.90 -64.77
N LYS O 1615 -49.34 -88.85 -64.10
CA LYS O 1615 -49.92 -87.72 -64.81
C LYS O 1615 -48.85 -86.78 -65.35
N LYS O 1616 -47.76 -86.58 -64.60
CA LYS O 1616 -46.80 -85.52 -64.88
C LYS O 1616 -46.10 -85.67 -66.23
N LYS O 1617 -46.26 -86.80 -66.92
CA LYS O 1617 -45.65 -86.97 -68.22
C LYS O 1617 -46.27 -86.03 -69.25
N GLU O 1633 -34.69 -90.89 -62.20
CA GLU O 1633 -35.21 -90.22 -61.04
C GLU O 1633 -36.70 -90.52 -60.86
N SER O 1634 -37.44 -90.44 -61.95
CA SER O 1634 -38.88 -90.65 -61.88
C SER O 1634 -39.22 -92.12 -61.73
N LYS O 1635 -38.60 -92.99 -62.55
CA LYS O 1635 -38.80 -94.42 -62.40
C LYS O 1635 -38.53 -94.87 -60.98
N ASN O 1636 -37.60 -94.18 -60.30
CA ASN O 1636 -37.41 -94.43 -58.88
C ASN O 1636 -38.68 -94.15 -58.09
N ASN O 1637 -39.37 -93.05 -58.38
CA ASN O 1637 -40.62 -92.77 -57.69
C ASN O 1637 -41.65 -93.84 -57.98
N LYS O 1638 -41.73 -94.29 -59.24
CA LYS O 1638 -42.68 -95.34 -59.58
C LYS O 1638 -42.40 -96.61 -58.77
N SER O 1639 -41.15 -97.06 -58.74
CA SER O 1639 -40.83 -98.27 -58.01
C SER O 1639 -41.11 -98.12 -56.52
N LEU O 1640 -40.74 -96.96 -55.95
CA LEU O 1640 -40.96 -96.75 -54.53
C LEU O 1640 -42.44 -96.75 -54.19
N LEU O 1641 -43.26 -96.09 -55.01
CA LEU O 1641 -44.70 -96.04 -54.73
C LEU O 1641 -45.33 -97.42 -54.88
N LEU O 1642 -44.89 -98.21 -55.86
CA LEU O 1642 -45.42 -99.56 -56.00
C LEU O 1642 -45.06 -100.41 -54.79
N PHE O 1643 -43.79 -100.35 -54.37
CA PHE O 1643 -43.40 -101.05 -53.15
C PHE O 1643 -44.24 -100.61 -51.97
N ILE O 1644 -44.51 -99.31 -51.87
CA ILE O 1644 -45.29 -98.78 -50.75
C ILE O 1644 -46.70 -99.32 -50.78
N MET O 1645 -47.29 -99.40 -51.97
CA MET O 1645 -48.64 -99.95 -52.07
C MET O 1645 -48.66 -101.40 -51.61
N GLU O 1646 -47.72 -102.21 -52.11
CA GLU O 1646 -47.63 -103.59 -51.67
C GLU O 1646 -47.49 -103.68 -50.16
N ASN O 1647 -46.62 -102.84 -49.58
CA ASN O 1647 -46.35 -102.90 -48.15
C ASN O 1647 -47.57 -102.48 -47.33
N CYS O 1648 -48.26 -101.42 -47.75
CA CYS O 1648 -49.44 -100.96 -47.01
C CYS O 1648 -50.53 -102.02 -47.05
N PHE O 1649 -50.71 -102.65 -48.22
CA PHE O 1649 -51.65 -103.76 -48.30
C PHE O 1649 -51.27 -104.85 -47.30
N TYR O 1650 -50.01 -105.26 -47.30
CA TYR O 1650 -49.58 -106.33 -46.40
C TYR O 1650 -49.82 -105.96 -44.95
N LEU O 1651 -49.49 -104.73 -44.57
CA LEU O 1651 -49.58 -104.34 -43.16
C LEU O 1651 -51.02 -104.23 -42.70
N LEU O 1652 -51.85 -103.53 -43.47
CA LEU O 1652 -53.27 -103.46 -43.14
C LEU O 1652 -53.88 -104.85 -43.05
N ILE O 1653 -53.54 -105.72 -44.01
CA ILE O 1653 -54.10 -107.07 -44.02
C ILE O 1653 -53.66 -107.84 -42.79
N SER O 1654 -52.38 -107.74 -42.43
CA SER O 1654 -51.88 -108.46 -41.26
C SER O 1654 -52.58 -107.98 -40.00
N GLN O 1655 -52.77 -106.66 -39.87
CA GLN O 1655 -53.45 -106.13 -38.69
C GLN O 1655 -54.90 -106.62 -38.63
N ALA O 1656 -55.59 -106.59 -39.76
CA ALA O 1656 -56.99 -107.03 -39.78
C ALA O 1656 -57.09 -108.52 -39.49
N VAL O 1657 -56.17 -109.32 -40.02
CA VAL O 1657 -56.17 -110.75 -39.74
C VAL O 1657 -55.85 -111.00 -38.28
N ARG O 1658 -55.05 -110.12 -37.68
CA ARG O 1658 -54.83 -110.22 -36.24
C ARG O 1658 -56.12 -109.99 -35.47
N TYR O 1659 -56.80 -108.88 -35.75
CA TYR O 1659 -58.08 -108.60 -35.10
C TYR O 1659 -59.09 -109.72 -35.34
N LEU O 1660 -59.04 -110.35 -36.53
CA LEU O 1660 -59.97 -111.42 -36.85
C LEU O 1660 -59.64 -112.70 -36.07
N ARG O 1661 -58.38 -113.11 -36.07
CA ARG O 1661 -57.99 -114.32 -35.36
C ARG O 1661 -57.90 -114.12 -33.86
N ASP O 1662 -57.77 -112.88 -33.40
CA ASP O 1662 -57.74 -112.61 -31.97
C ASP O 1662 -59.09 -112.93 -31.35
N PRO O 1663 -59.19 -113.88 -30.42
CA PRO O 1663 -60.48 -114.15 -29.78
C PRO O 1663 -60.89 -113.08 -28.78
N SER O 1664 -59.97 -112.19 -28.38
CA SER O 1664 -60.33 -111.10 -27.49
C SER O 1664 -61.12 -110.01 -28.21
N VAL O 1665 -60.91 -109.85 -29.52
CA VAL O 1665 -61.73 -108.94 -30.31
C VAL O 1665 -63.10 -109.60 -30.50
N HIS O 1666 -64.15 -108.85 -30.20
CA HIS O 1666 -65.48 -109.41 -30.22
C HIS O 1666 -65.88 -109.82 -31.64
N PRO O 1667 -66.85 -110.73 -31.79
CA PRO O 1667 -67.35 -111.01 -33.15
C PRO O 1667 -68.07 -109.82 -33.77
N ARG O 1668 -68.66 -108.94 -32.96
CA ARG O 1668 -69.27 -107.74 -33.50
C ARG O 1668 -68.25 -106.87 -34.21
N ASP O 1669 -67.13 -106.58 -33.54
CA ASP O 1669 -66.05 -105.84 -34.18
C ASP O 1669 -65.53 -106.60 -35.40
N LYS O 1670 -65.47 -107.94 -35.30
CA LYS O 1670 -65.02 -108.75 -36.41
C LYS O 1670 -65.87 -108.49 -37.66
N GLN O 1671 -67.19 -108.63 -37.54
CA GLN O 1671 -68.05 -108.51 -38.71
C GLN O 1671 -68.13 -107.05 -39.18
N ARG O 1672 -68.18 -106.11 -38.24
CA ARG O 1672 -68.23 -104.69 -38.63
C ARG O 1672 -66.99 -104.30 -39.40
N MET O 1673 -65.81 -104.66 -38.89
CA MET O 1673 -64.57 -104.40 -39.61
C MET O 1673 -64.58 -105.13 -40.94
N LYS O 1674 -65.05 -106.38 -40.96
CA LYS O 1674 -65.14 -107.11 -42.21
C LYS O 1674 -65.91 -106.31 -43.25
N GLN O 1675 -67.08 -105.81 -42.88
CA GLN O 1675 -67.92 -105.09 -43.83
C GLN O 1675 -67.26 -103.79 -44.27
N GLU O 1676 -66.81 -102.98 -43.31
CA GLU O 1676 -66.25 -101.68 -43.65
C GLU O 1676 -64.98 -101.84 -44.48
N LEU O 1677 -64.12 -102.77 -44.11
CA LEU O 1677 -62.91 -103.02 -44.86
C LEU O 1677 -63.24 -103.59 -46.23
N SER O 1678 -64.29 -104.41 -46.33
CA SER O 1678 -64.69 -104.90 -47.63
C SER O 1678 -65.12 -103.76 -48.54
N SER O 1679 -65.82 -102.77 -47.96
CA SER O 1679 -66.22 -101.62 -48.75
C SER O 1679 -65.00 -100.83 -49.21
N GLU O 1680 -64.14 -100.46 -48.28
CA GLU O 1680 -62.95 -99.67 -48.62
C GLU O 1680 -62.07 -100.42 -49.61
N LEU O 1681 -61.96 -101.74 -49.45
CA LEU O 1681 -61.08 -102.52 -50.31
C LEU O 1681 -61.68 -102.73 -51.69
N SER O 1682 -62.98 -102.94 -51.78
CA SER O 1682 -63.61 -102.98 -53.09
C SER O 1682 -63.40 -101.68 -53.84
N THR O 1683 -63.65 -100.55 -53.18
CA THR O 1683 -63.44 -99.27 -53.84
C THR O 1683 -61.99 -99.07 -54.25
N LEU O 1684 -61.06 -99.40 -53.35
CA LEU O 1684 -59.65 -99.20 -53.62
C LEU O 1684 -59.17 -100.11 -54.75
N LEU O 1685 -59.55 -101.39 -54.71
CA LEU O 1685 -59.14 -102.31 -55.76
C LEU O 1685 -59.76 -101.94 -57.09
N SER O 1686 -60.98 -101.39 -57.08
CA SER O 1686 -61.56 -100.90 -58.32
C SER O 1686 -60.74 -99.75 -58.90
N SER O 1687 -60.46 -98.74 -58.08
CA SER O 1687 -59.63 -97.63 -58.55
C SER O 1687 -58.26 -98.12 -58.98
N LEU O 1688 -57.74 -99.15 -58.30
CA LEU O 1688 -56.46 -99.72 -58.67
C LEU O 1688 -56.52 -100.31 -60.06
N SER O 1689 -57.44 -101.25 -60.29
CA SER O 1689 -57.58 -101.86 -61.61
C SER O 1689 -57.83 -100.78 -62.67
N ARG O 1690 -58.45 -99.67 -62.28
CA ARG O 1690 -58.62 -98.57 -63.21
C ARG O 1690 -57.28 -97.93 -63.57
N TYR O 1691 -56.41 -97.75 -62.58
CA TYR O 1691 -55.11 -97.14 -62.85
C TYR O 1691 -54.20 -98.08 -63.64
N PHE O 1692 -54.13 -99.35 -63.22
CA PHE O 1692 -53.20 -100.31 -63.81
C PHE O 1692 -53.65 -100.80 -65.18
N ARG O 1693 -54.85 -100.46 -65.61
CA ARG O 1693 -55.32 -100.87 -66.92
C ARG O 1693 -54.51 -100.22 -68.03
N PRO O 1725 -50.54 -110.60 -59.33
CA PRO O 1725 -51.12 -111.32 -58.21
C PRO O 1725 -51.58 -110.39 -57.09
N LEU O 1726 -51.19 -109.11 -57.17
CA LEU O 1726 -51.60 -108.14 -56.16
C LEU O 1726 -53.10 -107.88 -56.23
N ILE O 1727 -53.62 -107.72 -57.45
CA ILE O 1727 -55.06 -107.47 -57.60
C ILE O 1727 -55.84 -108.70 -57.16
N GLN O 1728 -55.33 -109.90 -57.47
CA GLN O 1728 -55.99 -111.11 -57.01
C GLN O 1728 -56.01 -111.19 -55.50
N LEU O 1729 -54.86 -110.93 -54.86
CA LEU O 1729 -54.79 -110.98 -53.41
C LEU O 1729 -55.73 -109.95 -52.78
N VAL O 1730 -55.81 -108.76 -53.37
CA VAL O 1730 -56.67 -107.73 -52.80
C VAL O 1730 -58.14 -108.09 -52.97
N GLN O 1731 -58.51 -108.62 -54.14
CA GLN O 1731 -59.89 -109.03 -54.35
C GLN O 1731 -60.26 -110.16 -53.39
N ALA O 1732 -59.35 -111.11 -53.19
CA ALA O 1732 -59.62 -112.22 -52.28
C ALA O 1732 -59.73 -111.73 -50.84
N PHE O 1733 -58.89 -110.77 -50.45
CA PHE O 1733 -58.99 -110.20 -49.11
C PHE O 1733 -60.32 -109.46 -48.94
N VAL O 1734 -60.75 -108.74 -49.98
CA VAL O 1734 -62.05 -108.07 -49.91
C VAL O 1734 -63.17 -109.08 -49.75
N ARG O 1735 -63.14 -110.14 -50.57
CA ARG O 1735 -64.20 -111.14 -50.51
C ARG O 1735 -64.24 -111.85 -49.17
N HIS O 1736 -63.07 -112.28 -48.66
CA HIS O 1736 -63.03 -112.93 -47.36
C HIS O 1736 -63.33 -111.93 -46.24
N VAL O 1737 -63.26 -110.63 -46.57
CA VAL O 1737 -63.72 -109.61 -45.62
C VAL O 1737 -65.16 -109.24 -45.91
N GLN O 1738 -65.62 -109.49 -47.13
CA GLN O 1738 -67.01 -109.22 -47.48
C GLN O 1738 -67.95 -110.15 -46.72
N LEU P 33 -12.66 -33.12 -75.30
CA LEU P 33 -12.81 -32.33 -74.10
C LEU P 33 -13.62 -33.07 -73.03
N GLN P 34 -14.36 -34.09 -73.47
CA GLN P 34 -15.14 -34.89 -72.53
C GLN P 34 -14.32 -36.04 -71.98
N GLU P 35 -13.49 -36.68 -72.80
CA GLU P 35 -12.71 -37.83 -72.34
C GLU P 35 -11.48 -37.38 -71.55
N ILE P 36 -10.82 -36.31 -71.99
CA ILE P 36 -9.77 -35.71 -71.18
C ILE P 36 -10.34 -35.24 -69.84
N GLN P 37 -11.53 -34.65 -69.85
CA GLN P 37 -12.12 -34.17 -68.60
C GLN P 37 -12.55 -35.32 -67.71
N GLN P 38 -13.03 -36.42 -68.29
CA GLN P 38 -13.43 -37.56 -67.48
C GLN P 38 -12.22 -38.26 -66.88
N ALA P 39 -11.16 -38.43 -67.67
CA ALA P 39 -9.91 -38.92 -67.11
C ALA P 39 -9.38 -37.97 -66.04
N GLY P 40 -9.64 -36.67 -66.19
CA GLY P 40 -9.21 -35.72 -65.18
C GLY P 40 -10.05 -35.77 -63.92
N GLU P 41 -11.35 -36.01 -64.06
CA GLU P 41 -12.19 -36.24 -62.89
C GLU P 41 -11.81 -37.55 -62.22
N ARG P 42 -11.31 -38.51 -63.00
CA ARG P 42 -10.72 -39.72 -62.41
C ARG P 42 -9.43 -39.37 -61.68
N LEU P 43 -8.63 -38.46 -62.23
CA LEU P 43 -7.39 -38.05 -61.59
C LEU P 43 -7.67 -37.37 -60.25
N ARG P 44 -8.55 -36.36 -60.26
CA ARG P 44 -9.04 -35.79 -59.01
C ARG P 44 -9.67 -36.84 -58.13
N SER P 45 -10.28 -37.86 -58.74
CA SER P 45 -10.98 -38.89 -57.98
C SER P 45 -10.03 -39.96 -57.47
N LYS P 46 -9.19 -40.52 -58.35
CA LYS P 46 -8.28 -41.61 -57.97
C LYS P 46 -7.07 -41.08 -57.20
N ASP P 97 -2.32 -71.36 -63.95
CA ASP P 97 -1.66 -72.56 -63.47
C ASP P 97 -2.45 -73.80 -63.88
N ILE P 98 -2.38 -74.11 -65.17
CA ILE P 98 -3.18 -75.18 -65.76
C ILE P 98 -3.16 -76.44 -64.90
N GLN P 99 -1.99 -76.79 -64.38
CA GLN P 99 -1.85 -78.03 -63.62
C GLN P 99 -2.77 -78.03 -62.40
N GLY P 100 -2.90 -76.89 -61.73
CA GLY P 100 -3.78 -76.84 -60.57
C GLY P 100 -5.22 -77.17 -60.93
N PHE P 101 -5.73 -76.56 -61.99
CA PHE P 101 -7.07 -76.86 -62.45
C PHE P 101 -7.20 -78.33 -62.83
N LEU P 102 -6.21 -78.86 -63.54
CA LEU P 102 -6.27 -80.26 -63.95
C LEU P 102 -6.33 -81.18 -62.74
N LYS P 103 -5.56 -80.88 -61.69
CA LYS P 103 -5.54 -81.74 -60.52
C LYS P 103 -6.86 -81.67 -59.79
N ASN P 104 -7.36 -80.46 -59.55
CA ASN P 104 -8.68 -80.31 -58.92
C ASN P 104 -9.73 -81.06 -59.72
N GLU P 105 -9.58 -81.08 -61.04
CA GLU P 105 -10.57 -81.74 -61.89
C GLU P 105 -10.48 -83.25 -61.74
N LYS P 106 -9.28 -83.81 -61.81
CA LYS P 106 -9.14 -85.25 -61.60
C LYS P 106 -9.67 -85.65 -60.23
N ASP P 107 -9.47 -84.80 -59.23
CA ASP P 107 -9.90 -85.13 -57.88
C ASP P 107 -11.42 -85.10 -57.76
N ASN P 108 -12.06 -84.01 -58.19
CA ASN P 108 -13.50 -83.97 -58.21
C ASN P 108 -14.07 -85.10 -59.07
N ALA P 109 -13.35 -85.49 -60.12
CA ALA P 109 -13.81 -86.57 -60.98
C ALA P 109 -13.89 -87.88 -60.21
N LEU P 110 -12.80 -88.24 -59.53
CA LEU P 110 -12.82 -89.47 -58.74
C LEU P 110 -13.87 -89.37 -57.64
N LEU P 111 -14.01 -88.18 -57.03
CA LEU P 111 -14.98 -88.03 -55.94
C LEU P 111 -16.39 -88.27 -56.45
N SER P 112 -16.72 -87.70 -57.60
CA SER P 112 -18.05 -87.90 -58.18
C SER P 112 -18.24 -89.33 -58.61
N ALA P 113 -17.21 -89.96 -59.17
CA ALA P 113 -17.32 -91.37 -59.54
C ALA P 113 -17.70 -92.22 -58.34
N ILE P 114 -16.94 -92.10 -57.25
CA ILE P 114 -17.22 -92.90 -56.07
C ILE P 114 -18.56 -92.52 -55.46
N GLU P 115 -18.93 -91.24 -55.52
CA GLU P 115 -20.18 -90.81 -54.91
C GLU P 115 -21.39 -91.36 -55.65
N GLU P 116 -21.41 -91.21 -56.97
CA GLU P 116 -22.48 -91.80 -57.75
C GLU P 116 -22.51 -93.31 -57.58
N SER P 117 -21.33 -93.94 -57.51
CA SER P 117 -21.28 -95.37 -57.25
C SER P 117 -21.95 -95.70 -55.93
N ARG P 118 -21.70 -94.88 -54.91
CA ARG P 118 -22.33 -95.09 -53.61
C ARG P 118 -23.84 -94.96 -53.72
N LYS P 119 -24.32 -93.91 -54.38
CA LYS P 119 -25.75 -93.74 -54.57
C LYS P 119 -26.35 -94.93 -55.29
N ARG P 120 -25.61 -95.47 -56.26
CA ARG P 120 -26.06 -96.66 -56.98
C ARG P 120 -26.18 -97.84 -56.04
N THR P 121 -25.19 -98.01 -55.17
CA THR P 121 -25.27 -99.08 -54.17
C THR P 121 -26.50 -98.89 -53.28
N PHE P 122 -26.78 -97.64 -52.90
CA PHE P 122 -27.93 -97.36 -52.05
C PHE P 122 -29.22 -97.78 -52.72
N VAL P 123 -29.45 -97.26 -53.93
CA VAL P 123 -30.67 -97.61 -54.64
C VAL P 123 -30.73 -99.11 -54.90
N MET P 124 -29.59 -99.73 -55.21
CA MET P 124 -29.57 -101.14 -55.55
C MET P 124 -29.97 -102.01 -54.36
N ALA P 125 -29.36 -101.77 -53.21
CA ALA P 125 -29.72 -102.53 -52.03
C ALA P 125 -31.15 -102.24 -51.60
N GLU P 126 -31.59 -100.99 -51.74
CA GLU P 126 -32.97 -100.65 -51.42
C GLU P 126 -33.95 -101.43 -52.28
N GLU P 127 -33.68 -101.53 -53.58
CA GLU P 127 -34.59 -102.24 -54.47
C GLU P 127 -34.57 -103.73 -54.22
N TYR P 128 -33.39 -104.30 -54.03
CA TYR P 128 -33.31 -105.71 -53.67
C TYR P 128 -34.10 -105.99 -52.40
N HIS P 129 -33.99 -105.10 -51.40
CA HIS P 129 -34.75 -105.26 -50.17
C HIS P 129 -36.25 -105.18 -50.43
N ARG P 130 -36.68 -104.22 -51.25
CA ARG P 130 -38.10 -104.07 -51.53
C ARG P 130 -38.66 -105.31 -52.21
N GLU P 131 -37.91 -105.88 -53.16
CA GLU P 131 -38.40 -107.07 -53.86
C GLU P 131 -38.42 -108.28 -52.92
N SER P 132 -37.39 -108.40 -52.07
CA SER P 132 -37.44 -109.43 -51.03
C SER P 132 -38.66 -109.25 -50.15
N MET P 133 -38.97 -108.00 -49.79
CA MET P 133 -40.12 -107.73 -48.93
C MET P 133 -41.41 -108.10 -49.62
N LEU P 134 -41.51 -107.83 -50.93
CA LEU P 134 -42.71 -108.20 -51.66
C LEU P 134 -42.85 -109.72 -51.76
N VAL P 135 -41.74 -110.43 -51.96
CA VAL P 135 -41.80 -111.89 -52.00
C VAL P 135 -42.25 -112.44 -50.65
N GLU P 136 -41.63 -111.95 -49.58
CA GLU P 136 -42.01 -112.37 -48.24
C GLU P 136 -43.45 -112.00 -47.94
N TRP P 137 -43.91 -110.86 -48.46
CA TRP P 137 -45.28 -110.42 -48.19
C TRP P 137 -46.28 -111.30 -48.90
N GLU P 138 -46.02 -111.65 -50.17
CA GLU P 138 -46.90 -112.57 -50.87
C GLU P 138 -46.92 -113.94 -50.19
N GLN P 139 -45.77 -114.39 -49.69
CA GLN P 139 -45.74 -115.67 -48.98
C GLN P 139 -46.54 -115.61 -47.69
N VAL P 140 -46.19 -114.68 -46.79
CA VAL P 140 -46.89 -114.55 -45.52
C VAL P 140 -48.35 -114.23 -45.76
N LYS P 141 -48.68 -113.67 -46.92
CA LYS P 141 -50.06 -113.31 -47.21
C LYS P 141 -50.86 -114.53 -47.63
N GLN P 142 -50.28 -115.38 -48.50
CA GLN P 142 -50.89 -116.68 -48.74
C GLN P 142 -51.07 -117.42 -47.43
N ARG P 143 -50.11 -117.27 -46.50
CA ARG P 143 -50.24 -117.86 -45.18
C ARG P 143 -51.42 -117.29 -44.40
N VAL P 144 -51.50 -115.96 -44.31
CA VAL P 144 -52.56 -115.32 -43.55
C VAL P 144 -53.91 -115.62 -44.17
N LEU P 145 -53.95 -115.78 -45.50
CA LEU P 145 -55.21 -116.13 -46.16
C LEU P 145 -55.60 -117.57 -45.86
N HIS P 146 -54.63 -118.47 -45.83
CA HIS P 146 -54.91 -119.82 -45.37
C HIS P 146 -55.37 -119.83 -43.92
N THR P 147 -54.94 -118.87 -43.13
CA THR P 147 -55.41 -118.77 -41.74
C THR P 147 -56.79 -118.15 -41.65
N LEU P 148 -57.09 -117.18 -42.51
CA LEU P 148 -58.38 -116.51 -42.47
C LEU P 148 -59.49 -117.38 -43.05
N LEU P 149 -59.27 -117.94 -44.24
CA LEU P 149 -60.24 -118.87 -44.82
C LEU P 149 -60.32 -120.17 -44.03
N ALA P 150 -59.60 -120.30 -42.93
CA ALA P 150 -59.89 -121.33 -41.96
C ALA P 150 -61.05 -120.91 -41.05
N SER P 151 -61.15 -119.62 -40.76
CA SER P 151 -62.33 -119.08 -40.09
C SER P 151 -63.37 -118.73 -41.15
N GLY P 152 -64.52 -119.38 -41.08
CA GLY P 152 -65.57 -119.31 -42.09
C GLY P 152 -65.65 -118.10 -43.01
N ASP P 179 -55.79 -130.80 -24.98
CA ASP P 179 -56.75 -131.47 -24.10
C ASP P 179 -56.50 -132.98 -24.04
N ASN P 180 -57.22 -133.66 -23.15
CA ASN P 180 -56.94 -135.06 -22.87
C ASN P 180 -57.26 -135.96 -24.05
N VAL P 181 -58.24 -135.59 -24.88
CA VAL P 181 -58.68 -136.50 -25.94
C VAL P 181 -57.69 -136.51 -27.08
N GLU P 182 -57.34 -135.33 -27.59
CA GLU P 182 -56.27 -135.24 -28.57
C GLU P 182 -54.99 -135.85 -28.02
N MET P 183 -54.77 -135.72 -26.71
CA MET P 183 -53.61 -136.35 -26.08
C MET P 183 -53.69 -137.88 -26.14
N ALA P 184 -54.89 -138.44 -25.98
CA ALA P 184 -55.03 -139.89 -26.02
C ALA P 184 -54.83 -140.41 -27.44
N TYR P 185 -55.44 -139.76 -28.42
CA TYR P 185 -55.19 -140.15 -29.80
C TYR P 185 -53.72 -139.91 -30.16
N ALA P 186 -53.07 -138.96 -29.49
CA ALA P 186 -51.65 -138.73 -29.71
C ALA P 186 -50.82 -139.88 -29.17
N ARG P 187 -51.16 -140.39 -27.98
CA ARG P 187 -50.53 -141.61 -27.49
C ARG P 187 -50.74 -142.75 -28.47
N GLN P 188 -51.93 -142.80 -29.08
CA GLN P 188 -52.19 -143.81 -30.10
C GLN P 188 -51.24 -143.68 -31.28
N MET P 189 -51.14 -142.45 -31.83
CA MET P 189 -50.22 -142.21 -32.93
C MET P 189 -48.78 -142.51 -32.54
N TYR P 190 -48.42 -142.18 -31.30
CA TYR P 190 -47.10 -142.49 -30.77
C TYR P 190 -46.81 -143.97 -30.85
N MET P 191 -47.70 -144.78 -30.27
CA MET P 191 -47.50 -146.22 -30.25
C MET P 191 -47.44 -146.80 -31.66
N TYR P 192 -48.36 -146.37 -32.54
CA TYR P 192 -48.42 -146.95 -33.88
C TYR P 192 -47.21 -146.55 -34.71
N ASN P 193 -46.80 -145.28 -34.62
CA ASN P 193 -45.64 -144.81 -35.38
C ASN P 193 -44.36 -145.45 -34.87
N GLU P 194 -44.23 -145.65 -33.57
CA GLU P 194 -43.09 -146.40 -33.04
C GLU P 194 -43.09 -147.83 -33.56
N LYS P 195 -44.25 -148.48 -33.55
CA LYS P 195 -44.35 -149.84 -34.09
C LYS P 195 -43.90 -149.90 -35.53
N VAL P 196 -44.29 -148.91 -36.34
CA VAL P 196 -43.88 -148.90 -37.75
C VAL P 196 -42.39 -148.64 -37.86
N VAL P 197 -41.87 -147.74 -37.03
CA VAL P 197 -40.46 -147.34 -37.13
C VAL P 197 -39.55 -148.51 -36.79
N SER P 198 -39.83 -149.19 -35.68
CA SER P 198 -39.04 -150.35 -35.28
C SER P 198 -39.37 -151.59 -36.09
N GLY P 199 -40.14 -151.47 -37.17
CA GLY P 199 -40.29 -152.55 -38.11
C GLY P 199 -41.19 -153.69 -37.71
N HIS P 200 -42.15 -153.44 -36.81
CA HIS P 200 -43.11 -154.48 -36.45
C HIS P 200 -44.12 -154.69 -37.57
N LEU P 201 -45.07 -155.60 -37.33
CA LEU P 201 -46.22 -155.73 -38.21
C LEU P 201 -47.18 -154.58 -37.97
N GLN P 202 -47.49 -153.84 -39.02
CA GLN P 202 -48.27 -152.61 -38.87
C GLN P 202 -49.68 -152.93 -38.39
N PRO P 203 -50.01 -152.68 -37.12
CA PRO P 203 -51.37 -152.93 -36.67
C PRO P 203 -52.30 -151.81 -37.11
N SER P 204 -53.58 -152.02 -36.89
CA SER P 204 -54.60 -151.09 -37.37
C SER P 204 -54.57 -149.80 -36.56
N LEU P 205 -54.31 -148.68 -37.23
CA LEU P 205 -54.49 -147.39 -36.57
C LEU P 205 -55.95 -147.15 -36.24
N VAL P 206 -56.87 -147.74 -37.01
CA VAL P 206 -58.28 -147.66 -36.69
C VAL P 206 -58.56 -148.39 -35.38
N ASP P 207 -57.86 -149.50 -35.15
CA ASP P 207 -58.04 -150.23 -33.90
C ASP P 207 -57.65 -149.38 -32.70
N LEU P 208 -56.48 -148.73 -32.78
CA LEU P 208 -56.05 -147.85 -31.69
C LEU P 208 -56.97 -146.64 -31.55
N CYS P 209 -57.50 -146.14 -32.66
CA CYS P 209 -58.41 -145.01 -32.60
C CYS P 209 -59.72 -145.37 -31.91
N THR P 210 -60.30 -146.52 -32.26
CA THR P 210 -61.50 -146.98 -31.58
C THR P 210 -61.20 -147.33 -30.13
N GLU P 211 -59.97 -147.76 -29.86
CA GLU P 211 -59.54 -147.95 -28.47
C GLU P 211 -59.61 -146.65 -27.69
N ALA P 212 -59.09 -145.57 -28.29
CA ALA P 212 -59.17 -144.26 -27.66
C ALA P 212 -60.62 -143.82 -27.46
N ALA P 213 -61.44 -144.00 -28.50
CA ALA P 213 -62.84 -143.60 -28.40
C ALA P 213 -63.59 -144.42 -27.35
N GLU P 214 -63.16 -145.67 -27.15
CA GLU P 214 -63.78 -146.52 -26.13
C GLU P 214 -63.46 -146.01 -24.73
N ARG P 215 -62.36 -145.29 -24.56
CA ARG P 215 -62.04 -144.72 -23.26
C ARG P 215 -62.56 -143.30 -23.09
N LEU P 216 -62.72 -142.56 -24.18
CA LEU P 216 -63.16 -141.17 -24.08
C LEU P 216 -64.63 -141.04 -23.68
N ASP P 217 -65.35 -142.15 -23.59
CA ASP P 217 -66.73 -142.19 -23.09
C ASP P 217 -67.70 -141.41 -23.98
N ASP P 218 -67.36 -141.18 -25.23
CA ASP P 218 -68.25 -140.51 -26.18
C ASP P 218 -68.90 -141.56 -27.06
N LYS P 219 -70.14 -141.90 -26.75
CA LYS P 219 -70.89 -142.85 -27.57
C LYS P 219 -70.89 -142.41 -29.04
N ASN P 220 -70.96 -141.10 -29.29
CA ASN P 220 -70.92 -140.62 -30.65
C ASN P 220 -69.61 -140.98 -31.32
N VAL P 221 -68.49 -140.77 -30.62
CA VAL P 221 -67.20 -141.17 -31.17
C VAL P 221 -67.13 -142.68 -31.31
N SER P 222 -67.79 -143.40 -30.41
CA SER P 222 -67.75 -144.86 -30.46
C SER P 222 -68.47 -145.40 -31.68
N ASP P 223 -69.67 -144.90 -31.95
CA ASP P 223 -70.42 -145.36 -33.12
C ASP P 223 -69.81 -144.82 -34.41
N LEU P 224 -69.29 -143.59 -34.37
CA LEU P 224 -68.56 -143.07 -35.51
C LEU P 224 -67.38 -143.98 -35.86
N TRP P 225 -66.62 -144.40 -34.85
CA TRP P 225 -65.49 -145.29 -35.09
C TRP P 225 -65.96 -146.68 -35.50
N VAL P 226 -67.10 -147.13 -34.99
CA VAL P 226 -67.64 -148.41 -35.41
C VAL P 226 -67.97 -148.38 -36.90
N MET P 227 -68.63 -147.32 -37.35
CA MET P 227 -68.96 -147.17 -38.77
C MET P 227 -67.69 -146.98 -39.59
N VAL P 228 -66.69 -146.30 -39.03
CA VAL P 228 -65.42 -146.12 -39.72
C VAL P 228 -64.74 -147.46 -39.95
N LYS P 229 -64.58 -148.25 -38.89
CA LYS P 229 -63.98 -149.57 -39.02
C LYS P 229 -64.81 -150.47 -39.93
N GLN P 230 -66.13 -150.28 -39.93
CA GLN P 230 -66.98 -151.07 -40.81
C GLN P 230 -66.76 -150.70 -42.27
N MET P 231 -66.54 -149.42 -42.55
CA MET P 231 -66.27 -149.00 -43.92
C MET P 231 -64.85 -149.34 -44.33
N THR P 232 -63.94 -149.48 -43.37
CA THR P 232 -62.54 -149.78 -43.66
C THR P 232 -62.26 -151.27 -43.80
N ASP P 233 -63.17 -152.14 -43.35
CA ASP P 233 -62.96 -153.58 -43.48
C ASP P 233 -63.20 -154.01 -44.92
N VAL P 234 -62.39 -153.50 -45.83
CA VAL P 234 -62.54 -153.76 -47.26
C VAL P 234 -61.32 -154.51 -47.76
N PRO P 235 -61.44 -155.31 -48.83
CA PRO P 235 -60.26 -155.98 -49.38
C PRO P 235 -59.32 -155.00 -50.06
N LEU P 236 -58.16 -154.77 -49.47
CA LEU P 236 -57.19 -153.84 -50.02
C LEU P 236 -56.22 -154.57 -50.96
N ASP P 241 -53.03 -144.37 -55.58
CA ASP P 241 -53.91 -143.24 -55.80
C ASP P 241 -55.15 -143.32 -54.90
N THR P 242 -55.14 -142.54 -53.81
CA THR P 242 -56.26 -142.55 -52.88
C THR P 242 -57.54 -142.07 -53.55
N LEU P 243 -57.44 -141.08 -54.43
CA LEU P 243 -58.63 -140.58 -55.12
C LEU P 243 -59.18 -141.61 -56.09
N LYS P 244 -58.31 -142.42 -56.70
CA LYS P 244 -58.76 -143.42 -57.65
C LYS P 244 -59.46 -144.59 -56.94
N SER P 245 -58.98 -144.96 -55.75
CA SER P 245 -59.61 -146.05 -55.01
C SER P 245 -60.89 -145.57 -54.30
N ARG P 246 -60.87 -144.34 -53.79
CA ARG P 246 -62.00 -143.84 -53.01
C ARG P 246 -63.22 -143.59 -53.90
N CYS P 247 -63.01 -143.15 -55.14
CA CYS P 247 -64.09 -143.01 -56.09
C CYS P 247 -64.24 -144.22 -56.99
N SER P 248 -63.56 -145.32 -56.68
CA SER P 248 -63.81 -146.57 -57.38
C SER P 248 -65.09 -147.20 -56.87
N GLY P 249 -65.87 -147.76 -57.79
CA GLY P 249 -67.19 -148.25 -57.44
C GLY P 249 -67.16 -149.33 -56.37
N GLN P 250 -66.11 -150.15 -56.36
CA GLN P 250 -66.01 -151.20 -55.35
C GLN P 250 -65.96 -150.61 -53.94
N MET P 251 -65.13 -149.59 -53.74
CA MET P 251 -65.01 -149.00 -52.41
C MET P 251 -66.28 -148.24 -52.03
N GLN P 252 -66.91 -147.57 -52.99
CA GLN P 252 -68.17 -146.88 -52.71
C GLN P 252 -69.26 -147.87 -52.32
N MET P 253 -69.34 -149.00 -53.03
CA MET P 253 -70.34 -150.02 -52.72
C MET P 253 -70.05 -150.65 -51.36
N ALA P 254 -68.78 -150.91 -51.05
CA ALA P 254 -68.42 -151.42 -49.74
C ALA P 254 -68.80 -150.44 -48.64
N PHE P 255 -68.52 -149.14 -48.85
CA PHE P 255 -68.86 -148.14 -47.84
C PHE P 255 -70.37 -148.06 -47.65
N VAL P 256 -71.12 -148.09 -48.74
CA VAL P 256 -72.58 -148.00 -48.62
C VAL P 256 -73.14 -149.23 -47.93
N ARG P 257 -72.55 -150.40 -48.20
CA ARG P 257 -72.94 -151.59 -47.47
C ARG P 257 -72.64 -151.44 -45.99
N GLN P 258 -71.50 -150.85 -45.65
CA GLN P 258 -71.17 -150.58 -44.25
C GLN P 258 -72.16 -149.60 -43.64
N ALA P 259 -72.65 -148.65 -44.43
CA ALA P 259 -73.66 -147.72 -43.95
C ALA P 259 -74.95 -148.44 -43.63
N LEU P 260 -75.46 -149.22 -44.58
CA LEU P 260 -76.58 -150.10 -44.32
C LEU P 260 -76.37 -150.89 -43.05
N ASN P 261 -75.15 -151.42 -42.86
CA ASN P 261 -74.85 -152.25 -41.71
C ASN P 261 -74.93 -151.47 -40.40
N TYR P 262 -74.20 -150.36 -40.32
CA TYR P 262 -74.20 -149.54 -39.11
C TYR P 262 -75.60 -149.09 -38.75
N LEU P 263 -76.35 -148.58 -39.74
CA LEU P 263 -77.70 -148.08 -39.45
C LEU P 263 -78.63 -149.23 -39.07
N GLU P 264 -78.49 -150.37 -39.73
CA GLU P 264 -79.34 -151.52 -39.44
C GLU P 264 -79.09 -152.02 -38.02
N GLN P 265 -77.83 -152.16 -37.63
CA GLN P 265 -77.53 -152.63 -36.29
C GLN P 265 -77.95 -151.61 -35.24
N SER P 266 -77.81 -150.31 -35.55
CA SER P 266 -78.29 -149.28 -34.64
C SER P 266 -79.79 -149.37 -34.46
N TYR P 267 -80.52 -149.63 -35.54
CA TYR P 267 -81.97 -149.79 -35.43
C TYR P 267 -82.33 -151.04 -34.64
N LYS P 268 -81.56 -152.12 -34.81
CA LYS P 268 -81.78 -153.31 -34.00
C LYS P 268 -81.61 -153.01 -32.52
N ASN P 269 -80.52 -152.30 -32.17
CA ASN P 269 -80.32 -151.93 -30.78
C ASN P 269 -81.42 -150.99 -30.28
N TYR P 270 -81.90 -150.10 -31.15
CA TYR P 270 -82.98 -149.19 -30.78
C TYR P 270 -84.24 -149.96 -30.42
N THR P 271 -84.68 -150.84 -31.32
CA THR P 271 -85.88 -151.64 -31.07
C THR P 271 -85.71 -152.51 -29.83
N LEU P 272 -84.51 -153.08 -29.65
CA LEU P 272 -84.25 -153.89 -28.46
C LEU P 272 -84.41 -153.07 -27.18
N ILE P 273 -83.75 -151.90 -27.14
CA ILE P 273 -83.78 -151.06 -25.95
C ILE P 273 -85.19 -150.58 -25.67
N SER P 274 -85.98 -150.32 -26.73
CA SER P 274 -87.36 -149.90 -26.54
C SER P 274 -88.21 -151.04 -26.00
N VAL P 275 -88.15 -152.21 -26.63
CA VAL P 275 -88.97 -153.34 -26.23
C VAL P 275 -88.67 -153.74 -24.79
N PHE P 276 -87.38 -153.75 -24.42
CA PHE P 276 -87.03 -154.04 -23.04
C PHE P 276 -87.50 -152.94 -22.11
N ALA P 277 -87.55 -151.70 -22.59
CA ALA P 277 -88.04 -150.59 -21.78
C ALA P 277 -89.55 -150.73 -21.54
N GLY P 289 -86.21 -162.79 -29.77
CA GLY P 289 -85.76 -162.56 -31.12
C GLY P 289 -86.22 -161.23 -31.69
N THR P 290 -85.59 -160.82 -32.79
CA THR P 290 -85.94 -159.54 -33.41
C THR P 290 -87.41 -159.50 -33.80
N TYR P 291 -87.97 -160.63 -34.24
CA TYR P 291 -89.37 -160.65 -34.65
C TYR P 291 -90.30 -160.44 -33.46
N ASN P 292 -90.00 -161.08 -32.34
CA ASN P 292 -90.87 -160.95 -31.17
C ASN P 292 -90.83 -159.55 -30.60
N LEU P 293 -89.63 -158.97 -30.49
CA LEU P 293 -89.53 -157.57 -30.07
C LEU P 293 -90.18 -156.65 -31.09
N VAL P 294 -90.17 -157.04 -32.36
CA VAL P 294 -90.78 -156.21 -33.40
C VAL P 294 -92.30 -156.19 -33.23
N ARG P 295 -92.91 -157.35 -32.97
CA ARG P 295 -94.33 -157.38 -32.65
C ARG P 295 -94.62 -156.62 -31.37
N SER P 296 -93.74 -156.75 -30.37
CA SER P 296 -93.89 -156.00 -29.13
C SER P 296 -93.80 -154.49 -29.37
N PHE P 297 -93.07 -154.07 -30.39
CA PHE P 297 -93.00 -152.65 -30.73
C PHE P 297 -94.23 -152.19 -31.47
N LEU P 298 -94.64 -152.94 -32.50
CA LEU P 298 -95.81 -152.56 -33.27
C LEU P 298 -97.07 -152.56 -32.41
N ASN P 299 -97.10 -153.39 -31.36
CA ASN P 299 -98.20 -153.30 -30.40
C ASN P 299 -98.26 -151.94 -29.73
N ILE P 300 -97.16 -151.20 -29.74
CA ILE P 300 -97.13 -149.88 -29.14
C ILE P 300 -97.34 -148.79 -30.19
N ARG P 301 -96.60 -148.86 -31.31
CA ARG P 301 -96.69 -147.82 -32.32
C ARG P 301 -97.85 -148.04 -33.27
N LEU P 302 -98.40 -149.25 -33.32
CA LEU P 302 -99.62 -149.53 -34.08
C LEU P 302 -100.67 -150.07 -33.11
N PRO P 303 -100.93 -149.34 -32.03
CA PRO P 303 -101.94 -149.82 -31.06
C PRO P 303 -103.34 -149.89 -31.62
N THR P 304 -103.58 -149.27 -32.76
CA THR P 304 -104.83 -149.36 -33.47
C THR P 304 -104.58 -149.87 -34.89
N PRO P 305 -105.43 -150.77 -35.38
CA PRO P 305 -105.22 -151.30 -36.74
C PRO P 305 -105.21 -150.18 -37.77
N ILE P 306 -104.09 -150.05 -38.46
CA ILE P 306 -104.00 -149.10 -39.56
C ILE P 306 -104.79 -149.70 -40.72
N PRO P 307 -105.80 -149.00 -41.24
CA PRO P 307 -106.58 -149.57 -42.34
C PRO P 307 -105.82 -149.45 -43.65
N GLY P 308 -106.14 -150.33 -44.59
CA GLY P 308 -105.53 -150.31 -45.91
C GLY P 308 -104.32 -151.20 -46.06
N LEU P 309 -103.77 -151.71 -44.97
CA LEU P 309 -102.67 -152.67 -45.07
C LEU P 309 -103.15 -153.91 -45.81
N GLN P 310 -102.32 -154.39 -46.73
CA GLN P 310 -102.63 -155.57 -47.53
C GLN P 310 -101.87 -156.77 -47.01
N ASP P 311 -102.08 -157.90 -47.67
CA ASP P 311 -101.41 -159.15 -47.36
C ASP P 311 -101.72 -159.65 -45.96
N GLY P 312 -102.89 -159.31 -45.43
CA GLY P 312 -103.38 -159.94 -44.21
C GLY P 312 -102.53 -159.67 -42.99
N GLU P 313 -102.80 -160.46 -41.95
CA GLU P 313 -102.11 -160.34 -40.67
C GLU P 313 -101.73 -161.71 -40.15
N ILE P 314 -100.54 -161.78 -39.58
CA ILE P 314 -100.02 -162.99 -38.95
C ILE P 314 -100.18 -162.83 -37.45
N GLU P 315 -101.12 -163.57 -36.87
CA GLU P 315 -101.37 -163.58 -35.43
C GLU P 315 -101.77 -162.20 -34.91
N GLY P 316 -102.27 -161.33 -35.80
CA GLY P 316 -102.84 -160.06 -35.40
C GLY P 316 -102.04 -158.82 -35.73
N TYR P 317 -100.83 -158.96 -36.27
CA TYR P 317 -100.08 -157.80 -36.71
C TYR P 317 -99.89 -157.85 -38.22
N PRO P 318 -100.12 -156.73 -38.91
CA PRO P 318 -100.03 -156.75 -40.38
C PRO P 318 -98.66 -157.21 -40.85
N VAL P 319 -98.65 -157.92 -41.99
CA VAL P 319 -97.42 -158.55 -42.46
C VAL P 319 -96.40 -157.51 -42.87
N TRP P 320 -96.84 -156.46 -43.56
CA TRP P 320 -95.91 -155.48 -44.10
C TRP P 320 -95.18 -154.73 -43.00
N ALA P 321 -95.88 -154.35 -41.93
CA ALA P 321 -95.21 -153.71 -40.80
C ALA P 321 -94.12 -154.61 -40.22
N LEU P 322 -94.41 -155.90 -40.08
CA LEU P 322 -93.42 -156.84 -39.54
C LEU P 322 -92.20 -156.92 -40.46
N ILE P 323 -92.44 -157.11 -41.77
CA ILE P 323 -91.34 -157.24 -42.72
C ILE P 323 -90.47 -155.99 -42.68
N TYR P 324 -91.08 -154.82 -42.87
CA TYR P 324 -90.32 -153.57 -42.86
C TYR P 324 -89.56 -153.40 -41.54
N TYR P 325 -90.28 -153.40 -40.41
CA TYR P 325 -89.64 -153.15 -39.13
C TYR P 325 -88.51 -154.11 -38.86
N CYS P 326 -88.62 -155.37 -39.32
CA CYS P 326 -87.47 -156.26 -39.23
C CYS P 326 -86.34 -155.78 -40.14
N MET P 327 -86.69 -155.23 -41.30
CA MET P 327 -85.65 -154.84 -42.25
C MET P 327 -84.87 -153.62 -41.76
N ARG P 328 -85.54 -152.66 -41.14
CA ARG P 328 -84.85 -151.49 -40.63
C ARG P 328 -83.83 -151.87 -39.57
N CYS P 329 -84.20 -152.80 -38.68
CA CYS P 329 -83.29 -153.29 -37.66
C CYS P 329 -82.25 -154.25 -38.21
N GLY P 330 -82.18 -154.43 -39.53
CA GLY P 330 -81.15 -155.24 -40.14
C GLY P 330 -81.23 -156.72 -39.88
N ASP P 331 -82.35 -157.20 -39.35
CA ASP P 331 -82.53 -158.63 -39.10
C ASP P 331 -83.19 -159.25 -40.32
N LEU P 332 -82.35 -159.71 -41.26
CA LEU P 332 -82.85 -160.29 -42.49
C LEU P 332 -83.49 -161.65 -42.26
N MET P 333 -83.03 -162.40 -41.25
CA MET P 333 -83.57 -163.73 -41.03
C MET P 333 -84.96 -163.67 -40.40
N ALA P 334 -85.21 -162.68 -39.55
CA ALA P 334 -86.52 -162.55 -38.92
C ALA P 334 -87.57 -162.14 -39.95
N ALA P 335 -87.27 -161.14 -40.78
CA ALA P 335 -88.17 -160.79 -41.87
C ALA P 335 -88.30 -161.96 -42.85
N GLN P 336 -87.23 -162.72 -43.03
CA GLN P 336 -87.32 -163.95 -43.81
C GLN P 336 -88.35 -164.90 -43.22
N GLN P 337 -88.36 -165.05 -41.90
CA GLN P 337 -89.32 -165.93 -41.25
C GLN P 337 -90.74 -165.38 -41.37
N VAL P 338 -90.88 -164.06 -41.33
CA VAL P 338 -92.20 -163.44 -41.50
C VAL P 338 -92.73 -163.69 -42.89
N VAL P 339 -91.92 -163.43 -43.90
CA VAL P 339 -92.32 -163.69 -45.29
C VAL P 339 -92.58 -165.18 -45.51
N ASN P 340 -91.74 -166.04 -44.93
CA ASN P 340 -91.89 -167.48 -45.10
C ASN P 340 -93.20 -167.97 -44.52
N ARG P 341 -93.53 -167.53 -43.30
CA ARG P 341 -94.85 -167.81 -42.75
C ARG P 341 -95.95 -167.23 -43.63
N ALA P 342 -95.63 -166.21 -44.42
CA ALA P 342 -96.61 -165.50 -45.24
C ALA P 342 -96.36 -165.66 -46.73
N GLN P 343 -95.70 -166.75 -47.14
CA GLN P 343 -95.47 -166.96 -48.57
C GLN P 343 -96.78 -167.11 -49.34
N HIS P 344 -97.79 -167.71 -48.70
CA HIS P 344 -99.07 -167.92 -49.36
C HIS P 344 -99.70 -166.62 -49.83
N GLN P 345 -99.53 -165.54 -49.06
CA GLN P 345 -100.00 -164.24 -49.50
C GLN P 345 -98.90 -163.44 -50.19
N LEU P 346 -97.64 -163.84 -50.02
CA LEU P 346 -96.54 -163.08 -50.60
C LEU P 346 -96.37 -163.32 -52.09
N GLY P 347 -96.49 -164.57 -52.55
CA GLY P 347 -96.19 -164.85 -53.94
C GLY P 347 -94.71 -164.63 -54.24
N ASP P 348 -94.41 -164.15 -55.45
CA ASP P 348 -93.01 -164.06 -55.89
C ASP P 348 -92.16 -163.18 -54.99
N PHE P 349 -92.78 -162.44 -54.07
CA PHE P 349 -92.03 -161.70 -53.08
C PHE P 349 -91.14 -162.64 -52.27
N LYS P 350 -91.58 -163.89 -52.09
CA LYS P 350 -90.76 -164.86 -51.33
C LYS P 350 -89.43 -165.12 -52.01
N ASN P 351 -89.46 -165.49 -53.29
CA ASN P 351 -88.22 -165.77 -54.00
C ASN P 351 -87.37 -164.52 -54.16
N CYS P 352 -88.00 -163.38 -54.50
CA CYS P 352 -87.24 -162.16 -54.68
C CYS P 352 -86.56 -161.74 -53.37
N PHE P 353 -87.27 -161.87 -52.25
CA PHE P 353 -86.70 -161.50 -50.96
C PHE P 353 -85.61 -162.48 -50.53
N GLN P 354 -85.78 -163.76 -50.83
CA GLN P 354 -84.72 -164.72 -50.50
C GLN P 354 -83.45 -164.41 -51.28
N GLU P 355 -83.59 -164.12 -52.59
CA GLU P 355 -82.42 -163.75 -53.37
C GLU P 355 -81.81 -162.45 -52.87
N TYR P 356 -82.65 -161.50 -52.46
CA TYR P 356 -82.14 -160.26 -51.87
C TYR P 356 -81.51 -160.53 -50.51
N ILE P 357 -81.83 -161.67 -49.90
CA ILE P 357 -81.27 -161.99 -48.60
C ILE P 357 -79.92 -162.67 -48.74
N HIS P 358 -79.74 -163.46 -49.79
CA HIS P 358 -78.49 -164.19 -49.95
C HIS P 358 -77.31 -163.31 -50.28
N ASN P 359 -77.51 -162.22 -51.02
CA ASN P 359 -76.39 -161.42 -51.54
C ASN P 359 -75.66 -160.72 -50.40
N LYS P 360 -74.32 -160.75 -50.45
CA LYS P 360 -73.53 -160.04 -49.46
C LYS P 360 -73.65 -158.53 -49.62
N ASP P 361 -73.92 -158.05 -50.84
CA ASP P 361 -74.26 -156.66 -51.08
C ASP P 361 -75.76 -156.41 -50.93
N ARG P 362 -76.54 -157.45 -50.65
CA ARG P 362 -77.99 -157.37 -50.45
C ARG P 362 -78.68 -156.72 -51.65
N ARG P 363 -78.25 -157.12 -52.85
CA ARG P 363 -78.85 -156.64 -54.09
C ARG P 363 -79.30 -157.83 -54.92
N LEU P 364 -80.44 -157.71 -55.57
CA LEU P 364 -80.91 -158.74 -56.46
C LEU P 364 -80.26 -158.58 -57.84
N SER P 365 -80.28 -159.67 -58.61
CA SER P 365 -79.67 -159.65 -59.93
C SER P 365 -80.45 -158.73 -60.87
N PRO P 366 -79.94 -158.50 -62.08
CA PRO P 366 -80.60 -157.54 -62.98
C PRO P 366 -82.00 -157.94 -63.38
N THR P 367 -82.23 -159.22 -63.72
CA THR P 367 -83.54 -159.66 -64.15
C THR P 367 -84.56 -159.59 -63.01
N THR P 368 -84.16 -160.03 -61.82
CA THR P 368 -85.06 -159.93 -60.66
C THR P 368 -85.29 -158.49 -60.27
N GLU P 369 -84.27 -157.65 -60.39
CA GLU P 369 -84.45 -156.21 -60.18
C GLU P 369 -85.49 -155.65 -61.14
N ASN P 370 -85.43 -156.04 -62.41
CA ASN P 370 -86.41 -155.57 -63.38
C ASN P 370 -87.81 -156.07 -63.04
N LYS P 371 -87.92 -157.34 -62.65
CA LYS P 371 -89.22 -157.87 -62.27
C LYS P 371 -89.80 -157.11 -61.09
N LEU P 372 -88.97 -156.81 -60.08
CA LEU P 372 -89.44 -156.08 -58.92
C LEU P 372 -89.86 -154.66 -59.29
N ARG P 373 -89.06 -153.98 -60.13
CA ARG P 373 -89.42 -152.63 -60.54
C ARG P 373 -90.74 -152.60 -61.32
N LEU P 374 -90.91 -153.53 -62.27
CA LEU P 374 -92.13 -153.56 -63.06
C LEU P 374 -93.33 -153.92 -62.19
N HIS P 375 -93.19 -154.88 -61.28
CA HIS P 375 -94.29 -155.24 -60.41
C HIS P 375 -94.64 -154.10 -59.45
N TYR P 376 -93.63 -153.33 -59.02
CA TYR P 376 -93.88 -152.22 -58.12
C TYR P 376 -94.62 -151.09 -58.84
N ARG P 377 -94.13 -150.68 -60.00
CA ARG P 377 -94.85 -149.68 -60.78
C ARG P 377 -96.21 -150.18 -61.23
N ARG P 378 -96.40 -151.50 -61.28
CA ARG P 378 -97.63 -152.07 -61.80
C ARG P 378 -98.70 -152.23 -60.72
N ALA P 379 -98.33 -152.73 -59.54
CA ALA P 379 -99.33 -153.11 -58.55
C ALA P 379 -99.24 -152.35 -57.23
N VAL P 380 -98.04 -152.24 -56.65
CA VAL P 380 -97.92 -151.82 -55.26
C VAL P 380 -97.92 -150.31 -55.10
N ARG P 381 -97.64 -149.57 -56.17
CA ARG P 381 -97.53 -148.11 -56.04
C ARG P 381 -98.85 -147.51 -55.56
N ALA P 382 -99.97 -148.06 -56.00
CA ALA P 382 -101.28 -147.59 -55.58
C ALA P 382 -101.81 -148.32 -54.35
N SER P 383 -100.97 -149.10 -53.68
CA SER P 383 -101.41 -149.82 -52.50
C SER P 383 -101.63 -148.86 -51.34
N THR P 384 -102.68 -149.12 -50.57
CA THR P 384 -102.92 -148.36 -49.34
C THR P 384 -101.93 -148.72 -48.24
N ASP P 385 -101.05 -149.69 -48.48
CA ASP P 385 -100.07 -150.10 -47.48
C ASP P 385 -98.80 -149.27 -47.66
N PRO P 386 -98.54 -148.27 -46.82
CA PRO P 386 -97.28 -147.54 -46.96
C PRO P 386 -96.06 -148.39 -46.63
N TYR P 387 -96.22 -149.36 -45.73
CA TYR P 387 -95.10 -150.23 -45.37
C TYR P 387 -94.72 -151.15 -46.53
N LYS P 388 -95.70 -151.69 -47.25
CA LYS P 388 -95.41 -152.58 -48.37
C LYS P 388 -94.73 -151.81 -49.51
N ARG P 389 -95.25 -150.63 -49.82
CA ARG P 389 -94.58 -149.75 -50.78
C ARG P 389 -93.16 -149.45 -50.33
N ALA P 390 -92.96 -149.24 -49.03
CA ALA P 390 -91.62 -148.99 -48.52
C ALA P 390 -90.71 -150.19 -48.75
N VAL P 391 -91.22 -151.41 -48.51
CA VAL P 391 -90.41 -152.61 -48.66
C VAL P 391 -90.01 -152.80 -50.12
N TYR P 392 -90.97 -152.59 -51.04
CA TYR P 392 -90.65 -152.71 -52.46
C TYR P 392 -89.66 -151.65 -52.91
N CYS P 393 -89.81 -150.41 -52.42
CA CYS P 393 -88.90 -149.34 -52.81
C CYS P 393 -87.50 -149.57 -52.24
N ILE P 394 -87.41 -150.23 -51.09
CA ILE P 394 -86.10 -150.50 -50.49
C ILE P 394 -85.41 -151.65 -51.24
N ILE P 395 -86.14 -152.74 -51.51
CA ILE P 395 -85.51 -153.91 -52.11
C ILE P 395 -85.25 -153.68 -53.59
N GLY P 396 -86.27 -153.30 -54.35
CA GLY P 396 -86.13 -153.14 -55.79
C GLY P 396 -85.51 -151.83 -56.22
N ARG P 397 -85.38 -150.88 -55.32
CA ARG P 397 -84.70 -149.60 -55.58
C ARG P 397 -85.35 -148.82 -56.72
N CYS P 398 -86.59 -148.41 -56.50
CA CYS P 398 -87.32 -147.59 -57.46
C CYS P 398 -88.06 -146.48 -56.73
N ASP P 399 -88.52 -145.50 -57.50
CA ASP P 399 -89.33 -144.39 -57.00
C ASP P 399 -88.64 -143.67 -55.84
N VAL P 400 -87.35 -143.40 -56.02
CA VAL P 400 -86.54 -142.82 -54.96
C VAL P 400 -86.99 -141.44 -54.54
N SER P 401 -87.78 -140.75 -55.37
CA SER P 401 -88.36 -139.49 -54.95
C SER P 401 -89.25 -139.67 -53.72
N ASP P 402 -89.77 -140.88 -53.53
CA ASP P 402 -90.60 -141.18 -52.37
C ASP P 402 -89.74 -141.24 -51.12
N ASN P 403 -90.20 -140.58 -50.06
CA ASN P 403 -89.57 -140.67 -48.76
C ASN P 403 -90.32 -141.60 -47.82
N HIS P 404 -91.53 -142.05 -48.19
CA HIS P 404 -92.36 -142.89 -47.34
C HIS P 404 -92.58 -142.26 -45.98
N SER P 405 -92.90 -140.96 -45.98
CA SER P 405 -93.06 -140.22 -44.75
C SER P 405 -94.09 -140.84 -43.82
N GLU P 406 -95.00 -141.65 -44.35
CA GLU P 406 -95.89 -142.40 -43.48
C GLU P 406 -95.12 -143.38 -42.61
N VAL P 407 -93.94 -143.82 -43.06
CA VAL P 407 -93.17 -144.82 -42.33
C VAL P 407 -91.76 -144.36 -41.99
N ALA P 408 -91.17 -143.44 -42.74
CA ALA P 408 -89.83 -142.92 -42.46
C ALA P 408 -89.98 -141.47 -42.02
N ASP P 409 -90.24 -141.28 -40.73
CA ASP P 409 -90.57 -139.96 -40.20
C ASP P 409 -89.38 -139.23 -39.61
N LYS P 410 -88.39 -139.94 -39.07
CA LYS P 410 -87.19 -139.32 -38.55
C LYS P 410 -86.16 -139.21 -39.66
N THR P 411 -85.19 -138.32 -39.46
CA THR P 411 -84.11 -138.17 -40.42
C THR P 411 -83.32 -139.47 -40.58
N GLU P 412 -83.22 -140.23 -39.49
CA GLU P 412 -82.50 -141.51 -39.55
C GLU P 412 -83.15 -142.48 -40.51
N ASP P 413 -84.48 -142.56 -40.50
CA ASP P 413 -85.15 -143.51 -41.37
C ASP P 413 -85.08 -143.07 -42.83
N TYR P 414 -85.20 -141.77 -43.09
CA TYR P 414 -85.05 -141.27 -44.45
C TYR P 414 -83.63 -141.54 -44.96
N LEU P 415 -82.62 -141.29 -44.12
CA LEU P 415 -81.25 -141.60 -44.47
C LEU P 415 -81.09 -143.09 -44.76
N TRP P 416 -81.70 -143.95 -43.94
CA TRP P 416 -81.58 -145.39 -44.14
C TRP P 416 -82.21 -145.83 -45.45
N LEU P 417 -83.41 -145.35 -45.75
CA LEU P 417 -84.06 -145.66 -47.02
C LEU P 417 -83.21 -145.18 -48.18
N LYS P 418 -82.76 -143.92 -48.13
CA LYS P 418 -81.98 -143.38 -49.24
C LYS P 418 -80.69 -144.15 -49.45
N LEU P 419 -80.05 -144.60 -48.37
CA LEU P 419 -78.80 -145.34 -48.51
C LEU P 419 -79.05 -146.75 -49.04
N SER P 420 -80.10 -147.41 -48.56
CA SER P 420 -80.44 -148.72 -49.09
C SER P 420 -80.86 -148.67 -50.55
N GLN P 421 -81.33 -147.52 -51.02
CA GLN P 421 -81.70 -147.36 -52.42
C GLN P 421 -80.54 -146.84 -53.28
N VAL P 422 -79.43 -146.44 -52.67
CA VAL P 422 -78.32 -145.92 -53.44
C VAL P 422 -77.77 -147.00 -54.35
N CYS P 423 -77.66 -146.68 -55.64
CA CYS P 423 -77.17 -147.61 -56.64
C CYS P 423 -75.71 -147.32 -56.94
N PHE P 424 -74.98 -148.34 -57.39
CA PHE P 424 -73.57 -148.19 -57.73
C PHE P 424 -73.22 -148.99 -58.96
N LEU P 438 -72.94 -143.42 -56.94
CA LEU P 438 -72.12 -143.18 -55.75
C LEU P 438 -71.93 -141.69 -55.52
N PRO P 439 -71.45 -140.97 -56.54
CA PRO P 439 -71.34 -139.52 -56.41
C PRO P 439 -72.69 -138.85 -56.18
N GLN P 440 -73.76 -139.38 -56.78
CA GLN P 440 -75.07 -138.74 -56.68
C GLN P 440 -75.62 -138.81 -55.26
N PHE P 441 -75.66 -140.01 -54.68
CA PHE P 441 -76.18 -140.15 -53.32
C PHE P 441 -75.27 -139.48 -52.31
N GLN P 442 -73.96 -139.48 -52.56
CA GLN P 442 -73.04 -138.82 -51.65
C GLN P 442 -73.22 -137.30 -51.70
N LYS P 443 -73.50 -136.76 -52.89
CA LYS P 443 -73.82 -135.34 -52.99
C LYS P 443 -75.17 -135.04 -52.34
N GLN P 444 -76.12 -135.95 -52.45
CA GLN P 444 -77.40 -135.78 -51.78
C GLN P 444 -77.21 -135.71 -50.27
N LEU P 445 -76.51 -136.68 -49.69
CA LEU P 445 -76.31 -136.72 -48.24
C LEU P 445 -75.47 -135.54 -47.77
N PHE P 446 -74.40 -135.22 -48.50
CA PHE P 446 -73.49 -134.15 -48.12
C PHE P 446 -74.02 -132.77 -48.49
N GLU P 447 -74.38 -132.57 -49.76
CA GLU P 447 -74.89 -131.27 -50.20
C GLU P 447 -76.39 -131.15 -49.97
N ASP P 448 -77.20 -132.03 -50.57
CA ASP P 448 -78.65 -131.85 -50.48
C ASP P 448 -79.16 -132.06 -49.06
N TYR P 449 -78.73 -133.13 -48.39
CA TYR P 449 -79.14 -133.35 -47.02
C TYR P 449 -78.34 -132.51 -46.05
N GLY P 450 -77.02 -132.58 -46.13
CA GLY P 450 -76.18 -131.78 -45.26
C GLY P 450 -76.28 -132.14 -43.78
N GLU P 451 -75.64 -131.30 -42.98
CA GLU P 451 -75.59 -131.53 -41.54
C GLU P 451 -76.92 -131.22 -40.86
N SER P 452 -77.49 -130.04 -41.16
CA SER P 452 -78.70 -129.60 -40.45
C SER P 452 -79.80 -130.64 -40.53
N HIS P 453 -79.81 -131.44 -41.60
CA HIS P 453 -80.72 -132.59 -41.65
C HIS P 453 -80.33 -133.64 -40.63
N PHE P 454 -79.04 -133.93 -40.51
CA PHE P 454 -78.57 -135.02 -39.68
C PHE P 454 -78.38 -134.65 -38.22
N ALA P 455 -78.91 -133.51 -37.79
CA ALA P 455 -78.89 -133.08 -36.39
C ALA P 455 -77.53 -133.30 -35.75
N VAL P 456 -76.48 -133.03 -36.54
CA VAL P 456 -75.12 -133.45 -36.22
C VAL P 456 -74.74 -133.07 -34.80
N ASN P 457 -75.20 -131.91 -34.32
CA ASN P 457 -74.88 -131.48 -32.97
C ASN P 457 -75.29 -132.50 -31.94
N GLN P 458 -76.42 -133.18 -32.16
CA GLN P 458 -76.91 -134.20 -31.25
C GLN P 458 -76.32 -135.57 -31.51
N GLN P 459 -76.40 -136.05 -32.74
CA GLN P 459 -75.90 -137.38 -33.10
C GLN P 459 -74.76 -137.23 -34.10
N PRO P 460 -73.62 -136.70 -33.66
CA PRO P 460 -72.44 -136.69 -34.55
C PRO P 460 -72.10 -138.07 -35.07
N TYR P 461 -72.39 -139.11 -34.28
CA TYR P 461 -72.20 -140.47 -34.77
C TYR P 461 -73.03 -140.75 -36.01
N LEU P 462 -74.23 -140.20 -36.09
CA LEU P 462 -75.09 -140.46 -37.24
C LEU P 462 -74.48 -139.87 -38.51
N TYR P 463 -74.17 -138.57 -38.49
CA TYR P 463 -73.57 -137.95 -39.66
C TYR P 463 -72.23 -138.59 -40.00
N PHE P 464 -71.46 -138.96 -38.97
CA PHE P 464 -70.18 -139.62 -39.21
C PHE P 464 -70.38 -140.94 -39.93
N GLN P 465 -71.30 -141.77 -39.45
CA GLN P 465 -71.64 -142.98 -40.16
C GLN P 465 -72.03 -142.70 -41.59
N VAL P 466 -72.93 -141.72 -41.79
CA VAL P 466 -73.45 -141.42 -43.12
C VAL P 466 -72.31 -141.08 -44.07
N LEU P 467 -71.47 -140.12 -43.69
CA LEU P 467 -70.41 -139.65 -44.58
C LEU P 467 -69.32 -140.70 -44.74
N PHE P 468 -68.79 -141.22 -43.64
CA PHE P 468 -67.68 -142.16 -43.72
C PHE P 468 -68.05 -143.41 -44.48
N LEU P 469 -69.25 -143.94 -44.25
CA LEU P 469 -69.69 -145.10 -45.02
C LEU P 469 -70.33 -144.69 -46.34
N THR P 470 -70.09 -143.47 -46.81
CA THR P 470 -70.45 -143.09 -48.18
C THR P 470 -69.24 -143.06 -49.10
N ALA P 471 -68.13 -143.67 -48.69
CA ALA P 471 -66.83 -143.54 -49.35
C ALA P 471 -66.32 -142.09 -49.37
N GLN P 472 -67.01 -141.21 -48.64
CA GLN P 472 -66.57 -139.83 -48.48
C GLN P 472 -65.74 -139.68 -47.21
N PHE P 473 -64.63 -140.42 -47.20
CA PHE P 473 -63.82 -140.56 -45.99
C PHE P 473 -63.29 -139.21 -45.52
N GLU P 474 -62.64 -138.46 -46.42
CA GLU P 474 -62.05 -137.19 -46.03
C GLU P 474 -63.09 -136.25 -45.45
N ALA P 475 -64.29 -136.24 -46.04
CA ALA P 475 -65.38 -135.45 -45.47
C ALA P 475 -65.65 -135.89 -44.03
N ALA P 476 -65.65 -137.19 -43.78
CA ALA P 476 -65.92 -137.68 -42.43
C ALA P 476 -64.83 -137.26 -41.46
N ILE P 477 -63.57 -137.38 -41.88
CA ILE P 477 -62.46 -137.01 -41.00
C ILE P 477 -62.52 -135.53 -40.68
N ALA P 478 -62.84 -134.70 -41.68
CA ALA P 478 -62.93 -133.26 -41.44
C ALA P 478 -64.07 -132.91 -40.50
N PHE P 479 -65.27 -133.47 -40.75
CA PHE P 479 -66.40 -133.22 -39.87
C PHE P 479 -66.08 -133.63 -38.44
N LEU P 480 -65.51 -134.82 -38.27
CA LEU P 480 -65.19 -135.28 -36.93
C LEU P 480 -64.13 -134.40 -36.26
N PHE P 481 -63.16 -133.93 -37.05
CA PHE P 481 -62.16 -133.03 -36.49
C PHE P 481 -62.78 -131.72 -36.03
N ARG P 482 -63.79 -131.24 -36.75
CA ARG P 482 -64.41 -129.96 -36.42
C ARG P 482 -64.84 -129.90 -34.95
N LEU P 483 -65.28 -131.02 -34.40
CA LEU P 483 -65.61 -131.09 -32.98
C LEU P 483 -64.33 -131.38 -32.19
N GLU P 484 -64.23 -130.79 -31.00
CA GLU P 484 -63.06 -131.01 -30.16
C GLU P 484 -62.96 -132.47 -29.73
N ARG P 485 -63.97 -132.95 -29.00
CA ARG P 485 -63.90 -134.26 -28.34
C ARG P 485 -63.60 -135.40 -29.30
N THR P 486 -64.04 -135.31 -30.55
CA THR P 486 -63.84 -136.39 -31.51
C THR P 486 -62.67 -136.13 -32.44
N ARG P 487 -62.13 -134.91 -32.47
CA ARG P 487 -61.02 -134.61 -33.38
C ARG P 487 -59.89 -135.59 -33.19
N CYS P 488 -59.56 -135.89 -31.92
CA CYS P 488 -58.61 -136.95 -31.61
C CYS P 488 -58.88 -138.19 -32.45
N HIS P 489 -60.05 -138.80 -32.24
CA HIS P 489 -60.41 -139.97 -33.03
C HIS P 489 -60.23 -139.66 -34.52
N ALA P 490 -60.83 -138.55 -34.97
CA ALA P 490 -60.73 -138.17 -36.37
C ALA P 490 -59.30 -138.29 -36.85
N VAL P 491 -58.37 -137.68 -36.12
CA VAL P 491 -56.97 -137.67 -36.53
C VAL P 491 -56.50 -139.10 -36.77
N HIS P 492 -56.60 -139.94 -35.73
CA HIS P 492 -56.09 -141.29 -35.89
C HIS P 492 -56.83 -142.02 -36.99
N VAL P 493 -58.15 -141.81 -37.08
CA VAL P 493 -58.92 -142.49 -38.12
C VAL P 493 -58.34 -142.16 -39.48
N ALA P 494 -58.03 -140.89 -39.72
CA ALA P 494 -57.46 -140.50 -41.00
C ALA P 494 -56.13 -141.20 -41.21
N LEU P 495 -55.27 -141.19 -40.19
CA LEU P 495 -53.99 -141.86 -40.32
C LEU P 495 -54.20 -143.33 -40.65
N ALA P 496 -55.29 -143.92 -40.14
CA ALA P 496 -55.61 -145.31 -40.45
C ALA P 496 -55.73 -145.50 -41.95
N LEU P 497 -56.55 -144.67 -42.61
CA LEU P 497 -56.65 -144.76 -44.06
C LEU P 497 -55.38 -144.21 -44.72
N PHE P 498 -54.65 -143.32 -44.04
CA PHE P 498 -53.44 -142.76 -44.62
C PHE P 498 -52.42 -143.86 -44.91
N GLU P 499 -52.05 -144.64 -43.87
CA GLU P 499 -51.14 -145.76 -44.06
C GLU P 499 -51.72 -146.80 -44.99
N LEU P 500 -53.04 -146.80 -45.18
CA LEU P 500 -53.67 -147.68 -46.15
C LEU P 500 -53.75 -147.07 -47.55
N LYS P 501 -53.81 -145.74 -47.64
CA LYS P 501 -53.92 -145.04 -48.92
C LYS P 501 -55.16 -145.45 -49.70
N PHE P 529 -51.97 -137.48 -45.21
CA PHE P 529 -51.07 -138.22 -44.32
C PHE P 529 -50.13 -137.28 -43.57
N ILE P 530 -49.17 -136.71 -44.30
CA ILE P 530 -48.16 -135.85 -43.68
C ILE P 530 -48.79 -134.55 -43.21
N ARG P 531 -49.58 -133.91 -44.06
CA ARG P 531 -50.28 -132.69 -43.67
C ARG P 531 -51.17 -132.93 -42.47
N LEU P 532 -51.80 -134.10 -42.40
CA LEU P 532 -52.69 -134.41 -41.29
C LEU P 532 -51.94 -134.47 -39.96
N LEU P 533 -50.95 -135.37 -39.88
CA LEU P 533 -50.18 -135.51 -38.65
C LEU P 533 -49.46 -134.22 -38.29
N MET P 534 -49.07 -133.43 -39.30
CA MET P 534 -48.37 -132.18 -39.04
C MET P 534 -49.29 -131.14 -38.44
N LEU P 535 -50.42 -130.87 -39.07
CA LEU P 535 -51.39 -129.94 -38.50
C LEU P 535 -51.88 -130.42 -37.15
N TYR P 536 -51.92 -131.74 -36.93
CA TYR P 536 -52.28 -132.26 -35.62
C TYR P 536 -51.23 -131.89 -34.57
N THR P 537 -49.99 -132.33 -34.77
CA THR P 537 -48.92 -132.02 -33.82
C THR P 537 -48.66 -130.53 -33.73
N ARG P 538 -49.22 -129.74 -34.64
CA ARG P 538 -48.95 -128.31 -34.69
C ARG P 538 -49.21 -127.61 -33.36
N LYS P 539 -50.14 -128.12 -32.56
CA LYS P 539 -50.52 -127.41 -31.34
C LYS P 539 -49.58 -127.72 -30.18
N PHE P 540 -49.01 -128.93 -30.15
CA PHE P 540 -48.34 -129.42 -28.95
C PHE P 540 -46.88 -129.79 -29.16
N GLU P 541 -46.36 -129.69 -30.38
CA GLU P 541 -44.93 -129.88 -30.59
C GLU P 541 -44.10 -128.93 -29.73
N PRO P 542 -44.47 -127.67 -29.54
CA PRO P 542 -43.69 -126.80 -28.65
C PRO P 542 -43.81 -127.19 -27.19
N THR P 543 -44.80 -128.00 -26.84
CA THR P 543 -44.94 -128.51 -25.47
C THR P 543 -44.49 -129.96 -25.36
N ASP P 544 -45.01 -130.85 -26.19
CA ASP P 544 -44.76 -132.28 -26.10
C ASP P 544 -43.95 -132.72 -27.30
N PRO P 545 -42.74 -132.19 -27.45
CA PRO P 545 -41.86 -132.67 -28.52
C PRO P 545 -41.60 -134.16 -28.44
N ARG P 546 -41.59 -134.74 -27.24
CA ARG P 546 -41.56 -136.20 -27.15
C ARG P 546 -42.77 -136.81 -27.85
N GLU P 547 -43.96 -136.29 -27.57
CA GLU P 547 -45.16 -136.82 -28.22
C GLU P 547 -45.20 -136.44 -29.69
N ALA P 548 -44.80 -135.21 -30.02
CA ALA P 548 -44.80 -134.80 -31.42
C ALA P 548 -43.86 -135.67 -32.25
N LEU P 549 -42.74 -136.07 -31.67
CA LEU P 549 -41.81 -136.95 -32.36
C LEU P 549 -42.37 -138.36 -32.46
N GLN P 550 -42.92 -138.89 -31.36
CA GLN P 550 -43.52 -140.22 -31.42
C GLN P 550 -44.69 -140.26 -32.39
N TYR P 551 -45.25 -139.10 -32.71
CA TYR P 551 -46.27 -139.04 -33.74
C TYR P 551 -45.65 -138.99 -35.12
N PHE P 552 -44.73 -138.06 -35.35
CA PHE P 552 -44.10 -137.95 -36.66
C PHE P 552 -43.41 -139.24 -37.06
N TYR P 553 -43.12 -140.10 -36.09
CA TYR P 553 -42.39 -141.33 -36.37
C TYR P 553 -43.07 -142.22 -37.40
N PHE P 554 -44.30 -141.88 -37.80
CA PHE P 554 -44.96 -142.65 -38.85
C PHE P 554 -44.24 -142.52 -40.19
N LEU P 555 -43.62 -141.37 -40.46
CA LEU P 555 -43.05 -141.07 -41.75
C LEU P 555 -41.70 -141.75 -41.99
N ARG P 556 -41.24 -142.59 -41.06
CA ARG P 556 -39.96 -143.28 -41.24
C ARG P 556 -39.92 -144.04 -42.56
N ASN P 557 -41.08 -144.49 -43.05
CA ASN P 557 -41.20 -145.12 -44.35
C ASN P 557 -41.74 -144.16 -45.41
N GLU P 558 -42.02 -142.92 -45.04
CA GLU P 558 -42.47 -141.92 -45.99
C GLU P 558 -41.28 -141.22 -46.62
N LYS P 559 -41.47 -140.74 -47.85
CA LYS P 559 -40.50 -139.88 -48.51
C LYS P 559 -41.27 -138.81 -49.28
N ASP P 560 -40.70 -137.60 -49.29
CA ASP P 560 -41.31 -136.51 -50.04
C ASP P 560 -41.10 -136.73 -51.53
N ASN P 561 -41.51 -135.76 -52.34
CA ASN P 561 -41.38 -135.91 -53.79
C ASN P 561 -39.92 -135.84 -54.23
N GLN P 562 -39.03 -135.32 -53.40
CA GLN P 562 -37.61 -135.29 -53.69
C GLN P 562 -36.87 -136.50 -53.14
N GLY P 563 -37.56 -137.40 -52.45
CA GLY P 563 -36.91 -138.44 -51.69
C GLY P 563 -36.43 -138.02 -50.33
N GLU P 564 -36.79 -136.81 -49.88
CA GLU P 564 -36.41 -136.36 -48.55
C GLU P 564 -37.32 -137.00 -47.51
N SER P 565 -36.70 -137.59 -46.50
CA SER P 565 -37.46 -138.28 -45.47
C SER P 565 -38.41 -137.31 -44.78
N MET P 566 -39.71 -137.57 -44.90
CA MET P 566 -40.67 -136.74 -44.18
C MET P 566 -40.45 -136.83 -42.68
N PHE P 567 -40.06 -138.00 -42.20
CA PHE P 567 -39.69 -138.14 -40.79
C PHE P 567 -38.55 -137.21 -40.44
N LEU P 568 -37.50 -137.19 -41.26
CA LEU P 568 -36.31 -136.40 -40.93
C LEU P 568 -36.57 -134.90 -41.05
N ARG P 569 -37.23 -134.47 -42.13
CA ARG P 569 -37.54 -133.05 -42.28
C ARG P 569 -38.48 -132.58 -41.18
N CYS P 570 -39.51 -133.36 -40.89
CA CYS P 570 -40.42 -133.03 -39.80
C CYS P 570 -39.67 -132.98 -38.47
N VAL P 571 -38.76 -133.92 -38.24
CA VAL P 571 -38.04 -133.96 -36.97
C VAL P 571 -37.13 -132.75 -36.85
N SER P 572 -36.52 -132.32 -37.95
CA SER P 572 -35.73 -131.10 -37.91
C SER P 572 -36.61 -129.90 -37.63
N GLU P 573 -37.81 -129.86 -38.24
CA GLU P 573 -38.74 -128.78 -37.98
C GLU P 573 -39.08 -128.71 -36.49
N LEU P 574 -39.36 -129.87 -35.89
CA LEU P 574 -39.68 -129.92 -34.47
C LEU P 574 -38.51 -129.46 -33.62
N VAL P 575 -37.33 -130.07 -33.82
CA VAL P 575 -36.18 -129.79 -32.97
C VAL P 575 -35.79 -128.32 -33.06
N ILE P 576 -35.76 -127.75 -34.26
CA ILE P 576 -35.41 -126.34 -34.40
C ILE P 576 -36.50 -125.48 -33.79
N GLU P 577 -37.76 -125.86 -33.97
CA GLU P 577 -38.86 -125.06 -33.47
C GLU P 577 -38.89 -125.02 -31.93
N SER P 578 -38.61 -126.15 -31.28
CA SER P 578 -39.10 -126.37 -29.94
C SER P 578 -38.08 -126.11 -28.83
N ARG P 579 -36.84 -125.75 -29.15
CA ARG P 579 -35.75 -125.75 -28.17
C ARG P 579 -35.60 -127.12 -27.52
N GLU P 580 -35.81 -128.17 -28.31
CA GLU P 580 -35.80 -129.55 -27.83
C GLU P 580 -34.82 -130.42 -28.60
N PHE P 581 -33.97 -129.82 -29.43
CA PHE P 581 -32.91 -130.56 -30.10
C PHE P 581 -32.21 -131.51 -29.14
N ASP P 582 -31.98 -131.04 -27.91
CA ASP P 582 -31.43 -131.92 -26.88
C ASP P 582 -32.28 -133.16 -26.70
N MET P 583 -33.60 -133.03 -26.88
CA MET P 583 -34.48 -134.17 -26.64
C MET P 583 -34.59 -135.07 -27.87
N LEU P 584 -34.92 -134.50 -29.04
CA LEU P 584 -35.17 -135.34 -30.20
C LEU P 584 -33.88 -135.85 -30.82
N LEU P 585 -32.84 -135.01 -30.84
CA LEU P 585 -31.56 -135.36 -31.45
C LEU P 585 -30.54 -135.86 -30.44
N GLY P 586 -30.72 -135.57 -29.16
CA GLY P 586 -29.74 -135.95 -28.16
C GLY P 586 -28.84 -134.79 -27.81
N LYS P 587 -27.70 -135.13 -27.20
CA LYS P 587 -26.72 -134.12 -26.84
C LYS P 587 -25.32 -134.74 -26.86
N LEU P 588 -24.32 -133.86 -26.95
CA LEU P 588 -22.94 -134.28 -26.77
C LEU P 588 -22.63 -134.29 -25.29
N GLU P 589 -21.86 -135.28 -24.85
CA GLU P 589 -21.40 -135.28 -23.47
C GLU P 589 -20.03 -134.59 -23.38
N LYS P 590 -19.66 -134.22 -22.15
CA LYS P 590 -18.40 -133.50 -21.96
C LYS P 590 -17.23 -134.28 -22.52
N ASP P 591 -17.17 -135.57 -22.28
CA ASP P 591 -16.10 -136.40 -22.81
C ASP P 591 -16.17 -136.55 -24.32
N GLY P 592 -17.14 -135.92 -24.99
CA GLY P 592 -17.34 -136.14 -26.41
C GLY P 592 -18.20 -137.33 -26.75
N SER P 593 -18.96 -137.85 -25.79
CA SER P 593 -19.93 -138.91 -26.07
C SER P 593 -21.26 -138.32 -26.48
N ARG P 594 -21.92 -138.96 -27.43
CA ARG P 594 -23.19 -138.49 -27.96
C ARG P 594 -24.33 -139.17 -27.23
N LYS P 595 -25.11 -138.40 -26.49
CA LYS P 595 -26.27 -138.94 -25.78
C LYS P 595 -27.38 -139.22 -26.79
N PRO P 596 -27.92 -140.44 -26.83
CA PRO P 596 -28.88 -140.79 -27.89
C PRO P 596 -30.18 -140.03 -27.76
N GLY P 597 -30.61 -139.45 -28.88
CA GLY P 597 -31.84 -138.68 -28.93
C GLY P 597 -33.04 -139.55 -29.22
N ALA P 598 -34.17 -138.86 -29.50
CA ALA P 598 -35.41 -139.57 -29.76
C ALA P 598 -35.41 -140.22 -31.14
N ILE P 599 -35.13 -139.45 -32.19
CA ILE P 599 -35.16 -140.01 -33.54
C ILE P 599 -34.13 -141.13 -33.69
N ASP P 600 -33.14 -141.18 -32.78
CA ASP P 600 -32.16 -142.26 -32.80
C ASP P 600 -32.81 -143.63 -32.67
N LYS P 601 -34.09 -143.69 -32.30
CA LYS P 601 -34.78 -144.99 -32.29
C LYS P 601 -35.37 -145.33 -33.66
N PHE P 602 -35.38 -144.37 -34.59
CA PHE P 602 -35.99 -144.58 -35.89
C PHE P 602 -34.98 -144.80 -37.00
N THR P 603 -33.80 -144.18 -36.92
CA THR P 603 -32.80 -144.28 -37.98
C THR P 603 -31.43 -144.53 -37.36
N ARG P 604 -30.54 -145.14 -38.14
CA ARG P 604 -29.22 -145.49 -37.62
C ARG P 604 -28.34 -144.25 -37.49
N ASP P 605 -28.24 -143.44 -38.54
CA ASP P 605 -27.32 -142.31 -38.56
C ASP P 605 -28.05 -141.05 -38.99
N THR P 606 -27.79 -139.96 -38.27
CA THR P 606 -28.29 -138.64 -38.64
C THR P 606 -27.13 -137.65 -38.67
N LYS P 607 -25.97 -138.11 -39.13
CA LYS P 607 -24.78 -137.26 -39.15
C LYS P 607 -24.96 -136.09 -40.09
N THR P 608 -25.53 -136.33 -41.27
CA THR P 608 -25.85 -135.22 -42.17
C THR P 608 -26.94 -134.34 -41.57
N ILE P 609 -27.92 -134.96 -40.89
CA ILE P 609 -28.95 -134.19 -40.21
C ILE P 609 -28.35 -133.39 -39.06
N ILE P 610 -27.46 -134.02 -38.30
CA ILE P 610 -26.75 -133.32 -37.23
C ILE P 610 -25.99 -132.13 -37.80
N ASN P 611 -25.35 -132.32 -38.96
CA ASN P 611 -24.57 -131.25 -39.56
C ASN P 611 -25.45 -130.10 -40.01
N LYS P 612 -26.52 -130.39 -40.75
CA LYS P 612 -27.42 -129.34 -41.19
C LYS P 612 -28.03 -128.61 -40.01
N VAL P 613 -28.40 -129.35 -38.96
CA VAL P 613 -28.92 -128.73 -37.76
C VAL P 613 -27.89 -127.82 -37.14
N ALA P 614 -26.65 -128.29 -37.01
CA ALA P 614 -25.58 -127.47 -36.48
C ALA P 614 -25.43 -126.18 -37.28
N SER P 615 -25.52 -126.28 -38.60
CA SER P 615 -25.38 -125.10 -39.44
C SER P 615 -26.51 -124.10 -39.18
N VAL P 616 -27.75 -124.57 -39.24
CA VAL P 616 -28.88 -123.70 -38.93
C VAL P 616 -28.70 -123.03 -37.57
N ALA P 617 -28.23 -123.80 -36.59
CA ALA P 617 -27.94 -123.23 -35.27
C ALA P 617 -26.93 -122.11 -35.38
N GLU P 618 -25.81 -122.36 -36.04
CA GLU P 618 -24.78 -121.34 -36.21
C GLU P 618 -25.33 -120.10 -36.87
N ASN P 619 -26.39 -120.25 -37.67
CA ASN P 619 -26.91 -119.11 -38.43
C ASN P 619 -27.65 -118.12 -37.54
N LYS P 620 -28.08 -118.54 -36.35
CA LYS P 620 -28.91 -117.67 -35.53
C LYS P 620 -28.15 -116.97 -34.41
N GLY P 621 -27.02 -117.51 -33.97
CA GLY P 621 -26.28 -116.88 -32.90
C GLY P 621 -26.07 -117.72 -31.65
N LEU P 622 -26.46 -118.99 -31.67
CA LEU P 622 -26.24 -119.86 -30.51
C LEU P 622 -24.99 -120.70 -30.76
N PHE P 623 -23.85 -120.02 -30.71
CA PHE P 623 -22.59 -120.63 -31.13
C PHE P 623 -22.27 -121.92 -30.36
N GLU P 624 -22.43 -121.90 -29.04
CA GLU P 624 -22.14 -123.10 -28.25
C GLU P 624 -22.91 -124.30 -28.78
N GLU P 625 -24.20 -124.10 -29.07
CA GLU P 625 -25.01 -125.20 -29.57
C GLU P 625 -24.46 -125.74 -30.88
N ALA P 626 -24.21 -124.86 -31.84
CA ALA P 626 -23.73 -125.32 -33.14
C ALA P 626 -22.42 -126.08 -33.00
N ALA P 627 -21.53 -125.60 -32.15
CA ALA P 627 -20.26 -126.30 -31.97
C ALA P 627 -20.47 -127.65 -31.32
N LYS P 628 -21.38 -127.71 -30.33
CA LYS P 628 -21.70 -128.97 -29.70
C LYS P 628 -22.24 -129.97 -30.71
N LEU P 629 -23.04 -129.48 -31.66
CA LEU P 629 -23.62 -130.37 -32.66
C LEU P 629 -22.56 -130.81 -33.67
N TYR P 630 -21.66 -129.89 -34.04
CA TYR P 630 -20.51 -130.28 -34.85
C TYR P 630 -19.72 -131.39 -34.16
N ASP P 631 -19.50 -131.26 -32.86
CA ASP P 631 -18.88 -132.33 -32.10
C ASP P 631 -19.72 -133.60 -32.17
N LEU P 632 -21.03 -133.45 -32.12
CA LEU P 632 -21.91 -134.59 -32.35
C LEU P 632 -21.84 -135.05 -33.80
N ALA P 633 -21.66 -134.12 -34.72
CA ALA P 633 -21.50 -134.47 -36.12
C ALA P 633 -20.06 -134.79 -36.50
N LYS P 634 -19.15 -134.80 -35.52
CA LYS P 634 -17.74 -135.11 -35.75
C LYS P 634 -17.11 -134.17 -36.77
N ASN P 635 -17.41 -132.89 -36.65
CA ASN P 635 -16.79 -131.89 -37.49
C ASN P 635 -15.87 -131.02 -36.63
N PRO P 636 -14.68 -131.53 -36.28
CA PRO P 636 -13.81 -130.75 -35.39
C PRO P 636 -13.41 -129.41 -35.95
N ASP P 637 -13.49 -129.22 -37.26
CA ASP P 637 -13.09 -127.95 -37.85
C ASP P 637 -13.93 -126.81 -37.32
N LYS P 638 -15.24 -126.85 -37.60
CA LYS P 638 -16.13 -125.83 -37.07
C LYS P 638 -16.12 -125.85 -35.56
N VAL P 639 -15.88 -127.02 -34.96
CA VAL P 639 -15.82 -127.10 -33.51
C VAL P 639 -14.77 -126.15 -32.97
N LEU P 640 -13.52 -126.37 -33.34
CA LEU P 640 -12.44 -125.54 -32.84
C LEU P 640 -12.56 -124.11 -33.35
N GLU P 641 -13.07 -123.93 -34.56
CA GLU P 641 -13.20 -122.58 -35.09
C GLU P 641 -14.15 -121.75 -34.26
N LEU P 642 -15.41 -122.17 -34.17
CA LEU P 642 -16.37 -121.44 -33.37
C LEU P 642 -15.96 -121.42 -31.91
N THR P 643 -15.22 -122.44 -31.46
CA THR P 643 -14.74 -122.43 -30.09
C THR P 643 -13.78 -121.28 -29.85
N ASN P 644 -12.81 -121.10 -30.75
CA ASN P 644 -11.93 -119.95 -30.68
C ASN P 644 -12.74 -118.67 -30.80
N LYS P 645 -13.76 -118.67 -31.66
CA LYS P 645 -14.60 -117.49 -31.81
C LYS P 645 -15.20 -117.07 -30.48
N LEU P 646 -15.80 -118.01 -29.76
CA LEU P 646 -16.39 -117.69 -28.47
C LEU P 646 -15.32 -117.33 -27.45
N LEU P 647 -14.22 -118.10 -27.43
CA LEU P 647 -13.20 -117.91 -26.40
C LEU P 647 -12.51 -116.56 -26.54
N SER P 648 -12.48 -116.03 -27.77
CA SER P 648 -11.83 -114.74 -28.02
C SER P 648 -12.25 -113.66 -27.04
N PRO P 649 -13.51 -113.26 -26.96
CA PRO P 649 -13.88 -112.22 -25.99
C PRO P 649 -13.76 -112.66 -24.54
N VAL P 650 -13.31 -113.90 -24.27
CA VAL P 650 -13.21 -114.39 -22.91
C VAL P 650 -11.88 -113.95 -22.32
N VAL P 651 -11.20 -113.02 -22.99
CA VAL P 651 -9.91 -112.55 -22.53
C VAL P 651 -10.00 -111.86 -21.18
N SER P 652 -11.15 -111.26 -20.85
CA SER P 652 -11.31 -110.51 -19.61
C SER P 652 -12.07 -111.36 -18.61
N GLN P 653 -11.60 -111.39 -17.36
CA GLN P 653 -12.23 -112.16 -16.30
C GLN P 653 -12.81 -111.23 -15.25
N ILE P 654 -14.11 -111.33 -15.02
CA ILE P 654 -14.80 -110.60 -13.96
C ILE P 654 -16.02 -111.42 -13.58
N SER P 655 -16.68 -111.03 -12.49
CA SER P 655 -17.92 -111.65 -12.01
C SER P 655 -17.79 -113.16 -11.91
N ALA P 656 -16.76 -113.65 -11.20
CA ALA P 656 -16.32 -115.04 -11.14
C ALA P 656 -17.47 -116.03 -11.27
N PRO P 657 -18.40 -116.07 -10.31
CA PRO P 657 -19.57 -116.92 -10.51
C PRO P 657 -20.50 -116.41 -11.61
N GLN P 658 -20.88 -115.15 -11.54
CA GLN P 658 -21.94 -114.63 -12.40
C GLN P 658 -21.54 -114.67 -13.87
N SER P 659 -20.27 -114.47 -14.16
CA SER P 659 -19.81 -114.59 -15.54
C SER P 659 -20.04 -116.01 -16.05
N ASN P 660 -20.14 -116.13 -17.35
CA ASN P 660 -20.06 -117.46 -17.92
C ASN P 660 -18.66 -117.99 -17.94
N ARG P 661 -17.75 -117.22 -17.32
CA ARG P 661 -16.33 -117.57 -17.31
C ARG P 661 -16.11 -119.05 -17.04
N GLU P 662 -16.59 -119.52 -15.89
CA GLU P 662 -16.41 -120.92 -15.56
C GLU P 662 -17.09 -121.82 -16.57
N ARG P 663 -18.25 -121.40 -17.08
CA ARG P 663 -19.03 -122.26 -17.95
C ARG P 663 -18.31 -122.52 -19.27
N LEU P 664 -18.04 -121.46 -20.02
CA LEU P 664 -17.31 -121.62 -21.27
C LEU P 664 -15.91 -122.16 -21.00
N LYS P 665 -15.32 -121.79 -19.87
CA LYS P 665 -14.04 -122.35 -19.48
C LYS P 665 -14.10 -123.86 -19.44
N ASN P 666 -15.13 -124.40 -18.80
CA ASN P 666 -15.28 -125.85 -18.69
C ASN P 666 -15.58 -126.46 -20.05
N MET P 667 -16.42 -125.80 -20.84
CA MET P 667 -16.69 -126.30 -22.19
C MET P 667 -15.40 -126.41 -22.98
N ALA P 668 -14.55 -125.39 -22.89
CA ALA P 668 -13.28 -125.41 -23.59
C ALA P 668 -12.38 -126.50 -23.05
N LEU P 669 -12.30 -126.63 -21.73
CA LEU P 669 -11.47 -127.68 -21.14
C LEU P 669 -11.92 -129.05 -21.63
N ALA P 670 -13.22 -129.28 -21.67
CA ALA P 670 -13.73 -130.58 -22.10
C ALA P 670 -13.44 -130.81 -23.57
N ILE P 671 -13.69 -129.81 -24.40
CA ILE P 671 -13.41 -129.95 -25.83
C ILE P 671 -11.92 -130.20 -26.05
N ALA P 672 -11.07 -129.58 -25.24
CA ALA P 672 -9.64 -129.73 -25.40
C ALA P 672 -9.20 -131.13 -25.03
N GLU P 673 -9.67 -131.62 -23.88
CA GLU P 673 -9.38 -132.99 -23.49
C GLU P 673 -9.85 -133.97 -24.55
N ARG P 674 -11.05 -133.75 -25.10
CA ARG P 674 -11.56 -134.64 -26.13
C ARG P 674 -10.71 -134.61 -27.38
N TYR P 675 -10.47 -133.42 -27.95
CA TYR P 675 -9.66 -133.30 -29.15
C TYR P 675 -8.28 -133.92 -28.93
N LYS P 676 -7.72 -133.78 -27.73
CA LYS P 676 -6.47 -134.45 -27.43
C LYS P 676 -6.62 -135.96 -27.40
N SER P 677 -7.79 -136.45 -26.97
CA SER P 677 -7.93 -137.87 -26.71
C SER P 677 -8.14 -138.68 -27.98
N GLN P 678 -8.86 -138.14 -28.96
CA GLN P 678 -9.18 -138.90 -30.17
C GLN P 678 -8.04 -138.88 -31.17
N LYS P 684 -1.70 -133.02 -38.01
CA LYS P 684 -0.99 -132.37 -36.91
C LYS P 684 -1.33 -130.89 -36.86
N SER P 685 -1.59 -130.31 -38.03
CA SER P 685 -1.88 -128.88 -38.10
C SER P 685 -3.13 -128.53 -37.31
N ILE P 686 -4.24 -129.20 -37.60
CA ILE P 686 -5.47 -128.95 -36.86
C ILE P 686 -5.29 -129.29 -35.38
N ASN P 687 -4.62 -130.41 -35.09
CA ASN P 687 -4.46 -130.82 -33.70
C ASN P 687 -3.57 -129.85 -32.93
N SER P 688 -2.44 -129.46 -33.52
CA SER P 688 -1.57 -128.49 -32.86
C SER P 688 -2.29 -127.15 -32.70
N THR P 689 -3.05 -126.76 -33.70
CA THR P 689 -3.85 -125.56 -33.60
C THR P 689 -4.82 -125.64 -32.43
N PHE P 690 -5.44 -126.80 -32.23
CA PHE P 690 -6.39 -126.95 -31.13
C PHE P 690 -5.69 -126.87 -29.79
N TYR P 691 -4.61 -127.64 -29.62
CA TYR P 691 -3.89 -127.64 -28.35
C TYR P 691 -3.33 -126.26 -28.04
N LEU P 692 -2.94 -125.50 -29.07
CA LEU P 692 -2.40 -124.17 -28.81
C LEU P 692 -3.51 -123.17 -28.52
N LEU P 693 -4.66 -123.32 -29.17
CA LEU P 693 -5.83 -122.57 -28.75
C LEU P 693 -6.09 -122.80 -27.27
N LEU P 694 -6.02 -124.05 -26.83
CA LEU P 694 -6.24 -124.37 -25.42
C LEU P 694 -5.17 -123.74 -24.54
N ASP P 695 -3.92 -123.82 -24.98
CA ASP P 695 -2.83 -123.21 -24.21
C ASP P 695 -3.04 -121.72 -24.07
N LEU P 696 -3.42 -121.05 -25.15
CA LEU P 696 -3.70 -119.63 -25.09
C LEU P 696 -4.91 -119.34 -24.20
N ILE P 697 -5.87 -120.26 -24.18
CA ILE P 697 -7.00 -120.10 -23.27
C ILE P 697 -6.53 -120.11 -21.83
N THR P 698 -5.68 -121.09 -21.49
CA THR P 698 -5.10 -121.12 -20.15
C THR P 698 -4.32 -119.84 -19.86
N PHE P 699 -3.62 -119.34 -20.87
CA PHE P 699 -2.84 -118.12 -20.69
C PHE P 699 -3.75 -116.94 -20.36
N PHE P 700 -4.80 -116.75 -21.16
CA PHE P 700 -5.72 -115.64 -20.90
C PHE P 700 -6.44 -115.81 -19.57
N ASP P 701 -6.75 -117.05 -19.19
CA ASP P 701 -7.40 -117.29 -17.91
C ASP P 701 -6.49 -116.88 -16.76
N GLU P 702 -5.21 -117.26 -16.84
CA GLU P 702 -4.27 -116.83 -15.82
C GLU P 702 -4.12 -115.32 -15.82
N TYR P 703 -4.03 -114.71 -17.00
CA TYR P 703 -3.84 -113.27 -17.06
C TYR P 703 -4.99 -112.54 -16.40
N HIS P 704 -6.20 -112.69 -16.94
CA HIS P 704 -7.34 -111.98 -16.38
C HIS P 704 -7.72 -112.55 -15.02
N ALA P 705 -7.08 -113.63 -14.60
CA ALA P 705 -7.27 -114.18 -13.27
C ALA P 705 -6.19 -113.76 -12.30
N GLY P 706 -5.04 -113.33 -12.80
CA GLY P 706 -3.96 -112.88 -11.94
C GLY P 706 -3.00 -113.93 -11.47
N HIS P 707 -3.11 -115.16 -11.98
CA HIS P 707 -2.01 -116.11 -11.81
C HIS P 707 -0.87 -115.70 -12.74
N ILE P 708 0.26 -115.30 -12.16
CA ILE P 708 1.25 -114.53 -12.91
C ILE P 708 2.52 -115.31 -13.20
N ASP P 709 3.24 -115.72 -12.15
CA ASP P 709 4.58 -116.26 -12.34
C ASP P 709 4.57 -117.59 -13.08
N LEU P 710 3.72 -118.51 -12.65
CA LEU P 710 3.54 -119.75 -13.41
C LEU P 710 3.19 -119.45 -14.85
N SER P 711 2.37 -118.43 -15.08
CA SER P 711 2.03 -118.04 -16.44
C SER P 711 3.23 -117.47 -17.17
N PHE P 712 4.08 -116.71 -16.47
CA PHE P 712 5.29 -116.20 -17.09
C PHE P 712 6.18 -117.34 -17.58
N ASP P 713 6.42 -118.32 -16.72
CA ASP P 713 7.26 -119.46 -17.11
C ASP P 713 6.61 -120.26 -18.23
N VAL P 714 5.28 -120.41 -18.18
CA VAL P 714 4.59 -121.15 -19.23
C VAL P 714 4.78 -120.47 -20.58
N ILE P 715 4.44 -119.17 -20.66
CA ILE P 715 4.47 -118.45 -21.92
C ILE P 715 5.90 -118.38 -22.44
N GLU P 716 6.88 -118.24 -21.54
CA GLU P 716 8.27 -118.26 -21.99
C GLU P 716 8.67 -119.65 -22.46
N ARG P 717 8.11 -120.69 -21.85
CA ARG P 717 8.50 -122.05 -22.20
C ARG P 717 7.96 -122.43 -23.58
N LEU P 718 6.77 -121.94 -23.93
CA LEU P 718 6.22 -122.25 -25.23
C LEU P 718 7.09 -121.71 -26.36
N LYS P 719 7.90 -120.68 -26.09
CA LYS P 719 8.73 -120.03 -27.10
C LYS P 719 7.88 -119.42 -28.22
N LEU P 720 6.57 -119.31 -27.98
CA LEU P 720 5.69 -118.75 -28.99
C LEU P 720 5.83 -117.23 -29.07
N VAL P 721 6.15 -116.58 -27.97
CA VAL P 721 6.29 -115.12 -27.95
C VAL P 721 7.71 -114.76 -27.55
N PRO P 722 8.33 -113.77 -28.18
CA PRO P 722 9.72 -113.44 -27.83
C PRO P 722 9.79 -112.76 -26.48
N LEU P 723 10.94 -112.87 -25.83
CA LEU P 723 11.16 -112.22 -24.55
C LEU P 723 12.36 -111.28 -24.59
N SER P 724 13.05 -111.19 -25.71
CA SER P 724 14.17 -110.27 -25.85
C SER P 724 13.98 -109.50 -27.14
N GLN P 725 14.70 -108.39 -27.27
CA GLN P 725 14.65 -107.61 -28.49
C GLN P 725 15.03 -108.44 -29.70
N ASP P 726 16.19 -109.10 -29.65
CA ASP P 726 16.65 -109.89 -30.78
C ASP P 726 15.70 -111.05 -31.01
N SER P 727 15.10 -111.53 -29.92
CA SER P 727 14.12 -112.61 -30.02
C SER P 727 13.01 -112.28 -30.98
N VAL P 728 12.97 -111.04 -31.47
CA VAL P 728 12.11 -110.68 -32.59
C VAL P 728 12.10 -111.79 -33.61
N GLU P 729 13.28 -112.17 -34.10
CA GLU P 729 13.33 -113.20 -35.14
C GLU P 729 12.56 -114.43 -34.69
N GLU P 730 12.91 -114.96 -33.52
CA GLU P 730 12.23 -116.13 -32.98
C GLU P 730 10.73 -115.96 -33.10
N ARG P 731 10.20 -114.88 -32.52
CA ARG P 731 8.75 -114.70 -32.51
C ARG P 731 8.18 -114.90 -33.90
N VAL P 732 8.68 -114.15 -34.88
CA VAL P 732 8.07 -114.17 -36.20
C VAL P 732 7.98 -115.60 -36.68
N ALA P 733 9.10 -116.33 -36.60
CA ALA P 733 9.13 -117.71 -37.07
C ALA P 733 7.98 -118.48 -36.48
N ALA P 734 7.94 -118.60 -35.16
CA ALA P 734 6.88 -119.38 -34.54
C ALA P 734 5.51 -118.85 -34.92
N PHE P 735 5.33 -117.53 -34.84
CA PHE P 735 4.01 -116.96 -35.07
C PHE P 735 3.59 -117.16 -36.52
N ARG P 736 4.57 -117.23 -37.42
CA ARG P 736 4.22 -117.52 -38.81
C ARG P 736 4.10 -119.02 -39.04
N ASN P 737 4.88 -119.81 -38.29
CA ASN P 737 4.85 -121.26 -38.50
C ASN P 737 3.55 -121.88 -38.03
N PHE P 738 2.90 -121.26 -37.06
CA PHE P 738 1.77 -121.86 -36.37
C PHE P 738 0.64 -122.22 -37.33
N SER P 739 -0.22 -123.12 -36.88
CA SER P 739 -1.43 -123.45 -37.61
C SER P 739 -2.52 -122.40 -37.32
N ASP P 740 -3.74 -122.70 -37.76
CA ASP P 740 -4.79 -121.70 -37.70
C ASP P 740 -5.24 -121.41 -36.26
N GLU P 741 -5.80 -122.42 -35.58
CA GLU P 741 -6.52 -122.15 -34.34
C GLU P 741 -5.65 -121.45 -33.30
N ILE P 742 -4.34 -121.62 -33.40
CA ILE P 742 -3.44 -120.85 -32.55
C ILE P 742 -3.35 -119.41 -33.03
N ARG P 743 -3.00 -119.22 -34.31
CA ARG P 743 -2.91 -117.88 -34.86
C ARG P 743 -4.16 -117.09 -34.57
N HIS P 744 -5.29 -117.77 -34.44
CA HIS P 744 -6.50 -117.11 -33.98
C HIS P 744 -6.31 -116.53 -32.59
N ASN P 745 -5.84 -117.32 -31.64
CA ASN P 745 -5.67 -116.84 -30.27
C ASN P 745 -4.48 -115.90 -30.11
N LEU P 746 -3.71 -115.71 -31.18
CA LEU P 746 -2.46 -114.96 -31.09
C LEU P 746 -2.65 -113.55 -30.55
N SER P 747 -3.70 -112.84 -30.98
CA SER P 747 -3.86 -111.44 -30.57
C SER P 747 -4.01 -111.32 -29.06
N GLU P 748 -4.89 -112.12 -28.48
CA GLU P 748 -5.06 -112.09 -27.04
C GLU P 748 -3.82 -112.61 -26.33
N ILE P 749 -3.12 -113.57 -26.93
CA ILE P 749 -1.88 -114.05 -26.34
C ILE P 749 -0.88 -112.91 -26.21
N LEU P 750 -0.78 -112.07 -27.25
CA LEU P 750 0.14 -110.95 -27.23
C LEU P 750 -0.26 -109.93 -26.15
N LEU P 751 -1.52 -109.51 -26.17
CA LEU P 751 -1.99 -108.58 -25.14
C LEU P 751 -1.75 -109.13 -23.74
N ALA P 752 -1.88 -110.45 -23.58
CA ALA P 752 -1.71 -111.07 -22.26
C ALA P 752 -0.27 -111.00 -21.80
N THR P 753 0.67 -111.42 -22.66
CA THR P 753 2.07 -111.35 -22.28
C THR P 753 2.46 -109.92 -21.94
N MET P 754 1.99 -108.96 -22.73
CA MET P 754 2.33 -107.57 -22.44
C MET P 754 1.72 -107.10 -21.12
N ASN P 755 0.50 -107.56 -20.82
CA ASN P 755 -0.14 -107.17 -19.57
C ASN P 755 0.61 -107.72 -18.37
N ILE P 756 0.96 -108.99 -18.40
CA ILE P 756 1.76 -109.57 -17.32
C ILE P 756 3.06 -108.80 -17.16
N LEU P 757 3.68 -108.44 -18.29
CA LEU P 757 4.90 -107.65 -18.26
C LEU P 757 4.69 -106.36 -17.48
N PHE P 758 3.73 -105.54 -17.92
CA PHE P 758 3.50 -104.25 -17.28
C PHE P 758 3.11 -104.41 -15.81
N THR P 759 2.47 -105.52 -15.47
CA THR P 759 2.09 -105.73 -14.07
C THR P 759 3.30 -106.00 -13.20
N GLN P 760 4.19 -106.88 -13.65
CA GLN P 760 5.45 -107.06 -12.92
C GLN P 760 6.24 -105.77 -12.87
N TYR P 761 6.16 -104.97 -13.93
CA TYR P 761 6.85 -103.69 -13.98
C TYR P 761 6.35 -102.75 -12.88
N LYS P 762 5.03 -102.66 -12.73
CA LYS P 762 4.47 -101.86 -11.65
C LYS P 762 4.87 -102.42 -10.29
N ARG P 763 4.84 -103.75 -10.15
CA ARG P 763 5.28 -104.38 -8.90
C ARG P 763 6.68 -103.92 -8.53
N LEU P 764 7.57 -103.82 -9.50
CA LEU P 764 8.93 -103.37 -9.23
C LEU P 764 9.00 -101.87 -9.01
N LYS P 765 8.15 -101.10 -9.71
CA LYS P 765 8.10 -99.66 -9.51
C LYS P 765 7.46 -99.32 -8.17
N GLY P 766 6.54 -100.16 -7.71
CA GLY P 766 5.90 -99.93 -6.43
C GLY P 766 6.33 -100.91 -5.36
N VAL P 778 15.81 -98.00 -6.77
CA VAL P 778 15.10 -99.20 -7.15
C VAL P 778 13.87 -98.83 -7.98
N GLN P 779 13.39 -97.61 -7.81
CA GLN P 779 12.23 -97.16 -8.58
C GLN P 779 12.59 -96.84 -10.01
N GLU P 780 13.55 -95.92 -10.21
CA GLU P 780 13.94 -95.53 -11.56
C GLU P 780 14.45 -96.72 -12.35
N ASP P 781 15.26 -97.58 -11.73
CA ASP P 781 15.75 -98.77 -12.41
C ASP P 781 14.60 -99.67 -12.81
N LYS P 782 13.61 -99.82 -11.92
CA LYS P 782 12.45 -100.64 -12.25
C LYS P 782 11.72 -100.10 -13.47
N ASP P 783 11.45 -98.80 -13.48
CA ASP P 783 10.75 -98.21 -14.62
C ASP P 783 11.57 -98.35 -15.90
N SER P 784 12.89 -98.19 -15.79
CA SER P 784 13.75 -98.35 -16.95
C SER P 784 13.65 -99.76 -17.51
N VAL P 785 13.74 -100.77 -16.65
CA VAL P 785 13.66 -102.15 -17.11
C VAL P 785 12.29 -102.44 -17.71
N LEU P 786 11.25 -101.82 -17.14
CA LEU P 786 9.92 -101.96 -17.71
C LEU P 786 9.88 -101.44 -19.14
N ARG P 787 10.39 -100.23 -19.36
CA ARG P 787 10.38 -99.66 -20.70
C ARG P 787 11.27 -100.47 -21.64
N SER P 788 12.36 -101.03 -21.12
CA SER P 788 13.20 -101.90 -21.93
C SER P 788 12.45 -103.15 -22.37
N GLN P 789 11.72 -103.76 -21.44
CA GLN P 789 10.91 -104.92 -21.77
C GLN P 789 9.85 -104.55 -22.80
N ALA P 790 9.25 -103.38 -22.64
CA ALA P 790 8.27 -102.91 -23.61
C ALA P 790 8.88 -102.80 -25.00
N ARG P 791 10.07 -102.18 -25.09
CA ARG P 791 10.70 -101.98 -26.39
C ARG P 791 11.12 -103.31 -27.00
N ALA P 792 11.57 -104.25 -26.18
CA ALA P 792 11.94 -105.56 -26.70
C ALA P 792 10.73 -106.30 -27.24
N LEU P 793 9.67 -106.41 -26.44
CA LEU P 793 8.45 -107.05 -26.90
C LEU P 793 7.90 -106.35 -28.14
N ILE P 794 8.10 -105.03 -28.21
CA ILE P 794 7.65 -104.27 -29.37
C ILE P 794 8.39 -104.69 -30.61
N THR P 795 9.72 -104.62 -30.59
CA THR P 795 10.51 -105.03 -31.74
C THR P 795 10.30 -106.51 -32.06
N PHE P 796 9.75 -107.26 -31.09
CA PHE P 796 9.55 -108.69 -31.30
C PHE P 796 8.55 -108.97 -32.40
N ALA P 797 7.33 -108.44 -32.26
CA ALA P 797 6.23 -108.76 -33.17
C ALA P 797 6.56 -108.45 -34.63
N GLY P 806 3.42 -102.44 -35.66
CA GLY P 806 3.84 -101.30 -34.87
C GLY P 806 3.02 -101.12 -33.61
N ASP P 807 1.81 -101.68 -33.62
CA ASP P 807 0.95 -101.61 -32.44
C ASP P 807 1.68 -102.09 -31.20
N THR P 808 2.54 -103.10 -31.36
CA THR P 808 3.46 -103.47 -30.29
C THR P 808 4.29 -102.26 -29.86
N ASN P 809 4.96 -101.63 -30.82
CA ASN P 809 5.83 -100.50 -30.49
C ASN P 809 5.01 -99.31 -29.98
N ALA P 810 3.85 -99.07 -30.60
CA ALA P 810 3.00 -97.99 -30.14
C ALA P 810 2.60 -98.20 -28.69
N ARG P 811 2.20 -99.42 -28.34
CA ARG P 811 1.84 -99.73 -26.96
C ARG P 811 3.04 -99.58 -26.04
N LEU P 812 4.22 -100.00 -26.49
CA LEU P 812 5.42 -99.91 -25.66
C LEU P 812 5.74 -98.46 -25.30
N VAL P 813 5.83 -97.61 -26.31
CA VAL P 813 6.13 -96.21 -26.06
C VAL P 813 5.03 -95.54 -25.26
N GLN P 814 3.76 -95.88 -25.55
CA GLN P 814 2.64 -95.26 -24.85
C GLN P 814 2.63 -95.65 -23.38
N MET P 815 3.01 -96.90 -23.07
CA MET P 815 3.13 -97.29 -21.68
C MET P 815 4.30 -96.58 -21.01
N GLU P 816 5.43 -96.47 -21.71
CA GLU P 816 6.55 -95.71 -21.18
C GLU P 816 6.12 -94.28 -20.81
N VAL P 817 5.27 -93.67 -21.63
CA VAL P 817 4.80 -92.32 -21.33
C VAL P 817 3.72 -92.35 -20.25
N LEU P 818 3.02 -93.47 -20.11
CA LEU P 818 2.00 -93.59 -19.09
C LEU P 818 2.58 -93.85 -17.70
N MET P 819 3.83 -94.30 -17.62
CA MET P 819 4.44 -94.58 -16.32
C MET P 819 5.31 -93.44 -15.81
N ASN P 820 5.70 -92.51 -16.66
CA ASN P 820 6.50 -91.36 -16.23
C ASN P 820 5.61 -90.22 -15.74
N PRO Q 9 58.38 -61.07 15.43
CA PRO Q 9 59.38 -60.95 16.49
C PRO Q 9 60.57 -60.07 16.07
N ALA Q 10 61.32 -60.56 15.08
CA ALA Q 10 62.45 -59.79 14.56
C ALA Q 10 62.03 -58.38 14.20
N ALA Q 11 60.82 -58.21 13.68
CA ALA Q 11 60.33 -56.86 13.44
C ALA Q 11 60.13 -56.11 14.75
N SER Q 12 59.37 -56.70 15.68
CA SER Q 12 59.23 -56.10 16.99
C SER Q 12 60.61 -55.92 17.64
N ALA Q 13 61.52 -56.85 17.40
CA ALA Q 13 62.86 -56.74 17.96
C ALA Q 13 63.56 -55.50 17.46
N ALA Q 14 63.65 -55.36 16.13
CA ALA Q 14 64.29 -54.19 15.55
C ALA Q 14 63.60 -52.91 15.98
N MET Q 15 62.26 -52.95 16.12
CA MET Q 15 61.54 -51.74 16.52
C MET Q 15 61.90 -51.33 17.93
N GLN Q 16 61.95 -52.28 18.85
CA GLN Q 16 62.41 -51.98 20.19
C GLN Q 16 63.84 -51.45 20.16
N GLU Q 17 64.72 -52.10 19.40
CA GLU Q 17 66.10 -51.63 19.31
C GLU Q 17 66.14 -50.19 18.84
N ALA Q 18 65.33 -49.88 17.83
CA ALA Q 18 65.30 -48.53 17.29
C ALA Q 18 64.84 -47.53 18.33
N LEU Q 19 63.68 -47.80 18.94
CA LEU Q 19 63.15 -46.89 19.95
C LEU Q 19 64.15 -46.67 21.08
N GLU Q 20 64.87 -47.73 21.47
CA GLU Q 20 65.84 -47.58 22.55
C GLU Q 20 67.00 -46.71 22.13
N GLY Q 21 67.59 -46.98 20.96
CA GLY Q 21 68.65 -46.12 20.47
C GLY Q 21 68.20 -44.68 20.36
N ALA Q 22 66.94 -44.48 20.01
CA ALA Q 22 66.41 -43.12 19.88
C ALA Q 22 66.31 -42.45 21.24
N GLY Q 23 65.79 -43.17 22.23
CA GLY Q 23 65.86 -42.66 23.59
C GLY Q 23 67.27 -42.28 23.97
N ARG Q 24 68.24 -43.08 23.55
CA ARG Q 24 69.63 -42.81 23.90
C ARG Q 24 70.12 -41.53 23.27
N ILE Q 25 69.86 -41.36 21.98
CA ILE Q 25 70.30 -40.15 21.29
C ILE Q 25 69.61 -38.95 21.89
N ILE Q 26 68.31 -39.05 22.11
CA ILE Q 26 67.55 -37.98 22.73
C ILE Q 26 68.14 -37.64 24.09
N ASP Q 27 68.63 -38.64 24.81
CA ASP Q 27 69.21 -38.38 26.12
C ASP Q 27 70.53 -37.64 25.98
N ARG Q 28 71.39 -38.10 25.06
CA ARG Q 28 72.60 -37.36 24.78
C ARG Q 28 72.28 -35.91 24.50
N LEU Q 29 71.25 -35.68 23.72
CA LEU Q 29 70.90 -34.33 23.32
C LEU Q 29 70.41 -33.52 24.50
N LEU Q 30 69.39 -34.03 25.21
CA LEU Q 30 68.84 -33.29 26.34
C LEU Q 30 69.89 -33.04 27.41
N GLN Q 31 70.80 -33.98 27.60
CA GLN Q 31 71.86 -33.79 28.57
C GLN Q 31 72.78 -32.67 28.12
N GLU Q 32 73.19 -32.68 26.86
CA GLU Q 32 73.91 -31.53 26.33
C GLU Q 32 73.09 -30.27 26.51
N ASP Q 33 71.77 -30.39 26.45
CA ASP Q 33 70.90 -29.23 26.52
C ASP Q 33 70.86 -28.62 27.90
N ARG Q 34 70.93 -29.43 28.94
CA ARG Q 34 71.16 -28.89 30.28
C ARG Q 34 72.56 -28.31 30.42
N ALA Q 35 73.40 -28.45 29.41
CA ALA Q 35 74.75 -27.93 29.44
C ALA Q 35 74.98 -26.88 28.37
N ASP Q 38 76.39 -21.07 33.45
CA ASP Q 38 76.30 -20.00 34.43
C ASP Q 38 77.03 -18.76 33.94
N LEU Q 39 76.43 -17.60 34.19
CA LEU Q 39 76.94 -16.35 33.65
C LEU Q 39 78.43 -16.17 33.92
N SER Q 40 78.89 -16.63 35.07
CA SER Q 40 80.32 -16.59 35.35
C SER Q 40 81.10 -17.41 34.34
N GLU Q 41 80.77 -18.70 34.19
CA GLU Q 41 81.50 -19.55 33.26
C GLU Q 41 81.58 -18.91 31.89
N LEU Q 42 80.54 -18.20 31.48
CA LEU Q 42 80.65 -17.32 30.33
C LEU Q 42 81.76 -16.30 30.54
N LEU Q 43 81.66 -15.50 31.60
CA LEU Q 43 82.56 -14.36 31.80
C LEU Q 43 84.00 -14.77 32.05
N ASN Q 44 84.32 -16.06 31.99
CA ASN Q 44 85.68 -16.57 32.14
C ASN Q 44 86.34 -16.06 33.42
N VAL Q 45 85.56 -15.94 34.48
CA VAL Q 45 86.04 -15.52 35.78
C VAL Q 45 86.04 -16.75 36.70
N PRO Q 46 87.20 -17.32 37.03
CA PRO Q 46 87.18 -18.65 37.64
C PRO Q 46 86.76 -18.68 39.10
N VAL Q 47 87.02 -17.62 39.88
CA VAL Q 47 86.86 -17.70 41.32
C VAL Q 47 86.45 -16.34 41.87
N HIS Q 48 85.94 -16.36 43.11
CA HIS Q 48 85.50 -15.16 43.79
C HIS Q 48 86.58 -14.08 43.84
N THR Q 49 87.83 -14.45 43.58
CA THR Q 49 88.94 -13.53 43.72
C THR Q 49 89.62 -13.20 42.40
N CYS Q 50 89.24 -13.85 41.30
CA CYS Q 50 89.96 -13.74 40.04
C CYS Q 50 89.08 -13.00 39.05
N PRO Q 51 88.81 -11.73 39.29
CA PRO Q 51 87.99 -10.94 38.36
C PRO Q 51 88.62 -10.91 36.97
N THR Q 52 87.77 -10.84 35.96
CA THR Q 52 88.20 -10.70 34.58
C THR Q 52 87.40 -9.61 33.90
N ILE Q 53 87.91 -9.11 32.78
CA ILE Q 53 87.27 -8.04 32.04
C ILE Q 53 87.00 -8.52 30.63
N SER Q 54 86.00 -7.93 30.00
CA SER Q 54 85.71 -8.20 28.61
C SER Q 54 85.12 -6.95 27.99
N GLY Q 55 84.87 -7.02 26.69
CA GLY Q 55 84.52 -5.84 25.94
C GLY Q 55 85.71 -5.17 25.29
N VAL Q 56 86.77 -5.91 25.01
CA VAL Q 56 88.00 -5.31 24.50
C VAL Q 56 88.34 -5.76 23.09
N SER Q 57 88.25 -7.04 22.79
CA SER Q 57 88.65 -7.57 21.49
C SER Q 57 87.45 -7.65 20.55
N GLU Q 58 87.74 -7.67 19.25
CA GLU Q 58 86.68 -7.58 18.25
C GLU Q 58 85.62 -8.66 18.42
N MET Q 59 86.04 -9.89 18.72
CA MET Q 59 85.10 -11.00 18.82
C MET Q 59 83.96 -10.72 19.79
N ASP Q 60 84.22 -10.01 20.89
CA ASP Q 60 83.17 -9.78 21.88
C ASP Q 60 82.06 -8.92 21.33
N TYR Q 61 82.26 -8.30 20.18
CA TYR Q 61 81.18 -7.67 19.42
C TYR Q 61 81.35 -8.07 17.97
N PRO Q 62 81.59 -9.37 17.72
CA PRO Q 62 81.79 -9.82 16.33
C PRO Q 62 80.65 -9.47 15.40
N LEU Q 63 79.52 -9.00 15.94
CA LEU Q 63 78.44 -8.50 15.14
C LEU Q 63 78.89 -7.28 14.35
N LEU Q 74 68.99 -8.92 8.90
CA LEU Q 74 69.04 -9.54 10.21
C LEU Q 74 68.61 -8.55 11.29
N PRO Q 75 67.37 -8.07 11.22
CA PRO Q 75 66.91 -7.11 12.22
C PRO Q 75 66.81 -7.76 13.58
N GLU Q 76 67.25 -7.04 14.61
CA GLU Q 76 67.22 -7.59 15.95
C GLU Q 76 66.01 -7.15 16.74
N ILE Q 77 65.62 -5.89 16.64
CA ILE Q 77 64.46 -5.42 17.36
C ILE Q 77 63.36 -5.15 16.35
N SER Q 78 62.12 -5.28 16.81
CA SER Q 78 60.98 -5.01 15.98
C SER Q 78 60.89 -3.52 15.68
N ALA Q 79 59.86 -3.16 14.93
CA ALA Q 79 59.64 -1.75 14.65
C ALA Q 79 58.87 -1.11 15.79
N ILE Q 80 59.27 0.11 16.12
CA ILE Q 80 58.73 0.79 17.28
C ILE Q 80 57.32 1.26 16.96
N ARG Q 81 56.33 0.57 17.50
CA ARG Q 81 54.98 1.12 17.47
C ARG Q 81 54.93 2.25 18.48
N ARG Q 82 54.70 3.47 18.00
CA ARG Q 82 54.63 4.63 18.86
C ARG Q 82 53.28 4.64 19.54
N VAL Q 83 53.11 5.51 20.52
CA VAL Q 83 51.88 5.54 21.29
C VAL Q 83 51.77 6.90 21.94
N PRO Q 84 50.97 7.82 21.40
CA PRO Q 84 50.89 9.16 21.98
C PRO Q 84 50.42 9.11 23.43
N LEU Q 85 51.10 9.89 24.27
CA LEU Q 85 50.68 10.04 25.64
C LEU Q 85 49.23 10.53 25.67
N PRO Q 86 48.41 10.05 26.59
CA PRO Q 86 47.00 10.40 26.60
C PRO Q 86 46.80 11.90 26.55
N PRO Q 87 45.80 12.38 25.81
CA PRO Q 87 45.67 13.82 25.63
C PRO Q 87 45.48 14.58 26.92
N GLU Q 88 44.58 14.15 27.80
CA GLU Q 88 44.31 14.90 29.01
C GLU Q 88 45.57 15.11 29.83
N LEU Q 89 46.54 14.22 29.70
CA LEU Q 89 47.81 14.45 30.38
C LEU Q 89 48.63 15.52 29.70
N ILE Q 90 48.60 15.58 28.37
CA ILE Q 90 49.25 16.69 27.67
C ILE Q 90 48.61 18.00 28.11
N GLU Q 91 47.30 17.97 28.33
CA GLU Q 91 46.63 19.14 28.88
C GLU Q 91 47.12 19.46 30.28
N GLN Q 92 47.34 18.44 31.09
CA GLN Q 92 47.84 18.67 32.45
C GLN Q 92 49.24 19.26 32.45
N PHE Q 93 50.04 18.94 31.43
CA PHE Q 93 51.43 19.39 31.41
C PHE Q 93 51.53 20.90 31.51
N GLY Q 94 50.44 21.62 31.27
CA GLY Q 94 50.45 23.06 31.42
C GLY Q 94 50.43 23.55 32.85
N HIS Q 95 49.92 22.74 33.78
CA HIS Q 95 49.81 23.14 35.16
C HIS Q 95 51.01 22.73 36.01
N MET Q 96 52.01 22.08 35.42
CA MET Q 96 53.15 21.57 36.17
C MET Q 96 54.20 22.66 36.28
N GLN Q 97 54.15 23.42 37.37
CA GLN Q 97 55.12 24.48 37.62
C GLN Q 97 56.16 24.07 38.67
N CYS Q 98 55.79 23.19 39.59
CA CYS Q 98 56.65 22.81 40.70
C CYS Q 98 57.41 21.51 40.45
N ASN Q 99 56.70 20.43 40.18
CA ASN Q 99 57.33 19.12 40.11
C ASN Q 99 56.62 18.25 39.09
N CYS Q 100 57.39 17.35 38.49
CA CYS Q 100 56.85 16.41 37.51
C CYS Q 100 57.73 15.17 37.51
N MET Q 101 57.10 14.01 37.68
CA MET Q 101 57.82 12.75 37.61
C MET Q 101 56.95 11.72 36.92
N MET Q 102 57.59 10.72 36.33
CA MET Q 102 56.86 9.69 35.60
C MET Q 102 57.58 8.36 35.75
N GLY Q 103 56.83 7.37 36.20
CA GLY Q 103 57.35 6.02 36.35
C GLY Q 103 56.30 5.06 35.84
N VAL Q 104 56.68 3.80 35.74
CA VAL Q 104 55.82 2.78 35.16
C VAL Q 104 55.57 1.69 36.19
N PHE Q 105 54.29 1.40 36.44
CA PHE Q 105 53.87 0.26 37.24
C PHE Q 105 53.50 -0.81 36.24
N PRO Q 106 54.46 -1.66 35.84
CA PRO Q 106 54.15 -2.65 34.79
C PRO Q 106 53.21 -3.73 35.26
N GLU Q 107 53.11 -3.93 36.57
CA GLU Q 107 52.26 -4.98 37.10
C GLU Q 107 50.84 -4.90 36.57
N ILE Q 108 50.27 -3.70 36.50
CA ILE Q 108 48.92 -3.50 35.98
C ILE Q 108 48.94 -2.77 34.66
N SER Q 109 50.07 -2.78 33.96
CA SER Q 109 50.22 -2.10 32.68
C SER Q 109 49.76 -0.65 32.81
N ARG Q 110 50.30 0.06 33.79
CA ARG Q 110 49.89 1.43 34.03
C ARG Q 110 51.09 2.32 34.21
N ALA Q 111 50.91 3.61 33.91
CA ALA Q 111 51.94 4.60 34.15
C ALA Q 111 51.47 5.57 35.21
N TRP Q 112 52.43 6.15 35.93
CA TRP Q 112 52.15 7.09 36.99
C TRP Q 112 52.94 8.35 36.73
N LEU Q 113 52.22 9.46 36.64
CA LEU Q 113 52.84 10.77 36.48
C LEU Q 113 52.35 11.62 37.63
N THR Q 114 53.28 12.08 38.44
CA THR Q 114 52.97 12.94 39.56
C THR Q 114 53.33 14.36 39.21
N ILE Q 115 52.33 15.23 39.21
CA ILE Q 115 52.53 16.68 39.22
C ILE Q 115 52.46 17.03 40.69
N ASP Q 116 53.11 18.12 41.09
CA ASP Q 116 53.62 18.30 42.45
C ASP Q 116 52.74 17.66 43.52
N SER Q 117 51.45 17.96 43.54
CA SER Q 117 50.55 17.46 44.57
C SER Q 117 49.79 16.19 44.18
N ASP Q 118 49.32 16.09 42.94
CA ASP Q 118 48.44 15.01 42.52
C ASP Q 118 49.16 14.02 41.63
N ILE Q 119 48.62 12.82 41.54
CA ILE Q 119 49.19 11.76 40.70
C ILE Q 119 48.11 11.27 39.76
N PHE Q 120 48.43 11.23 38.48
CA PHE Q 120 47.56 10.64 37.48
C PHE Q 120 48.18 9.34 37.00
N MET Q 121 47.37 8.30 36.91
CA MET Q 121 47.82 7.00 36.47
C MET Q 121 46.91 6.56 35.34
N TRP Q 122 47.49 5.91 34.35
CA TRP Q 122 46.73 5.57 33.15
C TRP Q 122 47.22 4.25 32.58
N ASN Q 123 46.49 3.78 31.57
CA ASN Q 123 46.83 2.53 30.92
C ASN Q 123 47.95 2.78 29.91
N TYR Q 124 49.14 2.29 30.21
CA TYR Q 124 50.26 2.50 29.31
C TYR Q 124 50.07 1.78 27.98
N GLU Q 125 49.26 0.74 27.95
CA GLU Q 125 49.11 -0.01 26.71
C GLU Q 125 48.26 0.76 25.69
N ASP Q 126 47.28 1.52 26.15
CA ASP Q 126 46.41 2.26 25.24
C ASP Q 126 46.03 3.66 25.71
N GLY Q 127 46.60 4.14 26.82
CA GLY Q 127 46.32 5.49 27.28
C GLY Q 127 45.10 5.63 28.17
N GLY Q 128 44.33 4.57 28.37
CA GLY Q 128 43.05 4.67 29.01
C GLY Q 128 43.11 4.60 30.52
N ASP Q 129 41.92 4.55 31.13
CA ASP Q 129 41.76 4.40 32.58
C ASP Q 129 42.47 5.51 33.34
N LEU Q 130 42.30 6.74 32.87
CA LEU Q 130 42.91 7.87 33.55
C LEU Q 130 42.27 8.00 34.92
N ALA Q 131 42.97 7.54 35.95
CA ALA Q 131 42.56 7.72 37.33
C ALA Q 131 43.47 8.75 37.98
N TYR Q 132 42.88 9.62 38.79
CA TYR Q 132 43.66 10.67 39.39
C TYR Q 132 43.51 10.56 40.90
N TYR Q 133 44.47 11.15 41.59
CA TYR Q 133 44.41 11.26 43.04
C TYR Q 133 45.01 12.59 43.45
N ASP Q 134 44.21 13.42 44.11
CA ASP Q 134 44.62 14.73 44.58
C ASP Q 134 44.51 14.85 46.09
N GLY Q 135 44.37 13.72 46.78
CA GLY Q 135 44.22 13.70 48.21
C GLY Q 135 45.47 14.01 49.00
N LEU Q 136 46.45 14.65 48.38
CA LEU Q 136 47.64 15.14 49.07
C LEU Q 136 47.71 16.65 48.92
N SER Q 137 48.13 17.33 49.98
CA SER Q 137 48.37 18.76 49.93
C SER Q 137 49.84 19.11 49.85
N GLU Q 138 50.72 18.14 50.08
CA GLU Q 138 52.16 18.33 50.06
C GLU Q 138 52.76 17.55 48.91
N THR Q 139 53.82 18.11 48.31
CA THR Q 139 54.39 17.57 47.09
C THR Q 139 54.74 16.10 47.26
N ILE Q 140 54.29 15.28 46.31
CA ILE Q 140 54.73 13.90 46.28
C ILE Q 140 56.20 13.87 45.92
N LEU Q 141 57.01 13.21 46.75
CA LEU Q 141 58.44 13.14 46.53
C LEU Q 141 58.88 11.87 45.84
N SER Q 142 58.36 10.72 46.22
CA SER Q 142 58.60 9.47 45.53
C SER Q 142 57.36 8.61 45.64
N VAL Q 143 57.32 7.55 44.85
CA VAL Q 143 56.15 6.68 44.77
C VAL Q 143 56.61 5.23 44.72
N GLY Q 144 55.79 4.35 45.28
CA GLY Q 144 56.04 2.92 45.22
C GLY Q 144 54.77 2.10 45.17
N LEU Q 145 54.86 0.90 44.62
CA LEU Q 145 53.78 -0.07 44.65
C LEU Q 145 54.24 -1.31 45.40
N VAL Q 146 53.34 -1.91 46.17
CA VAL Q 146 53.71 -3.01 47.06
C VAL Q 146 52.69 -4.13 46.93
N LYS Q 147 53.19 -5.36 46.74
CA LYS Q 147 52.35 -6.54 46.83
C LYS Q 147 52.11 -6.84 48.31
N PRO Q 148 50.87 -6.84 48.78
CA PRO Q 148 50.63 -6.66 50.21
C PRO Q 148 50.97 -7.89 51.05
N LYS Q 149 51.12 -7.65 52.35
CA LYS Q 149 51.44 -8.72 53.30
C LYS Q 149 50.27 -9.68 53.40
N THR Q 150 50.59 -10.97 53.43
CA THR Q 150 49.56 -12.00 53.46
C THR Q 150 48.59 -11.77 54.61
N GLY Q 151 47.31 -12.02 54.37
CA GLY Q 151 46.28 -11.91 55.38
C GLY Q 151 46.11 -10.54 56.00
N ILE Q 152 46.79 -9.52 55.50
CA ILE Q 152 46.71 -8.21 56.12
C ILE Q 152 45.38 -7.53 55.83
N PHE Q 153 45.10 -7.28 54.56
CA PHE Q 153 43.93 -6.51 54.15
C PHE Q 153 42.87 -7.43 53.55
N GLN Q 154 41.79 -6.82 53.10
CA GLN Q 154 40.68 -7.57 52.52
C GLN Q 154 41.08 -8.11 51.15
N PRO Q 155 40.38 -9.15 50.67
CA PRO Q 155 40.79 -9.75 49.39
C PRO Q 155 40.63 -8.83 48.19
N HIS Q 156 39.86 -7.76 48.30
CA HIS Q 156 39.77 -6.84 47.17
C HIS Q 156 41.03 -6.01 47.01
N ILE Q 157 41.79 -5.80 48.08
CA ILE Q 157 42.97 -4.94 48.04
C ILE Q 157 44.06 -5.71 47.32
N ARG Q 158 44.19 -5.49 46.01
CA ARG Q 158 45.21 -6.18 45.24
C ARG Q 158 46.61 -5.73 45.59
N PHE Q 159 46.79 -4.49 46.04
CA PHE Q 159 48.13 -4.01 46.37
C PHE Q 159 48.05 -2.72 47.16
N LEU Q 160 49.21 -2.15 47.42
CA LEU Q 160 49.31 -0.91 48.17
C LEU Q 160 50.02 0.13 47.34
N LEU Q 161 49.50 1.35 47.37
CA LEU Q 161 50.10 2.51 46.71
C LEU Q 161 50.71 3.41 47.77
N VAL Q 162 52.04 3.49 47.79
CA VAL Q 162 52.75 4.28 48.79
C VAL Q 162 53.22 5.56 48.11
N LEU Q 163 53.02 6.68 48.77
CA LEU Q 163 53.52 7.96 48.32
C LEU Q 163 54.29 8.61 49.46
N SER Q 164 55.40 9.25 49.12
CA SER Q 164 56.23 9.92 50.11
C SER Q 164 56.18 11.42 49.89
N THR Q 165 55.91 12.16 50.94
CA THR Q 165 55.98 13.62 50.87
C THR Q 165 56.97 14.09 51.91
N PRO Q 166 57.45 15.34 51.82
CA PRO Q 166 58.53 15.78 52.71
C PRO Q 166 58.21 15.69 54.18
N VAL Q 167 56.94 15.50 54.55
CA VAL Q 167 56.54 15.39 55.94
C VAL Q 167 55.92 14.04 56.24
N ASP Q 168 55.31 13.39 55.26
CA ASP Q 168 54.42 12.29 55.54
C ASP Q 168 54.72 11.08 54.66
N ILE Q 169 54.23 9.93 55.09
CA ILE Q 169 54.24 8.71 54.31
C ILE Q 169 52.81 8.20 54.26
N VAL Q 170 52.25 8.05 53.05
CA VAL Q 170 50.86 7.70 52.84
C VAL Q 170 50.79 6.36 52.12
N ILE Q 171 49.87 5.50 52.55
CA ILE Q 171 49.67 4.19 51.95
C ILE Q 171 48.18 4.03 51.68
N LEU Q 172 47.84 3.76 50.42
CA LEU Q 172 46.46 3.68 49.96
C LEU Q 172 46.17 2.29 49.41
N GLY Q 173 45.00 1.77 49.77
CA GLY Q 173 44.56 0.50 49.24
C GLY Q 173 44.32 0.60 47.74
N LEU Q 174 44.83 -0.37 47.00
CA LEU Q 174 44.65 -0.44 45.57
C LEU Q 174 43.90 -1.71 45.23
N SER Q 175 42.66 -1.54 44.77
CA SER Q 175 41.80 -2.65 44.39
C SER Q 175 41.49 -2.53 42.91
N PHE Q 176 40.98 -3.62 42.34
CA PHE Q 176 40.67 -3.68 40.92
C PHE Q 176 39.21 -4.02 40.73
N ALA Q 177 38.54 -3.27 39.87
CA ALA Q 177 37.18 -3.61 39.50
C ALA Q 177 37.22 -4.73 38.47
N GLY Q 191 38.79 -1.87 35.93
CA GLY Q 191 38.72 -0.52 36.45
C GLY Q 191 39.49 -0.34 37.75
N MET Q 192 40.63 0.34 37.67
CA MET Q 192 41.40 0.62 38.88
C MET Q 192 40.60 1.55 39.78
N GLN Q 193 40.49 1.18 41.04
CA GLN Q 193 39.70 1.93 42.01
C GLN Q 193 40.55 2.20 43.23
N LEU Q 194 41.24 3.35 43.25
CA LEU Q 194 42.01 3.75 44.40
C LEU Q 194 41.07 4.13 45.53
N LEU Q 195 41.14 3.40 46.62
CA LEU Q 195 40.28 3.68 47.76
C LEU Q 195 40.49 5.11 48.21
N PRO Q 196 39.41 5.88 48.44
CA PRO Q 196 39.60 7.32 48.69
C PRO Q 196 40.37 7.62 49.96
N ASP Q 197 40.10 6.93 51.02
CA ASP Q 197 40.79 7.24 52.26
C ASP Q 197 42.17 6.60 52.25
N PRO Q 198 43.20 7.30 52.71
CA PRO Q 198 44.50 6.65 52.93
C PRO Q 198 44.35 5.49 53.91
N LEU Q 199 45.06 4.39 53.62
CA LEU Q 199 45.02 3.25 54.53
C LEU Q 199 45.91 3.49 55.75
N TYR Q 200 47.10 4.06 55.55
CA TYR Q 200 48.01 4.32 56.65
C TYR Q 200 48.76 5.62 56.41
N SER Q 201 49.17 6.28 57.49
CA SER Q 201 49.94 7.52 57.42
C SER Q 201 50.93 7.57 58.57
N LEU Q 202 52.18 7.95 58.27
CA LEU Q 202 53.20 8.01 59.32
C LEU Q 202 54.15 9.18 59.11
N PRO Q 203 54.67 9.76 60.19
CA PRO Q 203 55.51 10.95 60.06
C PRO Q 203 56.91 10.62 59.52
N THR Q 204 57.30 11.35 58.48
CA THR Q 204 58.54 11.03 57.77
C THR Q 204 59.79 11.48 58.51
N ASP Q 205 59.64 12.20 59.61
CA ASP Q 205 60.77 12.71 60.39
C ASP Q 205 61.67 13.63 59.55
N ASN Q 206 61.01 14.51 58.78
CA ASN Q 206 61.66 15.61 58.07
C ASN Q 206 62.86 15.18 57.25
N THR Q 207 62.92 13.92 56.82
CA THR Q 207 63.95 13.45 55.91
C THR Q 207 63.28 13.16 54.58
N TYR Q 208 63.61 13.95 53.56
CA TYR Q 208 63.02 13.76 52.24
C TYR Q 208 63.36 12.38 51.72
N LEU Q 209 62.34 11.59 51.39
CA LEU Q 209 62.52 10.22 50.94
C LEU Q 209 62.54 10.21 49.42
N LEU Q 210 63.52 9.51 48.84
CA LEU Q 210 63.72 9.54 47.40
C LEU Q 210 63.31 8.26 46.69
N SER Q 211 63.42 7.11 47.34
CA SER Q 211 63.15 5.85 46.67
C SER Q 211 62.24 5.00 47.52
N ILE Q 212 61.30 4.32 46.87
CA ILE Q 212 60.44 3.34 47.52
C ILE Q 212 60.67 2.01 46.82
N THR Q 213 60.91 0.96 47.59
CA THR Q 213 61.14 -0.36 47.04
C THR Q 213 60.46 -1.40 47.92
N SER Q 214 60.29 -2.59 47.38
CA SER Q 214 59.61 -3.66 48.09
C SER Q 214 60.13 -5.00 47.63
N THR Q 215 60.23 -5.93 48.57
CA THR Q 215 60.30 -7.32 48.17
C THR Q 215 58.90 -7.80 47.87
N ASP Q 216 58.80 -9.00 47.31
CA ASP Q 216 57.48 -9.56 47.04
C ASP Q 216 56.76 -9.90 48.33
N ASN Q 217 57.48 -10.25 49.38
CA ASN Q 217 56.88 -10.74 50.62
C ASN Q 217 56.14 -9.66 51.37
N GLY Q 218 56.39 -8.38 51.08
CA GLY Q 218 55.65 -7.31 51.70
C GLY Q 218 56.43 -6.44 52.67
N ARG Q 219 57.75 -6.48 52.65
CA ARG Q 219 58.54 -5.54 53.44
C ARG Q 219 58.78 -4.27 52.66
N ILE Q 220 58.46 -3.13 53.28
CA ILE Q 220 58.44 -1.83 52.60
C ILE Q 220 59.71 -1.09 52.94
N PHE Q 221 60.60 -0.93 51.95
CA PHE Q 221 61.85 -0.23 52.11
C PHE Q 221 61.75 1.17 51.54
N LEU Q 222 62.32 2.13 52.26
CA LEU Q 222 62.38 3.51 51.82
C LEU Q 222 63.80 4.00 51.96
N SER Q 223 64.21 4.84 51.02
CA SER Q 223 65.54 5.43 51.02
C SER Q 223 65.41 6.93 51.20
N GLY Q 224 66.34 7.50 51.95
CA GLY Q 224 66.29 8.91 52.24
C GLY Q 224 67.39 9.70 51.57
N LYS Q 225 67.20 11.02 51.53
CA LYS Q 225 68.28 11.91 51.15
C LYS Q 225 69.36 11.95 52.22
N ASP Q 226 69.01 11.66 53.47
CA ASP Q 226 69.94 11.64 54.59
C ASP Q 226 70.69 10.32 54.72
N GLY Q 227 70.68 9.49 53.68
CA GLY Q 227 71.51 8.29 53.69
C GLY Q 227 71.05 7.17 54.59
N CYS Q 228 69.79 7.16 54.99
CA CYS Q 228 69.26 6.13 55.87
C CYS Q 228 68.41 5.14 55.10
N LEU Q 229 68.64 3.86 55.33
CA LEU Q 229 67.85 2.80 54.74
C LEU Q 229 66.78 2.36 55.72
N TYR Q 230 65.58 2.90 55.57
CA TYR Q 230 64.54 2.73 56.58
C TYR Q 230 63.50 1.74 56.07
N GLU Q 231 62.79 1.11 57.00
CA GLU Q 231 61.72 0.18 56.66
C GLU Q 231 60.45 0.61 57.36
N VAL Q 232 59.32 0.25 56.78
CA VAL Q 232 58.02 0.51 57.38
C VAL Q 232 57.33 -0.83 57.58
N GLU Q 233 57.32 -1.32 58.82
CA GLU Q 233 56.72 -2.60 59.12
C GLU Q 233 55.24 -2.40 59.32
N TYR Q 234 54.43 -3.26 58.68
CA TYR Q 234 52.99 -3.14 58.66
C TYR Q 234 52.35 -4.43 59.14
N GLN Q 235 51.31 -4.30 59.95
CA GLN Q 235 50.61 -5.44 60.53
C GLN Q 235 49.18 -5.06 60.84
N ALA Q 236 48.32 -6.06 60.82
CA ALA Q 236 46.89 -5.84 61.08
C ALA Q 236 46.65 -5.39 62.52
N ARG Q 244 50.06 -0.06 64.28
CA ARG Q 244 49.75 -0.97 63.16
C ARG Q 244 50.82 -0.87 62.09
N CYS Q 245 51.60 0.21 62.15
CA CYS Q 245 52.68 0.39 61.21
C CYS Q 245 53.73 1.30 61.84
N ARG Q 246 55.00 0.91 61.73
CA ARG Q 246 56.06 1.66 62.38
C ARG Q 246 57.22 1.86 61.43
N LYS Q 247 57.81 3.04 61.50
CA LYS Q 247 59.02 3.36 60.74
C LYS Q 247 60.22 3.01 61.59
N ILE Q 248 61.11 2.18 61.05
CA ILE Q 248 62.35 1.80 61.71
C ILE Q 248 63.50 2.23 60.81
N ASN Q 249 64.60 2.62 61.42
CA ASN Q 249 65.81 2.97 60.68
C ASN Q 249 66.88 1.93 60.97
N HIS Q 250 67.22 1.14 59.97
CA HIS Q 250 68.24 0.12 60.13
C HIS Q 250 69.63 0.62 59.77
N SER Q 251 69.80 1.92 59.57
CA SER Q 251 71.10 2.47 59.23
C SER Q 251 71.79 3.00 60.48
N ASP Q 271 75.74 11.63 50.83
CA ASP Q 271 75.59 10.49 49.93
C ASP Q 271 74.20 9.88 50.06
N PRO Q 272 73.20 10.59 49.58
CA PRO Q 272 71.84 10.06 49.63
C PRO Q 272 71.73 8.76 48.85
N ILE Q 273 71.20 7.73 49.49
CA ILE Q 273 70.86 6.51 48.80
C ILE Q 273 69.70 6.83 47.88
N VAL Q 274 69.79 6.39 46.62
CA VAL Q 274 68.77 6.74 45.63
C VAL Q 274 68.21 5.53 44.89
N GLN Q 275 68.93 4.41 44.87
CA GLN Q 275 68.46 3.23 44.16
C GLN Q 275 68.57 2.03 45.08
N ILE Q 276 67.49 1.27 45.16
CA ILE Q 276 67.45 0.07 45.98
C ILE Q 276 66.96 -1.08 45.11
N ALA Q 277 67.80 -2.10 44.99
CA ALA Q 277 67.49 -3.26 44.17
C ALA Q 277 67.30 -4.47 45.07
N ILE Q 278 66.17 -5.14 44.93
CA ILE Q 278 65.83 -6.30 45.73
C ILE Q 278 65.99 -7.54 44.86
N ASP Q 279 66.76 -8.51 45.34
CA ASP Q 279 66.88 -9.80 44.69
C ASP Q 279 66.00 -10.78 45.44
N ASN Q 280 64.70 -10.78 45.13
CA ASN Q 280 63.77 -11.64 45.85
C ASN Q 280 64.05 -13.11 45.65
N SER Q 281 65.08 -13.45 44.87
CA SER Q 281 65.44 -14.84 44.72
C SER Q 281 66.41 -15.32 45.80
N ARG Q 282 67.11 -14.39 46.47
CA ARG Q 282 68.00 -14.73 47.58
C ARG Q 282 67.91 -13.75 48.74
N ASN Q 283 67.00 -12.78 48.70
CA ASN Q 283 66.67 -11.90 49.83
C ASN Q 283 67.86 -11.05 50.27
N ILE Q 284 68.63 -10.56 49.31
CA ILE Q 284 69.70 -9.61 49.57
C ILE Q 284 69.28 -8.26 49.01
N LEU Q 285 69.22 -7.24 49.85
CA LEU Q 285 68.85 -5.92 49.38
C LEU Q 285 70.12 -5.17 49.04
N TYR Q 286 70.24 -4.78 47.77
CA TYR Q 286 71.37 -4.02 47.28
C TYR Q 286 70.97 -2.56 47.17
N THR Q 287 71.83 -1.67 47.67
CA THR Q 287 71.51 -0.26 47.77
C THR Q 287 72.69 0.55 47.26
N ARG Q 288 72.39 1.73 46.73
CA ARG Q 288 73.41 2.63 46.21
C ARG Q 288 73.18 4.03 46.76
N SER Q 289 74.27 4.67 47.18
CA SER Q 289 74.18 6.03 47.67
C SER Q 289 74.35 7.03 46.52
N GLU Q 290 74.51 8.30 46.88
CA GLU Q 290 74.72 9.34 45.88
C GLU Q 290 76.16 9.37 45.39
N LYS Q 291 77.11 9.07 46.25
CA LYS Q 291 78.52 9.23 45.92
C LYS Q 291 79.19 7.92 45.49
N GLY Q 292 78.43 6.92 45.09
CA GLY Q 292 79.03 5.67 44.73
C GLY Q 292 79.23 4.71 45.88
N VAL Q 293 78.51 4.91 46.98
CA VAL Q 293 78.50 3.91 48.04
C VAL Q 293 77.47 2.86 47.67
N ILE Q 294 77.92 1.63 47.46
CA ILE Q 294 77.07 0.52 47.12
C ILE Q 294 77.17 -0.51 48.24
N GLN Q 295 76.06 -0.75 48.93
CA GLN Q 295 76.06 -1.56 50.13
C GLN Q 295 75.09 -2.72 49.99
N VAL Q 296 75.44 -3.81 50.65
CA VAL Q 296 74.64 -5.02 50.69
C VAL Q 296 74.14 -5.19 52.11
N TYR Q 297 72.82 -5.30 52.24
CA TYR Q 297 72.17 -5.57 53.51
C TYR Q 297 71.41 -6.89 53.37
N ASP Q 298 71.85 -7.90 54.11
CA ASP Q 298 71.21 -9.20 54.04
C ASP Q 298 69.86 -9.12 54.74
N LEU Q 299 68.94 -10.00 54.37
CA LEU Q 299 67.65 -10.09 55.02
C LEU Q 299 67.41 -11.46 55.61
N GLY Q 300 68.47 -12.23 55.83
CA GLY Q 300 68.33 -13.56 56.37
C GLY Q 300 67.63 -14.51 55.42
N VAL Q 301 67.74 -15.80 55.72
CA VAL Q 301 67.16 -16.80 54.84
C VAL Q 301 65.65 -16.86 55.02
N ASP Q 302 65.12 -16.16 56.03
CA ASP Q 302 63.69 -16.19 56.29
C ASP Q 302 62.96 -14.97 55.75
N GLY Q 303 63.66 -14.05 55.11
CA GLY Q 303 63.01 -12.89 54.52
C GLY Q 303 62.62 -11.80 55.50
N HIS Q 304 62.71 -12.06 56.79
CA HIS Q 304 62.43 -11.02 57.78
C HIS Q 304 63.69 -10.38 58.34
N GLY Q 305 64.87 -10.86 57.94
CA GLY Q 305 66.10 -10.35 58.51
C GLY Q 305 66.43 -8.97 57.99
N MET Q 306 67.29 -8.29 58.74
CA MET Q 306 67.75 -6.96 58.34
C MET Q 306 69.11 -6.72 58.98
N SER Q 307 70.15 -6.63 58.16
CA SER Q 307 71.49 -6.46 58.66
C SER Q 307 72.40 -6.00 57.53
N ARG Q 308 73.13 -4.92 57.77
CA ARG Q 308 74.09 -4.42 56.79
C ARG Q 308 75.26 -5.37 56.73
N VAL Q 309 75.60 -5.82 55.53
CA VAL Q 309 76.65 -6.80 55.34
C VAL Q 309 77.94 -6.16 54.86
N ALA Q 310 77.85 -5.28 53.87
CA ALA Q 310 79.07 -4.68 53.36
C ALA Q 310 78.76 -3.45 52.53
N SER Q 311 79.82 -2.81 52.05
CA SER Q 311 79.67 -1.70 51.13
C SER Q 311 81.00 -1.46 50.42
N VAL Q 312 80.94 -0.86 49.24
CA VAL Q 312 82.11 -0.44 48.48
C VAL Q 312 81.85 0.95 47.95
N SER Q 313 82.80 1.86 48.17
CA SER Q 313 82.65 3.24 47.71
C SER Q 313 83.15 3.37 46.28
N GLN Q 314 82.66 4.42 45.61
CA GLN Q 314 82.98 4.62 44.20
C GLN Q 314 84.47 4.53 43.94
N ASN Q 315 85.27 5.14 44.81
CA ASN Q 315 86.71 5.22 44.55
C ASN Q 315 87.35 3.84 44.63
N SER Q 316 86.94 3.03 45.60
CA SER Q 316 87.47 1.68 45.68
C SER Q 316 87.19 0.92 44.40
N LEU Q 317 86.01 1.14 43.83
CA LEU Q 317 85.70 0.54 42.54
C LEU Q 317 86.65 1.03 41.47
N VAL Q 318 86.80 2.36 41.36
CA VAL Q 318 87.69 2.94 40.35
C VAL Q 318 89.07 2.32 40.49
N SER Q 319 89.51 2.08 41.72
CA SER Q 319 90.88 1.63 41.95
C SER Q 319 91.04 0.16 41.60
N ALA Q 320 90.17 -0.69 42.14
CA ALA Q 320 90.18 -2.09 41.75
C ALA Q 320 90.15 -2.20 40.24
N ALA Q 321 89.33 -1.38 39.59
CA ALA Q 321 89.25 -1.40 38.14
C ALA Q 321 90.59 -1.03 37.51
N GLY Q 322 91.07 0.18 37.78
CA GLY Q 322 92.31 0.63 37.17
C GLY Q 322 93.44 -0.35 37.38
N ASN Q 323 93.53 -0.93 38.56
CA ASN Q 323 94.52 -1.97 38.80
C ASN Q 323 94.29 -3.17 37.89
N ILE Q 324 93.05 -3.62 37.79
CA ILE Q 324 92.72 -4.59 36.78
C ILE Q 324 92.96 -4.01 35.39
N ALA Q 325 92.29 -2.91 35.07
CA ALA Q 325 92.34 -2.29 33.74
C ALA Q 325 93.50 -1.31 33.65
N ARG Q 326 94.68 -1.89 33.49
CA ARG Q 326 95.91 -1.12 33.56
C ARG Q 326 95.93 0.05 32.59
N THR Q 327 95.31 -0.10 31.41
CA THR Q 327 95.42 0.92 30.37
C THR Q 327 94.19 1.79 30.22
N ILE Q 328 93.13 1.52 30.95
CA ILE Q 328 91.86 2.22 30.77
C ILE Q 328 91.91 3.54 31.54
N ASP Q 329 91.34 4.58 30.93
CA ASP Q 329 91.16 5.83 31.64
C ASP Q 329 90.17 5.65 32.78
N ARG Q 330 90.60 6.01 33.99
CA ARG Q 330 89.84 5.68 35.19
C ARG Q 330 88.49 6.39 35.25
N ASN Q 331 88.42 7.61 34.71
CA ASN Q 331 87.15 8.33 34.73
C ASN Q 331 86.02 7.52 34.13
N VAL Q 332 86.30 6.84 33.01
CA VAL Q 332 85.28 6.06 32.34
C VAL Q 332 84.63 5.04 33.27
N PHE Q 333 85.34 4.64 34.33
CA PHE Q 333 84.78 3.68 35.26
C PHE Q 333 83.75 4.30 36.19
N LYS Q 334 83.52 5.61 36.10
CA LYS Q 334 82.63 6.28 37.04
C LYS Q 334 81.87 7.36 36.29
N PRO Q 335 80.73 7.81 36.82
CA PRO Q 335 80.07 7.37 38.05
C PRO Q 335 79.09 6.23 37.79
N ILE Q 336 78.74 5.51 38.85
CA ILE Q 336 77.91 4.32 38.72
C ILE Q 336 76.49 4.77 38.39
N ILE Q 337 76.05 4.50 37.16
CA ILE Q 337 74.71 4.91 36.75
C ILE Q 337 73.62 4.01 37.34
N HIS Q 338 73.86 2.71 37.43
CA HIS Q 338 72.81 1.86 37.98
C HIS Q 338 73.40 0.63 38.65
N ILE Q 339 72.64 0.10 39.61
CA ILE Q 339 72.86 -1.22 40.15
C ILE Q 339 71.64 -2.05 39.82
N SER Q 340 71.83 -3.36 39.70
CA SER Q 340 70.74 -4.23 39.32
C SER Q 340 71.05 -5.67 39.70
N VAL Q 341 70.04 -6.37 40.18
CA VAL Q 341 70.26 -7.72 40.68
C VAL Q 341 70.32 -8.71 39.52
N ILE Q 342 71.27 -9.64 39.59
CA ILE Q 342 71.30 -10.80 38.72
C ILE Q 342 70.76 -11.96 39.54
N GLU Q 343 69.55 -12.40 39.23
CA GLU Q 343 68.87 -13.39 40.05
C GLU Q 343 69.53 -14.75 39.90
N MET Q 344 69.24 -15.63 40.86
CA MET Q 344 69.84 -16.97 40.88
C MET Q 344 69.40 -17.79 39.67
N SER Q 345 68.16 -17.61 39.21
CA SER Q 345 67.72 -18.30 38.02
C SER Q 345 68.60 -17.98 36.82
N GLU Q 346 69.24 -16.81 36.82
CA GLU Q 346 70.18 -16.43 35.77
C GLU Q 346 71.60 -16.87 36.09
N SER Q 347 72.00 -16.79 37.35
CA SER Q 347 73.33 -17.19 37.76
C SER Q 347 73.39 -17.31 39.27
N VAL Q 348 73.96 -18.42 39.73
CA VAL Q 348 74.29 -18.52 41.14
C VAL Q 348 75.50 -17.67 41.47
N ASN Q 349 76.42 -17.53 40.51
CA ASN Q 349 77.74 -16.95 40.76
C ASN Q 349 77.73 -15.43 40.86
N CYS Q 350 76.96 -14.74 40.04
CA CYS Q 350 76.87 -13.29 40.12
C CYS Q 350 75.54 -12.92 40.76
N HIS Q 351 75.49 -11.76 41.40
CA HIS Q 351 74.25 -11.28 42.01
C HIS Q 351 73.97 -9.82 41.79
N LEU Q 352 74.93 -9.02 41.36
CA LEU Q 352 74.68 -7.60 41.15
C LEU Q 352 75.56 -7.06 40.04
N LEU Q 353 74.93 -6.51 39.00
CA LEU Q 353 75.63 -5.85 37.93
C LEU Q 353 75.36 -4.36 38.03
N ALA Q 354 76.41 -3.58 37.86
CA ALA Q 354 76.28 -2.13 37.83
C ALA Q 354 76.61 -1.65 36.43
N VAL Q 355 76.01 -0.54 36.07
CA VAL Q 355 76.10 0.03 34.75
C VAL Q 355 76.69 1.42 34.87
N THR Q 356 77.74 1.67 34.11
CA THR Q 356 78.50 2.91 34.18
C THR Q 356 77.78 4.03 33.46
N HIS Q 357 78.39 5.21 33.51
CA HIS Q 357 77.98 6.31 32.64
C HIS Q 357 78.49 6.14 31.22
N THR Q 358 79.72 5.65 31.05
CA THR Q 358 80.25 5.35 29.73
C THR Q 358 79.83 3.97 29.24
N GLY Q 359 79.31 3.14 30.12
CA GLY Q 359 78.85 1.84 29.71
C GLY Q 359 79.68 0.68 30.22
N VAL Q 360 80.67 0.94 31.06
CA VAL Q 360 81.31 -0.17 31.75
C VAL Q 360 80.23 -0.93 32.51
N ARG Q 361 80.26 -2.26 32.38
CA ARG Q 361 79.34 -3.11 33.09
C ARG Q 361 80.13 -3.96 34.08
N PHE Q 362 79.76 -3.87 35.35
CA PHE Q 362 80.47 -4.57 36.41
C PHE Q 362 79.58 -5.67 36.95
N TYR Q 363 80.15 -6.86 37.10
CA TYR Q 363 79.49 -7.97 37.78
C TYR Q 363 80.15 -8.16 39.14
N PHE Q 364 79.34 -8.38 40.17
CA PHE Q 364 79.82 -8.48 41.54
C PHE Q 364 78.93 -9.43 42.33
N SER Q 365 79.52 -10.02 43.37
CA SER Q 365 78.92 -11.11 44.12
C SER Q 365 79.10 -10.93 45.62
N THR Q 366 78.37 -11.74 46.38
CA THR Q 366 78.30 -11.61 47.83
C THR Q 366 78.83 -12.82 48.59
N VAL Q 367 79.20 -13.89 47.89
CA VAL Q 367 79.72 -15.10 48.55
C VAL Q 367 80.68 -15.78 47.60
N PRO Q 368 81.56 -16.62 48.14
CA PRO Q 368 82.57 -17.27 47.30
C PRO Q 368 81.95 -18.29 46.36
N PHE Q 369 82.76 -18.76 45.41
CA PHE Q 369 82.26 -19.62 44.35
C PHE Q 369 81.73 -20.94 44.90
N LYS Q 370 80.72 -21.48 44.22
CA LYS Q 370 80.16 -22.80 44.50
C LYS Q 370 79.60 -22.91 45.92
N GLN Q 371 79.12 -21.80 46.47
CA GLN Q 371 78.50 -21.76 47.81
C GLN Q 371 77.07 -21.24 47.68
N PRO Q 372 76.16 -22.09 47.19
CA PRO Q 372 74.82 -21.58 46.86
C PRO Q 372 73.96 -21.19 48.05
N THR Q 373 74.17 -21.80 49.21
CA THR Q 373 73.31 -21.56 50.36
C THR Q 373 73.73 -20.36 51.20
N ALA Q 374 74.96 -19.89 51.06
CA ALA Q 374 75.44 -18.78 51.85
C ALA Q 374 74.62 -17.53 51.58
N ARG Q 375 74.20 -16.89 52.63
CA ARG Q 375 73.75 -15.53 52.46
C ARG Q 375 74.94 -14.64 52.14
N PRO Q 376 74.73 -13.35 51.94
CA PRO Q 376 75.85 -12.48 51.60
C PRO Q 376 76.84 -12.38 52.74
N CYS Q 377 78.13 -12.37 52.39
CA CYS Q 377 79.20 -12.12 53.35
C CYS Q 377 80.31 -11.23 52.81
N MET Q 378 80.19 -10.72 51.59
CA MET Q 378 81.16 -9.79 51.03
C MET Q 378 80.48 -9.09 49.85
N LEU Q 379 81.23 -8.19 49.21
CA LEU Q 379 80.81 -7.63 47.92
C LEU Q 379 82.07 -7.49 47.06
N ALA Q 380 82.37 -8.53 46.28
CA ALA Q 380 83.57 -8.54 45.45
C ALA Q 380 83.17 -8.32 44.00
N LEU Q 381 83.98 -7.56 43.27
CA LEU Q 381 83.76 -7.37 41.84
C LEU Q 381 84.46 -8.47 41.06
N VAL Q 382 83.70 -9.28 40.34
CA VAL Q 382 84.22 -10.50 39.74
C VAL Q 382 84.53 -10.35 38.25
N HIS Q 383 83.77 -9.56 37.51
CA HIS Q 383 84.05 -9.37 36.10
C HIS Q 383 83.44 -8.06 35.64
N VAL Q 384 84.19 -7.34 34.83
CA VAL Q 384 83.79 -6.02 34.35
C VAL Q 384 83.71 -6.09 32.83
N ARG Q 385 82.69 -5.45 32.28
CA ARG Q 385 82.47 -5.48 30.84
C ARG Q 385 82.78 -4.10 30.27
N LEU Q 386 83.62 -4.08 29.24
CA LEU Q 386 83.84 -2.84 28.52
C LEU Q 386 82.80 -2.70 27.42
N PRO Q 387 82.31 -1.49 27.17
CA PRO Q 387 81.30 -1.30 26.13
C PRO Q 387 81.92 -1.45 24.75
N PRO Q 388 81.10 -1.62 23.72
CA PRO Q 388 81.66 -1.91 22.38
C PRO Q 388 82.45 -0.72 21.86
N GLY Q 389 83.21 -0.96 20.80
CA GLY Q 389 84.07 0.05 20.23
C GLY Q 389 85.27 0.33 21.10
N LYS Q 398 80.85 5.09 20.61
CA LYS Q 398 80.91 4.60 21.98
C LYS Q 398 79.77 5.16 22.80
N PRO Q 399 79.09 4.29 23.54
CA PRO Q 399 77.97 4.74 24.36
C PRO Q 399 78.40 5.79 25.37
N SER Q 400 77.76 6.95 25.31
CA SER Q 400 78.09 8.05 26.19
C SER Q 400 76.81 8.65 26.75
N LYS Q 401 76.96 9.41 27.83
CA LYS Q 401 75.87 10.20 28.38
C LYS Q 401 74.66 9.34 28.74
N VAL Q 402 74.90 8.10 29.16
CA VAL Q 402 73.80 7.22 29.56
C VAL Q 402 73.01 7.88 30.67
N HIS Q 403 71.68 7.81 30.57
CA HIS Q 403 70.82 8.48 31.53
C HIS Q 403 70.01 7.54 32.41
N LYS Q 404 69.48 6.45 31.88
CA LYS Q 404 68.82 5.43 32.67
C LYS Q 404 68.79 4.13 31.88
N ALA Q 405 68.74 3.00 32.57
CA ALA Q 405 68.93 1.72 31.90
C ALA Q 405 68.20 0.61 32.64
N LEU Q 406 68.21 -0.58 32.04
CA LEU Q 406 67.59 -1.76 32.62
C LEU Q 406 68.12 -3.01 31.94
N TYR Q 407 68.48 -4.01 32.73
CA TYR Q 407 69.02 -5.26 32.21
C TYR Q 407 68.10 -6.41 32.62
N ASN Q 408 67.75 -7.25 31.65
CA ASN Q 408 66.83 -8.36 31.88
C ASN Q 408 67.34 -9.57 31.09
N ASN Q 409 67.74 -10.62 31.81
CA ASN Q 409 68.02 -11.95 31.27
C ASN Q 409 68.99 -11.90 30.10
N GLY Q 410 70.18 -11.41 30.39
CA GLY Q 410 71.17 -11.27 29.36
C GLY Q 410 70.87 -10.22 28.33
N VAL Q 411 69.97 -9.29 28.63
CA VAL Q 411 69.63 -8.18 27.76
C VAL Q 411 69.97 -6.91 28.52
N LEU Q 412 70.47 -5.91 27.80
CA LEU Q 412 70.73 -4.61 28.40
C LEU Q 412 70.14 -3.55 27.50
N LEU Q 413 69.19 -2.80 28.03
CA LEU Q 413 68.69 -1.58 27.41
C LEU Q 413 69.31 -0.40 28.13
N MET Q 414 69.76 0.58 27.36
CA MET Q 414 70.47 1.73 27.91
C MET Q 414 70.08 2.98 27.14
N ALA Q 415 69.62 4.00 27.85
CA ALA Q 415 69.26 5.27 27.24
C ALA Q 415 70.46 6.20 27.29
N ALA Q 416 70.91 6.66 26.13
CA ALA Q 416 72.05 7.56 26.02
C ALA Q 416 71.57 8.87 25.41
N SER Q 417 71.95 9.99 26.02
CA SER Q 417 71.50 11.29 25.54
C SER Q 417 72.50 11.84 24.54
N GLU Q 418 72.08 11.93 23.27
CA GLU Q 418 72.91 12.53 22.24
C GLU Q 418 72.63 14.03 22.12
N ASN Q 419 71.37 14.42 22.27
CA ASN Q 419 70.99 15.83 22.33
C ASN Q 419 69.91 15.96 23.40
N GLU Q 420 69.59 17.20 23.76
CA GLU Q 420 68.70 17.43 24.89
C GLU Q 420 67.27 17.00 24.61
N ASP Q 421 66.91 16.79 23.34
CA ASP Q 421 65.53 16.54 22.96
C ASP Q 421 65.28 15.14 22.43
N ASN Q 422 66.32 14.34 22.20
CA ASN Q 422 66.15 12.99 21.71
C ASN Q 422 67.21 12.09 22.33
N ASP Q 423 66.89 10.82 22.48
CA ASP Q 423 67.83 9.87 23.04
C ASP Q 423 68.09 8.75 22.05
N MET Q 424 69.16 8.01 22.32
CA MET Q 424 69.48 6.81 21.57
C MET Q 424 69.33 5.64 22.52
N LEU Q 425 68.58 4.62 22.09
CA LEU Q 425 68.45 3.39 22.86
C LEU Q 425 69.47 2.40 22.33
N TRP Q 426 70.33 1.92 23.23
CA TRP Q 426 71.26 0.86 22.94
C TRP Q 426 70.75 -0.43 23.55
N CYS Q 427 70.73 -1.49 22.76
CA CYS Q 427 70.35 -2.80 23.24
C CYS Q 427 71.49 -3.76 22.93
N ILE Q 428 71.97 -4.46 23.94
CA ILE Q 428 73.03 -5.44 23.80
C ILE Q 428 72.57 -6.72 24.46
N ASN Q 429 72.67 -7.83 23.73
CA ASN Q 429 72.12 -9.08 24.23
C ASN Q 429 72.95 -10.24 23.72
N ARG Q 430 72.68 -11.42 24.28
CA ARG Q 430 73.54 -12.57 24.10
C ARG Q 430 72.85 -13.73 23.38
N ASP Q 431 71.69 -13.50 22.77
CA ASP Q 431 70.88 -14.61 22.31
C ASP Q 431 71.58 -15.42 21.23
N SER Q 432 71.95 -14.79 20.12
CA SER Q 432 72.57 -15.50 19.01
C SER Q 432 73.76 -16.34 19.44
N PHE Q 433 74.37 -16.02 20.57
CA PHE Q 433 75.49 -16.80 21.08
C PHE Q 433 75.18 -17.30 22.48
N PRO Q 434 74.00 -17.89 22.69
CA PRO Q 434 73.73 -18.53 23.98
C PRO Q 434 74.62 -19.73 24.25
N PHE Q 435 75.52 -20.08 23.34
CA PHE Q 435 76.41 -21.21 23.53
C PHE Q 435 77.89 -20.84 23.37
N GLN Q 436 78.24 -19.56 23.32
CA GLN Q 436 79.59 -19.15 22.94
C GLN Q 436 80.45 -18.82 24.15
N LYS Q 437 81.62 -19.44 24.23
CA LYS Q 437 82.66 -19.10 25.20
C LYS Q 437 83.87 -18.54 24.46
N PRO Q 438 84.20 -17.25 24.63
CA PRO Q 438 83.69 -16.14 25.45
C PRO Q 438 82.34 -15.63 25.01
N MET Q 439 81.64 -14.96 25.91
CA MET Q 439 80.32 -14.42 25.59
C MET Q 439 80.38 -13.53 24.37
N MET Q 440 79.76 -13.98 23.28
CA MET Q 440 79.57 -13.18 22.10
C MET Q 440 78.19 -12.54 22.15
N GLU Q 441 78.13 -11.28 21.81
CA GLU Q 441 76.90 -10.53 21.95
C GLU Q 441 76.63 -9.76 20.68
N THR Q 442 75.41 -9.26 20.59
CA THR Q 442 75.05 -8.30 19.56
C THR Q 442 74.61 -7.01 20.22
N GLN Q 443 74.74 -5.94 19.47
CA GLN Q 443 74.40 -4.63 19.98
C GLN Q 443 73.85 -3.79 18.85
N VAL Q 444 72.97 -2.87 19.20
CA VAL Q 444 72.43 -1.95 18.22
C VAL Q 444 71.93 -0.71 18.93
N THR Q 445 71.80 0.37 18.16
CA THR Q 445 71.29 1.63 18.67
C THR Q 445 70.18 2.13 17.76
N THR Q 446 69.29 2.96 18.31
CA THR Q 446 68.19 3.49 17.53
C THR Q 446 67.64 4.75 18.17
N GLN Q 447 67.16 5.68 17.34
CA GLN Q 447 66.65 6.94 17.85
C GLN Q 447 65.39 6.72 18.66
N VAL Q 448 65.07 7.67 19.53
CA VAL Q 448 63.83 7.67 20.30
C VAL Q 448 63.55 9.11 20.69
N ASP Q 449 62.30 9.54 20.49
CA ASP Q 449 61.97 10.94 20.70
C ASP Q 449 61.84 11.25 22.18
N GLY Q 450 62.70 12.12 22.70
CA GLY Q 450 62.53 12.69 24.01
C GLY Q 450 63.54 12.20 25.03
N HIS Q 451 63.44 12.78 26.23
CA HIS Q 451 64.22 12.29 27.35
C HIS Q 451 63.58 11.03 27.94
N SER Q 452 64.42 10.04 28.22
CA SER Q 452 63.95 8.75 28.71
C SER Q 452 63.59 8.88 30.18
N TRP Q 453 62.32 9.16 30.46
CA TRP Q 453 61.93 9.32 31.86
C TRP Q 453 61.90 7.99 32.59
N ALA Q 454 61.43 6.93 31.94
CA ALA Q 454 61.30 5.62 32.58
C ALA Q 454 61.67 4.55 31.58
N LEU Q 455 62.17 3.42 32.08
CA LEU Q 455 62.48 2.29 31.23
C LEU Q 455 62.07 1.01 31.97
N SER Q 456 60.82 0.60 31.79
CA SER Q 456 60.27 -0.54 32.49
C SER Q 456 60.14 -1.72 31.54
N ALA Q 457 60.34 -2.93 32.07
CA ALA Q 457 60.08 -4.12 31.29
C ALA Q 457 58.81 -4.80 31.75
N VAL Q 458 58.11 -5.43 30.81
CA VAL Q 458 56.78 -5.98 31.04
C VAL Q 458 56.94 -7.45 31.38
N ASP Q 459 56.85 -7.75 32.68
CA ASP Q 459 57.04 -9.11 33.18
C ASP Q 459 55.86 -9.99 32.77
N GLU Q 460 56.11 -10.93 31.86
CA GLU Q 460 55.13 -11.94 31.51
C GLU Q 460 55.59 -13.31 32.04
N GLN Q 461 54.67 -14.26 32.03
CA GLN Q 461 54.91 -15.58 32.62
C GLN Q 461 56.20 -16.25 32.14
N THR Q 478 68.59 -24.24 35.85
CA THR Q 478 68.44 -23.10 34.96
C THR Q 478 67.75 -23.51 33.67
N ASP Q 479 67.35 -22.52 32.89
CA ASP Q 479 66.61 -22.78 31.66
C ASP Q 479 67.54 -23.21 30.55
N SER Q 480 67.00 -23.97 29.62
CA SER Q 480 67.72 -24.27 28.38
C SER Q 480 67.84 -23.00 27.56
N PRO Q 481 68.77 -22.95 26.60
CA PRO Q 481 68.78 -21.83 25.66
C PRO Q 481 67.55 -21.88 24.76
N VAL Q 482 67.11 -20.70 24.34
CA VAL Q 482 65.94 -20.58 23.47
C VAL Q 482 66.06 -21.50 22.27
N ILE Q 483 67.29 -21.78 21.83
CA ILE Q 483 67.53 -22.64 20.68
C ILE Q 483 66.83 -23.98 20.82
N ILE Q 484 66.44 -24.33 22.04
CA ILE Q 484 65.64 -25.54 22.20
C ILE Q 484 64.18 -25.18 22.40
N GLN Q 485 63.89 -24.18 23.22
CA GLN Q 485 62.50 -23.84 23.55
C GLN Q 485 61.91 -22.84 22.58
N GLN Q 486 62.61 -22.51 21.49
CA GLN Q 486 62.03 -21.63 20.47
C GLN Q 486 60.68 -22.12 19.99
N HIS Q 487 60.44 -23.42 20.03
CA HIS Q 487 59.21 -23.99 19.49
C HIS Q 487 57.97 -23.61 20.29
N MET Q 488 58.12 -23.17 21.52
CA MET Q 488 56.94 -22.94 22.34
C MET Q 488 56.93 -21.60 23.05
N ILE Q 489 58.07 -20.98 23.28
CA ILE Q 489 58.05 -19.74 24.05
C ILE Q 489 57.86 -18.61 23.06
N PRO Q 490 57.21 -17.52 23.47
CA PRO Q 490 56.93 -16.45 22.52
C PRO Q 490 58.21 -15.80 22.05
N PRO Q 491 58.11 -14.81 21.17
CA PRO Q 491 59.22 -13.86 21.03
C PRO Q 491 59.10 -12.82 22.13
N LYS Q 492 60.19 -12.60 22.84
CA LYS Q 492 60.14 -11.77 24.04
C LYS Q 492 59.83 -10.33 23.68
N ARG Q 493 58.78 -9.80 24.29
CA ARG Q 493 58.36 -8.43 24.09
C ARG Q 493 59.07 -7.54 25.08
N PHE Q 494 59.51 -6.38 24.61
CA PHE Q 494 60.10 -5.37 25.48
C PHE Q 494 59.37 -4.07 25.26
N VAL Q 495 59.22 -3.30 26.33
CA VAL Q 495 58.53 -2.02 26.27
C VAL Q 495 59.53 -0.96 26.69
N LEU Q 496 59.53 0.17 26.01
CA LEU Q 496 60.29 1.34 26.42
C LEU Q 496 59.36 2.55 26.41
N LEU Q 497 59.72 3.58 27.15
CA LEU Q 497 58.93 4.79 27.22
C LEU Q 497 59.80 5.99 26.89
N SER Q 498 59.17 7.06 26.43
CA SER Q 498 59.84 8.35 26.31
C SER Q 498 58.82 9.46 26.19
N ALA Q 499 59.32 10.67 25.95
CA ALA Q 499 58.47 11.84 25.83
C ALA Q 499 57.49 11.75 24.68
N GLN Q 500 57.70 10.81 23.75
CA GLN Q 500 56.76 10.60 22.67
C GLN Q 500 55.75 9.51 22.96
N GLY Q 501 56.04 8.63 23.94
CA GLY Q 501 55.12 7.59 24.31
C GLY Q 501 55.78 6.25 24.34
N SER Q 502 54.98 5.21 24.11
CA SER Q 502 55.42 3.84 24.24
C SER Q 502 56.08 3.38 22.94
N HIS Q 503 57.15 2.62 23.07
CA HIS Q 503 57.80 1.97 21.95
C HIS Q 503 57.96 0.51 22.33
N ILE Q 504 57.05 -0.32 21.86
CA ILE Q 504 57.15 -1.76 22.05
C ILE Q 504 58.07 -2.28 20.97
N PHE Q 505 58.79 -3.35 21.28
CA PHE Q 505 59.59 -4.00 20.28
C PHE Q 505 59.61 -5.47 20.62
N TYR Q 506 60.06 -6.26 19.68
CA TYR Q 506 60.16 -7.68 19.89
C TYR Q 506 61.61 -8.09 19.74
N LYS Q 507 61.97 -9.20 20.35
CA LYS Q 507 63.24 -9.82 20.05
C LYS Q 507 63.00 -10.98 19.12
N LEU Q 508 63.60 -10.94 17.95
CA LEU Q 508 63.43 -12.05 17.02
C LEU Q 508 64.27 -13.22 17.50
N ARG Q 509 63.61 -14.30 17.85
CA ARG Q 509 64.34 -15.52 18.09
C ARG Q 509 64.96 -15.98 16.77
N PRO Q 510 65.80 -17.01 16.81
CA PRO Q 510 66.47 -17.43 15.58
C PRO Q 510 65.52 -17.74 14.45
N VAL Q 511 64.41 -18.43 14.75
CA VAL Q 511 63.41 -18.70 13.72
C VAL Q 511 63.02 -17.42 13.01
N ASP Q 512 62.45 -16.46 13.75
CA ASP Q 512 61.95 -15.24 13.12
C ASP Q 512 63.02 -14.56 12.30
N GLN Q 513 64.28 -14.64 12.74
CA GLN Q 513 65.36 -14.15 11.89
C GLN Q 513 65.32 -14.85 10.55
N LEU Q 514 65.49 -16.17 10.54
CA LEU Q 514 65.49 -16.91 9.29
C LEU Q 514 64.26 -16.56 8.45
N ARG Q 515 63.14 -16.31 9.12
CA ARG Q 515 61.95 -15.88 8.40
C ARG Q 515 62.19 -14.60 7.63
N HIS Q 516 62.48 -13.52 8.34
CA HIS Q 516 62.65 -12.24 7.66
C HIS Q 516 63.66 -12.35 6.53
N LEU Q 517 64.69 -13.16 6.74
CA LEU Q 517 65.59 -13.46 5.64
C LEU Q 517 64.82 -14.04 4.46
N LEU Q 518 64.03 -15.09 4.72
CA LEU Q 518 63.36 -15.77 3.62
C LEU Q 518 62.42 -14.84 2.86
N VAL Q 519 61.61 -14.08 3.60
CA VAL Q 519 60.74 -13.12 2.94
C VAL Q 519 61.56 -12.15 2.11
N SER Q 520 62.67 -11.68 2.65
CA SER Q 520 63.53 -10.81 1.87
C SER Q 520 63.97 -11.50 0.59
N ASN Q 521 64.67 -12.63 0.72
CA ASN Q 521 65.08 -13.39 -0.45
C ASN Q 521 63.89 -13.90 -1.23
N SER Q 522 62.67 -13.64 -0.77
CA SER Q 522 61.46 -13.94 -1.51
C SER Q 522 61.43 -15.40 -1.96
N GLY Q 523 61.81 -16.28 -1.06
CA GLY Q 523 61.81 -17.69 -1.36
C GLY Q 523 63.03 -18.34 -0.73
N GLY Q 524 62.98 -19.65 -0.63
CA GLY Q 524 64.03 -20.37 0.03
C GLY Q 524 65.36 -20.38 -0.69
N ASP Q 525 65.50 -19.63 -1.77
CA ASP Q 525 66.72 -19.60 -2.54
C ASP Q 525 67.53 -18.37 -2.16
N GLY Q 526 68.84 -18.53 -2.09
CA GLY Q 526 69.69 -17.39 -1.84
C GLY Q 526 70.95 -17.71 -1.06
N GLU Q 527 72.01 -16.94 -1.29
CA GLU Q 527 73.24 -17.11 -0.53
C GLU Q 527 73.03 -16.76 0.93
N GLU Q 528 72.22 -15.75 1.22
CA GLU Q 528 72.01 -15.35 2.62
C GLU Q 528 71.49 -16.51 3.45
N ILE Q 529 70.62 -17.33 2.86
CA ILE Q 529 70.24 -18.57 3.53
C ILE Q 529 71.48 -19.42 3.80
N GLU Q 530 72.40 -19.51 2.83
CA GLU Q 530 73.63 -20.25 3.06
C GLU Q 530 74.41 -19.64 4.21
N ARG Q 531 74.35 -18.32 4.36
CA ARG Q 531 74.99 -17.68 5.49
C ARG Q 531 74.39 -18.17 6.80
N PHE Q 532 73.09 -17.98 6.99
CA PHE Q 532 72.45 -18.43 8.21
C PHE Q 532 72.82 -19.88 8.52
N PHE Q 533 72.82 -20.71 7.48
CA PHE Q 533 73.24 -22.10 7.68
C PHE Q 533 74.65 -22.17 8.24
N LYS Q 534 75.61 -21.59 7.52
CA LYS Q 534 77.01 -21.67 7.95
C LYS Q 534 77.18 -21.16 9.37
N LEU Q 535 76.34 -20.22 9.78
CA LEU Q 535 76.43 -19.70 11.14
C LEU Q 535 75.92 -20.72 12.14
N HIS Q 536 74.84 -21.40 11.80
CA HIS Q 536 74.11 -22.11 12.84
C HIS Q 536 74.21 -23.63 12.77
N GLN Q 537 75.37 -24.21 12.45
CA GLN Q 537 75.62 -25.58 12.88
C GLN Q 537 74.59 -26.58 12.35
N GLU Q 538 74.73 -27.00 11.08
CA GLU Q 538 73.62 -27.45 10.24
C GLU Q 538 72.46 -28.05 11.03
N ASN Q 539 72.76 -28.85 12.07
CA ASN Q 539 71.70 -29.40 12.89
C ASN Q 539 70.73 -28.32 13.35
N GLN Q 540 71.25 -27.25 13.95
CA GLN Q 540 70.40 -26.23 14.54
C GLN Q 540 69.60 -25.49 13.47
N ALA Q 541 70.23 -25.20 12.32
CA ALA Q 541 69.49 -24.60 11.24
C ALA Q 541 68.32 -25.49 10.83
N CYS Q 542 68.62 -26.69 10.32
CA CYS Q 542 67.58 -27.62 9.89
C CYS Q 542 66.45 -27.68 10.90
N ALA Q 543 66.80 -27.69 12.19
CA ALA Q 543 65.77 -27.63 13.22
C ALA Q 543 64.91 -26.40 13.05
N THR Q 544 65.52 -25.20 13.12
CA THR Q 544 64.73 -23.98 13.03
C THR Q 544 63.91 -23.94 11.75
N CYS Q 545 64.43 -24.55 10.68
CA CYS Q 545 63.69 -24.67 9.44
C CYS Q 545 62.38 -25.42 9.67
N LEU Q 546 62.48 -26.65 10.16
CA LEU Q 546 61.28 -27.38 10.52
C LEU Q 546 60.36 -26.54 11.39
N ILE Q 547 60.93 -25.73 12.28
CA ILE Q 547 60.14 -25.04 13.28
C ILE Q 547 59.04 -24.20 12.64
N LEU Q 548 59.28 -23.77 11.39
CA LEU Q 548 58.23 -23.08 10.69
C LEU Q 548 57.61 -23.97 9.62
N ALA Q 549 58.40 -24.90 9.07
CA ALA Q 549 57.95 -25.73 7.96
C ALA Q 549 56.60 -26.38 8.24
N CYS Q 550 56.28 -26.63 9.50
CA CYS Q 550 55.02 -27.27 9.84
C CYS Q 550 54.02 -26.29 10.43
N SER Q 551 54.30 -24.99 10.41
CA SER Q 551 53.34 -24.04 10.92
C SER Q 551 51.99 -24.25 10.26
N SER Q 552 50.93 -24.03 11.00
CA SER Q 552 49.62 -24.29 10.46
C SER Q 552 48.75 -23.05 10.40
N ALA Q 553 49.07 -22.02 11.15
CA ALA Q 553 48.44 -20.73 10.92
C ALA Q 553 48.71 -20.34 9.47
N ALA Q 554 47.83 -19.51 8.89
CA ALA Q 554 47.85 -19.35 7.44
C ALA Q 554 48.93 -18.37 6.98
N SER Q 555 49.34 -17.45 7.84
CA SER Q 555 50.22 -16.36 7.44
C SER Q 555 51.55 -16.82 6.88
N ASP Q 556 51.86 -18.11 6.90
CA ASP Q 556 53.13 -18.60 6.39
C ASP Q 556 52.97 -19.72 5.39
N ARG Q 557 51.72 -19.99 4.99
CA ARG Q 557 51.48 -21.05 4.02
C ARG Q 557 52.45 -20.96 2.86
N GLU Q 558 52.66 -19.76 2.34
CA GLU Q 558 53.65 -19.63 1.28
C GLU Q 558 55.05 -19.88 1.80
N VAL Q 559 55.45 -19.14 2.84
CA VAL Q 559 56.78 -19.30 3.42
C VAL Q 559 57.07 -20.78 3.65
N SER Q 560 56.09 -21.51 4.17
CA SER Q 560 56.26 -22.93 4.41
C SER Q 560 56.80 -23.62 3.18
N SER Q 561 56.07 -23.55 2.07
CA SER Q 561 56.54 -24.17 0.86
C SER Q 561 57.99 -23.78 0.59
N TRP Q 562 58.30 -22.50 0.68
CA TRP Q 562 59.67 -22.09 0.44
C TRP Q 562 60.62 -22.77 1.40
N ALA Q 563 60.40 -22.59 2.70
CA ALA Q 563 61.35 -23.09 3.68
C ALA Q 563 61.57 -24.59 3.52
N ALA Q 564 60.56 -25.31 3.08
CA ALA Q 564 60.73 -26.74 2.86
C ALA Q 564 61.84 -26.98 1.86
N ARG Q 565 61.74 -26.36 0.69
CA ARG Q 565 62.83 -26.39 -0.26
C ARG Q 565 64.13 -26.09 0.45
N ALA Q 566 64.12 -25.06 1.30
CA ALA Q 566 65.30 -24.70 2.05
C ALA Q 566 65.89 -25.91 2.76
N PHE Q 567 65.09 -26.57 3.59
CA PHE Q 567 65.60 -27.74 4.29
C PHE Q 567 66.17 -28.73 3.31
N PHE Q 568 65.45 -28.97 2.21
CA PHE Q 568 65.95 -29.89 1.22
C PHE Q 568 67.26 -29.40 0.62
N ARG Q 569 67.36 -28.12 0.32
CA ARG Q 569 68.50 -27.67 -0.46
C ARG Q 569 69.79 -27.68 0.35
N TYR Q 570 69.87 -26.82 1.37
CA TYR Q 570 71.10 -26.68 2.15
C TYR Q 570 71.30 -27.78 3.18
N GLY Q 571 70.55 -28.87 3.09
CA GLY Q 571 70.60 -29.90 4.09
C GLY Q 571 71.90 -30.65 4.22
N GLY Q 572 72.89 -30.38 3.37
CA GLY Q 572 74.06 -31.23 3.42
C GLY Q 572 73.67 -32.65 3.05
N GLU Q 573 74.60 -33.56 3.28
CA GLU Q 573 74.36 -34.96 2.92
C GLU Q 573 75.07 -35.89 3.90
N ALA Q 574 74.45 -37.05 4.08
CA ALA Q 574 75.11 -38.13 4.81
C ALA Q 574 76.39 -38.53 4.10
N GLN Q 575 77.39 -38.93 4.88
CA GLN Q 575 78.66 -39.32 4.31
C GLN Q 575 79.38 -40.25 5.27
N LEU Q 576 80.26 -41.07 4.73
CA LEU Q 576 81.00 -42.06 5.51
C LEU Q 576 82.27 -41.42 6.04
N ARG Q 577 82.27 -41.04 7.30
CA ARG Q 577 83.46 -40.49 7.94
C ARG Q 577 84.33 -41.64 8.40
N VAL Q 578 85.40 -41.93 7.66
CA VAL Q 578 86.30 -43.03 7.96
C VAL Q 578 87.42 -42.50 8.84
N GLN Q 579 87.41 -42.87 10.11
CA GLN Q 579 88.40 -42.41 11.07
C GLN Q 579 89.77 -43.03 10.76
N GLY Q 648 87.97 -46.95 12.46
CA GLY Q 648 86.57 -47.08 12.83
C GLY Q 648 85.70 -45.97 12.31
N THR Q 649 85.06 -46.19 11.16
CA THR Q 649 84.23 -45.19 10.52
C THR Q 649 82.98 -44.96 11.36
N GLU Q 650 82.60 -43.69 11.49
CA GLU Q 650 81.32 -43.33 12.09
C GLU Q 650 80.50 -42.61 11.04
N ILE Q 651 79.22 -42.94 10.95
CA ILE Q 651 78.34 -42.33 9.96
C ILE Q 651 77.82 -41.02 10.55
N VAL Q 652 78.05 -39.92 9.83
CA VAL Q 652 77.61 -38.61 10.28
C VAL Q 652 76.17 -38.44 9.82
N PHE Q 653 75.24 -38.47 10.77
CA PHE Q 653 73.88 -38.13 10.43
C PHE Q 653 73.87 -36.78 9.74
N SER Q 654 73.10 -36.70 8.66
CA SER Q 654 73.02 -35.44 7.95
C SER Q 654 72.43 -34.39 8.86
N GLY Q 655 72.51 -33.14 8.42
CA GLY Q 655 71.82 -32.09 9.12
C GLY Q 655 70.37 -32.43 9.37
N LYS Q 656 69.74 -33.11 8.42
CA LYS Q 656 68.30 -33.35 8.53
C LYS Q 656 67.98 -34.37 9.61
N HIS Q 657 68.62 -35.54 9.56
CA HIS Q 657 68.29 -36.58 10.52
C HIS Q 657 68.53 -36.09 11.95
N ASN Q 658 69.75 -35.66 12.23
CA ASN Q 658 70.06 -35.15 13.55
C ASN Q 658 69.11 -34.02 13.91
N GLY Q 659 68.83 -33.13 12.97
CA GLY Q 659 67.94 -32.03 13.28
C GLY Q 659 66.56 -32.52 13.66
N ILE Q 660 66.06 -33.52 12.96
CA ILE Q 660 64.75 -34.06 13.29
C ILE Q 660 64.77 -34.64 14.69
N CYS Q 661 65.81 -35.39 15.00
CA CYS Q 661 65.98 -35.88 16.35
C CYS Q 661 65.91 -34.73 17.34
N ILE Q 662 66.60 -33.63 17.02
CA ILE Q 662 66.61 -32.48 17.91
C ILE Q 662 65.19 -31.98 18.10
N TYR Q 663 64.55 -31.55 17.02
CA TYR Q 663 63.20 -31.00 17.10
C TYR Q 663 62.29 -31.91 17.89
N PHE Q 664 62.39 -33.21 17.67
CA PHE Q 664 61.65 -34.16 18.47
C PHE Q 664 61.92 -33.91 19.94
N CYS Q 665 63.17 -34.01 20.34
CA CYS Q 665 63.50 -33.78 21.73
C CYS Q 665 62.90 -32.47 22.22
N ARG Q 666 63.07 -31.42 21.43
CA ARG Q 666 62.62 -30.10 21.85
C ARG Q 666 61.10 -30.03 21.91
N ILE Q 667 60.41 -31.01 21.34
CA ILE Q 667 58.95 -31.04 21.49
C ILE Q 667 58.58 -31.29 22.94
N ILE Q 668 59.02 -32.43 23.47
CA ILE Q 668 58.74 -32.79 24.87
C ILE Q 668 60.06 -33.06 25.60
N GLY Q 669 60.76 -34.12 25.20
CA GLY Q 669 62.08 -34.34 25.76
C GLY Q 669 62.11 -35.07 27.08
N ASN Q 670 62.26 -34.31 28.17
CA ASN Q 670 62.55 -34.86 29.49
C ASN Q 670 61.59 -35.98 29.84
N ILE Q 671 60.41 -35.99 29.21
CA ILE Q 671 59.53 -37.15 29.38
C ILE Q 671 60.18 -38.39 28.82
N TRP Q 672 61.29 -38.25 28.08
CA TRP Q 672 62.01 -39.40 27.60
C TRP Q 672 62.50 -40.27 28.76
N ASP Q 673 62.68 -39.67 29.93
CA ASP Q 673 63.17 -40.42 31.09
C ASP Q 673 62.48 -40.04 32.39
N GLY Q 674 61.39 -39.28 32.34
CA GLY Q 674 60.64 -39.00 33.53
C GLY Q 674 59.60 -40.09 33.80
N SER Q 675 59.24 -40.23 35.07
CA SER Q 675 58.27 -41.24 35.44
C SER Q 675 56.91 -40.89 34.87
N VAL Q 676 56.12 -41.92 34.58
CA VAL Q 676 54.82 -41.70 33.95
C VAL Q 676 53.82 -41.12 34.94
N ALA Q 677 53.85 -41.54 36.19
CA ALA Q 677 52.86 -41.11 37.17
C ALA Q 677 53.50 -41.00 38.55
N VAL Q 678 52.93 -40.12 39.37
CA VAL Q 678 53.48 -39.85 40.67
C VAL Q 678 52.38 -40.00 41.70
N GLU Q 679 52.74 -40.44 42.89
CA GLU Q 679 51.79 -40.50 43.99
C GLU Q 679 51.60 -39.09 44.53
N ASN Q 680 50.36 -38.60 44.45
CA ASN Q 680 49.98 -37.31 44.98
C ASN Q 680 49.04 -37.54 46.16
N THR Q 681 49.44 -37.05 47.33
CA THR Q 681 48.66 -37.23 48.54
C THR Q 681 47.78 -35.99 48.73
N PHE Q 682 46.53 -36.20 49.09
CA PHE Q 682 45.58 -35.13 49.39
C PHE Q 682 45.16 -35.24 50.85
N GLN Q 683 44.66 -34.14 51.39
CA GLN Q 683 44.05 -34.18 52.71
C GLN Q 683 42.58 -33.77 52.59
N SER Q 684 41.71 -34.75 52.41
CA SER Q 684 40.27 -34.51 52.45
C SER Q 684 39.86 -34.76 53.89
N GLY Q 685 39.48 -33.68 54.58
CA GLY Q 685 39.14 -33.75 55.99
C GLY Q 685 40.30 -34.27 56.80
N ASN Q 686 40.00 -35.07 57.82
CA ASN Q 686 41.04 -35.70 58.62
C ASN Q 686 41.76 -36.81 57.88
N ARG Q 687 41.40 -37.07 56.62
CA ARG Q 687 41.85 -38.24 55.90
C ARG Q 687 42.85 -37.84 54.83
N GLU Q 688 44.04 -38.43 54.91
CA GLU Q 688 44.96 -38.36 53.77
C GLU Q 688 44.54 -39.41 52.76
N VAL Q 689 44.33 -38.97 51.53
CA VAL Q 689 44.02 -39.84 50.41
C VAL Q 689 45.17 -39.74 49.42
N THR Q 690 46.07 -40.70 49.46
CA THR Q 690 47.10 -40.79 48.45
C THR Q 690 46.49 -41.36 47.18
N ALA Q 691 46.82 -40.77 46.04
CA ALA Q 691 46.39 -41.28 44.76
C ALA Q 691 47.61 -41.40 43.86
N ILE Q 692 47.43 -42.07 42.74
CA ILE Q 692 48.44 -42.09 41.69
C ILE Q 692 47.94 -41.18 40.59
N ASP Q 693 48.49 -39.98 40.51
CA ASP Q 693 48.05 -38.97 39.56
C ASP Q 693 49.09 -38.81 38.45
N SER Q 694 48.68 -38.09 37.41
CA SER Q 694 49.49 -38.01 36.20
C SER Q 694 50.74 -37.19 36.46
N SER Q 695 51.83 -37.56 35.77
CA SER Q 695 52.98 -36.69 35.70
C SER Q 695 52.78 -35.54 34.73
N VAL Q 696 52.05 -35.76 33.64
CA VAL Q 696 51.84 -34.74 32.60
C VAL Q 696 50.39 -34.31 32.62
N THR Q 697 50.17 -33.00 32.77
CA THR Q 697 48.82 -32.44 32.92
C THR Q 697 48.13 -32.24 31.57
N PRO Q 698 46.83 -31.93 31.57
CA PRO Q 698 46.07 -32.00 30.32
C PRO Q 698 46.47 -31.00 29.26
N GLN Q 699 46.35 -29.70 29.52
CA GLN Q 699 46.49 -28.71 28.46
C GLN Q 699 47.84 -28.82 27.77
N HIS Q 700 48.89 -29.01 28.56
CA HIS Q 700 50.20 -29.24 27.97
C HIS Q 700 50.18 -30.48 27.12
N LEU Q 701 49.47 -31.52 27.56
CA LEU Q 701 49.39 -32.73 26.74
C LEU Q 701 48.75 -32.44 25.40
N GLU Q 702 47.69 -31.65 25.38
CA GLU Q 702 47.03 -31.33 24.12
C GLU Q 702 47.98 -30.60 23.18
N SER Q 703 48.62 -29.55 23.69
CA SER Q 703 49.56 -28.83 22.86
C SER Q 703 50.63 -29.76 22.30
N VAL Q 704 51.30 -30.50 23.18
CA VAL Q 704 52.37 -31.39 22.76
C VAL Q 704 51.86 -32.38 21.73
N LEU Q 705 50.63 -32.83 21.89
CA LEU Q 705 50.03 -33.65 20.86
C LEU Q 705 50.07 -32.93 19.53
N LYS Q 706 49.37 -31.80 19.43
CA LYS Q 706 49.25 -31.09 18.15
C LYS Q 706 50.62 -30.95 17.49
N GLU Q 707 51.64 -30.71 18.31
CA GLU Q 707 52.98 -30.60 17.74
C GLU Q 707 53.46 -31.93 17.20
N LEU Q 708 53.36 -32.98 18.00
CA LEU Q 708 53.76 -34.30 17.51
C LEU Q 708 52.97 -34.66 16.25
N LYS Q 709 51.74 -34.19 16.17
CA LYS Q 709 50.91 -34.39 15.00
C LYS Q 709 51.56 -33.77 13.79
N GLY Q 710 51.79 -32.47 13.85
CA GLY Q 710 52.56 -31.83 12.79
C GLY Q 710 53.77 -32.65 12.41
N LEU Q 711 54.58 -33.04 13.41
CA LEU Q 711 55.80 -33.78 13.13
C LEU Q 711 55.51 -35.02 12.32
N LEU Q 712 54.50 -35.78 12.75
CA LEU Q 712 54.09 -36.93 11.96
C LEU Q 712 53.77 -36.50 10.54
N GLU Q 713 53.07 -35.38 10.39
CA GLU Q 713 52.60 -35.00 9.06
C GLU Q 713 53.75 -34.68 8.13
N PHE Q 714 54.66 -33.82 8.59
CA PHE Q 714 55.81 -33.48 7.75
C PHE Q 714 56.67 -34.72 7.51
N LEU Q 715 56.93 -35.48 8.55
CA LEU Q 715 57.68 -36.72 8.41
C LEU Q 715 57.09 -37.57 7.30
N ASP Q 716 55.77 -37.74 7.31
CA ASP Q 716 55.14 -38.57 6.30
C ASP Q 716 55.21 -37.92 4.94
N ARG Q 717 54.66 -36.71 4.82
CA ARG Q 717 54.65 -36.01 3.54
C ARG Q 717 56.03 -36.03 2.89
N TYR Q 718 57.07 -36.18 3.69
CA TYR Q 718 58.40 -36.38 3.15
C TYR Q 718 58.78 -37.85 3.05
N SER Q 719 58.07 -38.73 3.75
CA SER Q 719 58.49 -40.12 3.86
C SER Q 719 58.75 -40.73 2.50
N GLN Q 720 57.92 -40.42 1.52
CA GLN Q 720 58.23 -40.89 0.18
C GLN Q 720 59.44 -40.16 -0.38
N PHE Q 721 59.65 -38.90 0.01
CA PHE Q 721 60.65 -38.08 -0.67
C PHE Q 721 62.07 -38.47 -0.26
N THR Q 722 62.27 -38.89 0.98
CA THR Q 722 63.57 -39.40 1.36
C THR Q 722 63.80 -40.83 0.88
N ALA Q 723 62.91 -41.35 0.04
CA ALA Q 723 63.00 -42.73 -0.43
C ALA Q 723 63.43 -42.78 -1.89
N GLN Q 760 82.97 -47.23 -2.82
CA GLN Q 760 82.44 -46.02 -2.21
C GLN Q 760 80.91 -45.97 -2.31
N ARG Q 761 80.41 -46.35 -3.49
CA ARG Q 761 78.97 -46.31 -3.72
C ARG Q 761 78.22 -47.17 -2.71
N LYS Q 762 78.67 -48.41 -2.49
CA LYS Q 762 78.02 -49.28 -1.53
C LYS Q 762 78.06 -48.68 -0.14
N TYR Q 763 79.10 -47.89 0.16
CA TYR Q 763 79.19 -47.28 1.48
C TYR Q 763 78.08 -46.26 1.70
N HIS Q 764 77.91 -45.36 0.75
CA HIS Q 764 76.82 -44.38 0.87
C HIS Q 764 75.47 -45.06 0.83
N THR Q 765 75.33 -46.08 -0.04
CA THR Q 765 74.09 -46.83 -0.09
C THR Q 765 73.79 -47.46 1.26
N GLU Q 766 74.81 -48.01 1.90
CA GLU Q 766 74.65 -48.50 3.26
C GLU Q 766 74.18 -47.39 4.18
N ALA Q 767 74.92 -46.28 4.22
CA ALA Q 767 74.56 -45.17 5.09
C ALA Q 767 73.11 -44.77 4.88
N GLN Q 768 72.66 -44.79 3.63
CA GLN Q 768 71.27 -44.50 3.35
C GLN Q 768 70.37 -45.57 3.93
N LEU Q 769 70.76 -46.84 3.82
CA LEU Q 769 69.95 -47.91 4.38
C LEU Q 769 69.83 -47.74 5.89
N ALA Q 770 70.93 -47.45 6.56
CA ALA Q 770 70.91 -47.26 8.00
C ALA Q 770 70.06 -46.07 8.35
N GLU Q 771 70.27 -44.94 7.70
CA GLU Q 771 69.48 -43.76 7.98
C GLU Q 771 68.00 -44.03 7.74
N GLN Q 772 67.68 -44.73 6.66
CA GLN Q 772 66.29 -44.99 6.34
C GLN Q 772 65.64 -45.86 7.38
N PHE Q 773 66.25 -47.00 7.69
CA PHE Q 773 65.70 -47.85 8.73
C PHE Q 773 65.57 -47.08 10.03
N SER Q 774 66.59 -46.32 10.40
CA SER Q 774 66.54 -45.54 11.62
C SER Q 774 65.35 -44.61 11.61
N LEU Q 775 65.21 -43.85 10.53
CA LEU Q 775 64.07 -42.95 10.41
C LEU Q 775 62.77 -43.70 10.52
N GLN Q 776 62.71 -44.90 9.96
CA GLN Q 776 61.50 -45.70 10.10
C GLN Q 776 61.22 -46.00 11.56
N GLY Q 777 62.27 -46.33 12.31
CA GLY Q 777 62.13 -46.40 13.75
C GLY Q 777 61.53 -45.12 14.29
N ILE Q 778 62.28 -44.02 14.13
CA ILE Q 778 61.84 -42.72 14.64
C ILE Q 778 60.37 -42.50 14.36
N HIS Q 779 59.95 -42.86 13.15
CA HIS Q 779 58.54 -42.75 12.80
C HIS Q 779 57.69 -43.58 13.75
N GLN Q 780 57.85 -44.90 13.70
CA GLN Q 780 56.99 -45.77 14.51
C GLN Q 780 57.02 -45.35 15.97
N LEU Q 781 58.20 -44.98 16.46
CA LEU Q 781 58.30 -44.44 17.80
C LEU Q 781 57.41 -43.22 17.95
N VAL Q 782 57.41 -42.34 16.96
CA VAL Q 782 56.60 -41.13 17.05
C VAL Q 782 55.12 -41.48 17.09
N ARG Q 783 54.72 -42.41 16.22
CA ARG Q 783 53.34 -42.85 16.18
C ARG Q 783 52.90 -43.38 17.54
N LYS Q 784 53.61 -44.38 18.04
CA LYS Q 784 53.28 -44.90 19.36
C LYS Q 784 53.27 -43.79 20.39
N MET Q 785 54.31 -42.96 20.40
CA MET Q 785 54.38 -41.87 21.34
C MET Q 785 53.08 -41.07 21.35
N CYS Q 786 52.62 -40.67 20.17
CA CYS Q 786 51.33 -40.02 20.08
C CYS Q 786 50.24 -40.90 20.68
N GLN Q 787 50.30 -42.21 20.43
CA GLN Q 787 49.21 -43.09 20.86
C GLN Q 787 49.13 -43.17 22.37
N ALA Q 788 50.24 -43.57 22.98
CA ALA Q 788 50.35 -43.48 24.43
C ALA Q 788 49.85 -42.14 24.93
N LEU Q 789 50.51 -41.05 24.53
CA LEU Q 789 50.18 -39.75 25.09
C LEU Q 789 48.70 -39.43 24.97
N ALA Q 790 48.09 -39.80 23.85
CA ALA Q 790 46.67 -39.59 23.68
C ALA Q 790 45.87 -40.38 24.70
N LEU Q 791 46.21 -41.65 24.86
CA LEU Q 791 45.51 -42.47 25.84
C LEU Q 791 45.63 -41.87 27.22
N TRP Q 792 46.83 -41.40 27.56
CA TRP Q 792 47.05 -40.85 28.88
C TRP Q 792 46.20 -39.60 29.09
N LYS Q 793 46.16 -38.72 28.10
CA LYS Q 793 45.35 -37.51 28.22
C LYS Q 793 43.88 -37.86 28.38
N LEU Q 794 43.39 -38.73 27.51
CA LEU Q 794 42.01 -39.17 27.62
C LEU Q 794 41.72 -39.70 29.02
N LEU Q 795 42.56 -40.61 29.50
CA LEU Q 795 42.41 -41.10 30.86
C LEU Q 795 42.35 -39.95 31.85
N CYS Q 796 43.18 -38.94 31.64
CA CYS Q 796 43.17 -37.78 32.53
C CYS Q 796 41.81 -37.11 32.53
N GLU Q 797 41.10 -37.15 31.40
CA GLU Q 797 39.83 -36.46 31.33
C GLU Q 797 38.74 -37.07 32.21
N HIS Q 798 38.96 -38.26 32.76
CA HIS Q 798 37.90 -39.01 33.45
C HIS Q 798 38.28 -39.41 34.86
N GLN Q 799 38.79 -38.50 35.69
CA GLN Q 799 39.15 -38.77 37.08
C GLN Q 799 40.17 -39.92 37.16
N PHE Q 800 41.36 -39.61 36.63
CA PHE Q 800 42.41 -40.60 36.46
C PHE Q 800 42.76 -41.33 37.75
N SER Q 801 42.61 -40.66 38.89
CA SER Q 801 42.83 -41.33 40.16
C SER Q 801 41.79 -42.41 40.40
N LEU Q 802 40.55 -42.17 39.98
CA LEU Q 802 39.52 -43.20 40.12
C LEU Q 802 39.82 -44.40 39.24
N VAL Q 803 40.24 -44.15 38.00
CA VAL Q 803 40.52 -45.26 37.09
C VAL Q 803 41.73 -46.05 37.58
N VAL Q 804 42.86 -45.36 37.80
CA VAL Q 804 44.06 -46.07 38.21
C VAL Q 804 43.86 -46.75 39.56
N SER Q 805 43.12 -46.11 40.46
CA SER Q 805 42.75 -46.75 41.71
C SER Q 805 42.08 -48.09 41.48
N ASP Q 806 41.43 -48.27 40.34
CA ASP Q 806 40.79 -49.54 40.03
C ASP Q 806 41.79 -50.61 39.61
N LEU Q 807 42.97 -50.22 39.16
CA LEU Q 807 43.98 -51.20 38.78
C LEU Q 807 44.43 -51.98 40.02
N GLN Q 808 44.87 -53.21 39.78
CA GLN Q 808 45.35 -54.05 40.88
C GLN Q 808 46.57 -53.40 41.53
N LYS Q 809 46.83 -53.81 42.78
CA LYS Q 809 47.94 -53.23 43.52
C LYS Q 809 49.26 -53.42 42.78
N GLU Q 810 49.42 -54.57 42.12
CA GLU Q 810 50.60 -54.75 41.28
C GLU Q 810 50.67 -53.67 40.22
N LEU Q 811 49.53 -53.32 39.64
CA LEU Q 811 49.51 -52.26 38.64
C LEU Q 811 49.85 -50.91 39.26
N GLN Q 812 49.32 -50.60 40.43
CA GLN Q 812 49.63 -49.32 41.07
C GLN Q 812 51.13 -49.23 41.37
N GLU Q 813 51.71 -50.33 41.82
CA GLU Q 813 53.14 -50.34 42.11
C GLU Q 813 53.95 -50.15 40.85
N GLN Q 814 53.68 -50.95 39.82
CA GLN Q 814 54.37 -50.76 38.54
C GLN Q 814 54.25 -49.32 38.07
N LEU Q 815 53.05 -48.76 38.12
CA LEU Q 815 52.84 -47.38 37.69
C LEU Q 815 53.74 -46.43 38.45
N LYS Q 816 53.88 -46.65 39.75
CA LYS Q 816 54.81 -45.82 40.52
C LYS Q 816 56.21 -45.87 39.93
N ILE Q 817 56.52 -46.87 39.10
CA ILE Q 817 57.88 -47.15 38.70
C ILE Q 817 58.08 -47.15 37.19
N THR Q 818 57.28 -46.41 36.43
CA THR Q 818 57.37 -46.44 34.98
C THR Q 818 57.74 -45.08 34.39
N THR Q 819 58.87 -45.01 33.72
CA THR Q 819 59.16 -43.87 32.87
C THR Q 819 58.41 -44.04 31.55
N PHE Q 820 57.63 -43.00 31.19
CA PHE Q 820 56.76 -43.11 30.02
C PHE Q 820 57.53 -43.60 28.80
N LYS Q 821 58.85 -43.46 28.83
CA LYS Q 821 59.66 -44.11 27.80
C LYS Q 821 59.42 -45.60 27.78
N ASP Q 822 59.77 -46.29 28.87
CA ASP Q 822 59.55 -47.72 28.90
C ASP Q 822 58.10 -48.04 28.64
N LEU Q 823 57.22 -47.19 29.15
CA LEU Q 823 55.80 -47.32 28.85
C LEU Q 823 55.57 -47.41 27.35
N VAL Q 824 56.35 -46.66 26.58
CA VAL Q 824 56.13 -46.65 25.14
C VAL Q 824 56.93 -47.74 24.45
N ILE Q 825 57.99 -48.23 25.10
CA ILE Q 825 58.94 -49.08 24.41
C ILE Q 825 58.71 -50.55 24.72
N ARG Q 826 58.22 -50.86 25.92
CA ARG Q 826 58.23 -52.25 26.36
C ARG Q 826 56.88 -52.81 26.77
N ASP Q 827 56.07 -52.06 27.52
CA ASP Q 827 54.99 -52.67 28.30
C ASP Q 827 53.63 -52.42 27.65
N LYS Q 828 53.13 -53.46 26.98
CA LYS Q 828 51.76 -53.42 26.51
C LYS Q 828 50.76 -53.69 27.63
N GLU Q 829 51.19 -54.46 28.64
CA GLU Q 829 50.27 -54.89 29.68
C GLU Q 829 49.65 -53.69 30.38
N LEU Q 830 50.47 -52.89 31.07
CA LEU Q 830 49.95 -51.75 31.83
C LEU Q 830 49.01 -50.91 31.00
N THR Q 831 49.31 -50.78 29.71
CA THR Q 831 48.42 -50.04 28.83
C THR Q 831 47.05 -50.70 28.74
N GLY Q 832 47.02 -51.98 28.35
CA GLY Q 832 45.74 -52.67 28.28
C GLY Q 832 45.02 -52.65 29.61
N ALA Q 833 45.78 -52.72 30.70
CA ALA Q 833 45.20 -52.68 32.02
C ALA Q 833 44.43 -51.39 32.24
N LEU Q 834 45.11 -50.26 32.10
CA LEU Q 834 44.43 -48.99 32.26
C LEU Q 834 43.27 -48.84 31.30
N THR Q 835 43.40 -49.41 30.10
CA THR Q 835 42.36 -49.24 29.10
C THR Q 835 41.09 -49.97 29.50
N ALA Q 836 41.20 -51.27 29.76
CA ALA Q 836 40.07 -52.02 30.28
C ALA Q 836 39.57 -51.41 31.57
N SER Q 837 40.46 -50.78 32.33
CA SER Q 837 40.05 -50.14 33.58
C SER Q 837 39.09 -49.00 33.32
N LEU Q 838 39.44 -48.11 32.40
CA LEU Q 838 38.54 -47.02 32.05
C LEU Q 838 37.26 -47.56 31.42
N ILE Q 839 37.40 -48.60 30.60
CA ILE Q 839 36.21 -49.25 30.06
C ILE Q 839 35.29 -49.67 31.19
N SER Q 840 35.85 -50.27 32.23
CA SER Q 840 35.06 -50.67 33.39
C SER Q 840 34.56 -49.45 34.15
N CYS Q 841 35.28 -48.36 34.10
CA CYS Q 841 34.78 -47.13 34.72
C CYS Q 841 33.51 -46.68 34.04
N TYR Q 842 33.48 -46.75 32.71
CA TYR Q 842 32.30 -46.34 31.97
C TYR Q 842 31.16 -47.32 32.15
N ILE Q 843 31.46 -48.62 32.06
CA ILE Q 843 30.42 -49.63 32.13
C ILE Q 843 29.92 -49.80 33.56
N ARG Q 844 30.72 -49.39 34.53
CA ARG Q 844 30.34 -49.52 35.93
C ARG Q 844 29.49 -48.34 36.38
N ASP Q 845 29.67 -47.20 35.74
CA ASP Q 845 28.81 -46.06 36.02
C ASP Q 845 27.53 -46.18 35.21
N ASP Q 850 30.49 -47.33 23.90
CA ASP Q 850 30.41 -47.37 22.45
C ASP Q 850 31.35 -46.37 21.82
N GLY Q 851 31.22 -45.10 22.20
CA GLY Q 851 32.18 -44.11 21.75
C GLY Q 851 33.58 -44.39 22.27
N ILE Q 852 33.71 -44.60 23.58
CA ILE Q 852 35.00 -44.94 24.16
C ILE Q 852 35.48 -46.29 23.64
N SER Q 853 34.58 -47.28 23.59
CA SER Q 853 34.98 -48.61 23.10
C SER Q 853 35.47 -48.54 21.67
N TYR Q 854 34.72 -47.87 20.78
CA TYR Q 854 35.15 -47.75 19.41
C TYR Q 854 36.49 -47.04 19.31
N ARG Q 855 36.59 -45.82 19.84
CA ARG Q 855 37.83 -45.07 19.73
C ARG Q 855 39.01 -45.86 20.29
N LEU Q 856 38.76 -46.64 21.35
CA LEU Q 856 39.82 -47.47 21.90
C LEU Q 856 40.23 -48.56 20.94
N GLN Q 857 39.24 -49.26 20.36
CA GLN Q 857 39.56 -50.29 19.39
C GLN Q 857 40.37 -49.72 18.23
N GLU Q 858 40.00 -48.54 17.75
CA GLU Q 858 40.67 -47.97 16.59
C GLU Q 858 42.11 -47.61 16.90
N VAL Q 859 42.32 -46.73 17.88
CA VAL Q 859 43.66 -46.28 18.22
C VAL Q 859 44.53 -47.46 18.65
N THR Q 866 32.81 -56.27 22.92
CA THR Q 866 31.38 -56.49 22.77
C THR Q 866 31.12 -57.91 22.28
N ASP Q 867 31.96 -58.37 21.36
CA ASP Q 867 31.82 -59.74 20.86
C ASP Q 867 32.09 -60.74 21.97
N ASP Q 868 33.11 -60.49 22.78
CA ASP Q 868 33.38 -61.35 23.92
C ASP Q 868 32.15 -61.46 24.81
N ALA Q 869 31.36 -60.40 24.92
CA ALA Q 869 30.20 -60.42 25.79
C ALA Q 869 29.15 -61.41 25.30
N VAL Q 870 28.69 -61.25 24.06
CA VAL Q 870 27.68 -62.16 23.53
C VAL Q 870 28.21 -63.59 23.50
N CYS Q 871 29.50 -63.76 23.19
CA CYS Q 871 30.06 -65.11 23.16
C CYS Q 871 30.06 -65.72 24.56
N SER Q 872 30.38 -64.93 25.58
CA SER Q 872 30.34 -65.41 26.95
C SER Q 872 28.92 -65.81 27.34
N LYS Q 873 27.94 -64.98 26.99
CA LYS Q 873 26.56 -65.29 27.37
C LYS Q 873 26.05 -66.54 26.66
N ALA Q 874 26.38 -66.69 25.38
CA ALA Q 874 25.99 -67.90 24.65
C ALA Q 874 26.68 -69.13 25.23
N ASN Q 875 27.96 -69.03 25.56
CA ASN Q 875 28.66 -70.15 26.17
C ASN Q 875 28.02 -70.53 27.50
N GLU Q 876 27.70 -69.54 28.32
CA GLU Q 876 27.01 -69.81 29.58
C GLU Q 876 25.71 -70.56 29.33
N LEU Q 877 24.88 -70.06 28.40
CA LEU Q 877 23.59 -70.69 28.17
C LEU Q 877 23.75 -72.12 27.66
N LEU Q 878 24.68 -72.34 26.74
CA LEU Q 878 24.84 -73.67 26.15
C LEU Q 878 25.38 -74.66 27.18
N GLN Q 879 26.34 -74.24 27.99
CA GLN Q 879 26.85 -75.12 29.04
C GLN Q 879 25.80 -75.39 30.10
N ARG Q 880 24.96 -74.40 30.41
CA ARG Q 880 23.95 -74.60 31.45
C ARG Q 880 22.81 -75.48 30.96
N SER Q 881 22.51 -75.47 29.67
CA SER Q 881 21.51 -76.38 29.13
C SER Q 881 21.85 -77.84 29.41
N ARG Q 882 23.12 -78.13 29.71
CA ARG Q 882 23.54 -79.51 29.91
C ARG Q 882 22.90 -80.13 31.15
N HIS Q 883 22.34 -79.32 32.03
CA HIS Q 883 21.72 -79.83 33.26
C HIS Q 883 20.24 -79.53 33.35
N VAL Q 884 19.67 -78.83 32.36
CA VAL Q 884 18.23 -78.60 32.35
C VAL Q 884 17.55 -79.96 32.14
N PRO Q 885 16.74 -80.43 33.09
CA PRO Q 885 16.15 -81.76 32.93
C PRO Q 885 15.00 -81.78 31.94
N ASN Q 886 14.19 -80.74 31.93
CA ASN Q 886 13.07 -80.65 31.00
C ASN Q 886 13.58 -80.26 29.63
N LYS Q 887 13.04 -80.89 28.59
CA LYS Q 887 13.56 -80.70 27.24
C LYS Q 887 13.32 -79.28 26.74
N GLN Q 888 12.09 -78.78 26.88
CA GLN Q 888 11.71 -77.55 26.19
C GLN Q 888 12.52 -76.35 26.65
N GLU Q 889 12.78 -76.24 27.95
CA GLU Q 889 13.60 -75.14 28.43
C GLU Q 889 15.03 -75.26 27.92
N LYS Q 890 15.56 -76.48 27.86
CA LYS Q 890 16.89 -76.68 27.30
C LYS Q 890 16.94 -76.25 25.84
N GLU Q 891 15.89 -76.57 25.08
CA GLU Q 891 15.84 -76.15 23.69
C GLU Q 891 15.71 -74.64 23.57
N ARG Q 892 14.94 -74.02 24.48
CA ARG Q 892 14.86 -72.57 24.51
C ARG Q 892 16.23 -71.94 24.72
N MET Q 893 16.96 -72.43 25.73
CA MET Q 893 18.30 -71.93 25.97
C MET Q 893 19.23 -72.24 24.80
N LEU Q 894 19.03 -73.36 24.12
CA LEU Q 894 19.88 -73.71 22.99
C LEU Q 894 19.66 -72.78 21.81
N ARG Q 895 18.40 -72.51 21.48
CA ARG Q 895 18.11 -71.49 20.47
C ARG Q 895 18.58 -70.12 20.91
N GLU Q 896 18.56 -69.84 22.21
CA GLU Q 896 19.09 -68.57 22.71
C GLU Q 896 20.58 -68.49 22.44
N SER Q 897 21.30 -69.55 22.75
CA SER Q 897 22.70 -69.63 22.38
C SER Q 897 22.87 -69.45 20.88
N LEU Q 898 21.96 -70.03 20.09
CA LEU Q 898 22.05 -69.92 18.64
C LEU Q 898 21.98 -68.47 18.20
N LYS Q 899 21.04 -67.71 18.77
CA LYS Q 899 20.88 -66.31 18.36
C LYS Q 899 22.03 -65.45 18.88
N GLU Q 900 22.39 -65.61 20.15
CA GLU Q 900 23.50 -64.86 20.70
C GLU Q 900 24.78 -65.11 19.91
N TYR Q 901 24.97 -66.36 19.46
CA TYR Q 901 26.15 -66.68 18.66
C TYR Q 901 25.99 -66.22 17.22
N GLN Q 902 24.75 -66.06 16.75
CA GLN Q 902 24.55 -65.50 15.42
C GLN Q 902 24.82 -64.01 15.41
N LYS Q 903 24.81 -63.38 16.58
CA LYS Q 903 25.05 -61.94 16.62
C LYS Q 903 26.50 -61.60 16.28
N ILE Q 904 27.42 -62.54 16.49
CA ILE Q 904 28.85 -62.31 16.28
C ILE Q 904 29.48 -63.37 15.39
N SER Q 905 28.71 -63.93 14.44
CA SER Q 905 29.11 -65.15 13.73
C SER Q 905 30.44 -65.04 12.98
N GLN Q 906 31.04 -63.85 12.89
CA GLN Q 906 32.29 -63.75 12.13
C GLN Q 906 33.49 -64.29 12.89
N GLN Q 907 33.46 -64.22 14.22
CA GLN Q 907 34.64 -64.53 15.02
C GLN Q 907 34.52 -65.80 15.84
N VAL Q 908 33.32 -66.34 16.00
CA VAL Q 908 33.13 -67.51 16.86
C VAL Q 908 33.96 -68.67 16.32
N ASP Q 909 34.58 -69.41 17.24
CA ASP Q 909 35.30 -70.64 16.88
C ASP Q 909 34.25 -71.69 16.55
N LEU Q 910 33.72 -71.60 15.33
CA LEU Q 910 32.60 -72.44 14.91
C LEU Q 910 32.81 -73.92 15.22
N PRO Q 911 34.01 -74.49 15.10
CA PRO Q 911 34.19 -75.90 15.46
C PRO Q 911 33.88 -76.19 16.92
N ASN Q 912 34.32 -75.32 17.83
CA ASN Q 912 34.06 -75.54 19.25
C ASN Q 912 32.56 -75.45 19.56
N VAL Q 913 31.91 -74.38 19.10
CA VAL Q 913 30.49 -74.22 19.37
C VAL Q 913 29.68 -75.34 18.73
N CYS Q 914 30.09 -75.79 17.54
CA CYS Q 914 29.39 -76.89 16.88
C CYS Q 914 29.59 -78.20 17.63
N ALA Q 915 30.79 -78.43 18.16
CA ALA Q 915 31.01 -79.58 19.03
C ALA Q 915 30.09 -79.53 20.24
N GLN Q 916 29.97 -78.34 20.85
CA GLN Q 916 29.06 -78.17 21.96
C GLN Q 916 27.62 -78.50 21.57
N TYR Q 917 27.18 -78.00 20.42
CA TYR Q 917 25.82 -78.27 19.97
C TYR Q 917 25.60 -79.76 19.74
N ARG Q 918 26.60 -80.43 19.18
CA ARG Q 918 26.52 -81.89 19.06
C ARG Q 918 26.39 -82.53 20.43
N GLN Q 919 27.13 -82.00 21.41
CA GLN Q 919 27.08 -82.57 22.76
C GLN Q 919 25.67 -82.53 23.33
N VAL Q 920 24.99 -81.39 23.23
CA VAL Q 920 23.61 -81.28 23.68
C VAL Q 920 22.63 -81.77 22.62
N ARG Q 921 23.15 -82.37 21.54
CA ARG Q 921 22.33 -82.93 20.46
C ARG Q 921 21.35 -81.91 19.88
N PHE Q 922 21.79 -80.66 19.77
CA PHE Q 922 21.03 -79.64 19.06
C PHE Q 922 21.57 -79.45 17.65
N TYR Q 923 21.43 -80.51 16.84
CA TYR Q 923 21.97 -80.48 15.48
C TYR Q 923 21.54 -79.24 14.72
N GLU Q 924 20.32 -78.76 14.97
CA GLU Q 924 19.87 -77.52 14.38
C GLU Q 924 20.81 -76.37 14.73
N GLY Q 925 21.32 -76.37 15.96
CA GLY Q 925 22.25 -75.33 16.35
C GLY Q 925 23.53 -75.34 15.53
N VAL Q 926 24.08 -76.52 15.30
CA VAL Q 926 25.29 -76.61 14.47
C VAL Q 926 24.99 -76.10 13.06
N VAL Q 927 23.87 -76.56 12.48
CA VAL Q 927 23.54 -76.15 11.12
C VAL Q 927 23.39 -74.64 11.03
N GLU Q 928 22.68 -74.05 12.00
CA GLU Q 928 22.40 -72.62 11.93
C GLU Q 928 23.64 -71.79 12.17
N LEU Q 929 24.47 -72.18 13.15
CA LEU Q 929 25.73 -71.48 13.34
C LEU Q 929 26.58 -71.54 12.08
N CYS Q 930 26.65 -72.73 11.48
CA CYS Q 930 27.41 -72.89 10.26
C CYS Q 930 26.96 -71.93 9.18
N LEU Q 931 25.67 -71.95 8.84
CA LEU Q 931 25.20 -71.14 7.72
C LEU Q 931 25.26 -69.65 8.04
N SER Q 932 24.97 -69.27 9.28
CA SER Q 932 25.07 -67.87 9.65
C SER Q 932 26.49 -67.35 9.49
N ALA Q 933 27.47 -68.05 10.07
CA ALA Q 933 28.86 -67.64 9.87
C ALA Q 933 29.23 -67.68 8.40
N ALA Q 934 28.74 -68.68 7.68
CA ALA Q 934 28.98 -68.79 6.25
C ALA Q 934 28.62 -67.50 5.53
N GLU Q 935 27.40 -67.03 5.73
CA GLU Q 935 26.99 -65.78 5.12
C GLU Q 935 27.84 -64.62 5.64
N LYS Q 936 28.08 -64.58 6.94
CA LYS Q 936 28.77 -63.44 7.53
C LYS Q 936 30.17 -63.27 6.97
N LYS Q 937 30.79 -64.36 6.52
CA LYS Q 937 32.19 -64.26 6.12
C LYS Q 937 32.36 -63.69 4.72
N ASP Q 938 31.33 -63.76 3.87
CA ASP Q 938 31.40 -63.29 2.48
C ASP Q 938 30.18 -62.44 2.17
N PRO Q 939 30.33 -61.12 2.09
CA PRO Q 939 29.15 -60.26 1.86
C PRO Q 939 28.72 -60.14 0.40
N GLN Q 940 29.61 -60.43 -0.56
CA GLN Q 940 29.31 -60.19 -1.96
C GLN Q 940 29.29 -61.45 -2.81
N GLY Q 941 29.54 -62.62 -2.22
CA GLY Q 941 29.49 -63.85 -2.99
C GLY Q 941 30.71 -64.07 -3.85
N LEU Q 942 31.86 -64.24 -3.22
CA LEU Q 942 33.11 -64.46 -3.93
C LEU Q 942 33.53 -65.92 -3.98
N GLY Q 943 33.04 -66.75 -3.06
CA GLY Q 943 33.29 -68.18 -3.17
C GLY Q 943 32.57 -68.80 -4.34
N LEU Q 944 31.29 -68.41 -4.54
CA LEU Q 944 30.58 -68.82 -5.74
C LEU Q 944 31.26 -68.25 -6.99
N HIS Q 945 31.90 -67.09 -6.87
CA HIS Q 945 32.66 -66.54 -7.98
C HIS Q 945 33.86 -67.42 -8.29
N PHE Q 946 34.59 -67.86 -7.27
CA PHE Q 946 35.73 -68.73 -7.48
C PHE Q 946 35.31 -70.04 -8.12
N HIS Q 947 34.27 -70.68 -7.57
CA HIS Q 947 33.83 -71.96 -8.12
C HIS Q 947 33.31 -71.81 -9.54
N LYS Q 948 32.63 -70.70 -9.83
CA LYS Q 948 32.17 -70.45 -11.19
C LYS Q 948 33.34 -70.12 -12.11
N ASN Q 949 34.42 -69.57 -11.57
CA ASN Q 949 35.60 -69.26 -12.37
C ASN Q 949 36.79 -70.08 -11.90
N GLY Q 958 37.88 -65.06 -1.67
CA GLY Q 958 36.48 -65.45 -1.55
C GLY Q 958 36.32 -66.93 -1.29
N LEU Q 959 37.36 -67.70 -1.63
CA LEU Q 959 37.36 -69.12 -1.30
C LEU Q 959 37.58 -69.33 0.19
N GLN Q 960 38.06 -68.30 0.89
CA GLN Q 960 38.26 -68.40 2.33
C GLN Q 960 36.93 -68.47 3.07
N ALA Q 961 36.01 -67.55 2.74
CA ALA Q 961 34.71 -67.57 3.38
C ALA Q 961 33.96 -68.85 3.05
N PHE Q 962 34.04 -69.28 1.79
CA PHE Q 962 33.47 -70.57 1.43
C PHE Q 962 34.12 -71.69 2.23
N GLN Q 963 35.42 -71.57 2.50
CA GLN Q 963 36.11 -72.57 3.29
C GLN Q 963 35.54 -72.66 4.70
N GLU Q 964 35.44 -71.52 5.38
CA GLU Q 964 34.88 -71.51 6.73
C GLU Q 964 33.44 -72.01 6.72
N ARG Q 965 32.69 -71.67 5.66
CA ARG Q 965 31.31 -72.09 5.54
C ARG Q 965 31.21 -73.62 5.49
N LEU Q 966 31.88 -74.22 4.52
CA LEU Q 966 31.87 -75.67 4.42
C LEU Q 966 32.45 -76.32 5.66
N ASN Q 967 33.38 -75.64 6.33
CA ASN Q 967 33.99 -76.20 7.53
C ASN Q 967 32.99 -76.27 8.67
N SER Q 968 32.16 -75.25 8.83
CA SER Q 968 31.18 -75.26 9.92
C SER Q 968 29.99 -76.14 9.58
N TYR Q 969 29.69 -76.31 8.28
CA TYR Q 969 28.60 -77.19 7.89
C TYR Q 969 29.03 -78.66 7.83
N LYS Q 970 30.33 -78.90 7.67
CA LYS Q 970 30.82 -80.27 7.59
C LYS Q 970 30.52 -81.06 8.85
N CYS Q 971 30.51 -80.39 9.99
CA CYS Q 971 30.20 -81.10 11.23
C CYS Q 971 28.75 -81.57 11.23
N ILE Q 972 27.84 -80.73 10.74
CA ILE Q 972 26.45 -81.17 10.61
C ILE Q 972 26.36 -82.31 9.62
N THR Q 973 27.12 -82.22 8.53
CA THR Q 973 27.12 -83.29 7.55
C THR Q 973 27.59 -84.61 8.17
N ASP Q 974 28.72 -84.58 8.87
CA ASP Q 974 29.27 -85.79 9.45
C ASP Q 974 28.43 -86.27 10.63
N THR Q 975 27.68 -85.37 11.27
CA THR Q 975 26.81 -85.80 12.37
C THR Q 975 25.58 -86.53 11.84
N LEU Q 976 24.89 -85.92 10.89
CA LEU Q 976 23.88 -86.67 10.15
C LEU Q 976 24.48 -87.94 9.57
N GLN Q 977 25.76 -87.91 9.22
CA GLN Q 977 26.40 -89.10 8.70
C GLN Q 977 26.55 -90.17 9.76
N GLU Q 978 26.94 -89.79 10.97
CA GLU Q 978 27.03 -90.77 12.06
C GLU Q 978 25.65 -91.36 12.33
N LEU Q 979 24.63 -90.51 12.31
CA LEU Q 979 23.26 -91.00 12.38
C LEU Q 979 22.99 -92.02 11.30
N VAL Q 980 23.36 -91.73 10.06
CA VAL Q 980 23.11 -92.64 8.96
C VAL Q 980 23.88 -93.94 9.15
N ASN Q 981 25.08 -93.86 9.71
CA ASN Q 981 25.92 -95.03 9.85
C ASN Q 981 25.38 -95.97 10.91
N GLN Q 982 25.18 -95.47 12.14
CA GLN Q 982 24.67 -96.32 13.21
C GLN Q 982 23.33 -96.94 12.82
N SER Q 983 22.48 -96.19 12.14
CA SER Q 983 21.22 -96.71 11.66
C SER Q 983 21.44 -97.64 10.47
N GLU Q 1011 17.60 -97.04 14.33
CA GLU Q 1011 16.35 -96.32 14.42
C GLU Q 1011 16.57 -94.91 14.94
N GLU Q 1012 16.93 -94.79 16.23
CA GLU Q 1012 17.23 -93.47 16.79
C GLU Q 1012 18.24 -92.73 15.93
N ALA Q 1013 19.31 -93.42 15.52
CA ALA Q 1013 20.27 -92.81 14.61
C ALA Q 1013 19.59 -92.31 13.34
N GLY Q 1014 18.77 -93.16 12.71
CA GLY Q 1014 18.08 -92.74 11.51
C GLY Q 1014 17.11 -91.60 11.76
N ILE Q 1015 16.46 -91.60 12.92
CA ILE Q 1015 15.52 -90.54 13.24
C ILE Q 1015 16.25 -89.20 13.34
N HIS Q 1016 17.38 -89.18 14.03
CA HIS Q 1016 18.18 -87.96 14.08
C HIS Q 1016 18.67 -87.58 12.69
N PHE Q 1017 19.02 -88.57 11.87
CA PHE Q 1017 19.46 -88.30 10.51
C PHE Q 1017 18.40 -87.53 9.74
N GLU Q 1018 17.18 -88.06 9.72
CA GLU Q 1018 16.11 -87.40 8.99
C GLU Q 1018 15.79 -86.05 9.60
N GLN Q 1019 15.86 -85.95 10.93
CA GLN Q 1019 15.59 -84.68 11.59
C GLN Q 1019 16.58 -83.62 11.12
N MET Q 1020 17.86 -83.95 11.12
CA MET Q 1020 18.87 -82.98 10.72
C MET Q 1020 18.76 -82.64 9.24
N LEU Q 1021 18.54 -83.64 8.39
CA LEU Q 1021 18.40 -83.37 6.96
C LEU Q 1021 17.22 -82.43 6.70
N LYS Q 1022 16.07 -82.70 7.33
CA LYS Q 1022 14.93 -81.82 7.17
C LYS Q 1022 15.21 -80.43 7.71
N LEU Q 1023 15.84 -80.34 8.89
CA LEU Q 1023 16.19 -79.04 9.45
C LEU Q 1023 17.00 -78.24 8.44
N ALA Q 1024 18.11 -78.79 7.97
CA ALA Q 1024 18.95 -78.09 7.01
C ALA Q 1024 18.18 -77.79 5.73
N GLN Q 1025 17.18 -78.60 5.40
CA GLN Q 1025 16.43 -78.39 4.17
C GLN Q 1025 15.77 -77.01 4.11
N ARG Q 1026 15.54 -76.37 5.25
CA ARG Q 1026 14.96 -75.03 5.27
C ARG Q 1026 15.94 -73.95 4.81
N SER Q 1027 17.20 -74.30 4.59
CA SER Q 1027 18.22 -73.30 4.31
C SER Q 1027 18.03 -72.69 2.93
N ALA Q 1028 17.97 -71.36 2.90
CA ALA Q 1028 17.94 -70.61 1.65
C ALA Q 1028 19.33 -70.25 1.14
N ASP Q 1029 20.39 -70.65 1.84
CA ASP Q 1029 21.75 -70.37 1.40
C ASP Q 1029 22.09 -71.30 0.24
N GLU Q 1030 22.16 -70.74 -0.96
CA GLU Q 1030 22.41 -71.53 -2.16
C GLU Q 1030 23.68 -72.37 -2.01
N LEU Q 1031 24.76 -71.76 -1.52
CA LEU Q 1031 26.00 -72.49 -1.34
C LEU Q 1031 25.80 -73.71 -0.45
N PHE Q 1032 25.01 -73.56 0.62
CA PHE Q 1032 24.76 -74.68 1.51
C PHE Q 1032 23.99 -75.79 0.80
N ASN Q 1033 22.97 -75.42 0.03
CA ASN Q 1033 22.22 -76.41 -0.73
C ASN Q 1033 23.15 -77.17 -1.68
N ILE Q 1034 24.05 -76.45 -2.35
CA ILE Q 1034 24.97 -77.09 -3.28
C ILE Q 1034 25.90 -78.03 -2.54
N ALA Q 1035 26.43 -77.60 -1.39
CA ALA Q 1035 27.31 -78.47 -0.62
C ALA Q 1035 26.59 -79.73 -0.17
N LEU Q 1036 25.34 -79.58 0.25
CA LEU Q 1036 24.58 -80.75 0.70
C LEU Q 1036 24.32 -81.71 -0.45
N PHE Q 1037 23.91 -81.19 -1.60
CA PHE Q 1037 23.74 -82.03 -2.77
C PHE Q 1037 25.04 -82.75 -3.09
N ASN Q 1038 26.17 -82.05 -2.99
CA ASN Q 1038 27.45 -82.67 -3.32
C ASN Q 1038 27.78 -83.82 -2.37
N TRP Q 1039 27.68 -83.56 -1.06
CA TRP Q 1039 27.94 -84.61 -0.09
C TRP Q 1039 27.01 -85.79 -0.30
N LEU Q 1040 25.73 -85.52 -0.55
CA LEU Q 1040 24.77 -86.60 -0.77
C LEU Q 1040 25.13 -87.43 -1.99
N ILE Q 1041 25.51 -86.78 -3.08
CA ILE Q 1041 25.91 -87.51 -4.27
C ILE Q 1041 27.12 -88.37 -3.98
N GLN Q 1042 28.10 -87.80 -3.25
CA GLN Q 1042 29.20 -88.62 -2.77
C GLN Q 1042 28.70 -89.74 -1.87
N ALA Q 1043 27.76 -89.44 -0.98
CA ALA Q 1043 27.21 -90.41 -0.05
C ALA Q 1043 26.32 -91.44 -0.72
N ASP Q 1044 26.05 -91.29 -2.01
CA ASP Q 1044 25.25 -92.23 -2.80
C ASP Q 1044 23.86 -92.49 -2.18
N LEU Q 1045 23.24 -91.44 -1.66
CA LEU Q 1045 21.84 -91.49 -1.26
C LEU Q 1045 20.95 -90.81 -2.29
N THR Q 1046 20.93 -91.34 -3.51
CA THR Q 1046 20.31 -90.63 -4.63
C THR Q 1046 18.84 -90.32 -4.37
N ASP Q 1047 18.14 -91.18 -3.62
CA ASP Q 1047 16.70 -91.00 -3.44
C ASP Q 1047 16.38 -89.74 -2.65
N LYS Q 1048 16.99 -89.58 -1.47
CA LYS Q 1048 16.73 -88.39 -0.66
C LYS Q 1048 17.05 -87.12 -1.43
N LEU Q 1049 18.15 -87.12 -2.18
CA LEU Q 1049 18.44 -86.01 -3.07
C LEU Q 1049 17.28 -85.74 -4.02
N LEU Q 1050 16.78 -86.80 -4.67
CA LEU Q 1050 15.61 -86.64 -5.53
C LEU Q 1050 14.39 -86.12 -4.78
N GLU Q 1051 14.34 -86.31 -3.47
CA GLU Q 1051 13.23 -85.82 -2.66
C GLU Q 1051 13.39 -84.37 -2.25
N LEU Q 1052 14.59 -83.80 -2.36
CA LEU Q 1052 14.83 -82.44 -1.93
C LEU Q 1052 14.01 -81.47 -2.79
N ASN Q 1053 13.13 -80.70 -2.14
CA ASN Q 1053 12.31 -79.70 -2.83
C ASN Q 1053 12.94 -78.32 -2.70
N SER Q 1054 14.10 -78.16 -3.34
CA SER Q 1054 14.83 -76.91 -3.25
C SER Q 1054 14.94 -76.26 -4.62
N PRO Q 1055 14.76 -74.93 -4.70
CA PRO Q 1055 14.77 -74.28 -6.03
C PRO Q 1055 16.12 -74.24 -6.71
N PHE Q 1056 17.19 -74.66 -6.04
CA PHE Q 1056 18.50 -74.72 -6.69
C PHE Q 1056 18.79 -76.08 -7.30
N LEU Q 1057 17.88 -77.05 -7.14
CA LEU Q 1057 18.17 -78.42 -7.54
C LEU Q 1057 18.43 -78.52 -9.04
N GLU Q 1058 17.42 -78.22 -9.85
CA GLU Q 1058 17.53 -78.44 -11.30
C GLU Q 1058 18.77 -77.79 -11.90
N PRO Q 1059 19.01 -76.48 -11.70
CA PRO Q 1059 20.17 -75.87 -12.35
C PRO Q 1059 21.50 -76.44 -11.89
N HIS Q 1060 21.62 -76.82 -10.61
CA HIS Q 1060 22.86 -77.41 -10.14
C HIS Q 1060 23.13 -78.72 -10.86
N LEU Q 1061 22.12 -79.59 -10.94
CA LEU Q 1061 22.26 -80.82 -11.70
C LEU Q 1061 22.68 -80.53 -13.12
N VAL Q 1062 22.09 -79.52 -13.74
CA VAL Q 1062 22.42 -79.19 -15.14
C VAL Q 1062 23.88 -78.76 -15.25
N ARG Q 1063 24.32 -77.88 -14.36
CA ARG Q 1063 25.70 -77.39 -14.41
C ARG Q 1063 26.68 -78.54 -14.18
N MET Q 1064 26.39 -79.41 -13.22
CA MET Q 1064 27.25 -80.57 -13.00
C MET Q 1064 27.35 -81.41 -14.26
N ALA Q 1065 26.21 -81.81 -14.83
CA ALA Q 1065 26.24 -82.63 -16.03
C ALA Q 1065 26.88 -81.91 -17.21
N LYS Q 1066 27.03 -80.60 -17.14
CA LYS Q 1066 27.67 -79.89 -18.23
C LYS Q 1066 29.18 -79.77 -18.05
N LEU Q 1067 29.65 -79.64 -16.81
CA LEU Q 1067 31.07 -79.33 -16.61
C LEU Q 1067 31.87 -80.52 -16.07
N ASP Q 1068 31.23 -81.42 -15.32
CA ASP Q 1068 31.95 -82.54 -14.73
C ASP Q 1068 32.48 -83.48 -15.80
N GLN Q 1069 33.25 -84.47 -15.36
CA GLN Q 1069 33.69 -85.52 -16.27
C GLN Q 1069 32.77 -86.73 -16.18
N ASN Q 1070 31.97 -86.83 -15.13
CA ASN Q 1070 31.00 -87.90 -14.97
C ASN Q 1070 29.67 -87.52 -15.57
N LYS Q 1071 29.67 -87.13 -16.86
CA LYS Q 1071 28.44 -86.68 -17.51
C LYS Q 1071 27.33 -87.68 -17.30
N VAL Q 1072 27.66 -88.96 -17.33
CA VAL Q 1072 26.65 -90.00 -17.14
C VAL Q 1072 25.94 -89.82 -15.82
N ARG Q 1073 26.70 -89.57 -14.74
CA ARG Q 1073 26.12 -89.54 -13.41
C ARG Q 1073 25.07 -88.44 -13.30
N TYR Q 1074 25.47 -87.19 -13.51
CA TYR Q 1074 24.54 -86.08 -13.33
C TYR Q 1074 23.46 -86.09 -14.40
N MET Q 1075 23.75 -86.64 -15.57
CA MET Q 1075 22.72 -86.74 -16.60
C MET Q 1075 21.60 -87.68 -16.17
N ASP Q 1076 21.96 -88.90 -15.78
CA ASP Q 1076 20.94 -89.84 -15.30
C ASP Q 1076 20.23 -89.30 -14.07
N LEU Q 1077 20.97 -88.64 -13.19
CA LEU Q 1077 20.35 -88.08 -11.99
C LEU Q 1077 19.31 -87.04 -12.35
N LEU Q 1078 19.63 -86.12 -13.25
CA LEU Q 1078 18.67 -85.08 -13.62
C LEU Q 1078 17.49 -85.68 -14.38
N TRP Q 1079 17.73 -86.74 -15.16
CA TRP Q 1079 16.62 -87.39 -15.84
C TRP Q 1079 15.63 -87.98 -14.84
N ARG Q 1080 16.14 -88.69 -13.83
CA ARG Q 1080 15.27 -89.18 -12.76
C ARG Q 1080 14.57 -88.02 -12.07
N TYR Q 1081 15.31 -86.95 -11.78
CA TYR Q 1081 14.73 -85.79 -11.10
C TYR Q 1081 13.55 -85.23 -11.91
N TYR Q 1082 13.68 -85.26 -13.22
CA TYR Q 1082 12.55 -84.91 -14.08
C TYR Q 1082 11.40 -85.90 -13.87
N GLU Q 1083 11.69 -87.19 -14.04
CA GLU Q 1083 10.64 -88.22 -13.98
C GLU Q 1083 9.84 -88.14 -12.69
N LYS Q 1084 10.46 -87.64 -11.62
CA LYS Q 1084 9.75 -87.55 -10.35
C LYS Q 1084 8.73 -86.41 -10.35
N ASN Q 1085 9.11 -85.25 -10.86
CA ASN Q 1085 8.27 -84.05 -10.76
C ASN Q 1085 7.27 -83.92 -11.90
N ARG Q 1086 6.96 -85.03 -12.56
CA ARG Q 1086 6.06 -85.08 -13.71
C ARG Q 1086 6.65 -84.38 -14.95
N ASN Q 1087 7.92 -84.00 -14.89
CA ASN Q 1087 8.58 -83.34 -16.03
C ASN Q 1087 9.02 -84.38 -17.04
N PHE Q 1088 8.06 -84.77 -17.90
CA PHE Q 1088 8.27 -85.92 -18.78
C PHE Q 1088 9.24 -85.63 -19.92
N SER Q 1089 9.06 -84.52 -20.64
CA SER Q 1089 9.79 -84.30 -21.89
C SER Q 1089 11.28 -84.16 -21.64
N ASN Q 1090 11.66 -83.40 -20.61
CA ASN Q 1090 13.07 -83.25 -20.28
C ASN Q 1090 13.67 -84.59 -19.91
N ALA Q 1091 12.93 -85.42 -19.18
CA ALA Q 1091 13.41 -86.77 -18.88
C ALA Q 1091 13.65 -87.54 -20.17
N ALA Q 1092 12.72 -87.45 -21.12
CA ALA Q 1092 12.90 -88.13 -22.39
C ALA Q 1092 14.16 -87.67 -23.10
N ARG Q 1093 14.34 -86.36 -23.22
CA ARG Q 1093 15.45 -85.83 -23.98
C ARG Q 1093 16.79 -86.13 -23.30
N VAL Q 1094 16.82 -86.07 -21.97
CA VAL Q 1094 18.05 -86.37 -21.26
C VAL Q 1094 18.39 -87.84 -21.39
N VAL Q 1095 17.38 -88.72 -21.28
CA VAL Q 1095 17.65 -90.15 -21.41
C VAL Q 1095 18.16 -90.46 -22.81
N ALA Q 1096 17.57 -89.84 -23.83
CA ALA Q 1096 18.02 -90.10 -25.20
C ALA Q 1096 19.42 -89.55 -25.42
N LYS Q 1097 19.70 -88.34 -24.92
CA LYS Q 1097 21.06 -87.81 -25.01
C LYS Q 1097 22.05 -88.73 -24.32
N LEU Q 1098 21.69 -89.29 -23.16
CA LEU Q 1098 22.54 -90.27 -22.51
C LEU Q 1098 22.81 -91.44 -23.43
N ALA Q 1099 21.75 -92.02 -23.98
CA ALA Q 1099 21.92 -93.16 -24.87
C ALA Q 1099 22.80 -92.81 -26.06
N ASP Q 1100 22.76 -91.55 -26.49
CA ASP Q 1100 23.50 -91.13 -27.67
C ASP Q 1100 24.94 -90.73 -27.37
N MET Q 1101 25.23 -90.31 -26.14
CA MET Q 1101 26.53 -89.75 -25.82
C MET Q 1101 27.64 -90.65 -26.32
N HIS Q 1102 28.44 -90.13 -27.26
CA HIS Q 1102 29.61 -90.85 -27.71
C HIS Q 1102 30.51 -91.10 -26.51
N SER Q 1103 30.59 -92.34 -26.06
CA SER Q 1103 31.28 -92.61 -24.81
C SER Q 1103 31.46 -94.10 -24.60
N PRO Q 1104 32.68 -94.55 -24.28
CA PRO Q 1104 32.84 -95.96 -23.88
C PRO Q 1104 32.30 -96.25 -22.51
N GLU Q 1105 32.07 -95.24 -21.66
CA GLU Q 1105 31.48 -95.48 -20.36
C GLU Q 1105 30.01 -95.87 -20.47
N ILE Q 1106 29.36 -95.58 -21.59
CA ILE Q 1106 27.96 -95.91 -21.81
C ILE Q 1106 27.93 -97.09 -22.77
N SER Q 1107 27.78 -98.29 -22.23
CA SER Q 1107 27.71 -99.49 -23.05
C SER Q 1107 26.50 -99.45 -23.98
N LEU Q 1108 26.61 -100.17 -25.09
CA LEU Q 1108 25.52 -100.20 -26.05
C LEU Q 1108 24.21 -100.68 -25.42
N LYS Q 1109 24.29 -101.69 -24.56
CA LYS Q 1109 23.08 -102.17 -23.89
C LYS Q 1109 22.49 -101.09 -22.99
N GLN Q 1110 23.36 -100.35 -22.29
CA GLN Q 1110 22.87 -99.22 -21.50
C GLN Q 1110 22.24 -98.16 -22.39
N ARG Q 1111 22.75 -98.00 -23.62
CA ARG Q 1111 22.13 -97.06 -24.54
C ARG Q 1111 20.74 -97.52 -24.94
N LEU Q 1112 20.59 -98.80 -25.27
CA LEU Q 1112 19.27 -99.32 -25.59
C LEU Q 1112 18.32 -99.18 -24.43
N GLU Q 1113 18.81 -99.41 -23.21
CA GLU Q 1113 17.98 -99.24 -22.02
C GLU Q 1113 17.53 -97.80 -21.86
N TYR Q 1114 18.46 -96.85 -21.95
CA TYR Q 1114 18.10 -95.44 -21.84
C TYR Q 1114 17.12 -95.03 -22.92
N ILE Q 1115 17.31 -95.55 -24.14
CA ILE Q 1115 16.42 -95.20 -25.24
C ILE Q 1115 15.02 -95.73 -24.98
N SER Q 1116 14.90 -97.00 -24.57
CA SER Q 1116 13.59 -97.54 -24.24
C SER Q 1116 12.95 -96.77 -23.10
N ARG Q 1117 13.76 -96.32 -22.15
CA ARG Q 1117 13.27 -95.40 -21.13
C ARG Q 1117 12.80 -94.10 -21.76
N ALA Q 1118 13.36 -93.75 -22.92
CA ALA Q 1118 12.95 -92.55 -23.63
C ALA Q 1118 11.77 -92.86 -24.54
N ALA Q 1133 6.70 -78.48 -33.34
CA ALA Q 1133 8.12 -78.82 -33.38
C ALA Q 1133 8.39 -80.15 -32.68
N ASP Q 1134 7.44 -80.59 -31.85
CA ASP Q 1134 7.62 -81.84 -31.11
C ASP Q 1134 7.53 -83.06 -32.01
N GLY Q 1135 6.52 -83.11 -32.88
CA GLY Q 1135 6.35 -84.29 -33.73
C GLY Q 1135 7.57 -84.57 -34.58
N GLU Q 1136 8.25 -83.51 -35.04
CA GLU Q 1136 9.42 -83.68 -35.88
C GLU Q 1136 10.53 -84.43 -35.14
N PHE Q 1137 10.83 -84.00 -33.91
CA PHE Q 1137 11.85 -84.69 -33.13
C PHE Q 1137 11.42 -86.11 -32.79
N LEU Q 1138 10.11 -86.33 -32.61
CA LEU Q 1138 9.63 -87.69 -32.41
C LEU Q 1138 10.01 -88.58 -33.59
N HIS Q 1139 9.68 -88.14 -34.80
CA HIS Q 1139 10.02 -88.93 -35.98
C HIS Q 1139 11.52 -89.14 -36.11
N GLU Q 1140 12.30 -88.08 -35.87
CA GLU Q 1140 13.76 -88.17 -36.00
C GLU Q 1140 14.32 -89.18 -35.00
N LEU Q 1141 13.80 -89.20 -33.77
CA LEU Q 1141 14.24 -90.16 -32.78
C LEU Q 1141 13.88 -91.58 -33.20
N GLU Q 1142 12.71 -91.75 -33.82
CA GLU Q 1142 12.36 -93.07 -34.35
C GLU Q 1142 13.41 -93.56 -35.34
N GLU Q 1143 13.70 -92.75 -36.36
CA GLU Q 1143 14.69 -93.15 -37.36
C GLU Q 1143 16.05 -93.38 -36.73
N LYS Q 1144 16.41 -92.55 -35.74
CA LYS Q 1144 17.69 -92.71 -35.07
C LYS Q 1144 17.76 -94.05 -34.34
N LEU Q 1145 16.68 -94.44 -33.67
CA LEU Q 1145 16.65 -95.74 -33.02
C LEU Q 1145 16.84 -96.86 -34.03
N GLU Q 1146 16.23 -96.71 -35.21
CA GLU Q 1146 16.48 -97.70 -36.26
C GLU Q 1146 17.95 -97.78 -36.59
N VAL Q 1147 18.60 -96.62 -36.73
CA VAL Q 1147 20.04 -96.60 -37.04
C VAL Q 1147 20.82 -97.28 -35.93
N ALA Q 1148 20.38 -97.09 -34.69
CA ALA Q 1148 21.07 -97.69 -33.56
C ALA Q 1148 20.96 -99.21 -33.59
N ARG Q 1149 19.79 -99.74 -33.90
CA ARG Q 1149 19.63 -101.20 -33.97
C ARG Q 1149 20.49 -101.78 -35.09
N ILE Q 1150 20.53 -101.10 -36.24
CA ILE Q 1150 21.38 -101.58 -37.31
C ILE Q 1150 22.85 -101.59 -36.87
N GLN Q 1151 23.31 -100.48 -36.29
CA GLN Q 1151 24.70 -100.40 -35.85
C GLN Q 1151 25.01 -101.46 -34.80
N LEU Q 1152 24.04 -101.78 -33.95
CA LEU Q 1152 24.28 -102.81 -32.94
C LEU Q 1152 24.41 -104.17 -33.56
N GLN Q 1153 23.55 -104.49 -34.54
CA GLN Q 1153 23.74 -105.71 -35.31
C GLN Q 1153 25.15 -105.77 -35.88
N ILE Q 1154 25.62 -104.65 -36.42
CA ILE Q 1154 26.95 -104.60 -37.02
C ILE Q 1154 28.02 -104.91 -35.97
N GLN Q 1155 27.99 -104.18 -34.86
CA GLN Q 1155 29.02 -104.34 -33.83
C GLN Q 1155 29.04 -105.76 -33.27
N GLU Q 1156 27.85 -106.32 -33.01
CA GLU Q 1156 27.79 -107.66 -32.46
C GLU Q 1156 28.33 -108.69 -33.44
N THR Q 1157 27.94 -108.57 -34.72
CA THR Q 1157 28.50 -109.48 -35.73
C THR Q 1157 30.01 -109.33 -35.80
N LEU Q 1158 30.52 -108.11 -35.60
CA LEU Q 1158 31.96 -107.89 -35.67
C LEU Q 1158 32.68 -108.58 -34.52
N THR Q 1159 32.16 -108.42 -33.30
CA THR Q 1159 32.88 -108.92 -32.13
C THR Q 1159 32.68 -110.42 -31.94
N ARG Q 1160 31.58 -110.97 -32.48
CA ARG Q 1160 31.32 -112.38 -32.26
C ARG Q 1160 31.92 -113.26 -33.35
N GLN Q 1161 31.90 -112.80 -34.60
CA GLN Q 1161 32.43 -113.57 -35.72
C GLN Q 1161 33.87 -113.15 -36.02
N VAL Q 1168 40.08 -105.74 -36.26
CA VAL Q 1168 38.66 -105.69 -35.96
C VAL Q 1168 38.43 -105.16 -34.55
N GLY Q 1169 39.52 -104.84 -33.86
CA GLY Q 1169 39.38 -104.29 -32.53
C GLY Q 1169 39.03 -102.81 -32.53
N ASP Q 1170 39.88 -101.99 -33.14
CA ASP Q 1170 39.66 -100.55 -33.16
C ASP Q 1170 38.33 -100.20 -33.81
N ALA Q 1171 37.92 -100.98 -34.82
CA ALA Q 1171 36.63 -100.74 -35.45
C ALA Q 1171 35.50 -100.94 -34.44
N VAL Q 1172 35.57 -101.99 -33.63
CA VAL Q 1172 34.56 -102.20 -32.61
C VAL Q 1172 34.57 -101.04 -31.62
N SER Q 1173 35.77 -100.63 -31.19
CA SER Q 1173 35.87 -99.52 -30.26
C SER Q 1173 35.23 -98.26 -30.83
N GLN Q 1174 35.42 -98.03 -32.13
CA GLN Q 1174 34.81 -96.86 -32.76
C GLN Q 1174 33.30 -97.00 -32.84
N LEU Q 1175 32.82 -98.18 -33.25
CA LEU Q 1175 31.39 -98.39 -33.38
C LEU Q 1175 30.69 -98.25 -32.04
N ASP Q 1176 31.37 -98.55 -30.95
CA ASP Q 1176 30.78 -98.31 -29.63
C ASP Q 1176 31.08 -96.92 -29.12
N SER Q 1177 32.06 -96.23 -29.72
CA SER Q 1177 32.56 -94.98 -29.18
C SER Q 1177 31.73 -93.78 -29.60
N GLN Q 1178 31.02 -93.87 -30.72
CA GLN Q 1178 30.19 -92.77 -31.19
C GLN Q 1178 29.23 -93.31 -32.24
N LEU Q 1179 28.06 -92.72 -32.30
CA LEU Q 1179 27.13 -93.07 -33.36
C LEU Q 1179 27.72 -92.64 -34.69
N MET Q 1180 27.72 -93.55 -35.66
CA MET Q 1180 28.28 -93.30 -36.97
C MET Q 1180 27.21 -92.75 -37.90
N ASP Q 1181 27.66 -92.14 -38.99
CA ASP Q 1181 26.74 -91.74 -40.04
C ASP Q 1181 26.46 -92.92 -40.95
N ILE Q 1182 25.30 -92.88 -41.61
CA ILE Q 1182 24.91 -93.95 -42.53
C ILE Q 1182 26.01 -94.18 -43.54
N THR Q 1183 26.49 -93.10 -44.16
CA THR Q 1183 27.58 -93.22 -45.12
C THR Q 1183 28.79 -93.89 -44.50
N LYS Q 1184 29.15 -93.50 -43.27
CA LYS Q 1184 30.27 -94.14 -42.59
C LYS Q 1184 30.02 -95.62 -42.41
N MET Q 1185 28.83 -95.98 -41.92
CA MET Q 1185 28.52 -97.40 -41.71
C MET Q 1185 28.71 -98.20 -42.98
N PHE Q 1186 28.19 -97.69 -44.10
CA PHE Q 1186 28.27 -98.46 -45.35
C PHE Q 1186 29.70 -98.47 -45.89
N GLY Q 1187 30.44 -97.38 -45.72
CA GLY Q 1187 31.72 -97.25 -46.40
C GLY Q 1187 32.92 -97.77 -45.63
N GLN Q 1188 32.85 -97.78 -44.31
CA GLN Q 1188 34.02 -98.13 -43.49
C GLN Q 1188 33.80 -99.34 -42.60
N TYR Q 1189 32.57 -99.78 -42.39
CA TYR Q 1189 32.31 -100.95 -41.56
C TYR Q 1189 31.62 -102.05 -42.35
N ALA Q 1190 30.59 -101.69 -43.12
CA ALA Q 1190 29.84 -102.71 -43.84
C ALA Q 1190 30.61 -103.26 -45.02
N ASP Q 1191 31.03 -102.39 -45.94
CA ASP Q 1191 31.62 -102.88 -47.19
C ASP Q 1191 32.95 -103.57 -46.96
N PRO Q 1192 33.86 -103.07 -46.13
CA PRO Q 1192 35.20 -103.70 -46.04
C PRO Q 1192 35.17 -105.09 -45.43
N PHE Q 1193 34.05 -105.53 -44.87
CA PHE Q 1193 33.94 -106.86 -44.28
C PHE Q 1193 32.96 -107.76 -45.03
N ARG Q 1194 32.45 -107.31 -46.17
CA ARG Q 1194 31.48 -108.08 -46.97
C ARG Q 1194 30.24 -108.41 -46.13
N LEU Q 1195 29.73 -107.40 -45.43
CA LEU Q 1195 28.60 -107.59 -44.52
C LEU Q 1195 27.29 -107.37 -45.27
N SER Q 1196 26.96 -108.35 -46.12
CA SER Q 1196 25.77 -108.25 -46.96
C SER Q 1196 24.52 -107.99 -46.14
N GLU Q 1197 24.38 -108.66 -44.99
CA GLU Q 1197 23.25 -108.38 -44.12
C GLU Q 1197 23.26 -106.93 -43.68
N CYS Q 1198 24.42 -106.42 -43.28
CA CYS Q 1198 24.52 -105.03 -42.84
C CYS Q 1198 24.26 -104.07 -44.00
N LYS Q 1199 24.77 -104.38 -45.18
CA LYS Q 1199 24.58 -103.49 -46.32
C LYS Q 1199 23.10 -103.44 -46.71
N LEU Q 1200 22.45 -104.60 -46.81
CA LEU Q 1200 21.02 -104.60 -47.12
C LEU Q 1200 20.24 -103.90 -46.04
N ALA Q 1201 20.66 -104.03 -44.78
CA ALA Q 1201 20.00 -103.30 -43.71
C ALA Q 1201 20.09 -101.79 -43.93
N ILE Q 1202 21.32 -101.27 -44.02
CA ILE Q 1202 21.50 -99.82 -44.16
C ILE Q 1202 20.85 -99.32 -45.45
N ILE Q 1203 20.71 -100.20 -46.44
CA ILE Q 1203 20.00 -99.82 -47.66
C ILE Q 1203 18.51 -99.69 -47.39
N HIS Q 1204 17.93 -100.65 -46.66
CA HIS Q 1204 16.54 -100.53 -46.27
C HIS Q 1204 16.31 -99.23 -45.49
N CYS Q 1205 17.22 -98.93 -44.56
CA CYS Q 1205 17.04 -97.74 -43.72
C CYS Q 1205 17.32 -96.46 -44.49
N ALA Q 1206 18.37 -96.45 -45.31
CA ALA Q 1206 18.65 -95.29 -46.14
C ALA Q 1206 17.78 -95.25 -47.40
N GLY Q 1207 16.85 -96.17 -47.55
CA GLY Q 1207 15.89 -96.13 -48.64
C GLY Q 1207 16.47 -96.09 -50.02
N HIS Q 1208 17.74 -96.43 -50.18
CA HIS Q 1208 18.35 -96.50 -51.50
C HIS Q 1208 18.14 -97.90 -52.07
N SER Q 1209 17.44 -97.97 -53.20
CA SER Q 1209 17.08 -99.25 -53.82
C SER Q 1209 17.90 -99.42 -55.10
N ASP Q 1210 18.57 -100.55 -55.23
CA ASP Q 1210 19.24 -100.94 -56.47
C ASP Q 1210 18.92 -102.40 -56.72
N PRO Q 1211 18.09 -102.72 -57.72
CA PRO Q 1211 17.62 -104.11 -57.88
C PRO Q 1211 18.73 -105.11 -58.08
N ILE Q 1212 19.62 -104.85 -59.03
CA ILE Q 1212 20.70 -105.78 -59.31
C ILE Q 1212 21.65 -105.90 -58.12
N LEU Q 1213 22.08 -104.75 -57.59
CA LEU Q 1213 22.97 -104.76 -56.43
C LEU Q 1213 22.33 -105.45 -55.23
N VAL Q 1214 21.02 -105.27 -55.05
CA VAL Q 1214 20.34 -105.93 -53.93
C VAL Q 1214 20.27 -107.43 -54.17
N GLN Q 1215 20.07 -107.84 -55.43
CA GLN Q 1215 20.13 -109.25 -55.77
C GLN Q 1215 21.49 -109.82 -55.42
N THR Q 1216 22.55 -109.09 -55.79
CA THR Q 1216 23.89 -109.50 -55.42
C THR Q 1216 24.06 -109.55 -53.91
N LEU Q 1217 23.43 -108.61 -53.20
CA LEU Q 1217 23.57 -108.58 -51.75
C LEU Q 1217 22.92 -109.79 -51.11
N TRP Q 1218 21.74 -110.16 -51.58
CA TRP Q 1218 21.11 -111.38 -51.09
C TRP Q 1218 21.93 -112.60 -51.47
N GLN Q 1219 22.49 -112.60 -52.68
CA GLN Q 1219 23.36 -113.69 -53.10
C GLN Q 1219 24.55 -113.83 -52.16
N ASP Q 1220 25.18 -112.72 -51.82
CA ASP Q 1220 26.31 -112.76 -50.91
C ASP Q 1220 25.89 -113.19 -49.52
N ILE Q 1221 24.72 -112.73 -49.06
CA ILE Q 1221 24.22 -113.14 -47.76
C ILE Q 1221 24.06 -114.65 -47.71
N ILE Q 1222 23.40 -115.23 -48.72
CA ILE Q 1222 23.13 -116.66 -48.70
C ILE Q 1222 24.41 -117.46 -48.89
N ASP Q 1223 25.24 -117.08 -49.86
CA ASP Q 1223 26.46 -117.82 -50.14
C ASP Q 1223 27.43 -117.73 -48.97
N LYS Q 1224 27.52 -116.59 -48.31
CA LYS Q 1224 28.39 -116.46 -47.15
C LYS Q 1224 27.85 -117.22 -45.95
N GLU Q 1225 26.53 -117.19 -45.74
CA GLU Q 1225 25.94 -118.01 -44.68
C GLU Q 1225 26.25 -119.47 -44.90
N LEU Q 1226 26.19 -119.92 -46.16
CA LEU Q 1226 26.62 -121.28 -46.47
C LEU Q 1226 28.11 -121.46 -46.21
N SER Q 1227 28.92 -120.45 -46.53
CA SER Q 1227 30.37 -120.58 -46.43
C SER Q 1227 30.81 -120.73 -44.98
N ASP Q 1228 30.38 -119.83 -44.11
CA ASP Q 1228 30.74 -119.93 -42.70
C ASP Q 1228 30.07 -121.11 -42.02
N SER Q 1229 29.31 -121.92 -42.78
CA SER Q 1229 28.63 -123.09 -42.26
C SER Q 1229 29.07 -124.39 -42.92
N MET Q 1230 30.13 -124.35 -43.73
CA MET Q 1230 30.61 -125.56 -44.39
C MET Q 1230 30.97 -126.65 -43.39
N VAL Q 1235 22.68 -131.91 -44.03
CA VAL Q 1235 21.69 -131.76 -42.97
C VAL Q 1235 21.92 -130.48 -42.19
N ASP Q 1236 23.15 -130.29 -41.69
CA ASP Q 1236 23.43 -129.12 -40.86
C ASP Q 1236 23.42 -127.83 -41.67
N ARG Q 1237 24.02 -127.87 -42.87
CA ARG Q 1237 24.06 -126.68 -43.70
C ARG Q 1237 22.66 -126.19 -44.05
N MET Q 1238 21.79 -127.12 -44.47
CA MET Q 1238 20.43 -126.76 -44.84
C MET Q 1238 19.67 -126.21 -43.63
N GLN Q 1239 19.83 -126.83 -42.48
CA GLN Q 1239 19.16 -126.35 -41.27
C GLN Q 1239 19.59 -124.93 -40.95
N SER Q 1240 20.89 -124.65 -40.98
CA SER Q 1240 21.37 -123.31 -40.66
C SER Q 1240 20.87 -122.28 -41.67
N LEU Q 1241 20.96 -122.60 -42.96
CA LEU Q 1241 20.54 -121.65 -43.98
C LEU Q 1241 19.05 -121.39 -43.92
N HIS Q 1242 18.25 -122.44 -43.68
CA HIS Q 1242 16.82 -122.25 -43.47
C HIS Q 1242 16.56 -121.36 -42.28
N LEU Q 1243 17.28 -121.57 -41.18
CA LEU Q 1243 17.16 -120.69 -40.03
C LEU Q 1243 17.41 -119.24 -40.41
N LYS Q 1244 18.53 -118.98 -41.09
CA LYS Q 1244 18.91 -117.62 -41.42
C LYS Q 1244 17.89 -116.98 -42.37
N ILE Q 1245 17.48 -117.71 -43.40
CA ILE Q 1245 16.55 -117.17 -44.38
C ILE Q 1245 15.20 -116.93 -43.75
N THR Q 1246 14.73 -117.87 -42.92
CA THR Q 1246 13.51 -117.64 -42.16
C THR Q 1246 13.61 -116.35 -41.39
N SER Q 1247 14.73 -116.13 -40.70
CA SER Q 1247 14.89 -114.92 -39.90
C SER Q 1247 14.79 -113.67 -40.77
N LEU Q 1248 15.63 -113.58 -41.80
CA LEU Q 1248 15.71 -112.35 -42.59
C LEU Q 1248 14.39 -112.07 -43.31
N GLY Q 1249 13.79 -113.11 -43.92
CA GLY Q 1249 12.48 -112.93 -44.52
C GLY Q 1249 11.43 -112.51 -43.51
N LYS Q 1250 11.52 -113.04 -42.29
CA LYS Q 1250 10.56 -112.66 -41.25
C LYS Q 1250 10.62 -111.18 -40.95
N ILE Q 1251 11.76 -110.54 -41.26
CA ILE Q 1251 11.90 -109.11 -41.03
C ILE Q 1251 11.47 -108.30 -42.24
N TYR Q 1252 11.95 -108.69 -43.43
CA TYR Q 1252 11.75 -107.87 -44.62
C TYR Q 1252 10.66 -108.38 -45.56
N ALA Q 1253 9.95 -109.46 -45.22
CA ALA Q 1253 8.92 -109.96 -46.13
C ALA Q 1253 7.74 -109.02 -46.26
N SER Q 1254 7.67 -107.96 -45.45
CA SER Q 1254 6.56 -107.02 -45.55
C SER Q 1254 6.81 -105.94 -46.59
N THR Q 1255 8.05 -105.74 -47.03
CA THR Q 1255 8.41 -104.71 -48.00
C THR Q 1255 9.03 -105.39 -49.21
N PRO Q 1256 8.27 -105.52 -50.31
CA PRO Q 1256 8.77 -106.31 -51.45
C PRO Q 1256 10.04 -105.77 -52.09
N ARG Q 1257 10.50 -104.59 -51.72
CA ARG Q 1257 11.66 -104.00 -52.37
C ARG Q 1257 12.98 -104.45 -51.75
N TYR Q 1258 12.95 -105.05 -50.56
CA TYR Q 1258 14.13 -105.61 -49.95
C TYR Q 1258 14.01 -107.11 -49.69
N PHE Q 1259 12.96 -107.75 -50.19
CA PHE Q 1259 12.75 -109.19 -50.06
C PHE Q 1259 12.51 -109.75 -51.45
N PRO Q 1260 13.55 -109.95 -52.24
CA PRO Q 1260 13.36 -110.41 -53.64
C PRO Q 1260 12.88 -111.87 -53.69
N LEU Q 1261 11.57 -112.03 -53.50
CA LEU Q 1261 10.97 -113.35 -53.34
C LEU Q 1261 11.37 -114.30 -54.47
N GLU Q 1262 11.19 -113.86 -55.72
CA GLU Q 1262 11.46 -114.76 -56.84
C GLU Q 1262 12.93 -115.11 -56.93
N PHE Q 1263 13.81 -114.11 -56.79
CA PHE Q 1263 15.24 -114.37 -56.82
C PHE Q 1263 15.64 -115.30 -55.69
N LEU Q 1264 15.11 -115.05 -54.49
CA LEU Q 1264 15.41 -115.91 -53.36
C LEU Q 1264 14.97 -117.34 -53.63
N VAL Q 1265 13.77 -117.51 -54.19
CA VAL Q 1265 13.24 -118.84 -54.45
C VAL Q 1265 14.12 -119.57 -55.46
N LYS Q 1266 14.47 -118.88 -56.55
CA LYS Q 1266 15.33 -119.50 -57.55
C LYS Q 1266 16.69 -119.86 -56.97
N TYR Q 1267 17.24 -118.98 -56.13
CA TYR Q 1267 18.56 -119.23 -55.55
C TYR Q 1267 18.52 -120.40 -54.58
N LEU Q 1268 17.46 -120.49 -53.78
CA LEU Q 1268 17.34 -121.61 -52.85
C LEU Q 1268 17.11 -122.91 -53.60
N GLU Q 1269 16.35 -122.87 -54.70
CA GLU Q 1269 16.20 -124.06 -55.52
C GLU Q 1269 17.53 -124.50 -56.12
N GLN Q 1270 18.33 -123.54 -56.60
CA GLN Q 1270 19.64 -123.88 -57.14
C GLN Q 1270 20.57 -124.43 -56.06
N GLN Q 1271 20.51 -123.87 -54.86
CA GLN Q 1271 21.35 -124.35 -53.76
C GLN Q 1271 20.95 -125.75 -53.33
N VAL Q 1272 19.64 -126.00 -53.19
CA VAL Q 1272 19.17 -127.36 -52.89
C VAL Q 1272 19.63 -128.33 -53.96
N CYS Q 1273 19.55 -127.92 -55.23
CA CYS Q 1273 20.11 -128.72 -56.30
C CYS Q 1273 21.59 -129.01 -56.04
N ASN Q 1274 22.35 -127.98 -55.65
CA ASN Q 1274 23.79 -128.14 -55.52
C ASN Q 1274 24.14 -129.08 -54.36
N PHE Q 1275 23.40 -129.01 -53.26
CA PHE Q 1275 23.75 -129.76 -52.07
C PHE Q 1275 22.88 -130.99 -51.85
N SER Q 1276 21.99 -131.30 -52.79
CA SER Q 1276 21.17 -132.52 -52.74
C SER Q 1276 20.40 -132.63 -51.42
N TRP Q 1277 19.90 -131.49 -50.95
CA TRP Q 1277 19.11 -131.47 -49.73
C TRP Q 1277 17.70 -131.99 -50.00
N ASP Q 1278 16.89 -132.00 -48.95
CA ASP Q 1278 15.49 -132.37 -49.10
C ASP Q 1278 14.78 -131.33 -49.95
N ALA Q 1279 14.11 -131.79 -51.01
CA ALA Q 1279 13.40 -130.88 -51.90
C ALA Q 1279 12.33 -130.07 -51.17
N GLY Q 1280 11.98 -130.47 -49.94
CA GLY Q 1280 11.00 -129.72 -49.16
C GLY Q 1280 11.56 -128.48 -48.49
N PHE Q 1281 12.84 -128.17 -48.72
CA PHE Q 1281 13.46 -127.04 -48.05
C PHE Q 1281 12.74 -125.73 -48.36
N VAL Q 1282 12.77 -125.32 -49.63
CA VAL Q 1282 12.30 -123.99 -50.01
C VAL Q 1282 10.90 -123.73 -49.49
N THR Q 1283 9.98 -124.66 -49.74
CA THR Q 1283 8.61 -124.49 -49.27
C THR Q 1283 8.57 -124.34 -47.76
N TYR Q 1284 9.28 -125.20 -47.04
CA TYR Q 1284 9.22 -125.16 -45.57
C TYR Q 1284 9.74 -123.84 -45.03
N THR Q 1285 10.94 -123.44 -45.46
CA THR Q 1285 11.53 -122.21 -44.96
C THR Q 1285 10.68 -121.00 -45.33
N MET Q 1286 10.28 -120.89 -46.60
CA MET Q 1286 9.54 -119.71 -47.03
C MET Q 1286 8.17 -119.63 -46.39
N GLN Q 1287 7.50 -120.77 -46.21
CA GLN Q 1287 6.21 -120.76 -45.52
C GLN Q 1287 6.39 -120.46 -44.04
N GLU Q 1288 7.56 -120.80 -43.48
CA GLU Q 1288 7.82 -120.46 -42.09
C GLU Q 1288 7.88 -118.97 -41.86
N ILE Q 1289 8.08 -118.19 -42.92
CA ILE Q 1289 8.19 -116.74 -42.81
C ILE Q 1289 6.89 -116.00 -43.08
N ASN Q 1290 5.75 -116.70 -43.06
CA ASN Q 1290 4.43 -116.12 -43.26
C ASN Q 1290 4.19 -115.73 -44.72
N VAL Q 1291 5.00 -116.24 -45.65
CA VAL Q 1291 4.74 -116.02 -47.06
C VAL Q 1291 3.50 -116.81 -47.45
N PRO Q 1292 2.42 -116.16 -47.86
CA PRO Q 1292 1.22 -116.90 -48.26
C PRO Q 1292 1.52 -117.90 -49.36
N VAL Q 1293 1.09 -119.14 -49.15
CA VAL Q 1293 1.39 -120.26 -50.05
C VAL Q 1293 0.96 -119.93 -51.48
N PRO Q 1294 -0.02 -119.04 -51.67
CA PRO Q 1294 -0.36 -118.65 -53.05
C PRO Q 1294 0.80 -117.99 -53.77
N LYS Q 1295 1.47 -117.04 -53.12
CA LYS Q 1295 2.62 -116.39 -53.74
C LYS Q 1295 3.75 -117.39 -54.00
N LEU Q 1296 3.88 -118.41 -53.15
CA LEU Q 1296 4.91 -119.41 -53.35
C LEU Q 1296 4.59 -120.27 -54.57
N LEU Q 1297 3.37 -120.79 -54.64
CA LEU Q 1297 2.97 -121.55 -55.82
C LEU Q 1297 3.11 -120.71 -57.07
N GLU Q 1298 2.85 -119.41 -56.98
CA GLU Q 1298 2.93 -118.56 -58.16
C GLU Q 1298 4.37 -118.37 -58.61
N VAL Q 1299 5.26 -118.02 -57.69
CA VAL Q 1299 6.66 -117.80 -58.05
C VAL Q 1299 7.27 -119.09 -58.58
N TYR Q 1300 6.95 -120.22 -57.94
CA TYR Q 1300 7.47 -121.49 -58.42
C TYR Q 1300 6.87 -121.87 -59.76
N ASP Q 1301 5.60 -121.56 -59.99
CA ASP Q 1301 4.98 -121.84 -61.27
C ASP Q 1301 5.64 -121.01 -62.37
N HIS Q 1302 5.97 -119.76 -62.07
CA HIS Q 1302 6.69 -118.94 -63.04
C HIS Q 1302 8.07 -119.51 -63.32
N LEU Q 1303 8.83 -119.80 -62.27
CA LEU Q 1303 10.17 -120.37 -62.44
C LEU Q 1303 10.11 -121.66 -63.26
N PHE Q 1304 9.09 -122.48 -63.04
CA PHE Q 1304 8.92 -123.69 -63.84
C PHE Q 1304 8.58 -123.35 -65.28
N LYS Q 1305 7.70 -122.38 -65.48
CA LYS Q 1305 7.36 -121.95 -66.83
C LYS Q 1305 8.55 -121.33 -67.53
N ALA Q 1306 9.44 -120.66 -66.78
CA ALA Q 1306 10.63 -120.07 -67.37
C ALA Q 1306 11.47 -121.09 -68.10
N ARG Q 1307 11.33 -122.37 -67.77
CA ARG Q 1307 12.06 -123.46 -68.43
C ARG Q 1307 13.56 -123.19 -68.41
N ASP Q 1308 14.04 -122.73 -67.27
CA ASP Q 1308 15.44 -122.37 -67.10
C ASP Q 1308 16.34 -123.53 -67.49
N PRO Q 1309 17.28 -123.35 -68.41
CA PRO Q 1309 18.21 -124.44 -68.74
C PRO Q 1309 19.05 -124.89 -67.56
N TRP Q 1310 19.03 -124.17 -66.44
CA TRP Q 1310 19.80 -124.56 -65.27
C TRP Q 1310 19.39 -125.94 -64.76
N TRP Q 1311 18.12 -126.10 -64.37
CA TRP Q 1311 17.68 -127.37 -63.80
C TRP Q 1311 17.88 -128.52 -64.77
N SER Q 1312 17.87 -128.23 -66.06
CA SER Q 1312 18.32 -129.22 -67.03
C SER Q 1312 19.81 -129.51 -66.87
N ARG Q 1313 20.61 -128.46 -66.63
CA ARG Q 1313 22.06 -128.62 -66.66
C ARG Q 1313 22.55 -129.39 -65.44
N MET Q 1314 21.90 -129.21 -64.29
CA MET Q 1314 22.26 -130.00 -63.11
C MET Q 1314 21.63 -131.38 -63.12
N LYS Q 1315 21.04 -131.80 -64.24
CA LYS Q 1315 20.41 -133.10 -64.39
C LYS Q 1315 19.28 -133.33 -63.39
N LYS Q 1316 18.59 -132.25 -63.00
CA LYS Q 1316 17.43 -132.34 -62.11
C LYS Q 1316 16.28 -131.52 -62.69
N PRO Q 1317 15.92 -131.75 -63.95
CA PRO Q 1317 14.83 -130.96 -64.56
C PRO Q 1317 13.51 -131.09 -63.84
N LEU Q 1318 13.25 -132.19 -63.16
CA LEU Q 1318 11.98 -132.42 -62.48
C LEU Q 1318 11.90 -131.79 -61.10
N HIS Q 1319 12.90 -131.00 -60.71
CA HIS Q 1319 12.98 -130.51 -59.33
C HIS Q 1319 11.83 -129.56 -59.01
N LEU Q 1320 11.59 -128.58 -59.88
CA LEU Q 1320 10.61 -127.53 -59.56
C LEU Q 1320 9.20 -128.11 -59.39
N LEU Q 1321 8.85 -129.08 -60.23
CA LEU Q 1321 7.55 -129.73 -60.07
C LEU Q 1321 7.50 -130.51 -58.76
N GLU Q 1322 8.64 -131.05 -58.32
CA GLU Q 1322 8.68 -131.74 -57.04
C GLU Q 1322 8.45 -130.77 -55.89
N SER Q 1323 9.05 -129.57 -55.97
CA SER Q 1323 8.84 -128.57 -54.92
C SER Q 1323 7.40 -128.09 -54.90
N ILE Q 1324 6.82 -127.86 -56.08
CA ILE Q 1324 5.40 -127.51 -56.16
C ILE Q 1324 4.54 -128.61 -55.57
N TYR Q 1325 4.86 -129.87 -55.87
CA TYR Q 1325 4.10 -131.00 -55.34
C TYR Q 1325 4.22 -131.07 -53.82
N ILE Q 1326 5.41 -130.80 -53.28
CA ILE Q 1326 5.60 -130.83 -51.83
C ILE Q 1326 4.75 -129.74 -51.17
N LEU Q 1327 4.82 -128.52 -51.69
CA LEU Q 1327 3.99 -127.43 -51.16
C LEU Q 1327 2.51 -127.78 -51.25
N LEU Q 1328 2.10 -128.38 -52.38
CA LEU Q 1328 0.68 -128.69 -52.58
C LEU Q 1328 0.22 -129.82 -51.66
N SER Q 1329 1.09 -130.81 -51.41
CA SER Q 1329 0.74 -131.88 -50.48
C SER Q 1329 0.61 -131.34 -49.06
N GLY Q 1330 1.59 -130.55 -48.62
CA GLY Q 1330 1.47 -129.89 -47.33
C GLY Q 1330 0.21 -129.05 -47.23
N TYR Q 1331 -0.21 -128.46 -48.34
CA TYR Q 1331 -1.48 -127.74 -48.36
C TYR Q 1331 -2.66 -128.70 -48.16
N VAL Q 1332 -2.66 -129.81 -48.90
CA VAL Q 1332 -3.79 -130.75 -48.85
C VAL Q 1332 -3.95 -131.31 -47.45
N GLN Q 1333 -2.84 -131.52 -46.74
CA GLN Q 1333 -2.95 -132.05 -45.39
C GLN Q 1333 -3.34 -130.96 -44.39
N GLU Q 1334 -3.35 -129.70 -44.81
CA GLU Q 1334 -3.65 -128.59 -43.92
C GLU Q 1334 -3.96 -127.31 -44.67
N ARG Q 1344 -11.39 -121.89 -51.74
CA ARG Q 1344 -11.69 -122.71 -52.91
C ARG Q 1344 -10.95 -122.18 -54.14
N ARG Q 1345 -10.84 -120.86 -54.24
CA ARG Q 1345 -10.17 -120.26 -55.40
C ARG Q 1345 -8.71 -120.70 -55.48
N PHE Q 1346 -8.01 -120.71 -54.34
CA PHE Q 1346 -6.65 -121.20 -54.32
C PHE Q 1346 -6.59 -122.65 -54.76
N THR Q 1347 -7.54 -123.48 -54.31
CA THR Q 1347 -7.56 -124.88 -54.70
C THR Q 1347 -7.79 -125.05 -56.19
N THR Q 1348 -8.73 -124.28 -56.75
CA THR Q 1348 -8.98 -124.34 -58.19
C THR Q 1348 -7.73 -123.94 -58.96
N LEU Q 1349 -7.06 -122.88 -58.51
CA LEU Q 1349 -5.82 -122.47 -59.15
C LEU Q 1349 -4.79 -123.58 -59.10
N CYS Q 1350 -4.67 -124.26 -57.96
CA CYS Q 1350 -3.71 -125.34 -57.83
C CYS Q 1350 -4.04 -126.49 -58.77
N LEU Q 1351 -5.33 -126.79 -58.93
CA LEU Q 1351 -5.72 -127.85 -59.86
C LEU Q 1351 -5.37 -127.47 -61.30
N ASP Q 1352 -5.61 -126.22 -61.68
CA ASP Q 1352 -5.23 -125.77 -63.01
C ASP Q 1352 -3.72 -125.86 -63.21
N ALA Q 1353 -2.97 -125.40 -62.22
CA ALA Q 1353 -1.51 -125.46 -62.29
C ALA Q 1353 -1.03 -126.89 -62.42
N ILE Q 1354 -1.65 -127.81 -61.68
CA ILE Q 1354 -1.24 -129.20 -61.71
C ILE Q 1354 -1.57 -129.82 -63.05
N SER Q 1355 -2.72 -129.48 -63.63
CA SER Q 1355 -3.04 -129.94 -64.97
C SER Q 1355 -1.97 -129.50 -65.95
N CYS Q 1356 -1.60 -128.22 -65.91
CA CYS Q 1356 -0.61 -127.71 -66.84
C CYS Q 1356 0.75 -128.39 -66.63
N TYR Q 1357 1.16 -128.55 -65.37
CA TYR Q 1357 2.45 -129.15 -65.07
C TYR Q 1357 2.47 -130.61 -65.48
N LEU Q 1358 1.35 -131.31 -65.32
CA LEU Q 1358 1.28 -132.70 -65.75
C LEU Q 1358 1.37 -132.79 -67.27
N VAL Q 1359 0.74 -131.86 -67.98
CA VAL Q 1359 0.88 -131.83 -69.43
C VAL Q 1359 2.35 -131.66 -69.82
N GLU Q 1360 3.02 -130.70 -69.19
CA GLU Q 1360 4.44 -130.48 -69.48
C GLU Q 1360 5.28 -131.72 -69.17
N LEU Q 1361 5.01 -132.37 -68.04
CA LEU Q 1361 5.82 -133.51 -67.63
C LEU Q 1361 5.58 -134.71 -68.52
N GLN Q 1362 4.32 -134.93 -68.93
CA GLN Q 1362 4.04 -135.99 -69.89
C GLN Q 1362 4.57 -135.64 -71.27
N SER Q 1363 4.88 -134.37 -71.52
CA SER Q 1363 5.53 -133.98 -72.76
C SER Q 1363 7.01 -134.31 -72.79
N MET Q 1364 7.63 -134.54 -71.64
CA MET Q 1364 9.06 -134.82 -71.56
C MET Q 1364 9.33 -136.32 -71.66
N ASP Q 1365 10.59 -136.66 -71.90
CA ASP Q 1365 10.97 -138.05 -72.04
C ASP Q 1365 10.72 -138.80 -70.74
N PRO Q 1366 10.12 -140.01 -70.78
CA PRO Q 1366 9.77 -140.71 -69.53
C PRO Q 1366 10.98 -141.28 -68.81
N ALA Q 1367 11.38 -140.64 -67.79
CA ALA Q 1367 12.42 -141.15 -66.92
C ALA Q 1367 11.80 -141.66 -65.63
N PRO Q 1368 12.59 -142.27 -64.74
CA PRO Q 1368 12.03 -142.68 -63.45
C PRO Q 1368 11.62 -141.50 -62.57
N ALA Q 1369 12.48 -140.49 -62.46
CA ALA Q 1369 12.14 -139.32 -61.64
C ALA Q 1369 10.94 -138.58 -62.22
N LEU Q 1370 10.92 -138.35 -63.53
CA LEU Q 1370 9.81 -137.63 -64.14
C LEU Q 1370 8.50 -138.42 -64.02
N LEU Q 1371 8.57 -139.75 -64.12
CA LEU Q 1371 7.36 -140.54 -64.01
C LEU Q 1371 6.84 -140.58 -62.59
N ASN Q 1372 7.74 -140.71 -61.61
CA ASN Q 1372 7.33 -140.61 -60.22
C ASN Q 1372 6.77 -139.22 -59.92
N THR Q 1373 7.29 -138.20 -60.60
CA THR Q 1373 6.70 -136.86 -60.51
C THR Q 1373 5.29 -136.84 -61.07
N VAL Q 1374 5.08 -137.52 -62.20
CA VAL Q 1374 3.74 -137.66 -62.76
C VAL Q 1374 2.80 -138.28 -61.74
N SER Q 1375 3.23 -139.37 -61.10
CA SER Q 1375 2.39 -140.06 -60.14
C SER Q 1375 2.12 -139.19 -58.91
N ASN Q 1376 3.15 -138.52 -58.40
CA ASN Q 1376 2.96 -137.65 -57.24
C ASN Q 1376 2.01 -136.51 -57.55
N PHE Q 1377 2.15 -135.90 -58.73
CA PHE Q 1377 1.23 -134.84 -59.12
C PHE Q 1377 -0.19 -135.39 -59.30
N LYS Q 1378 -0.32 -136.64 -59.75
CA LYS Q 1378 -1.65 -137.25 -59.87
C LYS Q 1378 -2.30 -137.43 -58.49
N SER Q 1379 -1.54 -137.97 -57.54
CA SER Q 1379 -2.07 -138.11 -56.18
C SER Q 1379 -2.37 -136.75 -55.57
N LEU Q 1380 -1.56 -135.75 -55.88
CA LEU Q 1380 -1.84 -134.40 -55.43
C LEU Q 1380 -3.11 -133.86 -56.07
N GLN Q 1381 -3.37 -134.23 -57.33
CA GLN Q 1381 -4.62 -133.89 -57.97
C GLN Q 1381 -5.79 -134.51 -57.23
N ALA Q 1382 -5.65 -135.78 -56.84
CA ALA Q 1382 -6.71 -136.46 -56.10
C ALA Q 1382 -6.94 -135.83 -54.73
N LYS Q 1383 -5.87 -135.40 -54.06
CA LYS Q 1383 -6.01 -134.78 -52.75
C LYS Q 1383 -6.64 -133.40 -52.85
N LEU Q 1384 -6.18 -132.59 -53.80
CA LEU Q 1384 -6.80 -131.29 -54.04
C LEU Q 1384 -8.25 -131.44 -54.50
N GLU Q 1385 -8.58 -132.57 -55.14
CA GLU Q 1385 -9.94 -132.81 -55.56
C GLU Q 1385 -10.85 -133.14 -54.38
N ARG Q 1386 -10.46 -134.13 -53.57
CA ARG Q 1386 -11.22 -134.41 -52.36
C ARG Q 1386 -11.28 -133.20 -51.44
N LEU Q 1387 -10.28 -132.32 -51.51
CA LEU Q 1387 -10.26 -131.13 -50.67
C LEU Q 1387 -11.05 -129.98 -51.27
N SER Q 1388 -11.52 -130.12 -52.51
CA SER Q 1388 -12.29 -129.05 -53.15
C SER Q 1388 -13.77 -129.17 -52.82
N LEU R 33 24.68 40.48 -46.02
CA LEU R 33 24.76 40.54 -44.55
C LEU R 33 23.88 39.46 -43.91
N GLN R 34 23.06 38.80 -44.72
CA GLN R 34 22.20 37.75 -44.20
C GLN R 34 22.97 36.47 -43.95
N GLU R 35 24.01 36.21 -44.76
CA GLU R 35 24.94 35.15 -44.41
C GLU R 35 25.71 35.50 -43.15
N ILE R 36 26.11 36.77 -43.01
CA ILE R 36 26.80 37.21 -41.80
C ILE R 36 25.82 37.33 -40.64
N GLN R 37 24.54 37.58 -40.92
CA GLN R 37 23.54 37.64 -39.85
C GLN R 37 23.21 36.25 -39.32
N GLN R 38 22.95 35.30 -40.21
CA GLN R 38 22.89 33.90 -39.81
C GLN R 38 24.17 33.48 -39.12
N ALA R 39 25.31 34.04 -39.54
CA ALA R 39 26.57 33.72 -38.89
C ALA R 39 26.56 34.20 -37.45
N GLY R 40 26.19 35.46 -37.21
CA GLY R 40 26.11 35.96 -35.85
C GLY R 40 25.14 35.17 -35.00
N GLU R 41 23.97 34.86 -35.56
CA GLU R 41 22.92 34.17 -34.79
C GLU R 41 23.29 32.71 -34.51
N ARG R 42 23.68 31.96 -35.54
CA ARG R 42 24.07 30.56 -35.37
C ARG R 42 25.37 30.43 -34.58
N LEU R 43 26.31 31.36 -34.76
CA LEU R 43 27.49 31.41 -33.91
C LEU R 43 27.11 31.63 -32.47
N ARG R 44 26.08 32.45 -32.23
CA ARG R 44 25.46 32.49 -30.91
C ARG R 44 24.84 31.14 -30.56
N SER R 45 24.42 30.39 -31.58
CA SER R 45 23.78 29.10 -31.33
C SER R 45 24.82 28.01 -31.09
N LYS R 46 25.67 27.74 -32.07
CA LYS R 46 26.68 26.69 -31.94
C LYS R 46 27.81 27.14 -31.02
N ASP R 97 28.75 9.71 -50.96
CA ASP R 97 29.70 8.79 -50.35
C ASP R 97 29.37 7.35 -50.73
N ILE R 98 29.77 6.97 -51.95
CA ILE R 98 29.60 5.59 -52.39
C ILE R 98 30.14 4.63 -51.35
N GLN R 99 31.41 4.78 -50.99
CA GLN R 99 31.96 4.01 -49.89
C GLN R 99 31.20 4.29 -48.60
N GLY R 100 30.81 5.55 -48.37
CA GLY R 100 30.04 5.87 -47.18
C GLY R 100 28.67 5.22 -47.18
N PHE R 101 28.07 5.10 -48.35
CA PHE R 101 26.84 4.32 -48.45
C PHE R 101 27.12 2.86 -48.08
N LEU R 102 28.18 2.29 -48.64
CA LEU R 102 28.60 0.93 -48.24
C LEU R 102 28.77 0.85 -46.73
N LYS R 103 29.19 1.96 -46.12
CA LYS R 103 29.48 1.95 -44.69
C LYS R 103 28.20 1.99 -43.87
N ASN R 104 27.24 2.82 -44.28
CA ASN R 104 25.93 2.78 -43.62
C ASN R 104 25.32 1.39 -43.76
N GLU R 105 25.55 0.75 -44.91
CA GLU R 105 25.13 -0.63 -45.07
C GLU R 105 25.81 -1.55 -44.05
N LYS R 106 27.12 -1.39 -43.88
CA LYS R 106 27.84 -2.21 -42.92
C LYS R 106 27.28 -2.01 -41.51
N ASP R 107 27.05 -0.75 -41.13
CA ASP R 107 26.50 -0.48 -39.80
C ASP R 107 25.14 -1.14 -39.63
N ASN R 108 24.34 -1.15 -40.69
CA ASN R 108 23.06 -1.86 -40.63
C ASN R 108 23.27 -3.35 -40.38
N ALA R 109 24.16 -3.98 -41.15
CA ALA R 109 24.42 -5.40 -40.94
C ALA R 109 24.87 -5.67 -39.51
N LEU R 110 25.65 -4.76 -38.95
CA LEU R 110 26.11 -4.96 -37.59
C LEU R 110 24.95 -4.92 -36.61
N LEU R 111 24.27 -3.78 -36.52
CA LEU R 111 23.13 -3.66 -35.61
C LEU R 111 22.21 -4.85 -35.77
N SER R 112 22.10 -5.36 -37.00
CA SER R 112 21.35 -6.58 -37.22
C SER R 112 21.89 -7.73 -36.37
N ALA R 113 23.14 -8.15 -36.64
CA ALA R 113 23.68 -9.33 -35.95
C ALA R 113 23.54 -9.22 -34.43
N ILE R 114 23.69 -7.99 -33.91
CA ILE R 114 23.54 -7.79 -32.47
C ILE R 114 22.11 -8.11 -32.03
N GLU R 115 21.13 -7.46 -32.65
CA GLU R 115 19.75 -7.77 -32.29
C GLU R 115 19.45 -9.25 -32.45
N GLU R 116 20.15 -9.91 -33.39
CA GLU R 116 19.93 -11.33 -33.62
C GLU R 116 20.30 -12.15 -32.41
N SER R 117 21.52 -11.95 -31.90
CA SER R 117 21.89 -12.64 -30.68
C SER R 117 20.90 -12.34 -29.56
N ARG R 118 20.45 -11.08 -29.48
CA ARG R 118 19.48 -10.73 -28.44
C ARG R 118 18.21 -11.59 -28.57
N LYS R 119 17.76 -11.79 -29.80
CA LYS R 119 16.57 -12.60 -30.01
C LYS R 119 16.80 -14.04 -29.57
N ARG R 120 17.93 -14.62 -29.98
CA ARG R 120 18.22 -16.00 -29.56
C ARG R 120 18.18 -16.11 -28.04
N THR R 121 18.68 -15.09 -27.36
CA THR R 121 18.61 -15.09 -25.90
C THR R 121 17.18 -15.14 -25.41
N PHE R 122 16.37 -14.17 -25.81
CA PHE R 122 14.99 -14.13 -25.33
C PHE R 122 14.27 -15.44 -25.64
N VAL R 123 14.64 -16.07 -26.75
CA VAL R 123 14.01 -17.33 -27.13
C VAL R 123 14.33 -18.40 -26.11
N MET R 124 15.62 -18.63 -25.86
CA MET R 124 16.00 -19.62 -24.85
C MET R 124 15.36 -19.30 -23.50
N ALA R 125 15.15 -18.02 -23.22
CA ALA R 125 14.51 -17.64 -21.96
C ALA R 125 13.10 -18.18 -21.86
N GLU R 126 12.29 -17.91 -22.88
CA GLU R 126 10.94 -18.44 -22.87
C GLU R 126 10.95 -19.96 -22.81
N GLU R 127 11.87 -20.60 -23.54
CA GLU R 127 11.94 -22.06 -23.53
C GLU R 127 12.21 -22.58 -22.12
N TYR R 128 13.06 -21.90 -21.38
CA TYR R 128 13.34 -22.32 -20.01
C TYR R 128 12.10 -22.17 -19.16
N HIS R 129 11.43 -21.01 -19.22
CA HIS R 129 10.21 -20.85 -18.42
C HIS R 129 9.16 -21.88 -18.81
N ARG R 130 9.22 -22.36 -20.06
CA ARG R 130 8.23 -23.29 -20.55
C ARG R 130 8.49 -24.69 -20.01
N GLU R 131 9.70 -25.21 -20.23
CA GLU R 131 10.04 -26.48 -19.60
C GLU R 131 9.85 -26.41 -18.09
N SER R 132 10.02 -25.22 -17.51
CA SER R 132 9.75 -25.02 -16.09
C SER R 132 8.30 -25.33 -15.76
N MET R 133 7.37 -24.60 -16.37
CA MET R 133 5.96 -24.87 -16.10
C MET R 133 5.59 -26.31 -16.44
N LEU R 134 6.33 -26.92 -17.38
CA LEU R 134 6.06 -28.32 -17.72
C LEU R 134 6.41 -29.24 -16.57
N VAL R 135 7.57 -29.03 -15.98
CA VAL R 135 7.93 -29.80 -14.79
C VAL R 135 6.94 -29.50 -13.66
N GLU R 136 6.48 -28.25 -13.59
CA GLU R 136 5.45 -27.90 -12.61
C GLU R 136 4.20 -28.75 -12.80
N TRP R 137 3.83 -28.97 -14.06
CA TRP R 137 2.64 -29.77 -14.35
C TRP R 137 2.86 -31.23 -13.99
N GLU R 138 4.04 -31.76 -14.33
CA GLU R 138 4.33 -33.13 -13.94
C GLU R 138 4.32 -33.30 -12.43
N GLN R 139 4.76 -32.27 -11.71
CA GLN R 139 4.70 -32.32 -10.27
C GLN R 139 3.26 -32.29 -9.78
N VAL R 140 2.45 -31.44 -10.38
CA VAL R 140 1.02 -31.44 -10.08
C VAL R 140 0.45 -32.84 -10.29
N LYS R 141 0.87 -33.51 -11.35
CA LYS R 141 0.35 -34.85 -11.64
C LYS R 141 0.82 -35.86 -10.60
N GLN R 142 2.08 -35.78 -10.20
CA GLN R 142 2.58 -36.66 -9.15
C GLN R 142 1.80 -36.46 -7.86
N ARG R 143 1.58 -35.21 -7.47
CA ARG R 143 0.78 -34.94 -6.28
C ARG R 143 -0.63 -35.46 -6.44
N VAL R 144 -1.16 -35.40 -7.66
CA VAL R 144 -2.48 -35.93 -7.93
C VAL R 144 -2.52 -37.43 -7.66
N LEU R 145 -1.61 -38.17 -8.29
CA LEU R 145 -1.54 -39.61 -8.06
C LEU R 145 -1.35 -39.91 -6.59
N HIS R 146 -0.67 -39.01 -5.87
CA HIS R 146 -0.64 -39.12 -4.42
C HIS R 146 -2.04 -38.95 -3.83
N THR R 147 -2.81 -38.01 -4.36
CA THR R 147 -4.13 -37.74 -3.83
C THR R 147 -5.20 -38.52 -4.59
N ASP R 179 -3.61 -48.95 14.68
CA ASP R 179 -4.41 -49.10 15.88
C ASP R 179 -3.89 -50.22 16.75
N ASN R 180 -4.69 -50.60 17.74
CA ASN R 180 -4.30 -51.68 18.62
C ASN R 180 -3.96 -52.95 17.85
N VAL R 181 -4.86 -53.39 16.97
CA VAL R 181 -4.57 -54.57 16.16
C VAL R 181 -3.31 -54.35 15.36
N GLU R 182 -3.20 -53.18 14.74
CA GLU R 182 -2.00 -52.85 14.00
C GLU R 182 -0.79 -52.83 14.92
N MET R 183 -0.93 -52.27 16.12
CA MET R 183 0.19 -52.25 17.06
C MET R 183 0.66 -53.66 17.37
N ALA R 184 -0.29 -54.58 17.50
CA ALA R 184 0.06 -55.96 17.81
C ALA R 184 0.81 -56.60 16.64
N TYR R 185 0.23 -56.54 15.45
CA TYR R 185 0.91 -57.09 14.29
C TYR R 185 2.27 -56.43 14.10
N ALA R 186 2.39 -55.16 14.47
CA ALA R 186 3.64 -54.45 14.27
C ALA R 186 4.71 -54.93 15.22
N ARG R 187 4.35 -55.12 16.50
CA ARG R 187 5.30 -55.73 17.41
C ARG R 187 5.73 -57.10 16.90
N GLN R 188 4.77 -57.87 16.35
CA GLN R 188 5.12 -59.16 15.78
C GLN R 188 6.16 -59.01 14.69
N MET R 189 5.95 -58.08 13.78
CA MET R 189 6.91 -57.88 12.71
C MET R 189 8.25 -57.41 13.26
N TYR R 190 8.22 -56.60 14.33
CA TYR R 190 9.46 -56.19 14.95
C TYR R 190 10.25 -57.41 15.38
N MET R 191 9.58 -58.34 16.04
CA MET R 191 10.24 -59.57 16.46
C MET R 191 10.74 -60.36 15.27
N TYR R 192 9.93 -60.44 14.22
CA TYR R 192 10.35 -61.14 13.01
C TYR R 192 11.64 -60.54 12.46
N ASN R 193 11.66 -59.23 12.26
CA ASN R 193 12.85 -58.53 11.80
C ASN R 193 14.04 -58.89 12.65
N GLU R 194 13.89 -58.80 13.98
CA GLU R 194 14.96 -59.19 14.87
C GLU R 194 15.46 -60.59 14.54
N LYS R 195 14.54 -61.53 14.36
CA LYS R 195 14.95 -62.90 14.10
C LYS R 195 15.72 -63.00 12.80
N VAL R 196 15.26 -62.33 11.76
CA VAL R 196 15.84 -62.50 10.44
C VAL R 196 17.24 -61.91 10.39
N VAL R 197 17.47 -60.85 11.16
CA VAL R 197 18.72 -60.13 11.11
C VAL R 197 19.90 -61.02 11.39
N SER R 204 8.01 -67.54 11.05
CA SER R 204 6.94 -67.32 10.10
C SER R 204 6.05 -66.17 10.54
N LEU R 205 6.09 -65.09 9.77
CA LEU R 205 5.15 -63.99 10.02
C LEU R 205 3.72 -64.47 10.02
N VAL R 206 3.46 -65.60 9.34
CA VAL R 206 2.14 -66.20 9.35
C VAL R 206 1.70 -66.49 10.78
N ASP R 207 2.48 -67.28 11.51
CA ASP R 207 2.09 -67.68 12.85
C ASP R 207 2.03 -66.48 13.78
N LEU R 208 2.96 -65.53 13.62
CA LEU R 208 2.92 -64.34 14.46
C LEU R 208 1.63 -63.56 14.25
N CYS R 209 1.29 -63.32 12.98
CA CYS R 209 0.04 -62.65 12.69
C CYS R 209 -1.15 -63.43 13.22
N THR R 210 -1.12 -64.75 13.13
CA THR R 210 -2.23 -65.56 13.60
C THR R 210 -2.40 -65.44 15.11
N GLU R 211 -1.28 -65.49 15.83
CA GLU R 211 -1.34 -65.33 17.28
C GLU R 211 -1.83 -63.95 17.64
N ALA R 212 -1.49 -62.95 16.82
CA ALA R 212 -2.07 -61.62 17.01
C ALA R 212 -3.57 -61.66 16.74
N ALA R 213 -3.99 -62.42 15.75
CA ALA R 213 -5.40 -62.49 15.37
C ALA R 213 -6.23 -63.04 16.52
N GLU R 214 -5.85 -64.21 17.03
CA GLU R 214 -6.53 -64.76 18.19
C GLU R 214 -6.60 -63.73 19.32
N ARG R 215 -5.53 -62.95 19.51
CA ARG R 215 -5.53 -61.92 20.52
C ARG R 215 -6.47 -60.78 20.21
N LEU R 216 -6.86 -60.62 18.95
CA LEU R 216 -7.76 -59.53 18.59
C LEU R 216 -9.21 -59.76 18.99
N ASP R 217 -9.63 -61.03 19.12
CA ASP R 217 -10.99 -61.41 19.50
C ASP R 217 -12.02 -61.20 18.39
N ASP R 218 -11.62 -61.31 17.11
CA ASP R 218 -12.54 -61.16 15.99
C ASP R 218 -12.60 -62.48 15.23
N LYS R 219 -13.73 -63.16 15.33
CA LYS R 219 -13.88 -64.47 14.69
C LYS R 219 -13.60 -64.39 13.20
N ASN R 220 -14.27 -63.47 12.51
CA ASN R 220 -14.13 -63.41 11.05
C ASN R 220 -12.67 -63.53 10.65
N VAL R 221 -11.81 -62.70 11.24
CA VAL R 221 -10.39 -62.77 10.92
C VAL R 221 -9.81 -64.06 11.47
N SER R 222 -10.36 -64.58 12.57
CA SER R 222 -9.82 -65.83 13.10
C SER R 222 -9.91 -66.91 12.04
N ASP R 223 -11.12 -67.21 11.59
CA ASP R 223 -11.28 -68.12 10.48
C ASP R 223 -10.40 -67.74 9.32
N LEU R 224 -10.49 -66.49 8.87
CA LEU R 224 -9.77 -66.07 7.68
C LEU R 224 -8.30 -66.45 7.79
N TRP R 225 -7.65 -66.01 8.85
CA TRP R 225 -6.25 -66.33 9.03
C TRP R 225 -6.04 -67.82 9.14
N VAL R 226 -6.99 -68.56 9.69
CA VAL R 226 -6.82 -70.00 9.74
C VAL R 226 -6.76 -70.56 8.34
N MET R 227 -7.66 -70.10 7.49
CA MET R 227 -7.60 -70.44 6.09
C MET R 227 -6.29 -70.00 5.48
N VAL R 228 -5.81 -68.84 5.90
CA VAL R 228 -4.54 -68.33 5.39
C VAL R 228 -3.45 -69.34 5.65
N LYS R 229 -3.29 -69.72 6.91
CA LYS R 229 -2.30 -70.72 7.26
C LYS R 229 -2.52 -71.99 6.45
N GLN R 230 -3.75 -72.50 6.46
CA GLN R 230 -4.04 -73.76 5.80
C GLN R 230 -3.61 -73.72 4.34
N MET R 231 -4.20 -72.82 3.56
CA MET R 231 -3.85 -72.71 2.17
C MET R 231 -2.37 -72.44 1.96
N THR R 232 -1.77 -71.63 2.81
CA THR R 232 -0.37 -71.27 2.67
C THR R 232 0.56 -72.46 2.81
N ASP R 233 0.11 -73.54 3.42
CA ASP R 233 0.95 -74.71 3.57
C ASP R 233 1.15 -75.38 2.24
N ASP R 241 10.74 -68.01 -10.27
CA ASP R 241 9.68 -67.12 -10.73
C ASP R 241 8.32 -67.52 -10.18
N THR R 242 7.91 -66.82 -9.11
CA THR R 242 6.60 -67.08 -8.50
C THR R 242 5.51 -67.16 -9.55
N LEU R 243 5.61 -66.36 -10.62
CA LEU R 243 4.66 -66.47 -11.71
C LEU R 243 4.51 -67.91 -12.16
N LYS R 244 5.61 -68.52 -12.59
CA LYS R 244 5.54 -69.88 -13.13
C LYS R 244 5.01 -70.87 -12.10
N SER R 245 5.42 -70.73 -10.84
CA SER R 245 4.98 -71.67 -9.82
C SER R 245 3.47 -71.55 -9.58
N ARG R 246 2.98 -70.33 -9.41
CA ARG R 246 1.53 -70.13 -9.27
C ARG R 246 0.78 -70.81 -10.40
N CYS R 247 1.46 -71.01 -11.54
CA CYS R 247 0.92 -71.75 -12.66
C CYS R 247 1.45 -73.17 -12.75
N SER R 248 2.07 -73.69 -11.69
CA SER R 248 2.57 -75.06 -11.74
C SER R 248 1.44 -76.05 -11.51
N GLY R 249 1.45 -77.13 -12.28
CA GLY R 249 0.40 -78.13 -12.17
C GLY R 249 0.25 -78.65 -10.76
N GLN R 250 1.32 -79.24 -10.23
CA GLN R 250 1.27 -79.75 -8.87
C GLN R 250 0.91 -78.65 -7.89
N MET R 251 1.29 -77.41 -8.19
CA MET R 251 0.98 -76.32 -7.27
C MET R 251 -0.52 -76.08 -7.19
N GLN R 252 -1.19 -75.99 -8.33
CA GLN R 252 -2.63 -75.83 -8.32
C GLN R 252 -3.30 -77.05 -7.68
N MET R 253 -2.80 -78.25 -7.99
CA MET R 253 -3.38 -79.46 -7.43
C MET R 253 -3.29 -79.45 -5.91
N ALA R 254 -2.16 -79.03 -5.37
CA ALA R 254 -2.05 -78.89 -3.93
C ALA R 254 -3.03 -77.85 -3.41
N PHE R 255 -2.91 -76.60 -3.88
CA PHE R 255 -3.80 -75.53 -3.43
C PHE R 255 -5.24 -76.02 -3.38
N VAL R 256 -5.64 -76.80 -4.37
CA VAL R 256 -6.98 -77.37 -4.39
C VAL R 256 -7.17 -78.36 -3.25
N ARG R 257 -6.27 -79.33 -3.13
CA ARG R 257 -6.42 -80.32 -2.07
C ARG R 257 -6.53 -79.65 -0.71
N GLN R 258 -5.75 -78.59 -0.51
CA GLN R 258 -5.75 -77.89 0.77
C GLN R 258 -7.05 -77.17 1.01
N ALA R 259 -7.50 -76.37 0.05
CA ALA R 259 -8.78 -75.71 0.20
C ALA R 259 -9.89 -76.72 0.43
N LEU R 260 -9.80 -77.88 -0.22
CA LEU R 260 -10.84 -78.89 -0.12
C LEU R 260 -10.87 -79.50 1.27
N ASN R 261 -9.69 -79.87 1.77
CA ASN R 261 -9.60 -80.35 3.14
C ASN R 261 -10.16 -79.31 4.11
N TYR R 262 -9.83 -78.04 3.89
CA TYR R 262 -10.37 -76.97 4.72
C TYR R 262 -11.89 -77.01 4.75
N LEU R 263 -12.50 -77.00 3.57
CA LEU R 263 -13.96 -77.02 3.51
C LEU R 263 -14.52 -78.28 4.15
N GLU R 264 -13.86 -79.40 3.93
CA GLU R 264 -14.30 -80.66 4.52
C GLU R 264 -14.38 -80.56 6.02
N GLN R 265 -13.30 -80.08 6.64
CA GLN R 265 -13.31 -79.94 8.08
C GLN R 265 -14.41 -78.99 8.51
N SER R 266 -14.62 -77.92 7.74
CA SER R 266 -15.67 -76.97 8.07
C SER R 266 -17.02 -77.68 8.16
N TYR R 267 -17.34 -78.50 7.15
CA TYR R 267 -18.63 -79.18 7.16
C TYR R 267 -18.70 -80.20 8.28
N LYS R 268 -17.59 -80.89 8.54
CA LYS R 268 -17.57 -81.82 9.66
C LYS R 268 -17.95 -81.11 10.95
N ASN R 269 -17.35 -79.96 11.20
CA ASN R 269 -17.66 -79.20 12.40
C ASN R 269 -19.10 -78.73 12.41
N TYR R 270 -19.59 -78.27 11.25
CA TYR R 270 -20.97 -77.84 11.17
C TYR R 270 -21.92 -78.96 11.57
N THR R 271 -21.73 -80.14 10.97
CA THR R 271 -22.61 -81.27 11.25
C THR R 271 -22.51 -81.68 12.71
N LEU R 272 -21.30 -81.69 13.24
CA LEU R 272 -21.12 -82.03 14.65
C LEU R 272 -21.92 -81.09 15.54
N ILE R 273 -21.80 -79.79 15.28
CA ILE R 273 -22.56 -78.79 16.03
C ILE R 273 -24.05 -79.09 15.92
N SER R 274 -24.54 -79.38 14.71
CA SER R 274 -25.96 -79.61 14.52
C SER R 274 -26.45 -80.80 15.33
N VAL R 275 -25.74 -81.92 15.27
CA VAL R 275 -26.17 -83.10 16.00
C VAL R 275 -26.11 -82.85 17.49
N PHE R 276 -25.06 -82.19 17.96
CA PHE R 276 -24.97 -81.89 19.38
C PHE R 276 -26.11 -81.00 19.83
N ALA R 277 -26.63 -80.16 18.94
CA ALA R 277 -27.72 -79.27 19.33
C ALA R 277 -29.08 -79.94 19.22
N ASN R 278 -29.21 -80.98 18.39
CA ASN R 278 -30.46 -81.71 18.23
C ASN R 278 -30.33 -83.13 18.78
N LEU R 279 -29.49 -83.28 19.81
CA LEU R 279 -29.35 -84.57 20.51
C LEU R 279 -30.66 -85.34 20.61
N GLN R 280 -31.75 -84.66 20.94
CA GLN R 280 -33.04 -85.33 20.97
C GLN R 280 -33.37 -85.97 19.62
N GLN R 281 -32.99 -85.32 18.52
CA GLN R 281 -33.44 -85.77 17.22
C GLN R 281 -32.44 -86.71 16.55
N ALA R 282 -31.16 -86.42 16.69
CA ALA R 282 -30.15 -87.13 15.89
C ALA R 282 -29.91 -88.54 16.42
N GLN R 283 -30.20 -88.78 17.70
CA GLN R 283 -29.97 -90.07 18.33
C GLN R 283 -28.52 -90.53 18.08
N LEU R 284 -27.58 -89.76 18.60
CA LEU R 284 -26.17 -89.95 18.30
C LEU R 284 -25.67 -91.36 18.58
N GLY R 285 -26.40 -92.15 19.34
CA GLY R 285 -25.83 -93.42 19.66
C GLY R 285 -24.72 -93.27 20.71
N GLY R 286 -23.81 -94.23 20.68
CA GLY R 286 -22.72 -94.24 21.64
C GLY R 286 -21.53 -95.04 21.15
N TYR R 291 -19.55 -92.82 10.24
CA TYR R 291 -20.69 -93.15 9.42
C TYR R 291 -21.97 -92.92 10.19
N ASN R 292 -21.92 -93.15 11.49
CA ASN R 292 -23.12 -92.98 12.32
C ASN R 292 -23.58 -91.53 12.32
N LEU R 293 -22.68 -90.60 12.65
CA LEU R 293 -23.05 -89.19 12.74
C LEU R 293 -23.74 -88.73 11.47
N VAL R 294 -23.47 -89.39 10.35
CA VAL R 294 -24.17 -89.06 9.13
C VAL R 294 -25.63 -89.47 9.22
N ARG R 295 -25.90 -90.68 9.69
CA ARG R 295 -27.28 -91.07 9.95
C ARG R 295 -27.94 -90.10 10.92
N SER R 296 -27.18 -89.65 11.91
CA SER R 296 -27.73 -88.75 12.91
C SER R 296 -28.08 -87.40 12.31
N PHE R 297 -27.27 -86.89 11.39
CA PHE R 297 -27.63 -85.66 10.71
C PHE R 297 -28.79 -85.89 9.77
N LEU R 298 -28.81 -87.02 9.07
CA LEU R 298 -29.84 -87.27 8.08
C LEU R 298 -31.21 -87.41 8.73
N ASN R 299 -31.26 -87.94 9.94
CA ASN R 299 -32.52 -87.93 10.68
C ASN R 299 -32.89 -86.52 11.13
N ILE R 300 -31.95 -85.59 11.03
CA ILE R 300 -32.24 -84.21 11.40
C ILE R 300 -32.69 -83.40 10.19
N ARG R 301 -31.97 -83.52 9.07
CA ARG R 301 -32.33 -82.79 7.86
C ARG R 301 -33.04 -83.68 6.87
N VAL R 319 -29.76 -94.85 -0.26
CA VAL R 319 -28.35 -95.20 -0.28
C VAL R 319 -27.51 -93.99 -0.67
N TRP R 320 -27.69 -93.56 -1.93
CA TRP R 320 -26.82 -92.53 -2.47
C TRP R 320 -26.86 -91.25 -1.67
N ALA R 321 -27.98 -90.95 -1.03
CA ALA R 321 -28.04 -89.76 -0.18
C ALA R 321 -27.03 -89.85 0.95
N LEU R 322 -26.85 -91.06 1.49
CA LEU R 322 -25.85 -91.25 2.53
C LEU R 322 -24.45 -90.95 2.01
N ILE R 323 -24.16 -91.38 0.79
CA ILE R 323 -22.86 -91.09 0.19
C ILE R 323 -22.70 -89.60 -0.03
N TYR R 324 -23.76 -88.93 -0.50
CA TYR R 324 -23.72 -87.50 -0.72
C TYR R 324 -23.37 -86.77 0.56
N TYR R 325 -24.18 -86.98 1.60
CA TYR R 325 -23.86 -86.40 2.90
C TYR R 325 -22.46 -86.79 3.34
N CYS R 326 -22.02 -88.00 3.05
CA CYS R 326 -20.69 -88.43 3.45
C CYS R 326 -19.61 -87.59 2.78
N MET R 327 -19.86 -87.18 1.55
CA MET R 327 -18.88 -86.37 0.85
C MET R 327 -18.93 -84.91 1.30
N ARG R 328 -20.13 -84.40 1.56
CA ARG R 328 -20.25 -82.99 1.90
C ARG R 328 -19.50 -82.66 3.17
N CYS R 329 -19.44 -83.59 4.11
CA CYS R 329 -18.61 -83.41 5.28
C CYS R 329 -17.14 -83.67 4.98
N GLY R 330 -16.81 -84.01 3.74
CA GLY R 330 -15.44 -84.27 3.40
C GLY R 330 -14.86 -85.49 4.08
N ASP R 331 -15.66 -86.50 4.37
CA ASP R 331 -15.14 -87.77 4.85
C ASP R 331 -15.51 -88.84 3.83
N LEU R 332 -14.57 -89.10 2.91
CA LEU R 332 -14.83 -90.07 1.86
C LEU R 332 -14.77 -91.50 2.39
N MET R 333 -14.24 -91.72 3.59
CA MET R 333 -14.04 -93.08 4.08
C MET R 333 -15.32 -93.69 4.62
N ALA R 334 -16.14 -92.89 5.30
CA ALA R 334 -17.46 -93.40 5.69
C ALA R 334 -18.29 -93.73 4.46
N ALA R 335 -18.17 -92.92 3.41
CA ALA R 335 -18.79 -93.27 2.15
C ALA R 335 -18.21 -94.55 1.59
N GLN R 336 -16.91 -94.78 1.79
CA GLN R 336 -16.32 -96.03 1.38
C GLN R 336 -17.00 -97.20 2.07
N GLN R 337 -17.22 -97.10 3.37
CA GLN R 337 -17.93 -98.14 4.09
C GLN R 337 -19.35 -98.30 3.58
N VAL R 338 -20.03 -97.18 3.33
CA VAL R 338 -21.42 -97.21 2.88
C VAL R 338 -21.52 -97.98 1.57
N VAL R 339 -20.69 -97.63 0.60
CA VAL R 339 -20.67 -98.37 -0.66
C VAL R 339 -20.26 -99.80 -0.41
N ASN R 340 -19.40 -100.04 0.58
CA ASN R 340 -18.94 -101.39 0.86
C ASN R 340 -20.10 -102.27 1.36
N ARG R 341 -21.11 -101.66 1.96
CA ARG R 341 -22.21 -102.46 2.49
C ARG R 341 -23.22 -102.82 1.42
N ALA R 342 -23.47 -101.94 0.46
CA ALA R 342 -24.43 -102.19 -0.61
C ALA R 342 -23.76 -102.37 -1.96
N GLN R 343 -22.48 -102.72 -1.96
CA GLN R 343 -21.73 -102.92 -3.20
C GLN R 343 -22.36 -104.00 -4.09
N ASP R 348 -15.02 -107.41 -11.50
CA ASP R 348 -13.83 -106.57 -11.48
C ASP R 348 -14.20 -105.16 -11.09
N PHE R 349 -15.49 -104.95 -10.80
CA PHE R 349 -15.95 -103.63 -10.41
C PHE R 349 -15.30 -103.17 -9.12
N LYS R 350 -15.00 -104.12 -8.22
CA LYS R 350 -14.41 -103.74 -6.94
C LYS R 350 -13.00 -103.19 -7.13
N ASN R 351 -12.19 -103.84 -7.97
CA ASN R 351 -10.87 -103.30 -8.26
C ASN R 351 -10.98 -101.94 -8.91
N CYS R 352 -11.96 -101.77 -9.79
CA CYS R 352 -12.19 -100.48 -10.42
C CYS R 352 -12.47 -99.40 -9.39
N PHE R 353 -13.38 -99.67 -8.45
CA PHE R 353 -13.73 -98.67 -7.45
C PHE R 353 -12.57 -98.42 -6.49
N GLN R 354 -11.85 -99.47 -6.11
CA GLN R 354 -10.66 -99.30 -5.27
C GLN R 354 -9.66 -98.39 -5.95
N GLU R 355 -9.53 -98.52 -7.28
CA GLU R 355 -8.77 -97.55 -8.05
C GLU R 355 -9.38 -96.15 -7.95
N TYR R 356 -10.69 -96.05 -8.14
CA TYR R 356 -11.33 -94.74 -8.22
C TYR R 356 -11.11 -93.94 -6.96
N ILE R 357 -11.33 -94.56 -5.80
CA ILE R 357 -11.28 -93.82 -4.54
C ILE R 357 -9.85 -93.70 -4.05
N HIS R 358 -9.22 -94.83 -3.75
CA HIS R 358 -7.96 -94.77 -3.02
C HIS R 358 -6.78 -95.20 -3.87
N ASN R 359 -6.85 -96.40 -4.43
CA ASN R 359 -5.69 -96.95 -5.13
C ASN R 359 -5.44 -96.19 -6.42
N LYS R 360 -4.20 -95.70 -6.59
CA LYS R 360 -3.86 -95.00 -7.82
C LYS R 360 -4.14 -95.87 -9.04
N ASP R 361 -3.49 -97.03 -9.12
CA ASP R 361 -3.86 -98.09 -10.05
C ASP R 361 -3.77 -97.65 -11.50
N ARG R 362 -2.62 -97.08 -11.88
CA ARG R 362 -2.32 -96.92 -13.30
C ARG R 362 -2.24 -98.28 -13.96
N ARG R 363 -2.52 -98.33 -15.25
CA ARG R 363 -2.57 -99.59 -15.99
C ARG R 363 -1.92 -99.43 -17.36
N LEU R 364 -1.93 -100.51 -18.12
CA LEU R 364 -1.34 -100.55 -19.44
C LEU R 364 -2.44 -100.68 -20.49
N SER R 365 -2.53 -99.68 -21.36
CA SER R 365 -3.50 -99.62 -22.46
C SER R 365 -4.91 -99.84 -21.94
N PRO R 366 -5.29 -99.20 -20.84
CA PRO R 366 -6.65 -99.37 -20.32
C PRO R 366 -7.59 -98.28 -20.79
N THR R 367 -8.89 -98.58 -20.87
CA THR R 367 -9.88 -97.55 -21.12
C THR R 367 -10.55 -97.14 -19.82
N THR R 368 -10.28 -95.91 -19.38
CA THR R 368 -10.69 -95.45 -18.06
C THR R 368 -11.47 -94.16 -18.20
N GLU R 369 -12.59 -94.11 -17.48
CA GLU R 369 -13.50 -92.96 -17.42
C GLU R 369 -14.28 -92.83 -18.72
N ASN R 370 -13.94 -93.62 -19.72
CA ASN R 370 -14.72 -93.63 -20.94
C ASN R 370 -16.03 -94.34 -20.67
N LYS R 371 -15.96 -95.49 -20.02
CA LYS R 371 -17.18 -96.27 -19.77
C LYS R 371 -18.05 -95.61 -18.71
N LEU R 372 -17.43 -94.93 -17.75
CA LEU R 372 -18.20 -94.22 -16.74
C LEU R 372 -19.09 -93.16 -17.37
N ARG R 373 -18.50 -92.25 -18.13
CA ARG R 373 -19.28 -91.14 -18.67
C ARG R 373 -20.35 -91.63 -19.63
N LEU R 374 -20.04 -92.66 -20.42
CA LEU R 374 -21.01 -93.14 -21.39
C LEU R 374 -22.26 -93.68 -20.71
N HIS R 375 -22.09 -94.62 -19.77
CA HIS R 375 -23.24 -95.12 -19.03
C HIS R 375 -23.92 -93.99 -18.28
N TYR R 376 -23.13 -93.09 -17.68
CA TYR R 376 -23.70 -91.99 -16.92
C TYR R 376 -24.67 -91.18 -17.77
N ARG R 377 -24.22 -90.74 -18.94
CA ARG R 377 -25.11 -90.04 -19.85
C ARG R 377 -26.19 -90.96 -20.39
N ARG R 378 -25.95 -92.27 -20.35
CA ARG R 378 -26.92 -93.22 -20.89
C ARG R 378 -28.07 -93.43 -19.92
N ALA R 379 -27.76 -93.59 -18.64
CA ALA R 379 -28.81 -93.86 -17.67
C ALA R 379 -28.85 -92.84 -16.54
N VAL R 380 -27.69 -92.50 -16.01
CA VAL R 380 -27.64 -91.72 -14.77
C VAL R 380 -28.25 -90.34 -14.95
N ARG R 381 -27.91 -89.65 -16.05
CA ARG R 381 -28.32 -88.26 -16.21
C ARG R 381 -29.83 -88.10 -16.08
N ALA R 382 -30.59 -89.09 -16.50
CA ALA R 382 -32.05 -89.03 -16.45
C ALA R 382 -32.61 -89.46 -15.10
N SER R 383 -31.80 -90.06 -14.24
CA SER R 383 -32.33 -90.65 -13.01
C SER R 383 -32.89 -89.58 -12.09
N THR R 384 -33.93 -89.95 -11.34
CA THR R 384 -34.55 -89.05 -10.39
C THR R 384 -33.75 -88.88 -9.11
N ASP R 385 -32.77 -89.75 -8.86
CA ASP R 385 -32.07 -89.74 -7.58
C ASP R 385 -31.00 -88.67 -7.65
N PRO R 386 -31.23 -87.47 -7.09
CA PRO R 386 -30.21 -86.44 -7.18
C PRO R 386 -28.90 -86.87 -6.58
N TYR R 387 -28.94 -87.65 -5.51
CA TYR R 387 -27.70 -88.12 -4.92
C TYR R 387 -26.94 -89.00 -5.90
N LYS R 388 -27.60 -89.99 -6.50
CA LYS R 388 -26.92 -90.91 -7.41
C LYS R 388 -26.35 -90.15 -8.61
N ARG R 389 -27.15 -89.26 -9.19
CA ARG R 389 -26.70 -88.50 -10.34
C ARG R 389 -25.51 -87.62 -9.99
N ALA R 390 -25.63 -86.84 -8.92
CA ALA R 390 -24.54 -85.96 -8.52
C ALA R 390 -23.27 -86.75 -8.25
N VAL R 391 -23.39 -87.89 -7.57
CA VAL R 391 -22.21 -88.69 -7.26
C VAL R 391 -21.55 -89.19 -8.53
N TYR R 392 -22.36 -89.67 -9.48
CA TYR R 392 -21.80 -90.11 -10.74
C TYR R 392 -21.12 -88.95 -11.46
N CYS R 393 -21.71 -87.77 -11.39
CA CYS R 393 -21.09 -86.60 -11.99
C CYS R 393 -19.75 -86.31 -11.35
N ILE R 394 -19.66 -86.45 -10.03
CA ILE R 394 -18.42 -86.15 -9.33
C ILE R 394 -17.34 -87.15 -9.74
N ILE R 395 -17.65 -88.44 -9.63
CA ILE R 395 -16.64 -89.45 -9.91
C ILE R 395 -16.24 -89.41 -11.38
N GLY R 396 -17.19 -89.19 -12.27
CA GLY R 396 -16.93 -89.25 -13.69
C GLY R 396 -16.50 -87.96 -14.33
N ARG R 397 -16.53 -86.86 -13.59
CA ARG R 397 -16.03 -85.56 -14.04
C ARG R 397 -16.61 -85.19 -15.39
N CYS R 398 -17.92 -85.26 -15.48
CA CYS R 398 -18.63 -84.85 -16.68
C CYS R 398 -19.92 -84.16 -16.26
N ASP R 399 -20.70 -83.73 -17.25
CA ASP R 399 -21.90 -82.96 -17.01
C ASP R 399 -21.56 -81.69 -16.24
N VAL R 400 -20.56 -80.97 -16.76
CA VAL R 400 -20.01 -79.82 -16.07
C VAL R 400 -21.06 -78.84 -15.58
N SER R 401 -22.11 -78.61 -16.37
CA SER R 401 -23.09 -77.59 -16.00
C SER R 401 -24.02 -78.06 -14.89
N ASP R 402 -23.98 -79.35 -14.55
CA ASP R 402 -24.92 -79.89 -13.58
C ASP R 402 -24.55 -79.38 -12.19
N ASN R 403 -25.24 -78.36 -11.73
CA ASN R 403 -25.02 -77.86 -10.39
C ASN R 403 -25.57 -78.80 -9.32
N HIS R 404 -26.39 -79.76 -9.71
CA HIS R 404 -26.95 -80.74 -8.79
C HIS R 404 -27.47 -80.08 -7.52
N SER R 405 -28.00 -78.87 -7.69
CA SER R 405 -28.37 -78.02 -6.56
C SER R 405 -29.38 -78.69 -5.64
N GLU R 406 -30.20 -79.60 -6.18
CA GLU R 406 -31.12 -80.35 -5.34
C GLU R 406 -30.39 -81.11 -4.24
N VAL R 407 -29.10 -81.38 -4.44
CA VAL R 407 -28.29 -82.03 -3.41
C VAL R 407 -27.26 -81.10 -2.80
N ALA R 408 -27.09 -79.89 -3.32
CA ALA R 408 -26.09 -78.95 -2.82
C ALA R 408 -26.68 -77.54 -2.87
N ASP R 409 -26.87 -76.93 -1.71
CA ASP R 409 -27.53 -75.64 -1.63
C ASP R 409 -26.63 -74.52 -1.13
N LYS R 410 -25.55 -74.83 -0.41
CA LYS R 410 -24.66 -73.82 0.13
C LYS R 410 -23.45 -73.64 -0.76
N THR R 411 -23.09 -72.37 -0.97
CA THR R 411 -21.96 -72.05 -1.82
C THR R 411 -20.77 -72.93 -1.50
N GLU R 412 -20.58 -73.23 -0.22
CA GLU R 412 -19.53 -74.16 0.15
C GLU R 412 -19.57 -75.40 -0.71
N ASP R 413 -20.75 -76.00 -0.84
CA ASP R 413 -20.86 -77.16 -1.70
C ASP R 413 -20.66 -76.79 -3.15
N TYR R 414 -21.11 -75.60 -3.57
CA TYR R 414 -20.85 -75.18 -4.93
C TYR R 414 -19.38 -75.34 -5.24
N LEU R 415 -18.55 -74.88 -4.33
CA LEU R 415 -17.13 -75.14 -4.43
C LEU R 415 -16.87 -76.64 -4.44
N TRP R 416 -17.16 -77.30 -3.32
CA TRP R 416 -16.78 -78.70 -3.15
C TRP R 416 -17.00 -79.49 -4.43
N LEU R 417 -18.21 -79.42 -4.96
CA LEU R 417 -18.51 -80.06 -6.23
C LEU R 417 -17.63 -79.53 -7.34
N LYS R 418 -17.77 -78.24 -7.69
CA LYS R 418 -17.10 -77.76 -8.90
C LYS R 418 -15.62 -78.08 -8.86
N LEU R 419 -15.01 -77.90 -7.70
CA LEU R 419 -13.61 -78.26 -7.53
C LEU R 419 -13.39 -79.72 -7.82
N SER R 420 -14.10 -80.61 -7.13
CA SER R 420 -13.96 -82.03 -7.44
C SER R 420 -14.17 -82.30 -8.91
N GLN R 421 -14.88 -81.43 -9.61
CA GLN R 421 -15.17 -81.56 -11.02
C GLN R 421 -14.08 -80.98 -11.89
N VAL R 422 -12.97 -80.56 -11.31
CA VAL R 422 -11.88 -80.00 -12.09
C VAL R 422 -11.05 -81.11 -12.70
N THR R 437 -9.65 -77.83 -16.31
CA THR R 437 -8.51 -76.99 -16.61
C THR R 437 -8.65 -75.65 -15.91
N LEU R 438 -7.79 -75.43 -14.92
CA LEU R 438 -7.99 -74.35 -13.95
C LEU R 438 -8.46 -73.06 -14.59
N PRO R 439 -7.78 -72.50 -15.59
CA PRO R 439 -8.17 -71.16 -16.05
C PRO R 439 -9.64 -71.05 -16.40
N GLN R 440 -10.22 -72.12 -16.93
CA GLN R 440 -11.65 -72.09 -17.17
C GLN R 440 -12.39 -71.74 -15.91
N PHE R 441 -12.25 -72.57 -14.89
CA PHE R 441 -12.94 -72.34 -13.64
C PHE R 441 -12.55 -70.99 -13.05
N GLN R 442 -11.31 -70.59 -13.23
CA GLN R 442 -10.84 -69.35 -12.63
C GLN R 442 -11.55 -68.16 -13.23
N LYS R 443 -11.45 -68.01 -14.55
CA LYS R 443 -12.22 -66.97 -15.23
C LYS R 443 -13.67 -67.04 -14.82
N GLN R 444 -14.26 -68.23 -14.88
CA GLN R 444 -15.67 -68.37 -14.55
C GLN R 444 -15.97 -67.76 -13.20
N LEU R 445 -15.35 -68.30 -12.16
CA LEU R 445 -15.62 -67.81 -10.82
C LEU R 445 -15.39 -66.32 -10.74
N PHE R 446 -14.25 -65.85 -11.22
CA PHE R 446 -13.98 -64.43 -11.13
C PHE R 446 -14.83 -63.62 -12.09
N GLU R 447 -14.76 -63.93 -13.38
CA GLU R 447 -15.48 -63.14 -14.37
C GLU R 447 -16.95 -63.53 -14.45
N ASP R 448 -17.25 -64.79 -14.71
CA ASP R 448 -18.62 -65.17 -14.99
C ASP R 448 -19.53 -64.97 -13.78
N TYR R 449 -19.02 -65.26 -12.59
CA TYR R 449 -19.83 -64.97 -11.41
C TYR R 449 -19.75 -63.50 -11.05
N GLY R 450 -18.54 -62.95 -11.00
CA GLY R 450 -18.45 -61.60 -10.55
C GLY R 450 -18.71 -61.54 -9.04
N GLU R 451 -18.50 -60.33 -8.51
CA GLU R 451 -18.62 -60.15 -7.07
C GLU R 451 -20.07 -60.11 -6.62
N SER R 452 -20.96 -59.52 -7.43
CA SER R 452 -22.36 -59.47 -7.07
C SER R 452 -22.91 -60.87 -6.84
N HIS R 453 -22.37 -61.85 -7.56
CA HIS R 453 -22.82 -63.24 -7.40
C HIS R 453 -22.70 -63.71 -5.96
N PHE R 454 -21.69 -63.23 -5.25
CA PHE R 454 -21.44 -63.69 -3.89
C PHE R 454 -22.00 -62.77 -2.82
N ALA R 455 -22.75 -61.75 -3.21
CA ALA R 455 -23.23 -60.74 -2.28
C ALA R 455 -22.09 -60.24 -1.41
N VAL R 456 -20.95 -60.00 -2.08
CA VAL R 456 -19.68 -59.82 -1.40
C VAL R 456 -19.79 -58.86 -0.23
N ASN R 457 -20.62 -57.83 -0.37
CA ASN R 457 -20.76 -56.85 0.70
C ASN R 457 -21.22 -57.48 2.01
N GLN R 458 -21.94 -58.58 1.93
CA GLN R 458 -22.46 -59.26 3.11
C GLN R 458 -21.45 -60.22 3.73
N GLN R 459 -20.54 -60.75 2.93
CA GLN R 459 -19.57 -61.74 3.40
C GLN R 459 -18.33 -61.70 2.53
N PRO R 460 -17.67 -60.55 2.47
CA PRO R 460 -16.46 -60.48 1.64
C PRO R 460 -15.51 -61.62 1.93
N TYR R 461 -15.40 -62.01 3.19
CA TYR R 461 -14.58 -63.16 3.52
C TYR R 461 -14.94 -64.37 2.67
N LEU R 462 -16.22 -64.52 2.35
CA LEU R 462 -16.60 -65.65 1.52
C LEU R 462 -15.93 -65.60 0.16
N TYR R 463 -16.21 -64.55 -0.62
CA TYR R 463 -15.61 -64.46 -1.95
C TYR R 463 -14.10 -64.42 -1.87
N PHE R 464 -13.56 -63.95 -0.75
CA PHE R 464 -12.13 -64.10 -0.52
C PHE R 464 -11.75 -65.56 -0.60
N GLN R 465 -12.25 -66.36 0.34
CA GLN R 465 -11.96 -67.79 0.31
C GLN R 465 -12.21 -68.36 -1.05
N VAL R 466 -13.20 -67.84 -1.75
CA VAL R 466 -13.47 -68.28 -3.12
C VAL R 466 -12.25 -68.09 -3.98
N LEU R 467 -11.78 -66.85 -4.08
CA LEU R 467 -10.62 -66.58 -4.91
C LEU R 467 -9.40 -67.35 -4.43
N PHE R 468 -9.16 -67.35 -3.12
CA PHE R 468 -7.90 -67.85 -2.58
C PHE R 468 -7.83 -69.37 -2.73
N LEU R 469 -8.91 -70.06 -2.41
CA LEU R 469 -8.98 -71.49 -2.65
C LEU R 469 -8.56 -71.83 -4.08
N THR R 470 -8.85 -70.94 -5.01
CA THR R 470 -8.58 -71.17 -6.43
C THR R 470 -7.17 -70.78 -6.82
N ALA R 471 -6.30 -70.52 -5.85
CA ALA R 471 -4.94 -70.05 -6.11
C ALA R 471 -4.93 -68.68 -6.80
N GLN R 472 -6.00 -67.91 -6.60
CA GLN R 472 -6.08 -66.56 -7.16
C GLN R 472 -5.54 -65.54 -6.16
N PHE R 473 -4.29 -65.76 -5.76
CA PHE R 473 -3.69 -64.95 -4.71
C PHE R 473 -3.82 -63.46 -5.00
N GLU R 474 -3.47 -63.05 -6.20
CA GLU R 474 -3.50 -61.65 -6.55
C GLU R 474 -4.89 -61.07 -6.42
N ALA R 475 -5.85 -61.64 -7.15
CA ALA R 475 -7.20 -61.13 -7.12
C ALA R 475 -7.74 -61.07 -5.70
N ALA R 476 -7.62 -62.17 -4.96
CA ALA R 476 -8.03 -62.17 -3.57
C ALA R 476 -7.44 -60.99 -2.84
N ILE R 477 -6.14 -60.84 -2.95
CA ILE R 477 -5.49 -59.70 -2.33
C ILE R 477 -6.24 -58.43 -2.67
N ALA R 478 -6.41 -58.17 -3.95
CA ALA R 478 -7.02 -56.93 -4.37
C ALA R 478 -8.38 -56.77 -3.72
N PHE R 479 -9.23 -57.77 -3.88
CA PHE R 479 -10.59 -57.69 -3.39
C PHE R 479 -10.60 -57.36 -1.92
N LEU R 480 -9.97 -58.21 -1.11
CA LEU R 480 -9.96 -57.94 0.32
C LEU R 480 -9.36 -56.60 0.61
N PHE R 481 -8.46 -56.12 -0.24
CA PHE R 481 -7.83 -54.85 0.02
C PHE R 481 -8.78 -53.69 -0.19
N ARG R 482 -9.70 -53.83 -1.15
CA ARG R 482 -10.64 -52.75 -1.40
C ARG R 482 -11.42 -52.38 -0.15
N LEU R 483 -11.61 -53.34 0.74
CA LEU R 483 -12.35 -53.12 1.97
C LEU R 483 -11.41 -52.54 3.03
N GLU R 484 -11.84 -51.45 3.66
CA GLU R 484 -10.98 -50.78 4.63
C GLU R 484 -10.64 -51.68 5.79
N ARG R 485 -11.67 -52.24 6.45
CA ARG R 485 -11.49 -52.96 7.70
C ARG R 485 -10.48 -54.09 7.62
N THR R 486 -10.21 -54.62 6.43
CA THR R 486 -9.35 -55.78 6.29
C THR R 486 -7.92 -55.43 5.88
N ARG R 487 -7.66 -54.18 5.52
CA ARG R 487 -6.42 -53.87 4.81
C ARG R 487 -5.22 -54.50 5.48
N CYS R 488 -5.03 -54.24 6.77
CA CYS R 488 -3.84 -54.71 7.46
C CYS R 488 -3.59 -56.17 7.17
N HIS R 489 -4.60 -57.00 7.36
CA HIS R 489 -4.42 -58.43 7.14
C HIS R 489 -3.90 -58.69 5.74
N ALA R 490 -4.65 -58.25 4.74
CA ALA R 490 -4.24 -58.50 3.36
C ALA R 490 -2.81 -58.04 3.16
N VAL R 491 -2.44 -56.92 3.76
CA VAL R 491 -1.08 -56.42 3.62
C VAL R 491 -0.10 -57.49 4.07
N HIS R 492 -0.17 -57.85 5.36
CA HIS R 492 0.70 -58.91 5.83
C HIS R 492 0.57 -60.13 4.96
N VAL R 493 -0.63 -60.40 4.49
CA VAL R 493 -0.86 -61.55 3.62
C VAL R 493 0.13 -61.53 2.46
N ALA R 494 0.09 -60.47 1.67
CA ALA R 494 0.99 -60.41 0.53
C ALA R 494 2.43 -60.43 1.00
N LEU R 495 2.69 -59.78 2.14
CA LEU R 495 4.01 -59.88 2.74
C LEU R 495 4.43 -61.33 2.85
N ALA R 496 3.59 -62.16 3.48
CA ALA R 496 3.85 -63.59 3.51
C ALA R 496 4.03 -64.11 2.08
N LEU R 497 3.09 -63.78 1.21
CA LEU R 497 3.24 -64.17 -0.19
C LEU R 497 4.48 -63.56 -0.80
N PHE R 498 4.85 -62.34 -0.41
CA PHE R 498 6.05 -61.72 -0.95
C PHE R 498 7.28 -62.52 -0.56
N GLU R 499 7.41 -62.83 0.72
CA GLU R 499 8.55 -63.62 1.17
C GLU R 499 8.49 -65.05 0.63
N LEU R 500 7.32 -65.65 0.63
CA LEU R 500 7.20 -67.05 0.27
C LEU R 500 7.56 -67.34 -1.18
N LYS R 501 7.98 -66.32 -1.93
CA LYS R 501 8.23 -66.47 -3.36
C LYS R 501 6.98 -66.99 -4.06
N LEU R 502 5.85 -66.36 -3.75
CA LEU R 502 4.56 -66.80 -4.27
C LEU R 502 3.73 -65.67 -4.85
N LEU R 503 4.01 -64.42 -4.48
CA LEU R 503 3.27 -63.29 -5.01
C LEU R 503 3.84 -62.88 -6.35
N LEU R 504 2.96 -62.53 -7.28
CA LEU R 504 3.35 -62.14 -8.63
C LEU R 504 3.29 -60.62 -8.71
N LYS R 505 4.46 -60.00 -8.84
CA LYS R 505 4.58 -58.56 -8.70
C LYS R 505 4.37 -57.86 -10.03
N SER R 506 3.64 -56.75 -9.98
CA SER R 506 3.60 -55.85 -11.11
C SER R 506 4.99 -55.26 -11.33
N THR R 507 5.35 -55.06 -12.59
CA THR R 507 6.68 -54.58 -12.91
C THR R 507 6.75 -53.05 -12.94
N GLY R 508 5.65 -52.38 -13.23
CA GLY R 508 5.62 -50.94 -13.33
C GLY R 508 4.96 -50.33 -12.11
N GLN R 509 5.37 -49.11 -11.76
CA GLN R 509 4.85 -48.46 -10.57
C GLN R 509 3.43 -47.96 -10.76
N SER R 510 3.13 -47.39 -11.92
CA SER R 510 1.84 -46.77 -12.15
C SER R 510 0.74 -47.78 -12.47
N ALA R 511 1.07 -49.07 -12.63
CA ALA R 511 0.07 -50.07 -12.96
C ALA R 511 -1.04 -50.09 -11.91
N GLN R 512 -2.22 -50.54 -12.34
CA GLN R 512 -3.35 -50.62 -11.42
C GLN R 512 -3.02 -51.56 -10.26
N LEU R 513 -3.69 -51.34 -9.13
CA LEU R 513 -3.37 -52.07 -7.92
C LEU R 513 -3.27 -53.56 -8.18
N LEU R 514 -4.20 -54.09 -8.96
CA LEU R 514 -4.08 -55.41 -9.56
C LEU R 514 -4.02 -55.20 -11.06
N SER R 515 -3.49 -56.17 -11.77
CA SER R 515 -3.38 -56.04 -13.21
C SER R 515 -3.01 -57.38 -13.81
N GLN R 516 -3.36 -57.54 -15.08
CA GLN R 516 -2.93 -58.67 -15.89
C GLN R 516 -2.00 -58.18 -16.97
N GLU R 517 -0.71 -58.45 -16.81
CA GLU R 517 0.12 -58.06 -17.93
C GLU R 517 -0.16 -58.97 -19.13
N PRO R 518 -0.21 -58.40 -20.33
CA PRO R 518 -0.63 -59.20 -21.50
C PRO R 518 0.25 -60.43 -21.69
N GLY R 519 -0.24 -61.37 -22.48
CA GLY R 519 0.45 -62.61 -22.73
C GLY R 519 0.45 -63.56 -21.56
N GLU R 520 -0.02 -63.13 -20.39
CA GLU R 520 -0.06 -63.98 -19.23
C GLU R 520 -1.09 -65.09 -19.40
N PRO R 521 -0.84 -66.27 -18.84
CA PRO R 521 -1.89 -67.27 -18.72
C PRO R 521 -3.15 -66.64 -18.16
N GLN R 522 -4.30 -67.01 -18.73
CA GLN R 522 -5.55 -66.40 -18.35
C GLN R 522 -5.76 -66.45 -16.84
N GLY R 523 -6.22 -65.34 -16.28
CA GLY R 523 -6.41 -65.23 -14.86
C GLY R 523 -5.19 -64.80 -14.08
N VAL R 524 -4.00 -64.84 -14.69
CA VAL R 524 -2.81 -64.34 -14.02
C VAL R 524 -3.00 -62.87 -13.70
N ARG R 525 -2.62 -62.48 -12.50
CA ARG R 525 -2.62 -61.07 -12.14
C ARG R 525 -1.31 -60.73 -11.45
N ARG R 526 -0.78 -59.55 -11.78
CA ARG R 526 0.42 -59.04 -11.16
C ARG R 526 0.05 -57.82 -10.32
N LEU R 527 0.75 -57.62 -9.21
CA LEU R 527 0.36 -56.61 -8.24
C LEU R 527 1.54 -55.70 -7.92
N ASN R 528 1.21 -54.46 -7.58
CA ASN R 528 2.22 -53.43 -7.33
C ASN R 528 2.56 -53.45 -5.85
N PHE R 529 3.33 -54.45 -5.44
CA PHE R 529 3.67 -54.63 -4.03
C PHE R 529 4.22 -53.35 -3.43
N ILE R 530 5.19 -52.75 -4.10
CA ILE R 530 5.75 -51.49 -3.62
C ILE R 530 4.64 -50.44 -3.50
N ARG R 531 3.94 -50.19 -4.59
CA ARG R 531 2.81 -49.27 -4.53
C ARG R 531 1.84 -49.67 -3.45
N LEU R 532 1.67 -50.97 -3.26
CA LEU R 532 0.75 -51.44 -2.25
C LEU R 532 1.16 -50.96 -0.87
N LEU R 533 2.32 -51.41 -0.41
CA LEU R 533 2.74 -51.07 0.94
C LEU R 533 2.87 -49.57 1.10
N MET R 534 3.22 -48.87 0.03
CA MET R 534 3.40 -47.43 0.13
C MET R 534 2.08 -46.74 0.38
N LEU R 535 1.13 -46.91 -0.54
CA LEU R 535 -0.18 -46.32 -0.33
C LEU R 535 -0.77 -46.76 0.99
N TYR R 536 -0.43 -47.96 1.44
CA TYR R 536 -0.89 -48.41 2.74
C TYR R 536 -0.33 -47.53 3.84
N THR R 537 0.98 -47.54 4.00
CA THR R 537 1.60 -46.86 5.13
C THR R 537 1.33 -45.36 5.09
N ARG R 538 1.04 -44.81 3.91
CA ARG R 538 0.87 -43.37 3.79
C ARG R 538 -0.09 -42.81 4.82
N LYS R 539 -1.03 -43.63 5.28
CA LYS R 539 -1.95 -43.19 6.29
C LYS R 539 -1.22 -42.65 7.52
N PHE R 540 -0.47 -43.51 8.20
CA PHE R 540 -0.08 -43.26 9.58
C PHE R 540 1.36 -42.80 9.74
N GLU R 541 2.09 -42.58 8.66
CA GLU R 541 3.49 -42.20 8.76
C GLU R 541 3.73 -41.00 9.68
N PRO R 542 3.04 -39.87 9.51
CA PRO R 542 3.31 -38.72 10.39
C PRO R 542 3.01 -38.98 11.85
N THR R 543 2.23 -40.01 12.16
CA THR R 543 1.93 -40.31 13.55
C THR R 543 2.86 -41.34 14.15
N ASP R 544 3.14 -42.42 13.44
CA ASP R 544 3.96 -43.51 13.95
C ASP R 544 5.04 -43.84 12.94
N PRO R 545 6.05 -42.99 12.83
CA PRO R 545 7.16 -43.28 11.93
C PRO R 545 7.78 -44.63 12.16
N ARG R 546 8.30 -44.91 13.36
CA ARG R 546 9.04 -46.15 13.58
C ARG R 546 8.27 -47.36 13.09
N GLU R 547 6.94 -47.27 13.12
CA GLU R 547 6.15 -48.25 12.39
C GLU R 547 6.53 -48.26 10.92
N ALA R 548 6.31 -47.14 10.23
CA ALA R 548 6.62 -47.05 8.81
C ALA R 548 8.04 -47.53 8.53
N LEU R 549 8.94 -47.35 9.49
CA LEU R 549 10.31 -47.75 9.29
C LEU R 549 10.44 -49.25 9.32
N GLN R 550 9.87 -49.89 10.34
CA GLN R 550 9.86 -51.34 10.35
C GLN R 550 9.21 -51.87 9.08
N TYR R 551 8.22 -51.14 8.58
CA TYR R 551 7.53 -51.58 7.38
C TYR R 551 8.45 -51.48 6.17
N PHE R 552 8.96 -50.30 5.89
CA PHE R 552 9.84 -50.10 4.76
C PHE R 552 11.04 -51.02 4.84
N TYR R 553 11.47 -51.38 6.05
CA TYR R 553 12.57 -52.32 6.20
C TYR R 553 12.32 -53.58 5.41
N PHE R 554 11.06 -53.91 5.16
CA PHE R 554 10.75 -54.99 4.22
C PHE R 554 11.29 -54.72 2.84
N LEU R 555 11.48 -53.46 2.47
CA LEU R 555 12.04 -53.09 1.18
C LEU R 555 13.54 -53.32 1.14
N ARG R 556 14.08 -54.07 2.10
CA ARG R 556 15.52 -54.21 2.27
C ARG R 556 16.25 -54.39 0.95
N ASN R 557 15.98 -55.48 0.22
CA ASN R 557 16.74 -55.79 -0.98
C ASN R 557 16.13 -55.22 -2.24
N GLU R 558 14.99 -54.54 -2.14
CA GLU R 558 14.28 -54.06 -3.32
C GLU R 558 14.97 -52.82 -3.88
N LYS R 559 15.25 -52.87 -5.18
CA LYS R 559 15.99 -51.81 -5.85
C LYS R 559 15.09 -51.09 -6.83
N ASP R 560 15.18 -49.77 -6.83
CA ASP R 560 14.52 -48.99 -7.86
C ASP R 560 15.15 -49.29 -9.21
N ASN R 561 14.59 -48.71 -10.27
CA ASN R 561 15.08 -49.00 -11.60
C ASN R 561 16.51 -48.50 -11.82
N GLN R 562 16.94 -47.50 -11.07
CA GLN R 562 18.29 -46.97 -11.20
C GLN R 562 19.29 -47.64 -10.26
N GLY R 563 18.85 -48.62 -9.47
CA GLY R 563 19.71 -49.26 -8.51
C GLY R 563 19.69 -48.66 -7.13
N GLU R 564 19.06 -47.50 -6.96
CA GLU R 564 18.88 -46.95 -5.63
C GLU R 564 18.10 -47.92 -4.76
N SER R 565 18.68 -48.32 -3.64
CA SER R 565 17.98 -49.20 -2.73
C SER R 565 16.68 -48.54 -2.30
N MET R 566 15.56 -49.06 -2.81
CA MET R 566 14.27 -48.46 -2.53
C MET R 566 14.10 -48.21 -1.05
N PHE R 567 14.67 -49.08 -0.21
CA PHE R 567 14.70 -48.84 1.23
C PHE R 567 15.26 -47.46 1.53
N LEU R 568 16.45 -47.16 1.04
CA LEU R 568 17.08 -45.89 1.37
C LEU R 568 16.26 -44.72 0.85
N ARG R 569 15.79 -44.79 -0.39
CA ARG R 569 15.01 -43.70 -0.95
C ARG R 569 13.79 -43.44 -0.09
N CYS R 570 13.04 -44.50 0.20
CA CYS R 570 11.87 -44.36 1.04
C CYS R 570 12.22 -43.75 2.38
N VAL R 571 13.21 -44.32 3.07
CA VAL R 571 13.57 -43.82 4.39
C VAL R 571 14.00 -42.37 4.30
N SER R 572 14.63 -42.00 3.20
CA SER R 572 14.95 -40.61 2.97
C SER R 572 13.69 -39.79 3.01
N GLU R 573 12.79 -40.04 2.07
CA GLU R 573 11.52 -39.33 2.03
C GLU R 573 10.87 -39.33 3.40
N LEU R 574 11.00 -40.43 4.12
CA LEU R 574 10.43 -40.54 5.46
C LEU R 574 11.00 -39.46 6.36
N VAL R 575 12.31 -39.50 6.57
CA VAL R 575 12.94 -38.51 7.43
C VAL R 575 12.59 -37.11 6.96
N ILE R 576 12.66 -36.88 5.65
CA ILE R 576 12.45 -35.54 5.13
C ILE R 576 11.07 -35.06 5.46
N GLU R 577 10.05 -35.73 4.94
CA GLU R 577 8.67 -35.30 5.15
C GLU R 577 8.35 -35.25 6.64
N SER R 578 8.76 -36.26 7.39
CA SER R 578 8.59 -36.23 8.83
C SER R 578 9.31 -35.05 9.44
N ARG R 579 10.43 -34.66 8.85
CA ARG R 579 11.24 -33.56 9.36
C ARG R 579 11.59 -33.81 10.83
N GLU R 580 12.18 -34.97 11.07
CA GLU R 580 12.69 -35.33 12.39
C GLU R 580 14.09 -35.90 12.23
N PHE R 581 14.98 -35.58 13.17
CA PHE R 581 16.33 -36.12 13.11
C PHE R 581 16.73 -36.84 14.40
N ASP R 582 16.52 -36.19 15.53
CA ASP R 582 17.04 -36.71 16.80
C ASP R 582 16.50 -38.10 17.08
N MET R 583 15.19 -38.26 17.04
CA MET R 583 14.59 -39.54 17.40
C MET R 583 15.06 -40.65 16.48
N LEU R 584 14.92 -40.44 15.18
CA LEU R 584 15.17 -41.53 14.22
C LEU R 584 16.63 -41.92 14.20
N LEU R 585 17.52 -40.96 13.94
CA LEU R 585 18.91 -41.28 13.69
C LEU R 585 19.79 -41.20 14.92
N GLY R 586 19.38 -40.46 15.95
CA GLY R 586 20.19 -40.37 17.15
C GLY R 586 20.53 -38.94 17.51
N LYS R 587 21.42 -38.83 18.49
CA LYS R 587 21.91 -37.56 18.96
C LYS R 587 23.39 -37.68 19.30
N LEU R 588 24.08 -36.55 19.23
CA LEU R 588 25.44 -36.45 19.75
C LEU R 588 25.39 -35.75 21.10
N GLU R 589 26.19 -36.21 22.03
CA GLU R 589 26.14 -35.64 23.36
C GLU R 589 27.37 -34.76 23.60
N LYS R 590 27.37 -34.08 24.76
CA LYS R 590 28.44 -33.15 25.09
C LYS R 590 29.81 -33.77 24.91
N ASP R 591 30.03 -34.97 25.44
CA ASP R 591 31.30 -35.66 25.25
C ASP R 591 31.52 -36.13 23.82
N GLY R 592 30.55 -35.91 22.93
CA GLY R 592 30.65 -36.42 21.59
C GLY R 592 30.22 -37.85 21.43
N SER R 593 29.74 -38.49 22.50
CA SER R 593 29.16 -39.80 22.36
C SER R 593 27.93 -39.71 21.47
N ARG R 594 27.68 -40.78 20.72
CA ARG R 594 26.53 -40.84 19.84
C ARG R 594 25.37 -41.48 20.58
N LYS R 595 24.42 -40.68 21.02
CA LYS R 595 23.23 -41.22 21.68
C LYS R 595 22.41 -41.98 20.66
N PRO R 596 22.12 -43.26 20.90
CA PRO R 596 21.59 -44.10 19.81
C PRO R 596 20.15 -43.74 19.47
N GLY R 597 19.88 -43.67 18.16
CA GLY R 597 18.57 -43.34 17.66
C GLY R 597 17.80 -44.54 17.15
N ALA R 598 16.57 -44.28 16.74
CA ALA R 598 15.68 -45.35 16.30
C ALA R 598 16.33 -46.22 15.25
N ILE R 599 16.85 -45.62 14.17
CA ILE R 599 17.37 -46.41 13.07
C ILE R 599 18.53 -47.26 13.52
N ASP R 600 19.18 -46.90 14.63
CA ASP R 600 20.29 -47.69 15.12
C ASP R 600 19.85 -49.10 15.47
N LYS R 601 18.57 -49.31 15.71
CA LYS R 601 18.11 -50.62 16.15
C LYS R 601 18.07 -51.62 14.99
N PHE R 602 17.75 -51.16 13.79
CA PHE R 602 17.49 -52.09 12.71
C PHE R 602 18.75 -52.59 12.05
N THR R 603 19.78 -51.76 11.94
CA THR R 603 21.00 -52.16 11.25
C THR R 603 22.19 -51.81 12.12
N ARG R 604 23.29 -52.51 11.90
CA ARG R 604 24.50 -52.19 12.64
C ARG R 604 25.21 -50.98 12.06
N ASP R 605 25.25 -50.86 10.74
CA ASP R 605 26.05 -49.86 10.03
C ASP R 605 25.28 -48.58 9.73
N THR R 606 24.82 -47.87 10.77
CA THR R 606 24.08 -46.63 10.55
C THR R 606 24.87 -45.64 9.72
N LYS R 607 26.17 -45.87 9.55
CA LYS R 607 27.00 -44.89 8.86
C LYS R 607 26.45 -44.57 7.48
N THR R 608 26.52 -45.53 6.55
CA THR R 608 26.26 -45.24 5.15
C THR R 608 24.88 -44.61 4.97
N ILE R 609 23.91 -45.06 5.76
CA ILE R 609 22.59 -44.45 5.67
C ILE R 609 22.64 -43.00 6.11
N ILE R 610 23.03 -42.76 7.36
CA ILE R 610 23.07 -41.39 7.87
C ILE R 610 23.81 -40.49 6.90
N ASN R 611 24.86 -41.03 6.28
CA ASN R 611 25.58 -40.29 5.25
C ASN R 611 24.66 -39.91 4.10
N LYS R 612 23.93 -40.88 3.56
CA LYS R 612 23.04 -40.56 2.45
C LYS R 612 21.99 -39.54 2.86
N VAL R 613 21.47 -39.67 4.08
CA VAL R 613 20.50 -38.70 4.57
C VAL R 613 21.08 -37.31 4.54
N ALA R 614 22.30 -37.18 5.05
CA ALA R 614 22.99 -35.90 4.98
C ALA R 614 23.10 -35.43 3.54
N SER R 615 23.47 -36.33 2.63
CA SER R 615 23.62 -35.96 1.23
C SER R 615 22.32 -35.38 0.68
N VAL R 616 21.21 -36.05 0.97
CA VAL R 616 19.91 -35.54 0.56
C VAL R 616 19.69 -34.14 1.12
N ALA R 617 19.78 -34.00 2.44
CA ALA R 617 19.61 -32.69 3.05
C ALA R 617 20.48 -31.66 2.34
N GLU R 618 21.67 -32.06 1.95
CA GLU R 618 22.57 -31.16 1.25
C GLU R 618 21.97 -30.71 -0.08
N ASN R 619 21.74 -31.67 -0.98
CA ASN R 619 21.20 -31.33 -2.29
C ASN R 619 19.94 -30.48 -2.15
N LYS R 620 19.16 -30.69 -1.10
CA LYS R 620 18.02 -29.85 -0.82
C LYS R 620 18.43 -28.44 -0.41
N GLY R 621 19.68 -28.24 -0.02
CA GLY R 621 20.03 -26.97 0.57
C GLY R 621 19.49 -26.74 1.96
N LEU R 622 19.29 -27.78 2.74
CA LEU R 622 19.03 -27.64 4.16
C LEU R 622 20.33 -27.92 4.93
N PHE R 623 21.21 -26.92 4.91
CA PHE R 623 22.62 -27.16 5.23
C PHE R 623 22.86 -27.47 6.71
N GLU R 624 22.42 -26.59 7.62
CA GLU R 624 22.78 -26.73 9.03
C GLU R 624 22.55 -28.15 9.52
N GLU R 625 21.49 -28.77 9.02
CA GLU R 625 21.34 -30.21 9.23
C GLU R 625 22.55 -30.95 8.74
N ALA R 626 22.83 -30.89 7.42
CA ALA R 626 23.93 -31.67 6.85
C ALA R 626 25.19 -31.53 7.66
N ALA R 627 25.44 -30.33 8.19
CA ALA R 627 26.52 -30.17 9.14
C ALA R 627 26.34 -31.09 10.32
N LYS R 628 25.25 -30.89 11.07
CA LYS R 628 25.04 -31.68 12.27
C LYS R 628 25.18 -33.17 11.98
N LEU R 629 24.64 -33.60 10.85
CA LEU R 629 24.60 -35.01 10.53
C LEU R 629 25.97 -35.55 10.18
N TYR R 630 26.61 -35.00 9.14
CA TYR R 630 27.94 -35.47 8.80
C TYR R 630 28.85 -35.46 10.01
N ASP R 631 28.66 -34.48 10.90
CA ASP R 631 29.29 -34.56 12.21
C ASP R 631 28.94 -35.87 12.87
N LEU R 632 27.66 -36.09 13.13
CA LEU R 632 27.21 -37.34 13.72
C LEU R 632 27.70 -38.53 12.92
N ALA R 633 27.95 -38.34 11.63
CA ALA R 633 28.47 -39.42 10.81
C ALA R 633 29.98 -39.58 10.95
N LYS R 634 30.64 -38.67 11.68
CA LYS R 634 32.09 -38.66 11.79
C LYS R 634 32.73 -38.58 10.41
N ASN R 635 32.46 -37.50 9.70
CA ASN R 635 33.15 -37.15 8.47
C ASN R 635 33.45 -35.65 8.48
N PRO R 636 34.47 -35.21 9.23
CA PRO R 636 34.61 -33.78 9.48
C PRO R 636 34.88 -32.97 8.23
N ASP R 637 35.64 -33.50 7.27
CA ASP R 637 36.04 -32.71 6.11
C ASP R 637 34.89 -31.87 5.59
N LYS R 638 33.77 -32.53 5.29
CA LYS R 638 32.59 -31.76 4.94
C LYS R 638 32.21 -30.82 6.06
N VAL R 639 32.14 -31.33 7.28
CA VAL R 639 31.67 -30.50 8.39
C VAL R 639 32.33 -29.14 8.31
N LEU R 640 33.65 -29.13 8.12
CA LEU R 640 34.35 -27.88 7.89
C LEU R 640 33.82 -27.21 6.65
N GLU R 641 34.02 -27.80 5.47
CA GLU R 641 33.75 -27.09 4.23
C GLU R 641 32.39 -26.41 4.28
N LEU R 642 31.38 -27.14 4.71
CA LEU R 642 30.05 -26.60 4.86
C LEU R 642 30.00 -25.47 5.86
N THR R 643 30.59 -25.66 7.04
CA THR R 643 30.56 -24.58 8.03
C THR R 643 31.23 -23.33 7.50
N ASN R 644 32.35 -23.50 6.80
CA ASN R 644 33.07 -22.38 6.23
C ASN R 644 32.18 -21.62 5.27
N LYS R 645 31.52 -22.35 4.37
CA LYS R 645 30.60 -21.68 3.46
C LYS R 645 29.48 -20.99 4.21
N LEU R 646 28.96 -21.63 5.25
CA LEU R 646 27.87 -21.04 6.02
C LEU R 646 28.31 -19.77 6.71
N LEU R 647 29.61 -19.65 6.99
CA LEU R 647 30.09 -18.46 7.67
C LEU R 647 30.40 -17.34 6.69
N SER R 648 31.09 -17.67 5.60
CA SER R 648 31.74 -16.69 4.72
C SER R 648 30.97 -15.39 4.53
N PRO R 649 29.67 -15.39 4.28
CA PRO R 649 28.98 -14.11 4.07
C PRO R 649 28.83 -13.28 5.31
N VAL R 650 28.70 -13.91 6.48
CA VAL R 650 28.36 -13.20 7.70
C VAL R 650 29.57 -12.62 8.43
N VAL R 651 30.75 -12.65 7.83
CA VAL R 651 31.93 -12.13 8.52
C VAL R 651 31.73 -10.66 8.87
N SER R 652 31.57 -9.82 7.85
CA SER R 652 31.41 -8.40 8.09
C SER R 652 30.09 -8.05 8.75
N GLN R 653 29.26 -9.04 9.04
CA GLN R 653 28.02 -8.77 9.74
C GLN R 653 28.30 -8.25 11.14
N SER R 659 21.95 -12.32 16.58
CA SER R 659 22.14 -12.21 15.14
C SER R 659 22.58 -13.54 14.56
N ASN R 660 22.19 -13.80 13.31
CA ASN R 660 22.69 -14.95 12.58
C ASN R 660 24.18 -15.11 12.80
N ARG R 661 24.89 -13.99 12.76
CA ARG R 661 26.30 -13.99 13.15
C ARG R 661 26.50 -14.68 14.48
N GLU R 662 25.80 -14.24 15.53
CA GLU R 662 26.06 -14.77 16.86
C GLU R 662 25.82 -16.27 16.93
N ARG R 663 24.72 -16.73 16.32
CA ARG R 663 24.40 -18.15 16.37
C ARG R 663 25.46 -18.97 15.66
N LEU R 664 25.74 -18.61 14.40
CA LEU R 664 26.80 -19.31 13.68
C LEU R 664 28.11 -19.21 14.43
N LYS R 665 28.31 -18.12 15.16
CA LYS R 665 29.57 -17.92 15.88
C LYS R 665 29.72 -18.95 16.99
N ASN R 666 28.71 -19.02 17.86
CA ASN R 666 28.69 -20.11 18.81
C ASN R 666 28.98 -21.42 18.12
N MET R 667 28.17 -21.76 17.12
CA MET R 667 28.31 -23.04 16.44
C MET R 667 29.75 -23.29 16.05
N ALA R 668 30.40 -22.28 15.51
CA ALA R 668 31.81 -22.40 15.22
C ALA R 668 32.57 -22.75 16.47
N LEU R 669 32.57 -21.85 17.45
CA LEU R 669 33.37 -22.05 18.64
C LEU R 669 33.25 -23.46 19.16
N ALA R 670 32.04 -24.01 19.08
CA ALA R 670 31.85 -25.39 19.48
C ALA R 670 32.63 -26.32 18.58
N ILE R 671 32.25 -26.37 17.30
CA ILE R 671 32.87 -27.34 16.40
C ILE R 671 34.37 -27.26 16.50
N ALA R 672 34.88 -26.05 16.72
CA ALA R 672 36.28 -25.88 17.03
C ALA R 672 36.67 -26.68 18.27
N GLU R 673 36.16 -26.28 19.44
CA GLU R 673 36.65 -26.87 20.68
C GLU R 673 36.60 -28.38 20.60
N ARG R 674 35.56 -28.91 19.98
CA ARG R 674 35.50 -30.36 19.80
C ARG R 674 36.62 -30.85 18.89
N TYR R 675 36.59 -30.48 17.61
CA TYR R 675 37.53 -31.05 16.65
C TYR R 675 38.96 -30.88 17.14
N LYS R 676 39.21 -29.79 17.87
CA LYS R 676 40.45 -29.65 18.59
C LYS R 676 40.65 -30.80 19.55
N SER R 677 39.74 -30.94 20.50
CA SER R 677 39.79 -32.01 21.47
C SER R 677 39.72 -33.37 20.77
N LYS R 684 44.02 -30.12 4.84
CA LYS R 684 44.78 -29.03 5.44
C LYS R 684 44.23 -27.71 5.01
N SER R 685 44.21 -27.53 3.68
CA SER R 685 43.77 -26.28 3.09
C SER R 685 42.51 -25.78 3.77
N ILE R 686 41.45 -26.57 3.73
CA ILE R 686 40.21 -26.16 4.37
C ILE R 686 40.47 -25.75 5.81
N ASN R 687 40.98 -26.68 6.61
CA ASN R 687 41.19 -26.40 8.02
C ASN R 687 41.80 -25.04 8.22
N SER R 688 42.86 -24.76 7.46
CA SER R 688 43.41 -23.43 7.50
C SER R 688 42.33 -22.41 7.24
N THR R 689 41.68 -22.50 6.09
CA THR R 689 40.77 -21.45 5.66
C THR R 689 39.75 -21.18 6.74
N PHE R 690 39.22 -22.23 7.30
CA PHE R 690 38.31 -22.10 8.43
C PHE R 690 38.93 -21.21 9.48
N TYR R 691 40.09 -21.61 9.97
CA TYR R 691 40.67 -20.89 11.09
C TYR R 691 40.81 -19.43 10.74
N LEU R 692 41.35 -19.15 9.56
CA LEU R 692 41.58 -17.78 9.17
C LEU R 692 40.27 -17.02 9.13
N LEU R 693 39.21 -17.67 8.68
CA LEU R 693 37.94 -16.98 8.61
C LEU R 693 37.47 -16.58 9.99
N LEU R 694 37.60 -17.50 10.95
CA LEU R 694 37.22 -17.16 12.31
C LEU R 694 38.03 -15.97 12.79
N ASP R 695 39.34 -16.04 12.60
CA ASP R 695 40.19 -14.97 13.07
C ASP R 695 39.76 -13.65 12.48
N LEU R 696 39.59 -13.60 11.17
CA LEU R 696 39.22 -12.36 10.53
C LEU R 696 37.86 -11.89 11.01
N ILE R 697 36.98 -12.81 11.34
CA ILE R 697 35.71 -12.40 11.92
C ILE R 697 35.96 -11.60 13.17
N THR R 698 36.82 -12.13 14.03
CA THR R 698 37.20 -11.37 15.21
C THR R 698 37.77 -10.02 14.81
N PHE R 699 38.62 -10.02 13.80
CA PHE R 699 39.31 -8.80 13.41
C PHE R 699 38.32 -7.71 13.06
N PHE R 700 37.41 -8.00 12.14
CA PHE R 700 36.47 -6.99 11.73
C PHE R 700 35.53 -6.62 12.85
N ASP R 701 35.17 -7.59 13.69
CA ASP R 701 34.40 -7.23 14.87
C ASP R 701 35.13 -6.18 15.66
N GLU R 702 36.43 -6.35 15.81
CA GLU R 702 37.23 -5.36 16.52
C GLU R 702 37.21 -4.02 15.81
N TYR R 703 37.38 -4.04 14.50
CA TYR R 703 37.42 -2.80 13.75
C TYR R 703 36.14 -2.02 13.93
N HIS R 704 35.00 -2.64 13.61
CA HIS R 704 33.73 -1.99 13.85
C HIS R 704 33.61 -1.55 15.29
N ALA R 705 34.26 -2.25 16.20
CA ALA R 705 34.27 -1.81 17.59
C ALA R 705 35.20 -0.63 17.80
N GLY R 706 36.27 -0.52 17.02
CA GLY R 706 37.12 0.64 17.11
C GLY R 706 38.27 0.56 18.10
N HIS R 707 38.58 -0.62 18.63
CA HIS R 707 39.82 -0.80 19.38
C HIS R 707 40.94 -0.97 18.36
N ILE R 708 41.26 0.16 17.72
CA ILE R 708 42.09 0.16 16.53
C ILE R 708 43.33 -0.69 16.73
N ASP R 709 44.08 -0.42 17.79
CA ASP R 709 45.37 -1.07 17.95
C ASP R 709 45.24 -2.57 17.88
N LEU R 710 44.39 -3.15 18.72
CA LEU R 710 44.26 -4.60 18.74
C LEU R 710 44.15 -5.14 17.34
N SER R 711 43.25 -4.59 16.54
CA SER R 711 43.14 -5.06 15.17
C SER R 711 44.46 -4.87 14.44
N PHE R 712 45.13 -3.74 14.67
CA PHE R 712 46.41 -3.55 14.00
C PHE R 712 47.33 -4.71 14.29
N ASP R 713 47.46 -5.03 15.57
CA ASP R 713 48.28 -6.16 15.95
C ASP R 713 47.77 -7.43 15.32
N VAL R 714 46.46 -7.53 15.18
CA VAL R 714 45.85 -8.77 14.73
C VAL R 714 46.26 -9.05 13.31
N ILE R 715 46.07 -8.08 12.43
CA ILE R 715 46.50 -8.24 11.05
C ILE R 715 48.01 -8.36 10.98
N GLU R 716 48.72 -7.59 11.80
CA GLU R 716 50.16 -7.60 11.75
C GLU R 716 50.69 -9.00 11.98
N ARG R 717 50.29 -9.62 13.08
CA ARG R 717 50.52 -11.03 13.24
C ARG R 717 50.01 -11.80 12.04
N LEU R 718 48.78 -11.50 11.61
CA LEU R 718 48.11 -12.27 10.58
C LEU R 718 48.84 -12.23 9.26
N LYS R 719 49.69 -11.22 9.06
CA LYS R 719 50.61 -11.18 7.93
C LYS R 719 49.92 -11.51 6.62
N LEU R 720 48.77 -10.88 6.36
CA LEU R 720 48.14 -11.04 5.06
C LEU R 720 48.56 -9.96 4.09
N VAL R 721 48.21 -8.72 4.38
CA VAL R 721 48.73 -7.59 3.63
C VAL R 721 50.22 -7.54 3.93
N PRO R 722 51.09 -7.26 2.97
CA PRO R 722 52.45 -6.86 3.33
C PRO R 722 52.37 -5.62 4.23
N LEU R 723 53.43 -5.36 4.99
CA LEU R 723 53.44 -4.18 5.85
C LEU R 723 54.72 -3.38 5.74
N SER R 724 55.81 -4.00 5.33
CA SER R 724 57.05 -3.26 5.14
C SER R 724 57.52 -3.53 3.72
N GLN R 725 58.02 -2.47 3.07
CA GLN R 725 58.23 -2.52 1.64
C GLN R 725 58.83 -3.84 1.21
N ASP R 726 59.86 -4.30 1.89
CA ASP R 726 60.53 -5.53 1.49
C ASP R 726 59.65 -6.74 1.70
N SER R 727 58.47 -6.57 2.27
CA SER R 727 57.53 -7.68 2.31
C SER R 727 56.70 -7.79 1.05
N VAL R 728 56.32 -6.64 0.46
CA VAL R 728 55.25 -6.63 -0.54
C VAL R 728 55.39 -7.80 -1.50
N GLU R 729 56.60 -7.98 -2.03
CA GLU R 729 56.81 -8.98 -3.05
C GLU R 729 56.20 -10.32 -2.64
N GLU R 730 56.71 -10.92 -1.57
CA GLU R 730 56.24 -12.26 -1.23
C GLU R 730 54.74 -12.27 -1.04
N ARG R 731 54.21 -11.26 -0.34
CA ARG R 731 52.79 -11.25 -0.05
C ARG R 731 51.97 -11.41 -1.33
N VAL R 732 52.30 -10.64 -2.35
CA VAL R 732 51.46 -10.64 -3.53
C VAL R 732 51.49 -12.01 -4.19
N ALA R 733 52.67 -12.64 -4.27
CA ALA R 733 52.75 -13.92 -4.97
C ALA R 733 51.88 -14.96 -4.28
N ALA R 734 51.65 -14.80 -2.98
CA ALA R 734 50.86 -15.77 -2.25
C ALA R 734 49.42 -15.78 -2.71
N PHE R 735 48.91 -14.63 -3.18
CA PHE R 735 47.53 -14.61 -3.68
C PHE R 735 47.36 -15.56 -4.87
N ARG R 736 48.47 -15.93 -5.51
CA ARG R 736 48.38 -16.89 -6.60
C ARG R 736 47.86 -18.23 -6.11
N ASN R 737 47.98 -18.50 -4.82
CA ASN R 737 47.35 -19.65 -4.19
C ASN R 737 46.20 -19.27 -3.26
N PHE R 738 45.98 -17.97 -3.03
CA PHE R 738 44.99 -17.54 -2.05
C PHE R 738 43.65 -18.23 -2.27
N SER R 739 42.96 -18.49 -1.18
CA SER R 739 41.68 -19.17 -1.26
C SER R 739 40.56 -18.20 -1.60
N ASP R 740 39.47 -18.75 -2.11
CA ASP R 740 38.45 -17.92 -2.74
C ASP R 740 37.76 -17.01 -1.73
N GLU R 741 37.36 -17.57 -0.59
CA GLU R 741 36.63 -16.77 0.38
C GLU R 741 37.44 -15.56 0.79
N ILE R 742 38.71 -15.78 1.10
CA ILE R 742 39.60 -14.65 1.35
C ILE R 742 39.47 -13.64 0.24
N ARG R 743 39.72 -14.07 -0.99
CA ARG R 743 39.67 -13.16 -2.13
C ARG R 743 38.42 -12.31 -2.09
N HIS R 744 37.28 -12.94 -1.88
CA HIS R 744 36.03 -12.21 -1.88
C HIS R 744 36.05 -11.04 -0.90
N ASN R 745 36.82 -11.14 0.16
CA ASN R 745 36.82 -10.07 1.14
C ASN R 745 38.06 -9.19 1.06
N LEU R 746 39.07 -9.60 0.29
CA LEU R 746 40.36 -8.93 0.34
C LEU R 746 40.24 -7.44 0.07
N SER R 747 39.23 -7.05 -0.70
CA SER R 747 39.01 -5.63 -0.92
C SER R 747 38.69 -4.92 0.38
N GLU R 748 37.60 -5.28 1.04
CA GLU R 748 37.27 -4.66 2.31
C GLU R 748 38.44 -4.77 3.27
N ILE R 749 39.22 -5.85 3.14
CA ILE R 749 40.41 -5.99 3.97
C ILE R 749 41.34 -4.80 3.79
N LEU R 750 41.77 -4.55 2.56
CA LEU R 750 42.69 -3.45 2.32
C LEU R 750 42.06 -2.13 2.72
N LEU R 751 40.76 -1.97 2.43
CA LEU R 751 40.08 -0.73 2.80
C LEU R 751 40.21 -0.48 4.29
N ALA R 752 40.03 -1.53 5.10
CA ALA R 752 40.14 -1.39 6.54
C ALA R 752 41.57 -1.08 6.96
N THR R 753 42.55 -1.80 6.39
CA THR R 753 43.93 -1.56 6.77
C THR R 753 44.29 -0.10 6.60
N MET R 754 43.95 0.47 5.45
CA MET R 754 44.31 1.87 5.22
C MET R 754 43.47 2.80 6.06
N ASN R 755 42.17 2.51 6.23
CA ASN R 755 41.35 3.30 7.12
C ASN R 755 42.00 3.41 8.49
N ILE R 756 42.48 2.28 9.00
CA ILE R 756 43.12 2.27 10.31
C ILE R 756 44.38 3.13 10.30
N LEU R 757 45.34 2.79 9.44
CA LEU R 757 46.60 3.51 9.44
C LEU R 757 46.37 5.01 9.34
N PHE R 758 45.34 5.41 8.61
CA PHE R 758 45.05 6.83 8.49
C PHE R 758 44.51 7.39 9.79
N THR R 759 43.61 6.68 10.44
CA THR R 759 43.19 7.12 11.76
C THR R 759 44.40 7.27 12.67
N GLN R 760 45.37 6.37 12.55
CA GLN R 760 46.55 6.42 13.40
C GLN R 760 47.32 7.71 13.18
N TYR R 761 47.85 7.91 11.97
CA TYR R 761 48.65 9.10 11.72
C TYR R 761 47.83 10.36 11.97
N LYS R 762 46.52 10.28 11.78
CA LYS R 762 45.66 11.40 12.10
C LYS R 762 45.78 11.74 13.58
N ARG R 763 45.42 10.80 14.44
CA ARG R 763 45.50 11.05 15.88
C ARG R 763 46.90 11.51 16.25
N LEU R 764 47.93 10.93 15.63
CA LEU R 764 49.29 11.35 15.92
C LEU R 764 49.48 12.82 15.61
N LYS R 765 48.89 13.29 14.51
CA LYS R 765 48.98 14.70 14.17
C LYS R 765 48.27 15.55 15.22
N GLY R 766 46.99 15.28 15.45
CA GLY R 766 46.19 16.09 16.35
C GLY R 766 46.66 16.07 17.78
N VAL R 785 57.38 5.23 8.63
CA VAL R 785 56.85 3.96 9.10
C VAL R 785 55.43 3.84 8.64
N LEU R 786 54.53 4.55 9.35
CA LEU R 786 53.20 4.75 8.82
C LEU R 786 53.26 5.06 7.34
N ARG R 787 54.14 5.97 6.95
CA ARG R 787 54.34 6.24 5.54
C ARG R 787 54.83 5.01 4.80
N SER R 788 55.85 4.34 5.31
CA SER R 788 56.41 3.20 4.58
C SER R 788 55.40 2.06 4.49
N GLN R 789 54.66 1.83 5.57
CA GLN R 789 53.61 0.82 5.53
C GLN R 789 52.59 1.16 4.44
N ALA R 790 51.93 2.32 4.57
CA ALA R 790 50.92 2.73 3.60
C ALA R 790 51.42 2.59 2.17
N ARG R 791 52.69 2.95 1.94
CA ARG R 791 53.26 2.81 0.61
C ARG R 791 53.32 1.34 0.19
N ALA R 792 53.77 0.47 1.08
CA ALA R 792 53.82 -0.95 0.74
C ALA R 792 52.44 -1.49 0.39
N LEU R 793 51.42 -1.03 1.13
CA LEU R 793 50.05 -1.45 0.83
C LEU R 793 49.64 -1.00 -0.57
N ILE R 794 49.88 0.27 -0.89
CA ILE R 794 49.56 0.76 -2.22
C ILE R 794 50.21 -0.11 -3.27
N THR R 795 51.50 -0.38 -3.13
CA THR R 795 52.21 -1.14 -4.15
C THR R 795 51.62 -2.54 -4.31
N PHE R 796 51.33 -3.20 -3.19
CA PHE R 796 50.73 -4.52 -3.26
C PHE R 796 49.42 -4.45 -4.04
N ALA R 797 48.58 -3.48 -3.74
CA ALA R 797 47.37 -3.27 -4.54
C ALA R 797 47.71 -3.12 -6.00
N GLY R 798 48.83 -2.45 -6.28
CA GLY R 798 49.23 -2.26 -7.66
C GLY R 798 49.51 -3.53 -8.42
N MET R 799 50.43 -4.36 -7.94
CA MET R 799 50.90 -5.46 -8.78
C MET R 799 50.06 -6.73 -8.69
N ILE R 800 48.79 -6.63 -8.34
CA ILE R 800 48.00 -7.82 -8.00
C ILE R 800 47.28 -8.33 -9.25
N PRO R 801 47.31 -9.63 -9.54
CA PRO R 801 46.72 -10.16 -10.78
C PRO R 801 45.20 -10.32 -10.74
N TYR R 802 44.51 -9.29 -10.29
CA TYR R 802 43.06 -9.29 -10.23
C TYR R 802 42.56 -7.90 -9.90
N ARG R 803 41.56 -7.45 -10.62
CA ARG R 803 41.01 -6.11 -10.41
C ARG R 803 40.21 -6.12 -9.13
N MET R 804 40.75 -5.48 -8.11
CA MET R 804 39.82 -4.97 -7.12
C MET R 804 38.85 -4.03 -7.82
N SER R 805 37.70 -3.83 -7.21
CA SER R 805 36.76 -2.87 -7.74
C SER R 805 37.38 -1.48 -7.70
N GLY R 806 36.81 -0.57 -8.48
CA GLY R 806 37.40 0.74 -8.63
C GLY R 806 37.28 1.60 -7.39
N ASP R 807 36.07 1.73 -6.85
CA ASP R 807 35.86 2.65 -5.74
C ASP R 807 36.89 2.44 -4.65
N THR R 808 37.22 1.17 -4.38
CA THR R 808 38.37 0.87 -3.55
C THR R 808 39.58 1.68 -3.99
N ASN R 809 40.04 1.46 -5.21
CA ASN R 809 41.28 2.09 -5.66
C ASN R 809 41.22 3.60 -5.49
N ALA R 810 40.05 4.18 -5.73
CA ALA R 810 39.89 5.60 -5.50
C ALA R 810 40.18 5.97 -4.06
N ARG R 811 39.50 5.31 -3.12
CA ARG R 811 39.71 5.64 -1.71
C ARG R 811 41.16 5.41 -1.30
N LEU R 812 41.78 4.33 -1.79
CA LEU R 812 43.15 4.01 -1.41
C LEU R 812 44.10 5.11 -1.87
N VAL R 813 43.99 5.53 -3.12
CA VAL R 813 44.84 6.62 -3.60
C VAL R 813 44.58 7.89 -2.80
N GLN R 814 43.31 8.22 -2.61
CA GLN R 814 42.96 9.45 -1.91
C GLN R 814 43.61 9.48 -0.53
N MET R 815 43.50 8.39 0.21
CA MET R 815 44.10 8.35 1.55
C MET R 815 45.62 8.40 1.46
N GLU R 816 46.21 7.54 0.63
CA GLU R 816 47.66 7.53 0.49
C GLU R 816 48.20 8.94 0.26
N VAL R 817 47.42 9.78 -0.42
CA VAL R 817 47.87 11.15 -0.63
C VAL R 817 47.63 12.00 0.60
N LEU R 818 46.41 11.92 1.16
CA LEU R 818 45.98 12.89 2.18
C LEU R 818 46.89 12.91 3.40
N MET R 819 47.83 11.98 3.51
CA MET R 819 48.77 11.98 4.62
C MET R 819 50.12 12.52 4.19
N ALA S 13 69.95 71.82 -16.61
CA ALA S 13 71.09 71.82 -17.52
C ALA S 13 71.54 73.23 -17.84
N ALA S 14 70.69 73.95 -18.60
CA ALA S 14 71.04 75.30 -19.05
C ALA S 14 70.98 76.30 -17.90
N MET S 15 69.98 76.17 -17.02
CA MET S 15 69.93 77.03 -15.84
C MET S 15 71.10 76.74 -14.90
N GLN S 16 71.45 75.45 -14.76
CA GLN S 16 72.62 75.11 -13.96
C GLN S 16 73.90 75.70 -14.55
N GLU S 17 74.05 75.63 -15.87
CA GLU S 17 75.23 76.20 -16.51
C GLU S 17 75.26 77.72 -16.36
N ALA S 18 74.11 78.37 -16.46
CA ALA S 18 74.05 79.81 -16.27
C ALA S 18 74.44 80.19 -14.85
N LEU S 19 73.94 79.44 -13.86
CA LEU S 19 74.30 79.72 -12.48
C LEU S 19 75.79 79.47 -12.24
N GLU S 20 76.35 78.44 -12.87
CA GLU S 20 77.77 78.17 -12.73
C GLU S 20 78.61 79.29 -13.33
N GLY S 21 78.25 79.75 -14.53
CA GLY S 21 78.96 80.86 -15.13
C GLY S 21 78.87 82.14 -14.31
N ALA S 22 77.67 82.42 -13.77
CA ALA S 22 77.50 83.62 -12.97
C ALA S 22 78.29 83.52 -11.66
N GLY S 23 78.29 82.34 -11.04
CA GLY S 23 79.14 82.14 -9.88
C GLY S 23 80.61 82.31 -10.22
N ARG S 24 81.00 81.90 -11.42
CA ARG S 24 82.37 82.14 -11.87
C ARG S 24 82.66 83.64 -11.98
N ILE S 25 81.69 84.40 -12.50
CA ILE S 25 81.85 85.85 -12.57
C ILE S 25 81.98 86.44 -11.17
N ILE S 26 81.18 85.93 -10.24
CA ILE S 26 81.23 86.41 -8.86
C ILE S 26 82.59 86.13 -8.25
N ASP S 27 83.06 84.89 -8.37
CA ASP S 27 84.37 84.52 -7.83
C ASP S 27 85.48 85.35 -8.45
N ARG S 28 85.41 85.58 -9.76
CA ARG S 28 86.43 86.38 -10.43
C ARG S 28 86.44 87.81 -9.89
N LEU S 29 85.27 88.45 -9.86
CA LEU S 29 85.21 89.82 -9.38
C LEU S 29 85.58 89.91 -7.89
N LEU S 30 85.32 88.85 -7.12
CA LEU S 30 85.59 88.90 -5.69
C LEU S 30 87.08 88.71 -5.42
N GLN S 31 87.73 87.77 -6.10
CA GLN S 31 89.18 87.71 -6.06
C GLN S 31 89.78 89.03 -6.51
N GLU S 32 89.24 89.62 -7.58
CA GLU S 32 89.74 90.91 -8.06
C GLU S 32 89.67 91.95 -6.95
N ASP S 33 88.48 92.15 -6.38
CA ASP S 33 88.32 93.11 -5.29
C ASP S 33 89.16 92.76 -4.08
N ARG S 34 89.56 91.50 -3.94
CA ARG S 34 90.48 91.14 -2.88
C ARG S 34 91.92 91.49 -3.21
N ALA S 35 92.25 91.62 -4.49
CA ALA S 35 93.61 91.95 -4.90
C ALA S 35 93.75 93.46 -5.14
N ASP S 38 99.62 96.94 -2.23
CA ASP S 38 100.17 97.36 -0.95
C ASP S 38 100.54 98.84 -0.97
N LEU S 39 100.68 99.42 0.23
CA LEU S 39 101.02 100.83 0.34
C LEU S 39 102.38 101.12 -0.29
N SER S 40 103.41 100.36 0.10
CA SER S 40 104.74 100.55 -0.48
C SER S 40 104.69 100.55 -1.99
N GLU S 41 103.97 99.58 -2.58
CA GLU S 41 103.86 99.52 -4.03
C GLU S 41 103.15 100.75 -4.58
N LEU S 42 102.14 101.25 -3.86
CA LEU S 42 101.49 102.49 -4.27
C LEU S 42 102.46 103.66 -4.20
N LEU S 43 103.34 103.65 -3.19
CA LEU S 43 104.46 104.58 -3.14
C LEU S 43 105.61 104.14 -4.03
N ASN S 44 105.46 103.03 -4.75
CA ASN S 44 106.44 102.56 -5.73
C ASN S 44 107.81 102.30 -5.07
N VAL S 45 107.80 102.00 -3.78
CA VAL S 45 109.01 101.68 -3.05
C VAL S 45 109.33 100.20 -3.28
N PRO S 46 110.25 99.87 -4.18
CA PRO S 46 110.55 98.44 -4.39
C PRO S 46 111.17 97.78 -3.17
N VAL S 47 112.06 98.49 -2.47
CA VAL S 47 112.74 97.94 -1.31
C VAL S 47 113.03 99.07 -0.34
N HIS S 48 113.00 98.75 0.96
CA HIS S 48 113.23 99.76 1.99
C HIS S 48 114.56 100.48 1.79
N THR S 49 115.54 99.83 1.15
CA THR S 49 116.85 100.43 0.94
C THR S 49 116.92 101.28 -0.32
N CYS S 50 115.80 101.47 -1.03
CA CYS S 50 115.72 102.31 -2.21
C CYS S 50 114.60 103.31 -2.00
N PRO S 51 114.84 104.40 -1.26
CA PRO S 51 113.76 105.35 -0.96
C PRO S 51 113.21 106.00 -2.23
N THR S 52 111.93 106.35 -2.18
CA THR S 52 111.23 106.97 -3.30
C THR S 52 110.76 108.36 -2.90
N ILE S 53 110.37 109.14 -3.91
CA ILE S 53 109.85 110.50 -3.71
C ILE S 53 108.65 110.69 -4.61
N SER S 54 107.58 111.25 -4.05
CA SER S 54 106.29 111.33 -4.75
C SER S 54 105.73 112.74 -4.63
N GLY S 55 104.66 112.99 -5.37
CA GLY S 55 103.97 114.25 -5.32
C GLY S 55 104.63 115.39 -6.05
N VAL S 56 105.64 115.13 -6.85
CA VAL S 56 106.30 116.18 -7.62
C VAL S 56 105.33 116.74 -8.65
N GLU S 76 84.10 116.42 -0.15
CA GLU S 76 84.91 115.40 0.49
C GLU S 76 84.53 115.23 1.96
N ILE S 77 84.40 116.35 2.65
CA ILE S 77 84.03 116.36 4.05
C ILE S 77 82.57 116.78 4.16
N SER S 78 81.85 116.13 5.07
CA SER S 78 80.50 116.57 5.38
C SER S 78 80.53 118.00 5.89
N ALA S 79 79.38 118.66 5.85
CA ALA S 79 79.29 120.00 6.42
C ALA S 79 79.61 119.94 7.91
N ILE S 80 80.24 120.98 8.41
CA ILE S 80 80.79 120.96 9.76
C ILE S 80 79.63 121.05 10.76
N ARG S 81 79.61 120.11 11.72
CA ARG S 81 78.63 120.16 12.80
C ARG S 81 79.32 120.68 14.05
N ARG S 82 78.99 121.90 14.45
CA ARG S 82 79.62 122.55 15.59
C ARG S 82 78.68 122.58 16.78
N VAL S 83 79.21 122.28 17.95
CA VAL S 83 78.47 122.34 19.21
C VAL S 83 79.26 123.23 20.17
N PRO S 84 78.62 124.22 20.78
CA PRO S 84 79.39 125.22 21.53
C PRO S 84 79.99 124.65 22.80
N LEU S 85 80.94 125.42 23.35
CA LEU S 85 81.56 125.05 24.60
C LEU S 85 80.52 125.01 25.71
N PRO S 86 80.61 124.06 26.65
CA PRO S 86 79.70 124.05 27.78
C PRO S 86 79.84 125.33 28.60
N PRO S 87 78.73 125.97 28.97
CA PRO S 87 78.82 127.29 29.61
C PRO S 87 79.61 127.31 30.91
N GLU S 88 79.50 126.25 31.72
CA GLU S 88 80.28 126.19 32.95
C GLU S 88 81.77 126.26 32.66
N LEU S 89 82.19 125.68 31.53
CA LEU S 89 83.59 125.80 31.14
C LEU S 89 83.94 127.23 30.76
N ILE S 90 83.01 127.97 30.16
CA ILE S 90 83.29 129.35 29.78
C ILE S 90 83.39 130.22 31.03
N GLU S 91 82.59 129.93 32.04
CA GLU S 91 82.71 130.68 33.29
C GLU S 91 83.94 130.27 34.08
N GLN S 92 84.40 129.03 33.93
CA GLN S 92 85.63 128.61 34.58
C GLN S 92 86.87 129.18 33.91
N PHE S 93 86.81 129.38 32.58
CA PHE S 93 87.96 129.94 31.86
C PHE S 93 88.38 131.29 32.42
N GLY S 94 87.46 132.01 33.06
CA GLY S 94 87.82 133.23 33.75
C GLY S 94 88.66 133.00 34.99
N HIS S 95 88.71 131.77 35.48
CA HIS S 95 89.52 131.42 36.65
C HIS S 95 90.87 130.85 36.28
N MET S 96 91.19 130.72 35.00
CA MET S 96 92.43 130.10 34.57
C MET S 96 93.63 130.78 35.24
N GLN S 97 94.51 129.98 35.83
CA GLN S 97 95.64 130.51 36.57
C GLN S 97 96.90 130.62 35.73
N CYS S 98 97.43 129.51 35.23
CA CYS S 98 98.60 129.58 34.37
C CYS S 98 98.53 128.57 33.23
N ASN S 99 97.80 127.48 33.44
CA ASN S 99 97.88 126.33 32.54
C ASN S 99 96.48 125.89 32.13
N CYS S 100 96.28 125.74 30.83
CA CYS S 100 95.00 125.32 30.27
C CYS S 100 95.26 124.27 29.20
N MET S 101 94.65 123.11 29.35
CA MET S 101 94.86 122.00 28.43
C MET S 101 93.52 121.55 27.86
N MET S 102 93.54 121.18 26.58
CA MET S 102 92.33 120.71 25.92
C MET S 102 92.65 119.40 25.21
N GLY S 103 91.70 118.47 25.28
CA GLY S 103 91.88 117.20 24.62
C GLY S 103 90.54 116.56 24.32
N VAL S 104 90.60 115.46 23.61
CA VAL S 104 89.40 114.75 23.21
C VAL S 104 89.59 113.26 23.47
N PHE S 105 88.69 112.69 24.26
CA PHE S 105 88.63 111.24 24.48
C PHE S 105 87.44 110.77 23.65
N PRO S 106 87.65 110.51 22.35
CA PRO S 106 86.55 109.98 21.54
C PRO S 106 86.03 108.65 22.04
N GLU S 107 86.92 107.81 22.57
CA GLU S 107 86.54 106.47 23.02
C GLU S 107 85.45 106.48 24.09
N ILE S 108 85.16 107.64 24.68
CA ILE S 108 84.04 107.79 25.61
C ILE S 108 83.02 108.78 25.09
N SER S 109 83.16 109.24 23.85
CA SER S 109 82.37 110.34 23.33
C SER S 109 82.46 111.55 24.25
N ARG S 110 83.70 111.90 24.62
CA ARG S 110 83.95 112.95 25.59
C ARG S 110 85.02 113.92 25.11
N ALA S 111 84.88 115.18 25.51
CA ALA S 111 85.94 116.15 25.40
C ALA S 111 86.34 116.62 26.80
N TRP S 112 87.60 117.00 26.95
CA TRP S 112 88.15 117.27 28.26
C TRP S 112 88.90 118.58 28.26
N LEU S 113 88.76 119.31 29.35
CA LEU S 113 89.46 120.58 29.52
C LEU S 113 89.96 120.68 30.95
N THR S 114 91.26 120.91 31.09
CA THR S 114 91.86 121.09 32.40
C THR S 114 92.25 122.55 32.58
N ILE S 115 91.78 123.16 33.67
CA ILE S 115 92.28 124.45 34.11
C ILE S 115 93.14 124.11 35.31
N ASP S 116 94.16 124.92 35.58
CA ASP S 116 95.44 124.42 36.11
C ASP S 116 95.33 123.17 36.98
N SER S 117 94.48 123.16 38.01
CA SER S 117 94.48 122.04 38.95
C SER S 117 93.39 120.99 38.69
N ASP S 118 92.26 121.38 38.12
CA ASP S 118 91.11 120.51 37.98
C ASP S 118 90.77 120.22 36.52
N ILE S 119 90.02 119.14 36.32
CA ILE S 119 89.60 118.69 35.00
C ILE S 119 88.08 118.77 34.92
N PHE S 120 87.57 119.10 33.74
CA PHE S 120 86.16 119.04 33.44
C PHE S 120 85.95 118.23 32.17
N MET S 121 85.07 117.24 32.24
CA MET S 121 84.84 116.37 31.10
C MET S 121 83.37 116.47 30.72
N TRP S 122 83.11 116.55 29.42
CA TRP S 122 81.75 116.73 28.93
C TRP S 122 81.54 115.88 27.69
N ASN S 123 80.28 115.80 27.27
CA ASN S 123 79.92 115.06 26.06
C ASN S 123 80.22 115.93 24.84
N TYR S 124 81.16 115.48 24.00
CA TYR S 124 81.58 116.27 22.86
C TYR S 124 80.54 116.33 21.75
N GLU S 125 79.49 115.52 21.82
CA GLU S 125 78.49 115.54 20.75
C GLU S 125 77.40 116.57 21.02
N ASP S 126 76.93 116.65 22.26
CA ASP S 126 75.83 117.53 22.61
C ASP S 126 76.11 118.43 23.81
N GLY S 127 77.31 118.39 24.37
CA GLY S 127 77.65 119.24 25.49
C GLY S 127 77.07 118.81 26.82
N GLY S 128 76.24 117.78 26.85
CA GLY S 128 75.60 117.34 28.07
C GLY S 128 76.54 116.60 29.00
N ASP S 129 76.02 116.28 30.18
CA ASP S 129 76.70 115.43 31.16
C ASP S 129 78.06 115.99 31.55
N LEU S 130 78.10 117.27 31.89
CA LEU S 130 79.33 117.87 32.37
C LEU S 130 79.63 117.34 33.77
N ALA S 131 80.80 116.74 33.95
CA ALA S 131 81.27 116.33 35.26
C ALA S 131 82.63 116.98 35.53
N TYR S 132 82.92 117.21 36.81
CA TYR S 132 84.12 117.91 37.18
C TYR S 132 84.89 117.12 38.24
N TYR S 133 86.22 117.19 38.15
CA TYR S 133 87.10 116.52 39.09
C TYR S 133 88.11 117.53 39.59
N ASP S 134 88.22 117.65 40.91
CA ASP S 134 89.10 118.64 41.53
C ASP S 134 89.97 118.04 42.62
N GLY S 135 90.25 116.74 42.55
CA GLY S 135 91.01 116.08 43.59
C GLY S 135 92.48 116.43 43.66
N LEU S 136 92.99 117.19 42.71
CA LEU S 136 94.40 117.55 42.66
C LEU S 136 94.58 119.02 43.02
N SER S 137 95.57 119.31 43.86
CA SER S 137 95.92 120.67 44.23
C SER S 137 97.12 121.20 43.46
N GLU S 138 97.76 120.37 42.65
CA GLU S 138 98.87 120.78 41.79
C GLU S 138 98.40 120.87 40.36
N THR S 139 99.08 121.72 39.58
CA THR S 139 98.69 121.94 38.20
C THR S 139 98.78 120.65 37.40
N ILE S 140 97.82 120.44 36.50
CA ILE S 140 97.85 119.29 35.62
C ILE S 140 98.74 119.60 34.42
N LEU S 141 99.61 118.65 34.07
CA LEU S 141 100.46 118.78 32.91
C LEU S 141 100.14 117.80 31.80
N SER S 142 99.61 116.63 32.13
CA SER S 142 99.26 115.63 31.12
C SER S 142 98.15 114.75 31.68
N VAL S 143 97.20 114.40 30.81
CA VAL S 143 96.07 113.55 31.20
C VAL S 143 95.87 112.51 30.10
N GLY S 144 95.72 111.25 30.50
CA GLY S 144 95.53 110.18 29.55
C GLY S 144 94.43 109.20 29.92
N LEU S 145 93.86 108.53 28.93
CA LEU S 145 92.87 107.49 29.15
C LEU S 145 93.50 106.12 28.93
N VAL S 146 93.21 105.18 29.81
CA VAL S 146 93.84 103.87 29.80
C VAL S 146 92.76 102.80 29.89
N LYS S 147 92.92 101.73 29.14
CA LYS S 147 92.01 100.60 29.15
C LYS S 147 92.50 99.51 30.09
N ILE S 157 84.37 99.36 36.49
CA ILE S 157 85.64 100.02 36.27
C ILE S 157 86.01 99.93 34.81
N ARG S 158 85.29 100.67 33.97
CA ARG S 158 85.43 100.52 32.52
C ARG S 158 86.69 101.15 31.98
N PHE S 159 87.22 102.18 32.62
CA PHE S 159 88.42 102.83 32.12
C PHE S 159 89.20 103.43 33.29
N LEU S 160 90.35 104.01 32.99
CA LEU S 160 91.14 104.70 33.99
C LEU S 160 91.65 106.01 33.42
N LEU S 161 91.51 107.08 34.21
CA LEU S 161 92.07 108.38 33.88
C LEU S 161 93.37 108.57 34.67
N VAL S 162 94.47 108.77 33.96
CA VAL S 162 95.78 108.95 34.58
C VAL S 162 96.17 110.41 34.43
N LEU S 163 96.19 111.13 35.54
CA LEU S 163 96.52 112.53 35.58
C LEU S 163 97.92 112.70 36.15
N SER S 164 98.67 113.67 35.62
CA SER S 164 100.03 113.94 36.07
C SER S 164 100.12 115.38 36.56
N THR S 165 100.65 115.56 37.75
CA THR S 165 100.97 116.88 38.26
C THR S 165 102.48 116.97 38.42
N PRO S 166 103.03 118.15 38.72
CA PRO S 166 104.48 118.26 38.89
C PRO S 166 105.04 117.36 39.97
N VAL S 167 104.20 116.81 40.84
CA VAL S 167 104.64 116.03 41.98
C VAL S 167 104.32 114.54 41.80
N ASP S 168 103.21 114.21 41.15
CA ASP S 168 102.72 112.84 41.21
C ASP S 168 101.98 112.44 39.94
N ILE S 169 101.63 111.17 39.90
CA ILE S 169 100.70 110.60 38.93
C ILE S 169 99.58 109.95 39.71
N VAL S 170 98.36 110.42 39.50
CA VAL S 170 97.17 109.90 40.15
C VAL S 170 96.35 109.15 39.11
N ILE S 171 96.00 107.90 39.41
CA ILE S 171 95.26 107.04 38.50
C ILE S 171 93.89 106.79 39.13
N LEU S 172 92.84 107.21 38.44
CA LEU S 172 91.46 107.08 38.90
C LEU S 172 90.70 106.11 38.00
N GLY S 173 89.72 105.44 38.57
CA GLY S 173 88.86 104.54 37.81
C GLY S 173 87.57 105.22 37.39
N LEU S 174 87.22 105.04 36.12
CA LEU S 174 86.04 105.66 35.53
C LEU S 174 85.03 104.58 35.18
N SER S 175 83.78 104.76 35.62
CA SER S 175 82.71 103.80 35.43
C SER S 175 81.56 104.48 34.70
N PHE S 176 80.55 103.68 34.38
CA PHE S 176 79.38 104.14 33.65
C PHE S 176 78.12 103.82 34.44
N ALA S 177 77.29 104.84 34.65
CA ALA S 177 75.99 104.61 35.25
C ALA S 177 75.07 103.99 34.21
N GLY S 190 75.58 106.63 28.61
CA GLY S 190 75.55 106.45 30.04
C GLY S 190 76.25 107.57 30.78
N GLY S 191 75.80 107.86 31.99
CA GLY S 191 76.46 108.88 32.80
C GLY S 191 77.89 108.48 33.11
N MET S 192 78.85 109.27 32.63
CA MET S 192 80.23 109.05 33.02
C MET S 192 80.36 109.31 34.52
N GLN S 193 80.99 108.38 35.24
CA GLN S 193 81.07 108.45 36.69
C GLN S 193 82.53 108.39 37.10
N LEU S 194 83.00 109.45 37.73
CA LEU S 194 84.38 109.55 38.17
C LEU S 194 84.51 109.07 39.61
N LEU S 195 85.34 108.05 39.82
CA LEU S 195 85.65 107.63 41.17
C LEU S 195 86.28 108.79 41.93
N PRO S 196 85.76 109.15 43.10
CA PRO S 196 86.33 110.29 43.82
C PRO S 196 87.68 109.99 44.45
N ASP S 197 87.90 108.75 44.93
CA ASP S 197 89.12 108.37 45.61
C ASP S 197 90.12 107.78 44.62
N PRO S 198 91.35 108.28 44.57
CA PRO S 198 92.31 107.78 43.59
C PRO S 198 92.61 106.30 43.79
N LEU S 199 92.70 105.57 42.68
CA LEU S 199 93.01 104.14 42.75
C LEU S 199 94.50 103.91 42.91
N TYR S 200 95.33 104.73 42.26
CA TYR S 200 96.77 104.57 42.32
C TYR S 200 97.43 105.93 42.51
N SER S 201 98.50 105.95 43.31
CA SER S 201 99.28 107.15 43.54
C SER S 201 100.75 106.84 43.33
N LEU S 202 101.44 107.68 42.57
CA LEU S 202 102.86 107.48 42.32
C LEU S 202 103.59 108.80 42.31
N PRO S 203 104.88 108.82 42.65
CA PRO S 203 105.65 110.06 42.55
C PRO S 203 106.33 110.19 41.19
N THR S 204 106.36 111.41 40.66
CA THR S 204 106.91 111.64 39.34
C THR S 204 108.43 111.84 39.35
N ASP S 205 109.06 111.75 40.52
CA ASP S 205 110.51 111.92 40.65
C ASP S 205 110.98 113.21 40.00
N ASN S 206 110.23 114.28 40.23
CA ASN S 206 110.53 115.61 39.69
C ASN S 206 110.66 115.61 38.17
N THR S 207 110.01 114.67 37.49
CA THR S 207 110.06 114.59 36.04
C THR S 207 108.70 115.01 35.48
N TYR S 208 108.66 116.15 34.81
CA TYR S 208 107.42 116.63 34.22
C TYR S 208 106.99 115.69 33.10
N LEU S 209 105.84 115.07 33.27
CA LEU S 209 105.30 114.13 32.30
C LEU S 209 104.40 114.90 31.33
N LEU S 210 104.77 114.89 30.05
CA LEU S 210 104.08 115.71 29.05
C LEU S 210 103.21 114.90 28.10
N SER S 211 103.30 113.57 28.12
CA SER S 211 102.45 112.73 27.29
C SER S 211 102.16 111.45 28.05
N ILE S 212 100.94 110.93 27.90
CA ILE S 212 100.53 109.70 28.56
C ILE S 212 99.67 108.90 27.59
N THR S 213 100.12 107.69 27.26
CA THR S 213 99.38 106.80 26.38
C THR S 213 99.33 105.44 27.02
N SER S 214 98.49 104.57 26.45
CA SER S 214 98.32 103.22 26.95
C SER S 214 98.21 102.25 25.78
N THR S 215 98.85 101.10 25.95
CA THR S 215 98.77 100.05 24.94
C THR S 215 97.44 99.32 25.05
N ASP S 216 97.14 98.52 24.02
CA ASP S 216 95.94 97.70 24.06
C ASP S 216 95.94 96.73 25.23
N ASN S 217 97.09 96.47 25.83
CA ASN S 217 97.22 95.56 26.95
C ASN S 217 97.31 96.26 28.30
N GLY S 218 96.93 97.53 28.37
CA GLY S 218 96.88 98.23 29.62
C GLY S 218 98.21 98.68 30.20
N ARG S 219 99.31 98.49 29.46
CA ARG S 219 100.56 99.09 29.87
C ARG S 219 100.47 100.60 29.73
N ILE S 220 101.10 101.32 30.65
CA ILE S 220 101.04 102.79 30.68
C ILE S 220 102.39 103.33 30.31
N PHE S 221 102.45 104.11 29.22
CA PHE S 221 103.66 104.77 28.80
C PHE S 221 103.48 106.28 28.97
N LEU S 222 104.57 106.97 29.31
CA LEU S 222 104.56 108.41 29.50
C LEU S 222 105.84 109.00 28.95
N SER S 223 105.77 110.28 28.58
CA SER S 223 106.91 111.03 28.09
C SER S 223 107.35 112.00 29.18
N GLY S 224 108.61 111.88 29.60
CA GLY S 224 109.15 112.78 30.58
C GLY S 224 109.81 113.98 29.94
N LYS S 225 109.72 115.12 30.61
CA LYS S 225 110.40 116.31 30.12
C LYS S 225 111.90 116.10 30.05
N ASP S 226 112.44 115.12 30.77
CA ASP S 226 113.84 114.78 30.69
C ASP S 226 114.18 113.97 29.44
N GLY S 227 113.21 113.74 28.55
CA GLY S 227 113.46 112.99 27.34
C GLY S 227 113.46 111.49 27.49
N CYS S 228 112.98 110.97 28.62
CA CYS S 228 112.95 109.55 28.88
C CYS S 228 111.52 109.01 28.79
N LEU S 229 111.41 107.76 28.38
CA LEU S 229 110.13 107.07 28.28
C LEU S 229 109.87 106.30 29.56
N TYR S 230 108.79 106.65 30.25
CA TYR S 230 108.42 106.04 31.52
C TYR S 230 107.28 105.07 31.32
N GLU S 231 107.17 104.10 32.23
CA GLU S 231 106.09 103.13 32.19
C GLU S 231 105.55 102.92 33.60
N VAL S 232 104.23 102.91 33.72
CA VAL S 232 103.56 102.68 35.00
C VAL S 232 103.12 101.21 35.01
N GLU S 233 103.87 100.38 35.70
CA GLU S 233 103.52 98.97 35.85
C GLU S 233 102.53 98.84 37.01
N TYR S 234 101.38 98.25 36.73
CA TYR S 234 100.32 98.11 37.71
C TYR S 234 99.95 96.64 37.86
N GLN S 235 99.53 96.28 39.06
CA GLN S 235 99.16 94.91 39.36
C GLN S 235 97.95 94.87 40.30
N ARG S 244 102.86 97.38 44.46
CA ARG S 244 101.70 97.01 43.66
C ARG S 244 101.59 97.89 42.41
N CYS S 245 102.14 99.10 42.50
CA CYS S 245 102.30 99.96 41.35
C CYS S 245 103.71 100.51 41.37
N ARG S 246 104.32 100.62 40.21
CA ARG S 246 105.71 101.04 40.16
C ARG S 246 105.98 101.85 38.90
N LYS S 247 106.86 102.84 39.05
CA LYS S 247 107.33 103.62 37.92
C LYS S 247 108.64 103.04 37.43
N ILE S 248 108.64 102.56 36.20
CA ILE S 248 109.81 101.97 35.58
C ILE S 248 110.32 102.93 34.51
N ASN S 249 111.63 103.06 34.40
CA ASN S 249 112.26 103.86 33.38
C ASN S 249 112.74 102.94 32.27
N HIS S 250 112.32 103.21 31.05
CA HIS S 250 112.63 102.35 29.92
C HIS S 250 113.88 102.81 29.19
N ILE S 273 110.23 114.14 25.51
CA ILE S 273 109.40 113.69 24.40
C ILE S 273 108.05 114.37 24.48
N VAL S 274 107.49 114.72 23.31
CA VAL S 274 106.18 115.36 23.26
C VAL S 274 105.10 114.47 22.64
N GLN S 275 105.45 113.28 22.13
CA GLN S 275 104.44 112.40 21.58
C GLN S 275 104.90 110.95 21.63
N ILE S 276 103.97 110.05 21.93
CA ILE S 276 104.20 108.62 21.86
C ILE S 276 103.10 108.00 21.00
N ALA S 277 103.50 107.12 20.09
CA ALA S 277 102.58 106.43 19.20
C ALA S 277 102.77 104.93 19.36
N ILE S 278 101.71 104.23 19.76
CA ILE S 278 101.76 102.80 20.00
C ILE S 278 101.17 102.10 18.78
N ASP S 279 102.01 101.41 18.03
CA ASP S 279 101.55 100.55 16.96
C ASP S 279 101.21 99.22 17.61
N ASN S 280 99.95 99.08 18.02
CA ASN S 280 99.51 97.85 18.67
C ASN S 280 99.38 96.71 17.65
N SER S 281 99.50 97.02 16.35
CA SER S 281 99.36 95.99 15.34
C SER S 281 100.55 95.04 15.29
N ARG S 282 101.73 95.48 15.70
CA ARG S 282 102.92 94.63 15.68
C ARG S 282 103.68 94.65 17.00
N ASN S 283 103.08 95.18 18.07
CA ASN S 283 103.77 95.37 19.34
C ASN S 283 104.99 96.27 19.16
N ILE S 284 104.74 97.48 18.68
CA ILE S 284 105.79 98.48 18.45
C ILE S 284 105.42 99.74 19.21
N LEU S 285 106.42 100.41 19.76
CA LEU S 285 106.26 101.73 20.31
C LEU S 285 107.18 102.68 19.55
N TYR S 286 106.68 103.86 19.23
CA TYR S 286 107.48 104.89 18.61
C TYR S 286 107.36 106.17 19.41
N THR S 287 108.46 106.88 19.55
CA THR S 287 108.48 108.09 20.36
C THR S 287 109.02 109.24 19.53
N ARG S 288 108.37 110.40 19.67
CA ARG S 288 108.78 111.63 19.00
C ARG S 288 109.06 112.68 20.06
N SER S 289 110.29 113.15 20.12
CA SER S 289 110.73 114.18 21.05
C SER S 289 110.58 115.56 20.42
N GLU S 290 111.10 116.57 21.13
CA GLU S 290 110.94 117.95 20.68
C GLU S 290 111.82 118.25 19.46
N LYS S 291 113.02 117.68 19.42
CA LYS S 291 113.97 117.96 18.33
C LYS S 291 113.75 117.07 17.12
N GLY S 292 112.61 116.40 17.01
CA GLY S 292 112.32 115.59 15.86
C GLY S 292 113.00 114.25 15.83
N VAL S 293 113.62 113.83 16.94
CA VAL S 293 114.26 112.53 17.01
C VAL S 293 113.19 111.46 17.18
N ILE S 294 113.17 110.49 16.26
CA ILE S 294 112.13 109.46 16.21
C ILE S 294 112.75 108.12 16.58
N GLN S 295 112.25 107.51 17.65
CA GLN S 295 112.81 106.25 18.14
C GLN S 295 111.77 105.15 18.09
N VAL S 296 112.24 103.93 17.83
CA VAL S 296 111.41 102.74 17.73
C VAL S 296 111.86 101.78 18.82
N TYR S 297 110.92 101.33 19.64
CA TYR S 297 111.17 100.37 20.70
C TYR S 297 110.29 99.16 20.49
N ASP S 298 110.88 97.97 20.60
CA ASP S 298 110.14 96.73 20.43
C ASP S 298 109.39 96.42 21.73
N LEU S 299 108.10 96.15 21.62
CA LEU S 299 107.30 95.69 22.75
C LEU S 299 107.30 94.18 22.88
N GLY S 300 108.13 93.49 22.11
CA GLY S 300 108.16 92.05 22.12
C GLY S 300 107.21 91.45 21.09
N VAL S 301 107.20 90.12 21.06
CA VAL S 301 106.19 89.43 20.25
C VAL S 301 104.90 89.29 21.05
N ASP S 302 104.99 89.36 22.36
CA ASP S 302 103.84 89.19 23.25
C ASP S 302 103.26 90.50 23.76
N GLY S 303 103.81 91.64 23.35
CA GLY S 303 103.28 92.93 23.75
C GLY S 303 103.55 93.33 25.18
N HIS S 304 104.45 92.64 25.88
CA HIS S 304 104.86 93.05 27.22
C HIS S 304 106.34 93.36 27.32
N GLY S 305 107.13 93.00 26.32
CA GLY S 305 108.54 93.32 26.32
C GLY S 305 108.79 94.81 26.21
N MET S 306 110.07 95.17 26.33
CA MET S 306 110.48 96.57 26.22
C MET S 306 111.93 96.62 25.79
N SER S 307 112.19 97.06 24.56
CA SER S 307 113.55 97.21 24.06
C SER S 307 113.57 98.25 22.96
N ARG S 308 114.28 99.34 23.21
CA ARG S 308 114.50 100.38 22.20
C ARG S 308 115.28 99.77 21.05
N VAL S 309 114.83 100.01 19.83
CA VAL S 309 115.36 99.32 18.65
C VAL S 309 116.08 100.29 17.72
N ALA S 310 115.37 101.29 17.22
CA ALA S 310 115.92 102.21 16.24
C ALA S 310 115.80 103.63 16.73
N SER S 311 116.55 104.53 16.11
CA SER S 311 116.44 105.95 16.41
C SER S 311 117.00 106.71 15.23
N VAL S 312 116.33 107.78 14.83
CA VAL S 312 116.71 108.60 13.69
C VAL S 312 116.67 110.07 14.13
N SER S 313 117.72 110.82 13.79
CA SER S 313 117.79 112.21 14.15
C SER S 313 117.27 113.09 13.02
N GLN S 314 116.61 114.20 13.40
CA GLN S 314 115.99 115.08 12.42
C GLN S 314 117.00 115.55 11.39
N ASN S 315 118.25 115.77 11.80
CA ASN S 315 119.28 116.14 10.84
C ASN S 315 119.47 115.05 9.79
N SER S 316 119.47 113.79 10.22
CA SER S 316 119.66 112.69 9.30
C SER S 316 118.49 112.53 8.35
N LEU S 317 117.26 112.68 8.86
CA LEU S 317 116.10 112.68 7.99
C LEU S 317 116.17 113.80 6.97
N VAL S 318 116.51 115.01 7.42
CA VAL S 318 116.67 116.13 6.50
C VAL S 318 117.68 115.79 5.42
N SER S 319 118.80 115.19 5.80
CA SER S 319 119.85 114.88 4.84
C SER S 319 119.39 113.84 3.82
N ALA S 320 118.82 112.72 4.30
CA ALA S 320 118.42 111.66 3.39
C ALA S 320 117.30 112.11 2.45
N ALA S 321 116.33 112.87 2.99
CA ALA S 321 115.23 113.34 2.15
C ALA S 321 115.70 114.38 1.15
N GLY S 322 116.56 115.31 1.57
CA GLY S 322 117.17 116.22 0.62
C GLY S 322 117.97 115.50 -0.45
N ASN S 323 118.51 114.34 -0.10
CA ASN S 323 119.16 113.50 -1.12
C ASN S 323 118.13 112.94 -2.09
N ILE S 324 117.02 112.39 -1.59
CA ILE S 324 115.96 111.93 -2.48
C ILE S 324 115.33 113.11 -3.22
N ALA S 325 115.10 114.21 -2.51
CA ALA S 325 114.58 115.43 -3.10
C ALA S 325 115.71 116.43 -3.35
N ARG S 326 116.48 116.17 -4.41
CA ARG S 326 117.66 116.96 -4.69
C ARG S 326 117.32 118.40 -5.04
N THR S 327 116.22 118.62 -5.76
CA THR S 327 115.87 119.95 -6.23
C THR S 327 114.92 120.70 -5.28
N ILE S 328 114.71 120.19 -4.08
CA ILE S 328 113.71 120.73 -3.15
C ILE S 328 114.40 121.32 -1.93
N ASP S 329 113.75 122.31 -1.32
CA ASP S 329 114.28 122.95 -0.13
C ASP S 329 114.25 122.00 1.05
N ARG S 330 115.42 121.80 1.68
CA ARG S 330 115.51 120.94 2.84
C ARG S 330 114.78 121.50 4.05
N ASN S 331 114.55 122.82 4.08
CA ASN S 331 113.79 123.40 5.18
C ASN S 331 112.35 122.91 5.19
N VAL S 332 111.88 122.38 4.06
CA VAL S 332 110.54 121.78 4.01
C VAL S 332 110.49 120.45 4.75
N PHE S 333 111.65 119.90 5.12
CA PHE S 333 111.70 118.60 5.77
C PHE S 333 111.75 118.70 7.29
N LYS S 334 111.89 119.91 7.84
CA LYS S 334 111.94 120.10 9.28
C LYS S 334 111.19 121.37 9.63
N PRO S 335 110.57 121.45 10.82
CA PRO S 335 110.52 120.46 11.90
C PRO S 335 109.42 119.42 11.70
N ILE S 336 109.71 118.17 12.05
CA ILE S 336 108.71 117.10 11.97
C ILE S 336 107.74 117.26 13.13
N ILE S 337 106.49 117.61 12.82
CA ILE S 337 105.55 118.01 13.86
C ILE S 337 104.67 116.87 14.37
N HIS S 338 104.53 115.77 13.62
CA HIS S 338 103.66 114.69 14.05
C HIS S 338 104.21 113.35 13.58
N ILE S 339 103.90 112.30 14.32
CA ILE S 339 104.18 110.93 13.93
C ILE S 339 102.94 110.08 14.20
N SER S 340 102.73 109.07 13.37
CA SER S 340 101.58 108.19 13.50
C SER S 340 101.93 106.82 12.94
N VAL S 341 101.35 105.79 13.54
CA VAL S 341 101.59 104.43 13.07
C VAL S 341 100.59 104.09 11.98
N ILE S 342 101.09 103.53 10.89
CA ILE S 342 100.25 102.90 9.89
C ILE S 342 100.17 101.44 10.29
N GLU S 343 99.06 101.04 10.89
CA GLU S 343 98.91 99.70 11.43
C GLU S 343 99.07 98.65 10.33
N MET S 344 99.21 97.40 10.76
CA MET S 344 99.42 96.31 9.82
C MET S 344 98.27 96.18 8.83
N SER S 345 97.07 96.57 9.22
CA SER S 345 95.92 96.45 8.33
C SER S 345 96.05 97.33 7.08
N GLU S 346 96.89 98.36 7.14
CA GLU S 346 97.09 99.26 6.01
C GLU S 346 98.22 98.82 5.09
N SER S 347 99.26 98.19 5.64
CA SER S 347 100.40 97.75 4.85
C SER S 347 101.24 96.80 5.69
N VAL S 348 102.18 96.12 5.02
CA VAL S 348 103.11 95.28 5.74
C VAL S 348 104.52 95.87 5.72
N ASN S 349 104.89 96.54 4.64
CA ASN S 349 106.24 97.05 4.44
C ASN S 349 106.46 98.44 5.03
N CYS S 350 105.40 99.22 5.20
CA CYS S 350 105.50 100.56 5.75
C CYS S 350 104.92 100.56 7.16
N HIS S 351 105.64 101.18 8.11
CA HIS S 351 105.28 101.08 9.51
C HIS S 351 105.01 102.41 10.20
N LEU S 352 105.41 103.55 9.64
CA LEU S 352 105.13 104.81 10.31
C LEU S 352 105.16 105.97 9.32
N LEU S 353 104.36 107.00 9.62
CA LEU S 353 104.34 108.23 8.83
C LEU S 353 104.60 109.42 9.74
N ALA S 354 105.44 110.34 9.27
CA ALA S 354 105.75 111.56 9.99
C ALA S 354 105.39 112.76 9.12
N VAL S 355 104.80 113.78 9.73
CA VAL S 355 104.34 114.97 9.04
C VAL S 355 105.10 116.17 9.59
N THR S 356 105.71 116.93 8.69
CA THR S 356 106.46 118.12 9.04
C THR S 356 105.59 119.36 8.85
N HIS S 357 106.15 120.53 9.21
CA HIS S 357 105.39 121.76 9.24
C HIS S 357 104.86 122.19 7.87
N THR S 358 105.39 121.63 6.79
CA THR S 358 104.92 121.95 5.46
C THR S 358 104.05 120.87 4.85
N GLY S 359 103.68 119.84 5.62
CA GLY S 359 102.80 118.80 5.13
C GLY S 359 103.50 117.61 4.50
N VAL S 360 104.78 117.40 4.78
CA VAL S 360 105.53 116.33 4.13
C VAL S 360 105.22 115.00 4.81
N ARG S 361 104.85 114.01 4.00
CA ARG S 361 104.60 112.66 4.48
C ARG S 361 105.89 111.86 4.36
N PHE S 362 106.42 111.42 5.49
CA PHE S 362 107.67 110.67 5.53
C PHE S 362 107.35 109.26 6.01
N TYR S 363 107.65 108.26 5.17
CA TYR S 363 107.36 106.88 5.49
C TYR S 363 108.62 106.20 6.01
N PHE S 364 108.49 105.52 7.15
CA PHE S 364 109.59 104.77 7.75
C PHE S 364 109.17 103.31 7.96
N SER S 365 110.08 102.42 7.60
CA SER S 365 109.89 100.98 7.75
C SER S 365 110.88 100.43 8.76
N THR S 366 110.39 99.53 9.62
CA THR S 366 111.18 99.02 10.72
C THR S 366 111.74 97.63 10.47
N VAL S 367 111.22 96.91 9.48
CA VAL S 367 111.70 95.57 9.16
C VAL S 367 111.82 95.44 7.65
N PRO S 368 112.78 94.64 7.19
CA PRO S 368 113.00 94.49 5.75
C PRO S 368 111.73 94.04 5.03
N PHE S 369 111.64 94.41 3.76
CA PHE S 369 110.50 94.01 2.93
C PHE S 369 110.35 92.49 2.94
N LYS S 370 109.11 92.03 2.75
CA LYS S 370 108.76 90.61 2.79
C LYS S 370 109.19 89.96 4.10
N GLN S 371 109.02 90.68 5.21
CA GLN S 371 109.26 90.15 6.55
C GLN S 371 108.21 90.71 7.50
N PRO S 372 106.92 90.55 7.18
CA PRO S 372 105.88 91.13 8.04
C PRO S 372 105.83 90.51 9.43
N THR S 373 106.52 89.40 9.65
CA THR S 373 106.64 88.84 10.99
C THR S 373 107.93 89.25 11.69
N ALA S 374 108.81 89.98 11.02
CA ALA S 374 110.09 90.34 11.62
C ALA S 374 109.91 91.41 12.69
N ARG S 375 110.49 91.16 13.86
CA ARG S 375 110.50 92.18 14.89
C ARG S 375 111.17 93.45 14.39
N PRO S 376 110.80 94.60 14.91
CA PRO S 376 111.43 95.85 14.46
C PRO S 376 112.94 95.79 14.66
N CYS S 377 113.68 96.17 13.63
CA CYS S 377 115.12 96.06 13.65
C CYS S 377 115.85 97.30 13.17
N MET S 378 115.18 98.24 12.51
CA MET S 378 115.83 99.44 12.02
C MET S 378 114.78 100.51 11.79
N LEU S 379 115.21 101.64 11.23
CA LEU S 379 114.30 102.73 10.83
C LEU S 379 114.78 103.24 9.48
N ALA S 380 114.25 102.65 8.41
CA ALA S 380 114.64 103.00 7.05
C ALA S 380 113.59 103.91 6.44
N LEU S 381 113.99 105.13 6.09
CA LEU S 381 113.08 106.05 5.42
C LEU S 381 112.92 105.62 3.96
N VAL S 382 111.71 105.22 3.58
CA VAL S 382 111.49 104.59 2.30
C VAL S 382 110.70 105.45 1.32
N HIS S 383 110.04 106.52 1.77
CA HIS S 383 109.21 107.32 0.88
C HIS S 383 109.09 108.74 1.41
N VAL S 384 109.19 109.71 0.52
CA VAL S 384 109.07 111.13 0.84
C VAL S 384 107.97 111.72 -0.04
N ARG S 385 106.83 112.06 0.57
CA ARG S 385 105.65 112.51 -0.15
C ARG S 385 105.36 113.97 0.18
N LEU S 386 105.50 114.84 -0.82
CA LEU S 386 105.17 116.24 -0.65
C LEU S 386 103.66 116.46 -0.77
N PRO S 387 103.15 117.54 -0.21
CA PRO S 387 101.71 117.78 -0.26
C PRO S 387 101.33 118.53 -1.53
N PRO S 388 100.06 118.83 -1.71
CA PRO S 388 99.64 119.55 -2.92
C PRO S 388 100.21 120.96 -2.98
N GLY S 389 100.35 121.48 -4.18
CA GLY S 389 100.84 122.84 -4.38
C GLY S 389 102.31 122.93 -4.67
N ASN S 395 98.64 125.71 -9.08
CA ASN S 395 98.14 126.97 -8.55
C ASN S 395 97.56 126.79 -7.15
N VAL S 396 97.54 125.54 -6.68
CA VAL S 396 97.06 125.26 -5.33
C VAL S 396 98.10 125.74 -4.33
N GLU S 397 97.63 126.35 -3.24
CA GLU S 397 98.54 126.89 -2.25
C GLU S 397 99.24 125.79 -1.48
N LYS S 398 100.50 126.02 -1.13
CA LYS S 398 101.23 125.02 -0.38
C LYS S 398 100.89 125.11 1.11
N PRO S 399 100.65 123.98 1.76
CA PRO S 399 100.44 124.01 3.21
C PRO S 399 101.65 124.57 3.93
N SER S 400 101.40 125.25 5.04
CA SER S 400 102.48 125.83 5.83
C SER S 400 102.01 126.01 7.26
N LYS S 401 102.99 126.08 8.17
CA LYS S 401 102.73 126.29 9.60
C LYS S 401 101.80 125.23 10.17
N VAL S 402 102.06 123.96 9.86
CA VAL S 402 101.21 122.88 10.35
C VAL S 402 101.55 122.62 11.82
N HIS S 403 100.57 122.83 12.69
CA HIS S 403 100.77 122.65 14.13
C HIS S 403 100.15 121.36 14.67
N LYS S 404 99.16 120.80 14.01
CA LYS S 404 98.52 119.57 14.45
C LYS S 404 98.09 118.76 13.24
N ALA S 405 98.19 117.44 13.33
CA ALA S 405 97.86 116.56 12.22
C ALA S 405 97.29 115.25 12.75
N LEU S 406 96.65 114.51 11.85
CA LEU S 406 96.00 113.26 12.18
C LEU S 406 95.89 112.40 10.92
N TYR S 407 96.46 111.20 10.98
CA TYR S 407 96.42 110.24 9.89
C TYR S 407 95.57 109.04 10.28
N ASN S 408 94.62 108.68 9.41
CA ASN S 408 93.73 107.56 9.65
C ASN S 408 93.48 106.86 8.31
N ASN S 409 94.24 105.79 8.06
CA ASN S 409 94.02 104.86 6.95
C ASN S 409 93.78 105.59 5.63
N GLY S 410 94.81 106.31 5.19
CA GLY S 410 94.73 107.03 3.95
C GLY S 410 93.91 108.30 4.02
N VAL S 411 93.60 108.79 5.21
CA VAL S 411 92.88 110.05 5.40
C VAL S 411 93.76 110.96 6.24
N LEU S 412 94.12 112.12 5.71
CA LEU S 412 95.07 113.01 6.35
C LEU S 412 94.38 114.33 6.67
N LEU S 413 94.26 114.64 7.94
CA LEU S 413 93.72 115.91 8.40
C LEU S 413 94.84 116.72 9.04
N MET S 414 94.82 118.02 8.81
CA MET S 414 95.85 118.89 9.34
C MET S 414 95.25 120.25 9.67
N ALA S 415 95.63 120.79 10.83
CA ALA S 415 95.28 122.15 11.19
C ALA S 415 96.48 123.04 10.93
N ALA S 416 96.34 123.97 10.00
CA ALA S 416 97.39 124.90 9.63
C ALA S 416 96.94 126.29 10.03
N SER S 417 97.80 127.01 10.75
CA SER S 417 97.45 128.34 11.22
C SER S 417 97.42 129.29 10.03
N GLU S 418 96.22 129.57 9.52
CA GLU S 418 96.08 130.66 8.57
C GLU S 418 96.46 131.98 9.21
N ASN S 419 95.99 132.21 10.44
CA ASN S 419 96.32 133.40 11.20
C ASN S 419 96.17 133.08 12.68
N GLU S 420 96.16 134.12 13.52
CA GLU S 420 96.16 133.93 14.97
C GLU S 420 94.81 133.51 15.52
N ASP S 421 93.72 133.71 14.77
CA ASP S 421 92.39 133.44 15.28
C ASP S 421 91.64 132.34 14.54
N ASN S 422 92.13 131.91 13.39
CA ASN S 422 91.43 130.91 12.58
C ASN S 422 92.44 129.89 12.09
N ASP S 423 91.96 128.67 11.84
CA ASP S 423 92.79 127.63 11.27
C ASP S 423 92.17 127.13 9.96
N MET S 424 93.01 126.50 9.15
CA MET S 424 92.53 125.81 7.96
C MET S 424 92.72 124.31 8.19
N LEU S 425 91.63 123.55 8.06
CA LEU S 425 91.70 122.11 8.12
C LEU S 425 91.86 121.57 6.71
N TRP S 426 93.00 120.96 6.44
CA TRP S 426 93.29 120.35 5.15
C TRP S 426 93.10 118.85 5.27
N CYS S 427 92.47 118.26 4.26
CA CYS S 427 92.21 116.82 4.23
C CYS S 427 92.64 116.29 2.87
N ILE S 428 93.44 115.22 2.90
CA ILE S 428 93.92 114.57 1.69
C ILE S 428 93.65 113.08 1.81
N ASN S 429 93.15 112.47 0.74
CA ASN S 429 92.72 111.08 0.81
C ASN S 429 92.82 110.43 -0.57
N ARG S 430 92.82 109.10 -0.56
CA ARG S 430 92.92 108.29 -1.76
C ARG S 430 91.68 107.43 -1.98
N ASP S 431 90.52 107.85 -1.49
CA ASP S 431 89.34 106.99 -1.54
C ASP S 431 88.69 106.98 -2.92
N SER S 432 89.01 107.95 -3.76
CA SER S 432 88.39 108.03 -5.08
C SER S 432 89.22 107.31 -6.13
N MET S 440 98.04 109.56 -6.69
CA MET S 440 97.01 110.59 -6.79
C MET S 440 96.11 110.55 -5.58
N GLU S 441 95.90 111.71 -4.97
CA GLU S 441 95.00 111.85 -3.84
C GLU S 441 94.22 113.15 -3.96
N THR S 442 92.92 113.07 -3.69
CA THR S 442 92.06 114.24 -3.69
C THR S 442 92.19 114.97 -2.36
N GLN S 443 92.01 116.29 -2.41
CA GLN S 443 92.23 117.14 -1.24
C GLN S 443 91.13 118.17 -1.14
N VAL S 444 90.91 118.67 0.08
CA VAL S 444 89.90 119.68 0.35
C VAL S 444 90.31 120.46 1.59
N THR S 445 90.13 121.78 1.52
CA THR S 445 90.45 122.67 2.63
C THR S 445 89.18 123.34 3.13
N THR S 446 89.06 123.45 4.45
CA THR S 446 87.88 124.04 5.08
C THR S 446 88.31 124.93 6.23
N GLN S 447 87.73 126.12 6.32
CA GLN S 447 88.04 127.01 7.42
C GLN S 447 87.55 126.44 8.74
N VAL S 448 88.13 126.91 9.84
CA VAL S 448 87.73 126.50 11.19
C VAL S 448 87.97 127.69 12.12
N ASP S 449 86.95 128.01 12.93
CA ASP S 449 87.04 129.15 13.83
C ASP S 449 87.83 128.78 15.08
N GLY S 450 88.82 129.60 15.40
CA GLY S 450 89.66 129.35 16.55
C GLY S 450 90.87 128.49 16.21
N HIS S 451 91.84 128.49 17.12
CA HIS S 451 92.99 127.62 16.97
C HIS S 451 92.60 126.19 17.31
N SER S 452 93.20 125.23 16.62
CA SER S 452 92.90 123.81 16.82
C SER S 452 93.82 123.27 17.90
N TRP S 453 93.26 123.00 19.08
CA TRP S 453 94.06 122.44 20.16
C TRP S 453 94.12 120.92 20.09
N ALA S 454 93.11 120.28 19.52
CA ALA S 454 93.06 118.83 19.47
C ALA S 454 92.27 118.37 18.27
N LEU S 455 92.75 117.32 17.62
CA LEU S 455 92.06 116.71 16.48
C LEU S 455 92.13 115.20 16.66
N SER S 456 90.98 114.56 16.88
CA SER S 456 90.94 113.14 17.16
C SER S 456 89.93 112.46 16.23
N ALA S 457 90.34 111.32 15.68
CA ALA S 457 89.44 110.51 14.89
C ALA S 457 88.46 109.78 15.79
N VAL S 458 87.32 109.39 15.22
CA VAL S 458 86.28 108.69 15.95
C VAL S 458 86.17 107.30 15.33
N ASP S 459 86.79 106.32 15.98
CA ASP S 459 86.70 104.94 15.53
C ASP S 459 85.43 104.29 16.06
N GLN S 486 82.73 100.91 0.89
CA GLN S 486 81.74 101.88 1.36
C GLN S 486 80.35 101.25 1.37
N HIS S 487 80.29 99.94 1.15
CA HIS S 487 79.01 99.24 1.01
C HIS S 487 78.52 98.61 2.32
N MET S 488 79.42 98.34 3.25
CA MET S 488 79.05 97.82 4.56
C MET S 488 79.70 98.56 5.71
N ILE S 489 80.68 99.41 5.44
CA ILE S 489 81.31 100.21 6.49
C ILE S 489 80.78 101.63 6.39
N PRO S 490 80.60 102.33 7.50
CA PRO S 490 80.20 103.74 7.42
C PRO S 490 81.40 104.61 7.07
N PRO S 491 81.19 105.90 6.91
CA PRO S 491 82.33 106.80 6.72
C PRO S 491 83.01 107.11 8.05
N LYS S 492 84.32 107.35 7.99
CA LYS S 492 85.06 107.75 9.17
C LYS S 492 84.58 109.12 9.66
N ARG S 493 84.65 109.32 10.96
CA ARG S 493 84.31 110.60 11.58
C ARG S 493 85.54 111.21 12.21
N PHE S 494 85.61 112.54 12.20
CA PHE S 494 86.69 113.27 12.85
C PHE S 494 86.11 114.36 13.73
N VAL S 495 86.75 114.58 14.88
CA VAL S 495 86.29 115.55 15.85
C VAL S 495 87.44 116.50 16.14
N LEU S 496 87.22 117.79 15.92
CA LEU S 496 88.21 118.82 16.20
C LEU S 496 87.72 119.65 17.37
N LEU S 497 88.65 120.23 18.12
CA LEU S 497 88.35 121.03 19.29
C LEU S 497 88.91 122.43 19.11
N SER S 498 88.04 123.42 19.26
CA SER S 498 88.45 124.82 19.27
C SER S 498 87.93 125.46 20.54
N ALA S 499 88.35 126.70 20.78
CA ALA S 499 87.80 127.45 21.89
C ALA S 499 86.30 127.61 21.79
N GLN S 500 85.73 127.45 20.60
CA GLN S 500 84.28 127.51 20.41
C GLN S 500 83.59 126.19 20.67
N GLY S 501 84.34 125.11 20.93
CA GLY S 501 83.75 123.83 21.26
C GLY S 501 84.12 122.76 20.25
N SER S 502 83.14 121.93 19.93
CA SER S 502 83.36 120.73 19.15
C SER S 502 82.98 120.96 17.69
N HIS S 503 83.82 120.48 16.78
CA HIS S 503 83.54 120.50 15.34
C HIS S 503 83.67 119.06 14.83
N ILE S 504 82.54 118.40 14.63
CA ILE S 504 82.50 117.02 14.15
C ILE S 504 82.19 117.05 12.66
N PHE S 505 82.88 116.20 11.91
CA PHE S 505 82.63 116.09 10.48
C PHE S 505 82.86 114.63 10.07
N TYR S 506 82.43 114.30 8.86
CA TYR S 506 82.58 112.95 8.35
C TYR S 506 83.31 112.98 7.02
N LYS S 507 84.21 112.02 6.83
CA LYS S 507 84.90 111.86 5.55
C LYS S 507 84.01 111.04 4.61
N LEU S 508 83.30 111.74 3.72
CA LEU S 508 82.30 111.09 2.88
C LEU S 508 82.95 110.10 1.94
N ARG S 509 82.52 108.84 2.02
CA ARG S 509 83.01 107.85 1.09
C ARG S 509 82.48 108.15 -0.31
N PRO S 510 83.02 107.50 -1.34
CA PRO S 510 82.54 107.74 -2.70
C PRO S 510 81.04 107.57 -2.85
N VAL S 511 80.45 106.56 -2.20
CA VAL S 511 79.01 106.39 -2.22
C VAL S 511 78.32 107.62 -1.65
N ASP S 512 78.88 108.19 -0.58
CA ASP S 512 78.27 109.36 0.03
C ASP S 512 78.30 110.55 -0.93
N GLN S 513 79.40 110.73 -1.65
CA GLN S 513 79.49 111.85 -2.58
C GLN S 513 78.55 111.67 -3.76
N LEU S 514 78.46 110.45 -4.29
CA LEU S 514 77.51 110.20 -5.37
C LEU S 514 76.08 110.48 -4.92
N ARG S 515 75.71 109.99 -3.73
CA ARG S 515 74.37 110.24 -3.22
C ARG S 515 74.11 111.73 -3.01
N HIS S 516 75.09 112.44 -2.44
CA HIS S 516 74.92 113.88 -2.21
C HIS S 516 74.76 114.62 -3.54
N LEU S 517 75.47 114.18 -4.57
CA LEU S 517 75.31 114.78 -5.89
C LEU S 517 73.92 114.54 -6.43
N LEU S 518 73.45 113.29 -6.36
CA LEU S 518 72.13 112.96 -6.87
C LEU S 518 71.05 113.77 -6.17
N VAL S 519 71.14 113.90 -4.85
CA VAL S 519 70.17 114.71 -4.13
C VAL S 519 70.35 116.19 -4.46
N SER S 520 71.58 116.61 -4.72
CA SER S 520 71.85 118.01 -5.05
C SER S 520 71.32 118.36 -6.43
N ASN S 521 71.37 117.42 -7.37
CA ASN S 521 70.70 117.59 -8.64
C ASN S 521 69.26 117.10 -8.61
N SER S 522 68.83 116.52 -7.49
CA SER S 522 67.45 116.09 -7.29
C SER S 522 67.07 114.97 -8.25
N GLY S 523 68.04 114.14 -8.59
CA GLY S 523 67.77 113.02 -9.48
C GLY S 523 69.06 112.37 -9.94
N GLY S 524 68.89 111.35 -10.77
CA GLY S 524 69.99 110.61 -11.33
C GLY S 524 70.50 111.12 -12.67
N ASP S 525 69.93 112.20 -13.17
CA ASP S 525 70.31 112.74 -14.47
C ASP S 525 70.93 114.11 -14.28
N GLY S 526 72.14 114.29 -14.80
CA GLY S 526 72.86 115.55 -14.66
C GLY S 526 74.31 115.47 -15.08
N GLU S 527 74.93 116.63 -15.32
CA GLU S 527 76.31 116.66 -15.76
C GLU S 527 77.27 116.17 -14.68
N GLU S 528 76.99 116.49 -13.42
CA GLU S 528 77.93 116.15 -12.35
C GLU S 528 77.98 114.65 -12.08
N ILE S 529 76.83 113.99 -12.15
CA ILE S 529 76.84 112.53 -12.07
C ILE S 529 77.64 111.95 -13.21
N GLU S 530 77.60 112.60 -14.38
CA GLU S 530 78.41 112.15 -15.51
C GLU S 530 79.90 112.33 -15.23
N ARG S 531 80.28 113.44 -14.60
CA ARG S 531 81.65 113.62 -14.18
C ARG S 531 82.07 112.55 -13.17
N PHE S 532 81.14 112.13 -12.30
CA PHE S 532 81.44 111.05 -11.36
C PHE S 532 81.69 109.74 -12.09
N PHE S 533 80.81 109.38 -13.03
CA PHE S 533 81.00 108.15 -13.80
C PHE S 533 82.31 108.19 -14.59
N LYS S 534 82.66 109.37 -15.14
CA LYS S 534 83.88 109.48 -15.93
C LYS S 534 85.12 109.36 -15.07
N LEU S 535 85.20 110.13 -13.99
CA LEU S 535 86.39 110.12 -13.15
C LEU S 535 86.52 108.81 -12.38
N HIS S 536 85.42 108.07 -12.25
CA HIS S 536 85.43 106.88 -11.40
C HIS S 536 85.20 105.56 -12.15
N GLN S 537 85.61 105.45 -13.43
CA GLN S 537 85.63 104.14 -14.07
C GLN S 537 84.24 103.51 -14.13
N GLU S 538 83.41 103.91 -15.10
CA GLU S 538 81.95 103.75 -15.07
C GLU S 538 81.51 102.47 -14.36
N ASN S 539 82.27 101.39 -14.47
CA ASN S 539 81.93 100.18 -13.71
C ASN S 539 81.83 100.48 -12.22
N GLN S 540 82.84 101.15 -11.66
CA GLN S 540 82.80 101.47 -10.23
C GLN S 540 81.70 102.49 -9.92
N ALA S 541 81.42 103.38 -10.87
CA ALA S 541 80.33 104.34 -10.68
C ALA S 541 78.99 103.63 -10.56
N CYS S 542 78.70 102.69 -11.48
CA CYS S 542 77.47 101.93 -11.40
C CYS S 542 77.45 101.05 -10.15
N ALA S 543 78.62 100.59 -9.71
CA ALA S 543 78.66 99.78 -8.49
C ALA S 543 78.27 100.61 -7.27
N THR S 544 78.88 101.80 -7.11
CA THR S 544 78.49 102.68 -6.01
C THR S 544 77.07 103.18 -6.19
N CYS S 545 76.59 103.22 -7.43
CA CYS S 545 75.21 103.58 -7.68
C CYS S 545 74.26 102.52 -7.16
N LEU S 546 74.50 101.26 -7.49
CA LEU S 546 73.65 100.18 -7.03
C LEU S 546 73.78 99.96 -5.52
N ILE S 547 74.93 100.30 -4.95
CA ILE S 547 75.05 100.33 -3.50
C ILE S 547 73.97 101.22 -2.89
N LEU S 548 73.65 102.31 -3.58
CA LEU S 548 72.54 103.15 -3.17
C LEU S 548 71.21 102.54 -3.59
N ALA S 549 71.13 102.08 -4.84
CA ALA S 549 69.86 101.55 -5.36
C ALA S 549 69.39 100.35 -4.55
N CYS S 550 70.31 99.50 -4.11
CA CYS S 550 69.97 98.35 -3.30
C CYS S 550 69.62 98.72 -1.88
N SER S 551 69.85 99.97 -1.47
CA SER S 551 69.69 100.34 -0.07
C SER S 551 68.24 100.22 0.36
N SER S 552 68.01 99.54 1.48
CA SER S 552 66.69 99.42 2.06
C SER S 552 66.43 100.46 3.14
N ALA S 553 67.42 101.28 3.46
CA ALA S 553 67.23 102.35 4.44
C ALA S 553 66.26 103.39 3.88
N ALA S 554 65.48 104.00 4.77
CA ALA S 554 64.35 104.83 4.34
C ALA S 554 64.79 106.16 3.77
N SER S 555 65.85 106.75 4.31
CA SER S 555 66.33 108.04 3.82
C SER S 555 66.78 107.98 2.37
N ASP S 556 67.17 106.80 1.88
CA ASP S 556 67.54 106.61 0.48
C ASP S 556 66.34 106.27 -0.39
N ARG S 557 65.13 106.54 0.09
CA ARG S 557 63.92 106.18 -0.64
C ARG S 557 63.95 106.73 -2.06
N GLU S 558 64.17 108.04 -2.19
CA GLU S 558 64.34 108.62 -3.52
C GLU S 558 65.72 108.28 -4.10
N VAL S 559 66.72 108.09 -3.23
CA VAL S 559 68.08 107.89 -3.69
C VAL S 559 68.19 106.64 -4.54
N SER S 560 67.72 105.51 -4.01
CA SER S 560 67.66 104.28 -4.81
C SER S 560 66.96 104.52 -6.13
N SER S 561 65.96 105.41 -6.12
CA SER S 561 65.33 105.84 -7.36
C SER S 561 66.32 106.53 -8.29
N TRP S 562 66.93 107.62 -7.81
CA TRP S 562 67.90 108.34 -8.64
C TRP S 562 69.03 107.42 -9.09
N ALA S 563 69.66 106.72 -8.13
CA ALA S 563 70.78 105.86 -8.48
C ALA S 563 70.41 104.84 -9.54
N ALA S 564 69.26 104.18 -9.38
CA ALA S 564 68.78 103.26 -10.41
C ALA S 564 68.73 103.95 -11.76
N ARG S 565 68.09 105.12 -11.83
CA ARG S 565 68.06 105.86 -13.09
C ARG S 565 69.48 106.12 -13.59
N ALA S 566 70.37 106.53 -12.69
CA ALA S 566 71.76 106.74 -13.08
C ALA S 566 72.35 105.47 -13.66
N PHE S 567 72.13 104.34 -12.99
CA PHE S 567 72.67 103.07 -13.46
C PHE S 567 72.12 102.72 -14.84
N PHE S 568 70.93 103.23 -15.16
CA PHE S 568 70.36 102.96 -16.48
C PHE S 568 70.83 103.99 -17.50
N ARG S 569 71.19 105.19 -17.06
CA ARG S 569 71.52 106.25 -18.01
C ARG S 569 73.01 106.28 -18.34
N TYR S 570 73.87 106.28 -17.31
CA TYR S 570 75.30 106.35 -17.52
C TYR S 570 75.99 104.99 -17.45
N GLY S 571 75.24 103.92 -17.27
CA GLY S 571 75.87 102.62 -17.24
C GLY S 571 76.28 102.08 -18.60
N GLY S 572 76.08 102.85 -19.67
CA GLY S 572 76.49 102.42 -20.98
C GLY S 572 75.87 101.10 -21.42
N GLU S 573 76.43 100.54 -22.48
CA GLU S 573 75.97 99.29 -23.06
C GLU S 573 77.16 98.50 -23.58
N ALA S 574 76.98 97.19 -23.70
CA ALA S 574 78.08 96.31 -24.09
C ALA S 574 78.56 96.62 -25.49
N GLN S 575 79.82 96.27 -25.76
CA GLN S 575 80.44 96.54 -27.06
C GLN S 575 81.26 95.35 -27.51
N LEU S 576 81.31 95.14 -28.82
CA LEU S 576 82.09 94.06 -29.40
C LEU S 576 83.40 94.59 -29.99
N GLU S 650 87.07 90.82 -29.39
CA GLU S 650 87.23 91.37 -28.02
C GLU S 650 85.97 92.13 -27.63
N ILE S 651 85.29 91.68 -26.57
CA ILE S 651 84.04 92.34 -26.08
C ILE S 651 84.29 92.86 -24.65
N VAL S 652 83.99 94.14 -24.41
CA VAL S 652 84.19 94.76 -23.07
C VAL S 652 82.81 95.04 -22.44
N PHE S 653 82.48 94.34 -21.36
CA PHE S 653 81.20 94.52 -20.68
C PHE S 653 81.13 95.90 -20.06
N SER S 654 79.98 96.54 -20.23
CA SER S 654 79.86 97.95 -19.92
C SER S 654 80.03 98.19 -18.42
N GLY S 655 80.23 99.46 -18.07
CA GLY S 655 80.30 99.85 -16.68
C GLY S 655 79.09 99.39 -15.88
N LYS S 656 77.90 99.39 -16.49
CA LYS S 656 76.72 98.90 -15.81
C LYS S 656 76.89 97.42 -15.46
N HIS S 657 77.28 96.60 -16.43
CA HIS S 657 77.38 95.17 -16.19
C HIS S 657 78.43 94.86 -15.14
N ASN S 658 79.67 95.28 -15.38
CA ASN S 658 80.76 94.99 -14.45
C ASN S 658 80.48 95.59 -13.08
N GLY S 659 79.85 96.76 -13.04
CA GLY S 659 79.61 97.40 -11.77
C GLY S 659 78.54 96.71 -10.95
N ILE S 660 77.42 96.36 -11.58
CA ILE S 660 76.41 95.56 -10.91
C ILE S 660 77.02 94.25 -10.44
N CYS S 661 77.88 93.65 -11.26
CA CYS S 661 78.50 92.38 -10.90
C CYS S 661 79.41 92.54 -9.69
N ILE S 662 80.23 93.60 -9.67
CA ILE S 662 81.20 93.78 -8.59
C ILE S 662 80.51 94.21 -7.32
N TYR S 663 79.43 94.99 -7.44
CA TYR S 663 78.62 95.30 -6.27
C TYR S 663 78.00 94.05 -5.68
N PHE S 664 77.44 93.18 -6.55
CA PHE S 664 76.92 91.90 -6.09
C PHE S 664 78.02 91.05 -5.46
N CYS S 665 79.22 91.08 -6.04
CA CYS S 665 80.32 90.27 -5.52
C CYS S 665 80.78 90.77 -4.16
N ARG S 666 80.89 92.09 -3.99
CA ARG S 666 81.28 92.64 -2.71
C ARG S 666 80.21 92.38 -1.65
N ILE S 667 78.93 92.54 -2.02
CA ILE S 667 77.85 92.23 -1.10
C ILE S 667 77.88 90.77 -0.70
N ILE S 668 78.19 89.89 -1.66
CA ILE S 668 78.36 88.48 -1.36
C ILE S 668 79.60 88.26 -0.52
N GLY S 669 80.55 89.20 -0.57
CA GLY S 669 81.72 89.22 0.30
C GLY S 669 82.43 87.90 0.48
N ASN S 670 82.66 87.53 1.74
CA ASN S 670 83.28 86.25 2.03
C ASN S 670 82.26 85.11 1.98
N ILE S 671 80.98 85.44 2.19
CA ILE S 671 79.95 84.41 2.17
C ILE S 671 79.92 83.71 0.83
N TRP S 672 80.27 84.42 -0.24
CA TRP S 672 80.35 83.81 -1.56
C TRP S 672 81.36 82.68 -1.57
N ASP S 673 82.59 82.96 -1.15
CA ASP S 673 83.69 82.00 -1.20
C ASP S 673 83.92 81.29 0.13
N GLY S 674 83.08 81.56 1.12
CA GLY S 674 83.22 80.87 2.39
C GLY S 674 82.81 79.42 2.31
N SER S 675 83.27 78.65 3.29
CA SER S 675 82.81 77.27 3.42
C SER S 675 81.38 77.26 3.93
N VAL S 676 80.50 76.53 3.24
CA VAL S 676 79.08 76.58 3.59
C VAL S 676 78.83 75.90 4.93
N ALA S 677 79.78 75.14 5.43
CA ALA S 677 79.68 74.52 6.74
C ALA S 677 81.06 74.33 7.34
N VAL S 678 81.11 74.29 8.67
CA VAL S 678 82.35 74.05 9.40
C VAL S 678 82.11 72.92 10.39
N GLU S 679 83.03 71.97 10.43
CA GLU S 679 82.92 70.84 11.35
C GLU S 679 83.57 71.23 12.68
N ASN S 680 82.77 71.33 13.73
CA ASN S 680 83.26 71.59 15.06
C ASN S 680 83.34 70.28 15.83
N THR S 681 84.45 70.07 16.52
CA THR S 681 84.63 68.91 17.38
C THR S 681 84.48 69.35 18.83
N PHE S 682 83.42 68.87 19.48
CA PHE S 682 83.06 69.31 20.81
C PHE S 682 83.44 68.24 21.82
N GLN S 683 83.58 68.65 23.09
CA GLN S 683 83.93 67.74 24.17
C GLN S 683 82.75 67.57 25.10
N SER S 684 82.09 66.40 25.03
CA SER S 684 81.04 66.02 25.97
C SER S 684 81.58 64.86 26.79
N GLY S 685 81.84 65.12 28.07
CA GLY S 685 82.44 64.14 28.95
C GLY S 685 83.83 63.75 28.50
N ASN S 686 84.07 62.45 28.35
CA ASN S 686 85.31 61.96 27.78
C ASN S 686 85.19 61.63 26.29
N ARG S 687 84.18 62.17 25.61
CA ARG S 687 83.92 61.85 24.22
C ARG S 687 83.89 63.11 23.38
N GLU S 688 84.65 63.10 22.29
CA GLU S 688 84.55 64.18 21.31
C GLU S 688 83.46 63.85 20.31
N VAL S 689 82.60 64.83 20.05
CA VAL S 689 81.48 64.70 19.11
C VAL S 689 81.76 65.61 17.92
N THR S 690 81.78 65.03 16.72
CA THR S 690 82.01 65.81 15.51
C THR S 690 80.67 66.21 14.91
N ALA S 691 80.37 67.50 14.93
CA ALA S 691 79.12 68.02 14.41
C ALA S 691 79.41 69.24 13.55
N ILE S 692 78.81 69.26 12.36
CA ILE S 692 79.03 70.33 11.40
C ILE S 692 77.92 71.35 11.59
N ASP S 693 78.30 72.60 11.80
CA ASP S 693 77.34 73.68 11.85
C ASP S 693 77.52 74.57 10.62
N SER S 694 76.56 75.45 10.41
CA SER S 694 76.67 76.41 9.33
C SER S 694 77.72 77.45 9.69
N SER S 695 78.58 77.77 8.73
CA SER S 695 79.64 78.73 9.02
C SER S 695 79.10 80.15 9.08
N VAL S 696 77.88 80.36 8.61
CA VAL S 696 77.26 81.68 8.60
C VAL S 696 76.05 81.65 9.53
N THR S 697 76.09 82.48 10.57
CA THR S 697 75.02 82.53 11.54
C THR S 697 73.85 83.36 11.01
N PRO S 698 72.72 83.38 11.72
CA PRO S 698 71.50 84.00 11.18
C PRO S 698 71.63 85.50 10.93
N GLN S 699 72.40 86.20 11.75
CA GLN S 699 72.43 87.66 11.65
C GLN S 699 73.15 88.14 10.40
N HIS S 700 74.35 87.62 10.15
CA HIS S 700 75.10 88.06 8.98
C HIS S 700 74.41 87.67 7.69
N LEU S 701 73.90 86.43 7.63
CA LEU S 701 73.11 86.01 6.47
C LEU S 701 71.89 86.89 6.28
N GLU S 702 71.25 87.29 7.38
CA GLU S 702 70.07 88.15 7.27
C GLU S 702 70.42 89.52 6.72
N SER S 703 71.51 90.12 7.21
CA SER S 703 71.90 91.44 6.71
C SER S 703 72.28 91.37 5.23
N VAL S 704 73.07 90.35 4.87
CA VAL S 704 73.44 90.18 3.47
C VAL S 704 72.21 89.94 2.61
N LEU S 705 71.24 89.19 3.14
CA LEU S 705 70.02 88.92 2.38
C LEU S 705 69.20 90.18 2.18
N LYS S 706 69.19 91.07 3.17
CA LYS S 706 68.47 92.33 3.01
C LYS S 706 69.12 93.19 1.93
N GLU S 707 70.45 93.32 2.00
CA GLU S 707 71.16 94.07 0.96
C GLU S 707 70.93 93.45 -0.42
N LEU S 708 70.96 92.12 -0.50
CA LEU S 708 70.80 91.45 -1.79
C LEU S 708 69.37 91.58 -2.32
N LYS S 709 68.38 91.51 -1.42
CA LYS S 709 67.01 91.76 -1.84
C LYS S 709 66.86 93.17 -2.39
N GLY S 710 67.54 94.14 -1.77
CA GLY S 710 67.59 95.47 -2.36
C GLY S 710 68.17 95.46 -3.76
N LEU S 711 69.29 94.74 -3.95
CA LEU S 711 69.91 94.69 -5.27
C LEU S 711 68.99 94.06 -6.30
N LEU S 712 68.34 92.96 -5.94
CA LEU S 712 67.40 92.32 -6.84
C LEU S 712 66.23 93.25 -7.15
N GLU S 713 65.81 94.05 -6.17
CA GLU S 713 64.78 95.05 -6.42
C GLU S 713 65.23 96.04 -7.48
N PHE S 714 66.45 96.57 -7.32
CA PHE S 714 66.99 97.48 -8.33
C PHE S 714 66.98 96.84 -9.71
N LEU S 715 67.41 95.59 -9.80
CA LEU S 715 67.48 94.92 -11.09
C LEU S 715 66.09 94.71 -11.69
N ASP S 716 65.16 94.17 -10.90
CA ASP S 716 63.80 93.93 -11.37
C ASP S 716 63.16 95.22 -11.86
N ARG S 717 63.44 96.33 -11.17
CA ARG S 717 62.89 97.61 -11.60
C ARG S 717 63.60 98.13 -12.84
N TYR S 718 64.85 97.70 -13.07
CA TYR S 718 65.66 98.21 -14.17
C TYR S 718 65.83 97.22 -15.32
N SER S 719 65.28 96.01 -15.21
CA SER S 719 65.47 95.02 -16.26
C SER S 719 64.91 95.50 -17.60
N GLN S 720 63.67 96.01 -17.60
CA GLN S 720 63.05 96.41 -18.86
C GLN S 720 63.76 97.60 -19.49
N PHE S 721 64.64 98.25 -18.75
CA PHE S 721 65.39 99.38 -19.29
C PHE S 721 66.46 98.87 -20.25
N GLU S 766 75.18 91.90 -31.00
CA GLU S 766 75.80 90.73 -30.39
C GLU S 766 76.23 91.01 -28.95
N ALA S 767 76.94 92.12 -28.76
CA ALA S 767 77.45 92.46 -27.44
C ALA S 767 76.32 92.70 -26.45
N GLN S 768 75.28 93.41 -26.88
CA GLN S 768 74.14 93.65 -25.99
C GLN S 768 73.46 92.35 -25.61
N LEU S 769 73.34 91.42 -26.56
CA LEU S 769 72.78 90.11 -26.24
C LEU S 769 73.65 89.38 -25.23
N ALA S 770 74.97 89.51 -25.34
CA ALA S 770 75.87 88.90 -24.38
C ALA S 770 75.70 89.53 -22.99
N GLU S 771 75.54 90.85 -22.94
CA GLU S 771 75.37 91.53 -21.65
C GLU S 771 74.04 91.11 -21.00
N GLN S 772 72.98 91.02 -21.79
CA GLN S 772 71.71 90.53 -21.26
C GLN S 772 71.84 89.08 -20.80
N PHE S 773 72.64 88.28 -21.51
CA PHE S 773 72.87 86.90 -21.09
C PHE S 773 73.54 86.85 -19.73
N SER S 774 74.64 87.59 -19.55
CA SER S 774 75.33 87.60 -18.28
C SER S 774 74.44 88.16 -17.17
N LEU S 775 73.58 89.12 -17.52
CA LEU S 775 72.67 89.69 -16.53
C LEU S 775 71.66 88.64 -16.06
N GLN S 776 71.03 87.94 -17.00
CA GLN S 776 70.09 86.88 -16.63
C GLN S 776 70.78 85.80 -15.79
N GLY S 777 72.01 85.43 -16.17
CA GLY S 777 72.74 84.47 -15.39
C GLY S 777 72.97 84.93 -13.96
N ILE S 778 73.52 86.14 -13.82
CA ILE S 778 73.73 86.72 -12.48
C ILE S 778 72.42 86.79 -11.72
N HIS S 779 71.31 87.00 -12.43
CA HIS S 779 70.01 87.09 -11.77
C HIS S 779 69.63 85.75 -11.16
N GLN S 780 69.72 84.68 -11.95
CA GLN S 780 69.45 83.36 -11.41
C GLN S 780 70.41 83.04 -10.27
N LEU S 781 71.64 83.53 -10.37
CA LEU S 781 72.62 83.33 -9.30
C LEU S 781 72.17 84.02 -8.03
N VAL S 782 71.70 85.26 -8.16
CA VAL S 782 71.22 86.01 -7.01
C VAL S 782 70.06 85.27 -6.35
N ARG S 783 69.14 84.75 -7.17
CA ARG S 783 67.99 84.04 -6.61
C ARG S 783 68.44 82.82 -5.82
N LYS S 784 69.30 82.00 -6.43
CA LYS S 784 69.80 80.82 -5.72
C LYS S 784 70.58 81.20 -4.48
N MET S 785 71.33 82.30 -4.56
CA MET S 785 72.16 82.73 -3.43
C MET S 785 71.30 83.18 -2.26
N CYS S 786 70.25 83.94 -2.55
CA CYS S 786 69.31 84.33 -1.50
C CYS S 786 68.70 83.11 -0.85
N GLN S 787 68.26 82.15 -1.67
CA GLN S 787 67.67 80.93 -1.12
C GLN S 787 68.66 80.22 -0.22
N ALA S 788 69.92 80.09 -0.66
CA ALA S 788 70.91 79.37 0.13
C ALA S 788 71.25 80.11 1.41
N LEU S 789 71.35 81.44 1.35
CA LEU S 789 71.68 82.20 2.55
C LEU S 789 70.55 82.09 3.58
N ALA S 790 69.30 82.17 3.13
CA ALA S 790 68.19 81.97 4.04
C ALA S 790 68.21 80.57 4.61
N LEU S 791 68.54 79.57 3.79
CA LEU S 791 68.65 78.21 4.28
C LEU S 791 69.69 78.10 5.38
N TRP S 792 70.86 78.71 5.17
CA TRP S 792 71.93 78.64 6.16
C TRP S 792 71.52 79.32 7.46
N LYS S 793 70.91 80.49 7.38
CA LYS S 793 70.46 81.16 8.58
C LYS S 793 69.41 80.34 9.32
N LEU S 794 68.42 79.82 8.57
CA LEU S 794 67.43 78.94 9.16
C LEU S 794 68.09 77.79 9.92
N LEU S 795 69.04 77.11 9.27
CA LEU S 795 69.75 76.02 9.94
C LEU S 795 70.43 76.52 11.20
N CYS S 796 71.04 77.70 11.16
CA CYS S 796 71.67 78.26 12.34
C CYS S 796 70.66 78.42 13.47
N GLU S 797 69.43 78.83 13.13
CA GLU S 797 68.41 79.05 14.16
C GLU S 797 67.96 77.76 14.84
N HIS S 798 68.25 76.60 14.26
CA HIS S 798 67.82 75.33 14.81
C HIS S 798 68.97 74.54 15.39
N GLN S 799 70.00 75.22 15.92
CA GLN S 799 71.19 74.57 16.46
C GLN S 799 71.85 73.70 15.39
N PHE S 800 72.37 74.39 14.38
CA PHE S 800 72.84 73.77 13.14
C PHE S 800 73.65 72.50 13.34
N SER S 801 74.60 72.52 14.29
CA SER S 801 75.54 71.41 14.44
C SER S 801 74.81 70.08 14.63
N LEU S 802 73.66 70.08 15.30
CA LEU S 802 72.88 68.86 15.40
C LEU S 802 72.24 68.50 14.07
N VAL S 803 71.87 69.50 13.27
CA VAL S 803 71.15 69.24 12.02
C VAL S 803 72.07 68.62 10.99
N VAL S 804 73.31 69.10 10.89
CA VAL S 804 74.28 68.44 10.03
C VAL S 804 74.95 67.29 10.77
N SER S 805 74.70 67.15 12.07
CA SER S 805 75.21 66.01 12.83
C SER S 805 74.46 64.73 12.51
N ASP S 806 73.30 64.82 11.86
CA ASP S 806 72.59 63.62 11.44
C ASP S 806 72.87 63.24 9.99
N LEU S 807 73.66 64.04 9.27
CA LEU S 807 74.05 63.68 7.92
C LEU S 807 75.07 62.54 7.96
N GLN S 808 75.15 61.81 6.84
CA GLN S 808 76.13 60.75 6.73
C GLN S 808 77.54 61.34 6.65
N LYS S 809 78.51 60.61 7.22
CA LYS S 809 79.87 61.14 7.36
C LYS S 809 80.44 61.59 6.03
N GLU S 810 80.05 60.93 4.94
CA GLU S 810 80.49 61.36 3.62
C GLU S 810 80.11 62.81 3.35
N LEU S 811 78.85 63.17 3.57
CA LEU S 811 78.43 64.55 3.39
C LEU S 811 79.11 65.47 4.39
N GLN S 812 79.49 64.97 5.56
CA GLN S 812 80.21 65.79 6.52
C GLN S 812 81.58 66.17 5.98
N GLU S 813 82.36 65.19 5.54
CA GLU S 813 83.68 65.48 5.00
C GLU S 813 83.59 66.28 3.69
N GLN S 814 82.50 66.10 2.95
CA GLN S 814 82.30 66.88 1.73
C GLN S 814 82.01 68.35 2.06
N LEU S 815 81.14 68.59 3.04
CA LEU S 815 80.87 69.96 3.46
C LEU S 815 82.09 70.62 4.06
N LYS S 816 82.98 69.84 4.69
CA LYS S 816 84.21 70.40 5.24
C LYS S 816 85.10 70.99 4.16
N ILE S 817 84.85 70.66 2.89
CA ILE S 817 85.70 71.10 1.80
C ILE S 817 84.99 72.02 0.82
N THR S 818 83.70 72.30 1.04
CA THR S 818 82.90 73.00 0.05
C THR S 818 82.91 74.50 0.29
N THR S 819 83.37 75.26 -0.70
CA THR S 819 83.16 76.70 -0.68
C THR S 819 81.76 77.03 -1.17
N PHE S 820 81.15 78.03 -0.54
CA PHE S 820 79.74 78.32 -0.78
C PHE S 820 79.44 78.48 -2.27
N LYS S 821 80.42 78.95 -3.05
CA LYS S 821 80.24 78.98 -4.49
C LYS S 821 79.97 77.58 -5.03
N ASP S 822 80.73 76.59 -4.57
CA ASP S 822 80.45 75.21 -4.96
C ASP S 822 79.10 74.75 -4.43
N LEU S 823 78.70 75.27 -3.27
CA LEU S 823 77.40 74.93 -2.73
C LEU S 823 76.28 75.35 -3.66
N VAL S 824 76.23 76.64 -4.00
CA VAL S 824 75.10 77.17 -4.75
C VAL S 824 75.19 76.80 -6.23
N ILE S 825 76.40 76.76 -6.78
CA ILE S 825 76.53 76.54 -8.22
C ILE S 825 76.33 75.08 -8.58
N ARG S 826 76.99 74.17 -7.86
CA ARG S 826 77.02 72.76 -8.24
C ARG S 826 76.34 71.83 -7.24
N ASP S 827 76.32 72.18 -5.96
CA ASP S 827 75.92 71.24 -4.90
C ASP S 827 74.42 71.37 -4.64
N LYS S 828 73.63 70.64 -5.43
CA LYS S 828 72.21 70.52 -5.14
C LYS S 828 71.93 69.37 -4.18
N GLU S 829 72.67 68.26 -4.30
CA GLU S 829 72.43 67.10 -3.45
C GLU S 829 72.84 67.37 -2.01
N LEU S 830 73.93 68.14 -1.81
CA LEU S 830 74.34 68.49 -0.46
C LEU S 830 73.29 69.35 0.23
N THR S 831 72.77 70.35 -0.47
CA THR S 831 71.70 71.16 0.10
C THR S 831 70.46 70.31 0.38
N GLY S 832 70.15 69.36 -0.50
CA GLY S 832 69.05 68.46 -0.24
C GLY S 832 69.27 67.64 1.01
N ALA S 833 70.49 67.15 1.20
CA ALA S 833 70.83 66.41 2.41
C ALA S 833 70.63 67.26 3.65
N LEU S 834 71.09 68.51 3.61
CA LEU S 834 70.87 69.41 4.74
C LEU S 834 69.38 69.61 5.03
N THR S 835 68.60 69.89 3.99
CA THR S 835 67.17 70.14 4.17
C THR S 835 66.48 68.93 4.78
N ALA S 836 66.66 67.76 4.16
CA ALA S 836 66.03 66.56 4.69
C ALA S 836 66.57 66.22 6.07
N SER S 837 67.81 66.63 6.37
CA SER S 837 68.34 66.41 7.71
C SER S 837 67.58 67.24 8.73
N LEU S 838 67.28 68.49 8.38
CA LEU S 838 66.45 69.31 9.26
C LEU S 838 65.07 68.68 9.43
N ILE S 839 64.47 68.21 8.34
CA ILE S 839 63.15 67.59 8.42
C ILE S 839 63.20 66.33 9.27
N SER S 840 64.32 65.61 9.22
CA SER S 840 64.44 64.38 10.00
C SER S 840 64.63 64.67 11.48
N CYS S 841 65.45 65.67 11.80
CA CYS S 841 65.55 66.11 13.18
C CYS S 841 64.19 66.54 13.71
N TYR S 842 63.39 67.20 12.87
CA TYR S 842 62.07 67.65 13.30
C TYR S 842 61.13 66.46 13.55
N ILE S 843 61.14 65.49 12.64
CA ILE S 843 60.34 64.28 12.85
C ILE S 843 60.77 63.55 14.12
N ARG S 844 62.08 63.52 14.37
CA ARG S 844 62.62 62.70 15.46
C ARG S 844 62.04 63.10 16.81
N ASP S 845 61.95 64.40 17.08
CA ASP S 845 61.41 64.88 18.34
C ASP S 845 59.90 64.83 18.35
N ASN S 846 59.28 64.09 17.43
CA ASN S 846 57.83 64.01 17.32
C ASN S 846 57.20 65.38 17.11
N ALA S 847 57.98 66.31 16.58
CA ALA S 847 57.50 67.65 16.36
C ALA S 847 56.89 67.78 14.97
N SER S 848 55.78 68.50 14.89
CA SER S 848 55.11 68.69 13.62
C SER S 848 56.02 69.39 12.64
N VAL S 849 56.14 68.83 11.44
CA VAL S 849 56.99 69.44 10.42
C VAL S 849 56.30 70.59 9.70
N ASP S 850 55.02 70.86 10.02
CA ASP S 850 54.26 71.86 9.28
C ASP S 850 54.91 73.23 9.37
N GLY S 851 55.39 73.61 10.55
CA GLY S 851 55.97 74.94 10.70
C GLY S 851 57.27 75.10 9.93
N ILE S 852 58.21 74.18 10.13
CA ILE S 852 59.46 74.22 9.39
C ILE S 852 59.20 74.08 7.90
N SER S 853 58.18 73.31 7.52
CA SER S 853 57.89 73.13 6.10
C SER S 853 57.36 74.41 5.48
N TYR S 854 56.45 75.10 6.17
CA TYR S 854 56.00 76.41 5.70
C TYR S 854 57.17 77.36 5.56
N ARG S 855 58.04 77.38 6.57
CA ARG S 855 59.20 78.28 6.52
C ARG S 855 60.11 77.97 5.34
N LEU S 856 60.32 76.67 5.05
CA LEU S 856 61.20 76.29 3.95
C LEU S 856 60.56 76.56 2.60
N GLN S 857 59.26 76.32 2.48
CA GLN S 857 58.54 76.67 1.26
C GLN S 857 58.61 78.18 1.02
N GLU S 858 58.69 78.96 2.10
CA GLU S 858 58.79 80.40 1.94
C GLU S 858 60.22 80.84 1.60
N VAL S 859 61.23 80.16 2.17
CA VAL S 859 62.58 80.71 2.19
C VAL S 859 63.46 80.24 1.04
N CYS S 860 63.26 79.03 0.53
CA CYS S 860 64.09 78.47 -0.54
C CYS S 860 63.31 77.41 -1.31
N PRO S 861 62.19 77.80 -1.93
CA PRO S 861 61.29 76.92 -2.68
C PRO S 861 62.00 76.09 -3.74
N ASP S 868 57.71 67.88 -0.85
CA ASP S 868 58.57 67.78 0.32
C ASP S 868 57.82 68.12 1.62
N ALA S 869 57.04 69.21 1.59
CA ALA S 869 56.31 69.63 2.80
C ALA S 869 55.16 68.68 3.11
N VAL S 870 54.36 68.33 2.10
CA VAL S 870 53.28 67.38 2.32
C VAL S 870 53.85 66.00 2.63
N CYS S 871 54.92 65.62 1.94
CA CYS S 871 55.60 64.37 2.28
C CYS S 871 56.14 64.42 3.70
N SER S 872 56.70 65.55 4.11
CA SER S 872 57.21 65.66 5.48
C SER S 872 56.09 65.52 6.50
N LYS S 873 54.94 66.15 6.24
CA LYS S 873 53.81 66.03 7.15
C LYS S 873 53.29 64.59 7.20
N ALA S 874 53.24 63.91 6.06
CA ALA S 874 52.84 62.51 6.05
C ALA S 874 53.83 61.65 6.84
N ASN S 875 55.12 61.95 6.71
CA ASN S 875 56.13 61.26 7.51
C ASN S 875 55.91 61.51 9.00
N GLU S 876 55.62 62.75 9.38
CA GLU S 876 55.34 63.08 10.78
C GLU S 876 54.15 62.28 11.29
N LEU S 877 53.05 62.29 10.54
CA LEU S 877 51.86 61.55 10.94
C LEU S 877 52.16 60.07 11.12
N LEU S 878 52.82 59.46 10.13
CA LEU S 878 53.13 58.04 10.21
C LEU S 878 54.03 57.74 11.41
N GLN S 879 55.15 58.44 11.52
CA GLN S 879 56.14 58.10 12.54
C GLN S 879 55.64 58.39 13.95
N ARG S 880 54.82 59.44 14.12
CA ARG S 880 54.27 59.72 15.44
C ARG S 880 53.09 58.79 15.76
N SER S 881 52.42 58.27 14.73
CA SER S 881 51.38 57.27 14.97
C SER S 881 51.93 56.01 15.63
N ARG S 882 53.25 55.80 15.55
CA ARG S 882 53.85 54.61 16.16
C ARG S 882 53.81 54.67 17.68
N HIS S 883 53.68 55.86 18.26
CA HIS S 883 53.65 56.02 19.72
C HIS S 883 52.26 56.33 20.23
N VAL S 884 51.23 56.19 19.42
CA VAL S 884 49.85 56.44 19.84
C VAL S 884 49.22 55.18 20.38
N LYS S 887 43.79 51.41 19.09
CA LYS S 887 43.96 50.56 17.92
C LYS S 887 43.22 51.11 16.72
N GLN S 888 42.00 51.61 16.95
CA GLN S 888 41.19 52.14 15.85
C GLN S 888 41.84 53.38 15.22
N GLU S 889 42.08 54.42 16.02
CA GLU S 889 42.82 55.57 15.53
C GLU S 889 44.18 55.16 15.01
N LYS S 890 44.81 54.16 15.63
CA LYS S 890 46.09 53.67 15.15
C LYS S 890 45.97 53.11 13.75
N GLU S 891 44.98 52.24 13.53
CA GLU S 891 44.80 51.65 12.21
C GLU S 891 44.44 52.73 11.18
N ARG S 892 43.71 53.76 11.60
CA ARG S 892 43.36 54.84 10.69
C ARG S 892 44.60 55.62 10.27
N MET S 893 45.41 56.03 11.24
CA MET S 893 46.68 56.68 10.91
C MET S 893 47.54 55.78 10.03
N LEU S 894 47.48 54.47 10.27
CA LEU S 894 48.25 53.52 9.47
C LEU S 894 47.78 53.53 8.02
N ARG S 895 46.46 53.49 7.80
CA ARG S 895 45.95 53.55 6.44
C ARG S 895 46.25 54.88 5.77
N GLU S 896 46.27 55.97 6.55
CA GLU S 896 46.61 57.27 5.97
C GLU S 896 48.07 57.31 5.56
N SER S 897 48.96 56.79 6.40
CA SER S 897 50.36 56.64 6.01
C SER S 897 50.51 55.75 4.79
N LEU S 898 49.72 54.68 4.72
CA LEU S 898 49.72 53.81 3.56
C LEU S 898 49.38 54.58 2.30
N LYS S 899 48.31 55.37 2.33
CA LYS S 899 47.92 56.14 1.16
C LYS S 899 48.97 57.18 0.81
N GLU S 900 49.58 57.80 1.82
CA GLU S 900 50.62 58.78 1.56
C GLU S 900 51.80 58.15 0.84
N TYR S 901 52.29 57.03 1.35
CA TYR S 901 53.42 56.35 0.69
C TYR S 901 53.01 55.81 -0.67
N GLN S 902 51.74 55.43 -0.84
CA GLN S 902 51.28 54.94 -2.14
C GLN S 902 51.25 56.07 -3.17
N LYS S 903 51.05 57.30 -2.72
CA LYS S 903 51.05 58.42 -3.64
C LYS S 903 52.37 58.51 -4.42
N ILE S 904 53.50 58.29 -3.73
CA ILE S 904 54.82 58.52 -4.29
C ILE S 904 55.62 57.23 -4.38
N SER S 905 54.96 56.10 -4.63
CA SER S 905 55.52 54.77 -4.42
C SER S 905 56.85 54.53 -5.14
N GLN S 906 57.12 55.20 -6.26
CA GLN S 906 58.28 54.82 -7.06
C GLN S 906 59.61 55.19 -6.40
N GLN S 907 59.64 56.30 -5.68
CA GLN S 907 60.88 56.80 -5.07
C GLN S 907 61.09 56.32 -3.65
N VAL S 908 60.06 55.75 -3.02
CA VAL S 908 60.12 55.44 -1.59
C VAL S 908 61.12 54.30 -1.37
N ASP S 909 61.92 54.43 -0.31
CA ASP S 909 62.77 53.34 0.13
C ASP S 909 61.87 52.32 0.81
N LEU S 910 61.13 51.58 -0.01
CA LEU S 910 60.14 50.61 0.47
C LEU S 910 60.71 49.66 1.52
N PRO S 911 62.00 49.35 1.53
CA PRO S 911 62.53 48.55 2.64
C PRO S 911 62.32 49.20 3.99
N ASN S 912 62.65 50.48 4.12
CA ASN S 912 62.50 51.15 5.41
C ASN S 912 61.04 51.25 5.81
N VAL S 913 60.17 51.60 4.86
CA VAL S 913 58.74 51.70 5.17
C VAL S 913 58.19 50.34 5.57
N CYS S 914 58.66 49.28 4.92
CA CYS S 914 58.21 47.94 5.27
C CYS S 914 58.68 47.56 6.66
N ALA S 915 59.93 47.89 7.01
CA ALA S 915 60.42 47.61 8.35
C ALA S 915 59.58 48.35 9.39
N GLN S 916 59.30 49.62 9.15
CA GLN S 916 58.48 50.39 10.09
C GLN S 916 57.09 49.79 10.22
N TYR S 917 56.46 49.42 9.10
CA TYR S 917 55.14 48.82 9.16
C TYR S 917 55.17 47.48 9.87
N ARG S 918 56.30 46.78 9.80
CA ARG S 918 56.47 45.56 10.58
C ARG S 918 56.55 45.89 12.06
N GLN S 919 57.15 47.03 12.41
CA GLN S 919 57.22 47.43 13.80
C GLN S 919 55.84 47.65 14.39
N VAL S 920 54.92 48.21 13.61
CA VAL S 920 53.55 48.44 14.07
C VAL S 920 52.59 47.37 13.56
N ARG S 921 53.10 46.24 13.08
CA ARG S 921 52.29 45.15 12.54
C ARG S 921 51.43 45.61 11.37
N PHE S 922 51.88 46.62 10.65
CA PHE S 922 51.16 47.10 9.49
C PHE S 922 51.53 46.24 8.28
N TYR S 923 51.17 44.96 8.40
CA TYR S 923 51.38 44.02 7.31
C TYR S 923 50.66 44.48 6.05
N GLU S 924 49.38 44.83 6.17
CA GLU S 924 48.64 45.33 5.03
C GLU S 924 49.36 46.51 4.38
N GLY S 925 50.00 47.34 5.19
CA GLY S 925 50.77 48.44 4.64
C GLY S 925 51.92 47.96 3.78
N VAL S 926 52.70 47.01 4.29
CA VAL S 926 53.82 46.48 3.52
C VAL S 926 53.32 45.86 2.22
N VAL S 927 52.19 45.16 2.28
CA VAL S 927 51.68 44.44 1.11
C VAL S 927 51.21 45.42 0.05
N GLU S 928 50.27 46.29 0.41
CA GLU S 928 49.77 47.28 -0.54
C GLU S 928 50.91 48.13 -1.09
N LEU S 929 51.84 48.56 -0.22
CA LEU S 929 52.90 49.45 -0.67
C LEU S 929 53.88 48.74 -1.60
N CYS S 930 54.27 47.50 -1.26
CA CYS S 930 55.16 46.74 -2.13
C CYS S 930 54.53 46.51 -3.48
N LEU S 931 53.29 46.01 -3.51
CA LEU S 931 52.65 45.76 -4.78
C LEU S 931 52.45 47.05 -5.56
N SER S 932 52.13 48.15 -4.87
CA SER S 932 51.91 49.42 -5.56
C SER S 932 53.20 49.95 -6.14
N ALA S 933 54.30 49.83 -5.39
CA ALA S 933 55.58 50.24 -5.94
C ALA S 933 55.95 49.40 -7.14
N ALA S 934 55.62 48.12 -7.10
CA ALA S 934 55.84 47.27 -8.26
C ALA S 934 55.04 47.76 -9.46
N GLU S 935 53.73 47.93 -9.27
CA GLU S 935 52.87 48.30 -10.39
C GLU S 935 53.25 49.65 -10.96
N LYS S 936 53.48 50.64 -10.10
CA LYS S 936 53.81 51.98 -10.59
C LYS S 936 55.21 52.02 -11.17
N LYS S 937 56.13 51.22 -10.66
CA LYS S 937 57.46 51.20 -11.23
C LYS S 937 57.50 50.46 -12.56
N ASP S 938 56.55 49.56 -12.80
CA ASP S 938 56.50 48.75 -14.01
C ASP S 938 55.22 49.07 -14.75
N PRO S 939 55.00 50.34 -15.11
CA PRO S 939 53.68 50.75 -15.60
C PRO S 939 53.29 50.14 -16.93
N GLN S 940 54.21 49.48 -17.64
CA GLN S 940 53.89 48.93 -18.96
C GLN S 940 53.81 47.41 -18.96
N GLY S 941 54.21 46.75 -17.89
CA GLY S 941 54.32 45.30 -17.91
C GLY S 941 55.50 44.79 -18.71
N LEU S 942 56.58 45.57 -18.79
CA LEU S 942 57.75 45.12 -19.54
C LEU S 942 58.34 43.86 -18.94
N GLY S 943 58.41 43.80 -17.61
CA GLY S 943 58.89 42.59 -16.97
C GLY S 943 58.05 41.37 -17.32
N LEU S 944 56.72 41.52 -17.28
CA LEU S 944 55.85 40.39 -17.61
C LEU S 944 56.00 39.99 -19.07
N HIS S 945 56.18 40.96 -19.97
CA HIS S 945 56.36 40.63 -21.37
C HIS S 945 57.66 39.88 -21.60
N PHE S 946 58.76 40.39 -21.04
CA PHE S 946 60.05 39.72 -21.16
C PHE S 946 59.97 38.31 -20.60
N HIS S 947 59.30 38.14 -19.47
CA HIS S 947 59.19 36.81 -18.87
C HIS S 947 58.34 35.88 -19.74
N LYS S 948 57.25 36.39 -20.30
CA LYS S 948 56.29 35.51 -20.99
C LYS S 948 56.90 34.90 -22.24
N ASN S 949 57.92 35.51 -22.82
CA ASN S 949 58.56 34.99 -24.01
C ASN S 949 59.91 34.34 -23.72
N GLY S 950 60.11 33.87 -22.49
CA GLY S 950 61.29 33.10 -22.18
C GLY S 950 62.50 33.89 -21.73
N GLU S 951 62.29 35.07 -21.15
CA GLU S 951 63.38 35.85 -20.56
C GLU S 951 64.48 36.10 -21.58
N PRO S 952 64.14 36.60 -22.77
CA PRO S 952 65.18 36.86 -23.77
C PRO S 952 66.20 37.85 -23.23
N GLU S 953 67.48 37.44 -23.27
CA GLU S 953 68.55 38.29 -22.78
C GLU S 953 68.68 39.58 -23.59
N GLU S 954 68.07 39.63 -24.77
CA GLU S 954 68.07 40.86 -25.56
C GLU S 954 67.15 41.93 -24.98
N ASP S 955 66.29 41.56 -24.03
CA ASP S 955 65.34 42.51 -23.45
C ASP S 955 65.89 43.04 -22.12
N MET S 956 66.91 43.90 -22.24
CA MET S 956 67.42 44.59 -21.07
C MET S 956 66.36 45.49 -20.45
N ALA S 957 65.45 46.03 -21.26
CA ALA S 957 64.36 46.84 -20.74
C ALA S 957 63.32 45.99 -20.00
N GLY S 958 62.88 44.90 -20.64
CA GLY S 958 61.99 43.99 -19.95
C GLY S 958 62.63 43.40 -18.71
N LEU S 959 63.89 42.99 -18.82
CA LEU S 959 64.62 42.50 -17.65
C LEU S 959 64.68 43.57 -16.56
N GLN S 960 64.85 44.83 -16.94
CA GLN S 960 64.95 45.90 -15.96
C GLN S 960 63.63 46.11 -15.22
N ALA S 961 62.54 46.19 -15.98
CA ALA S 961 61.23 46.32 -15.34
C ALA S 961 60.95 45.14 -14.42
N PHE S 962 61.24 43.92 -14.89
CA PHE S 962 61.03 42.74 -14.06
C PHE S 962 61.87 42.79 -12.80
N GLN S 963 63.13 43.23 -12.92
CA GLN S 963 64.01 43.28 -11.76
C GLN S 963 63.52 44.30 -10.75
N GLU S 964 63.02 45.45 -11.23
CA GLU S 964 62.50 46.45 -10.32
C GLU S 964 61.27 45.93 -9.58
N ARG S 965 60.35 45.31 -10.32
CA ARG S 965 59.17 44.72 -9.68
C ARG S 965 59.58 43.64 -8.68
N LEU S 966 60.63 42.86 -9.00
CA LEU S 966 61.06 41.80 -8.12
C LEU S 966 61.70 42.37 -6.85
N ASN S 967 62.53 43.41 -6.99
CA ASN S 967 63.05 44.10 -5.83
C ASN S 967 61.93 44.59 -4.94
N SER S 968 60.86 45.15 -5.54
CA SER S 968 59.73 45.59 -4.74
C SER S 968 59.05 44.42 -4.03
N TYR S 969 58.96 43.27 -4.70
CA TYR S 969 58.36 42.09 -4.07
C TYR S 969 59.26 41.52 -2.97
N LYS S 970 60.56 41.82 -3.04
CA LYS S 970 61.48 41.35 -2.00
C LYS S 970 61.04 41.79 -0.62
N CYS S 971 60.41 42.96 -0.52
CA CYS S 971 59.94 43.44 0.77
C CYS S 971 58.85 42.53 1.33
N ILE S 972 57.90 42.13 0.49
CA ILE S 972 56.86 41.22 0.94
C ILE S 972 57.49 39.90 1.36
N THR S 973 58.38 39.38 0.52
CA THR S 973 59.02 38.11 0.85
C THR S 973 59.76 38.20 2.18
N ASP S 974 60.43 39.32 2.43
CA ASP S 974 61.22 39.46 3.64
C ASP S 974 60.34 39.58 4.88
N THR S 975 59.27 40.37 4.78
CA THR S 975 58.33 40.42 5.90
C THR S 975 57.79 39.02 6.20
N LEU S 976 57.49 38.25 5.15
CA LEU S 976 57.04 36.89 5.35
C LEU S 976 58.13 36.03 5.98
N GLN S 977 59.39 36.28 5.62
CA GLN S 977 60.48 35.47 6.15
C GLN S 977 60.68 35.73 7.63
N GLU S 978 60.60 36.99 8.03
CA GLU S 978 60.64 37.32 9.46
C GLU S 978 59.51 36.61 10.18
N LEU S 979 58.30 36.71 9.62
CA LEU S 979 57.16 35.98 10.20
C LEU S 979 57.47 34.51 10.36
N VAL S 980 58.02 33.87 9.33
CA VAL S 980 58.24 32.43 9.39
C VAL S 980 59.30 32.09 10.43
N ASN S 981 60.44 32.78 10.38
CA ASN S 981 61.54 32.49 11.31
C ASN S 981 61.08 32.60 12.74
N GLN S 982 60.37 33.68 13.08
CA GLN S 982 59.90 33.82 14.46
C GLN S 982 58.72 32.90 14.72
N SER S 983 58.07 32.40 13.67
CA SER S 983 57.00 31.43 13.84
C SER S 983 57.52 30.08 14.29
N LYS S 984 58.66 29.66 13.77
CA LYS S 984 59.19 28.35 14.13
C LYS S 984 60.16 28.42 15.31
N ALA S 985 60.56 29.61 15.74
CA ALA S 985 61.50 29.74 16.84
C ALA S 985 60.94 29.20 18.15
N SER S 1009 56.49 36.07 19.10
CA SER S 1009 56.60 34.66 19.45
C SER S 1009 56.35 33.75 18.24
N ASN S 1010 56.12 32.46 18.51
CA ASN S 1010 55.87 31.51 17.43
C ASN S 1010 54.53 31.78 16.76
N GLU S 1011 53.45 31.84 17.55
CA GLU S 1011 52.11 31.94 16.99
C GLU S 1011 51.87 33.31 16.36
N GLU S 1012 52.40 34.36 16.98
CA GLU S 1012 52.22 35.71 16.43
C GLU S 1012 52.81 35.82 15.03
N ALA S 1013 54.10 35.55 14.90
CA ALA S 1013 54.74 35.62 13.60
C ALA S 1013 54.14 34.60 12.63
N GLY S 1014 53.71 33.45 13.13
CA GLY S 1014 53.05 32.50 12.26
C GLY S 1014 51.80 33.08 11.63
N ILE S 1015 50.91 33.64 12.46
CA ILE S 1015 49.71 34.28 11.93
C ILE S 1015 50.10 35.42 11.01
N HIS S 1016 51.23 36.06 11.29
CA HIS S 1016 51.70 37.13 10.41
C HIS S 1016 51.99 36.59 9.02
N PHE S 1017 52.74 35.48 8.96
CA PHE S 1017 53.05 34.88 7.66
C PHE S 1017 51.79 34.42 6.97
N GLU S 1018 50.85 33.86 7.73
CA GLU S 1018 49.60 33.39 7.13
C GLU S 1018 48.83 34.55 6.53
N GLN S 1019 48.76 35.67 7.24
CA GLN S 1019 48.03 36.83 6.73
C GLN S 1019 48.70 37.38 5.48
N MET S 1020 50.03 37.51 5.52
CA MET S 1020 50.73 38.04 4.35
C MET S 1020 50.56 37.13 3.13
N LEU S 1021 50.60 35.81 3.34
CA LEU S 1021 50.47 34.89 2.21
C LEU S 1021 49.04 34.89 1.67
N LYS S 1022 48.05 34.89 2.57
CA LYS S 1022 46.67 35.02 2.13
C LYS S 1022 46.46 36.31 1.36
N LEU S 1023 47.20 37.36 1.70
CA LEU S 1023 47.13 38.59 0.92
C LEU S 1023 47.78 38.41 -0.45
N ALA S 1024 48.95 37.76 -0.48
CA ALA S 1024 49.64 37.51 -1.75
C ALA S 1024 48.76 36.71 -2.69
N GLN S 1025 47.92 35.83 -2.13
CA GLN S 1025 47.05 34.98 -2.94
C GLN S 1025 46.11 35.78 -3.84
N ARG S 1026 45.90 37.06 -3.54
CA ARG S 1026 45.03 37.89 -4.37
C ARG S 1026 45.78 38.58 -5.50
N SER S 1027 47.10 38.67 -5.42
CA SER S 1027 47.88 39.29 -6.48
C SER S 1027 47.72 38.49 -7.77
N ALA S 1028 47.04 39.09 -8.75
CA ALA S 1028 46.99 38.52 -10.07
C ALA S 1028 48.24 38.79 -10.87
N ASP S 1029 49.23 39.47 -10.30
CA ASP S 1029 50.47 39.76 -10.99
C ASP S 1029 51.18 38.44 -11.28
N GLU S 1030 51.19 38.04 -12.54
CA GLU S 1030 51.69 36.72 -12.90
C GLU S 1030 53.09 36.48 -12.38
N LEU S 1031 54.03 37.34 -12.74
CA LEU S 1031 55.41 37.16 -12.29
C LEU S 1031 55.49 37.13 -10.78
N PHE S 1032 54.59 37.83 -10.10
CA PHE S 1032 54.55 37.72 -8.64
C PHE S 1032 54.18 36.31 -8.22
N ASN S 1033 53.21 35.71 -8.88
CA ASN S 1033 52.85 34.33 -8.58
C ASN S 1033 54.02 33.40 -8.85
N ILE S 1034 54.68 33.57 -9.99
CA ILE S 1034 55.80 32.70 -10.35
C ILE S 1034 56.94 32.86 -9.35
N ALA S 1035 57.17 34.09 -8.90
CA ALA S 1035 58.31 34.34 -8.02
C ALA S 1035 58.04 33.84 -6.61
N LEU S 1036 56.85 34.14 -6.07
CA LEU S 1036 56.46 33.54 -4.80
C LEU S 1036 56.44 32.03 -4.90
N PHE S 1037 56.10 31.51 -6.08
CA PHE S 1037 56.10 30.07 -6.30
C PHE S 1037 57.50 29.50 -6.17
N ASN S 1038 58.45 30.05 -6.93
CA ASN S 1038 59.83 29.60 -6.83
C ASN S 1038 60.36 29.79 -5.42
N TRP S 1039 59.95 30.88 -4.75
CA TRP S 1039 60.40 31.12 -3.39
C TRP S 1039 59.95 30.02 -2.45
N LEU S 1040 58.63 29.84 -2.33
CA LEU S 1040 58.11 28.75 -1.51
C LEU S 1040 58.66 27.41 -1.94
N ILE S 1041 58.97 27.26 -3.22
CA ILE S 1041 59.58 26.02 -3.71
C ILE S 1041 60.93 25.82 -3.05
N GLN S 1042 61.83 26.79 -3.21
CA GLN S 1042 63.06 26.78 -2.44
C GLN S 1042 62.75 26.65 -0.96
N ALA S 1043 61.76 27.39 -0.46
CA ALA S 1043 61.37 27.30 0.93
C ALA S 1043 60.72 25.98 1.30
N ASP S 1044 60.47 25.10 0.32
CA ASP S 1044 60.08 23.71 0.56
C ASP S 1044 58.71 23.59 1.24
N LEU S 1045 57.92 24.65 1.24
CA LEU S 1045 56.58 24.61 1.84
C LEU S 1045 55.57 24.05 0.84
N THR S 1046 55.81 22.82 0.40
CA THR S 1046 55.02 22.24 -0.69
C THR S 1046 53.54 22.14 -0.36
N ASP S 1047 53.20 21.91 0.91
CA ASP S 1047 51.79 21.85 1.27
C ASP S 1047 51.09 23.17 1.01
N LYS S 1048 51.59 24.26 1.60
CA LYS S 1048 51.05 25.58 1.32
C LYS S 1048 51.03 25.85 -0.17
N LEU S 1049 52.04 25.38 -0.89
CA LEU S 1049 52.04 25.52 -2.34
C LEU S 1049 50.80 24.90 -2.95
N LEU S 1050 50.60 23.60 -2.76
CA LEU S 1050 49.41 22.95 -3.27
C LEU S 1050 48.14 23.43 -2.58
N GLU S 1051 48.24 24.38 -1.66
CA GLU S 1051 47.09 24.82 -0.87
C GLU S 1051 46.46 26.12 -1.37
N LEU S 1052 47.11 26.86 -2.27
CA LEU S 1052 46.61 28.15 -2.74
C LEU S 1052 46.33 28.07 -4.24
N ASN S 1053 45.46 28.95 -4.72
CA ASN S 1053 44.95 28.86 -6.08
C ASN S 1053 45.65 29.88 -6.97
N SER S 1054 46.50 29.41 -7.88
CA SER S 1054 47.15 30.27 -8.84
C SER S 1054 47.07 29.67 -10.23
N PRO S 1055 46.49 30.37 -11.20
CA PRO S 1055 46.49 29.83 -12.57
C PRO S 1055 47.89 29.59 -13.10
N PHE S 1056 48.80 30.54 -12.92
CA PHE S 1056 50.12 30.47 -13.52
C PHE S 1056 50.94 29.32 -13.00
N LEU S 1057 50.63 28.80 -11.81
CA LEU S 1057 51.41 27.72 -11.25
C LEU S 1057 51.55 26.57 -12.23
N GLU S 1058 50.43 26.13 -12.78
CA GLU S 1058 50.46 24.97 -13.69
C GLU S 1058 51.40 25.19 -14.85
N PRO S 1059 51.17 26.16 -15.73
CA PRO S 1059 52.12 26.35 -16.82
C PRO S 1059 53.53 26.63 -16.33
N HIS S 1060 53.66 27.33 -15.21
CA HIS S 1060 54.99 27.47 -14.60
C HIS S 1060 55.57 26.11 -14.32
N LEU S 1061 54.75 25.19 -13.82
CA LEU S 1061 55.25 23.86 -13.50
C LEU S 1061 55.69 23.12 -14.75
N VAL S 1062 54.85 23.10 -15.77
CA VAL S 1062 55.21 22.41 -17.01
C VAL S 1062 56.46 23.04 -17.59
N ARG S 1063 56.55 24.37 -17.52
CA ARG S 1063 57.73 25.06 -18.01
C ARG S 1063 58.98 24.57 -17.29
N MET S 1064 58.99 24.71 -15.97
CA MET S 1064 60.12 24.22 -15.19
C MET S 1064 60.45 22.79 -15.55
N ALA S 1065 59.44 21.91 -15.58
CA ALA S 1065 59.70 20.49 -15.70
C ALA S 1065 60.25 20.13 -17.06
N LYS S 1066 59.80 20.78 -18.12
CA LYS S 1066 60.34 20.54 -19.43
C LYS S 1066 61.65 21.28 -19.67
N LEU S 1067 61.99 22.26 -18.84
CA LEU S 1067 63.17 23.08 -19.08
C LEU S 1067 63.89 23.47 -17.79
N ASP S 1068 63.82 22.65 -16.74
CA ASP S 1068 64.77 22.82 -15.65
C ASP S 1068 65.98 21.95 -15.90
N GLN S 1069 65.75 20.79 -16.53
CA GLN S 1069 66.69 19.68 -16.71
C GLN S 1069 66.90 19.00 -15.36
N ASN S 1070 66.50 19.67 -14.28
CA ASN S 1070 66.29 19.05 -12.98
C ASN S 1070 64.79 18.73 -12.89
N LYS S 1071 64.36 17.84 -13.76
CA LYS S 1071 62.95 17.62 -13.99
C LYS S 1071 62.26 16.83 -12.88
N VAL S 1072 63.00 16.01 -12.14
CA VAL S 1072 62.36 15.03 -11.26
C VAL S 1072 61.44 15.72 -10.25
N ARG S 1073 61.97 16.70 -9.52
CA ARG S 1073 61.19 17.33 -8.47
C ARG S 1073 59.97 18.03 -9.03
N TYR S 1074 60.16 18.77 -10.12
CA TYR S 1074 59.04 19.45 -10.74
C TYR S 1074 57.97 18.45 -11.18
N MET S 1075 58.37 17.36 -11.82
CA MET S 1075 57.41 16.38 -12.31
C MET S 1075 56.60 15.77 -11.18
N ASP S 1076 57.28 15.39 -10.09
CA ASP S 1076 56.56 14.87 -8.94
C ASP S 1076 55.56 15.90 -8.45
N LEU S 1077 56.05 17.08 -8.07
CA LEU S 1077 55.18 18.15 -7.61
C LEU S 1077 53.99 18.31 -8.53
N LEU S 1078 54.21 18.18 -9.84
CA LEU S 1078 53.12 18.24 -10.79
C LEU S 1078 52.09 17.15 -10.51
N TRP S 1079 52.51 15.90 -10.59
CA TRP S 1079 51.57 14.79 -10.43
C TRP S 1079 50.76 14.95 -9.15
N ARG S 1080 51.43 15.24 -8.04
CA ARG S 1080 50.71 15.45 -6.80
C ARG S 1080 49.69 16.56 -6.95
N TYR S 1081 50.05 17.65 -7.62
CA TYR S 1081 49.12 18.76 -7.76
C TYR S 1081 47.92 18.38 -8.60
N TYR S 1082 48.16 17.74 -9.74
CA TYR S 1082 47.08 17.30 -10.61
C TYR S 1082 46.17 16.33 -9.89
N GLU S 1083 46.72 15.59 -8.92
CA GLU S 1083 45.87 14.81 -8.04
C GLU S 1083 45.03 15.70 -7.15
N LYS S 1084 45.68 16.64 -6.46
CA LYS S 1084 44.96 17.56 -5.59
C LYS S 1084 43.74 18.16 -6.28
N ASN S 1085 43.88 18.50 -7.55
CA ASN S 1085 42.78 19.07 -8.31
C ASN S 1085 41.82 18.01 -8.83
N ARG S 1086 41.85 16.80 -8.29
CA ARG S 1086 41.03 15.70 -8.78
C ARG S 1086 41.19 15.49 -10.28
N ASN S 1087 42.38 15.76 -10.82
CA ASN S 1087 42.68 15.51 -12.23
C ASN S 1087 43.48 14.21 -12.34
N PHE S 1088 42.73 13.12 -12.31
CA PHE S 1088 43.36 11.80 -12.30
C PHE S 1088 44.23 11.57 -13.52
N SER S 1089 43.69 11.73 -14.73
CA SER S 1089 44.41 11.31 -15.91
C SER S 1089 45.72 12.08 -16.06
N ASN S 1090 45.66 13.39 -15.93
CA ASN S 1090 46.87 14.19 -16.09
C ASN S 1090 47.94 13.74 -15.11
N ALA S 1091 47.60 13.64 -13.82
CA ALA S 1091 48.57 13.20 -12.83
C ALA S 1091 49.11 11.83 -13.19
N ALA S 1092 48.25 10.96 -13.69
CA ALA S 1092 48.68 9.65 -14.12
C ALA S 1092 49.78 9.77 -15.15
N ARG S 1093 49.51 10.49 -16.22
CA ARG S 1093 50.52 10.68 -17.25
C ARG S 1093 51.79 11.28 -16.67
N VAL S 1094 51.65 12.21 -15.73
CA VAL S 1094 52.82 12.88 -15.17
C VAL S 1094 53.71 11.87 -14.48
N VAL S 1095 53.17 11.18 -13.50
CA VAL S 1095 53.97 10.19 -12.79
C VAL S 1095 54.53 9.17 -13.76
N ALA S 1096 53.76 8.79 -14.78
CA ALA S 1096 54.27 7.82 -15.73
C ALA S 1096 55.53 8.34 -16.40
N LYS S 1097 55.46 9.57 -16.89
CA LYS S 1097 56.66 10.21 -17.41
C LYS S 1097 57.80 10.08 -16.42
N LEU S 1098 57.56 10.46 -15.17
CA LEU S 1098 58.61 10.34 -14.17
C LEU S 1098 59.17 8.93 -14.16
N ALA S 1099 58.33 7.95 -14.42
CA ALA S 1099 58.74 6.56 -14.25
C ALA S 1099 59.64 6.11 -15.39
N ASP S 1100 59.19 6.30 -16.62
CA ASP S 1100 59.96 5.77 -17.74
C ASP S 1100 61.34 6.40 -17.88
N MET S 1101 61.62 7.47 -17.14
CA MET S 1101 62.79 8.30 -17.39
C MET S 1101 64.07 7.51 -17.19
N HIS S 1102 65.02 7.67 -18.11
CA HIS S 1102 66.35 7.11 -17.98
C HIS S 1102 67.29 8.10 -17.30
N SER S 1103 67.42 7.98 -15.98
CA SER S 1103 68.28 8.82 -15.17
C SER S 1103 68.61 8.07 -13.89
N PRO S 1104 69.89 7.99 -13.50
CA PRO S 1104 70.24 7.18 -12.33
C PRO S 1104 69.62 7.65 -11.04
N GLU S 1105 68.96 8.81 -11.02
CA GLU S 1105 68.35 9.32 -9.80
C GLU S 1105 67.10 8.54 -9.39
N ILE S 1106 66.57 7.68 -10.26
CA ILE S 1106 65.33 6.97 -10.03
C ILE S 1106 65.69 5.51 -9.76
N SER S 1107 65.57 5.09 -8.51
CA SER S 1107 65.90 3.73 -8.16
C SER S 1107 64.71 2.79 -8.41
N LEU S 1108 65.03 1.60 -8.93
CA LEU S 1108 64.01 0.67 -9.41
C LEU S 1108 62.82 0.60 -8.48
N LYS S 1109 63.07 0.62 -7.18
CA LYS S 1109 61.96 0.67 -6.24
C LYS S 1109 61.05 1.84 -6.54
N GLN S 1110 61.57 3.06 -6.43
CA GLN S 1110 60.77 4.25 -6.67
C GLN S 1110 60.08 4.17 -8.02
N ARG S 1111 60.75 3.58 -9.00
CA ARG S 1111 60.12 3.37 -10.29
C ARG S 1111 58.84 2.56 -10.14
N LEU S 1112 58.96 1.34 -9.63
CA LEU S 1112 57.78 0.49 -9.50
C LEU S 1112 56.70 1.18 -8.70
N GLU S 1113 57.07 1.85 -7.61
CA GLU S 1113 56.07 2.50 -6.79
C GLU S 1113 55.32 3.56 -7.58
N TYR S 1114 56.05 4.27 -8.44
CA TYR S 1114 55.40 5.25 -9.29
C TYR S 1114 54.45 4.56 -10.27
N ILE S 1115 54.93 3.50 -10.92
CA ILE S 1115 54.07 2.75 -11.85
C ILE S 1115 52.78 2.36 -11.16
N SER S 1116 52.89 1.97 -9.90
CA SER S 1116 51.71 1.62 -9.15
C SER S 1116 50.80 2.82 -8.97
N ARG S 1117 51.28 3.84 -8.26
CA ARG S 1117 50.44 4.99 -7.94
C ARG S 1117 49.77 5.52 -9.19
N ALA S 1118 50.46 5.44 -10.32
CA ALA S 1118 49.81 5.70 -11.59
C ALA S 1118 48.64 4.76 -11.81
N ILE S 1119 48.91 3.46 -12.02
CA ILE S 1119 47.86 2.54 -12.44
C ILE S 1119 46.63 2.70 -11.54
N LEU S 1120 46.88 2.85 -10.24
CA LEU S 1120 45.78 3.12 -9.32
C LEU S 1120 45.02 4.36 -9.75
N SER S 1121 45.66 5.53 -9.72
CA SER S 1121 44.91 6.74 -10.00
C SER S 1121 44.24 6.67 -11.36
N ALA S 1122 44.75 5.83 -12.25
CA ALA S 1122 44.09 5.60 -13.52
C ALA S 1122 42.78 4.88 -13.32
N LYS S 1123 42.75 3.93 -12.39
CA LYS S 1123 41.48 3.28 -12.09
C LYS S 1123 40.53 4.22 -11.37
N SER S 1124 41.05 5.34 -10.88
CA SER S 1124 40.20 6.30 -10.19
C SER S 1124 39.23 6.94 -11.15
N ALA S 1133 41.06 6.51 -24.85
CA ALA S 1133 42.45 6.12 -25.03
C ALA S 1133 43.01 5.63 -23.71
N ASP S 1134 42.52 6.22 -22.61
CA ASP S 1134 42.99 5.83 -21.28
C ASP S 1134 43.04 4.33 -21.11
N GLY S 1135 42.08 3.62 -21.69
CA GLY S 1135 42.16 2.17 -21.68
C GLY S 1135 43.45 1.68 -22.30
N GLU S 1136 43.80 2.23 -23.47
CA GLU S 1136 45.10 1.88 -24.06
C GLU S 1136 46.22 2.15 -23.06
N PHE S 1137 46.36 3.41 -22.61
CA PHE S 1137 47.39 3.74 -21.64
C PHE S 1137 47.47 2.69 -20.55
N LEU S 1138 46.31 2.24 -20.07
CA LEU S 1138 46.29 1.18 -19.09
C LEU S 1138 46.96 -0.07 -19.65
N HIS S 1139 46.58 -0.45 -20.86
CA HIS S 1139 47.10 -1.69 -21.44
C HIS S 1139 48.61 -1.62 -21.62
N GLU S 1140 49.07 -0.47 -22.09
CA GLU S 1140 50.49 -0.22 -22.15
C GLU S 1140 51.14 -0.46 -20.81
N LEU S 1141 50.75 0.32 -19.80
CA LEU S 1141 51.37 0.21 -18.49
C LEU S 1141 51.31 -1.22 -17.98
N GLU S 1142 50.29 -1.97 -18.39
CA GLU S 1142 50.16 -3.34 -17.93
C GLU S 1142 51.25 -4.23 -18.53
N GLU S 1143 51.30 -4.32 -19.86
CA GLU S 1143 52.35 -5.12 -20.47
C GLU S 1143 53.72 -4.66 -19.98
N LYS S 1144 53.84 -3.36 -19.72
CA LYS S 1144 55.07 -2.83 -19.15
C LYS S 1144 55.35 -3.46 -17.80
N LEU S 1145 54.34 -3.56 -16.95
CA LEU S 1145 54.54 -4.19 -15.66
C LEU S 1145 54.98 -5.63 -15.82
N GLU S 1146 54.43 -6.31 -16.83
CA GLU S 1146 54.84 -7.71 -17.05
C GLU S 1146 56.31 -7.79 -17.42
N VAL S 1147 56.75 -6.96 -18.36
CA VAL S 1147 58.17 -6.88 -18.66
C VAL S 1147 58.95 -6.59 -17.40
N ALA S 1148 58.58 -5.52 -16.70
CA ALA S 1148 59.24 -5.10 -15.47
C ALA S 1148 59.46 -6.28 -14.54
N ARG S 1149 58.45 -7.13 -14.40
CA ARG S 1149 58.67 -8.37 -13.69
C ARG S 1149 59.84 -9.12 -14.28
N ILE S 1150 59.69 -9.58 -15.53
CA ILE S 1150 60.71 -10.44 -16.14
C ILE S 1150 62.10 -9.85 -15.94
N GLN S 1151 62.21 -8.54 -16.03
CA GLN S 1151 63.48 -7.86 -15.82
C GLN S 1151 63.96 -8.06 -14.39
N LEU S 1152 63.21 -7.56 -13.41
CA LEU S 1152 63.64 -7.68 -12.02
C LEU S 1152 63.99 -9.12 -11.71
N GLN S 1153 63.31 -10.05 -12.36
CA GLN S 1153 63.65 -11.46 -12.22
C GLN S 1153 65.07 -11.72 -12.70
N ILE S 1154 65.37 -11.31 -13.91
CA ILE S 1154 66.74 -11.49 -14.42
C ILE S 1154 67.74 -10.84 -13.47
N GLN S 1155 67.39 -9.65 -12.97
CA GLN S 1155 68.27 -8.92 -12.05
C GLN S 1155 68.61 -9.75 -10.83
N GLU S 1156 67.59 -10.11 -10.06
CA GLU S 1156 67.81 -10.98 -8.92
C GLU S 1156 68.62 -12.19 -9.32
N THR S 1157 68.17 -12.90 -10.35
CA THR S 1157 68.84 -14.14 -10.75
C THR S 1157 70.34 -13.93 -10.88
N LEU S 1158 70.74 -12.88 -11.58
CA LEU S 1158 72.17 -12.59 -11.66
C LEU S 1158 72.74 -12.37 -10.27
N THR S 1159 72.08 -11.52 -9.48
CA THR S 1159 72.61 -11.15 -8.18
C THR S 1159 72.89 -12.38 -7.33
N ARG S 1160 71.93 -13.28 -7.25
CA ARG S 1160 72.09 -14.48 -6.46
C ARG S 1160 73.12 -15.41 -7.06
N GLN S 1161 73.06 -15.66 -8.37
CA GLN S 1161 73.79 -16.75 -8.96
C GLN S 1161 75.16 -16.37 -9.50
N TYR S 1162 75.43 -15.08 -9.74
CA TYR S 1162 76.62 -14.71 -10.50
C TYR S 1162 77.38 -13.54 -9.87
N SER S 1163 77.24 -13.34 -8.56
CA SER S 1163 77.90 -12.19 -7.91
C SER S 1163 79.38 -12.09 -8.26
N HIS S 1164 80.01 -13.22 -8.57
CA HIS S 1164 81.40 -13.22 -8.98
C HIS S 1164 81.60 -12.83 -10.45
N HIS S 1165 80.56 -12.92 -11.28
CA HIS S 1165 80.71 -12.62 -12.69
C HIS S 1165 81.09 -11.16 -12.85
N SER S 1166 82.20 -10.92 -13.54
CA SER S 1166 82.83 -9.60 -13.53
C SER S 1166 81.86 -8.49 -13.92
N THR S 1167 81.33 -8.54 -15.13
CA THR S 1167 80.48 -7.44 -15.61
C THR S 1167 79.11 -7.44 -14.96
N VAL S 1168 78.78 -8.46 -14.17
CA VAL S 1168 77.45 -8.53 -13.57
C VAL S 1168 77.14 -7.27 -12.79
N GLY S 1169 78.15 -6.68 -12.13
CA GLY S 1169 77.92 -5.41 -11.45
C GLY S 1169 77.43 -4.34 -12.40
N ASP S 1170 78.05 -4.26 -13.58
CA ASP S 1170 77.66 -3.24 -14.54
C ASP S 1170 76.26 -3.50 -15.09
N ALA S 1171 75.99 -4.74 -15.46
CA ALA S 1171 74.64 -5.12 -15.84
C ALA S 1171 73.65 -4.70 -14.77
N VAL S 1172 74.00 -4.93 -13.51
CA VAL S 1172 73.10 -4.60 -12.41
C VAL S 1172 72.81 -3.10 -12.39
N SER S 1173 73.85 -2.30 -12.32
CA SER S 1173 73.64 -0.86 -12.28
C SER S 1173 72.82 -0.42 -13.48
N GLN S 1174 73.22 -0.84 -14.68
CA GLN S 1174 72.57 -0.38 -15.89
C GLN S 1174 71.08 -0.71 -15.86
N LEU S 1175 70.76 -1.99 -15.68
CA LEU S 1175 69.36 -2.37 -15.58
C LEU S 1175 68.67 -1.60 -14.48
N ASP S 1176 69.39 -1.27 -13.41
CA ASP S 1176 68.78 -0.50 -12.33
C ASP S 1176 68.45 0.91 -12.78
N SER S 1177 69.10 1.37 -13.84
CA SER S 1177 68.84 2.71 -14.32
C SER S 1177 67.49 2.84 -14.98
N GLN S 1178 67.12 1.92 -15.86
CA GLN S 1178 65.96 2.17 -16.70
C GLN S 1178 65.45 0.87 -17.33
N LEU S 1179 64.20 0.92 -17.77
CA LEU S 1179 63.56 -0.23 -18.39
C LEU S 1179 64.38 -0.72 -19.56
N MET S 1180 64.47 -2.03 -19.70
CA MET S 1180 65.12 -2.66 -20.84
C MET S 1180 64.10 -2.89 -21.93
N ASP S 1181 64.60 -3.13 -23.14
CA ASP S 1181 63.74 -3.64 -24.18
C ASP S 1181 63.70 -5.15 -24.10
N ILE S 1182 62.70 -5.74 -24.76
CA ILE S 1182 62.62 -7.19 -24.79
C ILE S 1182 63.92 -7.79 -25.29
N THR S 1183 64.28 -7.47 -26.53
CA THR S 1183 65.52 -7.99 -27.08
C THR S 1183 66.71 -7.59 -26.24
N LYS S 1184 66.61 -6.47 -25.51
CA LYS S 1184 67.72 -6.07 -24.66
C LYS S 1184 68.04 -7.16 -23.66
N MET S 1185 67.10 -7.45 -22.77
CA MET S 1185 67.27 -8.57 -21.87
C MET S 1185 67.59 -9.84 -22.63
N PHE S 1186 66.96 -10.02 -23.79
CA PHE S 1186 67.05 -11.29 -24.50
C PHE S 1186 68.48 -11.60 -24.90
N GLY S 1187 69.13 -10.67 -25.60
CA GLY S 1187 70.45 -10.95 -26.13
C GLY S 1187 71.58 -10.51 -25.22
N GLN S 1188 71.41 -9.40 -24.52
CA GLN S 1188 72.50 -8.86 -23.72
C GLN S 1188 72.55 -9.46 -22.34
N TYR S 1189 71.40 -9.61 -21.68
CA TYR S 1189 71.41 -10.07 -20.31
C TYR S 1189 71.19 -11.57 -20.27
N ALA S 1190 70.27 -12.08 -21.09
CA ALA S 1190 69.88 -13.48 -20.96
C ALA S 1190 70.90 -14.44 -21.55
N ASP S 1191 71.11 -14.37 -22.87
CA ASP S 1191 71.95 -15.36 -23.51
C ASP S 1191 73.35 -15.39 -22.93
N PRO S 1192 73.95 -14.26 -22.59
CA PRO S 1192 75.34 -14.29 -22.11
C PRO S 1192 75.55 -15.17 -20.91
N PHE S 1193 74.64 -15.15 -19.95
CA PHE S 1193 74.81 -15.90 -18.73
C PHE S 1193 74.02 -17.21 -18.73
N ARG S 1194 73.21 -17.44 -19.75
CA ARG S 1194 72.43 -18.67 -19.88
C ARG S 1194 71.43 -18.83 -18.73
N LEU S 1195 70.57 -17.83 -18.57
CA LEU S 1195 69.55 -17.84 -17.51
C LEU S 1195 68.21 -18.29 -18.08
N SER S 1196 68.17 -19.58 -18.46
CA SER S 1196 67.10 -20.11 -19.28
C SER S 1196 65.70 -19.77 -18.75
N GLU S 1197 65.47 -19.97 -17.44
CA GLU S 1197 64.14 -19.76 -16.90
C GLU S 1197 63.60 -18.39 -17.29
N CYS S 1198 64.43 -17.36 -17.15
CA CYS S 1198 64.01 -16.04 -17.58
C CYS S 1198 63.69 -16.02 -19.07
N LYS S 1199 64.46 -16.74 -19.87
CA LYS S 1199 64.20 -16.76 -21.31
C LYS S 1199 62.81 -17.30 -21.59
N LEU S 1200 62.47 -18.44 -20.99
CA LEU S 1200 61.13 -18.97 -21.17
C LEU S 1200 60.09 -17.98 -20.69
N ALA S 1201 60.34 -17.33 -19.56
CA ALA S 1201 59.37 -16.37 -19.03
C ALA S 1201 59.09 -15.27 -20.03
N ILE S 1202 60.14 -14.70 -20.60
CA ILE S 1202 59.95 -13.65 -21.60
C ILE S 1202 59.20 -14.20 -22.79
N ILE S 1203 59.69 -15.29 -23.37
CA ILE S 1203 59.09 -15.84 -24.58
C ILE S 1203 57.60 -15.98 -24.40
N HIS S 1204 57.18 -16.42 -23.22
CA HIS S 1204 55.76 -16.42 -22.92
C HIS S 1204 55.21 -15.01 -22.91
N CYS S 1205 55.93 -14.09 -22.28
CA CYS S 1205 55.44 -12.72 -22.23
C CYS S 1205 55.26 -12.13 -23.62
N ALA S 1206 55.77 -12.79 -24.64
CA ALA S 1206 55.59 -12.34 -26.02
C ALA S 1206 54.85 -13.34 -26.90
N GLY S 1207 55.26 -14.61 -26.91
CA GLY S 1207 54.44 -15.63 -27.53
C GLY S 1207 54.97 -16.30 -28.76
N HIS S 1208 56.25 -16.16 -29.09
CA HIS S 1208 56.81 -17.05 -30.09
C HIS S 1208 56.81 -18.47 -29.54
N SER S 1209 56.27 -19.40 -30.32
CA SER S 1209 56.04 -20.76 -29.80
C SER S 1209 56.45 -21.75 -30.89
N ASP S 1210 57.72 -22.14 -30.88
CA ASP S 1210 58.31 -23.03 -31.88
C ASP S 1210 58.79 -24.29 -31.20
N PRO S 1211 58.16 -25.41 -31.47
CA PRO S 1211 58.28 -26.59 -30.59
C PRO S 1211 59.68 -26.92 -30.10
N ILE S 1212 60.62 -27.10 -31.01
CA ILE S 1212 61.93 -27.62 -30.65
C ILE S 1212 62.61 -26.76 -29.60
N LEU S 1213 62.43 -25.45 -29.69
CA LEU S 1213 63.11 -24.55 -28.75
C LEU S 1213 62.56 -24.71 -27.34
N VAL S 1214 61.23 -24.69 -27.20
CA VAL S 1214 60.62 -24.77 -25.87
C VAL S 1214 61.03 -26.08 -25.19
N GLN S 1215 60.93 -27.19 -25.91
CA GLN S 1215 61.31 -28.47 -25.34
C GLN S 1215 62.79 -28.49 -24.99
N THR S 1216 63.63 -27.92 -25.86
CA THR S 1216 65.05 -27.86 -25.55
C THR S 1216 65.28 -27.13 -24.22
N LEU S 1217 64.66 -25.96 -24.07
CA LEU S 1217 64.83 -25.22 -22.82
C LEU S 1217 64.31 -26.00 -21.63
N TRP S 1218 63.23 -26.76 -21.83
CA TRP S 1218 62.71 -27.55 -20.72
C TRP S 1218 63.70 -28.62 -20.31
N GLN S 1219 64.19 -29.40 -21.28
CA GLN S 1219 65.22 -30.38 -21.00
C GLN S 1219 66.42 -29.72 -20.33
N ASP S 1220 66.69 -28.47 -20.70
CA ASP S 1220 67.78 -27.74 -20.08
C ASP S 1220 67.49 -27.50 -18.61
N ILE S 1221 66.29 -27.02 -18.29
CA ILE S 1221 65.90 -26.87 -16.90
C ILE S 1221 66.12 -28.17 -16.16
N ILE S 1222 65.75 -29.28 -16.80
CA ILE S 1222 65.88 -30.59 -16.17
C ILE S 1222 67.34 -30.89 -15.86
N ASP S 1223 68.16 -30.94 -16.90
CA ASP S 1223 69.57 -31.31 -16.73
C ASP S 1223 70.25 -30.36 -15.75
N LYS S 1224 69.91 -29.08 -15.80
CA LYS S 1224 70.44 -28.13 -14.84
C LYS S 1224 70.16 -28.58 -13.42
N GLU S 1225 68.87 -28.71 -13.08
CA GLU S 1225 68.54 -29.10 -11.72
C GLU S 1225 69.21 -30.41 -11.35
N LEU S 1226 69.20 -31.37 -12.27
CA LEU S 1226 69.74 -32.68 -11.96
C LEU S 1226 71.21 -32.58 -11.60
N SER S 1227 71.97 -31.79 -12.34
CA SER S 1227 73.35 -31.54 -11.97
C SER S 1227 73.43 -30.85 -10.61
N ASP S 1228 72.68 -29.77 -10.43
CA ASP S 1228 72.86 -28.93 -9.26
C ASP S 1228 72.72 -29.71 -7.96
N SER S 1229 71.84 -30.69 -7.92
CA SER S 1229 71.69 -31.51 -6.72
C SER S 1229 72.51 -32.77 -6.79
N MET S 1230 73.45 -32.88 -7.74
CA MET S 1230 74.24 -34.09 -7.88
C MET S 1230 74.91 -34.48 -6.57
N GLY S 1231 75.09 -33.53 -5.67
CA GLY S 1231 75.74 -33.84 -4.41
C GLY S 1231 74.83 -34.37 -3.33
N ASN S 1232 73.56 -34.00 -3.33
CA ASN S 1232 72.64 -34.46 -2.31
C ASN S 1232 72.32 -35.94 -2.50
N SER S 1233 71.43 -36.44 -1.64
CA SER S 1233 70.99 -37.82 -1.78
C SER S 1233 69.86 -37.92 -2.81
N SER S 1234 69.90 -39.00 -3.59
CA SER S 1234 68.92 -39.19 -4.66
C SER S 1234 67.51 -38.93 -4.16
N VAL S 1235 67.27 -39.22 -2.88
CA VAL S 1235 66.03 -38.85 -2.26
C VAL S 1235 65.76 -37.37 -2.45
N ASP S 1236 66.66 -36.53 -1.94
CA ASP S 1236 66.47 -35.11 -2.08
C ASP S 1236 66.45 -34.70 -3.54
N ARG S 1237 67.14 -35.46 -4.41
CA ARG S 1237 67.11 -35.13 -5.82
C ARG S 1237 65.68 -35.18 -6.34
N MET S 1238 65.02 -36.32 -6.14
CA MET S 1238 63.62 -36.40 -6.53
C MET S 1238 62.82 -35.29 -5.88
N GLN S 1239 62.99 -35.10 -4.57
CA GLN S 1239 62.16 -34.14 -3.85
C GLN S 1239 62.31 -32.74 -4.42
N SER S 1240 63.55 -32.33 -4.67
CA SER S 1240 63.79 -31.01 -5.21
C SER S 1240 63.15 -30.85 -6.56
N LEU S 1241 63.49 -31.75 -7.50
CA LEU S 1241 62.91 -31.64 -8.84
C LEU S 1241 61.41 -31.51 -8.76
N HIS S 1242 60.79 -32.27 -7.86
CA HIS S 1242 59.35 -32.14 -7.67
C HIS S 1242 58.99 -30.72 -7.32
N LEU S 1243 59.60 -30.17 -6.26
CA LEU S 1243 59.24 -28.82 -5.84
C LEU S 1243 59.37 -27.84 -7.00
N LYS S 1244 60.46 -27.96 -7.75
CA LYS S 1244 60.75 -26.99 -8.80
C LYS S 1244 59.71 -27.07 -9.91
N ILE S 1245 59.56 -28.24 -10.51
CA ILE S 1245 58.61 -28.39 -11.60
C ILE S 1245 57.22 -27.98 -11.12
N THR S 1246 56.92 -28.24 -9.85
CA THR S 1246 55.62 -27.83 -9.33
C THR S 1246 55.43 -26.33 -9.46
N SER S 1247 56.32 -25.57 -8.84
CA SER S 1247 56.18 -24.12 -8.92
C SER S 1247 56.10 -23.66 -10.37
N LEU S 1248 56.89 -24.30 -11.25
CA LEU S 1248 56.96 -23.83 -12.63
C LEU S 1248 55.66 -24.06 -13.38
N GLY S 1249 55.16 -25.29 -13.34
CA GLY S 1249 53.86 -25.57 -13.91
C GLY S 1249 52.79 -24.63 -13.37
N LYS S 1250 52.91 -24.26 -12.09
CA LYS S 1250 51.91 -23.38 -11.51
C LYS S 1250 51.77 -22.09 -12.31
N ILE S 1251 52.67 -21.85 -13.25
CA ILE S 1251 52.53 -20.71 -14.14
C ILE S 1251 52.31 -21.18 -15.58
N TYR S 1252 53.13 -22.12 -16.05
CA TYR S 1252 53.29 -22.31 -17.49
C TYR S 1252 52.31 -23.27 -18.13
N ALA S 1253 51.47 -23.95 -17.37
CA ALA S 1253 50.49 -24.85 -17.99
C ALA S 1253 49.11 -24.23 -17.98
N LEU S 1261 54.40 -30.08 -22.95
CA LEU S 1261 53.84 -31.02 -21.99
C LEU S 1261 54.38 -32.42 -22.20
N GLU S 1262 53.92 -33.09 -23.25
CA GLU S 1262 54.23 -34.51 -23.44
C GLU S 1262 55.72 -34.78 -23.31
N PHE S 1263 56.54 -33.96 -23.95
CA PHE S 1263 57.98 -34.20 -23.92
C PHE S 1263 58.49 -34.23 -22.48
N LEU S 1264 57.88 -33.43 -21.62
CA LEU S 1264 58.22 -33.52 -20.20
C LEU S 1264 58.01 -34.93 -19.69
N VAL S 1265 56.92 -35.55 -20.10
CA VAL S 1265 56.66 -36.92 -19.69
C VAL S 1265 57.72 -37.86 -20.26
N LYS S 1266 57.96 -37.75 -21.57
CA LYS S 1266 58.93 -38.64 -22.20
C LYS S 1266 60.27 -38.59 -21.48
N TYR S 1267 60.82 -37.39 -21.33
CA TYR S 1267 62.05 -37.25 -20.59
C TYR S 1267 61.92 -37.82 -19.19
N LEU S 1268 61.01 -37.26 -18.39
CA LEU S 1268 60.86 -37.67 -17.00
C LEU S 1268 60.86 -39.18 -16.86
N GLU S 1269 60.25 -39.88 -17.80
CA GLU S 1269 60.25 -41.33 -17.72
C GLU S 1269 61.61 -41.91 -18.06
N GLN S 1270 62.27 -41.38 -19.10
CA GLN S 1270 63.62 -41.84 -19.37
C GLN S 1270 64.49 -41.69 -18.12
N GLN S 1271 64.32 -40.58 -17.43
CA GLN S 1271 65.04 -40.36 -16.18
C GLN S 1271 64.66 -41.40 -15.14
N VAL S 1272 63.36 -41.56 -14.88
CA VAL S 1272 62.90 -42.52 -13.89
C VAL S 1272 63.52 -43.88 -14.14
N CYS S 1273 63.69 -44.25 -15.41
CA CYS S 1273 64.41 -45.47 -15.72
C CYS S 1273 65.87 -45.35 -15.32
N ASN S 1274 66.49 -44.20 -15.61
CA ASN S 1274 67.90 -44.02 -15.30
C ASN S 1274 68.16 -44.16 -13.80
N PHE S 1275 67.51 -43.33 -13.00
CA PHE S 1275 67.74 -43.31 -11.56
C PHE S 1275 67.00 -44.41 -10.83
N SER S 1276 66.31 -45.29 -11.54
CA SER S 1276 65.58 -46.40 -10.95
C SER S 1276 64.54 -45.91 -9.94
N TRP S 1277 64.02 -44.72 -10.19
CA TRP S 1277 63.06 -44.13 -9.26
C TRP S 1277 61.73 -44.87 -9.33
N ASP S 1278 60.76 -44.37 -8.58
CA ASP S 1278 59.44 -44.98 -8.55
C ASP S 1278 58.63 -44.58 -9.78
N ALA S 1279 58.02 -45.58 -10.42
CA ALA S 1279 57.22 -45.34 -11.61
C ALA S 1279 56.01 -44.46 -11.34
N GLY S 1280 55.73 -44.12 -10.09
CA GLY S 1280 54.59 -43.26 -9.80
C GLY S 1280 54.93 -41.78 -9.76
N PHE S 1281 56.21 -41.45 -9.74
CA PHE S 1281 56.64 -40.07 -9.64
C PHE S 1281 55.93 -39.19 -10.66
N VAL S 1282 56.08 -39.53 -11.94
CA VAL S 1282 55.58 -38.66 -13.00
C VAL S 1282 54.10 -38.36 -12.79
N THR S 1283 53.29 -39.41 -12.63
CA THR S 1283 51.87 -39.19 -12.44
C THR S 1283 51.63 -38.32 -11.23
N TYR S 1284 51.96 -38.84 -10.05
CA TYR S 1284 51.64 -38.13 -8.81
C TYR S 1284 52.01 -36.67 -8.93
N THR S 1285 53.21 -36.39 -9.42
CA THR S 1285 53.60 -35.03 -9.68
C THR S 1285 52.55 -34.32 -10.51
N MET S 1286 52.30 -34.82 -11.72
CA MET S 1286 51.38 -34.13 -12.61
C MET S 1286 50.04 -33.91 -11.94
N GLN S 1287 49.61 -34.89 -11.15
CA GLN S 1287 48.36 -34.76 -10.41
C GLN S 1287 48.41 -33.56 -9.51
N GLU S 1288 49.57 -33.34 -8.88
CA GLU S 1288 49.70 -32.14 -8.08
C GLU S 1288 49.39 -30.89 -8.89
N ILE S 1289 49.52 -30.98 -10.21
CA ILE S 1289 49.21 -29.84 -11.06
C ILE S 1289 47.76 -29.80 -11.50
N ASN S 1290 46.98 -30.85 -11.21
CA ASN S 1290 45.59 -30.92 -11.62
C ASN S 1290 45.43 -31.03 -13.14
N VAL S 1291 46.23 -31.88 -13.76
CA VAL S 1291 46.18 -32.10 -15.21
C VAL S 1291 45.13 -33.14 -15.56
N PRO S 1292 44.28 -32.88 -16.55
CA PRO S 1292 43.17 -33.81 -16.84
C PRO S 1292 43.66 -35.22 -17.12
N VAL S 1293 43.23 -36.14 -16.26
CA VAL S 1293 43.58 -37.55 -16.35
C VAL S 1293 43.29 -38.05 -17.76
N PRO S 1294 42.23 -37.58 -18.39
CA PRO S 1294 42.01 -37.98 -19.79
C PRO S 1294 43.22 -37.71 -20.66
N LYS S 1295 43.70 -36.47 -20.65
CA LYS S 1295 44.89 -36.17 -21.44
C LYS S 1295 46.02 -37.09 -21.07
N LEU S 1296 46.37 -37.13 -19.77
CA LEU S 1296 47.47 -37.96 -19.34
C LEU S 1296 47.37 -39.36 -19.91
N LEU S 1297 46.20 -39.97 -19.79
CA LEU S 1297 46.00 -41.28 -20.38
C LEU S 1297 46.31 -41.25 -21.87
N GLU S 1298 45.80 -40.26 -22.57
CA GLU S 1298 46.06 -40.18 -24.00
C GLU S 1298 47.56 -40.16 -24.26
N VAL S 1299 48.22 -39.12 -23.78
CA VAL S 1299 49.67 -38.99 -23.94
C VAL S 1299 50.36 -40.30 -23.64
N TYR S 1300 49.92 -40.98 -22.59
CA TYR S 1300 50.58 -42.22 -22.22
C TYR S 1300 50.39 -43.26 -23.32
N ASP S 1301 49.16 -43.40 -23.80
CA ASP S 1301 48.89 -44.38 -24.84
C ASP S 1301 49.70 -44.08 -26.09
N HIS S 1302 49.64 -42.83 -26.53
CA HIS S 1302 50.41 -42.42 -27.70
C HIS S 1302 51.89 -42.73 -27.52
N LEU S 1303 52.44 -42.37 -26.36
CA LEU S 1303 53.85 -42.64 -26.10
C LEU S 1303 54.14 -44.13 -26.18
N PHE S 1304 53.26 -44.95 -25.60
CA PHE S 1304 53.49 -46.39 -25.61
C PHE S 1304 53.47 -46.95 -27.02
N LYS S 1305 52.49 -46.52 -27.81
CA LYS S 1305 52.37 -47.03 -29.18
C LYS S 1305 53.53 -46.55 -30.05
N ALA S 1306 54.16 -45.43 -29.68
CA ALA S 1306 55.24 -44.90 -30.50
C ALA S 1306 56.41 -45.87 -30.61
N ARG S 1307 56.46 -46.88 -29.75
CA ARG S 1307 57.52 -47.88 -29.77
C ARG S 1307 58.90 -47.24 -29.64
N ASP S 1308 58.98 -46.26 -28.77
CA ASP S 1308 60.27 -45.66 -28.48
C ASP S 1308 61.19 -46.73 -27.92
N PRO S 1309 62.19 -47.18 -28.67
CA PRO S 1309 63.00 -48.32 -28.20
C PRO S 1309 63.74 -48.05 -26.91
N TRP S 1310 63.86 -46.79 -26.50
CA TRP S 1310 64.58 -46.45 -25.28
C TRP S 1310 64.16 -47.32 -24.12
N TRP S 1311 62.88 -47.68 -24.05
CA TRP S 1311 62.42 -48.53 -22.95
C TRP S 1311 63.01 -49.93 -23.05
N SER S 1312 63.08 -50.49 -24.26
CA SER S 1312 63.64 -51.83 -24.40
C SER S 1312 65.15 -51.82 -24.19
N ARG S 1313 65.81 -50.76 -24.65
CA ARG S 1313 67.22 -50.59 -24.33
C ARG S 1313 67.42 -50.37 -22.84
N MET S 1314 66.53 -49.59 -22.22
CA MET S 1314 66.55 -49.46 -20.77
C MET S 1314 66.04 -50.71 -20.08
N LYS S 1315 65.77 -51.78 -20.83
CA LYS S 1315 65.35 -53.06 -20.30
C LYS S 1315 64.10 -52.94 -19.43
N LYS S 1316 63.37 -51.84 -19.58
CA LYS S 1316 62.12 -51.63 -18.87
C LYS S 1316 61.05 -51.26 -19.88
N PRO S 1317 60.83 -52.10 -20.89
CA PRO S 1317 59.82 -51.77 -21.90
C PRO S 1317 58.43 -51.59 -21.34
N LEU S 1318 58.16 -52.12 -20.14
CA LEU S 1318 56.82 -52.08 -19.57
C LEU S 1318 56.61 -50.97 -18.56
N HIS S 1319 57.66 -50.22 -18.24
CA HIS S 1319 57.54 -49.15 -17.24
C HIS S 1319 56.37 -48.24 -17.58
N LEU S 1320 56.26 -47.83 -18.84
CA LEU S 1320 55.12 -47.04 -19.27
C LEU S 1320 53.82 -47.73 -18.93
N LEU S 1321 53.75 -49.03 -19.14
CA LEU S 1321 52.55 -49.77 -18.82
C LEU S 1321 52.26 -49.75 -17.33
N GLU S 1322 53.28 -50.02 -16.51
CA GLU S 1322 53.10 -49.96 -15.06
C GLU S 1322 52.54 -48.60 -14.67
N SER S 1323 53.08 -47.55 -15.25
CA SER S 1323 52.55 -46.21 -15.00
C SER S 1323 51.08 -46.15 -15.39
N ILE S 1324 50.74 -46.74 -16.52
CA ILE S 1324 49.34 -46.75 -16.92
C ILE S 1324 48.49 -47.43 -15.86
N TYR S 1325 48.99 -48.52 -15.33
CA TYR S 1325 48.26 -49.25 -14.29
C TYR S 1325 48.07 -48.38 -13.07
N ILE S 1326 49.14 -47.72 -12.65
CA ILE S 1326 49.05 -46.82 -11.50
C ILE S 1326 47.98 -45.78 -11.73
N LEU S 1327 48.10 -45.03 -12.83
CA LEU S 1327 47.16 -43.96 -13.11
C LEU S 1327 45.74 -44.47 -13.16
N LEU S 1328 45.54 -45.62 -13.80
CA LEU S 1328 44.21 -46.19 -13.91
C LEU S 1328 43.64 -46.53 -12.55
N SER S 1329 44.37 -47.34 -11.77
CA SER S 1329 43.91 -47.69 -10.45
C SER S 1329 43.62 -46.44 -9.62
N GLY S 1330 44.41 -45.39 -9.83
CA GLY S 1330 44.15 -44.16 -9.13
C GLY S 1330 42.80 -43.58 -9.49
N TYR S 1331 42.56 -43.44 -10.79
CA TYR S 1331 41.25 -42.96 -11.23
C TYR S 1331 40.13 -43.79 -10.61
N VAL S 1332 40.23 -45.11 -10.75
CA VAL S 1332 39.16 -45.98 -10.27
C VAL S 1332 38.99 -45.85 -8.78
N GLN S 1333 40.07 -45.53 -8.06
CA GLN S 1333 39.96 -45.37 -6.62
C GLN S 1333 39.23 -44.09 -6.26
N GLU S 1334 38.89 -43.27 -7.24
CA GLU S 1334 38.11 -42.06 -6.99
C GLU S 1334 37.39 -41.58 -8.24
N TYR S 1341 28.59 -35.31 -15.14
CA TYR S 1341 27.97 -35.17 -16.44
C TYR S 1341 28.76 -35.90 -17.49
N GLU S 1342 30.04 -36.13 -17.18
CA GLU S 1342 30.91 -36.90 -18.06
C GLU S 1342 31.43 -38.17 -17.43
N ARG S 1343 31.18 -38.35 -16.12
CA ARG S 1343 31.63 -39.53 -15.41
C ARG S 1343 31.36 -40.79 -16.22
N ARG S 1344 30.10 -41.02 -16.57
CA ARG S 1344 29.77 -42.20 -17.38
C ARG S 1344 30.55 -42.21 -18.68
N ARG S 1345 30.57 -41.09 -19.39
CA ARG S 1345 31.31 -41.02 -20.63
C ARG S 1345 32.76 -41.39 -20.40
N PHE S 1346 33.34 -40.82 -19.34
CA PHE S 1346 34.74 -41.09 -19.03
C PHE S 1346 34.96 -42.56 -18.76
N THR S 1347 34.09 -43.18 -17.96
CA THR S 1347 34.28 -44.57 -17.59
C THR S 1347 34.11 -45.49 -18.79
N THR S 1348 33.21 -45.15 -19.70
CA THR S 1348 33.08 -45.93 -20.92
C THR S 1348 34.37 -45.87 -21.72
N LEU S 1349 34.82 -44.66 -22.02
CA LEU S 1349 36.12 -44.51 -22.67
C LEU S 1349 37.18 -45.30 -21.94
N CYS S 1350 37.13 -45.26 -20.62
CA CYS S 1350 38.10 -45.98 -19.81
C CYS S 1350 38.07 -47.45 -20.12
N LEU S 1351 36.98 -48.12 -19.80
CA LEU S 1351 36.87 -49.55 -20.05
C LEU S 1351 37.32 -49.89 -21.45
N ASP S 1352 37.01 -49.03 -22.41
CA ASP S 1352 37.54 -49.24 -23.76
C ASP S 1352 39.06 -49.32 -23.74
N ALA S 1353 39.69 -48.30 -23.16
CA ALA S 1353 41.15 -48.27 -23.11
C ALA S 1353 41.69 -49.45 -22.33
N ILE S 1354 41.02 -49.82 -21.24
CA ILE S 1354 41.47 -50.92 -20.40
C ILE S 1354 41.47 -52.21 -21.19
N SER S 1355 40.43 -52.43 -21.99
CA SER S 1355 40.42 -53.60 -22.84
C SER S 1355 41.58 -53.55 -23.83
N CYS S 1356 41.76 -52.41 -24.49
CA CYS S 1356 42.88 -52.26 -25.41
C CYS S 1356 44.19 -52.59 -24.70
N TYR S 1357 44.28 -52.20 -23.44
CA TYR S 1357 45.47 -52.45 -22.67
C TYR S 1357 45.65 -53.93 -22.45
N LEU S 1358 44.71 -54.57 -21.76
CA LEU S 1358 44.81 -56.00 -21.48
C LEU S 1358 45.10 -56.79 -22.75
N VAL S 1359 44.66 -56.28 -23.91
CA VAL S 1359 45.02 -56.90 -25.18
C VAL S 1359 46.51 -56.77 -25.45
N GLU S 1360 46.99 -55.51 -25.54
CA GLU S 1360 48.41 -55.31 -25.82
C GLU S 1360 49.28 -56.06 -24.82
N LEU S 1361 48.84 -56.10 -23.57
CA LEU S 1361 49.54 -56.86 -22.54
C LEU S 1361 49.55 -58.34 -22.85
N GLN S 1362 48.37 -58.93 -23.07
CA GLN S 1362 48.29 -60.34 -23.41
C GLN S 1362 49.11 -60.67 -24.63
N SER S 1363 49.48 -59.68 -25.43
CA SER S 1363 50.48 -59.93 -26.44
C SER S 1363 51.86 -60.18 -25.85
N MET S 1364 52.15 -59.65 -24.67
CA MET S 1364 53.49 -59.75 -24.10
C MET S 1364 53.77 -61.17 -23.67
N ASP S 1365 55.02 -61.56 -23.82
CA ASP S 1365 55.48 -62.84 -23.30
C ASP S 1365 55.33 -62.84 -21.79
N PRO S 1366 54.96 -63.95 -21.18
CA PRO S 1366 54.66 -63.91 -19.74
C PRO S 1366 55.90 -63.76 -18.89
N ALA S 1367 56.14 -62.56 -18.43
CA ALA S 1367 57.02 -62.28 -17.32
C ALA S 1367 56.21 -62.09 -16.05
N PRO S 1368 56.75 -62.43 -14.89
CA PRO S 1368 55.93 -62.34 -13.67
C PRO S 1368 55.23 -61.01 -13.51
N ALA S 1369 55.93 -59.92 -13.85
CA ALA S 1369 55.30 -58.60 -13.75
C ALA S 1369 54.18 -58.46 -14.76
N LEU S 1370 54.32 -59.06 -15.94
CA LEU S 1370 53.24 -59.01 -16.92
C LEU S 1370 51.98 -59.65 -16.35
N LEU S 1371 52.12 -60.84 -15.77
CA LEU S 1371 50.97 -61.48 -15.14
C LEU S 1371 50.40 -60.62 -14.02
N ASN S 1372 51.28 -60.04 -13.20
CA ASN S 1372 50.82 -59.15 -12.15
C ASN S 1372 49.96 -58.04 -12.72
N THR S 1373 50.47 -57.34 -13.74
CA THR S 1373 49.74 -56.22 -14.32
C THR S 1373 48.45 -56.68 -14.96
N VAL S 1374 48.45 -57.86 -15.57
CA VAL S 1374 47.23 -58.36 -16.18
C VAL S 1374 46.17 -58.59 -15.12
N SER S 1375 46.57 -59.20 -14.01
CA SER S 1375 45.61 -59.39 -12.92
C SER S 1375 45.10 -58.05 -12.41
N ASN S 1376 46.01 -57.09 -12.25
CA ASN S 1376 45.59 -55.77 -11.81
C ASN S 1376 44.59 -55.15 -12.78
N PHE S 1377 44.83 -55.32 -14.07
CA PHE S 1377 43.92 -54.76 -15.08
C PHE S 1377 42.57 -55.44 -15.03
N LYS S 1378 42.57 -56.76 -14.82
CA LYS S 1378 41.30 -57.45 -14.63
C LYS S 1378 40.53 -56.87 -13.45
N SER S 1379 41.23 -56.70 -12.32
CA SER S 1379 40.60 -56.12 -11.14
C SER S 1379 40.08 -54.72 -11.43
N LEU S 1380 40.83 -53.94 -12.20
CA LEU S 1380 40.43 -52.58 -12.49
C LEU S 1380 39.18 -52.55 -13.37
N GLN S 1381 39.16 -53.36 -14.42
CA GLN S 1381 37.97 -53.46 -15.24
C GLN S 1381 36.78 -53.87 -14.38
N ALA S 1382 36.98 -54.83 -13.50
CA ALA S 1382 35.90 -55.24 -12.61
C ALA S 1382 35.39 -54.08 -11.79
N LYS S 1383 36.30 -53.34 -11.16
CA LYS S 1383 35.86 -52.26 -10.28
C LYS S 1383 35.17 -51.17 -11.07
N LEU S 1384 35.72 -50.78 -12.21
CA LEU S 1384 35.09 -49.74 -13.02
C LEU S 1384 33.71 -50.18 -13.47
N GLU S 1385 33.57 -51.45 -13.85
CA GLU S 1385 32.25 -51.96 -14.14
C GLU S 1385 31.33 -51.81 -12.94
N ARG S 1386 31.84 -52.10 -11.75
CA ARG S 1386 31.07 -51.85 -10.54
C ARG S 1386 30.82 -50.37 -10.34
N LEU S 1387 31.52 -49.52 -11.08
CA LEU S 1387 31.36 -48.08 -10.93
C LEU S 1387 30.59 -47.47 -12.11
N SER S 1388 30.72 -48.04 -13.30
CA SER S 1388 30.00 -47.54 -14.46
C SER S 1388 28.50 -47.72 -14.32
N THR T 156 -103.51 -50.98 -82.10
CA THR T 156 -102.52 -52.05 -82.07
C THR T 156 -101.13 -51.49 -81.77
N LEU T 157 -100.39 -52.18 -80.91
CA LEU T 157 -99.07 -51.69 -80.51
C LEU T 157 -97.98 -52.10 -81.49
N LEU T 158 -98.03 -53.34 -81.99
CA LEU T 158 -96.97 -53.85 -82.85
C LEU T 158 -96.76 -52.93 -84.05
N GLY T 159 -97.83 -52.28 -84.51
CA GLY T 159 -97.66 -51.23 -85.51
C GLY T 159 -96.81 -50.08 -85.00
N ASP T 160 -97.01 -49.69 -83.74
CA ASP T 160 -96.22 -48.60 -83.18
C ASP T 160 -94.77 -49.00 -83.01
N GLU T 161 -94.51 -50.23 -82.55
CA GLU T 161 -93.13 -50.69 -82.40
C GLU T 161 -92.42 -50.80 -83.75
N ARG T 162 -93.11 -51.35 -84.75
CA ARG T 162 -92.52 -51.45 -86.08
C ARG T 162 -92.27 -50.07 -86.66
N ASP T 163 -93.19 -49.13 -86.45
CA ASP T 163 -93.00 -47.77 -86.93
C ASP T 163 -91.81 -47.11 -86.24
N ALA T 164 -91.67 -47.32 -84.92
CA ALA T 164 -90.55 -46.76 -84.20
C ALA T 164 -89.24 -47.32 -84.71
N ILE T 165 -89.17 -48.65 -84.91
CA ILE T 165 -87.95 -49.25 -85.42
C ILE T 165 -87.65 -48.73 -86.83
N LEU T 166 -88.70 -48.56 -87.65
CA LEU T 166 -88.51 -48.01 -88.98
C LEU T 166 -87.97 -46.59 -88.92
N ALA T 167 -88.35 -45.85 -87.88
CA ALA T 167 -87.77 -44.54 -87.67
C ALA T 167 -86.33 -44.66 -87.20
N LYS T 168 -86.00 -45.74 -86.50
CA LYS T 168 -84.72 -45.82 -85.82
C LYS T 168 -83.55 -45.71 -86.79
N TRP T 169 -83.40 -46.70 -87.67
CA TRP T 169 -82.24 -46.74 -88.58
C TRP T 169 -82.57 -45.93 -89.83
N ASN T 170 -82.47 -44.62 -89.70
CA ASN T 170 -82.83 -43.73 -90.81
C ASN T 170 -82.07 -42.43 -90.66
N GLN T 171 -82.35 -41.49 -91.57
CA GLN T 171 -81.69 -40.20 -91.59
C GLN T 171 -82.65 -39.03 -91.35
N LEU T 172 -83.87 -39.28 -90.86
CA LEU T 172 -84.85 -38.24 -90.70
C LEU T 172 -84.78 -37.54 -89.34
N GLN T 173 -83.95 -38.05 -88.42
CA GLN T 173 -83.74 -37.45 -87.11
C GLN T 173 -85.01 -37.39 -86.29
N ALA T 174 -85.90 -38.37 -86.47
CA ALA T 174 -87.04 -38.57 -85.59
C ALA T 174 -86.61 -39.61 -84.56
N PHE T 175 -85.63 -39.23 -83.74
CA PHE T 175 -84.92 -40.14 -82.85
C PHE T 175 -84.22 -41.23 -83.65
N TRP T 176 -83.22 -40.82 -84.42
CA TRP T 176 -82.58 -41.70 -85.39
C TRP T 176 -81.80 -42.84 -84.73
N GLY T 177 -82.54 -43.79 -84.15
CA GLY T 177 -81.95 -45.05 -83.75
C GLY T 177 -80.88 -44.96 -82.70
N THR T 178 -80.86 -43.89 -81.91
CA THR T 178 -79.78 -43.62 -80.96
C THR T 178 -78.44 -43.55 -81.67
N GLY T 179 -78.48 -43.45 -83.00
CA GLY T 179 -77.30 -43.12 -83.77
C GLY T 179 -76.84 -41.71 -83.57
N LYS T 180 -77.51 -40.99 -82.68
CA LYS T 180 -77.10 -39.65 -82.30
C LYS T 180 -75.67 -39.66 -81.80
N GLY T 181 -74.84 -38.81 -82.40
CA GLY T 181 -73.51 -38.57 -81.91
C GLY T 181 -73.07 -37.20 -82.39
N PHE T 182 -72.25 -36.51 -81.60
CA PHE T 182 -71.71 -35.22 -82.01
C PHE T 182 -70.20 -35.33 -82.15
N PHE T 183 -69.69 -34.93 -83.30
CA PHE T 183 -68.26 -34.87 -83.55
C PHE T 183 -67.81 -33.42 -83.55
N MET T 184 -66.61 -33.18 -83.04
CA MET T 184 -66.04 -31.85 -82.95
C MET T 184 -65.16 -31.61 -84.17
N ASN T 185 -65.51 -30.59 -84.97
CA ASN T 185 -64.76 -30.24 -86.17
C ASN T 185 -64.14 -28.87 -85.99
N ASN T 186 -62.88 -28.73 -86.38
CA ASN T 186 -62.13 -27.52 -86.08
C ASN T 186 -62.70 -26.32 -86.82
N THR T 187 -62.61 -25.16 -86.18
CA THR T 187 -63.02 -23.90 -86.77
C THR T 187 -62.44 -22.74 -85.96
N VAL T 319 -66.09 -14.07 -84.69
CA VAL T 319 -67.48 -13.70 -84.48
C VAL T 319 -68.40 -14.70 -85.17
N GLN T 320 -67.99 -15.15 -86.36
CA GLN T 320 -68.82 -16.03 -87.17
C GLN T 320 -69.09 -17.37 -86.49
N ILE T 321 -68.19 -17.82 -85.62
CA ILE T 321 -68.43 -19.06 -84.88
C ILE T 321 -69.65 -18.90 -83.98
N LYS T 322 -69.84 -17.69 -83.44
CA LYS T 322 -71.03 -17.42 -82.63
C LYS T 322 -72.26 -17.19 -83.51
N GLN T 323 -72.05 -16.70 -84.73
CA GLN T 323 -73.15 -16.57 -85.67
C GLN T 323 -73.72 -17.94 -86.04
N LEU T 324 -72.83 -18.88 -86.39
CA LEU T 324 -73.24 -20.16 -86.95
C LEU T 324 -73.49 -21.24 -85.90
N ILE T 325 -72.75 -21.24 -84.79
CA ILE T 325 -72.95 -22.24 -83.75
C ILE T 325 -74.34 -22.10 -83.14
N GLN T 326 -74.90 -20.89 -83.17
CA GLN T 326 -76.31 -20.67 -82.88
C GLN T 326 -77.05 -20.71 -84.21
N ASN T 327 -78.38 -20.55 -84.15
CA ASN T 327 -79.20 -20.89 -85.30
C ASN T 327 -78.86 -22.32 -85.69
N PRO T 328 -79.35 -23.31 -84.95
CA PRO T 328 -78.75 -24.65 -84.96
C PRO T 328 -78.79 -25.30 -86.33
N LEU T 329 -78.19 -26.49 -86.40
CA LEU T 329 -77.77 -27.09 -87.64
C LEU T 329 -78.87 -27.83 -88.39
N SER T 330 -78.46 -28.77 -89.23
CA SER T 330 -79.31 -29.40 -90.25
C SER T 330 -80.54 -30.11 -89.69
N GLY T 331 -80.70 -30.20 -88.37
CA GLY T 331 -81.77 -31.03 -87.85
C GLY T 331 -81.45 -31.70 -86.54
N VAL T 332 -80.26 -31.44 -85.99
CA VAL T 332 -80.04 -31.73 -84.59
C VAL T 332 -80.96 -30.84 -83.76
N ASP T 333 -81.52 -31.41 -82.70
CA ASP T 333 -82.52 -30.68 -81.93
C ASP T 333 -81.86 -29.63 -81.05
N PRO T 334 -82.58 -28.59 -80.63
CA PRO T 334 -81.94 -27.54 -79.82
C PRO T 334 -81.32 -28.05 -78.53
N ILE T 335 -81.97 -29.00 -77.86
CA ILE T 335 -81.42 -29.52 -76.61
C ILE T 335 -80.09 -30.22 -76.86
N ILE T 336 -80.04 -31.13 -77.85
CA ILE T 336 -78.83 -31.90 -78.08
C ILE T 336 -77.74 -31.02 -78.66
N TRP T 337 -78.10 -30.04 -79.49
CA TRP T 337 -77.08 -29.18 -80.08
C TRP T 337 -76.48 -28.24 -79.03
N GLU T 338 -77.31 -27.68 -78.16
CA GLU T 338 -76.78 -26.81 -77.12
C GLU T 338 -75.99 -27.61 -76.10
N GLN T 339 -76.41 -28.86 -75.82
CA GLN T 339 -75.65 -29.69 -74.89
C GLN T 339 -74.32 -30.11 -75.51
N ALA T 340 -74.26 -30.27 -76.83
CA ALA T 340 -73.01 -30.61 -77.47
C ALA T 340 -72.07 -29.41 -77.50
N LYS T 341 -72.60 -28.21 -77.72
CA LYS T 341 -71.77 -27.01 -77.60
C LYS T 341 -71.29 -26.83 -76.17
N VAL T 342 -72.11 -27.23 -75.20
CA VAL T 342 -71.70 -27.15 -73.80
C VAL T 342 -70.59 -28.15 -73.50
N ASP T 343 -70.77 -29.40 -73.93
CA ASP T 343 -69.73 -30.41 -73.77
C ASP T 343 -68.73 -30.39 -74.93
N ASN T 344 -68.66 -29.30 -75.68
CA ASN T 344 -67.72 -29.18 -76.77
C ASN T 344 -66.30 -29.05 -76.22
N PRO T 345 -65.49 -30.10 -76.31
CA PRO T 345 -64.11 -30.00 -75.80
C PRO T 345 -63.25 -29.14 -76.72
N ASP T 346 -62.56 -28.14 -76.16
CA ASP T 346 -61.76 -27.18 -76.90
C ASP T 346 -62.67 -26.47 -77.89
N PRO T 347 -63.70 -25.77 -77.42
CA PRO T 347 -64.66 -25.15 -78.35
C PRO T 347 -64.02 -24.19 -79.32
N GLU T 348 -62.91 -23.56 -78.96
CA GLU T 348 -62.17 -22.71 -79.90
C GLU T 348 -61.44 -23.50 -80.97
N ARG T 349 -60.94 -24.68 -80.63
CA ARG T 349 -60.30 -25.55 -81.60
C ARG T 349 -61.27 -26.51 -82.26
N LEU T 350 -62.56 -26.41 -81.91
CA LEU T 350 -63.57 -27.28 -82.48
C LEU T 350 -64.95 -26.72 -82.19
N ILE T 351 -65.69 -26.46 -83.26
CA ILE T 351 -67.12 -26.23 -83.16
C ILE T 351 -67.80 -27.59 -83.27
N PRO T 352 -68.94 -27.75 -82.61
CA PRO T 352 -69.71 -28.99 -82.77
C PRO T 352 -70.27 -29.07 -84.18
N VAL T 353 -70.17 -30.25 -84.78
CA VAL T 353 -70.59 -30.43 -86.16
C VAL T 353 -71.52 -31.64 -86.21
N PRO T 354 -72.65 -31.54 -86.92
CA PRO T 354 -73.61 -32.64 -86.89
C PRO T 354 -73.15 -33.86 -87.69
N MET T 355 -73.28 -35.02 -87.06
CA MET T 355 -73.02 -36.30 -87.71
C MET T 355 -74.31 -37.09 -87.79
N ILE T 356 -74.54 -37.72 -88.94
CA ILE T 356 -75.77 -38.42 -89.25
C ILE T 356 -75.43 -39.90 -89.45
N GLY T 357 -75.56 -40.70 -88.39
CA GLY T 357 -75.50 -42.15 -88.50
C GLY T 357 -74.18 -42.65 -89.05
N PHE T 358 -74.22 -43.86 -89.63
CA PHE T 358 -73.01 -44.56 -90.05
C PHE T 358 -72.40 -43.93 -91.29
N LYS T 359 -73.23 -43.44 -92.21
CA LYS T 359 -72.70 -42.75 -93.37
C LYS T 359 -71.84 -41.56 -92.97
N GLU T 360 -72.20 -40.90 -91.87
CA GLU T 360 -71.41 -39.76 -91.41
C GLU T 360 -70.08 -40.21 -90.85
N LEU T 361 -70.07 -41.30 -90.08
CA LEU T 361 -68.79 -41.85 -89.63
C LEU T 361 -67.93 -42.24 -90.81
N LEU T 362 -68.57 -42.71 -91.89
CA LEU T 362 -67.83 -43.01 -93.12
C LEU T 362 -67.20 -41.77 -93.71
N ARG T 363 -67.99 -40.70 -93.88
CA ARG T 363 -67.46 -39.46 -94.41
C ARG T 363 -66.36 -38.91 -93.53
N ARG T 364 -66.49 -39.08 -92.22
CA ARG T 364 -65.50 -38.57 -91.30
C ARG T 364 -64.20 -39.36 -91.38
N LEU T 365 -64.30 -40.69 -91.54
CA LEU T 365 -63.10 -41.49 -91.76
C LEU T 365 -62.43 -41.11 -93.06
N GLU T 366 -63.22 -40.75 -94.07
CA GLU T 366 -62.64 -40.29 -95.33
C GLU T 366 -61.87 -39.00 -95.14
N VAL T 367 -62.50 -38.02 -94.50
CA VAL T 367 -61.81 -36.76 -94.21
C VAL T 367 -60.56 -37.02 -93.39
N GLN T 368 -60.64 -37.97 -92.45
CA GLN T 368 -59.50 -38.31 -91.61
C GLN T 368 -58.35 -38.85 -92.44
N ASP T 369 -58.64 -39.73 -93.39
CA ASP T 369 -57.59 -40.23 -94.27
C ASP T 369 -56.99 -39.10 -95.10
N GLN T 370 -57.83 -38.18 -95.58
CA GLN T 370 -57.30 -37.06 -96.35
C GLN T 370 -56.36 -36.22 -95.49
N MET T 371 -56.75 -35.99 -94.24
CA MET T 371 -55.89 -35.24 -93.32
C MET T 371 -54.61 -36.02 -93.02
N THR T 372 -54.70 -37.36 -92.97
CA THR T 372 -53.52 -38.17 -92.75
C THR T 372 -52.54 -38.01 -93.91
N LYS T 373 -53.05 -38.01 -95.14
CA LYS T 373 -52.18 -37.84 -96.29
C LYS T 373 -51.54 -36.47 -96.30
N GLN T 374 -52.33 -35.41 -96.07
CA GLN T 374 -51.76 -34.07 -96.05
C GLN T 374 -50.78 -33.88 -94.91
N HIS T 375 -51.06 -34.50 -93.76
CA HIS T 375 -50.18 -34.36 -92.61
C HIS T 375 -48.87 -35.10 -92.83
N GLN T 376 -48.94 -36.31 -93.38
CA GLN T 376 -47.72 -37.01 -93.77
C GLN T 376 -46.96 -36.22 -94.82
N SER T 377 -47.67 -35.49 -95.68
CA SER T 377 -47.00 -34.65 -96.66
C SER T 377 -46.25 -33.52 -95.98
N ARG T 378 -46.88 -32.87 -95.00
CA ARG T 378 -46.21 -31.78 -94.30
C ARG T 378 -45.03 -32.29 -93.48
N LEU T 379 -45.18 -33.47 -92.88
CA LEU T 379 -44.07 -34.06 -92.15
C LEU T 379 -42.92 -34.41 -93.07
N ASP T 380 -43.24 -34.90 -94.28
CA ASP T 380 -42.19 -35.21 -95.24
C ASP T 380 -41.47 -33.95 -95.69
N ILE T 381 -42.22 -32.88 -95.95
CA ILE T 381 -41.59 -31.63 -96.37
C ILE T 381 -40.67 -31.10 -95.28
N ILE T 382 -41.13 -31.13 -94.02
CA ILE T 382 -40.30 -30.69 -92.92
C ILE T 382 -39.06 -31.55 -92.80
N SER T 383 -39.21 -32.88 -92.95
CA SER T 383 -38.06 -33.77 -92.83
C SER T 383 -37.07 -33.54 -93.97
N GLU T 384 -37.57 -33.16 -95.15
CA GLU T 384 -36.66 -32.88 -96.26
C GLU T 384 -35.90 -31.59 -96.04
N ASP T 385 -36.59 -30.55 -95.56
CA ASP T 385 -35.88 -29.33 -95.19
C ASP T 385 -34.82 -29.61 -94.14
N ILE T 386 -35.13 -30.48 -93.17
CA ILE T 386 -34.18 -30.79 -92.11
C ILE T 386 -33.01 -31.59 -92.67
N GLY T 387 -33.26 -32.48 -93.61
CA GLY T 387 -32.18 -33.21 -94.23
C GLY T 387 -31.24 -32.30 -94.99
N GLU T 388 -31.81 -31.39 -95.79
CA GLU T 388 -30.97 -30.42 -96.50
C GLU T 388 -30.21 -29.55 -95.52
N LEU T 389 -30.83 -29.17 -94.40
CA LEU T 389 -30.16 -28.34 -93.41
C LEU T 389 -28.99 -29.07 -92.79
N GLN T 390 -29.19 -30.33 -92.38
CA GLN T 390 -28.09 -31.09 -91.81
C GLN T 390 -26.96 -31.30 -92.82
N LYS T 391 -27.30 -31.54 -94.08
CA LYS T 391 -26.26 -31.70 -95.09
C LYS T 391 -25.44 -30.42 -95.26
N ASN T 392 -26.13 -29.29 -95.45
CA ASN T 392 -25.43 -28.02 -95.62
C ASN T 392 -24.62 -27.68 -94.37
N GLN T 393 -25.14 -28.02 -93.19
CA GLN T 393 -24.39 -27.79 -91.97
C GLN T 393 -23.13 -28.63 -91.94
N THR T 394 -23.20 -29.88 -92.42
CA THR T 394 -22.02 -30.72 -92.47
C THR T 394 -20.97 -30.14 -93.40
N THR T 395 -21.40 -29.64 -94.56
CA THR T 395 -20.45 -29.03 -95.50
C THR T 395 -19.81 -27.78 -94.89
N THR T 396 -20.61 -26.93 -94.26
CA THR T 396 -20.06 -25.75 -93.60
C THR T 396 -19.11 -26.13 -92.47
N MET T 397 -19.43 -27.22 -91.76
CA MET T 397 -18.55 -27.69 -90.71
C MET T 397 -17.22 -28.14 -91.27
N ALA T 398 -17.25 -28.84 -92.40
CA ALA T 398 -16.01 -29.13 -93.11
C ALA T 398 -15.25 -27.86 -93.43
N LYS T 399 -15.93 -26.87 -94.01
CA LYS T 399 -15.28 -25.63 -94.42
C LYS T 399 -14.64 -24.92 -93.23
N ILE T 400 -15.24 -25.08 -92.05
CA ILE T 400 -14.71 -24.51 -90.81
C ILE T 400 -13.27 -24.93 -90.63
N GLY T 401 -12.99 -26.22 -90.83
CA GLY T 401 -11.64 -26.70 -90.61
C GLY T 401 -10.62 -26.11 -91.57
N GLN T 402 -10.98 -26.00 -92.84
CA GLN T 402 -10.06 -25.42 -93.82
C GLN T 402 -9.81 -23.94 -93.51
N TYR T 403 -10.87 -23.20 -93.20
CA TYR T 403 -10.69 -21.79 -92.87
C TYR T 403 -9.84 -21.62 -91.61
N LYS T 404 -10.00 -22.50 -90.64
CA LYS T 404 -9.23 -22.39 -89.41
C LYS T 404 -7.76 -22.71 -89.66
N ARG T 405 -7.49 -23.74 -90.45
CA ARG T 405 -6.11 -24.02 -90.82
C ARG T 405 -5.50 -22.83 -91.54
N LYS T 406 -6.29 -22.18 -92.41
CA LYS T 406 -5.83 -20.96 -93.06
C LYS T 406 -5.55 -19.87 -92.04
N LEU T 407 -6.38 -19.80 -90.99
CA LEU T 407 -6.19 -18.81 -89.94
C LEU T 407 -4.85 -19.00 -89.26
N MET T 408 -4.53 -20.24 -88.90
CA MET T 408 -3.28 -20.48 -88.19
C MET T 408 -2.07 -20.25 -89.10
N GLU T 409 -2.13 -20.74 -90.34
CA GLU T 409 -0.99 -20.55 -91.24
C GLU T 409 -0.77 -19.08 -91.53
N LEU T 410 -1.84 -18.34 -91.84
CA LEU T 410 -1.71 -16.90 -92.03
C LEU T 410 -1.28 -16.22 -90.74
N SER T 411 -1.57 -16.80 -89.58
CA SER T 411 -1.07 -16.24 -88.33
C SER T 411 0.45 -16.32 -88.28
N HIS T 412 0.98 -17.48 -88.64
CA HIS T 412 2.44 -17.60 -88.76
C HIS T 412 2.98 -16.61 -89.77
N ARG T 413 2.29 -16.44 -90.91
CA ARG T 413 2.74 -15.50 -91.92
C ARG T 413 2.77 -14.07 -91.38
N VAL T 414 1.70 -13.65 -90.71
CA VAL T 414 1.63 -12.32 -90.12
C VAL T 414 2.79 -12.13 -89.15
N LEU T 415 2.96 -13.08 -88.23
CA LEU T 415 4.04 -12.97 -87.26
C LEU T 415 5.40 -12.86 -87.95
N GLN T 416 5.59 -13.61 -89.03
CA GLN T 416 6.90 -13.62 -89.66
C GLN T 416 7.19 -12.33 -90.39
N VAL T 417 6.22 -11.82 -91.15
CA VAL T 417 6.41 -10.52 -91.78
C VAL T 417 6.63 -9.45 -90.71
N LEU T 418 5.95 -9.59 -89.58
CA LEU T 418 6.12 -8.64 -88.49
C LEU T 418 7.55 -8.68 -87.96
N ILE T 419 8.09 -9.88 -87.80
CA ILE T 419 9.45 -10.01 -87.31
C ILE T 419 10.43 -9.44 -88.32
N LYS T 420 10.18 -9.66 -89.61
CA LYS T 420 11.04 -9.07 -90.63
C LYS T 420 10.94 -7.56 -90.63
N GLN T 421 9.81 -7.00 -90.20
CA GLN T 421 9.69 -5.56 -90.08
C GLN T 421 10.38 -5.04 -88.83
N GLU T 422 10.32 -5.80 -87.74
CA GLU T 422 11.08 -5.45 -86.54
C GLU T 422 12.57 -5.65 -86.73
N ILE T 423 12.97 -6.33 -87.80
CA ILE T 423 14.40 -6.52 -88.06
C ILE T 423 14.92 -5.48 -89.06
N GLN T 424 14.34 -5.44 -90.25
CA GLN T 424 14.94 -4.69 -91.36
C GLN T 424 15.28 -3.25 -90.97
N ARG T 425 14.32 -2.54 -90.39
CA ARG T 425 14.55 -1.14 -90.05
C ARG T 425 15.27 -1.00 -88.71
N LYS T 426 14.70 -1.61 -87.66
CA LYS T 426 15.12 -1.32 -86.29
C LYS T 426 16.56 -1.75 -85.99
N SER T 427 17.25 -2.36 -86.95
CA SER T 427 18.68 -2.60 -86.82
C SER T 427 19.42 -1.28 -86.62
N GLY T 428 20.66 -1.37 -86.12
CA GLY T 428 21.49 -0.19 -86.08
C GLY T 428 22.07 0.23 -84.75
N PHE T 429 22.36 -0.73 -83.87
CA PHE T 429 22.99 -0.46 -82.59
C PHE T 429 22.08 0.39 -81.70
N ALA T 430 20.79 0.03 -81.68
CA ALA T 430 19.80 0.70 -80.86
C ALA T 430 19.00 -0.26 -79.99
N ILE T 431 18.89 -1.53 -80.40
CA ILE T 431 18.07 -2.49 -79.67
C ILE T 431 18.77 -2.75 -78.34
N GLN T 432 18.24 -2.13 -77.29
CA GLN T 432 18.99 -1.88 -76.07
C GLN T 432 18.14 -2.09 -74.83
N ALA T 433 18.54 -1.42 -73.74
CA ALA T 433 18.33 -1.80 -72.35
C ALA T 433 16.97 -2.45 -72.14
N GLU T 434 15.86 -1.74 -72.33
CA GLU T 434 14.57 -2.38 -72.10
C GLU T 434 14.34 -3.51 -73.09
N GLU T 435 14.68 -3.26 -74.36
CA GLU T 435 14.46 -4.28 -75.38
C GLU T 435 15.34 -5.49 -75.14
N GLU T 436 16.63 -5.27 -74.88
CA GLU T 436 17.51 -6.39 -74.61
C GLU T 436 17.06 -7.15 -73.38
N GLN T 437 16.53 -6.45 -72.38
CA GLN T 437 16.01 -7.11 -71.19
C GLN T 437 14.86 -8.04 -71.54
N LEU T 438 13.92 -7.53 -72.34
CA LEU T 438 12.83 -8.37 -72.81
C LEU T 438 13.37 -9.59 -73.56
N ARG T 439 14.32 -9.38 -74.46
CA ARG T 439 14.86 -10.48 -75.25
C ARG T 439 15.51 -11.54 -74.38
N VAL T 440 16.24 -11.09 -73.35
CA VAL T 440 16.88 -12.03 -72.45
C VAL T 440 15.83 -12.81 -71.67
N GLN T 441 14.81 -12.11 -71.18
CA GLN T 441 13.71 -12.81 -70.52
C GLN T 441 13.11 -13.86 -71.44
N LEU T 442 13.01 -13.54 -72.74
CA LEU T 442 12.41 -14.49 -73.68
C LEU T 442 13.31 -15.69 -73.91
N ASP T 443 14.62 -15.44 -74.04
CA ASP T 443 15.56 -16.55 -74.12
C ASP T 443 15.40 -17.46 -72.92
N THR T 444 15.36 -16.88 -71.72
CA THR T 444 15.15 -17.66 -70.51
C THR T 444 13.85 -18.45 -70.58
N ILE T 445 12.81 -17.84 -71.15
CA ILE T 445 11.54 -18.54 -71.32
C ILE T 445 11.74 -19.77 -72.20
N GLN T 446 12.33 -19.58 -73.36
CA GLN T 446 12.60 -20.70 -74.25
C GLN T 446 13.44 -21.77 -73.57
N SER T 447 14.24 -21.36 -72.58
CA SER T 447 14.94 -22.34 -71.76
C SER T 447 13.97 -23.14 -70.92
N GLU T 448 13.10 -22.47 -70.18
CA GLU T 448 12.13 -23.15 -69.34
C GLU T 448 11.10 -23.90 -70.16
N PHE T 455 9.96 -31.21 -70.99
CA PHE T 455 8.59 -30.92 -71.41
C PHE T 455 8.33 -31.50 -72.79
N LYS T 456 9.10 -31.02 -73.77
CA LYS T 456 9.00 -31.55 -75.13
C LYS T 456 9.19 -33.06 -75.13
N GLY T 457 10.00 -33.57 -74.21
CA GLY T 457 10.18 -35.01 -74.12
C GLY T 457 8.95 -35.71 -73.55
N ARG T 458 8.39 -35.18 -72.46
CA ARG T 458 7.12 -35.70 -71.97
C ARG T 458 6.05 -35.61 -73.02
N LEU T 459 6.10 -34.58 -73.87
CA LEU T 459 5.12 -34.45 -74.94
C LEU T 459 5.32 -35.51 -76.00
N ASN T 460 6.58 -35.78 -76.37
CA ASN T 460 6.85 -36.90 -77.26
C ASN T 460 6.32 -38.20 -76.66
N GLU T 461 6.52 -38.37 -75.36
CA GLU T 461 6.03 -39.56 -74.67
C GLU T 461 4.52 -39.66 -74.78
N LEU T 462 3.82 -38.55 -74.57
CA LEU T 462 2.36 -38.57 -74.63
C LEU T 462 1.88 -38.85 -76.04
N MET T 463 2.52 -38.24 -77.05
CA MET T 463 2.19 -38.56 -78.44
C MET T 463 2.39 -40.05 -78.69
N SER T 464 3.43 -40.62 -78.11
CA SER T 464 3.69 -42.05 -78.28
C SER T 464 2.59 -42.88 -77.63
N GLN T 465 2.25 -42.55 -76.39
CA GLN T 465 1.21 -43.30 -75.70
C GLN T 465 -0.12 -43.18 -76.43
N ILE T 466 -0.38 -42.03 -77.04
CA ILE T 466 -1.59 -41.87 -77.82
C ILE T 466 -1.52 -42.71 -79.07
N ARG T 467 -0.35 -42.79 -79.70
CA ARG T 467 -0.20 -43.70 -80.84
C ARG T 467 -0.51 -45.12 -80.43
N MET T 468 -0.03 -45.54 -79.26
CA MET T 468 -0.30 -46.87 -78.76
C MET T 468 -1.78 -47.08 -78.54
N GLN T 469 -2.44 -46.15 -77.84
CA GLN T 469 -3.87 -46.29 -77.58
C GLN T 469 -4.65 -46.32 -78.88
N ASN T 470 -4.30 -45.43 -79.82
CA ASN T 470 -4.97 -45.38 -81.12
C ASN T 470 -4.92 -46.73 -81.81
N HIS T 471 -3.71 -47.28 -81.97
CA HIS T 471 -3.61 -48.59 -82.60
C HIS T 471 -4.36 -49.65 -81.81
N PHE T 472 -4.27 -49.60 -80.48
CA PHE T 472 -5.00 -50.56 -79.66
C PHE T 472 -6.48 -50.54 -79.96
N GLY T 473 -7.01 -49.36 -80.30
CA GLY T 473 -8.38 -49.30 -80.76
C GLY T 473 -8.55 -49.92 -82.13
N ALA T 474 -7.58 -49.71 -83.02
CA ALA T 474 -7.67 -50.20 -84.39
C ALA T 474 -7.72 -51.72 -84.43
N LEU T 488 -25.99 -51.15 -65.45
CA LEU T 488 -25.87 -50.00 -64.56
C LEU T 488 -27.17 -49.21 -64.52
N ARG T 489 -28.27 -49.87 -64.16
CA ARG T 489 -29.56 -49.20 -64.13
C ARG T 489 -29.72 -48.34 -62.88
N GLU T 490 -29.29 -48.86 -61.73
CA GLU T 490 -29.49 -48.16 -60.47
C GLU T 490 -28.67 -46.87 -60.41
N ILE T 491 -27.63 -46.77 -61.24
CA ILE T 491 -26.73 -45.62 -61.16
C ILE T 491 -27.36 -44.39 -61.82
N LYS T 492 -28.16 -44.61 -62.87
CA LYS T 492 -28.83 -43.52 -63.55
C LYS T 492 -29.72 -42.74 -62.58
N GLN T 493 -30.26 -43.41 -61.56
CA GLN T 493 -31.05 -42.69 -60.56
C GLN T 493 -30.22 -41.68 -59.80
N HIS T 494 -29.05 -42.08 -59.33
CA HIS T 494 -28.15 -41.14 -58.65
C HIS T 494 -27.74 -40.01 -59.58
N LEU T 495 -27.46 -40.35 -60.85
CA LEU T 495 -27.13 -39.31 -61.83
C LEU T 495 -28.26 -38.30 -61.96
N LYS T 496 -29.51 -38.78 -61.97
CA LYS T 496 -30.65 -37.88 -62.04
C LYS T 496 -30.72 -36.98 -60.81
N GLN T 497 -30.49 -37.56 -59.64
CA GLN T 497 -30.44 -36.73 -58.43
C GLN T 497 -29.42 -35.62 -58.58
N GLN T 498 -28.22 -35.96 -59.05
CA GLN T 498 -27.16 -34.95 -59.20
C GLN T 498 -27.57 -33.84 -60.16
N GLN T 499 -28.05 -34.23 -61.36
CA GLN T 499 -28.41 -33.23 -62.36
C GLN T 499 -29.52 -32.33 -61.85
N GLU T 500 -30.52 -32.91 -61.17
CA GLU T 500 -31.61 -32.10 -60.64
C GLU T 500 -31.09 -31.10 -59.61
N GLY T 501 -30.23 -31.55 -58.70
CA GLY T 501 -29.64 -30.62 -57.75
C GLY T 501 -28.91 -29.47 -58.42
N VAL T 502 -28.15 -29.78 -59.48
CA VAL T 502 -27.37 -28.75 -60.16
C VAL T 502 -28.31 -27.73 -60.82
N SER T 503 -29.36 -28.22 -61.46
CA SER T 503 -30.34 -27.31 -62.05
C SER T 503 -30.97 -26.44 -60.99
N HIS T 504 -31.17 -26.99 -59.78
CA HIS T 504 -31.70 -26.19 -58.69
C HIS T 504 -30.74 -25.06 -58.32
N LEU T 505 -29.44 -25.36 -58.27
CA LEU T 505 -28.48 -24.35 -57.82
C LEU T 505 -28.31 -23.22 -58.84
N ILE T 506 -28.36 -23.57 -60.13
CA ILE T 506 -28.09 -22.61 -61.20
C ILE T 506 -29.00 -21.38 -61.08
N SER T 507 -30.26 -21.61 -60.75
CA SER T 507 -31.20 -20.50 -60.64
C SER T 507 -30.84 -19.54 -59.53
N ILE T 508 -30.46 -20.07 -58.37
CA ILE T 508 -30.02 -19.20 -57.27
C ILE T 508 -28.77 -18.44 -57.68
N ILE T 509 -27.94 -19.03 -58.53
CA ILE T 509 -26.75 -18.33 -59.00
C ILE T 509 -27.16 -17.12 -59.83
N LYS T 510 -28.07 -17.31 -60.79
CA LYS T 510 -28.56 -16.19 -61.58
C LYS T 510 -29.24 -15.15 -60.69
N ASP T 511 -29.89 -15.62 -59.62
CA ASP T 511 -30.49 -14.69 -58.66
C ASP T 511 -29.44 -13.81 -58.00
N ASN T 512 -28.36 -14.42 -57.51
CA ASN T 512 -27.25 -13.64 -56.97
C ASN T 512 -26.75 -12.62 -58.00
N HIS T 513 -26.63 -13.06 -59.25
CA HIS T 513 -26.18 -12.15 -60.31
C HIS T 513 -27.08 -10.94 -60.42
N GLU T 514 -28.38 -11.16 -60.50
CA GLU T 514 -29.31 -10.04 -60.70
C GLU T 514 -29.33 -9.13 -59.46
N ASP T 515 -29.24 -9.72 -58.27
CA ASP T 515 -29.23 -8.89 -57.07
C ASP T 515 -27.99 -8.02 -57.02
N ILE T 516 -26.83 -8.56 -57.40
CA ILE T 516 -25.62 -7.76 -57.44
C ILE T 516 -25.73 -6.67 -58.50
N LYS T 517 -26.34 -6.99 -59.65
CA LYS T 517 -26.49 -6.00 -60.70
C LYS T 517 -27.37 -4.84 -60.22
N LEU T 518 -28.49 -5.16 -59.56
CA LEU T 518 -29.28 -4.12 -58.93
C LEU T 518 -28.44 -3.32 -57.96
N ILE T 519 -27.56 -4.00 -57.21
CA ILE T 519 -26.64 -3.31 -56.32
C ILE T 519 -25.75 -2.36 -57.10
N GLU T 520 -25.59 -2.60 -58.40
CA GLU T 520 -24.81 -1.72 -59.24
C GLU T 520 -25.68 -0.62 -59.84
N GLU U 359 -94.31 -62.25 -84.40
CA GLU U 359 -93.41 -61.44 -83.58
C GLU U 359 -91.95 -61.86 -83.79
N ASN U 360 -91.75 -62.83 -84.69
CA ASN U 360 -90.40 -63.35 -84.91
C ASN U 360 -89.52 -62.32 -85.62
N LEU U 361 -90.09 -61.60 -86.59
CA LEU U 361 -89.29 -60.66 -87.38
C LEU U 361 -89.11 -59.33 -86.64
N ILE U 362 -90.15 -58.88 -85.95
CA ILE U 362 -90.08 -57.58 -85.28
C ILE U 362 -89.06 -57.60 -84.16
N ASN U 363 -88.92 -58.73 -83.47
CA ASN U 363 -87.90 -58.85 -82.44
C ASN U 363 -86.51 -58.70 -83.03
N LYS U 364 -86.26 -59.41 -84.14
CA LYS U 364 -84.96 -59.31 -84.79
C LYS U 364 -84.68 -57.90 -85.27
N TRP U 365 -85.70 -57.19 -85.75
CA TRP U 365 -85.50 -55.81 -86.19
C TRP U 365 -85.00 -54.94 -85.05
N SER U 366 -85.73 -54.90 -83.95
CA SER U 366 -85.34 -54.10 -82.79
C SER U 366 -83.97 -54.51 -82.28
N LEU U 367 -83.70 -55.81 -82.20
CA LEU U 367 -82.45 -56.26 -81.61
C LEU U 367 -81.26 -55.88 -82.47
N GLU U 368 -81.33 -56.13 -83.78
CA GLU U 368 -80.26 -55.71 -84.67
C GLU U 368 -80.10 -54.21 -84.64
N LEU U 369 -81.21 -53.48 -84.50
CA LEU U 369 -81.13 -52.03 -84.33
C LEU U 369 -80.28 -51.68 -83.12
N GLU U 370 -80.57 -52.30 -81.98
CA GLU U 370 -79.81 -52.03 -80.76
C GLU U 370 -78.32 -52.33 -80.94
N ASP U 371 -78.00 -53.51 -81.46
CA ASP U 371 -76.61 -53.93 -81.52
C ASP U 371 -75.82 -53.08 -82.52
N GLN U 372 -76.37 -52.90 -83.72
CA GLN U 372 -75.72 -52.03 -84.68
C GLN U 372 -75.64 -50.60 -84.18
N GLU U 373 -76.58 -50.19 -83.33
CA GLU U 373 -76.53 -48.85 -82.76
C GLU U 373 -75.34 -48.70 -81.83
N LYS U 374 -75.15 -49.66 -80.93
CA LYS U 374 -74.00 -49.58 -80.03
C LYS U 374 -72.69 -49.70 -80.80
N HIS U 375 -72.65 -50.55 -81.82
CA HIS U 375 -71.45 -50.68 -82.63
C HIS U 375 -71.13 -49.39 -83.36
N PHE U 376 -72.13 -48.78 -84.00
CA PHE U 376 -71.91 -47.53 -84.71
C PHE U 376 -71.55 -46.40 -83.75
N LEU U 377 -72.06 -46.45 -82.52
CA LEU U 377 -71.63 -45.49 -81.50
C LEU U 377 -70.14 -45.62 -81.24
N GLN U 378 -69.68 -46.86 -81.01
CA GLN U 378 -68.25 -47.07 -80.82
C GLN U 378 -67.47 -46.66 -82.08
N GLN U 379 -68.11 -46.77 -83.24
CA GLN U 379 -67.46 -46.38 -84.50
C GLN U 379 -67.28 -44.87 -84.56
N ALA U 380 -68.32 -44.11 -84.21
CA ALA U 380 -68.19 -42.67 -84.10
C ALA U 380 -67.12 -42.32 -83.08
N THR U 381 -67.01 -43.10 -82.01
CA THR U 381 -65.95 -42.88 -81.03
C THR U 381 -64.56 -43.04 -81.65
N GLN U 382 -64.38 -44.10 -82.45
CA GLN U 382 -63.07 -44.33 -83.06
C GLN U 382 -62.72 -43.24 -84.06
N VAL U 383 -63.69 -42.85 -84.90
CA VAL U 383 -63.42 -41.75 -85.83
C VAL U 383 -63.14 -40.46 -85.07
N ASN U 384 -63.81 -40.27 -83.94
CA ASN U 384 -63.55 -39.08 -83.13
C ASN U 384 -62.12 -39.08 -82.60
N ALA U 385 -61.67 -40.22 -82.08
CA ALA U 385 -60.30 -40.31 -81.61
C ALA U 385 -59.31 -40.05 -82.74
N TRP U 386 -59.62 -40.55 -83.94
CA TRP U 386 -58.74 -40.33 -85.07
C TRP U 386 -58.63 -38.85 -85.39
N ASP U 387 -59.76 -38.15 -85.46
CA ASP U 387 -59.70 -36.72 -85.79
C ASP U 387 -59.04 -35.92 -84.67
N ARG U 388 -59.30 -36.29 -83.42
CA ARG U 388 -58.67 -35.61 -82.30
C ARG U 388 -57.15 -35.76 -82.36
N THR U 389 -56.67 -36.99 -82.56
CA THR U 389 -55.24 -37.21 -82.68
C THR U 389 -54.68 -36.52 -83.92
N LEU U 390 -55.50 -36.36 -84.96
CA LEU U 390 -55.05 -35.63 -86.15
C LEU U 390 -54.75 -34.18 -85.80
N MET U 391 -55.64 -33.56 -85.01
CA MET U 391 -55.37 -32.20 -84.53
C MET U 391 -54.08 -32.16 -83.72
N GLN U 392 -53.91 -33.13 -82.84
CA GLN U 392 -52.72 -33.18 -81.99
C GLN U 392 -51.45 -33.26 -82.83
N ASN U 393 -51.45 -34.11 -83.86
CA ASN U 393 -50.27 -34.24 -84.71
C ASN U 393 -50.06 -32.98 -85.54
N GLY U 394 -51.14 -32.34 -85.98
CA GLY U 394 -51.02 -31.09 -86.70
C GLY U 394 -50.36 -29.99 -85.88
N GLU U 395 -50.58 -30.02 -84.56
CA GLU U 395 -49.89 -29.07 -83.69
C GLU U 395 -48.38 -29.21 -83.79
N ARG U 396 -47.87 -30.43 -83.59
CA ARG U 396 -46.44 -30.70 -83.77
C ARG U 396 -46.00 -30.35 -85.19
N ILE U 397 -46.88 -30.55 -86.17
CA ILE U 397 -46.53 -30.22 -87.56
C ILE U 397 -46.25 -28.73 -87.69
N THR U 398 -47.16 -27.90 -87.20
CA THR U 398 -47.00 -26.46 -87.29
C THR U 398 -45.75 -25.99 -86.55
N THR U 399 -45.53 -26.52 -85.35
CA THR U 399 -44.36 -26.11 -84.59
C THR U 399 -43.06 -26.56 -85.23
N LEU U 400 -43.02 -27.77 -85.79
CA LEU U 400 -41.82 -28.24 -86.47
C LEU U 400 -41.56 -27.43 -87.73
N HIS U 401 -42.63 -27.00 -88.40
CA HIS U 401 -42.45 -26.14 -89.57
C HIS U 401 -41.85 -24.80 -89.17
N ARG U 402 -42.37 -24.19 -88.10
CA ARG U 402 -41.82 -22.96 -87.56
C ARG U 402 -40.32 -23.10 -87.27
N GLU U 403 -39.98 -24.12 -86.49
CA GLU U 403 -38.59 -24.35 -86.14
C GLU U 403 -37.73 -24.64 -87.35
N MET U 404 -38.28 -25.31 -88.37
CA MET U 404 -37.51 -25.61 -89.58
C MET U 404 -37.19 -24.33 -90.34
N GLU U 405 -38.17 -23.45 -90.49
CA GLU U 405 -37.91 -22.17 -91.13
C GLU U 405 -36.88 -21.35 -90.35
N LYS U 406 -36.96 -21.38 -89.02
CA LYS U 406 -35.98 -20.64 -88.22
C LYS U 406 -34.57 -21.20 -88.44
N VAL U 407 -34.41 -22.52 -88.34
CA VAL U 407 -33.12 -23.13 -88.60
C VAL U 407 -32.66 -22.84 -90.02
N LYS U 408 -33.61 -22.68 -90.95
CA LYS U 408 -33.24 -22.32 -92.30
C LYS U 408 -32.65 -20.93 -92.39
N LEU U 409 -33.24 -19.97 -91.67
CA LEU U 409 -32.62 -18.65 -91.58
C LEU U 409 -31.23 -18.75 -90.99
N ASP U 410 -31.08 -19.58 -89.94
CA ASP U 410 -29.79 -19.73 -89.27
C ASP U 410 -28.75 -20.29 -90.23
N GLN U 411 -29.12 -21.30 -91.00
CA GLN U 411 -28.17 -21.95 -91.90
C GLN U 411 -27.78 -21.03 -93.03
N LYS U 412 -28.74 -20.33 -93.64
CA LYS U 412 -28.39 -19.38 -94.69
C LYS U 412 -27.45 -18.30 -94.16
N ARG U 413 -27.72 -17.80 -92.96
CA ARG U 413 -26.90 -16.72 -92.43
C ARG U 413 -25.48 -17.19 -92.14
N LEU U 414 -25.35 -18.33 -91.47
CA LEU U 414 -24.03 -18.88 -91.25
C LEU U 414 -23.31 -19.15 -92.56
N ASP U 415 -24.05 -19.57 -93.59
CA ASP U 415 -23.44 -19.83 -94.89
C ASP U 415 -22.82 -18.56 -95.45
N GLN U 416 -23.61 -17.48 -95.49
CA GLN U 416 -23.07 -16.23 -96.00
C GLN U 416 -21.89 -15.74 -95.16
N GLU U 417 -21.97 -15.92 -93.84
CA GLU U 417 -20.91 -15.42 -92.97
C GLU U 417 -19.60 -16.19 -93.18
N LEU U 418 -19.70 -17.49 -93.48
CA LEU U 418 -18.50 -18.25 -93.77
C LEU U 418 -17.83 -17.79 -95.06
N ASP U 419 -18.60 -17.48 -96.10
CA ASP U 419 -18.03 -16.94 -97.31
C ASP U 419 -17.42 -15.57 -97.07
N PHE U 420 -18.03 -14.77 -96.20
CA PHE U 420 -17.42 -13.48 -95.85
C PHE U 420 -16.09 -13.68 -95.13
N ILE U 421 -16.03 -14.68 -94.25
CA ILE U 421 -14.76 -15.01 -93.59
C ILE U 421 -13.72 -15.40 -94.63
N LEU U 422 -14.13 -16.15 -95.66
CA LEU U 422 -13.19 -16.50 -96.72
C LEU U 422 -12.74 -15.26 -97.49
N SER U 423 -13.66 -14.32 -97.69
CA SER U 423 -13.31 -13.06 -98.32
C SER U 423 -12.28 -12.31 -97.50
N GLN U 424 -12.40 -12.37 -96.18
CA GLN U 424 -11.38 -11.79 -95.32
C GLN U 424 -10.06 -12.52 -95.48
N GLN U 425 -10.10 -13.85 -95.49
CA GLN U 425 -8.88 -14.66 -95.65
C GLN U 425 -8.21 -14.44 -97.00
N LYS U 426 -8.93 -13.89 -97.98
CA LYS U 426 -8.30 -13.59 -99.27
C LYS U 426 -7.81 -12.15 -99.33
N GLU U 427 -8.66 -11.19 -98.93
CA GLU U 427 -8.26 -9.79 -98.92
C GLU U 427 -7.04 -9.57 -98.05
N LEU U 428 -7.03 -10.17 -96.87
CA LEU U 428 -5.88 -10.00 -95.99
C LEU U 428 -4.65 -10.72 -96.51
N GLU U 429 -4.82 -11.74 -97.35
CA GLU U 429 -3.65 -12.34 -97.99
C GLU U 429 -3.06 -11.39 -99.02
N ASP U 430 -3.92 -10.82 -99.86
CA ASP U 430 -3.46 -9.78 -100.78
C ASP U 430 -2.77 -8.65 -100.03
N LEU U 431 -3.26 -8.34 -98.83
CA LEU U 431 -2.65 -7.26 -98.05
C LEU U 431 -1.28 -7.66 -97.52
N LEU U 432 -1.17 -8.85 -96.93
CA LEU U 432 0.11 -9.27 -96.36
C LEU U 432 1.16 -9.47 -97.44
N THR U 433 0.74 -9.71 -98.68
CA THR U 433 1.70 -9.71 -99.77
C THR U 433 2.31 -8.32 -100.00
N PRO U 434 1.55 -7.23 -99.97
CA PRO U 434 2.17 -5.91 -100.23
C PRO U 434 3.11 -5.46 -99.13
N LEU U 435 2.81 -5.79 -97.87
CA LEU U 435 3.77 -5.51 -96.81
C LEU U 435 5.05 -6.31 -97.02
N GLU U 436 4.93 -7.53 -97.56
CA GLU U 436 6.12 -8.29 -97.92
C GLU U 436 6.90 -7.57 -99.01
N GLU U 437 6.20 -6.98 -99.99
CA GLU U 437 6.90 -6.23 -101.03
C GLU U 437 7.61 -5.01 -100.45
N SER U 438 6.96 -4.33 -99.51
CA SER U 438 7.61 -3.17 -98.88
C SER U 438 8.82 -3.59 -98.07
N VAL U 439 8.72 -4.70 -97.35
CA VAL U 439 9.87 -5.20 -96.59
C VAL U 439 10.98 -5.64 -97.52
N LYS U 440 10.61 -6.13 -98.71
CA LYS U 440 11.62 -6.48 -99.70
C LYS U 440 12.31 -5.22 -100.22
N GLU U 441 11.55 -4.12 -100.35
CA GLU U 441 12.18 -2.84 -100.62
C GLU U 441 13.11 -2.44 -99.49
N GLN U 442 12.69 -2.70 -98.25
CA GLN U 442 13.55 -2.41 -97.10
C GLN U 442 14.85 -3.20 -97.18
N SER U 443 14.79 -4.47 -97.56
CA SER U 443 15.98 -5.30 -97.67
C SER U 443 16.84 -4.87 -98.85
N GLY U 444 16.21 -4.48 -99.96
CA GLY U 444 16.96 -4.04 -101.12
C GLY U 444 17.60 -2.68 -100.95
N THR U 445 17.14 -1.90 -99.97
CA THR U 445 17.77 -0.62 -99.72
C THR U 445 18.70 -0.68 -98.50
N ILE U 446 18.50 -1.66 -97.62
CA ILE U 446 19.40 -1.86 -96.49
C ILE U 446 20.60 -2.69 -96.93
N TYR U 447 20.46 -3.43 -98.04
CA TYR U 447 21.62 -4.06 -98.67
C TYR U 447 22.67 -3.02 -99.02
N LEU U 448 22.23 -1.84 -99.46
CA LEU U 448 23.13 -0.73 -99.77
C LEU U 448 23.40 0.05 -98.48
N GLN U 449 24.06 -0.64 -97.56
CA GLN U 449 24.50 -0.05 -96.30
C GLN U 449 25.89 -0.60 -96.02
N HIS U 450 26.37 -0.37 -94.80
CA HIS U 450 27.70 -0.86 -94.42
C HIS U 450 27.70 -2.35 -94.14
N ALA U 451 26.96 -2.77 -93.11
CA ALA U 451 27.16 -4.08 -92.51
C ALA U 451 26.05 -4.45 -91.53
N ASP U 452 26.33 -5.43 -90.67
CA ASP U 452 25.54 -5.68 -89.47
C ASP U 452 24.13 -6.20 -89.75
N GLU U 453 24.02 -7.42 -90.26
CA GLU U 453 22.76 -8.13 -90.24
C GLU U 453 22.43 -8.49 -88.79
N GLU U 454 21.16 -8.77 -88.53
CA GLU U 454 20.64 -8.90 -87.17
C GLU U 454 20.60 -10.36 -86.76
N ARG U 455 20.58 -10.59 -85.44
CA ARG U 455 20.44 -11.94 -84.90
C ARG U 455 19.20 -12.61 -85.46
N GLU U 456 19.38 -13.63 -86.30
CA GLU U 456 18.24 -14.30 -86.93
C GLU U 456 18.12 -15.74 -86.48
N LYS U 457 19.25 -16.37 -86.17
CA LYS U 457 19.34 -17.75 -85.69
C LYS U 457 18.59 -17.97 -84.42
N THR U 458 18.11 -16.89 -83.82
CA THR U 458 17.26 -16.95 -82.64
C THR U 458 15.78 -16.89 -82.98
N TYR U 459 15.39 -15.92 -83.81
CA TYR U 459 13.99 -15.84 -84.20
C TYR U 459 13.55 -17.09 -84.95
N LYS U 460 14.42 -17.62 -85.81
CA LYS U 460 14.07 -18.86 -86.50
C LYS U 460 13.85 -19.98 -85.49
N LEU U 461 14.61 -19.99 -84.40
CA LEU U 461 14.44 -21.03 -83.39
C LEU U 461 13.13 -20.82 -82.62
N ALA U 462 12.77 -19.57 -82.36
CA ALA U 462 11.50 -19.32 -81.70
C ALA U 462 10.34 -19.75 -82.57
N GLU U 463 10.42 -19.48 -83.87
CA GLU U 463 9.37 -19.90 -84.78
C GLU U 463 9.29 -21.41 -84.89
N ASN U 464 10.45 -22.08 -84.93
CA ASN U 464 10.45 -23.54 -84.98
C ASN U 464 9.90 -24.13 -83.69
N ILE U 465 10.17 -23.49 -82.55
CA ILE U 465 9.57 -23.92 -81.30
C ILE U 465 8.06 -23.76 -81.36
N ASP U 466 7.59 -22.68 -82.01
CA ASP U 466 6.17 -22.52 -82.21
C ASP U 466 5.60 -23.65 -83.05
N ALA U 467 6.29 -24.01 -84.13
CA ALA U 467 5.86 -25.14 -84.96
C ALA U 467 5.83 -26.43 -84.16
N GLN U 468 6.79 -26.59 -83.25
CA GLN U 468 6.80 -27.74 -82.35
C GLN U 468 5.56 -27.76 -81.48
N LEU U 469 5.23 -26.63 -80.87
CA LEU U 469 4.02 -26.57 -80.04
C LEU U 469 2.78 -26.85 -80.88
N LYS U 470 2.79 -26.41 -82.14
CA LYS U 470 1.65 -26.70 -83.01
C LYS U 470 1.52 -28.19 -83.26
N ARG U 471 2.64 -28.86 -83.54
CA ARG U 471 2.61 -30.31 -83.65
C ARG U 471 2.14 -30.97 -82.36
N MET U 472 2.48 -30.36 -81.21
CA MET U 472 2.10 -30.93 -79.92
C MET U 472 0.60 -30.82 -79.68
N ALA U 473 0.01 -29.68 -80.00
CA ALA U 473 -1.45 -29.55 -79.91
C ALA U 473 -2.13 -30.45 -80.93
N GLN U 474 -1.52 -30.62 -82.11
CA GLN U 474 -2.06 -31.55 -83.09
C GLN U 474 -2.06 -32.98 -82.55
N ASP U 475 -0.97 -33.37 -81.90
CA ASP U 475 -0.91 -34.69 -81.30
C ASP U 475 -1.91 -34.83 -80.17
N LEU U 476 -2.12 -33.77 -79.39
CA LEU U 476 -3.15 -33.80 -78.36
C LEU U 476 -4.53 -34.01 -78.97
N LYS U 477 -4.79 -33.36 -80.11
CA LYS U 477 -6.06 -33.56 -80.79
C LYS U 477 -6.22 -34.98 -81.29
N GLU U 478 -5.19 -35.52 -81.94
CA GLU U 478 -5.24 -36.91 -82.39
C GLU U 478 -5.42 -37.85 -81.21
N VAL U 479 -4.81 -37.52 -80.07
CA VAL U 479 -4.94 -38.34 -78.88
C VAL U 479 -6.38 -38.37 -78.40
N ILE U 480 -6.99 -37.19 -78.27
CA ILE U 480 -8.38 -37.14 -77.81
C ILE U 480 -9.30 -37.78 -78.85
N GLU U 481 -8.90 -37.77 -80.12
CA GLU U 481 -9.71 -38.40 -81.15
C GLU U 481 -9.70 -39.92 -81.01
N HIS U 482 -8.51 -40.51 -80.92
CA HIS U 482 -8.44 -41.95 -80.68
C HIS U 482 -9.06 -42.30 -79.34
N LEU U 483 -9.00 -41.38 -78.38
CA LEU U 483 -9.71 -41.58 -77.12
C LEU U 483 -11.22 -41.68 -77.36
N ASN U 484 -11.78 -40.74 -78.12
CA ASN U 484 -13.20 -40.80 -78.43
C ASN U 484 -13.56 -42.11 -79.12
N THR U 485 -12.68 -42.60 -79.98
CA THR U 485 -12.92 -43.92 -80.56
C THR U 485 -12.86 -45.02 -79.51
N SER U 486 -12.03 -44.85 -78.48
CA SER U 486 -11.81 -45.92 -77.52
C SER U 486 -13.03 -46.15 -76.64
N ALA U 487 -13.77 -45.10 -76.30
CA ALA U 487 -14.87 -45.23 -75.35
C ALA U 487 -16.07 -45.91 -75.97
N ASN U 494 -24.55 -49.61 -73.26
CA ASN U 494 -24.77 -49.95 -71.86
C ASN U 494 -25.18 -48.73 -71.06
N PRO U 495 -25.43 -48.91 -69.78
CA PRO U 495 -25.80 -47.77 -68.93
C PRO U 495 -24.59 -47.09 -68.30
N LEU U 496 -23.50 -47.83 -68.10
CA LEU U 496 -22.35 -47.27 -67.40
C LEU U 496 -21.80 -46.04 -68.11
N GLN U 497 -21.50 -46.15 -69.40
CA GLN U 497 -21.01 -45.02 -70.16
C GLN U 497 -21.96 -43.83 -70.12
N GLN U 498 -23.26 -44.10 -70.17
CA GLN U 498 -24.24 -43.02 -70.07
C GLN U 498 -24.10 -42.29 -68.74
N ILE U 499 -24.02 -43.05 -67.64
CA ILE U 499 -23.85 -42.44 -66.33
C ILE U 499 -22.58 -41.61 -66.30
N CYS U 500 -21.51 -42.12 -66.90
CA CYS U 500 -20.25 -41.38 -66.89
C CYS U 500 -20.40 -40.05 -67.60
N LYS U 501 -20.89 -40.07 -68.85
CA LYS U 501 -21.06 -38.85 -69.61
C LYS U 501 -21.96 -37.85 -68.87
N ILE U 502 -23.03 -38.36 -68.27
CA ILE U 502 -23.99 -37.48 -67.62
C ILE U 502 -23.37 -36.82 -66.39
N LEU U 503 -22.65 -37.61 -65.58
CA LEU U 503 -22.02 -37.04 -64.40
C LEU U 503 -20.95 -36.04 -64.78
N ASN U 504 -20.25 -36.28 -65.88
CA ASN U 504 -19.27 -35.30 -66.35
C ASN U 504 -19.93 -34.00 -66.77
N ALA U 505 -21.08 -34.09 -67.45
CA ALA U 505 -21.85 -32.89 -67.75
C ALA U 505 -22.23 -32.15 -66.47
N HIS U 506 -22.69 -32.90 -65.47
CA HIS U 506 -23.08 -32.29 -64.20
C HIS U 506 -21.91 -31.56 -63.57
N MET U 507 -20.73 -32.15 -63.62
CA MET U 507 -19.55 -31.52 -63.04
C MET U 507 -19.20 -30.24 -63.80
N ASP U 508 -19.27 -30.28 -65.13
CA ASP U 508 -19.01 -29.07 -65.90
C ASP U 508 -19.97 -27.97 -65.50
N SER U 509 -21.24 -28.33 -65.32
CA SER U 509 -22.23 -27.36 -64.86
C SER U 509 -21.85 -26.81 -63.49
N LEU U 510 -21.40 -27.68 -62.59
CA LEU U 510 -21.01 -27.23 -61.26
C LEU U 510 -19.87 -26.23 -61.31
N GLN U 511 -18.86 -26.52 -62.13
CA GLN U 511 -17.72 -25.62 -62.23
C GLN U 511 -18.13 -24.27 -62.80
N TRP U 512 -18.94 -24.28 -63.87
CA TRP U 512 -19.35 -23.02 -64.49
C TRP U 512 -20.22 -22.19 -63.55
N ILE U 513 -21.12 -22.85 -62.81
CA ILE U 513 -21.99 -22.13 -61.89
C ILE U 513 -21.17 -21.51 -60.77
N ASP U 514 -20.25 -22.28 -60.18
CA ASP U 514 -19.40 -21.71 -59.14
C ASP U 514 -18.56 -20.57 -59.70
N GLN U 515 -18.19 -20.64 -60.97
CA GLN U 515 -17.46 -19.55 -61.60
C GLN U 515 -18.31 -18.29 -61.65
N ASN U 516 -19.53 -18.39 -62.16
CA ASN U 516 -20.43 -17.25 -62.17
C ASN U 516 -20.65 -16.73 -60.75
N SER U 517 -20.67 -17.63 -59.77
CA SER U 517 -20.85 -17.21 -58.37
C SER U 517 -19.69 -16.35 -57.90
N ALA U 518 -18.46 -16.83 -58.11
CA ALA U 518 -17.29 -16.04 -57.76
C ALA U 518 -17.30 -14.71 -58.50
N LEU U 519 -17.75 -14.70 -59.76
CA LEU U 519 -17.74 -13.46 -60.53
C LEU U 519 -18.72 -12.45 -59.96
N LEU U 520 -19.93 -12.89 -59.61
CA LEU U 520 -20.90 -11.98 -59.02
C LEU U 520 -20.44 -11.49 -57.66
N GLN U 521 -19.85 -12.37 -56.85
CA GLN U 521 -19.29 -11.92 -55.57
C GLN U 521 -18.18 -10.92 -55.76
N ARG U 522 -17.36 -11.10 -56.81
CA ARG U 522 -16.29 -10.16 -57.11
C ARG U 522 -16.85 -8.79 -57.48
N LYS U 523 -17.82 -8.77 -58.40
CA LYS U 523 -18.47 -7.51 -58.76
C LYS U 523 -19.15 -6.89 -57.54
N VAL U 524 -19.58 -7.72 -56.59
CA VAL U 524 -20.22 -7.20 -55.38
C VAL U 524 -19.19 -6.50 -54.50
N GLU U 525 -18.03 -7.13 -54.29
CA GLU U 525 -17.01 -6.54 -53.42
C GLU U 525 -16.31 -5.37 -54.11
N GLN U 526 -16.34 -5.34 -55.45
CA GLN U 526 -15.85 -4.18 -56.18
C GLN U 526 -16.82 -3.01 -56.06
N VAL U 527 -18.12 -3.30 -56.13
CA VAL U 527 -19.15 -2.29 -55.90
C VAL U 527 -19.57 -2.33 -54.44
N PRO V 282 -103.50 -58.63 -96.43
CA PRO V 282 -102.27 -58.85 -95.64
C PRO V 282 -101.02 -58.69 -96.49
N GLN V 283 -101.15 -58.83 -97.81
CA GLN V 283 -100.04 -58.59 -98.72
C GLN V 283 -99.32 -57.29 -98.41
N LEU V 284 -100.07 -56.26 -98.03
CA LEU V 284 -99.48 -55.00 -97.61
C LEU V 284 -98.50 -55.20 -96.46
N LEU V 285 -98.94 -55.89 -95.40
CA LEU V 285 -98.07 -56.13 -94.26
C LEU V 285 -96.86 -56.98 -94.63
N CYS V 286 -97.06 -57.99 -95.47
CA CYS V 286 -96.01 -58.94 -95.80
C CYS V 286 -95.08 -58.44 -96.90
N GLN V 287 -95.37 -57.26 -97.46
CA GLN V 287 -94.40 -56.57 -98.29
C GLN V 287 -93.71 -55.47 -97.49
N ASP V 288 -94.46 -54.83 -96.59
CA ASP V 288 -93.88 -53.82 -95.74
C ASP V 288 -92.82 -54.40 -94.84
N VAL V 289 -93.01 -55.64 -94.37
CA VAL V 289 -91.97 -56.29 -93.59
C VAL V 289 -90.68 -56.37 -94.39
N GLU V 290 -90.78 -56.74 -95.67
CA GLU V 290 -89.60 -56.86 -96.50
C GLU V 290 -88.92 -55.52 -96.67
N ASN V 291 -89.68 -54.49 -97.06
CA ASN V 291 -89.09 -53.18 -97.31
C ASN V 291 -88.46 -52.60 -96.04
N PHE V 292 -89.12 -52.77 -94.90
CA PHE V 292 -88.60 -52.19 -93.66
C PHE V 292 -87.32 -52.88 -93.22
N GLN V 293 -87.36 -54.21 -93.08
CA GLN V 293 -86.14 -54.92 -92.73
C GLN V 293 -85.06 -54.70 -93.77
N LYS V 294 -85.46 -54.39 -95.01
CA LYS V 294 -84.49 -54.15 -96.07
C LYS V 294 -83.75 -52.84 -95.85
N PHE V 295 -84.49 -51.76 -95.60
CA PHE V 295 -83.84 -50.50 -95.25
C PHE V 295 -82.97 -50.67 -94.02
N VAL V 296 -83.43 -51.45 -93.04
CA VAL V 296 -82.65 -51.70 -91.84
C VAL V 296 -81.32 -52.37 -92.20
N LYS V 297 -81.38 -53.40 -93.05
CA LYS V 297 -80.18 -54.10 -93.44
C LYS V 297 -79.26 -53.22 -94.27
N GLU V 298 -79.82 -52.37 -95.12
CA GLU V 298 -78.99 -51.49 -95.94
C GLU V 298 -78.22 -50.52 -95.07
N GLN V 299 -78.87 -49.97 -94.04
CA GLN V 299 -78.16 -49.09 -93.13
C GLN V 299 -77.13 -49.86 -92.30
N LYS V 300 -77.46 -51.09 -91.92
CA LYS V 300 -76.46 -51.95 -91.29
C LYS V 300 -75.27 -52.17 -92.20
N GLN V 301 -75.50 -52.13 -93.52
CA GLN V 301 -74.39 -52.28 -94.46
C GLN V 301 -73.47 -51.07 -94.42
N VAL V 302 -74.04 -49.86 -94.30
CA VAL V 302 -73.20 -48.68 -94.13
C VAL V 302 -72.46 -48.76 -92.80
N GLN V 303 -73.09 -49.33 -91.78
CA GLN V 303 -72.40 -49.59 -90.52
C GLN V 303 -71.21 -50.53 -90.74
N GLU V 304 -71.42 -51.57 -91.54
CA GLU V 304 -70.33 -52.48 -91.86
C GLU V 304 -69.22 -51.77 -92.61
N GLU V 305 -69.58 -50.84 -93.50
CA GLU V 305 -68.56 -50.08 -94.23
C GLU V 305 -67.73 -49.22 -93.28
N ILE V 306 -68.39 -48.52 -92.36
CA ILE V 306 -67.66 -47.70 -91.41
C ILE V 306 -66.83 -48.57 -90.47
N SER V 307 -67.24 -49.83 -90.29
CA SER V 307 -66.42 -50.76 -89.51
C SER V 307 -65.24 -51.26 -90.33
N ARG V 308 -65.36 -51.24 -91.66
CA ARG V 308 -64.29 -51.75 -92.51
C ARG V 308 -63.25 -50.68 -92.81
N MET V 309 -63.64 -49.41 -92.73
CA MET V 309 -62.69 -48.34 -93.05
C MET V 309 -61.67 -48.10 -91.95
N SER V 310 -61.54 -49.03 -90.99
CA SER V 310 -60.66 -48.88 -89.84
C SER V 310 -59.28 -48.34 -90.21
N SER V 311 -58.76 -47.43 -89.40
CA SER V 311 -57.61 -46.61 -89.75
C SER V 311 -56.34 -47.12 -89.06
N LYS V 312 -55.19 -46.92 -89.72
CA LYS V 312 -53.88 -47.19 -89.14
C LYS V 312 -52.88 -46.05 -89.25
N ALA V 313 -52.88 -45.26 -90.33
CA ALA V 313 -51.90 -44.20 -90.49
C ALA V 313 -52.10 -43.11 -89.43
N MET V 314 -53.30 -43.05 -88.85
CA MET V 314 -53.50 -42.17 -87.70
C MET V 314 -52.52 -42.50 -86.58
N LEU V 315 -52.15 -43.78 -86.44
CA LEU V 315 -51.14 -44.16 -85.47
C LEU V 315 -49.75 -43.76 -85.92
N LYS V 316 -49.53 -43.67 -87.23
CA LYS V 316 -48.19 -43.32 -87.73
C LYS V 316 -47.95 -41.82 -87.64
N VAL V 317 -49.01 -41.02 -87.69
CA VAL V 317 -48.87 -39.56 -87.71
C VAL V 317 -48.18 -39.08 -86.44
N GLN V 318 -48.61 -39.58 -85.28
CA GLN V 318 -48.06 -39.12 -84.02
C GLN V 318 -46.57 -39.42 -83.90
N GLU V 319 -46.17 -40.66 -84.21
CA GLU V 319 -44.76 -41.01 -84.13
C GLU V 319 -43.94 -40.24 -85.15
N ASP V 320 -44.48 -40.03 -86.35
CA ASP V 320 -43.76 -39.29 -87.37
C ASP V 320 -43.50 -37.85 -86.92
N ILE V 321 -44.52 -37.21 -86.34
CA ILE V 321 -44.31 -35.87 -85.80
C ILE V 321 -43.30 -35.87 -84.67
N LYS V 322 -43.37 -36.90 -83.81
CA LYS V 322 -42.46 -36.95 -82.66
C LYS V 322 -41.00 -37.06 -83.12
N ALA V 323 -40.75 -37.87 -84.13
CA ALA V 323 -39.38 -38.03 -84.63
C ALA V 323 -38.95 -36.81 -85.45
N LEU V 324 -39.91 -36.15 -86.12
CA LEU V 324 -39.59 -34.93 -86.83
C LEU V 324 -39.11 -33.85 -85.86
N LYS V 325 -39.75 -33.76 -84.70
CA LYS V 325 -39.27 -32.86 -83.66
C LYS V 325 -37.84 -33.20 -83.26
N GLN V 326 -37.50 -34.49 -83.24
CA GLN V 326 -36.17 -34.90 -82.79
C GLN V 326 -35.10 -34.58 -83.84
N LEU V 327 -35.41 -34.79 -85.12
CA LEU V 327 -34.47 -34.42 -86.16
C LEU V 327 -34.29 -32.91 -86.22
N LEU V 328 -35.37 -32.16 -85.98
CA LEU V 328 -35.24 -30.72 -85.84
C LEU V 328 -34.35 -30.36 -84.66
N SER V 329 -34.45 -31.12 -83.56
CA SER V 329 -33.56 -30.90 -82.42
C SER V 329 -32.11 -31.12 -82.79
N VAL V 330 -31.83 -32.15 -83.58
CA VAL V 330 -30.46 -32.39 -84.06
C VAL V 330 -29.98 -31.21 -84.90
N ALA V 331 -30.86 -30.71 -85.77
CA ALA V 331 -30.53 -29.54 -86.58
C ALA V 331 -30.19 -28.34 -85.70
N SER V 332 -31.00 -28.12 -84.67
CA SER V 332 -30.76 -27.00 -83.76
C SER V 332 -29.41 -27.14 -83.08
N SER V 333 -29.12 -28.34 -82.57
CA SER V 333 -27.84 -28.58 -81.93
C SER V 333 -26.70 -28.29 -82.90
N GLY V 334 -26.81 -28.73 -84.15
CA GLY V 334 -25.74 -28.52 -85.11
C GLY V 334 -25.52 -27.05 -85.42
N LEU V 335 -26.60 -26.31 -85.67
CA LEU V 335 -26.46 -24.89 -85.98
C LEU V 335 -25.91 -24.11 -84.79
N GLN V 336 -26.36 -24.45 -83.58
CA GLN V 336 -25.84 -23.78 -82.39
C GLN V 336 -24.36 -24.06 -82.23
N ARG V 337 -23.96 -25.32 -82.42
CA ARG V 337 -22.55 -25.66 -82.34
C ARG V 337 -21.73 -24.91 -83.38
N ASN V 338 -22.33 -24.63 -84.54
CA ASN V 338 -21.62 -23.84 -85.54
C ASN V 338 -21.55 -22.36 -85.16
N ALA V 339 -22.51 -21.89 -84.35
CA ALA V 339 -22.55 -20.46 -84.04
C ALA V 339 -21.30 -19.99 -83.33
N LEU V 340 -20.92 -20.66 -82.24
CA LEU V 340 -19.76 -20.23 -81.48
C LEU V 340 -18.46 -20.41 -82.27
N ALA V 341 -18.38 -21.48 -83.07
CA ALA V 341 -17.20 -21.67 -83.91
C ALA V 341 -17.04 -20.51 -84.90
N ILE V 342 -18.15 -20.12 -85.54
CA ILE V 342 -18.10 -18.99 -86.46
C ILE V 342 -17.72 -17.71 -85.72
N ASP V 343 -18.20 -17.56 -84.49
CA ASP V 343 -17.81 -16.41 -83.68
C ASP V 343 -16.31 -16.39 -83.44
N LYS V 344 -15.75 -17.54 -83.07
CA LYS V 344 -14.31 -17.62 -82.85
C LYS V 344 -13.56 -17.33 -84.13
N LEU V 345 -14.12 -17.75 -85.26
CA LEU V 345 -13.52 -17.39 -86.54
C LEU V 345 -13.54 -15.90 -86.74
N LYS V 346 -14.66 -15.25 -86.43
CA LYS V 346 -14.75 -13.80 -86.52
C LYS V 346 -13.66 -13.15 -85.68
N ILE V 347 -13.50 -13.60 -84.45
CA ILE V 347 -12.59 -12.94 -83.52
C ILE V 347 -11.14 -13.15 -83.95
N GLU V 348 -10.79 -14.40 -84.27
CA GLU V 348 -9.42 -14.71 -84.65
C GLU V 348 -9.04 -14.01 -85.94
N THR V 349 -9.91 -14.08 -86.96
CA THR V 349 -9.61 -13.39 -88.20
C THR V 349 -9.57 -11.89 -87.99
N ALA V 350 -10.42 -11.35 -87.10
CA ALA V 350 -10.38 -9.92 -86.83
C ALA V 350 -9.03 -9.52 -86.27
N GLU V 351 -8.60 -10.21 -85.22
CA GLU V 351 -7.32 -9.90 -84.60
C GLU V 351 -6.19 -10.03 -85.62
N GLU V 352 -6.07 -11.20 -86.26
CA GLU V 352 -4.95 -11.46 -87.15
C GLU V 352 -4.95 -10.51 -88.34
N LEU V 353 -6.12 -10.31 -88.95
CA LEU V 353 -6.21 -9.45 -90.12
C LEU V 353 -5.91 -8.00 -89.78
N LYS V 354 -6.51 -7.49 -88.70
CA LYS V 354 -6.24 -6.11 -88.32
C LYS V 354 -4.78 -5.93 -87.92
N ASN V 355 -4.17 -6.98 -87.37
CA ASN V 355 -2.75 -6.91 -87.04
C ASN V 355 -1.89 -6.88 -88.28
N ALA V 356 -2.20 -7.72 -89.26
CA ALA V 356 -1.48 -7.69 -90.53
C ALA V 356 -1.60 -6.33 -91.20
N GLU V 357 -2.82 -5.76 -91.20
CA GLU V 357 -3.03 -4.44 -91.76
C GLU V 357 -2.22 -3.39 -90.99
N ILE V 358 -2.22 -3.47 -89.67
CA ILE V 358 -1.48 -2.50 -88.86
C ILE V 358 0.00 -2.57 -89.17
N ALA V 359 0.56 -3.78 -89.23
CA ALA V 359 1.97 -3.93 -89.54
C ALA V 359 2.28 -3.38 -90.92
N LEU V 360 1.44 -3.68 -91.90
CA LEU V 360 1.64 -3.14 -93.24
C LEU V 360 1.57 -1.62 -93.22
N ARG V 361 0.67 -1.06 -92.42
CA ARG V 361 0.58 0.39 -92.30
C ARG V 361 1.86 0.97 -91.73
N THR V 362 2.38 0.34 -90.68
CA THR V 362 3.63 0.79 -90.09
C THR V 362 4.75 0.76 -91.11
N GLN V 363 4.86 -0.34 -91.85
CA GLN V 363 5.91 -0.44 -92.87
C GLN V 363 5.76 0.64 -93.92
N LYS V 364 4.54 0.85 -94.44
CA LYS V 364 4.34 1.87 -95.45
C LYS V 364 4.66 3.25 -94.91
N THR V 365 4.29 3.53 -93.66
CA THR V 365 4.63 4.81 -93.07
C THR V 365 6.13 5.00 -92.93
N PRO V 366 6.95 3.95 -92.80
CA PRO V 366 8.39 4.13 -92.77
C PRO V 366 8.93 4.51 -94.14
N PRO V 367 8.29 4.03 -95.22
CA PRO V 367 8.84 4.24 -96.57
C PRO V 367 9.30 5.67 -96.80
N GLY V 368 8.48 6.65 -96.43
CA GLY V 368 8.98 8.01 -96.40
C GLY V 368 9.90 8.26 -95.22
N LEU V 369 9.32 8.33 -94.01
CA LEU V 369 10.08 8.58 -92.78
C LEU V 369 9.22 8.41 -91.53
N GLN V 370 9.46 7.38 -90.73
CA GLN V 370 8.70 7.19 -89.50
C GLN V 370 9.40 6.23 -88.54
N HIS V 371 8.70 5.84 -87.47
CA HIS V 371 9.25 4.89 -86.51
C HIS V 371 8.12 4.17 -85.76
N GLU V 372 7.98 2.86 -86.02
CA GLU V 372 6.87 2.08 -85.46
C GLU V 372 7.34 0.66 -85.15
N ASN V 373 7.83 0.44 -83.94
CA ASN V 373 8.11 -0.90 -83.46
C ASN V 373 7.71 -1.13 -82.01
N THR V 374 7.23 -0.09 -81.32
CA THR V 374 6.66 -0.29 -80.00
C THR V 374 5.55 -1.32 -80.06
N ALA V 375 4.74 -1.26 -81.11
CA ALA V 375 3.73 -2.29 -81.32
C ALA V 375 4.33 -3.68 -81.39
N PRO V 376 5.28 -3.97 -82.28
CA PRO V 376 5.87 -5.31 -82.28
C PRO V 376 6.52 -5.68 -80.96
N ALA V 377 7.07 -4.71 -80.24
CA ALA V 377 7.62 -5.00 -78.94
C ALA V 377 6.56 -5.57 -78.01
N ASP V 378 5.49 -4.81 -77.78
CA ASP V 378 4.40 -5.30 -76.95
C ASP V 378 3.84 -6.60 -77.48
N TYR V 379 3.87 -6.77 -78.80
CA TYR V 379 3.26 -7.93 -79.41
C TYR V 379 4.06 -9.20 -79.13
N PHE V 380 5.37 -9.14 -79.32
CA PHE V 380 6.22 -10.27 -78.94
C PHE V 380 6.13 -10.53 -77.44
N HIS V 381 5.97 -9.46 -76.65
CA HIS V 381 5.79 -9.64 -75.22
C HIS V 381 4.58 -10.52 -74.93
N THR V 382 3.41 -10.12 -75.43
CA THR V 382 2.22 -10.92 -75.23
C THR V 382 2.38 -12.30 -75.86
N LEU V 383 3.11 -12.39 -76.97
CA LEU V 383 3.31 -13.67 -77.64
C LEU V 383 3.99 -14.66 -76.72
N VAL V 384 5.06 -14.21 -76.05
CA VAL V 384 5.68 -15.05 -75.04
C VAL V 384 4.68 -15.39 -73.95
N GLN V 385 4.10 -14.36 -73.32
CA GLN V 385 3.20 -14.55 -72.18
C GLN V 385 2.18 -15.63 -72.46
N GLN V 386 1.67 -15.67 -73.69
CA GLN V 386 0.70 -16.66 -74.11
C GLN V 386 1.25 -18.08 -74.01
N PHE V 387 2.29 -18.37 -74.80
CA PHE V 387 2.82 -19.72 -74.85
C PHE V 387 3.31 -20.18 -73.48
N GLU V 388 3.56 -19.25 -72.58
CA GLU V 388 3.88 -19.62 -71.21
C GLU V 388 2.88 -20.64 -70.67
N VAL V 389 1.61 -20.25 -70.59
CA VAL V 389 0.60 -21.13 -70.02
C VAL V 389 0.44 -22.39 -70.87
N GLN V 390 0.71 -22.27 -72.17
CA GLN V 390 0.60 -23.43 -73.04
C GLN V 390 1.56 -24.52 -72.58
N LEU V 391 2.78 -24.14 -72.24
CA LEU V 391 3.75 -25.14 -71.78
C LEU V 391 3.27 -25.84 -70.52
N GLN V 392 2.68 -25.08 -69.60
CA GLN V 392 2.17 -25.67 -68.37
C GLN V 392 1.05 -26.65 -68.66
N GLN V 393 0.11 -26.24 -69.50
CA GLN V 393 -0.98 -27.16 -69.87
C GLN V 393 -0.42 -28.40 -70.53
N TYR V 394 0.65 -28.25 -71.31
CA TYR V 394 1.25 -29.39 -71.98
C TYR V 394 1.81 -30.38 -70.98
N ARG V 395 2.58 -29.90 -70.01
CA ARG V 395 3.11 -30.80 -69.00
C ARG V 395 2.00 -31.45 -68.20
N GLN V 396 0.96 -30.69 -67.89
CA GLN V 396 -0.19 -31.24 -67.18
C GLN V 396 -0.83 -32.37 -67.98
N GLN V 397 -1.02 -32.15 -69.28
CA GLN V 397 -1.65 -33.16 -70.12
C GLN V 397 -0.78 -34.39 -70.23
N ILE V 398 0.54 -34.21 -70.35
CA ILE V 398 1.43 -35.37 -70.43
C ILE V 398 1.32 -36.18 -69.15
N GLU V 399 1.28 -35.50 -68.01
CA GLU V 399 1.13 -36.23 -66.75
C GLU V 399 -0.22 -36.93 -66.66
N GLU V 400 -1.27 -36.32 -67.21
CA GLU V 400 -2.57 -36.98 -67.20
C GLU V 400 -2.57 -38.21 -68.10
N LEU V 401 -1.91 -38.10 -69.25
CA LEU V 401 -1.77 -39.25 -70.13
C LEU V 401 -1.03 -40.37 -69.43
N GLU V 402 0.01 -40.01 -68.67
CA GLU V 402 0.73 -41.02 -67.91
C GLU V 402 -0.18 -41.69 -66.90
N ASN V 403 -0.95 -40.92 -66.15
CA ASN V 403 -1.86 -41.53 -65.18
C ASN V 403 -2.84 -42.46 -65.88
N HIS V 404 -3.38 -42.01 -67.01
CA HIS V 404 -4.37 -42.83 -67.72
C HIS V 404 -3.74 -44.09 -68.26
N LEU V 405 -2.53 -44.00 -68.81
CA LEU V 405 -1.92 -45.17 -69.43
C LEU V 405 -1.45 -46.16 -68.39
N ALA V 406 -0.99 -45.67 -67.23
CA ALA V 406 -0.61 -46.59 -66.16
C ALA V 406 -1.83 -47.27 -65.58
N THR V 407 -2.94 -46.55 -65.46
CA THR V 407 -4.19 -47.21 -65.10
C THR V 407 -4.59 -48.23 -66.16
N GLN V 408 -4.30 -47.94 -67.43
CA GLN V 408 -4.73 -48.80 -68.52
C GLN V 408 -3.94 -50.10 -68.56
N SER V 409 -2.62 -50.01 -68.38
CA SER V 409 -1.83 -51.23 -68.20
C SER V 409 -2.42 -52.08 -67.09
N ASN V 410 -2.80 -51.45 -65.98
CA ASN V 410 -3.56 -52.15 -64.96
C ASN V 410 -4.94 -52.52 -65.47
N THR V 411 -5.51 -51.70 -66.35
CA THR V 411 -6.89 -51.93 -66.73
C THR V 411 -7.05 -53.30 -67.36
N LEU V 412 -7.67 -54.20 -66.61
CA LEU V 412 -8.20 -55.46 -67.07
C LEU V 412 -9.43 -55.72 -66.22
N HIS V 413 -9.84 -54.69 -65.47
CA HIS V 413 -10.82 -54.84 -64.41
C HIS V 413 -11.58 -53.52 -64.23
N LEU V 414 -12.75 -53.63 -63.60
CA LEU V 414 -13.58 -52.48 -63.27
C LEU V 414 -14.16 -52.70 -61.88
N SER V 415 -14.81 -51.67 -61.33
CA SER V 415 -15.38 -51.82 -60.00
C SER V 415 -16.66 -51.01 -59.82
N PRO V 416 -17.40 -51.23 -58.72
CA PRO V 416 -18.63 -50.46 -58.46
C PRO V 416 -18.47 -49.33 -57.45
N GLN V 417 -17.33 -49.24 -56.78
CA GLN V 417 -17.22 -48.38 -55.61
C GLN V 417 -16.89 -46.94 -55.98
N ASP V 418 -16.11 -46.74 -57.06
CA ASP V 418 -15.78 -45.40 -57.49
C ASP V 418 -17.01 -44.53 -57.65
N LEU V 419 -18.14 -45.14 -58.05
CA LEU V 419 -19.39 -44.41 -58.12
C LEU V 419 -19.79 -43.85 -56.77
N SER V 420 -19.76 -44.68 -55.73
CA SER V 420 -20.15 -44.21 -54.41
C SER V 420 -19.20 -43.14 -53.90
N MET V 421 -17.89 -43.33 -54.12
CA MET V 421 -16.93 -42.33 -53.70
C MET V 421 -17.18 -41.00 -54.40
N ALA V 422 -17.40 -41.04 -55.70
CA ALA V 422 -17.64 -39.82 -56.45
C ALA V 422 -18.96 -39.19 -56.05
N MET V 423 -19.93 -40.00 -55.65
CA MET V 423 -21.23 -39.43 -55.27
C MET V 423 -21.14 -38.70 -53.94
N GLN V 424 -20.45 -39.29 -52.96
CA GLN V 424 -20.25 -38.55 -51.72
C GLN V 424 -19.39 -37.32 -51.94
N LYS V 425 -18.43 -37.41 -52.87
CA LYS V 425 -17.60 -36.25 -53.19
C LYS V 425 -18.43 -35.15 -53.84
N LEU V 426 -19.34 -35.53 -54.73
CA LEU V 426 -20.21 -34.56 -55.37
C LEU V 426 -21.17 -33.95 -54.36
N TYR V 427 -21.59 -34.73 -53.37
CA TYR V 427 -22.41 -34.15 -52.31
C TYR V 427 -21.64 -33.10 -51.52
N GLN V 428 -20.39 -33.37 -51.17
CA GLN V 428 -19.60 -32.35 -50.49
C GLN V 428 -19.36 -31.15 -51.39
N THR V 429 -19.11 -31.39 -52.69
CA THR V 429 -18.80 -30.30 -53.60
C THR V 429 -20.03 -29.43 -53.84
N PHE V 430 -21.21 -30.04 -53.91
CA PHE V 430 -22.44 -29.28 -54.04
C PHE V 430 -22.73 -28.47 -52.78
N VAL V 431 -22.46 -29.04 -51.61
CA VAL V 431 -22.65 -28.28 -50.37
C VAL V 431 -21.75 -27.05 -50.38
N ALA V 432 -20.50 -27.23 -50.83
CA ALA V 432 -19.58 -26.09 -50.91
C ALA V 432 -20.06 -25.06 -51.93
N LEU V 433 -20.50 -25.52 -53.09
CA LEU V 433 -20.96 -24.59 -54.13
C LEU V 433 -22.17 -23.81 -53.66
N ALA V 434 -23.10 -24.46 -52.97
CA ALA V 434 -24.27 -23.76 -52.48
C ALA V 434 -23.90 -22.80 -51.35
N ALA V 435 -22.90 -23.16 -50.54
CA ALA V 435 -22.42 -22.21 -49.54
C ALA V 435 -21.87 -20.96 -50.20
N GLN V 436 -21.10 -21.15 -51.28
CA GLN V 436 -20.56 -20.00 -52.01
C GLN V 436 -21.67 -19.16 -52.63
N LEU V 437 -22.67 -19.83 -53.23
CA LEU V 437 -23.78 -19.11 -53.83
C LEU V 437 -24.57 -18.35 -52.78
N GLN V 438 -24.73 -18.93 -51.60
CA GLN V 438 -25.39 -18.23 -50.50
C GLN V 438 -24.58 -17.03 -50.06
N ALA V 439 -23.26 -17.17 -49.98
CA ALA V 439 -22.41 -16.04 -49.64
C ALA V 439 -22.59 -14.91 -50.66
N VAL V 440 -22.61 -15.26 -51.94
CA VAL V 440 -22.67 -14.24 -52.99
C VAL V 440 -24.04 -13.57 -53.02
N ASN V 441 -25.10 -14.37 -52.92
CA ASN V 441 -26.44 -13.80 -52.85
C ASN V 441 -26.62 -12.96 -51.60
N GLU V 442 -25.99 -13.34 -50.49
CA GLU V 442 -26.09 -12.57 -49.28
C GLU V 442 -25.35 -11.25 -49.42
N ASN V 443 -24.20 -11.25 -50.11
CA ASN V 443 -23.49 -9.99 -50.34
C ASN V 443 -24.29 -9.08 -51.25
N PHE V 444 -24.95 -9.66 -52.26
CA PHE V 444 -25.77 -8.85 -53.15
C PHE V 444 -27.00 -8.32 -52.43
N LYS V 445 -27.56 -9.11 -51.49
CA LYS V 445 -28.65 -8.62 -50.69
C LYS V 445 -28.19 -7.53 -49.74
N MET V 446 -26.98 -7.64 -49.21
CA MET V 446 -26.45 -6.61 -48.33
C MET V 446 -26.29 -5.30 -49.09
N LEU V 447 -25.78 -5.36 -50.31
CA LEU V 447 -25.61 -4.14 -51.09
C LEU V 447 -26.96 -3.56 -51.47
N LYS V 448 -27.88 -4.39 -51.97
CA LYS V 448 -29.20 -3.89 -52.35
C LYS V 448 -29.99 -3.42 -51.12
N GLU V 449 -29.53 -3.81 -49.92
CA GLU V 449 -30.10 -3.24 -48.71
C GLU V 449 -29.42 -1.92 -48.37
N GLN V 450 -28.13 -1.81 -48.69
CA GLN V 450 -27.41 -0.56 -48.45
C GLN V 450 -27.93 0.56 -49.33
N TYR V 451 -28.43 0.20 -50.53
CA TYR V 451 -28.77 1.22 -51.52
C TYR V 451 -29.86 2.15 -51.02
N LEU V 452 -30.91 1.59 -50.42
CA LEU V 452 -32.02 2.39 -49.94
C LEU V 452 -31.85 2.77 -48.47
N THR W 156 -36.99 3.72 -101.68
CA THR W 156 -36.42 2.88 -100.64
C THR W 156 -35.56 3.70 -99.68
N LEU W 157 -35.40 3.20 -98.45
CA LEU W 157 -34.54 3.88 -97.49
C LEU W 157 -33.08 3.45 -97.63
N LEU W 158 -32.83 2.34 -98.32
CA LEU W 158 -31.44 1.95 -98.61
C LEU W 158 -30.77 2.99 -99.49
N GLY W 159 -31.41 3.37 -100.60
CA GLY W 159 -30.83 4.38 -101.48
C GLY W 159 -30.69 5.72 -100.80
N ASP W 160 -31.67 6.09 -99.98
CA ASP W 160 -31.58 7.36 -99.28
C ASP W 160 -30.43 7.37 -98.28
N GLU W 161 -30.26 6.28 -97.53
CA GLU W 161 -29.13 6.18 -96.64
C GLU W 161 -27.82 6.24 -97.42
N ARG W 162 -27.78 5.61 -98.59
CA ARG W 162 -26.58 5.71 -99.42
C ARG W 162 -26.33 7.15 -99.85
N ASP W 163 -27.40 7.88 -100.12
CA ASP W 163 -27.24 9.29 -100.51
C ASP W 163 -26.67 10.10 -99.37
N ALA W 164 -27.22 9.92 -98.16
CA ALA W 164 -26.69 10.62 -97.01
C ALA W 164 -25.23 10.25 -96.76
N ILE W 165 -24.89 8.98 -97.00
CA ILE W 165 -23.50 8.54 -96.82
C ILE W 165 -22.59 9.25 -97.81
N LEU W 166 -22.97 9.23 -99.09
CA LEU W 166 -22.15 9.87 -100.11
C LEU W 166 -22.00 11.36 -99.83
N ALA W 167 -23.11 12.03 -99.51
CA ALA W 167 -23.04 13.45 -99.18
C ALA W 167 -22.20 13.66 -97.93
N LYS W 168 -22.12 12.66 -97.06
CA LYS W 168 -21.31 12.79 -95.87
C LYS W 168 -19.85 12.97 -96.22
N TRP W 169 -19.23 11.93 -96.80
CA TRP W 169 -17.82 12.01 -97.15
C TRP W 169 -17.69 12.88 -98.39
N ASN W 170 -17.65 14.19 -98.16
CA ASN W 170 -17.70 15.15 -99.26
C ASN W 170 -17.07 16.46 -98.81
N GLN W 171 -16.86 17.35 -99.77
CA GLN W 171 -16.37 18.70 -99.54
C GLN W 171 -17.40 19.77 -99.92
N LEU W 172 -18.64 19.38 -100.20
CA LEU W 172 -19.69 20.33 -100.50
C LEU W 172 -20.52 20.70 -99.28
N GLN W 173 -20.15 20.20 -98.10
CA GLN W 173 -20.73 20.61 -96.83
C GLN W 173 -22.22 20.33 -96.75
N ALA W 174 -22.64 19.13 -97.12
CA ALA W 174 -24.00 18.66 -96.88
C ALA W 174 -23.96 17.82 -95.61
N PHE W 175 -23.80 18.51 -94.47
CA PHE W 175 -23.40 17.85 -93.23
C PHE W 175 -22.18 16.97 -93.50
N TRP W 176 -21.07 17.65 -93.83
CA TRP W 176 -19.95 17.04 -94.56
C TRP W 176 -19.25 15.94 -93.79
N GLY W 177 -19.91 14.79 -93.70
CA GLY W 177 -19.33 13.63 -93.04
C GLY W 177 -19.05 13.86 -91.58
N THR W 178 -19.90 14.64 -90.91
CA THR W 178 -19.78 14.91 -89.49
C THR W 178 -18.38 15.42 -89.14
N GLY W 179 -17.62 15.80 -90.17
CA GLY W 179 -16.33 16.40 -89.97
C GLY W 179 -16.40 17.79 -89.41
N LYS W 180 -17.61 18.27 -89.13
CA LYS W 180 -17.80 19.62 -88.64
C LYS W 180 -16.89 19.89 -87.45
N GLY W 181 -15.93 20.78 -87.64
CA GLY W 181 -15.07 21.30 -86.59
C GLY W 181 -14.35 22.49 -87.17
N PHE W 182 -14.44 23.63 -86.49
CA PHE W 182 -13.91 24.88 -87.00
C PHE W 182 -12.72 25.30 -86.16
N PHE W 183 -11.65 25.75 -86.82
CA PHE W 183 -10.44 26.14 -86.14
C PHE W 183 -10.49 27.62 -85.79
N MET W 184 -9.77 27.97 -84.74
CA MET W 184 -9.61 29.36 -84.32
C MET W 184 -8.30 29.88 -84.92
N ASN W 185 -8.41 30.81 -85.87
CA ASN W 185 -7.24 31.39 -86.53
C ASN W 185 -7.08 32.83 -86.09
N ASN W 186 -5.87 33.19 -85.68
CA ASN W 186 -5.61 34.55 -85.23
C ASN W 186 -6.01 35.56 -86.29
N THR W 187 -6.45 36.73 -85.83
CA THR W 187 -6.88 37.79 -86.74
C THR W 187 -6.80 39.13 -86.04
N VAL W 319 -12.24 46.80 -86.38
CA VAL W 319 -13.41 46.90 -87.23
C VAL W 319 -13.40 45.80 -88.29
N GLN W 320 -12.26 45.64 -88.98
CA GLN W 320 -12.16 44.64 -90.05
C GLN W 320 -12.42 43.22 -89.56
N ILE W 321 -12.00 42.89 -88.33
CA ILE W 321 -12.30 41.57 -87.78
C ILE W 321 -13.80 41.37 -87.72
N LYS W 322 -14.54 42.43 -87.36
CA LYS W 322 -15.99 42.36 -87.40
C LYS W 322 -16.52 42.42 -88.83
N GLN W 323 -15.75 43.03 -89.75
CA GLN W 323 -16.14 43.04 -91.15
C GLN W 323 -16.15 41.64 -91.73
N LEU W 324 -15.20 40.80 -91.32
CA LEU W 324 -15.04 39.48 -91.92
C LEU W 324 -15.74 38.39 -91.14
N ILE W 325 -15.66 38.40 -89.80
CA ILE W 325 -16.22 37.34 -88.99
C ILE W 325 -17.72 37.20 -89.22
N GLN W 326 -18.37 38.25 -89.72
CA GLN W 326 -19.78 38.24 -90.04
C GLN W 326 -19.96 38.12 -91.55
N ASN W 327 -21.21 38.20 -92.02
CA ASN W 327 -21.55 37.91 -93.39
C ASN W 327 -21.01 36.53 -93.73
N PRO W 328 -21.70 35.46 -93.33
CA PRO W 328 -21.05 34.16 -93.09
C PRO W 328 -20.15 33.70 -94.23
N LEU W 329 -19.19 32.86 -93.84
CA LEU W 329 -18.00 32.55 -94.63
C LEU W 329 -18.25 31.48 -95.68
N SER W 330 -17.20 30.73 -96.01
CA SER W 330 -17.08 30.01 -97.26
C SER W 330 -18.24 29.05 -97.56
N GLY W 331 -19.14 28.85 -96.61
CA GLY W 331 -20.30 28.03 -96.91
C GLY W 331 -20.82 27.22 -95.75
N VAL W 332 -20.13 27.28 -94.60
CA VAL W 332 -20.72 26.75 -93.39
C VAL W 332 -22.00 27.52 -93.09
N ASP W 333 -22.98 26.84 -92.51
CA ASP W 333 -24.23 27.53 -92.25
C ASP W 333 -24.01 28.62 -91.20
N PRO W 334 -24.69 29.77 -91.33
CA PRO W 334 -24.43 30.86 -90.39
C PRO W 334 -24.62 30.49 -88.94
N ILE W 335 -25.67 29.74 -88.60
CA ILE W 335 -25.91 29.36 -87.20
C ILE W 335 -24.66 28.73 -86.60
N ILE W 336 -24.00 27.87 -87.36
CA ILE W 336 -22.77 27.28 -86.89
C ILE W 336 -21.69 28.34 -86.73
N TRP W 337 -21.68 29.32 -87.63
CA TRP W 337 -20.67 30.36 -87.54
C TRP W 337 -20.86 31.22 -86.30
N GLU W 338 -22.11 31.47 -85.92
CA GLU W 338 -22.38 32.27 -84.73
C GLU W 338 -22.03 31.48 -83.49
N GLN W 339 -22.40 30.20 -83.46
CA GLN W 339 -22.01 29.36 -82.33
C GLN W 339 -20.48 29.28 -82.22
N ALA W 340 -19.78 29.36 -83.34
CA ALA W 340 -18.33 29.25 -83.30
C ALA W 340 -17.68 30.55 -82.84
N LYS W 341 -18.09 31.68 -83.42
CA LYS W 341 -17.52 32.95 -83.02
C LYS W 341 -17.83 33.28 -81.57
N VAL W 342 -19.03 32.91 -81.10
CA VAL W 342 -19.35 33.12 -79.69
C VAL W 342 -18.55 32.15 -78.82
N ASP W 343 -18.55 30.86 -79.18
CA ASP W 343 -17.78 29.87 -78.45
C ASP W 343 -16.28 30.16 -78.48
N ASN W 344 -15.85 31.07 -79.34
CA ASN W 344 -14.44 31.27 -79.64
C ASN W 344 -13.66 31.61 -78.37
N PRO W 345 -12.80 30.72 -77.89
CA PRO W 345 -11.86 31.12 -76.85
C PRO W 345 -10.92 32.16 -77.41
N ASP W 346 -10.86 33.34 -76.79
CA ASP W 346 -10.06 34.45 -77.26
C ASP W 346 -10.53 34.86 -78.65
N PRO W 347 -11.76 35.38 -78.77
CA PRO W 347 -12.23 35.82 -80.09
C PRO W 347 -11.41 36.96 -80.67
N GLU W 348 -10.78 37.77 -79.83
CA GLU W 348 -9.85 38.77 -80.32
C GLU W 348 -8.48 38.19 -80.64
N ARG W 349 -8.09 37.12 -79.95
CA ARG W 349 -6.86 36.40 -80.29
C ARG W 349 -7.13 35.24 -81.22
N LEU W 350 -8.37 35.04 -81.64
CA LEU W 350 -8.71 34.02 -82.61
C LEU W 350 -10.11 34.26 -83.16
N ILE W 351 -10.19 34.46 -84.47
CA ILE W 351 -11.46 34.54 -85.16
C ILE W 351 -11.80 33.15 -85.69
N PRO W 352 -13.08 32.88 -85.90
CA PRO W 352 -13.45 31.57 -86.47
C PRO W 352 -13.02 31.49 -87.92
N VAL W 353 -12.32 30.41 -88.26
CA VAL W 353 -11.89 30.19 -89.64
C VAL W 353 -12.31 28.79 -90.05
N PRO W 354 -12.91 28.62 -91.23
CA PRO W 354 -13.49 27.32 -91.56
C PRO W 354 -12.45 26.31 -91.99
N MET W 355 -12.54 25.11 -91.39
CA MET W 355 -11.71 23.97 -91.76
C MET W 355 -12.57 22.91 -92.41
N ILE W 356 -12.16 22.51 -93.61
CA ILE W 356 -12.94 21.60 -94.44
C ILE W 356 -12.38 20.19 -94.21
N GLY W 357 -12.94 19.48 -93.23
CA GLY W 357 -12.69 18.05 -93.09
C GLY W 357 -11.24 17.73 -92.81
N PHE W 358 -10.74 16.72 -93.53
CA PHE W 358 -9.43 16.13 -93.24
C PHE W 358 -8.31 16.79 -94.02
N LYS W 359 -8.52 17.08 -95.31
CA LYS W 359 -7.51 17.82 -96.04
C LYS W 359 -7.21 19.15 -95.38
N GLU W 360 -8.21 19.75 -94.71
CA GLU W 360 -7.95 20.97 -93.96
C GLU W 360 -7.06 20.70 -92.77
N LEU W 361 -7.28 19.58 -92.08
CA LEU W 361 -6.35 19.20 -91.03
C LEU W 361 -4.94 19.09 -91.58
N LEU W 362 -4.81 18.53 -92.78
CA LEU W 362 -3.50 18.39 -93.40
C LEU W 362 -2.86 19.74 -93.68
N ARG W 363 -3.59 20.64 -94.35
CA ARG W 363 -3.04 21.95 -94.67
C ARG W 363 -2.73 22.73 -93.39
N ARG W 364 -3.58 22.62 -92.38
CA ARG W 364 -3.30 23.23 -91.09
C ARG W 364 -2.03 22.66 -90.48
N LEU W 365 -1.77 21.37 -90.70
CA LEU W 365 -0.54 20.77 -90.21
C LEU W 365 0.67 21.33 -90.94
N GLU W 366 0.51 21.61 -92.24
CA GLU W 366 1.60 22.24 -92.98
C GLU W 366 1.86 23.65 -92.46
N VAL W 367 0.79 24.36 -92.10
CA VAL W 367 0.93 25.68 -91.49
C VAL W 367 1.66 25.56 -90.16
N GLN W 368 1.28 24.57 -89.36
CA GLN W 368 1.96 24.31 -88.10
C GLN W 368 3.45 24.06 -88.31
N ASP W 369 3.79 23.31 -89.37
CA ASP W 369 5.20 23.04 -89.64
C ASP W 369 5.96 24.31 -90.00
N GLN W 370 5.41 25.12 -90.91
CA GLN W 370 6.10 26.34 -91.30
C GLN W 370 6.20 27.30 -90.12
N MET W 371 5.19 27.29 -89.24
CA MET W 371 5.21 28.14 -88.06
C MET W 371 6.26 27.68 -87.07
N THR W 372 6.40 26.36 -86.88
CA THR W 372 7.47 25.84 -86.05
C THR W 372 8.82 26.30 -86.57
N LYS W 373 9.01 26.22 -87.89
CA LYS W 373 10.25 26.67 -88.49
C LYS W 373 10.51 28.14 -88.17
N GLN W 374 9.54 29.01 -88.47
CA GLN W 374 9.75 30.44 -88.29
C GLN W 374 9.97 30.80 -86.82
N HIS W 375 9.25 30.11 -85.92
CA HIS W 375 9.41 30.38 -84.50
C HIS W 375 10.79 29.99 -84.03
N GLN W 376 11.24 28.79 -84.42
CA GLN W 376 12.59 28.37 -84.07
C GLN W 376 13.62 29.33 -84.62
N SER W 377 13.36 29.90 -85.79
CA SER W 377 14.34 30.81 -86.39
C SER W 377 14.40 32.15 -85.64
N ARG W 378 13.24 32.72 -85.31
CA ARG W 378 13.24 33.94 -84.51
C ARG W 378 13.90 33.71 -83.16
N LEU W 379 13.63 32.56 -82.53
CA LEU W 379 14.28 32.26 -81.26
C LEU W 379 15.78 32.09 -81.44
N ASP W 380 16.20 31.60 -82.60
CA ASP W 380 17.63 31.47 -82.86
C ASP W 380 18.29 32.83 -82.94
N ILE W 381 17.65 33.78 -83.63
CA ILE W 381 18.19 35.14 -83.68
C ILE W 381 18.28 35.72 -82.28
N ILE W 382 17.23 35.52 -81.48
CA ILE W 382 17.22 36.04 -80.11
C ILE W 382 18.37 35.44 -79.31
N SER W 383 18.56 34.12 -79.40
CA SER W 383 19.59 33.47 -78.63
C SER W 383 20.98 33.92 -79.06
N GLU W 384 21.17 34.12 -80.37
CA GLU W 384 22.45 34.62 -80.84
C GLU W 384 22.74 36.01 -80.28
N ASP W 385 21.72 36.87 -80.24
CA ASP W 385 21.90 38.18 -79.62
C ASP W 385 22.27 38.03 -78.15
N ILE W 386 21.61 37.11 -77.47
CA ILE W 386 21.92 36.89 -76.05
C ILE W 386 23.38 36.47 -75.89
N GLY W 387 23.88 35.63 -76.79
CA GLY W 387 25.25 35.15 -76.65
C GLY W 387 26.28 36.22 -76.97
N GLU W 388 26.00 37.03 -78.00
CA GLU W 388 26.87 38.17 -78.27
C GLU W 388 26.93 39.10 -77.08
N LEU W 389 25.76 39.39 -76.49
CA LEU W 389 25.73 40.18 -75.27
C LEU W 389 26.56 39.53 -74.17
N GLN W 390 26.46 38.21 -74.03
CA GLN W 390 27.23 37.51 -73.01
C GLN W 390 28.72 37.74 -73.20
N LYS W 391 29.23 37.47 -74.39
CA LYS W 391 30.67 37.58 -74.63
C LYS W 391 31.16 39.02 -74.46
N ASN W 392 30.49 39.97 -75.12
CA ASN W 392 30.92 41.35 -75.02
C ASN W 392 30.78 41.87 -73.60
N GLN W 393 29.78 41.39 -72.86
CA GLN W 393 29.59 41.87 -71.50
C GLN W 393 30.67 41.32 -70.58
N THR W 394 31.07 40.07 -70.79
CA THR W 394 32.23 39.55 -70.07
C THR W 394 33.46 40.39 -70.39
N THR W 395 33.59 40.82 -71.65
CA THR W 395 34.72 41.67 -72.02
C THR W 395 34.67 42.99 -71.27
N THR W 396 33.49 43.60 -71.20
CA THR W 396 33.35 44.87 -70.48
C THR W 396 33.63 44.68 -69.00
N MET W 397 33.16 43.58 -68.42
CA MET W 397 33.43 43.31 -67.01
C MET W 397 34.92 43.16 -66.78
N ALA W 398 35.63 42.52 -67.70
CA ALA W 398 37.07 42.38 -67.56
C ALA W 398 37.77 43.73 -67.66
N LYS W 399 37.30 44.59 -68.57
CA LYS W 399 37.86 45.94 -68.65
C LYS W 399 37.59 46.72 -67.37
N ILE W 400 36.45 46.46 -66.74
CA ILE W 400 36.08 47.11 -65.48
C ILE W 400 37.15 46.87 -64.43
N GLY W 401 37.64 45.63 -64.35
CA GLY W 401 38.68 45.35 -63.38
C GLY W 401 39.94 46.13 -63.64
N GLN W 402 40.34 46.24 -64.91
CA GLN W 402 41.50 47.04 -65.24
C GLN W 402 41.28 48.50 -64.85
N TYR W 403 40.06 48.99 -65.07
CA TYR W 403 39.75 50.35 -64.69
C TYR W 403 39.92 50.54 -63.19
N LYS W 404 39.40 49.61 -62.40
CA LYS W 404 39.51 49.73 -60.94
C LYS W 404 40.96 49.65 -60.49
N ARG W 405 41.73 48.74 -61.08
CA ARG W 405 43.12 48.59 -60.67
C ARG W 405 43.94 49.82 -61.01
N LYS W 406 43.84 50.29 -62.26
CA LYS W 406 44.59 51.48 -62.63
C LYS W 406 44.02 52.71 -61.91
N LEU W 407 42.77 52.64 -61.48
CA LEU W 407 42.21 53.69 -60.66
C LEU W 407 42.90 53.75 -59.31
N MET W 408 43.09 52.59 -58.68
CA MET W 408 43.82 52.55 -57.41
C MET W 408 45.26 53.00 -57.61
N GLU W 409 45.85 52.65 -58.75
CA GLU W 409 47.21 53.07 -59.03
C GLU W 409 47.30 54.59 -59.12
N LEU W 410 46.47 55.18 -59.97
CA LEU W 410 46.42 56.63 -60.06
C LEU W 410 46.08 57.26 -58.71
N SER W 411 45.26 56.60 -57.90
CA SER W 411 44.89 57.17 -56.62
C SER W 411 46.10 57.25 -55.69
N HIS W 412 46.87 56.17 -55.60
CA HIS W 412 48.06 56.21 -54.75
C HIS W 412 49.07 57.20 -55.30
N ARG W 413 49.15 57.32 -56.63
CA ARG W 413 50.10 58.27 -57.21
C ARG W 413 49.70 59.71 -56.93
N VAL W 414 48.42 60.03 -57.04
CA VAL W 414 47.94 61.36 -56.71
C VAL W 414 48.07 61.61 -55.21
N LEU W 415 47.93 60.54 -54.42
CA LEU W 415 48.16 60.66 -52.98
C LEU W 415 49.58 61.11 -52.70
N GLN W 416 50.56 60.41 -53.29
CA GLN W 416 51.95 60.83 -53.12
C GLN W 416 52.19 62.22 -53.72
N VAL W 417 51.42 62.59 -54.74
CA VAL W 417 51.54 63.92 -55.33
C VAL W 417 51.09 64.97 -54.33
N LEU W 418 49.97 64.73 -53.65
CA LEU W 418 49.52 65.64 -52.61
C LEU W 418 50.52 65.70 -51.47
N ILE W 419 51.12 64.55 -51.14
CA ILE W 419 52.12 64.52 -50.07
C ILE W 419 53.33 65.36 -50.44
N LYS W 420 53.73 65.31 -51.70
CA LYS W 420 54.89 66.09 -52.13
C LYS W 420 54.58 67.56 -52.30
N GLN W 421 53.33 67.92 -52.65
CA GLN W 421 52.98 69.33 -52.70
C GLN W 421 52.78 69.90 -51.30
N GLU W 422 52.48 69.06 -50.32
CA GLU W 422 52.42 69.51 -48.94
C GLU W 422 53.77 69.49 -48.24
N ILE W 423 54.73 68.73 -48.76
CA ILE W 423 56.07 68.74 -48.17
C ILE W 423 56.93 69.82 -48.81
N GLN W 424 56.74 70.09 -50.10
CA GLN W 424 57.64 70.98 -50.83
C GLN W 424 57.44 72.44 -50.44
N ARG W 425 56.24 72.97 -50.67
CA ARG W 425 56.03 74.41 -50.49
C ARG W 425 55.46 74.74 -49.12
N LYS W 426 54.72 73.80 -48.53
CA LYS W 426 54.17 74.04 -47.21
C LYS W 426 55.19 73.91 -46.08
N SER W 427 56.48 73.87 -46.40
CA SER W 427 57.49 73.87 -45.35
C SER W 427 57.78 75.32 -44.95
N GLY W 428 58.73 75.50 -44.03
CA GLY W 428 59.03 76.81 -43.51
C GLY W 428 57.86 77.42 -42.76
N PHE W 455 45.84 38.19 -36.23
CA PHE W 455 44.93 38.76 -37.22
C PHE W 455 45.21 38.20 -38.61
N LYS W 456 46.50 38.10 -38.95
CA LYS W 456 46.89 37.60 -40.27
C LYS W 456 46.63 36.11 -40.39
N GLY W 457 47.10 35.33 -39.43
CA GLY W 457 46.81 33.90 -39.44
C GLY W 457 45.32 33.65 -39.46
N ARG W 458 44.55 34.47 -38.73
CA ARG W 458 43.10 34.40 -38.85
C ARG W 458 42.66 34.66 -40.28
N LEU W 459 43.36 35.55 -40.98
CA LEU W 459 43.00 35.84 -42.37
C LEU W 459 43.26 34.64 -43.27
N ASN W 460 44.41 33.99 -43.10
CA ASN W 460 44.69 32.79 -43.87
C ASN W 460 43.69 31.69 -43.55
N GLU W 461 43.26 31.61 -42.29
CA GLU W 461 42.28 30.61 -41.90
C GLU W 461 40.93 30.88 -42.54
N LEU W 462 40.52 32.15 -42.57
CA LEU W 462 39.25 32.51 -43.20
C LEU W 462 39.31 32.30 -44.71
N MET W 463 40.46 32.57 -45.33
CA MET W 463 40.59 32.34 -46.77
C MET W 463 40.57 30.86 -47.10
N SER W 464 41.25 30.03 -46.30
CA SER W 464 41.15 28.58 -46.49
C SER W 464 39.74 28.09 -46.26
N GLN W 465 39.02 28.72 -45.33
CA GLN W 465 37.59 28.43 -45.17
C GLN W 465 36.83 28.76 -46.44
N ILE W 466 37.13 29.90 -47.06
CA ILE W 466 36.51 30.26 -48.33
C ILE W 466 36.82 29.20 -49.37
N ARG W 467 38.03 28.65 -49.32
CA ARG W 467 38.41 27.59 -50.26
C ARG W 467 37.57 26.34 -50.03
N MET W 468 37.40 25.94 -48.77
CA MET W 468 36.54 24.80 -48.46
C MET W 468 35.11 25.05 -48.91
N GLN W 469 34.64 26.28 -48.76
CA GLN W 469 33.29 26.63 -49.22
C GLN W 469 33.18 26.46 -50.73
N ASN W 470 33.99 27.20 -51.49
CA ASN W 470 33.94 27.09 -52.95
C ASN W 470 34.11 25.65 -53.39
N HIS W 471 34.82 24.84 -52.61
CA HIS W 471 34.82 23.41 -52.84
C HIS W 471 33.42 22.83 -52.70
N PHE W 472 32.83 22.97 -51.51
CA PHE W 472 31.57 22.28 -51.23
C PHE W 472 30.46 22.71 -52.17
N GLY W 473 30.49 23.97 -52.63
CA GLY W 473 29.53 24.42 -53.61
C GLY W 473 29.79 23.83 -54.99
N ALA W 474 31.04 23.46 -55.26
CA ALA W 474 31.39 22.88 -56.55
C ALA W 474 31.17 21.38 -56.53
N LEU W 488 11.88 19.83 -49.10
CA LEU W 488 11.50 20.86 -48.14
C LEU W 488 10.20 21.53 -48.55
N ARG W 489 9.15 20.73 -48.77
CA ARG W 489 7.92 21.27 -49.37
C ARG W 489 7.22 22.23 -48.42
N GLU W 490 7.30 21.97 -47.12
CA GLU W 490 6.63 22.84 -46.16
C GLU W 490 7.28 24.21 -46.07
N ILE W 491 8.62 24.24 -46.07
CA ILE W 491 9.35 25.43 -45.61
C ILE W 491 9.13 26.59 -46.57
N LYS W 492 8.99 26.31 -47.87
CA LYS W 492 8.77 27.36 -48.85
C LYS W 492 7.57 28.22 -48.48
N GLN W 493 6.55 27.62 -47.87
CA GLN W 493 5.38 28.39 -47.49
C GLN W 493 5.72 29.45 -46.44
N HIS W 494 6.25 29.03 -45.31
CA HIS W 494 6.61 29.98 -44.26
C HIS W 494 7.58 31.02 -44.77
N LEU W 495 8.49 30.62 -45.65
CA LEU W 495 9.46 31.58 -46.18
C LEU W 495 8.77 32.64 -47.04
N LYS W 496 7.87 32.21 -47.94
CA LYS W 496 7.13 33.17 -48.74
C LYS W 496 6.35 34.13 -47.86
N GLN W 497 5.73 33.58 -46.81
CA GLN W 497 5.03 34.44 -45.85
C GLN W 497 5.96 35.51 -45.29
N GLN W 498 7.06 35.09 -44.67
CA GLN W 498 7.94 36.05 -44.01
C GLN W 498 8.51 37.06 -45.01
N GLN W 499 8.78 36.60 -46.23
CA GLN W 499 9.35 37.50 -47.23
C GLN W 499 8.37 38.58 -47.63
N GLU W 500 7.15 38.18 -48.00
CA GLU W 500 6.13 39.17 -48.32
C GLU W 500 5.89 40.09 -47.13
N GLY W 501 6.05 39.57 -45.90
CA GLY W 501 5.83 40.41 -44.73
C GLY W 501 6.87 41.50 -44.58
N VAL W 502 8.15 41.11 -44.58
CA VAL W 502 9.22 42.09 -44.50
C VAL W 502 9.12 43.09 -45.65
N SER W 503 8.72 42.60 -46.84
CA SER W 503 8.55 43.50 -47.98
C SER W 503 7.45 44.52 -47.72
N HIS W 504 6.29 44.08 -47.23
CA HIS W 504 5.22 45.01 -46.93
C HIS W 504 5.65 46.02 -45.87
N LEU W 505 6.52 45.60 -44.94
CA LEU W 505 7.04 46.54 -43.96
C LEU W 505 7.93 47.58 -44.62
N ILE W 506 8.71 47.16 -45.63
CA ILE W 506 9.63 48.04 -46.35
C ILE W 506 8.90 49.28 -46.88
N SER W 507 7.69 49.08 -47.40
CA SER W 507 6.94 50.21 -47.93
C SER W 507 6.65 51.25 -46.85
N ILE W 508 6.51 50.82 -45.60
CA ILE W 508 6.25 51.77 -44.52
C ILE W 508 7.46 52.64 -44.26
N ILE W 509 8.66 52.03 -44.31
CA ILE W 509 9.89 52.81 -44.23
C ILE W 509 9.97 53.77 -45.41
N LYS W 510 9.57 53.31 -46.59
CA LYS W 510 9.59 54.18 -47.77
C LYS W 510 8.69 55.39 -47.56
N ASP W 511 7.50 55.17 -47.01
CA ASP W 511 6.57 56.28 -46.79
C ASP W 511 7.08 57.22 -45.71
N ASN W 512 7.65 56.68 -44.64
CA ASN W 512 8.26 57.54 -43.62
C ASN W 512 9.38 58.37 -44.23
N HIS W 513 10.16 57.79 -45.14
CA HIS W 513 11.21 58.54 -45.81
C HIS W 513 10.63 59.66 -46.66
N GLU W 514 9.55 59.36 -47.39
CA GLU W 514 8.93 60.38 -48.24
C GLU W 514 8.36 61.51 -47.41
N ASP W 515 7.76 61.19 -46.26
CA ASP W 515 7.24 62.23 -45.39
C ASP W 515 8.37 62.99 -44.70
N ILE W 516 9.54 62.35 -44.56
CA ILE W 516 10.72 63.06 -44.10
C ILE W 516 11.15 64.10 -45.12
N LYS W 517 11.26 63.68 -46.39
CA LYS W 517 11.58 64.62 -47.45
C LYS W 517 10.53 65.71 -47.57
N LEU W 518 9.29 65.41 -47.19
CA LEU W 518 8.25 66.44 -47.15
C LEU W 518 8.43 67.35 -45.94
N ILE W 519 8.99 66.81 -44.85
CA ILE W 519 9.31 67.65 -43.71
C ILE W 519 10.37 68.68 -44.08
N GLU W 520 11.52 68.20 -44.54
CA GLU W 520 12.58 69.09 -44.99
C GLU W 520 12.17 69.78 -46.29
N GLU X 359 -28.31 -4.23 -100.32
CA GLU X 359 -28.21 -3.26 -99.24
C GLU X 359 -26.88 -3.40 -98.49
N ASN X 360 -25.96 -4.16 -99.08
CA ASN X 360 -24.67 -4.39 -98.45
C ASN X 360 -23.76 -3.18 -98.60
N LEU X 361 -23.69 -2.63 -99.82
CA LEU X 361 -22.75 -1.56 -100.11
C LEU X 361 -23.08 -0.28 -99.34
N ILE X 362 -24.37 0.07 -99.31
CA ILE X 362 -24.78 1.32 -98.68
C ILE X 362 -24.42 1.34 -97.20
N ASN X 363 -24.57 0.20 -96.52
CA ASN X 363 -24.28 0.16 -95.09
C ASN X 363 -22.79 0.38 -94.84
N LYS X 364 -21.94 -0.26 -95.64
CA LYS X 364 -20.51 -0.04 -95.49
C LYS X 364 -20.15 1.41 -95.80
N TRP X 365 -20.83 2.02 -96.76
CA TRP X 365 -20.57 3.42 -97.09
C TRP X 365 -20.81 4.30 -95.89
N SER X 366 -21.99 4.20 -95.28
CA SER X 366 -22.32 5.01 -94.11
C SER X 366 -21.44 4.67 -92.92
N LEU X 367 -21.00 3.41 -92.84
CA LEU X 367 -20.15 3.01 -91.71
C LEU X 367 -18.79 3.67 -91.80
N GLU X 368 -18.14 3.57 -92.98
CA GLU X 368 -16.92 4.31 -93.20
C GLU X 368 -17.16 5.81 -93.04
N LEU X 369 -18.37 6.27 -93.38
CA LEU X 369 -18.71 7.68 -93.23
C LEU X 369 -18.60 8.10 -91.77
N GLU X 370 -19.33 7.43 -90.88
CA GLU X 370 -19.30 7.80 -89.46
C GLU X 370 -17.91 7.59 -88.87
N ASP X 371 -17.21 6.53 -89.28
CA ASP X 371 -15.88 6.27 -88.74
C ASP X 371 -14.91 7.40 -89.10
N GLN X 372 -14.68 7.59 -90.41
CA GLN X 372 -13.84 8.69 -90.86
C GLN X 372 -14.38 10.02 -90.37
N GLU X 373 -15.66 10.08 -90.01
CA GLU X 373 -16.24 11.29 -89.45
C GLU X 373 -15.60 11.62 -88.11
N LYS X 374 -15.73 10.70 -87.15
CA LYS X 374 -15.11 10.94 -85.85
C LYS X 374 -13.61 11.14 -86.01
N HIS X 375 -13.00 10.41 -86.94
CA HIS X 375 -11.55 10.51 -87.12
C HIS X 375 -11.15 11.90 -87.59
N PHE X 376 -11.74 12.36 -88.70
CA PHE X 376 -11.37 13.66 -89.25
C PHE X 376 -11.72 14.79 -88.30
N LEU X 377 -12.83 14.66 -87.57
CA LEU X 377 -13.18 15.70 -86.59
C LEU X 377 -12.10 15.81 -85.51
N GLN X 378 -11.70 14.67 -84.94
CA GLN X 378 -10.65 14.71 -83.93
C GLN X 378 -9.33 15.21 -84.53
N GLN X 379 -9.08 14.89 -85.80
CA GLN X 379 -7.84 15.36 -86.43
C GLN X 379 -7.84 16.87 -86.60
N ALA X 380 -8.98 17.44 -86.99
CA ALA X 380 -9.07 18.89 -87.09
C ALA X 380 -8.89 19.53 -85.73
N THR X 381 -9.48 18.94 -84.69
CA THR X 381 -9.26 19.44 -83.34
C THR X 381 -7.78 19.35 -82.97
N GLN X 382 -7.07 18.36 -83.51
CA GLN X 382 -5.65 18.22 -83.19
C GLN X 382 -4.83 19.31 -83.85
N VAL X 383 -5.10 19.57 -85.12
CA VAL X 383 -4.46 20.71 -85.78
C VAL X 383 -4.78 21.99 -85.03
N ASN X 384 -5.99 22.06 -84.48
CA ASN X 384 -6.38 23.27 -83.74
C ASN X 384 -5.56 23.43 -82.47
N ALA X 385 -5.40 22.35 -81.71
CA ALA X 385 -4.56 22.42 -80.51
C ALA X 385 -3.11 22.72 -80.89
N TRP X 386 -2.67 22.23 -82.04
CA TRP X 386 -1.33 22.57 -82.53
C TRP X 386 -1.20 24.08 -82.72
N ASP X 387 -2.14 24.69 -83.42
CA ASP X 387 -2.07 26.13 -83.64
C ASP X 387 -2.24 26.89 -82.32
N ARG X 388 -3.02 26.35 -81.40
CA ARG X 388 -3.22 26.99 -80.10
C ARG X 388 -1.94 26.98 -79.29
N THR X 389 -1.09 25.99 -79.52
CA THR X 389 0.24 26.03 -78.90
C THR X 389 1.18 26.92 -79.69
N LEU X 390 0.99 27.01 -81.01
CA LEU X 390 1.89 27.83 -81.82
C LEU X 390 1.78 29.30 -81.45
N MET X 391 0.56 29.83 -81.45
CA MET X 391 0.38 31.23 -81.07
C MET X 391 0.82 31.47 -79.63
N GLN X 392 0.59 30.48 -78.78
CA GLN X 392 0.96 30.61 -77.37
C GLN X 392 2.47 30.79 -77.23
N ASN X 393 3.25 29.92 -77.86
CA ASN X 393 4.70 30.09 -77.82
C ASN X 393 5.14 31.36 -78.54
N GLY X 394 4.39 31.76 -79.58
CA GLY X 394 4.76 32.96 -80.33
C GLY X 394 4.65 34.23 -79.52
N GLU X 395 3.67 34.30 -78.61
CA GLU X 395 3.54 35.48 -77.78
C GLU X 395 4.76 35.67 -76.88
N ARG X 396 5.13 34.63 -76.14
CA ARG X 396 6.35 34.69 -75.36
C ARG X 396 7.56 34.90 -76.26
N ILE X 397 7.48 34.47 -77.52
CA ILE X 397 8.56 34.76 -78.45
C ILE X 397 8.70 36.25 -78.66
N THR X 398 7.57 36.94 -78.84
CA THR X 398 7.61 38.39 -78.95
C THR X 398 8.20 38.99 -77.69
N THR X 399 7.76 38.50 -76.54
CA THR X 399 8.33 38.96 -75.27
C THR X 399 9.83 38.77 -75.21
N LEU X 400 10.32 37.65 -75.74
CA LEU X 400 11.74 37.36 -75.69
C LEU X 400 12.51 38.27 -76.63
N HIS X 401 11.94 38.55 -77.80
CA HIS X 401 12.58 39.52 -78.69
C HIS X 401 12.73 40.86 -77.99
N ARG X 402 11.67 41.30 -77.32
CA ARG X 402 11.72 42.53 -76.55
C ARG X 402 12.85 42.51 -75.54
N GLU X 403 12.83 41.52 -74.65
CA GLU X 403 13.80 41.49 -73.57
C GLU X 403 15.22 41.28 -74.08
N MET X 404 15.41 40.59 -75.20
CA MET X 404 16.74 40.39 -75.75
C MET X 404 17.28 41.69 -76.32
N GLU X 405 16.46 42.43 -77.07
CA GLU X 405 16.89 43.74 -77.51
C GLU X 405 17.28 44.63 -76.34
N LYS X 406 16.53 44.56 -75.24
CA LYS X 406 16.91 45.35 -74.07
C LYS X 406 18.25 44.90 -73.50
N VAL X 407 18.45 43.58 -73.39
CA VAL X 407 19.72 43.06 -72.92
C VAL X 407 20.85 43.56 -73.80
N LYS X 408 20.58 43.69 -75.09
CA LYS X 408 21.57 44.21 -76.00
C LYS X 408 21.91 45.66 -75.72
N LEU X 409 20.90 46.50 -75.51
CA LEU X 409 21.17 47.89 -75.17
C LEU X 409 21.99 47.96 -73.89
N ASP X 410 21.70 47.10 -72.93
CA ASP X 410 22.39 47.14 -71.64
C ASP X 410 23.85 46.71 -71.78
N GLN X 411 24.07 45.61 -72.48
CA GLN X 411 25.44 45.14 -72.70
C GLN X 411 26.25 46.15 -73.48
N LYS X 412 25.64 46.80 -74.47
CA LYS X 412 26.37 47.81 -75.25
C LYS X 412 26.78 48.98 -74.37
N ARG X 413 25.85 49.50 -73.56
CA ARG X 413 26.19 50.62 -72.69
C ARG X 413 27.29 50.21 -71.71
N LEU X 414 27.19 49.01 -71.15
CA LEU X 414 28.22 48.55 -70.23
C LEU X 414 29.57 48.41 -70.93
N ASP X 415 29.56 47.94 -72.18
CA ASP X 415 30.81 47.76 -72.92
C ASP X 415 31.48 49.10 -73.16
N GLN X 416 30.73 50.09 -73.64
CA GLN X 416 31.31 51.42 -73.80
C GLN X 416 31.78 51.98 -72.46
N GLU X 417 31.03 51.73 -71.38
CA GLU X 417 31.37 52.28 -70.08
C GLU X 417 32.68 51.70 -69.57
N LEU X 418 32.95 50.43 -69.86
CA LEU X 418 34.21 49.85 -69.43
C LEU X 418 35.41 50.44 -70.15
N ASP X 419 35.30 50.65 -71.46
CA ASP X 419 36.35 51.34 -72.19
C ASP X 419 36.50 52.77 -71.70
N PHE X 420 35.39 53.38 -71.27
CA PHE X 420 35.49 54.73 -70.71
C PHE X 420 36.25 54.74 -69.40
N ILE X 421 35.93 53.80 -68.50
CA ILE X 421 36.63 53.75 -67.22
C ILE X 421 38.08 53.35 -67.42
N LEU X 422 38.37 52.65 -68.52
CA LEU X 422 39.77 52.38 -68.84
C LEU X 422 40.46 53.63 -69.36
N SER X 423 39.77 54.42 -70.19
CA SER X 423 40.33 55.67 -70.65
C SER X 423 40.60 56.62 -69.49
N GLN X 424 39.75 56.55 -68.46
CA GLN X 424 40.00 57.35 -67.26
C GLN X 424 41.15 56.78 -66.45
N GLN X 425 41.19 55.46 -66.30
CA GLN X 425 42.32 54.79 -65.67
C GLN X 425 43.63 55.06 -66.41
N LYS X 426 43.55 55.56 -67.64
CA LYS X 426 44.74 55.97 -68.37
C LYS X 426 45.05 57.45 -68.15
N GLU X 427 44.07 58.31 -68.41
CA GLU X 427 44.25 59.75 -68.22
C GLU X 427 44.73 60.06 -66.79
N LEU X 428 44.27 59.29 -65.81
CA LEU X 428 44.66 59.53 -64.44
C LEU X 428 46.10 59.15 -64.15
N GLU X 429 46.62 58.11 -64.80
CA GLU X 429 48.05 57.86 -64.72
C GLU X 429 48.84 58.91 -65.47
N ASP X 430 48.26 59.44 -66.56
CA ASP X 430 48.90 60.55 -67.25
C ASP X 430 49.10 61.74 -66.33
N LEU X 431 48.07 62.10 -65.59
CA LEU X 431 48.22 63.18 -64.61
C LEU X 431 49.16 62.77 -63.49
N LEU X 432 49.13 61.51 -63.08
CA LEU X 432 50.05 61.03 -62.06
C LEU X 432 51.50 61.25 -62.46
N THR X 433 51.79 61.12 -63.75
CA THR X 433 53.16 61.30 -64.21
C THR X 433 53.64 62.74 -64.05
N PRO X 434 53.06 63.73 -64.72
CA PRO X 434 53.52 65.12 -64.49
C PRO X 434 53.43 65.52 -63.03
N LEU X 435 52.60 64.82 -62.26
CA LEU X 435 52.62 65.01 -60.81
C LEU X 435 53.98 64.64 -60.24
N GLU X 436 54.48 63.46 -60.61
CA GLU X 436 55.84 63.10 -60.19
C GLU X 436 56.86 64.07 -60.76
N GLU X 437 56.57 64.66 -61.93
CA GLU X 437 57.49 65.63 -62.51
C GLU X 437 57.60 66.89 -61.66
N SER X 438 56.45 67.42 -61.23
CA SER X 438 56.46 68.58 -60.35
C SER X 438 57.05 68.25 -58.98
N VAL X 439 56.79 67.03 -58.47
CA VAL X 439 57.42 66.60 -57.23
C VAL X 439 58.94 66.55 -57.40
N LYS X 440 59.40 66.13 -58.58
CA LYS X 440 60.82 66.09 -58.84
C LYS X 440 61.41 67.49 -58.90
N GLU X 441 60.67 68.42 -59.49
CA GLU X 441 61.12 69.84 -59.59
C GLU X 441 61.20 70.40 -58.16
N GLN X 442 60.10 70.29 -57.40
CA GLN X 442 60.04 70.79 -56.00
C GLN X 442 61.07 70.01 -55.17
N SER X 443 61.17 68.69 -55.39
CA SER X 443 62.13 67.84 -54.64
C SER X 443 63.55 68.32 -54.96
N GLY X 444 63.83 68.63 -56.24
CA GLY X 444 65.15 69.12 -56.66
C GLY X 444 65.47 70.45 -55.99
N THR X 445 64.47 71.33 -55.91
CA THR X 445 64.66 72.66 -55.26
C THR X 445 64.98 72.43 -53.78
N ILE X 446 64.29 71.48 -53.15
CA ILE X 446 64.51 71.15 -51.71
C ILE X 446 65.95 70.64 -51.53
N TYR X 447 66.41 69.79 -52.46
CA TYR X 447 67.80 69.25 -52.41
C TYR X 447 68.79 70.40 -52.53
N LEU X 448 68.50 71.35 -53.44
CA LEU X 448 69.36 72.54 -53.68
C LEU X 448 69.43 73.39 -52.41
N GLN X 449 68.31 73.52 -51.69
CA GLN X 449 68.26 74.33 -50.45
C GLN X 449 68.86 73.57 -49.25
N LYS X 457 58.16 54.96 -36.84
CA LYS X 457 58.00 53.57 -36.34
C LYS X 457 56.49 53.27 -36.18
N THR X 458 55.82 54.02 -35.31
CA THR X 458 54.36 53.82 -35.06
C THR X 458 53.59 54.10 -36.35
N TYR X 459 53.98 55.16 -37.08
CA TYR X 459 53.31 55.52 -38.35
C TYR X 459 53.50 54.38 -39.37
N LYS X 460 54.70 53.80 -39.41
CA LYS X 460 55.01 52.67 -40.33
C LYS X 460 54.22 51.43 -39.88
N LEU X 461 54.48 50.97 -38.65
CA LEU X 461 53.80 49.80 -38.11
C LEU X 461 52.29 49.93 -38.26
N ALA X 462 51.78 51.16 -38.11
CA ALA X 462 50.35 51.41 -38.22
C ALA X 462 49.89 51.32 -39.67
N GLU X 463 50.63 51.91 -40.60
CA GLU X 463 50.26 51.81 -42.01
C GLU X 463 50.37 50.38 -42.51
N ASN X 464 51.25 49.59 -41.91
CA ASN X 464 51.37 48.19 -42.26
C ASN X 464 50.16 47.40 -41.77
N ILE X 465 49.79 47.58 -40.49
CA ILE X 465 48.54 47.01 -40.00
C ILE X 465 47.37 47.50 -40.85
N ASP X 466 47.50 48.69 -41.45
CA ASP X 466 46.42 49.22 -42.28
C ASP X 466 46.29 48.46 -43.59
N ALA X 467 47.40 48.29 -44.29
CA ALA X 467 47.40 47.43 -45.47
C ALA X 467 46.95 46.03 -45.10
N GLN X 468 47.27 45.59 -43.89
CA GLN X 468 46.83 44.29 -43.41
C GLN X 468 45.31 44.23 -43.33
N LEU X 469 44.70 45.24 -42.70
CA LEU X 469 43.25 45.29 -42.60
C LEU X 469 42.60 45.38 -43.97
N LYS X 470 43.22 46.12 -44.89
CA LYS X 470 42.67 46.22 -46.23
C LYS X 470 42.67 44.87 -46.94
N ARG X 471 43.80 44.17 -46.90
CA ARG X 471 43.86 42.84 -47.49
C ARG X 471 42.91 41.88 -46.79
N MET X 472 42.72 42.05 -45.49
CA MET X 472 41.78 41.20 -44.76
C MET X 472 40.35 41.44 -45.21
N ALA X 473 40.00 42.70 -45.44
CA ALA X 473 38.70 43.00 -46.02
C ALA X 473 38.56 42.38 -47.39
N GLN X 474 39.65 42.36 -48.17
CA GLN X 474 39.63 41.65 -49.45
C GLN X 474 39.29 40.18 -49.26
N ASP X 475 39.93 39.55 -48.27
CA ASP X 475 39.67 38.15 -47.99
C ASP X 475 38.22 37.93 -47.55
N LEU X 476 37.70 38.81 -46.70
CA LEU X 476 36.33 38.67 -46.22
C LEU X 476 35.34 38.81 -47.36
N LYS X 477 35.57 39.78 -48.25
CA LYS X 477 34.73 39.89 -49.43
C LYS X 477 34.84 38.65 -50.31
N GLU X 478 36.03 38.05 -50.36
CA GLU X 478 36.18 36.80 -51.10
C GLU X 478 35.31 35.70 -50.51
N VAL X 479 35.28 35.59 -49.18
CA VAL X 479 34.46 34.58 -48.51
C VAL X 479 32.99 34.86 -48.77
N ILE X 480 32.62 36.15 -48.76
CA ILE X 480 31.23 36.51 -49.07
C ILE X 480 30.87 36.09 -50.48
N GLU X 481 31.78 36.31 -51.43
CA GLU X 481 31.56 35.88 -52.80
C GLU X 481 31.39 34.37 -52.88
N HIS X 482 32.18 33.63 -52.09
CA HIS X 482 32.01 32.18 -52.04
C HIS X 482 30.61 31.82 -51.56
N LEU X 483 30.17 32.45 -50.47
CA LEU X 483 28.83 32.21 -49.96
C LEU X 483 27.77 32.54 -51.01
N ASN X 484 28.02 33.57 -51.81
CA ASN X 484 27.06 33.99 -52.82
C ASN X 484 26.97 32.97 -53.94
N THR X 485 28.13 32.53 -54.45
CA THR X 485 28.14 31.47 -55.45
C THR X 485 27.53 30.19 -54.91
N SER X 486 27.54 30.03 -53.58
CA SER X 486 26.88 28.88 -52.97
C SER X 486 25.36 29.01 -53.03
N ALA X 487 24.85 30.23 -53.03
CA ALA X 487 23.41 30.46 -53.01
C ALA X 487 22.74 29.93 -54.28
N ASN X 494 19.78 20.99 -53.48
CA ASN X 494 18.79 20.77 -52.44
C ASN X 494 18.18 22.08 -51.95
N PRO X 495 17.05 21.99 -51.26
CA PRO X 495 16.36 23.22 -50.82
C PRO X 495 17.00 23.83 -49.58
N LEU X 496 17.91 23.12 -48.91
CA LEU X 496 18.59 23.69 -47.76
C LEU X 496 19.38 24.94 -48.15
N GLN X 497 20.26 24.82 -49.14
CA GLN X 497 20.94 25.99 -49.67
C GLN X 497 19.96 27.01 -50.23
N GLN X 498 18.87 26.54 -50.84
CA GLN X 498 17.82 27.47 -51.26
C GLN X 498 17.22 28.18 -50.06
N ILE X 499 17.11 27.48 -48.92
CA ILE X 499 16.66 28.13 -47.70
C ILE X 499 17.64 29.20 -47.27
N CYS X 500 18.94 28.92 -47.37
CA CYS X 500 19.96 29.92 -47.07
C CYS X 500 19.78 31.14 -47.96
N LYS X 501 19.64 30.93 -49.27
CA LYS X 501 19.47 32.04 -50.20
C LYS X 501 18.18 32.81 -49.93
N ILE X 502 17.12 32.11 -49.53
CA ILE X 502 15.86 32.79 -49.25
C ILE X 502 16.00 33.66 -48.01
N LEU X 503 16.64 33.13 -46.96
CA LEU X 503 16.96 33.97 -45.81
C LEU X 503 17.81 35.15 -46.22
N ASN X 504 18.70 34.93 -47.18
CA ASN X 504 19.54 36.01 -47.67
C ASN X 504 18.69 37.15 -48.23
N ALA X 505 17.84 36.83 -49.20
CA ALA X 505 17.01 37.87 -49.80
C ALA X 505 16.11 38.53 -48.77
N HIS X 506 15.55 37.74 -47.86
CA HIS X 506 14.61 38.30 -46.88
C HIS X 506 15.32 39.28 -45.96
N MET X 507 16.47 38.89 -45.42
CA MET X 507 17.18 39.78 -44.51
C MET X 507 17.79 40.96 -45.26
N ASP X 508 18.09 40.79 -46.54
CA ASP X 508 18.64 41.88 -47.33
C ASP X 508 17.61 42.97 -47.52
N SER X 509 16.40 42.60 -47.92
CA SER X 509 15.31 43.58 -47.92
C SER X 509 15.02 44.08 -46.51
N LEU X 510 15.21 43.22 -45.51
CA LEU X 510 14.84 43.55 -44.13
C LEU X 510 15.68 44.70 -43.59
N GLN X 511 16.99 44.60 -43.69
CA GLN X 511 17.91 45.61 -43.19
C GLN X 511 17.57 46.99 -43.76
N TRP X 512 17.45 47.07 -45.08
CA TRP X 512 17.12 48.28 -45.82
C TRP X 512 15.88 48.98 -45.29
N ILE X 513 14.86 48.21 -44.90
CA ILE X 513 13.60 48.82 -44.49
C ILE X 513 13.79 49.62 -43.21
N ASP X 514 14.14 48.95 -42.11
CA ASP X 514 14.38 49.67 -40.86
C ASP X 514 15.44 50.74 -41.04
N GLN X 515 16.40 50.52 -41.94
CA GLN X 515 17.40 51.55 -42.24
C GLN X 515 16.73 52.80 -42.77
N ASN X 516 15.87 52.65 -43.79
CA ASN X 516 15.21 53.80 -44.38
C ASN X 516 14.28 54.47 -43.39
N SER X 517 13.67 53.69 -42.49
CA SER X 517 12.81 54.28 -41.47
C SER X 517 13.63 55.12 -40.49
N ALA X 518 14.77 54.61 -40.05
CA ALA X 518 15.64 55.37 -39.18
C ALA X 518 16.12 56.65 -39.85
N LEU X 519 16.53 56.55 -41.12
CA LEU X 519 16.92 57.73 -41.87
C LEU X 519 15.75 58.70 -42.00
N LEU X 520 14.55 58.17 -42.16
CA LEU X 520 13.36 59.02 -42.24
C LEU X 520 13.18 59.83 -40.97
N GLN X 521 13.21 59.15 -39.82
CA GLN X 521 13.03 59.85 -38.56
C GLN X 521 14.17 60.85 -38.32
N ARG X 522 15.38 60.52 -38.78
CA ARG X 522 16.49 61.45 -38.66
C ARG X 522 16.23 62.72 -39.46
N LYS X 523 15.87 62.57 -40.73
CA LYS X 523 15.57 63.73 -41.55
C LYS X 523 14.40 64.53 -40.97
N VAL X 524 13.43 63.84 -40.36
CA VAL X 524 12.28 64.52 -39.77
C VAL X 524 12.71 65.37 -38.59
N GLU X 525 13.46 64.78 -37.65
CA GLU X 525 13.87 65.53 -36.46
C GLU X 525 14.86 66.63 -36.81
N GLN X 526 15.62 66.44 -37.90
CA GLN X 526 16.51 67.51 -38.36
C GLN X 526 15.72 68.75 -38.75
N VAL X 527 14.55 68.56 -39.35
CA VAL X 527 13.67 69.64 -39.77
C VAL X 527 14.44 70.66 -40.62
N PRO Y 282 -30.86 -1.22 -112.80
CA PRO Y 282 -29.97 -1.32 -111.64
C PRO Y 282 -28.56 -0.83 -111.96
N GLN Y 283 -28.25 -0.67 -113.25
CA GLN Y 283 -26.97 -0.13 -113.67
C GLN Y 283 -26.71 1.24 -113.04
N LEU Y 284 -27.75 2.07 -112.96
CA LEU Y 284 -27.61 3.38 -112.33
C LEU Y 284 -27.32 3.25 -110.85
N LEU Y 285 -28.08 2.41 -110.14
CA LEU Y 285 -27.83 2.19 -108.72
C LEU Y 285 -26.49 1.51 -108.50
N CYS Y 286 -26.12 0.56 -109.36
CA CYS Y 286 -24.88 -0.21 -109.22
C CYS Y 286 -23.66 0.54 -109.74
N GLN Y 287 -23.87 1.71 -110.33
CA GLN Y 287 -22.76 2.61 -110.59
C GLN Y 287 -22.73 3.72 -109.55
N ASP Y 288 -23.90 4.06 -109.00
CA ASP Y 288 -23.96 5.08 -107.97
C ASP Y 288 -23.30 4.61 -106.69
N VAL Y 289 -23.51 3.34 -106.33
CA VAL Y 289 -22.83 2.81 -105.16
C VAL Y 289 -21.32 2.82 -105.36
N GLU Y 290 -20.85 2.60 -106.59
CA GLU Y 290 -19.42 2.61 -106.85
C GLU Y 290 -18.86 4.04 -106.79
N ASN Y 291 -19.55 4.99 -107.41
CA ASN Y 291 -19.12 6.37 -107.34
C ASN Y 291 -19.12 6.87 -105.90
N PHE Y 292 -20.12 6.46 -105.12
CA PHE Y 292 -20.21 6.88 -103.73
C PHE Y 292 -19.06 6.31 -102.92
N GLN Y 293 -18.82 5.00 -103.03
CA GLN Y 293 -17.69 4.41 -102.34
C GLN Y 293 -16.38 5.03 -102.79
N LYS Y 294 -16.30 5.42 -104.05
CA LYS Y 294 -15.09 6.07 -104.56
C LYS Y 294 -14.84 7.38 -103.84
N PHE Y 295 -15.84 8.26 -103.83
CA PHE Y 295 -15.70 9.54 -103.15
C PHE Y 295 -15.43 9.34 -101.65
N VAL Y 296 -16.10 8.38 -101.03
CA VAL Y 296 -15.99 8.20 -99.58
C VAL Y 296 -14.59 7.70 -99.23
N LYS Y 297 -14.11 6.69 -99.95
CA LYS Y 297 -12.75 6.21 -99.73
C LYS Y 297 -11.72 7.26 -100.12
N GLU Y 298 -12.08 8.14 -101.06
CA GLU Y 298 -11.18 9.24 -101.40
C GLU Y 298 -11.00 10.19 -100.22
N GLN Y 299 -12.11 10.57 -99.59
CA GLN Y 299 -12.01 11.37 -98.37
C GLN Y 299 -11.27 10.60 -97.28
N LYS Y 300 -11.46 9.29 -97.21
CA LYS Y 300 -10.71 8.49 -96.25
C LYS Y 300 -9.21 8.56 -96.54
N GLN Y 301 -8.85 8.65 -97.82
CA GLN Y 301 -7.44 8.84 -98.16
C GLN Y 301 -6.91 10.13 -97.55
N VAL Y 302 -7.72 11.18 -97.57
CA VAL Y 302 -7.31 12.43 -96.93
C VAL Y 302 -7.17 12.24 -95.43
N GLN Y 303 -8.10 11.48 -94.84
CA GLN Y 303 -7.99 11.15 -93.42
C GLN Y 303 -6.66 10.47 -93.13
N GLU Y 304 -6.24 9.55 -94.01
CA GLU Y 304 -4.97 8.86 -93.82
C GLU Y 304 -3.80 9.81 -94.00
N GLU Y 305 -3.89 10.72 -94.97
CA GLU Y 305 -2.83 11.72 -95.15
C GLU Y 305 -2.63 12.54 -93.88
N ILE Y 306 -3.73 13.09 -93.35
CA ILE Y 306 -3.64 13.87 -92.13
C ILE Y 306 -3.20 12.98 -90.96
N SER Y 307 -3.47 11.68 -91.03
CA SER Y 307 -2.95 10.77 -90.03
C SER Y 307 -1.45 10.58 -90.17
N ARG Y 308 -0.92 10.78 -91.38
CA ARG Y 308 0.51 10.62 -91.62
C ARG Y 308 1.28 11.87 -91.24
N MET Y 309 0.61 13.03 -91.28
CA MET Y 309 1.32 14.30 -91.13
C MET Y 309 1.78 14.57 -89.69
N SER Y 310 1.29 13.81 -88.70
CA SER Y 310 1.42 14.17 -87.29
C SER Y 310 2.80 14.70 -86.89
N SER Y 311 2.83 15.73 -86.04
CA SER Y 311 4.00 16.58 -85.86
C SER Y 311 4.71 16.28 -84.54
N LYS Y 312 6.01 16.55 -84.52
CA LYS Y 312 6.82 16.48 -83.31
C LYS Y 312 7.63 17.73 -83.03
N ALA Y 313 8.08 18.48 -84.04
CA ALA Y 313 8.84 19.70 -83.80
C ALA Y 313 8.02 20.68 -82.97
N MET Y 314 6.69 20.61 -83.07
CA MET Y 314 5.86 21.42 -82.19
C MET Y 314 6.10 21.09 -80.73
N LEU Y 315 6.41 19.82 -80.44
CA LEU Y 315 6.80 19.48 -79.07
C LEU Y 315 8.18 20.01 -78.74
N LYS Y 316 9.02 20.21 -79.76
CA LYS Y 316 10.34 20.78 -79.50
C LYS Y 316 10.24 22.27 -79.20
N VAL Y 317 9.27 22.94 -79.83
CA VAL Y 317 9.22 24.40 -79.77
C VAL Y 317 9.12 24.88 -78.33
N GLN Y 318 8.06 24.48 -77.62
CA GLN Y 318 7.82 24.97 -76.27
C GLN Y 318 9.05 24.80 -75.39
N GLU Y 319 9.74 23.66 -75.51
CA GLU Y 319 10.94 23.46 -74.71
C GLU Y 319 12.04 24.42 -75.13
N ASP Y 320 12.18 24.66 -76.44
CA ASP Y 320 13.19 25.60 -76.90
C ASP Y 320 12.93 27.01 -76.38
N ILE Y 321 11.66 27.41 -76.41
CA ILE Y 321 11.27 28.72 -75.90
C ILE Y 321 11.58 28.81 -74.41
N LYS Y 322 11.23 27.78 -73.66
CA LYS Y 322 11.53 27.77 -72.23
C LYS Y 322 13.04 27.85 -72.00
N ALA Y 323 13.83 27.24 -72.89
CA ALA Y 323 15.29 27.30 -72.75
C ALA Y 323 15.79 28.71 -73.01
N LEU Y 324 15.28 29.34 -74.06
CA LEU Y 324 15.62 30.73 -74.34
C LEU Y 324 15.25 31.63 -73.17
N LYS Y 325 14.19 31.28 -72.44
CA LYS Y 325 13.79 32.09 -71.30
C LYS Y 325 14.89 32.12 -70.24
N GLN Y 326 15.35 30.95 -69.80
CA GLN Y 326 16.41 30.91 -68.80
C GLN Y 326 17.69 31.51 -69.35
N LEU Y 327 17.92 31.37 -70.66
CA LEU Y 327 19.07 32.02 -71.27
C LEU Y 327 19.01 33.53 -71.09
N LEU Y 328 17.87 34.13 -71.42
CA LEU Y 328 17.76 35.59 -71.35
C LEU Y 328 17.85 36.06 -69.91
N SER Y 329 17.26 35.33 -68.98
CA SER Y 329 17.35 35.74 -67.58
C SER Y 329 18.78 35.62 -67.06
N VAL Y 330 19.52 34.60 -67.50
CA VAL Y 330 20.91 34.46 -67.11
C VAL Y 330 21.73 35.64 -67.61
N ALA Y 331 21.55 35.98 -68.90
CA ALA Y 331 22.25 37.14 -69.45
C ALA Y 331 21.86 38.41 -68.71
N SER Y 332 20.59 38.50 -68.30
CA SER Y 332 20.15 39.62 -67.48
C SER Y 332 20.94 39.71 -66.21
N SER Y 333 21.04 38.59 -65.48
CA SER Y 333 21.80 38.59 -64.23
C SER Y 333 23.26 38.97 -64.46
N GLY Y 334 23.83 38.53 -65.57
CA GLY Y 334 25.23 38.85 -65.86
C GLY Y 334 25.45 40.33 -66.10
N LEU Y 335 24.63 40.93 -66.98
CA LEU Y 335 24.72 42.38 -67.15
C LEU Y 335 24.44 43.10 -65.83
N GLN Y 336 23.56 42.52 -64.99
CA GLN Y 336 23.23 43.14 -63.72
C GLN Y 336 24.46 43.22 -62.82
N ARG Y 337 25.23 42.13 -62.77
CA ARG Y 337 26.44 42.15 -61.96
C ARG Y 337 27.53 43.01 -62.60
N ASN Y 338 27.50 43.17 -63.93
CA ASN Y 338 28.45 44.10 -64.55
C ASN Y 338 28.11 45.54 -64.22
N ALA Y 339 26.84 45.84 -63.98
CA ALA Y 339 26.43 47.20 -63.68
C ALA Y 339 27.13 47.73 -62.43
N LEU Y 340 26.99 47.01 -61.31
CA LEU Y 340 27.62 47.47 -60.07
C LEU Y 340 29.12 47.53 -60.19
N ALA Y 341 29.71 46.66 -61.02
CA ALA Y 341 31.15 46.73 -61.23
C ALA Y 341 31.53 48.05 -61.89
N ILE Y 342 30.84 48.40 -62.97
CA ILE Y 342 31.08 49.69 -63.61
C ILE Y 342 30.87 50.83 -62.61
N ASP Y 343 29.87 50.69 -61.74
CA ASP Y 343 29.55 51.76 -60.80
C ASP Y 343 30.70 51.98 -59.81
N LYS Y 344 31.13 50.92 -59.13
CA LYS Y 344 32.22 51.08 -58.17
C LYS Y 344 33.50 51.53 -58.86
N LEU Y 345 33.75 51.03 -60.07
CA LEU Y 345 34.93 51.45 -60.80
C LEU Y 345 34.90 52.95 -61.06
N LYS Y 346 33.75 53.46 -61.53
CA LYS Y 346 33.63 54.89 -61.77
C LYS Y 346 33.74 55.69 -60.48
N ILE Y 347 33.29 55.11 -59.37
CA ILE Y 347 33.43 55.80 -58.08
C ILE Y 347 34.91 55.98 -57.74
N GLU Y 348 35.70 54.91 -57.86
CA GLU Y 348 37.13 55.04 -57.63
C GLU Y 348 37.77 56.01 -58.61
N THR Y 349 37.31 56.00 -59.87
CA THR Y 349 37.84 56.92 -60.86
C THR Y 349 37.55 58.37 -60.50
N ALA Y 350 36.35 58.64 -59.99
CA ALA Y 350 36.01 59.99 -59.57
C ALA Y 350 36.81 60.41 -58.34
N GLU Y 351 37.05 59.49 -57.42
CA GLU Y 351 37.91 59.79 -56.28
C GLU Y 351 39.32 60.17 -56.74
N GLU Y 352 39.86 59.41 -57.70
CA GLU Y 352 41.18 59.74 -58.22
C GLU Y 352 41.18 61.08 -58.95
N LEU Y 353 40.12 61.35 -59.73
CA LEU Y 353 40.05 62.62 -60.46
C LEU Y 353 39.96 63.81 -59.50
N LYS Y 354 39.24 63.64 -58.39
CA LYS Y 354 39.14 64.71 -57.40
C LYS Y 354 40.50 64.94 -56.74
N ASN Y 355 41.15 63.87 -56.30
CA ASN Y 355 42.51 64.01 -55.77
C ASN Y 355 43.42 64.69 -56.79
N ALA Y 356 43.21 64.40 -58.08
CA ALA Y 356 44.08 64.96 -59.12
C ALA Y 356 43.84 66.45 -59.30
N GLU Y 357 42.58 66.88 -59.31
CA GLU Y 357 42.29 68.31 -59.38
C GLU Y 357 42.86 69.02 -58.17
N ILE Y 358 42.72 68.42 -56.98
CA ILE Y 358 43.28 69.02 -55.77
C ILE Y 358 44.80 69.16 -55.90
N ALA Y 359 45.46 68.12 -56.41
CA ALA Y 359 46.91 68.16 -56.52
C ALA Y 359 47.36 69.17 -57.57
N LEU Y 360 46.63 69.28 -58.68
CA LEU Y 360 46.93 70.32 -59.65
C LEU Y 360 46.83 71.70 -59.03
N ARG Y 361 45.80 71.91 -58.20
CA ARG Y 361 45.68 73.19 -57.51
C ARG Y 361 46.85 73.40 -56.55
N THR Y 362 47.27 72.34 -55.86
CA THR Y 362 48.40 72.46 -54.93
C THR Y 362 49.69 72.77 -55.67
N GLN Y 363 49.85 72.23 -56.87
CA GLN Y 363 51.00 72.58 -57.69
C GLN Y 363 50.94 74.03 -58.13
N LYS Y 364 49.74 74.47 -58.52
CA LYS Y 364 49.52 75.87 -58.96
C LYS Y 364 50.00 76.82 -57.86
N THR Y 365 49.45 76.66 -56.65
CA THR Y 365 49.83 77.52 -55.50
C THR Y 365 51.31 77.32 -55.18
N PRO Y 366 51.84 76.08 -55.22
CA PRO Y 366 53.26 75.87 -54.94
C PRO Y 366 54.14 76.59 -55.97
N PRO Y 367 53.76 76.58 -57.27
CA PRO Y 367 54.57 77.27 -58.29
C PRO Y 367 54.80 78.74 -57.92
N ASN Y 373 54.45 70.21 -42.69
CA ASN Y 373 54.38 68.76 -42.67
C ASN Y 373 53.22 68.27 -41.80
N THR Y 374 52.45 69.23 -41.28
CA THR Y 374 51.36 68.88 -40.36
C THR Y 374 50.25 68.11 -41.07
N ALA Y 375 49.88 68.56 -42.28
CA ALA Y 375 48.87 67.84 -43.06
C ALA Y 375 49.28 66.39 -43.33
N PRO Y 376 50.54 66.09 -43.66
CA PRO Y 376 50.89 64.68 -43.95
C PRO Y 376 50.77 63.78 -42.74
N ALA Y 377 51.24 64.22 -41.58
CA ALA Y 377 51.11 63.41 -40.38
C ALA Y 377 49.64 63.27 -39.98
N ASP Y 378 48.84 64.31 -40.21
CA ASP Y 378 47.40 64.18 -40.00
C ASP Y 378 46.82 63.08 -40.89
N TYR Y 379 47.23 63.06 -42.16
CA TYR Y 379 46.75 62.03 -43.07
C TYR Y 379 47.18 60.64 -42.62
N PHE Y 380 48.42 60.51 -42.13
CA PHE Y 380 48.89 59.21 -41.67
C PHE Y 380 48.11 58.75 -40.44
N HIS Y 381 47.82 59.67 -39.53
CA HIS Y 381 47.01 59.34 -38.36
C HIS Y 381 45.63 58.83 -38.78
N THR Y 382 44.96 59.56 -39.68
CA THR Y 382 43.64 59.10 -40.15
C THR Y 382 43.74 57.76 -40.86
N LEU Y 383 44.82 57.54 -41.61
CA LEU Y 383 45.02 56.27 -42.28
C LEU Y 383 45.05 55.13 -41.27
N VAL Y 384 45.84 55.29 -40.21
CA VAL Y 384 45.85 54.27 -39.16
C VAL Y 384 44.46 54.12 -38.55
N GLN Y 385 43.77 55.24 -38.37
CA GLN Y 385 42.48 55.23 -37.69
C GLN Y 385 41.47 54.36 -38.44
N GLN Y 386 41.34 54.60 -39.75
CA GLN Y 386 40.39 53.86 -40.57
C GLN Y 386 40.58 52.36 -40.39
N PHE Y 387 41.82 51.89 -40.53
CA PHE Y 387 42.08 50.45 -40.52
C PHE Y 387 41.97 49.86 -39.13
N GLU Y 388 42.04 50.69 -38.09
CA GLU Y 388 41.69 50.20 -36.75
C GLU Y 388 40.38 49.43 -36.76
N VAL Y 389 39.35 50.00 -37.39
CA VAL Y 389 38.04 49.35 -37.41
C VAL Y 389 38.01 48.22 -38.43
N GLN Y 390 38.85 48.31 -39.47
CA GLN Y 390 38.80 47.30 -40.54
C GLN Y 390 39.42 45.98 -40.08
N LEU Y 391 40.46 46.04 -39.24
CA LEU Y 391 40.96 44.81 -38.63
C LEU Y 391 39.89 44.16 -37.76
N GLN Y 392 39.09 44.97 -37.06
CA GLN Y 392 37.98 44.43 -36.30
C GLN Y 392 36.93 43.79 -37.21
N GLN Y 393 36.61 44.45 -38.32
CA GLN Y 393 35.69 43.86 -39.29
C GLN Y 393 36.23 42.53 -39.78
N TYR Y 394 37.54 42.43 -39.98
CA TYR Y 394 38.14 41.16 -40.36
C TYR Y 394 37.93 40.12 -39.27
N ARG Y 395 38.17 40.51 -38.02
CA ARG Y 395 37.95 39.59 -36.91
C ARG Y 395 36.53 39.05 -36.91
N GLN Y 396 35.56 39.94 -37.13
CA GLN Y 396 34.16 39.52 -37.08
C GLN Y 396 33.80 38.64 -38.27
N GLN Y 397 34.27 39.02 -39.46
CA GLN Y 397 34.07 38.18 -40.63
C GLN Y 397 34.68 36.81 -40.42
N ILE Y 398 35.82 36.73 -39.76
CA ILE Y 398 36.51 35.45 -39.60
C ILE Y 398 35.77 34.59 -38.60
N GLU Y 399 35.33 35.17 -37.49
CA GLU Y 399 34.48 34.42 -36.56
C GLU Y 399 33.21 33.95 -37.25
N GLU Y 400 32.63 34.80 -38.09
CA GLU Y 400 31.42 34.44 -38.82
C GLU Y 400 31.66 33.32 -39.80
N LEU Y 401 32.82 33.32 -40.46
CA LEU Y 401 33.10 32.29 -41.46
C LEU Y 401 33.38 30.95 -40.80
N GLU Y 402 34.21 30.95 -39.77
CA GLU Y 402 34.42 29.72 -39.01
C GLU Y 402 33.09 29.18 -38.47
N ASN Y 403 32.19 30.07 -38.04
CA ASN Y 403 30.90 29.60 -37.55
C ASN Y 403 30.05 29.04 -38.67
N HIS Y 404 30.06 29.68 -39.84
CA HIS Y 404 29.30 29.16 -40.97
C HIS Y 404 29.83 27.80 -41.38
N LEU Y 405 31.14 27.60 -41.25
CA LEU Y 405 31.70 26.29 -41.54
C LEU Y 405 31.28 25.28 -40.49
N ALA Y 406 31.21 25.71 -39.23
CA ALA Y 406 30.64 24.86 -38.19
C ALA Y 406 29.24 24.42 -38.57
N THR Y 407 28.42 25.36 -39.03
CA THR Y 407 27.07 25.02 -39.46
C THR Y 407 27.10 24.06 -40.63
N GLN Y 408 27.96 24.31 -41.61
CA GLN Y 408 28.08 23.45 -42.77
C GLN Y 408 28.44 22.03 -42.37
N SER Y 409 29.14 21.87 -41.25
CA SER Y 409 29.38 20.53 -40.71
C SER Y 409 28.05 19.85 -40.37
N ASN Y 410 27.18 20.53 -39.64
CA ASN Y 410 25.86 19.97 -39.36
C ASN Y 410 25.04 19.83 -40.64
N THR Y 411 25.39 20.60 -41.66
CA THR Y 411 24.63 20.59 -42.91
C THR Y 411 24.67 19.23 -43.58
N LEU Y 412 23.52 18.54 -43.55
CA LEU Y 412 23.31 17.20 -44.14
C LEU Y 412 21.81 16.91 -44.13
N HIS Y 413 21.22 16.87 -42.93
CA HIS Y 413 19.77 16.63 -42.72
C HIS Y 413 19.42 16.99 -41.27
N LEU Y 414 20.34 16.69 -40.34
CA LEU Y 414 20.51 17.46 -39.08
C LEU Y 414 19.18 17.46 -38.30
N SER Y 415 18.76 18.65 -37.86
CA SER Y 415 17.49 18.81 -37.10
C SER Y 415 16.56 19.77 -37.86
N PRO Y 416 15.28 19.39 -38.10
CA PRO Y 416 14.38 20.30 -38.82
C PRO Y 416 13.62 21.21 -37.84
N GLN Y 417 14.16 21.38 -36.64
CA GLN Y 417 13.52 22.21 -35.61
C GLN Y 417 14.12 23.61 -35.57
N ASP Y 418 15.42 23.74 -35.87
CA ASP Y 418 16.02 25.06 -35.95
C ASP Y 418 15.29 25.94 -36.96
N LEU Y 419 14.61 25.33 -37.94
CA LEU Y 419 13.78 26.09 -38.85
C LEU Y 419 12.64 26.77 -38.12
N SER Y 420 11.91 26.01 -37.30
CA SER Y 420 10.87 26.62 -36.48
C SER Y 420 11.44 27.69 -35.56
N MET Y 421 12.65 27.44 -35.03
CA MET Y 421 13.27 28.42 -34.15
C MET Y 421 13.55 29.73 -34.87
N ALA Y 422 14.17 29.66 -36.04
CA ALA Y 422 14.50 30.87 -36.78
C ALA Y 422 13.25 31.53 -37.34
N MET Y 423 12.22 30.74 -37.64
CA MET Y 423 10.98 31.33 -38.16
C MET Y 423 10.25 32.11 -37.08
N GLN Y 424 10.19 31.58 -35.86
CA GLN Y 424 9.64 32.37 -34.77
C GLN Y 424 10.51 33.59 -34.49
N LYS Y 425 11.83 33.45 -34.65
CA LYS Y 425 12.70 34.62 -34.58
C LYS Y 425 12.32 35.63 -35.65
N LEU Y 426 11.92 35.15 -36.84
CA LEU Y 426 11.52 36.05 -37.91
C LEU Y 426 10.25 36.78 -37.54
N TYR Y 427 9.30 36.08 -36.93
CA TYR Y 427 8.12 36.77 -36.44
C TYR Y 427 8.48 37.84 -35.43
N GLN Y 428 9.42 37.56 -34.53
CA GLN Y 428 9.79 38.54 -33.51
C GLN Y 428 10.50 39.75 -34.13
N THR Y 429 11.43 39.50 -35.04
CA THR Y 429 12.20 40.59 -35.63
C THR Y 429 11.32 41.44 -36.53
N PHE Y 430 10.42 40.82 -37.31
CA PHE Y 430 9.51 41.60 -38.13
C PHE Y 430 8.55 42.42 -37.27
N VAL Y 431 8.11 41.87 -36.13
CA VAL Y 431 7.26 42.63 -35.23
C VAL Y 431 8.00 43.86 -34.73
N ALA Y 432 9.24 43.69 -34.26
CA ALA Y 432 9.99 44.83 -33.75
C ALA Y 432 10.27 45.86 -34.84
N LEU Y 433 10.58 45.40 -36.05
CA LEU Y 433 10.83 46.33 -37.14
C LEU Y 433 9.57 47.09 -37.50
N ALA Y 434 8.41 46.44 -37.44
CA ALA Y 434 7.15 47.14 -37.72
C ALA Y 434 6.84 48.14 -36.62
N ALA Y 435 7.19 47.80 -35.37
CA ALA Y 435 7.08 48.77 -34.28
C ALA Y 435 7.89 50.02 -34.59
N GLN Y 436 9.17 49.85 -34.89
CA GLN Y 436 10.02 51.00 -35.19
C GLN Y 436 9.53 51.76 -36.42
N LEU Y 437 9.04 51.03 -37.41
CA LEU Y 437 8.56 51.66 -38.64
C LEU Y 437 7.35 52.55 -38.36
N GLN Y 438 6.31 51.96 -37.75
CA GLN Y 438 5.15 52.76 -37.39
C GLN Y 438 5.52 53.92 -36.50
N ALA Y 439 6.45 53.73 -35.57
CA ALA Y 439 6.86 54.82 -34.70
C ALA Y 439 7.46 55.97 -35.50
N VAL Y 440 8.43 55.65 -36.35
CA VAL Y 440 9.12 56.69 -37.12
C VAL Y 440 8.14 57.39 -38.06
N ASN Y 441 7.23 56.62 -38.67
CA ASN Y 441 6.29 57.22 -39.60
C ASN Y 441 5.30 58.12 -38.86
N GLU Y 442 4.92 57.72 -37.64
CA GLU Y 442 4.05 58.57 -36.85
C GLU Y 442 4.77 59.84 -36.43
N ASN Y 443 6.08 59.74 -36.19
CA ASN Y 443 6.85 60.95 -35.90
C ASN Y 443 6.89 61.86 -37.12
N PHE Y 444 6.97 61.28 -38.30
CA PHE Y 444 6.97 62.09 -39.52
C PHE Y 444 5.61 62.76 -39.73
N LYS Y 445 4.52 62.03 -39.45
CA LYS Y 445 3.21 62.65 -39.48
C LYS Y 445 3.08 63.75 -38.42
N MET Y 446 3.76 63.59 -37.28
CA MET Y 446 3.74 64.61 -36.25
C MET Y 446 4.41 65.88 -36.73
N LEU Y 447 5.58 65.75 -37.36
CA LEU Y 447 6.25 66.92 -37.94
C LEU Y 447 5.37 67.55 -39.03
N LYS Y 448 4.66 66.71 -39.78
CA LYS Y 448 3.77 67.23 -40.82
C LYS Y 448 2.66 68.07 -40.22
N GLU Y 449 2.07 67.60 -39.12
CA GLU Y 449 1.04 68.38 -38.45
C GLU Y 449 1.60 69.70 -37.92
N GLN Y 450 2.75 69.62 -37.23
CA GLN Y 450 3.36 70.83 -36.67
C GLN Y 450 3.72 71.83 -37.76
N TYR Y 451 3.97 71.36 -38.98
CA TYR Y 451 4.30 72.26 -40.07
C TYR Y 451 3.11 73.15 -40.43
N LEU Y 452 1.92 72.57 -40.48
CA LEU Y 452 0.73 73.31 -40.89
C LEU Y 452 0.30 74.31 -39.83
N ALA Z 18 92.97 -134.82 26.47
CA ALA Z 18 91.83 -134.46 25.66
C ALA Z 18 90.53 -134.54 26.45
N LEU Z 19 90.32 -135.67 27.12
CA LEU Z 19 89.08 -135.86 27.88
C LEU Z 19 89.11 -135.13 29.20
N GLU Z 20 90.20 -135.27 29.96
CA GLU Z 20 90.24 -134.70 31.31
C GLU Z 20 90.15 -133.19 31.29
N GLY Z 21 90.75 -132.55 30.28
CA GLY Z 21 90.67 -131.10 30.18
C GLY Z 21 89.25 -130.62 29.94
N ALA Z 22 88.55 -131.27 28.99
CA ALA Z 22 87.14 -130.96 28.76
C ALA Z 22 86.33 -131.18 30.03
N GLY Z 23 86.66 -132.22 30.79
CA GLY Z 23 85.95 -132.45 32.05
C GLY Z 23 86.16 -131.34 33.06
N ARG Z 24 87.41 -130.92 33.25
CA ARG Z 24 87.69 -129.83 34.18
C ARG Z 24 86.98 -128.55 33.73
N ILE Z 25 86.98 -128.28 32.42
CA ILE Z 25 86.35 -127.07 31.91
C ILE Z 25 84.83 -127.14 32.12
N ILE Z 26 84.25 -128.32 31.93
CA ILE Z 26 82.81 -128.47 32.11
C ILE Z 26 82.43 -128.31 33.57
N ASP Z 27 83.21 -128.90 34.48
CA ASP Z 27 82.95 -128.72 35.91
C ASP Z 27 83.08 -127.26 36.31
N ARG Z 28 84.10 -126.58 35.79
CA ARG Z 28 84.27 -125.16 36.09
C ARG Z 28 83.09 -124.35 35.58
N LEU Z 29 82.65 -124.62 34.35
CA LEU Z 29 81.52 -123.88 33.79
C LEU Z 29 80.24 -124.16 34.58
N LEU Z 30 80.08 -125.39 35.06
CA LEU Z 30 78.91 -125.69 35.87
C LEU Z 30 78.95 -124.92 37.18
N GLN Z 31 80.11 -124.88 37.83
CA GLN Z 31 80.24 -124.08 39.05
C GLN Z 31 79.95 -122.62 38.77
N GLU Z 32 80.37 -122.13 37.62
CA GLU Z 32 80.06 -120.75 37.24
C GLU Z 32 78.57 -120.54 37.10
N ASP Z 33 77.91 -121.34 36.25
CA ASP Z 33 76.48 -121.22 36.04
C ASP Z 33 75.68 -121.48 37.31
N ARG Z 34 76.30 -122.03 38.35
CA ARG Z 34 75.65 -122.17 39.64
C ARG Z 34 75.91 -121.00 40.58
N ALA Z 35 76.76 -120.06 40.18
CA ALA Z 35 77.24 -119.00 41.08
C ALA Z 35 76.44 -117.71 40.97
N TYR Z 36 75.22 -117.77 40.47
CA TYR Z 36 74.42 -116.55 40.45
C TYR Z 36 74.06 -116.15 41.88
N PRO Z 37 73.90 -114.85 42.13
CA PRO Z 37 73.62 -114.40 43.49
C PRO Z 37 72.17 -114.56 43.88
N ASP Z 38 71.92 -114.50 45.19
CA ASP Z 38 70.55 -114.51 45.69
C ASP Z 38 69.95 -113.12 45.60
N LEU Z 39 68.61 -113.06 45.68
CA LEU Z 39 67.91 -111.79 45.50
C LEU Z 39 68.33 -110.76 46.53
N SER Z 40 68.69 -111.21 47.72
CA SER Z 40 69.24 -110.28 48.71
C SER Z 40 70.55 -109.69 48.23
N GLU Z 41 71.38 -110.49 47.55
CA GLU Z 41 72.65 -109.97 47.06
C GLU Z 41 72.44 -109.00 45.90
N LEU Z 42 71.51 -109.33 45.00
CA LEU Z 42 71.27 -108.48 43.84
C LEU Z 42 70.82 -107.09 44.27
N LEU Z 43 69.99 -107.00 45.30
CA LEU Z 43 69.64 -105.72 45.88
C LEU Z 43 70.69 -105.20 46.85
N ASN Z 44 71.81 -105.94 47.00
CA ASN Z 44 72.96 -105.47 47.78
C ASN Z 44 72.62 -105.36 49.26
N VAL Z 45 72.00 -106.40 49.82
CA VAL Z 45 71.69 -106.44 51.25
C VAL Z 45 72.48 -107.61 51.84
N PRO Z 46 73.46 -107.36 52.72
CA PRO Z 46 74.16 -108.49 53.34
C PRO Z 46 73.49 -109.03 54.59
N VAL Z 47 72.69 -108.21 55.27
CA VAL Z 47 72.09 -108.59 56.54
C VAL Z 47 70.67 -108.03 56.61
N HIS Z 48 69.78 -108.78 57.26
CA HIS Z 48 68.37 -108.41 57.30
C HIS Z 48 68.10 -107.15 58.11
N THR Z 49 69.10 -106.60 58.78
CA THR Z 49 68.91 -105.42 59.60
C THR Z 49 69.39 -104.12 58.95
N CYS Z 50 70.02 -104.21 57.78
CA CYS Z 50 70.56 -103.03 57.10
C CYS Z 50 69.74 -102.79 55.83
N PRO Z 51 68.55 -102.19 55.96
CA PRO Z 51 67.73 -101.96 54.77
C PRO Z 51 68.40 -101.00 53.82
N THR Z 52 68.42 -101.37 52.54
CA THR Z 52 69.14 -100.62 51.53
C THR Z 52 68.17 -100.07 50.50
N ILE Z 53 68.71 -99.35 49.52
CA ILE Z 53 67.92 -98.71 48.49
C ILE Z 53 68.58 -98.96 47.15
N SER Z 54 67.75 -99.17 46.12
CA SER Z 54 68.24 -99.33 44.76
C SER Z 54 67.21 -98.74 43.82
N GLY Z 55 67.61 -98.55 42.57
CA GLY Z 55 66.78 -97.85 41.61
C GLY Z 55 66.86 -96.35 41.68
N VAL Z 56 67.97 -95.80 42.19
CA VAL Z 56 68.12 -94.35 42.32
C VAL Z 56 69.08 -93.78 41.28
N SER Z 57 70.01 -94.56 40.76
CA SER Z 57 70.91 -94.12 39.71
C SER Z 57 70.55 -94.80 38.39
N GLU Z 58 71.09 -94.26 37.30
CA GLU Z 58 70.77 -94.79 35.98
C GLU Z 58 71.22 -96.24 35.83
N MET Z 59 72.20 -96.67 36.62
CA MET Z 59 72.71 -98.04 36.50
C MET Z 59 71.67 -99.09 36.85
N ASP Z 60 70.57 -98.69 37.49
CA ASP Z 60 69.48 -99.62 37.73
C ASP Z 60 68.77 -100.03 36.46
N TYR Z 61 68.75 -99.16 35.45
CA TYR Z 61 68.08 -99.43 34.18
C TYR Z 61 69.04 -99.10 33.04
N PRO Z 62 70.05 -99.94 32.83
CA PRO Z 62 71.00 -99.68 31.73
C PRO Z 62 70.35 -99.54 30.37
N LEU Z 63 69.11 -99.96 30.22
CA LEU Z 63 68.40 -99.79 28.96
C LEU Z 63 67.66 -98.47 28.87
N GLN Z 64 67.79 -97.60 29.87
CA GLN Z 64 67.12 -96.31 29.81
C GLN Z 64 67.98 -95.26 29.11
N SER Z 65 69.28 -95.30 29.32
CA SER Z 65 70.11 -94.25 28.74
C SER Z 65 70.74 -94.72 27.44
N PRO Z 66 70.71 -93.91 26.40
CA PRO Z 66 71.20 -94.38 25.10
C PRO Z 66 72.71 -94.35 24.96
N GLY Z 67 73.36 -95.50 25.11
CA GLY Z 67 74.72 -95.66 24.62
C GLY Z 67 75.30 -97.05 24.80
N LEU Z 68 75.80 -97.60 23.68
CA LEU Z 68 76.70 -98.75 23.66
C LEU Z 68 76.07 -100.07 24.09
N LEU Z 69 74.84 -100.02 24.60
CA LEU Z 69 74.21 -101.21 25.16
C LEU Z 69 72.75 -101.36 24.78
N THR Z 70 72.11 -100.30 24.29
CA THR Z 70 70.69 -100.35 24.00
C THR Z 70 70.45 -100.94 22.62
N ILE Z 71 69.76 -102.08 22.58
CA ILE Z 71 69.28 -102.66 21.33
C ILE Z 71 67.81 -102.29 21.23
N PRO Z 72 67.47 -101.16 20.60
CA PRO Z 72 66.12 -100.61 20.74
C PRO Z 72 65.00 -101.57 20.37
N SER Z 73 65.20 -102.41 19.35
CA SER Z 73 64.14 -103.29 18.88
C SER Z 73 64.13 -104.64 19.57
N LEU Z 74 64.94 -104.83 20.61
CA LEU Z 74 64.96 -106.09 21.32
C LEU Z 74 63.70 -106.23 22.16
N PRO Z 75 62.76 -107.08 21.75
CA PRO Z 75 61.48 -107.16 22.46
C PRO Z 75 61.63 -107.86 23.80
N GLU Z 76 61.11 -107.23 24.84
CA GLU Z 76 61.00 -107.88 26.14
C GLU Z 76 59.64 -108.55 26.32
N ILE Z 77 58.56 -107.84 26.05
CA ILE Z 77 57.23 -108.41 26.08
C ILE Z 77 56.82 -108.71 24.65
N SER Z 78 56.45 -109.97 24.41
CA SER Z 78 56.00 -110.37 23.08
C SER Z 78 54.71 -109.64 22.72
N ALA Z 79 54.34 -109.72 21.45
CA ALA Z 79 53.08 -109.16 21.01
C ALA Z 79 51.93 -109.76 21.81
N ILE Z 80 51.03 -108.91 22.28
CA ILE Z 80 49.90 -109.37 23.08
C ILE Z 80 48.85 -109.94 22.13
N ARG Z 81 48.47 -111.18 22.35
CA ARG Z 81 47.43 -111.81 21.55
C ARG Z 81 46.09 -111.65 22.26
N ARG Z 82 45.11 -111.06 21.56
CA ARG Z 82 43.81 -110.76 22.13
C ARG Z 82 42.85 -111.90 21.88
N VAL Z 83 41.90 -112.08 22.78
CA VAL Z 83 40.79 -113.02 22.59
C VAL Z 83 39.55 -112.37 23.17
N PRO Z 84 38.52 -112.10 22.37
CA PRO Z 84 37.37 -111.36 22.88
C PRO Z 84 36.62 -112.15 23.95
N LEU Z 85 35.93 -111.43 24.81
CA LEU Z 85 35.13 -112.07 25.84
C LEU Z 85 34.03 -112.90 25.18
N PRO Z 86 33.63 -114.01 25.77
CA PRO Z 86 32.49 -114.78 25.25
C PRO Z 86 31.27 -113.90 25.14
N PRO Z 87 30.77 -113.67 23.91
CA PRO Z 87 29.68 -112.71 23.73
C PRO Z 87 28.47 -112.96 24.61
N GLU Z 88 28.30 -114.19 25.10
CA GLU Z 88 27.29 -114.42 26.12
C GLU Z 88 27.45 -113.47 27.29
N LEU Z 89 28.70 -113.17 27.66
CA LEU Z 89 28.94 -112.17 28.70
C LEU Z 89 28.54 -110.78 28.22
N ILE Z 90 28.79 -110.47 26.95
CA ILE Z 90 28.41 -109.16 26.41
C ILE Z 90 26.90 -109.01 26.39
N GLU Z 91 26.17 -110.13 26.41
CA GLU Z 91 24.72 -110.07 26.47
C GLU Z 91 24.21 -110.05 27.90
N GLN Z 92 24.88 -110.76 28.81
CA GLN Z 92 24.46 -110.77 30.20
C GLN Z 92 24.74 -109.44 30.88
N PHE Z 93 25.79 -108.73 30.44
CA PHE Z 93 26.14 -107.46 31.07
C PHE Z 93 25.01 -106.45 30.96
N GLY Z 94 24.13 -106.62 29.97
CA GLY Z 94 22.93 -105.80 29.91
C GLY Z 94 21.92 -106.12 30.99
N HIS Z 95 22.03 -107.29 31.60
CA HIS Z 95 21.18 -107.67 32.72
C HIS Z 95 21.87 -107.54 34.06
N MET Z 96 23.12 -107.09 34.09
CA MET Z 96 23.83 -106.93 35.35
C MET Z 96 23.13 -105.91 36.22
N GLN Z 97 22.87 -106.28 37.47
CA GLN Z 97 22.11 -105.45 38.38
C GLN Z 97 22.98 -104.70 39.38
N CYS Z 98 23.78 -105.42 40.16
CA CYS Z 98 24.41 -104.80 41.32
C CYS Z 98 25.93 -104.92 41.30
N ASN Z 99 26.46 -106.00 40.72
CA ASN Z 99 27.89 -106.23 40.77
C ASN Z 99 28.36 -106.86 39.47
N CYS Z 100 29.59 -106.53 39.08
CA CYS Z 100 30.23 -107.14 37.92
C CYS Z 100 31.70 -107.37 38.26
N MET Z 101 32.13 -108.63 38.20
CA MET Z 101 33.50 -108.96 38.52
C MET Z 101 34.07 -109.86 37.45
N MET Z 102 35.38 -109.79 37.28
CA MET Z 102 36.08 -110.68 36.36
C MET Z 102 37.33 -111.19 37.06
N GLY Z 103 37.84 -112.32 36.56
CA GLY Z 103 39.01 -112.90 37.19
C GLY Z 103 39.60 -114.01 36.34
N VAL Z 104 40.73 -114.52 36.80
CA VAL Z 104 41.46 -115.56 36.11
C VAL Z 104 41.66 -116.74 37.05
N PHE Z 105 41.23 -117.93 36.61
CA PHE Z 105 41.58 -119.20 37.22
C PHE Z 105 42.53 -119.86 36.26
N PRO Z 106 43.84 -119.67 36.44
CA PRO Z 106 44.80 -120.10 35.40
C PRO Z 106 45.08 -121.59 35.39
N GLU Z 107 45.13 -122.24 36.55
CA GLU Z 107 45.52 -123.65 36.59
C GLU Z 107 44.55 -124.56 35.84
N ILE Z 108 43.37 -124.05 35.48
CA ILE Z 108 42.40 -124.79 34.68
C ILE Z 108 42.12 -124.11 33.35
N SER Z 109 43.02 -123.21 32.92
CA SER Z 109 42.87 -122.50 31.64
C SER Z 109 41.50 -121.83 31.55
N ARG Z 110 41.15 -121.06 32.58
CA ARG Z 110 39.82 -120.49 32.68
C ARG Z 110 39.87 -119.01 33.07
N ALA Z 111 39.00 -118.22 32.46
CA ALA Z 111 38.64 -116.92 32.97
C ALA Z 111 37.21 -116.98 33.49
N TRP Z 112 36.87 -116.05 34.37
CA TRP Z 112 35.57 -116.06 35.00
C TRP Z 112 34.98 -114.66 35.01
N LEU Z 113 33.66 -114.60 34.91
CA LEU Z 113 32.91 -113.36 34.99
C LEU Z 113 31.69 -113.59 35.86
N THR Z 114 31.62 -112.86 36.98
CA THR Z 114 30.51 -112.98 37.91
C THR Z 114 29.58 -111.80 37.73
N ILE Z 115 28.34 -112.08 37.32
CA ILE Z 115 27.25 -111.14 37.37
C ILE Z 115 26.47 -111.49 38.62
N ASP Z 116 25.64 -110.55 39.10
CA ASP Z 116 25.12 -110.53 40.47
C ASP Z 116 24.82 -111.90 41.05
N SER Z 117 24.05 -112.72 40.34
CA SER Z 117 23.76 -114.08 40.79
C SER Z 117 24.55 -115.14 40.03
N ASP Z 118 24.82 -114.94 38.75
CA ASP Z 118 25.33 -115.99 37.90
C ASP Z 118 26.85 -115.89 37.74
N ILE Z 119 27.51 -117.02 37.89
CA ILE Z 119 28.94 -117.13 37.62
C ILE Z 119 29.11 -117.73 36.24
N PHE Z 120 30.05 -117.20 35.47
CA PHE Z 120 30.36 -117.72 34.15
C PHE Z 120 31.84 -118.07 34.09
N MET Z 121 32.14 -119.25 33.58
CA MET Z 121 33.51 -119.68 33.40
C MET Z 121 33.71 -120.01 31.93
N TRP Z 122 34.79 -119.52 31.36
CA TRP Z 122 35.05 -119.70 29.94
C TRP Z 122 36.54 -119.90 29.72
N ASN Z 123 36.89 -120.39 28.54
CA ASN Z 123 38.29 -120.55 28.19
C ASN Z 123 38.80 -119.27 27.57
N TYR Z 124 39.56 -118.49 28.33
CA TYR Z 124 40.09 -117.24 27.81
C TYR Z 124 41.14 -117.44 26.73
N GLU Z 125 41.67 -118.65 26.59
CA GLU Z 125 42.64 -118.90 25.53
C GLU Z 125 41.99 -118.84 24.17
N ASP Z 126 40.72 -119.26 24.06
CA ASP Z 126 40.02 -119.24 22.79
C ASP Z 126 38.58 -118.76 22.86
N GLY Z 127 38.04 -118.46 24.04
CA GLY Z 127 36.69 -117.94 24.14
C GLY Z 127 35.59 -118.98 24.21
N GLY Z 128 35.92 -120.27 24.15
CA GLY Z 128 34.92 -121.31 24.13
C GLY Z 128 34.80 -122.05 25.47
N ASP Z 129 34.12 -123.19 25.40
CA ASP Z 129 33.88 -124.05 26.56
C ASP Z 129 33.13 -123.30 27.66
N LEU Z 130 32.01 -122.70 27.28
CA LEU Z 130 31.23 -121.83 28.17
C LEU Z 130 30.45 -122.66 29.17
N ALA Z 131 30.66 -122.38 30.46
CA ALA Z 131 29.89 -122.98 31.54
C ALA Z 131 29.30 -121.87 32.41
N TYR Z 132 28.09 -122.12 32.91
CA TYR Z 132 27.40 -121.15 33.73
C TYR Z 132 26.89 -121.83 35.00
N TYR Z 133 26.76 -121.04 36.05
CA TYR Z 133 26.25 -121.51 37.33
C TYR Z 133 25.31 -120.44 37.88
N ASP Z 134 24.02 -120.78 37.94
CA ASP Z 134 22.99 -119.83 38.34
C ASP Z 134 22.24 -120.31 39.58
N GLY Z 135 22.82 -121.24 40.34
CA GLY Z 135 22.20 -121.73 41.55
C GLY Z 135 22.36 -120.84 42.76
N LEU Z 136 22.64 -119.56 42.57
CA LEU Z 136 22.85 -118.63 43.67
C LEU Z 136 21.59 -117.81 43.91
N SER Z 137 21.51 -117.18 45.09
CA SER Z 137 20.36 -116.38 45.46
C SER Z 137 20.73 -114.93 45.81
N GLU Z 138 21.95 -114.67 46.26
CA GLU Z 138 22.38 -113.34 46.67
C GLU Z 138 23.57 -112.89 45.86
N THR Z 139 23.83 -111.58 45.87
CA THR Z 139 24.89 -111.01 45.06
C THR Z 139 26.21 -111.69 45.34
N ILE Z 140 27.01 -111.87 44.29
CA ILE Z 140 28.30 -112.54 44.42
C ILE Z 140 29.34 -111.54 44.91
N LEU Z 141 30.17 -111.98 45.85
CA LEU Z 141 31.22 -111.14 46.43
C LEU Z 141 32.63 -111.63 46.14
N SER Z 142 32.86 -112.94 46.10
CA SER Z 142 34.19 -113.45 45.81
C SER Z 142 34.08 -114.87 45.29
N VAL Z 143 34.99 -115.21 44.38
CA VAL Z 143 35.06 -116.53 43.77
C VAL Z 143 36.50 -117.01 43.83
N GLY Z 144 36.68 -118.30 44.04
CA GLY Z 144 38.03 -118.85 44.09
C GLY Z 144 38.15 -120.31 43.75
N LEU Z 145 39.20 -120.66 43.00
CA LEU Z 145 39.54 -122.05 42.77
C LEU Z 145 40.32 -122.55 43.98
N VAL Z 146 40.22 -123.85 44.24
CA VAL Z 146 40.98 -124.47 45.31
C VAL Z 146 41.26 -125.92 44.93
N LYS Z 147 42.44 -126.40 45.26
CA LYS Z 147 42.73 -127.82 45.08
C LYS Z 147 42.08 -128.61 46.21
N PRO Z 148 41.14 -129.51 45.90
CA PRO Z 148 40.53 -130.29 46.97
C PRO Z 148 41.55 -131.20 47.63
N LYS Z 149 41.55 -131.18 48.96
CA LYS Z 149 42.55 -131.94 49.71
C LYS Z 149 42.49 -133.41 49.33
N THR Z 150 43.66 -134.05 49.34
CA THR Z 150 43.75 -135.44 48.91
C THR Z 150 42.93 -136.35 49.83
N GLY Z 151 42.03 -137.12 49.23
CA GLY Z 151 41.29 -138.13 49.96
C GLY Z 151 39.93 -137.72 50.48
N ILE Z 152 39.42 -136.56 50.09
CA ILE Z 152 38.12 -136.12 50.59
C ILE Z 152 37.02 -136.48 49.60
N PHE Z 153 37.23 -136.19 48.32
CA PHE Z 153 36.22 -136.37 47.30
C PHE Z 153 36.58 -137.54 46.40
N GLN Z 154 35.63 -137.91 45.55
CA GLN Z 154 35.88 -138.96 44.57
C GLN Z 154 36.97 -138.52 43.60
N PRO Z 155 37.59 -139.47 42.90
CA PRO Z 155 38.72 -139.10 42.01
C PRO Z 155 38.32 -138.20 40.87
N HIS Z 156 37.07 -138.25 40.41
CA HIS Z 156 36.67 -137.39 39.31
C HIS Z 156 36.66 -135.92 39.71
N ILE Z 157 36.47 -135.62 40.99
CA ILE Z 157 36.47 -134.24 41.47
C ILE Z 157 37.91 -133.73 41.30
N ARG Z 158 38.10 -132.80 40.37
CA ARG Z 158 39.44 -132.29 40.11
C ARG Z 158 39.73 -130.99 40.83
N PHE Z 159 38.72 -130.19 41.13
CA PHE Z 159 38.94 -128.95 41.86
C PHE Z 159 37.70 -128.60 42.66
N LEU Z 160 37.85 -127.63 43.55
CA LEU Z 160 36.72 -127.10 44.31
C LEU Z 160 36.56 -125.63 43.98
N LEU Z 161 35.37 -125.27 43.50
CA LEU Z 161 35.01 -123.89 43.26
C LEU Z 161 34.29 -123.37 44.50
N VAL Z 162 34.84 -122.29 45.07
CA VAL Z 162 34.31 -121.73 46.31
C VAL Z 162 33.74 -120.36 45.98
N LEU Z 163 32.46 -120.18 46.28
CA LEU Z 163 31.78 -118.92 46.10
C LEU Z 163 31.43 -118.35 47.46
N SER Z 164 31.49 -117.03 47.60
CA SER Z 164 31.10 -116.38 48.83
C SER Z 164 30.15 -115.23 48.52
N THR Z 165 28.99 -115.25 49.17
CA THR Z 165 28.01 -114.20 48.98
C THR Z 165 27.77 -113.50 50.32
N PRO Z 166 26.95 -112.45 50.34
CA PRO Z 166 26.65 -111.79 51.62
C PRO Z 166 26.06 -112.72 52.66
N VAL Z 167 25.65 -113.93 52.29
CA VAL Z 167 24.93 -114.81 53.18
C VAL Z 167 25.74 -116.05 53.54
N ASP Z 168 26.39 -116.70 52.58
CA ASP Z 168 27.02 -117.98 52.85
C ASP Z 168 28.21 -118.21 51.93
N ILE Z 169 29.01 -119.19 52.30
CA ILE Z 169 30.13 -119.68 51.48
C ILE Z 169 29.75 -121.06 50.98
N VAL Z 170 29.67 -121.21 49.66
CA VAL Z 170 29.29 -122.45 49.02
C VAL Z 170 30.54 -123.09 48.44
N ILE Z 171 30.71 -124.39 48.68
CA ILE Z 171 31.83 -125.15 48.15
C ILE Z 171 31.27 -126.22 47.24
N LEU Z 172 31.62 -126.14 45.94
CA LEU Z 172 31.14 -127.08 44.95
C LEU Z 172 32.33 -127.76 44.27
N GLY Z 173 32.06 -128.93 43.70
CA GLY Z 173 33.09 -129.68 43.01
C GLY Z 173 33.06 -129.41 41.51
N LEU Z 174 34.24 -129.39 40.90
CA LEU Z 174 34.39 -129.21 39.47
C LEU Z 174 35.23 -130.34 38.92
N SER Z 175 34.74 -130.97 37.85
CA SER Z 175 35.37 -132.14 37.26
C SER Z 175 35.71 -131.87 35.80
N PHE Z 176 36.58 -132.70 35.24
CA PHE Z 176 37.01 -132.59 33.86
C PHE Z 176 36.70 -133.88 33.12
N ALA Z 177 36.14 -133.76 31.92
CA ALA Z 177 35.74 -134.93 31.16
C ALA Z 177 36.82 -135.33 30.17
N ASN Z 178 36.77 -136.59 29.73
CA ASN Z 178 37.65 -137.13 28.70
C ASN Z 178 39.13 -137.00 29.10
N LEU Z 179 39.39 -137.10 30.39
CA LEU Z 179 40.75 -137.04 30.91
C LEU Z 179 41.22 -138.48 31.09
N GLN Z 180 41.35 -139.19 29.99
CA GLN Z 180 41.86 -140.55 30.03
C GLN Z 180 43.27 -140.53 30.61
N PRO Z 181 43.61 -141.47 31.51
CA PRO Z 181 44.95 -141.43 32.11
C PRO Z 181 46.03 -141.83 31.13
N GLY Z 182 46.90 -140.88 30.78
CA GLY Z 182 48.00 -141.15 29.88
C GLY Z 182 48.27 -140.01 28.93
N ASN Z 183 47.24 -139.22 28.62
CA ASN Z 183 47.40 -138.02 27.81
C ASN Z 183 47.56 -136.84 28.77
N LEU Z 184 48.70 -136.80 29.45
CA LEU Z 184 48.93 -135.80 30.47
C LEU Z 184 49.54 -134.52 29.93
N ASN Z 185 49.66 -134.38 28.61
CA ASN Z 185 50.30 -133.22 28.02
C ASN Z 185 49.30 -132.15 27.57
N ASP Z 186 48.08 -132.53 27.20
CA ASP Z 186 47.14 -131.52 26.72
C ASP Z 186 45.70 -131.75 27.17
N SER Z 187 45.42 -132.56 28.18
CA SER Z 187 44.06 -132.98 28.49
C SER Z 187 43.30 -131.96 29.34
N ILE Z 188 43.96 -130.92 29.83
CA ILE Z 188 43.26 -129.94 30.67
C ILE Z 188 42.23 -129.14 29.90
N SER Z 189 42.35 -129.04 28.58
CA SER Z 189 41.45 -128.24 27.78
C SER Z 189 40.05 -128.85 27.64
N GLY Z 190 39.77 -129.98 28.30
CA GLY Z 190 38.47 -130.60 28.16
C GLY Z 190 37.36 -129.71 28.71
N GLY Z 191 36.13 -130.01 28.29
CA GLY Z 191 34.97 -129.31 28.78
C GLY Z 191 34.76 -129.48 30.27
N MET Z 192 34.92 -128.41 31.02
CA MET Z 192 34.77 -128.47 32.48
C MET Z 192 33.30 -128.68 32.84
N GLN Z 193 33.07 -129.44 33.91
CA GLN Z 193 31.73 -129.72 34.39
C GLN Z 193 31.64 -129.27 35.84
N LEU Z 194 30.85 -128.23 36.09
CA LEU Z 194 30.59 -127.77 37.45
C LEU Z 194 29.43 -128.57 38.02
N LEU Z 195 29.64 -129.16 39.19
CA LEU Z 195 28.64 -130.03 39.77
C LEU Z 195 27.38 -129.24 40.08
N PRO Z 196 26.19 -129.81 39.87
CA PRO Z 196 24.97 -129.08 40.21
C PRO Z 196 24.70 -129.06 41.70
N ASP Z 197 25.00 -130.13 42.40
CA ASP Z 197 24.74 -130.11 43.84
C ASP Z 197 25.93 -129.51 44.57
N PRO Z 198 25.71 -128.53 45.44
CA PRO Z 198 26.83 -128.02 46.24
C PRO Z 198 27.37 -129.10 47.17
N LEU Z 199 28.69 -129.23 47.21
CA LEU Z 199 29.29 -130.22 48.11
C LEU Z 199 29.08 -129.83 49.56
N TYR Z 200 29.15 -128.54 49.86
CA TYR Z 200 28.88 -128.06 51.22
C TYR Z 200 28.46 -126.59 51.18
N SER Z 201 27.75 -126.18 52.23
CA SER Z 201 27.34 -124.79 52.43
C SER Z 201 27.67 -124.40 53.86
N LEU Z 202 28.21 -123.19 54.03
CA LEU Z 202 28.66 -122.77 55.35
C LEU Z 202 28.19 -121.35 55.63
N PRO Z 203 27.86 -121.05 56.89
CA PRO Z 203 27.38 -119.70 57.21
C PRO Z 203 28.50 -118.68 57.17
N THR Z 204 28.25 -117.57 56.46
CA THR Z 204 29.24 -116.51 56.36
C THR Z 204 29.20 -115.55 57.54
N ASP Z 205 28.14 -115.64 58.37
CA ASP Z 205 28.05 -114.90 59.63
C ASP Z 205 28.17 -113.39 59.42
N ASN Z 206 27.39 -112.87 58.46
CA ASN Z 206 27.23 -111.43 58.22
C ASN Z 206 28.56 -110.73 57.97
N THR Z 207 29.61 -111.47 57.70
CA THR Z 207 30.93 -110.90 57.42
C THR Z 207 31.16 -110.96 55.91
N TYR Z 208 31.28 -109.79 55.29
CA TYR Z 208 31.47 -109.74 53.85
C TYR Z 208 32.81 -110.35 53.48
N LEU Z 209 32.78 -111.50 52.82
CA LEU Z 209 33.98 -112.20 52.39
C LEU Z 209 34.44 -111.57 51.07
N LEU Z 210 35.68 -111.06 51.06
CA LEU Z 210 36.18 -110.37 49.88
C LEU Z 210 37.12 -111.21 49.02
N SER Z 211 37.90 -112.10 49.62
CA SER Z 211 38.87 -112.87 48.85
C SER Z 211 38.98 -114.27 49.44
N ILE Z 212 39.19 -115.25 48.57
CA ILE Z 212 39.38 -116.65 48.97
C ILE Z 212 40.66 -117.15 48.32
N THR Z 213 41.46 -117.90 49.08
CA THR Z 213 42.74 -118.39 48.60
C THR Z 213 42.93 -119.82 49.08
N SER Z 214 43.90 -120.49 48.49
CA SER Z 214 44.12 -121.91 48.74
C SER Z 214 45.61 -122.20 48.87
N THR Z 215 45.93 -123.09 49.80
CA THR Z 215 47.26 -123.67 49.87
C THR Z 215 47.25 -125.07 49.28
N ASP Z 216 48.44 -125.52 48.87
CA ASP Z 216 48.53 -126.76 48.09
C ASP Z 216 48.00 -127.97 48.83
N ASN Z 217 47.92 -127.93 50.16
CA ASN Z 217 47.42 -129.07 50.93
C ASN Z 217 45.90 -129.10 51.02
N GLY Z 218 45.22 -128.15 50.40
CA GLY Z 218 43.76 -128.14 50.40
C GLY Z 218 43.11 -127.26 51.43
N ARG Z 219 43.89 -126.54 52.24
CA ARG Z 219 43.30 -125.61 53.19
C ARG Z 219 42.77 -124.39 52.46
N ILE Z 220 41.57 -123.95 52.84
CA ILE Z 220 40.88 -122.85 52.18
C ILE Z 220 40.80 -121.69 53.16
N PHE Z 221 41.30 -120.53 52.74
CA PHE Z 221 41.33 -119.33 53.58
C PHE Z 221 40.47 -118.25 52.95
N LEU Z 222 39.91 -117.39 53.80
CA LEU Z 222 39.07 -116.28 53.36
C LEU Z 222 39.44 -115.03 54.13
N SER Z 223 39.33 -113.88 53.47
CA SER Z 223 39.55 -112.59 54.09
C SER Z 223 38.20 -111.92 54.36
N GLY Z 224 37.97 -111.56 55.61
CA GLY Z 224 36.70 -110.96 55.99
C GLY Z 224 36.76 -109.44 56.01
N LYS Z 225 35.63 -108.83 55.64
CA LYS Z 225 35.52 -107.37 55.66
C LYS Z 225 35.77 -106.80 57.05
N ASP Z 226 35.64 -107.61 58.09
CA ASP Z 226 35.99 -107.20 59.44
C ASP Z 226 37.48 -107.30 59.72
N GLY Z 227 38.31 -107.41 58.67
CA GLY Z 227 39.74 -107.47 58.84
C GLY Z 227 40.25 -108.74 59.48
N CYS Z 228 39.40 -109.74 59.66
CA CYS Z 228 39.81 -110.99 60.27
C CYS Z 228 39.98 -112.08 59.23
N LEU Z 229 40.98 -112.92 59.44
CA LEU Z 229 41.25 -114.05 58.57
C LEU Z 229 40.41 -115.24 59.02
N TYR Z 230 39.78 -115.90 58.07
CA TYR Z 230 38.96 -117.07 58.36
C TYR Z 230 39.51 -118.28 57.62
N GLU Z 231 39.29 -119.45 58.19
CA GLU Z 231 39.70 -120.71 57.60
C GLU Z 231 38.50 -121.66 57.56
N VAL Z 232 38.31 -122.30 56.41
CA VAL Z 232 37.22 -123.25 56.24
C VAL Z 232 37.81 -124.64 56.21
N GLU Z 233 37.64 -125.39 57.30
CA GLU Z 233 38.22 -126.72 57.41
C GLU Z 233 37.17 -127.75 57.00
N TYR Z 234 37.58 -128.68 56.13
CA TYR Z 234 36.70 -129.71 55.61
C TYR Z 234 37.32 -131.07 55.81
N GLN Z 235 36.47 -132.07 56.05
CA GLN Z 235 36.91 -133.45 56.20
C GLN Z 235 35.83 -134.36 55.67
N ALA Z 236 36.26 -135.52 55.17
CA ALA Z 236 35.35 -136.46 54.51
C ALA Z 236 34.23 -136.91 55.43
N ARG Z 244 30.95 -131.45 58.80
CA ARG Z 244 32.13 -131.90 58.08
C ARG Z 244 32.81 -130.74 57.38
N CYS Z 245 32.33 -129.53 57.65
CA CYS Z 245 32.93 -128.32 57.11
C CYS Z 245 32.56 -127.16 58.02
N ARG Z 246 33.58 -126.50 58.57
CA ARG Z 246 33.32 -125.47 59.57
C ARG Z 246 34.22 -124.27 59.31
N LYS Z 247 33.71 -123.10 59.67
CA LYS Z 247 34.41 -121.83 59.50
C LYS Z 247 34.94 -121.35 60.84
N ILE Z 248 36.22 -120.97 60.88
CA ILE Z 248 36.87 -120.48 62.08
C ILE Z 248 37.48 -119.12 61.78
N ASN Z 249 37.50 -118.25 62.79
CA ASN Z 249 38.22 -116.99 62.72
C ASN Z 249 39.46 -117.10 63.58
N HIS Z 250 40.62 -116.81 63.00
CA HIS Z 250 41.90 -116.96 63.70
C HIS Z 250 42.68 -115.67 63.84
N SER Z 251 42.17 -114.56 63.33
CA SER Z 251 42.87 -113.29 63.45
C SER Z 251 42.88 -112.78 64.88
N ASP Z 271 39.01 -101.82 58.20
CA ASP Z 271 40.32 -102.33 57.83
C ASP Z 271 40.21 -103.72 57.24
N PRO Z 272 39.35 -103.87 56.23
CA PRO Z 272 39.15 -105.20 55.63
C PRO Z 272 40.41 -105.69 54.94
N ILE Z 273 40.71 -106.97 55.13
CA ILE Z 273 41.81 -107.61 54.44
C ILE Z 273 41.40 -107.84 53.00
N VAL Z 274 42.16 -107.27 52.06
CA VAL Z 274 41.80 -107.35 50.64
C VAL Z 274 42.81 -108.12 49.80
N GLN Z 275 43.91 -108.55 50.40
CA GLN Z 275 44.90 -109.33 49.66
C GLN Z 275 45.59 -110.30 50.60
N ILE Z 276 45.56 -111.57 50.24
CA ILE Z 276 46.22 -112.63 50.98
C ILE Z 276 47.05 -113.45 50.01
N ALA Z 277 48.25 -113.84 50.44
CA ALA Z 277 49.17 -114.63 49.62
C ALA Z 277 49.79 -115.71 50.48
N ILE Z 278 49.93 -116.90 49.92
CA ILE Z 278 50.47 -118.05 50.63
C ILE Z 278 51.70 -118.55 49.89
N ASP Z 279 52.87 -118.40 50.51
CA ASP Z 279 54.10 -118.95 49.95
C ASP Z 279 54.22 -120.37 50.48
N ASN Z 280 53.53 -121.31 49.82
CA ASN Z 280 53.48 -122.68 50.30
C ASN Z 280 54.86 -123.32 50.35
N SER Z 281 55.85 -122.70 49.72
CA SER Z 281 57.21 -123.24 49.78
C SER Z 281 57.81 -123.13 51.17
N ARG Z 282 57.31 -122.22 52.00
CA ARG Z 282 57.73 -122.13 53.39
C ARG Z 282 56.54 -122.15 54.35
N ASN Z 283 55.32 -122.35 53.86
CA ASN Z 283 54.12 -122.38 54.69
C ASN Z 283 53.98 -121.09 55.49
N ILE Z 284 53.78 -119.98 54.77
CA ILE Z 284 53.62 -118.67 55.37
C ILE Z 284 52.40 -118.00 54.76
N LEU Z 285 51.55 -117.43 55.61
CA LEU Z 285 50.33 -116.76 55.17
C LEU Z 285 50.46 -115.28 55.45
N TYR Z 286 50.46 -114.49 54.38
CA TYR Z 286 50.55 -113.04 54.49
C TYR Z 286 49.21 -112.43 54.12
N THR Z 287 48.86 -111.36 54.82
CA THR Z 287 47.60 -110.68 54.59
C THR Z 287 47.89 -109.21 54.39
N ARG Z 288 47.14 -108.59 53.48
CA ARG Z 288 47.27 -107.18 53.18
C ARG Z 288 45.94 -106.49 53.45
N SER Z 289 45.99 -105.39 54.18
CA SER Z 289 44.80 -104.64 54.52
C SER Z 289 44.53 -103.56 53.48
N GLU Z 290 43.31 -103.03 53.52
CA GLU Z 290 42.97 -101.92 52.62
C GLU Z 290 43.90 -100.74 52.85
N LYS Z 291 44.10 -100.36 54.10
CA LYS Z 291 45.06 -99.32 54.44
C LYS Z 291 46.50 -99.80 54.38
N GLY Z 292 46.72 -101.06 54.00
CA GLY Z 292 48.06 -101.55 53.78
C GLY Z 292 48.71 -102.25 54.94
N VAL Z 293 47.97 -102.59 55.99
CA VAL Z 293 48.54 -103.31 57.11
C VAL Z 293 48.98 -104.69 56.65
N ILE Z 294 50.28 -104.97 56.79
CA ILE Z 294 50.85 -106.22 56.32
C ILE Z 294 51.01 -107.15 57.52
N GLN Z 295 50.27 -108.26 57.50
CA GLN Z 295 50.33 -109.22 58.59
C GLN Z 295 50.98 -110.50 58.10
N VAL Z 296 51.87 -111.05 58.91
CA VAL Z 296 52.55 -112.29 58.62
C VAL Z 296 52.14 -113.31 59.67
N TYR Z 297 51.75 -114.50 59.21
CA TYR Z 297 51.30 -115.59 60.07
C TYR Z 297 52.00 -116.86 59.65
N ASP Z 298 52.47 -117.62 60.63
CA ASP Z 298 53.11 -118.91 60.37
C ASP Z 298 52.08 -120.02 60.39
N LEU Z 299 52.21 -120.98 59.49
CA LEU Z 299 51.25 -122.07 59.36
C LEU Z 299 51.84 -123.43 59.70
N GLY Z 300 53.10 -123.50 60.14
CA GLY Z 300 53.69 -124.76 60.54
C GLY Z 300 54.56 -125.38 59.47
N VAL Z 301 55.25 -126.46 59.87
CA VAL Z 301 56.16 -127.14 58.94
C VAL Z 301 55.38 -128.01 57.96
N ASP Z 302 54.31 -128.65 58.42
CA ASP Z 302 53.52 -129.54 57.56
C ASP Z 302 52.26 -128.87 57.02
N GLY Z 303 52.19 -127.55 57.05
CA GLY Z 303 51.04 -126.86 56.53
C GLY Z 303 49.76 -127.06 57.32
N HIS Z 304 49.84 -127.32 58.62
CA HIS Z 304 48.67 -127.62 59.42
C HIS Z 304 48.41 -126.60 60.53
N GLY Z 305 49.41 -125.84 60.96
CA GLY Z 305 49.21 -124.90 62.04
C GLY Z 305 48.76 -123.53 61.55
N MET Z 306 48.56 -122.63 62.50
CA MET Z 306 48.17 -121.26 62.18
C MET Z 306 48.34 -120.39 63.41
N SER Z 307 49.01 -119.24 63.25
CA SER Z 307 49.16 -118.28 64.33
C SER Z 307 49.71 -116.98 63.76
N ARG Z 308 49.21 -115.86 64.28
CA ARG Z 308 49.72 -114.55 63.88
C ARG Z 308 51.15 -114.41 64.37
N VAL Z 309 52.02 -113.87 63.51
CA VAL Z 309 53.44 -113.75 63.84
C VAL Z 309 53.85 -112.29 63.97
N ALA Z 310 53.50 -111.46 62.99
CA ALA Z 310 53.91 -110.07 63.04
C ALA Z 310 52.92 -109.22 62.24
N SER Z 311 52.99 -107.91 62.44
CA SER Z 311 52.11 -106.99 61.74
C SER Z 311 52.77 -105.63 61.66
N VAL Z 312 52.94 -105.13 60.43
CA VAL Z 312 53.51 -103.82 60.19
C VAL Z 312 52.46 -102.99 59.48
N SER Z 313 51.97 -101.95 60.14
CA SER Z 313 51.01 -101.05 59.54
C SER Z 313 51.67 -100.19 58.48
N GLN Z 314 50.84 -99.57 57.63
CA GLN Z 314 51.37 -98.74 56.55
C GLN Z 314 52.22 -97.61 57.10
N ASN Z 315 51.90 -97.11 58.30
CA ASN Z 315 52.64 -95.97 58.83
C ASN Z 315 54.10 -96.32 59.11
N SER Z 316 54.34 -97.40 59.87
CA SER Z 316 55.71 -97.77 60.19
C SER Z 316 56.51 -98.12 58.95
N LEU Z 317 55.86 -98.72 57.95
CA LEU Z 317 56.55 -99.05 56.72
C LEU Z 317 56.89 -97.79 55.93
N VAL Z 318 55.96 -96.85 55.85
CA VAL Z 318 56.25 -95.58 55.18
C VAL Z 318 57.41 -94.88 55.88
N SER Z 319 57.47 -94.97 57.21
CA SER Z 319 58.56 -94.36 57.96
C SER Z 319 59.88 -95.05 57.66
N ALA Z 320 59.88 -96.38 57.66
CA ALA Z 320 61.11 -97.11 57.35
C ALA Z 320 61.58 -96.79 55.93
N ALA Z 321 60.64 -96.59 55.01
CA ALA Z 321 61.02 -96.24 53.65
C ALA Z 321 61.60 -94.83 53.59
N GLY Z 322 60.91 -93.86 54.16
CA GLY Z 322 61.42 -92.50 54.20
C GLY Z 322 62.75 -92.40 54.92
N ASN Z 323 63.05 -93.34 55.80
CA ASN Z 323 64.35 -93.39 56.46
C ASN Z 323 65.39 -94.14 55.61
N ILE Z 324 64.94 -95.04 54.73
CA ILE Z 324 65.88 -95.71 53.84
C ILE Z 324 66.11 -94.87 52.60
N ALA Z 325 65.06 -94.56 51.86
CA ALA Z 325 65.15 -93.68 50.69
C ALA Z 325 64.82 -92.24 51.09
N ARG Z 326 65.79 -91.63 51.78
CA ARG Z 326 65.54 -90.35 52.43
C ARG Z 326 65.11 -89.26 51.46
N THR Z 327 65.68 -89.24 50.26
CA THR Z 327 65.37 -88.18 49.30
C THR Z 327 64.25 -88.57 48.36
N ILE Z 328 63.61 -89.70 48.58
CA ILE Z 328 62.41 -90.06 47.83
C ILE Z 328 61.22 -89.62 48.65
N ASP Z 329 60.31 -88.87 48.02
CA ASP Z 329 59.17 -88.32 48.74
C ASP Z 329 58.36 -89.44 49.39
N ARG Z 330 58.09 -89.28 50.69
CA ARG Z 330 57.33 -90.28 51.44
C ARG Z 330 56.01 -90.62 50.78
N ASN Z 331 55.41 -89.68 50.05
CA ASN Z 331 54.09 -89.92 49.46
C ASN Z 331 54.13 -91.05 48.44
N VAL Z 332 55.31 -91.37 47.90
CA VAL Z 332 55.41 -92.46 46.96
C VAL Z 332 55.39 -93.82 47.65
N PHE Z 333 55.73 -93.87 48.93
CA PHE Z 333 55.85 -95.13 49.65
C PHE Z 333 54.52 -95.68 50.14
N LYS Z 334 53.41 -95.00 49.86
CA LYS Z 334 52.11 -95.41 50.37
C LYS Z 334 51.03 -94.81 49.50
N PRO Z 335 49.84 -95.42 49.45
CA PRO Z 335 49.35 -96.63 50.13
C PRO Z 335 49.85 -97.93 49.51
N ILE Z 336 49.76 -99.02 50.26
CA ILE Z 336 50.13 -100.34 49.74
C ILE Z 336 49.04 -100.81 48.81
N ILE Z 337 49.43 -101.35 47.65
CA ILE Z 337 48.46 -101.76 46.64
C ILE Z 337 48.52 -103.24 46.30
N HIS Z 338 49.68 -103.88 46.44
CA HIS Z 338 49.76 -105.28 46.04
C HIS Z 338 50.80 -105.99 46.88
N ILE Z 339 50.60 -107.30 47.08
CA ILE Z 339 51.55 -108.15 47.79
C ILE Z 339 51.90 -109.33 46.89
N SER Z 340 53.14 -109.81 47.02
CA SER Z 340 53.59 -110.93 46.23
C SER Z 340 54.61 -111.75 47.01
N VAL Z 341 54.40 -113.07 47.05
CA VAL Z 341 55.30 -113.93 47.80
C VAL Z 341 56.56 -114.15 46.99
N ILE Z 342 57.70 -114.11 47.67
CA ILE Z 342 58.99 -114.43 47.07
C ILE Z 342 59.34 -115.84 47.55
N GLU Z 343 58.95 -116.84 46.77
CA GLU Z 343 59.11 -118.22 47.18
C GLU Z 343 60.59 -118.56 47.38
N MET Z 344 60.82 -119.68 48.07
CA MET Z 344 62.19 -120.13 48.33
C MET Z 344 62.94 -120.41 47.04
N SER Z 345 62.22 -120.71 45.96
CA SER Z 345 62.88 -120.98 44.69
C SER Z 345 63.72 -119.80 44.22
N GLU Z 346 63.30 -118.58 44.54
CA GLU Z 346 64.00 -117.38 44.09
C GLU Z 346 64.99 -116.83 45.10
N SER Z 347 64.62 -116.80 46.39
CA SER Z 347 65.46 -116.15 47.39
C SER Z 347 65.23 -116.79 48.75
N VAL Z 348 66.32 -117.01 49.48
CA VAL Z 348 66.21 -117.54 50.84
C VAL Z 348 66.12 -116.42 51.85
N ASN Z 349 66.62 -115.24 51.52
CA ASN Z 349 66.66 -114.12 52.45
C ASN Z 349 65.52 -113.13 52.28
N CYS Z 350 64.92 -113.05 51.11
CA CYS Z 350 63.79 -112.17 50.88
C CYS Z 350 62.55 -113.02 50.61
N HIS Z 351 61.46 -112.71 51.32
CA HIS Z 351 60.25 -113.52 51.23
C HIS Z 351 59.04 -112.78 50.70
N LEU Z 352 58.97 -111.46 50.86
CA LEU Z 352 57.76 -110.74 50.47
C LEU Z 352 58.11 -109.50 49.68
N LEU Z 353 57.29 -109.18 48.70
CA LEU Z 353 57.39 -107.94 47.95
C LEU Z 353 56.09 -107.18 48.05
N ALA Z 354 56.17 -105.94 48.52
CA ALA Z 354 55.03 -105.05 48.59
C ALA Z 354 55.16 -103.99 47.51
N VAL Z 355 54.11 -103.82 46.73
CA VAL Z 355 54.11 -102.91 45.59
C VAL Z 355 53.13 -101.78 45.85
N THR Z 356 53.60 -100.55 45.68
CA THR Z 356 52.79 -99.37 45.90
C THR Z 356 52.40 -98.73 44.58
N HIS Z 357 51.62 -97.65 44.68
CA HIS Z 357 50.98 -97.06 43.50
C HIS Z 357 51.94 -96.36 42.57
N THR Z 358 53.21 -96.17 42.95
CA THR Z 358 54.17 -95.49 42.11
C THR Z 358 55.23 -96.42 41.53
N GLY Z 359 55.16 -97.71 41.85
CA GLY Z 359 56.14 -98.65 41.35
C GLY Z 359 57.24 -99.01 42.33
N VAL Z 360 57.14 -98.57 43.58
CA VAL Z 360 58.18 -98.87 44.55
C VAL Z 360 58.01 -100.32 45.02
N ARG Z 361 59.14 -101.02 45.14
CA ARG Z 361 59.14 -102.39 45.62
C ARG Z 361 59.77 -102.43 46.99
N PHE Z 362 58.98 -102.78 47.99
CA PHE Z 362 59.46 -102.91 49.36
C PHE Z 362 59.67 -104.40 49.63
N TYR Z 363 60.92 -104.80 49.76
CA TYR Z 363 61.25 -106.18 50.06
C TYR Z 363 61.21 -106.37 51.56
N PHE Z 364 60.52 -107.41 52.00
CA PHE Z 364 60.41 -107.74 53.40
C PHE Z 364 60.91 -109.14 53.63
N SER Z 365 61.60 -109.33 54.75
CA SER Z 365 62.11 -110.63 55.18
C SER Z 365 61.48 -110.99 56.52
N THR Z 366 61.24 -112.29 56.70
CA THR Z 366 60.55 -112.78 57.88
C THR Z 366 61.46 -113.46 58.88
N VAL Z 367 62.57 -114.04 58.43
CA VAL Z 367 63.50 -114.72 59.33
C VAL Z 367 64.92 -114.26 59.01
N PRO Z 368 65.87 -114.61 59.86
CA PRO Z 368 67.25 -114.13 59.66
C PRO Z 368 67.84 -114.62 58.34
N PHE Z 369 68.75 -113.82 57.79
CA PHE Z 369 69.47 -114.21 56.59
C PHE Z 369 70.27 -115.47 56.84
N LYS Z 370 70.36 -116.31 55.79
CA LYS Z 370 71.07 -117.58 55.85
C LYS Z 370 70.45 -118.54 56.85
N GLN Z 371 69.12 -118.63 56.86
CA GLN Z 371 68.38 -119.55 57.71
C GLN Z 371 67.23 -120.16 56.93
N PRO Z 372 67.54 -120.95 55.89
CA PRO Z 372 66.47 -121.50 55.03
C PRO Z 372 65.50 -122.40 55.78
N THR Z 373 65.88 -122.93 56.94
CA THR Z 373 65.04 -123.84 57.69
C THR Z 373 64.29 -123.16 58.84
N ALA Z 374 64.50 -121.86 59.05
CA ALA Z 374 63.89 -121.19 60.19
C ALA Z 374 62.50 -120.67 59.84
N ARG Z 375 61.62 -120.62 60.85
CA ARG Z 375 60.25 -120.15 60.68
C ARG Z 375 60.17 -118.64 60.83
N PRO Z 376 59.07 -118.04 60.35
CA PRO Z 376 58.95 -116.57 60.42
C PRO Z 376 58.85 -116.08 61.85
N CYS Z 377 59.57 -115.00 62.14
CA CYS Z 377 59.53 -114.38 63.45
C CYS Z 377 59.50 -112.86 63.42
N MET Z 378 59.40 -112.24 62.24
CA MET Z 378 59.32 -110.79 62.15
C MET Z 378 58.87 -110.41 60.75
N LEU Z 379 58.75 -109.10 60.51
CA LEU Z 379 58.51 -108.55 59.18
C LEU Z 379 59.40 -107.32 59.05
N ALA Z 380 60.61 -107.51 58.54
CA ALA Z 380 61.61 -106.45 58.47
C ALA Z 380 61.83 -106.03 57.02
N LEU Z 381 61.66 -104.74 56.76
CA LEU Z 381 61.96 -104.21 55.44
C LEU Z 381 63.47 -104.24 55.23
N VAL Z 382 63.91 -104.86 54.13
CA VAL Z 382 65.33 -105.02 53.87
C VAL Z 382 65.80 -104.22 52.65
N HIS Z 383 64.91 -103.86 51.75
CA HIS Z 383 65.32 -103.15 50.55
C HIS Z 383 64.14 -102.38 49.97
N VAL Z 384 64.43 -101.18 49.48
CA VAL Z 384 63.45 -100.34 48.80
C VAL Z 384 63.97 -100.07 47.40
N ARG Z 385 63.20 -100.47 46.40
CA ARG Z 385 63.55 -100.24 45.00
C ARG Z 385 62.50 -99.32 44.39
N LEU Z 386 62.86 -98.06 44.20
CA LEU Z 386 61.98 -97.17 43.48
C LEU Z 386 61.95 -97.58 42.01
N PRO Z 387 60.81 -97.44 41.34
CA PRO Z 387 60.70 -97.92 39.97
C PRO Z 387 61.54 -97.07 39.03
N PRO Z 388 61.52 -97.37 37.73
CA PRO Z 388 62.28 -96.56 36.77
C PRO Z 388 61.88 -95.09 36.88
N GLY Z 389 62.80 -94.21 36.49
CA GLY Z 389 62.53 -92.80 36.51
C GLY Z 389 62.86 -92.09 37.80
N PHE Z 390 63.22 -92.83 38.86
CA PHE Z 390 63.62 -92.20 40.11
C PHE Z 390 64.98 -91.51 40.02
N SER Z 391 65.78 -91.84 39.00
CA SER Z 391 67.08 -91.20 38.84
C SER Z 391 66.91 -89.75 38.40
N ALA Z 392 67.85 -88.91 38.86
CA ALA Z 392 67.76 -87.48 38.59
C ALA Z 392 67.98 -87.13 37.12
N SER Z 393 68.33 -88.11 36.29
CA SER Z 393 68.60 -87.86 34.88
C SER Z 393 67.80 -88.75 33.95
N SER Z 394 67.04 -89.71 34.47
CA SER Z 394 66.24 -90.57 33.60
C SER Z 394 65.16 -89.75 32.90
N ASN Z 395 64.88 -90.12 31.67
CA ASN Z 395 63.86 -89.41 30.87
C ASN Z 395 62.58 -90.21 30.73
N VAL Z 396 62.47 -91.37 31.37
CA VAL Z 396 61.27 -92.19 31.26
C VAL Z 396 60.26 -91.74 32.31
N GLU Z 397 59.00 -91.64 31.91
CA GLU Z 397 57.95 -91.21 32.83
C GLU Z 397 57.89 -92.16 34.02
N LYS Z 398 57.66 -91.59 35.20
CA LYS Z 398 57.66 -92.44 36.39
C LYS Z 398 56.34 -93.18 36.50
N PRO Z 399 56.39 -94.45 36.91
CA PRO Z 399 55.16 -95.21 37.07
C PRO Z 399 54.22 -94.52 38.06
N SER Z 400 52.98 -94.34 37.65
CA SER Z 400 51.99 -93.65 38.46
C SER Z 400 50.66 -94.38 38.36
N LYS Z 401 49.85 -94.23 39.41
CA LYS Z 401 48.50 -94.79 39.46
C LYS Z 401 48.51 -96.30 39.29
N VAL Z 402 49.51 -96.98 39.84
CA VAL Z 402 49.54 -98.44 39.79
C VAL Z 402 48.33 -98.97 40.54
N HIS Z 403 47.57 -99.86 39.89
CA HIS Z 403 46.39 -100.44 40.49
C HIS Z 403 46.46 -101.94 40.68
N LYS Z 404 47.07 -102.68 39.76
CA LYS Z 404 47.23 -104.11 39.88
C LYS Z 404 48.65 -104.49 39.52
N ALA Z 405 49.20 -105.45 40.23
CA ALA Z 405 50.58 -105.86 40.01
C ALA Z 405 50.71 -107.36 40.23
N LEU Z 406 51.82 -107.91 39.76
CA LEU Z 406 52.12 -109.31 39.94
C LEU Z 406 53.62 -109.53 39.81
N TYR Z 407 54.18 -110.28 40.73
CA TYR Z 407 55.60 -110.60 40.74
C TYR Z 407 55.77 -112.11 40.62
N ASN Z 408 56.79 -112.53 39.87
CA ASN Z 408 57.06 -113.95 39.67
C ASN Z 408 58.51 -114.13 39.22
N ASN Z 409 59.33 -114.67 40.10
CA ASN Z 409 60.72 -115.08 39.80
C ASN Z 409 61.48 -113.99 39.05
N GLY Z 410 61.48 -112.81 39.67
CA GLY Z 410 62.21 -111.69 39.12
C GLY Z 410 61.50 -110.88 38.07
N VAL Z 411 60.28 -111.24 37.70
CA VAL Z 411 59.52 -110.52 36.67
C VAL Z 411 58.39 -109.79 37.36
N LEU Z 412 58.18 -108.53 37.01
CA LEU Z 412 57.15 -107.69 37.59
C LEU Z 412 56.27 -107.13 36.49
N LEU Z 413 54.97 -107.36 36.61
CA LEU Z 413 53.98 -106.77 35.72
C LEU Z 413 53.12 -105.80 36.52
N MET Z 414 52.91 -104.60 35.96
CA MET Z 414 52.14 -103.58 36.63
C MET Z 414 51.19 -102.91 35.64
N ALA Z 415 49.91 -102.90 35.95
CA ALA Z 415 48.91 -102.25 35.11
C ALA Z 415 48.56 -100.89 35.71
N ALA Z 416 48.94 -99.83 35.02
CA ALA Z 416 48.73 -98.46 35.51
C ALA Z 416 47.73 -97.76 34.61
N SER Z 417 46.74 -97.11 35.22
CA SER Z 417 45.70 -96.44 34.45
C SER Z 417 46.25 -95.15 33.88
N GLU Z 418 46.53 -95.14 32.57
CA GLU Z 418 46.92 -93.91 31.89
C GLU Z 418 45.79 -92.90 31.95
N ASN Z 419 44.57 -93.33 31.64
CA ASN Z 419 43.37 -92.53 31.78
C ASN Z 419 42.23 -93.49 32.08
N GLU Z 420 40.99 -93.00 31.97
CA GLU Z 420 39.84 -93.83 32.33
C GLU Z 420 39.65 -95.02 31.39
N ASP Z 421 40.22 -94.99 30.19
CA ASP Z 421 39.93 -95.99 29.19
C ASP Z 421 41.11 -96.85 28.76
N ASN Z 422 42.34 -96.48 29.14
CA ASN Z 422 43.51 -97.20 28.64
C ASN Z 422 44.48 -97.48 29.78
N ASP Z 423 44.93 -98.72 29.87
CA ASP Z 423 45.93 -99.13 30.84
C ASP Z 423 47.26 -99.36 30.15
N MET Z 424 48.33 -99.08 30.87
CA MET Z 424 49.68 -99.35 30.40
C MET Z 424 50.25 -100.49 31.24
N LEU Z 425 50.65 -101.56 30.58
CA LEU Z 425 51.32 -102.67 31.26
C LEU Z 425 52.82 -102.42 31.20
N TRP Z 426 53.42 -102.21 32.35
CA TRP Z 426 54.86 -102.10 32.47
C TRP Z 426 55.42 -103.43 32.94
N CYS Z 427 56.43 -103.92 32.23
CA CYS Z 427 57.07 -105.17 32.58
C CYS Z 427 58.52 -104.89 32.89
N ILE Z 428 58.99 -105.37 34.03
CA ILE Z 428 60.37 -105.15 34.47
C ILE Z 428 60.96 -106.50 34.81
N ASN Z 429 62.17 -106.77 34.31
CA ASN Z 429 62.80 -108.06 34.54
C ASN Z 429 64.28 -107.86 34.74
N ARG Z 430 64.94 -108.92 35.22
CA ARG Z 430 66.39 -108.92 35.40
C ARG Z 430 67.06 -110.03 34.61
N ASP Z 431 66.39 -110.58 33.60
CA ASP Z 431 66.91 -111.75 32.92
C ASP Z 431 68.11 -111.42 32.04
N SER Z 432 68.38 -110.14 31.81
CA SER Z 432 69.56 -109.77 31.04
C SER Z 432 70.79 -109.59 31.90
N PHE Z 433 70.62 -109.13 33.15
CA PHE Z 433 71.73 -108.88 34.05
C PHE Z 433 71.61 -109.76 35.30
N PRO Z 434 71.49 -111.08 35.12
CA PRO Z 434 71.27 -111.95 36.27
C PRO Z 434 72.42 -111.96 37.26
N PHE Z 435 73.64 -111.70 36.82
CA PHE Z 435 74.80 -111.78 37.69
C PHE Z 435 75.39 -110.42 38.04
N GLN Z 436 74.73 -109.32 37.67
CA GLN Z 436 75.27 -108.00 37.92
C GLN Z 436 74.89 -107.52 39.32
N LYS Z 437 75.85 -106.94 40.02
CA LYS Z 437 75.64 -106.38 41.34
C LYS Z 437 76.16 -104.95 41.39
N PRO Z 438 75.29 -103.95 41.60
CA PRO Z 438 73.87 -103.79 41.90
C PRO Z 438 72.92 -104.44 40.91
N MET Z 439 71.68 -104.64 41.33
CA MET Z 439 70.68 -105.25 40.46
C MET Z 439 70.36 -104.32 39.29
N MET Z 440 70.68 -104.77 38.09
CA MET Z 440 70.27 -104.09 36.88
C MET Z 440 69.06 -104.80 36.32
N GLU Z 441 68.14 -104.01 35.75
CA GLU Z 441 66.89 -104.56 35.28
C GLU Z 441 66.44 -103.85 34.02
N THR Z 442 66.02 -104.63 33.05
CA THR Z 442 65.42 -104.10 31.84
C THR Z 442 63.93 -103.85 32.06
N GLN Z 443 63.40 -102.91 31.30
CA GLN Z 443 62.02 -102.45 31.49
C GLN Z 443 61.42 -102.11 30.15
N VAL Z 444 60.13 -102.39 30.00
CA VAL Z 444 59.41 -102.13 28.76
C VAL Z 444 57.95 -101.84 29.06
N THR Z 445 57.28 -101.23 28.10
CA THR Z 445 55.88 -100.86 28.23
C THR Z 445 55.09 -101.41 27.06
N THR Z 446 53.82 -101.74 27.31
CA THR Z 446 52.92 -102.21 26.27
C THR Z 446 51.51 -101.72 26.58
N GLN Z 447 50.84 -101.17 25.57
CA GLN Z 447 49.51 -100.61 25.79
C GLN Z 447 48.47 -101.73 25.93
N VAL Z 448 47.38 -101.40 26.62
CA VAL Z 448 46.25 -102.33 26.80
C VAL Z 448 44.98 -101.51 26.83
N ASP Z 449 43.98 -101.92 26.06
CA ASP Z 449 42.72 -101.21 26.02
C ASP Z 449 41.82 -101.68 27.17
N GLY Z 450 41.06 -100.77 27.74
CA GLY Z 450 40.13 -101.10 28.79
C GLY Z 450 40.82 -101.31 30.13
N HIS Z 451 40.00 -101.25 31.19
CA HIS Z 451 40.53 -101.43 32.53
C HIS Z 451 41.05 -102.85 32.72
N SER Z 452 42.29 -102.96 33.19
CA SER Z 452 42.90 -104.26 33.45
C SER Z 452 42.22 -104.85 34.68
N TRP Z 453 41.21 -105.68 34.46
CA TRP Z 453 40.40 -106.20 35.55
C TRP Z 453 41.15 -107.22 36.38
N ALA Z 454 42.01 -108.02 35.76
CA ALA Z 454 42.79 -109.01 36.49
C ALA Z 454 44.06 -109.32 35.71
N LEU Z 455 45.09 -109.76 36.42
CA LEU Z 455 46.37 -110.11 35.81
C LEU Z 455 46.98 -111.26 36.57
N SER Z 456 47.26 -112.36 35.89
CA SER Z 456 47.77 -113.55 36.52
C SER Z 456 48.91 -114.15 35.71
N ALA Z 457 49.82 -114.84 36.40
CA ALA Z 457 50.87 -115.58 35.72
C ALA Z 457 50.47 -117.05 35.60
N VAL Z 458 50.78 -117.64 34.46
CA VAL Z 458 50.40 -119.03 34.17
C VAL Z 458 51.58 -119.90 34.56
N ASP Z 459 51.46 -120.59 35.69
CA ASP Z 459 52.55 -121.42 36.19
C ASP Z 459 52.77 -122.61 35.26
N GLU Z 460 53.84 -122.55 34.49
CA GLU Z 460 54.18 -123.65 33.59
C GLU Z 460 55.16 -124.60 34.25
N GLN Z 461 55.61 -125.58 33.49
CA GLN Z 461 56.49 -126.64 33.97
C GLN Z 461 57.73 -126.08 34.65
N LYS Z 462 58.05 -126.63 35.82
CA LYS Z 462 59.28 -126.29 36.50
C LYS Z 462 60.40 -127.21 36.05
N ALA Z 463 61.58 -126.65 35.83
CA ALA Z 463 62.72 -127.46 35.43
C ALA Z 463 63.11 -128.40 36.56
N ASP Z 464 63.01 -129.70 36.30
CA ASP Z 464 63.33 -130.69 37.31
C ASP Z 464 64.82 -130.63 37.66
N LYS Z 465 65.12 -130.37 38.93
CA LYS Z 465 66.50 -130.31 39.38
C LYS Z 465 66.90 -131.68 39.93
N ILE Z 466 67.61 -132.45 39.12
CA ILE Z 466 68.02 -133.80 39.53
C ILE Z 466 69.06 -133.68 40.62
N VAL Z 467 68.65 -133.93 41.86
CA VAL Z 467 69.54 -133.90 43.02
C VAL Z 467 69.75 -135.32 43.47
N THR Z 468 71.01 -135.70 43.64
CA THR Z 468 71.39 -137.04 44.07
C THR Z 468 72.20 -136.94 45.36
N PRO Z 469 72.59 -138.08 45.93
CA PRO Z 469 73.28 -138.04 47.23
C PRO Z 469 74.63 -137.35 47.20
N LEU Z 470 75.32 -137.35 46.05
CA LEU Z 470 76.70 -136.88 46.03
C LEU Z 470 76.85 -135.44 45.56
N ASN Z 471 75.78 -134.84 45.02
CA ASN Z 471 75.85 -133.48 44.51
C ASN Z 471 74.89 -132.51 45.20
N LYS Z 472 74.04 -133.01 46.11
CA LYS Z 472 73.09 -132.13 46.79
C LYS Z 472 73.80 -131.03 47.57
N ASP Z 473 75.06 -131.24 47.92
CA ASP Z 473 75.83 -130.22 48.61
C ASP Z 473 76.24 -129.07 47.71
N LEU Z 474 76.44 -129.32 46.42
CA LEU Z 474 76.93 -128.30 45.50
C LEU Z 474 75.84 -127.40 44.95
N ILE Z 475 74.64 -127.92 44.75
CA ILE Z 475 73.56 -127.20 44.08
C ILE Z 475 72.98 -126.20 45.06
N PRO Z 476 72.87 -124.92 44.70
CA PRO Z 476 72.11 -123.99 45.55
C PRO Z 476 70.63 -124.35 45.54
N LEU Z 477 69.96 -124.06 46.66
CA LEU Z 477 68.54 -124.35 46.77
C LEU Z 477 67.74 -123.61 45.70
N THR Z 478 68.17 -122.41 45.34
CA THR Z 478 67.43 -121.61 44.37
C THR Z 478 67.63 -122.13 42.95
N ASP Z 479 66.78 -121.68 42.05
CA ASP Z 479 66.83 -122.11 40.66
C ASP Z 479 67.80 -121.25 39.87
N SER Z 480 68.46 -121.85 38.89
CA SER Z 480 69.41 -121.13 38.07
C SER Z 480 68.73 -119.98 37.33
N PRO Z 481 69.46 -118.94 36.95
CA PRO Z 481 68.85 -117.85 36.18
C PRO Z 481 68.38 -118.34 34.82
N VAL Z 482 67.42 -117.60 34.26
CA VAL Z 482 66.79 -118.00 33.01
C VAL Z 482 67.81 -118.17 31.90
N ILE Z 483 68.96 -117.49 31.99
CA ILE Z 483 69.92 -117.52 30.90
C ILE Z 483 70.55 -118.89 30.76
N ILE Z 484 70.69 -119.64 31.85
CA ILE Z 484 71.37 -120.92 31.79
C ILE Z 484 70.40 -122.05 31.45
N GLN Z 485 69.12 -121.90 31.83
CA GLN Z 485 68.14 -122.95 31.64
C GLN Z 485 67.12 -122.65 30.54
N GLN Z 486 67.30 -121.56 29.79
CA GLN Z 486 66.34 -121.21 28.74
C GLN Z 486 66.28 -122.23 27.63
N HIS Z 487 67.10 -123.28 27.67
CA HIS Z 487 67.02 -124.34 26.69
C HIS Z 487 66.06 -125.46 27.12
N MET Z 488 65.40 -125.32 28.26
CA MET Z 488 64.50 -126.35 28.76
C MET Z 488 63.13 -125.84 29.20
N ILE Z 489 63.01 -124.57 29.59
CA ILE Z 489 61.74 -124.04 30.10
C ILE Z 489 61.18 -123.03 29.11
N PRO Z 490 59.88 -123.10 28.80
CA PRO Z 490 59.29 -122.11 27.91
C PRO Z 490 59.31 -120.72 28.55
N PRO Z 491 59.12 -119.67 27.74
CA PRO Z 491 59.02 -118.33 28.33
C PRO Z 491 57.82 -118.25 29.25
N LYS Z 492 57.97 -117.51 30.34
CA LYS Z 492 56.86 -117.30 31.26
C LYS Z 492 55.71 -116.64 30.52
N ARG Z 493 54.49 -117.05 30.85
CA ARG Z 493 53.30 -116.58 30.19
C ARG Z 493 52.38 -115.87 31.17
N PHE Z 494 51.74 -114.81 30.71
CA PHE Z 494 50.83 -114.03 31.53
C PHE Z 494 49.49 -113.92 30.81
N VAL Z 495 48.43 -113.86 31.62
CA VAL Z 495 47.07 -113.74 31.14
C VAL Z 495 46.42 -112.59 31.88
N LEU Z 496 45.92 -111.61 31.12
CA LEU Z 496 45.24 -110.46 31.69
C LEU Z 496 43.81 -110.43 31.17
N LEU Z 497 42.89 -109.96 31.99
CA LEU Z 497 41.49 -109.84 31.62
C LEU Z 497 41.04 -108.40 31.78
N SER Z 498 40.44 -107.84 30.74
CA SER Z 498 39.87 -106.52 30.76
C SER Z 498 38.46 -106.58 30.20
N ALA Z 499 37.72 -105.48 30.33
CA ALA Z 499 36.34 -105.45 29.86
C ALA Z 499 36.24 -105.65 28.35
N GLN Z 500 37.36 -105.70 27.64
CA GLN Z 500 37.34 -105.95 26.20
C GLN Z 500 37.79 -107.35 25.82
N GLY Z 501 38.13 -108.20 26.80
CA GLY Z 501 38.53 -109.57 26.54
C GLY Z 501 39.77 -109.97 27.31
N SER Z 502 40.33 -111.10 26.95
CA SER Z 502 41.50 -111.65 27.63
C SER Z 502 42.70 -111.57 26.71
N HIS Z 503 43.80 -111.02 27.21
CA HIS Z 503 45.03 -110.85 26.46
C HIS Z 503 46.07 -111.82 27.02
N ILE Z 504 46.67 -112.61 26.15
CA ILE Z 504 47.76 -113.51 26.50
C ILE Z 504 49.05 -112.88 26.04
N PHE Z 505 50.10 -112.99 26.84
CA PHE Z 505 51.38 -112.42 26.48
C PHE Z 505 52.49 -113.28 27.08
N TYR Z 506 53.69 -113.09 26.56
CA TYR Z 506 54.84 -113.88 26.98
C TYR Z 506 56.01 -112.97 27.32
N LYS Z 507 56.66 -113.26 28.44
CA LYS Z 507 57.90 -112.58 28.78
C LYS Z 507 59.07 -113.32 28.15
N LEU Z 508 59.74 -112.67 27.21
CA LEU Z 508 60.77 -113.35 26.44
C LEU Z 508 62.09 -113.35 27.19
N ARG Z 509 62.70 -114.52 27.31
CA ARG Z 509 64.05 -114.64 27.84
C ARG Z 509 65.07 -114.23 26.77
N PRO Z 510 66.36 -114.27 27.10
CA PRO Z 510 67.37 -113.84 26.12
C PRO Z 510 67.32 -114.61 24.82
N VAL Z 511 66.96 -115.89 24.85
CA VAL Z 511 66.93 -116.68 23.63
C VAL Z 511 65.92 -116.12 22.65
N ASP Z 512 64.70 -115.84 23.12
CA ASP Z 512 63.70 -115.24 22.24
C ASP Z 512 64.13 -113.86 21.79
N GLN Z 513 64.88 -113.14 22.61
CA GLN Z 513 65.39 -111.84 22.20
C GLN Z 513 66.31 -111.98 20.99
N LEU Z 514 67.32 -112.84 21.10
CA LEU Z 514 68.21 -113.07 19.97
C LEU Z 514 67.45 -113.59 18.77
N ARG Z 515 66.42 -114.41 19.00
CA ARG Z 515 65.63 -114.95 17.90
C ARG Z 515 64.89 -113.84 17.17
N HIS Z 516 64.27 -112.93 17.92
CA HIS Z 516 63.60 -111.80 17.29
C HIS Z 516 64.60 -110.93 16.53
N LEU Z 517 65.80 -110.78 17.08
CA LEU Z 517 66.83 -110.00 16.40
C LEU Z 517 67.20 -110.65 15.06
N LEU Z 518 67.29 -111.98 15.04
CA LEU Z 518 67.61 -112.67 13.80
C LEU Z 518 66.44 -112.61 12.81
N VAL Z 519 65.21 -112.62 13.32
CA VAL Z 519 64.04 -112.58 12.45
C VAL Z 519 63.91 -111.21 11.80
N SER Z 520 64.25 -110.14 12.54
CA SER Z 520 64.15 -108.81 11.98
C SER Z 520 65.22 -108.57 10.93
N ASN Z 521 66.46 -108.97 11.21
CA ASN Z 521 67.57 -108.73 10.31
C ASN Z 521 67.65 -109.74 9.16
N SER Z 522 66.73 -110.70 9.11
CA SER Z 522 66.67 -111.68 8.02
C SER Z 522 67.98 -112.45 7.90
N GLY Z 523 68.60 -112.77 9.04
CA GLY Z 523 69.84 -113.52 9.00
C GLY Z 523 70.55 -113.42 10.33
N GLY Z 524 71.75 -113.99 10.35
CA GLY Z 524 72.63 -113.89 11.50
C GLY Z 524 73.58 -112.72 11.47
N ASP Z 525 73.24 -111.66 10.73
CA ASP Z 525 74.11 -110.51 10.55
C ASP Z 525 73.30 -109.23 10.74
N GLY Z 526 73.91 -108.23 11.36
CA GLY Z 526 73.28 -106.95 11.57
C GLY Z 526 73.87 -106.22 12.75
N GLU Z 527 73.58 -104.91 12.86
CA GLU Z 527 74.05 -104.16 14.03
C GLU Z 527 73.36 -104.63 15.30
N GLU Z 528 72.09 -105.01 15.20
CA GLU Z 528 71.34 -105.42 16.39
C GLU Z 528 71.88 -106.73 16.96
N ILE Z 529 72.24 -107.69 16.10
CA ILE Z 529 72.77 -108.94 16.60
C ILE Z 529 74.07 -108.71 17.35
N GLU Z 530 74.96 -107.89 16.79
CA GLU Z 530 76.20 -107.55 17.48
C GLU Z 530 75.92 -106.84 18.80
N ARG Z 531 74.93 -105.96 18.81
CA ARG Z 531 74.58 -105.29 20.05
C ARG Z 531 74.10 -106.28 21.11
N PHE Z 532 73.30 -107.27 20.72
CA PHE Z 532 72.85 -108.27 21.67
C PHE Z 532 74.03 -109.09 22.19
N PHE Z 533 74.93 -109.48 21.29
CA PHE Z 533 76.09 -110.26 21.72
C PHE Z 533 76.98 -109.45 22.65
N LYS Z 534 77.03 -108.15 22.46
CA LYS Z 534 77.80 -107.31 23.39
C LYS Z 534 77.06 -107.11 24.70
N LEU Z 535 75.72 -107.16 24.66
CA LEU Z 535 74.95 -107.07 25.87
C LEU Z 535 75.15 -108.30 26.74
N HIS Z 536 75.21 -109.47 26.12
CA HIS Z 536 75.20 -110.71 26.88
C HIS Z 536 76.57 -111.36 27.06
N GLN Z 537 77.66 -110.57 27.13
CA GLN Z 537 78.94 -111.16 27.51
C GLN Z 537 79.31 -112.30 26.57
N GLU Z 538 79.73 -111.97 25.35
CA GLU Z 538 79.37 -112.70 24.13
C GLU Z 538 79.28 -114.21 24.32
N ASN Z 539 80.00 -114.78 25.29
CA ASN Z 539 79.92 -116.23 25.51
C ASN Z 539 78.48 -116.68 25.75
N GLN Z 540 77.73 -115.93 26.57
CA GLN Z 540 76.34 -116.29 26.78
C GLN Z 540 75.54 -116.15 25.50
N ALA Z 541 75.90 -115.17 24.66
CA ALA Z 541 75.24 -115.06 23.36
C ALA Z 541 75.54 -116.26 22.49
N CYS Z 542 76.76 -116.80 22.61
CA CYS Z 542 77.12 -117.98 21.84
C CYS Z 542 76.32 -119.19 22.30
N ALA Z 543 76.15 -119.34 23.62
CA ALA Z 543 75.30 -120.41 24.12
C ALA Z 543 73.86 -120.24 23.64
N THR Z 544 73.33 -119.02 23.73
CA THR Z 544 71.95 -118.77 23.35
C THR Z 544 71.74 -119.00 21.86
N CYS Z 545 72.76 -118.71 21.04
CA CYS Z 545 72.62 -118.92 19.61
C CYS Z 545 72.80 -120.39 19.25
N LEU Z 546 73.76 -121.07 19.88
CA LEU Z 546 73.97 -122.48 19.61
C LEU Z 546 72.77 -123.31 20.03
N ILE Z 547 72.02 -122.84 21.03
CA ILE Z 547 70.76 -123.50 21.37
C ILE Z 547 69.84 -123.49 20.16
N LEU Z 548 69.59 -122.31 19.59
CA LEU Z 548 68.71 -122.23 18.44
C LEU Z 548 69.31 -122.95 17.22
N ALA Z 549 70.63 -123.04 17.16
CA ALA Z 549 71.27 -123.69 16.02
C ALA Z 549 71.09 -125.21 16.07
N CYS Z 550 70.89 -125.76 17.26
CA CYS Z 550 70.66 -127.19 17.42
C CYS Z 550 69.19 -127.53 17.62
N SER Z 551 68.30 -126.59 17.34
CA SER Z 551 66.88 -126.90 17.38
C SER Z 551 66.51 -127.84 16.24
N SER Z 552 65.78 -128.90 16.57
CA SER Z 552 65.35 -129.87 15.57
C SER Z 552 63.96 -129.56 15.03
N ALA Z 553 63.23 -128.65 15.66
CA ALA Z 553 61.90 -128.29 15.18
C ALA Z 553 62.01 -127.56 13.85
N ALA Z 554 61.08 -127.84 12.94
CA ALA Z 554 61.11 -127.23 11.62
C ALA Z 554 61.03 -125.71 11.68
N SER Z 555 60.26 -125.17 12.63
CA SER Z 555 60.00 -123.74 12.67
C SER Z 555 61.24 -122.90 12.93
N ASP Z 556 62.37 -123.52 13.26
CA ASP Z 556 63.62 -122.80 13.48
C ASP Z 556 64.68 -123.14 12.44
N ARG Z 557 64.33 -123.95 11.44
CA ARG Z 557 65.31 -124.48 10.50
C ARG Z 557 66.17 -123.37 9.90
N GLU Z 558 65.53 -122.32 9.38
CA GLU Z 558 66.30 -121.20 8.86
C GLU Z 558 67.01 -120.45 9.98
N VAL Z 559 66.29 -120.17 11.08
CA VAL Z 559 66.90 -119.48 12.21
C VAL Z 559 68.11 -120.27 12.70
N SER Z 560 67.98 -121.59 12.81
CA SER Z 560 69.08 -122.42 13.26
C SER Z 560 70.32 -122.21 12.41
N SER Z 561 70.14 -121.97 11.11
CA SER Z 561 71.29 -121.64 10.27
C SER Z 561 71.71 -120.20 10.47
N TRP Z 562 70.75 -119.28 10.52
CA TRP Z 562 71.09 -117.88 10.73
C TRP Z 562 71.81 -117.69 12.05
N ALA Z 563 71.25 -118.22 13.14
CA ALA Z 563 71.90 -118.10 14.44
C ALA Z 563 73.29 -118.71 14.41
N ALA Z 564 73.43 -119.89 13.80
CA ALA Z 564 74.77 -120.47 13.61
C ALA Z 564 75.67 -119.50 12.86
N ARG Z 565 75.15 -118.87 11.81
CA ARG Z 565 75.90 -117.82 11.14
C ARG Z 565 76.35 -116.76 12.14
N ALA Z 566 75.42 -116.29 12.98
CA ALA Z 566 75.79 -115.37 14.04
C ALA Z 566 76.88 -115.99 14.93
N PHE Z 567 76.72 -117.26 15.28
CA PHE Z 567 77.71 -117.93 16.13
C PHE Z 567 79.09 -117.91 15.49
N PHE Z 568 79.14 -117.78 14.16
CA PHE Z 568 80.44 -117.74 13.49
C PHE Z 568 80.96 -116.32 13.35
N ARG Z 569 80.08 -115.31 13.36
CA ARG Z 569 80.50 -113.95 13.05
C ARG Z 569 80.97 -113.20 14.28
N TYR Z 570 80.23 -113.28 15.39
CA TYR Z 570 80.52 -112.49 16.58
C TYR Z 570 81.21 -113.28 17.68
N GLY Z 571 81.47 -114.56 17.47
CA GLY Z 571 82.04 -115.40 18.50
C GLY Z 571 83.48 -115.11 18.88
N GLY Z 572 84.04 -113.99 18.43
CA GLY Z 572 85.39 -113.64 18.79
C GLY Z 572 86.43 -114.56 18.17
N GLU Z 573 87.67 -114.38 18.63
CA GLU Z 573 88.80 -115.18 18.18
C GLU Z 573 89.68 -115.52 19.36
N ALA Z 574 90.28 -116.70 19.30
CA ALA Z 574 91.10 -117.18 20.42
C ALA Z 574 92.35 -116.34 20.58
N GLN Z 575 92.50 -115.74 21.77
CA GLN Z 575 93.64 -114.89 22.06
C GLN Z 575 94.38 -115.38 23.31
N ILE Z 651 95.73 -118.41 27.51
CA ILE Z 651 94.93 -118.65 26.32
C ILE Z 651 93.46 -118.43 26.63
N VAL Z 652 92.95 -117.26 26.29
CA VAL Z 652 91.57 -116.88 26.58
C VAL Z 652 90.69 -117.50 25.51
N PHE Z 653 89.82 -118.42 25.91
CA PHE Z 653 88.92 -119.06 24.96
C PHE Z 653 87.93 -118.05 24.40
N SER Z 654 87.75 -118.09 23.08
CA SER Z 654 86.87 -117.14 22.41
C SER Z 654 85.41 -117.45 22.70
N GLY Z 655 84.55 -116.53 22.26
CA GLY Z 655 83.13 -116.64 22.56
C GLY Z 655 82.52 -117.96 22.11
N LYS Z 656 82.81 -118.39 20.88
CA LYS Z 656 82.18 -119.59 20.36
C LYS Z 656 82.55 -120.82 21.18
N HIS Z 657 83.84 -120.95 21.53
CA HIS Z 657 84.30 -122.11 22.27
C HIS Z 657 83.57 -122.24 23.61
N ASN Z 658 83.72 -121.22 24.46
CA ASN Z 658 83.08 -121.29 25.76
C ASN Z 658 81.57 -121.32 25.64
N GLY Z 659 81.02 -120.77 24.56
CA GLY Z 659 79.59 -120.85 24.36
C GLY Z 659 79.13 -122.28 24.12
N ILE Z 660 79.85 -123.01 23.28
CA ILE Z 660 79.56 -124.43 23.11
C ILE Z 660 79.71 -125.15 24.45
N CYS Z 661 80.79 -124.83 25.17
CA CYS Z 661 81.01 -125.49 26.46
C CYS Z 661 79.86 -125.23 27.41
N ILE Z 662 79.33 -124.00 27.42
CA ILE Z 662 78.30 -123.63 28.39
C ILE Z 662 76.97 -124.23 27.99
N TYR Z 663 76.66 -124.23 26.69
CA TYR Z 663 75.42 -124.87 26.25
C TYR Z 663 75.46 -126.36 26.53
N PHE Z 664 76.59 -127.02 26.27
CA PHE Z 664 76.74 -128.42 26.60
C PHE Z 664 76.59 -128.65 28.10
N CYS Z 665 77.19 -127.78 28.91
CA CYS Z 665 77.09 -127.93 30.35
C CYS Z 665 75.65 -127.79 30.82
N ARG Z 666 74.94 -126.77 30.32
CA ARG Z 666 73.58 -126.52 30.80
C ARG Z 666 72.60 -127.56 30.27
N ILE Z 667 72.93 -128.20 29.16
CA ILE Z 667 72.09 -129.29 28.68
C ILE Z 667 72.37 -130.57 29.46
N ILE Z 668 73.63 -130.80 29.80
CA ILE Z 668 73.97 -131.95 30.61
C ILE Z 668 73.41 -131.80 32.01
N GLY Z 669 73.27 -130.57 32.48
CA GLY Z 669 72.66 -130.32 33.77
C GLY Z 669 73.42 -130.96 34.91
N ASN Z 670 72.72 -131.14 36.02
CA ASN Z 670 73.30 -131.76 37.20
C ASN Z 670 73.70 -133.21 36.96
N ILE Z 671 73.36 -133.79 35.80
CA ILE Z 671 73.82 -135.13 35.49
C ILE Z 671 75.33 -135.15 35.35
N TRP Z 672 75.94 -134.01 35.02
CA TRP Z 672 77.40 -133.93 34.98
C TRP Z 672 78.01 -134.39 36.29
N ASP Z 673 77.52 -133.84 37.40
CA ASP Z 673 77.99 -134.21 38.73
C ASP Z 673 76.96 -135.03 39.50
N GLY Z 674 75.97 -135.61 38.82
CA GLY Z 674 74.99 -136.43 39.49
C GLY Z 674 75.35 -137.90 39.50
N SER Z 675 74.94 -138.58 40.56
CA SER Z 675 75.24 -140.00 40.68
C SER Z 675 74.45 -140.80 39.66
N VAL Z 676 74.90 -142.04 39.42
CA VAL Z 676 74.18 -142.89 38.49
C VAL Z 676 72.89 -143.42 39.10
N ALA Z 677 72.95 -143.91 40.33
CA ALA Z 677 71.81 -144.53 40.98
C ALA Z 677 71.76 -144.14 42.45
N VAL Z 678 70.67 -144.51 43.10
CA VAL Z 678 70.48 -144.27 44.52
C VAL Z 678 69.93 -145.53 45.15
N GLU Z 679 70.22 -145.72 46.43
CA GLU Z 679 69.72 -146.85 47.19
C GLU Z 679 68.45 -146.45 47.92
N ASN Z 680 67.34 -147.10 47.60
CA ASN Z 680 66.05 -146.81 48.22
C ASN Z 680 65.63 -148.01 49.07
N THR Z 681 65.08 -147.73 50.24
CA THR Z 681 64.62 -148.76 51.16
C THR Z 681 63.10 -148.81 51.11
N PHE Z 682 62.56 -149.94 50.65
CA PHE Z 682 61.12 -150.14 50.57
C PHE Z 682 60.69 -151.16 51.61
N GLN Z 683 59.61 -150.85 52.31
CA GLN Z 683 59.08 -151.72 53.35
C GLN Z 683 57.95 -152.57 52.78
N SER Z 684 58.25 -153.84 52.50
CA SER Z 684 57.26 -154.79 51.99
C SER Z 684 56.85 -155.66 53.16
N GLY Z 685 55.61 -155.51 53.61
CA GLY Z 685 55.13 -156.23 54.76
C GLY Z 685 55.88 -155.85 56.02
N ASN Z 686 56.74 -156.74 56.51
CA ASN Z 686 57.59 -156.47 57.66
C ASN Z 686 59.06 -156.38 57.29
N ARG Z 687 59.40 -156.41 56.01
CA ARG Z 687 60.79 -156.53 55.57
C ARG Z 687 61.25 -155.24 54.91
N GLU Z 688 62.47 -154.80 55.24
CA GLU Z 688 63.08 -153.67 54.55
C GLU Z 688 64.01 -154.19 53.46
N VAL Z 689 63.71 -153.82 52.21
CA VAL Z 689 64.47 -154.27 51.06
C VAL Z 689 65.13 -153.05 50.41
N THR Z 690 66.43 -153.14 50.18
CA THR Z 690 67.18 -152.09 49.53
C THR Z 690 67.27 -152.38 48.03
N ALA Z 691 66.90 -151.40 47.21
CA ALA Z 691 66.92 -151.54 45.77
C ALA Z 691 67.66 -150.37 45.13
N ILE Z 692 68.29 -150.64 43.99
CA ILE Z 692 69.07 -149.64 43.27
C ILE Z 692 68.18 -149.03 42.21
N ASP Z 693 67.79 -147.78 42.40
CA ASP Z 693 66.93 -147.08 41.46
C ASP Z 693 67.71 -146.04 40.68
N SER Z 694 67.29 -145.81 39.44
CA SER Z 694 67.97 -144.85 38.59
C SER Z 694 67.86 -143.46 39.16
N SER Z 695 68.97 -142.74 39.19
CA SER Z 695 68.96 -141.38 39.70
C SER Z 695 68.07 -140.46 38.89
N VAL Z 696 67.79 -140.81 37.64
CA VAL Z 696 66.99 -139.98 36.75
C VAL Z 696 65.97 -140.85 36.05
N THR Z 697 64.75 -140.32 35.91
CA THR Z 697 63.72 -141.03 35.16
C THR Z 697 64.09 -141.07 33.68
N PRO Z 698 63.44 -141.94 32.90
CA PRO Z 698 63.82 -142.08 31.49
C PRO Z 698 63.53 -140.85 30.65
N GLN Z 699 62.46 -140.11 30.95
CA GLN Z 699 62.13 -138.94 30.14
C GLN Z 699 63.24 -137.89 30.20
N HIS Z 700 63.80 -137.66 31.38
CA HIS Z 700 64.89 -136.70 31.50
C HIS Z 700 66.11 -137.14 30.71
N LEU Z 701 66.47 -138.43 30.81
CA LEU Z 701 67.60 -138.94 30.04
C LEU Z 701 67.34 -138.79 28.54
N GLU Z 702 66.08 -138.96 28.12
CA GLU Z 702 65.76 -138.83 26.70
C GLU Z 702 65.86 -137.38 26.23
N SER Z 703 65.38 -136.45 27.05
CA SER Z 703 65.50 -135.04 26.70
C SER Z 703 66.97 -134.63 26.61
N VAL Z 704 67.78 -135.09 27.57
CA VAL Z 704 69.21 -134.77 27.54
C VAL Z 704 69.85 -135.39 26.31
N LEU Z 705 69.47 -136.62 25.98
CA LEU Z 705 70.03 -137.28 24.80
C LEU Z 705 69.68 -136.52 23.54
N LYS Z 706 68.43 -136.08 23.41
CA LYS Z 706 68.01 -135.38 22.21
C LYS Z 706 68.72 -134.03 22.08
N GLU Z 707 68.82 -133.29 23.19
CA GLU Z 707 69.52 -132.01 23.14
C GLU Z 707 71.00 -132.19 22.82
N LEU Z 708 71.66 -133.12 23.51
CA LEU Z 708 73.07 -133.37 23.23
C LEU Z 708 73.27 -133.89 21.81
N LYS Z 709 72.29 -134.60 21.27
CA LYS Z 709 72.40 -135.10 19.91
C LYS Z 709 72.25 -133.98 18.89
N GLY Z 710 71.32 -133.05 19.11
CA GLY Z 710 71.25 -131.87 18.27
C GLY Z 710 72.54 -131.07 18.30
N LEU Z 711 73.10 -130.90 19.50
CA LEU Z 711 74.36 -130.19 19.62
C LEU Z 711 75.50 -130.94 18.94
N LEU Z 712 75.49 -132.28 19.05
CA LEU Z 712 76.53 -133.07 18.40
C LEU Z 712 76.37 -133.04 16.88
N GLU Z 713 75.13 -132.94 16.40
CA GLU Z 713 74.92 -132.78 14.97
C GLU Z 713 75.49 -131.46 14.48
N PHE Z 714 75.24 -130.38 15.22
CA PHE Z 714 75.85 -129.10 14.88
C PHE Z 714 77.37 -129.17 14.92
N LEU Z 715 77.90 -129.84 15.95
CA LEU Z 715 79.35 -129.95 16.10
C LEU Z 715 79.97 -130.74 14.96
N ASP Z 716 79.37 -131.88 14.59
CA ASP Z 716 79.89 -132.67 13.49
C ASP Z 716 79.79 -131.89 12.17
N ARG Z 717 78.66 -131.19 11.96
CA ARG Z 717 78.49 -130.45 10.72
C ARG Z 717 79.49 -129.33 10.59
N TYR Z 718 79.86 -128.69 11.71
CA TYR Z 718 80.84 -127.61 11.67
C TYR Z 718 82.25 -128.05 12.01
N SER Z 719 82.48 -129.36 12.21
CA SER Z 719 83.79 -129.84 12.62
C SER Z 719 84.91 -129.43 11.67
N GLN Z 720 84.59 -129.20 10.41
CA GLN Z 720 85.61 -128.70 9.49
C GLN Z 720 85.77 -127.19 9.62
N PHE Z 721 84.70 -126.47 9.99
CA PHE Z 721 84.77 -125.01 10.08
C PHE Z 721 85.79 -124.55 11.12
N THR Z 722 86.18 -125.42 12.04
CA THR Z 722 87.20 -125.09 13.01
C THR Z 722 88.60 -125.49 12.55
N ALA Z 723 88.71 -126.23 11.44
CA ALA Z 723 90.00 -126.74 10.99
C ALA Z 723 90.61 -125.92 9.88
N GLY Z 724 89.81 -125.32 9.01
CA GLY Z 724 90.34 -124.56 7.89
C GLY Z 724 90.54 -123.09 8.21
N LEU Z 769 96.07 -123.30 18.03
CA LEU Z 769 95.93 -124.76 17.94
C LEU Z 769 95.28 -125.31 19.19
N ALA Z 770 95.41 -124.59 20.31
CA ALA Z 770 94.85 -125.06 21.57
C ALA Z 770 93.33 -125.07 21.53
N GLU Z 771 92.72 -124.04 20.93
CA GLU Z 771 91.27 -124.02 20.78
C GLU Z 771 90.79 -125.25 20.03
N GLN Z 772 91.55 -125.68 19.02
CA GLN Z 772 91.21 -126.91 18.30
C GLN Z 772 91.20 -128.10 19.24
N PHE Z 773 92.23 -128.22 20.09
CA PHE Z 773 92.28 -129.34 21.03
C PHE Z 773 91.10 -129.30 21.98
N SER Z 774 90.77 -128.12 22.50
CA SER Z 774 89.64 -127.99 23.41
C SER Z 774 88.34 -128.40 22.73
N LEU Z 775 88.13 -127.93 21.51
CA LEU Z 775 86.88 -128.26 20.80
C LEU Z 775 86.82 -129.75 20.48
N GLN Z 776 87.96 -130.36 20.16
CA GLN Z 776 87.96 -131.79 19.88
C GLN Z 776 87.64 -132.59 21.13
N GLY Z 777 88.28 -132.26 22.25
CA GLY Z 777 87.94 -132.91 23.50
C GLY Z 777 86.48 -132.73 23.85
N ILE Z 778 85.94 -131.54 23.60
CA ILE Z 778 84.55 -131.25 23.96
C ILE Z 778 83.60 -132.05 23.08
N HIS Z 779 83.89 -132.15 21.79
CA HIS Z 779 83.03 -132.93 20.90
C HIS Z 779 83.09 -134.41 21.22
N GLN Z 780 84.29 -134.93 21.53
CA GLN Z 780 84.40 -136.33 21.92
C GLN Z 780 83.67 -136.59 23.23
N LEU Z 781 83.77 -135.66 24.18
CA LEU Z 781 83.04 -135.81 25.43
C LEU Z 781 81.54 -135.75 25.20
N VAL Z 782 81.10 -134.91 24.26
CA VAL Z 782 79.67 -134.83 23.94
C VAL Z 782 79.20 -136.15 23.35
N ARG Z 783 79.98 -136.72 22.45
CA ARG Z 783 79.62 -137.99 21.85
C ARG Z 783 79.55 -139.08 22.92
N LYS Z 784 80.60 -139.19 23.74
CA LYS Z 784 80.61 -140.21 24.78
C LYS Z 784 79.50 -139.98 25.80
N MET Z 785 79.13 -138.72 26.02
CA MET Z 785 78.08 -138.42 26.97
C MET Z 785 76.72 -138.81 26.41
N CYS Z 786 76.46 -138.51 25.15
CA CYS Z 786 75.25 -138.99 24.51
C CYS Z 786 75.18 -140.50 24.54
N GLN Z 787 76.31 -141.16 24.33
CA GLN Z 787 76.34 -142.62 24.35
C GLN Z 787 76.05 -143.17 25.74
N ALA Z 788 76.71 -142.64 26.76
CA ALA Z 788 76.45 -143.11 28.12
C ALA Z 788 75.04 -142.77 28.56
N LEU Z 789 74.49 -141.65 28.08
CA LEU Z 789 73.12 -141.29 28.42
C LEU Z 789 72.14 -142.27 27.78
N ALA Z 790 72.36 -142.62 26.52
CA ALA Z 790 71.53 -143.65 25.89
C ALA Z 790 71.69 -144.98 26.61
N LEU Z 791 72.91 -145.28 27.05
CA LEU Z 791 73.14 -146.52 27.80
C LEU Z 791 72.30 -146.54 29.08
N TRP Z 792 72.35 -145.45 29.84
CA TRP Z 792 71.57 -145.37 31.07
C TRP Z 792 70.08 -145.47 30.78
N LYS Z 793 69.60 -144.71 29.79
CA LYS Z 793 68.19 -144.72 29.46
C LYS Z 793 67.74 -146.12 29.07
N LEU Z 794 68.51 -146.80 28.24
CA LEU Z 794 68.14 -148.15 27.81
C LEU Z 794 68.18 -149.13 28.97
N LEU Z 795 69.22 -149.07 29.79
CA LEU Z 795 69.28 -149.93 30.97
C LEU Z 795 68.06 -149.70 31.85
N CYS Z 796 67.57 -148.46 31.90
CA CYS Z 796 66.38 -148.15 32.69
C CYS Z 796 65.12 -148.68 32.01
N GLU Z 797 65.14 -148.76 30.67
CA GLU Z 797 64.02 -149.36 29.97
C GLU Z 797 64.07 -150.88 30.02
N HIS Z 798 65.20 -151.45 30.44
CA HIS Z 798 65.38 -152.89 30.52
C HIS Z 798 65.45 -153.38 31.97
N GLN Z 799 64.65 -152.79 32.85
CA GLN Z 799 64.62 -153.14 34.27
C GLN Z 799 66.01 -152.95 34.91
N PHE Z 800 66.40 -151.68 34.98
CA PHE Z 800 67.71 -151.30 35.51
C PHE Z 800 68.00 -151.92 36.87
N SER Z 801 66.97 -152.05 37.72
CA SER Z 801 67.19 -152.53 39.08
C SER Z 801 67.73 -153.95 39.10
N LEU Z 802 67.06 -154.88 38.42
CA LEU Z 802 67.54 -156.26 38.41
C LEU Z 802 68.86 -156.38 37.66
N VAL Z 803 69.01 -155.63 36.57
CA VAL Z 803 70.25 -155.69 35.81
C VAL Z 803 71.43 -155.28 36.67
N VAL Z 804 71.27 -154.21 37.46
CA VAL Z 804 72.32 -153.84 38.40
C VAL Z 804 72.45 -154.87 39.51
N SER Z 805 71.34 -155.49 39.90
CA SER Z 805 71.40 -156.57 40.89
C SER Z 805 72.17 -157.76 40.38
N ASP Z 806 72.20 -157.97 39.06
CA ASP Z 806 73.01 -159.04 38.49
C ASP Z 806 74.49 -158.74 38.55
N LEU Z 807 74.88 -157.48 38.68
CA LEU Z 807 76.28 -157.16 38.83
C LEU Z 807 76.80 -157.69 40.18
N GLN Z 808 78.10 -157.86 40.26
CA GLN Z 808 78.73 -158.29 41.50
C GLN Z 808 78.56 -157.22 42.58
N LYS Z 809 78.90 -157.59 43.81
CA LYS Z 809 78.82 -156.63 44.91
C LYS Z 809 79.75 -155.44 44.66
N GLU Z 810 80.97 -155.71 44.18
CA GLU Z 810 81.91 -154.63 43.95
C GLU Z 810 81.42 -153.68 42.87
N LEU Z 811 80.85 -154.24 41.79
CA LEU Z 811 80.35 -153.39 40.72
C LEU Z 811 79.20 -152.51 41.19
N GLN Z 812 78.26 -153.07 41.93
CA GLN Z 812 77.20 -152.26 42.50
C GLN Z 812 77.76 -151.15 43.38
N GLU Z 813 78.69 -151.51 44.27
CA GLU Z 813 79.24 -150.53 45.19
C GLU Z 813 79.95 -149.40 44.44
N GLN Z 814 80.70 -149.74 43.40
CA GLN Z 814 81.40 -148.70 42.64
C GLN Z 814 80.41 -147.83 41.87
N LEU Z 815 79.39 -148.46 41.26
CA LEU Z 815 78.39 -147.69 40.54
C LEU Z 815 77.62 -146.77 41.49
N LYS Z 816 77.57 -147.11 42.77
CA LYS Z 816 76.86 -146.27 43.72
C LYS Z 816 77.61 -144.96 44.00
N ILE Z 817 78.94 -144.97 43.93
CA ILE Z 817 79.73 -143.81 44.33
C ILE Z 817 80.32 -143.07 43.13
N THR Z 818 80.39 -143.70 41.97
CA THR Z 818 80.99 -143.08 40.80
C THR Z 818 80.02 -142.05 40.23
N THR Z 819 80.45 -140.79 40.20
CA THR Z 819 79.64 -139.76 39.56
C THR Z 819 79.56 -140.01 38.06
N PHE Z 820 78.53 -139.44 37.44
CA PHE Z 820 78.31 -139.70 36.02
C PHE Z 820 79.47 -139.22 35.18
N LYS Z 821 80.14 -138.15 35.61
CA LYS Z 821 81.34 -137.70 34.90
C LYS Z 821 82.40 -138.79 34.89
N ASP Z 822 82.66 -139.41 36.04
CA ASP Z 822 83.63 -140.48 36.11
C ASP Z 822 83.18 -141.71 35.31
N LEU Z 823 81.86 -141.92 35.23
CA LEU Z 823 81.34 -143.00 34.39
C LEU Z 823 81.55 -142.69 32.91
N VAL Z 824 81.59 -141.40 32.57
CA VAL Z 824 81.74 -141.02 31.17
C VAL Z 824 83.20 -141.06 30.73
N ILE Z 825 84.10 -140.56 31.58
CA ILE Z 825 85.46 -140.29 31.11
C ILE Z 825 86.38 -141.48 31.34
N ARG Z 826 86.48 -141.97 32.57
CA ARG Z 826 87.57 -142.87 32.96
C ARG Z 826 87.16 -144.32 33.16
N ASP Z 827 86.01 -144.58 33.78
CA ASP Z 827 85.63 -145.94 34.18
C ASP Z 827 84.86 -146.60 33.06
N LYS Z 828 85.60 -147.12 32.07
CA LYS Z 828 84.96 -147.88 31.00
C LYS Z 828 84.47 -149.22 31.50
N GLU Z 829 85.15 -149.81 32.47
CA GLU Z 829 84.77 -151.13 32.96
C GLU Z 829 83.40 -151.12 33.60
N LEU Z 830 83.00 -149.97 34.18
CA LEU Z 830 81.69 -149.88 34.79
C LEU Z 830 80.59 -149.96 33.73
N THR Z 831 80.69 -149.18 32.66
CA THR Z 831 79.70 -149.27 31.59
C THR Z 831 79.74 -150.65 30.94
N GLY Z 832 80.93 -151.24 30.84
CA GLY Z 832 81.02 -152.61 30.36
C GLY Z 832 80.24 -153.59 31.21
N ALA Z 833 80.39 -153.48 32.53
CA ALA Z 833 79.66 -154.36 33.43
C ALA Z 833 78.17 -154.14 33.32
N LEU Z 834 77.73 -152.89 33.22
CA LEU Z 834 76.30 -152.61 33.07
C LEU Z 834 75.76 -153.24 31.79
N THR Z 835 76.50 -153.12 30.68
CA THR Z 835 76.03 -153.68 29.42
C THR Z 835 76.01 -155.20 29.47
N ALA Z 836 77.08 -155.82 29.97
CA ALA Z 836 77.12 -157.27 30.08
C ALA Z 836 76.04 -157.78 31.04
N SER Z 837 75.69 -156.96 32.03
CA SER Z 837 74.61 -157.35 32.94
C SER Z 837 73.27 -157.34 32.22
N LEU Z 838 72.99 -156.26 31.48
CA LEU Z 838 71.77 -156.24 30.68
C LEU Z 838 71.73 -157.45 29.74
N ILE Z 839 72.86 -157.78 29.15
CA ILE Z 839 72.92 -158.89 28.21
C ILE Z 839 72.65 -160.22 28.90
N SER Z 840 73.27 -160.45 30.05
CA SER Z 840 73.06 -161.71 30.76
C SER Z 840 71.63 -161.81 31.27
N CYS Z 841 71.03 -160.68 31.65
CA CYS Z 841 69.64 -160.69 32.07
C CYS Z 841 68.71 -161.06 30.92
N TYR Z 842 68.97 -160.50 29.74
CA TYR Z 842 68.17 -160.87 28.57
C TYR Z 842 68.40 -162.32 28.17
N ILE Z 843 69.61 -162.83 28.43
CA ILE Z 843 69.96 -164.18 27.99
C ILE Z 843 69.36 -165.23 28.92
N ARG Z 844 69.33 -164.96 30.22
CA ARG Z 844 68.92 -165.98 31.19
C ARG Z 844 67.51 -166.47 30.93
N ASP Z 845 66.62 -165.59 30.47
CA ASP Z 845 65.25 -165.97 30.15
C ASP Z 845 65.13 -166.75 28.85
N ASN Z 846 66.25 -167.17 28.25
CA ASN Z 846 66.27 -167.95 27.02
C ASN Z 846 65.73 -167.15 25.84
N ALA Z 847 65.99 -165.84 25.82
CA ALA Z 847 65.61 -165.01 24.69
C ALA Z 847 66.81 -164.76 23.77
N SER Z 848 66.54 -164.57 22.49
CA SER Z 848 67.60 -164.24 21.55
C SER Z 848 68.07 -162.81 21.78
N VAL Z 849 69.38 -162.65 21.96
CA VAL Z 849 69.95 -161.34 22.29
C VAL Z 849 70.05 -160.41 21.09
N ASP Z 850 69.50 -160.81 19.94
CA ASP Z 850 69.68 -160.03 18.72
C ASP Z 850 69.12 -158.61 18.87
N GLY Z 851 67.92 -158.48 19.43
CA GLY Z 851 67.32 -157.16 19.54
C GLY Z 851 68.08 -156.24 20.47
N ILE Z 852 68.42 -156.73 21.66
CA ILE Z 852 69.12 -155.89 22.63
C ILE Z 852 70.51 -155.54 22.11
N SER Z 853 71.17 -156.48 21.43
CA SER Z 853 72.50 -156.19 20.90
C SER Z 853 72.44 -155.20 19.76
N TYR Z 854 71.42 -155.32 18.90
CA TYR Z 854 71.25 -154.37 17.81
C TYR Z 854 71.00 -152.97 18.36
N ARG Z 855 70.14 -152.87 19.37
CA ARG Z 855 69.90 -151.58 20.02
C ARG Z 855 71.19 -151.04 20.63
N LEU Z 856 71.94 -151.89 21.32
CA LEU Z 856 73.21 -151.46 21.92
C LEU Z 856 74.15 -150.91 20.86
N GLN Z 857 74.28 -151.62 19.74
CA GLN Z 857 75.15 -151.14 18.67
C GLN Z 857 74.65 -149.82 18.10
N GLU Z 858 73.34 -149.71 17.85
CA GLU Z 858 72.79 -148.50 17.27
C GLU Z 858 72.97 -147.31 18.21
N VAL Z 859 72.97 -147.54 19.51
CA VAL Z 859 73.10 -146.44 20.46
C VAL Z 859 74.49 -146.35 21.07
N CYS Z 860 75.19 -147.48 21.23
CA CYS Z 860 76.51 -147.47 21.84
C CYS Z 860 77.46 -148.39 21.08
N THR Z 866 85.33 -150.01 24.13
CA THR Z 866 85.55 -151.08 23.18
C THR Z 866 85.55 -152.45 23.87
N ASP Z 867 86.36 -152.59 24.91
CA ASP Z 867 86.35 -153.82 25.69
C ASP Z 867 85.02 -153.99 26.42
N ASP Z 868 84.27 -152.89 26.60
CA ASP Z 868 82.96 -152.98 27.23
C ASP Z 868 81.99 -153.75 26.35
N ALA Z 869 81.89 -153.37 25.08
CA ALA Z 869 80.98 -154.07 24.17
C ALA Z 869 81.43 -155.51 23.95
N VAL Z 870 82.74 -155.72 23.87
CA VAL Z 870 83.25 -157.09 23.73
C VAL Z 870 82.84 -157.93 24.93
N CYS Z 871 82.98 -157.38 26.14
CA CYS Z 871 82.60 -158.11 27.35
C CYS Z 871 81.10 -158.39 27.37
N SER Z 872 80.30 -157.41 26.95
CA SER Z 872 78.85 -157.62 26.90
C SER Z 872 78.49 -158.74 25.94
N LYS Z 873 79.08 -158.73 24.74
CA LYS Z 873 78.81 -159.78 23.76
C LYS Z 873 79.25 -161.14 24.27
N ALA Z 874 80.43 -161.21 24.89
CA ALA Z 874 80.91 -162.48 25.44
C ALA Z 874 79.95 -163.03 26.48
N ASN Z 875 79.59 -162.22 27.46
CA ASN Z 875 78.69 -162.69 28.52
C ASN Z 875 77.34 -163.07 27.94
N GLU Z 876 76.84 -162.31 26.96
CA GLU Z 876 75.55 -162.63 26.35
C GLU Z 876 75.60 -164.00 25.68
N LEU Z 877 76.59 -164.22 24.82
CA LEU Z 877 76.71 -165.50 24.14
C LEU Z 877 76.84 -166.64 25.15
N LEU Z 878 77.63 -166.43 26.21
CA LEU Z 878 77.83 -167.48 27.20
C LEU Z 878 76.50 -167.84 27.88
N GLN Z 879 75.83 -166.84 28.46
CA GLN Z 879 74.59 -167.13 29.17
C GLN Z 879 73.51 -167.64 28.24
N ARG Z 880 73.55 -167.26 26.96
CA ARG Z 880 72.56 -167.75 26.01
C ARG Z 880 72.82 -169.19 25.61
N SER Z 881 74.08 -169.62 25.63
CA SER Z 881 74.39 -171.01 25.28
C SER Z 881 73.71 -172.01 26.20
N ARG Z 882 73.47 -171.63 27.47
CA ARG Z 882 72.93 -172.58 28.44
C ARG Z 882 71.52 -173.04 28.08
N HIS Z 883 70.87 -172.38 27.12
CA HIS Z 883 69.52 -172.73 26.73
C HIS Z 883 69.47 -173.53 25.42
N VAL Z 884 70.61 -173.76 24.79
CA VAL Z 884 70.64 -174.43 23.49
C VAL Z 884 70.32 -175.91 23.65
N PRO Z 885 69.39 -176.46 22.88
CA PRO Z 885 69.14 -177.91 22.94
C PRO Z 885 70.08 -178.68 22.02
N ASN Z 886 70.55 -178.03 20.96
CA ASN Z 886 71.51 -178.64 20.05
C ASN Z 886 72.91 -178.46 20.60
N LYS Z 887 73.60 -179.58 20.85
CA LYS Z 887 74.93 -179.52 21.44
C LYS Z 887 75.92 -178.79 20.54
N GLN Z 888 75.80 -178.96 19.23
CA GLN Z 888 76.78 -178.38 18.32
C GLN Z 888 76.72 -176.86 18.31
N GLU Z 889 75.50 -176.30 18.27
CA GLU Z 889 75.39 -174.84 18.33
C GLU Z 889 75.87 -174.31 19.68
N LYS Z 890 75.59 -175.06 20.75
CA LYS Z 890 76.10 -174.67 22.07
C LYS Z 890 77.62 -174.60 22.06
N GLU Z 891 78.29 -175.63 21.54
CA GLU Z 891 79.75 -175.64 21.52
C GLU Z 891 80.30 -174.53 20.62
N ARG Z 892 79.66 -174.30 19.48
CA ARG Z 892 80.13 -173.24 18.58
C ARG Z 892 80.02 -171.88 19.24
N MET Z 893 78.86 -171.57 19.83
CA MET Z 893 78.71 -170.29 20.51
C MET Z 893 79.64 -170.20 21.71
N LEU Z 894 79.95 -171.32 22.35
CA LEU Z 894 80.89 -171.32 23.46
C LEU Z 894 82.28 -170.95 23.00
N ARG Z 895 82.71 -171.51 21.86
CA ARG Z 895 84.01 -171.13 21.32
C ARG Z 895 84.04 -169.68 20.89
N GLU Z 896 82.94 -169.17 20.33
CA GLU Z 896 82.89 -167.75 19.96
C GLU Z 896 83.00 -166.86 21.20
N SER Z 897 82.29 -167.22 22.27
CA SER Z 897 82.37 -166.46 23.52
C SER Z 897 83.77 -166.54 24.11
N LEU Z 898 84.40 -167.70 24.04
CA LEU Z 898 85.78 -167.83 24.53
C LEU Z 898 86.72 -166.93 23.75
N LYS Z 899 86.50 -166.82 22.43
CA LYS Z 899 87.30 -165.92 21.63
C LYS Z 899 87.09 -164.47 22.05
N GLU Z 900 85.83 -164.08 22.23
CA GLU Z 900 85.53 -162.72 22.68
C GLU Z 900 86.13 -162.47 24.07
N TYR Z 901 86.32 -163.54 24.84
CA TYR Z 901 86.97 -163.40 26.14
C TYR Z 901 88.46 -163.21 25.99
N GLN Z 902 89.10 -164.03 25.15
CA GLN Z 902 90.54 -163.90 24.95
C GLN Z 902 90.90 -162.56 24.32
N LYS Z 903 89.94 -161.93 23.64
CA LYS Z 903 90.19 -160.60 23.08
C LYS Z 903 90.44 -159.57 24.17
N ILE Z 904 89.75 -159.70 25.30
CA ILE Z 904 89.83 -158.74 26.40
C ILE Z 904 90.16 -159.41 27.73
N SER Z 905 90.93 -160.50 27.71
CA SER Z 905 91.11 -161.37 28.87
C SER Z 905 91.79 -160.70 30.06
N GLN Z 906 92.57 -159.64 29.85
CA GLN Z 906 93.33 -159.07 30.95
C GLN Z 906 92.43 -158.52 32.06
N GLN Z 907 91.52 -157.61 31.71
CA GLN Z 907 90.56 -157.08 32.66
C GLN Z 907 89.27 -157.90 32.72
N VAL Z 908 89.23 -159.06 32.06
CA VAL Z 908 88.08 -159.94 32.17
C VAL Z 908 88.07 -160.60 33.54
N ASP Z 909 86.87 -160.71 34.13
CA ASP Z 909 86.72 -161.30 35.46
C ASP Z 909 86.95 -162.81 35.37
N LEU Z 910 88.21 -163.19 35.57
CA LEU Z 910 88.60 -164.60 35.47
C LEU Z 910 87.79 -165.53 36.35
N PRO Z 911 87.63 -165.27 37.64
CA PRO Z 911 86.87 -166.21 38.49
C PRO Z 911 85.42 -166.38 38.07
N ASN Z 912 84.73 -165.28 37.79
CA ASN Z 912 83.30 -165.36 37.45
C ASN Z 912 83.09 -166.04 36.10
N VAL Z 913 83.87 -165.67 35.10
CA VAL Z 913 83.76 -166.32 33.80
C VAL Z 913 84.12 -167.80 33.92
N CYS Z 914 85.13 -168.13 34.71
CA CYS Z 914 85.51 -169.52 34.91
C CYS Z 914 84.38 -170.31 35.54
N ALA Z 915 83.72 -169.74 36.56
CA ALA Z 915 82.61 -170.43 37.20
C ALA Z 915 81.44 -170.60 36.23
N GLN Z 916 81.13 -169.56 35.45
CA GLN Z 916 80.05 -169.66 34.49
C GLN Z 916 80.34 -170.73 33.45
N TYR Z 917 81.60 -170.86 33.05
CA TYR Z 917 81.97 -171.93 32.13
C TYR Z 917 81.85 -173.29 32.80
N ARG Z 918 82.24 -173.38 34.07
CA ARG Z 918 82.18 -174.66 34.78
C ARG Z 918 80.73 -175.12 34.95
N GLN Z 919 79.81 -174.18 35.09
CA GLN Z 919 78.40 -174.55 35.13
C GLN Z 919 77.95 -175.15 33.81
N VAL Z 920 78.46 -174.63 32.69
CA VAL Z 920 78.14 -175.17 31.37
C VAL Z 920 79.14 -176.24 30.94
N ARG Z 921 80.00 -176.70 31.85
CA ARG Z 921 81.00 -177.74 31.58
C ARG Z 921 81.96 -177.33 30.47
N PHE Z 922 82.30 -176.04 30.41
CA PHE Z 922 83.22 -175.53 29.38
C PHE Z 922 84.63 -175.40 29.98
N TYR Z 923 85.25 -176.56 30.19
CA TYR Z 923 86.58 -176.58 30.79
C TYR Z 923 87.66 -176.18 29.79
N GLU Z 924 87.52 -176.57 28.53
CA GLU Z 924 88.51 -176.21 27.51
C GLU Z 924 88.60 -174.70 27.37
N GLY Z 925 87.44 -174.03 27.31
CA GLY Z 925 87.44 -172.58 27.27
C GLY Z 925 88.06 -171.96 28.50
N VAL Z 926 87.88 -172.59 29.66
CA VAL Z 926 88.52 -172.09 30.89
C VAL Z 926 90.03 -172.18 30.78
N VAL Z 927 90.53 -173.32 30.28
CA VAL Z 927 91.97 -173.49 30.13
C VAL Z 927 92.54 -172.48 29.15
N GLU Z 928 91.83 -172.25 28.04
CA GLU Z 928 92.31 -171.30 27.05
C GLU Z 928 92.28 -169.86 27.58
N LEU Z 929 91.23 -169.50 28.31
CA LEU Z 929 91.15 -168.17 28.90
C LEU Z 929 92.25 -167.97 29.92
N CYS Z 930 92.55 -169.00 30.72
CA CYS Z 930 93.65 -168.92 31.67
C CYS Z 930 94.98 -168.71 30.97
N LEU Z 931 95.27 -169.52 29.96
CA LEU Z 931 96.52 -169.39 29.22
C LEU Z 931 96.65 -168.00 28.59
N SER Z 932 95.58 -167.52 27.94
CA SER Z 932 95.66 -166.24 27.25
C SER Z 932 95.76 -165.07 28.23
N ALA Z 933 94.97 -165.10 29.31
CA ALA Z 933 95.03 -164.03 30.30
C ALA Z 933 96.40 -163.98 30.97
N ALA Z 934 96.97 -165.15 31.30
CA ALA Z 934 98.30 -165.17 31.88
C ALA Z 934 99.34 -164.64 30.91
N GLU Z 935 99.33 -165.14 29.67
CA GLU Z 935 100.33 -164.71 28.68
C GLU Z 935 100.24 -163.23 28.39
N LYS Z 936 99.02 -162.68 28.34
CA LYS Z 936 98.87 -161.25 28.11
C LYS Z 936 99.14 -160.45 29.37
N LYS Z 937 99.09 -161.08 30.54
CA LYS Z 937 99.49 -160.40 31.77
C LYS Z 937 101.00 -160.24 31.86
N ASP Z 938 101.74 -161.10 31.15
CA ASP Z 938 103.20 -161.02 31.05
C ASP Z 938 103.59 -161.22 29.60
N PRO Z 939 103.14 -160.33 28.70
CA PRO Z 939 103.55 -160.46 27.29
C PRO Z 939 105.05 -160.39 27.10
N GLN Z 940 105.76 -159.76 28.03
CA GLN Z 940 107.22 -159.84 28.09
C GLN Z 940 107.69 -161.02 28.93
N GLY Z 941 106.77 -161.73 29.58
CA GLY Z 941 107.13 -162.91 30.33
C GLY Z 941 107.92 -162.64 31.60
N LEU Z 942 107.66 -161.50 32.25
CA LEU Z 942 108.39 -161.20 33.48
C LEU Z 942 108.15 -162.25 34.56
N GLY Z 943 107.01 -162.96 34.48
CA GLY Z 943 106.69 -163.92 35.51
C GLY Z 943 107.52 -165.19 35.43
N LEU Z 944 107.62 -165.79 34.24
CA LEU Z 944 108.43 -166.99 34.09
C LEU Z 944 109.90 -166.69 34.34
N HIS Z 945 110.38 -165.54 33.84
CA HIS Z 945 111.76 -165.15 34.06
C HIS Z 945 112.02 -164.90 35.55
N PHE Z 946 111.06 -164.27 36.23
CA PHE Z 946 111.20 -164.06 37.67
C PHE Z 946 111.28 -165.39 38.42
N HIS Z 947 110.43 -166.34 38.04
CA HIS Z 947 110.45 -167.64 38.69
C HIS Z 947 111.73 -168.42 38.34
N LYS Z 948 112.37 -168.06 37.23
CA LYS Z 948 113.51 -168.84 36.74
C LYS Z 948 114.82 -168.47 37.43
N ASN Z 949 115.08 -167.17 37.61
CA ASN Z 949 116.40 -166.71 38.04
C ASN Z 949 116.59 -166.73 39.56
N GLY Z 950 115.83 -167.54 40.27
CA GLY Z 950 115.98 -167.65 41.71
C GLY Z 950 115.51 -166.43 42.48
N GLY Z 958 108.92 -157.86 37.94
CA GLY Z 958 108.88 -159.28 37.64
C GLY Z 958 107.90 -160.06 38.50
N LEU Z 959 108.10 -159.97 39.82
CA LEU Z 959 107.20 -160.65 40.75
C LEU Z 959 105.75 -160.23 40.52
N GLN Z 960 105.55 -159.03 39.99
CA GLN Z 960 104.22 -158.63 39.56
C GLN Z 960 103.65 -159.64 38.57
N ALA Z 961 104.38 -159.89 37.48
CA ALA Z 961 103.90 -160.80 36.46
C ALA Z 961 103.81 -162.23 36.99
N PHE Z 962 104.74 -162.62 37.87
CA PHE Z 962 104.71 -163.98 38.40
C PHE Z 962 103.49 -164.20 39.28
N GLN Z 963 103.20 -163.27 40.18
CA GLN Z 963 102.00 -163.37 41.00
C GLN Z 963 100.75 -163.28 40.14
N GLU Z 964 100.78 -162.48 39.07
CA GLU Z 964 99.63 -162.38 38.18
C GLU Z 964 99.38 -163.70 37.45
N ARG Z 965 100.44 -164.36 36.98
CA ARG Z 965 100.28 -165.65 36.33
C ARG Z 965 99.81 -166.71 37.32
N LEU Z 966 100.30 -166.63 38.56
CA LEU Z 966 99.79 -167.51 39.60
C LEU Z 966 98.29 -167.31 39.80
N ASN Z 967 97.85 -166.06 39.90
CA ASN Z 967 96.43 -165.77 40.12
C ASN Z 967 95.58 -166.17 38.93
N SER Z 968 96.13 -166.10 37.71
CA SER Z 968 95.37 -166.52 36.54
C SER Z 968 95.28 -168.04 36.46
N TYR Z 969 96.43 -168.72 36.57
CA TYR Z 969 96.44 -170.18 36.56
C TYR Z 969 95.69 -170.76 37.75
N LYS Z 970 95.42 -169.94 38.77
CA LYS Z 970 94.58 -170.37 39.87
C LYS Z 970 93.23 -170.86 39.36
N CYS Z 971 92.70 -170.22 38.32
CA CYS Z 971 91.42 -170.67 37.77
C CYS Z 971 91.51 -172.12 37.29
N ILE Z 972 92.55 -172.45 36.53
CA ILE Z 972 92.69 -173.80 35.99
C ILE Z 972 92.97 -174.79 37.11
N THR Z 973 93.82 -174.41 38.07
CA THR Z 973 94.14 -175.30 39.18
C THR Z 973 92.89 -175.60 40.01
N ASP Z 974 92.09 -174.57 40.30
CA ASP Z 974 90.90 -174.75 41.11
C ASP Z 974 89.84 -175.55 40.37
N THR Z 975 89.68 -175.32 39.07
CA THR Z 975 88.73 -176.11 38.29
C THR Z 975 89.15 -177.58 38.22
N LEU Z 976 90.45 -177.83 38.04
CA LEU Z 976 90.93 -179.20 38.04
C LEU Z 976 90.73 -179.85 39.40
N GLN Z 977 91.01 -179.13 40.48
CA GLN Z 977 90.79 -179.68 41.81
C GLN Z 977 89.32 -179.96 42.05
N GLU Z 978 88.43 -179.07 41.58
CA GLU Z 978 87.01 -179.28 41.77
C GLU Z 978 86.51 -180.50 41.01
N LEU Z 979 86.98 -180.67 39.77
CA LEU Z 979 86.56 -181.84 38.99
C LEU Z 979 87.13 -183.12 39.59
N VAL Z 980 88.37 -183.10 40.06
CA VAL Z 980 88.97 -184.28 40.67
C VAL Z 980 88.25 -184.64 41.96
N ASN Z 981 87.88 -183.63 42.77
CA ASN Z 981 87.20 -183.89 44.02
C ASN Z 981 85.78 -184.39 43.80
N GLN Z 982 85.05 -183.77 42.87
CA GLN Z 982 83.73 -184.28 42.52
C GLN Z 982 83.81 -185.69 41.96
N SER Z 983 84.92 -186.03 41.29
CA SER Z 983 85.16 -187.40 40.90
C SER Z 983 85.26 -188.31 42.12
N LYS Z 984 85.65 -187.77 43.26
CA LYS Z 984 85.72 -188.54 44.50
C LYS Z 984 84.39 -188.43 45.26
N ASN Z 1010 79.71 -189.13 39.30
CA ASN Z 1010 81.09 -189.37 39.70
C ASN Z 1010 81.98 -189.60 38.49
N GLU Z 1011 81.42 -190.24 37.46
CA GLU Z 1011 82.18 -190.52 36.25
C GLU Z 1011 82.38 -189.26 35.41
N GLU Z 1012 81.35 -188.42 35.35
CA GLU Z 1012 81.41 -187.22 34.51
C GLU Z 1012 82.46 -186.24 35.02
N ALA Z 1013 82.52 -186.04 36.33
CA ALA Z 1013 83.53 -185.16 36.91
C ALA Z 1013 84.94 -185.69 36.65
N GLY Z 1014 85.12 -187.01 36.76
CA GLY Z 1014 86.41 -187.60 36.47
C GLY Z 1014 86.83 -187.43 35.02
N ILE Z 1015 85.91 -187.70 34.09
CA ILE Z 1015 86.20 -187.52 32.67
C ILE Z 1015 86.50 -186.05 32.37
N HIS Z 1016 85.78 -185.14 33.03
CA HIS Z 1016 86.01 -183.71 32.80
C HIS Z 1016 87.39 -183.29 33.31
N PHE Z 1017 87.76 -183.74 34.50
CA PHE Z 1017 89.11 -183.45 35.01
C PHE Z 1017 90.17 -184.02 34.09
N GLU Z 1018 89.95 -185.25 33.59
CA GLU Z 1018 90.92 -185.87 32.70
C GLU Z 1018 91.08 -185.08 31.41
N GLN Z 1019 89.97 -184.67 30.79
CA GLN Z 1019 90.06 -183.89 29.55
C GLN Z 1019 90.69 -182.53 29.82
N MET Z 1020 90.38 -181.91 30.96
CA MET Z 1020 90.99 -180.64 31.31
C MET Z 1020 92.50 -180.78 31.43
N LEU Z 1021 92.97 -181.77 32.17
CA LEU Z 1021 94.41 -181.98 32.33
C LEU Z 1021 95.06 -182.31 30.99
N LYS Z 1022 94.39 -183.10 30.16
CA LYS Z 1022 94.96 -183.47 28.85
C LYS Z 1022 95.11 -182.25 27.95
N LEU Z 1023 94.11 -181.37 27.92
CA LEU Z 1023 94.22 -180.14 27.15
C LEU Z 1023 95.30 -179.24 27.71
N ALA Z 1024 95.38 -179.16 29.05
CA ALA Z 1024 96.42 -178.35 29.67
C ALA Z 1024 97.81 -178.86 29.32
N GLN Z 1025 97.95 -180.18 29.12
CA GLN Z 1025 99.25 -180.76 28.80
C GLN Z 1025 99.80 -180.23 27.48
N ARG Z 1026 98.96 -179.71 26.60
CA ARG Z 1026 99.40 -179.17 25.33
C ARG Z 1026 100.00 -177.76 25.44
N SER Z 1027 99.85 -177.11 26.59
CA SER Z 1027 100.33 -175.74 26.74
C SER Z 1027 101.85 -175.71 26.80
N ALA Z 1028 102.45 -174.67 26.21
CA ALA Z 1028 103.89 -174.49 26.21
C ALA Z 1028 104.38 -173.49 27.26
N ASP Z 1029 103.53 -173.06 28.19
CA ASP Z 1029 103.92 -172.07 29.19
C ASP Z 1029 104.76 -172.74 30.28
N GLU Z 1030 105.94 -172.20 30.55
CA GLU Z 1030 106.86 -172.81 31.50
C GLU Z 1030 106.33 -172.71 32.94
N LEU Z 1031 106.11 -171.49 33.43
CA LEU Z 1031 105.66 -171.33 34.81
C LEU Z 1031 104.27 -171.94 35.01
N PHE Z 1032 103.47 -171.99 33.94
CA PHE Z 1032 102.19 -172.69 34.03
C PHE Z 1032 102.40 -174.17 34.28
N ASN Z 1033 103.36 -174.79 33.60
CA ASN Z 1033 103.68 -176.19 33.85
C ASN Z 1033 104.25 -176.37 35.25
N ILE Z 1034 104.98 -175.37 35.74
CA ILE Z 1034 105.49 -175.40 37.10
C ILE Z 1034 104.34 -175.45 38.10
N ALA Z 1035 103.38 -174.55 37.92
CA ALA Z 1035 102.19 -174.56 38.78
C ALA Z 1035 101.40 -175.85 38.62
N LEU Z 1036 101.39 -176.41 37.41
CA LEU Z 1036 100.70 -177.68 37.18
C LEU Z 1036 101.32 -178.79 38.01
N PHE Z 1037 102.64 -178.93 37.94
CA PHE Z 1037 103.32 -179.93 38.75
C PHE Z 1037 103.10 -179.67 40.24
N ASN Z 1038 103.18 -178.41 40.65
CA ASN Z 1038 103.04 -178.10 42.07
C ASN Z 1038 101.64 -178.44 42.57
N TRP Z 1039 100.61 -178.17 41.76
CA TRP Z 1039 99.24 -178.44 42.19
C TRP Z 1039 98.93 -179.94 42.12
N LEU Z 1040 99.49 -180.62 41.12
CA LEU Z 1040 99.31 -182.07 41.04
C LEU Z 1040 99.98 -182.77 42.22
N ILE Z 1041 101.14 -182.26 42.65
CA ILE Z 1041 101.78 -182.79 43.85
C ILE Z 1041 100.94 -182.43 45.08
N GLN Z 1042 100.40 -181.21 45.10
CA GLN Z 1042 99.50 -180.82 46.19
C GLN Z 1042 98.24 -181.68 46.18
N ALA Z 1043 97.71 -181.96 45.00
CA ALA Z 1043 96.51 -182.79 44.87
C ALA Z 1043 96.76 -184.26 45.19
N ASP Z 1044 97.98 -184.62 45.62
CA ASP Z 1044 98.37 -186.00 45.90
C ASP Z 1044 98.19 -186.91 44.68
N LEU Z 1045 98.25 -186.33 43.49
CA LEU Z 1045 98.15 -187.07 42.23
C LEU Z 1045 99.54 -187.41 41.69
N THR Z 1046 100.31 -188.17 42.48
CA THR Z 1046 101.67 -188.50 42.10
C THR Z 1046 101.73 -189.30 40.81
N ASP Z 1047 100.78 -190.22 40.61
CA ASP Z 1047 100.77 -191.01 39.39
C ASP Z 1047 100.37 -190.17 38.19
N LYS Z 1048 99.44 -189.23 38.37
CA LYS Z 1048 99.00 -188.37 37.27
C LYS Z 1048 100.13 -187.44 36.81
N LEU Z 1049 100.81 -186.80 37.75
CA LEU Z 1049 101.97 -185.99 37.40
C LEU Z 1049 103.09 -186.87 36.83
N LEU Z 1050 103.19 -188.11 37.29
CA LEU Z 1050 104.17 -189.04 36.75
C LEU Z 1050 103.84 -189.47 35.33
N GLU Z 1051 102.57 -189.36 34.92
CA GLU Z 1051 102.18 -189.75 33.57
C GLU Z 1051 102.41 -188.67 32.54
N LEU Z 1052 102.77 -187.46 32.94
CA LEU Z 1052 102.99 -186.36 32.00
C LEU Z 1052 104.32 -186.53 31.29
N ASN Z 1053 104.30 -186.42 29.96
CA ASN Z 1053 105.52 -186.47 29.16
C ASN Z 1053 106.03 -185.04 28.94
N SER Z 1054 106.38 -184.40 30.05
CA SER Z 1054 106.79 -183.00 30.06
C SER Z 1054 108.29 -182.89 30.17
N PRO Z 1055 108.96 -182.15 29.27
CA PRO Z 1055 110.42 -182.03 29.35
C PRO Z 1055 110.90 -181.16 30.50
N PHE Z 1056 110.03 -180.35 31.11
CA PHE Z 1056 110.43 -179.47 32.20
C PHE Z 1056 110.16 -180.06 33.57
N LEU Z 1057 109.52 -181.22 33.65
CA LEU Z 1057 109.23 -181.83 34.95
C LEU Z 1057 110.51 -182.32 35.62
N GLU Z 1058 111.43 -182.90 34.84
CA GLU Z 1058 112.67 -183.41 35.40
C GLU Z 1058 113.56 -182.30 35.94
N PRO Z 1059 113.84 -181.22 35.20
CA PRO Z 1059 114.61 -180.12 35.80
C PRO Z 1059 113.89 -179.46 36.95
N HIS Z 1060 112.56 -179.34 36.88
CA HIS Z 1060 111.81 -178.77 37.99
C HIS Z 1060 111.87 -179.67 39.22
N LEU Z 1061 111.78 -180.99 39.01
CA LEU Z 1061 111.88 -181.91 40.14
C LEU Z 1061 113.27 -181.88 40.77
N VAL Z 1062 114.31 -181.77 39.95
CA VAL Z 1062 115.67 -181.66 40.48
C VAL Z 1062 115.83 -180.35 41.26
N ARG Z 1063 115.31 -179.25 40.70
CA ARG Z 1063 115.40 -177.96 41.38
C ARG Z 1063 114.64 -177.98 42.69
N MET Z 1064 113.52 -178.71 42.74
CA MET Z 1064 112.79 -178.86 44.00
C MET Z 1064 113.59 -179.68 45.00
N ALA Z 1065 114.12 -180.83 44.57
CA ALA Z 1065 114.96 -181.63 45.47
C ALA Z 1065 116.18 -180.86 45.94
N LYS Z 1066 116.58 -179.80 45.23
CA LYS Z 1066 117.67 -178.96 45.68
C LYS Z 1066 117.21 -177.85 46.62
N LEU Z 1067 116.06 -177.24 46.35
CA LEU Z 1067 115.61 -176.07 47.09
C LEU Z 1067 114.61 -176.40 48.20
N ASP Z 1068 113.85 -177.49 48.05
CA ASP Z 1068 112.87 -177.86 49.07
C ASP Z 1068 113.53 -178.62 50.21
N MET AA 1 73.45 106.46 55.34
CA MET AA 1 73.19 106.12 56.74
C MET AA 1 72.51 107.27 57.45
N CYS AA 2 71.45 106.97 58.20
CA CYS AA 2 70.72 107.98 58.92
C CYS AA 2 71.33 108.19 60.30
N SER AA 3 71.49 109.44 60.69
CA SER AA 3 71.92 109.79 62.03
C SER AA 3 70.74 110.33 62.81
N LEU AA 4 70.85 110.31 64.14
CA LEU AA 4 69.87 110.99 64.97
C LEU AA 4 70.02 112.51 64.89
N ASP AA 5 70.94 113.01 64.07
CA ASP AA 5 71.26 114.43 64.02
C ASP AA 5 70.32 115.24 63.13
N LEU AA 6 69.92 114.71 61.99
CA LEU AA 6 69.16 115.50 61.02
C LEU AA 6 67.69 115.64 61.38
N PHE AA 7 67.24 115.01 62.45
CA PHE AA 7 65.85 115.16 62.84
C PHE AA 7 65.59 116.58 63.32
N PRO AA 8 64.42 117.13 63.01
CA PRO AA 8 64.01 118.38 63.64
C PRO AA 8 64.04 118.21 65.15
N PRO AA 9 64.54 119.21 65.87
CA PRO AA 9 64.67 119.09 67.33
C PRO AA 9 63.35 118.66 67.95
N PRO AA 10 63.38 117.80 68.96
CA PRO AA 10 62.14 117.26 69.52
C PRO AA 10 61.22 118.38 70.01
N LEU AA 11 59.93 118.06 70.11
CA LEU AA 11 58.99 119.01 70.66
C LEU AA 11 59.41 119.42 72.06
N ASP AA 12 59.35 120.73 72.32
CA ASP AA 12 59.74 121.26 73.62
C ASP AA 12 58.90 120.63 74.73
N GLY AA 13 59.37 120.76 75.96
CA GLY AA 13 58.76 120.09 77.10
C GLY AA 13 57.27 120.29 77.28
N SER AA 14 56.73 121.39 76.73
CA SER AA 14 55.33 121.72 76.93
C SER AA 14 54.41 121.20 75.83
N GLN AA 15 54.96 120.75 74.71
CA GLN AA 15 54.16 120.40 73.55
C GLN AA 15 54.01 118.89 73.46
N LEU AA 16 52.82 118.45 73.05
CA LEU AA 16 52.68 117.02 72.81
C LEU AA 16 52.51 116.75 71.33
N PRO AA 17 53.22 115.80 70.75
CA PRO AA 17 53.05 115.52 69.32
C PRO AA 17 51.65 115.02 69.06
N LEU AA 18 50.88 115.78 68.27
CA LEU AA 18 49.49 115.44 68.01
C LEU AA 18 49.36 114.51 66.81
N TYR AA 19 49.87 114.93 65.66
CA TYR AA 19 49.78 114.11 64.46
C TYR AA 19 50.89 114.53 63.51
N GLU AA 20 51.07 113.73 62.47
CA GLU AA 20 52.03 114.04 61.42
C GLU AA 20 51.28 114.66 60.25
N PHE AA 21 51.46 115.96 60.06
CA PHE AA 21 50.79 116.71 59.01
C PHE AA 21 51.84 117.24 58.05
N ASN AA 22 51.76 116.84 56.78
CA ASN AA 22 52.64 117.33 55.73
C ASN AA 22 54.11 117.16 56.12
N ASN AA 23 54.44 115.98 56.65
CA ASN AA 23 55.79 115.56 56.98
C ASN AA 23 56.39 116.37 58.12
N GLU AA 24 55.61 117.20 58.80
CA GLU AA 24 56.10 117.97 59.93
C GLU AA 24 55.32 117.56 61.17
N ILE AA 25 56.02 117.19 62.23
CA ILE AA 25 55.38 116.75 63.45
C ILE AA 25 54.68 117.95 64.08
N VAL AA 26 53.35 117.98 64.00
CA VAL AA 26 52.58 119.09 64.54
C VAL AA 26 52.46 118.90 66.04
N ALA AA 27 52.81 119.95 66.80
CA ALA AA 27 52.71 119.95 68.24
C ALA AA 27 51.37 120.54 68.66
N GLY AA 28 50.83 120.02 69.75
CA GLY AA 28 49.57 120.50 70.27
C GLY AA 28 49.66 120.77 71.75
N LYS AA 29 48.74 121.62 72.21
CA LYS AA 29 48.64 122.02 73.62
C LYS AA 29 47.53 121.22 74.30
N GLY AA 30 47.38 119.98 73.87
CA GLY AA 30 46.44 119.05 74.47
C GLY AA 30 44.97 119.37 74.29
N PHE AA 31 44.66 120.48 73.62
CA PHE AA 31 43.27 120.81 73.34
C PHE AA 31 43.05 121.33 71.92
N ASP AA 32 44.10 121.49 71.13
CA ASP AA 32 43.98 121.91 69.73
C ASP AA 32 43.52 120.69 68.95
N ASN AA 33 42.22 120.61 68.71
CA ASN AA 33 41.66 119.48 67.99
C ASN AA 33 42.35 119.35 66.63
N PRO AA 34 42.57 118.13 66.14
CA PRO AA 34 43.11 117.96 64.79
C PRO AA 34 42.32 118.77 63.79
N PRO AA 35 42.93 119.16 62.67
CA PRO AA 35 42.21 119.92 61.64
C PRO AA 35 40.83 119.35 61.39
N PRO AA 36 39.78 120.19 61.40
CA PRO AA 36 38.40 119.70 61.34
C PRO AA 36 38.13 118.72 60.20
N THR AA 37 38.97 118.76 59.17
CA THR AA 37 38.93 117.75 58.13
C THR AA 37 39.45 116.40 58.62
N PHE AA 38 40.03 116.35 59.82
CA PHE AA 38 40.52 115.10 60.39
C PHE AA 38 39.82 114.71 61.67
N GLN AA 39 39.08 115.63 62.30
CA GLN AA 39 38.41 115.31 63.56
C GLN AA 39 37.11 114.56 63.36
N SER AA 40 36.51 114.64 62.18
CA SER AA 40 35.32 113.87 61.86
C SER AA 40 35.67 112.48 61.35
N GLU AA 41 36.92 112.06 61.48
CA GLU AA 41 37.33 110.73 61.08
C GLU AA 41 38.23 110.05 62.11
N LEU AA 42 38.40 110.66 63.29
CA LEU AA 42 39.22 110.08 64.34
C LEU AA 42 38.44 108.92 64.95
N VAL AA 43 38.57 107.76 64.32
CA VAL AA 43 37.94 106.53 64.76
C VAL AA 43 38.30 106.33 66.24
N ASN AA 44 37.29 106.36 67.10
CA ASN AA 44 37.53 106.47 68.54
C ASN AA 44 38.15 105.20 69.10
N ILE AA 45 39.40 104.95 68.78
CA ILE AA 45 40.16 103.96 69.55
C ILE AA 45 40.17 104.38 71.00
N PRO AA 46 39.94 103.46 71.94
CA PRO AA 46 39.90 103.85 73.35
C PRO AA 46 41.18 104.56 73.76
N GLU AA 47 41.04 105.63 74.52
CA GLU AA 47 42.21 106.31 75.04
C GLU AA 47 42.18 106.05 76.54
N PRO AA 48 42.23 104.79 76.93
CA PRO AA 48 41.99 104.45 78.34
C PRO AA 48 43.10 104.95 79.23
N THR AA 49 42.72 105.40 80.42
CA THR AA 49 43.66 105.78 81.47
C THR AA 49 43.51 104.75 82.58
N ILE AA 50 44.43 103.81 82.64
CA ILE AA 50 44.39 102.77 83.67
C ILE AA 50 45.34 103.19 84.78
N PRO AA 51 44.84 103.56 85.95
CA PRO AA 51 45.74 103.90 87.05
C PRO AA 51 46.38 102.65 87.62
N VAL AA 52 47.70 102.72 87.85
CA VAL AA 52 48.43 101.58 88.40
C VAL AA 52 47.91 101.20 89.77
N ASP AA 53 47.43 102.19 90.54
CA ASP AA 53 46.95 101.92 91.89
C ASP AA 53 45.71 101.04 91.92
N ALA AA 54 45.07 100.82 90.78
CA ALA AA 54 43.89 99.95 90.73
C ALA AA 54 44.26 98.58 90.19
N GLU AA 141 59.95 85.36 85.66
CA GLU AA 141 59.94 86.71 86.23
C GLU AA 141 61.14 87.51 85.73
N ASP AA 142 62.28 87.32 86.38
CA ASP AA 142 63.49 88.05 86.00
C ASP AA 142 63.85 87.78 84.54
N LEU AA 143 63.72 86.53 84.10
CA LEU AA 143 63.83 86.25 82.68
C LEU AA 143 62.71 86.96 81.92
N THR AA 144 61.48 86.81 82.39
CA THR AA 144 60.35 87.49 81.74
C THR AA 144 60.55 89.00 81.74
N ALA AA 145 61.09 89.55 82.83
CA ALA AA 145 61.29 90.99 82.89
C ALA AA 145 62.39 91.44 81.93
N GLU AA 146 63.58 90.86 82.03
CA GLU AA 146 64.69 91.31 81.22
C GLU AA 146 64.44 91.04 79.74
N PHE AA 147 63.60 90.06 79.42
CA PHE AA 147 63.38 89.66 78.03
C PHE AA 147 62.05 90.13 77.47
N SER AA 148 61.21 90.77 78.28
CA SER AA 148 59.93 91.26 77.79
C SER AA 148 60.13 92.37 76.76
N GLN AA 149 59.07 92.69 76.05
CA GLN AA 149 59.10 93.82 75.12
C GLN AA 149 59.16 95.15 75.84
N ALA AA 150 58.66 95.22 77.07
CA ALA AA 150 58.62 96.48 77.80
C ALA AA 150 59.94 96.72 78.52
N LEU AA 151 60.40 97.97 78.52
CA LEU AA 151 61.58 98.31 79.31
C LEU AA 151 61.27 98.33 80.80
N GLY AA 152 60.03 98.65 81.16
CA GLY AA 152 59.63 98.80 82.54
C GLY AA 152 58.55 97.83 82.98
N TRP AA 153 58.70 96.57 82.59
CA TRP AA 153 57.66 95.57 82.84
C TRP AA 153 57.32 95.46 84.32
N ALA AA 154 58.29 95.73 85.19
CA ALA AA 154 58.05 95.59 86.63
C ALA AA 154 57.17 96.71 87.17
N ASP AA 155 57.26 97.92 86.63
CA ASP AA 155 56.53 99.06 87.15
C ASP AA 155 55.53 99.65 86.16
N CYS AA 156 55.38 99.07 84.99
CA CYS AA 156 54.41 99.62 84.05
C CYS AA 156 53.12 98.81 84.11
N PRO AA 157 52.01 99.42 84.54
CA PRO AA 157 50.73 98.67 84.50
C PRO AA 157 50.41 98.15 83.12
N LEU AA 158 50.86 98.83 82.07
CA LEU AA 158 50.83 98.28 80.72
C LEU AA 158 51.99 97.31 80.62
N ARG AA 159 51.67 96.03 80.54
CA ARG AA 159 52.68 94.98 80.50
C ARG AA 159 52.96 94.49 79.09
N ALA AA 160 51.95 94.49 78.23
CA ALA AA 160 52.11 94.16 76.82
C ALA AA 160 50.94 94.77 76.06
N PHE AA 161 51.17 95.04 74.78
CA PHE AA 161 50.13 95.61 73.93
C PHE AA 161 50.03 94.77 72.67
N ALA AA 162 48.85 94.73 72.07
CA ALA AA 162 48.69 94.05 70.80
C ALA AA 162 47.50 94.63 70.04
N TRP AA 163 47.72 95.00 68.78
CA TRP AA 163 46.62 95.44 67.92
C TRP AA 163 46.23 94.32 66.98
N HIS AA 164 44.93 94.08 66.87
CA HIS AA 164 44.46 92.99 66.02
C HIS AA 164 44.79 93.31 64.56
N PRO AA 165 45.05 92.30 63.74
CA PRO AA 165 45.49 92.59 62.36
C PRO AA 165 44.46 93.27 61.51
N HIS AA 166 43.19 93.27 61.91
CA HIS AA 166 42.12 93.68 61.02
C HIS AA 166 41.32 94.90 61.47
N THR AA 167 40.92 94.98 62.73
CA THR AA 167 40.06 96.06 63.19
C THR AA 167 40.77 96.84 64.30
N TYR AA 168 40.05 97.80 64.86
CA TYR AA 168 40.56 98.56 65.99
C TYR AA 168 40.33 97.83 67.31
N LYS AA 169 40.71 96.56 67.36
CA LYS AA 169 40.61 95.73 68.56
C LYS AA 169 42.02 95.48 69.10
N PHE AA 170 42.25 95.90 70.34
CA PHE AA 170 43.59 95.84 70.90
C PHE AA 170 43.53 95.39 72.34
N ALA AA 171 44.46 94.53 72.71
CA ALA AA 171 44.56 93.98 74.04
C ALA AA 171 45.71 94.63 74.79
N LEU AA 172 45.44 94.99 76.04
CA LEU AA 172 46.41 95.58 76.95
C LEU AA 172 46.53 94.67 78.18
N ALA AA 173 47.76 94.36 78.55
CA ALA AA 173 48.03 93.50 79.69
C ALA AA 173 48.24 94.34 80.93
N LEU AA 174 47.33 94.24 81.88
CA LEU AA 174 47.41 94.97 83.13
C LEU AA 174 48.59 94.45 83.95
N LEU AA 175 48.89 95.16 85.04
CA LEU AA 175 50.01 94.77 85.89
C LEU AA 175 49.73 93.47 86.63
N ASP AA 176 48.47 93.21 86.97
CA ASP AA 176 48.07 92.03 87.72
C ASP AA 176 47.85 90.82 86.83
N ASP AA 177 48.42 90.79 85.63
CA ASP AA 177 48.31 89.72 84.64
C ASP AA 177 46.89 89.57 84.12
N SER AA 178 46.00 90.51 84.39
CA SER AA 178 44.64 90.47 83.87
C SER AA 178 44.57 91.18 82.53
N ILE AA 179 44.15 90.45 81.51
CA ILE AA 179 44.15 90.95 80.14
C ILE AA 179 42.84 91.70 79.90
N ARG AA 180 42.95 92.95 79.44
CA ARG AA 180 41.80 93.74 79.03
C ARG AA 180 41.81 93.90 77.52
N ILE AA 181 40.64 93.91 76.91
CA ILE AA 181 40.51 93.97 75.46
C ILE AA 181 39.62 95.15 75.10
N TYR AA 182 40.21 96.21 74.57
CA TYR AA 182 39.49 97.41 74.19
C TYR AA 182 39.28 97.42 72.69
N THR AA 183 38.02 97.53 72.29
CA THR AA 183 37.64 97.61 70.89
C THR AA 183 36.96 98.95 70.64
N ALA AA 184 37.42 99.66 69.63
CA ALA AA 184 36.86 100.98 69.32
C ALA AA 184 35.38 100.84 68.98
N GLY AA 185 34.56 101.66 69.63
CA GLY AA 185 33.13 101.59 69.44
C GLY AA 185 32.41 100.67 70.40
N SER AA 186 33.06 100.23 71.47
CA SER AA 186 32.43 99.38 72.47
C SER AA 186 32.79 99.82 73.88
N PRO AA 187 31.80 100.09 74.74
CA PRO AA 187 32.11 100.38 76.15
C PRO AA 187 32.38 99.16 77.00
N THR AA 188 32.17 97.96 76.44
CA THR AA 188 32.41 96.72 77.16
C THR AA 188 33.89 96.39 77.18
N ILE AA 189 34.40 95.96 78.32
CA ILE AA 189 35.80 95.63 78.52
C ILE AA 189 35.92 94.12 78.69
N PRO AA 190 36.22 93.39 77.62
CA PRO AA 190 36.49 91.95 77.77
C PRO AA 190 37.72 91.72 78.63
N THR AA 191 37.55 90.96 79.71
CA THR AA 191 38.60 90.69 80.66
C THR AA 191 38.85 89.20 80.74
N LEU AA 192 40.11 88.80 80.69
CA LEU AA 192 40.51 87.40 80.75
C LEU AA 192 41.63 87.24 81.76
N LYS AA 193 41.43 86.33 82.71
CA LYS AA 193 42.44 86.02 83.73
C LYS AA 193 42.32 84.54 84.08
N HIS AA 194 43.28 83.75 83.64
CA HIS AA 194 43.27 82.31 83.88
C HIS AA 194 44.10 82.00 85.12
N ARG AA 195 43.86 80.82 85.70
CA ARG AA 195 44.68 80.36 86.82
C ARG AA 195 46.14 80.29 86.43
N LEU AA 196 46.44 80.16 85.14
CA LEU AA 196 47.79 80.15 84.65
C LEU AA 196 48.35 81.55 84.37
N GLN AA 197 47.52 82.58 84.47
CA GLN AA 197 47.93 83.94 84.09
C GLN AA 197 48.82 84.51 85.20
N LYS AA 198 50.13 84.32 85.01
CA LYS AA 198 51.15 84.95 85.84
C LYS AA 198 52.29 85.42 84.97
N ASP AA 199 52.76 86.64 85.23
CA ASP AA 199 53.92 87.22 84.54
C ASP AA 199 53.74 87.13 83.02
N VAL AA 200 52.71 87.80 82.53
CA VAL AA 200 52.41 87.79 81.10
C VAL AA 200 53.56 88.44 80.36
N ALA AA 201 53.97 87.82 79.26
CA ALA AA 201 55.05 88.33 78.42
C ALA AA 201 54.56 89.04 77.18
N SER AA 202 53.59 88.47 76.47
CA SER AA 202 53.15 89.05 75.21
C SER AA 202 51.75 88.58 74.88
N LEU AA 203 51.09 89.35 74.00
CA LEU AA 203 49.77 89.00 73.49
C LEU AA 203 49.80 89.10 71.97
N ALA AA 204 49.13 88.17 71.31
CA ALA AA 204 49.14 88.10 69.86
C ALA AA 204 47.74 87.77 69.36
N TRP AA 205 47.10 88.75 68.72
CA TRP AA 205 45.82 88.50 68.09
C TRP AA 205 46.02 87.61 66.88
N LYS AA 206 45.48 86.41 66.95
CA LYS AA 206 45.64 85.47 65.84
C LYS AA 206 45.10 86.12 64.57
N PRO AA 207 45.89 86.19 63.50
CA PRO AA 207 45.45 86.96 62.33
C PRO AA 207 44.27 86.29 61.66
N MET AA 208 43.52 87.09 60.89
CA MET AA 208 42.33 86.70 60.14
C MET AA 208 41.21 86.23 61.06
N CYS AA 209 41.34 86.40 62.37
CA CYS AA 209 40.29 86.01 63.30
C CYS AA 209 40.24 87.03 64.43
N ALA AA 210 39.06 87.55 64.71
CA ALA AA 210 38.87 88.52 65.78
C ALA AA 210 38.47 87.86 67.09
N SER AA 211 38.58 86.53 67.20
CA SER AA 211 38.12 85.84 68.39
C SER AA 211 39.18 85.00 69.07
N VAL AA 212 40.42 85.03 68.59
CA VAL AA 212 41.50 84.24 69.17
C VAL AA 212 42.61 85.20 69.58
N LEU AA 213 43.04 85.10 70.83
CA LEU AA 213 44.16 85.89 71.33
C LEU AA 213 45.10 84.98 72.09
N ALA AA 214 46.31 84.80 71.57
CA ALA AA 214 47.32 84.01 72.26
C ALA AA 214 47.99 84.87 73.33
N VAL AA 215 48.02 84.38 74.56
CA VAL AA 215 48.61 85.11 75.68
C VAL AA 215 49.74 84.25 76.24
N ALA AA 216 50.93 84.82 76.34
CA ALA AA 216 52.07 84.11 76.91
C ALA AA 216 52.06 84.28 78.42
N CYS AA 217 51.92 83.18 79.15
CA CYS AA 217 51.95 83.22 80.60
C CYS AA 217 53.29 82.73 81.11
N GLN AA 218 53.41 82.66 82.43
CA GLN AA 218 54.64 82.18 83.04
C GLN AA 218 54.93 80.73 82.63
N SER AA 219 53.94 79.85 82.76
CA SER AA 219 54.16 78.41 82.60
C SER AA 219 53.51 77.82 81.37
N CYS AA 220 52.65 78.56 80.67
CA CYS AA 220 51.98 77.99 79.52
C CYS AA 220 51.43 79.13 78.67
N VAL AA 221 50.76 78.75 77.58
CA VAL AA 221 50.13 79.68 76.67
C VAL AA 221 48.62 79.59 76.85
N LEU AA 222 48.00 80.69 77.23
CA LEU AA 222 46.55 80.76 77.32
C LEU AA 222 46.01 81.25 75.98
N VAL AA 223 45.39 80.34 75.23
CA VAL AA 223 44.66 80.70 74.03
C VAL AA 223 43.30 81.19 74.49
N TRP AA 224 43.12 82.51 74.53
CA TRP AA 224 41.89 83.13 74.96
C TRP AA 224 40.94 83.20 73.78
N HIS AA 225 39.84 82.45 73.86
CA HIS AA 225 38.79 82.47 72.86
C HIS AA 225 37.85 83.62 73.23
N VAL AA 226 38.10 84.78 72.63
CA VAL AA 226 37.27 85.94 72.90
C VAL AA 226 35.89 85.72 72.32
N GLY AA 238 35.61 78.61 80.94
CA GLY AA 238 35.92 77.58 79.97
C GLY AA 238 36.27 78.14 78.60
N CYS AA 239 36.73 79.39 78.59
CA CYS AA 239 37.07 80.07 77.35
C CYS AA 239 38.58 80.13 77.10
N ALA AA 240 39.38 79.48 77.94
CA ALA AA 240 40.84 79.57 77.85
C ALA AA 240 41.42 78.19 77.63
N GLN AA 241 42.03 77.99 76.46
CA GLN AA 241 42.73 76.74 76.18
C GLN AA 241 44.16 76.84 76.70
N VAL AA 242 44.51 75.99 77.65
CA VAL AA 242 45.82 76.01 78.29
C VAL AA 242 46.73 75.07 77.52
N LEU AA 243 47.69 75.61 76.79
CA LEU AA 243 48.63 74.83 76.01
C LEU AA 243 49.97 74.84 76.70
N SER AA 244 50.51 73.66 76.97
CA SER AA 244 51.78 73.54 77.68
C SER AA 244 52.68 72.54 76.98
N HIS AA 245 53.95 72.93 76.85
CA HIS AA 245 55.01 72.05 76.36
C HIS AA 245 56.11 72.08 77.42
N PRO AA 246 56.41 70.95 78.05
CA PRO AA 246 57.29 70.98 79.24
C PRO AA 246 58.67 71.53 78.90
N GLY AA 247 59.19 72.36 79.80
CA GLY AA 247 60.44 73.05 79.59
C GLY AA 247 60.30 74.37 78.88
N HIS AA 248 59.22 74.58 78.13
CA HIS AA 248 59.01 75.84 77.42
C HIS AA 248 58.39 76.87 78.35
N SER AA 249 59.11 77.14 79.45
CA SER AA 249 58.71 78.12 80.45
C SER AA 249 59.96 78.62 81.15
N PRO AA 250 60.04 79.92 81.48
CA PRO AA 250 59.09 81.02 81.26
C PRO AA 250 58.89 81.35 79.79
N VAL AA 251 57.63 81.52 79.37
CA VAL AA 251 57.31 81.78 77.97
C VAL AA 251 57.47 83.29 77.73
N THR AA 252 58.34 83.66 76.79
CA THR AA 252 58.66 85.06 76.60
C THR AA 252 58.20 85.64 75.27
N SER AA 253 58.12 84.82 74.22
CA SER AA 253 57.76 85.34 72.92
C SER AA 253 56.79 84.37 72.23
N VAL AA 254 55.60 84.85 71.93
CA VAL AA 254 54.60 84.06 71.23
C VAL AA 254 54.05 84.89 70.09
N CYS AA 255 53.91 84.27 68.92
CA CYS AA 255 53.40 84.97 67.76
C CYS AA 255 52.57 84.02 66.92
N TRP AA 256 51.31 84.37 66.71
CA TRP AA 256 50.46 83.63 65.79
C TRP AA 256 50.86 84.01 64.37
N SER AA 257 51.02 83.01 63.52
CA SER AA 257 51.34 83.27 62.12
C SER AA 257 50.25 84.14 61.50
N PRO AA 258 50.59 85.04 60.57
CA PRO AA 258 49.56 85.85 59.92
C PRO AA 258 48.63 84.97 59.12
N LYS AA 259 49.00 83.71 58.99
CA LYS AA 259 48.13 82.65 58.52
C LYS AA 259 47.02 82.32 59.50
N GLY AA 260 47.11 82.81 60.73
CA GLY AA 260 46.14 82.49 61.75
C GLY AA 260 45.98 81.02 62.06
N GLY AA 261 46.88 80.18 61.57
CA GLY AA 261 46.71 78.76 61.73
C GLY AA 261 47.74 78.08 62.61
N VAL AA 262 48.86 78.75 62.86
CA VAL AA 262 49.93 78.17 63.66
C VAL AA 262 50.55 79.27 64.50
N LEU AA 263 50.84 78.94 65.76
CA LEU AA 263 51.36 79.93 66.71
C LEU AA 263 52.68 79.44 67.28
N LEU AA 264 53.70 80.27 67.21
CA LEU AA 264 55.00 79.93 67.76
C LEU AA 264 55.14 80.48 69.18
N SER AA 265 55.84 79.74 70.03
CA SER AA 265 56.15 80.13 71.39
C SER AA 265 57.64 79.95 71.63
N ALA AA 266 58.18 80.70 72.59
CA ALA AA 266 59.62 80.76 72.79
C ALA AA 266 59.96 80.80 74.27
N SER AA 267 61.11 80.23 74.60
CA SER AA 267 61.59 80.10 75.97
C SER AA 267 63.08 80.40 76.03
N PRO AA 268 63.50 81.30 76.92
CA PRO AA 268 64.93 81.59 77.04
C PRO AA 268 65.72 80.49 77.72
N VAL AA 269 65.06 79.50 78.30
CA VAL AA 269 65.75 78.37 78.90
C VAL AA 269 65.70 77.13 78.02
N ASP AA 270 64.79 77.06 77.06
CA ASP AA 270 64.63 75.90 76.21
C ASP AA 270 65.31 76.14 74.87
N THR AA 271 66.13 75.19 74.43
CA THR AA 271 66.85 75.34 73.18
C THR AA 271 66.00 74.99 71.97
N ALA AA 272 64.77 74.56 72.17
CA ALA AA 272 63.87 74.18 71.09
C ALA AA 272 62.64 75.08 71.13
N MET AA 273 62.44 75.83 70.05
CA MET AA 273 61.27 76.70 69.96
C MET AA 273 60.01 75.84 69.89
N LEU AA 274 58.91 76.37 70.40
CA LEU AA 274 57.65 75.65 70.45
C LEU AA 274 56.78 76.05 69.27
N VAL AA 275 56.30 75.05 68.53
CA VAL AA 275 55.31 75.27 67.49
C VAL AA 275 53.98 74.72 68.01
N TRP AA 276 52.97 75.58 68.10
CA TRP AA 276 51.71 75.26 68.74
C TRP AA 276 50.60 75.23 67.71
N ASP AA 277 49.93 74.09 67.61
CA ASP AA 277 48.68 73.95 66.86
C ASP AA 277 47.56 74.03 67.87
N VAL AA 278 46.79 75.11 67.79
CA VAL AA 278 45.78 75.38 68.81
C VAL AA 278 44.68 74.33 68.80
N PRO AA 279 44.19 73.86 67.66
CA PRO AA 279 43.08 72.89 67.71
C PRO AA 279 43.48 71.53 68.22
N THR AA 280 44.61 70.99 67.75
CA THR AA 280 45.05 69.69 68.22
C THR AA 280 45.56 69.75 69.66
N GLU AA 281 45.64 70.94 70.23
CA GLU AA 281 46.27 71.12 71.54
C GLU AA 281 47.67 70.54 71.55
N SER AA 282 48.42 70.77 70.48
CA SER AA 282 49.65 70.04 70.27
C SER AA 282 50.85 70.97 70.18
N CYS AA 283 51.97 70.48 70.68
CA CYS AA 283 53.21 71.24 70.73
C CYS AA 283 54.35 70.42 70.16
N ILE AA 284 55.10 71.02 69.25
CA ILE AA 284 56.22 70.36 68.58
C ILE AA 284 57.49 71.13 68.94
N PRO AA 285 58.58 70.44 69.29
CA PRO AA 285 59.85 71.14 69.58
C PRO AA 285 60.72 71.22 68.34
N LEU AA 286 61.25 72.43 68.07
CA LEU AA 286 62.23 72.66 67.02
C LEU AA 286 63.57 72.93 67.68
N GLN AA 287 64.45 71.93 67.66
CA GLN AA 287 65.69 72.02 68.41
C GLN AA 287 66.77 72.73 67.60
N ARG AA 288 67.62 73.47 68.30
CA ARG AA 288 68.72 74.19 67.68
C ARG AA 288 69.95 74.03 68.55
N VAL AA 289 71.10 73.84 67.93
CA VAL AA 289 72.35 73.63 68.63
C VAL AA 289 73.02 74.99 68.84
N GLY AA 290 73.29 75.33 70.09
CA GLY AA 290 74.05 76.53 70.38
C GLY AA 290 73.20 77.77 70.48
N GLY AA 291 73.56 78.68 71.39
CA GLY AA 291 72.91 79.96 71.52
C GLY AA 291 71.97 80.09 72.70
N GLY AA 292 71.76 79.03 73.46
CA GLY AA 292 70.83 79.13 74.56
C GLY AA 292 69.39 79.19 74.06
N GLY AA 293 68.51 79.61 74.97
CA GLY AA 293 67.09 79.61 74.67
C GLY AA 293 66.72 80.62 73.60
N VAL AA 294 65.51 80.47 73.09
CA VAL AA 294 64.95 81.42 72.14
C VAL AA 294 64.08 82.40 72.91
N THR AA 295 64.40 83.69 72.81
CA THR AA 295 63.75 84.72 73.61
C THR AA 295 62.80 85.60 72.83
N PHE AA 296 63.08 85.89 71.57
CA PHE AA 296 62.20 86.73 70.76
C PHE AA 296 62.05 86.13 69.38
N LEU AA 297 60.80 85.99 68.94
CA LEU AA 297 60.48 85.44 67.63
C LEU AA 297 59.74 86.49 66.82
N SER AA 298 60.00 86.52 65.52
CA SER AA 298 59.35 87.47 64.63
C SER AA 298 59.28 86.88 63.23
N TRP AA 299 58.10 86.41 62.84
CA TRP AA 299 57.91 85.87 61.50
C TRP AA 299 57.69 87.00 60.51
N SER AA 300 58.18 86.80 59.27
CA SER AA 300 58.19 87.86 58.29
C SER AA 300 56.76 88.24 57.88
N PRO AA 301 56.56 89.42 57.27
CA PRO AA 301 55.20 89.90 57.03
C PRO AA 301 54.34 88.97 56.20
N ASP AA 302 54.95 88.14 55.34
CA ASP AA 302 54.18 87.24 54.49
C ASP AA 302 54.29 85.78 54.91
N GLY AA 303 55.24 85.43 55.76
CA GLY AA 303 55.31 84.09 56.31
C GLY AA 303 56.44 83.22 55.81
N SER AA 304 57.55 83.81 55.34
CA SER AA 304 58.70 83.01 54.96
C SER AA 304 59.80 83.03 56.01
N LYS AA 305 60.21 84.21 56.46
CA LYS AA 305 61.38 84.35 57.32
C LYS AA 305 60.92 84.53 58.75
N VAL AA 306 61.66 83.90 59.66
CA VAL AA 306 61.44 84.05 61.09
C VAL AA 306 62.76 84.47 61.72
N LEU AA 307 62.84 85.74 62.10
CA LEU AA 307 63.96 86.23 62.89
C LEU AA 307 63.82 85.68 64.30
N ALA AA 308 64.84 84.96 64.75
CA ALA AA 308 64.86 84.36 66.08
C ALA AA 308 66.09 84.87 66.81
N ALA AA 309 65.86 85.60 67.89
CA ALA AA 309 66.94 86.16 68.69
C ALA AA 309 67.09 85.38 69.99
N THR AA 310 68.32 85.10 70.37
CA THR AA 310 68.62 84.31 71.55
C THR AA 310 69.30 85.18 72.60
N PRO AA 311 69.23 84.78 73.87
CA PRO AA 311 69.98 85.51 74.91
C PRO AA 311 71.48 85.44 74.71
N SER AA 312 71.94 84.70 73.70
CA SER AA 312 73.33 84.72 73.26
C SER AA 312 73.51 85.72 72.13
N SER AA 313 74.65 85.62 71.46
CA SER AA 313 75.00 86.61 70.44
C SER AA 313 74.69 86.15 69.03
N VAL AA 314 73.83 85.16 68.87
CA VAL AA 314 73.53 84.60 67.55
C VAL AA 314 72.04 84.76 67.26
N PHE AA 315 71.74 85.28 66.07
CA PHE AA 315 70.37 85.39 65.59
C PHE AA 315 70.22 84.55 64.33
N ARG AA 316 69.04 83.96 64.16
CA ARG AA 316 68.83 83.00 63.09
C ARG AA 316 67.63 83.42 62.25
N VAL AA 317 67.72 83.16 60.95
CA VAL AA 317 66.63 83.36 60.01
C VAL AA 317 66.04 81.99 59.70
N TRP AA 318 64.72 81.87 59.81
CA TRP AA 318 64.06 80.58 59.63
C TRP AA 318 63.09 80.66 58.44
N GLU AA 319 63.44 79.98 57.36
CA GLU AA 319 62.58 79.91 56.19
C GLU AA 319 61.43 78.94 56.47
N THR AA 320 60.21 79.45 56.43
CA THR AA 320 59.08 78.71 56.98
C THR AA 320 58.65 77.51 56.14
N GLN AA 321 59.21 77.35 54.94
CA GLN AA 321 58.78 76.25 54.07
C GLN AA 321 58.98 74.90 54.76
N LYS AA 322 60.22 74.47 54.91
CA LYS AA 322 60.48 73.35 55.80
C LYS AA 322 61.28 73.79 57.02
N TRP AA 323 61.13 75.04 57.45
CA TRP AA 323 61.76 75.56 58.66
C TRP AA 323 63.28 75.47 58.57
N THR AA 324 63.86 76.03 57.51
CA THR AA 324 65.31 76.03 57.34
C THR AA 324 65.94 77.09 58.24
N CYS AA 325 67.15 76.80 58.72
CA CYS AA 325 67.83 77.63 59.69
C CYS AA 325 69.13 78.19 59.11
N GLU AA 326 69.22 79.52 59.04
CA GLU AA 326 70.45 80.20 58.66
C GLU AA 326 70.95 80.98 59.87
N ARG AA 327 72.14 80.62 60.36
CA ARG AA 327 72.71 81.24 61.54
C ARG AA 327 73.56 82.44 61.11
N TRP AA 328 73.41 83.55 61.83
CA TRP AA 328 74.21 84.74 61.59
C TRP AA 328 75.02 85.02 62.85
N PRO AA 329 75.88 84.10 63.26
CA PRO AA 329 76.58 84.26 64.53
C PRO AA 329 77.70 85.30 64.47
N THR AA 330 77.36 86.53 64.09
CA THR AA 330 78.36 87.57 63.97
C THR AA 330 77.90 88.86 64.63
N LEU AA 331 77.04 88.74 65.64
CA LEU AA 331 76.56 89.90 66.37
C LEU AA 331 77.35 90.06 67.66
N GLN AA 332 77.94 91.25 67.85
CA GLN AA 332 78.80 91.48 69.00
C GLN AA 332 78.08 91.23 70.33
N GLY AA 333 76.75 91.27 70.32
CA GLY AA 333 75.97 90.94 71.51
C GLY AA 333 74.66 90.29 71.11
N ARG AA 334 73.68 90.31 72.01
CA ARG AA 334 72.37 89.76 71.69
C ARG AA 334 71.60 90.73 70.81
N CYS AA 335 70.60 90.19 70.12
CA CYS AA 335 69.71 91.02 69.31
C CYS AA 335 68.65 91.65 70.19
N GLN AA 336 68.57 92.99 70.16
CA GLN AA 336 67.58 93.69 70.98
C GLN AA 336 66.18 93.58 70.40
N THR AA 337 66.04 93.79 69.10
CA THR AA 337 64.76 93.67 68.43
C THR AA 337 64.99 93.41 66.95
N GLY AA 338 63.93 92.98 66.28
CA GLY AA 338 63.98 92.77 64.85
C GLY AA 338 62.71 93.28 64.19
N CYS AA 339 62.84 94.10 63.17
CA CYS AA 339 61.69 94.67 62.50
C CYS AA 339 61.71 94.28 61.04
N TRP AA 340 60.62 93.67 60.59
CA TRP AA 340 60.53 93.25 59.20
C TRP AA 340 59.93 94.36 58.35
N SER AA 341 60.38 94.41 57.10
CA SER AA 341 59.82 95.38 56.18
C SER AA 341 58.33 95.15 56.01
N PRO AA 342 57.57 96.18 55.67
CA PRO AA 342 56.17 95.96 55.31
C PRO AA 342 56.07 94.98 54.15
N ASP AA 343 57.16 94.87 53.40
CA ASP AA 343 57.28 93.92 52.32
C ASP AA 343 57.95 92.62 52.72
N GLY AA 344 58.66 92.60 53.85
CA GLY AA 344 59.29 91.37 54.32
C GLY AA 344 60.59 91.00 53.65
N SER AA 345 61.17 91.90 52.85
CA SER AA 345 62.48 91.67 52.26
C SER AA 345 63.57 92.46 52.95
N ARG AA 346 63.20 93.37 53.84
CA ARG AA 346 64.17 94.09 54.65
C ARG AA 346 63.88 93.81 56.12
N LEU AA 347 64.82 93.19 56.80
CA LEU AA 347 64.71 92.91 58.22
C LEU AA 347 65.59 93.92 58.94
N LEU AA 348 64.96 94.80 59.70
CA LEU AA 348 65.70 95.80 60.48
C LEU AA 348 65.95 95.23 61.87
N PHE AA 349 67.19 95.37 62.34
CA PHE AA 349 67.55 94.84 63.64
C PHE AA 349 68.52 95.80 64.32
N ALA AA 350 68.71 95.57 65.61
CA ALA AA 350 69.70 96.29 66.40
C ALA AA 350 70.28 95.34 67.43
N VAL AA 351 71.55 95.54 67.76
CA VAL AA 351 72.24 94.77 68.78
C VAL AA 351 72.31 95.62 70.04
N LYS AA 352 71.57 95.20 71.08
CA LYS AA 352 71.55 95.95 72.33
C LYS AA 352 72.99 96.17 72.82
N GLY AA 353 73.27 97.41 73.21
CA GLY AA 353 74.64 97.84 73.39
C GLY AA 353 75.20 98.58 72.20
N GLU AA 354 74.69 98.34 71.00
CA GLU AA 354 75.00 99.15 69.83
C GLU AA 354 73.79 99.98 69.46
N SER AA 355 74.03 101.15 68.87
CA SER AA 355 72.96 102.09 68.54
C SER AA 355 72.78 102.22 67.04
N VAL AA 356 72.93 101.13 66.29
CA VAL AA 356 72.84 101.16 64.84
C VAL AA 356 71.64 100.35 64.39
N ILE AA 357 71.11 100.73 63.23
CA ILE AA 357 70.03 100.00 62.59
C ILE AA 357 70.63 99.19 61.45
N TYR AA 358 70.75 97.88 61.64
CA TYR AA 358 71.26 96.99 60.63
C TYR AA 358 70.11 96.55 59.73
N SER AA 359 70.29 96.73 58.43
CA SER AA 359 69.26 96.43 57.45
C SER AA 359 69.69 95.21 56.65
N LEU AA 360 69.11 94.06 56.98
CA LEU AA 360 69.40 92.81 56.29
C LEU AA 360 68.44 92.69 55.13
N CYS AA 361 68.98 92.77 53.91
CA CYS AA 361 68.17 92.72 52.71
C CYS AA 361 67.93 91.26 52.35
N PHE AA 362 66.65 90.89 52.33
CA PHE AA 362 66.25 89.52 52.03
C PHE AA 362 65.94 89.48 50.53
N SER AA 363 67.01 89.47 49.72
CA SER AA 363 66.86 89.47 48.27
C SER AA 363 66.43 88.10 47.78
N GLY AA 374 68.62 82.46 51.89
CA GLY AA 374 69.87 82.98 51.38
C GLY AA 374 69.94 84.49 51.36
N GLY AA 375 69.86 85.10 52.55
CA GLY AA 375 70.01 86.53 52.64
C GLY AA 375 71.45 86.97 52.45
N SER AA 376 71.61 88.25 52.10
CA SER AA 376 72.93 88.86 52.03
C SER AA 376 73.72 88.57 53.29
N GLN AA 377 74.89 87.94 53.12
CA GLN AA 377 75.61 87.37 54.24
C GLN AA 377 76.10 88.40 55.25
N SER AA 378 75.80 89.68 55.05
CA SER AA 378 76.23 90.72 55.97
C SER AA 378 75.11 91.75 56.15
N ALA AA 379 75.21 92.52 57.24
CA ALA AA 379 74.25 93.55 57.55
C ALA AA 379 74.83 94.94 57.27
N THR AA 380 74.02 95.81 56.67
CA THR AA 380 74.44 97.16 56.34
C THR AA 380 73.86 98.14 57.36
N VAL AA 381 74.69 99.09 57.79
CA VAL AA 381 74.25 100.12 58.73
C VAL AA 381 73.37 101.12 57.97
N VAL AA 382 72.16 101.34 58.46
CA VAL AA 382 71.21 102.18 57.76
C VAL AA 382 70.84 103.43 58.56
N ALA AA 383 70.54 103.31 59.84
CA ALA AA 383 70.22 104.48 60.64
C ALA AA 383 71.01 104.40 61.93
N ASP AA 384 71.96 105.30 62.09
CA ASP AA 384 72.81 105.34 63.26
C ASP AA 384 72.04 106.09 64.35
N VAL AA 385 71.62 105.37 65.38
CA VAL AA 385 70.81 105.96 66.42
C VAL AA 385 71.73 106.21 67.61
N SER AA 386 73.01 106.38 67.32
CA SER AA 386 73.98 106.74 68.35
C SER AA 386 73.55 108.02 69.04
N GLU AA 387 73.66 108.02 70.36
CA GLU AA 387 73.31 109.20 71.14
C GLU AA 387 74.40 110.26 71.00
N GLY AA 400 69.01 109.35 71.26
CA GLY AA 400 69.87 108.22 71.00
C GLY AA 400 70.07 107.34 72.21
N GLY AA 401 71.04 106.43 72.11
CA GLY AA 401 71.32 105.52 73.20
C GLY AA 401 71.12 104.08 72.80
N GLU AA 402 70.48 103.29 73.65
CA GLU AA 402 70.13 101.93 73.30
C GLU AA 402 68.85 101.90 72.48
N ILE AA 403 68.92 101.31 71.30
CA ILE AA 403 67.73 101.08 70.51
C ILE AA 403 66.98 99.91 71.13
N GLN AA 404 65.87 100.19 71.80
CA GLN AA 404 65.17 99.15 72.53
C GLN AA 404 64.03 98.53 71.72
N SER AA 405 63.32 99.34 70.94
CA SER AA 405 62.25 98.82 70.11
C SER AA 405 62.23 99.57 68.78
N MET AA 406 61.71 98.91 67.76
CA MET AA 406 61.60 99.48 66.43
C MET AA 406 60.30 99.00 65.80
N CYS AA 407 59.64 99.88 65.06
CA CYS AA 407 58.35 99.56 64.46
C CYS AA 407 58.15 100.37 63.20
N TRP AA 408 57.74 99.70 62.13
CA TRP AA 408 57.45 100.36 60.87
C TRP AA 408 55.97 100.25 60.55
N ASP AA 409 55.41 101.33 60.02
CA ASP AA 409 54.01 101.31 59.67
C ASP AA 409 53.77 100.37 58.50
N PRO AA 410 52.64 99.66 58.49
CA PRO AA 410 52.41 98.65 57.45
C PRO AA 410 52.51 99.20 56.03
N SER AA 411 52.42 100.51 55.85
CA SER AA 411 52.52 101.09 54.53
C SER AA 411 53.95 101.13 54.02
N GLY AA 412 54.94 100.98 54.89
CA GLY AA 412 56.31 101.08 54.47
C GLY AA 412 56.80 102.48 54.20
N GLU AA 413 56.12 103.49 54.75
CA GLU AA 413 56.56 104.88 54.60
C GLU AA 413 56.99 105.51 55.92
N ARG AA 414 56.48 105.02 57.05
CA ARG AA 414 56.81 105.59 58.35
C ARG AA 414 57.34 104.50 59.26
N LEU AA 415 58.30 104.86 60.11
CA LEU AA 415 58.93 103.91 61.03
C LEU AA 415 59.14 104.58 62.37
N ALA AA 416 58.68 103.94 63.43
CA ALA AA 416 58.90 104.39 64.80
C ALA AA 416 59.96 103.50 65.44
N VAL AA 417 61.03 104.11 65.93
CA VAL AA 417 62.11 103.39 66.60
C VAL AA 417 62.20 103.90 68.03
N LEU AA 418 62.06 103.01 68.99
CA LEU AA 418 62.10 103.38 70.39
C LEU AA 418 63.55 103.46 70.83
N LEU AA 419 64.01 104.65 71.15
CA LEU AA 419 65.35 104.87 71.68
C LEU AA 419 65.24 105.15 73.16
N LYS AA 420 65.88 104.31 73.97
CA LYS AA 420 65.97 104.51 75.41
C LYS AA 420 67.37 105.02 75.72
N GLY AA 421 67.44 106.09 76.50
CA GLY AA 421 68.71 106.75 76.79
C GLY AA 421 69.79 105.85 77.37
N GLN AA 429 65.00 111.17 78.41
CA GLN AA 429 63.68 110.54 78.33
C GLN AA 429 63.58 109.67 77.09
N PRO AA 430 63.17 108.42 77.27
CA PRO AA 430 62.95 107.54 76.12
C PRO AA 430 62.05 108.21 75.09
N VAL AA 431 62.43 108.11 73.83
CA VAL AA 431 61.73 108.85 72.78
C VAL AA 431 61.55 107.96 71.56
N ILE AA 432 60.52 108.26 70.78
CA ILE AA 432 60.25 107.56 69.54
C ILE AA 432 60.86 108.36 68.41
N ALA AA 433 61.96 107.89 67.85
CA ALA AA 433 62.50 108.47 66.63
C ALA AA 433 61.60 108.05 65.49
N VAL AA 434 60.89 109.01 64.92
CA VAL AA 434 59.96 108.75 63.83
C VAL AA 434 60.64 109.18 62.54
N PHE AA 435 60.74 108.25 61.60
CA PHE AA 435 61.48 108.46 60.36
C PHE AA 435 60.63 108.06 59.17
N ARG AA 436 60.82 108.77 58.07
CA ARG AA 436 60.21 108.39 56.80
C ARG AA 436 61.23 107.65 55.95
N THR AA 437 60.85 106.49 55.45
CA THR AA 437 61.75 105.62 54.71
C THR AA 437 61.42 105.67 53.23
N ARG AA 438 62.44 105.73 52.39
CA ARG AA 438 62.29 105.75 50.94
C ARG AA 438 62.83 104.43 50.40
N ASN AA 439 61.96 103.65 49.78
CA ASN AA 439 62.32 102.31 49.33
C ASN AA 439 63.08 102.31 48.02
N SER AA 440 63.00 103.36 47.23
CA SER AA 440 63.66 103.41 45.93
C SER AA 440 64.29 104.78 45.75
N PRO AA 441 65.46 104.86 45.09
CA PRO AA 441 66.22 103.76 44.50
C PRO AA 441 67.15 103.07 45.50
N ILE AA 442 67.33 103.66 46.67
CA ILE AA 442 68.12 103.09 47.75
C ILE AA 442 67.33 103.17 49.03
N PHE AA 443 67.15 102.03 49.70
CA PHE AA 443 66.45 102.02 50.97
C PHE AA 443 67.27 102.73 52.02
N GLU AA 444 66.80 103.88 52.46
CA GLU AA 444 67.51 104.71 53.43
C GLU AA 444 66.53 105.24 54.46
N LEU AA 445 67.06 105.60 55.63
CA LEU AA 445 66.26 106.20 56.68
C LEU AA 445 66.45 107.71 56.63
N LEU AA 446 65.35 108.45 56.69
CA LEU AA 446 65.37 109.90 56.67
C LEU AA 446 64.86 110.44 58.00
N PRO AA 447 65.55 111.40 58.59
CA PRO AA 447 65.12 111.92 59.90
C PRO AA 447 63.90 112.81 59.77
N CYS AA 448 62.82 112.42 60.44
CA CYS AA 448 61.54 113.11 60.35
C CYS AA 448 61.21 113.87 61.62
N GLY AA 449 61.33 113.25 62.78
CA GLY AA 449 61.09 113.98 64.01
C GLY AA 449 61.16 113.08 65.22
N PHE AA 450 60.91 113.69 66.37
CA PHE AA 450 60.87 112.99 67.64
C PHE AA 450 59.46 113.03 68.19
N ILE AA 451 58.98 111.88 68.66
CA ILE AA 451 57.72 111.77 69.38
C ILE AA 451 58.07 111.55 70.83
N HIS AA 452 57.51 112.36 71.71
CA HIS AA 452 57.79 112.29 73.12
C HIS AA 452 56.49 112.35 73.90
N GLY AA 453 56.55 111.87 75.14
CA GLY AA 453 55.44 112.00 76.06
C GLY AA 453 55.58 113.25 76.91
N ARG AA 454 54.57 113.46 77.74
CA ARG AA 454 54.61 114.59 78.66
C ARG AA 454 55.70 114.39 79.70
N LYS AA 455 55.89 115.42 80.54
CA LYS AA 455 56.91 115.38 81.58
C LYS AA 455 56.72 114.17 82.50
N GLY AA 456 57.70 113.28 82.52
CA GLY AA 456 57.65 112.07 83.32
C GLY AA 456 57.09 110.87 82.60
N GLU AA 457 56.56 111.04 81.39
CA GLU AA 457 55.96 109.96 80.64
C GLU AA 457 57.00 109.31 79.73
N THR AA 458 57.47 108.13 80.11
CA THR AA 458 58.42 107.42 79.30
C THR AA 458 57.70 106.47 78.36
N PRO AA 459 57.97 106.53 77.06
CA PRO AA 459 57.27 105.63 76.12
C PRO AA 459 57.63 104.18 76.42
N GLN AA 460 56.65 103.44 76.95
CA GLN AA 460 56.85 102.07 77.36
C GLN AA 460 56.71 101.09 76.21
N LEU AA 461 55.61 101.17 75.47
CA LEU AA 461 55.41 100.32 74.30
C LEU AA 461 54.79 101.12 73.18
N PHE AA 462 54.91 100.61 71.96
CA PHE AA 462 54.32 101.28 70.81
C PHE AA 462 53.98 100.24 69.76
N GLN AA 463 52.90 100.51 69.02
CA GLN AA 463 52.49 99.60 67.95
C GLN AA 463 51.74 100.38 66.90
N PHE AA 464 52.12 100.19 65.64
CA PHE AA 464 51.37 100.79 64.55
C PHE AA 464 50.17 99.93 64.24
N HIS AA 465 48.99 100.52 64.29
CA HIS AA 465 47.77 99.79 64.01
C HIS AA 465 47.84 99.24 62.59
N PRO AA 466 47.64 97.94 62.39
CA PRO AA 466 47.87 97.36 61.07
C PRO AA 466 46.96 97.92 59.99
N GLY AA 467 45.82 98.51 60.34
CA GLY AA 467 44.84 98.81 59.32
C GLY AA 467 44.23 100.19 59.38
N PHE AA 468 44.99 101.18 59.82
CA PHE AA 468 44.51 102.56 59.77
C PHE AA 468 44.40 102.96 58.30
N ASN AA 469 43.17 103.21 57.85
CA ASN AA 469 42.93 103.36 56.42
C ASN AA 469 43.38 104.71 55.87
N LYS AA 470 43.57 105.71 56.72
CA LYS AA 470 43.86 107.06 56.25
C LYS AA 470 45.30 107.48 56.53
N GLY AA 471 46.23 106.52 56.58
CA GLY AA 471 47.60 106.84 56.86
C GLY AA 471 48.22 105.85 57.81
N ALA AA 472 48.75 106.34 58.93
CA ALA AA 472 49.35 105.45 59.93
C ALA AA 472 48.77 105.79 61.29
N LEU AA 473 48.45 104.76 62.07
CA LEU AA 473 48.02 104.95 63.45
C LEU AA 473 49.05 104.32 64.37
N LEU AA 474 49.71 105.14 65.18
CA LEU AA 474 50.70 104.68 66.13
C LEU AA 474 50.13 104.81 67.54
N SER AA 475 49.84 103.69 68.18
CA SER AA 475 49.37 103.68 69.56
C SER AA 475 50.58 103.54 70.47
N GLN AA 476 50.76 104.54 71.35
CA GLN AA 476 51.89 104.57 72.28
C GLN AA 476 51.37 104.43 73.70
N LEU AA 477 51.87 103.44 74.41
CA LEU AA 477 51.52 103.20 75.80
C LEU AA 477 52.66 103.70 76.68
N TRP AA 478 52.32 104.60 77.60
CA TRP AA 478 53.28 105.30 78.45
C TRP AA 478 53.30 104.68 79.84
N SER AA 479 54.30 105.11 80.63
CA SER AA 479 54.57 104.47 81.91
C SER AA 479 53.42 104.58 82.88
N SER AA 480 52.57 105.60 82.76
CA SER AA 480 51.44 105.73 83.66
C SER AA 480 50.25 104.88 83.24
N GLY AA 481 50.36 104.16 82.12
CA GLY AA 481 49.27 103.37 81.61
C GLY AA 481 48.38 104.09 80.61
N ARG AA 482 48.60 105.38 80.41
CA ARG AA 482 47.80 106.15 79.46
C ARG AA 482 48.27 105.86 78.05
N VAL AA 483 47.37 105.35 77.23
CA VAL AA 483 47.67 104.97 75.85
C VAL AA 483 47.11 106.05 74.94
N ASN AA 484 47.98 106.68 74.16
CA ASN AA 484 47.57 107.73 73.25
C ASN AA 484 47.72 107.24 71.82
N HIS AA 485 46.98 107.87 70.91
CA HIS AA 485 47.02 107.53 69.49
C HIS AA 485 47.55 108.71 68.70
N PHE AA 486 48.60 108.48 67.93
CA PHE AA 486 49.20 109.51 67.07
C PHE AA 486 48.99 109.14 65.61
N PRO AA 487 48.32 109.97 64.83
CA PRO AA 487 48.15 109.64 63.40
C PRO AA 487 49.24 110.29 62.55
N PHE AA 488 49.75 109.54 61.58
CA PHE AA 488 50.63 110.05 60.55
C PHE AA 488 49.76 110.19 59.30
N TYR AA 489 49.40 111.42 58.97
CA TYR AA 489 48.48 111.69 57.86
C TYR AA 489 49.22 111.67 56.54
N PHE AA 490 48.84 110.73 55.67
CA PHE AA 490 49.41 110.64 54.33
C PHE AA 490 48.67 111.66 53.46
N VAL AA 491 49.02 112.93 53.66
CA VAL AA 491 48.34 114.03 53.01
C VAL AA 491 48.91 114.21 51.61
N ASN AA 492 48.15 113.77 50.60
CA ASN AA 492 48.58 113.86 49.21
C ASN AA 492 48.70 115.32 48.77
N ALA AA 493 49.87 115.71 48.27
CA ALA AA 493 50.10 117.08 47.82
C ALA AA 493 49.35 117.37 46.54
N MET BA 1 72.31 46.88 44.38
CA MET BA 1 73.60 47.56 44.27
C MET BA 1 73.74 48.64 45.35
N THR BA 2 72.64 49.34 45.61
CA THR BA 2 72.67 50.43 46.58
C THR BA 2 73.00 49.94 47.98
N MET BA 3 72.66 48.70 48.29
CA MET BA 3 73.08 48.11 49.56
C MET BA 3 74.59 48.04 49.68
N LEU BA 4 75.29 47.71 48.59
CA LEU BA 4 76.74 47.61 48.64
C LEU BA 4 77.38 48.97 48.86
N GLY BA 5 76.94 49.99 48.13
CA GLY BA 5 77.50 51.32 48.31
C GLY BA 5 77.18 51.89 49.67
N GLU BA 6 75.94 51.69 50.14
CA GLU BA 6 75.59 52.14 51.48
C GLU BA 6 76.45 51.44 52.52
N ARG BA 7 76.65 50.13 52.39
CA ARG BA 7 77.46 49.41 53.36
C ARG BA 7 78.93 49.80 53.29
N LEU BA 8 79.42 50.13 52.09
CA LEU BA 8 80.80 50.55 51.97
C LEU BA 8 81.02 51.92 52.60
N VAL BA 9 80.13 52.87 52.28
CA VAL BA 9 80.20 54.18 52.92
C VAL BA 9 80.03 54.04 54.43
N LEU BA 10 79.22 53.08 54.87
CA LEU BA 10 79.04 52.89 56.30
C LEU BA 10 80.30 52.33 56.94
N ARG BA 11 80.95 51.36 56.31
CA ARG BA 11 82.20 50.87 56.86
C ARG BA 11 83.25 51.97 56.87
N TRP BA 12 83.26 52.81 55.85
CA TRP BA 12 84.25 53.89 55.80
C TRP BA 12 83.92 54.99 56.80
N ARG BA 13 82.65 55.14 57.15
CA ARG BA 13 82.31 56.12 58.18
C ARG BA 13 82.61 55.56 59.56
N VAL BA 14 82.33 54.27 59.75
CA VAL BA 14 82.86 53.59 60.91
C VAL BA 14 84.37 53.80 60.97
N ALA BA 15 85.01 53.81 59.80
CA ALA BA 15 86.44 54.07 59.76
C ALA BA 15 86.75 55.49 60.22
N ALA BA 16 85.99 56.48 59.76
CA ALA BA 16 86.26 57.84 60.17
C ALA BA 16 86.07 58.01 61.68
N SER BA 17 84.99 57.45 62.23
CA SER BA 17 84.71 57.60 63.65
C SER BA 17 85.72 56.85 64.50
N PHE BA 18 85.85 55.55 64.25
CA PHE BA 18 86.85 54.75 64.95
C PHE BA 18 88.25 55.30 64.69
N ALA BA 19 88.41 56.10 63.64
CA ALA BA 19 89.71 56.71 63.37
C ALA BA 19 89.97 57.88 64.29
N TRP BA 20 88.96 58.73 64.48
CA TRP BA 20 89.07 59.74 65.52
C TRP BA 20 89.34 59.09 66.88
N SER BA 21 88.67 57.97 67.16
CA SER BA 21 88.86 57.29 68.45
C SER BA 21 90.27 56.70 68.58
N VAL BA 22 90.77 56.08 67.50
CA VAL BA 22 92.09 55.47 67.53
C VAL BA 22 93.17 56.53 67.63
N ILE BA 23 92.94 57.70 67.03
CA ILE BA 23 93.86 58.81 67.23
C ILE BA 23 93.80 59.30 68.67
N LEU BA 24 92.62 59.22 69.31
CA LEU BA 24 92.47 59.74 70.66
C LEU BA 24 92.93 58.79 71.76
N MET BA 25 93.16 57.51 71.45
CA MET BA 25 93.52 56.54 72.49
C MET BA 25 94.81 56.84 73.26
N PRO BA 26 95.91 57.18 72.57
CA PRO BA 26 97.22 57.21 73.26
C PRO BA 26 97.36 58.36 74.27
N VAL BA 27 96.75 59.50 74.00
CA VAL BA 27 96.76 60.58 74.98
C VAL BA 27 96.07 60.14 76.26
N CYS BA 28 94.99 59.37 76.12
CA CYS BA 28 94.32 58.82 77.31
C CYS BA 28 95.22 57.84 78.03
N CYS BA 29 95.96 57.00 77.28
CA CYS BA 29 96.93 56.11 77.91
C CYS BA 29 97.95 56.89 78.75
N ALA BA 30 98.49 57.98 78.17
CA ALA BA 30 99.47 58.79 78.89
C ALA BA 30 98.85 59.45 80.12
N LEU BA 31 97.61 59.91 80.00
CA LEU BA 31 96.93 60.49 81.15
C LEU BA 31 96.78 59.48 82.28
N PHE BA 32 96.36 58.26 81.96
CA PHE BA 32 96.26 57.22 82.98
C PHE BA 32 97.62 56.91 83.59
N ILE BA 33 98.67 56.92 82.77
CA ILE BA 33 100.02 56.64 83.27
C ILE BA 33 100.43 57.70 84.28
N VAL BA 34 100.18 58.98 83.96
CA VAL BA 34 100.57 60.06 84.85
C VAL BA 34 99.71 60.05 86.12
N LEU BA 35 98.44 59.63 86.00
CA LEU BA 35 97.54 59.67 87.14
C LEU BA 35 97.76 58.52 88.11
N SER BA 36 98.12 57.34 87.61
CA SER BA 36 98.29 56.19 88.49
C SER BA 36 99.54 56.30 89.35
N ARG BA 37 100.51 57.13 88.96
CA ARG BA 37 101.78 57.28 89.67
C ARG BA 37 101.97 58.72 90.13
N ILE BA 38 100.89 59.35 90.57
CA ILE BA 38 100.92 60.77 90.94
C ILE BA 38 101.78 60.97 92.17
N GLN BA 39 102.95 61.57 91.97
CA GLN BA 39 103.85 61.95 93.08
C GLN BA 39 103.69 63.46 93.28
N ILE BA 40 103.01 63.83 94.36
CA ILE BA 40 102.69 65.23 94.58
C ILE BA 40 103.89 66.03 95.04
N LEU BA 41 104.87 65.38 95.69
CA LEU BA 41 106.07 66.07 96.13
C LEU BA 41 107.25 65.86 95.19
N HIS BA 42 107.11 65.04 94.15
CA HIS BA 42 108.17 64.80 93.18
C HIS BA 42 107.56 64.83 91.78
N PRO BA 43 107.19 66.02 91.29
CA PRO BA 43 106.52 66.08 89.98
C PRO BA 43 107.47 65.84 88.82
N ILE BA 44 108.69 66.35 88.89
CA ILE BA 44 109.62 66.18 87.78
C ILE BA 44 110.01 64.72 87.61
N GLN BA 45 110.30 64.03 88.73
CA GLN BA 45 110.70 62.63 88.63
C GLN BA 45 109.54 61.74 88.24
N TRP BA 46 108.35 62.00 88.78
CA TRP BA 46 107.17 61.23 88.40
C TRP BA 46 106.87 61.39 86.91
N LEU BA 47 106.91 62.63 86.42
CA LEU BA 47 106.65 62.87 85.01
C LEU BA 47 107.72 62.26 84.13
N THR BA 48 108.99 62.31 84.55
CA THR BA 48 110.07 61.77 83.73
C THR BA 48 110.00 60.25 83.68
N ASP BA 49 109.74 59.60 84.82
CA ASP BA 49 109.60 58.15 84.81
C ASP BA 49 108.34 57.72 84.06
N SER BA 50 107.28 58.53 84.11
CA SER BA 50 106.08 58.21 83.35
C SER BA 50 106.34 58.40 81.86
N ILE BA 51 107.24 59.32 81.49
CA ILE BA 51 107.61 59.47 80.10
C ILE BA 51 108.46 58.29 79.64
N SER BA 52 109.37 57.83 80.50
CA SER BA 52 110.20 56.68 80.15
C SER BA 52 109.35 55.42 80.01
N ASP BA 53 108.41 55.21 80.94
CA ASP BA 53 107.50 54.07 80.82
C ASP BA 53 106.51 54.27 79.68
N LEU BA 54 106.26 55.52 79.30
CA LEU BA 54 105.43 55.80 78.14
C LEU BA 54 106.14 55.41 76.85
N THR BA 55 107.47 55.30 76.90
CA THR BA 55 108.25 54.79 75.77
C THR BA 55 108.65 53.34 75.95
N SER BA 56 108.30 52.73 77.08
CA SER BA 56 108.63 51.34 77.30
C SER BA 56 107.79 50.44 76.40
N SER BA 57 108.38 49.29 76.02
CA SER BA 57 107.73 48.40 75.07
C SER BA 57 106.42 47.85 75.59
N TYR BA 58 106.34 47.56 76.90
CA TYR BA 58 105.10 47.05 77.47
C TYR BA 58 103.96 48.04 77.29
N THR BA 59 104.25 49.34 77.38
CA THR BA 59 103.21 50.34 77.18
C THR BA 59 102.70 50.32 75.74
N ILE BA 60 103.60 50.15 74.77
CA ILE BA 60 103.18 50.07 73.37
C ILE BA 60 102.33 48.82 73.15
N PHE BA 61 102.69 47.71 73.77
CA PHE BA 61 101.90 46.49 73.65
C PHE BA 61 100.50 46.70 74.24
N CYS BA 62 100.42 47.35 75.39
CA CYS BA 62 99.12 47.64 76.00
C CYS BA 62 98.29 48.55 75.10
N LEU BA 63 98.92 49.57 74.51
CA LEU BA 63 98.21 50.44 73.58
C LEU BA 63 97.66 49.66 72.39
N LEU BA 64 98.45 48.72 71.86
CA LEU BA 64 98.00 47.92 70.73
C LEU BA 64 96.81 47.05 71.12
N LEU BA 65 96.86 46.43 72.29
CA LEU BA 65 95.75 45.61 72.74
C LEU BA 65 94.48 46.45 72.93
N ILE BA 66 94.63 47.65 73.48
CA ILE BA 66 93.48 48.53 73.68
C ILE BA 66 92.91 48.97 72.32
N CYS BA 67 93.79 49.18 71.33
CA CYS BA 67 93.32 49.55 70.00
C CYS BA 67 92.54 48.41 69.36
N ALA BA 68 93.01 47.17 69.53
CA ALA BA 68 92.24 46.02 69.04
C ALA BA 68 90.88 45.93 69.71
N ILE BA 69 90.83 46.18 71.03
CA ILE BA 69 89.56 46.17 71.74
C ILE BA 69 88.62 47.25 71.20
N LEU BA 70 89.17 48.44 70.94
CA LEU BA 70 88.34 49.54 70.42
C LEU BA 70 87.85 49.23 69.01
N GLY BA 71 88.66 48.54 68.22
CA GLY BA 71 88.19 48.09 66.91
C GLY BA 71 87.05 47.10 67.02
N LEU BA 72 87.16 46.16 67.95
CA LEU BA 72 86.02 45.27 68.24
C LEU BA 72 84.79 46.08 68.64
N GLN BA 73 84.98 47.16 69.42
CA GLN BA 73 83.85 47.99 69.83
C GLN BA 73 83.22 48.71 68.64
N CYS BA 74 84.05 49.21 67.73
CA CYS BA 74 83.51 49.90 66.55
C CYS BA 74 82.75 48.93 65.67
N THR BA 75 83.27 47.72 65.49
CA THR BA 75 82.52 46.71 64.76
C THR BA 75 81.23 46.35 65.48
N PHE BA 76 81.24 46.38 66.82
CA PHE BA 76 80.01 46.16 67.56
C PHE BA 76 78.99 47.24 67.26
N LEU BA 77 79.41 48.50 67.27
CA LEU BA 77 78.52 49.58 66.88
C LEU BA 77 78.01 49.37 65.46
N MET BA 78 78.87 48.87 64.58
CA MET BA 78 78.46 48.63 63.20
C MET BA 78 77.49 47.46 63.10
N GLU BA 79 77.53 46.54 64.05
CA GLU BA 79 76.78 45.30 63.91
C GLU BA 79 75.45 45.33 64.66
N TYR BA 80 75.40 46.04 65.79
CA TYR BA 80 74.24 45.99 66.67
C TYR BA 80 73.64 47.37 66.93
N TYR BA 81 73.95 48.35 66.08
CA TYR BA 81 73.31 49.65 66.19
C TYR BA 81 71.82 49.53 65.94
N THR BA 82 71.11 50.64 66.12
CA THR BA 82 69.67 50.69 65.88
C THR BA 82 69.26 52.08 65.42
N VAL BA 83 68.27 52.14 64.53
CA VAL BA 83 67.69 53.40 64.12
C VAL BA 83 66.31 53.62 64.73
N VAL BA 84 65.83 52.69 65.55
CA VAL BA 84 64.58 52.83 66.28
C VAL BA 84 64.83 52.37 67.71
N PRO BA 85 64.43 53.14 68.72
CA PRO BA 85 64.81 52.79 70.09
C PRO BA 85 64.21 51.45 70.52
N SER BA 86 64.94 50.76 71.39
CA SER BA 86 64.51 49.47 71.91
C SER BA 86 63.72 49.70 73.18
N ILE BA 87 62.42 49.47 73.13
CA ILE BA 87 61.52 49.83 74.23
C ILE BA 87 60.90 48.59 74.84
N PRO BA 88 61.23 48.27 76.09
CA PRO BA 88 60.51 47.19 76.78
C PRO BA 88 59.20 47.70 77.34
N CYS BA 89 58.08 47.19 76.79
CA CYS BA 89 56.78 47.58 77.28
C CYS BA 89 56.40 46.87 78.57
N SER BA 90 57.07 45.77 78.88
CA SER BA 90 56.86 45.04 80.13
C SER BA 90 58.21 44.63 80.67
N ARG BA 91 58.29 44.49 82.00
CA ARG BA 91 59.56 44.12 82.63
C ARG BA 91 60.01 42.73 82.21
N LEU BA 92 59.06 41.80 82.06
CA LEU BA 92 59.40 40.48 81.55
C LEU BA 92 59.96 40.58 80.13
N ALA BA 93 59.46 41.53 79.35
CA ALA BA 93 60.01 41.76 78.01
C ALA BA 93 61.46 42.23 78.09
N LEU BA 94 61.78 43.07 79.07
CA LEU BA 94 63.17 43.50 79.25
C LEU BA 94 64.05 42.33 79.64
N ILE BA 95 63.58 41.52 80.58
CA ILE BA 95 64.36 40.35 81.01
C ILE BA 95 64.58 39.40 79.83
N GLY BA 96 63.57 39.25 78.97
CA GLY BA 96 63.75 38.44 77.78
C GLY BA 96 64.74 39.04 76.80
N ASN BA 97 64.68 40.37 76.63
CA ASN BA 97 65.59 41.04 75.71
C ASN BA 97 67.04 40.95 76.18
N LEU BA 98 67.26 40.84 77.49
CA LEU BA 98 68.62 40.68 77.99
C LEU BA 98 69.11 39.23 77.96
N LEU BA 99 68.26 38.30 77.52
CA LEU BA 99 68.59 36.88 77.52
C LEU BA 99 68.86 36.32 76.12
N LEU BA 100 68.99 37.17 75.12
CA LEU BA 100 69.13 36.69 73.75
C LEU BA 100 70.50 36.04 73.55
N PRO BA 101 70.60 35.00 72.72
CA PRO BA 101 71.93 34.41 72.45
C PRO BA 101 72.93 35.40 71.89
N HIS BA 102 72.50 36.26 70.96
CA HIS BA 102 73.39 37.28 70.41
C HIS BA 102 73.73 38.35 71.45
N ARG BA 103 72.75 38.75 72.26
CA ARG BA 103 73.02 39.75 73.29
C ARG BA 103 73.85 39.19 74.42
N ILE BA 104 73.64 37.91 74.78
CA ILE BA 104 74.51 37.28 75.77
C ILE BA 104 75.92 37.14 75.22
N LEU BA 105 76.05 36.85 73.92
CA LEU BA 105 77.37 36.81 73.31
C LEU BA 105 78.04 38.18 73.36
N HIS BA 106 77.28 39.23 73.10
CA HIS BA 106 77.83 40.58 73.18
C HIS BA 106 78.27 40.92 74.61
N SER BA 107 77.48 40.49 75.59
CA SER BA 107 77.83 40.72 76.99
C SER BA 107 79.11 39.98 77.35
N LEU BA 108 79.24 38.73 76.91
CA LEU BA 108 80.47 37.97 77.16
C LEU BA 108 81.67 38.63 76.48
N ALA BA 109 81.48 39.13 75.26
CA ALA BA 109 82.56 39.83 74.57
C ALA BA 109 82.98 41.07 75.34
N HIS BA 110 82.01 41.82 75.87
CA HIS BA 110 82.33 42.99 76.67
C HIS BA 110 83.08 42.62 77.94
N VAL BA 111 82.66 41.54 78.61
CA VAL BA 111 83.34 41.10 79.82
C VAL BA 111 84.79 40.72 79.52
N ALA BA 112 85.00 39.99 78.43
CA ALA BA 112 86.36 39.54 78.08
C ALA BA 112 87.25 40.72 77.71
N MET BA 113 86.74 41.63 76.87
CA MET BA 113 87.51 42.82 76.51
C MET BA 113 87.81 43.67 77.73
N GLY BA 114 86.86 43.76 78.68
CA GLY BA 114 87.10 44.50 79.90
C GLY BA 114 88.16 43.87 80.76
N VAL BA 115 88.17 42.53 80.83
CA VAL BA 115 89.24 41.83 81.56
C VAL BA 115 90.59 42.13 80.92
N LEU BA 116 90.66 42.09 79.60
CA LEU BA 116 91.91 42.41 78.91
C LEU BA 116 92.35 43.84 79.20
N ALA BA 117 91.43 44.79 79.14
CA ALA BA 117 91.77 46.19 79.40
C ALA BA 117 92.23 46.39 80.84
N SER BA 118 91.57 45.73 81.79
CA SER BA 118 91.97 45.85 83.19
C SER BA 118 93.36 45.26 83.41
N TRP BA 119 93.67 44.14 82.76
CA TRP BA 119 95.01 43.58 82.85
C TRP BA 119 96.04 44.54 82.27
N CYS BA 120 95.71 45.16 81.13
CA CYS BA 120 96.61 46.14 80.54
C CYS BA 120 96.86 47.31 81.47
N TYR BA 121 95.79 47.79 82.13
CA TYR BA 121 95.94 48.90 83.08
C TYR BA 121 96.80 48.49 84.28
N ALA BA 122 96.59 47.28 84.79
CA ALA BA 122 97.40 46.80 85.91
C ALA BA 122 98.87 46.70 85.54
N VAL BA 123 99.17 46.20 84.33
CA VAL BA 123 100.55 46.16 83.88
C VAL BA 123 101.09 47.56 83.66
N LEU BA 124 100.22 48.50 83.29
CA LEU BA 124 100.62 49.90 83.15
C LEU BA 124 100.71 50.58 84.51
N SER BA 125 99.97 50.08 85.48
CA SER BA 125 100.12 50.53 86.86
C SER BA 125 101.26 49.82 87.58
N LYS BA 126 102.49 49.92 87.05
CA LYS BA 126 103.67 49.22 87.56
C LYS BA 126 103.70 49.21 89.08
N GLY BA 127 103.92 48.04 89.66
CA GLY BA 127 103.80 47.83 91.09
C GLY BA 127 103.26 46.46 91.42
N LYS BA 128 102.69 46.32 92.62
CA LYS BA 128 102.30 45.01 93.16
C LYS BA 128 101.23 44.31 92.31
N TYR BA 129 100.58 45.02 91.39
CA TYR BA 129 99.58 44.41 90.51
C TYR BA 129 100.14 44.06 89.15
N GLN BA 130 101.46 43.88 89.04
CA GLN BA 130 102.08 43.60 87.74
C GLN BA 130 101.91 42.14 87.34
N LEU BA 131 102.17 41.21 88.25
CA LEU BA 131 102.08 39.78 87.98
C LEU BA 131 101.06 39.16 88.91
N LEU BA 132 100.37 38.12 88.42
CA LEU BA 132 99.32 37.45 89.18
C LEU BA 132 99.89 36.76 90.42
N GLU BA 153 96.75 38.84 95.59
CA GLU BA 153 95.35 38.67 95.27
C GLU BA 153 94.74 39.96 94.73
N SER BA 154 95.53 41.04 94.75
CA SER BA 154 95.04 42.33 94.29
C SER BA 154 94.86 42.35 92.77
N HIS BA 155 95.77 41.72 92.04
CA HIS BA 155 95.66 41.71 90.57
C HIS BA 155 94.42 40.95 90.12
N LEU BA 156 94.13 39.81 90.75
CA LEU BA 156 92.91 39.08 90.43
C LEU BA 156 91.67 39.92 90.72
N PHE BA 157 91.71 40.70 91.81
CA PHE BA 157 90.58 41.57 92.13
C PHE BA 157 90.40 42.65 91.07
N GLN BA 158 91.49 43.23 90.58
CA GLN BA 158 91.39 44.22 89.51
C GLN BA 158 90.83 43.60 88.24
N LEU BA 159 91.27 42.37 87.92
CA LEU BA 159 90.74 41.69 86.74
C LEU BA 159 89.24 41.43 86.88
N LEU BA 160 88.81 40.97 88.04
CA LEU BA 160 87.38 40.75 88.28
C LEU BA 160 86.59 42.04 88.14
N CYS BA 161 87.15 43.13 88.67
CA CYS BA 161 86.49 44.43 88.53
C CYS BA 161 86.34 44.82 87.07
N GLY BA 162 87.39 44.60 86.26
CA GLY BA 162 87.28 44.88 84.84
C GLY BA 162 86.20 44.07 84.15
N ALA BA 163 86.14 42.77 84.46
CA ALA BA 163 85.12 41.92 83.85
C ALA BA 163 83.71 42.38 84.23
N PHE BA 164 83.50 42.70 85.51
CA PHE BA 164 82.20 43.19 85.94
C PHE BA 164 81.87 44.52 85.26
N PHE BA 165 82.86 45.37 85.08
CA PHE BA 165 82.64 46.64 84.39
C PHE BA 165 82.16 46.41 82.96
N GLY BA 166 82.79 45.45 82.27
CA GLY BA 166 82.34 45.12 80.92
C GLY BA 166 80.91 44.61 80.87
N TYR BA 167 80.57 43.69 81.78
CA TYR BA 167 79.20 43.17 81.83
C TYR BA 167 78.20 44.29 82.08
N SER BA 168 78.51 45.16 83.05
CA SER BA 168 77.62 46.27 83.36
C SER BA 168 77.50 47.23 82.18
N TYR BA 169 78.59 47.44 81.44
CA TYR BA 169 78.54 48.32 80.28
C TYR BA 169 77.58 47.76 79.23
N SER BA 170 77.67 46.45 78.96
CA SER BA 170 76.74 45.83 78.02
C SER BA 170 75.30 45.99 78.50
N LEU BA 171 75.04 45.68 79.77
CA LEU BA 171 73.68 45.77 80.30
C LEU BA 171 73.14 47.19 80.18
N GLN BA 172 73.96 48.19 80.51
CA GLN BA 172 73.49 49.58 80.46
C GLN BA 172 73.27 50.04 79.03
N TYR BA 173 74.16 49.65 78.12
CA TYR BA 173 73.94 49.96 76.70
C TYR BA 173 72.62 49.39 76.21
N PHE BA 174 72.21 48.25 76.79
CA PHE BA 174 70.90 47.69 76.47
C PHE BA 174 69.75 48.47 77.10
N VAL BA 175 69.86 48.81 78.39
CA VAL BA 175 68.74 49.44 79.09
C VAL BA 175 68.50 50.85 78.58
N HIS BA 176 69.48 51.73 78.72
CA HIS BA 176 69.36 53.10 78.21
C HIS BA 176 69.37 53.14 76.69
N ASN BA 177 69.47 51.99 76.04
CA ASN BA 177 69.40 51.88 74.59
C ASN BA 177 70.45 52.75 73.91
N MET BA 178 71.63 52.84 74.52
CA MET BA 178 72.72 53.62 73.94
C MET BA 178 73.07 53.15 72.53
N ASN BA 179 72.63 51.96 72.14
CA ASN BA 179 72.73 51.53 70.76
C ASN BA 179 71.76 52.25 69.84
N TYR BA 180 70.86 53.06 70.38
CA TYR BA 180 70.02 53.91 69.55
C TYR BA 180 70.85 55.09 69.06
N LEU BA 181 70.83 55.32 67.77
CA LEU BA 181 71.59 56.42 67.16
C LEU BA 181 70.61 57.56 66.89
N SER BA 182 70.79 58.67 67.60
CA SER BA 182 69.89 59.80 67.49
C SER BA 182 70.30 60.68 66.31
N PHE BA 183 69.38 60.85 65.37
CA PHE BA 183 69.62 61.75 64.25
C PHE BA 183 69.71 63.18 64.77
N PRO BA 184 70.76 63.92 64.44
CA PRO BA 184 70.93 65.25 65.04
C PRO BA 184 69.87 66.21 64.52
N SER BA 185 69.17 66.84 65.47
CA SER BA 185 68.14 67.81 65.11
C SER BA 185 68.76 69.04 64.45
N ILE BA 186 70.02 69.34 64.78
CA ILE BA 186 70.79 70.39 64.13
C ILE BA 186 72.15 69.83 63.75
N GLN BA 187 72.48 69.89 62.46
CA GLN BA 187 73.75 69.35 61.98
C GLN BA 187 74.88 70.29 62.33
N GLN BA 188 75.93 69.76 62.94
CA GLN BA 188 77.07 70.55 63.38
C GLN BA 188 78.38 69.89 62.99
N TYR BA 189 79.43 70.71 62.87
CA TYR BA 189 80.77 70.20 62.62
C TYR BA 189 81.12 69.15 63.65
N LYS BA 190 81.59 68.00 63.17
CA LYS BA 190 81.83 66.86 64.06
C LYS BA 190 82.73 67.25 65.22
N TYR BA 191 83.66 68.17 65.00
CA TYR BA 191 84.52 68.61 66.08
C TYR BA 191 83.73 69.27 67.19
N LEU BA 192 82.75 70.11 66.82
CA LEU BA 192 81.95 70.77 67.84
C LEU BA 192 81.06 69.79 68.58
N GLN BA 193 80.46 68.84 67.87
CA GLN BA 193 79.64 67.84 68.54
C GLN BA 193 80.48 67.01 69.50
N PHE BA 194 81.68 66.63 69.07
CA PHE BA 194 82.58 65.89 69.95
C PHE BA 194 82.92 66.71 71.20
N ARG BA 195 83.29 67.98 71.00
CA ARG BA 195 83.63 68.82 72.14
C ARG BA 195 82.45 68.94 73.10
N ARG BA 196 81.25 69.12 72.56
CA ARG BA 196 80.08 69.20 73.42
C ARG BA 196 79.87 67.91 74.20
N PHE BA 197 79.98 66.77 73.53
CA PHE BA 197 79.79 65.49 74.19
C PHE BA 197 80.92 65.16 75.16
N LEU BA 198 82.04 65.87 75.08
CA LEU BA 198 83.18 65.57 75.94
C LEU BA 198 82.83 65.64 77.42
N PRO BA 199 82.34 66.76 77.96
CA PRO BA 199 82.11 66.84 79.41
C PRO BA 199 81.11 65.82 79.93
N LEU BA 200 80.01 65.60 79.20
CA LEU BA 200 79.04 64.61 79.63
C LEU BA 200 79.63 63.22 79.66
N ILE BA 201 80.38 62.85 78.61
CA ILE BA 201 81.02 61.54 78.57
C ILE BA 201 81.97 61.36 79.74
N ILE BA 202 82.76 62.39 80.04
CA ILE BA 202 83.76 62.28 81.11
C ILE BA 202 83.08 62.12 82.46
N LYS BA 203 82.12 62.99 82.77
CA LYS BA 203 81.43 62.92 84.05
C LYS BA 203 80.70 61.59 84.20
N GLN BA 204 80.08 61.11 83.11
CA GLN BA 204 79.37 59.84 83.15
C GLN BA 204 80.32 58.69 83.45
N SER BA 205 81.49 58.69 82.79
CA SER BA 205 82.48 57.65 83.06
C SER BA 205 82.90 57.65 84.52
N VAL BA 206 83.15 58.85 85.07
CA VAL BA 206 83.59 58.95 86.48
C VAL BA 206 82.52 58.38 87.42
N PHE BA 207 81.27 58.85 87.25
CA PHE BA 207 80.19 58.43 88.15
C PHE BA 207 79.90 56.94 88.03
N GLN BA 208 79.85 56.42 86.79
CA GLN BA 208 79.60 55.00 86.59
C GLN BA 208 80.72 54.15 87.17
N SER BA 209 81.98 54.59 87.01
CA SER BA 209 83.09 53.88 87.62
C SER BA 209 82.93 53.82 89.13
N LEU BA 210 82.57 54.94 89.76
CA LEU BA 210 82.42 54.95 91.22
C LEU BA 210 81.31 54.00 91.66
N TYR BA 211 80.14 54.08 91.03
CA TYR BA 211 79.02 53.24 91.44
C TYR BA 211 79.31 51.76 91.21
N PHE BA 212 79.86 51.42 90.04
CA PHE BA 212 80.18 50.03 89.76
C PHE BA 212 81.28 49.51 90.66
N ILE BA 213 82.21 50.39 91.08
CA ILE BA 213 83.25 49.97 92.01
C ILE BA 213 82.66 49.64 93.37
N ARG BA 214 81.72 50.47 93.84
CA ARG BA 214 81.04 50.16 95.10
C ARG BA 214 80.32 48.82 95.01
N SER BA 215 79.56 48.61 93.92
CA SER BA 215 78.82 47.37 93.76
C SER BA 215 79.76 46.16 93.69
N TYR BA 216 80.88 46.30 92.98
CA TYR BA 216 81.82 45.20 92.85
C TYR BA 216 82.52 44.90 94.17
N ALA BA 217 82.80 45.93 94.96
CA ALA BA 217 83.38 45.70 96.28
C ALA BA 217 82.41 44.93 97.17
N ILE BA 218 81.13 45.31 97.15
CA ILE BA 218 80.15 44.55 97.93
C ILE BA 218 80.06 43.11 97.44
N LEU BA 219 80.04 42.91 96.12
CA LEU BA 219 79.94 41.56 95.57
C LEU BA 219 81.14 40.71 95.96
N TYR BA 220 82.35 41.28 95.85
CA TYR BA 220 83.55 40.53 96.21
C TYR BA 220 83.59 40.23 97.70
N PHE BA 221 83.06 41.14 98.53
CA PHE BA 221 82.97 40.85 99.95
C PHE BA 221 82.02 39.69 100.22
N CYS BA 222 80.91 39.61 99.47
CA CYS BA 222 79.96 38.54 99.68
C CYS BA 222 80.47 37.19 99.16
N LEU BA 223 80.95 37.15 97.91
CA LEU BA 223 81.47 35.91 97.33
C LEU BA 223 82.77 36.17 96.59
N SER BA 256 95.04 52.64 97.95
CA SER BA 256 95.93 52.27 96.85
C SER BA 256 95.21 51.38 95.85
N LEU BA 257 94.70 50.23 96.34
CA LEU BA 257 93.98 49.32 95.46
C LEU BA 257 92.71 49.97 94.91
N PHE BA 258 91.95 50.64 95.78
CA PHE BA 258 90.68 51.24 95.36
C PHE BA 258 90.92 52.37 94.35
N TYR BA 259 91.94 53.20 94.60
CA TYR BA 259 92.22 54.30 93.69
C TYR BA 259 92.62 53.79 92.31
N GLN BA 260 93.51 52.80 92.26
CA GLN BA 260 93.95 52.27 90.97
C GLN BA 260 92.81 51.56 90.24
N ILE BA 261 91.98 50.81 90.98
CA ILE BA 261 90.86 50.11 90.34
C ILE BA 261 89.85 51.12 89.80
N TRP BA 262 89.58 52.18 90.57
CA TRP BA 262 88.66 53.22 90.10
C TRP BA 262 89.22 53.93 88.88
N LEU BA 263 90.52 54.21 88.88
CA LEU BA 263 91.16 54.83 87.73
C LEU BA 263 91.02 53.96 86.48
N SER BA 264 91.29 52.66 86.62
CA SER BA 264 91.19 51.75 85.49
C SER BA 264 89.76 51.67 84.97
N GLY BA 265 88.79 51.52 85.87
CA GLY BA 265 87.40 51.48 85.44
C GLY BA 265 86.96 52.76 84.75
N THR BA 266 87.36 53.92 85.30
CA THR BA 266 87.00 55.19 84.70
C THR BA 266 87.59 55.32 83.30
N PHE BA 267 88.86 54.92 83.13
CA PHE BA 267 89.49 55.01 81.82
C PHE BA 267 88.78 54.10 80.81
N LEU BA 268 88.49 52.86 81.21
CA LEU BA 268 87.81 51.94 80.30
C LEU BA 268 86.44 52.47 79.88
N LEU BA 269 85.66 52.92 80.87
CA LEU BA 269 84.31 53.41 80.57
C LEU BA 269 84.37 54.68 79.71
N ALA BA 270 85.35 55.55 79.95
CA ALA BA 270 85.50 56.74 79.12
C ALA BA 270 85.82 56.36 77.68
N THR BA 271 86.72 55.39 77.48
CA THR BA 271 87.01 54.93 76.13
C THR BA 271 85.76 54.37 75.45
N TRP BA 272 84.96 53.60 76.21
CA TRP BA 272 83.74 53.04 75.63
C TRP BA 272 82.75 54.13 75.22
N TYR BA 273 82.53 55.11 76.11
CA TYR BA 273 81.60 56.19 75.79
C TYR BA 273 82.09 57.03 74.62
N MET BA 274 83.40 57.24 74.53
CA MET BA 274 83.94 58.01 73.41
C MET BA 274 83.78 57.24 72.09
N VAL BA 275 84.02 55.93 72.13
CA VAL BA 275 83.80 55.12 70.93
C VAL BA 275 82.35 55.20 70.51
N TRP BA 276 81.43 55.03 71.45
CA TRP BA 276 80.01 55.09 71.10
C TRP BA 276 79.64 56.45 70.54
N ILE BA 277 80.12 57.51 71.17
CA ILE BA 277 79.74 58.86 70.77
C ILE BA 277 80.31 59.19 69.40
N LEU BA 278 81.55 58.77 69.15
CA LEU BA 278 82.14 59.02 67.84
C LEU BA 278 81.44 58.22 66.76
N PHE BA 279 81.18 56.94 67.02
CA PHE BA 279 80.46 56.11 66.07
C PHE BA 279 79.12 56.73 65.75
N ARG BA 280 78.42 57.26 66.75
CA ARG BA 280 77.18 57.96 66.50
C ARG BA 280 77.42 59.18 65.62
N ILE BA 281 78.25 60.12 66.09
CA ILE BA 281 78.36 61.42 65.45
C ILE BA 281 78.82 61.29 64.01
N TYR BA 282 79.62 60.27 63.71
CA TYR BA 282 80.11 60.13 62.34
C TYR BA 282 79.19 59.25 61.50
N THR BA 283 78.73 58.13 62.04
CA THR BA 283 77.81 57.28 61.29
C THR BA 283 76.46 57.95 61.08
N THR BA 284 76.15 58.98 61.87
CA THR BA 284 74.95 59.77 61.67
C THR BA 284 75.19 60.98 60.80
N GLU BA 285 76.33 61.06 60.12
CA GLU BA 285 76.62 62.22 59.28
C GLU BA 285 75.62 62.30 58.13
N ALA BA 286 75.07 63.49 57.93
CA ALA BA 286 74.07 63.70 56.90
C ALA BA 286 74.69 63.65 55.51
N ARG BA 287 74.05 62.93 54.61
CA ARG BA 287 74.46 62.85 53.21
C ARG BA 287 73.31 63.35 52.34
N ILE BA 288 73.64 64.16 51.34
CA ILE BA 288 72.63 64.71 50.44
C ILE BA 288 72.48 63.74 49.27
N PHE BA 289 71.29 63.30 49.03
CA PHE BA 289 71.14 62.41 47.89
C PHE BA 289 70.75 63.22 46.66
N PRO BA 290 71.46 63.06 45.56
CA PRO BA 290 71.07 63.80 44.34
C PRO BA 290 69.66 63.43 43.94
N VAL BA 291 68.83 64.46 43.74
CA VAL BA 291 67.40 64.24 43.56
C VAL BA 291 67.12 63.48 42.27
N GLN BA 292 67.61 64.00 41.16
CA GLN BA 292 67.50 63.31 39.88
C GLN BA 292 68.86 63.31 39.24
N THR BA 293 69.29 62.15 38.76
CA THR BA 293 70.66 61.94 38.34
C THR BA 293 70.77 62.04 36.84
N SER BA 294 71.87 62.65 36.37
CA SER BA 294 72.15 62.75 34.95
C SER BA 294 72.23 61.40 34.27
N PHE BA 295 72.35 60.32 35.05
CA PHE BA 295 72.33 58.96 34.53
C PHE BA 295 71.31 58.15 35.31
N ALA BA 296 70.61 57.25 34.61
CA ALA BA 296 69.78 56.27 35.31
C ALA BA 296 70.60 55.35 36.20
N GLU BA 297 71.92 55.29 35.97
CA GLU BA 297 72.80 54.45 36.77
C GLU BA 297 72.88 54.91 38.22
N GLU BA 298 72.86 56.21 38.47
CA GLU BA 298 72.76 56.71 39.83
C GLU BA 298 71.32 56.83 40.29
N ALA BA 299 70.37 56.29 39.52
CA ALA BA 299 68.96 56.40 39.88
C ALA BA 299 68.66 55.69 41.19
N GLU BA 300 69.40 54.63 41.51
CA GLU BA 300 69.24 53.98 42.80
C GLU BA 300 69.82 54.80 43.93
N LYS BA 301 70.81 55.64 43.67
CA LYS BA 301 71.39 56.50 44.69
C LYS BA 301 70.62 57.80 44.85
N CYS BA 302 69.61 58.04 44.02
CA CYS BA 302 68.79 59.22 44.16
C CYS BA 302 67.84 59.04 45.34
N LEU BA 303 67.56 60.15 46.02
CA LEU BA 303 66.67 60.12 47.18
C LEU BA 303 65.35 59.44 46.87
N PRO BA 304 64.76 59.62 45.69
CA PRO BA 304 63.47 58.95 45.43
C PRO BA 304 63.57 57.43 45.52
N PHE BA 305 64.50 56.81 44.81
CA PHE BA 305 64.60 55.36 44.86
C PHE BA 305 65.01 54.88 46.24
N ILE BA 306 66.10 55.45 46.79
CA ILE BA 306 66.58 55.02 48.10
C ILE BA 306 65.50 55.18 49.15
N LEU BA 307 64.58 56.12 48.94
CA LEU BA 307 63.45 56.26 49.87
C LEU BA 307 62.37 55.23 49.58
N ASN BA 308 62.19 54.86 48.32
CA ASN BA 308 61.19 53.87 47.96
C ASN BA 308 61.74 52.45 47.88
N SER BA 309 63.05 52.27 48.06
CA SER BA 309 63.66 50.94 47.96
C SER BA 309 63.83 50.33 49.34
N ASN BA 310 64.11 49.03 49.36
CA ASN BA 310 64.30 48.31 50.61
C ASN BA 310 65.75 48.32 51.05
N THR BA 311 66.37 49.50 51.09
CA THR BA 311 67.72 49.60 51.62
C THR BA 311 67.67 49.63 53.14
N LEU BA 312 68.84 49.57 53.77
CA LEU BA 312 68.91 49.52 55.22
C LEU BA 312 68.20 50.73 55.82
N PRO BA 313 67.54 50.57 56.97
CA PRO BA 313 66.74 51.68 57.52
C PRO BA 313 67.56 52.91 57.88
N LEU BA 314 68.81 52.74 58.27
CA LEU BA 314 69.66 53.88 58.54
C LEU BA 314 69.67 54.85 57.36
N VAL BA 315 69.87 54.32 56.15
CA VAL BA 315 69.86 55.16 54.97
C VAL BA 315 68.49 55.80 54.77
N LYS BA 316 67.43 55.10 55.18
CA LYS BA 316 66.10 55.66 55.05
C LYS BA 316 65.94 56.90 55.92
N TYR BA 317 66.31 56.80 57.19
CA TYR BA 317 66.21 57.97 58.07
C TYR BA 317 67.15 59.08 57.61
N LEU BA 318 68.32 58.72 57.12
CA LEU BA 318 69.26 59.72 56.63
C LEU BA 318 68.66 60.47 55.44
N ALA BA 319 68.10 59.74 54.48
CA ALA BA 319 67.50 60.40 53.33
C ALA BA 319 66.27 61.18 53.72
N MET BA 320 65.58 60.74 54.78
CA MET BA 320 64.45 61.53 55.27
C MET BA 320 64.90 62.88 55.77
N GLN BA 321 65.90 62.89 56.67
CA GLN BA 321 66.45 64.15 57.13
C GLN BA 321 66.97 64.98 55.97
N ASP BA 322 67.64 64.32 55.01
CA ASP BA 322 68.22 65.02 53.88
C ASP BA 322 67.13 65.69 53.05
N LEU BA 323 66.04 64.99 52.79
CA LEU BA 323 64.97 65.57 52.00
C LEU BA 323 64.30 66.70 52.75
N VAL BA 324 64.13 66.54 54.06
CA VAL BA 324 63.59 67.64 54.86
C VAL BA 324 64.46 68.88 54.69
N LEU BA 325 65.77 68.69 54.77
CA LEU BA 325 66.68 69.81 54.59
C LEU BA 325 66.53 70.43 53.21
N LEU BA 326 66.58 69.59 52.16
CA LEU BA 326 66.48 70.09 50.80
C LEU BA 326 65.19 70.88 50.60
N SER BA 327 64.08 70.36 51.12
CA SER BA 327 62.82 71.08 51.04
C SER BA 327 62.84 72.34 51.88
N GLN BA 328 63.71 72.41 52.87
CA GLN BA 328 63.81 73.60 53.70
C GLN BA 328 64.60 74.72 53.04
N TYR BA 329 65.73 74.41 52.41
CA TYR BA 329 66.60 75.46 51.90
C TYR BA 329 67.08 75.26 50.48
N SER BA 330 67.02 74.05 49.93
CA SER BA 330 67.58 73.80 48.61
C SER BA 330 66.48 74.07 47.60
N PRO BA 331 66.46 75.24 46.97
CA PRO BA 331 65.39 75.51 46.00
C PRO BA 331 65.59 74.77 44.69
N SER BA 332 66.84 74.55 44.28
CA SER BA 332 67.09 73.87 43.01
C SER BA 332 66.62 72.42 43.05
N ARG BA 333 67.02 71.69 44.08
CA ARG BA 333 66.53 70.34 44.24
C ARG BA 333 65.02 70.32 44.35
N ARG BA 334 64.43 71.38 44.89
CA ARG BA 334 62.98 71.48 44.95
C ARG BA 334 62.39 71.57 43.54
N GLN BA 335 62.89 72.47 42.71
CA GLN BA 335 62.42 72.58 41.34
C GLN BA 335 62.58 71.25 40.62
N GLU BA 336 63.68 70.55 40.88
CA GLU BA 336 63.88 69.24 40.28
C GLU BA 336 62.85 68.24 40.81
N VAL BA 337 62.38 68.45 42.04
CA VAL BA 337 61.33 67.59 42.55
C VAL BA 337 60.04 67.81 41.79
N PHE BA 338 59.75 69.05 41.43
CA PHE BA 338 58.61 69.33 40.58
C PHE BA 338 58.95 69.23 39.10
N SER BA 339 60.12 68.70 38.77
CA SER BA 339 60.53 68.59 37.38
C SER BA 339 59.59 67.67 36.62
N LEU BA 340 59.45 67.94 35.34
CA LEU BA 340 58.68 67.07 34.46
C LEU BA 340 59.62 66.06 33.83
N SER BA 341 59.55 64.82 34.30
CA SER BA 341 60.47 63.81 33.82
C SER BA 341 60.22 63.55 32.34
N GLN BA 342 61.26 63.75 31.54
CA GLN BA 342 61.14 63.59 30.10
C GLN BA 342 61.76 62.26 29.70
N PRO BA 343 61.11 61.47 28.85
CA PRO BA 343 59.81 61.83 28.26
C PRO BA 343 58.63 61.33 29.07
N GLY BA 344 57.55 62.10 29.11
CA GLY BA 344 56.34 61.69 29.81
C GLY BA 344 55.68 62.80 30.60
N GLY BA 345 56.34 63.95 30.68
CA GLY BA 345 55.80 65.09 31.42
C GLY BA 345 55.43 64.79 32.85
N HIS BA 346 55.96 63.72 33.42
CA HIS BA 346 55.53 63.24 34.73
C HIS BA 346 56.39 63.84 35.84
N PRO BA 347 55.78 64.41 36.86
CA PRO BA 347 56.60 64.83 38.02
C PRO BA 347 56.94 63.62 38.89
N HIS BA 348 57.70 62.70 38.31
CA HIS BA 348 57.99 61.43 38.97
C HIS BA 348 58.60 61.66 40.34
N ASN BA 349 59.49 62.63 40.47
CA ASN BA 349 60.13 62.88 41.75
C ASN BA 349 59.10 63.22 42.83
N TRP BA 350 58.38 64.33 42.65
CA TRP BA 350 57.38 64.73 43.63
C TRP BA 350 56.37 63.62 43.83
N THR BA 351 56.04 62.90 42.75
CA THR BA 351 55.09 61.81 42.85
C THR BA 351 55.56 60.77 43.86
N SER BA 352 56.76 60.23 43.67
CA SER BA 352 57.25 59.18 44.55
C SER BA 352 57.41 59.71 45.97
N ILE BA 353 57.90 60.94 46.11
CA ILE BA 353 58.13 61.47 47.45
C ILE BA 353 56.83 61.58 48.22
N SER BA 354 55.85 62.27 47.64
CA SER BA 354 54.57 62.40 48.31
C SER BA 354 53.91 61.05 48.51
N LYS BA 355 54.11 60.12 47.58
CA LYS BA 355 53.52 58.81 47.71
C LYS BA 355 54.06 58.10 48.94
N GLU BA 356 55.37 58.14 49.13
CA GLU BA 356 55.97 57.54 50.32
C GLU BA 356 55.46 58.22 51.57
N CYS BA 357 55.43 59.55 51.57
CA CYS BA 357 54.97 60.28 52.75
C CYS BA 357 53.55 59.87 53.12
N LEU BA 358 52.64 59.87 52.14
CA LEU BA 358 51.25 59.54 52.43
C LEU BA 358 51.08 58.07 52.76
N ASN BA 359 51.93 57.20 52.21
CA ASN BA 359 51.86 55.79 52.59
C ASN BA 359 52.19 55.62 54.07
N LEU BA 360 53.31 56.20 54.49
CA LEU BA 360 53.66 56.14 55.90
C LEU BA 360 52.59 56.80 56.76
N MET BA 361 51.97 57.86 56.25
CA MET BA 361 50.96 58.57 57.02
C MET BA 361 49.70 57.72 57.20
N SER BA 362 49.22 57.11 56.12
CA SER BA 362 48.06 56.24 56.24
C SER BA 362 48.36 55.06 57.14
N SER BA 363 49.60 54.57 57.08
CA SER BA 363 50.00 53.48 57.99
C SER BA 363 49.88 53.93 59.44
N LEU BA 364 50.43 55.11 59.76
CA LEU BA 364 50.35 55.60 61.12
C LEU BA 364 48.92 55.87 61.54
N THR BA 365 48.08 56.31 60.59
CA THR BA 365 46.68 56.54 60.89
C THR BA 365 45.99 55.24 61.26
N SER BA 366 46.18 54.21 60.44
CA SER BA 366 45.65 52.89 60.78
C SER BA 366 46.15 52.45 62.14
N ARG BA 367 47.42 52.69 62.44
CA ARG BA 367 47.98 52.26 63.72
C ARG BA 367 47.34 52.99 64.88
N LEU BA 368 47.08 54.29 64.73
CA LEU BA 368 46.46 55.04 65.81
C LEU BA 368 45.03 54.60 66.02
N ILE BA 369 44.24 54.50 64.94
CA ILE BA 369 42.86 54.07 65.08
C ILE BA 369 42.80 52.64 65.60
N ALA BA 370 43.86 51.86 65.36
CA ALA BA 370 43.86 50.48 65.84
C ALA BA 370 44.21 50.40 67.31
N HIS BA 371 45.41 50.86 67.68
CA HIS BA 371 45.85 50.73 69.07
C HIS BA 371 44.97 51.54 70.01
N GLN BA 372 44.36 52.62 69.50
CA GLN BA 372 43.33 53.29 70.28
C GLN BA 372 42.23 52.30 70.66
N GLU BA 373 41.69 51.59 69.68
CA GLU BA 373 40.74 50.52 69.95
C GLU BA 373 41.49 49.30 70.49
N PRO BA 533 46.18 50.58 78.42
CA PRO BA 533 45.60 51.41 77.36
C PRO BA 533 46.43 52.65 77.08
N GLU BA 534 47.04 53.22 78.13
CA GLU BA 534 47.85 54.42 77.94
C GLU BA 534 49.13 54.12 77.19
N ALA BA 535 49.79 53.00 77.50
CA ALA BA 535 50.95 52.59 76.73
C ALA BA 535 50.58 52.34 75.27
N SER BA 536 49.38 51.80 75.02
CA SER BA 536 48.96 51.53 73.65
C SER BA 536 48.79 52.81 72.86
N SER BA 537 48.13 53.82 73.45
CA SER BA 537 47.91 55.08 72.73
C SER BA 537 49.17 55.92 72.71
N GLN BA 538 50.15 55.58 73.56
CA GLN BA 538 51.46 56.21 73.44
C GLN BA 538 52.28 55.57 72.34
N ASP BA 539 52.11 54.27 72.12
CA ASP BA 539 52.91 53.58 71.12
C ASP BA 539 52.30 53.67 69.73
N VAL BA 540 50.99 53.90 69.65
CA VAL BA 540 50.33 53.96 68.35
C VAL BA 540 50.88 55.10 67.52
N PHE BA 541 51.48 56.10 68.16
CA PHE BA 541 52.04 57.24 67.47
C PHE BA 541 53.48 57.52 67.87
N ALA BA 542 54.21 56.49 68.28
CA ALA BA 542 55.65 56.66 68.53
C ALA BA 542 56.42 56.88 67.25
N ASP BA 543 55.96 56.30 66.13
CA ASP BA 543 56.63 56.46 64.84
C ASP BA 543 56.19 57.72 64.11
N ALA BA 544 55.57 58.66 64.84
CA ALA BA 544 54.96 59.81 64.19
C ALA BA 544 55.96 60.92 63.86
N GLN BA 545 57.23 60.77 64.25
CA GLN BA 545 58.20 61.82 63.93
C GLN BA 545 58.33 62.01 62.43
N ILE BA 546 58.54 60.90 61.70
CA ILE BA 546 58.65 60.99 60.25
C ILE BA 546 57.38 61.54 59.65
N HIS BA 547 56.23 61.12 60.17
CA HIS BA 547 54.96 61.62 59.64
C HIS BA 547 54.82 63.12 59.87
N ILE BA 548 55.27 63.61 61.02
CA ILE BA 548 55.19 65.04 61.28
C ILE BA 548 56.09 65.78 60.32
N TRP BA 549 57.33 65.30 60.14
CA TRP BA 549 58.22 65.93 59.19
C TRP BA 549 57.60 65.99 57.81
N ALA BA 550 57.03 64.87 57.35
CA ALA BA 550 56.46 64.82 56.02
C ALA BA 550 55.27 65.76 55.90
N LEU BA 551 54.38 65.76 56.89
CA LEU BA 551 53.22 66.64 56.85
C LEU BA 551 53.64 68.10 56.75
N GLU BA 552 54.56 68.52 57.62
CA GLU BA 552 55.03 69.89 57.57
C GLU BA 552 55.60 70.22 56.20
N ALA BA 553 56.59 69.45 55.76
CA ALA BA 553 57.25 69.76 54.49
C ALA BA 553 56.24 69.81 53.35
N LEU BA 554 55.38 68.81 53.26
CA LEU BA 554 54.46 68.71 52.13
C LEU BA 554 53.47 69.86 52.12
N SER BA 555 52.81 70.11 53.24
CA SER BA 555 51.79 71.16 53.25
C SER BA 555 52.42 72.53 53.03
N HIS BA 556 53.65 72.73 53.51
CA HIS BA 556 54.31 73.99 53.22
C HIS BA 556 54.68 74.10 51.74
N LEU BA 557 55.10 72.99 51.13
CA LEU BA 557 55.39 73.01 49.70
C LEU BA 557 54.14 73.36 48.91
N VAL BA 558 52.99 72.84 49.33
CA VAL BA 558 51.74 73.23 48.70
C VAL BA 558 51.49 74.72 48.90
N ALA BA 559 51.61 75.20 50.15
CA ALA BA 559 51.43 76.61 50.45
C ALA BA 559 52.29 77.48 49.54
N ALA BA 560 53.48 77.01 49.18
CA ALA BA 560 54.33 77.75 48.27
C ALA BA 560 53.97 77.52 46.81
N SER BA 561 53.32 76.40 46.51
CA SER BA 561 52.96 76.11 45.13
C SER BA 561 52.01 77.15 44.55
N PHE BA 562 51.29 77.87 45.42
CA PHE BA 562 50.39 78.91 44.94
C PHE BA 562 51.16 80.07 44.29
N SER BA 563 52.49 80.01 44.35
CA SER BA 563 53.34 81.02 43.72
C SER BA 563 54.49 80.45 42.92
N GLU BA 564 54.97 79.25 43.25
CA GLU BA 564 56.24 78.79 42.69
C GLU BA 564 56.11 77.80 41.55
N ASP BA 565 55.24 76.80 41.67
CA ASP BA 565 55.19 75.75 40.66
C ASP BA 565 54.52 76.32 39.40
N ARG BA 566 55.34 76.95 38.56
CA ARG BA 566 54.81 77.65 37.39
C ARG BA 566 54.09 76.72 36.43
N MET BA 567 54.31 75.41 36.53
CA MET BA 567 53.59 74.45 35.72
C MET BA 567 52.34 73.93 36.40
N GLY BA 568 52.08 74.33 37.64
CA GLY BA 568 50.96 73.80 38.39
C GLY BA 568 51.05 72.30 38.59
N VAL BA 569 52.27 71.76 38.64
CA VAL BA 569 52.45 70.32 38.74
C VAL BA 569 51.86 69.79 40.03
N VAL BA 570 51.81 70.62 41.07
CA VAL BA 570 51.24 70.17 42.33
C VAL BA 570 49.71 70.22 42.30
N GLN BA 571 49.15 71.16 41.55
CA GLN BA 571 47.69 71.32 41.52
C GLN BA 571 46.98 70.02 41.16
N THR BA 572 47.61 69.20 40.32
CA THR BA 572 46.95 68.00 39.82
C THR BA 572 46.71 66.98 40.93
N SER BA 573 47.36 67.14 42.08
CA SER BA 573 47.10 66.28 43.23
C SER BA 573 46.50 67.05 44.40
N LEU BA 574 46.27 68.35 44.24
CA LEU BA 574 45.84 69.20 45.34
C LEU BA 574 44.67 68.56 46.09
N SER BA 575 43.53 68.41 45.42
CA SER BA 575 42.36 67.80 46.05
C SER BA 575 42.73 66.54 46.81
N SER BA 576 43.51 65.66 46.18
CA SER BA 576 43.88 64.39 46.81
C SER BA 576 44.37 64.62 48.23
N VAL BA 577 45.41 65.46 48.38
CA VAL BA 577 45.99 65.68 49.70
C VAL BA 577 44.91 66.04 50.70
N LEU BA 578 44.06 67.01 50.33
CA LEU BA 578 43.01 67.49 51.22
C LEU BA 578 42.28 66.33 51.87
N ALA BA 579 41.81 65.39 51.05
CA ALA BA 579 41.07 64.26 51.58
C ALA BA 579 41.82 63.64 52.75
N ILE BA 580 43.04 63.15 52.48
CA ILE BA 580 43.82 62.49 53.51
C ILE BA 580 43.81 63.33 54.78
N LEU BA 581 44.17 64.62 54.66
CA LEU BA 581 44.22 65.47 55.83
C LEU BA 581 42.92 65.39 56.60
N LEU BA 582 41.82 65.78 55.96
CA LEU BA 582 40.53 65.72 56.65
C LEU BA 582 40.33 64.34 57.23
N THR BA 583 40.48 63.31 56.39
CA THR BA 583 40.34 61.95 56.87
C THR BA 583 41.22 61.71 58.07
N LEU BA 584 42.53 61.94 57.91
CA LEU BA 584 43.43 61.74 59.02
C LEU BA 584 42.95 62.53 60.23
N GLN BA 585 42.66 63.82 60.03
CA GLN BA 585 42.19 64.65 61.14
C GLN BA 585 41.02 63.99 61.83
N GLU BA 586 40.04 63.53 61.05
CA GLU BA 586 38.87 62.89 61.64
C GLU BA 586 39.29 61.77 62.56
N ALA BA 587 40.10 60.84 62.05
CA ALA BA 587 40.54 59.73 62.89
C ALA BA 587 41.16 60.25 64.17
N VAL BA 588 42.03 61.25 64.05
CA VAL BA 588 42.71 61.78 65.23
C VAL BA 588 41.70 62.24 66.26
N GLU BA 589 40.64 62.92 65.82
CA GLU BA 589 39.61 63.35 66.75
C GLU BA 589 39.03 62.17 67.49
N LYS BA 590 38.63 61.13 66.76
CA LYS BA 590 38.13 59.92 67.42
C LYS BA 590 39.19 59.34 68.33
N HIS BA 591 40.46 59.43 67.93
CA HIS BA 591 41.55 59.04 68.81
C HIS BA 591 41.50 59.83 70.11
N PHE BA 592 41.42 61.15 70.02
CA PHE BA 592 41.31 61.97 71.21
C PHE BA 592 39.99 61.76 71.93
N LYS BA 593 39.07 61.00 71.35
CA LYS BA 593 37.78 60.76 71.98
C LYS BA 593 37.81 59.63 73.00
N LEU BA 594 38.61 58.61 72.79
CA LEU BA 594 38.71 57.53 73.75
C LEU BA 594 39.31 58.07 75.05
N PRO BA 595 38.67 57.80 76.19
CA PRO BA 595 39.18 58.34 77.46
C PRO BA 595 40.60 57.88 77.73
N HIS BA 596 41.33 58.68 78.51
CA HIS BA 596 42.69 58.40 78.94
C HIS BA 596 43.68 58.52 77.79
N ALA BA 597 43.20 58.88 76.60
CA ALA BA 597 44.08 59.14 75.47
C ALA BA 597 44.41 60.62 75.30
N SER BA 598 43.61 61.50 75.89
CA SER BA 598 43.85 62.94 75.81
C SER BA 598 44.52 63.51 77.04
N SER BA 599 44.91 62.67 77.99
CA SER BA 599 45.54 63.13 79.22
C SER BA 599 46.86 63.85 78.94
N THR BA 615 57.63 61.06 72.00
CA THR BA 615 56.68 62.17 71.98
C THR BA 615 56.29 62.51 70.55
N LEU BA 616 56.31 61.50 69.68
CA LEU BA 616 55.99 61.73 68.28
C LEU BA 616 54.51 62.01 68.08
N ARG BA 617 53.66 61.54 69.00
CA ARG BA 617 52.21 61.69 68.80
C ARG BA 617 51.81 63.17 68.73
N PHE BA 618 52.15 63.93 69.77
CA PHE BA 618 51.85 65.35 69.75
C PHE BA 618 52.57 66.04 68.61
N SER BA 619 53.76 65.55 68.25
CA SER BA 619 54.50 66.15 67.14
C SER BA 619 53.71 66.03 65.84
N LEU BA 620 53.15 64.85 65.57
CA LEU BA 620 52.38 64.65 64.35
C LEU BA 620 51.10 65.46 64.39
N ARG BA 621 50.42 65.48 65.53
CA ARG BA 621 49.22 66.29 65.65
C ARG BA 621 49.51 67.76 65.32
N ALA BA 622 50.54 68.31 65.95
CA ALA BA 622 50.87 69.71 65.75
C ALA BA 622 51.31 69.98 64.32
N ALA BA 623 52.17 69.12 63.77
CA ALA BA 623 52.61 69.31 62.40
C ALA BA 623 51.43 69.26 61.44
N LEU BA 624 50.48 68.35 61.68
CA LEU BA 624 49.33 68.27 60.81
C LEU BA 624 48.51 69.54 60.86
N LYS BA 625 48.12 69.94 62.07
CA LYS BA 625 47.26 71.13 62.18
C LYS BA 625 47.96 72.36 61.62
N THR BA 626 49.21 72.60 62.04
CA THR BA 626 49.94 73.76 61.55
C THR BA 626 50.15 73.71 60.05
N ALA BA 627 50.47 72.53 59.50
CA ALA BA 627 50.77 72.42 58.09
C ALA BA 627 49.52 72.66 57.25
N ILE BA 628 48.39 72.09 57.68
CA ILE BA 628 47.13 72.38 57.00
C ILE BA 628 46.80 73.85 57.09
N TYR BA 629 47.02 74.44 58.27
CA TYR BA 629 46.76 75.86 58.43
C TYR BA 629 47.60 76.69 57.47
N ARG BA 630 48.88 76.35 57.34
CA ARG BA 630 49.74 77.06 56.42
C ARG BA 630 49.22 76.93 55.00
N ILE BA 631 48.94 75.71 54.56
CA ILE BA 631 48.44 75.51 53.20
C ILE BA 631 47.18 76.33 52.98
N THR BA 632 46.27 76.33 53.96
CA THR BA 632 45.00 77.00 53.79
C THR BA 632 45.18 78.52 53.70
N THR BA 633 45.92 79.09 54.65
CA THR BA 633 46.06 80.54 54.64
C THR BA 633 46.98 81.00 53.53
N THR BA 634 47.70 80.09 52.89
CA THR BA 634 48.43 80.49 51.69
C THR BA 634 47.52 80.48 50.46
N PHE BA 635 46.74 79.41 50.28
CA PHE BA 635 45.80 79.37 49.18
C PHE BA 635 44.75 80.46 49.28
N GLY BA 636 44.43 80.92 50.48
CA GLY BA 636 43.50 82.01 50.65
C GLY BA 636 42.12 81.73 50.09
N GLU BA 637 41.66 82.59 49.17
CA GLU BA 637 40.35 82.43 48.58
C GLU BA 637 40.35 81.43 47.42
N HIS BA 638 41.44 81.37 46.65
CA HIS BA 638 41.50 80.47 45.50
C HIS BA 638 41.27 79.03 45.88
N LEU BA 639 41.39 78.69 47.17
CA LEU BA 639 41.05 77.35 47.61
C LEU BA 639 39.55 77.10 47.56
N HIS BA 640 38.72 78.15 47.66
CA HIS BA 640 37.29 77.97 47.51
C HIS BA 640 36.92 77.41 46.14
N ALA BA 641 37.84 77.48 45.19
CA ALA BA 641 37.64 76.86 43.88
C ALA BA 641 38.11 75.42 43.84
N VAL BA 642 38.81 74.94 44.86
CA VAL BA 642 39.39 73.61 44.87
C VAL BA 642 38.25 72.59 45.01
N PRO BA 643 38.29 71.48 44.27
CA PRO BA 643 37.26 70.44 44.46
C PRO BA 643 37.51 69.57 45.68
N VAL BA 644 36.66 69.68 46.70
CA VAL BA 644 36.83 68.94 47.95
C VAL BA 644 35.51 68.33 48.38
N SER BA 645 35.61 67.23 49.15
CA SER BA 645 34.43 66.66 49.78
C SER BA 645 33.83 67.65 50.77
N SER BA 646 32.50 67.80 50.70
CA SER BA 646 31.82 68.75 51.56
C SER BA 646 32.16 68.54 53.03
N GLU BA 647 32.33 67.29 53.44
CA GLU BA 647 32.79 67.02 54.79
C GLU BA 647 34.14 67.65 55.03
N HIS BA 648 35.08 67.46 54.12
CA HIS BA 648 36.35 68.16 54.23
C HIS BA 648 36.15 69.66 54.13
N LYS BA 649 35.13 70.12 53.41
CA LYS BA 649 34.93 71.55 53.23
C LYS BA 649 34.55 72.22 54.53
N LYS BA 650 33.72 71.56 55.34
CA LYS BA 650 33.36 72.15 56.62
C LYS BA 650 34.58 72.38 57.48
N LYS BA 651 35.44 71.36 57.60
CA LYS BA 651 36.65 71.53 58.39
C LYS BA 651 37.56 72.58 57.77
N LEU BA 652 37.57 72.65 56.44
CA LEU BA 652 38.35 73.68 55.78
C LEU BA 652 37.92 75.06 56.22
N GLN BA 653 36.62 75.32 56.16
CA GLN BA 653 36.11 76.60 56.63
C GLN BA 653 36.47 76.83 58.09
N GLN BA 654 36.35 75.79 58.92
CA GLN BA 654 36.68 75.93 60.33
C GLN BA 654 38.12 76.38 60.53
N PHE BA 655 39.05 75.71 59.85
CA PHE BA 655 40.46 76.03 60.03
C PHE BA 655 40.78 77.41 59.47
N LEU BA 656 40.27 77.72 58.29
CA LEU BA 656 40.47 79.06 57.74
C LEU BA 656 39.86 80.13 58.64
N ASP BA 657 38.92 79.73 59.50
CA ASP BA 657 38.28 80.67 60.41
C ASP BA 657 39.03 80.76 61.73
N MET CA 1 -33.13 -132.31 37.67
CA MET CA 1 -31.85 -132.60 38.31
C MET CA 1 -31.21 -133.83 37.69
N CYS CA 2 -29.93 -133.74 37.38
CA CYS CA 2 -29.20 -134.85 36.78
C CYS CA 2 -28.63 -135.74 37.87
N SER CA 3 -28.79 -137.05 37.69
CA SER CA 3 -28.17 -138.03 38.56
C SER CA 3 -26.99 -138.67 37.84
N LEU CA 4 -26.09 -139.27 38.61
CA LEU CA 4 -25.05 -140.09 38.01
C LEU CA 4 -25.60 -141.41 37.48
N ASP CA 5 -26.92 -141.62 37.57
CA ASP CA 5 -27.53 -142.90 37.22
C ASP CA 5 -27.81 -143.05 35.74
N LEU CA 6 -28.26 -142.01 35.05
CA LEU CA 6 -28.71 -142.15 33.68
C LEU CA 6 -27.57 -142.21 32.67
N PHE CA 7 -26.33 -142.07 33.13
CA PHE CA 7 -25.22 -142.16 32.20
C PHE CA 7 -25.08 -143.59 31.68
N PRO CA 8 -24.74 -143.75 30.41
CA PRO CA 8 -24.34 -145.07 29.92
C PRO CA 8 -23.21 -145.62 30.77
N PRO CA 9 -23.27 -146.89 31.14
CA PRO CA 9 -22.24 -147.46 32.01
C PRO CA 9 -20.85 -147.16 31.48
N PRO CA 10 -19.89 -146.87 32.37
CA PRO CA 10 -18.57 -146.47 31.90
C PRO CA 10 -17.93 -147.53 31.02
N LEU CA 11 -16.97 -147.09 30.20
CA LEU CA 11 -16.23 -148.02 29.38
C LEU CA 11 -15.58 -149.09 30.26
N ASP CA 12 -15.70 -150.35 29.82
CA ASP CA 12 -15.14 -151.46 30.57
C ASP CA 12 -13.63 -151.28 30.72
N GLY CA 13 -13.05 -152.02 31.67
CA GLY CA 13 -11.66 -151.86 32.04
C GLY CA 13 -10.66 -151.90 30.90
N SER CA 14 -11.01 -152.51 29.78
CA SER CA 14 -10.08 -152.68 28.68
C SER CA 14 -10.17 -151.58 27.63
N GLN CA 15 -11.22 -150.77 27.66
CA GLN CA 15 -11.47 -149.81 26.60
C GLN CA 15 -11.04 -148.42 27.03
N LEU CA 16 -10.47 -147.66 26.09
CA LEU CA 16 -10.18 -146.28 26.43
C LEU CA 16 -11.09 -145.35 25.64
N PRO CA 17 -11.70 -144.36 26.30
CA PRO CA 17 -12.57 -143.44 25.55
C PRO CA 17 -11.76 -142.66 24.53
N LEU CA 18 -12.05 -142.86 23.24
CA LEU CA 18 -11.29 -142.24 22.18
C LEU CA 18 -11.84 -140.85 21.83
N TYR CA 19 -13.10 -140.77 21.49
CA TYR CA 19 -13.71 -139.50 21.13
C TYR CA 19 -15.22 -139.60 21.33
N GLU CA 20 -15.87 -138.46 21.26
CA GLU CA 20 -17.33 -138.40 21.35
C GLU CA 20 -17.88 -138.31 19.93
N PHE CA 21 -18.48 -139.39 19.45
CA PHE CA 21 -19.04 -139.46 18.11
C PHE CA 21 -20.55 -139.66 18.22
N ASN CA 22 -21.31 -138.72 17.67
CA ASN CA 22 -22.76 -138.81 17.62
C ASN CA 22 -23.36 -139.06 19.00
N ASN CA 23 -22.86 -138.33 19.99
CA ASN CA 23 -23.35 -138.31 21.37
C ASN CA 23 -23.10 -139.63 22.09
N GLU CA 24 -22.34 -140.54 21.51
CA GLU CA 24 -22.02 -141.81 22.15
C GLU CA 24 -20.51 -141.88 22.33
N ILE CA 25 -20.08 -142.16 23.56
CA ILE CA 25 -18.65 -142.23 23.86
C ILE CA 25 -18.09 -143.45 23.17
N VAL CA 26 -17.33 -143.25 22.10
CA VAL CA 26 -16.73 -144.34 21.34
C VAL CA 26 -15.51 -144.83 22.08
N ALA CA 27 -15.46 -146.15 22.31
CA ALA CA 27 -14.34 -146.78 22.98
C ALA CA 27 -13.36 -147.28 21.94
N GLY CA 28 -12.07 -147.25 22.28
CA GLY CA 28 -11.04 -147.70 21.39
C GLY CA 28 -10.08 -148.64 22.10
N LYS CA 29 -9.40 -149.44 21.28
CA LYS CA 29 -8.42 -150.41 21.76
C LYS CA 29 -7.00 -149.86 21.58
N GLY CA 30 -6.89 -148.54 21.73
CA GLY CA 30 -5.61 -147.86 21.69
C GLY CA 30 -4.92 -147.81 20.34
N PHE CA 31 -5.51 -148.45 19.32
CA PHE CA 31 -4.94 -148.39 17.98
C PHE CA 31 -5.98 -148.17 16.89
N ASP CA 32 -7.26 -148.12 17.24
CA ASP CA 32 -8.31 -147.84 16.27
C ASP CA 32 -8.28 -146.34 16.00
N ASN CA 33 -7.62 -145.96 14.92
CA ASN CA 33 -7.50 -144.54 14.57
C ASN CA 33 -8.88 -143.93 14.47
N PRO CA 34 -9.06 -142.66 14.87
CA PRO CA 34 -10.34 -141.99 14.67
C PRO CA 34 -10.80 -142.13 13.22
N PRO CA 35 -12.10 -142.05 12.97
CA PRO CA 35 -12.61 -142.14 11.61
C PRO CA 35 -11.79 -141.31 10.65
N PRO CA 36 -11.35 -141.90 9.51
CA PRO CA 36 -10.39 -141.23 8.63
C PRO CA 36 -10.81 -139.81 8.23
N THR CA 37 -12.10 -139.51 8.33
CA THR CA 37 -12.55 -138.14 8.18
C THR CA 37 -12.16 -137.26 9.36
N PHE CA 38 -11.64 -137.85 10.43
CA PHE CA 38 -11.19 -137.09 11.59
C PHE CA 38 -9.70 -137.22 11.86
N GLN CA 39 -9.02 -138.19 11.25
CA GLN CA 39 -7.60 -138.39 11.50
C GLN CA 39 -6.73 -137.44 10.70
N SER CA 40 -7.24 -136.88 9.60
CA SER CA 40 -6.53 -135.86 8.84
C SER CA 40 -6.75 -134.46 9.40
N GLU CA 41 -7.32 -134.35 10.59
CA GLU CA 41 -7.51 -133.06 11.22
C GLU CA 41 -7.13 -133.08 12.69
N LEU CA 42 -6.54 -134.17 13.19
CA LEU CA 42 -6.12 -134.27 14.58
C LEU CA 42 -4.87 -133.41 14.76
N VAL CA 43 -5.12 -132.12 14.99
CA VAL CA 43 -4.06 -131.14 15.23
C VAL CA 43 -3.16 -131.69 16.33
N ASN CA 44 -1.90 -131.95 15.98
CA ASN CA 44 -1.03 -132.73 16.84
C ASN CA 44 -0.66 -131.98 18.11
N ILE CA 45 -1.61 -131.81 19.01
CA ILE CA 45 -1.26 -131.40 20.37
C ILE CA 45 -0.29 -132.43 20.94
N PRO CA 46 0.78 -132.01 21.60
CA PRO CA 46 1.73 -132.99 22.13
C PRO CA 46 1.04 -133.99 23.05
N GLU CA 47 1.39 -135.25 22.90
CA GLU CA 47 0.87 -136.27 23.79
C GLU CA 47 2.05 -136.72 24.63
N PRO CA 48 2.65 -135.79 25.37
CA PRO CA 48 3.93 -136.09 26.02
C PRO CA 48 3.76 -137.11 27.14
N THR CA 49 4.74 -137.98 27.26
CA THR CA 49 4.82 -138.94 28.36
C THR CA 49 6.01 -138.52 29.22
N ILE CA 50 5.73 -137.86 30.33
CA ILE CA 50 6.79 -137.41 31.23
C ILE CA 50 6.89 -138.43 32.36
N PRO CA 51 7.97 -139.20 32.42
CA PRO CA 51 8.12 -140.15 33.53
C PRO CA 51 8.47 -139.40 34.81
N VAL CA 52 7.81 -139.77 35.91
CA VAL CA 52 8.04 -139.14 37.20
C VAL CA 52 9.48 -139.35 37.65
N ASP CA 53 10.09 -140.48 37.26
CA ASP CA 53 11.44 -140.79 37.69
C ASP CA 53 12.48 -139.82 37.12
N ALA CA 54 12.10 -139.02 36.13
CA ALA CA 54 13.03 -138.06 35.55
C ALA CA 54 12.78 -136.66 36.10
N GLU CA 141 3.21 -125.43 51.04
CA GLU CA 141 3.26 -126.86 50.81
C GLU CA 141 1.94 -127.54 51.14
N ASP CA 142 1.75 -127.85 52.43
CA ASP CA 142 0.52 -128.50 52.86
C ASP CA 142 -0.71 -127.65 52.51
N LEU CA 143 -0.60 -126.33 52.69
CA LEU CA 143 -1.64 -125.47 52.15
C LEU CA 143 -1.70 -125.57 50.64
N THR CA 144 -0.54 -125.47 49.98
CA THR CA 144 -0.49 -125.59 48.54
C THR CA 144 -1.02 -126.94 48.08
N ALA CA 145 -0.71 -128.00 48.83
CA ALA CA 145 -1.17 -129.34 48.44
C ALA CA 145 -2.68 -129.46 48.62
N GLU CA 146 -3.19 -129.17 49.81
CA GLU CA 146 -4.61 -129.37 50.08
C GLU CA 146 -5.47 -128.43 49.24
N PHE CA 147 -4.91 -127.30 48.82
CA PHE CA 147 -5.69 -126.28 48.11
C PHE CA 147 -5.39 -126.24 46.62
N SER CA 148 -4.45 -127.03 46.14
CA SER CA 148 -4.14 -127.04 44.71
C SER CA 148 -5.32 -127.58 43.92
N GLN CA 149 -5.26 -127.37 42.61
CA GLN CA 149 -6.27 -127.95 41.72
C GLN CA 149 -6.13 -129.45 41.60
N ALA CA 150 -4.94 -130.00 41.81
CA ALA CA 150 -4.72 -131.43 41.65
C ALA CA 150 -5.07 -132.16 42.93
N LEU CA 151 -5.69 -133.34 42.79
CA LEU CA 151 -5.95 -134.18 43.96
C LEU CA 151 -4.67 -134.82 44.46
N GLY CA 152 -3.72 -135.07 43.56
CA GLY CA 152 -2.49 -135.77 43.91
C GLY CA 152 -1.24 -134.95 43.68
N TRP CA 153 -1.27 -133.68 44.10
CA TRP CA 153 -0.17 -132.76 43.83
C TRP CA 153 1.16 -133.29 44.36
N ALA CA 154 1.11 -134.07 45.44
CA ALA CA 154 2.35 -134.56 46.03
C ALA CA 154 3.00 -135.65 45.19
N ASP CA 155 2.22 -136.48 44.51
CA ASP CA 155 2.75 -137.61 43.76
C ASP CA 155 2.50 -137.53 42.26
N CYS CA 156 1.88 -136.46 41.78
CA CYS CA 156 1.66 -136.36 40.35
C CYS CA 156 2.73 -135.49 39.72
N PRO CA 157 3.57 -136.03 38.84
CA PRO CA 157 4.54 -135.17 38.14
C PRO CA 157 3.87 -134.04 37.39
N LEU CA 158 2.63 -134.22 36.93
CA LEU CA 158 1.81 -133.13 36.45
C LEU CA 158 1.27 -132.41 37.67
N ARG CA 159 1.76 -131.20 37.90
CA ARG CA 159 1.37 -130.42 39.06
C ARG CA 159 0.30 -129.40 38.75
N ALA CA 160 0.30 -128.84 37.55
CA ALA CA 160 -0.75 -127.95 37.08
C ALA CA 160 -0.74 -127.95 35.57
N PHE CA 161 -1.89 -127.65 34.98
CA PHE CA 161 -2.02 -127.60 33.54
C PHE CA 161 -2.66 -126.27 33.15
N ALA CA 162 -2.35 -125.78 31.95
CA ALA CA 162 -3.00 -124.59 31.45
C ALA CA 162 -2.97 -124.58 29.94
N TRP CA 163 -4.13 -124.35 29.32
CA TRP CA 163 -4.19 -124.18 27.88
C TRP CA 163 -4.34 -122.72 27.53
N HIS CA 164 -3.54 -122.24 26.58
CA HIS CA 164 -3.58 -120.84 26.21
C HIS CA 164 -4.94 -120.51 25.61
N PRO CA 165 -5.43 -119.28 25.79
CA PRO CA 165 -6.80 -118.98 25.32
C PRO CA 165 -6.96 -119.04 23.82
N HIS CA 166 -5.87 -119.02 23.05
CA HIS CA 166 -5.97 -118.81 21.62
C HIS CA 166 -5.47 -119.96 20.75
N THR CA 167 -4.32 -120.54 21.05
CA THR CA 167 -3.73 -121.57 20.20
C THR CA 167 -3.56 -122.86 20.99
N TYR CA 168 -2.96 -123.85 20.35
CA TYR CA 168 -2.66 -125.11 21.01
C TYR CA 168 -1.36 -125.04 21.80
N LYS CA 169 -1.20 -124.00 22.61
CA LYS CA 169 -0.05 -123.80 23.48
C LYS CA 169 -0.45 -124.05 24.92
N PHE CA 170 0.19 -125.01 25.56
CA PHE CA 170 -0.22 -125.41 26.89
C PHE CA 170 1.00 -125.66 27.75
N ALA CA 171 0.91 -125.21 29.00
CA ALA CA 171 1.98 -125.35 29.97
C ALA CA 171 1.63 -126.44 30.97
N LEU CA 172 2.63 -127.29 31.26
CA LEU CA 172 2.53 -128.36 32.23
C LEU CA 172 3.59 -128.14 33.30
N ALA CA 173 3.18 -128.23 34.56
CA ALA CA 173 4.08 -128.02 35.68
C ALA CA 173 4.63 -129.37 36.14
N LEU CA 174 5.93 -129.56 35.97
CA LEU CA 174 6.59 -130.78 36.37
C LEU CA 174 6.60 -130.87 37.89
N LEU CA 175 7.03 -132.04 38.39
CA LEU CA 175 7.04 -132.26 39.83
C LEU CA 175 8.13 -131.41 40.51
N ASP CA 176 9.23 -131.14 39.81
CA ASP CA 176 10.34 -130.39 40.37
C ASP CA 176 10.16 -128.88 40.22
N ASP CA 177 8.92 -128.41 40.06
CA ASP CA 177 8.56 -126.99 39.90
C ASP CA 177 9.10 -126.40 38.60
N SER CA 178 9.61 -127.23 37.69
CA SER CA 178 10.08 -126.74 36.40
C SER CA 178 8.96 -126.75 35.38
N ILE CA 179 8.65 -125.58 34.83
CA ILE CA 179 7.53 -125.40 33.94
C ILE CA 179 7.96 -125.74 32.53
N ARG CA 180 7.22 -126.65 31.88
CA ARG CA 180 7.44 -126.97 30.48
C ARG CA 180 6.26 -126.43 29.67
N ILE CA 181 6.54 -125.98 28.45
CA ILE CA 181 5.54 -125.37 27.59
C ILE CA 181 5.53 -126.10 26.26
N TYR CA 182 4.48 -126.88 26.03
CA TYR CA 182 4.33 -127.65 24.81
C TYR CA 182 3.36 -126.94 23.88
N THR CA 183 3.82 -126.67 22.66
CA THR CA 183 3.01 -126.05 21.63
C THR CA 183 2.90 -127.01 20.46
N ALA CA 184 1.67 -127.24 20.02
CA ALA CA 184 1.45 -128.17 18.91
C ALA CA 184 2.16 -127.67 17.66
N GLY CA 185 2.92 -128.56 17.03
CA GLY CA 185 3.70 -128.18 15.87
C GLY CA 185 5.10 -127.70 16.16
N SER CA 186 5.60 -127.90 17.38
CA SER CA 186 6.95 -127.51 17.74
C SER CA 186 7.64 -128.60 18.56
N PRO CA 187 8.81 -129.06 18.13
CA PRO CA 187 9.58 -130.01 18.97
C PRO CA 187 10.37 -129.35 20.08
N THR CA 188 10.41 -128.02 20.13
CA THR CA 188 11.12 -127.29 21.15
C THR CA 188 10.28 -127.24 22.43
N ILE CA 189 10.94 -127.46 23.57
CA ILE CA 189 10.28 -127.47 24.87
C ILE CA 189 10.75 -126.25 25.65
N PRO CA 190 9.97 -125.17 25.63
CA PRO CA 190 10.30 -124.01 26.48
C PRO CA 190 10.23 -124.39 27.95
N THR CA 191 11.33 -124.18 28.66
CA THR CA 191 11.43 -124.55 30.06
C THR CA 191 11.75 -123.31 30.88
N LEU CA 192 11.02 -123.13 31.98
CA LEU CA 192 11.20 -121.98 32.87
C LEU CA 192 11.28 -122.47 34.30
N LYS CA 193 12.33 -122.08 35.01
CA LYS CA 193 12.55 -122.42 36.41
C LYS CA 193 13.28 -121.27 37.08
N HIS CA 194 12.56 -120.52 37.91
CA HIS CA 194 13.14 -119.37 38.60
C HIS CA 194 13.61 -119.79 39.98
N ARG CA 195 14.51 -118.97 40.56
CA ARG CA 195 14.93 -119.22 41.92
C ARG CA 195 13.76 -119.20 42.89
N LEU CA 196 12.67 -118.55 42.51
CA LEU CA 196 11.45 -118.53 43.31
C LEU CA 196 10.53 -119.70 43.03
N GLN CA 197 10.84 -120.53 42.03
CA GLN CA 197 9.95 -121.61 41.62
C GLN CA 197 10.04 -122.75 42.64
N LYS CA 198 9.14 -122.71 43.61
CA LYS CA 198 8.95 -123.79 44.56
C LYS CA 198 7.47 -123.99 44.82
N ASP CA 199 7.04 -125.25 44.82
CA ASP CA 199 5.65 -125.61 45.13
C ASP CA 199 4.67 -124.83 44.27
N VAL CA 200 4.77 -125.04 42.95
CA VAL CA 200 3.92 -124.33 42.02
C VAL CA 200 2.48 -124.74 42.26
N ALA CA 201 1.58 -123.76 42.26
CA ALA CA 201 0.16 -124.01 42.46
C ALA CA 201 -0.64 -123.98 41.17
N SER CA 202 -0.40 -123.01 40.29
CA SER CA 202 -1.20 -122.89 39.09
C SER CA 202 -0.45 -122.11 38.03
N LEU CA 203 -0.88 -122.28 36.78
CA LEU CA 203 -0.34 -121.54 35.66
C LEU CA 203 -1.50 -120.94 34.87
N ALA CA 204 -1.32 -119.71 34.39
CA ALA CA 204 -2.37 -119.00 33.69
C ALA CA 204 -1.77 -118.27 32.49
N TRP CA 205 -2.12 -118.74 31.30
CA TRP CA 205 -1.70 -118.04 30.09
C TRP CA 205 -2.48 -116.74 29.98
N LYS CA 206 -1.77 -115.63 30.08
CA LYS CA 206 -2.43 -114.34 30.01
C LYS CA 206 -3.20 -114.24 28.71
N PRO CA 207 -4.49 -113.95 28.73
CA PRO CA 207 -5.28 -114.02 27.50
C PRO CA 207 -4.85 -112.95 26.52
N MET CA 208 -5.16 -113.18 25.24
CA MET CA 208 -4.87 -112.33 24.10
C MET CA 208 -3.37 -112.16 23.89
N CYS CA 209 -2.53 -112.90 24.59
CA CYS CA 209 -1.09 -112.83 24.42
C CYS CA 209 -0.51 -114.23 24.55
N ALA CA 210 0.30 -114.63 23.58
CA ALA CA 210 0.94 -115.93 23.60
C ALA CA 210 2.33 -115.89 24.21
N SER CA 211 2.70 -114.80 24.88
CA SER CA 211 4.04 -114.65 25.39
C SER CA 211 4.10 -114.39 26.89
N VAL CA 212 2.97 -114.38 27.59
CA VAL CA 212 2.93 -114.13 29.02
C VAL CA 212 2.28 -115.32 29.69
N LEU CA 213 2.95 -115.87 30.70
CA LEU CA 213 2.41 -116.96 31.49
C LEU CA 213 2.62 -116.65 32.96
N ALA CA 214 1.54 -116.45 33.70
CA ALA CA 214 1.63 -116.22 35.13
C ALA CA 214 1.76 -117.56 35.84
N VAL CA 215 2.79 -117.70 36.68
CA VAL CA 215 3.02 -118.93 37.42
C VAL CA 215 2.97 -118.60 38.90
N ALA CA 216 2.15 -119.35 39.64
CA ALA CA 216 2.05 -119.14 41.09
C ALA CA 216 3.11 -119.99 41.77
N CYS CA 217 4.02 -119.32 42.48
CA CYS CA 217 5.07 -120.02 43.21
C CYS CA 217 4.73 -120.04 44.69
N GLN CA 218 5.65 -120.58 45.48
CA GLN CA 218 5.45 -120.63 46.92
C GLN CA 218 5.37 -119.22 47.51
N SER CA 219 6.31 -118.35 47.17
CA SER CA 219 6.44 -117.06 47.83
C SER CA 219 6.11 -115.86 46.94
N CYS CA 220 5.94 -116.07 45.64
CA CYS CA 220 5.66 -114.94 44.75
C CYS CA 220 5.07 -115.47 43.46
N VAL CA 221 4.79 -114.54 42.55
CA VAL CA 221 4.26 -114.86 41.22
C VAL CA 221 5.37 -114.63 40.21
N LEU CA 222 5.74 -115.67 39.48
CA LEU CA 222 6.68 -115.55 38.39
C LEU CA 222 5.92 -115.28 37.11
N VAL CA 223 5.99 -114.05 36.61
CA VAL CA 223 5.46 -113.71 35.30
C VAL CA 223 6.52 -114.13 34.30
N TRP CA 224 6.31 -115.28 33.66
CA TRP CA 224 7.24 -115.83 32.69
C TRP CA 224 6.95 -115.21 31.33
N HIS CA 225 7.89 -114.41 30.84
CA HIS CA 225 7.81 -113.82 29.52
C HIS CA 225 8.35 -114.85 28.54
N VAL CA 226 7.45 -115.64 27.96
CA VAL CA 226 7.85 -116.66 27.00
C VAL CA 226 8.35 -115.98 25.73
N GLY CA 238 16.76 -113.61 32.71
CA GLY CA 238 16.13 -112.31 32.85
C GLY CA 238 14.76 -112.24 32.21
N CYS CA 239 14.12 -113.39 32.06
CA CYS CA 239 12.81 -113.48 31.43
C CYS CA 239 11.68 -113.66 32.43
N ALA CA 240 11.97 -113.60 33.73
CA ALA CA 240 10.97 -113.86 34.76
C ALA CA 240 10.81 -112.62 35.63
N GLN CA 241 9.63 -112.02 35.60
CA GLN CA 241 9.32 -110.92 36.49
C GLN CA 241 8.78 -111.44 37.81
N VAL CA 242 9.49 -111.18 38.90
CA VAL CA 242 9.13 -111.69 40.21
C VAL CA 242 8.26 -110.66 40.89
N LEU CA 243 6.97 -110.96 41.04
CA LEU CA 243 6.03 -110.06 41.67
C LEU CA 243 5.69 -110.59 43.05
N SER CA 244 5.87 -109.76 44.07
CA SER CA 244 5.63 -110.18 45.43
C SER CA 244 4.82 -109.12 46.18
N HIS CA 245 3.82 -109.59 46.92
CA HIS CA 245 3.05 -108.78 47.83
C HIS CA 245 3.12 -109.45 49.20
N PRO CA 246 3.70 -108.78 50.21
CA PRO CA 246 4.01 -109.48 51.46
C PRO CA 246 2.76 -110.03 52.12
N GLY CA 247 2.88 -111.24 52.66
CA GLY CA 247 1.76 -111.95 53.23
C GLY CA 247 0.97 -112.77 52.24
N HIS CA 248 1.04 -112.45 50.96
CA HIS CA 248 0.31 -113.19 49.93
C HIS CA 248 1.10 -114.43 49.52
N SER CA 249 1.38 -115.27 50.52
CA SER CA 249 2.09 -116.52 50.33
C SER CA 249 1.71 -117.48 51.45
N PRO CA 250 1.54 -118.78 51.15
CA PRO CA 250 1.68 -119.49 49.88
C PRO CA 250 0.64 -119.09 48.85
N VAL CA 251 1.07 -118.86 47.62
CA VAL CA 251 0.17 -118.40 46.56
C VAL CA 251 -0.49 -119.63 45.96
N THR CA 252 -1.83 -119.66 46.00
CA THR CA 252 -2.55 -120.87 45.60
C THR CA 252 -3.40 -120.70 44.35
N SER CA 253 -3.90 -119.50 44.07
CA SER CA 253 -4.77 -119.29 42.92
C SER CA 253 -4.41 -117.99 42.23
N VAL CA 254 -4.01 -118.10 40.97
CA VAL CA 254 -3.69 -116.92 40.16
C VAL CA 254 -4.41 -117.05 38.82
N CYS CA 255 -4.99 -115.95 38.38
CA CYS CA 255 -5.74 -115.97 37.12
C CYS CA 255 -5.57 -114.62 36.44
N TRP CA 256 -5.03 -114.63 35.24
CA TRP CA 256 -4.99 -113.45 34.41
C TRP CA 256 -6.38 -113.19 33.84
N SER CA 257 -6.82 -111.95 33.92
CA SER CA 257 -8.12 -111.60 33.37
C SER CA 257 -8.13 -111.92 31.88
N PRO CA 258 -9.28 -112.33 31.31
CA PRO CA 258 -9.32 -112.60 29.86
C PRO CA 258 -9.08 -111.31 29.08
N LYS CA 259 -9.07 -110.20 29.82
CA LYS CA 259 -8.59 -108.93 29.32
C LYS CA 259 -7.09 -108.91 29.10
N GLY CA 260 -6.37 -109.91 29.62
CA GLY CA 260 -4.93 -109.94 29.50
C GLY CA 260 -4.22 -108.77 30.13
N GLY CA 261 -4.91 -107.95 30.90
CA GLY CA 261 -4.31 -106.74 31.41
C GLY CA 261 -4.13 -106.71 32.91
N VAL CA 262 -4.81 -107.58 33.62
CA VAL CA 262 -4.74 -107.60 35.08
C VAL CA 262 -4.80 -109.05 35.55
N LEU CA 263 -3.98 -109.38 36.54
CA LEU CA 263 -3.88 -110.75 37.03
C LEU CA 263 -4.15 -110.77 38.52
N LEU CA 264 -5.05 -111.64 38.94
CA LEU CA 264 -5.38 -111.79 40.35
C LEU CA 264 -4.57 -112.93 40.95
N SER CA 265 -4.18 -112.77 42.22
CA SER CA 265 -3.49 -113.79 42.99
C SER CA 265 -4.20 -113.97 44.32
N ALA CA 266 -4.03 -115.15 44.92
CA ALA CA 266 -4.79 -115.51 46.10
C ALA CA 266 -3.93 -116.27 47.10
N SER CA 267 -4.26 -116.09 48.38
CA SER CA 267 -3.53 -116.67 49.48
C SER CA 267 -4.48 -117.19 50.54
N PRO CA 268 -4.33 -118.45 50.95
CA PRO CA 268 -5.21 -118.99 52.00
C PRO CA 268 -4.91 -118.45 53.38
N VAL CA 269 -3.80 -117.74 53.55
CA VAL CA 269 -3.49 -117.14 54.84
C VAL CA 269 -3.77 -115.64 54.86
N ASP CA 270 -3.90 -115.00 53.70
CA ASP CA 270 -4.11 -113.56 53.60
C ASP CA 270 -5.58 -113.27 53.34
N THR CA 271 -6.16 -112.37 54.12
CA THR CA 271 -7.57 -112.05 53.98
C THR CA 271 -7.83 -111.06 52.86
N ALA CA 272 -6.79 -110.58 52.19
CA ALA CA 272 -6.94 -109.63 51.10
C ALA CA 272 -6.38 -110.23 49.83
N MET CA 273 -7.23 -110.38 48.82
CA MET CA 273 -6.81 -110.92 47.55
C MET CA 273 -5.85 -109.94 46.88
N LEU CA 274 -4.93 -110.46 46.08
CA LEU CA 274 -3.91 -109.66 45.43
C LEU CA 274 -4.34 -109.34 44.02
N VAL CA 275 -4.31 -108.06 43.67
CA VAL CA 275 -4.52 -107.62 42.29
C VAL CA 275 -3.16 -107.17 41.76
N TRP CA 276 -2.70 -107.81 40.69
CA TRP CA 276 -1.35 -107.61 40.18
C TRP CA 276 -1.41 -106.97 38.81
N ASP CA 277 -0.74 -105.81 38.71
CA ASP CA 277 -0.49 -105.16 37.43
C ASP CA 277 0.95 -105.50 37.05
N VAL CA 278 1.07 -106.30 35.99
CA VAL CA 278 2.38 -106.84 35.63
C VAL CA 278 3.34 -105.74 35.20
N PRO CA 279 2.94 -104.74 34.42
CA PRO CA 279 3.92 -103.75 33.97
C PRO CA 279 4.42 -102.84 35.10
N THR CA 280 3.52 -102.33 35.93
CA THR CA 280 3.92 -101.46 37.03
C THR CA 280 4.64 -102.25 38.12
N GLU CA 281 4.70 -103.57 38.00
CA GLU CA 281 5.22 -104.42 39.07
C GLU CA 281 4.51 -104.13 40.38
N SER CA 282 3.19 -103.96 40.31
CA SER CA 282 2.47 -103.41 41.45
C SER CA 282 1.40 -104.37 41.94
N CYS CA 283 1.19 -104.35 43.26
CA CYS CA 283 0.26 -105.23 43.93
C CYS CA 283 -0.65 -104.42 44.83
N ILE CA 284 -1.96 -104.65 44.70
CA ILE CA 284 -2.96 -103.95 45.49
C ILE CA 284 -3.71 -104.97 46.34
N PRO CA 285 -3.93 -104.71 47.63
CA PRO CA 285 -4.71 -105.64 48.47
C PRO CA 285 -6.19 -105.29 48.47
N LEU CA 286 -7.03 -106.30 48.27
CA LEU CA 286 -8.48 -106.18 48.39
C LEU CA 286 -8.90 -106.93 49.64
N GLN CA 287 -9.19 -106.19 50.70
CA GLN CA 287 -9.45 -106.79 52.00
C GLN CA 287 -10.91 -107.21 52.14
N ARG CA 288 -11.13 -108.31 52.83
CA ARG CA 288 -12.46 -108.83 53.08
C ARG CA 288 -12.54 -109.28 54.53
N VAL CA 289 -13.67 -109.01 55.17
CA VAL CA 289 -13.89 -109.34 56.57
C VAL CA 289 -14.52 -110.72 56.65
N GLY CA 290 -13.85 -111.63 57.35
CA GLY CA 290 -14.42 -112.93 57.61
C GLY CA 290 -14.17 -113.94 56.51
N GLY CA 291 -13.96 -115.20 56.90
CA GLY CA 291 -13.80 -116.29 55.95
C GLY CA 291 -12.39 -116.79 55.78
N GLY CA 292 -11.41 -116.17 56.42
CA GLY CA 292 -10.06 -116.61 56.22
C GLY CA 292 -9.54 -116.22 54.85
N GLY CA 293 -8.43 -116.86 54.48
CA GLY CA 293 -7.77 -116.51 53.24
C GLY CA 293 -8.59 -116.86 52.01
N VAL CA 294 -8.18 -116.30 50.88
CA VAL CA 294 -8.77 -116.62 49.59
C VAL CA 294 -7.93 -117.70 48.93
N THR CA 295 -8.55 -118.83 48.61
CA THR CA 295 -7.84 -119.99 48.11
C THR CA 295 -8.05 -120.26 46.64
N PHE CA 296 -9.22 -119.99 46.10
CA PHE CA 296 -9.49 -120.23 44.69
C PHE CA 296 -10.25 -119.06 44.11
N LEU CA 297 -9.76 -118.53 42.99
CA LEU CA 297 -10.36 -117.41 42.29
C LEU CA 297 -10.78 -117.85 40.90
N SER CA 298 -11.91 -117.33 40.44
CA SER CA 298 -12.41 -117.66 39.11
C SER CA 298 -13.23 -116.50 38.58
N TRP CA 299 -12.66 -115.73 37.66
CA TRP CA 299 -13.38 -114.61 37.05
C TRP CA 299 -14.28 -115.12 35.94
N SER CA 300 -15.42 -114.46 35.76
CA SER CA 300 -16.44 -114.96 34.84
C SER CA 300 -15.95 -114.88 33.40
N PRO CA 301 -16.58 -115.61 32.48
CA PRO CA 301 -16.05 -115.71 31.10
C PRO CA 301 -15.88 -114.38 30.40
N ASP CA 302 -16.66 -113.36 30.76
CA ASP CA 302 -16.56 -112.07 30.10
C ASP CA 302 -15.92 -110.99 30.96
N GLY CA 303 -15.80 -111.22 32.27
CA GLY CA 303 -15.08 -110.30 33.13
C GLY CA 303 -15.92 -109.49 34.10
N SER CA 304 -17.11 -109.96 34.47
CA SER CA 304 -17.90 -109.26 35.49
C SER CA 304 -17.82 -109.93 36.84
N LYS CA 305 -18.06 -111.23 36.92
CA LYS CA 305 -18.19 -111.92 38.18
C LYS CA 305 -16.91 -112.66 38.49
N VAL CA 306 -16.54 -112.64 39.77
CA VAL CA 306 -15.39 -113.38 40.27
C VAL CA 306 -15.87 -114.24 41.43
N LEU CA 307 -15.99 -115.53 41.19
CA LEU CA 307 -16.23 -116.50 42.24
C LEU CA 307 -14.96 -116.63 43.06
N ALA CA 308 -15.07 -116.37 44.36
CA ALA CA 308 -13.95 -116.43 45.28
C ALA CA 308 -14.33 -117.40 46.40
N ALA CA 309 -13.58 -118.51 46.48
CA ALA CA 309 -13.82 -119.53 47.49
C ALA CA 309 -12.75 -119.45 48.57
N THR CA 310 -13.17 -119.57 49.82
CA THR CA 310 -12.28 -119.46 50.96
C THR CA 310 -12.16 -120.80 51.67
N PRO CA 311 -11.07 -121.01 52.42
CA PRO CA 311 -10.98 -122.24 53.23
C PRO CA 311 -12.05 -122.31 54.30
N SER CA 312 -12.88 -121.29 54.43
CA SER CA 312 -14.07 -121.31 55.27
C SER CA 312 -15.28 -121.71 54.43
N SER CA 313 -16.46 -121.50 55.01
CA SER CA 313 -17.69 -121.96 54.37
C SER CA 313 -18.41 -120.88 53.60
N VAL CA 314 -17.73 -119.78 53.25
CA VAL CA 314 -18.35 -118.66 52.58
C VAL CA 314 -17.69 -118.45 51.23
N PHE CA 315 -18.51 -118.31 50.19
CA PHE CA 315 -18.03 -117.97 48.85
C PHE CA 315 -18.64 -116.64 48.44
N ARG CA 316 -17.86 -115.87 47.68
CA ARG CA 316 -18.26 -114.51 47.35
C ARG CA 316 -18.24 -114.30 45.84
N VAL CA 317 -19.18 -113.50 45.36
CA VAL CA 317 -19.23 -113.08 43.97
C VAL CA 317 -18.73 -111.65 43.90
N TRP CA 318 -17.80 -111.39 42.99
CA TRP CA 318 -17.17 -110.08 42.89
C TRP CA 318 -17.45 -109.46 41.54
N GLU CA 319 -18.29 -108.43 41.53
CA GLU CA 319 -18.58 -107.70 40.29
C GLU CA 319 -17.41 -106.79 39.94
N THR CA 320 -16.81 -107.03 38.79
CA THR CA 320 -15.49 -106.46 38.50
C THR CA 320 -15.53 -104.96 38.22
N GLN CA 321 -16.72 -104.36 38.09
CA GLN CA 321 -16.79 -102.93 37.76
C GLN CA 321 -16.05 -102.11 38.80
N LYS CA 322 -16.59 -101.98 40.00
CA LYS CA 322 -15.79 -101.45 41.10
C LYS CA 322 -15.51 -102.50 42.15
N TRP CA 323 -15.44 -103.77 41.75
CA TRP CA 323 -15.10 -104.87 42.64
C TRP CA 323 -16.09 -104.98 43.81
N THR CA 324 -17.38 -105.08 43.48
CA THR CA 324 -18.41 -105.23 44.50
C THR CA 324 -18.43 -106.67 45.03
N CYS CA 325 -18.76 -106.82 46.32
CA CYS CA 325 -18.70 -108.11 47.00
C CYS CA 325 -20.07 -108.52 47.47
N GLU CA 326 -20.55 -109.67 46.98
CA GLU CA 326 -21.76 -110.29 47.46
C GLU CA 326 -21.40 -111.60 48.15
N ARG CA 327 -21.69 -111.69 49.44
CA ARG CA 327 -21.36 -112.86 50.23
C ARG CA 327 -22.51 -113.85 50.20
N TRP CA 328 -22.19 -115.13 50.00
CA TRP CA 328 -23.20 -116.19 50.02
C TRP CA 328 -22.85 -117.13 51.17
N PRO CA 329 -22.84 -116.63 52.41
CA PRO CA 329 -22.39 -117.47 53.52
C PRO CA 329 -23.40 -118.52 53.93
N THR CA 330 -23.81 -119.38 53.00
CA THR CA 330 -24.80 -120.39 53.28
C THR CA 330 -24.36 -121.76 52.75
N LEU CA 331 -23.06 -121.98 52.66
CA LEU CA 331 -22.53 -123.25 52.20
C LEU CA 331 -22.12 -124.10 53.40
N GLN CA 332 -22.66 -125.31 53.47
CA GLN CA 332 -22.42 -126.17 54.62
C GLN CA 332 -20.94 -126.44 54.84
N GLY CA 333 -20.12 -126.27 53.81
CA GLY CA 333 -18.68 -126.39 53.93
C GLY CA 333 -17.97 -125.45 52.99
N ARG CA 334 -16.71 -125.72 52.69
CA ARG CA 334 -15.98 -124.89 51.75
C ARG CA 334 -16.40 -125.22 50.33
N CYS CA 335 -16.14 -124.29 49.42
CA CYS CA 335 -16.41 -124.49 48.01
C CYS CA 335 -15.26 -125.29 47.38
N GLN CA 336 -15.58 -126.44 46.78
CA GLN CA 336 -14.57 -127.28 46.16
C GLN CA 336 -14.09 -126.70 44.84
N THR CA 337 -15.01 -126.28 43.98
CA THR CA 337 -14.67 -125.67 42.71
C THR CA 337 -15.82 -124.81 42.24
N GLY CA 338 -15.54 -123.96 41.26
CA GLY CA 338 -16.56 -123.13 40.66
C GLY CA 338 -16.39 -123.08 39.16
N CYS CA 339 -17.45 -123.36 38.41
CA CYS CA 339 -17.36 -123.38 36.96
C CYS CA 339 -18.35 -122.38 36.39
N TRP CA 340 -17.84 -121.47 35.57
CA TRP CA 340 -18.68 -120.45 34.96
C TRP CA 340 -19.23 -120.95 33.63
N SER CA 341 -20.44 -120.51 33.32
CA SER CA 341 -21.04 -120.84 32.05
C SER CA 341 -20.16 -120.34 30.91
N PRO CA 342 -20.21 -120.98 29.75
CA PRO CA 342 -19.55 -120.40 28.57
C PRO CA 342 -20.06 -119.01 28.31
N ASP CA 343 -21.27 -118.73 28.80
CA ASP CA 343 -21.89 -117.42 28.72
C ASP CA 343 -21.65 -116.57 29.97
N GLY CA 344 -21.26 -117.17 31.08
CA GLY CA 344 -20.98 -116.40 32.28
C GLY CA 344 -22.19 -115.99 33.09
N SER CA 345 -23.38 -116.50 32.77
CA SER CA 345 -24.57 -116.22 33.56
C SER CA 345 -24.96 -117.40 34.44
N ARG CA 346 -24.32 -118.55 34.26
CA ARG CA 346 -24.51 -119.70 35.11
C ARG CA 346 -23.18 -120.08 35.74
N LEU CA 347 -23.11 -119.98 37.06
CA LEU CA 347 -21.92 -120.37 37.80
C LEU CA 347 -22.22 -121.71 38.44
N LEU CA 348 -21.50 -122.73 38.00
CA LEU CA 348 -21.65 -124.07 38.56
C LEU CA 348 -20.64 -124.25 39.68
N PHE CA 349 -21.11 -124.76 40.82
CA PHE CA 349 -20.24 -124.95 41.96
C PHE CA 349 -20.60 -126.24 42.66
N ALA CA 350 -19.71 -126.67 43.55
CA ALA CA 350 -19.94 -127.81 44.43
C ALA CA 350 -19.29 -127.52 45.78
N VAL CA 351 -19.91 -128.05 46.83
CA VAL CA 351 -19.38 -127.94 48.18
C VAL CA 351 -18.72 -129.27 48.53
N LYS CA 352 -17.39 -129.26 48.66
CA LYS CA 352 -16.66 -130.49 48.99
C LYS CA 352 -17.25 -131.12 50.23
N GLY CA 353 -17.48 -132.43 50.18
CA GLY CA 353 -18.32 -133.09 51.13
C GLY CA 353 -19.75 -133.31 50.67
N GLU CA 354 -20.24 -132.47 49.76
CA GLU CA 354 -21.51 -132.69 49.10
C GLU CA 354 -21.24 -133.07 47.65
N SER CA 355 -22.15 -133.86 47.08
CA SER CA 355 -21.97 -134.36 45.72
C SER CA 355 -22.99 -133.78 44.76
N VAL CA 356 -23.34 -132.51 44.92
CA VAL CA 356 -24.36 -131.87 44.12
C VAL CA 356 -23.72 -130.77 43.29
N ILE CA 357 -24.34 -130.48 42.14
CA ILE CA 357 -23.94 -129.39 41.28
C ILE CA 357 -24.93 -128.25 41.48
N TYR CA 358 -24.52 -127.21 42.19
CA TYR CA 358 -25.34 -126.04 42.42
C TYR CA 358 -25.17 -125.07 41.27
N SER CA 359 -26.29 -124.68 40.67
CA SER CA 359 -26.28 -123.81 39.50
C SER CA 359 -26.81 -122.44 39.91
N LEU CA 360 -25.88 -121.49 40.09
CA LEU CA 360 -26.24 -120.13 40.46
C LEU CA 360 -26.46 -119.33 39.18
N CYS CA 361 -27.70 -118.95 38.94
CA CYS CA 361 -28.07 -118.23 37.74
C CYS CA 361 -27.79 -116.76 37.94
N PHE CA 362 -26.91 -116.21 37.12
CA PHE CA 362 -26.52 -114.81 37.19
C PHE CA 362 -27.41 -114.06 36.21
N SER CA 363 -28.66 -113.85 36.61
CA SER CA 363 -29.63 -113.18 35.78
C SER CA 363 -29.36 -111.68 35.73
N GLY CA 374 -26.20 -108.93 41.73
CA GLY CA 374 -27.49 -109.35 42.24
C GLY CA 374 -27.95 -110.67 41.67
N GLY CA 375 -27.20 -111.73 41.97
CA GLY CA 375 -27.60 -113.06 41.56
C GLY CA 375 -28.77 -113.57 42.39
N SER CA 376 -29.46 -114.56 41.83
CA SER CA 376 -30.51 -115.27 42.56
C SER CA 376 -30.00 -115.71 43.92
N GLN CA 377 -30.68 -115.26 44.97
CA GLN CA 377 -30.16 -115.38 46.33
C GLN CA 377 -30.00 -116.82 46.81
N SER CA 378 -30.30 -117.81 45.97
CA SER CA 378 -30.18 -119.21 46.35
C SER CA 378 -29.61 -120.02 45.19
N ALA CA 379 -29.10 -121.20 45.51
CA ALA CA 379 -28.54 -122.09 44.51
C ALA CA 379 -29.49 -123.28 44.27
N THR CA 380 -29.66 -123.64 43.00
CA THR CA 380 -30.51 -124.76 42.62
C THR CA 380 -29.67 -125.98 42.31
N VAL CA 381 -30.13 -127.13 42.78
CA VAL CA 381 -29.44 -128.40 42.50
C VAL CA 381 -29.72 -128.80 41.06
N VAL CA 382 -28.66 -129.02 40.28
CA VAL CA 382 -28.80 -129.30 38.86
C VAL CA 382 -28.32 -130.70 38.50
N ALA CA 383 -27.16 -131.14 38.97
CA ALA CA 383 -26.69 -132.46 38.66
C ALA CA 383 -26.22 -133.10 39.95
N ASP CA 384 -26.94 -134.12 40.40
CA ASP CA 384 -26.62 -134.81 41.64
C ASP CA 384 -25.54 -135.84 41.30
N VAL CA 385 -24.33 -135.61 41.78
CA VAL CA 385 -23.22 -136.49 41.46
C VAL CA 385 -22.99 -137.38 42.65
N SER CA 386 -24.05 -137.59 43.43
CA SER CA 386 -23.98 -138.52 44.55
C SER CA 386 -23.55 -139.89 44.06
N GLU CA 387 -22.66 -140.52 44.82
CA GLU CA 387 -22.19 -141.85 44.49
C GLU CA 387 -23.26 -142.88 44.83
N GLY CA 400 -19.45 -141.37 41.19
CA GLY CA 400 -19.88 -140.40 42.17
C GLY CA 400 -18.89 -140.20 43.28
N GLY CA 401 -19.32 -139.51 44.33
CA GLY CA 401 -18.44 -139.25 45.46
C GLY CA 401 -18.24 -137.76 45.68
N GLU CA 402 -16.99 -137.37 45.92
CA GLU CA 402 -16.67 -135.96 46.02
C GLU CA 402 -16.45 -135.36 44.64
N ILE CA 403 -17.21 -134.32 44.32
CA ILE CA 403 -16.98 -133.57 43.10
C ILE CA 403 -15.75 -132.71 43.31
N GLN CA 404 -14.64 -133.08 42.69
CA GLN CA 404 -13.39 -132.39 42.94
C GLN CA 404 -13.11 -131.31 41.90
N SER CA 405 -13.45 -131.56 40.64
CA SER CA 405 -13.26 -130.57 39.60
C SER CA 405 -14.42 -130.61 38.62
N MET CA 406 -14.66 -129.48 37.96
CA MET CA 406 -15.72 -129.36 36.98
C MET CA 406 -15.25 -128.46 35.85
N CYS CA 407 -15.61 -128.80 34.62
CA CYS CA 407 -15.15 -128.04 33.46
C CYS CA 407 -16.17 -128.15 32.34
N TRP CA 408 -16.52 -127.02 31.76
CA TRP CA 408 -17.44 -126.97 30.63
C TRP CA 408 -16.72 -126.51 29.37
N ASP CA 409 -17.06 -127.13 28.26
CA ASP CA 409 -16.43 -126.74 27.02
C ASP CA 409 -16.89 -125.35 26.62
N PRO CA 410 -16.00 -124.55 26.02
CA PRO CA 410 -16.35 -123.16 25.72
C PRO CA 410 -17.59 -123.00 24.86
N SER CA 411 -18.02 -124.07 24.19
CA SER CA 411 -19.21 -123.99 23.36
C SER CA 411 -20.50 -124.01 24.18
N GLY CA 412 -20.43 -124.43 25.44
CA GLY CA 412 -21.63 -124.53 26.24
C GLY CA 412 -22.49 -125.73 25.92
N GLU CA 413 -21.94 -126.75 25.28
CA GLU CA 413 -22.70 -127.97 24.99
C GLU CA 413 -22.17 -129.19 25.73
N ARG CA 414 -20.90 -129.19 26.11
CA ARG CA 414 -20.29 -130.33 26.79
C ARG CA 414 -19.67 -129.86 28.10
N LEU CA 415 -19.74 -130.71 29.13
CA LEU CA 415 -19.20 -130.40 30.44
C LEU CA 415 -18.53 -131.63 31.01
N ALA CA 416 -17.29 -131.47 31.45
CA ALA CA 416 -16.56 -132.53 32.14
C ALA CA 416 -16.51 -132.19 33.63
N VAL CA 417 -16.97 -133.12 34.45
CA VAL CA 417 -16.96 -132.96 35.90
C VAL CA 417 -16.11 -134.06 36.50
N LEU CA 418 -15.08 -133.69 37.23
CA LEU CA 418 -14.18 -134.66 37.82
C LEU CA 418 -14.79 -135.16 39.13
N LEU CA 419 -15.16 -136.43 39.16
CA LEU CA 419 -15.66 -137.06 40.37
C LEU CA 419 -14.57 -137.96 40.92
N LYS CA 420 -14.17 -137.69 42.16
CA LYS CA 420 -13.22 -138.52 42.89
C LYS CA 420 -14.01 -139.34 43.90
N GLY CA 421 -13.76 -140.64 43.93
CA GLY CA 421 -14.52 -141.54 44.78
C GLY CA 421 -14.53 -141.19 46.26
N GLN CA 429 -12.20 -145.58 41.02
CA GLN CA 429 -11.27 -144.80 40.22
C GLN CA 429 -11.88 -143.45 39.86
N PRO CA 430 -11.15 -142.37 40.13
CA PRO CA 430 -11.63 -141.04 39.73
C PRO CA 430 -11.98 -141.03 38.25
N VAL CA 431 -13.13 -140.43 37.94
CA VAL CA 431 -13.65 -140.49 36.58
C VAL CA 431 -14.21 -139.14 36.17
N ILE CA 432 -14.21 -138.89 34.88
CA ILE CA 432 -14.77 -137.66 34.32
C ILE CA 432 -16.19 -137.96 33.89
N ALA CA 433 -17.16 -137.45 34.65
CA ALA CA 433 -18.55 -137.49 34.21
C ALA CA 433 -18.72 -136.46 33.10
N VAL CA 434 -18.95 -136.94 31.88
CA VAL CA 434 -19.10 -136.07 30.72
C VAL CA 434 -20.59 -135.97 30.44
N PHE CA 435 -21.09 -134.74 30.41
CA PHE CA 435 -22.51 -134.49 30.25
C PHE CA 435 -22.75 -133.46 29.15
N ARG CA 436 -23.86 -133.61 28.46
CA ARG CA 436 -24.31 -132.61 27.49
C ARG CA 436 -25.37 -131.74 28.15
N THR CA 437 -25.19 -130.43 28.06
CA THR CA 437 -26.06 -129.47 28.72
C THR CA 437 -26.96 -128.80 27.69
N ARG CA 438 -28.22 -128.62 28.04
CA ARG CA 438 -29.19 -127.96 27.18
C ARG CA 438 -29.57 -126.64 27.83
N ASN CA 439 -29.28 -125.54 27.15
CA ASN CA 439 -29.47 -124.22 27.74
C ASN CA 439 -30.91 -123.74 27.68
N SER CA 440 -31.72 -124.29 26.78
CA SER CA 440 -33.09 -123.85 26.62
C SER CA 440 -34.00 -125.07 26.45
N PRO CA 441 -35.23 -125.02 26.99
CA PRO CA 441 -35.85 -123.90 27.71
C PRO CA 441 -35.50 -123.89 29.20
N ILE CA 442 -34.92 -124.98 29.69
CA ILE CA 442 -34.47 -125.08 31.08
C ILE CA 442 -33.04 -125.62 31.09
N PHE CA 443 -32.15 -124.89 31.74
CA PHE CA 443 -30.77 -125.34 31.85
C PHE CA 443 -30.70 -126.56 32.73
N GLU CA 444 -30.39 -127.71 32.14
CA GLU CA 444 -30.35 -128.97 32.84
C GLU CA 444 -29.14 -129.77 32.41
N LEU CA 445 -28.70 -130.69 33.25
CA LEU CA 445 -27.58 -131.57 32.93
C LEU CA 445 -28.14 -132.91 32.47
N LEU CA 446 -27.62 -133.41 31.36
CA LEU CA 446 -28.03 -134.68 30.79
C LEU CA 446 -26.88 -135.68 30.85
N PRO CA 447 -27.14 -136.90 31.31
CA PRO CA 447 -26.05 -137.88 31.44
C PRO CA 447 -25.62 -138.42 30.09
N CYS CA 448 -24.35 -138.21 29.75
CA CYS CA 448 -23.81 -138.57 28.45
C CYS CA 448 -22.86 -139.75 28.54
N GLY CA 449 -21.92 -139.76 29.47
CA GLY CA 449 -21.07 -140.91 29.62
C GLY CA 449 -19.98 -140.69 30.63
N PHE CA 450 -19.16 -141.71 30.79
CA PHE CA 450 -18.00 -141.67 31.67
C PHE CA 450 -16.73 -141.73 30.86
N ILE CA 451 -15.78 -140.86 31.19
CA ILE CA 451 -14.44 -140.90 30.63
C ILE CA 451 -13.53 -141.42 31.72
N HIS CA 452 -12.75 -142.44 31.40
CA HIS CA 452 -11.88 -143.06 32.37
C HIS CA 452 -10.51 -143.26 31.75
N GLY CA 453 -9.50 -143.41 32.61
CA GLY CA 453 -8.18 -143.77 32.18
C GLY CA 453 -7.97 -145.27 32.23
N ARG CA 454 -6.79 -145.69 31.79
CA ARG CA 454 -6.44 -147.10 31.83
C ARG CA 454 -6.31 -147.56 33.28
N LYS CA 455 -6.08 -148.86 33.43
CA LYS CA 455 -5.94 -149.46 34.75
C LYS CA 455 -4.84 -148.80 35.57
N GLY CA 456 -5.19 -148.17 36.68
CA GLY CA 456 -4.25 -147.47 37.52
C GLY CA 456 -4.10 -145.99 37.20
N GLU CA 457 -4.71 -145.52 36.12
CA GLU CA 457 -4.59 -144.13 35.70
C GLU CA 457 -5.73 -143.32 36.31
N THR CA 458 -5.42 -142.52 37.32
CA THR CA 458 -6.44 -141.68 37.92
C THR CA 458 -6.41 -140.31 37.27
N PRO CA 459 -7.56 -139.81 36.79
CA PRO CA 459 -7.56 -138.50 36.14
C PRO CA 459 -7.18 -137.41 37.14
N GLN CA 460 -5.98 -136.85 36.94
CA GLN CA 460 -5.43 -135.86 37.86
C GLN CA 460 -5.92 -134.46 37.55
N LEU CA 461 -5.81 -134.02 36.30
CA LEU CA 461 -6.30 -132.71 35.90
C LEU CA 461 -6.96 -132.82 34.54
N PHE CA 462 -7.79 -131.84 34.21
CA PHE CA 462 -8.45 -131.81 32.92
C PHE CA 462 -8.73 -130.37 32.53
N GLN CA 463 -8.67 -130.09 31.22
CA GLN CA 463 -8.95 -128.76 30.73
C GLN CA 463 -9.47 -128.86 29.31
N PHE CA 464 -10.57 -128.17 29.04
CA PHE CA 464 -11.06 -128.09 27.68
C PHE CA 464 -10.32 -127.00 26.93
N HIS CA 465 -9.69 -127.37 25.83
CA HIS CA 465 -8.94 -126.40 25.06
C HIS CA 465 -9.88 -125.29 24.59
N PRO CA 466 -9.55 -124.03 24.86
CA PRO CA 466 -10.52 -122.95 24.59
C PRO CA 466 -10.90 -122.82 23.13
N GLY CA 467 -10.08 -123.31 22.20
CA GLY CA 467 -10.29 -122.97 20.81
C GLY CA 467 -10.24 -124.11 19.83
N PHE CA 468 -10.65 -125.30 20.23
CA PHE CA 468 -10.77 -126.42 19.30
C PHE CA 468 -11.87 -126.09 18.31
N ASN CA 469 -11.51 -125.90 17.04
CA ASN CA 469 -12.44 -125.35 16.07
C ASN CA 469 -13.49 -126.35 15.61
N LYS CA 470 -13.25 -127.65 15.78
CA LYS CA 470 -14.14 -128.67 15.24
C LYS CA 470 -14.95 -129.38 16.32
N GLY CA 471 -15.23 -128.72 17.42
CA GLY CA 471 -15.97 -129.34 18.49
C GLY CA 471 -15.40 -128.99 19.85
N ALA CA 472 -15.04 -130.01 20.63
CA ALA CA 472 -14.44 -129.78 21.93
C ALA CA 472 -13.17 -130.60 22.04
N LEU CA 473 -12.13 -130.00 22.61
CA LEU CA 473 -10.90 -130.72 22.90
C LEU CA 473 -10.69 -130.74 24.41
N LEU CA 474 -10.74 -131.93 25.00
CA LEU CA 474 -10.52 -132.11 26.43
C LEU CA 474 -9.17 -132.79 26.65
N SER CA 475 -8.22 -132.05 27.20
CA SER CA 475 -6.92 -132.59 27.53
C SER CA 475 -6.97 -133.07 28.97
N GLN CA 476 -6.70 -134.36 29.18
CA GLN CA 476 -6.73 -134.98 30.49
C GLN CA 476 -5.33 -135.43 30.86
N LEU CA 477 -4.85 -134.95 32.00
CA LEU CA 477 -3.55 -135.32 32.54
C LEU CA 477 -3.75 -136.34 33.65
N TRP CA 478 -3.11 -137.49 33.51
CA TRP CA 478 -3.27 -138.63 34.38
C TRP CA 478 -2.09 -138.73 35.35
N SER CA 479 -2.26 -139.61 36.35
CA SER CA 479 -1.32 -139.68 37.46
C SER CA 479 0.09 -140.04 37.04
N SER CA 480 0.26 -140.75 35.92
CA SER CA 480 1.59 -141.09 35.46
C SER CA 480 2.24 -139.97 34.67
N GLY CA 481 1.54 -138.85 34.47
CA GLY CA 481 2.07 -137.75 33.68
C GLY CA 481 1.69 -137.80 32.22
N ARG CA 482 1.07 -138.87 31.76
CA ARG CA 482 0.67 -138.99 30.37
C ARG CA 482 -0.59 -138.18 30.13
N VAL CA 483 -0.49 -137.21 29.22
CA VAL CA 483 -1.58 -136.31 28.91
C VAL CA 483 -2.18 -136.75 27.59
N ASN CA 484 -3.47 -137.09 27.61
CA ASN CA 484 -4.18 -137.53 26.42
C ASN CA 484 -5.19 -136.48 26.00
N HIS CA 485 -5.56 -136.50 24.73
CA HIS CA 485 -6.53 -135.57 24.17
C HIS CA 485 -7.76 -136.34 23.71
N PHE CA 486 -8.93 -135.94 24.22
CA PHE CA 486 -10.19 -136.55 23.84
C PHE CA 486 -11.04 -135.53 23.09
N PRO CA 487 -11.43 -135.79 21.84
CA PRO CA 487 -12.28 -134.84 21.12
C PRO CA 487 -13.75 -135.19 21.27
N PHE CA 488 -14.58 -134.17 21.46
CA PHE CA 488 -16.03 -134.29 21.40
C PHE CA 488 -16.43 -133.71 20.06
N TYR CA 489 -16.78 -134.59 19.13
CA TYR CA 489 -17.08 -134.18 17.76
C TYR CA 489 -18.52 -133.67 17.65
N PHE CA 490 -18.67 -132.40 17.30
CA PHE CA 490 -19.99 -131.80 17.09
C PHE CA 490 -20.44 -132.19 15.68
N VAL CA 491 -20.84 -133.45 15.55
CA VAL CA 491 -21.19 -134.02 14.25
C VAL CA 491 -22.62 -133.63 13.91
N ASN CA 492 -22.77 -132.67 13.00
CA ASN CA 492 -24.08 -132.18 12.57
C ASN CA 492 -24.87 -133.27 11.88
N ALA CA 493 -26.07 -133.56 12.36
CA ALA CA 493 -26.91 -134.61 11.78
C ALA CA 493 -27.48 -134.18 10.43
N MET DA 1 -28.44 -73.93 53.87
CA MET DA 1 -29.54 -74.73 54.40
C MET DA 1 -29.09 -76.18 54.63
N THR DA 2 -28.27 -76.70 53.72
CA THR DA 2 -27.82 -78.08 53.81
C THR DA 2 -26.99 -78.33 55.06
N MET DA 3 -26.30 -77.30 55.55
CA MET DA 3 -25.61 -77.41 56.82
C MET DA 3 -26.55 -77.70 57.97
N LEU DA 4 -27.74 -77.07 57.98
CA LEU DA 4 -28.69 -77.29 59.05
C LEU DA 4 -29.25 -78.71 59.03
N GLY DA 5 -29.64 -79.20 57.86
CA GLY DA 5 -30.15 -80.56 57.76
C GLY DA 5 -29.08 -81.59 58.07
N GLU DA 6 -27.86 -81.37 57.57
CA GLU DA 6 -26.78 -82.28 57.90
C GLU DA 6 -26.51 -82.30 59.40
N ARG DA 7 -26.51 -81.12 60.04
CA ARG DA 7 -26.26 -81.07 61.47
C ARG DA 7 -27.39 -81.67 62.27
N LEU DA 8 -28.63 -81.53 61.79
CA LEU DA 8 -29.75 -82.13 62.50
C LEU DA 8 -29.72 -83.64 62.40
N VAL DA 9 -29.51 -84.16 61.19
CA VAL DA 9 -29.36 -85.60 61.03
C VAL DA 9 -28.18 -86.11 61.84
N LEU DA 10 -27.12 -85.30 61.95
CA LEU DA 10 -25.97 -85.71 62.74
C LEU DA 10 -26.29 -85.76 64.22
N ARG DA 11 -27.01 -84.76 64.73
CA ARG DA 11 -27.40 -84.79 66.13
C ARG DA 11 -28.32 -85.97 66.38
N TRP DA 12 -29.19 -86.28 65.41
CA TRP DA 12 -30.13 -87.40 65.60
C TRP DA 12 -29.41 -88.73 65.47
N ARG DA 13 -28.32 -88.77 64.72
CA ARG DA 13 -27.55 -90.02 64.65
C ARG DA 13 -26.69 -90.18 65.89
N VAL DA 14 -26.12 -89.08 66.39
CA VAL DA 14 -25.56 -89.08 67.71
C VAL DA 14 -26.59 -89.59 68.69
N ALA DA 15 -27.85 -89.21 68.47
CA ALA DA 15 -28.94 -89.70 69.30
C ALA DA 15 -29.09 -91.21 69.17
N ALA DA 16 -29.08 -91.72 67.95
CA ALA DA 16 -29.23 -93.17 67.78
C ALA DA 16 -28.08 -93.93 68.44
N SER DA 17 -26.85 -93.47 68.25
CA SER DA 17 -25.70 -94.16 68.80
C SER DA 17 -25.67 -94.07 70.32
N PHE DA 18 -25.68 -92.84 70.84
CA PHE DA 18 -25.74 -92.64 72.27
C PHE DA 18 -27.00 -93.29 72.86
N ALA DA 19 -27.99 -93.57 72.01
CA ALA DA 19 -29.20 -94.23 72.50
C ALA DA 19 -28.95 -95.71 72.68
N TRP DA 20 -28.29 -96.35 71.72
CA TRP DA 20 -27.83 -97.71 71.96
C TRP DA 20 -26.95 -97.78 73.21
N SER DA 21 -26.08 -96.79 73.40
CA SER DA 21 -25.19 -96.78 74.57
C SER DA 21 -25.97 -96.60 75.87
N VAL DA 22 -26.94 -95.69 75.88
CA VAL DA 22 -27.73 -95.41 77.07
C VAL DA 22 -28.61 -96.61 77.42
N ILE DA 23 -29.09 -97.33 76.39
CA ILE DA 23 -29.79 -98.57 76.66
C ILE DA 23 -28.85 -99.62 77.23
N LEU DA 24 -27.57 -99.59 76.82
CA LEU DA 24 -26.63 -100.61 77.26
C LEU DA 24 -25.99 -100.34 78.62
N MET DA 25 -26.13 -99.13 79.17
CA MET DA 25 -25.49 -98.79 80.44
C MET DA 25 -25.90 -99.66 81.64
N PRO DA 26 -27.21 -99.87 81.86
CA PRO DA 26 -27.64 -100.45 83.15
C PRO DA 26 -27.26 -101.91 83.32
N VAL DA 27 -27.23 -102.69 82.23
CA VAL DA 27 -26.77 -104.08 82.33
C VAL DA 27 -25.31 -104.11 82.79
N CYS DA 28 -24.51 -103.15 82.30
CA CYS DA 28 -23.13 -103.05 82.75
C CYS DA 28 -23.07 -102.68 84.23
N CYS DA 29 -23.94 -101.78 84.67
CA CYS DA 29 -24.00 -101.46 86.10
C CYS DA 29 -24.29 -102.69 86.94
N ALA DA 30 -25.26 -103.50 86.51
CA ALA DA 30 -25.60 -104.72 87.24
C ALA DA 30 -24.43 -105.71 87.23
N LEU DA 31 -23.74 -105.82 86.10
CA LEU DA 31 -22.58 -106.70 86.02
C LEU DA 31 -21.50 -106.29 87.03
N PHE DA 32 -21.21 -104.99 87.09
CA PHE DA 32 -20.23 -104.49 88.06
C PHE DA 32 -20.69 -104.75 89.48
N ILE DA 33 -22.00 -104.61 89.74
CA ILE DA 33 -22.52 -104.85 91.08
C ILE DA 33 -22.31 -106.31 91.48
N VAL DA 34 -22.61 -107.23 90.56
CA VAL DA 34 -22.45 -108.65 90.88
C VAL DA 34 -20.99 -109.01 91.00
N LEU DA 35 -20.11 -108.36 90.24
CA LEU DA 35 -18.70 -108.71 90.25
C LEU DA 35 -17.96 -108.16 91.47
N SER DA 36 -18.33 -106.98 91.94
CA SER DA 36 -17.62 -106.39 93.07
C SER DA 36 -17.92 -107.09 94.39
N ARG DA 37 -19.02 -107.85 94.47
CA ARG DA 37 -19.43 -108.53 95.67
C ARG DA 37 -19.52 -110.04 95.44
N ILE DA 38 -18.57 -110.57 94.67
CA ILE DA 38 -18.61 -111.98 94.28
C ILE DA 38 -18.40 -112.87 95.51
N GLN DA 39 -19.45 -113.54 95.94
CA GLN DA 39 -19.38 -114.53 97.02
C GLN DA 39 -19.42 -115.91 96.38
N ILE DA 40 -18.26 -116.57 96.36
CA ILE DA 40 -18.16 -117.84 95.65
C ILE DA 40 -18.82 -118.98 96.40
N LEU DA 41 -18.93 -118.88 97.72
CA LEU DA 41 -19.59 -119.91 98.52
C LEU DA 41 -21.02 -119.55 98.88
N HIS DA 42 -21.48 -118.35 98.55
CA HIS DA 42 -22.85 -117.92 98.82
C HIS DA 42 -23.41 -117.22 97.59
N PRO DA 43 -23.72 -117.98 96.54
CA PRO DA 43 -24.17 -117.33 95.30
C PRO DA 43 -25.59 -116.80 95.40
N ILE DA 44 -26.48 -117.52 96.05
CA ILE DA 44 -27.87 -117.07 96.14
C ILE DA 44 -27.97 -115.79 96.95
N GLN DA 45 -27.28 -115.72 98.08
CA GLN DA 45 -27.36 -114.53 98.92
C GLN DA 45 -26.65 -113.35 98.28
N TRP DA 46 -25.50 -113.59 97.65
CA TRP DA 46 -24.80 -112.51 96.96
C TRP DA 46 -25.66 -111.95 95.83
N LEU DA 47 -26.26 -112.83 95.04
CA LEU DA 47 -27.10 -112.38 93.92
C LEU DA 47 -28.35 -111.66 94.44
N THR DA 48 -28.95 -112.15 95.53
CA THR DA 48 -30.15 -111.52 96.04
C THR DA 48 -29.86 -110.15 96.64
N ASP DA 49 -28.76 -110.02 97.40
CA ASP DA 49 -28.39 -108.71 97.94
C ASP DA 49 -27.96 -107.77 96.82
N SER DA 50 -27.34 -108.29 95.76
CA SER DA 50 -26.98 -107.45 94.62
C SER DA 50 -28.23 -107.02 93.87
N ILE DA 51 -29.28 -107.83 93.88
CA ILE DA 51 -30.55 -107.44 93.28
C ILE DA 51 -31.23 -106.38 94.11
N SER DA 52 -31.17 -106.51 95.44
CA SER DA 52 -31.77 -105.51 96.32
C SER DA 52 -31.04 -104.18 96.20
N ASP DA 53 -29.70 -104.22 96.17
CA ASP DA 53 -28.94 -102.99 95.97
C ASP DA 53 -29.08 -102.48 94.54
N LEU DA 54 -29.41 -103.36 93.61
CA LEU DA 54 -29.69 -102.93 92.25
C LEU DA 54 -31.01 -102.17 92.17
N THR DA 55 -31.88 -102.36 93.16
CA THR DA 55 -33.10 -101.58 93.28
C THR DA 55 -32.98 -100.46 94.29
N SER DA 56 -31.84 -100.34 94.97
CA SER DA 56 -31.65 -99.27 95.93
C SER DA 56 -31.53 -97.92 95.23
N SER DA 57 -31.98 -96.87 95.93
CA SER DA 57 -32.02 -95.54 95.32
C SER DA 57 -30.64 -95.03 94.95
N TYR DA 58 -29.62 -95.34 95.77
CA TYR DA 58 -28.26 -94.89 95.47
C TYR DA 58 -27.78 -95.46 94.14
N THR DA 59 -28.17 -96.70 93.83
CA THR DA 59 -27.79 -97.29 92.54
C THR DA 59 -28.42 -96.54 91.38
N ILE DA 60 -29.69 -96.14 91.53
CA ILE DA 60 -30.35 -95.38 90.47
C ILE DA 60 -29.68 -94.02 90.29
N PHE DA 61 -29.29 -93.39 91.40
CA PHE DA 61 -28.59 -92.11 91.30
C PHE DA 61 -27.25 -92.27 90.58
N CYS DA 62 -26.51 -93.34 90.91
CA CYS DA 62 -25.25 -93.60 90.23
C CYS DA 62 -25.47 -93.85 88.74
N LEU DA 63 -26.51 -94.60 88.38
CA LEU DA 63 -26.82 -94.82 86.98
C LEU DA 63 -27.12 -93.52 86.26
N LEU DA 64 -27.87 -92.63 86.92
CA LEU DA 64 -28.18 -91.33 86.30
C LEU DA 64 -26.93 -90.50 86.09
N LEU DA 65 -26.02 -90.48 87.07
CA LEU DA 65 -24.78 -89.74 86.91
C LEU DA 65 -23.94 -90.31 85.77
N ILE DA 66 -23.88 -91.64 85.67
CA ILE DA 66 -23.12 -92.27 84.59
C ILE DA 66 -23.74 -91.96 83.24
N CYS DA 67 -25.07 -91.89 83.18
CA CYS DA 67 -25.74 -91.53 81.93
C CYS DA 67 -25.43 -90.10 81.52
N ALA DA 68 -25.40 -89.17 82.49
CA ALA DA 68 -25.00 -87.80 82.17
C ALA DA 68 -23.57 -87.74 81.66
N ILE DA 69 -22.67 -88.53 82.27
CA ILE DA 69 -21.28 -88.58 81.80
C ILE DA 69 -21.21 -89.12 80.37
N LEU DA 70 -22.00 -90.15 80.08
CA LEU DA 70 -22.00 -90.72 78.73
C LEU DA 70 -22.58 -89.76 77.71
N GLY DA 71 -23.56 -88.95 78.13
CA GLY DA 71 -24.05 -87.90 77.25
C GLY DA 71 -23.00 -86.86 76.95
N LEU DA 72 -22.25 -86.45 77.97
CA LEU DA 72 -21.09 -85.59 77.75
C LEU DA 72 -20.11 -86.22 76.75
N GLN DA 73 -19.91 -87.54 76.87
CA GLN DA 73 -19.00 -88.23 75.96
C GLN DA 73 -19.52 -88.23 74.53
N CYS DA 74 -20.83 -88.43 74.35
CA CYS DA 74 -21.41 -88.42 73.02
C CYS DA 74 -21.29 -87.03 72.39
N THR DA 75 -21.55 -86.00 73.19
CA THR DA 75 -21.34 -84.64 72.70
C THR DA 75 -19.87 -84.39 72.36
N PHE DA 76 -18.97 -85.00 73.12
CA PHE DA 76 -17.55 -84.88 72.80
C PHE DA 76 -17.25 -85.50 71.45
N LEU DA 77 -17.78 -86.71 71.20
CA LEU DA 77 -17.64 -87.31 69.88
C LEU DA 77 -18.24 -86.40 68.81
N MET DA 78 -19.35 -85.75 69.12
CA MET DA 78 -19.97 -84.85 68.15
C MET DA 78 -19.15 -83.59 67.92
N GLU DA 79 -18.35 -83.21 68.91
CA GLU DA 79 -17.68 -81.91 68.85
C GLU DA 79 -16.24 -82.01 68.35
N TYR DA 80 -15.55 -83.11 68.65
CA TYR DA 80 -14.13 -83.23 68.37
C TYR DA 80 -13.80 -84.44 67.51
N TYR DA 81 -14.79 -84.99 66.80
CA TYR DA 81 -14.51 -86.06 65.85
C TYR DA 81 -13.63 -85.55 64.72
N THR DA 82 -13.22 -86.46 63.85
CA THR DA 82 -12.40 -86.12 62.70
C THR DA 82 -12.70 -87.05 61.55
N VAL DA 83 -12.63 -86.52 60.33
CA VAL DA 83 -12.76 -87.34 59.12
C VAL DA 83 -11.42 -87.53 58.42
N VAL DA 84 -10.33 -86.99 58.97
CA VAL DA 84 -8.99 -87.17 58.46
C VAL DA 84 -8.08 -87.44 59.65
N PRO DA 85 -7.25 -88.48 59.62
CA PRO DA 85 -6.49 -88.84 60.82
C PRO DA 85 -5.52 -87.74 61.24
N SER DA 86 -5.30 -87.66 62.55
CA SER DA 86 -4.40 -86.66 63.12
C SER DA 86 -3.00 -87.27 63.21
N ILE DA 87 -2.10 -86.78 62.37
CA ILE DA 87 -0.79 -87.40 62.21
C ILE DA 87 0.31 -86.46 62.68
N PRO DA 88 1.01 -86.78 63.77
CA PRO DA 88 2.20 -85.99 64.14
C PRO DA 88 3.40 -86.42 63.33
N CYS DA 89 3.88 -85.53 62.47
CA CYS DA 89 5.06 -85.82 61.66
C CYS DA 89 6.36 -85.69 62.46
N SER DA 90 6.32 -84.98 63.59
CA SER DA 90 7.46 -84.85 64.47
C SER DA 90 6.98 -84.98 65.91
N ARG DA 91 7.87 -85.45 66.78
CA ARG DA 91 7.49 -85.66 68.18
C ARG DA 91 7.16 -84.34 68.86
N LEU DA 92 7.88 -83.27 68.53
CA LEU DA 92 7.54 -81.96 69.04
C LEU DA 92 6.16 -81.53 68.58
N ALA DA 93 5.78 -81.93 67.35
CA ALA DA 93 4.43 -81.66 66.88
C ALA DA 93 3.39 -82.39 67.72
N LEU DA 94 3.68 -83.62 68.13
CA LEU DA 94 2.76 -84.35 69.01
C LEU DA 94 2.63 -83.66 70.36
N ILE DA 95 3.77 -83.26 70.93
CA ILE DA 95 3.74 -82.57 72.22
C ILE DA 95 2.96 -81.27 72.11
N GLY DA 96 3.10 -80.55 71.00
CA GLY DA 96 2.29 -79.36 70.79
C GLY DA 96 0.82 -79.67 70.65
N ASN DA 97 0.48 -80.74 69.94
CA ASN DA 97 -0.92 -81.11 69.74
C ASN DA 97 -1.58 -81.52 71.05
N LEU DA 98 -0.80 -82.03 72.00
CA LEU DA 98 -1.36 -82.39 73.30
C LEU DA 98 -1.46 -81.19 74.24
N LEU DA 99 -1.00 -80.01 73.83
CA LEU DA 99 -0.96 -78.83 74.67
C LEU DA 99 -2.00 -77.78 74.29
N LEU DA 100 -2.95 -78.12 73.44
CA LEU DA 100 -3.92 -77.13 72.96
C LEU DA 100 -4.88 -76.74 74.08
N PRO DA 101 -5.33 -75.49 74.14
CA PRO DA 101 -6.33 -75.11 75.16
C PRO DA 101 -7.60 -75.93 75.10
N HIS DA 102 -8.11 -76.20 73.89
CA HIS DA 102 -9.30 -77.03 73.75
C HIS DA 102 -9.01 -78.48 74.11
N ARG DA 103 -7.85 -79.00 73.72
CA ARG DA 103 -7.51 -80.38 74.04
C ARG DA 103 -7.19 -80.54 75.53
N ILE DA 104 -6.56 -79.53 76.14
CA ILE DA 104 -6.35 -79.56 77.58
C ILE DA 104 -7.69 -79.49 78.31
N LEU DA 105 -8.63 -78.69 77.79
CA LEU DA 105 -9.96 -78.65 78.37
C LEU DA 105 -10.65 -80.00 78.26
N HIS DA 106 -10.50 -80.68 77.12
CA HIS DA 106 -11.08 -82.01 76.96
C HIS DA 106 -10.46 -83.00 77.93
N SER DA 107 -9.15 -82.90 78.13
CA SER DA 107 -8.47 -83.79 79.08
C SER DA 107 -8.96 -83.54 80.51
N LEU DA 108 -9.13 -82.27 80.88
CA LEU DA 108 -9.66 -81.95 82.21
C LEU DA 108 -11.09 -82.47 82.36
N ALA DA 109 -11.91 -82.34 81.31
CA ALA DA 109 -13.26 -82.88 81.36
C ALA DA 109 -13.25 -84.38 81.56
N HIS DA 110 -12.35 -85.08 80.85
CA HIS DA 110 -12.25 -86.52 81.02
C HIS DA 110 -11.81 -86.89 82.44
N VAL DA 111 -10.86 -86.15 83.00
CA VAL DA 111 -10.40 -86.43 84.36
C VAL DA 111 -11.54 -86.24 85.35
N ALA DA 112 -12.32 -85.16 85.20
CA ALA DA 112 -13.41 -84.89 86.13
C ALA DA 112 -14.51 -85.93 86.01
N MET DA 113 -14.91 -86.27 84.78
CA MET DA 113 -15.92 -87.30 84.59
C MET DA 113 -15.43 -88.65 85.12
N GLY DA 114 -14.14 -88.94 84.97
CA GLY DA 114 -13.60 -90.18 85.51
C GLY DA 114 -13.62 -90.21 87.03
N VAL DA 115 -13.34 -89.07 87.66
CA VAL DA 115 -13.43 -88.98 89.11
C VAL DA 115 -14.87 -89.23 89.56
N LEU DA 116 -15.83 -88.63 88.86
CA LEU DA 116 -17.23 -88.86 89.18
C LEU DA 116 -17.60 -90.33 89.04
N ALA DA 117 -17.18 -90.96 87.95
CA ALA DA 117 -17.51 -92.37 87.72
C ALA DA 117 -16.87 -93.26 88.77
N SER DA 118 -15.63 -92.96 89.15
CA SER DA 118 -14.96 -93.75 90.18
C SER DA 118 -15.66 -93.62 91.52
N TRP DA 119 -16.11 -92.40 91.86
CA TRP DA 119 -16.87 -92.20 93.08
C TRP DA 119 -18.17 -92.99 93.05
N CYS DA 120 -18.84 -92.98 91.90
CA CYS DA 120 -20.08 -93.76 91.74
C CYS DA 120 -19.82 -95.25 91.93
N TYR DA 121 -18.71 -95.75 91.37
CA TYR DA 121 -18.37 -97.17 91.53
C TYR DA 121 -18.06 -97.49 92.99
N ALA DA 122 -17.33 -96.61 93.67
CA ALA DA 122 -17.02 -96.83 95.09
C ALA DA 122 -18.28 -96.87 95.93
N VAL DA 123 -19.23 -95.97 95.66
CA VAL DA 123 -20.50 -96.00 96.38
C VAL DA 123 -21.29 -97.25 96.02
N LEU DA 124 -21.11 -97.74 94.78
CA LEU DA 124 -21.75 -98.99 94.38
C LEU DA 124 -21.01 -100.19 94.92
N SER DA 125 -19.71 -100.03 95.18
CA SER DA 125 -18.94 -101.05 95.88
C SER DA 125 -19.11 -100.96 97.40
N LYS DA 126 -20.34 -101.07 97.90
CA LYS DA 126 -20.68 -100.91 99.31
C LYS DA 126 -19.65 -101.56 100.21
N GLY DA 127 -19.17 -100.83 101.21
CA GLY DA 127 -18.06 -101.25 102.04
C GLY DA 127 -17.20 -100.07 102.47
N LYS DA 128 -15.94 -100.36 102.81
CA LYS DA 128 -15.06 -99.38 103.41
C LYS DA 128 -14.76 -98.19 102.51
N TYR DA 129 -15.09 -98.27 101.21
CA TYR DA 129 -14.88 -97.16 100.28
C TYR DA 129 -16.15 -96.37 100.05
N GLN DA 130 -17.11 -96.42 100.97
CA GLN DA 130 -18.39 -95.73 100.77
C GLN DA 130 -18.28 -94.24 101.07
N LEU DA 131 -17.65 -93.87 102.18
CA LEU DA 131 -17.50 -92.48 102.59
C LEU DA 131 -16.03 -92.14 102.68
N LEU DA 132 -15.70 -90.89 102.38
CA LEU DA 132 -14.31 -90.42 102.38
C LEU DA 132 -13.71 -90.45 103.79
N GLU DA 153 -8.34 -93.92 103.69
CA GLU DA 153 -7.55 -93.36 102.59
C GLU DA 153 -7.76 -94.13 101.30
N SER DA 154 -8.50 -95.24 101.38
CA SER DA 154 -8.71 -96.09 100.21
C SER DA 154 -9.64 -95.41 99.21
N HIS DA 155 -10.67 -94.71 99.69
CA HIS DA 155 -11.61 -94.05 98.79
C HIS DA 155 -10.91 -92.94 98.00
N LEU DA 156 -10.07 -92.16 98.66
CA LEU DA 156 -9.30 -91.14 97.95
C LEU DA 156 -8.40 -91.77 96.89
N PHE DA 157 -7.82 -92.92 97.20
CA PHE DA 157 -6.98 -93.61 96.23
C PHE DA 157 -7.79 -94.05 95.01
N GLN DA 158 -8.99 -94.57 95.24
CA GLN DA 158 -9.85 -94.96 94.12
C GLN DA 158 -10.24 -93.74 93.28
N LEU DA 159 -10.53 -92.61 93.93
CA LEU DA 159 -10.85 -91.40 93.19
C LEU DA 159 -9.67 -90.95 92.34
N LEU DA 160 -8.46 -90.96 92.91
CA LEU DA 160 -7.27 -90.58 92.16
C LEU DA 160 -7.06 -91.51 90.98
N CYS DA 161 -7.29 -92.81 91.17
CA CYS DA 161 -7.17 -93.76 90.07
C CYS DA 161 -8.16 -93.43 88.96
N GLY DA 162 -9.40 -93.09 89.32
CA GLY DA 162 -10.37 -92.70 88.31
C GLY DA 162 -9.94 -91.47 87.52
N ALA DA 163 -9.44 -90.47 88.22
CA ALA DA 163 -8.99 -89.25 87.54
C ALA DA 163 -7.84 -89.55 86.58
N PHE DA 164 -6.86 -90.34 87.03
CA PHE DA 164 -5.75 -90.70 86.16
C PHE DA 164 -6.24 -91.51 84.96
N PHE DA 165 -7.23 -92.37 85.16
CA PHE DA 165 -7.79 -93.15 84.06
C PHE DA 165 -8.41 -92.23 83.02
N GLY DA 166 -9.14 -91.20 83.47
CA GLY DA 166 -9.70 -90.24 82.53
C GLY DA 166 -8.64 -89.49 81.74
N TYR DA 167 -7.61 -89.01 82.43
CA TYR DA 167 -6.53 -88.30 81.74
C TYR DA 167 -5.87 -89.20 80.70
N SER DA 168 -5.57 -90.45 81.08
CA SER DA 168 -4.95 -91.39 80.16
C SER DA 168 -5.86 -91.70 78.98
N TYR DA 169 -7.17 -91.78 79.22
CA TYR DA 169 -8.11 -92.02 78.13
C TYR DA 169 -8.07 -90.89 77.12
N SER DA 170 -8.08 -89.65 77.60
CA SER DA 170 -7.96 -88.51 76.69
C SER DA 170 -6.66 -88.58 75.89
N LEU DA 171 -5.53 -88.81 76.58
CA LEU DA 171 -4.24 -88.85 75.90
C LEU DA 171 -4.21 -89.94 74.83
N GLN DA 172 -4.75 -91.12 75.15
CA GLN DA 172 -4.72 -92.23 74.19
C GLN DA 172 -5.65 -91.98 73.01
N TYR DA 173 -6.83 -91.41 73.28
CA TYR DA 173 -7.72 -91.02 72.18
C TYR DA 173 -7.03 -90.05 71.24
N PHE DA 174 -6.13 -89.22 71.78
CA PHE DA 174 -5.33 -88.33 70.93
C PHE DA 174 -4.24 -89.06 70.15
N VAL DA 175 -3.49 -89.94 70.82
CA VAL DA 175 -2.35 -90.59 70.18
C VAL DA 175 -2.80 -91.55 69.09
N HIS DA 176 -3.54 -92.59 69.47
CA HIS DA 176 -4.07 -93.54 68.49
C HIS DA 176 -5.14 -92.92 67.62
N ASN DA 177 -5.45 -91.63 67.81
CA ASN DA 177 -6.39 -90.89 66.97
C ASN DA 177 -7.76 -91.57 66.95
N MET DA 178 -8.16 -92.15 68.07
CA MET DA 178 -9.47 -92.79 68.14
C MET DA 178 -10.60 -91.84 67.79
N ASN DA 179 -10.34 -90.53 67.77
CA ASN DA 179 -11.29 -89.58 67.24
C ASN DA 179 -11.39 -89.62 65.73
N TYR DA 180 -10.54 -90.40 65.06
CA TYR DA 180 -10.69 -90.61 63.63
C TYR DA 180 -11.83 -91.59 63.41
N LEU DA 181 -12.77 -91.24 62.55
CA LEU DA 181 -13.92 -92.08 62.25
C LEU DA 181 -13.65 -92.78 60.91
N SER DA 182 -13.49 -94.09 60.97
CA SER DA 182 -13.15 -94.87 59.78
C SER DA 182 -14.41 -95.20 59.00
N PHE DA 183 -14.47 -94.77 57.75
CA PHE DA 183 -15.58 -95.12 56.89
C PHE DA 183 -15.56 -96.62 56.63
N PRO DA 184 -16.65 -97.33 56.84
CA PRO DA 184 -16.60 -98.79 56.71
C PRO DA 184 -16.41 -99.21 55.26
N SER DA 185 -15.38 -100.03 55.04
CA SER DA 185 -15.11 -100.53 53.70
C SER DA 185 -16.22 -101.45 53.21
N ILE DA 186 -16.93 -102.09 54.14
CA ILE DA 186 -18.11 -102.90 53.84
C ILE DA 186 -19.22 -102.49 54.81
N GLN DA 187 -20.35 -102.06 54.28
CA GLN DA 187 -21.47 -101.62 55.11
C GLN DA 187 -22.18 -102.82 55.69
N GLN DA 188 -22.38 -102.83 57.00
CA GLN DA 188 -23.02 -103.94 57.69
C GLN DA 188 -24.08 -103.44 58.66
N TYR DA 189 -25.05 -104.31 58.96
CA TYR DA 189 -26.05 -104.01 59.96
C TYR DA 189 -25.39 -103.61 61.27
N LYS DA 190 -25.83 -102.47 61.81
CA LYS DA 190 -25.16 -101.92 62.98
C LYS DA 190 -25.06 -102.93 64.11
N TYR DA 191 -26.02 -103.84 64.22
CA TYR DA 191 -25.96 -104.86 65.25
C TYR DA 191 -24.76 -105.77 65.04
N LEU DA 192 -24.50 -106.15 63.80
CA LEU DA 192 -23.36 -107.02 63.53
C LEU DA 192 -22.04 -106.31 63.76
N GLN DA 193 -21.94 -105.04 63.36
CA GLN DA 193 -20.71 -104.30 63.62
C GLN DA 193 -20.47 -104.14 65.10
N PHE DA 194 -21.54 -103.86 65.86
CA PHE DA 194 -21.40 -103.78 67.31
C PHE DA 194 -20.94 -105.10 67.91
N ARG DA 195 -21.57 -106.20 67.49
CA ARG DA 195 -21.17 -107.51 68.00
C ARG DA 195 -19.71 -107.79 67.70
N ARG DA 196 -19.28 -107.48 66.48
CA ARG DA 196 -17.89 -107.71 66.12
C ARG DA 196 -16.97 -106.87 66.99
N PHE DA 197 -17.29 -105.59 67.18
CA PHE DA 197 -16.45 -104.73 67.99
C PHE DA 197 -16.50 -105.07 69.47
N LEU DA 198 -17.47 -105.88 69.88
CA LEU DA 198 -17.60 -106.21 71.30
C LEU DA 198 -16.35 -106.85 71.88
N PRO DA 199 -15.85 -107.97 71.36
CA PRO DA 199 -14.70 -108.63 72.00
C PRO DA 199 -13.45 -107.76 72.05
N LEU DA 200 -13.15 -107.03 70.96
CA LEU DA 200 -11.99 -106.16 70.97
C LEU DA 200 -12.13 -105.08 72.02
N ILE DA 201 -13.30 -104.44 72.09
CA ILE DA 201 -13.51 -103.39 73.08
C ILE DA 201 -13.34 -103.94 74.49
N ILE DA 202 -13.88 -105.12 74.77
CA ILE DA 202 -13.80 -105.68 76.11
C ILE DA 202 -12.36 -106.00 76.49
N LYS DA 203 -11.64 -106.71 75.61
CA LYS DA 203 -10.27 -107.06 75.90
C LYS DA 203 -9.40 -105.82 76.06
N GLN DA 204 -9.64 -104.81 75.22
CA GLN DA 204 -8.87 -103.57 75.31
C GLN DA 204 -9.12 -102.87 76.64
N SER DA 205 -10.38 -102.81 77.08
CA SER DA 205 -10.68 -102.21 78.37
C SER DA 205 -9.97 -102.94 79.50
N VAL DA 206 -9.98 -104.27 79.47
CA VAL DA 206 -9.32 -105.05 80.53
C VAL DA 206 -7.82 -104.76 80.57
N PHE DA 207 -7.16 -104.85 79.41
CA PHE DA 207 -5.71 -104.67 79.37
C PHE DA 207 -5.31 -103.24 79.74
N GLN DA 208 -6.04 -102.25 79.23
CA GLN DA 208 -5.73 -100.87 79.56
C GLN DA 208 -5.94 -100.58 81.05
N SER DA 209 -7.01 -101.15 81.62
CA SER DA 209 -7.23 -101.00 83.06
C SER DA 209 -6.06 -101.58 83.85
N LEU DA 210 -5.59 -102.76 83.46
CA LEU DA 210 -4.47 -103.37 84.18
C LEU DA 210 -3.21 -102.51 84.10
N TYR DA 211 -2.86 -102.08 82.89
CA TYR DA 211 -1.63 -101.30 82.70
C TYR DA 211 -1.71 -99.96 83.44
N PHE DA 212 -2.84 -99.26 83.30
CA PHE DA 212 -3.00 -97.98 83.95
C PHE DA 212 -3.03 -98.13 85.47
N ILE DA 213 -3.55 -99.26 85.96
CA ILE DA 213 -3.55 -99.50 87.40
C ILE DA 213 -2.14 -99.69 87.91
N ARG DA 214 -1.32 -100.44 87.18
CA ARG DA 214 0.08 -100.59 87.56
C ARG DA 214 0.78 -99.23 87.59
N SER DA 215 0.59 -98.43 86.54
CA SER DA 215 1.23 -97.11 86.49
C SER DA 215 0.75 -96.21 87.61
N TYR DA 216 -0.54 -96.25 87.93
CA TYR DA 216 -1.09 -95.39 88.98
C TYR DA 216 -0.60 -95.85 90.35
N ALA DA 217 -0.43 -97.15 90.55
CA ALA DA 217 0.13 -97.63 91.81
C ALA DA 217 1.56 -97.15 91.99
N ILE DA 218 2.37 -97.23 90.92
CA ILE DA 218 3.74 -96.72 91.01
C ILE DA 218 3.73 -95.21 91.30
N LEU DA 219 2.86 -94.46 90.62
CA LEU DA 219 2.80 -93.02 90.83
C LEU DA 219 2.40 -92.67 92.26
N TYR DA 220 1.38 -93.37 92.78
CA TYR DA 220 0.94 -93.09 94.15
C TYR DA 220 2.01 -93.49 95.16
N PHE DA 221 2.77 -94.54 94.88
CA PHE DA 221 3.88 -94.90 95.75
C PHE DA 221 4.95 -93.80 95.76
N CYS DA 222 5.20 -93.20 94.60
CA CYS DA 222 6.21 -92.15 94.52
C CYS DA 222 5.75 -90.84 95.17
N LEU DA 223 4.57 -90.35 94.81
CA LEU DA 223 4.03 -89.12 95.37
C LEU DA 223 2.56 -89.27 95.74
N SER DA 256 -8.13 -106.75 97.80
CA SER DA 256 -9.43 -106.12 97.94
C SER DA 256 -9.46 -104.75 97.26
N LEU DA 257 -8.56 -103.86 97.70
CA LEU DA 257 -8.49 -102.53 97.09
C LEU DA 257 -8.10 -102.62 95.62
N PHE DA 258 -7.10 -103.43 95.30
CA PHE DA 258 -6.63 -103.54 93.91
C PHE DA 258 -7.70 -104.14 93.01
N TYR DA 259 -8.40 -105.17 93.49
CA TYR DA 259 -9.44 -105.81 92.68
C TYR DA 259 -10.58 -104.83 92.39
N GLN DA 260 -11.03 -104.10 93.41
CA GLN DA 260 -12.14 -103.16 93.20
C GLN DA 260 -11.72 -102.01 92.31
N ILE DA 261 -10.50 -101.50 92.49
CA ILE DA 261 -10.03 -100.40 91.65
C ILE DA 261 -9.89 -100.85 90.20
N TRP DA 262 -9.37 -102.06 89.98
CA TRP DA 262 -9.25 -102.59 88.63
C TRP DA 262 -10.62 -102.79 88.00
N LEU DA 263 -11.58 -103.29 88.79
CA LEU DA 263 -12.94 -103.46 88.29
C LEU DA 263 -13.54 -102.13 87.86
N SER DA 264 -13.39 -101.10 88.70
CA SER DA 264 -13.94 -99.79 88.38
C SER DA 264 -13.28 -99.22 87.12
N GLY DA 265 -11.95 -99.28 87.03
CA GLY DA 265 -11.28 -98.78 85.84
C GLY DA 265 -11.70 -99.53 84.59
N THR DA 266 -11.82 -100.86 84.67
CA THR DA 266 -12.22 -101.65 83.52
C THR DA 266 -13.63 -101.27 83.07
N PHE DA 267 -14.55 -101.09 84.02
CA PHE DA 267 -15.91 -100.72 83.67
C PHE DA 267 -15.95 -99.35 82.99
N LEU DA 268 -15.25 -98.37 83.56
CA LEU DA 268 -15.23 -97.03 82.97
C LEU DA 268 -14.65 -97.05 81.56
N LEU DA 269 -13.52 -97.72 81.38
CA LEU DA 269 -12.88 -97.77 80.06
C LEU DA 269 -13.75 -98.51 79.06
N ALA DA 270 -14.44 -99.57 79.49
CA ALA DA 270 -15.34 -100.28 78.60
C ALA DA 270 -16.49 -99.39 78.16
N THR DA 271 -17.07 -98.62 79.09
CA THR DA 271 -18.12 -97.69 78.73
C THR DA 271 -17.62 -96.66 77.72
N TRP DA 272 -16.39 -96.16 77.92
CA TRP DA 272 -15.84 -95.18 76.99
C TRP DA 272 -15.64 -95.77 75.60
N TYR DA 273 -15.06 -96.97 75.53
CA TYR DA 273 -14.84 -97.59 74.23
C TYR DA 273 -16.15 -97.92 73.53
N MET DA 274 -17.17 -98.32 74.29
CA MET DA 274 -18.47 -98.61 73.68
C MET DA 274 -19.12 -97.34 73.17
N VAL DA 275 -19.02 -96.24 73.93
CA VAL DA 275 -19.54 -94.97 73.44
C VAL DA 275 -18.85 -94.57 72.15
N TRP DA 276 -17.52 -94.65 72.13
CA TRP DA 276 -16.78 -94.27 70.93
C TRP DA 276 -17.17 -95.16 69.76
N ILE DA 277 -17.27 -96.47 69.98
CA ILE DA 277 -17.54 -97.39 68.89
C ILE DA 277 -18.96 -97.21 68.35
N LEU DA 278 -19.92 -96.96 69.25
CA LEU DA 278 -21.28 -96.73 68.81
C LEU DA 278 -21.38 -95.41 68.05
N PHE DA 279 -20.78 -94.35 68.59
CA PHE DA 279 -20.78 -93.08 67.90
C PHE DA 279 -20.20 -93.22 66.51
N ARG DA 280 -19.10 -93.98 66.39
CA ARG DA 280 -18.56 -94.26 65.07
C ARG DA 280 -19.57 -94.99 64.20
N ILE DA 281 -19.98 -96.18 64.63
CA ILE DA 281 -20.76 -97.07 63.77
C ILE DA 281 -22.06 -96.42 63.32
N TYR DA 282 -22.63 -95.54 64.15
CA TYR DA 282 -23.89 -94.91 63.76
C TYR DA 282 -23.67 -93.59 63.03
N THR DA 283 -22.76 -92.76 63.50
CA THR DA 283 -22.48 -91.51 62.82
C THR DA 283 -21.81 -91.73 61.47
N THR DA 284 -21.25 -92.92 61.25
CA THR DA 284 -20.70 -93.30 59.96
C THR DA 284 -21.70 -94.04 59.09
N GLU DA 285 -22.98 -94.03 59.46
CA GLU DA 285 -23.98 -94.73 58.68
C GLU DA 285 -24.10 -94.11 57.28
N ALA DA 286 -24.08 -94.97 56.26
CA ALA DA 286 -24.14 -94.50 54.89
C ALA DA 286 -25.53 -93.97 54.56
N ARG DA 287 -25.57 -92.82 53.90
CA ARG DA 287 -26.82 -92.23 53.42
C ARG DA 287 -26.72 -92.07 51.91
N ILE DA 288 -27.79 -92.41 51.20
CA ILE DA 288 -27.82 -92.29 49.75
C ILE DA 288 -28.35 -90.91 49.41
N PHE DA 289 -27.61 -90.18 48.63
CA PHE DA 289 -28.11 -88.88 48.26
C PHE DA 289 -28.84 -88.98 46.94
N PRO DA 290 -30.09 -88.51 46.86
CA PRO DA 290 -30.80 -88.53 45.58
C PRO DA 290 -30.02 -87.77 44.52
N VAL DA 291 -29.78 -88.43 43.39
CA VAL DA 291 -28.87 -87.88 42.39
C VAL DA 291 -29.44 -86.60 41.79
N GLN DA 292 -30.65 -86.66 41.26
CA GLN DA 292 -31.32 -85.47 40.75
C GLN DA 292 -32.72 -85.47 41.33
N THR DA 293 -33.12 -84.33 41.86
CA THR DA 293 -34.33 -84.22 42.67
C THR DA 293 -35.47 -83.67 41.84
N SER DA 294 -36.66 -84.22 42.06
CA SER DA 294 -37.87 -83.75 41.38
C SER DA 294 -38.13 -82.28 41.65
N PHE DA 295 -37.48 -81.70 42.65
CA PHE DA 295 -37.57 -80.28 42.94
C PHE DA 295 -36.16 -79.70 43.03
N ALA DA 296 -36.00 -78.46 42.55
CA ALA DA 296 -34.75 -77.74 42.80
C ALA DA 296 -34.53 -77.49 44.28
N GLU DA 297 -35.59 -77.59 45.08
CA GLU DA 297 -35.49 -77.37 46.52
C GLU DA 297 -34.63 -78.42 47.21
N GLU DA 298 -34.68 -79.67 46.77
CA GLU DA 298 -33.77 -80.68 47.25
C GLU DA 298 -32.46 -80.71 46.48
N ALA DA 299 -32.23 -79.72 45.60
CA ALA DA 299 -31.03 -79.68 44.79
C ALA DA 299 -29.78 -79.56 45.64
N GLU DA 300 -29.86 -78.93 46.81
CA GLU DA 300 -28.74 -78.88 47.72
C GLU DA 300 -28.51 -80.21 48.42
N LYS DA 301 -29.54 -81.03 48.58
CA LYS DA 301 -29.40 -82.34 49.19
C LYS DA 301 -29.00 -83.40 48.18
N CYS DA 302 -28.92 -83.05 46.90
CA CYS DA 302 -28.46 -83.99 45.90
C CYS DA 302 -26.96 -84.16 45.99
N LEU DA 303 -26.50 -85.38 45.70
CA LEU DA 303 -25.08 -85.68 45.77
C LEU DA 303 -24.25 -84.70 44.97
N PRO DA 304 -24.69 -84.22 43.81
CA PRO DA 304 -23.86 -83.27 43.06
C PRO DA 304 -23.56 -81.99 43.84
N PHE DA 305 -24.59 -81.32 44.35
CA PHE DA 305 -24.34 -80.09 45.08
C PHE DA 305 -23.59 -80.35 46.37
N ILE DA 306 -24.07 -81.30 47.19
CA ILE DA 306 -23.41 -81.59 48.46
C ILE DA 306 -21.96 -81.97 48.24
N LEU DA 307 -21.64 -82.53 47.08
CA LEU DA 307 -20.24 -82.83 46.77
C LEU DA 307 -19.50 -81.59 46.30
N ASN DA 308 -20.19 -80.67 45.63
CA ASN DA 308 -19.54 -79.46 45.16
C ASN DA 308 -19.72 -78.27 46.11
N SER DA 309 -20.46 -78.45 47.20
CA SER DA 309 -20.70 -77.37 48.14
C SER DA 309 -19.74 -77.47 49.32
N ASN DA 310 -19.69 -76.38 50.09
CA ASN DA 310 -18.81 -76.34 51.26
C ASN DA 310 -19.52 -76.82 52.52
N THR DA 311 -20.15 -77.99 52.45
CA THR DA 311 -20.73 -78.57 53.65
C THR DA 311 -19.65 -79.25 54.47
N LEU DA 312 -20.02 -79.71 55.66
CA LEU DA 312 -19.05 -80.30 56.57
C LEU DA 312 -18.37 -81.48 55.89
N PRO DA 313 -17.07 -81.72 56.16
CA PRO DA 313 -16.35 -82.78 55.44
C PRO DA 313 -16.90 -84.17 55.66
N LEU DA 314 -17.47 -84.44 56.85
CA LEU DA 314 -18.09 -85.73 57.08
C LEU DA 314 -19.08 -86.07 55.98
N VAL DA 315 -19.97 -85.12 55.66
CA VAL DA 315 -20.95 -85.34 54.60
C VAL DA 315 -20.25 -85.55 53.27
N LYS DA 316 -19.10 -84.90 53.08
CA LYS DA 316 -18.37 -85.08 51.83
C LYS DA 316 -17.90 -86.52 51.68
N TYR DA 317 -17.25 -87.06 52.71
CA TYR DA 317 -16.79 -88.44 52.63
C TYR DA 317 -17.97 -89.40 52.52
N LEU DA 318 -19.06 -89.10 53.22
CA LEU DA 318 -20.24 -89.94 53.15
C LEU DA 318 -20.79 -89.97 51.73
N ALA DA 319 -20.93 -88.80 51.10
CA ALA DA 319 -21.44 -88.76 49.74
C ALA DA 319 -20.45 -89.39 48.78
N MET DA 320 -19.16 -89.33 49.09
CA MET DA 320 -18.18 -90.00 48.25
C MET DA 320 -18.41 -91.50 48.26
N GLN DA 321 -18.48 -92.10 49.46
CA GLN DA 321 -18.77 -93.52 49.55
C GLN DA 321 -20.11 -93.84 48.89
N ASP DA 322 -21.10 -92.98 49.09
CA ASP DA 322 -22.42 -93.21 48.52
C ASP DA 322 -22.38 -93.23 47.01
N LEU DA 323 -21.67 -92.28 46.42
CA LEU DA 323 -21.58 -92.24 44.96
C LEU DA 323 -20.81 -93.42 44.43
N VAL DA 324 -19.74 -93.82 45.14
CA VAL DA 324 -19.02 -95.02 44.74
C VAL DA 324 -19.99 -96.20 44.71
N LEU DA 325 -20.81 -96.34 45.74
CA LEU DA 325 -21.78 -97.43 45.78
C LEU DA 325 -22.74 -97.33 44.61
N LEU DA 326 -23.34 -96.16 44.42
CA LEU DA 326 -24.31 -95.99 43.34
C LEU DA 326 -23.71 -96.35 41.99
N SER DA 327 -22.48 -95.89 41.75
CA SER DA 327 -21.79 -96.24 40.51
C SER DA 327 -21.46 -97.72 40.45
N GLN DA 328 -21.38 -98.38 41.60
CA GLN DA 328 -21.11 -99.81 41.62
C GLN DA 328 -22.33 -100.66 41.29
N TYR DA 329 -23.49 -100.33 41.85
CA TYR DA 329 -24.64 -101.21 41.71
C TYR DA 329 -25.94 -100.51 41.31
N SER DA 330 -26.05 -99.19 41.50
CA SER DA 330 -27.30 -98.50 41.22
C SER DA 330 -27.29 -98.08 39.76
N PRO DA 331 -27.93 -98.85 38.87
CA PRO DA 331 -27.91 -98.45 37.46
C PRO DA 331 -28.82 -97.27 37.17
N SER DA 332 -29.93 -97.13 37.91
CA SER DA 332 -30.86 -96.04 37.63
C SER DA 332 -30.24 -94.69 37.97
N ARG DA 333 -29.65 -94.58 39.16
CA ARG DA 333 -28.95 -93.36 39.51
C ARG DA 333 -27.83 -93.10 38.53
N ARG DA 334 -27.24 -94.15 37.97
CA ARG DA 334 -26.21 -93.97 36.95
C ARG DA 334 -26.78 -93.32 35.70
N GLN DA 335 -27.89 -93.87 35.17
CA GLN DA 335 -28.53 -93.26 34.01
C GLN DA 335 -28.90 -91.81 34.29
N GLU DA 336 -29.34 -91.53 35.51
CA GLU DA 336 -29.65 -90.15 35.88
C GLU DA 336 -28.38 -89.30 35.92
N VAL DA 337 -27.24 -89.93 36.20
CA VAL DA 337 -25.98 -89.19 36.15
C VAL DA 337 -25.67 -88.80 34.72
N PHE DA 338 -25.94 -89.67 33.76
CA PHE DA 338 -25.80 -89.34 32.36
C PHE DA 338 -27.04 -88.66 31.80
N SER DA 339 -27.98 -88.28 32.65
CA SER DA 339 -29.21 -87.67 32.19
C SER DA 339 -28.91 -86.34 31.51
N LEU DA 340 -29.75 -85.99 30.54
CA LEU DA 340 -29.67 -84.70 29.89
C LEU DA 340 -30.58 -83.72 30.62
N SER DA 341 -29.96 -82.83 31.40
CA SER DA 341 -30.74 -81.90 32.19
C SER DA 341 -31.54 -80.99 31.28
N GLN DA 342 -32.86 -81.01 31.45
CA GLN DA 342 -33.75 -80.22 30.62
C GLN DA 342 -34.21 -79.01 31.40
N PRO DA 343 -34.18 -77.80 30.81
CA PRO DA 343 -33.77 -77.62 29.42
C PRO DA 343 -32.29 -77.30 29.29
N GLY DA 344 -31.66 -77.78 28.22
CA GLY DA 344 -30.26 -77.49 27.96
C GLY DA 344 -29.47 -78.68 27.47
N GLY DA 345 -30.08 -79.86 27.47
CA GLY DA 345 -29.41 -81.06 27.03
C GLY DA 345 -28.10 -81.36 27.72
N HIS DA 346 -27.87 -80.76 28.89
CA HIS DA 346 -26.57 -80.83 29.55
C HIS DA 346 -26.52 -82.00 30.52
N PRO DA 347 -25.48 -82.84 30.43
CA PRO DA 347 -25.33 -83.87 31.48
C PRO DA 347 -24.73 -83.26 32.74
N HIS DA 348 -25.49 -82.33 33.34
CA HIS DA 348 -24.99 -81.57 34.47
C HIS DA 348 -24.50 -82.49 35.58
N ASN DA 349 -25.22 -83.57 35.85
CA ASN DA 349 -24.82 -84.47 36.91
C ASN DA 349 -23.43 -85.04 36.67
N TRP DA 350 -23.26 -85.79 35.58
CA TRP DA 350 -21.96 -86.37 35.27
C TRP DA 350 -20.91 -85.28 35.18
N THR DA 351 -21.29 -84.13 34.65
CA THR DA 351 -20.35 -83.02 34.52
C THR DA 351 -19.79 -82.63 35.88
N SER DA 352 -20.65 -82.32 36.84
CA SER DA 352 -20.17 -81.88 38.15
C SER DA 352 -19.40 -82.98 38.85
N ILE DA 353 -19.88 -84.22 38.73
CA ILE DA 353 -19.22 -85.32 39.42
C ILE DA 353 -17.80 -85.50 38.91
N SER DA 354 -17.64 -85.65 37.60
CA SER DA 354 -16.32 -85.82 37.02
C SER DA 354 -15.47 -84.59 37.29
N LYS DA 355 -16.08 -83.40 37.30
CA LYS DA 355 -15.31 -82.18 37.54
C LYS DA 355 -14.71 -82.20 38.93
N GLU DA 356 -15.50 -82.58 39.93
CA GLU DA 356 -14.98 -82.69 41.29
C GLU DA 356 -13.88 -83.73 41.36
N CYS DA 357 -14.11 -84.89 40.75
CA CYS DA 357 -13.11 -85.96 40.79
C CYS DA 357 -11.79 -85.48 40.20
N LEU DA 358 -11.83 -84.88 39.01
CA LEU DA 358 -10.61 -84.45 38.35
C LEU DA 358 -9.98 -83.27 39.07
N ASN DA 359 -10.79 -82.42 39.72
CA ASN DA 359 -10.22 -81.34 40.50
C ASN DA 359 -9.39 -81.89 41.66
N LEU DA 360 -9.98 -82.81 42.43
CA LEU DA 360 -9.23 -83.43 43.51
C LEU DA 360 -8.02 -84.18 42.98
N MET DA 361 -8.14 -84.76 41.78
CA MET DA 361 -7.04 -85.52 41.21
C MET DA 361 -5.88 -84.61 40.82
N SER DA 362 -6.17 -83.51 40.13
CA SER DA 362 -5.13 -82.58 39.77
C SER DA 362 -4.49 -81.99 41.02
N SER DA 363 -5.29 -81.77 42.07
CA SER DA 363 -4.73 -81.29 43.32
C SER DA 363 -3.74 -82.29 43.88
N LEU DA 364 -4.12 -83.57 43.94
CA LEU DA 364 -3.21 -84.59 44.45
C LEU DA 364 -1.97 -84.72 43.57
N THR DA 365 -2.14 -84.54 42.25
CA THR DA 365 -1.00 -84.59 41.35
C THR DA 365 -0.01 -83.48 41.65
N SER DA 366 -0.52 -82.25 41.78
CA SER DA 366 0.33 -81.14 42.17
C SER DA 366 1.02 -81.43 43.49
N ARG DA 367 0.30 -82.03 44.44
CA ARG DA 367 0.87 -82.31 45.75
C ARG DA 367 1.99 -83.33 45.66
N LEU DA 368 1.82 -84.36 44.83
CA LEU DA 368 2.86 -85.38 44.69
C LEU DA 368 4.08 -84.79 44.00
N ILE DA 369 3.90 -84.09 42.89
CA ILE DA 369 5.04 -83.50 42.20
C ILE DA 369 5.71 -82.46 43.08
N ALA DA 370 4.96 -81.87 44.01
CA ALA DA 370 5.54 -80.87 44.90
C ALA DA 370 6.34 -81.51 46.02
N HIS DA 371 5.68 -82.30 46.87
CA HIS DA 371 6.36 -82.87 48.02
C HIS DA 371 7.47 -83.84 47.59
N GLN DA 372 7.33 -84.44 46.41
CA GLN DA 372 8.45 -85.16 45.84
C GLN DA 372 9.68 -84.24 45.74
N GLU DA 373 9.51 -83.10 45.11
CA GLU DA 373 10.55 -82.08 45.08
C GLU DA 373 10.64 -81.41 46.44
N PRO DA 533 12.66 -86.89 53.67
CA PRO DA 533 12.15 -87.03 52.31
C PRO DA 533 11.14 -88.17 52.17
N GLU DA 534 11.35 -89.24 52.95
CA GLU DA 534 10.43 -90.38 52.88
C GLU DA 534 9.07 -90.03 53.47
N ALA DA 535 9.05 -89.31 54.59
CA ALA DA 535 7.78 -88.85 55.13
C ALA DA 535 7.08 -87.92 54.15
N SER DA 536 7.83 -87.10 53.41
CA SER DA 536 7.23 -86.19 52.45
C SER DA 536 6.55 -86.94 51.31
N SER DA 537 7.23 -87.95 50.76
CA SER DA 537 6.65 -88.69 49.64
C SER DA 537 5.60 -89.68 50.13
N GLN DA 538 5.57 -89.93 51.44
CA GLN DA 538 4.46 -90.70 52.00
C GLN DA 538 3.24 -89.83 52.22
N ASP DA 539 3.46 -88.54 52.54
CA ASP DA 539 2.34 -87.65 52.84
C ASP DA 539 1.78 -87.02 51.57
N VAL DA 540 2.59 -86.92 50.51
CA VAL DA 540 2.13 -86.28 49.28
C VAL DA 540 0.96 -87.04 48.69
N PHE DA 541 0.81 -88.31 49.04
CA PHE DA 541 -0.29 -89.12 48.53
C PHE DA 541 -1.06 -89.81 49.63
N ALA DA 542 -1.10 -89.24 50.84
CA ALA DA 542 -1.95 -89.78 51.89
C ALA DA 542 -3.42 -89.56 51.60
N ASP DA 543 -3.76 -88.49 50.89
CA ASP DA 543 -5.15 -88.19 50.54
C ASP DA 543 -5.58 -88.89 49.27
N ALA DA 544 -4.84 -89.91 48.84
CA ALA DA 544 -5.07 -90.52 47.55
C ALA DA 544 -6.21 -91.55 47.57
N GLN DA 545 -6.79 -91.84 48.73
CA GLN DA 545 -7.89 -92.80 48.76
C GLN DA 545 -9.06 -92.34 47.91
N ILE DA 546 -9.49 -91.10 48.11
CA ILE DA 546 -10.59 -90.57 47.33
C ILE DA 546 -10.23 -90.54 45.86
N HIS DA 547 -8.99 -90.17 45.54
CA HIS DA 547 -8.57 -90.13 44.15
C HIS DA 547 -8.61 -91.51 43.52
N ILE DA 548 -8.21 -92.53 44.28
CA ILE DA 548 -8.25 -93.89 43.76
C ILE DA 548 -9.68 -94.31 43.49
N TRP DA 549 -10.56 -94.05 44.46
CA TRP DA 549 -11.97 -94.36 44.27
C TRP DA 549 -12.51 -93.69 43.01
N ALA DA 550 -12.21 -92.40 42.85
CA ALA DA 550 -12.73 -91.66 41.71
C ALA DA 550 -12.17 -92.21 40.40
N LEU DA 551 -10.86 -92.47 40.36
CA LEU DA 551 -10.24 -92.99 39.14
C LEU DA 551 -10.89 -94.31 38.74
N GLU DA 552 -11.00 -95.24 39.69
CA GLU DA 552 -11.62 -96.51 39.39
C GLU DA 552 -13.03 -96.32 38.86
N ALA DA 553 -13.88 -95.65 39.62
CA ALA DA 553 -15.28 -95.50 39.22
C ALA DA 553 -15.38 -94.86 37.85
N LEU DA 554 -14.65 -93.76 37.63
CA LEU DA 554 -14.79 -93.00 36.39
C LEU DA 554 -14.32 -93.81 35.18
N SER DA 555 -13.12 -94.39 35.27
CA SER DA 555 -12.62 -95.12 34.11
C SER DA 555 -13.46 -96.35 33.82
N HIS DA 556 -14.02 -96.97 34.85
CA HIS DA 556 -14.92 -98.08 34.59
C HIS DA 556 -16.22 -97.61 33.95
N LEU DA 557 -16.73 -96.45 34.39
CA LEU DA 557 -17.92 -95.90 33.76
C LEU DA 557 -17.68 -95.63 32.29
N VAL DA 558 -16.48 -95.13 31.96
CA VAL DA 558 -16.13 -94.95 30.56
C VAL DA 558 -16.10 -96.29 29.85
N ALA DA 559 -15.41 -97.27 30.43
CA ALA DA 559 -15.34 -98.62 29.87
C ALA DA 559 -16.73 -99.16 29.56
N ALA DA 560 -17.72 -98.81 30.39
CA ALA DA 560 -19.09 -99.24 30.13
C ALA DA 560 -19.81 -98.34 29.14
N SER DA 561 -19.34 -97.09 29.00
CA SER DA 561 -20.00 -96.16 28.10
C SER DA 561 -19.93 -96.65 26.65
N PHE DA 562 -18.97 -97.51 26.33
CA PHE DA 562 -18.88 -98.05 24.97
C PHE DA 562 -20.07 -98.92 24.65
N SER DA 563 -20.96 -99.16 25.62
CA SER DA 563 -22.15 -99.95 25.40
C SER DA 563 -23.42 -99.32 25.98
N GLU DA 564 -23.30 -98.50 27.03
CA GLU DA 564 -24.47 -98.11 27.80
C GLU DA 564 -24.99 -96.70 27.49
N ASP DA 565 -24.12 -95.71 27.39
CA ASP DA 565 -24.57 -94.33 27.23
C ASP DA 565 -25.09 -94.16 25.81
N ARG DA 566 -26.37 -94.51 25.61
CA ARG DA 566 -26.95 -94.52 24.27
C ARG DA 566 -26.94 -93.13 23.62
N MET DA 567 -26.78 -92.09 24.40
CA MET DA 567 -26.66 -90.74 23.86
C MET DA 567 -25.21 -90.33 23.61
N GLY DA 568 -24.26 -91.18 23.97
CA GLY DA 568 -22.85 -90.81 23.86
C GLY DA 568 -22.49 -89.60 24.69
N VAL DA 569 -23.20 -89.39 25.79
CA VAL DA 569 -22.99 -88.19 26.61
C VAL DA 569 -21.57 -88.18 27.18
N VAL DA 570 -20.98 -89.36 27.37
CA VAL DA 570 -19.62 -89.38 27.90
C VAL DA 570 -18.60 -89.12 26.81
N GLN DA 571 -18.90 -89.51 25.56
CA GLN DA 571 -17.93 -89.36 24.48
C GLN DA 571 -17.45 -87.92 24.35
N THR DA 572 -18.32 -86.95 24.65
CA THR DA 572 -17.97 -85.55 24.45
C THR DA 572 -16.84 -85.08 25.36
N SER DA 573 -16.52 -85.86 26.39
CA SER DA 573 -15.38 -85.55 27.24
C SER DA 573 -14.30 -86.62 27.16
N LEU DA 574 -14.51 -87.65 26.34
CA LEU DA 574 -13.60 -88.79 26.31
C LEU DA 574 -12.15 -88.33 26.22
N SER DA 575 -11.79 -87.68 25.11
CA SER DA 575 -10.43 -87.19 24.92
C SER DA 575 -9.92 -86.48 26.17
N SER DA 576 -10.73 -85.58 26.72
CA SER DA 576 -10.31 -84.83 27.90
C SER DA 576 -9.70 -85.74 28.96
N VAL DA 577 -10.48 -86.74 29.40
CA VAL DA 577 -10.01 -87.61 30.47
C VAL DA 577 -8.64 -88.17 30.12
N LEU DA 578 -8.49 -88.68 28.90
CA LEU DA 578 -7.24 -89.29 28.48
C LEU DA 578 -6.06 -88.41 28.84
N ALA DA 579 -6.12 -87.13 28.47
CA ALA DA 579 -5.02 -86.23 28.75
C ALA DA 579 -4.61 -86.33 30.21
N ILE DA 580 -5.55 -86.02 31.11
CA ILE DA 580 -5.26 -86.06 32.54
C ILE DA 580 -4.53 -87.34 32.89
N LEU DA 581 -5.11 -88.48 32.50
CA LEU DA 581 -4.49 -89.76 32.84
C LEU DA 581 -3.04 -89.77 32.42
N LEU DA 582 -2.78 -89.62 31.11
CA LEU DA 582 -1.41 -89.61 30.65
C LEU DA 582 -0.61 -88.61 31.45
N THR DA 583 -1.10 -87.37 31.51
CA THR DA 583 -0.40 -86.35 32.29
C THR DA 583 -0.14 -86.84 33.70
N LEU DA 584 -1.20 -87.23 34.40
CA LEU DA 584 -1.02 -87.72 35.76
C LEU DA 584 0.00 -88.83 35.77
N GLN DA 585 -0.18 -89.83 34.90
CA GLN DA 585 0.76 -90.94 34.85
C GLN DA 585 2.18 -90.45 34.72
N GLU DA 586 2.41 -89.51 33.79
CA GLU DA 586 3.74 -88.97 33.60
C GLU DA 586 4.31 -88.47 34.92
N ALA DA 587 3.57 -87.59 35.58
CA ALA DA 587 4.05 -87.07 36.85
C ALA DA 587 4.41 -88.20 37.79
N VAL DA 588 3.54 -89.20 37.89
CA VAL DA 588 3.78 -90.31 38.80
C VAL DA 588 5.11 -90.96 38.49
N GLU DA 589 5.41 -91.17 37.20
CA GLU DA 589 6.69 -91.74 36.84
C GLU DA 589 7.84 -90.91 37.38
N LYS DA 590 7.80 -89.60 37.14
CA LYS DA 590 8.83 -88.73 37.70
C LYS DA 590 8.85 -88.83 39.22
N HIS DA 591 7.67 -88.98 39.82
CA HIS DA 591 7.60 -89.23 41.25
C HIS DA 591 8.38 -90.48 41.62
N PHE DA 592 8.11 -91.59 40.93
CA PHE DA 592 8.87 -92.81 41.18
C PHE DA 592 10.33 -92.68 40.77
N LYS DA 593 10.71 -91.57 40.14
CA LYS DA 593 12.09 -91.38 39.70
C LYS DA 593 12.99 -90.85 40.81
N LEU DA 594 12.47 -90.00 41.68
CA LEU DA 594 13.28 -89.50 42.78
C LEU DA 594 13.66 -90.65 43.71
N PRO DA 595 14.95 -90.78 44.04
CA PRO DA 595 15.38 -91.91 44.88
C PRO DA 595 14.66 -91.90 46.22
N HIS DA 596 14.55 -93.10 46.82
CA HIS DA 596 13.95 -93.30 48.13
C HIS DA 596 12.44 -93.10 48.10
N ALA DA 597 11.87 -92.81 46.93
CA ALA DA 597 10.43 -92.71 46.78
C ALA DA 597 9.82 -94.00 46.27
N SER DA 598 10.61 -94.89 45.66
CA SER DA 598 10.12 -96.16 45.15
C SER DA 598 10.41 -97.32 46.07
N SER DA 599 10.94 -97.07 47.26
CA SER DA 599 11.27 -98.13 48.20
C SER DA 599 10.03 -98.90 48.63
N THR DA 615 -1.74 -95.54 53.33
CA THR DA 615 -1.31 -96.33 52.18
C THR DA 615 -2.10 -95.92 50.94
N LEU DA 616 -2.52 -94.65 50.90
CA LEU DA 616 -3.31 -94.19 49.77
C LEU DA 616 -2.47 -94.06 48.51
N ARG DA 617 -1.16 -93.87 48.65
CA ARG DA 617 -0.33 -93.65 47.46
C ARG DA 617 -0.37 -94.83 46.51
N PHE DA 618 -0.03 -96.02 47.00
CA PHE DA 618 -0.10 -97.21 46.16
C PHE DA 618 -1.53 -97.45 45.70
N SER DA 619 -2.51 -97.10 46.53
CA SER DA 619 -3.91 -97.28 46.15
C SER DA 619 -4.23 -96.46 44.92
N LEU DA 620 -3.81 -95.19 44.89
CA LEU DA 620 -4.08 -94.34 43.74
C LEU DA 620 -3.32 -94.83 42.51
N ARG DA 621 -2.06 -95.21 42.69
CA ARG DA 621 -1.29 -95.73 41.57
C ARG DA 621 -2.00 -96.92 40.94
N ALA DA 622 -2.39 -97.89 41.78
CA ALA DA 622 -3.03 -99.11 41.28
C ALA DA 622 -4.38 -98.80 40.64
N ALA DA 623 -5.18 -97.97 41.30
CA ALA DA 623 -6.48 -97.63 40.73
C ALA DA 623 -6.32 -96.94 39.39
N LEU DA 624 -5.32 -96.07 39.27
CA LEU DA 624 -5.11 -95.38 38.01
C LEU DA 624 -4.74 -96.36 36.91
N LYS DA 625 -3.71 -97.17 37.16
CA LYS DA 625 -3.26 -98.10 36.12
C LYS DA 625 -4.36 -99.07 35.74
N THR DA 626 -4.99 -99.70 36.73
CA THR DA 626 -6.06 -100.65 36.45
C THR DA 626 -7.23 -99.98 35.75
N ALA DA 627 -7.61 -98.78 36.19
CA ALA DA 627 -8.78 -98.13 35.62
C ALA DA 627 -8.54 -97.74 34.17
N ILE DA 628 -7.36 -97.19 33.89
CA ILE DA 628 -7.01 -96.90 32.50
C ILE DA 628 -6.99 -98.18 31.69
N TYR DA 629 -6.43 -99.25 32.24
CA TYR DA 629 -6.41 -100.52 31.53
C TYR DA 629 -7.82 -100.99 31.20
N ARG DA 630 -8.73 -100.89 32.16
CA ARG DA 630 -10.10 -101.28 31.93
C ARG DA 630 -10.71 -100.45 30.80
N ILE DA 631 -10.58 -99.13 30.90
CA ILE DA 631 -11.14 -98.27 29.86
C ILE DA 631 -10.58 -98.65 28.50
N THR DA 632 -9.26 -98.89 28.42
CA THR DA 632 -8.63 -99.16 27.15
C THR DA 632 -9.09 -100.49 26.57
N THR DA 633 -9.07 -101.54 27.37
CA THR DA 633 -9.44 -102.85 26.84
C THR DA 633 -10.94 -102.95 26.62
N THR DA 634 -11.72 -102.02 27.16
CA THR DA 634 -13.13 -101.98 26.80
C THR DA 634 -13.34 -101.27 25.48
N PHE DA 635 -12.73 -100.10 25.30
CA PHE DA 635 -12.83 -99.39 24.03
C PHE DA 635 -12.24 -100.18 22.89
N GLY DA 636 -11.27 -101.05 23.15
CA GLY DA 636 -10.71 -101.90 22.13
C GLY DA 636 -10.09 -101.14 20.98
N GLU DA 637 -10.56 -101.41 19.75
CA GLU DA 637 -10.04 -100.75 18.57
C GLU DA 637 -10.66 -99.38 18.35
N HIS DA 638 -11.94 -99.20 18.68
CA HIS DA 638 -12.60 -97.93 18.46
C HIS DA 638 -11.91 -96.77 19.16
N LEU DA 639 -11.04 -97.05 20.13
CA LEU DA 639 -10.23 -96.00 20.73
C LEU DA 639 -9.17 -95.46 19.78
N HIS DA 640 -8.74 -96.26 18.80
CA HIS DA 640 -7.81 -95.78 17.79
C HIS DA 640 -8.40 -94.62 17.00
N ALA DA 641 -9.72 -94.43 17.06
CA ALA DA 641 -10.37 -93.28 16.45
C ALA DA 641 -10.45 -92.09 17.38
N VAL DA 642 -10.13 -92.26 18.65
CA VAL DA 642 -10.29 -91.19 19.64
C VAL DA 642 -9.20 -90.15 19.39
N PRO DA 643 -9.52 -88.85 19.48
CA PRO DA 643 -8.49 -87.82 19.32
C PRO DA 643 -7.66 -87.64 20.57
N VAL DA 644 -6.37 -88.00 20.52
CA VAL DA 644 -5.49 -87.93 21.68
C VAL DA 644 -4.15 -87.32 21.29
N SER DA 645 -3.47 -86.72 22.27
CA SER DA 645 -2.12 -86.26 22.07
C SER DA 645 -1.19 -87.44 21.78
N SER DA 646 -0.35 -87.29 20.76
CA SER DA 646 0.54 -88.36 20.37
C SER DA 646 1.35 -88.88 21.54
N GLU DA 647 1.77 -87.98 22.44
CA GLU DA 647 2.44 -88.43 23.65
C GLU DA 647 1.55 -89.36 24.45
N HIS DA 648 0.30 -88.97 24.66
CA HIS DA 648 -0.64 -89.89 25.29
C HIS DA 648 -0.85 -91.13 24.44
N LYS DA 649 -0.73 -91.01 23.13
CA LYS DA 649 -1.00 -92.15 22.26
C LYS DA 649 0.04 -93.23 22.45
N LYS DA 650 1.30 -92.85 22.62
CA LYS DA 650 2.34 -93.84 22.85
C LYS DA 650 2.04 -94.67 24.09
N LYS DA 651 1.73 -94.00 25.20
CA LYS DA 651 1.41 -94.72 26.41
C LYS DA 651 0.14 -95.55 26.23
N LEU DA 652 -0.81 -95.03 25.44
CA LEU DA 652 -2.00 -95.81 25.16
C LEU DA 652 -1.65 -97.13 24.50
N GLN DA 653 -0.84 -97.08 23.45
CA GLN DA 653 -0.40 -98.31 22.80
C GLN DA 653 0.31 -99.21 23.80
N GLN DA 654 1.17 -98.64 24.64
CA GLN DA 654 1.90 -99.44 25.61
C GLN DA 654 0.94 -100.19 26.53
N PHE DA 655 -0.04 -99.50 27.09
CA PHE DA 655 -0.96 -100.13 28.02
C PHE DA 655 -1.83 -101.16 27.32
N LEU DA 656 -2.35 -100.83 26.14
CA LEU DA 656 -3.13 -101.81 25.39
C LEU DA 656 -2.28 -103.01 25.01
N ASP DA 657 -0.95 -102.86 25.03
CA ASP DA 657 -0.05 -103.95 24.70
C ASP DA 657 0.31 -104.75 25.94
#